data_9I3O
#
_entry.id   9I3O
#
_cell.length_a   1.00
_cell.length_b   1.00
_cell.length_c   1.00
_cell.angle_alpha   90.00
_cell.angle_beta   90.00
_cell.angle_gamma   90.00
#
_symmetry.space_group_name_H-M   'P 1'
#
_entity_poly.entity_id   1
_entity_poly.type   'polypeptide(L)'
_entity_poly.pdbx_seq_one_letter_code
;AVTGQVDVKLNISTGCTVGGSQTEGNMNKFGTLNFGKTSGTWNNVLTAEVASAATGGNISVTCDGTDPVDFTVAIDGGER
TDRTLKNTASADVVAYNVYRDAARTNLYVVNQPQQFTTVSGQATAVPIFGAIAPNTGTPKAQGDYKDTLLVTVNF
;
_entity_poly.pdbx_strand_id   A1,B1,C1,D1,E1,F1,G1,H1,I1,J1,K1,L1,M1,N1,O1,P1,Q1,R1,A2,B2,C2,D2,E2,F2,G2,H2,I2,J2,K2,L2,M2,N2,O2,P2,Q2,R2,A3,B3,C3,D3,E3,F3,G3,H3,I3,J3,K3,L3,M3,N3,O3,P3,Q3,R3,A4,B4,C4,D4,E4,F4,G4,H4,I4,J4,K4,L4,M4,N4,O4,P4,Q4,R4
#
# COMPACT_ATOMS: atom_id res chain seq x y z
N GLY A 15 132.20 -155.48 123.67
CA GLY A 15 131.41 -154.41 124.24
C GLY A 15 130.67 -153.47 123.30
N CYS A 16 129.99 -152.51 123.92
CA CYS A 16 129.18 -151.51 123.24
C CYS A 16 129.77 -150.11 123.44
N THR A 17 129.73 -149.26 122.41
CA THR A 17 130.32 -147.92 122.48
C THR A 17 129.32 -146.77 122.23
N VAL A 18 129.54 -145.62 122.85
CA VAL A 18 128.64 -144.48 122.67
C VAL A 18 129.23 -143.43 121.75
N GLY A 19 128.57 -143.10 120.63
CA GLY A 19 129.07 -142.10 119.71
C GLY A 19 128.39 -140.76 119.98
N GLY A 20 128.95 -139.69 119.45
CA GLY A 20 128.42 -138.34 119.65
C GLY A 20 129.05 -137.60 120.82
N SER A 21 130.00 -138.24 121.49
CA SER A 21 130.66 -137.62 122.62
C SER A 21 132.05 -137.14 122.26
N GLN A 22 132.55 -136.19 123.04
CA GLN A 22 133.86 -135.62 122.87
C GLN A 22 134.53 -135.78 124.22
N THR A 23 135.81 -136.13 124.23
CA THR A 23 136.49 -136.33 125.50
C THR A 23 136.90 -134.99 126.11
N GLU A 24 136.17 -134.51 127.11
CA GLU A 24 136.55 -133.27 127.79
C GLU A 24 137.58 -133.69 128.83
N GLY A 25 138.86 -133.55 128.52
CA GLY A 25 139.88 -133.96 129.46
C GLY A 25 139.73 -135.46 129.65
N ASN A 26 139.41 -135.93 130.85
CA ASN A 26 139.24 -137.36 131.10
C ASN A 26 137.80 -137.73 131.39
N MET A 27 136.86 -136.88 130.94
CA MET A 27 135.43 -137.13 131.16
C MET A 27 134.67 -136.97 129.84
N ASN A 28 133.90 -137.97 129.43
CA ASN A 28 133.17 -137.91 128.16
C ASN A 28 132.09 -136.81 128.12
N LYS A 29 132.27 -135.79 127.27
CA LYS A 29 131.27 -134.74 127.12
C LYS A 29 130.22 -135.26 126.14
N PHE A 30 129.04 -135.63 126.64
CA PHE A 30 128.00 -136.18 125.80
C PHE A 30 127.23 -135.13 125.00
N GLY A 31 126.87 -134.02 125.62
CA GLY A 31 126.13 -133.02 124.86
C GLY A 31 125.64 -131.84 125.66
N THR A 32 124.65 -131.13 125.11
CA THR A 32 124.10 -129.95 125.76
C THR A 32 122.57 -129.94 125.67
N LEU A 33 121.91 -129.55 126.75
CA LEU A 33 120.46 -129.45 126.79
C LEU A 33 120.23 -127.96 126.86
N ASN A 34 120.12 -127.33 125.70
CA ASN A 34 120.00 -125.88 125.63
C ASN A 34 118.56 -125.41 125.50
N PHE A 35 117.96 -124.93 126.59
CA PHE A 35 116.58 -124.46 126.56
C PHE A 35 116.45 -123.12 125.84
N GLY A 36 117.55 -122.40 125.72
CA GLY A 36 117.56 -121.12 125.05
C GLY A 36 117.37 -119.97 126.01
N LYS A 37 116.99 -118.83 125.46
CA LYS A 37 116.75 -117.62 126.27
C LYS A 37 115.30 -117.61 126.76
N THR A 38 115.07 -116.92 127.88
CA THR A 38 113.72 -116.83 128.45
C THR A 38 113.59 -115.64 129.40
N SER A 39 112.36 -115.23 129.65
CA SER A 39 112.09 -114.11 130.55
C SER A 39 111.91 -114.61 131.94
N GLY A 40 111.80 -113.68 132.92
CA GLY A 40 111.65 -114.04 134.33
C GLY A 40 110.53 -115.02 134.58
N THR A 41 109.37 -114.76 133.98
CA THR A 41 108.20 -115.62 134.15
C THR A 41 107.70 -116.14 132.79
N TRP A 42 107.90 -117.44 132.52
CA TRP A 42 107.45 -118.02 131.26
C TRP A 42 106.16 -118.84 131.46
N ASN A 43 105.18 -118.67 130.58
CA ASN A 43 103.92 -119.41 130.70
C ASN A 43 103.94 -120.73 129.94
N ASN A 44 104.77 -120.79 128.90
CA ASN A 44 104.90 -122.00 128.11
C ASN A 44 106.00 -122.90 128.68
N VAL A 45 105.79 -124.21 128.62
CA VAL A 45 106.75 -125.19 129.10
C VAL A 45 108.02 -125.05 128.25
N LEU A 46 109.16 -124.70 128.84
CA LEU A 46 110.36 -124.52 127.99
C LEU A 46 110.87 -125.90 127.65
N THR A 47 111.15 -126.17 126.37
CA THR A 47 111.48 -127.52 125.96
C THR A 47 112.57 -127.60 124.89
N ALA A 48 113.66 -128.34 125.12
CA ALA A 48 114.73 -128.49 124.13
C ALA A 48 115.31 -129.90 124.21
N GLU A 49 115.95 -130.32 123.13
CA GLU A 49 116.53 -131.65 123.04
C GLU A 49 118.05 -131.59 123.21
N VAL A 50 118.64 -132.69 123.66
CA VAL A 50 120.07 -132.75 123.81
C VAL A 50 120.76 -132.63 122.46
N ALA A 51 121.87 -131.89 122.39
CA ALA A 51 122.63 -131.75 121.16
C ALA A 51 124.02 -132.33 121.44
N SER A 52 124.36 -133.47 120.82
CA SER A 52 125.65 -134.10 121.04
C SER A 52 126.82 -133.12 120.82
N ALA A 53 127.84 -133.17 121.67
CA ALA A 53 128.98 -132.26 121.53
C ALA A 53 129.86 -132.54 120.31
N ALA A 54 129.84 -133.78 119.82
CA ALA A 54 130.66 -134.17 118.67
C ALA A 54 130.05 -133.80 117.32
N THR A 55 128.77 -134.12 117.12
CA THR A 55 128.14 -133.84 115.84
C THR A 55 127.12 -132.69 115.84
N GLY A 56 126.38 -132.55 116.93
CA GLY A 56 125.36 -131.52 117.01
C GLY A 56 123.98 -132.14 117.05
N GLY A 57 123.86 -133.38 116.58
CA GLY A 57 122.60 -134.10 116.57
C GLY A 57 122.41 -134.91 117.85
N ASN A 58 121.66 -136.00 117.76
CA ASN A 58 121.41 -136.83 118.94
C ASN A 58 122.54 -137.82 119.21
N ILE A 59 122.74 -138.17 120.48
CA ILE A 59 123.79 -139.12 120.85
C ILE A 59 123.50 -140.43 120.10
N SER A 60 124.47 -140.95 119.36
CA SER A 60 124.24 -142.18 118.60
C SER A 60 125.02 -143.34 119.20
N VAL A 61 124.35 -144.21 119.96
CA VAL A 61 125.05 -145.33 120.56
C VAL A 61 125.04 -146.52 119.60
N THR A 62 126.19 -147.11 119.33
CA THR A 62 126.25 -148.27 118.47
C THR A 62 126.95 -149.39 119.26
N CYS A 63 126.58 -150.63 119.01
CA CYS A 63 127.25 -151.71 119.71
C CYS A 63 128.20 -152.40 118.74
N ASP A 64 129.21 -153.08 119.29
CA ASP A 64 130.20 -153.76 118.47
C ASP A 64 129.98 -155.27 118.46
N GLY A 65 129.22 -155.78 117.50
CA GLY A 65 128.96 -157.21 117.40
C GLY A 65 127.93 -157.53 116.35
N THR A 66 127.49 -158.80 116.33
CA THR A 66 126.47 -159.26 115.40
C THR A 66 125.09 -159.53 116.00
N ASP A 67 125.00 -159.87 117.27
CA ASP A 67 123.64 -160.10 117.81
C ASP A 67 123.12 -158.81 118.44
N PRO A 68 121.79 -158.59 118.35
CA PRO A 68 121.26 -157.34 118.92
C PRO A 68 121.47 -157.27 120.43
N VAL A 69 122.27 -156.33 120.92
CA VAL A 69 122.51 -156.22 122.36
C VAL A 69 121.50 -155.29 123.05
N ASP A 70 121.12 -155.61 124.28
CA ASP A 70 120.18 -154.79 125.03
C ASP A 70 120.98 -153.97 126.02
N PHE A 71 121.17 -152.68 125.76
CA PHE A 71 121.94 -151.84 126.66
C PHE A 71 121.02 -150.87 127.38
N THR A 72 121.45 -150.41 128.54
CA THR A 72 120.62 -149.51 129.31
C THR A 72 121.17 -148.09 129.39
N VAL A 73 120.27 -147.15 129.69
CA VAL A 73 120.64 -145.74 129.80
C VAL A 73 120.15 -145.19 131.14
N ALA A 74 121.03 -144.58 131.92
CA ALA A 74 120.63 -144.01 133.20
C ALA A 74 121.18 -142.60 133.33
N ILE A 75 120.34 -141.65 133.77
CA ILE A 75 120.76 -140.28 133.94
C ILE A 75 120.62 -140.01 135.43
N ASP A 76 121.54 -139.24 135.99
CA ASP A 76 121.51 -138.92 137.41
C ASP A 76 120.70 -137.63 137.67
N GLY A 77 120.66 -137.15 138.92
CA GLY A 77 119.92 -135.95 139.30
C GLY A 77 120.59 -134.59 139.16
N GLY A 78 121.72 -134.51 138.47
CA GLY A 78 122.42 -133.23 138.32
C GLY A 78 123.35 -132.93 139.46
N GLU A 79 124.00 -131.77 139.41
CA GLU A 79 124.94 -131.34 140.43
C GLU A 79 124.39 -131.40 141.84
N ARG A 80 123.16 -130.93 142.05
CA ARG A 80 122.61 -130.92 143.41
C ARG A 80 121.72 -132.12 143.76
N THR A 81 121.60 -133.07 142.82
CA THR A 81 120.78 -134.30 142.91
C THR A 81 119.24 -134.12 142.89
N ASP A 82 118.74 -132.95 142.53
CA ASP A 82 117.30 -132.72 142.44
C ASP A 82 116.89 -132.04 141.11
N ARG A 83 117.71 -132.21 140.09
CA ARG A 83 117.48 -131.67 138.75
C ARG A 83 117.09 -130.19 138.73
N THR A 84 117.95 -129.35 139.32
CA THR A 84 117.73 -127.91 139.35
C THR A 84 118.90 -127.19 138.70
N LEU A 85 118.63 -126.23 137.81
CA LEU A 85 119.73 -125.50 137.24
C LEU A 85 120.03 -124.37 138.22
N LYS A 86 121.29 -124.01 138.41
CA LYS A 86 121.62 -122.97 139.37
C LYS A 86 122.17 -121.74 138.66
N ASN A 87 121.84 -120.55 139.15
CA ASN A 87 122.36 -119.37 138.53
C ASN A 87 123.85 -119.33 138.82
N THR A 88 124.67 -118.98 137.85
CA THR A 88 126.10 -118.86 138.06
C THR A 88 126.49 -117.95 139.23
N ALA A 89 125.78 -116.83 139.42
CA ALA A 89 126.14 -115.91 140.51
C ALA A 89 125.28 -115.99 141.79
N SER A 90 123.97 -115.87 141.61
CA SER A 90 123.01 -115.93 142.72
C SER A 90 122.66 -117.38 143.08
N ALA A 91 121.81 -117.57 144.08
CA ALA A 91 121.43 -118.93 144.50
C ALA A 91 120.06 -119.39 143.97
N ASP A 92 119.52 -118.69 142.97
CA ASP A 92 118.23 -119.06 142.40
C ASP A 92 118.33 -120.42 141.70
N VAL A 93 117.26 -121.20 141.74
CA VAL A 93 117.26 -122.53 141.10
C VAL A 93 116.13 -122.66 140.11
N VAL A 94 116.31 -123.49 139.08
CA VAL A 94 115.26 -123.71 138.08
C VAL A 94 115.04 -125.21 137.91
N ALA A 95 113.96 -125.74 138.49
CA ALA A 95 113.67 -127.17 138.41
C ALA A 95 113.36 -127.62 136.97
N TYR A 96 113.92 -128.76 136.55
CA TYR A 96 113.67 -129.32 135.22
C TYR A 96 113.63 -130.84 135.30
N ASN A 97 113.48 -131.51 134.15
CA ASN A 97 113.45 -132.97 134.09
C ASN A 97 113.80 -133.40 132.67
N VAL A 98 114.31 -134.61 132.53
CA VAL A 98 114.65 -135.13 131.21
C VAL A 98 113.75 -136.33 130.90
N TYR A 99 113.09 -136.33 129.75
CA TYR A 99 112.23 -137.44 129.38
C TYR A 99 112.84 -138.17 128.20
N ARG A 100 112.35 -139.38 127.94
CA ARG A 100 112.88 -140.20 126.85
C ARG A 100 112.07 -140.11 125.56
N ASP A 101 110.76 -139.98 125.67
CA ASP A 101 109.91 -139.90 124.49
C ASP A 101 109.56 -138.46 124.13
N ALA A 102 109.19 -138.25 122.86
CA ALA A 102 108.85 -136.92 122.33
C ALA A 102 107.67 -136.19 123.00
N ALA A 103 106.77 -136.92 123.65
CA ALA A 103 105.63 -136.32 124.34
C ALA A 103 105.85 -136.05 125.85
N ARG A 104 107.11 -135.99 126.32
CA ARG A 104 107.41 -135.69 127.72
C ARG A 104 106.69 -136.59 128.74
N THR A 105 106.46 -137.86 128.38
CA THR A 105 105.77 -138.81 129.26
C THR A 105 106.69 -139.82 129.98
N ASN A 106 107.55 -140.51 129.23
CA ASN A 106 108.43 -141.51 129.77
C ASN A 106 109.64 -140.81 130.37
N LEU A 107 109.58 -140.56 131.67
CA LEU A 107 110.63 -139.85 132.38
C LEU A 107 111.89 -140.68 132.65
N TYR A 108 113.07 -140.08 132.51
CA TYR A 108 114.29 -140.79 132.84
C TYR A 108 114.39 -140.64 134.33
N VAL A 109 113.82 -141.60 135.07
CA VAL A 109 113.83 -141.54 136.53
C VAL A 109 115.28 -141.51 137.07
N VAL A 110 115.51 -140.73 138.13
CA VAL A 110 116.83 -140.58 138.73
C VAL A 110 117.51 -141.94 139.01
N ASN A 111 118.76 -142.10 138.58
CA ASN A 111 119.50 -143.34 138.79
C ASN A 111 118.73 -144.60 138.41
N GLN A 112 118.11 -144.60 137.22
CA GLN A 112 117.37 -145.76 136.76
C GLN A 112 117.79 -146.15 135.34
N PRO A 113 117.95 -147.47 135.10
CA PRO A 113 118.37 -147.93 133.78
C PRO A 113 117.25 -148.00 132.74
N GLN A 114 116.92 -146.89 132.09
CA GLN A 114 115.88 -146.97 131.09
C GLN A 114 116.41 -147.87 129.95
N GLN A 115 115.79 -149.05 129.73
CA GLN A 115 116.20 -150.03 128.70
C GLN A 115 116.28 -149.46 127.25
N PHE A 116 117.11 -150.11 126.43
CA PHE A 116 117.29 -149.73 125.02
C PHE A 116 117.76 -150.92 124.17
N THR A 117 117.42 -150.92 122.89
CA THR A 117 117.84 -151.99 121.99
C THR A 117 118.82 -151.46 120.95
N THR A 118 119.63 -152.36 120.38
CA THR A 118 120.61 -151.96 119.38
C THR A 118 120.96 -153.16 118.48
N VAL A 119 120.89 -153.00 117.15
CA VAL A 119 121.21 -154.10 116.25
C VAL A 119 122.56 -153.86 115.58
N SER A 120 123.10 -154.91 114.97
CA SER A 120 124.39 -154.84 114.29
C SER A 120 124.34 -153.93 113.07
N GLY A 121 125.45 -153.26 112.77
CA GLY A 121 125.52 -152.36 111.62
C GLY A 121 124.51 -151.25 111.65
N GLN A 122 124.26 -150.71 112.84
CA GLN A 122 123.32 -149.61 113.01
C GLN A 122 123.64 -148.85 114.30
N ALA A 123 123.32 -147.56 114.34
CA ALA A 123 123.55 -146.76 115.52
C ALA A 123 122.19 -146.32 116.04
N THR A 124 121.90 -146.56 117.32
CA THR A 124 120.62 -146.17 117.90
C THR A 124 120.79 -144.81 118.57
N ALA A 125 119.79 -143.92 118.44
CA ALA A 125 119.88 -142.60 119.05
C ALA A 125 119.34 -142.61 120.47
N VAL A 126 119.92 -141.80 121.35
CA VAL A 126 119.47 -141.71 122.73
C VAL A 126 118.77 -140.37 122.90
N PRO A 127 117.43 -140.37 122.81
CA PRO A 127 116.73 -139.10 122.93
C PRO A 127 116.66 -138.66 124.39
N ILE A 128 117.29 -137.55 124.71
CA ILE A 128 117.22 -137.02 126.06
C ILE A 128 116.42 -135.74 125.85
N PHE A 129 115.12 -135.82 126.06
CA PHE A 129 114.26 -134.66 125.84
C PHE A 129 114.10 -133.87 127.14
N GLY A 130 114.54 -132.61 127.15
CA GLY A 130 114.40 -131.81 128.33
C GLY A 130 113.04 -131.14 128.36
N ALA A 131 112.62 -130.76 129.55
CA ALA A 131 111.34 -130.09 129.76
C ALA A 131 111.36 -129.31 131.07
N ILE A 132 110.88 -128.07 131.04
CA ILE A 132 110.81 -127.23 132.22
C ILE A 132 109.36 -126.76 132.45
N ALA A 133 108.89 -126.85 133.70
CA ALA A 133 107.53 -126.45 134.02
C ALA A 133 107.29 -124.95 133.86
N PRO A 134 106.03 -124.56 133.60
CA PRO A 134 105.74 -123.14 133.44
C PRO A 134 105.85 -122.40 134.77
N ASN A 135 106.76 -121.44 134.87
CA ASN A 135 106.93 -120.66 136.08
C ASN A 135 106.10 -119.41 135.92
N THR A 136 104.94 -119.35 136.57
CA THR A 136 104.08 -118.18 136.49
C THR A 136 103.87 -117.62 137.89
N GLY A 137 104.88 -117.77 138.74
CA GLY A 137 104.82 -117.30 140.11
C GLY A 137 105.83 -116.21 140.40
N THR A 138 107.08 -116.60 140.63
CA THR A 138 108.13 -115.63 140.93
C THR A 138 109.15 -115.54 139.79
N PRO A 139 109.55 -114.30 139.43
CA PRO A 139 110.53 -114.15 138.35
C PRO A 139 111.96 -114.42 138.83
N LYS A 140 112.60 -115.48 138.32
CA LYS A 140 113.96 -115.81 138.72
C LYS A 140 114.92 -114.73 138.26
N ALA A 141 115.99 -114.48 139.04
CA ALA A 141 116.97 -113.44 138.69
C ALA A 141 117.63 -113.62 137.32
N GLN A 142 118.04 -112.50 136.71
CA GLN A 142 118.69 -112.51 135.40
C GLN A 142 120.06 -113.18 135.46
N GLY A 143 120.49 -113.72 134.32
CA GLY A 143 121.77 -114.41 134.26
C GLY A 143 121.70 -115.75 133.54
N ASP A 144 122.70 -116.58 133.74
CA ASP A 144 122.76 -117.89 133.11
C ASP A 144 122.56 -119.01 134.14
N TYR A 145 121.64 -119.94 133.87
CA TYR A 145 121.39 -121.04 134.79
C TYR A 145 122.04 -122.28 134.16
N LYS A 146 122.76 -123.08 134.97
CA LYS A 146 123.42 -124.27 134.46
C LYS A 146 123.25 -125.51 135.35
N ASP A 147 123.59 -126.66 134.78
CA ASP A 147 123.58 -127.95 135.45
C ASP A 147 124.36 -128.90 134.57
N THR A 148 124.93 -129.94 135.18
CA THR A 148 125.69 -130.92 134.44
C THR A 148 125.13 -132.30 134.77
N LEU A 149 124.24 -132.82 133.93
CA LEU A 149 123.68 -134.12 134.20
C LEU A 149 124.71 -135.16 133.74
N LEU A 150 124.92 -136.20 134.54
CA LEU A 150 125.86 -137.24 134.15
C LEU A 150 125.01 -138.36 133.55
N VAL A 151 125.16 -138.64 132.25
CA VAL A 151 124.40 -139.71 131.62
C VAL A 151 125.31 -140.93 131.74
N THR A 152 124.73 -142.06 132.16
CA THR A 152 125.42 -143.30 132.41
C THR A 152 124.98 -144.43 131.51
N VAL A 153 125.66 -144.62 130.39
CA VAL A 153 125.33 -145.73 129.49
C VAL A 153 125.98 -146.97 130.10
N ASN A 154 125.20 -147.91 130.63
CA ASN A 154 125.79 -149.07 131.26
C ASN A 154 125.16 -150.32 130.73
N PHE A 155 125.86 -151.43 130.96
CA PHE A 155 125.45 -152.70 130.43
C PHE A 155 125.16 -153.69 131.55
N ALA B 1 130.53 -149.70 131.07
CA ALA B 1 130.08 -148.53 131.80
C ALA B 1 130.66 -147.25 131.19
N VAL B 2 129.90 -146.60 130.30
CA VAL B 2 130.35 -145.37 129.69
C VAL B 2 129.54 -144.20 130.28
N THR B 3 130.10 -143.57 131.32
CA THR B 3 129.46 -142.43 131.96
C THR B 3 129.92 -141.12 131.28
N GLY B 4 128.95 -140.26 130.97
CA GLY B 4 129.22 -139.01 130.30
C GLY B 4 128.48 -137.79 130.79
N GLN B 5 128.89 -136.58 130.40
CA GLN B 5 128.24 -135.36 130.89
C GLN B 5 127.32 -134.66 129.86
N VAL B 6 126.23 -134.04 130.34
CA VAL B 6 125.30 -133.33 129.48
C VAL B 6 125.09 -131.96 130.14
N ASP B 7 125.66 -130.90 129.56
CA ASP B 7 125.52 -129.61 130.17
C ASP B 7 124.11 -129.06 129.90
N VAL B 8 123.41 -128.65 130.95
CA VAL B 8 122.07 -128.10 130.82
C VAL B 8 122.19 -126.59 130.97
N LYS B 9 121.46 -125.84 130.14
CA LYS B 9 121.55 -124.39 130.21
C LYS B 9 120.22 -123.69 129.97
N LEU B 10 120.10 -122.47 130.51
CA LEU B 10 118.92 -121.64 130.36
C LEU B 10 119.35 -120.21 130.64
N ASN B 11 119.06 -119.27 129.72
CA ASN B 11 119.47 -117.89 129.90
C ASN B 11 118.25 -117.06 130.23
N ILE B 12 117.99 -116.88 131.52
CA ILE B 12 116.86 -116.08 131.94
C ILE B 12 117.29 -114.61 131.85
N SER B 13 116.74 -113.87 130.88
CA SER B 13 117.06 -112.45 130.70
C SER B 13 115.92 -111.63 130.04
N THR B 14 115.61 -111.94 128.78
CA THR B 14 114.57 -111.26 128.00
C THR B 14 114.18 -112.16 126.83
N GLY B 15 113.12 -112.97 127.01
CA GLY B 15 112.67 -113.90 125.99
C GLY B 15 111.33 -113.64 125.32
N CYS B 16 110.99 -114.56 124.41
CA CYS B 16 109.79 -114.52 123.61
C CYS B 16 108.87 -115.69 123.97
N THR B 17 107.55 -115.47 124.00
CA THR B 17 106.58 -116.52 124.38
C THR B 17 105.54 -116.83 123.29
N VAL B 18 105.07 -118.08 123.24
CA VAL B 18 104.09 -118.48 122.24
C VAL B 18 102.69 -118.61 122.85
N GLY B 19 101.71 -117.84 122.35
CA GLY B 19 100.36 -117.93 122.87
C GLY B 19 99.51 -118.83 121.98
N GLY B 20 98.36 -119.24 122.48
CA GLY B 20 97.47 -120.13 121.74
C GLY B 20 97.68 -121.61 122.06
N SER B 21 98.62 -121.90 122.94
CA SER B 21 98.90 -123.28 123.30
C SER B 21 98.31 -123.63 124.67
N GLN B 22 98.11 -124.93 124.88
CA GLN B 22 97.58 -125.46 126.11
C GLN B 22 98.60 -126.49 126.55
N THR B 23 98.89 -126.56 127.84
CA THR B 23 99.89 -127.51 128.31
C THR B 23 99.28 -128.91 128.42
N GLU B 24 99.55 -129.80 127.47
CA GLU B 24 99.07 -131.16 127.55
C GLU B 24 100.08 -131.90 128.42
N GLY B 25 99.78 -132.05 129.71
CA GLY B 25 100.73 -132.70 130.60
C GLY B 25 101.99 -131.84 130.60
N ASN B 26 103.13 -132.37 130.15
CA ASN B 26 104.37 -131.59 130.14
C ASN B 26 104.81 -131.25 128.71
N MET B 27 103.86 -131.25 127.77
CA MET B 27 104.18 -130.93 126.38
C MET B 27 103.17 -129.90 125.84
N ASN B 28 103.66 -128.78 125.30
CA ASN B 28 102.77 -127.73 124.80
C ASN B 28 101.89 -128.16 123.61
N LYS B 29 100.57 -128.23 123.80
CA LYS B 29 99.66 -128.57 122.72
C LYS B 29 99.39 -127.28 121.93
N PHE B 30 99.99 -127.15 120.74
CA PHE B 30 99.84 -125.94 119.95
C PHE B 30 98.51 -125.86 119.20
N GLY B 31 98.07 -126.95 118.60
CA GLY B 31 96.81 -126.86 117.87
C GLY B 31 96.43 -128.11 117.09
N THR B 32 95.51 -127.92 116.14
CA THR B 32 95.04 -129.04 115.33
C THR B 32 94.95 -128.64 113.85
N LEU B 33 95.34 -129.54 112.97
CA LEU B 33 95.28 -129.31 111.53
C LEU B 33 94.19 -130.27 111.09
N ASN B 34 92.94 -129.80 111.11
CA ASN B 34 91.81 -130.64 110.80
C ASN B 34 91.36 -130.52 109.35
N PHE B 35 91.69 -131.51 108.52
CA PHE B 35 91.29 -131.47 107.12
C PHE B 35 89.80 -131.77 106.94
N GLY B 36 89.20 -132.39 107.94
CA GLY B 36 87.79 -132.72 107.91
C GLY B 36 87.54 -134.12 107.39
N LYS B 37 86.31 -134.37 106.96
CA LYS B 37 85.92 -135.66 106.41
C LYS B 37 86.22 -135.72 104.92
N THR B 38 86.42 -136.93 104.40
CA THR B 38 86.71 -137.11 102.97
C THR B 38 86.42 -138.54 102.53
N SER B 39 86.26 -138.72 101.22
CA SER B 39 85.99 -140.03 100.65
C SER B 39 87.28 -140.70 100.29
N GLY B 40 87.22 -141.99 99.89
CA GLY B 40 88.40 -142.77 99.55
C GLY B 40 89.29 -142.06 98.53
N THR B 41 88.69 -141.54 97.47
CA THR B 41 89.43 -140.86 96.41
C THR B 41 88.93 -139.41 96.24
N TRP B 42 89.73 -138.43 96.65
CA TRP B 42 89.34 -137.03 96.52
C TRP B 42 90.08 -136.36 95.34
N ASN B 43 89.36 -135.61 94.51
CA ASN B 43 89.98 -134.94 93.37
C ASN B 43 90.47 -133.54 93.70
N ASN B 44 89.86 -132.92 94.69
CA ASN B 44 90.26 -131.59 95.12
C ASN B 44 91.34 -131.68 96.21
N VAL B 45 92.29 -130.76 96.20
CA VAL B 45 93.35 -130.69 97.18
C VAL B 45 92.72 -130.43 98.55
N LEU B 46 92.85 -131.35 99.52
CA LEU B 46 92.17 -131.11 100.80
C LEU B 46 93.01 -130.09 101.56
N THR B 47 92.38 -129.03 102.08
CA THR B 47 93.13 -127.94 102.67
C THR B 47 92.51 -127.34 103.93
N ALA B 48 93.24 -127.28 105.05
CA ALA B 48 92.72 -126.70 106.27
C ALA B 48 93.85 -125.99 107.02
N GLU B 49 93.48 -125.06 107.91
CA GLU B 49 94.43 -124.26 108.66
C GLU B 49 94.51 -124.77 110.09
N VAL B 50 95.65 -124.52 110.74
CA VAL B 50 95.82 -124.92 112.12
C VAL B 50 94.86 -124.15 113.02
N ALA B 51 94.27 -124.83 114.01
CA ALA B 51 93.37 -124.19 114.95
C ALA B 51 94.02 -124.33 116.33
N SER B 52 94.47 -123.21 116.92
CA SER B 52 95.12 -123.26 118.24
C SER B 52 94.25 -123.98 119.28
N ALA B 53 94.86 -124.80 120.13
CA ALA B 53 94.08 -125.53 121.14
C ALA B 53 93.53 -124.65 122.26
N ALA B 54 94.14 -123.50 122.49
CA ALA B 54 93.70 -122.58 123.54
C ALA B 54 92.53 -121.69 123.14
N THR B 55 92.63 -121.05 121.98
CA THR B 55 91.56 -120.15 121.55
C THR B 55 90.68 -120.66 120.41
N GLY B 56 91.27 -121.39 119.46
CA GLY B 56 90.53 -121.88 118.31
C GLY B 56 91.00 -121.20 117.04
N GLY B 57 91.64 -120.03 117.18
CA GLY B 57 92.15 -119.29 116.06
C GLY B 57 93.60 -119.67 115.75
N ASN B 58 94.35 -118.74 115.17
CA ASN B 58 95.75 -119.03 114.83
C ASN B 58 96.69 -118.85 116.03
N ILE B 59 97.79 -119.60 116.04
CA ILE B 59 98.76 -119.48 117.12
C ILE B 59 99.25 -118.04 117.14
N SER B 60 99.19 -117.38 118.30
CA SER B 60 99.62 -115.98 118.37
C SER B 60 100.90 -115.85 119.18
N VAL B 61 102.04 -115.72 118.51
CA VAL B 61 103.29 -115.59 119.23
C VAL B 61 103.57 -114.12 119.55
N THR B 62 103.86 -113.80 120.80
CA THR B 62 104.17 -112.43 121.17
C THR B 62 105.55 -112.45 121.85
N CYS B 63 106.32 -111.38 121.71
CA CYS B 63 107.65 -111.38 122.34
C CYS B 63 107.64 -110.42 123.53
N ASP B 64 108.19 -110.85 124.68
CA ASP B 64 108.22 -110.01 125.86
C ASP B 64 109.40 -109.03 125.78
N GLY B 65 109.24 -107.99 124.97
CA GLY B 65 110.28 -106.99 124.80
C GLY B 65 109.70 -105.73 124.16
N THR B 66 110.54 -104.70 124.02
CA THR B 66 110.10 -103.45 123.43
C THR B 66 110.54 -103.31 121.98
N ASP B 67 111.83 -103.55 121.73
CA ASP B 67 112.40 -103.47 120.40
C ASP B 67 111.95 -104.68 119.58
N PRO B 68 111.92 -104.55 118.24
CA PRO B 68 111.48 -105.73 117.47
C PRO B 68 112.41 -106.93 117.63
N VAL B 69 111.84 -108.13 117.69
CA VAL B 69 112.62 -109.35 117.85
C VAL B 69 112.39 -110.26 116.65
N ASP B 70 113.45 -110.87 116.12
CA ASP B 70 113.29 -111.73 114.95
C ASP B 70 113.35 -113.18 115.45
N PHE B 71 112.20 -113.85 115.51
CA PHE B 71 112.16 -115.22 115.99
C PHE B 71 111.89 -116.17 114.83
N THR B 72 112.31 -117.41 114.99
CA THR B 72 112.11 -118.37 113.91
C THR B 72 111.09 -119.45 114.25
N VAL B 73 110.56 -120.08 113.20
CA VAL B 73 109.59 -121.14 113.35
C VAL B 73 110.03 -122.37 112.56
N ALA B 74 110.09 -123.55 113.20
CA ALA B 74 110.49 -124.75 112.50
C ALA B 74 109.51 -125.87 112.83
N ILE B 75 109.08 -126.61 111.80
CA ILE B 75 108.16 -127.71 112.00
C ILE B 75 108.92 -128.95 111.56
N ASP B 76 108.71 -130.06 112.25
CA ASP B 76 109.40 -131.31 111.93
C ASP B 76 108.58 -132.14 110.92
N GLY B 77 109.03 -133.35 110.59
CA GLY B 77 108.36 -134.24 109.66
C GLY B 77 107.25 -135.15 110.14
N GLY B 78 106.76 -134.96 111.36
CA GLY B 78 105.70 -135.81 111.89
C GLY B 78 106.23 -137.06 112.57
N GLU B 79 105.33 -137.90 113.04
CA GLU B 79 105.69 -139.13 113.72
C GLU B 79 106.65 -140.01 112.95
N ARG B 80 106.41 -140.19 111.65
CA ARG B 80 107.28 -141.08 110.87
C ARG B 80 108.39 -140.37 110.10
N THR B 81 108.50 -139.05 110.27
CA THR B 81 109.48 -138.14 109.63
C THR B 81 109.31 -137.90 108.11
N ASP B 82 108.18 -138.28 107.52
CA ASP B 82 107.93 -138.03 106.10
C ASP B 82 106.54 -137.40 105.84
N ARG B 83 106.01 -136.72 106.85
CA ARG B 83 104.72 -136.03 106.79
C ARG B 83 103.58 -136.89 106.22
N THR B 84 103.35 -138.04 106.84
CA THR B 84 102.28 -138.94 106.43
C THR B 84 101.32 -139.18 107.59
N LEU B 85 100.02 -139.07 107.36
CA LEU B 85 99.11 -139.38 108.43
C LEU B 85 98.89 -140.88 108.39
N LYS B 86 98.77 -141.53 109.54
CA LYS B 86 98.60 -142.96 109.56
C LYS B 86 97.23 -143.36 110.06
N ASN B 87 96.64 -144.41 109.49
CA ASN B 87 95.35 -144.81 109.95
C ASN B 87 95.53 -145.39 111.34
N THR B 88 94.63 -145.08 112.27
CA THR B 88 94.71 -145.62 113.61
C THR B 88 94.79 -147.16 113.65
N ALA B 89 94.05 -147.86 112.78
CA ALA B 89 94.07 -149.34 112.82
C ALA B 89 94.95 -150.03 111.76
N SER B 90 94.73 -149.69 110.50
CA SER B 90 95.49 -150.25 109.38
C SER B 90 96.81 -149.51 109.17
N ALA B 91 97.61 -149.93 108.19
CA ALA B 91 98.90 -149.28 107.92
C ALA B 91 98.88 -148.30 106.74
N ASP B 92 97.70 -147.89 106.30
CA ASP B 92 97.58 -146.95 105.19
C ASP B 92 98.15 -145.59 105.59
N VAL B 93 98.76 -144.87 104.65
CA VAL B 93 99.33 -143.57 104.95
C VAL B 93 98.78 -142.49 104.02
N VAL B 94 98.73 -141.25 104.50
CA VAL B 94 98.23 -140.14 103.69
C VAL B 94 99.26 -139.00 103.70
N ALA B 95 100.02 -138.86 102.62
CA ALA B 95 101.04 -137.82 102.54
C ALA B 95 100.44 -136.39 102.56
N TYR B 96 101.04 -135.48 103.32
CA TYR B 96 100.58 -134.11 103.39
C TYR B 96 101.79 -133.17 103.55
N ASN B 97 101.55 -131.86 103.69
CA ASN B 97 102.60 -130.87 103.87
C ASN B 97 102.01 -129.63 104.51
N VAL B 98 102.84 -128.87 105.20
CA VAL B 98 102.38 -127.64 105.84
C VAL B 98 103.06 -126.45 105.17
N TYR B 99 102.30 -125.46 104.73
CA TYR B 99 102.89 -124.29 104.10
C TYR B 99 102.68 -123.09 105.01
N ARG B 100 103.41 -122.00 104.74
CA ARG B 100 103.32 -120.80 105.56
C ARG B 100 102.41 -119.73 104.99
N ASP B 101 102.36 -119.60 103.68
CA ASP B 101 101.52 -118.59 103.04
C ASP B 101 100.20 -119.18 102.58
N ALA B 102 99.20 -118.31 102.41
CA ALA B 102 97.84 -118.68 102.00
C ALA B 102 97.71 -119.37 100.63
N ALA B 103 98.68 -119.18 99.74
CA ALA B 103 98.66 -119.82 98.42
C ALA B 103 99.43 -121.15 98.34
N ARG B 104 99.72 -121.82 99.47
CA ARG B 104 100.41 -123.11 99.47
C ARG B 104 101.75 -123.12 98.72
N THR B 105 102.46 -121.99 98.71
CA THR B 105 103.75 -121.89 98.02
C THR B 105 105.00 -121.97 98.91
N ASN B 106 105.04 -121.17 99.97
CA ASN B 106 106.18 -121.13 100.88
C ASN B 106 106.05 -122.27 101.87
N LEU B 107 106.70 -123.38 101.54
CA LEU B 107 106.65 -124.60 102.35
C LEU B 107 107.48 -124.54 103.63
N TYR B 108 106.95 -125.09 104.73
CA TYR B 108 107.72 -125.14 105.95
C TYR B 108 108.58 -126.35 105.77
N VAL B 109 109.77 -126.16 105.20
CA VAL B 109 110.69 -127.27 104.95
C VAL B 109 111.03 -128.01 106.25
N VAL B 110 111.14 -129.34 106.19
CA VAL B 110 111.45 -130.17 107.36
C VAL B 110 112.66 -129.66 108.15
N ASN B 111 112.53 -129.51 109.47
CA ASN B 111 113.62 -129.04 110.32
C ASN B 111 114.31 -127.78 109.80
N GLN B 112 113.51 -126.78 109.41
CA GLN B 112 114.08 -125.53 108.93
C GLN B 112 113.46 -124.32 109.63
N PRO B 113 114.30 -123.34 110.01
CA PRO B 113 113.79 -122.17 110.72
C PRO B 113 113.15 -121.11 109.83
N GLN B 114 111.89 -121.27 109.45
CA GLN B 114 111.28 -120.25 108.64
C GLN B 114 111.23 -118.96 109.48
N GLN B 115 111.96 -117.90 109.08
CA GLN B 115 112.03 -116.60 109.79
C GLN B 115 110.66 -115.92 110.04
N PHE B 116 110.63 -115.09 111.09
CA PHE B 116 109.42 -114.33 111.47
C PHE B 116 109.77 -113.05 112.24
N THR B 117 108.93 -112.03 112.14
CA THR B 117 109.17 -110.77 112.84
C THR B 117 108.08 -110.58 113.87
N THR B 118 108.40 -109.80 114.90
CA THR B 118 107.44 -109.51 115.95
C THR B 118 107.80 -108.09 116.36
N VAL B 119 106.78 -107.27 116.63
CA VAL B 119 106.95 -105.87 116.90
C VAL B 119 106.36 -105.41 118.25
N SER B 120 106.60 -104.13 118.57
CA SER B 120 106.19 -103.56 119.83
C SER B 120 104.70 -103.78 120.18
N GLY B 121 104.44 -104.30 121.39
CA GLY B 121 103.10 -104.49 121.89
C GLY B 121 102.17 -105.24 120.95
N GLN B 122 102.65 -106.29 120.30
CA GLN B 122 101.77 -107.00 119.38
C GLN B 122 102.00 -108.52 119.37
N ALA B 123 100.96 -109.26 119.01
CA ALA B 123 101.08 -110.70 118.90
C ALA B 123 101.04 -111.03 117.40
N THR B 124 102.07 -111.72 116.90
CA THR B 124 102.12 -112.10 115.49
C THR B 124 101.54 -113.51 115.35
N ALA B 125 100.77 -113.76 114.30
CA ALA B 125 100.16 -115.07 114.10
C ALA B 125 101.09 -115.99 113.31
N VAL B 126 101.06 -117.28 113.62
CA VAL B 126 101.89 -118.26 112.92
C VAL B 126 100.97 -119.10 112.03
N PRO B 127 100.90 -118.72 110.74
CA PRO B 127 100.00 -119.46 109.86
C PRO B 127 100.62 -120.81 109.48
N ILE B 128 100.00 -121.90 109.89
CA ILE B 128 100.48 -123.21 109.51
C ILE B 128 99.36 -123.70 108.60
N PHE B 129 99.53 -123.52 107.30
CA PHE B 129 98.50 -123.90 106.35
C PHE B 129 98.75 -125.33 105.86
N GLY B 130 97.81 -126.24 106.12
CA GLY B 130 97.97 -127.60 105.67
C GLY B 130 97.47 -127.74 104.24
N ALA B 131 97.95 -128.77 103.56
CA ALA B 131 97.56 -129.07 102.19
C ALA B 131 97.83 -130.54 101.87
N ILE B 132 96.86 -131.20 101.25
CA ILE B 132 97.00 -132.59 100.86
C ILE B 132 96.77 -132.73 99.35
N ALA B 133 97.63 -133.50 98.67
CA ALA B 133 97.53 -133.69 97.23
C ALA B 133 96.29 -134.47 96.84
N PRO B 134 95.82 -134.26 95.60
CA PRO B 134 94.61 -134.97 95.14
C PRO B 134 94.94 -136.45 94.91
N ASN B 135 94.29 -137.34 95.66
CA ASN B 135 94.49 -138.76 95.51
C ASN B 135 93.42 -139.27 94.56
N THR B 136 93.78 -139.53 93.31
CA THR B 136 92.84 -140.03 92.33
C THR B 136 93.33 -141.37 91.80
N GLY B 137 94.01 -142.12 92.66
CA GLY B 137 94.54 -143.41 92.29
C GLY B 137 93.93 -144.56 93.07
N THR B 138 94.38 -144.75 94.30
CA THR B 138 93.87 -145.82 95.14
C THR B 138 93.06 -145.27 96.33
N PRO B 139 91.90 -145.89 96.62
CA PRO B 139 91.10 -145.40 97.75
C PRO B 139 91.64 -145.90 99.09
N LYS B 140 92.12 -144.99 99.95
CA LYS B 140 92.65 -145.38 101.25
C LYS B 140 91.54 -145.95 102.13
N ALA B 141 91.88 -146.91 102.99
CA ALA B 141 90.88 -147.54 103.86
C ALA B 141 90.13 -146.56 104.78
N GLN B 142 88.90 -146.93 105.14
CA GLN B 142 88.05 -146.10 106.00
C GLN B 142 88.62 -146.00 107.41
N GLY B 143 88.29 -144.92 108.12
CA GLY B 143 88.78 -144.72 109.47
C GLY B 143 89.33 -143.32 109.69
N ASP B 144 90.11 -143.15 110.76
CA ASP B 144 90.68 -141.86 111.09
C ASP B 144 92.20 -141.85 110.87
N TYR B 145 92.72 -140.87 110.14
CA TYR B 145 94.15 -140.78 109.90
C TYR B 145 94.69 -139.67 110.79
N LYS B 146 95.84 -139.92 111.46
CA LYS B 146 96.41 -138.92 112.35
C LYS B 146 97.93 -138.75 112.19
N ASP B 147 98.42 -137.66 112.79
CA ASP B 147 99.84 -137.34 112.84
C ASP B 147 100.01 -136.25 113.88
N THR B 148 101.20 -136.17 114.45
CA THR B 148 101.48 -135.16 115.46
C THR B 148 102.72 -134.40 115.04
N LEU B 149 102.55 -133.25 114.40
CA LEU B 149 103.71 -132.48 113.98
C LEU B 149 104.21 -131.73 115.19
N LEU B 150 105.51 -131.68 115.40
CA LEU B 150 106.06 -130.94 116.52
C LEU B 150 106.49 -129.59 115.96
N VAL B 151 105.86 -128.49 116.37
CA VAL B 151 106.26 -127.18 115.88
C VAL B 151 107.27 -126.68 116.91
N THR B 152 108.39 -126.14 116.42
CA THR B 152 109.50 -125.69 117.22
C THR B 152 109.78 -124.20 117.10
N VAL B 153 109.19 -123.40 117.98
CA VAL B 153 109.43 -121.97 117.97
C VAL B 153 110.78 -121.77 118.67
N ASN B 154 111.82 -121.38 117.94
CA ASN B 154 113.12 -121.24 118.55
C ASN B 154 113.73 -119.90 118.20
N PHE B 155 114.72 -119.52 118.99
CA PHE B 155 115.33 -118.22 118.86
C PHE B 155 116.81 -118.34 118.51
N ALA C 1 113.55 -121.73 123.29
CA ALA C 1 113.14 -122.92 122.57
C ALA C 1 111.78 -123.43 123.07
N VAL C 2 110.71 -123.02 122.40
CA VAL C 2 109.37 -123.46 122.77
C VAL C 2 108.85 -124.46 121.73
N THR C 3 109.07 -125.75 122.01
CA THR C 3 108.62 -126.81 121.12
C THR C 3 107.18 -127.25 121.51
N GLY C 4 106.31 -127.34 120.50
CA GLY C 4 104.94 -127.71 120.73
C GLY C 4 104.33 -128.70 119.75
N GLN C 5 103.16 -129.28 120.06
CA GLN C 5 102.54 -130.27 119.17
C GLN C 5 101.33 -129.77 118.36
N VAL C 6 101.16 -130.27 117.15
CA VAL C 6 100.04 -129.89 116.29
C VAL C 6 99.43 -131.19 115.78
N ASP C 7 98.26 -131.58 116.29
CA ASP C 7 97.67 -132.82 115.88
C ASP C 7 97.07 -132.66 114.48
N VAL C 8 97.44 -133.54 113.56
CA VAL C 8 96.91 -133.49 112.20
C VAL C 8 95.86 -134.60 112.08
N LYS C 9 94.74 -134.31 111.42
CA LYS C 9 93.70 -135.31 111.31
C LYS C 9 92.99 -135.29 109.95
N LEU C 10 92.41 -136.43 109.58
CA LEU C 10 91.67 -136.60 108.34
C LEU C 10 90.78 -137.81 108.53
N ASN C 11 89.47 -137.67 108.28
CA ASN C 11 88.54 -138.76 108.46
C ASN C 11 88.11 -139.29 107.10
N ILE C 12 88.81 -140.28 106.59
CA ILE C 12 88.47 -140.86 105.31
C ILE C 12 87.30 -141.82 105.54
N SER C 13 86.10 -141.45 105.09
CA SER C 13 84.91 -142.31 105.24
C SER C 13 83.85 -142.09 104.15
N THR C 14 83.25 -140.89 104.10
CA THR C 14 82.21 -140.53 103.14
C THR C 14 82.12 -139.01 103.08
N GLY C 15 82.84 -138.39 102.12
CA GLY C 15 82.86 -136.94 101.99
C GLY C 15 82.20 -136.31 100.77
N CYS C 16 82.31 -134.98 100.73
CA CYS C 16 81.73 -134.15 99.69
C CYS C 16 82.84 -133.46 98.89
N THR C 17 82.67 -133.33 97.57
CA THR C 17 83.70 -132.73 96.70
C THR C 17 83.22 -131.50 95.92
N VAL C 18 84.12 -130.56 95.64
CA VAL C 18 83.75 -129.35 94.92
C VAL C 18 84.22 -129.41 93.45
N GLY C 19 83.31 -129.31 92.48
CA GLY C 19 83.68 -129.33 91.08
C GLY C 19 83.78 -127.92 90.53
N GLY C 20 84.40 -127.77 89.38
CA GLY C 20 84.57 -126.46 88.76
C GLY C 20 85.89 -125.78 89.11
N SER C 21 86.72 -126.47 89.90
CA SER C 21 87.99 -125.91 90.30
C SER C 21 89.15 -126.56 89.53
N GLN C 22 90.26 -125.84 89.47
CA GLN C 22 91.47 -126.30 88.80
C GLN C 22 92.55 -126.18 89.86
N THR C 23 93.44 -127.16 89.93
CA THR C 23 94.49 -127.10 90.94
C THR C 23 95.62 -126.16 90.51
N GLU C 24 95.67 -124.95 91.07
CA GLU C 24 96.74 -124.02 90.77
C GLU C 24 97.89 -124.43 91.69
N GLY C 25 98.84 -125.21 91.20
CA GLY C 25 99.92 -125.65 92.05
C GLY C 25 99.30 -126.50 93.16
N ASN C 26 99.42 -126.07 94.42
CA ASN C 26 98.83 -126.84 95.52
C ASN C 26 97.65 -126.11 96.16
N MET C 27 97.03 -125.20 95.42
CA MET C 27 95.88 -124.45 95.92
C MET C 27 94.72 -124.49 94.90
N ASN C 28 93.54 -124.91 95.32
CA ASN C 28 92.40 -125.03 94.40
C ASN C 28 91.94 -123.69 93.81
N LYS C 29 92.09 -123.49 92.50
CA LYS C 29 91.63 -122.26 91.85
C LYS C 29 90.15 -122.45 91.56
N PHE C 30 89.28 -121.80 92.34
CA PHE C 30 87.84 -121.95 92.16
C PHE C 30 87.27 -121.16 91.00
N GLY C 31 87.69 -119.91 90.81
CA GLY C 31 87.13 -119.15 89.70
C GLY C 31 87.55 -117.70 89.64
N THR C 32 86.79 -116.91 88.89
CA THR C 32 87.09 -115.51 88.73
C THR C 32 85.82 -114.64 88.85
N LEU C 33 85.94 -113.51 89.51
CA LEU C 33 84.82 -112.59 89.67
C LEU C 33 85.23 -111.40 88.81
N ASN C 34 84.87 -111.45 87.54
CA ASN C 34 85.29 -110.44 86.59
C ASN C 34 84.25 -109.34 86.39
N PHE C 35 84.46 -108.17 87.00
CA PHE C 35 83.51 -107.07 86.85
C PHE C 35 83.59 -106.41 85.47
N GLY C 36 84.71 -106.61 84.79
CA GLY C 36 84.91 -106.07 83.47
C GLY C 36 85.63 -104.75 83.51
N LYS C 37 85.52 -104.00 82.42
CA LYS C 37 86.15 -102.68 82.30
C LYS C 37 85.21 -101.61 82.87
N THR C 38 85.79 -100.50 83.31
CA THR C 38 85.01 -99.40 83.87
C THR C 38 85.79 -98.09 83.87
N SER C 39 85.07 -96.97 83.96
CA SER C 39 85.68 -95.66 83.98
C SER C 39 85.97 -95.25 85.39
N GLY C 40 86.69 -94.12 85.57
CA GLY C 40 87.06 -93.64 86.89
C GLY C 40 85.89 -93.53 87.84
N THR C 41 84.79 -92.95 87.37
CA THR C 41 83.59 -92.78 88.19
C THR C 41 82.38 -93.47 87.55
N TRP C 42 81.91 -94.58 88.13
CA TRP C 42 80.76 -95.28 87.57
C TRP C 42 79.50 -95.00 88.42
N ASN C 43 78.38 -94.71 87.76
CA ASN C 43 77.13 -94.44 88.48
C ASN C 43 76.29 -95.69 88.72
N ASN C 44 76.47 -96.68 87.86
CA ASN C 44 75.75 -97.94 87.99
C ASN C 44 76.55 -98.93 88.86
N VAL C 45 75.85 -99.71 89.67
CA VAL C 45 76.46 -100.71 90.53
C VAL C 45 77.15 -101.74 89.62
N LEU C 46 78.47 -101.89 89.70
CA LEU C 46 79.12 -102.86 88.79
C LEU C 46 78.86 -104.24 89.33
N THR C 47 78.39 -105.17 88.48
CA THR C 47 77.95 -106.46 88.97
C THR C 47 78.32 -107.63 88.05
N ALA C 48 79.01 -108.66 88.56
CA ALA C 48 79.37 -109.83 87.76
C ALA C 48 79.33 -111.08 88.63
N GLU C 49 79.20 -112.23 87.99
CA GLU C 49 79.12 -113.51 88.68
C GLU C 49 80.43 -114.26 88.57
N VAL C 50 80.69 -115.15 89.53
CA VAL C 50 81.89 -115.94 89.50
C VAL C 50 81.88 -116.89 88.30
N ALA C 51 83.03 -117.06 87.65
CA ALA C 51 83.14 -117.96 86.51
C ALA C 51 84.16 -119.03 86.91
N SER C 52 83.72 -120.27 87.11
CA SER C 52 84.62 -121.35 87.51
C SER C 52 85.82 -121.47 86.58
N ALA C 53 87.01 -121.71 87.13
CA ALA C 53 88.22 -121.81 86.30
C ALA C 53 88.27 -123.07 85.43
N ALA C 54 87.56 -124.11 85.83
CA ALA C 54 87.55 -125.38 85.10
C ALA C 54 86.59 -125.40 83.91
N THR C 55 85.36 -124.97 84.12
CA THR C 55 84.36 -124.99 83.04
C THR C 55 84.00 -123.63 82.45
N GLY C 56 83.94 -122.60 83.29
CA GLY C 56 83.55 -121.28 82.83
C GLY C 56 82.22 -120.88 83.44
N GLY C 57 81.44 -121.87 83.87
CA GLY C 57 80.15 -121.63 84.48
C GLY C 57 80.25 -121.49 85.99
N ASN C 58 79.19 -121.82 86.71
CA ASN C 58 79.20 -121.70 88.16
C ASN C 58 79.85 -122.90 88.85
N ILE C 59 80.45 -122.68 90.01
CA ILE C 59 81.09 -123.76 90.75
C ILE C 59 80.02 -124.81 91.04
N SER C 60 80.27 -126.07 90.68
CA SER C 60 79.25 -127.11 90.90
C SER C 60 79.71 -128.08 91.99
N VAL C 61 79.18 -127.92 93.20
CA VAL C 61 79.58 -128.81 94.27
C VAL C 61 78.69 -130.04 94.29
N THR C 62 79.26 -131.23 94.31
CA THR C 62 78.47 -132.45 94.36
C THR C 62 78.96 -133.23 95.59
N CYS C 63 78.07 -133.99 96.22
CA CYS C 63 78.51 -134.79 97.36
C CYS C 63 78.58 -136.24 96.92
N ASP C 64 79.38 -137.03 97.64
CA ASP C 64 79.53 -138.44 97.32
C ASP C 64 78.78 -139.34 98.29
N GLY C 65 77.54 -139.68 97.96
CA GLY C 65 76.74 -140.54 98.81
C GLY C 65 75.30 -140.65 98.35
N THR C 66 74.45 -141.24 99.19
CA THR C 66 73.04 -141.41 98.89
C THR C 66 72.09 -140.51 99.71
N ASP C 67 72.45 -140.10 100.91
CA ASP C 67 71.53 -139.22 101.64
C ASP C 67 71.88 -137.77 101.38
N PRO C 68 70.85 -136.88 101.33
CA PRO C 68 71.17 -135.48 101.05
C PRO C 68 72.04 -134.87 102.15
N VAL C 69 73.28 -134.47 101.83
CA VAL C 69 74.16 -133.88 102.83
C VAL C 69 74.00 -132.35 102.90
N ASP C 70 74.13 -131.79 104.09
CA ASP C 70 74.02 -130.34 104.27
C ASP C 70 75.44 -129.80 104.42
N PHE C 71 75.97 -129.15 103.39
CA PHE C 71 77.32 -128.62 103.45
C PHE C 71 77.28 -127.11 103.52
N THR C 72 78.33 -126.52 104.06
CA THR C 72 78.36 -125.08 104.20
C THR C 72 79.37 -124.40 103.28
N VAL C 73 79.15 -123.11 103.04
CA VAL C 73 80.04 -122.32 102.19
C VAL C 73 80.46 -121.05 102.93
N ALA C 74 81.76 -120.78 103.04
CA ALA C 74 82.23 -119.59 103.73
C ALA C 74 83.28 -118.90 102.86
N ILE C 75 83.16 -117.57 102.71
CA ILE C 75 84.11 -116.81 101.93
C ILE C 75 84.77 -115.87 102.91
N ASP C 76 86.06 -115.61 102.73
CA ASP C 76 86.80 -114.73 103.63
C ASP C 76 86.76 -113.28 103.12
N GLY C 77 87.48 -112.36 103.78
CA GLY C 77 87.52 -110.95 103.41
C GLY C 77 88.52 -110.48 102.37
N GLY C 78 89.15 -111.39 101.64
CA GLY C 78 90.13 -111.00 100.64
C GLY C 78 91.52 -110.83 101.20
N GLU C 79 92.47 -110.43 100.35
CA GLU C 79 93.85 -110.23 100.74
C GLU C 79 94.01 -109.31 101.93
N ARG C 80 93.30 -108.18 101.96
CA ARG C 80 93.48 -107.24 103.06
C ARG C 80 92.45 -107.36 104.19
N THR C 81 91.57 -108.36 104.09
CA THR C 81 90.48 -108.68 105.04
C THR C 81 89.29 -107.68 105.11
N ASP C 82 89.18 -106.76 104.16
CA ASP C 82 88.06 -105.82 104.13
C ASP C 82 87.39 -105.72 102.74
N ARG C 83 87.54 -106.79 101.95
CA ARG C 83 86.95 -106.89 100.61
C ARG C 83 87.21 -105.68 99.72
N THR C 84 88.49 -105.35 99.53
CA THR C 84 88.87 -104.23 98.68
C THR C 84 89.81 -104.71 97.58
N LEU C 85 89.55 -104.32 96.34
CA LEU C 85 90.46 -104.72 95.30
C LEU C 85 91.58 -103.68 95.28
N LYS C 86 92.81 -104.08 95.06
CA LYS C 86 93.91 -103.14 95.09
C LYS C 86 94.52 -102.95 93.70
N ASN C 87 94.94 -101.73 93.37
CA ASN C 87 95.51 -101.52 92.09
C ASN C 87 96.86 -102.21 92.10
N THR C 88 97.22 -102.89 91.01
CA THR C 88 98.52 -103.55 90.92
C THR C 88 99.71 -102.62 91.20
N ALA C 89 99.66 -101.37 90.73
CA ALA C 89 100.79 -100.46 90.95
C ALA C 89 100.65 -99.42 92.08
N SER C 90 99.55 -98.67 92.05
CA SER C 90 99.25 -97.65 93.05
C SER C 90 98.58 -98.26 94.28
N ALA C 91 98.27 -97.45 95.29
CA ALA C 91 97.63 -97.95 96.50
C ALA C 91 96.11 -97.71 96.56
N ASP C 92 95.50 -97.38 95.44
CA ASP C 92 94.06 -97.14 95.40
C ASP C 92 93.31 -98.43 95.71
N VAL C 93 92.15 -98.33 96.36
CA VAL C 93 91.36 -99.52 96.70
C VAL C 93 89.94 -99.40 96.18
N VAL C 94 89.31 -100.54 95.88
CA VAL C 94 87.93 -100.54 95.38
C VAL C 94 87.10 -101.50 96.23
N ALA C 95 86.29 -100.97 97.15
CA ALA C 95 85.47 -101.80 98.02
C ALA C 95 84.39 -102.59 97.24
N TYR C 96 84.21 -103.88 97.57
CA TYR C 96 83.21 -104.71 96.93
C TYR C 96 82.62 -105.68 97.95
N ASN C 97 81.72 -106.57 97.51
CA ASN C 97 81.11 -107.57 98.38
C ASN C 97 80.58 -108.71 97.51
N VAL C 98 80.46 -109.88 98.10
CA VAL C 98 79.95 -111.04 97.37
C VAL C 98 78.62 -111.46 98.00
N TYR C 99 77.57 -111.61 97.21
CA TYR C 99 76.28 -112.02 97.74
C TYR C 99 75.96 -113.42 97.21
N ARG C 100 74.98 -114.07 97.82
CA ARG C 100 74.59 -115.42 97.44
C ARG C 100 73.40 -115.49 96.49
N ASP C 101 72.44 -114.59 96.67
CA ASP C 101 71.26 -114.59 95.83
C ASP C 101 71.37 -113.57 94.70
N ALA C 102 70.59 -113.79 93.64
CA ALA C 102 70.57 -112.94 92.44
C ALA C 102 70.21 -111.46 92.65
N ALA C 103 69.49 -111.13 93.72
CA ALA C 103 69.12 -109.77 94.02
C ALA C 103 70.09 -109.01 94.96
N ARG C 104 71.33 -109.49 95.13
CA ARG C 104 72.32 -108.81 95.98
C ARG C 104 71.85 -108.54 97.42
N THR C 105 71.02 -109.43 97.96
CA THR C 105 70.50 -109.27 99.34
C THR C 105 71.16 -110.16 100.40
N ASN C 106 71.25 -111.45 100.15
CA ASN C 106 71.83 -112.40 101.09
C ASN C 106 73.34 -112.36 100.95
N LEU C 107 73.98 -111.56 101.79
CA LEU C 107 75.42 -111.37 101.75
C LEU C 107 76.23 -112.53 102.33
N TYR C 108 77.36 -112.87 101.68
CA TYR C 108 78.21 -113.91 102.23
C TYR C 108 79.02 -113.19 103.26
N VAL C 109 78.52 -113.16 104.50
CA VAL C 109 79.22 -112.47 105.59
C VAL C 109 80.63 -113.03 105.79
N VAL C 110 81.59 -112.16 106.09
CA VAL C 110 82.99 -112.55 106.28
C VAL C 110 83.13 -113.72 107.27
N ASN C 111 83.88 -114.76 106.88
CA ASN C 111 84.10 -115.93 107.73
C ASN C 111 82.82 -116.51 108.32
N GLN C 112 81.79 -116.69 107.48
CA GLN C 112 80.54 -117.26 107.97
C GLN C 112 80.08 -118.41 107.07
N PRO C 113 79.60 -119.51 107.69
CA PRO C 113 79.17 -120.67 106.91
C PRO C 113 77.77 -120.54 106.30
N GLN C 114 77.63 -119.88 105.16
CA GLN C 114 76.31 -119.80 104.56
C GLN C 114 75.88 -121.24 104.20
N GLN C 115 74.83 -121.77 104.84
CA GLN C 115 74.31 -123.15 104.62
C GLN C 115 73.94 -123.47 103.13
N PHE C 116 74.00 -124.76 102.81
CA PHE C 116 73.65 -125.26 101.47
C PHE C 116 73.19 -126.73 101.49
N THR C 117 72.33 -127.11 100.56
CA THR C 117 71.85 -128.49 100.49
C THR C 117 72.38 -129.18 99.23
N THR C 118 72.43 -130.51 99.26
CA THR C 118 72.92 -131.26 98.12
C THR C 118 72.33 -132.68 98.13
N VAL C 119 71.74 -133.13 97.03
CA VAL C 119 71.17 -134.48 96.98
C VAL C 119 72.05 -135.41 96.14
N SER C 120 71.81 -136.71 96.26
CA SER C 120 72.57 -137.71 95.54
C SER C 120 72.32 -137.62 94.03
N GLY C 121 73.33 -137.96 93.24
CA GLY C 121 73.23 -137.92 91.78
C GLY C 121 72.86 -136.56 91.23
N GLN C 122 73.40 -135.51 91.84
CA GLN C 122 73.14 -134.14 91.41
C GLN C 122 74.27 -133.23 91.88
N ALA C 123 74.52 -132.16 91.13
CA ALA C 123 75.56 -131.21 91.51
C ALA C 123 74.86 -129.88 91.81
N THR C 124 75.11 -129.30 92.98
CA THR C 124 74.49 -128.02 93.33
C THR C 124 75.46 -126.89 92.98
N ALA C 125 74.94 -125.79 92.45
CA ALA C 125 75.79 -124.67 92.07
C ALA C 125 75.99 -123.71 93.24
N VAL C 126 77.17 -123.09 93.33
CA VAL C 126 77.46 -122.14 94.39
C VAL C 126 77.49 -120.75 93.76
N PRO C 127 76.37 -120.03 93.86
CA PRO C 127 76.35 -118.70 93.25
C PRO C 127 77.12 -117.70 94.11
N ILE C 128 78.21 -117.17 93.57
CA ILE C 128 78.95 -116.16 94.28
C ILE C 128 78.72 -114.93 93.42
N PHE C 129 77.74 -114.12 93.79
CA PHE C 129 77.38 -112.95 93.01
C PHE C 129 78.15 -111.73 93.53
N GLY C 130 78.99 -111.12 92.68
CA GLY C 130 79.72 -109.96 93.11
C GLY C 130 78.90 -108.71 92.89
N ALA C 131 79.24 -107.65 93.62
CA ALA C 131 78.57 -106.38 93.52
C ALA C 131 79.48 -105.26 94.03
N ILE C 132 79.55 -104.16 93.28
CA ILE C 132 80.35 -103.02 93.68
C ILE C 132 79.47 -101.76 93.74
N ALA C 133 79.63 -100.97 94.80
CA ALA C 133 78.83 -99.77 94.99
C ALA C 133 79.14 -98.69 93.96
N PRO C 134 78.15 -97.81 93.68
CA PRO C 134 78.39 -96.77 92.69
C PRO C 134 79.36 -95.72 93.24
N ASN C 135 80.52 -95.55 92.59
CA ASN C 135 81.49 -94.58 93.01
C ASN C 135 81.24 -93.31 92.20
N THR C 136 80.62 -92.31 92.81
CA THR C 136 80.35 -91.06 92.13
C THR C 136 81.03 -89.92 92.88
N GLY C 137 82.16 -90.22 93.49
CA GLY C 137 82.91 -89.24 94.25
C GLY C 137 84.27 -88.95 93.67
N THR C 138 85.23 -89.84 93.92
CA THR C 138 86.59 -89.65 93.41
C THR C 138 86.93 -90.70 92.34
N PRO C 139 87.57 -90.26 91.24
CA PRO C 139 87.93 -91.22 90.19
C PRO C 139 89.19 -92.02 90.54
N LYS C 140 89.07 -93.33 90.74
CA LYS C 140 90.22 -94.16 91.08
C LYS C 140 91.21 -94.19 89.91
N ALA C 141 92.50 -94.29 90.22
CA ALA C 141 93.53 -94.31 89.18
C ALA C 141 93.39 -95.44 88.14
N GLN C 142 93.88 -95.20 86.93
CA GLN C 142 93.80 -96.18 85.85
C GLN C 142 94.66 -97.40 86.14
N GLY C 143 94.29 -98.54 85.55
CA GLY C 143 95.03 -99.77 85.76
C GLY C 143 94.13 -100.95 86.07
N ASP C 144 94.72 -102.01 86.61
CA ASP C 144 93.96 -103.22 86.94
C ASP C 144 93.84 -103.39 88.46
N TYR C 145 92.61 -103.60 88.97
CA TYR C 145 92.42 -103.79 90.39
C TYR C 145 92.18 -105.29 90.61
N LYS C 146 92.80 -105.87 91.64
CA LYS C 146 92.65 -107.30 91.91
C LYS C 146 92.44 -107.63 93.40
N ASP C 147 92.01 -108.86 93.62
CA ASP C 147 91.82 -109.42 94.96
C ASP C 147 91.68 -110.93 94.79
N THR C 148 92.01 -111.67 95.83
CA THR C 148 91.91 -113.11 95.79
C THR C 148 91.07 -113.56 96.98
N LEU C 149 89.78 -113.79 96.77
CA LEU C 149 88.95 -114.22 97.87
C LEU C 149 89.17 -115.72 98.04
N LEU C 150 89.29 -116.19 99.27
CA LEU C 150 89.47 -117.61 99.51
C LEU C 150 88.10 -118.15 99.85
N VAL C 151 87.53 -119.01 99.01
CA VAL C 151 86.22 -119.59 99.31
C VAL C 151 86.52 -120.88 100.04
N THR C 152 85.81 -121.12 101.16
CA THR C 152 86.01 -122.25 102.05
C THR C 152 84.81 -123.16 102.13
N VAL C 153 84.77 -124.20 101.29
CA VAL C 153 83.68 -125.16 101.35
C VAL C 153 84.00 -126.11 102.51
N ASN C 154 83.25 -126.04 103.60
CA ASN C 154 83.57 -126.88 104.74
C ASN C 154 82.34 -127.61 105.21
N PHE C 155 82.57 -128.65 105.99
CA PHE C 155 81.52 -129.52 106.43
C PHE C 155 81.39 -129.51 107.95
N ALA D 1 87.04 -130.14 104.37
CA ALA D 1 87.46 -128.75 104.26
C ALA D 1 88.16 -128.50 102.92
N VAL D 2 87.39 -128.03 101.93
CA VAL D 2 87.95 -127.73 100.63
C VAL D 2 88.02 -126.21 100.44
N THR D 3 89.18 -125.63 100.78
CA THR D 3 89.40 -124.19 100.64
C THR D 3 89.95 -123.90 99.22
N GLY D 4 89.37 -122.89 98.57
CA GLY D 4 89.76 -122.51 97.23
C GLY D 4 89.87 -121.03 96.95
N GLN D 5 90.49 -120.64 95.84
CA GLN D 5 90.65 -119.21 95.52
C GLN D 5 89.72 -118.66 94.41
N VAL D 6 89.30 -117.41 94.54
CA VAL D 6 88.44 -116.77 93.55
C VAL D 6 89.08 -115.43 93.22
N ASP D 7 89.69 -115.31 92.03
CA ASP D 7 90.35 -114.07 91.70
C ASP D 7 89.31 -113.01 91.33
N VAL D 8 89.38 -111.86 91.98
CA VAL D 8 88.44 -110.77 91.70
C VAL D 8 89.19 -109.74 90.85
N LYS D 9 88.52 -109.18 89.83
CA LYS D 9 89.19 -108.23 88.96
C LYS D 9 88.27 -107.09 88.52
N LEU D 10 88.89 -105.96 88.17
CA LEU D 10 88.20 -104.78 87.69
C LEU D 10 89.22 -103.94 86.94
N ASN D 11 88.93 -103.56 85.70
CA ASN D 11 89.87 -102.78 84.92
C ASN D 11 89.37 -101.36 84.80
N ILE D 12 89.80 -100.50 85.71
CA ILE D 12 89.39 -99.11 85.67
C ILE D 12 90.26 -98.41 84.62
N SER D 13 89.67 -98.04 83.48
CA SER D 13 90.39 -97.34 82.42
C SER D 13 89.49 -96.44 81.53
N THR D 14 88.55 -97.04 80.81
CA THR D 14 87.63 -96.33 79.91
C THR D 14 86.43 -97.24 79.63
N GLY D 15 85.36 -97.10 80.42
CA GLY D 15 84.18 -97.93 80.27
C GLY D 15 82.89 -97.29 79.77
N CYS D 16 81.86 -98.13 79.70
CA CYS D 16 80.54 -97.76 79.21
C CYS D 16 79.51 -97.87 80.34
N THR D 17 78.54 -96.94 80.39
CA THR D 17 77.54 -96.92 81.47
C THR D 17 76.09 -97.02 80.97
N VAL D 18 75.21 -97.61 81.78
CA VAL D 18 73.82 -97.77 81.38
C VAL D 18 72.91 -96.77 82.11
N GLY D 19 72.20 -95.92 81.38
CA GLY D 19 71.30 -94.95 82.00
C GLY D 19 69.88 -95.47 81.99
N GLY D 20 69.00 -94.86 82.79
CA GLY D 20 67.62 -95.28 82.89
C GLY D 20 67.36 -96.26 84.03
N SER D 21 68.40 -96.59 84.78
CA SER D 21 68.25 -97.52 85.88
C SER D 21 68.27 -96.80 87.23
N GLN D 22 67.70 -97.46 88.23
CA GLN D 22 67.63 -96.94 89.58
C GLN D 22 68.25 -98.03 90.43
N THR D 23 69.04 -97.66 91.43
CA THR D 23 69.68 -98.67 92.27
C THR D 23 68.70 -99.21 93.31
N GLU D 24 68.16 -100.41 93.09
CA GLU D 24 67.27 -101.01 94.08
C GLU D 24 68.20 -101.69 95.09
N GLY D 25 68.48 -101.04 96.20
CA GLY D 25 69.39 -101.62 97.17
C GLY D 25 70.75 -101.75 96.47
N ASN D 26 71.24 -102.98 96.31
CA ASN D 26 72.54 -103.17 95.64
C ASN D 26 72.39 -103.86 94.29
N MET D 27 71.21 -103.74 93.69
CA MET D 27 70.95 -104.34 92.38
C MET D 27 70.30 -103.31 91.45
N ASN D 28 70.87 -103.08 90.26
CA ASN D 28 70.34 -102.09 89.34
C ASN D 28 68.93 -102.41 88.80
N LYS D 29 67.93 -101.60 89.16
CA LYS D 29 66.57 -101.80 88.66
C LYS D 29 66.50 -101.14 87.29
N PHE D 30 66.50 -101.94 86.22
CA PHE D 30 66.48 -101.40 84.88
C PHE D 30 65.11 -100.91 84.41
N GLY D 31 64.05 -101.67 84.70
CA GLY D 31 62.74 -101.21 84.25
C GLY D 31 61.61 -102.19 84.47
N THR D 32 60.51 -101.97 83.75
CA THR D 32 59.34 -102.82 83.89
C THR D 32 58.75 -103.17 82.51
N LEU D 33 58.33 -104.42 82.36
CA LEU D 33 57.72 -104.87 81.11
C LEU D 33 56.27 -105.09 81.51
N ASN D 34 55.46 -104.04 81.39
CA ASN D 34 54.08 -104.10 81.84
C ASN D 34 53.10 -104.40 80.71
N PHE D 35 52.62 -105.65 80.65
CA PHE D 35 51.68 -106.03 79.60
C PHE D 35 50.29 -105.46 79.84
N GLY D 36 50.01 -105.08 81.09
CA GLY D 36 48.74 -104.49 81.44
C GLY D 36 47.78 -105.53 81.95
N LYS D 37 46.48 -105.18 81.93
CA LYS D 37 45.43 -106.09 82.39
C LYS D 37 44.98 -106.98 81.25
N THR D 38 44.42 -108.14 81.58
CA THR D 38 43.95 -109.09 80.57
C THR D 38 42.97 -110.10 81.15
N SER D 39 42.17 -110.72 80.28
CA SER D 39 41.19 -111.71 80.70
C SER D 39 41.82 -113.07 80.69
N GLY D 40 41.09 -114.09 81.19
CA GLY D 40 41.59 -115.45 81.26
C GLY D 40 42.12 -115.96 79.93
N THR D 41 41.35 -115.75 78.87
CA THR D 41 41.74 -116.19 77.54
C THR D 41 41.82 -115.00 76.56
N TRP D 42 43.03 -114.62 76.14
CA TRP D 42 43.19 -113.50 75.22
C TRP D 42 43.51 -114.02 73.81
N ASN D 43 42.85 -113.48 72.78
CA ASN D 43 43.09 -113.91 71.41
C ASN D 43 44.17 -113.10 70.71
N ASN D 44 44.37 -111.86 71.17
CA ASN D 44 45.39 -111.00 70.61
C ASN D 44 46.72 -111.19 71.36
N VAL D 45 47.84 -111.12 70.65
CA VAL D 45 49.17 -111.24 71.22
C VAL D 45 49.36 -110.08 72.20
N LEU D 46 49.55 -110.34 73.50
CA LEU D 46 49.69 -109.18 74.41
C LEU D 46 51.09 -108.64 74.25
N THR D 47 51.23 -107.32 74.07
CA THR D 47 52.52 -106.75 73.73
C THR D 47 52.81 -105.41 74.40
N ALA D 48 53.93 -105.28 75.13
CA ALA D 48 54.30 -104.02 75.77
C ALA D 48 55.81 -103.86 75.75
N GLU D 49 56.26 -102.62 75.88
CA GLU D 49 57.68 -102.28 75.85
C GLU D 49 58.19 -102.02 77.26
N VAL D 50 59.50 -102.21 77.46
CA VAL D 50 60.11 -101.96 78.74
C VAL D 50 60.04 -100.47 79.07
N ALA D 51 59.75 -100.13 80.32
CA ALA D 51 59.70 -98.74 80.76
C ALA D 51 60.78 -98.58 81.82
N SER D 52 61.84 -97.83 81.52
CA SER D 52 62.94 -97.64 82.48
C SER D 52 62.44 -97.14 83.84
N ALA D 53 62.99 -97.66 84.93
CA ALA D 53 62.55 -97.25 86.27
C ALA D 53 62.93 -95.82 86.64
N ALA D 54 63.98 -95.28 86.01
CA ALA D 54 64.44 -93.94 86.30
C ALA D 54 63.67 -92.83 85.57
N THR D 55 63.47 -92.99 84.28
CA THR D 55 62.77 -91.96 83.51
C THR D 55 61.35 -92.32 83.07
N GLY D 56 61.11 -93.58 82.73
CA GLY D 56 59.81 -94.00 82.26
C GLY D 56 59.88 -94.40 80.80
N GLY D 57 60.90 -93.91 80.09
CA GLY D 57 61.10 -94.23 78.69
C GLY D 57 61.98 -95.45 78.51
N ASN D 58 62.68 -95.53 77.38
CA ASN D 58 63.54 -96.68 77.12
C ASN D 58 64.91 -96.57 77.80
N ILE D 59 65.52 -97.70 78.15
CA ILE D 59 66.82 -97.69 78.78
C ILE D 59 67.79 -97.00 77.82
N SER D 60 68.51 -95.98 78.30
CA SER D 60 69.43 -95.26 77.43
C SER D 60 70.87 -95.54 77.79
N VAL D 61 71.54 -96.42 77.05
CA VAL D 61 72.93 -96.73 77.37
C VAL D 61 73.85 -95.75 76.64
N THR D 62 74.78 -95.13 77.37
CA THR D 62 75.72 -94.22 76.75
C THR D 62 77.13 -94.73 77.11
N CYS D 63 78.10 -94.51 76.23
CA CYS D 63 79.45 -94.94 76.57
C CYS D 63 80.27 -93.70 76.91
N ASP D 64 81.34 -93.90 77.66
CA ASP D 64 82.20 -92.79 78.07
C ASP D 64 83.51 -92.77 77.27
N GLY D 65 83.54 -92.03 76.16
CA GLY D 65 84.73 -91.94 75.35
C GLY D 65 84.49 -91.20 74.04
N THR D 66 85.47 -91.25 73.15
CA THR D 66 85.38 -90.61 71.84
C THR D 66 85.22 -91.57 70.67
N ASP D 67 85.70 -92.80 70.74
CA ASP D 67 85.50 -93.70 69.59
C ASP D 67 84.22 -94.51 69.79
N PRO D 68 83.51 -94.81 68.68
CA PRO D 68 82.28 -95.58 68.84
C PRO D 68 82.54 -96.97 69.42
N VAL D 69 82.05 -97.27 70.63
CA VAL D 69 82.27 -98.58 71.23
C VAL D 69 81.16 -99.57 70.87
N ASP D 70 81.52 -100.84 70.70
CA ASP D 70 80.54 -101.87 70.37
C ASP D 70 80.25 -102.65 71.65
N PHE D 71 79.08 -102.41 72.27
CA PHE D 71 78.74 -103.10 73.51
C PHE D 71 77.64 -104.10 73.25
N THR D 72 77.57 -105.12 74.10
CA THR D 72 76.56 -106.14 73.90
C THR D 72 75.46 -106.13 74.97
N VAL D 73 74.32 -106.72 74.62
CA VAL D 73 73.20 -106.80 75.53
C VAL D 73 72.72 -108.26 75.64
N ALA D 74 72.61 -108.79 76.86
CA ALA D 74 72.16 -110.16 77.03
C ALA D 74 71.08 -110.20 78.12
N ILE D 75 69.99 -110.91 77.85
CA ILE D 75 68.91 -111.03 78.81
C ILE D 75 68.85 -112.52 79.15
N ASP D 76 68.57 -112.83 80.41
CA ASP D 76 68.50 -114.22 80.86
C ASP D 76 67.06 -114.76 80.71
N GLY D 77 66.80 -115.99 81.17
CA GLY D 77 65.50 -116.64 81.09
C GLY D 77 64.48 -116.39 82.19
N GLY D 78 64.70 -115.41 83.06
CA GLY D 78 63.76 -115.13 84.13
C GLY D 78 64.01 -115.97 85.37
N GLU D 79 63.18 -115.81 86.38
CA GLU D 79 63.30 -116.54 87.64
C GLU D 79 63.38 -118.03 87.46
N ARG D 80 62.54 -118.61 86.61
CA ARG D 80 62.55 -120.08 86.46
C ARG D 80 63.36 -120.60 85.28
N THR D 81 64.04 -119.68 84.57
CA THR D 81 64.88 -119.94 83.38
C THR D 81 64.16 -120.36 82.08
N ASP D 82 62.84 -120.23 82.02
CA ASP D 82 62.09 -120.57 80.80
C ASP D 82 61.10 -119.46 80.39
N ARG D 83 61.39 -118.22 80.80
CA ARG D 83 60.59 -117.04 80.50
C ARG D 83 59.10 -117.22 80.74
N THR D 84 58.74 -117.58 81.97
CA THR D 84 57.34 -117.76 82.35
C THR D 84 57.00 -116.84 83.52
N LEU D 85 55.89 -116.12 83.45
CA LEU D 85 55.51 -115.30 84.57
C LEU D 85 54.75 -116.21 85.52
N LYS D 86 54.92 -116.05 86.82
CA LYS D 86 54.24 -116.93 87.76
C LYS D 86 53.20 -116.16 88.57
N ASN D 87 52.07 -116.79 88.87
CA ASN D 87 51.09 -116.11 89.64
C ASN D 87 51.64 -115.97 91.05
N THR D 88 51.45 -114.82 91.68
CA THR D 88 51.91 -114.62 93.04
C THR D 88 51.40 -115.68 94.03
N ALA D 89 50.15 -116.12 93.89
CA ALA D 89 49.61 -117.12 94.84
C ALA D 89 49.58 -118.57 94.36
N SER D 90 48.96 -118.80 93.21
CA SER D 90 48.84 -120.13 92.60
C SER D 90 50.10 -120.49 91.80
N ALA D 91 50.13 -121.69 91.21
CA ALA D 91 51.30 -122.11 90.44
C ALA D 91 51.14 -121.98 88.92
N ASP D 92 50.14 -121.22 88.47
CA ASP D 92 49.91 -121.02 87.05
C ASP D 92 51.08 -120.25 86.43
N VAL D 93 51.41 -120.54 85.16
CA VAL D 93 52.52 -119.86 84.50
C VAL D 93 52.06 -119.23 83.19
N VAL D 94 52.73 -118.15 82.78
CA VAL D 94 52.38 -117.47 81.53
C VAL D 94 53.64 -117.30 80.69
N ALA D 95 53.83 -118.14 79.67
CA ALA D 95 55.02 -118.06 78.82
C ALA D 95 55.08 -116.74 78.03
N TYR D 96 56.27 -116.13 77.96
CA TYR D 96 56.47 -114.90 77.20
C TYR D 96 57.87 -114.90 76.58
N ASN D 97 58.23 -113.80 75.90
CA ASN D 97 59.55 -113.67 75.28
C ASN D 97 59.84 -112.19 75.07
N VAL D 98 61.11 -111.84 75.01
CA VAL D 98 61.51 -110.46 74.79
C VAL D 98 62.22 -110.35 73.44
N TYR D 99 61.79 -109.44 72.57
CA TYR D 99 62.43 -109.27 71.27
C TYR D 99 63.13 -107.93 71.25
N ARG D 100 64.02 -107.75 70.27
CA ARG D 100 64.78 -106.52 70.15
C ARG D 100 64.20 -105.50 69.16
N ASP D 101 63.61 -106.01 68.07
CA ASP D 101 63.05 -105.12 67.07
C ASP D 101 61.54 -104.96 67.25
N ALA D 102 61.00 -103.87 66.70
CA ALA D 102 59.58 -103.53 66.78
C ALA D 102 58.58 -104.54 66.20
N ALA D 103 59.03 -105.39 65.26
CA ALA D 103 58.18 -106.41 64.67
C ALA D 103 58.25 -107.79 65.33
N ARG D 104 58.73 -107.89 66.58
CA ARG D 104 58.79 -109.17 67.30
C ARG D 104 59.53 -110.29 66.57
N THR D 105 60.54 -109.94 65.77
CA THR D 105 61.31 -110.93 64.99
C THR D 105 62.68 -111.30 65.58
N ASN D 106 63.50 -110.30 65.88
CA ASN D 106 64.84 -110.52 66.40
C ASN D 106 64.74 -110.77 67.89
N LEU D 107 64.69 -112.04 68.26
CA LEU D 107 64.54 -112.46 69.64
C LEU D 107 65.82 -112.32 70.49
N TYR D 108 65.67 -111.89 71.74
CA TYR D 108 66.81 -111.80 72.62
C TYR D 108 66.97 -113.21 73.12
N VAL D 109 67.74 -114.03 72.41
CA VAL D 109 67.94 -115.42 72.81
C VAL D 109 68.53 -115.53 74.23
N VAL D 110 68.06 -116.52 75.00
CA VAL D 110 68.52 -116.72 76.37
C VAL D 110 70.05 -116.73 76.50
N ASN D 111 70.59 -115.94 77.43
CA ASN D 111 72.04 -115.86 77.66
C ASN D 111 72.85 -115.65 76.38
N GLN D 112 72.42 -114.70 75.55
CA GLN D 112 73.14 -114.39 74.32
C GLN D 112 73.42 -112.91 74.18
N PRO D 113 74.65 -112.55 73.75
CA PRO D 113 75.01 -111.14 73.62
C PRO D 113 74.49 -110.46 72.36
N GLN D 114 73.25 -110.00 72.33
CA GLN D 114 72.79 -109.34 71.14
C GLN D 114 73.62 -108.04 70.99
N GLN D 115 74.43 -107.94 69.91
CA GLN D 115 75.31 -106.79 69.63
C GLN D 115 74.58 -105.41 69.58
N PHE D 116 75.36 -104.35 69.86
CA PHE D 116 74.85 -102.98 69.82
C PHE D 116 75.97 -101.96 69.57
N THR D 117 75.64 -100.82 68.95
CA THR D 117 76.62 -99.78 68.68
C THR D 117 76.33 -98.54 69.51
N THR D 118 77.36 -97.72 69.73
CA THR D 118 77.19 -96.51 70.51
C THR D 118 78.26 -95.48 70.12
N VAL D 119 77.88 -94.24 69.81
CA VAL D 119 78.85 -93.23 69.44
C VAL D 119 79.02 -92.21 70.56
N SER D 120 80.09 -91.42 70.48
CA SER D 120 80.39 -90.40 71.49
C SER D 120 79.33 -89.30 71.50
N GLY D 121 79.08 -88.72 72.68
CA GLY D 121 78.10 -87.65 72.82
C GLY D 121 76.70 -88.04 72.38
N GLN D 122 76.31 -89.28 72.66
CA GLN D 122 74.99 -89.77 72.30
C GLN D 122 74.62 -90.95 73.20
N ALA D 123 73.33 -91.15 73.44
CA ALA D 123 72.87 -92.26 74.25
C ALA D 123 72.06 -93.18 73.34
N THR D 124 72.37 -94.47 73.30
CA THR D 124 71.64 -95.40 72.46
C THR D 124 70.57 -96.08 73.31
N ALA D 125 69.37 -96.28 72.75
CA ALA D 125 68.29 -96.91 73.50
C ALA D 125 68.33 -98.43 73.37
N VAL D 126 67.95 -99.15 74.41
CA VAL D 126 67.92 -100.60 74.38
C VAL D 126 66.46 -101.04 74.34
N PRO D 127 65.96 -101.34 73.13
CA PRO D 127 64.56 -101.72 73.05
C PRO D 127 64.37 -103.15 73.51
N ILE D 128 63.63 -103.35 74.59
CA ILE D 128 63.34 -104.69 75.06
C ILE D 128 61.84 -104.78 74.81
N PHE D 129 61.46 -105.36 73.68
CA PHE D 129 60.05 -105.46 73.32
C PHE D 129 59.48 -106.78 73.81
N GLY D 130 58.50 -106.74 74.70
CA GLY D 130 57.89 -107.96 75.19
C GLY D 130 56.80 -108.41 74.25
N ALA D 131 56.48 -109.69 74.32
CA ALA D 131 55.44 -110.29 73.50
C ALA D 131 54.94 -111.59 74.16
N ILE D 132 53.63 -111.76 74.21
CA ILE D 132 53.02 -112.96 74.77
C ILE D 132 52.10 -113.62 73.72
N ALA D 133 52.20 -114.94 73.58
CA ALA D 133 51.39 -115.67 72.62
C ALA D 133 49.91 -115.65 72.95
N PRO D 134 49.05 -115.80 71.93
CA PRO D 134 47.62 -115.80 72.19
C PRO D 134 47.20 -117.08 72.90
N ASN D 135 46.66 -116.96 74.12
CA ASN D 135 46.21 -118.11 74.87
C ASN D 135 44.72 -118.27 74.60
N THR D 136 44.35 -119.23 73.75
CA THR D 136 42.96 -119.46 73.44
C THR D 136 42.60 -120.90 73.81
N GLY D 137 43.25 -121.41 74.86
CA GLY D 137 43.01 -122.76 75.32
C GLY D 137 42.42 -122.82 76.72
N THR D 138 43.28 -122.64 77.72
CA THR D 138 42.83 -122.69 79.11
C THR D 138 42.93 -121.31 79.78
N PRO D 139 41.89 -120.92 80.53
CA PRO D 139 41.93 -119.62 81.20
C PRO D 139 42.78 -119.64 82.48
N LYS D 140 43.91 -118.93 82.49
CA LYS D 140 44.76 -118.90 83.66
C LYS D 140 44.06 -118.24 84.85
N ALA D 141 44.35 -118.70 86.06
CA ALA D 141 43.70 -118.14 87.25
C ALA D 141 43.88 -116.62 87.45
N GLN D 142 42.90 -116.00 88.11
CA GLN D 142 42.93 -114.55 88.36
C GLN D 142 44.07 -114.17 89.31
N GLY D 143 44.54 -112.93 89.20
CA GLY D 143 45.62 -112.46 90.06
C GLY D 143 46.70 -111.74 89.28
N ASP D 144 47.87 -111.58 89.89
CA ASP D 144 48.98 -110.89 89.26
C ASP D 144 50.11 -111.87 88.89
N TYR D 145 50.57 -111.84 87.64
CA TYR D 145 51.64 -112.72 87.22
C TYR D 145 52.92 -111.87 87.14
N LYS D 146 54.04 -112.40 87.65
CA LYS D 146 55.30 -111.64 87.64
C LYS D 146 56.51 -112.48 87.22
N ASP D 147 57.60 -111.77 86.93
CA ASP D 147 58.88 -112.35 86.57
C ASP D 147 59.91 -111.22 86.68
N THR D 148 61.16 -111.60 86.91
CA THR D 148 62.22 -110.62 87.01
C THR D 148 63.33 -111.01 86.05
N LEU D 149 63.34 -110.44 84.85
CA LEU D 149 64.37 -110.78 83.91
C LEU D 149 65.62 -109.99 84.30
N LEU D 150 66.79 -110.63 84.26
CA LEU D 150 68.02 -109.94 84.58
C LEU D 150 68.63 -109.54 83.25
N VAL D 151 68.73 -108.25 82.95
CA VAL D 151 69.33 -107.81 81.70
C VAL D 151 70.80 -107.59 82.04
N THR D 152 71.70 -108.09 81.18
CA THR D 152 73.13 -108.08 81.37
C THR D 152 73.87 -107.28 80.31
N VAL D 153 74.10 -105.99 80.56
CA VAL D 153 74.84 -105.17 79.62
C VAL D 153 76.32 -105.50 79.85
N ASN D 154 76.98 -106.18 78.91
CA ASN D 154 78.36 -106.55 79.13
C ASN D 154 79.20 -106.15 77.94
N PHE D 155 80.51 -106.12 78.18
CA PHE D 155 81.43 -105.65 77.19
C PHE D 155 82.41 -106.74 76.80
N ALA E 1 80.65 -104.97 83.02
CA ALA E 1 79.53 -105.86 83.27
C ALA E 1 78.47 -105.18 84.14
N VAL E 2 77.46 -104.60 83.51
CA VAL E 2 76.39 -103.95 84.25
C VAL E 2 75.12 -104.81 84.15
N THR E 3 74.90 -105.67 85.13
CA THR E 3 73.74 -106.53 85.19
C THR E 3 72.59 -105.82 85.94
N GLY E 4 71.40 -105.84 85.35
CA GLY E 4 70.25 -105.19 85.92
C GLY E 4 68.93 -105.95 85.87
N GLN E 5 67.92 -105.53 86.62
CA GLN E 5 66.64 -106.24 86.64
C GLN E 5 65.49 -105.56 85.87
N VAL E 6 64.61 -106.36 85.26
CA VAL E 6 63.48 -105.85 84.51
C VAL E 6 62.25 -106.61 85.02
N ASP E 7 61.40 -105.96 85.81
CA ASP E 7 60.25 -106.64 86.36
C ASP E 7 59.19 -106.82 85.26
N VAL E 8 58.74 -108.05 85.05
CA VAL E 8 57.73 -108.34 84.05
C VAL E 8 56.40 -108.54 84.78
N LYS E 9 55.31 -107.99 84.24
CA LYS E 9 54.03 -108.11 84.92
C LYS E 9 52.85 -108.31 83.96
N LEU E 10 51.79 -108.91 84.46
CA LEU E 10 50.57 -109.16 83.71
C LEU E 10 49.45 -109.38 84.74
N ASN E 11 48.35 -108.64 84.62
CA ASN E 11 47.27 -108.76 85.57
C ASN E 11 46.10 -109.48 84.91
N ILE E 12 46.06 -110.80 85.06
CA ILE E 12 44.97 -111.57 84.48
C ILE E 12 43.77 -111.44 85.42
N SER E 13 42.73 -110.70 84.99
CA SER E 13 41.53 -110.52 85.80
C SER E 13 40.25 -110.26 84.96
N THR E 14 40.22 -109.13 84.24
CA THR E 14 39.08 -108.72 83.42
C THR E 14 39.57 -107.67 82.42
N GLY E 15 39.96 -108.10 81.21
CA GLY E 15 40.47 -107.20 80.20
C GLY E 15 39.64 -106.95 78.95
N CYS E 16 40.22 -106.13 78.07
CA CYS E 16 39.61 -105.71 76.82
C CYS E 16 40.40 -106.25 75.63
N THR E 17 39.72 -106.66 74.56
CA THR E 17 40.39 -107.25 73.38
C THR E 17 40.12 -106.49 72.07
N VAL E 18 41.08 -106.51 71.16
CA VAL E 18 40.92 -105.81 69.88
C VAL E 18 40.63 -106.79 68.73
N GLY E 19 39.49 -106.64 68.05
CA GLY E 19 39.15 -107.52 66.94
C GLY E 19 39.52 -106.86 65.62
N GLY E 20 39.56 -107.65 64.55
CA GLY E 20 39.93 -107.15 63.23
C GLY E 20 41.40 -107.30 62.91
N SER E 21 42.17 -107.87 63.84
CA SER E 21 43.59 -108.05 63.64
C SER E 21 43.92 -109.51 63.30
N GLN E 22 45.06 -109.70 62.66
CA GLN E 22 45.56 -111.01 62.28
C GLN E 22 46.95 -111.07 62.89
N THR E 23 47.33 -112.22 63.43
CA THR E 23 48.65 -112.33 64.04
C THR E 23 49.72 -112.54 62.97
N GLU E 24 50.47 -111.49 62.63
CA GLU E 24 51.56 -111.63 61.68
C GLU E 24 52.75 -112.14 62.50
N GLY E 25 52.99 -113.45 62.48
CA GLY E 25 54.08 -113.99 63.27
C GLY E 25 53.75 -113.68 64.73
N ASN E 26 54.58 -112.90 65.42
CA ASN E 26 54.31 -112.58 66.83
C ASN E 26 53.93 -111.10 67.01
N MET E 27 53.44 -110.47 65.95
CA MET E 27 53.03 -109.06 66.01
C MET E 27 51.63 -108.90 65.40
N ASN E 28 50.70 -108.30 66.14
CA ASN E 28 49.33 -108.13 65.65
C ASN E 28 49.21 -107.23 64.42
N LYS E 29 48.81 -107.79 63.27
CA LYS E 29 48.62 -106.99 62.06
C LYS E 29 47.22 -106.38 62.15
N PHE E 30 47.13 -105.08 62.44
CA PHE E 30 45.83 -104.44 62.59
C PHE E 30 45.15 -104.11 61.27
N GLY E 31 45.89 -103.59 60.29
CA GLY E 31 45.23 -103.26 59.04
C GLY E 31 46.10 -102.55 58.02
N THR E 32 45.45 -101.92 57.05
CA THR E 32 46.16 -101.22 55.99
C THR E 32 45.52 -99.86 55.71
N LEU E 33 46.35 -98.84 55.50
CA LEU E 33 45.88 -97.50 55.18
C LEU E 33 46.28 -97.34 53.73
N ASN E 34 45.40 -97.74 52.82
CA ASN E 34 45.70 -97.74 51.40
C ASN E 34 45.19 -96.48 50.69
N PHE E 35 46.09 -95.53 50.40
CA PHE E 35 45.67 -94.30 49.72
C PHE E 35 45.37 -94.54 48.24
N GLY E 36 45.90 -95.64 47.70
CA GLY E 36 45.66 -95.99 46.31
C GLY E 36 46.77 -95.49 45.43
N LYS E 37 46.48 -95.41 44.13
CA LYS E 37 47.44 -94.94 43.13
C LYS E 37 47.36 -93.42 43.01
N THR E 38 48.46 -92.80 42.59
CA THR E 38 48.50 -91.35 42.42
C THR E 38 49.63 -90.92 41.50
N SER E 39 49.52 -89.70 40.96
CA SER E 39 50.53 -89.16 40.06
C SER E 39 51.55 -88.41 40.85
N GLY E 40 52.66 -87.98 40.19
CA GLY E 40 53.73 -87.26 40.84
C GLY E 40 53.25 -86.08 41.67
N THR E 41 52.39 -85.27 41.08
CA THR E 41 51.86 -84.08 41.75
C THR E 41 50.33 -84.14 41.85
N TRP E 42 49.78 -84.36 43.04
CA TRP E 42 48.33 -84.42 43.22
C TRP E 42 47.80 -83.12 43.85
N ASN E 43 46.72 -82.57 43.31
CA ASN E 43 46.15 -81.33 43.85
C ASN E 43 45.10 -81.59 44.93
N ASN E 44 44.47 -82.75 44.87
CA ASN E 44 43.47 -83.12 45.86
C ASN E 44 44.12 -83.85 47.03
N VAL E 45 43.61 -83.61 48.24
CA VAL E 45 44.11 -84.25 49.45
C VAL E 45 43.87 -85.76 49.31
N LEU E 46 44.91 -86.60 49.31
CA LEU E 46 44.64 -88.04 49.12
C LEU E 46 44.15 -88.57 50.45
N THR E 47 43.03 -89.31 50.44
CA THR E 47 42.40 -89.72 51.68
C THR E 47 41.82 -91.13 51.67
N ALA E 48 42.22 -91.99 52.61
CA ALA E 48 41.69 -93.36 52.68
C ALA E 48 41.58 -93.77 54.14
N GLU E 49 40.74 -94.77 54.39
CA GLU E 49 40.48 -95.28 55.74
C GLU E 49 41.21 -96.60 55.95
N VAL E 50 41.50 -96.90 57.21
CA VAL E 50 42.15 -98.15 57.54
C VAL E 50 41.24 -99.33 57.21
N ALA E 51 41.80 -100.41 56.68
CA ALA E 51 41.04 -101.60 56.36
C ALA E 51 41.63 -102.73 57.20
N SER E 52 40.87 -103.23 58.19
CA SER E 52 41.37 -104.29 59.06
C SER E 52 41.87 -105.50 58.26
N ALA E 53 42.99 -106.10 58.69
CA ALA E 53 43.54 -107.24 57.95
C ALA E 53 42.71 -108.52 58.07
N ALA E 54 41.91 -108.63 59.13
CA ALA E 54 41.09 -109.81 59.37
C ALA E 54 39.77 -109.81 58.58
N THR E 55 39.03 -108.70 58.64
CA THR E 55 37.74 -108.65 57.96
C THR E 55 37.70 -107.78 56.69
N GLY E 56 38.43 -106.67 56.70
CA GLY E 56 38.43 -105.77 55.57
C GLY E 56 37.77 -104.44 55.94
N GLY E 57 36.96 -104.46 57.01
CA GLY E 57 36.29 -103.28 57.48
C GLY E 57 37.12 -102.55 58.54
N ASN E 58 36.44 -101.83 59.44
CA ASN E 58 37.16 -101.09 60.48
C ASN E 58 37.54 -101.97 61.67
N ILE E 59 38.63 -101.63 62.35
CA ILE E 59 39.06 -102.40 63.51
C ILE E 59 37.93 -102.35 64.54
N SER E 60 37.47 -103.51 65.01
CA SER E 60 36.36 -103.53 65.96
C SER E 60 36.84 -103.95 67.35
N VAL E 61 37.03 -102.98 68.26
CA VAL E 61 37.49 -103.32 69.58
C VAL E 61 36.30 -103.63 70.49
N THR E 62 36.32 -104.76 71.17
CA THR E 62 35.24 -105.11 72.09
C THR E 62 35.87 -105.36 73.46
N CYS E 63 35.16 -105.06 74.55
CA CYS E 63 35.74 -105.29 75.87
C CYS E 63 35.04 -106.48 76.52
N ASP E 64 35.82 -107.40 77.12
CA ASP E 64 35.26 -108.56 77.77
C ASP E 64 34.79 -108.21 79.18
N GLY E 65 33.64 -107.54 79.26
CA GLY E 65 33.07 -107.12 80.53
C GLY E 65 31.61 -106.74 80.37
N THR E 66 30.95 -106.43 81.48
CA THR E 66 29.55 -106.06 81.44
C THR E 66 29.35 -104.55 81.55
N ASP E 67 30.01 -103.93 82.53
CA ASP E 67 29.92 -102.50 82.74
C ASP E 67 30.72 -101.78 81.67
N PRO E 68 30.39 -100.50 81.37
CA PRO E 68 31.16 -99.84 80.32
C PRO E 68 32.65 -99.66 80.71
N VAL E 69 33.55 -99.81 79.74
CA VAL E 69 34.98 -99.68 79.98
C VAL E 69 35.52 -98.54 79.13
N ASP E 70 36.38 -97.69 79.69
CA ASP E 70 36.93 -96.58 78.94
C ASP E 70 38.35 -96.96 78.53
N PHE E 71 38.56 -97.31 77.25
CA PHE E 71 39.88 -97.70 76.79
C PHE E 71 40.46 -96.63 75.90
N THR E 72 41.77 -96.58 75.81
CA THR E 72 42.41 -95.56 75.01
C THR E 72 43.08 -96.12 73.75
N VAL E 73 43.29 -95.23 72.78
CA VAL E 73 43.93 -95.59 71.52
C VAL E 73 45.09 -94.64 71.24
N ALA E 74 46.29 -95.17 70.98
CA ALA E 74 47.44 -94.32 70.70
C ALA E 74 48.15 -94.85 69.46
N ILE E 75 48.50 -93.96 68.54
CA ILE E 75 49.21 -94.35 67.33
C ILE E 75 50.55 -93.64 67.40
N ASP E 76 51.60 -94.30 66.94
CA ASP E 76 52.94 -93.72 66.99
C ASP E 76 53.24 -92.95 65.69
N GLY E 77 54.48 -92.44 65.52
CA GLY E 77 54.88 -91.69 64.35
C GLY E 77 55.40 -92.42 63.12
N GLY E 78 55.23 -93.74 63.06
CA GLY E 78 55.71 -94.50 61.92
C GLY E 78 57.16 -94.93 62.06
N GLU E 79 57.68 -95.60 61.02
CA GLU E 79 59.05 -96.08 61.03
C GLU E 79 60.08 -95.01 61.34
N ARG E 80 59.94 -93.83 60.74
CA ARG E 80 60.95 -92.78 60.97
C ARG E 80 60.58 -91.76 62.06
N THR E 81 59.44 -91.97 62.71
CA THR E 81 58.87 -91.13 63.79
C THR E 81 58.33 -89.73 63.36
N ASP E 82 58.17 -89.48 62.07
CA ASP E 82 57.61 -88.20 61.60
C ASP E 82 56.49 -88.39 60.55
N ARG E 83 55.84 -89.55 60.60
CA ARG E 83 54.72 -89.90 59.72
C ARG E 83 55.00 -89.63 58.24
N THR E 84 56.07 -90.22 57.72
CA THR E 84 56.43 -90.08 56.31
C THR E 84 56.49 -91.46 55.66
N LEU E 85 55.88 -91.62 54.49
CA LEU E 85 56.00 -92.88 53.82
C LEU E 85 57.29 -92.83 53.02
N LYS E 86 58.03 -93.93 52.94
CA LYS E 86 59.29 -93.91 52.23
C LYS E 86 59.23 -94.77 50.97
N ASN E 87 59.88 -94.33 49.89
CA ASN E 87 59.85 -95.11 48.70
C ASN E 87 60.67 -96.36 48.97
N THR E 88 60.20 -97.52 48.52
CA THR E 88 60.95 -98.76 48.69
C THR E 88 62.40 -98.70 48.17
N ALA E 89 62.63 -98.03 47.04
CA ALA E 89 63.99 -97.98 46.47
C ALA E 89 64.78 -96.68 46.72
N SER E 90 64.18 -95.55 46.35
CA SER E 90 64.79 -94.23 46.53
C SER E 90 64.56 -93.69 47.95
N ALA E 91 65.08 -92.49 48.24
CA ALA E 91 64.91 -91.91 49.57
C ALA E 91 63.82 -90.85 49.67
N ASP E 92 62.93 -90.78 48.67
CA ASP E 92 61.86 -89.80 48.68
C ASP E 92 60.89 -90.10 49.82
N VAL E 93 60.29 -89.06 50.40
CA VAL E 93 59.36 -89.25 51.52
C VAL E 93 58.01 -88.59 51.22
N VAL E 94 56.94 -89.13 51.79
CA VAL E 94 55.61 -88.56 51.59
C VAL E 94 54.94 -88.34 52.95
N ALA E 95 54.91 -87.10 53.43
CA ALA E 95 54.32 -86.78 54.72
C ALA E 95 52.80 -87.05 54.75
N TYR E 96 52.32 -87.66 55.84
CA TYR E 96 50.89 -87.93 56.00
C TYR E 96 50.51 -87.79 57.47
N ASN E 97 49.24 -88.06 57.81
CA ASN E 97 48.75 -87.99 59.19
C ASN E 97 47.49 -88.84 59.30
N VAL E 98 47.21 -89.30 60.51
CA VAL E 98 46.03 -90.12 60.75
C VAL E 98 45.08 -89.35 61.66
N TYR E 99 43.81 -89.20 61.28
CA TYR E 99 42.85 -88.49 62.11
C TYR E 99 41.83 -89.49 62.63
N ARG E 100 41.06 -89.08 63.63
CA ARG E 100 40.06 -89.95 64.24
C ARG E 100 38.65 -89.73 63.72
N ASP E 101 38.30 -88.49 63.40
CA ASP E 101 36.97 -88.18 62.90
C ASP E 101 36.94 -88.09 61.39
N ALA E 102 35.75 -88.26 60.81
CA ALA E 102 35.52 -88.23 59.36
C ALA E 102 35.90 -86.92 58.64
N ALA E 103 35.94 -85.80 59.35
CA ALA E 103 36.30 -84.53 58.76
C ALA E 103 37.78 -84.14 58.90
N ARG E 104 38.69 -85.10 59.17
CA ARG E 104 40.12 -84.83 59.27
C ARG E 104 40.50 -83.72 60.25
N THR E 105 39.73 -83.59 61.34
CA THR E 105 39.99 -82.56 62.35
C THR E 105 40.66 -83.05 63.64
N ASN E 106 40.11 -84.10 64.26
CA ASN E 106 40.65 -84.65 65.49
C ASN E 106 41.81 -85.55 65.17
N LEU E 107 43.01 -85.00 65.23
CA LEU E 107 44.23 -85.72 64.89
C LEU E 107 44.70 -86.71 65.96
N TYR E 108 45.17 -87.88 65.54
CA TYR E 108 45.71 -88.84 66.49
C TYR E 108 47.11 -88.34 66.74
N VAL E 109 47.28 -87.46 67.73
CA VAL E 109 48.60 -86.91 68.03
C VAL E 109 49.60 -88.02 68.37
N VAL E 110 50.85 -87.84 67.92
CA VAL E 110 51.91 -88.83 68.14
C VAL E 110 52.02 -89.26 69.61
N ASN E 111 52.05 -90.57 69.87
CA ASN E 111 52.15 -91.11 71.22
C ASN E 111 51.17 -90.48 72.21
N GLN E 112 49.90 -90.38 71.82
CA GLN E 112 48.88 -89.83 72.70
C GLN E 112 47.67 -90.75 72.80
N PRO E 113 47.13 -90.93 74.02
CA PRO E 113 45.99 -91.82 74.21
C PRO E 113 44.64 -91.21 73.85
N GLN E 114 44.26 -91.20 72.58
CA GLN E 114 42.96 -90.65 72.23
C GLN E 114 41.90 -91.55 72.91
N GLN E 115 41.14 -91.00 73.88
CA GLN E 115 40.09 -91.74 74.63
C GLN E 115 39.00 -92.41 73.75
N PHE E 116 38.40 -93.47 74.31
CA PHE E 116 37.32 -94.21 73.63
C PHE E 116 36.40 -94.92 74.64
N THR E 117 35.14 -95.11 74.27
CA THR E 117 34.19 -95.79 75.15
C THR E 117 33.78 -97.11 74.52
N THR E 118 33.36 -98.03 75.35
CA THR E 118 32.91 -99.32 74.88
C THR E 118 31.80 -99.69 75.86
N VAL E 119 30.73 -100.29 75.33
CA VAL E 119 29.55 -100.58 76.12
C VAL E 119 29.13 -102.06 76.11
N SER E 120 28.10 -102.38 76.90
CA SER E 120 27.63 -103.73 77.06
C SER E 120 27.34 -104.48 75.75
N GLY E 121 27.92 -105.68 75.60
CA GLY E 121 27.69 -106.54 74.46
C GLY E 121 27.88 -105.86 73.12
N GLN E 122 28.91 -105.04 72.97
CA GLN E 122 29.10 -104.38 71.68
C GLN E 122 30.56 -104.21 71.28
N ALA E 123 30.80 -104.12 69.98
CA ALA E 123 32.15 -103.91 69.48
C ALA E 123 32.19 -102.47 68.97
N THR E 124 33.12 -101.66 69.46
CA THR E 124 33.26 -100.28 69.02
C THR E 124 34.31 -100.23 67.92
N ALA E 125 34.09 -99.43 66.88
CA ALA E 125 35.04 -99.34 65.78
C ALA E 125 36.09 -98.27 66.05
N VAL E 126 37.32 -98.50 65.57
CA VAL E 126 38.41 -97.54 65.75
C VAL E 126 38.68 -96.91 64.40
N PRO E 127 38.10 -95.72 64.16
CA PRO E 127 38.32 -95.10 62.86
C PRO E 127 39.71 -94.48 62.79
N ILE E 128 40.55 -94.99 61.90
CA ILE E 128 41.86 -94.41 61.72
C ILE E 128 41.75 -93.84 60.31
N PHE E 129 41.44 -92.55 60.22
CA PHE E 129 41.26 -91.92 58.93
C PHE E 129 42.59 -91.30 58.45
N GLY E 130 43.11 -91.76 57.32
CA GLY E 130 44.34 -91.21 56.81
C GLY E 130 44.05 -89.98 55.98
N ALA E 131 45.07 -89.14 55.82
CA ALA E 131 44.97 -87.93 55.04
C ALA E 131 46.37 -87.47 54.61
N ILE E 132 46.52 -87.11 53.33
CA ILE E 132 47.78 -86.62 52.81
C ILE E 132 47.58 -85.22 52.18
N ALA E 133 48.49 -84.30 52.48
CA ALA E 133 48.39 -82.94 51.97
C ALA E 133 48.59 -82.87 50.45
N PRO E 134 48.02 -81.84 49.82
CA PRO E 134 48.17 -81.72 48.38
C PRO E 134 49.59 -81.31 48.01
N ASN E 135 50.29 -82.17 47.26
CA ASN E 135 51.64 -81.89 46.85
C ASN E 135 51.56 -81.25 45.47
N THR E 136 51.73 -79.94 45.38
CA THR E 136 51.68 -79.24 44.10
C THR E 136 53.01 -78.53 43.88
N GLY E 137 54.08 -79.10 44.39
CA GLY E 137 55.41 -78.53 44.26
C GLY E 137 56.35 -79.40 43.46
N THR E 138 56.89 -80.44 44.08
CA THR E 138 57.83 -81.33 43.40
C THR E 138 57.22 -82.71 43.19
N PRO E 139 57.41 -83.30 41.99
CA PRO E 139 56.85 -84.64 41.74
C PRO E 139 57.72 -85.74 42.36
N LYS E 140 57.21 -86.46 43.35
CA LYS E 140 57.96 -87.53 43.98
C LYS E 140 58.23 -88.66 42.99
N ALA E 141 59.36 -89.33 43.12
CA ALA E 141 59.72 -90.42 42.20
C ALA E 141 58.69 -91.57 42.13
N GLN E 142 58.63 -92.25 40.98
CA GLN E 142 57.71 -93.37 40.78
C GLN E 142 58.06 -94.55 41.66
N GLY E 143 57.06 -95.38 41.97
CA GLY E 143 57.28 -96.54 42.81
C GLY E 143 56.24 -96.68 43.91
N ASP E 144 56.55 -97.49 44.92
CA ASP E 144 55.62 -97.71 46.02
C ASP E 144 56.13 -97.06 47.32
N TYR E 145 55.30 -96.27 47.99
CA TYR E 145 55.71 -95.63 49.23
C TYR E 145 55.04 -96.39 50.37
N LYS E 146 55.79 -96.68 51.45
CA LYS E 146 55.23 -97.43 52.57
C LYS E 146 55.60 -96.86 53.94
N ASP E 147 54.89 -97.34 54.95
CA ASP E 147 55.12 -97.00 56.35
C ASP E 147 54.35 -98.02 57.18
N THR E 148 54.81 -98.23 58.40
CA THR E 148 54.15 -99.17 59.29
C THR E 148 53.83 -98.45 60.60
N LEU E 149 52.61 -97.95 60.74
CA LEU E 149 52.27 -97.25 61.96
C LEU E 149 51.96 -98.32 63.01
N LEU E 150 52.42 -98.14 64.24
CA LEU E 150 52.13 -99.10 65.29
C LEU E 150 50.97 -98.51 66.07
N VAL E 151 49.80 -99.14 66.04
CA VAL E 151 48.66 -98.64 66.80
C VAL E 151 48.74 -99.35 68.14
N THR E 152 48.57 -98.59 69.23
CA THR E 152 48.70 -99.06 70.59
C THR E 152 47.41 -98.96 71.39
N VAL E 153 46.61 -100.02 71.41
CA VAL E 153 45.38 -100.01 72.19
C VAL E 153 45.81 -100.30 73.63
N ASN E 154 45.71 -99.32 74.53
CA ASN E 154 46.16 -99.55 75.88
C ASN E 154 45.10 -99.11 76.86
N PHE E 155 45.24 -99.60 78.09
CA PHE E 155 44.25 -99.38 79.10
C PHE E 155 44.85 -98.61 80.28
N ALA F 1 47.54 -103.94 77.21
CA ALA F 1 48.36 -103.29 76.20
C ALA F 1 48.40 -104.13 74.92
N VAL F 2 47.53 -103.82 73.96
CA VAL F 2 47.51 -104.54 72.70
C VAL F 2 48.07 -103.63 71.59
N THR F 3 49.37 -103.77 71.34
CA THR F 3 50.04 -102.99 70.30
C THR F 3 49.97 -103.75 68.95
N GLY F 4 49.58 -103.03 67.89
CA GLY F 4 49.45 -103.62 66.58
C GLY F 4 49.96 -102.80 65.42
N GLN F 5 50.12 -103.40 64.24
CA GLN F 5 50.65 -102.68 63.08
C GLN F 5 49.62 -102.28 62.00
N VAL F 6 49.82 -101.14 61.37
CA VAL F 6 48.93 -100.65 60.32
C VAL F 6 49.81 -100.28 59.14
N ASP F 7 49.82 -101.08 58.07
CA ASP F 7 50.68 -100.79 56.96
C ASP F 7 50.08 -99.64 56.14
N VAL F 8 50.87 -98.59 55.91
CA VAL F 8 50.42 -97.44 55.13
C VAL F 8 51.02 -97.57 53.73
N LYS F 9 50.25 -97.28 52.69
CA LYS F 9 50.76 -97.42 51.34
C LYS F 9 50.26 -96.32 50.40
N LEU F 10 51.03 -96.08 49.35
CA LEU F 10 50.72 -95.08 48.33
C LEU F 10 51.53 -95.46 47.09
N ASN F 11 50.88 -95.59 45.93
CA ASN F 11 51.58 -95.98 44.72
C ASN F 11 51.67 -94.77 43.80
N ILE F 12 52.76 -94.02 43.91
CA ILE F 12 52.95 -92.87 43.05
C ILE F 12 53.45 -93.38 41.70
N SER F 13 52.59 -93.30 40.67
CA SER F 13 52.97 -93.74 39.31
C SER F 13 52.20 -93.01 38.19
N THR F 14 50.87 -93.20 38.13
CA THR F 14 50.01 -92.59 37.12
C THR F 14 48.57 -92.65 37.63
N GLY F 15 48.11 -91.57 38.28
CA GLY F 15 46.78 -91.52 38.85
C GLY F 15 45.75 -90.57 38.21
N CYS F 16 44.57 -90.57 38.83
CA CYS F 16 43.43 -89.79 38.39
C CYS F 16 43.07 -88.74 39.46
N THR F 17 42.68 -87.54 39.03
CA THR F 17 42.36 -86.45 39.98
C THR F 17 40.93 -85.91 39.85
N VAL F 18 40.35 -85.43 40.96
CA VAL F 18 38.99 -84.90 40.93
C VAL F 18 38.98 -83.37 40.97
N GLY F 19 38.40 -82.71 39.97
CA GLY F 19 38.33 -81.27 39.95
C GLY F 19 36.98 -80.79 40.45
N GLY F 20 36.87 -79.51 40.79
CA GLY F 20 35.64 -78.94 41.31
C GLY F 20 35.57 -78.93 42.84
N SER F 21 36.62 -79.42 43.49
CA SER F 21 36.65 -79.46 44.93
C SER F 21 37.54 -78.37 45.51
N GLN F 22 37.27 -78.03 46.76
CA GLN F 22 38.02 -77.02 47.49
C GLN F 22 38.49 -77.73 48.75
N THR F 23 39.72 -77.48 49.17
CA THR F 23 40.23 -78.15 50.36
C THR F 23 39.70 -77.47 51.64
N GLU F 24 38.70 -78.06 52.29
CA GLU F 24 38.20 -77.51 53.54
C GLU F 24 39.14 -78.04 54.61
N GLY F 25 40.12 -77.25 55.03
CA GLY F 25 41.07 -77.73 56.02
C GLY F 25 41.78 -78.93 55.40
N ASN F 26 41.65 -80.12 55.98
CA ASN F 26 42.32 -81.30 55.43
C ASN F 26 41.32 -82.30 54.82
N MET F 27 40.13 -81.81 54.44
CA MET F 27 39.11 -82.66 53.86
C MET F 27 38.56 -82.02 52.57
N ASN F 28 38.58 -82.73 51.45
CA ASN F 28 38.12 -82.18 50.18
C ASN F 28 36.62 -81.82 50.17
N LYS F 29 36.28 -80.53 50.06
CA LYS F 29 34.89 -80.11 49.97
C LYS F 29 34.47 -80.25 48.52
N PHE F 30 33.67 -81.27 48.20
CA PHE F 30 33.27 -81.50 46.82
C PHE F 30 32.15 -80.60 46.35
N GLY F 31 31.12 -80.38 47.18
CA GLY F 31 30.05 -79.52 46.71
C GLY F 31 28.86 -79.41 47.65
N THR F 32 27.73 -78.96 47.10
CA THR F 32 26.52 -78.79 47.89
C THR F 32 25.30 -79.31 47.13
N LEU F 33 24.40 -79.98 47.85
CA LEU F 33 23.18 -80.51 47.26
C LEU F 33 22.11 -79.63 47.88
N ASN F 34 21.80 -78.51 47.24
CA ASN F 34 20.88 -77.54 47.79
C ASN F 34 19.46 -77.71 47.25
N PHE F 35 18.56 -78.30 48.05
CA PHE F 35 17.18 -78.49 47.60
C PHE F 35 16.39 -77.19 47.61
N GLY F 36 16.87 -76.20 48.36
CA GLY F 36 16.23 -74.90 48.43
C GLY F 36 15.29 -74.81 49.59
N LYS F 37 14.38 -73.84 49.53
CA LYS F 37 13.38 -73.63 50.58
C LYS F 37 12.15 -74.49 50.32
N THR F 38 11.42 -74.82 51.38
CA THR F 38 10.22 -75.64 51.26
C THR F 38 9.30 -75.47 52.47
N SER F 39 8.04 -75.84 52.29
CA SER F 39 7.05 -75.75 53.37
C SER F 39 7.02 -77.03 54.12
N GLY F 40 6.27 -77.08 55.26
CA GLY F 40 6.18 -78.25 56.10
C GLY F 40 5.81 -79.50 55.32
N THR F 41 4.80 -79.40 54.47
CA THR F 41 4.33 -80.53 53.68
C THR F 41 4.41 -80.23 52.18
N TRP F 42 5.35 -80.85 51.46
CA TRP F 42 5.50 -80.62 50.03
C TRP F 42 4.91 -81.80 49.23
N ASN F 43 4.14 -81.51 48.19
CA ASN F 43 3.53 -82.57 47.38
C ASN F 43 4.41 -82.96 46.19
N ASN F 44 5.25 -82.04 45.75
CA ASN F 44 6.16 -82.31 44.64
C ASN F 44 7.49 -82.86 45.17
N VAL F 45 8.09 -83.78 44.43
CA VAL F 45 9.37 -84.38 44.78
C VAL F 45 10.42 -83.26 44.77
N LEU F 46 11.06 -82.94 45.90
CA LEU F 46 12.02 -81.83 45.87
C LEU F 46 13.29 -82.34 45.21
N THR F 47 13.83 -81.63 44.23
CA THR F 47 14.94 -82.14 43.45
C THR F 47 15.99 -81.10 43.07
N ALA F 48 17.27 -81.33 43.40
CA ALA F 48 18.33 -80.39 43.07
C ALA F 48 19.61 -81.17 42.75
N GLU F 49 20.51 -80.53 42.02
CA GLU F 49 21.77 -81.14 41.61
C GLU F 49 22.92 -80.62 42.44
N VAL F 50 23.98 -81.41 42.55
CA VAL F 50 25.15 -81.01 43.30
C VAL F 50 25.81 -79.81 42.62
N ALA F 51 26.29 -78.84 43.41
CA ALA F 51 26.97 -77.67 42.88
C ALA F 51 28.38 -77.70 43.45
N SER F 52 29.41 -77.95 42.61
CA SER F 52 30.78 -78.02 43.09
C SER F 52 31.18 -76.77 43.88
N ALA F 53 31.92 -76.95 44.97
CA ALA F 53 32.32 -75.80 45.79
C ALA F 53 33.35 -74.88 45.13
N ALA F 54 34.11 -75.42 44.17
CA ALA F 54 35.15 -74.65 43.49
C ALA F 54 34.62 -73.78 42.35
N THR F 55 33.81 -74.36 41.47
CA THR F 55 33.30 -73.61 40.33
C THR F 55 31.82 -73.24 40.40
N GLY F 56 30.99 -74.10 40.96
CA GLY F 56 29.57 -73.85 41.04
C GLY F 56 28.81 -74.83 40.15
N GLY F 57 29.49 -75.41 39.17
CA GLY F 57 28.90 -76.38 38.27
C GLY F 57 29.05 -77.80 38.79
N ASN F 58 29.09 -78.78 37.89
CA ASN F 58 29.21 -80.17 38.30
C ASN F 58 30.67 -80.57 38.57
N ILE F 59 30.87 -81.53 39.47
CA ILE F 59 32.22 -82.00 39.79
C ILE F 59 32.83 -82.52 38.49
N SER F 60 34.02 -82.04 38.12
CA SER F 60 34.64 -82.48 36.87
C SER F 60 35.87 -83.33 37.15
N VAL F 61 35.73 -84.66 37.04
CA VAL F 61 36.87 -85.52 37.31
C VAL F 61 37.66 -85.72 36.02
N THR F 62 38.97 -85.51 36.07
CA THR F 62 39.81 -85.73 34.89
C THR F 62 40.90 -86.71 35.31
N CYS F 63 41.38 -87.53 34.38
CA CYS F 63 42.45 -88.45 34.73
C CYS F 63 43.74 -87.94 34.11
N ASP F 64 44.87 -88.35 34.67
CA ASP F 64 46.17 -87.91 34.17
C ASP F 64 46.87 -89.02 33.38
N GLY F 65 46.68 -89.04 32.06
CA GLY F 65 47.31 -90.04 31.22
C GLY F 65 46.80 -89.99 29.80
N THR F 66 47.18 -91.01 29.01
CA THR F 66 46.76 -91.12 27.62
C THR F 66 45.73 -92.21 27.34
N ASP F 67 45.67 -93.29 28.11
CA ASP F 67 44.66 -94.29 27.82
C ASP F 67 43.40 -94.03 28.64
N PRO F 68 42.21 -94.32 28.08
CA PRO F 68 41.00 -94.05 28.84
C PRO F 68 40.93 -94.87 30.13
N VAL F 69 40.96 -94.24 31.30
CA VAL F 69 40.91 -94.98 32.56
C VAL F 69 39.47 -95.17 33.05
N ASP F 70 39.19 -96.31 33.67
CA ASP F 70 37.86 -96.59 34.20
C ASP F 70 37.91 -96.36 35.70
N PHE F 71 37.34 -95.26 36.17
CA PHE F 71 37.35 -94.95 37.61
C PHE F 71 35.97 -95.12 38.17
N THR F 72 35.90 -95.37 39.48
CA THR F 72 34.60 -95.57 40.10
C THR F 72 34.21 -94.44 41.05
N VAL F 73 32.91 -94.34 41.31
CA VAL F 73 32.38 -93.32 42.20
C VAL F 73 31.49 -93.98 43.25
N ALA F 74 31.74 -93.72 44.54
CA ALA F 74 30.93 -94.31 45.60
C ALA F 74 30.53 -93.22 46.58
N ILE F 75 29.25 -93.17 46.97
CA ILE F 75 28.78 -92.20 47.92
C ILE F 75 28.30 -93.01 49.12
N ASP F 76 28.52 -92.48 50.33
CA ASP F 76 28.14 -93.18 51.54
C ASP F 76 26.70 -92.78 51.97
N GLY F 77 26.24 -93.25 53.12
CA GLY F 77 24.90 -92.97 53.63
C GLY F 77 24.66 -91.71 54.45
N GLY F 78 25.62 -90.78 54.47
CA GLY F 78 25.45 -89.55 55.25
C GLY F 78 25.89 -89.71 56.69
N GLU F 79 25.73 -88.65 57.48
CA GLU F 79 26.12 -88.65 58.87
C GLU F 79 25.53 -89.78 59.67
N ARG F 80 24.24 -90.07 59.49
CA ARG F 80 23.62 -91.13 60.29
C ARG F 80 23.55 -92.50 59.61
N THR F 81 24.11 -92.59 58.40
CA THR F 81 24.16 -93.80 57.54
C THR F 81 22.83 -94.26 56.91
N ASP F 82 21.78 -93.43 56.95
CA ASP F 82 20.51 -93.78 56.32
C ASP F 82 19.95 -92.65 55.43
N ARG F 83 20.84 -91.80 54.94
CA ARG F 83 20.51 -90.67 54.06
C ARG F 83 19.35 -89.82 54.56
N THR F 84 19.48 -89.29 55.77
CA THR F 84 18.46 -88.43 56.35
C THR F 84 19.07 -87.08 56.72
N LEU F 85 18.41 -85.98 56.35
CA LEU F 85 18.95 -84.70 56.75
C LEU F 85 18.40 -84.43 58.14
N LYS F 86 19.18 -83.83 59.02
CA LYS F 86 18.73 -83.61 60.37
C LYS F 86 18.55 -82.12 60.66
N ASN F 87 17.53 -81.75 61.42
CA ASN F 87 17.34 -80.37 61.71
C ASN F 87 18.48 -79.95 62.63
N THR F 88 19.05 -78.78 62.42
CA THR F 88 20.12 -78.28 63.28
C THR F 88 19.74 -78.25 64.76
N ALA F 89 18.51 -77.89 65.11
CA ALA F 89 18.12 -77.81 66.53
C ALA F 89 17.31 -79.00 67.08
N SER F 90 16.20 -79.32 66.41
CA SER F 90 15.33 -80.43 66.79
C SER F 90 15.84 -81.77 66.24
N ALA F 91 15.14 -82.86 66.54
CA ALA F 91 15.57 -84.18 66.07
C ALA F 91 14.81 -84.69 64.84
N ASP F 92 14.09 -83.80 64.15
CA ASP F 92 13.34 -84.19 62.96
C ASP F 92 14.30 -84.63 61.86
N VAL F 93 13.89 -85.59 61.03
CA VAL F 93 14.74 -86.07 59.95
C VAL F 93 14.03 -85.98 58.60
N VAL F 94 14.79 -85.82 57.52
CA VAL F 94 14.21 -85.74 56.18
C VAL F 94 14.92 -86.74 55.27
N ALA F 95 14.28 -87.87 54.99
CA ALA F 95 14.89 -88.89 54.15
C ALA F 95 15.09 -88.41 52.69
N TYR F 96 16.25 -88.72 52.10
CA TYR F 96 16.54 -88.34 50.72
C TYR F 96 17.38 -89.43 50.06
N ASN F 97 17.80 -89.22 48.80
CA ASN F 97 18.63 -90.17 48.08
C ASN F 97 19.34 -89.44 46.95
N VAL F 98 20.47 -89.97 46.51
CA VAL F 98 21.22 -89.35 45.43
C VAL F 98 21.22 -90.32 44.24
N TYR F 99 20.84 -89.85 43.05
CA TYR F 99 20.83 -90.70 41.87
C TYR F 99 21.91 -90.21 40.91
N ARG F 100 22.25 -91.04 39.93
CA ARG F 100 23.29 -90.71 38.97
C ARG F 100 22.76 -90.16 37.65
N ASP F 101 21.60 -90.64 37.20
CA ASP F 101 21.03 -90.17 35.95
C ASP F 101 19.97 -89.11 36.18
N ALA F 102 19.70 -88.31 35.15
CA ALA F 102 18.73 -87.21 35.18
C ALA F 102 17.27 -87.60 35.50
N ALA F 103 16.89 -88.85 35.25
CA ALA F 103 15.54 -89.32 35.54
C ALA F 103 15.37 -89.99 36.92
N ARG F 104 16.28 -89.77 37.88
CA ARG F 104 16.16 -90.34 39.22
C ARG F 104 15.98 -91.86 39.27
N THR F 105 16.58 -92.57 38.31
CA THR F 105 16.45 -94.03 38.24
C THR F 105 17.68 -94.81 38.74
N ASN F 106 18.87 -94.48 38.24
CA ASN F 106 20.10 -95.16 38.60
C ASN F 106 20.59 -94.60 39.92
N LEU F 107 20.23 -95.26 41.01
CA LEU F 107 20.57 -94.82 42.36
C LEU F 107 22.03 -95.08 42.75
N TYR F 108 22.65 -94.12 43.45
CA TYR F 108 24.00 -94.34 43.92
C TYR F 108 23.81 -95.14 45.18
N VAL F 109 23.79 -96.46 45.05
CA VAL F 109 23.60 -97.34 46.21
C VAL F 109 24.66 -97.10 47.28
N VAL F 110 24.26 -97.15 48.55
CA VAL F 110 25.16 -96.93 49.68
C VAL F 110 26.45 -97.76 49.59
N ASN F 111 27.62 -97.12 49.74
CA ASN F 111 28.91 -97.80 49.68
C ASN F 111 29.06 -98.71 48.45
N GLN F 112 28.72 -98.19 47.27
CA GLN F 112 28.86 -98.97 46.05
C GLN F 112 29.60 -98.19 44.97
N PRO F 113 30.52 -98.86 44.26
CA PRO F 113 31.31 -98.18 43.22
C PRO F 113 30.58 -98.00 41.89
N GLN F 114 29.74 -96.98 41.75
CA GLN F 114 29.08 -96.80 40.47
C GLN F 114 30.18 -96.48 39.44
N GLN F 115 30.39 -97.37 38.45
CA GLN F 115 31.43 -97.22 37.39
C GLN F 115 31.34 -95.91 36.58
N PHE F 116 32.50 -95.50 36.03
CA PHE F 116 32.60 -94.30 35.20
C PHE F 116 33.78 -94.38 34.22
N THR F 117 33.67 -93.70 33.09
CA THR F 117 34.75 -93.70 32.09
C THR F 117 35.36 -92.31 31.98
N THR F 118 36.60 -92.24 31.50
CA THR F 118 37.30 -90.97 31.36
C THR F 118 38.38 -91.07 30.28
N VAL F 119 38.40 -90.16 29.31
CA VAL F 119 39.42 -90.21 28.26
C VAL F 119 40.45 -89.10 28.47
N SER F 120 41.57 -89.22 27.77
CA SER F 120 42.66 -88.25 27.86
C SER F 120 42.24 -86.88 27.31
N GLY F 121 42.79 -85.82 27.89
CA GLY F 121 42.47 -84.46 27.45
C GLY F 121 41.01 -84.11 27.53
N GLN F 122 40.35 -84.60 28.57
CA GLN F 122 38.93 -84.33 28.78
C GLN F 122 38.57 -84.51 30.25
N ALA F 123 37.58 -83.78 30.73
CA ALA F 123 37.15 -83.89 32.11
C ALA F 123 35.72 -84.46 32.09
N THR F 124 35.47 -85.53 32.83
CA THR F 124 34.13 -86.12 32.87
C THR F 124 33.39 -85.57 34.09
N ALA F 125 32.10 -85.27 33.94
CA ALA F 125 31.32 -84.73 35.05
C ALA F 125 30.71 -85.84 35.89
N VAL F 126 30.59 -85.61 37.20
CA VAL F 126 29.99 -86.60 38.10
C VAL F 126 28.63 -86.07 38.53
N PRO F 127 27.57 -86.53 37.85
CA PRO F 127 26.26 -86.02 38.20
C PRO F 127 25.76 -86.67 39.49
N ILE F 128 25.58 -85.87 40.54
CA ILE F 128 25.05 -86.39 41.77
C ILE F 128 23.69 -85.71 41.84
N PHE F 129 22.65 -86.40 41.38
CA PHE F 129 21.32 -85.81 41.35
C PHE F 129 20.57 -86.15 42.64
N GLY F 130 20.19 -85.14 43.41
CA GLY F 130 19.46 -85.40 44.63
C GLY F 130 17.98 -85.50 44.33
N ALA F 131 17.25 -86.15 45.23
CA ALA F 131 15.82 -86.32 45.12
C ALA F 131 15.22 -86.61 46.50
N ILE F 132 14.11 -85.93 46.82
CA ILE F 132 13.42 -86.14 48.08
C ILE F 132 11.95 -86.53 47.81
N ALA F 133 11.46 -87.55 48.52
CA ALA F 133 10.09 -88.02 48.34
C ALA F 133 9.06 -86.99 48.79
N PRO F 134 7.85 -87.06 48.20
CA PRO F 134 6.81 -86.10 48.58
C PRO F 134 6.30 -86.41 49.99
N ASN F 135 6.47 -85.46 50.91
CA ASN F 135 6.00 -85.64 52.27
C ASN F 135 4.61 -85.01 52.36
N THR F 136 3.57 -85.84 52.35
CA THR F 136 2.21 -85.32 52.45
C THR F 136 1.53 -85.90 53.67
N GLY F 137 2.33 -86.15 54.72
CA GLY F 137 1.82 -86.72 55.95
C GLY F 137 1.97 -85.79 57.13
N THR F 138 3.17 -85.70 57.69
CA THR F 138 3.42 -84.84 58.84
C THR F 138 4.32 -83.66 58.47
N PRO F 139 3.98 -82.44 58.94
CA PRO F 139 4.82 -81.29 58.62
C PRO F 139 6.07 -81.22 59.51
N LYS F 140 7.26 -81.37 58.93
CA LYS F 140 8.50 -81.32 59.70
C LYS F 140 8.70 -79.93 60.28
N ALA F 141 9.31 -79.84 61.46
CA ALA F 141 9.54 -78.54 62.11
C ALA F 141 10.36 -77.54 61.28
N GLN F 142 10.11 -76.25 61.51
CA GLN F 142 10.81 -75.18 60.80
C GLN F 142 12.29 -75.14 61.15
N GLY F 143 13.10 -74.62 60.22
CA GLY F 143 14.54 -74.55 60.45
C GLY F 143 15.34 -75.03 59.25
N ASP F 144 16.62 -75.33 59.48
CA ASP F 144 17.49 -75.79 58.41
C ASP F 144 17.86 -77.28 58.60
N TYR F 145 17.68 -78.10 57.56
CA TYR F 145 18.02 -79.51 57.65
C TYR F 145 19.33 -79.70 56.90
N LYS F 146 20.26 -80.48 57.48
CA LYS F 146 21.56 -80.70 56.84
C LYS F 146 22.02 -82.16 56.88
N ASP F 147 23.04 -82.44 56.06
CA ASP F 147 23.69 -83.74 55.99
C ASP F 147 24.99 -83.53 55.23
N THR F 148 25.96 -84.39 55.49
CA THR F 148 27.24 -84.30 54.82
C THR F 148 27.55 -85.65 54.18
N LEU F 149 27.25 -85.81 52.90
CA LEU F 149 27.51 -87.08 52.25
C LEU F 149 29.00 -87.09 51.90
N LEU F 150 29.67 -88.22 52.11
CA LEU F 150 31.08 -88.31 51.78
C LEU F 150 31.12 -89.01 50.42
N VAL F 151 31.57 -88.32 49.37
CA VAL F 151 31.67 -88.94 48.06
C VAL F 151 33.09 -89.49 47.99
N THR F 152 33.21 -90.74 47.53
CA THR F 152 34.47 -91.47 47.48
C THR F 152 34.88 -91.85 46.07
N VAL F 153 35.69 -91.00 45.42
CA VAL F 153 36.17 -91.31 44.09
C VAL F 153 37.34 -92.28 44.29
N ASN F 154 37.19 -93.54 43.91
CA ASN F 154 38.25 -94.50 44.13
C ASN F 154 38.54 -95.26 42.86
N PHE F 155 39.72 -95.88 42.85
CA PHE F 155 40.20 -96.55 41.67
C PHE F 155 40.38 -98.04 41.95
N ALA G 1 42.46 -92.98 45.83
CA ALA G 1 41.32 -92.82 46.72
C ALA G 1 41.13 -91.35 47.11
N VAL G 2 40.26 -90.65 46.38
CA VAL G 2 39.97 -89.26 46.67
C VAL G 2 38.57 -89.15 47.29
N THR G 3 38.52 -89.17 48.63
CA THR G 3 37.27 -89.04 49.37
C THR G 3 36.96 -87.55 49.63
N GLY G 4 35.72 -87.14 49.35
CA GLY G 4 35.31 -85.78 49.54
C GLY G 4 33.94 -85.56 50.14
N GLN G 5 33.63 -84.33 50.58
CA GLN G 5 32.32 -84.07 51.21
C GLN G 5 31.31 -83.30 50.34
N VAL G 6 30.02 -83.61 50.49
CA VAL G 6 28.96 -82.95 49.74
C VAL G 6 27.92 -82.52 50.77
N ASP G 7 27.84 -81.22 51.07
CA ASP G 7 26.90 -80.78 52.06
C ASP G 7 25.49 -80.78 51.47
N VAL G 8 24.55 -81.46 52.15
CA VAL G 8 23.16 -81.51 51.69
C VAL G 8 22.36 -80.54 52.55
N LYS G 9 21.44 -79.79 51.93
CA LYS G 9 20.67 -78.82 52.68
C LYS G 9 19.22 -78.72 52.22
N LEU G 10 18.35 -78.27 53.13
CA LEU G 10 16.94 -78.08 52.87
C LEU G 10 16.42 -77.12 53.93
N ASN G 11 15.76 -76.03 53.52
CA ASN G 11 15.27 -75.05 54.47
C ASN G 11 13.76 -75.17 54.56
N ILE G 12 13.28 -75.96 55.51
CA ILE G 12 11.85 -76.11 55.69
C ILE G 12 11.36 -74.91 56.48
N SER G 13 10.62 -74.00 55.83
CA SER G 13 10.08 -72.81 56.49
C SER G 13 8.77 -72.28 55.84
N THR G 14 8.85 -71.81 54.58
CA THR G 14 7.72 -71.26 53.84
C THR G 14 8.08 -71.29 52.35
N GLY G 15 7.68 -72.36 51.65
CA GLY G 15 7.98 -72.51 50.23
C GLY G 15 6.85 -72.42 49.22
N CYS G 16 7.22 -72.61 47.97
CA CYS G 16 6.34 -72.55 46.82
C CYS G 16 6.23 -73.92 46.15
N THR G 17 5.04 -74.29 45.68
CA THR G 17 4.82 -75.61 45.05
C THR G 17 4.31 -75.54 43.61
N VAL G 18 4.66 -76.53 42.79
CA VAL G 18 4.22 -76.54 41.39
C VAL G 18 3.09 -77.56 41.17
N GLY G 19 1.93 -77.11 40.70
CA GLY G 19 0.82 -78.01 40.44
C GLY G 19 0.77 -78.38 38.97
N GLY G 20 0.02 -79.43 38.64
CA GLY G 20 -0.09 -79.91 37.26
C GLY G 20 0.90 -81.01 36.92
N SER G 21 1.70 -81.41 37.89
CA SER G 21 2.69 -82.46 37.67
C SER G 21 2.25 -83.78 38.28
N GLN G 22 2.80 -84.86 37.76
CA GLN G 22 2.53 -86.21 38.23
C GLN G 22 3.90 -86.78 38.56
N THR G 23 4.01 -87.53 39.65
CA THR G 23 5.30 -88.09 40.01
C THR G 23 5.61 -89.34 39.19
N GLU G 24 6.46 -89.23 38.17
CA GLU G 24 6.85 -90.38 37.40
C GLU G 24 7.98 -91.04 38.18
N GLY G 25 7.66 -92.07 38.97
CA GLY G 25 8.69 -92.70 39.78
C GLY G 25 9.20 -91.64 40.74
N ASN G 26 10.47 -91.27 40.67
CA ASN G 26 11.02 -90.26 41.58
C ASN G 26 11.37 -88.96 40.85
N MET G 27 10.73 -88.73 39.69
CA MET G 27 10.97 -87.52 38.91
C MET G 27 9.64 -86.87 38.52
N ASN G 28 9.45 -85.59 38.84
CA ASN G 28 8.19 -84.91 38.53
C ASN G 28 7.88 -84.79 37.03
N LYS G 29 6.84 -85.47 36.55
CA LYS G 29 6.44 -85.36 35.14
C LYS G 29 5.59 -84.10 35.01
N PHE G 30 6.14 -83.04 34.43
CA PHE G 30 5.42 -81.79 34.30
C PHE G 30 4.41 -81.77 33.17
N GLY G 31 4.76 -82.29 32.00
CA GLY G 31 3.79 -82.26 30.92
C GLY G 31 4.30 -82.76 29.59
N THR G 32 3.58 -82.40 28.52
CA THR G 32 3.95 -82.81 27.18
C THR G 32 3.83 -81.65 26.18
N LEU G 33 4.79 -81.55 25.29
CA LEU G 33 4.79 -80.51 24.26
C LEU G 33 4.52 -81.29 22.98
N ASN G 34 3.25 -81.47 22.65
CA ASN G 34 2.86 -82.29 21.52
C ASN G 34 2.60 -81.48 20.26
N PHE G 35 3.56 -81.49 19.33
CA PHE G 35 3.40 -80.72 18.09
C PHE G 35 2.40 -81.39 17.13
N GLY G 36 2.14 -82.68 17.34
CA GLY G 36 1.19 -83.42 16.54
C GLY G 36 1.89 -84.12 15.40
N LYS G 37 1.09 -84.50 14.39
CA LYS G 37 1.61 -85.19 13.20
C LYS G 37 2.07 -84.17 12.17
N THR G 38 2.99 -84.58 11.30
CA THR G 38 3.51 -83.70 10.27
C THR G 38 4.17 -84.48 9.13
N SER G 39 4.31 -83.85 7.98
CA SER G 39 4.93 -84.47 6.82
C SER G 39 6.40 -84.20 6.82
N GLY G 40 7.16 -84.84 5.90
CA GLY G 40 8.60 -84.69 5.82
C GLY G 40 9.04 -83.24 5.76
N THR G 41 8.38 -82.46 4.92
CA THR G 41 8.71 -81.04 4.75
C THR G 41 7.51 -80.15 5.06
N TRP G 42 7.52 -79.43 6.18
CA TRP G 42 6.41 -78.56 6.55
C TRP G 42 6.78 -77.09 6.28
N ASN G 43 5.87 -76.33 5.67
CA ASN G 43 6.13 -74.92 5.36
C ASN G 43 5.67 -73.99 6.49
N ASN G 44 4.69 -74.44 7.26
CA ASN G 44 4.19 -73.66 8.38
C ASN G 44 4.96 -74.00 9.65
N VAL G 45 5.19 -72.99 10.49
CA VAL G 45 5.89 -73.15 11.76
C VAL G 45 5.05 -74.09 12.64
N LEU G 46 5.56 -75.26 13.02
CA LEU G 46 4.71 -76.17 13.82
C LEU G 46 4.70 -75.63 15.23
N THR G 47 3.51 -75.49 15.84
CA THR G 47 3.41 -74.84 17.13
C THR G 47 2.39 -75.46 18.08
N ALA G 48 2.81 -75.85 19.29
CA ALA G 48 1.89 -76.43 20.27
C ALA G 48 2.29 -75.98 21.67
N GLU G 49 1.34 -76.05 22.60
CA GLU G 49 1.55 -75.64 23.98
C GLU G 49 1.73 -76.84 24.88
N VAL G 50 2.41 -76.65 26.01
CA VAL G 50 2.60 -77.71 26.95
C VAL G 50 1.26 -78.13 27.56
N ALA G 51 1.06 -79.43 27.75
CA ALA G 51 -0.16 -79.95 28.35
C ALA G 51 0.26 -80.66 29.64
N SER G 52 -0.09 -80.11 30.81
CA SER G 52 0.30 -80.72 32.08
C SER G 52 -0.12 -82.19 32.17
N ALA G 53 0.73 -83.05 32.72
CA ALA G 53 0.41 -84.47 32.80
C ALA G 53 -0.70 -84.80 33.81
N ALA G 54 -0.91 -83.93 34.79
CA ALA G 54 -1.93 -84.15 35.81
C ALA G 54 -3.34 -83.74 35.39
N THR G 55 -3.49 -82.54 34.83
CA THR G 55 -4.81 -82.07 34.44
C THR G 55 -5.07 -82.03 32.93
N GLY G 56 -4.05 -81.70 32.14
CA GLY G 56 -4.22 -81.60 30.71
C GLY G 56 -4.06 -80.16 30.25
N GLY G 57 -4.25 -79.23 31.18
CA GLY G 57 -4.12 -77.80 30.88
C GLY G 57 -2.71 -77.32 31.13
N ASN G 58 -2.56 -76.04 31.46
CA ASN G 58 -1.23 -75.47 31.70
C ASN G 58 -0.72 -75.74 33.12
N ILE G 59 0.60 -75.83 33.29
CA ILE G 59 1.17 -76.06 34.60
C ILE G 59 0.73 -74.91 35.50
N SER G 60 0.14 -75.22 36.66
CA SER G 60 -0.33 -74.15 37.55
C SER G 60 0.52 -74.08 38.80
N VAL G 61 1.45 -73.12 38.87
CA VAL G 61 2.29 -73.02 40.04
C VAL G 61 1.62 -72.12 41.08
N THR G 62 1.51 -72.58 42.32
CA THR G 62 0.92 -71.77 43.37
C THR G 62 1.95 -71.68 44.50
N CYS G 63 1.97 -70.58 45.23
CA CYS G 63 2.90 -70.48 46.34
C CYS G 63 2.12 -70.64 47.64
N ASP G 64 2.83 -71.05 48.69
CA ASP G 64 2.20 -71.25 49.99
C ASP G 64 2.52 -70.12 50.96
N GLY G 65 1.67 -69.09 51.02
CA GLY G 65 1.89 -67.97 51.91
C GLY G 65 0.92 -66.83 51.66
N THR G 66 1.19 -65.69 52.31
CA THR G 66 0.35 -64.50 52.16
C THR G 66 0.97 -63.37 51.34
N ASP G 67 2.29 -63.23 51.31
CA ASP G 67 2.85 -62.15 50.50
C ASP G 67 3.17 -62.65 49.09
N PRO G 68 3.00 -61.78 48.08
CA PRO G 68 3.28 -62.25 46.71
C PRO G 68 4.74 -62.65 46.53
N VAL G 69 5.03 -63.93 46.27
CA VAL G 69 6.41 -64.37 46.09
C VAL G 69 6.85 -64.28 44.63
N ASP G 70 8.12 -63.95 44.40
CA ASP G 70 8.66 -63.87 43.05
C ASP G 70 9.47 -65.13 42.79
N PHE G 71 8.92 -66.07 42.01
CA PHE G 71 9.63 -67.31 41.73
C PHE G 71 10.10 -67.32 40.29
N THR G 72 11.14 -68.10 40.03
CA THR G 72 11.68 -68.15 38.69
C THR G 72 11.44 -69.48 37.98
N VAL G 73 11.51 -69.44 36.65
CA VAL G 73 11.32 -70.64 35.84
C VAL G 73 12.50 -70.80 34.87
N ALA G 74 13.14 -71.96 34.85
CA ALA G 74 14.26 -72.18 33.95
C ALA G 74 14.08 -73.52 33.25
N ILE G 75 14.29 -73.55 31.93
CA ILE G 75 14.16 -74.76 31.17
C ILE G 75 15.54 -75.02 30.61
N ASP G 76 15.94 -76.30 30.53
CA ASP G 76 17.26 -76.66 30.03
C ASP G 76 17.20 -76.90 28.51
N GLY G 77 18.32 -77.35 27.90
CA GLY G 77 18.41 -77.62 26.48
C GLY G 77 17.99 -78.97 25.93
N GLY G 78 17.31 -79.79 26.72
CA GLY G 78 16.89 -81.10 26.27
C GLY G 78 17.96 -82.17 26.46
N GLU G 79 17.66 -83.39 26.03
CA GLU G 79 18.58 -84.51 26.15
C GLU G 79 19.95 -84.23 25.59
N ARG G 80 20.03 -83.64 24.40
CA ARG G 80 21.35 -83.40 23.79
C ARG G 80 21.94 -82.02 24.03
N THR G 81 21.23 -81.19 24.82
CA THR G 81 21.58 -79.80 25.17
C THR G 81 21.49 -78.74 24.05
N ASP G 82 20.88 -79.07 22.91
CA ASP G 82 20.72 -78.10 21.83
C ASP G 82 19.27 -78.05 21.28
N ARG G 83 18.32 -78.43 22.13
CA ARG G 83 16.89 -78.43 21.82
C ARG G 83 16.54 -79.08 20.48
N THR G 84 16.94 -80.33 20.32
CA THR G 84 16.65 -81.09 19.11
C THR G 84 15.87 -82.35 19.45
N LEU G 85 14.79 -82.65 18.74
CA LEU G 85 14.10 -83.88 19.00
C LEU G 85 14.80 -84.95 18.19
N LYS G 86 14.93 -86.16 18.72
CA LYS G 86 15.64 -87.20 18.00
C LYS G 86 14.69 -88.32 17.59
N ASN G 87 14.90 -88.89 16.40
CA ASN G 87 14.04 -89.95 15.99
C ASN G 87 14.34 -91.14 16.87
N THR G 88 13.32 -91.87 17.32
CA THR G 88 13.52 -93.05 18.14
C THR G 88 14.47 -94.08 17.51
N ALA G 89 14.40 -94.29 16.18
CA ALA G 89 15.26 -95.29 15.55
C ALA G 89 16.51 -94.75 14.82
N SER G 90 16.30 -93.82 13.90
CA SER G 90 17.37 -93.20 13.13
C SER G 90 18.04 -92.05 13.91
N ALA G 91 19.05 -91.42 13.32
CA ALA G 91 19.75 -90.32 13.99
C ALA G 91 19.31 -88.92 13.53
N ASP G 92 18.17 -88.82 12.84
CA ASP G 92 17.69 -87.53 12.38
C ASP G 92 17.31 -86.65 13.56
N VAL G 93 17.49 -85.33 13.43
CA VAL G 93 17.16 -84.43 14.52
C VAL G 93 16.20 -83.33 14.06
N VAL G 94 15.39 -82.80 14.98
CA VAL G 94 14.44 -81.75 14.63
C VAL G 94 14.61 -80.59 15.62
N ALA G 95 15.28 -79.51 15.20
CA ALA G 95 15.51 -78.37 16.08
C ALA G 95 14.20 -77.66 16.47
N TYR G 96 14.06 -77.28 17.75
CA TYR G 96 12.88 -76.57 18.22
C TYR G 96 13.28 -75.58 19.31
N ASN G 97 12.32 -74.88 19.91
CA ASN G 97 12.57 -73.92 20.97
C ASN G 97 11.28 -73.72 21.77
N VAL G 98 11.42 -73.31 23.02
CA VAL G 98 10.26 -73.06 23.86
C VAL G 98 10.21 -71.58 24.21
N TYR G 99 9.08 -70.93 23.98
CA TYR G 99 8.95 -69.51 24.29
C TYR G 99 7.97 -69.36 25.45
N ARG G 100 7.96 -68.17 26.06
CA ARG G 100 7.09 -67.91 27.21
C ARG G 100 5.80 -67.18 26.84
N ASP G 101 5.86 -66.28 25.87
CA ASP G 101 4.69 -65.53 25.48
C ASP G 101 4.02 -66.15 24.25
N ALA G 102 2.74 -65.84 24.07
CA ALA G 102 1.91 -66.35 22.97
C ALA G 102 2.38 -66.01 21.54
N ALA G 103 3.16 -64.94 21.38
CA ALA G 103 3.69 -64.56 20.08
C ALA G 103 5.10 -65.10 19.75
N ARG G 104 5.57 -66.15 20.45
CA ARG G 104 6.87 -66.76 20.17
C ARG G 104 8.06 -65.77 20.18
N THR G 105 7.98 -64.74 21.02
CA THR G 105 9.04 -63.73 21.12
C THR G 105 9.97 -63.87 22.32
N ASN G 106 9.41 -63.98 23.53
CA ASN G 106 10.18 -64.09 24.76
C ASN G 106 10.61 -65.53 24.92
N LEU G 107 11.83 -65.82 24.47
CA LEU G 107 12.39 -67.17 24.51
C LEU G 107 12.85 -67.62 25.89
N TYR G 108 12.60 -68.88 26.24
CA TYR G 108 13.09 -69.40 27.50
C TYR G 108 14.52 -69.76 27.20
N VAL G 109 15.44 -68.82 27.39
CA VAL G 109 16.85 -69.06 27.11
C VAL G 109 17.39 -70.24 27.93
N VAL G 110 18.26 -71.06 27.32
CA VAL G 110 18.82 -72.23 27.97
C VAL G 110 19.42 -71.91 29.35
N ASN G 111 19.05 -72.70 30.37
CA ASN G 111 19.54 -72.50 31.74
C ASN G 111 19.44 -71.06 32.22
N GLN G 112 18.27 -70.44 32.02
CA GLN G 112 18.06 -69.07 32.49
C GLN G 112 16.77 -68.95 33.30
N PRO G 113 16.84 -68.19 34.42
CA PRO G 113 15.65 -68.05 35.26
C PRO G 113 14.63 -67.02 34.77
N GLN G 114 13.76 -67.38 33.85
CA GLN G 114 12.77 -66.41 33.41
C GLN G 114 11.88 -66.09 34.62
N GLN G 115 11.90 -64.84 35.12
CA GLN G 115 11.12 -64.38 36.30
C GLN G 115 9.59 -64.61 36.17
N PHE G 116 8.94 -64.72 37.35
CA PHE G 116 7.49 -64.91 37.44
C PHE G 116 6.93 -64.40 38.78
N THR G 117 5.67 -63.97 38.77
CA THR G 117 5.04 -63.48 40.00
C THR G 117 3.93 -64.43 40.43
N THR G 118 3.58 -64.39 41.72
CA THR G 118 2.53 -65.25 42.25
C THR G 118 1.93 -64.63 43.51
N VAL G 119 0.60 -64.51 43.59
CA VAL G 119 -0.04 -63.93 44.76
C VAL G 119 -0.72 -65.01 45.59
N SER G 120 -1.07 -64.68 46.82
CA SER G 120 -1.72 -65.60 47.73
C SER G 120 -3.13 -65.98 47.25
N GLY G 121 -3.55 -67.21 47.54
CA GLY G 121 -4.87 -67.69 47.13
C GLY G 121 -5.10 -67.65 45.63
N GLN G 122 -4.06 -67.96 44.86
CA GLN G 122 -4.15 -67.97 43.41
C GLN G 122 -3.06 -68.86 42.83
N ALA G 123 -3.31 -69.45 41.66
CA ALA G 123 -2.33 -70.30 41.02
C ALA G 123 -1.94 -69.61 39.71
N THR G 124 -0.65 -69.41 39.47
CA THR G 124 -0.20 -68.76 38.25
C THR G 124 0.17 -69.85 37.23
N ALA G 125 -0.17 -69.65 35.96
CA ALA G 125 0.14 -70.63 34.94
C ALA G 125 1.51 -70.41 34.34
N VAL G 126 2.20 -71.49 33.96
CA VAL G 126 3.52 -71.38 33.36
C VAL G 126 3.38 -71.74 31.88
N PRO G 127 3.27 -70.70 31.03
CA PRO G 127 3.10 -71.00 29.61
C PRO G 127 4.41 -71.42 28.99
N ILE G 128 4.50 -72.66 28.52
CA ILE G 128 5.69 -73.12 27.84
C ILE G 128 5.19 -73.31 26.41
N PHE G 129 5.39 -72.30 25.58
CA PHE G 129 4.91 -72.36 24.21
C PHE G 129 6.01 -72.92 23.30
N GLY G 130 5.74 -74.05 22.66
CA GLY G 130 6.72 -74.62 21.76
C GLY G 130 6.57 -74.02 20.38
N ALA G 131 7.64 -74.11 19.61
CA ALA G 131 7.68 -73.59 18.24
C ALA G 131 8.79 -74.28 17.45
N ILE G 132 8.47 -74.71 16.22
CA ILE G 132 9.44 -75.34 15.35
C ILE G 132 9.53 -74.58 14.02
N ALA G 133 10.77 -74.34 13.55
CA ALA G 133 10.98 -73.60 12.31
C ALA G 133 10.48 -74.35 11.09
N PRO G 134 10.13 -73.61 10.02
CA PRO G 134 9.64 -74.27 8.82
C PRO G 134 10.79 -75.00 8.10
N ASN G 135 10.68 -76.33 7.98
CA ASN G 135 11.69 -77.11 7.30
C ASN G 135 11.24 -77.26 5.86
N THR G 136 11.86 -76.51 4.95
CA THR G 136 11.51 -76.60 3.54
C THR G 136 12.74 -76.98 2.74
N GLY G 137 13.61 -77.76 3.36
CA GLY G 137 14.85 -78.20 2.73
C GLY G 137 14.91 -79.70 2.53
N THR G 138 15.22 -80.43 3.60
CA THR G 138 15.33 -81.88 3.52
C THR G 138 14.21 -82.56 4.31
N PRO G 139 13.60 -83.61 3.73
CA PRO G 139 12.52 -84.30 4.44
C PRO G 139 13.07 -85.28 5.50
N LYS G 140 12.83 -85.01 6.78
CA LYS G 140 13.31 -85.89 7.85
C LYS G 140 12.64 -87.26 7.76
N ALA G 141 13.35 -88.31 8.13
CA ALA G 141 12.80 -89.67 8.07
C ALA G 141 11.51 -89.89 8.87
N GLN G 142 10.68 -90.83 8.42
CA GLN G 142 9.42 -91.14 9.09
C GLN G 142 9.64 -91.75 10.47
N GLY G 143 8.66 -91.58 11.35
CA GLY G 143 8.76 -92.11 12.70
C GLY G 143 8.37 -91.10 13.76
N ASP G 144 8.76 -91.37 15.00
CA ASP G 144 8.43 -90.47 16.11
C ASP G 144 9.67 -89.74 16.63
N TYR G 145 9.61 -88.42 16.75
CA TYR G 145 10.74 -87.65 17.25
C TYR G 145 10.42 -87.26 18.69
N LYS G 146 11.39 -87.40 19.60
CA LYS G 146 11.17 -87.08 21.01
C LYS G 146 12.30 -86.28 21.65
N ASP G 147 12.00 -85.72 22.82
CA ASP G 147 12.95 -84.99 23.64
C ASP G 147 12.31 -84.85 25.02
N THR G 148 13.15 -84.70 26.04
CA THR G 148 12.66 -84.54 27.39
C THR G 148 13.27 -83.29 27.99
N LEU G 149 12.55 -82.17 27.94
CA LEU G 149 13.09 -80.94 28.48
C LEU G 149 12.90 -81.01 30.00
N LEU G 150 13.90 -80.59 30.76
CA LEU G 150 13.76 -80.60 32.21
C LEU G 150 13.40 -79.17 32.59
N VAL G 151 12.21 -78.93 33.11
CA VAL G 151 11.82 -77.59 33.52
C VAL G 151 12.21 -77.50 34.99
N THR G 152 12.86 -76.40 35.37
CA THR G 152 13.40 -76.17 36.70
C THR G 152 12.77 -74.99 37.40
N VAL G 153 11.72 -75.22 38.18
CA VAL G 153 11.09 -74.15 38.94
C VAL G 153 11.96 -73.94 40.17
N ASN G 154 12.68 -72.82 40.26
CA ASN G 154 13.56 -72.61 41.38
C ASN G 154 13.32 -71.26 42.00
N PHE G 155 13.79 -71.11 43.23
CA PHE G 155 13.54 -69.92 44.00
C PHE G 155 14.85 -69.20 44.33
N ALA H 1 13.58 -75.77 44.98
CA ALA H 1 14.03 -76.27 43.69
C ALA H 1 13.17 -77.44 43.24
N VAL H 2 12.16 -77.16 42.43
CA VAL H 2 11.29 -78.21 41.91
C VAL H 2 11.59 -78.43 40.42
N THR H 3 12.47 -79.39 40.14
CA THR H 3 12.84 -79.72 38.77
C THR H 3 11.89 -80.81 38.23
N GLY H 4 11.37 -80.58 37.01
CA GLY H 4 10.45 -81.51 36.39
C GLY H 4 10.65 -81.78 34.91
N GLN H 5 10.01 -82.82 34.36
CA GLN H 5 10.20 -83.17 32.95
C GLN H 5 9.03 -82.80 32.01
N VAL H 6 9.36 -82.43 30.77
CA VAL H 6 8.34 -82.06 29.79
C VAL H 6 8.67 -82.86 28.53
N ASP H 7 7.89 -83.89 28.23
CA ASP H 7 8.19 -84.69 27.07
C ASP H 7 7.79 -83.94 25.80
N VAL H 8 8.71 -83.81 24.85
CA VAL H 8 8.44 -83.13 23.59
C VAL H 8 8.25 -84.20 22.53
N LYS H 9 7.28 -84.03 21.64
CA LYS H 9 7.03 -85.03 20.62
C LYS H 9 6.61 -84.44 19.28
N LEU H 10 6.85 -85.20 18.22
CA LEU H 10 6.52 -84.81 16.86
C LEU H 10 6.47 -86.09 16.04
N ASN H 11 5.38 -86.34 15.32
CA ASN H 11 5.25 -87.56 14.54
C ASN H 11 5.37 -87.21 13.07
N ILE H 12 6.59 -87.29 12.53
CA ILE H 12 6.80 -87.02 11.13
C ILE H 12 6.39 -88.26 10.35
N SER H 13 5.27 -88.19 9.62
CA SER H 13 4.79 -89.32 8.82
C SER H 13 3.94 -88.89 7.59
N THR H 14 2.78 -88.28 7.83
CA THR H 14 1.86 -87.84 6.78
C THR H 14 0.91 -86.81 7.40
N GLY H 15 1.26 -85.52 7.28
CA GLY H 15 0.45 -84.45 7.85
C GLY H 15 -0.29 -83.51 6.90
N CYS H 16 -0.97 -82.54 7.53
CA CYS H 16 -1.78 -81.55 6.84
C CYS H 16 -1.18 -80.15 7.05
N THR H 17 -1.23 -79.30 6.02
CA THR H 17 -0.64 -77.95 6.10
C THR H 17 -1.64 -76.81 5.85
N VAL H 18 -1.42 -75.66 6.46
CA VAL H 18 -2.33 -74.53 6.29
C VAL H 18 -1.73 -73.46 5.36
N GLY H 19 -2.40 -73.15 4.25
CA GLY H 19 -1.90 -72.13 3.34
C GLY H 19 -2.58 -70.80 3.60
N GLY H 20 -2.01 -69.72 3.07
CA GLY H 20 -2.55 -68.38 3.27
C GLY H 20 -1.92 -67.63 4.44
N SER H 21 -0.98 -68.27 5.12
CA SER H 21 -0.32 -67.66 6.25
C SER H 21 1.09 -67.17 5.89
N GLN H 22 1.57 -66.22 6.67
CA GLN H 22 2.89 -65.65 6.49
C GLN H 22 3.56 -65.82 7.85
N THR H 23 4.84 -66.17 7.86
CA THR H 23 5.52 -66.36 9.13
C THR H 23 5.94 -65.02 9.74
N GLU H 24 5.20 -64.54 10.74
CA GLU H 24 5.57 -63.31 11.42
C GLU H 24 6.61 -63.72 12.46
N GLY H 25 7.89 -63.57 12.16
CA GLY H 25 8.91 -63.99 13.10
C GLY H 25 8.75 -65.50 13.28
N ASN H 26 8.44 -65.97 14.49
CA ASN H 26 8.27 -67.40 14.73
C ASN H 26 6.82 -67.76 15.02
N MET H 27 5.88 -66.92 14.58
CA MET H 27 4.45 -67.17 14.79
C MET H 27 3.69 -67.00 13.47
N ASN H 28 2.93 -68.01 13.05
CA ASN H 28 2.19 -67.95 11.79
C ASN H 28 1.11 -66.85 11.74
N LYS H 29 1.29 -65.84 10.90
CA LYS H 29 0.30 -64.78 10.75
C LYS H 29 -0.76 -65.29 9.77
N PHE H 30 -1.93 -65.67 10.27
CA PHE H 30 -2.97 -66.22 9.42
C PHE H 30 -3.74 -65.17 8.63
N GLY H 31 -4.10 -64.05 9.25
CA GLY H 31 -4.85 -63.06 8.49
C GLY H 31 -5.34 -61.88 9.29
N THR H 32 -6.33 -61.17 8.73
CA THR H 32 -6.87 -59.99 9.38
C THR H 32 -8.41 -59.98 9.30
N LEU H 33 -9.06 -59.59 10.38
CA LEU H 33 -10.52 -59.51 10.42
C LEU H 33 -10.75 -58.00 10.49
N ASN H 34 -10.86 -57.37 9.33
CA ASN H 34 -10.98 -55.92 9.25
C ASN H 34 -12.43 -55.47 9.13
N PHE H 35 -13.02 -54.98 10.23
CA PHE H 35 -14.40 -54.51 10.18
C PHE H 35 -14.54 -53.17 9.47
N GLY H 36 -13.43 -52.44 9.35
CA GLY H 36 -13.42 -51.17 8.68
C GLY H 36 -13.62 -50.03 9.65
N LYS H 37 -14.00 -48.87 9.10
CA LYS H 37 -14.25 -47.68 9.90
C LYS H 37 -15.69 -47.66 10.40
N THR H 38 -15.93 -46.97 11.52
CA THR H 38 -17.26 -46.89 12.09
C THR H 38 -17.39 -45.70 13.04
N SER H 39 -18.64 -45.28 13.29
CA SER H 39 -18.91 -44.17 14.19
C SER H 39 -19.09 -44.66 15.58
N GLY H 40 -19.19 -43.75 16.56
CA GLY H 40 -19.34 -44.11 17.97
C GLY H 40 -20.47 -45.09 18.21
N THR H 41 -21.63 -44.82 17.61
CA THR H 41 -22.79 -45.68 17.78
C THR H 41 -23.29 -46.21 16.43
N TRP H 42 -23.10 -47.50 16.15
CA TRP H 42 -23.54 -48.08 14.88
C TRP H 42 -24.82 -48.90 15.09
N ASN H 43 -25.82 -48.73 14.21
CA ASN H 43 -27.07 -49.48 14.34
C ASN H 43 -27.05 -50.79 13.56
N ASN H 44 -26.22 -50.85 12.53
CA ASN H 44 -26.09 -52.06 11.73
C ASN H 44 -24.99 -52.96 12.31
N VAL H 45 -25.20 -54.28 12.24
CA VAL H 45 -24.23 -55.25 12.73
C VAL H 45 -22.97 -55.12 11.88
N LEU H 46 -21.82 -54.75 12.47
CA LEU H 46 -20.63 -54.58 11.62
C LEU H 46 -20.10 -55.97 11.28
N THR H 47 -19.83 -56.23 10.00
CA THR H 47 -19.49 -57.59 9.58
C THR H 47 -18.41 -57.65 8.51
N ALA H 48 -17.32 -58.39 8.74
CA ALA H 48 -16.25 -58.54 7.75
C ALA H 48 -15.67 -59.94 7.84
N GLU H 49 -15.03 -60.37 6.75
CA GLU H 49 -14.44 -61.70 6.65
C GLU H 49 -12.93 -61.63 6.83
N VAL H 50 -12.34 -62.74 7.27
CA VAL H 50 -10.91 -62.80 7.43
C VAL H 50 -10.21 -62.68 6.07
N ALA H 51 -9.10 -61.93 6.01
CA ALA H 51 -8.34 -61.79 4.79
C ALA H 51 -6.96 -62.37 5.07
N SER H 52 -6.61 -63.50 4.45
CA SER H 52 -5.31 -64.13 4.67
C SER H 52 -4.16 -63.16 4.45
N ALA H 53 -3.13 -63.22 5.30
CA ALA H 53 -2.00 -62.29 5.16
C ALA H 53 -1.12 -62.57 3.94
N ALA H 54 -1.14 -63.81 3.45
CA ALA H 54 -0.31 -64.19 2.31
C ALA H 54 -0.93 -63.83 0.95
N THR H 55 -2.19 -64.15 0.75
CA THR H 55 -2.83 -63.87 -0.54
C THR H 55 -3.84 -62.72 -0.53
N GLY H 56 -4.60 -62.58 0.56
CA GLY H 56 -5.61 -61.55 0.64
C GLY H 56 -6.99 -62.17 0.67
N GLY H 57 -7.11 -63.41 0.20
CA GLY H 57 -8.37 -64.13 0.19
C GLY H 57 -8.56 -64.95 1.47
N ASN H 58 -9.32 -66.04 1.38
CA ASN H 58 -9.56 -66.87 2.56
C ASN H 58 -8.42 -67.86 2.84
N ILE H 59 -8.23 -68.21 4.10
CA ILE H 59 -7.18 -69.16 4.46
C ILE H 59 -7.47 -70.47 3.71
N SER H 60 -6.49 -70.99 2.97
CA SER H 60 -6.72 -72.22 2.22
C SER H 60 -5.95 -73.38 2.81
N VAL H 61 -6.61 -74.25 3.58
CA VAL H 61 -5.91 -75.36 4.18
C VAL H 61 -5.93 -76.54 3.22
N THR H 62 -4.76 -77.14 2.95
CA THR H 62 -4.71 -78.31 2.07
C THR H 62 -4.02 -79.42 2.87
N CYS H 63 -4.38 -80.67 2.61
CA CYS H 63 -3.71 -81.75 3.32
C CYS H 63 -2.75 -82.44 2.35
N ASP H 64 -1.75 -83.10 2.90
CA ASP H 64 -0.76 -83.80 2.08
C ASP H 64 -0.97 -85.30 2.08
N GLY H 65 -1.73 -85.81 1.10
CA GLY H 65 -1.98 -87.24 1.00
C GLY H 65 -3.02 -87.57 -0.05
N THR H 66 -3.47 -88.83 -0.06
CA THR H 66 -4.48 -89.30 -1.01
C THR H 66 -5.84 -89.56 -0.40
N ASP H 67 -5.96 -89.91 0.87
CA ASP H 67 -7.30 -90.14 1.42
C ASP H 67 -7.83 -88.85 2.04
N PRO H 68 -9.16 -88.62 1.94
CA PRO H 68 -9.69 -87.37 2.52
C PRO H 68 -9.49 -87.31 4.03
N VAL H 69 -8.68 -86.36 4.52
CA VAL H 69 -8.44 -86.26 5.97
C VAL H 69 -9.45 -85.33 6.64
N ASP H 70 -9.83 -85.66 7.87
CA ASP H 70 -10.78 -84.83 8.63
C ASP H 70 -9.98 -84.01 9.63
N PHE H 71 -9.78 -82.73 9.37
CA PHE H 71 -9.01 -81.88 10.27
C PHE H 71 -9.94 -80.93 10.99
N THR H 72 -9.51 -80.46 12.16
CA THR H 72 -10.34 -79.56 12.93
C THR H 72 -9.80 -78.14 13.00
N VAL H 73 -10.69 -77.20 13.30
CA VAL H 73 -10.32 -75.79 13.42
C VAL H 73 -10.82 -75.24 14.74
N ALA H 74 -9.94 -74.63 15.54
CA ALA H 74 -10.34 -74.07 16.82
C ALA H 74 -9.79 -72.65 16.95
N ILE H 75 -10.63 -71.72 17.39
CA ILE H 75 -10.21 -70.34 17.55
C ILE H 75 -10.35 -70.07 19.05
N ASP H 76 -9.44 -69.29 19.61
CA ASP H 76 -9.47 -68.98 21.03
C ASP H 76 -10.28 -67.69 21.29
N GLY H 77 -10.32 -67.20 22.54
CA GLY H 77 -11.05 -66.01 22.92
C GLY H 77 -10.38 -64.65 22.79
N GLY H 78 -9.26 -64.56 22.10
CA GLY H 78 -8.57 -63.29 21.94
C GLY H 78 -7.63 -62.99 23.08
N GLU H 79 -6.99 -61.82 23.04
CA GLU H 79 -6.05 -61.40 24.06
C GLU H 79 -6.60 -61.46 25.46
N ARG H 80 -7.82 -61.00 25.68
CA ARG H 80 -8.38 -60.99 27.04
C ARG H 80 -9.27 -62.18 27.38
N THR H 81 -9.39 -63.13 26.44
CA THR H 81 -10.20 -64.36 26.53
C THR H 81 -11.74 -64.19 26.51
N ASP H 82 -12.24 -63.01 26.15
CA ASP H 82 -13.69 -62.78 26.06
C ASP H 82 -14.10 -62.11 24.73
N ARG H 83 -13.28 -62.27 23.71
CA ARG H 83 -13.50 -61.73 22.37
C ARG H 83 -13.89 -60.25 22.36
N THR H 84 -13.04 -59.41 22.94
CA THR H 84 -13.25 -57.98 22.98
C THR H 84 -12.09 -57.25 22.33
N LEU H 85 -12.35 -56.30 21.44
CA LEU H 85 -11.26 -55.55 20.88
C LEU H 85 -10.97 -54.42 21.85
N LYS H 86 -9.70 -54.08 22.04
CA LYS H 86 -9.37 -53.03 23.00
C LYS H 86 -8.82 -51.80 22.30
N ASN H 87 -9.16 -50.60 22.79
CA ASN H 87 -8.64 -49.44 22.17
C ASN H 87 -7.15 -49.39 22.46
N THR H 88 -6.33 -49.03 21.48
CA THR H 88 -4.90 -48.92 21.69
C THR H 88 -4.51 -47.99 22.87
N ALA H 89 -5.22 -46.88 23.06
CA ALA H 89 -4.86 -45.97 24.16
C ALA H 89 -5.72 -46.05 25.43
N SER H 90 -7.03 -45.92 25.26
CA SER H 90 -7.99 -45.99 26.36
C SER H 90 -8.34 -47.44 26.71
N ALA H 91 -9.19 -47.64 27.72
CA ALA H 91 -9.58 -48.99 28.13
C ALA H 91 -10.93 -49.46 27.60
N ASP H 92 -11.49 -48.76 26.61
CA ASP H 92 -12.77 -49.13 26.05
C ASP H 92 -12.67 -50.49 25.35
N VAL H 93 -13.74 -51.27 25.37
CA VAL H 93 -13.73 -52.59 24.73
C VAL H 93 -14.87 -52.72 23.74
N VAL H 94 -14.68 -53.55 22.71
CA VAL H 94 -15.73 -53.77 21.71
C VAL H 94 -15.95 -55.28 21.54
N ALA H 95 -17.03 -55.80 22.12
CA ALA H 95 -17.31 -57.23 22.04
C ALA H 95 -17.62 -57.69 20.60
N TYR H 96 -17.06 -58.83 20.18
CA TYR H 96 -17.31 -59.38 18.86
C TYR H 96 -17.35 -60.90 18.93
N ASN H 97 -17.50 -61.57 17.78
CA ASN H 97 -17.53 -63.03 17.71
C ASN H 97 -17.18 -63.46 16.29
N VAL H 98 -16.67 -64.67 16.14
CA VAL H 98 -16.33 -65.18 14.83
C VAL H 98 -17.23 -66.38 14.52
N TYR H 99 -17.89 -66.38 13.37
CA TYR H 99 -18.76 -67.50 13.00
C TYR H 99 -18.13 -68.23 11.82
N ARG H 100 -18.62 -69.43 11.54
CA ARG H 100 -18.09 -70.24 10.46
C ARG H 100 -18.90 -70.17 9.16
N ASP H 101 -20.21 -70.03 9.28
CA ASP H 101 -21.06 -69.95 8.10
C ASP H 101 -21.41 -68.51 7.75
N ALA H 102 -21.78 -68.30 6.49
CA ALA H 102 -22.13 -66.97 5.94
C ALA H 102 -23.31 -66.24 6.61
N ALA H 103 -24.20 -66.98 7.27
CA ALA H 103 -25.34 -66.39 7.96
C ALA H 103 -25.12 -66.11 9.46
N ARG H 104 -23.87 -66.05 9.93
CA ARG H 104 -23.57 -65.76 11.34
C ARG H 104 -24.29 -66.66 12.35
N THR H 105 -24.52 -67.92 11.99
CA THR H 105 -25.20 -68.87 12.88
C THR H 105 -24.29 -69.88 13.59
N ASN H 106 -23.43 -70.57 12.84
CA ASN H 106 -22.54 -71.57 13.38
C ASN H 106 -21.33 -70.87 13.98
N LEU H 107 -21.39 -70.62 15.28
CA LEU H 107 -20.33 -69.91 15.99
C LEU H 107 -19.08 -70.74 16.27
N TYR H 108 -17.90 -70.14 16.13
CA TYR H 108 -16.68 -70.85 16.45
C TYR H 108 -16.58 -70.70 17.95
N VAL H 109 -17.16 -71.65 18.68
CA VAL H 109 -17.14 -71.60 20.14
C VAL H 109 -15.70 -71.57 20.68
N VAL H 110 -15.47 -70.79 21.74
CA VAL H 110 -14.14 -70.64 22.33
C VAL H 110 -13.47 -72.00 22.63
N ASN H 111 -12.22 -72.17 22.19
CA ASN H 111 -11.47 -73.40 22.40
C ASN H 111 -12.25 -74.67 22.01
N GLN H 112 -12.86 -74.65 20.83
CA GLN H 112 -13.60 -75.82 20.37
C GLN H 112 -13.18 -76.21 18.95
N PRO H 113 -13.02 -77.52 18.70
CA PRO H 113 -12.60 -77.99 17.38
C PRO H 113 -13.71 -78.06 16.35
N GLN H 114 -14.06 -76.95 15.71
CA GLN H 114 -15.10 -77.03 14.70
C GLN H 114 -14.55 -77.93 13.56
N GLN H 115 -15.18 -79.10 13.34
CA GLN H 115 -14.76 -80.09 12.30
C GLN H 115 -14.69 -79.50 10.85
N PHE H 116 -13.85 -80.16 10.03
CA PHE H 116 -13.67 -79.78 8.63
C PHE H 116 -13.19 -80.97 7.78
N THR H 117 -13.54 -80.97 6.49
CA THR H 117 -13.12 -82.04 5.59
C THR H 117 -12.14 -81.51 4.55
N THR H 118 -11.33 -82.41 3.98
CA THR H 118 -10.35 -82.00 2.99
C THR H 118 -10.00 -83.20 2.08
N VAL H 119 -10.07 -83.03 0.76
CA VAL H 119 -9.75 -84.13 -0.14
C VAL H 119 -8.39 -83.90 -0.81
N SER H 120 -7.85 -84.95 -1.42
CA SER H 120 -6.56 -84.87 -2.09
C SER H 120 -6.62 -83.96 -3.32
N GLY H 121 -5.51 -83.29 -3.63
CA GLY H 121 -5.43 -82.39 -4.77
C GLY H 121 -6.44 -81.27 -4.74
N GLN H 122 -6.69 -80.74 -3.55
CA GLN H 122 -7.64 -79.63 -3.38
C GLN H 122 -7.32 -78.88 -2.09
N ALA H 123 -7.64 -77.60 -2.05
CA ALA H 123 -7.40 -76.79 -0.87
C ALA H 123 -8.77 -76.36 -0.34
N THR H 124 -9.06 -76.60 0.93
CA THR H 124 -10.35 -76.21 1.51
C THR H 124 -10.18 -74.85 2.18
N ALA H 125 -11.17 -73.96 2.06
CA ALA H 125 -11.08 -72.64 2.66
C ALA H 125 -11.63 -72.66 4.08
N VAL H 126 -11.05 -71.84 4.96
CA VAL H 126 -11.50 -71.75 6.34
C VAL H 126 -12.20 -70.41 6.52
N PRO H 127 -13.54 -70.42 6.42
CA PRO H 127 -14.24 -69.15 6.54
C PRO H 127 -14.31 -68.71 8.00
N ILE H 128 -13.68 -67.59 8.33
CA ILE H 128 -13.75 -67.07 9.68
C ILE H 128 -14.55 -65.79 9.47
N PHE H 129 -15.85 -65.86 9.68
CA PHE H 129 -16.72 -64.71 9.46
C PHE H 129 -16.88 -63.92 10.76
N GLY H 130 -16.44 -62.66 10.77
CA GLY H 130 -16.58 -61.86 11.95
C GLY H 130 -17.95 -61.20 11.98
N ALA H 131 -18.36 -60.81 13.17
CA ALA H 131 -19.63 -60.15 13.39
C ALA H 131 -19.62 -59.36 14.69
N ILE H 132 -20.09 -58.12 14.67
CA ILE H 132 -20.17 -57.29 15.85
C ILE H 132 -21.63 -56.83 16.07
N ALA H 133 -22.09 -56.90 17.32
CA ALA H 133 -23.45 -56.51 17.65
C ALA H 133 -23.70 -55.02 17.48
N PRO H 134 -24.95 -54.63 17.24
CA PRO H 134 -25.25 -53.21 17.06
C PRO H 134 -25.15 -52.48 18.40
N ASN H 135 -24.23 -51.51 18.49
CA ASN H 135 -24.06 -50.73 19.70
C ASN H 135 -24.90 -49.47 19.55
N THR H 136 -26.06 -49.42 20.20
CA THR H 136 -26.91 -48.25 20.12
C THR H 136 -27.12 -47.69 21.52
N GLY H 137 -26.11 -47.85 22.37
CA GLY H 137 -26.18 -47.37 23.74
C GLY H 137 -25.17 -46.28 24.03
N THR H 138 -23.92 -46.67 24.26
CA THR H 138 -22.86 -45.71 24.57
C THR H 138 -21.85 -45.60 23.43
N PRO H 139 -21.45 -44.37 23.07
CA PRO H 139 -20.47 -44.21 21.99
C PRO H 139 -19.04 -44.49 22.46
N LYS H 140 -18.40 -45.55 21.95
CA LYS H 140 -17.04 -45.88 22.36
C LYS H 140 -16.06 -44.78 21.90
N ALA H 141 -15.02 -44.54 22.67
CA ALA H 141 -14.04 -43.51 22.33
C ALA H 141 -13.37 -43.67 20.96
N GLN H 142 -12.96 -42.56 20.36
CA GLN H 142 -12.31 -42.57 19.05
C GLN H 142 -10.95 -43.24 19.10
N GLY H 143 -10.51 -43.78 17.96
CA GLY H 143 -9.23 -44.46 17.90
C GLY H 143 -9.30 -45.79 17.19
N ASP H 144 -8.29 -46.62 17.38
CA ASP H 144 -8.24 -47.94 16.74
C ASP H 144 -8.44 -49.06 17.77
N TYR H 145 -9.36 -49.99 17.51
CA TYR H 145 -9.60 -51.09 18.42
C TYR H 145 -8.95 -52.33 17.81
N LYS H 146 -8.24 -53.13 18.61
CA LYS H 146 -7.57 -54.32 18.09
C LYS H 146 -7.74 -55.56 18.98
N ASP H 147 -7.40 -56.71 18.40
CA ASP H 147 -7.40 -58.00 19.08
C ASP H 147 -6.61 -58.95 18.20
N THR H 148 -6.06 -59.99 18.81
CA THR H 148 -5.30 -60.98 18.08
C THR H 148 -5.86 -62.35 18.40
N LEU H 149 -6.74 -62.87 17.55
CA LEU H 149 -7.30 -64.17 17.83
C LEU H 149 -6.27 -65.21 17.36
N LEU H 150 -6.06 -66.25 18.16
CA LEU H 150 -5.12 -67.29 17.77
C LEU H 150 -5.96 -68.40 17.16
N VAL H 151 -5.81 -68.68 15.87
CA VAL H 151 -6.57 -69.75 15.24
C VAL H 151 -5.67 -70.98 15.36
N THR H 152 -6.24 -72.11 15.77
CA THR H 152 -5.55 -73.35 16.03
C THR H 152 -5.99 -74.48 15.13
N VAL H 153 -5.32 -74.67 14.00
CA VAL H 153 -5.64 -75.77 13.11
C VAL H 153 -4.98 -77.02 13.71
N ASN H 154 -5.77 -77.95 14.24
CA ASN H 154 -5.18 -79.11 14.87
C ASN H 154 -5.80 -80.37 14.35
N PHE H 155 -5.10 -81.48 14.57
CA PHE H 155 -5.51 -82.75 14.03
C PHE H 155 -5.81 -83.74 15.15
N ALA I 1 -0.44 -79.75 14.67
CA ALA I 1 -0.89 -78.57 15.41
C ALA I 1 -0.30 -77.29 14.81
N VAL I 2 -1.06 -76.65 13.92
CA VAL I 2 -0.62 -75.41 13.31
C VAL I 2 -1.43 -74.24 13.90
N THR I 3 -0.88 -73.61 14.93
CA THR I 3 -1.50 -72.47 15.59
C THR I 3 -1.06 -71.16 14.89
N GLY I 4 -2.02 -70.31 14.58
CA GLY I 4 -1.75 -69.05 13.92
C GLY I 4 -2.50 -67.84 14.42
N GLN I 5 -2.09 -66.62 14.03
CA GLN I 5 -2.74 -65.40 14.51
C GLN I 5 -3.65 -64.69 13.48
N VAL I 6 -4.74 -64.09 13.97
CA VAL I 6 -5.68 -63.37 13.12
C VAL I 6 -5.89 -62.01 13.76
N ASP I 7 -5.32 -60.95 13.19
CA ASP I 7 -5.46 -59.65 13.80
C ASP I 7 -6.86 -59.10 13.52
N VAL I 8 -7.57 -58.71 14.58
CA VAL I 8 -8.91 -58.16 14.45
C VAL I 8 -8.80 -56.64 14.60
N LYS I 9 -9.53 -55.88 13.77
CA LYS I 9 -9.43 -54.43 13.85
C LYS I 9 -10.77 -53.73 13.61
N LEU I 10 -10.88 -52.52 14.14
CA LEU I 10 -12.07 -51.70 14.00
C LEU I 10 -11.63 -50.25 14.27
N ASN I 11 -11.93 -49.33 13.36
CA ASN I 11 -11.52 -47.94 13.53
C ASN I 11 -12.74 -47.11 13.87
N ILE I 12 -13.01 -46.93 15.16
CA ILE I 12 -14.14 -46.13 15.58
C ILE I 12 -13.71 -44.66 15.48
N SER I 13 -14.26 -43.93 14.51
CA SER I 13 -13.94 -42.50 14.34
C SER I 13 -15.07 -41.69 13.67
N THR I 14 -15.39 -42.00 12.42
CA THR I 14 -16.42 -41.31 11.64
C THR I 14 -16.82 -42.21 10.47
N GLY I 15 -17.87 -43.02 10.65
CA GLY I 15 -18.32 -43.95 9.63
C GLY I 15 -19.66 -43.69 8.95
N CYS I 16 -19.99 -44.61 8.05
CA CYS I 16 -21.21 -44.57 7.25
C CYS I 16 -22.12 -45.75 7.60
N THR I 17 -23.43 -45.53 7.63
CA THR I 17 -24.40 -46.58 8.01
C THR I 17 -25.44 -46.89 6.92
N VAL I 18 -25.91 -48.14 6.88
CA VAL I 18 -26.90 -48.53 5.87
C VAL I 18 -28.30 -48.67 6.48
N GLY I 19 -29.27 -47.91 5.98
CA GLY I 19 -30.63 -47.99 6.49
C GLY I 19 -31.47 -48.88 5.61
N GLY I 20 -32.63 -49.31 6.11
CA GLY I 20 -33.52 -50.19 5.36
C GLY I 20 -33.30 -51.68 5.67
N SER I 21 -32.37 -51.96 6.57
CA SER I 21 -32.09 -53.34 6.93
C SER I 21 -32.66 -53.70 8.29
N GLN I 22 -32.88 -54.99 8.50
CA GLN I 22 -33.41 -55.52 9.74
C GLN I 22 -32.38 -56.55 10.17
N THR I 23 -32.09 -56.62 11.47
CA THR I 23 -31.10 -57.58 11.92
C THR I 23 -31.70 -58.98 12.04
N GLU I 24 -31.43 -59.87 11.08
CA GLU I 24 -31.92 -61.23 11.16
C GLU I 24 -30.90 -61.97 12.04
N GLY I 25 -31.19 -62.12 13.32
CA GLY I 25 -30.25 -62.77 14.21
C GLY I 25 -29.00 -61.91 14.22
N ASN I 26 -27.86 -62.43 13.77
CA ASN I 26 -26.62 -61.65 13.76
C ASN I 26 -26.17 -61.31 12.33
N MET I 27 -27.11 -61.31 11.38
CA MET I 27 -26.80 -60.99 10.00
C MET I 27 -27.81 -59.96 9.46
N ASN I 28 -27.32 -58.84 8.92
CA ASN I 28 -28.21 -57.79 8.42
C ASN I 28 -29.10 -58.22 7.23
N LYS I 29 -30.41 -58.29 7.42
CA LYS I 29 -31.32 -58.63 6.33
C LYS I 29 -31.59 -57.34 5.55
N PHE I 30 -30.99 -57.22 4.37
CA PHE I 30 -31.15 -56.00 3.57
C PHE I 30 -32.46 -55.92 2.83
N GLY I 31 -32.92 -57.01 2.21
CA GLY I 31 -34.17 -56.93 1.49
C GLY I 31 -34.55 -58.16 0.71
N THR I 32 -35.47 -57.99 -0.24
CA THR I 32 -35.94 -59.10 -1.05
C THR I 32 -36.03 -58.69 -2.54
N LEU I 33 -35.63 -59.60 -3.41
CA LEU I 33 -35.69 -59.36 -4.86
C LEU I 33 -36.78 -60.31 -5.30
N ASN I 34 -38.02 -59.85 -5.29
CA ASN I 34 -39.17 -60.70 -5.59
C ASN I 34 -39.62 -60.58 -7.03
N PHE I 35 -39.28 -61.55 -7.87
CA PHE I 35 -39.68 -61.52 -9.28
C PHE I 35 -41.17 -61.82 -9.45
N GLY I 36 -41.77 -62.45 -8.46
CA GLY I 36 -43.18 -62.77 -8.49
C GLY I 36 -43.42 -64.17 -9.01
N LYS I 37 -44.65 -64.42 -9.44
CA LYS I 37 -45.04 -65.72 -9.98
C LYS I 37 -44.74 -65.78 -11.48
N THR I 38 -44.54 -66.98 -12.00
CA THR I 38 -44.25 -67.17 -13.42
C THR I 38 -44.54 -68.60 -13.87
N SER I 39 -44.71 -68.78 -15.18
CA SER I 39 -44.96 -70.08 -15.76
C SER I 39 -43.68 -70.75 -16.12
N GLY I 40 -43.73 -72.04 -16.52
CA GLY I 40 -42.55 -72.81 -16.86
C GLY I 40 -41.66 -72.11 -17.87
N THR I 41 -42.27 -71.59 -18.94
CA THR I 41 -41.53 -70.90 -19.99
C THR I 41 -42.02 -69.46 -20.16
N TRP I 42 -41.23 -68.47 -19.75
CA TRP I 42 -41.62 -67.07 -19.87
C TRP I 42 -40.88 -66.41 -21.05
N ASN I 43 -41.60 -65.65 -21.89
CA ASN I 43 -40.97 -64.99 -23.03
C ASN I 43 -40.48 -63.58 -22.69
N ASN I 44 -41.10 -62.96 -21.70
CA ASN I 44 -40.69 -61.63 -21.27
C ASN I 44 -39.63 -61.72 -20.17
N VAL I 45 -38.68 -60.79 -20.19
CA VAL I 45 -37.60 -60.74 -19.20
C VAL I 45 -38.25 -60.48 -17.84
N LEU I 46 -38.12 -61.40 -16.87
CA LEU I 46 -38.79 -61.15 -15.58
C LEU I 46 -37.96 -60.13 -14.83
N THR I 47 -38.58 -59.08 -14.30
CA THR I 47 -37.83 -57.99 -13.72
C THR I 47 -38.46 -57.39 -12.46
N ALA I 48 -37.73 -57.33 -11.34
CA ALA I 48 -38.25 -56.75 -10.11
C ALA I 48 -37.13 -56.04 -9.37
N GLU I 49 -37.49 -55.11 -8.48
CA GLU I 49 -36.55 -54.31 -7.72
C GLU I 49 -36.46 -54.83 -6.29
N VAL I 50 -35.33 -54.58 -5.64
CA VAL I 50 -35.16 -54.98 -4.26
C VAL I 50 -36.13 -54.20 -3.36
N ALA I 51 -36.70 -54.88 -2.36
CA ALA I 51 -37.61 -54.25 -1.43
C ALA I 51 -36.96 -54.39 -0.05
N SER I 52 -36.51 -53.27 0.54
CA SER I 52 -35.86 -53.32 1.86
C SER I 52 -36.73 -54.04 2.90
N ALA I 53 -36.12 -54.86 3.75
CA ALA I 53 -36.89 -55.60 4.76
C ALA I 53 -37.45 -54.72 5.87
N ALA I 54 -36.84 -53.56 6.10
CA ALA I 54 -37.29 -52.65 7.16
C ALA I 54 -38.46 -51.76 6.76
N THR I 55 -38.36 -51.12 5.60
CA THR I 55 -39.42 -50.21 5.16
C THR I 55 -40.30 -50.73 4.02
N GLY I 56 -39.71 -51.45 3.08
CA GLY I 56 -40.46 -51.94 1.94
C GLY I 56 -39.98 -51.27 0.66
N GLY I 57 -39.35 -50.09 0.81
CA GLY I 57 -38.83 -49.35 -0.32
C GLY I 57 -37.39 -49.73 -0.63
N ASN I 58 -36.64 -48.80 -1.20
CA ASN I 58 -35.24 -49.08 -1.54
C ASN I 58 -34.29 -48.90 -0.35
N ILE I 59 -33.20 -49.65 -0.33
CA ILE I 59 -32.22 -49.54 0.75
C ILE I 59 -31.73 -48.09 0.77
N SER I 60 -31.79 -47.43 1.93
CA SER I 60 -31.37 -46.04 2.00
C SER I 60 -30.09 -45.90 2.81
N VAL I 61 -28.94 -45.77 2.13
CA VAL I 61 -27.70 -45.64 2.87
C VAL I 61 -27.43 -44.18 3.18
N THR I 62 -27.13 -43.85 4.44
CA THR I 62 -26.82 -42.48 4.81
C THR I 62 -25.44 -42.51 5.49
N CYS I 63 -24.66 -41.45 5.35
CA CYS I 63 -23.35 -41.43 5.98
C CYS I 63 -23.37 -40.48 7.18
N ASP I 64 -22.81 -40.90 8.31
CA ASP I 64 -22.77 -40.06 9.50
C ASP I 64 -21.60 -39.09 9.42
N GLY I 65 -21.76 -38.05 8.62
CA GLY I 65 -20.73 -37.04 8.44
C GLY I 65 -21.30 -35.79 7.80
N THR I 66 -20.47 -34.76 7.67
CA THR I 66 -20.91 -33.50 7.08
C THR I 66 -20.45 -33.36 5.63
N ASP I 67 -19.17 -33.60 5.38
CA ASP I 67 -18.60 -33.52 4.04
C ASP I 67 -19.05 -34.73 3.23
N PRO I 68 -19.06 -34.60 1.89
CA PRO I 68 -19.52 -35.77 1.11
C PRO I 68 -18.59 -36.98 1.28
N VAL I 69 -19.16 -38.18 1.33
CA VAL I 69 -18.37 -39.40 1.49
C VAL I 69 -18.60 -40.31 0.29
N ASP I 70 -17.55 -40.91 -0.24
CA ASP I 70 -17.69 -41.78 -1.40
C ASP I 70 -17.65 -43.22 -0.91
N PHE I 71 -18.79 -43.90 -0.85
CA PHE I 71 -18.84 -45.28 -0.37
C PHE I 71 -19.10 -46.20 -1.53
N THR I 72 -18.68 -47.45 -1.38
CA THR I 72 -18.87 -48.41 -2.45
C THR I 72 -19.89 -49.49 -2.12
N VAL I 73 -20.42 -50.13 -3.17
CA VAL I 73 -21.40 -51.19 -3.02
C VAL I 73 -20.95 -52.41 -3.81
N ALA I 74 -20.89 -53.59 -3.18
CA ALA I 74 -20.48 -54.80 -3.87
C ALA I 74 -21.46 -55.91 -3.55
N ILE I 75 -21.90 -56.66 -4.58
CA ILE I 75 -22.82 -57.75 -4.38
C ILE I 75 -22.05 -58.99 -4.82
N ASP I 76 -22.26 -60.10 -4.13
CA ASP I 76 -21.57 -61.35 -4.45
C ASP I 76 -22.40 -62.18 -5.46
N GLY I 77 -21.94 -63.40 -5.78
CA GLY I 77 -22.60 -64.28 -6.73
C GLY I 77 -23.71 -65.20 -6.24
N GLY I 78 -24.22 -65.00 -5.02
CA GLY I 78 -25.27 -65.85 -4.50
C GLY I 78 -24.73 -67.10 -3.82
N GLU I 79 -25.63 -67.95 -3.34
CA GLU I 79 -25.27 -69.19 -2.66
C GLU I 79 -24.32 -70.05 -3.44
N ARG I 80 -24.55 -70.24 -4.74
CA ARG I 80 -23.67 -71.12 -5.52
C ARG I 80 -22.56 -70.42 -6.30
N THR I 81 -22.46 -69.09 -6.11
CA THR I 81 -21.49 -68.19 -6.76
C THR I 81 -21.65 -67.94 -8.28
N ASP I 82 -22.79 -68.32 -8.87
CA ASP I 82 -23.03 -68.06 -10.29
C ASP I 82 -24.43 -67.44 -10.55
N ARG I 83 -24.95 -66.77 -9.54
CA ARG I 83 -26.24 -66.07 -9.59
C ARG I 83 -27.38 -66.93 -10.16
N THR I 84 -27.61 -68.08 -9.55
CA THR I 84 -28.69 -68.97 -9.96
C THR I 84 -29.64 -69.23 -8.80
N LEU I 85 -30.95 -69.12 -9.03
CA LEU I 85 -31.86 -69.42 -7.97
C LEU I 85 -32.08 -70.93 -8.00
N LYS I 86 -32.19 -71.58 -6.85
CA LYS I 86 -32.35 -73.02 -6.84
C LYS I 86 -33.73 -73.41 -6.34
N ASN I 87 -34.32 -74.46 -6.91
CA ASN I 87 -35.61 -74.87 -6.45
C ASN I 87 -35.43 -75.45 -5.06
N THR I 88 -36.33 -75.14 -4.14
CA THR I 88 -36.25 -75.68 -2.79
C THR I 88 -36.17 -77.22 -2.75
N ALA I 89 -36.90 -77.92 -3.62
CA ALA I 89 -36.88 -79.39 -3.59
C ALA I 89 -36.00 -80.08 -4.65
N SER I 90 -36.22 -79.74 -5.91
CA SER I 90 -35.46 -80.30 -7.03
C SER I 90 -34.14 -79.56 -7.24
N ALA I 91 -33.35 -79.99 -8.22
CA ALA I 91 -32.06 -79.33 -8.49
C ALA I 91 -32.08 -78.35 -9.66
N ASP I 92 -33.26 -77.95 -10.11
CA ASP I 92 -33.37 -77.01 -11.22
C ASP I 92 -32.81 -75.63 -10.81
N VAL I 93 -32.20 -74.91 -11.76
CA VAL I 93 -31.63 -73.61 -11.45
C VAL I 93 -32.18 -72.54 -12.37
N VAL I 94 -32.23 -71.29 -11.90
CA VAL I 94 -32.74 -70.18 -12.70
C VAL I 94 -31.71 -69.05 -12.70
N ALA I 95 -30.94 -68.89 -13.77
CA ALA I 95 -29.92 -67.86 -13.85
C ALA I 95 -30.53 -66.44 -13.84
N TYR I 96 -29.92 -65.52 -13.06
CA TYR I 96 -30.38 -64.15 -12.99
C TYR I 96 -29.18 -63.22 -12.84
N ASN I 97 -29.43 -61.91 -12.70
CA ASN I 97 -28.37 -60.92 -12.52
C ASN I 97 -28.96 -59.68 -11.87
N VAL I 98 -28.13 -58.91 -11.19
CA VAL I 98 -28.60 -57.69 -10.54
C VAL I 98 -27.91 -56.50 -11.21
N TYR I 99 -28.68 -55.50 -11.64
CA TYR I 99 -28.08 -54.33 -12.28
C TYR I 99 -28.28 -53.12 -11.36
N ARG I 100 -27.57 -52.04 -11.63
CA ARG I 100 -27.65 -50.85 -10.81
C ARG I 100 -28.57 -49.76 -11.38
N ASP I 101 -28.61 -49.64 -12.70
CA ASP I 101 -29.46 -48.63 -13.33
C ASP I 101 -30.78 -49.22 -13.79
N ALA I 102 -31.78 -48.35 -13.97
CA ALA I 102 -33.14 -48.72 -14.38
C ALA I 102 -33.26 -49.41 -15.75
N ALA I 103 -32.30 -49.22 -16.64
CA ALA I 103 -32.32 -49.86 -17.95
C ALA I 103 -31.54 -51.19 -18.04
N ARG I 104 -31.25 -51.85 -16.91
CA ARG I 104 -30.55 -53.14 -16.91
C ARG I 104 -29.22 -53.16 -17.66
N THR I 105 -28.51 -52.04 -17.65
CA THR I 105 -27.22 -51.92 -18.36
C THR I 105 -25.98 -52.00 -17.46
N ASN I 106 -25.94 -51.20 -16.40
CA ASN I 106 -24.80 -51.16 -15.49
C ASN I 106 -24.92 -52.31 -14.52
N LEU I 107 -24.26 -53.41 -14.83
CA LEU I 107 -24.32 -54.63 -14.03
C LEU I 107 -23.49 -54.58 -12.75
N TYR I 108 -24.03 -55.13 -11.65
CA TYR I 108 -23.26 -55.18 -10.42
C TYR I 108 -22.39 -56.39 -10.60
N VAL I 109 -21.20 -56.19 -11.17
CA VAL I 109 -20.28 -57.30 -11.42
C VAL I 109 -19.93 -58.05 -10.12
N VAL I 110 -19.83 -59.38 -10.19
CA VAL I 110 -19.52 -60.20 -9.02
C VAL I 110 -18.31 -59.70 -8.24
N ASN I 111 -18.44 -59.55 -6.91
CA ASN I 111 -17.36 -59.08 -6.06
C ASN I 111 -16.67 -57.82 -6.57
N GLN I 112 -17.45 -56.82 -6.96
CA GLN I 112 -16.88 -55.56 -7.44
C GLN I 112 -17.51 -54.37 -6.74
N PRO I 113 -16.68 -53.38 -6.36
CA PRO I 113 -17.18 -52.20 -5.64
C PRO I 113 -17.83 -51.14 -6.54
N GLN I 114 -19.09 -51.31 -6.91
CA GLN I 114 -19.70 -50.28 -7.74
C GLN I 114 -19.75 -48.99 -6.89
N GLN I 115 -19.03 -47.94 -7.29
CA GLN I 115 -18.95 -46.64 -6.57
C GLN I 115 -20.32 -45.96 -6.32
N PHE I 116 -20.36 -45.13 -5.27
CA PHE I 116 -21.56 -44.37 -4.90
C PHE I 116 -21.21 -43.09 -4.12
N THR I 117 -22.06 -42.07 -4.23
CA THR I 117 -21.83 -40.82 -3.52
C THR I 117 -22.91 -40.62 -2.49
N THR I 118 -22.58 -39.85 -1.46
CA THR I 118 -23.55 -39.56 -0.41
C THR I 118 -23.19 -38.13 0.00
N VAL I 119 -24.22 -37.33 0.26
CA VAL I 119 -24.05 -35.92 0.54
C VAL I 119 -24.63 -35.46 1.89
N SER I 120 -24.40 -34.19 2.21
CA SER I 120 -24.82 -33.61 3.48
C SER I 120 -26.30 -33.83 3.83
N GLY I 121 -26.57 -34.36 5.03
CA GLY I 121 -27.91 -34.56 5.53
C GLY I 121 -28.83 -35.29 4.59
N GLN I 122 -28.35 -36.35 3.94
CA GLN I 122 -29.23 -37.06 3.02
C GLN I 122 -29.00 -38.57 3.01
N ALA I 123 -30.03 -39.32 2.64
CA ALA I 123 -29.92 -40.77 2.54
C ALA I 123 -29.95 -41.08 1.03
N THR I 124 -28.92 -41.77 0.53
CA THR I 124 -28.87 -42.15 -0.88
C THR I 124 -29.45 -43.56 -1.01
N ALA I 125 -30.22 -43.81 -2.07
CA ALA I 125 -30.82 -45.12 -2.27
C ALA I 125 -29.89 -46.05 -3.05
N VAL I 126 -29.92 -47.34 -2.75
CA VAL I 126 -29.09 -48.31 -3.45
C VAL I 126 -30.01 -49.14 -4.34
N PRO I 127 -30.09 -48.76 -5.63
CA PRO I 127 -30.98 -49.52 -6.51
C PRO I 127 -30.36 -50.86 -6.90
N ILE I 128 -30.98 -51.95 -6.49
CA ILE I 128 -30.50 -53.26 -6.87
C ILE I 128 -31.62 -53.75 -7.78
N PHE I 129 -31.44 -53.57 -9.08
CA PHE I 129 -32.47 -53.95 -10.04
C PHE I 129 -32.23 -55.38 -10.52
N GLY I 130 -33.16 -56.28 -10.27
CA GLY I 130 -33.00 -57.64 -10.72
C GLY I 130 -33.50 -57.78 -12.15
N ALA I 131 -33.02 -58.82 -12.82
CA ALA I 131 -33.41 -59.11 -14.19
C ALA I 131 -33.15 -60.58 -14.51
N ILE I 132 -34.11 -61.25 -15.14
CA ILE I 132 -33.97 -62.63 -15.53
C ILE I 132 -34.20 -62.78 -17.05
N ALA I 133 -33.32 -63.54 -17.71
CA ALA I 133 -33.42 -63.73 -19.16
C ALA I 133 -34.67 -64.50 -19.56
N PRO I 134 -35.15 -64.29 -20.79
CA PRO I 134 -36.34 -65.01 -21.24
C PRO I 134 -36.03 -66.49 -21.48
N ASN I 135 -36.68 -67.38 -20.72
CA ASN I 135 -36.47 -68.80 -20.89
C ASN I 135 -37.54 -69.31 -21.84
N THR I 136 -37.17 -69.56 -23.09
CA THR I 136 -38.12 -70.07 -24.07
C THR I 136 -37.63 -71.41 -24.60
N GLY I 137 -36.94 -72.16 -23.75
CA GLY I 137 -36.41 -73.45 -24.11
C GLY I 137 -37.02 -74.59 -23.33
N THR I 138 -36.56 -74.79 -22.10
CA THR I 138 -37.08 -75.86 -21.25
C THR I 138 -37.89 -75.32 -20.07
N PRO I 139 -39.05 -75.93 -19.79
CA PRO I 139 -39.85 -75.45 -18.66
C PRO I 139 -39.32 -75.94 -17.32
N LYS I 140 -38.83 -75.04 -16.46
CA LYS I 140 -38.30 -75.42 -15.16
C LYS I 140 -39.42 -76.00 -14.28
N ALA I 141 -39.07 -76.96 -13.42
CA ALA I 141 -40.07 -77.58 -12.55
C ALA I 141 -40.83 -76.61 -11.63
N GLN I 142 -42.06 -76.98 -11.27
CA GLN I 142 -42.91 -76.15 -10.41
C GLN I 142 -42.34 -76.06 -8.99
N GLY I 143 -42.66 -74.97 -8.29
CA GLY I 143 -42.17 -74.77 -6.94
C GLY I 143 -41.63 -73.38 -6.71
N ASP I 144 -40.86 -73.22 -5.64
CA ASP I 144 -40.28 -71.92 -5.31
C ASP I 144 -38.75 -71.91 -5.53
N TYR I 145 -38.25 -70.92 -6.26
CA TYR I 145 -36.81 -70.84 -6.51
C TYR I 145 -36.27 -69.73 -5.60
N LYS I 146 -35.13 -69.97 -4.94
CA LYS I 146 -34.56 -68.97 -4.04
C LYS I 146 -33.04 -68.81 -4.20
N ASP I 147 -32.54 -67.72 -3.61
CA ASP I 147 -31.12 -67.39 -3.56
C ASP I 147 -30.97 -66.31 -2.51
N THR I 148 -29.77 -66.22 -1.93
CA THR I 148 -29.50 -65.21 -0.92
C THR I 148 -28.26 -64.45 -1.34
N LEU I 149 -28.43 -63.30 -1.99
CA LEU I 149 -27.27 -62.54 -2.41
C LEU I 149 -26.77 -61.77 -1.19
N LEU I 150 -25.46 -61.73 -0.98
CA LEU I 150 -24.91 -60.99 0.14
C LEU I 150 -24.48 -59.64 -0.43
N VAL I 151 -25.12 -58.54 -0.01
CA VAL I 151 -24.72 -57.23 -0.49
C VAL I 151 -23.71 -56.73 0.53
N THR I 152 -22.59 -56.19 0.04
CA THR I 152 -21.47 -55.74 0.85
C THR I 152 -21.20 -54.25 0.73
N VAL I 153 -21.80 -53.45 1.61
CA VAL I 153 -21.55 -52.01 1.60
C VAL I 153 -20.21 -51.81 2.30
N ASN I 154 -19.16 -51.42 1.56
CA ASN I 154 -17.86 -51.28 2.18
C ASN I 154 -17.25 -49.95 1.84
N PHE I 155 -16.26 -49.56 2.63
CA PHE I 155 -15.66 -48.26 2.49
C PHE I 155 -14.18 -48.38 2.14
N ALA J 1 -17.44 -51.78 6.92
CA ALA J 1 -17.85 -52.97 6.20
C ALA J 1 -19.20 -53.48 6.70
N VAL J 2 -20.28 -53.07 6.03
CA VAL J 2 -21.61 -53.51 6.41
C VAL J 2 -22.12 -54.51 5.36
N THR J 3 -21.91 -55.80 5.63
CA THR J 3 -22.36 -56.87 4.75
C THR J 3 -23.79 -57.30 5.13
N GLY J 4 -24.67 -57.41 4.13
CA GLY J 4 -26.05 -57.77 4.35
C GLY J 4 -26.66 -58.76 3.37
N GLN J 5 -27.81 -59.34 3.68
CA GLN J 5 -28.44 -60.32 2.78
C GLN J 5 -29.66 -59.82 1.98
N VAL J 6 -29.81 -60.33 0.76
CA VAL J 6 -30.93 -59.94 -0.10
C VAL J 6 -31.54 -61.24 -0.60
N ASP J 7 -32.70 -61.63 -0.09
CA ASP J 7 -33.29 -62.87 -0.50
C ASP J 7 -33.91 -62.72 -1.90
N VAL J 8 -33.53 -63.59 -2.83
CA VAL J 8 -34.05 -63.55 -4.19
C VAL J 8 -35.11 -64.65 -4.32
N LYS J 9 -36.23 -64.36 -4.97
CA LYS J 9 -37.27 -65.36 -5.09
C LYS J 9 -37.98 -65.35 -6.45
N LEU J 10 -38.55 -66.49 -6.81
CA LEU J 10 -39.29 -66.64 -8.05
C LEU J 10 -40.19 -67.87 -7.87
N ASN J 11 -41.49 -67.72 -8.12
CA ASN J 11 -42.42 -68.83 -7.95
C ASN J 11 -42.85 -69.34 -9.30
N ILE J 12 -42.15 -70.33 -9.81
CA ILE J 12 -42.50 -70.91 -11.09
C ILE J 12 -43.66 -71.87 -10.85
N SER J 13 -44.86 -71.51 -11.31
CA SER J 13 -46.05 -72.36 -11.16
C SER J 13 -47.12 -72.15 -12.26
N THR J 14 -47.72 -70.96 -12.30
CA THR J 14 -48.75 -70.59 -13.27
C THR J 14 -48.84 -69.06 -13.32
N GLY J 15 -48.13 -68.44 -14.28
CA GLY J 15 -48.10 -67.00 -14.40
C GLY J 15 -48.76 -66.37 -15.62
N CYS J 16 -48.65 -65.04 -15.67
CA CYS J 16 -49.23 -64.21 -16.70
C CYS J 16 -48.12 -63.52 -17.51
N THR J 17 -48.29 -63.39 -18.83
CA THR J 17 -47.26 -62.78 -19.70
C THR J 17 -47.75 -61.55 -20.47
N VAL J 18 -46.84 -60.61 -20.75
CA VAL J 18 -47.21 -59.40 -21.48
C VAL J 18 -46.74 -59.45 -22.93
N GLY J 19 -47.65 -59.36 -23.91
CA GLY J 19 -47.28 -59.38 -25.31
C GLY J 19 -47.19 -57.97 -25.86
N GLY J 20 -46.56 -57.80 -27.01
CA GLY J 20 -46.39 -56.50 -27.62
C GLY J 20 -45.07 -55.83 -27.27
N SER J 21 -44.25 -56.50 -26.49
CA SER J 21 -42.97 -55.95 -26.09
C SER J 21 -41.82 -56.60 -26.85
N GLN J 22 -40.71 -55.87 -26.92
CA GLN J 22 -39.51 -56.33 -27.58
C GLN J 22 -38.42 -56.22 -26.51
N THR J 23 -37.51 -57.19 -26.45
CA THR J 23 -36.47 -57.14 -25.45
C THR J 23 -35.35 -56.18 -25.87
N GLU J 24 -35.30 -54.98 -25.31
CA GLU J 24 -34.22 -54.05 -25.62
C GLU J 24 -33.08 -54.46 -24.69
N GLY J 25 -32.12 -55.24 -25.18
CA GLY J 25 -31.05 -55.68 -24.33
C GLY J 25 -31.67 -56.53 -23.22
N ASN J 26 -31.56 -56.10 -21.96
CA ASN J 26 -32.13 -56.88 -20.86
C ASN J 26 -33.31 -56.15 -20.21
N MET J 27 -33.94 -55.24 -20.96
CA MET J 27 -35.09 -54.49 -20.46
C MET J 27 -36.23 -54.53 -21.48
N ASN J 28 -37.43 -54.95 -21.06
CA ASN J 28 -38.56 -55.07 -21.97
C ASN J 28 -39.03 -53.73 -22.57
N LYS J 29 -38.88 -53.53 -23.88
CA LYS J 29 -39.34 -52.29 -24.53
C LYS J 29 -40.83 -52.49 -24.82
N PHE J 30 -41.70 -51.84 -24.04
CA PHE J 30 -43.12 -51.99 -24.22
C PHE J 30 -43.70 -51.20 -25.39
N GLY J 31 -43.28 -49.95 -25.57
CA GLY J 31 -43.83 -49.19 -26.67
C GLY J 31 -43.41 -47.74 -26.74
N THR J 32 -44.18 -46.95 -27.49
CA THR J 32 -43.88 -45.55 -27.65
C THR J 32 -45.15 -44.68 -27.54
N LEU J 33 -45.04 -43.55 -26.86
CA LEU J 33 -46.16 -42.63 -26.71
C LEU J 33 -45.74 -41.45 -27.56
N ASN J 34 -46.10 -41.49 -28.84
CA ASN J 34 -45.68 -40.47 -29.79
C ASN J 34 -46.73 -39.38 -29.98
N PHE J 35 -46.52 -38.21 -29.37
CA PHE J 35 -47.48 -37.12 -29.52
C PHE J 35 -47.39 -36.46 -30.89
N GLY J 36 -46.27 -36.66 -31.59
CA GLY J 36 -46.07 -36.11 -32.91
C GLY J 36 -45.35 -34.78 -32.86
N LYS J 37 -45.46 -34.03 -33.95
CA LYS J 37 -44.84 -32.71 -34.06
C LYS J 37 -45.77 -31.65 -33.50
N THR J 38 -45.19 -30.54 -33.05
CA THR J 38 -45.98 -29.43 -32.48
C THR J 38 -45.20 -28.12 -32.49
N SER J 39 -45.92 -27.01 -32.39
CA SER J 39 -45.31 -25.69 -32.38
C SER J 39 -45.02 -25.29 -30.98
N GLY J 40 -44.30 -24.16 -30.78
CA GLY J 40 -43.93 -23.68 -29.46
C GLY J 40 -45.11 -23.57 -28.51
N THR J 41 -46.20 -22.99 -28.99
CA THR J 41 -47.40 -22.82 -28.16
C THR J 41 -48.61 -23.51 -28.82
N TRP J 42 -49.08 -24.62 -28.23
CA TRP J 42 -50.23 -25.33 -28.79
C TRP J 42 -51.48 -25.05 -27.95
N ASN J 43 -52.62 -24.76 -28.60
CA ASN J 43 -53.86 -24.48 -27.88
C ASN J 43 -54.69 -25.74 -27.64
N ASN J 44 -54.52 -26.73 -28.50
CA ASN J 44 -55.24 -27.99 -28.37
C ASN J 44 -54.44 -28.97 -27.51
N VAL J 45 -55.14 -29.77 -26.70
CA VAL J 45 -54.53 -30.76 -25.84
C VAL J 45 -53.84 -31.79 -26.75
N LEU J 46 -52.51 -31.95 -26.66
CA LEU J 46 -51.87 -32.90 -27.58
C LEU J 46 -52.12 -34.29 -27.03
N THR J 47 -52.59 -35.21 -27.88
CA THR J 47 -53.02 -36.52 -27.40
C THR J 47 -52.67 -37.69 -28.32
N ALA J 48 -51.97 -38.70 -27.81
CA ALA J 48 -51.61 -39.87 -28.62
C ALA J 48 -51.65 -41.12 -27.75
N GLU J 49 -51.77 -42.28 -28.38
CA GLU J 49 -51.86 -43.56 -27.70
C GLU J 49 -50.54 -44.30 -27.81
N VAL J 50 -50.29 -45.19 -26.85
CA VAL J 50 -49.08 -46.00 -26.88
C VAL J 50 -49.09 -46.93 -28.08
N ALA J 51 -47.95 -47.09 -28.73
CA ALA J 51 -47.83 -48.00 -29.87
C ALA J 51 -46.81 -49.07 -29.47
N SER J 52 -47.25 -50.31 -29.28
CA SER J 52 -46.34 -51.39 -28.87
C SER J 52 -45.14 -51.51 -29.81
N ALA J 53 -43.95 -51.75 -29.25
CA ALA J 53 -42.75 -51.85 -30.09
C ALA J 53 -42.69 -53.11 -30.96
N ALA J 54 -43.40 -54.15 -30.56
CA ALA J 54 -43.41 -55.41 -31.29
C ALA J 54 -44.37 -55.44 -32.49
N THR J 55 -45.61 -55.00 -32.27
CA THR J 55 -46.60 -55.03 -33.35
C THR J 55 -46.97 -53.66 -33.93
N GLY J 56 -47.02 -52.64 -33.10
CA GLY J 56 -47.41 -51.31 -33.55
C GLY J 56 -48.75 -50.92 -32.95
N GLY J 57 -49.53 -51.91 -32.52
CA GLY J 57 -50.82 -51.66 -31.91
C GLY J 57 -50.72 -51.52 -30.40
N ASN J 58 -51.78 -51.87 -29.69
CA ASN J 58 -51.77 -51.75 -28.23
C ASN J 58 -51.12 -52.95 -27.55
N ILE J 59 -50.52 -52.72 -26.38
CA ILE J 59 -49.88 -53.80 -25.64
C ILE J 59 -50.95 -54.86 -25.35
N SER J 60 -50.70 -56.11 -25.71
CA SER J 60 -51.71 -57.16 -25.49
C SER J 60 -51.26 -58.12 -24.40
N VAL J 61 -51.78 -57.97 -23.19
CA VAL J 61 -51.37 -58.85 -22.12
C VAL J 61 -52.28 -60.09 -22.11
N THR J 62 -51.70 -61.29 -22.08
CA THR J 62 -52.49 -62.51 -22.03
C THR J 62 -52.00 -63.29 -20.81
N CYS J 63 -52.89 -64.04 -20.18
CA CYS J 63 -52.45 -64.85 -19.04
C CYS J 63 -52.37 -66.30 -19.48
N ASP J 64 -51.58 -67.08 -18.76
CA ASP J 64 -51.42 -68.50 -19.09
C ASP J 64 -52.18 -69.39 -18.11
N GLY J 65 -53.42 -69.75 -18.45
CA GLY J 65 -54.22 -70.60 -17.58
C GLY J 65 -55.66 -70.70 -18.05
N THR J 66 -56.51 -71.30 -17.21
CA THR J 66 -57.93 -71.47 -17.52
C THR J 66 -58.86 -70.57 -16.71
N ASP J 67 -58.51 -70.16 -15.50
CA ASP J 67 -59.43 -69.29 -14.76
C ASP J 67 -59.08 -67.83 -15.03
N PRO J 68 -60.10 -66.95 -15.07
CA PRO J 68 -59.80 -65.54 -15.35
C PRO J 68 -58.92 -64.93 -14.25
N VAL J 69 -57.69 -64.53 -14.57
CA VAL J 69 -56.81 -63.95 -13.57
C VAL J 69 -56.95 -62.41 -13.50
N ASP J 70 -56.83 -61.85 -12.30
CA ASP J 70 -56.94 -60.41 -12.12
C ASP J 70 -55.53 -59.87 -11.97
N PHE J 71 -55.00 -59.22 -13.01
CA PHE J 71 -53.64 -58.69 -12.94
C PHE J 71 -53.69 -57.18 -12.88
N THR J 72 -52.64 -56.58 -12.33
CA THR J 72 -52.62 -55.14 -12.19
C THR J 72 -51.60 -54.46 -13.11
N VAL J 73 -51.83 -53.17 -13.35
CA VAL J 73 -50.93 -52.38 -14.19
C VAL J 73 -50.52 -51.11 -13.45
N ALA J 74 -49.21 -50.84 -13.35
CA ALA J 74 -48.74 -49.65 -12.66
C ALA J 74 -47.70 -48.95 -13.52
N ILE J 75 -47.81 -47.63 -13.67
CA ILE J 75 -46.87 -46.87 -14.46
C ILE J 75 -46.21 -45.92 -13.47
N ASP J 76 -44.92 -45.66 -13.65
CA ASP J 76 -44.18 -44.78 -12.74
C ASP J 76 -44.22 -43.33 -13.26
N GLY J 77 -43.51 -42.42 -12.59
CA GLY J 77 -43.47 -41.01 -12.96
C GLY J 77 -42.47 -40.53 -14.00
N GLY J 78 -41.82 -41.45 -14.73
CA GLY J 78 -40.86 -41.06 -15.74
C GLY J 78 -39.46 -40.87 -15.17
N GLU J 79 -38.52 -40.48 -16.02
CA GLU J 79 -37.14 -40.27 -15.62
C GLU J 79 -36.97 -39.35 -14.44
N ARG J 80 -37.69 -38.23 -14.41
CA ARG J 80 -37.52 -37.28 -13.30
C ARG J 80 -38.54 -37.41 -12.18
N THR J 81 -39.42 -38.42 -12.29
CA THR J 81 -40.51 -38.73 -11.33
C THR J 81 -41.69 -37.73 -11.26
N ASP J 82 -41.81 -36.81 -12.21
CA ASP J 82 -42.93 -35.87 -12.24
C ASP J 82 -43.60 -35.78 -13.63
N ARG J 83 -43.45 -36.83 -14.42
CA ARG J 83 -44.03 -36.94 -15.76
C ARG J 83 -43.78 -35.72 -16.65
N THR J 84 -42.51 -35.39 -16.83
CA THR J 84 -42.12 -34.27 -17.68
C THR J 84 -41.19 -34.76 -18.79
N LEU J 85 -41.43 -34.37 -20.03
CA LEU J 85 -40.52 -34.75 -21.07
C LEU J 85 -39.41 -33.72 -21.08
N LYS J 86 -38.17 -34.13 -21.31
CA LYS J 86 -37.07 -33.17 -21.27
C LYS J 86 -36.47 -32.98 -22.66
N ASN J 87 -36.06 -31.77 -22.98
CA ASN J 87 -35.46 -31.55 -24.26
C ASN J 87 -34.12 -32.24 -24.27
N THR J 88 -33.76 -32.93 -25.34
CA THR J 88 -32.46 -33.58 -25.43
C THR J 88 -31.27 -32.65 -25.16
N ALA J 89 -31.32 -31.40 -25.62
CA ALA J 89 -30.19 -30.48 -25.41
C ALA J 89 -30.34 -29.46 -24.28
N SER J 90 -31.44 -28.70 -24.31
CA SER J 90 -31.73 -27.68 -23.29
C SER J 90 -32.41 -28.30 -22.07
N ALA J 91 -32.72 -27.48 -21.05
CA ALA J 91 -33.36 -27.99 -19.85
C ALA J 91 -34.87 -27.76 -19.79
N ASP J 92 -35.49 -27.42 -20.92
CA ASP J 92 -36.92 -27.18 -20.95
C ASP J 92 -37.68 -28.48 -20.65
N VAL J 93 -38.84 -28.37 -19.99
CA VAL J 93 -39.62 -29.56 -19.67
C VAL J 93 -41.05 -29.45 -20.19
N VAL J 94 -41.68 -30.58 -20.48
CA VAL J 94 -43.06 -30.59 -20.98
C VAL J 94 -43.89 -31.54 -20.14
N ALA J 95 -44.70 -31.02 -19.22
CA ALA J 95 -45.52 -31.85 -18.35
C ALA J 95 -46.60 -32.63 -19.13
N TYR J 96 -46.77 -33.92 -18.80
CA TYR J 96 -47.78 -34.75 -19.44
C TYR J 96 -48.36 -35.73 -18.43
N ASN J 97 -49.27 -36.63 -18.86
CA ASN J 97 -49.87 -37.62 -17.99
C ASN J 97 -50.41 -38.76 -18.86
N VAL J 98 -50.52 -39.95 -18.27
CA VAL J 98 -51.04 -41.10 -19.00
C VAL J 98 -52.36 -41.51 -18.38
N TYR J 99 -53.42 -41.66 -19.17
CA TYR J 99 -54.71 -42.08 -18.65
C TYR J 99 -55.02 -43.48 -19.17
N ARG J 100 -56.00 -44.13 -18.56
CA ARG J 100 -56.37 -45.48 -18.94
C ARG J 100 -57.58 -45.54 -19.89
N ASP J 101 -58.54 -44.64 -19.72
CA ASP J 101 -59.73 -44.65 -20.56
C ASP J 101 -59.60 -43.63 -21.69
N ALA J 102 -60.39 -43.85 -22.75
CA ALA J 102 -60.40 -43.00 -23.95
C ALA J 102 -60.76 -41.52 -23.74
N ALA J 103 -61.47 -41.19 -22.66
CA ALA J 103 -61.86 -39.82 -22.36
C ALA J 103 -60.90 -39.08 -21.41
N ARG J 104 -59.65 -39.54 -21.24
CA ARG J 104 -58.65 -38.88 -20.39
C ARG J 104 -59.12 -38.61 -18.95
N THR J 105 -59.96 -39.49 -18.41
CA THR J 105 -60.49 -39.34 -17.05
C THR J 105 -59.82 -40.22 -15.98
N ASN J 106 -59.73 -41.52 -16.23
CA ASN J 106 -59.15 -42.47 -15.29
C ASN J 106 -57.64 -42.42 -15.43
N LEU J 107 -57.01 -41.63 -14.59
CA LEU J 107 -55.56 -41.43 -14.63
C LEU J 107 -54.75 -42.59 -14.05
N TYR J 108 -53.63 -42.93 -14.69
CA TYR J 108 -52.77 -43.96 -14.16
C TYR J 108 -51.96 -43.25 -13.12
N VAL J 109 -52.46 -43.22 -11.87
CA VAL J 109 -51.77 -42.53 -10.79
C VAL J 109 -50.36 -43.09 -10.58
N VAL J 110 -49.40 -42.22 -10.29
CA VAL J 110 -48.00 -42.60 -10.09
C VAL J 110 -47.85 -43.78 -9.11
N ASN J 111 -47.09 -44.81 -9.50
CA ASN J 111 -46.88 -45.99 -8.66
C ASN J 111 -48.16 -46.58 -8.06
N GLN J 112 -49.18 -46.75 -8.89
CA GLN J 112 -50.44 -47.33 -8.41
C GLN J 112 -50.90 -48.47 -9.32
N PRO J 113 -51.38 -49.57 -8.70
CA PRO J 113 -51.81 -50.73 -9.48
C PRO J 113 -53.21 -50.61 -10.09
N GLN J 114 -53.35 -49.95 -11.23
CA GLN J 114 -54.67 -49.86 -11.83
C GLN J 114 -55.09 -51.30 -12.19
N GLN J 115 -56.15 -51.84 -11.55
CA GLN J 115 -56.66 -53.22 -11.78
C GLN J 115 -57.03 -53.53 -13.25
N PHE J 116 -56.97 -54.83 -13.59
CA PHE J 116 -57.32 -55.33 -14.93
C PHE J 116 -57.78 -56.79 -14.89
N THR J 117 -58.63 -57.17 -15.83
CA THR J 117 -59.12 -58.55 -15.91
C THR J 117 -58.58 -59.23 -17.17
N THR J 118 -58.54 -60.56 -17.14
CA THR J 118 -58.04 -61.32 -18.28
C THR J 118 -58.63 -62.74 -18.27
N VAL J 119 -59.22 -63.20 -19.38
CA VAL J 119 -59.79 -64.53 -19.42
C VAL J 119 -58.92 -65.46 -20.26
N SER J 120 -59.15 -66.76 -20.13
CA SER J 120 -58.40 -67.77 -20.87
C SER J 120 -58.64 -67.68 -22.38
N GLY J 121 -57.62 -68.01 -23.17
CA GLY J 121 -57.74 -67.98 -24.62
C GLY J 121 -58.10 -66.61 -25.18
N GLN J 122 -57.56 -65.56 -24.56
CA GLN J 122 -57.82 -64.19 -25.00
C GLN J 122 -56.69 -63.29 -24.53
N ALA J 123 -56.44 -62.21 -25.27
CA ALA J 123 -55.40 -61.26 -24.90
C ALA J 123 -56.10 -59.94 -24.59
N THR J 124 -55.85 -59.35 -23.43
CA THR J 124 -56.48 -58.08 -23.06
C THR J 124 -55.51 -56.95 -23.42
N ALA J 125 -56.03 -55.84 -23.95
CA ALA J 125 -55.18 -54.72 -24.32
C ALA J 125 -54.97 -53.76 -23.14
N VAL J 126 -53.80 -53.15 -23.06
CA VAL J 126 -53.51 -52.20 -22.00
C VAL J 126 -53.48 -50.80 -22.62
N PRO J 127 -54.60 -50.08 -22.52
CA PRO J 127 -54.62 -48.76 -23.14
C PRO J 127 -53.85 -47.76 -22.28
N ILE J 128 -52.76 -47.22 -22.82
CA ILE J 128 -52.01 -46.21 -22.10
C ILE J 128 -52.25 -44.98 -22.97
N PHE J 129 -53.25 -44.17 -22.58
CA PHE J 129 -53.59 -43.00 -23.37
C PHE J 129 -52.83 -41.78 -22.85
N GLY J 130 -51.99 -41.17 -23.70
CA GLY J 130 -51.25 -40.01 -23.27
C GLY J 130 -52.09 -38.77 -23.48
N ALA J 131 -51.73 -37.71 -22.76
CA ALA J 131 -52.42 -36.43 -22.85
C ALA J 131 -51.50 -35.32 -22.34
N ILE J 132 -51.43 -34.22 -23.08
CA ILE J 132 -50.64 -33.07 -22.69
C ILE J 132 -51.52 -31.80 -22.63
N ALA J 133 -51.37 -31.02 -21.56
CA ALA J 133 -52.16 -29.81 -21.38
C ALA J 133 -51.85 -28.74 -22.41
N PRO J 134 -52.84 -27.86 -22.69
CA PRO J 134 -52.60 -26.81 -23.68
C PRO J 134 -51.64 -25.77 -23.12
N ASN J 135 -50.48 -25.60 -23.77
CA ASN J 135 -49.51 -24.62 -23.36
C ASN J 135 -49.76 -23.36 -24.16
N THR J 136 -50.37 -22.36 -23.54
CA THR J 136 -50.65 -21.10 -24.23
C THR J 136 -49.97 -19.97 -23.48
N GLY J 137 -48.84 -20.27 -22.86
CA GLY J 137 -48.09 -19.29 -22.10
C GLY J 137 -46.73 -19.00 -22.69
N THR J 138 -45.77 -19.89 -22.43
CA THR J 138 -44.41 -19.70 -22.94
C THR J 138 -44.06 -20.73 -24.01
N PRO J 139 -43.43 -20.30 -25.12
CA PRO J 139 -43.06 -21.25 -26.16
C PRO J 139 -41.80 -22.06 -25.81
N LYS J 140 -41.93 -23.36 -25.61
CA LYS J 140 -40.78 -24.19 -25.28
C LYS J 140 -39.78 -24.23 -26.43
N ALA J 141 -38.48 -24.32 -26.12
CA ALA J 141 -37.46 -24.34 -27.18
C ALA J 141 -37.60 -25.47 -28.21
N GLN J 142 -37.12 -25.23 -29.42
CA GLN J 142 -37.19 -26.21 -30.50
C GLN J 142 -36.33 -27.44 -30.22
N GLY J 143 -36.70 -28.57 -30.81
CA GLY J 143 -35.96 -29.80 -30.59
C GLY J 143 -36.85 -30.98 -30.29
N ASP J 144 -36.27 -32.04 -29.75
CA ASP J 144 -37.02 -33.25 -29.41
C ASP J 144 -37.15 -33.42 -27.90
N TYR J 145 -38.37 -33.63 -27.40
CA TYR J 145 -38.57 -33.83 -25.97
C TYR J 145 -38.81 -35.32 -25.75
N LYS J 146 -38.18 -35.90 -24.72
CA LYS J 146 -38.33 -37.34 -24.45
C LYS J 146 -38.54 -37.67 -22.98
N ASP J 147 -38.97 -38.90 -22.74
CA ASP J 147 -39.17 -39.47 -21.41
C ASP J 147 -39.30 -40.97 -21.59
N THR J 148 -38.97 -41.70 -20.53
CA THR J 148 -39.07 -43.15 -20.58
C THR J 148 -39.91 -43.61 -19.40
N LEU J 149 -41.20 -43.83 -19.60
CA LEU J 149 -42.03 -44.27 -18.50
C LEU J 149 -41.80 -45.77 -18.33
N LEU J 150 -41.68 -46.24 -17.10
CA LEU J 150 -41.49 -47.66 -16.87
C LEU J 150 -42.88 -48.20 -16.52
N VAL J 151 -43.45 -49.06 -17.36
CA VAL J 151 -44.75 -49.64 -17.07
C VAL J 151 -44.45 -50.94 -16.33
N THR J 152 -45.17 -51.17 -15.22
CA THR J 152 -44.96 -52.30 -14.33
C THR J 152 -46.16 -53.22 -14.26
N VAL J 153 -46.20 -54.25 -15.09
CA VAL J 153 -47.29 -55.22 -15.05
C VAL J 153 -46.96 -56.15 -13.89
N ASN J 154 -47.72 -56.10 -12.79
CA ASN J 154 -47.41 -56.93 -11.65
C ASN J 154 -48.64 -57.66 -11.18
N PHE J 155 -48.39 -58.71 -10.40
CA PHE J 155 -49.46 -59.58 -9.96
C PHE J 155 -49.57 -59.57 -8.44
N ALA K 1 -43.92 -60.20 -12.01
CA ALA K 1 -43.51 -58.80 -12.13
C ALA K 1 -42.82 -58.55 -13.47
N VAL K 2 -43.58 -58.08 -14.46
CA VAL K 2 -43.02 -57.78 -15.77
C VAL K 2 -42.95 -56.26 -15.94
N THR K 3 -41.80 -55.68 -15.61
CA THR K 3 -41.57 -54.24 -15.75
C THR K 3 -41.02 -53.94 -17.16
N GLY K 4 -41.61 -52.94 -17.82
CA GLY K 4 -41.20 -52.56 -19.14
C GLY K 4 -41.11 -51.08 -19.44
N GLN K 5 -40.49 -50.68 -20.54
CA GLN K 5 -40.33 -49.25 -20.86
C GLN K 5 -41.25 -48.70 -21.97
N VAL K 6 -41.68 -47.46 -21.84
CA VAL K 6 -42.54 -46.82 -22.83
C VAL K 6 -41.89 -45.47 -23.16
N ASP K 7 -41.28 -45.35 -24.34
CA ASP K 7 -40.62 -44.12 -24.67
C ASP K 7 -41.66 -43.06 -25.04
N VAL K 8 -41.60 -41.89 -24.39
CA VAL K 8 -42.53 -40.81 -24.67
C VAL K 8 -41.79 -39.78 -25.53
N LYS K 9 -42.46 -39.23 -26.53
CA LYS K 9 -41.80 -38.27 -27.40
C LYS K 9 -42.70 -37.13 -27.85
N LEU K 10 -42.09 -36.00 -28.20
CA LEU K 10 -42.79 -34.82 -28.67
C LEU K 10 -41.76 -33.98 -29.42
N ASN K 11 -42.05 -33.59 -30.66
CA ASN K 11 -41.11 -32.82 -31.46
C ASN K 11 -41.62 -31.39 -31.57
N ILE K 12 -41.19 -30.53 -30.66
CA ILE K 12 -41.60 -29.14 -30.69
C ILE K 12 -40.73 -28.45 -31.74
N SER K 13 -41.33 -28.07 -32.87
CA SER K 13 -40.59 -27.37 -33.94
C SER K 13 -41.50 -26.47 -34.82
N THR K 14 -42.44 -27.07 -35.55
CA THR K 14 -43.36 -26.36 -36.44
C THR K 14 -44.54 -27.28 -36.72
N GLY K 15 -45.62 -27.13 -35.94
CA GLY K 15 -46.80 -27.97 -36.09
C GLY K 15 -48.09 -27.33 -36.59
N CYS K 16 -49.13 -28.16 -36.66
CA CYS K 16 -50.44 -27.81 -37.15
C CYS K 16 -51.47 -27.90 -36.02
N THR K 17 -52.44 -26.98 -35.96
CA THR K 17 -53.44 -26.96 -34.89
C THR K 17 -54.89 -27.06 -35.39
N VAL K 18 -55.78 -27.66 -34.59
CA VAL K 18 -57.17 -27.81 -34.99
C VAL K 18 -58.08 -26.81 -34.25
N GLY K 19 -58.79 -25.96 -34.99
CA GLY K 19 -59.69 -24.99 -34.37
C GLY K 19 -61.11 -25.52 -34.38
N GLY K 20 -61.98 -24.91 -33.58
CA GLY K 20 -63.37 -25.33 -33.48
C GLY K 20 -63.63 -26.31 -32.33
N SER K 21 -62.58 -26.64 -31.59
CA SER K 21 -62.73 -27.57 -30.49
C SER K 21 -62.72 -26.85 -29.14
N GLN K 22 -63.29 -27.51 -28.15
CA GLN K 22 -63.36 -27.01 -26.78
C GLN K 22 -62.73 -28.09 -25.93
N THR K 23 -61.94 -27.72 -24.94
CA THR K 23 -61.31 -28.73 -24.11
C THR K 23 -62.29 -29.27 -23.07
N GLU K 24 -62.83 -30.46 -23.28
CA GLU K 24 -63.72 -31.07 -22.30
C GLU K 24 -62.78 -31.75 -21.29
N GLY K 25 -62.50 -31.10 -20.17
CA GLY K 25 -61.60 -31.68 -19.20
C GLY K 25 -60.25 -31.82 -19.90
N ASN K 26 -59.74 -33.04 -20.06
CA ASN K 26 -58.44 -33.24 -20.72
C ASN K 26 -58.60 -33.91 -22.09
N MET K 27 -59.78 -33.80 -22.69
CA MET K 27 -60.03 -34.39 -24.00
C MET K 27 -60.68 -33.36 -24.93
N ASN K 28 -60.11 -33.14 -26.11
CA ASN K 28 -60.64 -32.14 -27.03
C ASN K 28 -62.05 -32.46 -27.57
N LYS K 29 -63.05 -31.65 -27.21
CA LYS K 29 -64.42 -31.86 -27.71
C LYS K 29 -64.48 -31.20 -29.08
N PHE K 30 -64.49 -31.99 -30.15
CA PHE K 30 -64.50 -31.45 -31.50
C PHE K 30 -65.87 -30.97 -31.95
N GLY K 31 -66.93 -31.73 -31.68
CA GLY K 31 -68.23 -31.27 -32.13
C GLY K 31 -69.37 -32.24 -31.90
N THR K 32 -70.47 -32.03 -32.63
CA THR K 32 -71.64 -32.87 -32.49
C THR K 32 -72.23 -33.22 -33.86
N LEU K 33 -72.65 -34.47 -34.02
CA LEU K 33 -73.26 -34.93 -35.27
C LEU K 33 -74.71 -35.15 -34.87
N ASN K 34 -75.52 -34.10 -34.99
CA ASN K 34 -76.90 -34.15 -34.54
C ASN K 34 -77.87 -34.47 -35.67
N PHE K 35 -78.35 -35.72 -35.74
CA PHE K 35 -79.30 -36.09 -36.79
C PHE K 35 -80.69 -35.52 -36.54
N GLY K 36 -80.97 -35.14 -35.31
CA GLY K 36 -82.25 -34.55 -34.95
C GLY K 36 -83.21 -35.60 -34.43
N LYS K 37 -84.48 -35.26 -34.45
CA LYS K 37 -85.55 -36.16 -34.00
C LYS K 37 -86.00 -37.05 -35.15
N THR K 38 -86.55 -38.22 -34.81
CA THR K 38 -87.02 -39.15 -35.83
C THR K 38 -88.01 -40.17 -35.24
N SER K 39 -88.80 -40.79 -36.11
CA SER K 39 -89.77 -41.78 -35.69
C SER K 39 -89.15 -43.13 -35.71
N GLY K 40 -89.88 -44.17 -35.20
CA GLY K 40 -89.38 -45.53 -35.14
C GLY K 40 -88.85 -46.03 -36.46
N THR K 41 -89.61 -45.81 -37.54
CA THR K 41 -89.23 -46.25 -38.86
C THR K 41 -89.15 -45.07 -39.84
N TRP K 42 -87.94 -44.68 -40.25
CA TRP K 42 -87.78 -43.57 -41.18
C TRP K 42 -87.46 -44.09 -42.59
N ASN K 43 -88.12 -43.54 -43.62
CA ASN K 43 -87.88 -43.97 -44.99
C ASN K 43 -86.79 -43.16 -45.68
N ASN K 44 -86.60 -41.92 -45.23
CA ASN K 44 -85.57 -41.06 -45.78
C ASN K 44 -84.25 -41.24 -45.03
N VAL K 45 -83.13 -41.17 -45.75
CA VAL K 45 -81.81 -41.30 -45.17
C VAL K 45 -81.61 -40.14 -44.20
N LEU K 46 -81.41 -40.39 -42.90
CA LEU K 46 -81.29 -39.24 -41.97
C LEU K 46 -79.87 -38.70 -42.14
N THR K 47 -79.74 -37.38 -42.31
CA THR K 47 -78.45 -36.81 -42.66
C THR K 47 -78.16 -35.46 -41.98
N ALA K 48 -77.04 -35.33 -41.26
CA ALA K 48 -76.68 -34.08 -40.61
C ALA K 48 -75.17 -33.92 -40.63
N GLU K 49 -74.71 -32.67 -40.49
CA GLU K 49 -73.30 -32.33 -40.53
C GLU K 49 -72.78 -32.07 -39.13
N VAL K 50 -71.48 -32.27 -38.92
CA VAL K 50 -70.87 -32.01 -37.64
C VAL K 50 -70.95 -30.52 -37.31
N ALA K 51 -71.23 -30.18 -36.04
CA ALA K 51 -71.28 -28.80 -35.62
C ALA K 51 -70.20 -28.64 -34.55
N SER K 52 -69.14 -27.88 -34.84
CA SER K 52 -68.04 -27.69 -33.89
C SER K 52 -68.55 -27.20 -32.53
N ALA K 53 -67.99 -27.71 -31.44
CA ALA K 53 -68.44 -27.31 -30.11
C ALA K 53 -68.06 -25.87 -29.73
N ALA K 54 -67.01 -25.34 -30.36
CA ALA K 54 -66.54 -23.99 -30.07
C ALA K 54 -67.31 -22.89 -30.78
N THR K 55 -67.52 -23.04 -32.09
CA THR K 55 -68.23 -22.01 -32.86
C THR K 55 -69.65 -22.38 -33.29
N GLY K 56 -69.87 -23.64 -33.64
CA GLY K 56 -71.18 -24.06 -34.11
C GLY K 56 -71.10 -24.46 -35.57
N GLY K 57 -70.08 -23.96 -36.28
CA GLY K 57 -69.89 -24.28 -37.68
C GLY K 57 -69.01 -25.51 -37.86
N ASN K 58 -68.30 -25.59 -38.98
CA ASN K 58 -67.44 -26.74 -39.25
C ASN K 58 -66.08 -26.62 -38.57
N ILE K 59 -65.47 -27.75 -38.22
CA ILE K 59 -64.16 -27.75 -37.59
C ILE K 59 -63.19 -27.04 -38.55
N SER K 60 -62.47 -26.03 -38.07
CA SER K 60 -61.56 -25.30 -38.94
C SER K 60 -60.11 -25.58 -38.57
N VAL K 61 -59.44 -26.46 -39.33
CA VAL K 61 -58.06 -26.77 -39.00
C VAL K 61 -57.13 -25.79 -39.71
N THR K 62 -56.20 -25.18 -38.99
CA THR K 62 -55.25 -24.25 -39.61
C THR K 62 -53.86 -24.76 -39.25
N CYS K 63 -52.88 -24.55 -40.13
CA CYS K 63 -51.53 -24.96 -39.79
C CYS K 63 -50.72 -23.73 -39.46
N ASP K 64 -49.64 -23.93 -38.70
CA ASP K 64 -48.78 -22.82 -38.29
C ASP K 64 -47.48 -22.80 -39.08
N GLY K 65 -47.45 -22.06 -40.19
CA GLY K 65 -46.26 -21.96 -41.01
C GLY K 65 -46.50 -21.23 -42.31
N THR K 66 -45.52 -21.28 -43.20
CA THR K 66 -45.61 -20.64 -44.51
C THR K 66 -45.77 -21.60 -45.69
N ASP K 67 -45.29 -22.83 -45.61
CA ASP K 67 -45.48 -23.71 -46.76
C ASP K 67 -46.75 -24.54 -46.58
N PRO K 68 -47.47 -24.84 -47.68
CA PRO K 68 -48.71 -25.60 -47.52
C PRO K 68 -48.44 -27.00 -46.94
N VAL K 69 -48.93 -27.29 -45.73
CA VAL K 69 -48.71 -28.60 -45.13
C VAL K 69 -49.82 -29.60 -45.49
N ASP K 70 -49.46 -30.87 -45.67
CA ASP K 70 -50.44 -31.89 -46.00
C ASP K 70 -50.73 -32.67 -44.71
N PHE K 71 -51.89 -32.43 -44.09
CA PHE K 71 -52.24 -33.13 -42.86
C PHE K 71 -53.33 -34.14 -43.12
N THR K 72 -53.40 -35.15 -42.28
CA THR K 72 -54.41 -36.18 -42.47
C THR K 72 -55.51 -36.16 -41.41
N VAL K 73 -56.64 -36.76 -41.75
CA VAL K 73 -57.78 -36.85 -40.84
C VAL K 73 -58.24 -38.29 -40.73
N ALA K 74 -58.36 -38.83 -39.52
CA ALA K 74 -58.81 -40.20 -39.35
C ALA K 74 -59.89 -40.24 -38.27
N ILE K 75 -60.99 -40.96 -38.53
CA ILE K 75 -62.06 -41.07 -37.57
C ILE K 75 -62.11 -42.56 -37.23
N ASP K 76 -62.41 -42.87 -35.97
CA ASP K 76 -62.47 -44.27 -35.54
C ASP K 76 -63.92 -44.81 -35.67
N GLY K 77 -64.16 -46.04 -35.22
CA GLY K 77 -65.46 -46.69 -35.30
C GLY K 77 -66.49 -46.44 -34.21
N GLY K 78 -66.27 -45.47 -33.33
CA GLY K 78 -67.21 -45.19 -32.26
C GLY K 78 -66.95 -46.03 -31.02
N GLU K 79 -67.80 -45.87 -30.00
CA GLU K 79 -67.67 -46.60 -28.76
C GLU K 79 -67.59 -48.09 -28.93
N ARG K 80 -68.43 -48.67 -29.78
CA ARG K 80 -68.42 -50.13 -29.94
C ARG K 80 -67.60 -50.65 -31.12
N THR K 81 -66.93 -49.74 -31.83
CA THR K 81 -66.08 -49.99 -33.01
C THR K 81 -66.80 -50.42 -34.31
N ASP K 82 -68.13 -50.28 -34.37
CA ASP K 82 -68.87 -50.62 -35.60
C ASP K 82 -69.87 -49.52 -36.01
N ARG K 83 -69.57 -48.28 -35.58
CA ARG K 83 -70.38 -47.10 -35.90
C ARG K 83 -71.88 -47.28 -35.65
N THR K 84 -72.23 -47.64 -34.42
CA THR K 84 -73.63 -47.82 -34.04
C THR K 84 -73.96 -46.90 -32.87
N LEU K 85 -75.08 -46.18 -32.95
CA LEU K 85 -75.45 -45.37 -31.82
C LEU K 85 -76.22 -46.28 -30.88
N LYS K 86 -76.05 -46.12 -29.58
CA LYS K 86 -76.73 -47.00 -28.64
C LYS K 86 -77.76 -46.24 -27.83
N ASN K 87 -78.90 -46.86 -27.53
CA ASN K 87 -79.89 -46.18 -26.75
C ASN K 87 -79.34 -46.04 -25.35
N THR K 88 -79.53 -44.90 -24.72
CA THR K 88 -79.07 -44.69 -23.35
C THR K 88 -79.58 -45.75 -22.37
N ALA K 89 -80.83 -46.20 -22.50
CA ALA K 89 -81.36 -47.19 -21.56
C ALA K 89 -81.39 -48.66 -22.05
N SER K 90 -82.01 -48.88 -23.20
CA SER K 90 -82.13 -50.20 -23.81
C SER K 90 -80.87 -50.56 -24.61
N ALA K 91 -80.83 -51.76 -25.20
CA ALA K 91 -79.67 -52.19 -25.96
C ALA K 91 -79.83 -52.04 -27.48
N ASP K 92 -80.83 -51.29 -27.93
CA ASP K 92 -81.05 -51.10 -29.36
C ASP K 92 -79.89 -50.32 -29.97
N VAL K 93 -79.55 -50.61 -31.23
CA VAL K 93 -78.45 -49.93 -31.89
C VAL K 93 -78.90 -49.29 -33.21
N VAL K 94 -78.24 -48.21 -33.62
CA VAL K 94 -78.59 -47.54 -34.86
C VAL K 94 -77.32 -47.36 -35.71
N ALA K 95 -77.13 -48.19 -36.73
CA ALA K 95 -75.94 -48.12 -37.56
C ALA K 95 -75.88 -46.80 -38.38
N TYR K 96 -74.70 -46.19 -38.43
CA TYR K 96 -74.50 -44.96 -39.19
C TYR K 96 -73.11 -44.95 -39.81
N ASN K 97 -72.73 -43.86 -40.49
CA ASN K 97 -71.41 -43.72 -41.11
C ASN K 97 -71.13 -42.24 -41.31
N VAL K 98 -69.85 -41.89 -41.38
CA VAL K 98 -69.47 -40.51 -41.60
C VAL K 98 -68.76 -40.40 -42.95
N TYR K 99 -69.18 -39.48 -43.81
CA TYR K 99 -68.54 -39.32 -45.11
C TYR K 99 -67.84 -37.97 -45.13
N ARG K 100 -66.95 -37.79 -46.11
CA ARG K 100 -66.19 -36.56 -46.23
C ARG K 100 -66.76 -35.55 -47.22
N ASP K 101 -67.36 -36.04 -48.31
CA ASP K 101 -67.92 -35.16 -49.31
C ASP K 101 -69.43 -35.00 -49.13
N ALA K 102 -69.97 -33.91 -49.68
CA ALA K 102 -71.40 -33.57 -49.59
C ALA K 102 -72.38 -34.58 -50.19
N ALA K 103 -71.93 -35.43 -51.11
CA ALA K 103 -72.78 -36.45 -51.72
C ALA K 103 -72.72 -37.83 -51.05
N ARG K 104 -72.23 -37.93 -49.80
CA ARG K 104 -72.16 -39.21 -49.08
C ARG K 104 -71.44 -40.34 -49.83
N THR K 105 -70.42 -39.98 -50.62
CA THR K 105 -69.66 -40.97 -51.39
C THR K 105 -68.29 -41.34 -50.81
N ASN K 106 -67.47 -40.34 -50.51
CA ASN K 106 -66.13 -40.55 -49.98
C ASN K 106 -66.23 -40.81 -48.49
N LEU K 107 -66.27 -42.08 -48.12
CA LEU K 107 -66.42 -42.50 -46.75
C LEU K 107 -65.15 -42.36 -45.90
N TYR K 108 -65.30 -41.92 -44.64
CA TYR K 108 -64.14 -41.84 -43.77
C TYR K 108 -64.00 -43.25 -43.26
N VAL K 109 -63.22 -44.07 -43.97
CA VAL K 109 -63.03 -45.46 -43.58
C VAL K 109 -62.44 -45.57 -42.16
N VAL K 110 -62.90 -46.56 -41.39
CA VAL K 110 -62.44 -46.76 -40.01
C VAL K 110 -60.92 -46.77 -39.89
N ASN K 111 -60.38 -45.98 -38.95
CA ASN K 111 -58.93 -45.90 -38.72
C ASN K 111 -58.13 -45.69 -40.01
N GLN K 112 -58.55 -44.74 -40.83
CA GLN K 112 -57.82 -44.43 -42.07
C GLN K 112 -57.55 -42.94 -42.20
N PRO K 113 -56.32 -42.58 -42.63
CA PRO K 113 -55.96 -41.17 -42.76
C PRO K 113 -56.47 -40.49 -44.02
N GLN K 114 -57.71 -40.04 -44.05
CA GLN K 114 -58.18 -39.37 -45.24
C GLN K 114 -57.36 -38.08 -45.40
N GLN K 115 -56.54 -37.98 -46.46
CA GLN K 115 -55.65 -36.82 -46.74
C GLN K 115 -56.39 -35.44 -46.80
N PHE K 116 -55.62 -34.38 -46.51
CA PHE K 116 -56.12 -33.00 -46.54
C PHE K 116 -55.00 -31.99 -46.80
N THR K 117 -55.34 -30.86 -47.42
CA THR K 117 -54.35 -29.82 -47.69
C THR K 117 -54.65 -28.57 -46.86
N THR K 118 -53.62 -27.76 -46.64
CA THR K 118 -53.79 -26.53 -45.85
C THR K 118 -52.72 -25.51 -46.23
N VAL K 119 -53.10 -24.27 -46.55
CA VAL K 119 -52.12 -23.25 -46.93
C VAL K 119 -51.97 -22.24 -45.79
N SER K 120 -50.90 -21.44 -45.87
CA SER K 120 -50.60 -20.43 -44.87
C SER K 120 -51.66 -19.33 -44.85
N GLY K 121 -51.91 -18.75 -43.68
CA GLY K 121 -52.89 -17.69 -43.53
C GLY K 121 -54.29 -18.07 -43.97
N GLN K 122 -54.67 -19.30 -43.70
CA GLN K 122 -56.00 -19.80 -44.05
C GLN K 122 -56.36 -20.98 -43.16
N ALA K 123 -57.66 -21.18 -42.93
CA ALA K 123 -58.11 -22.30 -42.11
C ALA K 123 -58.92 -23.21 -43.03
N THR K 124 -58.61 -24.50 -43.06
CA THR K 124 -59.34 -25.44 -43.91
C THR K 124 -60.42 -26.12 -43.06
N ALA K 125 -61.61 -26.32 -43.61
CA ALA K 125 -62.68 -26.95 -42.86
C ALA K 125 -62.65 -28.48 -43.01
N VAL K 126 -63.04 -29.18 -41.95
CA VAL K 126 -63.06 -30.64 -41.99
C VAL K 126 -64.52 -31.08 -42.03
N PRO K 127 -65.02 -31.38 -43.25
CA PRO K 127 -66.41 -31.76 -43.33
C PRO K 127 -66.61 -33.19 -42.87
N ILE K 128 -67.35 -33.39 -41.79
CA ILE K 128 -67.64 -34.73 -41.32
C ILE K 128 -69.14 -34.84 -41.56
N PHE K 129 -69.51 -35.40 -42.70
CA PHE K 129 -70.92 -35.50 -43.06
C PHE K 129 -71.48 -36.83 -42.57
N GLY K 130 -72.48 -36.79 -41.68
CA GLY K 130 -73.08 -38.00 -41.19
C GLY K 130 -74.17 -38.46 -42.14
N ALA K 131 -74.49 -39.74 -42.06
CA ALA K 131 -75.53 -40.35 -42.88
C ALA K 131 -76.03 -41.63 -42.24
N ILE K 132 -77.34 -41.81 -42.18
CA ILE K 132 -77.95 -43.01 -41.62
C ILE K 132 -78.87 -43.67 -42.67
N ALA K 133 -78.76 -44.99 -42.81
CA ALA K 133 -79.57 -45.73 -43.79
C ALA K 133 -81.05 -45.71 -43.44
N PRO K 134 -81.91 -45.85 -44.46
CA PRO K 134 -83.35 -45.85 -44.20
C PRO K 134 -83.76 -47.14 -43.50
N ASN K 135 -84.30 -47.03 -42.28
CA ASN K 135 -84.75 -48.17 -41.54
C ASN K 135 -86.24 -48.34 -41.81
N THR K 136 -86.61 -49.30 -42.65
CA THR K 136 -88.00 -49.53 -42.96
C THR K 136 -88.37 -50.97 -42.59
N GLY K 137 -87.72 -51.47 -41.55
CA GLY K 137 -87.95 -52.83 -41.09
C GLY K 137 -88.53 -52.88 -39.69
N THR K 138 -87.68 -52.72 -38.68
CA THR K 138 -88.13 -52.76 -37.30
C THR K 138 -88.04 -51.39 -36.63
N PRO K 139 -89.08 -51.00 -35.88
CA PRO K 139 -89.03 -49.68 -35.20
C PRO K 139 -88.18 -49.72 -33.93
N LYS K 140 -87.06 -49.00 -33.91
CA LYS K 140 -86.19 -48.97 -32.74
C LYS K 140 -86.92 -48.31 -31.56
N ALA K 141 -86.62 -48.77 -30.34
CA ALA K 141 -87.27 -48.22 -29.15
C ALA K 141 -87.09 -46.70 -28.95
N GLN K 142 -88.07 -46.07 -28.30
CA GLN K 142 -88.04 -44.63 -28.04
C GLN K 142 -86.91 -44.25 -27.09
N GLY K 143 -86.43 -43.01 -27.19
CA GLY K 143 -85.35 -42.54 -26.34
C GLY K 143 -84.28 -41.81 -27.11
N ASP K 144 -83.11 -41.66 -26.50
CA ASP K 144 -81.99 -40.97 -27.13
C ASP K 144 -80.87 -41.94 -27.50
N TYR K 145 -80.41 -41.90 -28.75
CA TYR K 145 -79.32 -42.79 -29.18
C TYR K 145 -78.05 -41.94 -29.25
N LYS K 146 -76.94 -42.47 -28.74
CA LYS K 146 -75.68 -41.71 -28.74
C LYS K 146 -74.46 -42.54 -29.17
N ASP K 147 -73.38 -41.83 -29.46
CA ASP K 147 -72.09 -42.41 -29.82
C ASP K 147 -71.07 -41.29 -29.71
N THR K 148 -69.82 -41.66 -29.48
CA THR K 148 -68.75 -40.68 -29.37
C THR K 148 -67.65 -41.07 -30.34
N LEU K 149 -67.63 -40.49 -31.53
CA LEU K 149 -66.60 -40.84 -32.48
C LEU K 149 -65.35 -40.05 -32.09
N LEU K 150 -64.19 -40.68 -32.13
CA LEU K 150 -62.96 -39.99 -31.80
C LEU K 150 -62.34 -39.59 -33.14
N VAL K 151 -62.25 -38.30 -33.43
CA VAL K 151 -61.64 -37.85 -34.67
C VAL K 151 -60.17 -37.63 -34.33
N THR K 152 -59.28 -38.14 -35.19
CA THR K 152 -57.84 -38.12 -35.01
C THR K 152 -57.11 -37.32 -36.06
N VAL K 153 -56.88 -36.03 -35.82
CA VAL K 153 -56.14 -35.21 -36.76
C VAL K 153 -54.66 -35.54 -36.52
N ASN K 154 -54.00 -36.21 -37.46
CA ASN K 154 -52.61 -36.58 -37.24
C ASN K 154 -51.77 -36.19 -38.43
N PHE K 155 -50.47 -36.15 -38.19
CA PHE K 155 -49.54 -35.68 -39.18
C PHE K 155 -48.56 -36.78 -39.57
N ALA L 1 -50.33 -35.00 -33.35
CA ALA L 1 -51.45 -35.90 -33.11
C ALA L 1 -52.51 -35.23 -32.22
N VAL L 2 -53.51 -34.63 -32.86
CA VAL L 2 -54.59 -33.99 -32.13
C VAL L 2 -55.86 -34.85 -32.23
N THR L 3 -56.07 -35.71 -31.23
CA THR L 3 -57.24 -36.57 -31.19
C THR L 3 -58.39 -35.86 -30.44
N GLY L 4 -59.58 -35.89 -31.03
CA GLY L 4 -60.73 -35.24 -30.46
C GLY L 4 -62.04 -36.00 -30.50
N GLN L 5 -63.06 -35.58 -29.76
CA GLN L 5 -64.34 -36.29 -29.73
C GLN L 5 -65.49 -35.62 -30.51
N VAL L 6 -66.36 -36.42 -31.12
CA VAL L 6 -67.51 -35.91 -31.87
C VAL L 6 -68.73 -36.66 -31.36
N ASP L 7 -69.58 -36.02 -30.57
CA ASP L 7 -70.73 -36.71 -30.04
C ASP L 7 -71.78 -36.88 -31.13
N VAL L 8 -72.24 -38.11 -31.34
CA VAL L 8 -73.25 -38.40 -32.33
C VAL L 8 -74.58 -38.60 -31.60
N LYS L 9 -75.67 -38.05 -32.14
CA LYS L 9 -76.95 -38.18 -31.47
C LYS L 9 -78.12 -38.38 -32.43
N LEU L 10 -79.19 -38.97 -31.92
CA LEU L 10 -80.40 -39.23 -32.68
C LEU L 10 -81.52 -39.45 -31.65
N ASN L 11 -82.63 -38.71 -31.77
CA ASN L 11 -83.71 -38.83 -30.82
C ASN L 11 -84.87 -39.56 -31.48
N ILE L 12 -84.92 -40.88 -31.34
CA ILE L 12 -86.00 -41.64 -31.92
C ILE L 12 -87.20 -41.51 -30.97
N SER L 13 -88.24 -40.78 -31.40
CA SER L 13 -89.45 -40.60 -30.59
C SER L 13 -90.72 -40.33 -31.44
N THR L 14 -90.76 -39.21 -32.15
CA THR L 14 -91.90 -38.80 -32.98
C THR L 14 -91.40 -37.74 -33.97
N GLY L 15 -91.02 -38.16 -35.18
CA GLY L 15 -90.50 -37.27 -36.19
C GLY L 15 -91.34 -37.01 -37.44
N CYS L 16 -90.75 -36.20 -38.32
CA CYS L 16 -91.37 -35.77 -39.57
C CYS L 16 -90.57 -36.32 -40.77
N THR L 17 -91.26 -36.73 -41.84
CA THR L 17 -90.58 -37.32 -43.02
C THR L 17 -90.85 -36.56 -44.32
N VAL L 18 -89.89 -36.58 -45.24
CA VAL L 18 -90.06 -35.88 -46.51
C VAL L 18 -90.35 -36.85 -47.66
N GLY L 19 -91.49 -36.70 -48.34
CA GLY L 19 -91.82 -37.57 -49.45
C GLY L 19 -91.45 -36.92 -50.77
N GLY L 20 -91.40 -37.71 -51.84
CA GLY L 20 -91.04 -37.20 -53.16
C GLY L 20 -89.55 -37.35 -53.48
N SER L 21 -88.80 -37.92 -52.56
CA SER L 21 -87.38 -38.11 -52.76
C SER L 21 -87.04 -39.56 -53.09
N GLN L 22 -85.90 -39.75 -53.73
CA GLN L 22 -85.40 -41.05 -54.12
C GLN L 22 -84.01 -41.12 -53.51
N THR L 23 -83.63 -42.27 -52.97
CA THR L 23 -82.32 -42.37 -52.35
C THR L 23 -81.23 -42.58 -53.43
N GLU L 24 -80.48 -41.54 -53.76
CA GLU L 24 -79.40 -41.68 -54.71
C GLU L 24 -78.21 -42.19 -53.90
N GLY L 25 -77.96 -43.49 -53.91
CA GLY L 25 -76.88 -44.03 -53.11
C GLY L 25 -77.21 -43.74 -51.66
N ASN L 26 -76.39 -42.93 -50.97
CA ASN L 26 -76.65 -42.61 -49.57
C ASN L 26 -77.03 -41.15 -49.38
N MET L 27 -77.53 -40.51 -50.44
CA MET L 27 -77.93 -39.11 -50.38
C MET L 27 -79.33 -38.95 -50.99
N ASN L 28 -80.27 -38.35 -50.25
CA ASN L 28 -81.63 -38.18 -50.74
C ASN L 28 -81.76 -37.28 -51.97
N LYS L 29 -82.15 -37.83 -53.12
CA LYS L 29 -82.35 -37.04 -54.33
C LYS L 29 -83.74 -36.43 -54.24
N PHE L 30 -83.84 -35.13 -53.94
CA PHE L 30 -85.14 -34.49 -53.80
C PHE L 30 -85.82 -34.16 -55.12
N GLY L 31 -85.08 -33.63 -56.09
CA GLY L 31 -85.73 -33.31 -57.35
C GLY L 31 -84.87 -32.60 -58.36
N THR L 32 -85.52 -31.96 -59.34
CA THR L 32 -84.81 -31.26 -60.39
C THR L 32 -85.45 -29.89 -60.68
N LEU L 33 -84.62 -28.89 -60.89
CA LEU L 33 -85.10 -27.54 -61.20
C LEU L 33 -84.69 -27.38 -62.66
N ASN L 34 -85.58 -27.78 -63.56
CA ASN L 34 -85.27 -27.77 -64.98
C ASN L 34 -85.78 -26.52 -65.69
N PHE L 35 -84.88 -25.57 -65.98
CA PHE L 35 -85.30 -24.34 -66.66
C PHE L 35 -85.60 -24.57 -68.14
N GLY L 36 -85.07 -25.67 -68.68
CA GLY L 36 -85.30 -26.03 -70.06
C GLY L 36 -84.20 -25.52 -70.96
N LYS L 37 -84.49 -25.44 -72.26
CA LYS L 37 -83.52 -24.97 -73.24
C LYS L 37 -83.61 -23.44 -73.36
N THR L 38 -82.51 -22.83 -73.79
CA THR L 38 -82.47 -21.38 -73.95
C THR L 38 -81.34 -20.94 -74.88
N SER L 39 -81.45 -19.73 -75.41
CA SER L 39 -80.44 -19.19 -76.31
C SER L 39 -79.41 -18.44 -75.52
N GLY L 40 -78.32 -17.99 -76.18
CA GLY L 40 -77.24 -17.29 -75.52
C GLY L 40 -77.71 -16.10 -74.70
N THR L 41 -78.59 -15.29 -75.28
CA THR L 41 -79.11 -14.11 -74.61
C THR L 41 -80.65 -14.16 -74.52
N TRP L 42 -81.19 -14.38 -73.33
CA TRP L 42 -82.64 -14.45 -73.15
C TRP L 42 -83.17 -13.15 -72.51
N ASN L 43 -84.25 -12.59 -73.05
CA ASN L 43 -84.83 -11.36 -72.51
C ASN L 43 -85.88 -11.62 -71.44
N ASN L 44 -86.51 -12.79 -71.50
CA ASN L 44 -87.52 -13.15 -70.51
C ASN L 44 -86.86 -13.89 -69.34
N VAL L 45 -87.36 -13.65 -68.13
CA VAL L 45 -86.87 -14.29 -66.92
C VAL L 45 -87.11 -15.79 -67.06
N LEU L 46 -86.07 -16.63 -67.07
CA LEU L 46 -86.34 -18.07 -67.25
C LEU L 46 -86.83 -18.61 -65.93
N THR L 47 -87.95 -19.35 -65.94
CA THR L 47 -88.58 -19.76 -64.69
C THR L 47 -89.15 -21.17 -64.71
N ALA L 48 -88.76 -22.03 -63.77
CA ALA L 48 -89.28 -23.40 -63.70
C ALA L 48 -89.40 -23.82 -62.24
N GLU L 49 -90.24 -24.82 -61.99
CA GLU L 49 -90.49 -25.32 -60.64
C GLU L 49 -89.76 -26.64 -60.43
N VAL L 50 -89.47 -26.95 -59.17
CA VAL L 50 -88.82 -28.20 -58.85
C VAL L 50 -89.73 -29.38 -59.17
N ALA L 51 -89.16 -30.46 -59.72
CA ALA L 51 -89.93 -31.65 -60.04
C ALA L 51 -89.35 -32.77 -59.18
N SER L 52 -90.09 -33.28 -58.20
CA SER L 52 -89.59 -34.34 -57.33
C SER L 52 -89.10 -35.55 -58.13
N ALA L 53 -87.97 -36.14 -57.71
CA ALA L 53 -87.42 -37.28 -58.44
C ALA L 53 -88.25 -38.56 -58.33
N ALA L 54 -89.05 -38.68 -57.26
CA ALA L 54 -89.87 -39.86 -57.04
C ALA L 54 -91.19 -39.86 -57.81
N THR L 55 -91.93 -38.76 -57.75
CA THR L 55 -93.22 -38.70 -58.45
C THR L 55 -93.25 -37.83 -59.70
N GLY L 56 -92.52 -36.73 -59.70
CA GLY L 56 -92.53 -35.81 -60.82
C GLY L 56 -93.19 -34.50 -60.45
N GLY L 57 -94.01 -34.51 -59.39
CA GLY L 57 -94.68 -33.32 -58.91
C GLY L 57 -93.85 -32.61 -57.86
N ASN L 58 -94.52 -31.89 -56.95
CA ASN L 58 -93.80 -31.15 -55.91
C ASN L 58 -93.44 -32.03 -54.72
N ILE L 59 -92.34 -31.69 -54.04
CA ILE L 59 -91.91 -32.45 -52.88
C ILE L 59 -93.05 -32.41 -51.85
N SER L 60 -93.50 -33.57 -51.37
CA SER L 60 -94.61 -33.59 -50.42
C SER L 60 -94.13 -34.00 -49.04
N VAL L 61 -93.94 -33.05 -48.14
CA VAL L 61 -93.48 -33.39 -46.81
C VAL L 61 -94.67 -33.70 -45.91
N THR L 62 -94.65 -34.83 -45.21
CA THR L 62 -95.74 -35.18 -44.30
C THR L 62 -95.10 -35.43 -42.93
N CYS L 63 -95.81 -35.13 -41.86
CA CYS L 63 -95.24 -35.36 -40.53
C CYS L 63 -95.92 -36.56 -39.87
N ASP L 64 -95.15 -37.46 -39.28
CA ASP L 64 -95.71 -38.63 -38.63
C ASP L 64 -96.19 -38.28 -37.21
N GLY L 65 -97.34 -37.61 -37.14
CA GLY L 65 -97.90 -37.20 -35.87
C GLY L 65 -99.36 -36.83 -36.03
N THR L 66 -100.02 -36.52 -34.91
CA THR L 66 -101.43 -36.14 -34.95
C THR L 66 -101.63 -34.63 -34.85
N ASP L 67 -100.98 -34.02 -33.87
CA ASP L 67 -101.07 -32.58 -33.65
C ASP L 67 -100.26 -31.86 -34.73
N PRO L 68 -100.59 -30.59 -35.02
CA PRO L 68 -99.81 -29.91 -36.07
C PRO L 68 -98.34 -29.74 -35.68
N VAL L 69 -97.44 -29.89 -36.65
CA VAL L 69 -96.01 -29.75 -36.41
C VAL L 69 -95.46 -28.62 -37.27
N ASP L 70 -94.60 -27.77 -36.70
CA ASP L 70 -94.05 -26.65 -37.45
C ASP L 70 -92.63 -27.03 -37.86
N PHE L 71 -92.42 -27.38 -39.13
CA PHE L 71 -91.09 -27.77 -39.59
C PHE L 71 -90.52 -26.69 -40.48
N THR L 72 -89.21 -26.65 -40.57
CA THR L 72 -88.57 -25.63 -41.37
C THR L 72 -87.90 -26.18 -42.63
N VAL L 73 -87.70 -25.29 -43.61
CA VAL L 73 -87.05 -25.65 -44.86
C VAL L 73 -85.89 -24.70 -45.14
N ALA L 74 -84.69 -25.22 -45.39
CA ALA L 74 -83.55 -24.38 -45.68
C ALA L 74 -82.82 -24.90 -46.92
N ILE L 75 -82.48 -24.01 -47.84
CA ILE L 75 -81.77 -24.40 -49.05
C ILE L 75 -80.43 -23.69 -48.97
N ASP L 76 -79.37 -24.35 -49.43
CA ASP L 76 -78.04 -23.77 -49.39
C ASP L 76 -77.74 -22.99 -50.69
N GLY L 77 -76.51 -22.50 -50.85
CA GLY L 77 -76.10 -21.73 -52.02
C GLY L 77 -75.58 -22.47 -53.25
N GLY L 78 -75.75 -23.78 -53.32
CA GLY L 78 -75.27 -24.54 -54.46
C GLY L 78 -73.82 -24.97 -54.32
N GLU L 79 -73.29 -25.63 -55.34
CA GLU L 79 -71.93 -26.12 -55.34
C GLU L 79 -70.90 -25.05 -55.04
N ARG L 80 -71.03 -23.86 -55.62
CA ARG L 80 -70.03 -22.81 -55.39
C ARG L 80 -70.39 -21.79 -54.31
N THR L 81 -71.54 -22.01 -53.65
CA THR L 81 -72.11 -21.16 -52.58
C THR L 81 -72.66 -19.77 -53.00
N ASP L 82 -72.81 -19.51 -54.30
CA ASP L 82 -73.36 -18.24 -54.77
C ASP L 82 -74.49 -18.42 -55.81
N ARG L 83 -75.14 -19.58 -55.77
CA ARG L 83 -76.25 -19.93 -56.65
C ARG L 83 -75.98 -19.66 -58.13
N THR L 84 -74.91 -20.26 -58.65
CA THR L 84 -74.54 -20.12 -60.05
C THR L 84 -74.49 -21.49 -60.71
N LEU L 85 -75.10 -21.65 -61.88
CA LEU L 85 -74.97 -22.91 -62.56
C LEU L 85 -73.68 -22.87 -63.35
N LYS L 86 -72.95 -23.95 -63.43
CA LYS L 86 -71.69 -23.94 -64.14
C LYS L 86 -71.74 -24.79 -65.41
N ASN L 87 -71.09 -24.35 -66.47
CA ASN L 87 -71.11 -25.14 -67.67
C ASN L 87 -70.29 -26.38 -67.40
N THR L 88 -70.75 -27.54 -67.85
CA THR L 88 -70.01 -28.78 -67.67
C THR L 88 -68.56 -28.72 -68.21
N ALA L 89 -68.34 -28.05 -69.34
CA ALA L 89 -66.98 -27.99 -69.90
C ALA L 89 -66.19 -26.69 -69.65
N SER L 90 -66.79 -25.57 -70.01
CA SER L 90 -66.18 -24.24 -69.84
C SER L 90 -66.41 -23.70 -68.42
N ALA L 91 -65.89 -22.52 -68.12
CA ALA L 91 -66.06 -21.94 -66.79
C ALA L 91 -67.16 -20.86 -66.69
N ASP L 92 -68.03 -20.80 -67.69
CA ASP L 92 -69.12 -19.82 -67.68
C ASP L 92 -70.09 -20.12 -66.55
N VAL L 93 -70.69 -19.08 -65.95
CA VAL L 93 -71.62 -19.29 -64.86
C VAL L 93 -72.97 -18.63 -65.15
N VAL L 94 -74.04 -19.16 -64.58
CA VAL L 94 -75.37 -18.59 -64.78
C VAL L 94 -76.03 -18.37 -63.42
N ALA L 95 -76.07 -17.13 -62.94
CA ALA L 95 -76.65 -16.81 -61.65
C ALA L 95 -78.18 -17.08 -61.61
N TYR L 96 -78.67 -17.70 -60.53
CA TYR L 96 -80.09 -17.97 -60.37
C TYR L 96 -80.48 -17.83 -58.90
N ASN L 97 -81.75 -18.11 -58.56
CA ASN L 97 -82.23 -18.03 -57.19
C ASN L 97 -83.48 -18.88 -57.07
N VAL L 98 -83.77 -19.36 -55.86
CA VAL L 98 -84.96 -20.17 -55.63
C VAL L 98 -85.91 -19.39 -54.71
N TYR L 99 -87.17 -19.25 -55.09
CA TYR L 99 -88.13 -18.55 -54.26
C TYR L 99 -89.15 -19.54 -53.75
N ARG L 100 -89.93 -19.14 -52.74
CA ARG L 100 -90.93 -20.00 -52.14
C ARG L 100 -92.33 -19.79 -52.67
N ASP L 101 -92.68 -18.55 -52.98
CA ASP L 101 -94.02 -18.25 -53.47
C ASP L 101 -94.04 -18.15 -54.99
N ALA L 102 -95.24 -18.32 -55.57
CA ALA L 102 -95.46 -18.28 -57.02
C ALA L 102 -95.09 -16.98 -57.75
N ALA L 103 -95.05 -15.85 -57.02
CA ALA L 103 -94.69 -14.58 -57.61
C ALA L 103 -93.20 -14.19 -57.48
N ARG L 104 -92.30 -15.15 -57.21
CA ARG L 104 -90.87 -14.89 -57.11
C ARG L 104 -90.49 -13.78 -56.12
N THR L 105 -91.26 -13.64 -55.03
CA THR L 105 -91.00 -12.61 -54.02
C THR L 105 -90.33 -13.10 -52.73
N ASN L 106 -90.87 -14.16 -52.11
CA ASN L 106 -90.35 -14.70 -50.87
C ASN L 106 -89.18 -15.61 -51.21
N LEU L 107 -87.98 -15.05 -51.14
CA LEU L 107 -86.75 -15.77 -51.48
C LEU L 107 -86.29 -16.76 -50.42
N TYR L 108 -85.81 -17.93 -50.84
CA TYR L 108 -85.27 -18.89 -49.88
C TYR L 108 -83.88 -18.39 -49.63
N VAL L 109 -83.70 -17.51 -48.65
CA VAL L 109 -82.39 -16.96 -48.34
C VAL L 109 -81.38 -18.07 -48.01
N VAL L 110 -80.13 -17.89 -48.46
CA VAL L 110 -79.08 -18.88 -48.24
C VAL L 110 -78.97 -19.31 -46.76
N ASN L 111 -78.94 -20.62 -46.51
CA ASN L 111 -78.82 -21.16 -45.15
C ASN L 111 -79.82 -20.53 -44.16
N GLN L 112 -81.09 -20.45 -44.56
CA GLN L 112 -82.11 -19.88 -43.67
C GLN L 112 -83.32 -20.81 -43.58
N PRO L 113 -83.85 -20.99 -42.35
CA PRO L 113 -85.00 -21.88 -42.17
C PRO L 113 -86.34 -21.26 -42.53
N GLN L 114 -86.73 -21.26 -43.80
CA GLN L 114 -88.02 -20.70 -44.13
C GLN L 114 -89.08 -21.61 -43.47
N GLN L 115 -89.85 -21.06 -42.50
CA GLN L 115 -90.90 -21.80 -41.74
C GLN L 115 -91.98 -22.48 -42.63
N PHE L 116 -92.58 -23.54 -42.08
CA PHE L 116 -93.66 -24.27 -42.74
C PHE L 116 -94.58 -24.99 -41.74
N THR L 117 -95.84 -25.18 -42.11
CA THR L 117 -96.80 -25.87 -41.24
C THR L 117 -97.19 -27.18 -41.87
N THR L 118 -97.62 -28.11 -41.04
CA THR L 118 -98.07 -29.40 -41.51
C THR L 118 -99.17 -29.77 -40.53
N VAL L 119 -100.25 -30.36 -41.05
CA VAL L 119 -101.44 -30.66 -40.27
C VAL L 119 -101.84 -32.14 -40.28
N SER L 120 -102.88 -32.45 -39.49
CA SER L 120 -103.35 -33.82 -39.34
C SER L 120 -103.63 -34.57 -40.65
N GLY L 121 -103.05 -35.76 -40.79
CA GLY L 121 -103.28 -36.62 -41.94
C GLY L 121 -103.10 -35.93 -43.28
N GLN L 122 -102.06 -35.12 -43.43
CA GLN L 122 -101.88 -34.46 -44.71
C GLN L 122 -100.41 -34.29 -45.11
N ALA L 123 -100.16 -34.19 -46.42
CA ALA L 123 -98.81 -33.98 -46.91
C ALA L 123 -98.78 -32.53 -47.43
N THR L 124 -97.85 -31.73 -46.92
CA THR L 124 -97.71 -30.35 -47.36
C THR L 124 -96.66 -30.30 -48.47
N ALA L 125 -96.88 -29.49 -49.51
CA ALA L 125 -95.94 -29.40 -50.61
C ALA L 125 -94.88 -28.33 -50.34
N VAL L 126 -93.66 -28.56 -50.81
CA VAL L 126 -92.58 -27.60 -50.63
C VAL L 126 -92.30 -26.97 -51.99
N PRO L 127 -92.87 -25.78 -52.22
CA PRO L 127 -92.66 -25.16 -53.52
C PRO L 127 -91.27 -24.53 -53.59
N ILE L 128 -90.43 -25.04 -54.48
CA ILE L 128 -89.12 -24.47 -54.66
C ILE L 128 -89.22 -23.89 -56.08
N PHE L 129 -89.54 -22.60 -56.16
CA PHE L 129 -89.71 -21.97 -57.46
C PHE L 129 -88.40 -21.35 -57.93
N GLY L 130 -87.87 -21.81 -59.05
CA GLY L 130 -86.63 -21.26 -59.55
C GLY L 130 -86.93 -20.03 -60.40
N ALA L 131 -85.91 -19.19 -60.56
CA ALA L 131 -86.01 -17.97 -61.33
C ALA L 131 -84.61 -17.51 -61.77
N ILE L 132 -84.46 -17.14 -63.04
CA ILE L 132 -83.21 -16.66 -63.56
C ILE L 132 -83.41 -15.27 -64.19
N ALA L 133 -82.49 -14.33 -63.88
CA ALA L 133 -82.58 -12.97 -64.39
C ALA L 133 -82.39 -12.91 -65.90
N PRO L 134 -82.97 -11.87 -66.54
CA PRO L 134 -82.82 -11.75 -67.99
C PRO L 134 -81.38 -11.35 -68.35
N ASN L 135 -80.69 -12.20 -69.10
CA ASN L 135 -79.33 -11.91 -69.52
C ASN L 135 -79.42 -11.28 -70.90
N THR L 136 -79.24 -9.96 -70.97
CA THR L 136 -79.29 -9.27 -72.25
C THR L 136 -77.98 -8.55 -72.48
N GLY L 137 -76.90 -9.13 -71.97
CA GLY L 137 -75.57 -8.55 -72.10
C GLY L 137 -74.63 -9.42 -72.90
N THR L 138 -74.09 -10.45 -72.27
CA THR L 138 -73.15 -11.35 -72.95
C THR L 138 -73.75 -12.74 -73.16
N PRO L 139 -73.58 -13.31 -74.36
CA PRO L 139 -74.12 -14.65 -74.62
C PRO L 139 -73.26 -15.76 -74.01
N LYS L 140 -73.77 -16.48 -73.02
CA LYS L 140 -73.01 -17.56 -72.38
C LYS L 140 -72.75 -18.68 -73.38
N ALA L 141 -71.60 -19.36 -73.25
CA ALA L 141 -71.25 -20.44 -74.17
C ALA L 141 -72.28 -21.60 -74.24
N GLN L 142 -72.33 -22.26 -75.38
CA GLN L 142 -73.26 -23.38 -75.59
C GLN L 142 -72.90 -24.57 -74.71
N GLY L 143 -73.91 -25.40 -74.40
CA GLY L 143 -73.68 -26.56 -73.56
C GLY L 143 -74.73 -26.70 -72.47
N ASP L 144 -74.42 -27.51 -71.46
CA ASP L 144 -75.34 -27.74 -70.35
C ASP L 144 -74.82 -27.09 -69.06
N TYR L 145 -75.66 -26.30 -68.39
CA TYR L 145 -75.27 -25.66 -67.14
C TYR L 145 -75.93 -26.42 -66.01
N LYS L 146 -75.18 -26.71 -64.93
CA LYS L 146 -75.74 -27.47 -63.80
C LYS L 146 -75.37 -26.90 -62.44
N ASP L 147 -76.08 -27.37 -61.43
CA ASP L 147 -75.86 -27.03 -60.02
C ASP L 147 -76.61 -28.05 -59.20
N THR L 148 -76.17 -28.26 -57.97
CA THR L 148 -76.82 -29.21 -57.09
C THR L 148 -77.14 -28.49 -55.78
N LEU L 149 -78.36 -27.99 -55.64
CA LEU L 149 -78.70 -27.30 -54.41
C LEU L 149 -79.02 -28.36 -53.37
N LEU L 150 -78.55 -28.19 -52.14
CA LEU L 150 -78.84 -29.15 -51.09
C LEU L 150 -80.00 -28.56 -50.31
N VAL L 151 -81.18 -29.19 -50.34
CA VAL L 151 -82.32 -28.69 -49.58
C VAL L 151 -82.24 -29.41 -48.24
N THR L 152 -82.41 -28.65 -47.15
CA THR L 152 -82.28 -29.12 -45.80
C THR L 152 -83.56 -29.00 -45.00
N VAL L 153 -84.37 -30.07 -44.98
CA VAL L 153 -85.59 -30.07 -44.20
C VAL L 153 -85.17 -30.36 -42.75
N ASN L 154 -85.27 -29.38 -41.85
CA ASN L 154 -84.82 -29.61 -40.50
C ASN L 154 -85.88 -29.18 -39.52
N PHE L 155 -85.74 -29.67 -38.30
CA PHE L 155 -86.73 -29.44 -37.27
C PHE L 155 -86.14 -28.67 -36.11
N ALA M 1 -83.43 -34.00 -39.17
CA ALA M 1 -82.62 -33.35 -40.19
C ALA M 1 -82.56 -34.19 -41.46
N VAL M 2 -83.45 -33.88 -42.42
CA VAL M 2 -83.47 -34.60 -43.69
C VAL M 2 -82.91 -33.69 -44.79
N THR M 3 -81.61 -33.82 -45.05
CA THR M 3 -80.94 -33.05 -46.08
C THR M 3 -81.01 -33.80 -47.43
N GLY M 4 -81.39 -33.08 -48.49
CA GLY M 4 -81.52 -33.67 -49.79
C GLY M 4 -81.00 -32.85 -50.97
N GLN M 5 -80.85 -33.45 -52.15
CA GLN M 5 -80.32 -32.72 -53.30
C GLN M 5 -81.35 -32.34 -54.38
N VAL M 6 -81.15 -31.17 -55.02
CA VAL M 6 -82.04 -30.69 -56.06
C VAL M 6 -81.16 -30.32 -57.24
N ASP M 7 -81.14 -31.12 -58.30
CA ASP M 7 -80.29 -30.82 -59.42
C ASP M 7 -80.89 -29.67 -60.24
N VAL M 8 -80.10 -28.62 -60.47
CA VAL M 8 -80.55 -27.48 -61.25
C VAL M 8 -79.95 -27.61 -62.65
N LYS M 9 -80.73 -27.31 -63.69
CA LYS M 9 -80.21 -27.45 -65.04
C LYS M 9 -80.70 -26.35 -65.98
N LEU M 10 -79.94 -26.11 -67.03
CA LEU M 10 -80.25 -25.11 -68.05
C LEU M 10 -79.45 -25.49 -69.29
N ASN M 11 -80.09 -25.62 -70.45
CA ASN M 11 -79.39 -26.00 -71.66
C ASN M 11 -79.30 -24.80 -72.58
N ILE M 12 -78.21 -24.05 -72.47
CA ILE M 12 -78.02 -22.89 -73.32
C ILE M 12 -77.52 -23.40 -74.67
N SER M 13 -78.37 -23.32 -75.71
CA SER M 13 -77.99 -23.77 -77.06
C SER M 13 -78.77 -23.03 -78.18
N THR M 14 -80.10 -23.22 -78.24
CA THR M 14 -80.95 -22.62 -79.26
C THR M 14 -82.40 -22.68 -78.74
N GLY M 15 -82.86 -21.60 -78.10
CA GLY M 15 -84.20 -21.55 -77.53
C GLY M 15 -85.21 -20.60 -78.16
N CYS M 16 -86.40 -20.60 -77.55
CA CYS M 16 -87.54 -19.82 -77.99
C CYS M 16 -87.90 -18.77 -76.91
N THR M 17 -88.29 -17.56 -77.33
CA THR M 17 -88.61 -16.48 -76.39
C THR M 17 -90.04 -15.94 -76.52
N VAL M 18 -90.62 -15.46 -75.42
CA VAL M 18 -91.98 -14.93 -75.45
C VAL M 18 -92.00 -13.40 -75.40
N GLY M 19 -92.57 -12.74 -76.41
CA GLY M 19 -92.64 -11.30 -76.42
C GLY M 19 -93.99 -10.83 -75.92
N GLY M 20 -94.10 -9.55 -75.58
CA GLY M 20 -95.34 -8.98 -75.05
C GLY M 20 -95.40 -8.97 -73.53
N SER M 21 -94.36 -9.47 -72.88
CA SER M 21 -94.34 -9.50 -71.43
C SER M 21 -93.45 -8.41 -70.85
N GLN M 22 -93.71 -8.07 -69.60
CA GLN M 22 -92.96 -7.07 -68.87
C GLN M 22 -92.50 -7.78 -67.62
N THR M 23 -91.26 -7.52 -67.19
CA THR M 23 -90.76 -8.20 -66.00
C THR M 23 -91.28 -7.52 -64.73
N GLU M 24 -92.29 -8.10 -64.07
CA GLU M 24 -92.79 -7.55 -62.82
C GLU M 24 -91.84 -8.09 -61.75
N GLY M 25 -90.87 -7.30 -61.33
CA GLY M 25 -89.92 -7.79 -60.34
C GLY M 25 -89.20 -8.98 -60.97
N ASN M 26 -89.34 -10.17 -60.40
CA ASN M 26 -88.67 -11.35 -60.94
C ASN M 26 -89.67 -12.34 -61.54
N MET M 27 -90.84 -11.86 -61.92
CA MET M 27 -91.87 -12.71 -62.52
C MET M 27 -92.41 -12.06 -63.80
N ASN M 28 -92.40 -12.78 -64.91
CA ASN M 28 -92.86 -12.23 -66.18
C ASN M 28 -94.36 -11.87 -66.21
N LYS M 29 -94.69 -10.58 -66.31
CA LYS M 29 -96.09 -10.16 -66.39
C LYS M 29 -96.52 -10.30 -67.85
N PHE M 30 -97.31 -11.32 -68.18
CA PHE M 30 -97.72 -11.56 -69.55
C PHE M 30 -98.84 -10.65 -70.02
N GLY M 31 -99.86 -10.42 -69.20
CA GLY M 31 -100.93 -9.56 -69.66
C GLY M 31 -102.12 -9.46 -68.73
N THR M 32 -103.25 -9.00 -69.28
CA THR M 32 -104.46 -8.84 -68.49
C THR M 32 -105.69 -9.37 -69.24
N LEU M 33 -106.58 -10.04 -68.54
CA LEU M 33 -107.80 -10.56 -69.12
C LEU M 33 -108.88 -9.69 -68.49
N ASN M 34 -109.19 -8.56 -69.13
CA ASN M 34 -110.11 -7.59 -68.58
C ASN M 34 -111.52 -7.76 -69.12
N PHE M 35 -112.42 -8.35 -68.33
CA PHE M 35 -113.80 -8.55 -68.78
C PHE M 35 -114.60 -7.24 -68.76
N GLY M 36 -114.11 -6.26 -68.02
CA GLY M 36 -114.75 -4.96 -67.95
C GLY M 36 -115.70 -4.88 -66.78
N LYS M 37 -116.61 -3.91 -66.85
CA LYS M 37 -117.60 -3.69 -65.79
C LYS M 37 -118.83 -4.56 -66.05
N THR M 38 -119.57 -4.88 -64.99
CA THR M 38 -120.77 -5.71 -65.12
C THR M 38 -121.68 -5.55 -63.91
N SER M 39 -122.95 -5.91 -64.09
CA SER M 39 -123.94 -5.82 -63.01
C SER M 39 -123.97 -7.11 -62.25
N GLY M 40 -124.72 -7.15 -61.13
CA GLY M 40 -124.81 -8.33 -60.29
C GLY M 40 -125.18 -9.58 -61.06
N THR M 41 -126.19 -9.47 -61.92
CA THR M 41 -126.65 -10.61 -62.71
C THR M 41 -126.57 -10.30 -64.21
N TRP M 42 -125.63 -10.93 -64.93
CA TRP M 42 -125.49 -10.69 -66.36
C TRP M 42 -126.06 -11.87 -67.16
N ASN M 43 -126.85 -11.58 -68.20
CA ASN M 43 -127.44 -12.65 -69.01
C ASN M 43 -126.56 -13.04 -70.19
N ASN M 44 -125.73 -12.11 -70.65
CA ASN M 44 -124.82 -12.38 -71.74
C ASN M 44 -123.49 -12.92 -71.22
N VAL M 45 -122.89 -13.85 -71.97
CA VAL M 45 -121.61 -14.44 -71.61
C VAL M 45 -120.56 -13.32 -71.62
N LEU M 46 -119.92 -13.01 -70.49
CA LEU M 46 -118.95 -11.88 -70.52
C LEU M 46 -117.69 -12.42 -71.17
N THR M 47 -117.14 -11.68 -72.16
CA THR M 47 -116.04 -12.19 -72.94
C THR M 47 -114.99 -11.15 -73.31
N ALA M 48 -113.71 -11.38 -72.97
CA ALA M 48 -112.65 -10.45 -73.31
C ALA M 48 -111.37 -11.22 -73.63
N GLU M 49 -110.46 -10.58 -74.35
CA GLU M 49 -109.21 -11.19 -74.77
C GLU M 49 -108.06 -10.66 -73.93
N VAL M 50 -107.00 -11.46 -73.83
CA VAL M 50 -105.83 -11.05 -73.08
C VAL M 50 -105.17 -9.85 -73.76
N ALA M 51 -104.69 -8.88 -72.96
CA ALA M 51 -104.01 -7.72 -73.50
C ALA M 51 -102.60 -7.76 -72.92
N SER M 52 -101.58 -7.99 -73.75
CA SER M 52 -100.20 -8.06 -73.29
C SER M 52 -99.80 -6.81 -72.49
N ALA M 53 -99.06 -6.99 -71.40
CA ALA M 53 -98.66 -5.84 -70.58
C ALA M 53 -97.63 -4.92 -71.24
N ALA M 54 -96.86 -5.46 -72.19
CA ALA M 54 -95.83 -4.68 -72.87
C ALA M 54 -96.36 -3.82 -74.02
N THR M 55 -97.17 -4.41 -74.90
CA THR M 55 -97.69 -3.65 -76.04
C THR M 55 -99.17 -3.27 -75.96
N GLY M 56 -99.99 -4.15 -75.40
CA GLY M 56 -101.42 -3.90 -75.33
C GLY M 56 -102.18 -4.88 -76.21
N GLY M 57 -101.48 -5.46 -77.20
CA GLY M 57 -102.09 -6.43 -78.09
C GLY M 57 -101.93 -7.84 -77.58
N ASN M 58 -101.89 -8.82 -78.48
CA ASN M 58 -101.76 -10.21 -78.07
C ASN M 58 -100.31 -10.61 -77.80
N ILE M 59 -100.10 -11.57 -76.91
CA ILE M 59 -98.76 -12.04 -76.59
C ILE M 59 -98.13 -12.56 -77.89
N SER M 60 -96.95 -12.08 -78.25
CA SER M 60 -96.34 -12.51 -79.50
C SER M 60 -95.11 -13.37 -79.22
N VAL M 61 -95.24 -14.70 -79.33
CA VAL M 61 -94.10 -15.55 -79.07
C VAL M 61 -93.30 -15.76 -80.35
N THR M 62 -91.99 -15.54 -80.30
CA THR M 62 -91.16 -15.75 -81.47
C THR M 62 -90.06 -16.75 -81.07
N CYS M 63 -89.59 -17.57 -82.00
CA CYS M 63 -88.52 -18.47 -81.64
C CYS M 63 -87.23 -17.96 -82.27
N ASP M 64 -86.10 -18.37 -81.70
CA ASP M 64 -84.79 -17.93 -82.20
C ASP M 64 -84.10 -19.03 -82.99
N GLY M 65 -84.28 -19.05 -84.30
CA GLY M 65 -83.66 -20.05 -85.15
C GLY M 65 -84.16 -20.01 -86.58
N THR M 66 -83.79 -21.03 -87.37
CA THR M 66 -84.21 -21.14 -88.76
C THR M 66 -85.24 -22.22 -89.04
N ASP M 67 -85.29 -23.30 -88.27
CA ASP M 67 -86.30 -24.31 -88.57
C ASP M 67 -87.57 -24.05 -87.74
N PRO M 68 -88.75 -24.34 -88.31
CA PRO M 68 -89.97 -24.07 -87.54
C PRO M 68 -90.03 -24.90 -86.26
N VAL M 69 -90.00 -24.27 -85.08
CA VAL M 69 -90.05 -25.01 -83.83
C VAL M 69 -91.49 -25.19 -83.33
N ASP M 70 -91.77 -26.35 -82.71
CA ASP M 70 -93.10 -26.62 -82.18
C ASP M 70 -93.06 -26.39 -80.68
N PHE M 71 -93.63 -25.28 -80.21
CA PHE M 71 -93.61 -24.98 -78.78
C PHE M 71 -94.99 -25.15 -78.21
N THR M 72 -95.07 -25.40 -76.91
CA THR M 72 -96.36 -25.61 -76.29
C THR M 72 -96.76 -24.47 -75.34
N VAL M 73 -98.06 -24.37 -75.08
CA VAL M 73 -98.59 -23.36 -74.18
C VAL M 73 -99.49 -24.02 -73.13
N ALA M 74 -99.23 -23.77 -71.84
CA ALA M 74 -100.04 -24.35 -70.79
C ALA M 74 -100.43 -23.26 -69.80
N ILE M 75 -101.71 -23.23 -69.41
CA ILE M 75 -102.19 -22.25 -68.46
C ILE M 75 -102.66 -23.06 -67.26
N ASP M 76 -102.46 -22.54 -66.06
CA ASP M 76 -102.84 -23.23 -64.84
C ASP M 76 -104.28 -22.83 -64.42
N GLY M 77 -104.74 -23.31 -63.27
CA GLY M 77 -106.07 -23.03 -62.75
C GLY M 77 -106.31 -21.77 -61.94
N GLY M 78 -105.37 -20.84 -61.91
CA GLY M 78 -105.53 -19.61 -61.14
C GLY M 78 -105.08 -19.77 -59.70
N GLU M 79 -105.25 -18.71 -58.91
CA GLU M 79 -104.87 -18.71 -57.51
C GLU M 79 -105.45 -19.84 -56.71
N ARG M 80 -106.74 -20.14 -56.89
CA ARG M 80 -107.37 -21.19 -56.10
C ARG M 80 -107.44 -22.57 -56.77
N THR M 81 -106.86 -22.66 -57.99
CA THR M 81 -106.81 -23.86 -58.85
C THR M 81 -108.14 -24.33 -59.48
N ASP M 82 -109.19 -23.50 -59.44
CA ASP M 82 -110.47 -23.85 -60.08
C ASP M 82 -111.02 -22.71 -60.96
N ARG M 83 -110.13 -21.86 -61.44
CA ARG M 83 -110.46 -20.73 -62.32
C ARG M 83 -111.63 -19.88 -61.83
N THR M 84 -111.50 -19.36 -60.62
CA THR M 84 -112.52 -18.49 -60.04
C THR M 84 -111.91 -17.14 -59.67
N LEU M 85 -112.56 -16.05 -60.04
CA LEU M 85 -112.04 -14.77 -59.64
C LEU M 85 -112.59 -14.50 -58.24
N LYS M 86 -111.79 -13.91 -57.36
CA LYS M 86 -112.26 -13.68 -56.01
C LYS M 86 -112.44 -12.19 -55.73
N ASN M 87 -113.46 -11.82 -54.96
CA ASN M 87 -113.64 -10.44 -54.66
C ASN M 87 -112.51 -10.02 -53.75
N THR M 88 -111.94 -8.85 -53.96
CA THR M 88 -110.88 -8.35 -53.10
C THR M 88 -111.25 -8.32 -51.60
N ALA M 89 -112.49 -7.96 -51.26
CA ALA M 89 -112.88 -7.89 -49.85
C ALA M 89 -113.68 -9.08 -49.30
N SER M 90 -114.78 -9.40 -49.97
CA SER M 90 -115.66 -10.51 -49.58
C SER M 90 -115.15 -11.85 -50.14
N ALA M 91 -115.84 -12.94 -49.84
CA ALA M 91 -115.42 -14.26 -50.32
C ALA M 91 -116.18 -14.77 -51.55
N ASP M 92 -116.90 -13.88 -52.23
CA ASP M 92 -117.64 -14.27 -53.41
C ASP M 92 -116.69 -14.70 -54.53
N VAL M 93 -117.11 -15.67 -55.36
CA VAL M 93 -116.25 -16.15 -56.44
C VAL M 93 -116.95 -16.05 -57.79
N VAL M 94 -116.20 -15.89 -58.86
CA VAL M 94 -116.77 -15.81 -60.20
C VAL M 94 -116.06 -16.80 -61.12
N ALA M 95 -116.69 -17.94 -61.40
CA ALA M 95 -116.09 -18.96 -62.25
C ALA M 95 -115.89 -18.48 -63.70
N TYR M 96 -114.73 -18.77 -64.29
CA TYR M 96 -114.43 -18.41 -65.67
C TYR M 96 -113.59 -19.49 -66.33
N ASN M 97 -113.17 -19.29 -67.58
CA ASN M 97 -112.35 -20.23 -68.31
C ASN M 97 -111.63 -19.50 -69.44
N VAL M 98 -110.50 -20.02 -69.87
CA VAL M 98 -109.76 -19.41 -70.96
C VAL M 98 -109.75 -20.37 -72.15
N TYR M 99 -110.13 -19.90 -73.33
CA TYR M 99 -110.13 -20.75 -74.51
C TYR M 99 -109.05 -20.26 -75.47
N ARG M 100 -108.72 -21.09 -76.45
CA ARG M 100 -107.68 -20.76 -77.42
C ARG M 100 -108.21 -20.19 -78.73
N ASP M 101 -109.36 -20.68 -79.18
CA ASP M 101 -109.93 -20.22 -80.44
C ASP M 101 -111.01 -19.15 -80.20
N ALA M 102 -111.27 -18.36 -81.24
CA ALA M 102 -112.24 -17.26 -81.20
C ALA M 102 -113.70 -17.65 -80.89
N ALA M 103 -114.08 -18.90 -81.13
CA ALA M 103 -115.42 -19.37 -80.84
C ALA M 103 -115.60 -20.05 -79.48
N ARG M 104 -114.69 -19.82 -78.51
CA ARG M 104 -114.81 -20.39 -77.16
C ARG M 104 -114.99 -21.91 -77.12
N THR M 105 -114.39 -22.62 -78.08
CA THR M 105 -114.51 -24.09 -78.15
C THR M 105 -113.28 -24.87 -77.66
N ASN M 106 -112.09 -24.53 -78.15
CA ASN M 106 -110.86 -25.21 -77.79
C ASN M 106 -110.37 -24.65 -76.47
N LEU M 107 -110.74 -25.31 -75.39
CA LEU M 107 -110.39 -24.87 -74.04
C LEU M 107 -108.93 -25.13 -73.64
N TYR M 108 -108.32 -24.18 -72.95
CA TYR M 108 -106.97 -24.39 -72.46
C TYR M 108 -107.16 -25.19 -71.21
N VAL M 109 -107.18 -26.52 -71.34
CA VAL M 109 -107.37 -27.40 -70.19
C VAL M 109 -106.31 -27.16 -69.11
N VAL M 110 -106.70 -27.21 -67.84
CA VAL M 110 -105.80 -26.99 -66.71
C VAL M 110 -104.52 -27.82 -66.81
N ASN M 111 -103.35 -27.17 -66.64
CA ASN M 111 -102.06 -27.85 -66.72
C ASN M 111 -101.90 -28.75 -67.95
N GLN M 112 -102.25 -28.24 -69.12
CA GLN M 112 -102.10 -29.02 -70.35
C GLN M 112 -101.37 -28.23 -71.42
N PRO M 113 -100.43 -28.90 -72.13
CA PRO M 113 -99.65 -28.21 -73.17
C PRO M 113 -100.38 -28.04 -74.49
N GLN M 114 -101.23 -27.02 -74.64
CA GLN M 114 -101.88 -26.83 -75.92
C GLN M 114 -100.78 -26.52 -76.95
N GLN M 115 -100.57 -27.41 -77.94
CA GLN M 115 -99.53 -27.26 -79.00
C GLN M 115 -99.62 -25.95 -79.80
N PHE M 116 -98.46 -25.54 -80.36
CA PHE M 116 -98.36 -24.33 -81.18
C PHE M 116 -97.18 -24.41 -82.16
N THR M 117 -97.29 -23.73 -83.30
CA THR M 117 -96.22 -23.73 -84.29
C THR M 117 -95.59 -22.33 -84.39
N THR M 118 -94.35 -22.27 -84.88
CA THR M 118 -93.67 -20.99 -85.02
C THR M 118 -92.58 -21.10 -86.10
N VAL M 119 -92.56 -20.18 -87.07
CA VAL M 119 -91.55 -20.23 -88.12
C VAL M 119 -90.51 -19.12 -87.91
N SER M 120 -89.39 -19.24 -88.61
CA SER M 120 -88.30 -18.27 -88.51
C SER M 120 -88.72 -16.91 -89.06
N GLY M 121 -88.18 -15.83 -88.48
CA GLY M 121 -88.48 -14.48 -88.92
C GLY M 121 -89.96 -14.12 -88.84
N GLN M 122 -90.63 -14.62 -87.80
CA GLN M 122 -92.04 -14.35 -87.59
C GLN M 122 -92.39 -14.53 -86.11
N ALA M 123 -93.40 -13.80 -85.64
CA ALA M 123 -93.83 -13.92 -84.26
C ALA M 123 -95.24 -14.48 -84.28
N THR M 124 -95.51 -15.56 -83.54
CA THR M 124 -96.84 -16.15 -83.51
C THR M 124 -97.58 -15.60 -82.29
N ALA M 125 -98.87 -15.30 -82.43
CA ALA M 125 -99.65 -14.76 -81.33
C ALA M 125 -100.26 -15.88 -80.48
N VAL M 126 -100.38 -15.66 -79.17
CA VAL M 126 -100.97 -16.64 -78.28
C VAL M 126 -102.33 -16.11 -77.85
N PRO M 127 -103.40 -16.57 -78.53
CA PRO M 127 -104.72 -16.06 -78.17
C PRO M 127 -105.21 -16.71 -76.89
N ILE M 128 -105.39 -15.92 -75.85
CA ILE M 128 -105.93 -16.44 -74.61
C ILE M 128 -107.29 -15.75 -74.55
N PHE M 129 -108.33 -16.44 -75.00
CA PHE M 129 -109.66 -15.86 -75.03
C PHE M 129 -110.40 -16.20 -73.75
N GLY M 130 -110.79 -15.19 -72.97
CA GLY M 130 -111.52 -15.44 -71.75
C GLY M 130 -113.00 -15.55 -72.05
N ALA M 131 -113.72 -16.20 -71.14
CA ALA M 131 -115.15 -16.39 -71.26
C ALA M 131 -115.76 -16.67 -69.89
N ILE M 132 -116.87 -16.00 -69.57
CA ILE M 132 -117.56 -16.21 -68.32
C ILE M 132 -119.03 -16.59 -68.58
N ALA M 133 -119.52 -17.61 -67.87
CA ALA M 133 -120.88 -18.08 -68.06
C ALA M 133 -121.92 -17.07 -67.61
N PRO M 134 -123.13 -17.13 -68.19
CA PRO M 134 -124.17 -16.18 -67.81
C PRO M 134 -124.68 -16.48 -66.40
N ASN M 135 -124.52 -15.54 -65.47
CA ASN M 135 -124.99 -15.72 -64.12
C ASN M 135 -126.37 -15.08 -64.04
N THR M 136 -127.42 -15.91 -64.03
CA THR M 136 -128.77 -15.40 -63.94
C THR M 136 -129.45 -15.98 -62.71
N GLY M 137 -128.65 -16.24 -61.68
CA GLY M 137 -129.16 -16.80 -60.44
C GLY M 137 -129.01 -15.86 -59.26
N THR M 138 -127.81 -15.79 -58.70
CA THR M 138 -127.56 -14.92 -57.55
C THR M 138 -126.66 -13.74 -57.93
N PRO M 139 -127.01 -12.53 -57.45
CA PRO M 139 -126.17 -11.36 -57.77
C PRO M 139 -124.91 -11.30 -56.88
N LYS M 140 -123.73 -11.45 -57.45
CA LYS M 140 -122.50 -11.40 -56.69
C LYS M 140 -122.29 -10.00 -56.10
N ALA M 141 -121.68 -9.92 -54.92
CA ALA M 141 -121.44 -8.63 -54.27
C ALA M 141 -120.63 -7.62 -55.10
N GLN M 142 -120.87 -6.32 -54.86
CA GLN M 142 -120.18 -5.26 -55.59
C GLN M 142 -118.70 -5.22 -55.24
N GLY M 143 -117.88 -4.70 -56.15
CA GLY M 143 -116.45 -4.63 -55.93
C GLY M 143 -115.66 -5.10 -57.12
N ASP M 144 -114.38 -5.40 -56.90
CA ASP M 144 -113.49 -5.87 -57.96
C ASP M 144 -113.13 -7.34 -57.78
N TYR M 145 -113.31 -8.17 -58.82
CA TYR M 145 -112.97 -9.58 -58.73
C TYR M 145 -111.66 -9.77 -59.47
N LYS M 146 -110.73 -10.55 -58.90
CA LYS M 146 -109.42 -10.76 -59.54
C LYS M 146 -108.96 -12.22 -59.50
N ASP M 147 -107.95 -12.50 -60.31
CA ASP M 147 -107.28 -13.80 -60.39
C ASP M 147 -105.98 -13.59 -61.14
N THR M 148 -105.02 -14.45 -60.89
CA THR M 148 -103.74 -14.36 -61.57
C THR M 148 -103.43 -15.70 -62.19
N LEU M 149 -103.73 -15.87 -63.48
CA LEU M 149 -103.46 -17.13 -64.13
C LEU M 149 -101.98 -17.15 -64.48
N LEU M 150 -101.31 -18.27 -64.27
CA LEU M 150 -99.90 -18.36 -64.61
C LEU M 150 -99.86 -19.05 -65.96
N VAL M 151 -99.40 -18.37 -67.01
CA VAL M 151 -99.30 -18.99 -68.33
C VAL M 151 -97.89 -19.54 -68.39
N THR M 152 -97.75 -20.79 -68.84
CA THR M 152 -96.51 -21.52 -68.90
C THR M 152 -96.08 -21.89 -70.30
N VAL M 153 -95.29 -21.04 -70.95
CA VAL M 153 -94.80 -21.34 -72.29
C VAL M 153 -93.62 -22.31 -72.10
N ASN M 154 -93.78 -23.58 -72.47
CA ASN M 154 -92.71 -24.53 -72.25
C ASN M 154 -92.42 -25.29 -73.51
N PHE M 155 -91.25 -25.91 -73.53
CA PHE M 155 -90.77 -26.58 -74.70
C PHE M 155 -90.57 -28.08 -74.44
N ALA N 1 -88.51 -23.01 -70.55
CA ALA N 1 -89.65 -22.85 -69.66
C ALA N 1 -89.85 -21.39 -69.27
N VAL N 2 -90.71 -20.69 -69.99
CA VAL N 2 -91.00 -19.29 -69.70
C VAL N 2 -92.40 -19.19 -69.07
N THR N 3 -92.46 -19.21 -67.75
CA THR N 3 -93.71 -19.09 -67.02
C THR N 3 -94.01 -17.60 -66.74
N GLY N 4 -95.25 -17.20 -67.03
CA GLY N 4 -95.67 -15.83 -66.85
C GLY N 4 -97.04 -15.61 -66.24
N GLN N 5 -97.36 -14.39 -65.80
CA GLN N 5 -98.66 -14.12 -65.17
C GLN N 5 -99.67 -13.35 -66.04
N VAL N 6 -100.96 -13.66 -65.88
CA VAL N 6 -102.02 -13.00 -66.63
C VAL N 6 -103.06 -12.57 -65.61
N ASP N 7 -103.15 -11.28 -65.30
CA ASP N 7 -104.09 -10.84 -64.31
C ASP N 7 -105.50 -10.84 -64.91
N VAL N 8 -106.43 -11.51 -64.23
CA VAL N 8 -107.82 -11.57 -64.69
C VAL N 8 -108.63 -10.60 -63.83
N LYS N 9 -109.54 -9.85 -64.45
CA LYS N 9 -110.31 -8.88 -63.69
C LYS N 9 -111.77 -8.78 -64.15
N LEU N 10 -112.63 -8.33 -63.25
CA LEU N 10 -114.05 -8.15 -63.51
C LEU N 10 -114.57 -7.18 -62.45
N ASN N 11 -115.23 -6.10 -62.85
CA ASN N 11 -115.72 -5.11 -61.90
C ASN N 11 -117.23 -5.24 -61.82
N ILE N 12 -117.71 -6.03 -60.87
CA ILE N 12 -119.14 -6.18 -60.69
C ILE N 12 -119.63 -4.98 -59.90
N SER N 13 -120.38 -4.07 -60.55
CA SER N 13 -120.92 -2.88 -59.88
C SER N 13 -122.22 -2.35 -60.54
N THR N 14 -122.13 -1.89 -61.79
CA THR N 14 -123.26 -1.34 -62.53
C THR N 14 -122.92 -1.36 -64.02
N GLY N 15 -123.31 -2.43 -64.73
CA GLY N 15 -123.01 -2.58 -66.15
C GLY N 15 -124.14 -2.49 -67.16
N CYS N 16 -123.76 -2.68 -68.42
CA CYS N 16 -124.65 -2.61 -69.56
C CYS N 16 -124.76 -3.99 -70.23
N THR N 17 -125.95 -4.36 -70.71
CA THR N 17 -126.17 -5.67 -71.33
C THR N 17 -126.68 -5.61 -72.77
N VAL N 18 -126.32 -6.60 -73.60
CA VAL N 18 -126.77 -6.61 -74.98
C VAL N 18 -127.89 -7.63 -75.22
N GLY N 19 -129.06 -7.18 -75.69
CA GLY N 19 -130.16 -8.08 -75.95
C GLY N 19 -130.20 -8.45 -77.42
N GLY N 20 -130.96 -9.50 -77.75
CA GLY N 20 -131.06 -9.96 -79.13
C GLY N 20 -130.07 -11.08 -79.47
N SER N 21 -129.27 -11.48 -78.49
CA SER N 21 -128.29 -12.52 -78.72
C SER N 21 -128.73 -13.84 -78.11
N GLN N 22 -128.17 -14.93 -78.63
CA GLN N 22 -128.45 -16.27 -78.16
C GLN N 22 -127.08 -16.84 -77.84
N THR N 23 -126.97 -17.59 -76.74
CA THR N 23 -125.68 -18.14 -76.38
C THR N 23 -125.36 -19.40 -77.21
N GLU N 24 -124.51 -19.29 -78.22
CA GLU N 24 -124.12 -20.45 -79.00
C GLU N 24 -122.98 -21.10 -78.21
N GLY N 25 -123.31 -22.13 -77.42
CA GLY N 25 -122.28 -22.76 -76.62
C GLY N 25 -121.77 -21.70 -75.65
N ASN N 26 -120.49 -21.33 -75.72
CA ASN N 26 -119.95 -20.32 -74.81
C ASN N 26 -119.60 -19.02 -75.55
N MET N 27 -120.24 -18.79 -76.69
CA MET N 27 -119.99 -17.57 -77.48
C MET N 27 -121.33 -16.93 -77.88
N ASN N 28 -121.53 -15.65 -77.55
CA ASN N 28 -122.77 -14.97 -77.86
C ASN N 28 -123.09 -14.85 -79.37
N LYS N 29 -124.13 -15.52 -79.84
CA LYS N 29 -124.52 -15.42 -81.25
C LYS N 29 -125.38 -14.16 -81.38
N PHE N 30 -124.83 -13.10 -81.95
CA PHE N 30 -125.56 -11.85 -82.09
C PHE N 30 -126.57 -11.83 -83.21
N GLY N 31 -126.21 -12.35 -84.39
CA GLY N 31 -127.19 -12.32 -85.47
C GLY N 31 -126.68 -12.81 -86.80
N THR N 32 -127.39 -12.44 -87.87
CA THR N 32 -127.02 -12.86 -89.20
C THR N 32 -127.14 -11.70 -90.20
N LEU N 33 -126.18 -11.59 -91.11
CA LEU N 33 -126.18 -10.56 -92.13
C LEU N 33 -126.45 -11.34 -93.41
N ASN N 34 -127.73 -11.52 -93.73
CA ASN N 34 -128.12 -12.34 -94.86
C ASN N 34 -128.36 -11.52 -96.12
N PHE N 35 -127.41 -11.52 -97.06
CA PHE N 35 -127.57 -10.77 -98.30
C PHE N 35 -128.56 -11.44 -99.25
N GLY N 36 -128.82 -12.72 -99.04
CA GLY N 36 -129.76 -13.46 -99.86
C GLY N 36 -129.08 -14.17 -100.99
N LYS N 37 -129.87 -14.54 -102.00
CA LYS N 37 -129.36 -15.23 -103.18
C LYS N 37 -128.89 -14.21 -104.23
N THR N 38 -127.96 -14.61 -105.08
CA THR N 38 -127.45 -13.73 -106.13
C THR N 38 -126.78 -14.52 -107.25
N SER N 39 -126.64 -13.88 -108.41
CA SER N 39 -126.02 -14.50 -109.57
C SER N 39 -124.56 -14.23 -109.56
N GLY N 40 -123.81 -14.87 -110.49
CA GLY N 40 -122.36 -14.71 -110.56
C GLY N 40 -121.92 -13.27 -110.62
N THR N 41 -122.58 -12.47 -111.47
CA THR N 41 -122.24 -11.07 -111.63
C THR N 41 -123.46 -10.18 -111.32
N TRP N 42 -123.44 -9.46 -110.20
CA TRP N 42 -124.55 -8.58 -109.84
C TRP N 42 -124.19 -7.11 -110.10
N ASN N 43 -125.10 -6.36 -110.72
CA ASN N 43 -124.84 -4.95 -111.01
C ASN N 43 -125.29 -4.02 -109.90
N ASN N 44 -126.27 -4.47 -109.12
CA ASN N 44 -126.79 -3.69 -108.00
C ASN N 44 -126.01 -4.03 -106.73
N VAL N 45 -125.78 -3.02 -105.89
CA VAL N 45 -125.08 -3.19 -104.62
C VAL N 45 -125.93 -4.13 -103.74
N LEU N 46 -125.41 -5.30 -103.37
CA LEU N 46 -126.26 -6.20 -102.57
C LEU N 46 -126.27 -5.67 -101.15
N THR N 47 -127.46 -5.53 -100.55
CA THR N 47 -127.57 -4.88 -99.26
C THR N 47 -128.58 -5.51 -98.30
N ALA N 48 -128.17 -5.89 -97.09
CA ALA N 48 -129.08 -6.47 -96.11
C ALA N 48 -128.68 -6.03 -94.71
N GLU N 49 -129.63 -6.10 -93.79
CA GLU N 49 -129.43 -5.69 -92.41
C GLU N 49 -129.25 -6.89 -91.51
N VAL N 50 -128.56 -6.70 -90.38
CA VAL N 50 -128.37 -7.76 -89.43
C VAL N 50 -129.71 -8.19 -88.83
N ALA N 51 -129.91 -9.49 -88.64
CA ALA N 51 -131.13 -10.00 -88.03
C ALA N 51 -130.71 -10.71 -86.75
N SER N 52 -131.06 -10.17 -85.58
CA SER N 52 -130.68 -10.77 -84.31
C SER N 52 -131.10 -12.25 -84.22
N ALA N 53 -130.24 -13.10 -83.67
CA ALA N 53 -130.56 -14.53 -83.58
C ALA N 53 -131.67 -14.86 -82.59
N ALA N 54 -131.89 -13.99 -81.60
CA ALA N 54 -132.90 -14.21 -80.58
C ALA N 54 -134.31 -13.79 -81.00
N THR N 55 -134.46 -12.61 -81.55
CA THR N 55 -135.78 -12.13 -81.96
C THR N 55 -136.04 -12.10 -83.47
N GLY N 56 -135.02 -11.77 -84.25
CA GLY N 56 -135.19 -11.67 -85.69
C GLY N 56 -135.04 -10.22 -86.14
N GLY N 57 -135.22 -9.28 -85.21
CA GLY N 57 -135.09 -7.87 -85.50
C GLY N 57 -133.68 -7.38 -85.25
N ASN N 58 -133.53 -6.10 -84.92
CA ASN N 58 -132.20 -5.54 -84.69
C ASN N 58 -131.70 -5.80 -83.27
N ILE N 59 -130.39 -5.90 -83.10
CA ILE N 59 -129.80 -6.13 -81.78
C ILE N 59 -130.25 -4.97 -80.88
N SER N 60 -130.84 -5.28 -79.72
CA SER N 60 -131.32 -4.22 -78.84
C SER N 60 -130.47 -4.14 -77.58
N VAL N 61 -129.54 -3.19 -77.51
CA VAL N 61 -128.70 -3.08 -76.33
C VAL N 61 -129.37 -2.19 -75.30
N THR N 62 -129.48 -2.65 -74.05
CA THR N 62 -130.07 -1.84 -73.01
C THR N 62 -129.04 -1.75 -71.88
N CYS N 63 -129.02 -0.65 -71.15
CA CYS N 63 -128.08 -0.55 -70.03
C CYS N 63 -128.86 -0.71 -68.74
N ASP N 64 -128.16 -1.12 -67.69
CA ASP N 64 -128.80 -1.32 -66.39
C ASP N 64 -128.47 -0.19 -65.41
N GLY N 65 -129.32 0.83 -65.37
CA GLY N 65 -129.10 1.96 -64.46
C GLY N 65 -130.07 3.09 -64.71
N THR N 66 -129.81 4.23 -64.07
CA THR N 66 -130.65 5.42 -64.21
C THR N 66 -130.02 6.56 -65.02
N ASP N 67 -128.70 6.68 -65.06
CA ASP N 67 -128.15 7.78 -65.87
C ASP N 67 -127.83 7.28 -67.28
N PRO N 68 -127.99 8.15 -68.29
CA PRO N 68 -127.72 7.68 -69.66
C PRO N 68 -126.25 7.28 -69.84
N VAL N 69 -125.97 6.00 -70.11
CA VAL N 69 -124.59 5.57 -70.28
C VAL N 69 -124.14 5.64 -71.74
N ASP N 70 -122.87 5.98 -71.97
CA ASP N 70 -122.34 6.07 -73.32
C ASP N 70 -121.53 4.80 -73.58
N PHE N 71 -122.06 3.88 -74.36
CA PHE N 71 -121.36 2.63 -74.64
C PHE N 71 -120.89 2.62 -76.07
N THR N 72 -119.85 1.85 -76.34
CA THR N 72 -119.31 1.80 -77.68
C THR N 72 -119.55 0.47 -78.39
N VAL N 73 -119.47 0.51 -79.72
CA VAL N 73 -119.66 -0.69 -80.54
C VAL N 73 -118.48 -0.84 -81.49
N ALA N 74 -117.84 -2.01 -81.51
CA ALA N 74 -116.72 -2.23 -82.42
C ALA N 74 -116.91 -3.57 -83.13
N ILE N 75 -116.69 -3.60 -84.45
CA ILE N 75 -116.82 -4.81 -85.21
C ILE N 75 -115.44 -5.07 -85.77
N ASP N 76 -115.04 -6.34 -85.85
CA ASP N 76 -113.72 -6.70 -86.35
C ASP N 76 -113.77 -6.94 -87.88
N GLY N 77 -112.66 -7.39 -88.47
CA GLY N 77 -112.56 -7.65 -89.90
C GLY N 77 -112.98 -9.01 -90.44
N GLY N 78 -113.66 -9.82 -89.65
CA GLY N 78 -114.08 -11.14 -90.11
C GLY N 78 -113.01 -12.20 -89.92
N GLU N 79 -113.30 -13.43 -90.36
CA GLU N 79 -112.38 -14.55 -90.23
C GLU N 79 -111.02 -14.27 -90.79
N ARG N 80 -110.93 -13.67 -91.98
CA ARG N 80 -109.61 -13.43 -92.58
C ARG N 80 -109.03 -12.05 -92.35
N THR N 81 -109.74 -11.22 -91.56
CA THR N 81 -109.39 -9.83 -91.21
C THR N 81 -109.47 -8.77 -92.32
N ASP N 82 -110.09 -9.10 -93.47
CA ASP N 82 -110.25 -8.13 -94.55
C ASP N 82 -111.70 -8.08 -95.09
N ARG N 83 -112.65 -8.46 -94.25
CA ARG N 83 -114.09 -8.46 -94.56
C ARG N 83 -114.42 -9.11 -95.90
N THR N 84 -114.03 -10.37 -96.06
CA THR N 84 -114.31 -11.12 -97.27
C THR N 84 -115.09 -12.40 -96.93
N LEU N 85 -116.17 -12.67 -97.64
CA LEU N 85 -116.86 -13.91 -97.38
C LEU N 85 -116.16 -14.99 -98.19
N LYS N 86 -116.03 -16.18 -97.66
CA LYS N 86 -115.33 -17.23 -98.38
C LYS N 86 -116.27 -18.34 -98.81
N ASN N 87 -116.06 -18.92 -99.98
CA ASN N 87 -116.92 -19.98 -100.40
C ASN N 87 -116.62 -21.17 -99.52
N THR N 88 -117.64 -21.89 -99.08
CA THR N 88 -117.43 -23.08 -98.26
C THR N 88 -116.49 -24.12 -98.89
N ALA N 89 -116.56 -24.32 -100.21
CA ALA N 89 -115.69 -25.32 -100.85
C ALA N 89 -114.44 -24.79 -101.58
N SER N 90 -114.65 -23.85 -102.49
CA SER N 90 -113.58 -23.22 -103.26
C SER N 90 -112.92 -22.08 -102.48
N ALA N 91 -111.90 -21.44 -103.07
CA ALA N 91 -111.22 -20.34 -102.39
C ALA N 91 -111.65 -18.94 -102.85
N ASP N 92 -112.78 -18.85 -103.54
CA ASP N 92 -113.26 -17.56 -104.01
C ASP N 92 -113.65 -16.67 -102.82
N VAL N 93 -113.47 -15.36 -102.95
CA VAL N 93 -113.80 -14.44 -101.86
C VAL N 93 -114.76 -13.36 -102.32
N VAL N 94 -115.57 -12.83 -101.41
CA VAL N 94 -116.52 -11.78 -101.75
C VAL N 94 -116.35 -10.62 -100.76
N ALA N 95 -115.69 -9.54 -101.18
CA ALA N 95 -115.46 -8.40 -100.30
C ALA N 95 -116.77 -7.69 -99.91
N TYR N 96 -116.91 -7.32 -98.64
CA TYR N 96 -118.08 -6.62 -98.15
C TYR N 96 -117.68 -5.62 -97.07
N ASN N 97 -118.65 -4.91 -96.47
CA ASN N 97 -118.40 -3.96 -95.40
C ASN N 97 -119.69 -3.75 -94.61
N VAL N 98 -119.55 -3.35 -93.36
CA VAL N 98 -120.71 -3.11 -92.51
C VAL N 98 -120.76 -1.62 -92.17
N TYR N 99 -121.90 -0.97 -92.40
CA TYR N 99 -122.03 0.45 -92.08
C TYR N 99 -123.01 0.60 -90.92
N ARG N 100 -123.02 1.78 -90.30
CA ARG N 100 -123.88 2.04 -89.17
C ARG N 100 -125.17 2.77 -89.52
N ASP N 101 -125.12 3.67 -90.51
CA ASP N 101 -126.30 4.42 -90.90
C ASP N 101 -126.96 3.80 -92.13
N ALA N 102 -128.25 4.11 -92.30
CA ALA N 102 -129.07 3.60 -93.41
C ALA N 102 -128.60 3.94 -94.84
N ALA N 103 -127.82 5.01 -95.00
CA ALA N 103 -127.29 5.40 -96.30
C ALA N 103 -125.89 4.85 -96.62
N ARG N 104 -125.41 3.81 -95.93
CA ARG N 104 -124.11 3.20 -96.21
C ARG N 104 -122.93 4.19 -96.19
N THR N 105 -123.01 5.22 -95.34
CA THR N 105 -121.95 6.22 -95.25
C THR N 105 -121.01 6.09 -94.03
N ASN N 106 -121.58 5.98 -92.83
CA ASN N 106 -120.81 5.87 -91.61
C ASN N 106 -120.37 4.43 -91.44
N LEU N 107 -119.16 4.14 -91.89
CA LEU N 107 -118.60 2.79 -91.86
C LEU N 107 -118.13 2.34 -90.47
N TYR N 108 -118.38 1.07 -90.13
CA TYR N 108 -117.88 0.56 -88.87
C TYR N 108 -116.46 0.20 -89.17
N VAL N 109 -115.55 1.14 -88.98
CA VAL N 109 -114.13 0.90 -89.27
C VAL N 109 -113.59 -0.28 -88.45
N VAL N 110 -112.72 -1.10 -89.06
CA VAL N 110 -112.15 -2.28 -88.40
C VAL N 110 -111.56 -1.95 -87.02
N ASN N 111 -111.93 -2.74 -86.00
CA ASN N 111 -111.44 -2.54 -84.64
C ASN N 111 -111.55 -1.10 -84.15
N GLN N 112 -112.72 -0.49 -84.34
CA GLN N 112 -112.92 0.89 -83.89
C GLN N 112 -114.21 1.01 -83.08
N PRO N 113 -114.15 1.76 -81.96
CA PRO N 113 -115.34 1.91 -81.10
C PRO N 113 -116.36 2.93 -81.60
N GLN N 114 -117.23 2.57 -82.53
CA GLN N 114 -118.21 3.54 -82.96
C GLN N 114 -119.11 3.86 -81.75
N GLN N 115 -119.08 5.10 -81.25
CA GLN N 115 -119.86 5.56 -80.07
C GLN N 115 -121.40 5.33 -80.19
N PHE N 116 -122.04 5.23 -79.02
CA PHE N 116 -123.49 5.03 -78.93
C PHE N 116 -124.06 5.54 -77.60
N THR N 117 -125.32 5.97 -77.59
CA THR N 117 -125.95 6.46 -76.37
C THR N 117 -127.07 5.51 -75.94
N THR N 118 -127.41 5.55 -74.65
CA THR N 118 -128.46 4.68 -74.13
C THR N 118 -129.07 5.30 -72.86
N VAL N 119 -130.39 5.42 -72.79
CA VAL N 119 -131.03 6.00 -71.61
C VAL N 119 -131.71 4.92 -70.79
N SER N 120 -132.07 5.25 -69.55
CA SER N 120 -132.72 4.32 -68.64
C SER N 120 -134.12 3.94 -69.14
N GLY N 121 -134.55 2.71 -68.84
CA GLY N 121 -135.86 2.23 -69.25
C GLY N 121 -136.10 2.28 -70.75
N GLN N 122 -135.05 1.97 -71.52
CA GLN N 122 -135.14 1.96 -72.97
C GLN N 122 -134.05 1.07 -73.55
N ALA N 123 -134.30 0.48 -74.71
CA ALA N 123 -133.32 -0.37 -75.36
C ALA N 123 -132.93 0.32 -76.67
N THR N 124 -131.63 0.53 -76.91
CA THR N 124 -131.19 1.17 -78.13
C THR N 124 -130.82 0.09 -79.14
N ALA N 125 -131.16 0.29 -80.41
CA ALA N 125 -130.85 -0.71 -81.44
C ALA N 125 -129.46 -0.47 -82.04
N VAL N 126 -128.79 -1.55 -82.42
CA VAL N 126 -127.46 -1.44 -83.02
C VAL N 126 -127.60 -1.80 -84.50
N PRO N 127 -127.72 -0.76 -85.36
CA PRO N 127 -127.89 -1.05 -86.77
C PRO N 127 -126.57 -1.47 -87.39
N ILE N 128 -126.48 -2.72 -87.86
CA ILE N 128 -125.29 -3.17 -88.53
C ILE N 128 -125.79 -3.36 -89.96
N PHE N 129 -125.58 -2.35 -90.80
CA PHE N 129 -126.06 -2.41 -92.17
C PHE N 129 -124.98 -2.97 -93.08
N GLY N 130 -125.24 -4.10 -93.73
CA GLY N 130 -124.25 -4.66 -94.63
C GLY N 130 -124.40 -4.05 -96.00
N ALA N 131 -123.33 -4.15 -96.78
CA ALA N 131 -123.28 -3.63 -98.13
C ALA N 131 -122.18 -4.32 -98.93
N ILE N 132 -122.50 -4.74 -100.15
CA ILE N 132 -121.53 -5.38 -101.03
C ILE N 132 -121.44 -4.61 -102.35
N ALA N 133 -120.20 -4.37 -102.82
CA ALA N 133 -119.99 -3.63 -104.07
C ALA N 133 -120.49 -4.38 -105.29
N PRO N 134 -120.84 -3.64 -106.35
CA PRO N 134 -121.32 -4.30 -107.56
C PRO N 134 -120.18 -5.02 -108.27
N ASN N 135 -120.28 -6.35 -108.40
CA ASN N 135 -119.27 -7.13 -109.08
C ASN N 135 -119.72 -7.28 -110.52
N THR N 136 -119.11 -6.53 -111.43
CA THR N 136 -119.46 -6.62 -112.84
C THR N 136 -118.22 -7.00 -113.64
N GLY N 137 -117.34 -7.79 -113.01
CA GLY N 137 -116.11 -8.21 -113.65
C GLY N 137 -116.05 -9.71 -113.85
N THR N 138 -115.72 -10.45 -112.78
CA THR N 138 -115.62 -11.90 -112.86
C THR N 138 -116.74 -12.59 -112.07
N PRO N 139 -117.35 -13.63 -112.66
CA PRO N 139 -118.43 -14.32 -111.94
C PRO N 139 -117.88 -15.30 -110.89
N LYS N 140 -118.13 -15.03 -109.60
CA LYS N 140 -117.65 -15.92 -108.54
C LYS N 140 -118.32 -17.28 -108.63
N ALA N 141 -117.60 -18.34 -108.26
CA ALA N 141 -118.15 -19.69 -108.32
C ALA N 141 -119.45 -19.92 -107.52
N GLN N 142 -120.28 -20.86 -107.97
CA GLN N 142 -121.53 -21.17 -107.31
C GLN N 142 -121.32 -21.78 -105.93
N GLY N 143 -122.30 -21.62 -105.04
CA GLY N 143 -122.19 -22.14 -103.70
C GLY N 143 -122.59 -21.14 -102.64
N ASP N 144 -122.20 -21.40 -101.40
CA ASP N 144 -122.53 -20.52 -100.29
C ASP N 144 -121.28 -19.78 -99.76
N TYR N 145 -121.35 -18.46 -99.64
CA TYR N 145 -120.22 -17.69 -99.15
C TYR N 145 -120.53 -17.31 -97.70
N LYS N 146 -119.57 -17.44 -96.79
CA LYS N 146 -119.80 -17.11 -95.38
C LYS N 146 -118.66 -16.32 -94.74
N ASP N 147 -118.96 -15.76 -93.57
CA ASP N 147 -118.02 -15.02 -92.74
C ASP N 147 -118.65 -14.90 -91.36
N THR N 148 -117.82 -14.74 -90.35
CA THR N 148 -118.31 -14.59 -88.99
C THR N 148 -117.70 -13.34 -88.41
N LEU N 149 -118.42 -12.22 -88.45
CA LEU N 149 -117.87 -10.99 -87.90
C LEU N 149 -118.08 -11.06 -86.39
N LEU N 150 -117.08 -10.64 -85.62
CA LEU N 150 -117.21 -10.65 -84.17
C LEU N 150 -117.57 -9.22 -83.80
N VAL N 151 -118.77 -8.98 -83.27
CA VAL N 151 -119.15 -7.64 -82.86
C VAL N 151 -118.76 -7.56 -81.38
N THR N 152 -118.11 -6.45 -81.01
CA THR N 152 -117.58 -6.22 -79.68
C THR N 152 -118.21 -5.04 -78.97
N VAL N 153 -119.26 -5.28 -78.20
CA VAL N 153 -119.89 -4.21 -77.44
C VAL N 153 -119.01 -4.00 -76.20
N ASN N 154 -118.30 -2.87 -76.11
CA ASN N 154 -117.43 -2.66 -74.99
C ASN N 154 -117.67 -1.31 -74.37
N PHE N 155 -117.19 -1.17 -73.15
CA PHE N 155 -117.45 0.03 -72.37
C PHE N 155 -116.15 0.74 -72.04
N ALA O 1 -117.41 -5.82 -71.39
CA ALA O 1 -116.95 -6.32 -72.68
C ALA O 1 -117.82 -7.51 -73.14
N VAL O 2 -118.82 -7.22 -73.95
CA VAL O 2 -119.70 -8.27 -74.47
C VAL O 2 -119.39 -8.48 -75.96
N THR O 3 -118.51 -9.45 -76.24
CA THR O 3 -118.14 -9.78 -77.61
C THR O 3 -119.09 -10.87 -78.16
N GLY O 4 -119.61 -10.64 -79.38
CA GLY O 4 -120.52 -11.56 -79.99
C GLY O 4 -120.31 -11.84 -81.47
N GLN O 5 -120.95 -12.87 -82.02
CA GLN O 5 -120.77 -13.22 -83.44
C GLN O 5 -121.93 -12.85 -84.37
N VAL O 6 -121.62 -12.48 -85.61
CA VAL O 6 -122.62 -12.11 -86.60
C VAL O 6 -122.30 -12.90 -87.86
N ASP O 7 -123.07 -13.94 -88.17
CA ASP O 7 -122.77 -14.74 -89.32
C ASP O 7 -123.18 -13.99 -90.59
N VAL O 8 -122.24 -13.85 -91.53
CA VAL O 8 -122.52 -13.17 -92.80
C VAL O 8 -122.71 -14.24 -93.86
N LYS O 9 -123.69 -14.06 -94.74
CA LYS O 9 -123.94 -15.07 -95.77
C LYS O 9 -124.35 -14.48 -97.11
N LEU O 10 -124.10 -15.24 -98.17
CA LEU O 10 -124.44 -14.84 -99.53
C LEU O 10 -124.49 -16.14 -100.36
N ASN O 11 -125.58 -16.38 -101.08
CA ASN O 11 -125.71 -17.59 -101.86
C ASN O 11 -125.59 -17.25 -103.32
N ILE O 12 -124.37 -17.33 -103.86
CA ILE O 12 -124.15 -17.04 -105.26
C ILE O 12 -124.57 -18.29 -106.04
N SER O 13 -125.69 -18.22 -106.78
CA SER O 13 -126.16 -19.36 -107.59
C SER O 13 -127.01 -18.93 -108.81
N THR O 14 -128.18 -18.32 -108.57
CA THR O 14 -129.09 -17.87 -109.60
C THR O 14 -130.04 -16.85 -108.99
N GLY O 15 -129.71 -15.55 -109.11
CA GLY O 15 -130.50 -14.48 -108.55
C GLY O 15 -131.25 -13.54 -109.48
N CYS O 16 -131.93 -12.58 -108.87
CA CYS O 16 -132.74 -11.58 -109.54
C CYS O 16 -132.14 -10.18 -109.34
N THR O 17 -132.19 -9.33 -110.36
CA THR O 17 -131.60 -7.99 -110.29
C THR O 17 -132.61 -6.85 -110.54
N VAL O 18 -132.39 -5.69 -109.92
CA VAL O 18 -133.30 -4.57 -110.10
C VAL O 18 -132.69 -3.48 -111.02
N GLY O 19 -133.36 -3.18 -112.13
CA GLY O 19 -132.86 -2.16 -113.05
C GLY O 19 -133.54 -0.83 -112.78
N GLY O 20 -132.98 0.25 -113.31
CA GLY O 20 -133.52 1.59 -113.11
C GLY O 20 -132.89 2.33 -111.94
N SER O 21 -131.94 1.69 -111.27
CA SER O 21 -131.29 2.30 -110.12
C SER O 21 -129.88 2.79 -110.49
N GLN O 22 -129.40 3.75 -109.71
CA GLN O 22 -128.08 4.33 -109.87
C GLN O 22 -127.41 4.15 -108.52
N THR O 23 -126.13 3.80 -108.51
CA THR O 23 -125.45 3.60 -107.24
C THR O 23 -125.04 4.94 -106.63
N GLU O 24 -125.78 5.43 -105.63
CA GLU O 24 -125.41 6.66 -104.95
C GLU O 24 -124.37 6.24 -103.90
N GLY O 25 -123.09 6.40 -104.21
CA GLY O 25 -122.07 5.97 -103.27
C GLY O 25 -122.23 4.47 -103.09
N ASN O 26 -122.54 4.00 -101.88
CA ASN O 26 -122.70 2.57 -101.65
C ASN O 26 -124.16 2.20 -101.36
N MET O 27 -125.09 3.04 -101.80
CA MET O 27 -126.52 2.78 -101.58
C MET O 27 -127.28 2.96 -102.92
N ASN O 28 -128.05 1.94 -103.32
CA ASN O 28 -128.78 2.02 -104.58
C ASN O 28 -129.86 3.11 -104.64
N LYS O 29 -129.68 4.13 -105.48
CA LYS O 29 -130.68 5.18 -105.62
C LYS O 29 -131.73 4.67 -106.60
N PHE O 30 -132.91 4.29 -106.10
CA PHE O 30 -133.95 3.74 -106.96
C PHE O 30 -134.71 4.79 -107.75
N GLY O 31 -135.08 5.91 -107.12
CA GLY O 31 -135.83 6.90 -107.88
C GLY O 31 -136.33 8.08 -107.08
N THR O 32 -137.30 8.79 -107.64
CA THR O 32 -137.85 9.96 -106.98
C THR O 32 -139.39 9.98 -107.08
N LEU O 33 -140.04 10.36 -105.99
CA LEU O 33 -141.50 10.45 -105.95
C LEU O 33 -141.74 11.95 -105.88
N ASN O 34 -141.84 12.58 -107.05
CA ASN O 34 -141.97 14.03 -107.12
C ASN O 34 -143.42 14.49 -107.24
N PHE O 35 -144.01 14.97 -106.14
CA PHE O 35 -145.39 15.43 -106.19
C PHE O 35 -145.53 16.78 -106.90
N GLY O 36 -144.42 17.50 -107.00
CA GLY O 36 -144.40 18.78 -107.69
C GLY O 36 -144.60 19.93 -106.72
N LYS O 37 -144.99 21.07 -107.27
CA LYS O 37 -145.24 22.28 -106.47
C LYS O 37 -146.68 22.29 -105.96
N THR O 38 -146.92 22.98 -104.86
CA THR O 38 -148.26 23.06 -104.27
C THR O 38 -148.39 24.24 -103.33
N SER O 39 -149.63 24.66 -103.07
CA SER O 39 -149.90 25.77 -102.18
C SER O 39 -150.09 25.27 -100.79
N GLY O 40 -150.19 26.19 -99.80
CA GLY O 40 -150.33 25.83 -98.40
C GLY O 40 -151.47 24.85 -98.15
N THR O 41 -152.63 25.11 -98.75
CA THR O 41 -153.79 24.25 -98.58
C THR O 41 -154.28 23.73 -99.94
N TRP O 42 -154.09 22.44 -100.22
CA TRP O 42 -154.53 21.86 -101.48
C TRP O 42 -155.82 21.03 -101.28
N ASN O 43 -156.81 21.20 -102.16
CA ASN O 43 -158.06 20.46 -102.04
C ASN O 43 -158.04 19.14 -102.81
N ASN O 44 -157.21 19.08 -103.85
CA ASN O 44 -157.08 17.88 -104.64
C ASN O 44 -155.98 16.98 -104.07
N VAL O 45 -156.18 15.66 -104.14
CA VAL O 45 -155.22 14.69 -103.65
C VAL O 45 -153.95 14.83 -104.51
N LEU O 46 -152.81 15.19 -103.91
CA LEU O 46 -151.61 15.36 -104.76
C LEU O 46 -151.09 13.98 -105.09
N THR O 47 -150.82 13.71 -106.37
CA THR O 47 -150.48 12.36 -106.80
C THR O 47 -149.39 12.30 -107.87
N ALA O 48 -148.30 11.56 -107.63
CA ALA O 48 -147.24 11.41 -108.62
C ALA O 48 -146.65 10.01 -108.54
N GLU O 49 -146.00 9.58 -109.62
CA GLU O 49 -145.42 8.26 -109.72
C GLU O 49 -143.91 8.32 -109.55
N VAL O 50 -143.32 7.22 -109.10
CA VAL O 50 -141.88 7.16 -108.94
C VAL O 50 -141.19 7.28 -110.30
N ALA O 51 -140.08 8.03 -110.36
CA ALA O 51 -139.32 8.18 -111.58
C ALA O 51 -137.93 7.60 -111.31
N SER O 52 -137.59 6.46 -111.93
CA SER O 52 -136.29 5.83 -111.70
C SER O 52 -135.13 6.81 -111.93
N ALA O 53 -134.10 6.75 -111.08
CA ALA O 53 -132.98 7.68 -111.21
C ALA O 53 -132.08 7.39 -112.43
N ALA O 54 -132.10 6.16 -112.92
CA ALA O 54 -131.28 5.78 -114.07
C ALA O 54 -131.89 6.13 -115.42
N THR O 55 -133.17 5.82 -115.62
CA THR O 55 -133.80 6.10 -116.91
C THR O 55 -134.82 7.24 -116.90
N GLY O 56 -135.57 7.39 -115.82
CA GLY O 56 -136.59 8.42 -115.73
C GLY O 56 -137.97 7.80 -115.70
N GLY O 57 -138.08 6.55 -116.18
CA GLY O 57 -139.34 5.83 -116.18
C GLY O 57 -139.53 5.02 -114.91
N ASN O 58 -140.28 3.93 -114.99
CA ASN O 58 -140.53 3.09 -113.82
C ASN O 58 -139.40 2.10 -113.55
N ILE O 59 -139.19 1.75 -112.29
CA ILE O 59 -138.15 0.80 -111.92
C ILE O 59 -138.43 -0.51 -112.67
N SER O 60 -137.46 -1.03 -113.40
CA SER O 60 -137.69 -2.25 -114.17
C SER O 60 -136.91 -3.41 -113.58
N VAL O 61 -137.58 -4.28 -112.81
CA VAL O 61 -136.88 -5.39 -112.21
C VAL O 61 -136.88 -6.59 -113.17
N THR O 62 -135.73 -7.18 -113.44
CA THR O 62 -135.66 -8.34 -114.31
C THR O 62 -134.97 -9.45 -113.52
N CYS O 63 -135.33 -10.71 -113.77
CA CYS O 63 -134.66 -11.79 -113.07
C CYS O 63 -133.71 -12.46 -114.04
N ASP O 64 -132.70 -13.14 -113.50
CA ASP O 64 -131.71 -13.82 -114.31
C ASP O 64 -131.92 -15.34 -114.32
N GLY O 65 -132.68 -15.84 -115.29
CA GLY O 65 -132.94 -17.26 -115.39
C GLY O 65 -133.98 -17.59 -116.45
N THR O 66 -134.42 -18.85 -116.46
CA THR O 66 -135.41 -19.32 -117.41
C THR O 66 -136.80 -19.59 -116.80
N ASP O 67 -136.91 -19.94 -115.53
CA ASP O 67 -138.24 -20.17 -114.99
C ASP O 67 -138.79 -18.88 -114.36
N PRO O 68 -140.11 -18.65 -114.46
CA PRO O 68 -140.64 -17.41 -113.89
C PRO O 68 -140.43 -17.35 -112.37
N VAL O 69 -139.63 -16.40 -111.87
CA VAL O 69 -139.40 -16.31 -110.44
C VAL O 69 -140.41 -15.38 -109.76
N ASP O 70 -140.79 -15.70 -108.52
CA ASP O 70 -141.74 -14.88 -107.77
C ASP O 70 -140.93 -14.06 -106.77
N PHE O 71 -140.74 -12.77 -107.03
CA PHE O 71 -139.98 -11.92 -106.12
C PHE O 71 -140.90 -10.98 -105.41
N THR O 72 -140.47 -10.51 -104.24
CA THR O 72 -141.31 -9.61 -103.47
C THR O 72 -140.77 -8.19 -103.40
N VAL O 73 -141.66 -7.25 -103.09
CA VAL O 73 -141.29 -5.85 -102.98
C VAL O 73 -141.79 -5.29 -101.64
N ALA O 74 -140.91 -4.67 -100.85
CA ALA O 74 -141.31 -4.12 -99.57
C ALA O 74 -140.76 -2.71 -99.44
N ILE O 75 -141.60 -1.77 -99.00
CA ILE O 75 -141.19 -0.39 -98.82
C ILE O 75 -141.33 -0.13 -97.33
N ASP O 76 -140.42 0.65 -96.77
CA ASP O 76 -140.45 0.96 -95.35
C ASP O 76 -141.27 2.25 -95.09
N GLY O 77 -141.30 2.74 -93.84
CA GLY O 77 -142.03 3.93 -93.46
C GLY O 77 -141.37 5.29 -93.59
N GLY O 78 -140.24 5.38 -94.29
CA GLY O 78 -139.55 6.66 -94.44
C GLY O 78 -138.61 6.96 -93.28
N GLU O 79 -137.98 8.12 -93.33
CA GLU O 79 -137.03 8.54 -92.31
C GLU O 79 -137.58 8.48 -90.90
N ARG O 80 -138.81 8.94 -90.70
CA ARG O 80 -139.37 8.95 -89.34
C ARG O 80 -140.26 7.76 -88.99
N THR O 81 -140.38 6.81 -89.93
CA THR O 81 -141.19 5.58 -89.84
C THR O 81 -142.73 5.75 -89.87
N ASP O 82 -143.23 6.93 -90.22
CA ASP O 82 -144.68 7.15 -90.32
C ASP O 82 -145.09 7.83 -91.64
N ARG O 83 -144.26 7.67 -92.67
CA ARG O 83 -144.49 8.21 -94.01
C ARG O 83 -144.88 9.68 -94.01
N THR O 84 -144.02 10.52 -93.43
CA THR O 84 -144.24 11.96 -93.39
C THR O 84 -143.07 12.69 -94.04
N LEU O 85 -143.34 13.64 -94.93
CA LEU O 85 -142.25 14.39 -95.49
C LEU O 85 -141.96 15.52 -94.52
N LYS O 86 -140.70 15.87 -94.32
CA LYS O 86 -140.37 16.91 -93.37
C LYS O 86 -139.81 18.15 -94.07
N ASN O 87 -140.15 19.33 -93.57
CA ASN O 87 -139.63 20.51 -94.20
C ASN O 87 -138.14 20.56 -93.90
N THR O 88 -137.33 20.92 -94.87
CA THR O 88 -135.88 21.03 -94.66
C THR O 88 -135.51 21.95 -93.49
N ALA O 89 -136.22 23.06 -93.29
CA ALA O 89 -135.86 23.98 -92.21
C ALA O 89 -136.72 23.90 -90.93
N SER O 90 -138.03 24.01 -91.10
CA SER O 90 -138.99 23.95 -90.00
C SER O 90 -139.34 22.50 -89.65
N ALA O 91 -140.19 22.29 -88.64
CA ALA O 91 -140.57 20.94 -88.23
C ALA O 91 -141.94 20.48 -88.76
N ASP O 92 -142.48 21.18 -89.75
CA ASP O 92 -143.77 20.81 -90.32
C ASP O 92 -143.67 19.45 -91.02
N VAL O 93 -144.74 18.66 -91.00
CA VAL O 93 -144.72 17.34 -91.63
C VAL O 93 -145.87 17.20 -92.63
N VAL O 94 -145.68 16.38 -93.66
CA VAL O 94 -146.71 16.17 -94.66
C VAL O 94 -146.94 14.66 -94.83
N ALA O 95 -148.02 14.13 -94.25
CA ALA O 95 -148.30 12.70 -94.34
C ALA O 95 -148.61 12.25 -95.78
N TYR O 96 -148.05 11.11 -96.19
CA TYR O 96 -148.30 10.56 -97.53
C TYR O 96 -148.33 9.04 -97.45
N ASN O 97 -148.49 8.37 -98.60
CA ASN O 97 -148.51 6.91 -98.67
C ASN O 97 -148.17 6.48 -100.09
N VAL O 98 -147.65 5.27 -100.24
CA VAL O 98 -147.30 4.76 -101.55
C VAL O 98 -148.21 3.56 -101.86
N TYR O 99 -148.86 3.56 -103.02
CA TYR O 99 -149.73 2.45 -103.39
C TYR O 99 -149.10 1.72 -104.57
N ARG O 100 -149.59 0.52 -104.85
CA ARG O 100 -149.07 -0.30 -105.93
C ARG O 100 -149.87 -0.21 -107.22
N ASP O 101 -151.18 -0.08 -107.11
CA ASP O 101 -152.03 -0.01 -108.29
C ASP O 101 -152.37 1.43 -108.64
N ALA O 102 -152.75 1.64 -109.90
CA ALA O 102 -153.10 2.97 -110.44
C ALA O 102 -154.27 3.70 -109.77
N ALA O 103 -155.17 2.96 -109.12
CA ALA O 103 -156.31 3.56 -108.43
C ALA O 103 -156.10 3.83 -106.93
N ARG O 104 -154.84 3.89 -106.44
CA ARG O 104 -154.54 4.19 -105.05
C ARG O 104 -155.26 3.28 -104.03
N THR O 105 -155.49 2.02 -104.40
CA THR O 105 -156.18 1.06 -103.51
C THR O 105 -155.26 0.06 -102.80
N ASN O 106 -154.41 -0.63 -103.55
CA ASN O 106 -153.50 -1.63 -103.01
C ASN O 106 -152.30 -0.93 -102.41
N LEU O 107 -152.36 -0.69 -101.12
CA LEU O 107 -151.31 0.03 -100.39
C LEU O 107 -150.06 -0.80 -100.12
N TYR O 108 -148.88 -0.20 -100.26
CA TYR O 108 -147.66 -0.90 -99.93
C TYR O 108 -147.56 -0.77 -98.44
N VAL O 109 -148.13 -1.71 -97.71
CA VAL O 109 -148.12 -1.67 -96.25
C VAL O 109 -146.67 -1.63 -95.71
N VAL O 110 -146.45 -0.85 -94.65
CA VAL O 110 -145.12 -0.71 -94.04
C VAL O 110 -144.45 -2.06 -93.76
N ASN O 111 -143.20 -2.22 -94.20
CA ASN O 111 -142.44 -3.46 -93.98
C ASN O 111 -143.22 -4.72 -94.38
N GLN O 112 -143.84 -4.71 -95.56
CA GLN O 112 -144.57 -5.88 -96.02
C GLN O 112 -144.16 -6.27 -97.44
N PRO O 113 -143.99 -7.58 -97.69
CA PRO O 113 -143.56 -8.05 -99.01
C PRO O 113 -144.68 -8.11 -100.05
N GLN O 114 -145.03 -7.01 -100.69
CA GLN O 114 -146.07 -7.09 -101.70
C GLN O 114 -145.52 -7.98 -102.84
N GLN O 115 -146.14 -9.16 -103.07
CA GLN O 115 -145.73 -10.14 -104.10
C GLN O 115 -145.65 -9.56 -105.54
N PHE O 116 -144.81 -10.21 -106.36
CA PHE O 116 -144.63 -9.84 -107.77
C PHE O 116 -144.15 -11.02 -108.62
N THR O 117 -144.49 -11.01 -109.91
CA THR O 117 -144.08 -12.08 -110.81
C THR O 117 -143.09 -11.56 -111.84
N THR O 118 -142.28 -12.45 -112.41
CA THR O 118 -141.30 -12.05 -113.41
C THR O 118 -140.95 -13.24 -114.31
N VAL O 119 -141.02 -13.07 -115.63
CA VAL O 119 -140.70 -14.17 -116.54
C VAL O 119 -139.34 -13.92 -117.21
N SER O 120 -138.80 -14.98 -117.82
CA SER O 120 -137.51 -14.90 -118.49
C SER O 120 -137.56 -13.99 -119.72
N GLY O 121 -136.45 -13.32 -120.03
CA GLY O 121 -136.38 -12.43 -121.17
C GLY O 121 -137.40 -11.30 -121.14
N GLN O 122 -137.64 -10.77 -119.94
CA GLN O 122 -138.59 -9.67 -119.77
C GLN O 122 -138.28 -8.92 -118.48
N ALA O 123 -138.59 -7.63 -118.44
CA ALA O 123 -138.36 -6.83 -117.25
C ALA O 123 -139.72 -6.39 -116.73
N THR O 124 -140.03 -6.63 -115.45
CA THR O 124 -141.31 -6.24 -114.89
C THR O 124 -141.14 -4.89 -114.20
N ALA O 125 -142.14 -4.01 -114.34
CA ALA O 125 -142.04 -2.69 -113.73
C ALA O 125 -142.59 -2.70 -112.29
N VAL O 126 -142.01 -1.89 -111.42
CA VAL O 126 -142.47 -1.80 -110.04
C VAL O 126 -143.17 -0.46 -109.87
N PRO O 127 -144.51 -0.46 -109.97
CA PRO O 127 -145.21 0.80 -109.84
C PRO O 127 -145.28 1.24 -108.39
N ILE O 128 -144.65 2.36 -108.05
CA ILE O 128 -144.72 2.88 -106.71
C ILE O 128 -145.52 4.16 -106.92
N PHE O 129 -146.83 4.08 -106.70
CA PHE O 129 -147.69 5.24 -106.92
C PHE O 129 -147.85 6.02 -105.62
N GLY O 130 -147.42 7.28 -105.61
CA GLY O 130 -147.56 8.09 -104.42
C GLY O 130 -148.93 8.75 -104.40
N ALA O 131 -149.34 9.13 -103.21
CA ALA O 131 -150.61 9.79 -103.00
C ALA O 131 -150.61 10.57 -101.68
N ILE O 132 -151.08 11.82 -101.71
CA ILE O 132 -151.16 12.65 -100.53
C ILE O 132 -152.61 13.11 -100.31
N ALA O 133 -153.08 13.03 -99.06
CA ALA O 133 -154.45 13.42 -98.72
C ALA O 133 -154.68 14.92 -98.89
N PRO O 134 -155.94 15.30 -99.14
CA PRO O 134 -156.24 16.73 -99.31
C PRO O 134 -156.14 17.45 -97.98
N ASN O 135 -155.22 18.43 -97.88
CA ASN O 135 -155.06 19.19 -96.67
C ASN O 135 -155.90 20.46 -96.82
N THR O 136 -157.05 20.51 -96.16
CA THR O 136 -157.91 21.68 -96.25
C THR O 136 -158.12 22.24 -94.85
N GLY O 137 -157.11 22.08 -94.00
CA GLY O 137 -157.18 22.56 -92.63
C GLY O 137 -156.17 23.64 -92.33
N THR O 138 -154.91 23.26 -92.11
CA THR O 138 -153.87 24.22 -91.80
C THR O 138 -152.85 24.33 -92.94
N PRO O 139 -152.45 25.56 -93.30
CA PRO O 139 -151.47 25.72 -94.38
C PRO O 139 -150.03 25.44 -93.90
N LYS O 140 -149.39 24.39 -94.40
CA LYS O 140 -148.03 24.06 -94.00
C LYS O 140 -147.07 25.15 -94.46
N ALA O 141 -146.01 25.39 -93.68
CA ALA O 141 -145.04 26.44 -94.02
C ALA O 141 -144.36 26.26 -95.40
N GLN O 142 -143.96 27.38 -96.00
CA GLN O 142 -143.31 27.38 -97.31
C GLN O 142 -141.95 26.70 -97.26
N GLY O 143 -141.51 26.16 -98.40
CA GLY O 143 -140.22 25.48 -98.46
C GLY O 143 -140.30 24.15 -99.18
N ASP O 144 -139.29 23.32 -98.98
CA ASP O 144 -139.23 22.00 -99.62
C ASP O 144 -139.43 20.88 -98.59
N TYR O 145 -140.35 19.96 -98.86
CA TYR O 145 -140.59 18.85 -97.94
C TYR O 145 -139.94 17.62 -98.56
N LYS O 146 -139.23 16.81 -97.75
CA LYS O 146 -138.57 15.62 -98.27
C LYS O 146 -138.73 14.39 -97.39
N ASP O 147 -138.38 13.24 -97.97
CA ASP O 147 -138.39 11.95 -97.29
C ASP O 147 -137.60 10.99 -98.17
N THR O 148 -137.04 9.96 -97.56
CA THR O 148 -136.28 8.97 -98.30
C THR O 148 -136.83 7.60 -97.97
N LEU O 149 -137.72 7.08 -98.82
CA LEU O 149 -138.28 5.77 -98.55
C LEU O 149 -137.24 4.74 -99.01
N LEU O 150 -137.04 3.70 -98.23
CA LEU O 150 -136.10 2.66 -98.61
C LEU O 150 -136.94 1.54 -99.22
N VAL O 151 -136.79 1.27 -100.51
CA VAL O 151 -137.54 0.20 -101.14
C VAL O 151 -136.64 -1.03 -101.03
N THR O 152 -137.22 -2.15 -100.61
CA THR O 152 -136.52 -3.40 -100.35
C THR O 152 -136.96 -4.53 -101.25
N VAL O 153 -136.28 -4.72 -102.39
CA VAL O 153 -136.61 -5.82 -103.28
C VAL O 153 -135.95 -7.06 -102.67
N ASN O 154 -136.73 -8.00 -102.15
CA ASN O 154 -136.14 -9.16 -101.52
C ASN O 154 -136.77 -10.42 -102.05
N PHE O 155 -136.07 -11.53 -101.82
CA PHE O 155 -136.47 -12.80 -102.36
C PHE O 155 -136.77 -13.78 -101.25
N ALA P 1 -131.40 -9.78 -101.71
CA ALA P 1 -131.86 -8.62 -100.98
C ALA P 1 -131.27 -7.34 -101.58
N VAL P 2 -132.03 -6.69 -102.46
CA VAL P 2 -131.59 -5.45 -103.08
C VAL P 2 -132.39 -4.28 -102.48
N THR P 3 -131.84 -3.66 -101.44
CA THR P 3 -132.47 -2.52 -100.80
C THR P 3 -132.03 -1.20 -101.49
N GLY P 4 -133.00 -0.35 -101.80
CA GLY P 4 -132.73 0.90 -102.46
C GLY P 4 -133.47 2.12 -101.97
N GLN P 5 -133.05 3.33 -102.35
CA GLN P 5 -133.72 4.55 -101.87
C GLN P 5 -134.63 5.26 -102.89
N VAL P 6 -135.72 5.86 -102.41
CA VAL P 6 -136.65 6.58 -103.26
C VAL P 6 -136.87 7.95 -102.61
N ASP P 7 -136.30 9.01 -103.18
CA ASP P 7 -136.44 10.30 -102.58
C ASP P 7 -137.85 10.84 -102.85
N VAL P 8 -138.55 11.24 -101.78
CA VAL P 8 -139.89 11.80 -101.93
C VAL P 8 -139.79 13.31 -101.77
N LYS P 9 -140.51 14.06 -102.60
CA LYS P 9 -140.42 15.51 -102.52
C LYS P 9 -141.76 16.22 -102.76
N LEU P 10 -141.87 17.43 -102.23
CA LEU P 10 -143.06 18.26 -102.37
C LEU P 10 -142.63 19.70 -102.09
N ASN P 11 -142.93 20.62 -103.00
CA ASN P 11 -142.52 22.00 -102.83
C ASN P 11 -143.74 22.84 -102.49
N ILE P 12 -144.00 23.01 -101.21
CA ILE P 12 -145.13 23.81 -100.79
C ILE P 12 -144.71 25.28 -100.87
N SER P 13 -145.26 26.02 -101.85
CA SER P 13 -144.93 27.44 -102.01
C SER P 13 -146.08 28.26 -102.68
N THR P 14 -146.39 27.95 -103.94
CA THR P 14 -147.43 28.64 -104.71
C THR P 14 -147.82 27.74 -105.88
N GLY P 15 -148.87 26.92 -105.70
CA GLY P 15 -149.32 25.99 -106.73
C GLY P 15 -150.66 26.25 -107.41
N CYS P 16 -150.99 25.33 -108.31
CA CYS P 16 -152.20 25.37 -109.12
C CYS P 16 -153.12 24.19 -108.77
N THR P 17 -154.43 24.42 -108.73
CA THR P 17 -155.39 23.37 -108.35
C THR P 17 -156.43 23.05 -109.45
N VAL P 18 -156.90 21.80 -109.50
CA VAL P 18 -157.88 21.42 -110.50
C VAL P 18 -159.29 21.27 -109.90
N GLY P 19 -160.27 22.03 -110.39
CA GLY P 19 -161.62 21.95 -109.88
C GLY P 19 -162.46 21.06 -110.76
N GLY P 20 -163.62 20.63 -110.27
CA GLY P 20 -164.50 19.74 -111.01
C GLY P 20 -164.29 18.26 -110.70
N SER P 21 -163.35 17.98 -109.81
CA SER P 21 -163.07 16.60 -109.45
C SER P 21 -163.65 16.24 -108.09
N GLN P 22 -163.86 14.94 -107.89
CA GLN P 22 -164.38 14.41 -106.64
C GLN P 22 -163.35 13.38 -106.21
N THR P 23 -163.07 13.31 -104.92
CA THR P 23 -162.08 12.35 -104.46
C THR P 23 -162.68 10.95 -104.34
N GLU P 24 -162.41 10.07 -105.30
CA GLU P 24 -162.90 8.70 -105.23
C GLU P 24 -161.88 7.97 -104.35
N GLY P 25 -162.18 7.81 -103.06
CA GLY P 25 -161.23 7.17 -102.18
C GLY P 25 -159.97 8.03 -102.16
N ASN P 26 -158.84 7.50 -102.62
CA ASN P 26 -157.60 8.29 -102.63
C ASN P 26 -157.15 8.63 -104.05
N MET P 27 -158.09 8.62 -105.00
CA MET P 27 -157.78 8.95 -106.39
C MET P 27 -158.78 9.98 -106.92
N ASN P 28 -158.30 11.10 -107.46
CA ASN P 28 -159.19 12.15 -107.96
C ASN P 28 -160.06 11.72 -109.15
N LYS P 29 -161.39 11.65 -108.96
CA LYS P 29 -162.30 11.30 -110.05
C LYS P 29 -162.56 12.59 -110.83
N PHE P 30 -161.97 12.73 -112.01
CA PHE P 30 -162.13 13.94 -112.81
C PHE P 30 -163.45 14.02 -113.55
N GLY P 31 -163.89 12.92 -114.17
CA GLY P 31 -165.14 13.02 -114.89
C GLY P 31 -165.53 11.78 -115.68
N THR P 32 -166.44 11.95 -116.63
CA THR P 32 -166.92 10.84 -117.44
C THR P 32 -167.01 11.25 -118.92
N LEU P 33 -166.60 10.34 -119.80
CA LEU P 33 -166.66 10.58 -121.25
C LEU P 33 -167.75 9.63 -121.69
N ASN P 34 -169.00 10.10 -121.67
CA ASN P 34 -170.14 9.25 -121.97
C ASN P 34 -170.59 9.37 -123.42
N PHE P 35 -170.25 8.38 -124.25
CA PHE P 35 -170.65 8.42 -125.66
C PHE P 35 -172.14 8.12 -125.85
N GLY P 36 -172.74 7.49 -124.85
CA GLY P 36 -174.15 7.17 -124.88
C GLY P 36 -174.38 5.77 -125.40
N LYS P 37 -175.62 5.52 -125.83
CA LYS P 37 -176.01 4.22 -126.38
C LYS P 37 -175.71 4.16 -127.87
N THR P 38 -175.51 2.96 -128.40
CA THR P 38 -175.22 2.78 -129.82
C THR P 38 -175.50 1.36 -130.27
N SER P 39 -175.67 1.18 -131.58
CA SER P 39 -175.93 -0.14 -132.16
C SER P 39 -174.64 -0.80 -132.51
N GLY P 40 -174.69 -2.09 -132.91
CA GLY P 40 -173.51 -2.85 -133.26
C GLY P 40 -172.61 -2.15 -134.27
N THR P 41 -173.23 -1.63 -135.34
CA THR P 41 -172.48 -0.95 -136.39
C THR P 41 -172.98 0.50 -136.56
N TRP P 42 -172.17 1.48 -136.15
CA TRP P 42 -172.58 2.89 -136.27
C TRP P 42 -171.83 3.55 -137.45
N ASN P 43 -172.55 4.31 -138.28
CA ASN P 43 -171.93 4.97 -139.42
C ASN P 43 -171.44 6.37 -139.09
N ASN P 44 -172.06 6.99 -138.09
CA ASN P 44 -171.66 8.32 -137.66
C ASN P 44 -170.60 8.23 -136.57
N VAL P 45 -169.64 9.17 -136.58
CA VAL P 45 -168.57 9.23 -135.59
C VAL P 45 -169.22 9.48 -134.23
N LEU P 46 -169.09 8.56 -133.26
CA LEU P 46 -169.75 8.80 -131.97
C LEU P 46 -168.92 9.82 -131.23
N THR P 47 -169.55 10.87 -130.69
CA THR P 47 -168.80 11.97 -130.10
C THR P 47 -169.43 12.56 -128.85
N ALA P 48 -168.70 12.62 -127.72
CA ALA P 48 -169.22 13.20 -126.49
C ALA P 48 -168.10 13.91 -125.75
N GLU P 49 -168.47 14.83 -124.87
CA GLU P 49 -167.52 15.62 -124.10
C GLU P 49 -167.43 15.12 -122.67
N VAL P 50 -166.31 15.37 -122.02
CA VAL P 50 -166.13 14.97 -120.64
C VAL P 50 -167.10 15.74 -119.74
N ALA P 51 -167.68 15.06 -118.75
CA ALA P 51 -168.59 15.70 -117.81
C ALA P 51 -167.95 15.55 -116.43
N SER P 52 -167.48 16.66 -115.83
CA SER P 52 -166.84 16.60 -114.52
C SER P 52 -167.71 15.90 -113.49
N ALA P 53 -167.10 15.07 -112.63
CA ALA P 53 -167.87 14.34 -111.63
C ALA P 53 -168.44 15.21 -110.51
N ALA P 54 -167.83 16.37 -110.27
CA ALA P 54 -168.27 17.28 -109.22
C ALA P 54 -169.45 18.18 -109.62
N THR P 55 -169.35 18.82 -110.78
CA THR P 55 -170.41 19.72 -111.21
C THR P 55 -171.29 19.20 -112.36
N GLY P 56 -170.70 18.48 -113.30
CA GLY P 56 -171.44 17.99 -114.45
C GLY P 56 -170.96 18.67 -115.72
N GLY P 57 -170.34 19.84 -115.58
CA GLY P 57 -169.81 20.59 -116.71
C GLY P 57 -168.37 20.21 -117.01
N ASN P 58 -167.61 21.14 -117.57
CA ASN P 58 -166.22 20.86 -117.92
C ASN P 58 -165.28 21.04 -116.73
N ILE P 59 -164.18 20.29 -116.71
CA ILE P 59 -163.21 20.40 -115.62
C ILE P 59 -162.72 21.84 -115.60
N SER P 60 -162.78 22.51 -114.45
CA SER P 60 -162.36 23.91 -114.38
C SER P 60 -161.08 24.04 -113.57
N VAL P 61 -159.93 24.18 -114.24
CA VAL P 61 -158.69 24.30 -113.50
C VAL P 61 -158.41 25.77 -113.19
N THR P 62 -158.12 26.09 -111.93
CA THR P 62 -157.82 27.46 -111.56
C THR P 62 -156.44 27.44 -110.88
N CYS P 63 -155.66 28.51 -111.01
CA CYS P 63 -154.34 28.51 -110.37
C CYS P 63 -154.36 29.47 -109.19
N ASP P 64 -153.81 29.04 -108.05
CA ASP P 64 -153.77 29.88 -106.86
C ASP P 64 -152.60 30.86 -106.94
N GLY P 65 -152.76 31.90 -107.74
CA GLY P 65 -151.73 32.91 -107.92
C GLY P 65 -152.29 34.15 -108.55
N THR P 66 -151.47 35.18 -108.69
CA THR P 66 -151.91 36.44 -109.27
C THR P 66 -151.45 36.58 -110.73
N ASP P 67 -150.17 36.35 -110.96
CA ASP P 67 -149.60 36.44 -112.31
C ASP P 67 -150.05 35.23 -113.13
N PRO P 68 -150.07 35.35 -114.47
CA PRO P 68 -150.52 34.18 -115.24
C PRO P 68 -149.59 32.97 -115.08
N VAL P 69 -150.15 31.77 -115.02
CA VAL P 69 -149.37 30.56 -114.87
C VAL P 69 -149.59 29.65 -116.07
N ASP P 70 -148.54 29.04 -116.60
CA ASP P 70 -148.68 28.18 -117.77
C ASP P 70 -148.63 26.74 -117.27
N PHE P 71 -149.78 26.06 -117.22
CA PHE P 71 -149.82 24.69 -116.74
C PHE P 71 -150.08 23.75 -117.89
N THR P 72 -149.66 22.50 -117.75
CA THR P 72 -149.85 21.55 -118.82
C THR P 72 -150.87 20.46 -118.48
N VAL P 73 -151.40 19.84 -119.53
CA VAL P 73 -152.38 18.77 -119.39
C VAL P 73 -151.93 17.55 -120.18
N ALA P 74 -151.87 16.37 -119.55
CA ALA P 74 -151.46 15.16 -120.25
C ALA P 74 -152.43 14.04 -119.92
N ILE P 75 -152.88 13.30 -120.95
CA ILE P 75 -153.79 12.21 -120.76
C ILE P 75 -153.03 10.97 -121.20
N ASP P 76 -153.23 9.85 -120.51
CA ASP P 76 -152.54 8.61 -120.83
C ASP P 76 -153.36 7.78 -121.85
N GLY P 77 -152.91 6.56 -122.16
CA GLY P 77 -153.57 5.68 -123.11
C GLY P 77 -154.68 4.76 -122.63
N GLY P 78 -155.18 4.95 -121.41
CA GLY P 78 -156.23 4.10 -120.88
C GLY P 78 -155.70 2.86 -120.21
N GLU P 79 -156.60 2.00 -119.73
CA GLU P 79 -156.24 0.77 -119.06
C GLU P 79 -155.28 -0.10 -119.84
N ARG P 80 -155.52 -0.29 -121.13
CA ARG P 80 -154.64 -1.16 -121.91
C ARG P 80 -153.52 -0.45 -122.69
N THR P 81 -153.42 0.87 -122.51
CA THR P 81 -152.44 1.77 -123.16
C THR P 81 -152.61 2.03 -124.67
N ASP P 82 -153.75 1.64 -125.26
CA ASP P 82 -154.00 1.90 -126.68
C ASP P 82 -155.38 2.52 -126.94
N ARG P 83 -155.92 3.19 -125.93
CA ARG P 83 -157.21 3.89 -125.98
C ARG P 83 -158.35 3.04 -126.55
N THR P 84 -158.57 1.88 -125.93
CA THR P 84 -159.65 0.98 -126.36
C THR P 84 -160.60 0.73 -125.20
N LEU P 85 -161.90 0.83 -125.43
CA LEU P 85 -162.82 0.53 -124.36
C LEU P 85 -163.04 -0.97 -124.40
N LYS P 86 -163.15 -1.62 -123.25
CA LYS P 86 -163.31 -3.06 -123.24
C LYS P 86 -164.69 -3.46 -122.74
N ASN P 87 -165.28 -4.51 -123.31
CA ASN P 87 -166.57 -4.93 -122.85
C ASN P 87 -166.39 -5.50 -121.46
N THR P 88 -167.28 -5.19 -120.54
CA THR P 88 -167.21 -5.75 -119.19
C THR P 88 -167.13 -7.27 -119.15
N ALA P 89 -167.86 -7.98 -120.03
CA ALA P 89 -167.83 -9.45 -120.00
C ALA P 89 -166.95 -10.14 -121.05
N SER P 90 -167.17 -9.80 -122.32
CA SER P 90 -166.42 -10.35 -123.44
C SER P 90 -165.09 -9.60 -123.65
N ALA P 91 -164.30 -10.03 -124.63
CA ALA P 91 -163.02 -9.38 -124.89
C ALA P 91 -163.03 -8.39 -126.07
N ASP P 92 -164.22 -7.99 -126.51
CA ASP P 92 -164.32 -7.05 -127.62
C ASP P 92 -163.75 -5.68 -127.21
N VAL P 93 -163.16 -4.96 -128.16
CA VAL P 93 -162.58 -3.65 -127.85
C VAL P 93 -163.14 -2.57 -128.77
N VAL P 94 -163.19 -1.34 -128.29
CA VAL P 94 -163.70 -0.23 -129.10
C VAL P 94 -162.67 0.91 -129.09
N ALA P 95 -161.90 1.06 -130.17
CA ALA P 95 -160.89 2.10 -130.24
C ALA P 95 -161.48 3.52 -130.23
N TYR P 96 -160.89 4.43 -129.46
CA TYR P 96 -161.35 5.82 -129.38
C TYR P 96 -160.15 6.74 -129.23
N ASN P 97 -160.39 8.06 -129.08
CA ASN P 97 -159.33 9.04 -128.91
C ASN P 97 -159.93 10.28 -128.25
N VAL P 98 -159.10 11.05 -127.56
CA VAL P 98 -159.57 12.27 -126.92
C VAL P 98 -158.88 13.46 -127.59
N TYR P 99 -159.65 14.46 -128.03
CA TYR P 99 -159.06 15.64 -128.65
C TYR P 99 -159.26 16.84 -127.73
N ARG P 100 -158.54 17.91 -128.00
CA ARG P 100 -158.62 19.12 -127.19
C ARG P 100 -159.55 20.20 -127.75
N ASP P 101 -159.60 20.32 -129.07
CA ASP P 101 -160.43 21.33 -129.70
C ASP P 101 -161.76 20.74 -130.17
N ALA P 102 -162.75 21.62 -130.33
CA ALA P 102 -164.12 21.24 -130.75
C ALA P 102 -164.24 20.55 -132.12
N ALA P 103 -163.27 20.74 -133.02
CA ALA P 103 -163.28 20.11 -134.32
C ALA P 103 -162.52 18.78 -134.42
N ARG P 104 -162.23 18.11 -133.29
CA ARG P 104 -161.53 16.81 -133.28
C ARG P 104 -160.20 16.81 -134.04
N THR P 105 -159.48 17.93 -134.03
CA THR P 105 -158.19 18.05 -134.73
C THR P 105 -156.95 17.97 -133.84
N ASN P 106 -156.90 18.77 -132.77
CA ASN P 106 -155.77 18.81 -131.87
C ASN P 106 -155.90 17.65 -130.89
N LEU P 107 -155.24 16.55 -131.20
CA LEU P 107 -155.30 15.34 -130.40
C LEU P 107 -154.46 15.39 -129.11
N TYR P 108 -155.00 14.84 -128.02
CA TYR P 108 -154.23 14.77 -126.80
C TYR P 108 -153.36 13.57 -126.99
N VAL P 109 -152.17 13.77 -127.56
CA VAL P 109 -151.25 12.65 -127.80
C VAL P 109 -150.90 11.92 -126.50
N VAL P 110 -150.79 10.59 -126.56
CA VAL P 110 -150.50 9.76 -125.40
C VAL P 110 -149.27 10.27 -124.61
N ASN P 111 -149.42 10.41 -123.29
CA ASN P 111 -148.33 10.89 -122.43
C ASN P 111 -147.64 12.15 -122.95
N GLN P 112 -148.43 13.14 -123.34
CA GLN P 112 -147.86 14.40 -123.82
C GLN P 112 -148.49 15.60 -123.11
N PRO P 113 -147.65 16.59 -122.73
CA PRO P 113 -148.16 17.76 -122.01
C PRO P 113 -148.81 18.81 -122.91
N GLN P 114 -150.07 18.65 -123.29
CA GLN P 114 -150.69 19.68 -124.10
C GLN P 114 -150.74 20.96 -123.25
N GLN P 115 -150.00 22.03 -123.66
CA GLN P 115 -149.93 23.33 -122.94
C GLN P 115 -151.31 24.00 -122.69
N PHE P 116 -151.34 24.83 -121.64
CA PHE P 116 -152.55 25.59 -121.26
C PHE P 116 -152.20 26.86 -120.49
N THR P 117 -153.04 27.88 -120.60
CA THR P 117 -152.82 29.14 -119.88
C THR P 117 -153.90 29.33 -118.85
N THR P 118 -153.58 30.10 -117.82
CA THR P 118 -154.54 30.39 -116.78
C THR P 118 -154.18 31.82 -116.36
N VAL P 119 -155.21 32.63 -116.10
CA VAL P 119 -155.04 34.04 -115.82
C VAL P 119 -155.63 34.48 -114.47
N SER P 120 -155.39 35.76 -114.14
CA SER P 120 -155.82 36.34 -112.88
C SER P 120 -157.30 36.11 -112.53
N GLY P 121 -157.56 35.58 -111.32
CA GLY P 121 -158.91 35.39 -110.83
C GLY P 121 -159.82 34.65 -111.77
N GLN P 122 -159.34 33.60 -112.42
CA GLN P 122 -160.22 32.88 -113.34
C GLN P 122 -159.99 31.37 -113.36
N ALA P 123 -161.03 30.62 -113.73
CA ALA P 123 -160.91 29.18 -113.83
C ALA P 123 -160.94 28.86 -115.33
N THR P 124 -159.92 28.17 -115.83
CA THR P 124 -159.86 27.79 -117.24
C THR P 124 -160.44 26.39 -117.38
N ALA P 125 -161.21 26.14 -118.44
CA ALA P 125 -161.81 24.83 -118.64
C ALA P 125 -160.87 23.91 -119.42
N VAL P 126 -160.91 22.61 -119.12
CA VAL P 126 -160.08 21.64 -119.82
C VAL P 126 -160.99 20.81 -120.72
N PRO P 127 -161.07 21.19 -122.00
CA PRO P 127 -161.96 20.44 -122.88
C PRO P 127 -161.34 19.10 -123.27
N ILE P 128 -161.95 18.00 -122.86
CA ILE P 128 -161.48 16.70 -123.24
C ILE P 128 -162.59 16.20 -124.15
N PHE P 129 -162.42 16.39 -125.46
CA PHE P 129 -163.45 16.01 -126.42
C PHE P 129 -163.20 14.58 -126.90
N GLY P 130 -164.14 13.67 -126.65
CA GLY P 130 -163.97 12.31 -127.11
C GLY P 130 -164.47 12.17 -128.52
N ALA P 131 -163.99 11.14 -129.21
CA ALA P 131 -164.37 10.84 -130.57
C ALA P 131 -164.11 9.37 -130.89
N ILE P 132 -165.07 8.72 -131.53
CA ILE P 132 -164.93 7.33 -131.92
C ILE P 132 -165.16 7.19 -133.44
N ALA P 133 -164.29 6.42 -134.10
CA ALA P 133 -164.39 6.23 -135.54
C ALA P 133 -165.64 5.45 -135.95
N PRO P 134 -166.11 5.67 -137.19
CA PRO P 134 -167.30 4.95 -137.63
C PRO P 134 -166.98 3.47 -137.86
N ASN P 135 -167.63 2.59 -137.12
CA ASN P 135 -167.43 1.17 -137.28
C ASN P 135 -168.49 0.66 -138.24
N THR P 136 -168.12 0.40 -139.48
CA THR P 136 -169.07 -0.11 -140.47
C THR P 136 -168.58 -1.44 -141.00
N GLY P 137 -167.90 -2.20 -140.14
CA GLY P 137 -167.36 -3.48 -140.51
C GLY P 137 -167.97 -4.62 -139.73
N THR P 138 -167.52 -4.82 -138.50
CA THR P 138 -168.03 -5.90 -137.66
C THR P 138 -168.84 -5.35 -136.48
N PRO P 139 -170.00 -5.97 -136.18
CA PRO P 139 -170.81 -5.49 -135.06
C PRO P 139 -170.27 -5.99 -133.71
N LYS P 140 -169.78 -5.08 -132.86
CA LYS P 140 -169.26 -5.47 -131.56
C LYS P 140 -170.37 -6.04 -130.68
N ALA P 141 -170.02 -7.01 -129.82
CA ALA P 141 -171.02 -7.63 -128.96
C ALA P 141 -171.78 -6.67 -128.02
N GLN P 142 -173.02 -7.03 -127.68
CA GLN P 142 -173.85 -6.21 -126.81
C GLN P 142 -173.29 -6.11 -125.39
N GLY P 143 -173.62 -5.03 -124.69
CA GLY P 143 -173.13 -4.84 -123.34
C GLY P 143 -172.59 -3.44 -123.11
N ASP P 144 -171.82 -3.27 -122.05
CA ASP P 144 -171.24 -1.98 -121.70
C ASP P 144 -169.72 -1.97 -121.93
N TYR P 145 -169.21 -0.97 -122.66
CA TYR P 145 -167.77 -0.89 -122.91
C TYR P 145 -167.23 0.21 -122.00
N LYS P 146 -166.09 -0.02 -121.34
CA LYS P 146 -165.51 0.97 -120.44
C LYS P 146 -164.00 1.15 -120.59
N ASP P 147 -163.50 2.22 -120.00
CA ASP P 147 -162.09 2.56 -119.95
C ASP P 147 -161.93 3.64 -118.89
N THR P 148 -160.74 3.73 -118.32
CA THR P 148 -160.46 4.73 -117.32
C THR P 148 -159.23 5.50 -117.72
N LEU P 149 -159.40 6.66 -118.37
CA LEU P 149 -158.24 7.41 -118.79
C LEU P 149 -157.74 8.18 -117.58
N LEU P 150 -156.43 8.23 -117.36
CA LEU P 150 -155.88 8.96 -116.24
C LEU P 150 -155.46 10.31 -116.80
N VAL P 151 -156.09 11.41 -116.40
CA VAL P 151 -155.70 12.72 -116.87
C VAL P 151 -154.69 13.22 -115.84
N THR P 152 -153.57 13.77 -116.33
CA THR P 152 -152.45 14.21 -115.53
C THR P 152 -152.18 15.71 -115.65
N VAL P 153 -152.78 16.51 -114.76
CA VAL P 153 -152.53 17.94 -114.78
C VAL P 153 -151.18 18.13 -114.07
N ASN P 154 -150.14 18.53 -114.80
CA ASN P 154 -148.84 18.68 -114.19
C ASN P 154 -148.24 20.00 -114.53
N PHE P 155 -147.25 20.39 -113.74
CA PHE P 155 -146.65 21.69 -113.87
C PHE P 155 -145.17 21.57 -114.23
N ALA Q 1 -148.42 18.17 -109.44
CA ALA Q 1 -148.83 16.98 -110.18
C ALA Q 1 -150.19 16.47 -109.67
N VAL Q 2 -151.26 16.88 -110.35
CA VAL Q 2 -152.59 16.43 -109.97
C VAL Q 2 -153.11 15.43 -111.02
N THR Q 3 -152.90 14.15 -110.75
CA THR Q 3 -153.35 13.08 -111.63
C THR Q 3 -154.78 12.65 -111.24
N GLY Q 4 -155.65 12.54 -112.25
CA GLY Q 4 -157.03 12.18 -112.03
C GLY Q 4 -157.63 11.19 -113.01
N GLN Q 5 -158.79 10.60 -112.70
CA GLN Q 5 -159.40 9.62 -113.59
C GLN Q 5 -160.62 10.12 -114.40
N VAL Q 6 -160.79 9.63 -115.63
CA VAL Q 6 -161.90 10.00 -116.48
C VAL Q 6 -162.51 8.70 -116.99
N ASP Q 7 -163.68 8.31 -116.47
CA ASP Q 7 -164.27 7.07 -116.89
C ASP Q 7 -164.88 7.23 -118.28
N VAL Q 8 -164.50 6.35 -119.22
CA VAL Q 8 -165.02 6.40 -120.57
C VAL Q 8 -166.07 5.30 -120.70
N LYS Q 9 -167.19 5.58 -121.36
CA LYS Q 9 -168.24 4.58 -121.48
C LYS Q 9 -168.94 4.60 -122.83
N LEU Q 10 -169.52 3.46 -123.20
CA LEU Q 10 -170.25 3.30 -124.44
C LEU Q 10 -171.16 2.08 -124.26
N ASN Q 11 -172.45 2.22 -124.52
CA ASN Q 11 -173.38 1.11 -124.34
C ASN Q 11 -173.81 0.61 -125.70
N ILE Q 12 -173.10 -0.39 -126.21
CA ILE Q 12 -173.46 -0.97 -127.49
C ILE Q 12 -174.62 -1.93 -127.25
N SER Q 13 -175.82 -1.56 -127.71
CA SER Q 13 -177.00 -2.42 -127.56
C SER Q 13 -178.08 -2.20 -128.66
N THR Q 14 -178.67 -1.01 -128.71
CA THR Q 14 -179.71 -0.65 -129.67
C THR Q 14 -179.80 0.88 -129.72
N GLY Q 15 -179.08 1.50 -130.67
CA GLY Q 15 -179.06 2.95 -130.81
C GLY Q 15 -179.72 3.58 -132.02
N CYS Q 16 -179.61 4.90 -132.07
CA CYS Q 16 -180.19 5.74 -133.11
C CYS Q 16 -179.08 6.44 -133.91
N THR Q 17 -179.25 6.57 -135.22
CA THR Q 17 -178.22 7.17 -136.08
C THR Q 17 -178.71 8.40 -136.87
N VAL Q 18 -177.80 9.34 -137.15
CA VAL Q 18 -178.18 10.55 -137.88
C VAL Q 18 -177.70 10.51 -139.33
N GLY Q 19 -178.62 10.60 -140.29
CA GLY Q 19 -178.24 10.57 -141.71
C GLY Q 19 -178.15 11.99 -142.24
N GLY Q 20 -177.53 12.15 -143.41
CA GLY Q 20 -177.35 13.46 -144.02
C GLY Q 20 -176.03 14.14 -143.66
N SER Q 21 -175.21 13.45 -142.87
CA SER Q 21 -173.94 14.01 -142.48
C SER Q 21 -172.77 13.36 -143.24
N GLN Q 22 -171.67 14.09 -143.30
CA GLN Q 22 -170.46 13.63 -143.96
C GLN Q 22 -169.38 13.75 -142.90
N THR Q 23 -168.48 12.77 -142.84
CA THR Q 23 -167.44 12.83 -141.83
C THR Q 23 -166.31 13.77 -142.25
N GLU Q 24 -166.27 14.98 -141.70
CA GLU Q 24 -165.19 15.91 -141.99
C GLU Q 24 -164.05 15.51 -141.07
N GLY Q 25 -163.09 14.72 -141.56
CA GLY Q 25 -162.01 14.29 -140.71
C GLY Q 25 -162.63 13.44 -139.61
N ASN Q 26 -162.52 13.86 -138.35
CA ASN Q 26 -163.09 13.09 -137.24
C ASN Q 26 -164.28 13.81 -136.60
N MET Q 27 -164.91 14.72 -137.35
CA MET Q 27 -166.06 15.47 -136.84
C MET Q 27 -167.21 15.43 -137.86
N ASN Q 28 -168.39 15.00 -137.45
CA ASN Q 28 -169.53 14.89 -138.36
C ASN Q 28 -170.00 16.24 -138.95
N LYS Q 29 -169.84 16.44 -140.26
CA LYS Q 29 -170.30 17.66 -140.91
C LYS Q 29 -171.79 17.47 -141.21
N PHE Q 30 -172.65 18.12 -140.43
CA PHE Q 30 -174.09 17.96 -140.61
C PHE Q 30 -174.67 18.76 -141.77
N GLY Q 31 -174.24 20.01 -141.94
CA GLY Q 31 -174.80 20.77 -143.05
C GLY Q 31 -174.38 22.22 -143.12
N THR Q 32 -175.16 23.02 -143.87
CA THR Q 32 -174.85 24.42 -144.03
C THR Q 32 -176.12 25.27 -143.91
N LEU Q 33 -176.01 26.41 -143.24
CA LEU Q 33 -177.14 27.33 -143.08
C LEU Q 33 -176.72 28.51 -143.93
N ASN Q 34 -177.08 28.47 -145.22
CA ASN Q 34 -176.66 29.49 -146.16
C ASN Q 34 -177.70 30.58 -146.36
N PHE Q 35 -177.50 31.75 -145.75
CA PHE Q 35 -178.46 32.84 -145.89
C PHE Q 35 -178.37 33.51 -147.26
N GLY Q 36 -177.24 33.31 -147.95
CA GLY Q 36 -177.04 33.85 -149.27
C GLY Q 36 -176.34 35.17 -149.23
N LYS Q 37 -176.45 35.93 -150.32
CA LYS Q 37 -175.82 37.25 -150.42
C LYS Q 37 -176.75 38.32 -149.86
N THR Q 38 -176.17 39.44 -149.41
CA THR Q 38 -176.96 40.52 -148.85
C THR Q 38 -176.18 41.85 -148.85
N SER Q 39 -176.91 42.96 -148.76
CA SER Q 39 -176.30 44.27 -148.74
C SER Q 39 -176.00 44.67 -147.33
N GLY Q 40 -175.30 45.81 -147.14
CA GLY Q 40 -174.92 46.29 -145.82
C GLY Q 40 -176.10 46.39 -144.87
N THR Q 41 -177.19 46.97 -145.34
CA THR Q 41 -178.39 47.13 -144.52
C THR Q 41 -179.61 46.45 -145.17
N TRP Q 42 -180.07 45.34 -144.60
CA TRP Q 42 -181.22 44.62 -145.14
C TRP Q 42 -182.47 44.91 -144.31
N ASN Q 43 -183.61 45.20 -144.96
CA ASN Q 43 -184.85 45.47 -144.23
C ASN Q 43 -185.68 44.22 -144.00
N ASN Q 44 -185.51 43.22 -144.87
CA ASN Q 44 -186.23 41.97 -144.73
C ASN Q 44 -185.43 40.98 -143.87
N VAL Q 45 -186.13 40.19 -143.06
CA VAL Q 45 -185.51 39.18 -142.21
C VAL Q 45 -184.82 38.16 -143.12
N LEU Q 46 -183.49 38.01 -143.03
CA LEU Q 46 -182.85 37.05 -143.96
C LEU Q 46 -183.11 35.66 -143.40
N THR Q 47 -183.57 34.74 -144.26
CA THR Q 47 -184.01 33.44 -143.77
C THR Q 47 -183.65 32.27 -144.69
N ALA Q 48 -182.95 31.25 -144.19
CA ALA Q 48 -182.59 30.09 -144.99
C ALA Q 48 -182.63 28.83 -144.12
N GLU Q 49 -182.75 27.68 -144.76
CA GLU Q 49 -182.84 26.40 -144.08
C GLU Q 49 -181.52 25.65 -144.19
N VAL Q 50 -181.26 24.77 -143.23
CA VAL Q 50 -180.05 23.97 -143.26
C VAL Q 50 -180.06 23.03 -144.47
N ALA Q 51 -178.91 22.85 -145.11
CA ALA Q 51 -178.79 21.96 -146.25
C ALA Q 51 -177.78 20.89 -145.84
N SER Q 52 -178.21 19.65 -145.66
CA SER Q 52 -177.31 18.57 -145.25
C SER Q 52 -176.11 18.45 -146.19
N ALA Q 53 -174.92 18.21 -145.64
CA ALA Q 53 -173.71 18.12 -146.46
C ALA Q 53 -173.66 16.87 -147.34
N ALA Q 54 -174.37 15.82 -146.94
CA ALA Q 54 -174.37 14.56 -147.68
C ALA Q 54 -175.34 14.54 -148.87
N THR Q 55 -176.57 14.96 -148.66
CA THR Q 55 -177.55 14.93 -149.74
C THR Q 55 -177.93 16.30 -150.32
N GLY Q 56 -177.98 17.33 -149.48
CA GLY Q 56 -178.37 18.65 -149.93
C GLY Q 56 -179.71 19.04 -149.34
N GLY Q 57 -180.50 18.05 -148.91
CA GLY Q 57 -181.79 18.29 -148.30
C GLY Q 57 -181.68 18.43 -146.79
N ASN Q 58 -182.75 18.10 -146.07
CA ASN Q 58 -182.74 18.21 -144.61
C ASN Q 58 -182.08 17.00 -143.93
N ILE Q 59 -181.49 17.23 -142.76
CA ILE Q 59 -180.84 16.15 -142.02
C ILE Q 59 -181.92 15.10 -141.74
N SER Q 60 -181.66 13.84 -142.10
CA SER Q 60 -182.67 12.80 -141.89
C SER Q 60 -182.22 11.83 -140.80
N VAL Q 61 -182.74 11.98 -139.58
CA VAL Q 61 -182.34 11.09 -138.52
C VAL Q 61 -183.24 9.86 -138.49
N THR Q 62 -182.66 8.67 -138.48
CA THR Q 62 -183.45 7.44 -138.43
C THR Q 62 -182.96 6.65 -137.20
N CYS Q 63 -183.85 5.90 -136.57
CA CYS Q 63 -183.41 5.11 -135.44
C CYS Q 63 -183.34 3.65 -135.88
N ASP Q 64 -182.54 2.87 -135.16
CA ASP Q 64 -182.37 1.45 -135.49
C ASP Q 64 -183.13 0.55 -134.52
N GLY Q 65 -184.38 0.20 -134.85
CA GLY Q 65 -185.17 -0.66 -134.00
C GLY Q 65 -186.62 -0.76 -134.47
N THR Q 66 -187.46 -1.37 -133.63
CA THR Q 66 -188.88 -1.53 -133.93
C THR Q 66 -189.82 -0.64 -133.12
N ASP Q 67 -189.46 -0.23 -131.91
CA ASP Q 67 -190.39 0.64 -131.18
C ASP Q 67 -190.05 2.11 -131.44
N PRO Q 68 -191.07 2.99 -131.48
CA PRO Q 68 -190.76 4.39 -131.75
C PRO Q 68 -189.88 5.01 -130.66
N VAL Q 69 -188.65 5.40 -130.98
CA VAL Q 69 -187.77 6.00 -129.97
C VAL Q 69 -187.92 7.52 -129.90
N ASP Q 70 -187.80 8.08 -128.70
CA ASP Q 70 -187.91 9.52 -128.52
C ASP Q 70 -186.49 10.07 -128.36
N PHE Q 71 -185.96 10.72 -129.40
CA PHE Q 71 -184.61 11.26 -129.34
C PHE Q 71 -184.67 12.77 -129.27
N THR Q 72 -183.61 13.36 -128.72
CA THR Q 72 -183.60 14.81 -128.58
C THR Q 72 -182.57 15.48 -129.50
N VAL Q 73 -182.80 16.77 -129.74
CA VAL Q 73 -181.90 17.56 -130.58
C VAL Q 73 -181.49 18.83 -129.83
N ALA Q 74 -180.18 19.10 -129.73
CA ALA Q 74 -179.72 20.29 -129.04
C ALA Q 74 -178.68 20.99 -129.91
N ILE Q 75 -178.80 22.31 -130.05
CA ILE Q 75 -177.85 23.08 -130.84
C ILE Q 75 -177.19 24.02 -129.85
N ASP Q 76 -175.90 24.28 -130.03
CA ASP Q 76 -175.16 25.15 -129.12
C ASP Q 76 -175.21 26.62 -129.63
N GLY Q 77 -174.49 27.53 -128.97
CA GLY Q 77 -174.45 28.94 -129.33
C GLY Q 77 -173.45 29.42 -130.38
N GLY Q 78 -172.81 28.51 -131.10
CA GLY Q 78 -171.84 28.90 -132.11
C GLY Q 78 -170.44 29.07 -131.54
N GLU Q 79 -169.50 29.48 -132.40
CA GLU Q 79 -168.12 29.69 -131.99
C GLU Q 79 -167.96 30.61 -130.80
N ARG Q 80 -168.67 31.73 -130.78
CA ARG Q 80 -168.50 32.67 -129.67
C ARG Q 80 -169.52 32.54 -128.53
N THR Q 81 -170.41 31.54 -128.65
CA THR Q 81 -171.50 31.21 -127.70
C THR Q 81 -172.68 32.21 -127.62
N ASP Q 82 -172.79 33.13 -128.58
CA ASP Q 82 -173.92 34.07 -128.60
C ASP Q 82 -174.58 34.17 -129.99
N ARG Q 83 -174.43 33.12 -130.79
CA ARG Q 83 -175.02 33.01 -132.13
C ARG Q 83 -174.77 34.22 -133.01
N THR Q 84 -173.49 34.56 -133.20
CA THR Q 84 -173.10 35.68 -134.04
C THR Q 84 -172.17 35.19 -135.15
N LEU Q 85 -172.42 35.59 -136.40
CA LEU Q 85 -171.51 35.21 -137.44
C LEU Q 85 -170.39 36.24 -137.43
N LYS Q 86 -169.16 35.83 -137.66
CA LYS Q 86 -168.06 36.79 -137.63
C LYS Q 86 -167.45 36.98 -139.01
N ASN Q 87 -167.04 38.20 -139.35
CA ASN Q 87 -166.46 38.41 -140.62
C ASN Q 87 -165.11 37.72 -140.62
N THR Q 88 -164.74 37.05 -141.70
CA THR Q 88 -163.45 36.39 -141.79
C THR Q 88 -162.26 37.32 -141.52
N ALA Q 89 -162.31 38.57 -141.98
CA ALA Q 89 -161.18 39.49 -141.77
C ALA Q 89 -161.33 40.51 -140.62
N SER Q 90 -162.42 41.27 -140.66
CA SER Q 90 -162.72 42.28 -139.65
C SER Q 90 -163.40 41.67 -138.42
N ALA Q 91 -163.71 42.48 -137.41
CA ALA Q 91 -164.36 41.97 -136.20
C ALA Q 91 -165.86 42.21 -136.15
N ASP Q 92 -166.48 42.55 -137.27
CA ASP Q 92 -167.92 42.78 -137.31
C ASP Q 92 -168.67 41.49 -137.01
N VAL Q 93 -169.83 41.58 -136.35
CA VAL Q 93 -170.61 40.39 -136.02
C VAL Q 93 -172.04 40.51 -136.55
N VAL Q 94 -172.67 39.37 -136.84
CA VAL Q 94 -174.05 39.37 -137.35
C VAL Q 94 -174.88 38.41 -136.49
N ALA Q 95 -175.69 38.94 -135.58
CA ALA Q 95 -176.50 38.10 -134.71
C ALA Q 95 -177.58 37.31 -135.50
N TYR Q 96 -177.76 36.03 -135.17
CA TYR Q 96 -178.77 35.19 -135.81
C TYR Q 96 -179.35 34.22 -134.80
N ASN Q 97 -180.26 33.32 -135.23
CA ASN Q 97 -180.86 32.32 -134.37
C ASN Q 97 -181.39 31.19 -135.24
N VAL Q 98 -181.51 30.00 -134.64
CA VAL Q 98 -182.02 28.85 -135.37
C VAL Q 98 -183.35 28.43 -134.74
N TYR Q 99 -184.40 28.28 -135.55
CA TYR Q 99 -185.69 27.87 -135.02
C TYR Q 99 -185.99 26.47 -135.55
N ARG Q 100 -186.98 25.82 -134.94
CA ARG Q 100 -187.36 24.47 -135.33
C ARG Q 100 -188.55 24.40 -136.27
N ASP Q 101 -189.52 25.30 -136.10
CA ASP Q 101 -190.70 25.30 -136.94
C ASP Q 101 -190.58 26.32 -138.07
N ALA Q 102 -191.37 26.10 -139.13
CA ALA Q 102 -191.38 26.94 -140.33
C ALA Q 102 -191.75 28.42 -140.12
N ALA Q 103 -192.46 28.75 -139.04
CA ALA Q 103 -192.84 30.12 -138.74
C ALA Q 103 -191.88 30.86 -137.79
N ARG Q 104 -190.62 30.40 -137.62
CA ARG Q 104 -189.64 31.06 -136.77
C ARG Q 104 -190.11 31.33 -135.33
N THR Q 105 -190.94 30.45 -134.79
CA THR Q 105 -191.46 30.60 -133.42
C THR Q 105 -190.80 29.72 -132.36
N ASN Q 106 -190.71 28.41 -132.61
CA ASN Q 106 -190.13 27.47 -131.68
C ASN Q 106 -188.63 27.52 -131.82
N LEU Q 107 -187.99 28.31 -130.97
CA LEU Q 107 -186.55 28.51 -131.00
C LEU Q 107 -185.74 27.35 -130.43
N TYR Q 108 -184.62 27.01 -131.08
CA TYR Q 108 -183.75 25.98 -130.54
C TYR Q 108 -182.95 26.69 -129.49
N VAL Q 109 -183.45 26.72 -128.25
CA VAL Q 109 -182.76 27.41 -127.17
C VAL Q 109 -181.34 26.85 -126.96
N VAL Q 110 -180.37 27.72 -126.66
CA VAL Q 110 -178.98 27.34 -126.47
C VAL Q 110 -178.83 26.15 -125.49
N ASN Q 111 -178.08 25.12 -125.87
CA ASN Q 111 -177.86 23.95 -125.03
C ASN Q 111 -179.15 23.36 -124.45
N GLN Q 112 -180.17 23.19 -125.27
CA GLN Q 112 -181.42 22.61 -124.80
C GLN Q 112 -181.87 21.46 -125.70
N PRO Q 113 -182.36 20.36 -125.08
CA PRO Q 113 -182.79 19.20 -125.86
C PRO Q 113 -184.18 19.33 -126.48
N GLN Q 114 -184.32 19.99 -127.61
CA GLN Q 114 -185.65 20.07 -128.21
C GLN Q 114 -186.07 18.64 -128.58
N GLN Q 115 -187.13 18.09 -127.94
CA GLN Q 115 -187.64 16.72 -128.17
C GLN Q 115 -188.00 16.41 -129.65
N PHE Q 116 -187.94 15.10 -129.98
CA PHE Q 116 -188.29 14.61 -131.32
C PHE Q 116 -188.74 13.15 -131.29
N THR Q 117 -189.60 12.76 -132.23
CA THR Q 117 -190.09 11.38 -132.31
C THR Q 117 -189.55 10.70 -133.56
N THR Q 118 -189.50 9.37 -133.53
CA THR Q 118 -189.01 8.62 -134.68
C THR Q 118 -189.59 7.20 -134.68
N VAL Q 119 -190.17 6.75 -135.78
CA VAL Q 119 -190.75 5.41 -135.83
C VAL Q 119 -189.87 4.48 -136.66
N SER Q 120 -190.11 3.17 -136.54
CA SER Q 120 -189.34 2.17 -137.27
C SER Q 120 -189.59 2.26 -138.78
N GLY Q 121 -188.58 1.92 -139.58
CA GLY Q 121 -188.69 1.97 -141.03
C GLY Q 121 -189.06 3.33 -141.58
N GLN Q 122 -188.52 4.38 -140.96
CA GLN Q 122 -188.78 5.75 -141.40
C GLN Q 122 -187.65 6.67 -140.93
N ALA Q 123 -187.39 7.74 -141.66
CA ALA Q 123 -186.36 8.69 -141.29
C ALA Q 123 -187.06 10.00 -140.98
N THR Q 124 -186.82 10.60 -139.82
CA THR Q 124 -187.44 11.86 -139.45
C THR Q 124 -186.48 13.00 -139.81
N ALA Q 125 -186.99 14.10 -140.34
CA ALA Q 125 -186.15 15.22 -140.72
C ALA Q 125 -185.94 16.18 -139.54
N VAL Q 126 -184.77 16.80 -139.46
CA VAL Q 126 -184.47 17.75 -138.39
C VAL Q 126 -184.44 19.14 -139.02
N PRO Q 127 -185.58 19.87 -138.91
CA PRO Q 127 -185.60 21.19 -139.52
C PRO Q 127 -184.83 22.19 -138.67
N ILE Q 128 -183.74 22.73 -139.20
CA ILE Q 128 -182.99 23.74 -138.49
C ILE Q 128 -183.23 24.97 -139.35
N PHE Q 129 -184.22 25.78 -138.97
CA PHE Q 129 -184.57 26.95 -139.75
C PHE Q 129 -183.81 28.17 -139.23
N GLY Q 130 -182.96 28.77 -140.07
CA GLY Q 130 -182.23 29.94 -139.64
C GLY Q 130 -183.07 31.18 -139.86
N ALA Q 131 -182.72 32.24 -139.14
CA ALA Q 131 -183.39 33.52 -139.22
C ALA Q 131 -182.49 34.64 -138.71
N ILE Q 132 -182.41 35.74 -139.45
CA ILE Q 132 -181.62 36.89 -139.06
C ILE Q 132 -182.51 38.15 -138.99
N ALA Q 133 -182.35 38.93 -137.93
CA ALA Q 133 -183.15 40.14 -137.74
C ALA Q 133 -182.85 41.20 -138.78
N PRO Q 134 -183.82 42.08 -139.05
CA PRO Q 134 -183.59 43.14 -140.04
C PRO Q 134 -182.62 44.19 -139.49
N ASN Q 135 -181.47 44.35 -140.13
CA ASN Q 135 -180.49 45.33 -139.71
C ASN Q 135 -180.75 46.60 -140.52
N THR Q 136 -181.36 47.60 -139.90
CA THR Q 136 -181.64 48.85 -140.59
C THR Q 136 -180.97 49.99 -139.83
N GLY Q 137 -179.83 49.69 -139.22
CA GLY Q 137 -179.09 50.67 -138.46
C GLY Q 137 -177.73 50.95 -139.04
N THR Q 138 -176.77 50.08 -138.78
CA THR Q 138 -175.41 50.25 -139.29
C THR Q 138 -175.06 49.22 -140.36
N PRO Q 139 -174.42 49.65 -141.46
CA PRO Q 139 -174.06 48.70 -142.52
C PRO Q 139 -172.80 47.91 -142.16
N LYS Q 140 -172.92 46.60 -141.96
CA LYS Q 140 -171.76 45.77 -141.63
C LYS Q 140 -170.77 45.74 -142.79
N ALA Q 141 -169.47 45.65 -142.48
CA ALA Q 141 -168.45 45.62 -143.52
C ALA Q 141 -168.59 44.49 -144.56
N GLN Q 142 -168.10 44.74 -145.78
CA GLN Q 142 -168.18 43.76 -146.86
C GLN Q 142 -167.31 42.54 -146.58
N GLY Q 143 -167.68 41.40 -147.16
CA GLY Q 143 -166.94 40.18 -146.95
C GLY Q 143 -167.83 38.99 -146.65
N ASP Q 144 -167.24 37.92 -146.11
CA ASP Q 144 -168.00 36.72 -145.78
C ASP Q 144 -168.13 36.54 -144.26
N TYR Q 145 -169.35 36.33 -143.76
CA TYR Q 145 -169.56 36.14 -142.33
C TYR Q 145 -169.79 34.65 -142.12
N LYS Q 146 -169.16 34.06 -141.08
CA LYS Q 146 -169.32 32.63 -140.82
C LYS Q 146 -169.53 32.30 -139.34
N ASP Q 147 -169.95 31.06 -139.11
CA ASP Q 147 -170.15 30.50 -137.78
C ASP Q 147 -170.27 29.00 -137.95
N THR Q 148 -169.95 28.25 -136.90
CA THR Q 148 -170.04 26.80 -136.95
C THR Q 148 -170.88 26.35 -135.76
N LEU Q 149 -172.18 26.12 -135.98
CA LEU Q 149 -173.01 25.69 -134.88
C LEU Q 149 -172.78 24.19 -134.71
N LEU Q 150 -172.66 23.72 -133.48
CA LEU Q 150 -172.47 22.29 -133.25
C LEU Q 150 -173.86 21.76 -132.90
N VAL Q 151 -174.42 20.89 -133.74
CA VAL Q 151 -175.73 20.31 -133.45
C VAL Q 151 -175.42 19.01 -132.71
N THR Q 152 -176.14 18.77 -131.61
CA THR Q 152 -175.94 17.65 -130.72
C THR Q 152 -177.13 16.73 -130.64
N VAL Q 153 -177.17 15.69 -131.48
CA VAL Q 153 -178.26 14.73 -131.43
C VAL Q 153 -177.93 13.79 -130.27
N ASN Q 154 -178.69 13.84 -129.18
CA ASN Q 154 -178.38 13.01 -128.04
C ASN Q 154 -179.60 12.28 -127.57
N PHE Q 155 -179.37 11.23 -126.79
CA PHE Q 155 -180.42 10.36 -126.36
C PHE Q 155 -180.54 10.37 -124.84
N ALA R 1 -174.89 9.75 -128.41
CA ALA R 1 -174.47 11.14 -128.52
C ALA R 1 -173.78 11.39 -129.86
N VAL R 2 -174.54 11.86 -130.84
CA VAL R 2 -173.99 12.17 -132.15
C VAL R 2 -173.92 13.69 -132.33
N THR R 3 -172.77 14.27 -132.00
CA THR R 3 -172.54 15.71 -132.14
C THR R 3 -171.99 16.01 -133.54
N GLY R 4 -172.58 17.01 -134.20
CA GLY R 4 -172.18 17.39 -135.53
C GLY R 4 -172.09 18.88 -135.81
N GLN R 5 -171.46 19.28 -136.93
CA GLN R 5 -171.31 20.71 -137.24
C GLN R 5 -172.22 21.24 -138.35
N VAL R 6 -172.65 22.50 -138.23
CA VAL R 6 -173.51 23.14 -139.21
C VAL R 6 -172.87 24.49 -139.54
N ASP R 7 -172.26 24.61 -140.72
CA ASP R 7 -171.60 25.85 -141.04
C ASP R 7 -172.64 26.90 -141.41
N VAL R 8 -172.58 28.07 -140.77
CA VAL R 8 -173.51 29.15 -141.04
C VAL R 8 -172.76 30.19 -141.89
N LYS R 9 -173.43 30.74 -142.90
CA LYS R 9 -172.77 31.70 -143.76
C LYS R 9 -173.68 32.83 -144.22
N LEU R 10 -173.06 33.96 -144.56
CA LEU R 10 -173.77 35.15 -145.04
C LEU R 10 -172.74 35.99 -145.79
N ASN R 11 -173.04 36.37 -147.03
CA ASN R 11 -172.10 37.16 -147.82
C ASN R 11 -172.60 38.58 -147.93
N ILE R 12 -172.17 39.44 -147.00
CA ILE R 12 -172.57 40.82 -147.05
C ILE R 12 -171.71 41.53 -148.09
N SER R 13 -172.31 41.90 -149.23
CA SER R 13 -171.58 42.60 -150.30
C SER R 13 -172.48 43.50 -151.18
N THR R 14 -173.43 42.90 -151.91
CA THR R 14 -174.35 43.61 -152.80
C THR R 14 -175.53 42.70 -153.08
N GLY S 15 -188.57 61.55 -116.67
CA GLY S 15 -187.23 62.05 -116.91
C GLY S 15 -186.20 61.94 -115.79
N CYS S 16 -185.02 62.45 -116.10
CA CYS S 16 -183.87 62.43 -115.22
C CYS S 16 -183.48 63.87 -114.83
N THR S 17 -183.06 64.07 -113.57
CA THR S 17 -182.71 65.43 -113.09
C THR S 17 -181.27 65.54 -112.57
N VAL S 18 -180.68 66.74 -112.70
CA VAL S 18 -179.31 66.93 -112.24
C VAL S 18 -179.27 67.73 -110.92
N GLY S 19 -178.68 67.16 -109.86
CA GLY S 19 -178.59 67.85 -108.59
C GLY S 19 -177.22 68.49 -108.44
N GLY S 20 -177.10 69.41 -107.49
CA GLY S 20 -175.84 70.13 -107.26
C GLY S 20 -175.75 71.46 -107.99
N SER S 21 -176.81 71.80 -108.72
CA SER S 21 -176.82 73.05 -109.47
C SER S 21 -177.68 74.10 -108.78
N GLN S 22 -177.40 75.36 -109.10
CA GLN S 22 -178.13 76.49 -108.57
C GLN S 22 -178.59 77.26 -109.80
N THR S 23 -179.81 77.77 -109.77
CA THR S 23 -180.31 78.49 -110.93
C THR S 23 -179.76 79.93 -110.96
N GLU S 24 -178.77 80.19 -111.81
CA GLU S 24 -178.24 81.54 -111.94
C GLU S 24 -179.18 82.23 -112.92
N GLY S 25 -180.15 83.00 -112.42
CA GLY S 25 -181.08 83.64 -113.32
C GLY S 25 -181.84 82.55 -114.05
N ASN S 26 -181.72 82.46 -115.38
CA ASN S 26 -182.41 81.41 -116.13
C ASN S 26 -181.44 80.39 -116.71
N MET S 27 -180.25 80.28 -116.12
CA MET S 27 -179.25 79.32 -116.59
C MET S 27 -178.70 78.51 -115.40
N ASN S 28 -178.74 77.18 -115.48
CA ASN S 28 -178.29 76.33 -114.38
C ASN S 28 -176.78 76.46 -114.07
N LYS S 29 -176.42 76.99 -112.90
CA LYS S 29 -175.02 77.11 -112.51
C LYS S 29 -174.61 75.75 -111.92
N PHE S 30 -173.85 74.97 -112.67
CA PHE S 30 -173.45 73.64 -112.22
C PHE S 30 -172.32 73.64 -111.21
N GLY S 31 -171.29 74.45 -111.42
CA GLY S 31 -170.20 74.45 -110.46
C GLY S 31 -169.00 75.30 -110.84
N THR S 32 -167.87 75.02 -110.18
CA THR S 32 -166.65 75.76 -110.43
C THR S 32 -165.44 74.83 -110.54
N LEU S 33 -164.56 75.11 -111.48
CA LEU S 33 -163.34 74.32 -111.67
C LEU S 33 -162.25 75.27 -111.22
N ASN S 34 -161.93 75.25 -109.93
CA ASN S 34 -160.98 76.19 -109.36
C ASN S 34 -159.58 75.61 -109.26
N PHE S 35 -158.69 76.01 -110.17
CA PHE S 35 -157.31 75.49 -110.14
C PHE S 35 -156.49 76.12 -109.01
N GLY S 36 -156.95 77.26 -108.51
CA GLY S 36 -156.29 77.94 -107.42
C GLY S 36 -155.34 78.99 -107.92
N LYS S 37 -154.40 79.39 -107.05
CA LYS S 37 -153.40 80.39 -107.39
C LYS S 37 -152.18 79.72 -108.03
N THR S 38 -151.44 80.48 -108.83
CA THR S 38 -150.25 79.94 -109.51
C THR S 38 -149.33 81.06 -109.96
N SER S 39 -148.07 80.71 -110.21
CA SER S 39 -147.07 81.67 -110.66
C SER S 39 -147.05 81.71 -112.15
N GLY S 40 -146.30 82.66 -112.75
CA GLY S 40 -146.22 82.82 -114.19
C GLY S 40 -145.88 81.54 -114.92
N THR S 41 -144.87 80.82 -114.42
CA THR S 41 -144.44 79.56 -115.03
C THR S 41 -144.53 78.40 -114.03
N TRP S 42 -145.49 77.49 -114.21
CA TRP S 42 -145.64 76.36 -113.31
C TRP S 42 -145.09 75.08 -113.96
N ASN S 43 -144.31 74.29 -113.21
CA ASN S 43 -143.74 73.05 -113.74
C ASN S 43 -144.65 71.84 -113.51
N ASN S 44 -145.47 71.91 -112.47
CA ASN S 44 -146.40 70.84 -112.16
C ASN S 44 -147.73 71.06 -112.87
N VAL S 45 -148.36 69.97 -113.31
CA VAL S 45 -149.65 70.02 -113.99
C VAL S 45 -150.67 70.57 -113.00
N LEU S 46 -151.29 71.72 -113.27
CA LEU S 46 -152.24 72.25 -112.27
C LEU S 46 -153.52 71.45 -112.39
N THR S 47 -154.06 70.95 -111.27
CA THR S 47 -155.18 70.04 -111.32
C THR S 47 -156.22 70.25 -110.22
N ALA S 48 -157.50 70.46 -110.57
CA ALA S 48 -158.55 70.63 -109.58
C ALA S 48 -159.84 69.99 -110.09
N GLU S 49 -160.74 69.69 -109.16
CA GLU S 49 -162.01 69.05 -109.47
C GLU S 49 -163.14 70.05 -109.42
N VAL S 50 -164.22 69.78 -110.15
CA VAL S 50 -165.37 70.65 -110.14
C VAL S 50 -166.01 70.66 -108.76
N ALA S 51 -166.46 71.83 -108.29
CA ALA S 51 -167.13 71.95 -107.01
C ALA S 51 -168.54 72.46 -107.31
N SER S 52 -169.57 71.62 -107.09
CA SER S 52 -170.94 72.03 -107.37
C SER S 52 -171.31 73.34 -106.66
N ALA S 53 -172.04 74.22 -107.34
CA ALA S 53 -172.41 75.50 -106.74
C ALA S 53 -173.44 75.39 -105.60
N ALA S 54 -174.21 74.31 -105.60
CA ALA S 54 -175.24 74.11 -104.58
C ALA S 54 -174.71 73.52 -103.27
N THR S 55 -173.92 72.45 -103.36
CA THR S 55 -173.41 71.81 -102.15
C THR S 55 -171.92 72.04 -101.88
N GLY S 56 -171.10 72.09 -102.92
CA GLY S 56 -169.67 72.25 -102.75
C GLY S 56 -168.94 70.99 -103.18
N GLY S 57 -169.66 69.86 -103.20
CA GLY S 57 -169.08 68.59 -103.62
C GLY S 57 -169.26 68.36 -105.11
N ASN S 58 -169.32 67.09 -105.52
CA ASN S 58 -169.47 66.77 -106.94
C ASN S 58 -170.93 66.84 -107.40
N ILE S 59 -171.14 67.16 -108.68
CA ILE S 59 -172.49 67.23 -109.23
C ILE S 59 -173.14 65.86 -109.04
N SER S 60 -174.31 65.79 -108.42
CA SER S 60 -174.95 64.50 -108.19
C SER S 60 -176.19 64.35 -109.07
N VAL S 61 -176.08 63.61 -110.16
CA VAL S 61 -177.23 63.44 -111.04
C VAL S 61 -178.05 62.23 -110.57
N THR S 62 -179.35 62.40 -110.40
CA THR S 62 -180.21 61.29 -110.00
C THR S 62 -181.32 61.19 -111.06
N CYS S 63 -181.81 59.99 -111.32
CA CYS S 63 -182.89 59.87 -112.27
C CYS S 63 -184.18 59.59 -111.50
N ASP S 64 -185.31 59.92 -112.13
CA ASP S 64 -186.61 59.72 -111.49
C ASP S 64 -187.34 58.50 -112.06
N GLY S 65 -187.16 57.34 -111.44
CA GLY S 65 -187.83 56.12 -111.90
C GLY S 65 -187.33 54.88 -111.17
N THR S 66 -187.73 53.71 -111.67
CA THR S 66 -187.33 52.44 -111.09
C THR S 66 -186.32 51.64 -111.92
N ASP S 67 -186.28 51.79 -113.24
CA ASP S 67 -185.28 51.02 -113.99
C ASP S 67 -184.01 51.86 -114.17
N PRO S 68 -182.84 51.19 -114.16
CA PRO S 68 -181.61 51.97 -114.31
C PRO S 68 -181.54 52.69 -115.67
N VAL S 69 -181.56 54.02 -115.68
CA VAL S 69 -181.50 54.76 -116.94
C VAL S 69 -180.06 55.07 -117.35
N ASP S 70 -179.80 55.05 -118.67
CA ASP S 70 -178.47 55.35 -119.18
C ASP S 70 -178.49 56.78 -119.71
N PHE S 71 -177.90 57.72 -118.98
CA PHE S 71 -177.90 59.11 -119.41
C PHE S 71 -176.50 59.51 -119.85
N THR S 72 -176.43 60.51 -120.70
CA THR S 72 -175.13 60.94 -121.19
C THR S 72 -174.71 62.32 -120.68
N VAL S 73 -173.40 62.56 -120.72
CA VAL S 73 -172.84 63.83 -120.29
C VAL S 73 -171.95 64.42 -121.38
N ALA S 74 -172.18 65.67 -121.78
CA ALA S 74 -171.38 66.29 -122.81
C ALA S 74 -170.94 67.67 -122.35
N ILE S 75 -169.66 68.01 -122.52
CA ILE S 75 -169.15 69.30 -122.14
C ILE S 75 -168.69 69.96 -123.43
N ASP S 76 -168.88 71.26 -123.55
CA ASP S 76 -168.49 71.98 -124.76
C ASP S 76 -167.05 72.51 -124.63
N GLY S 77 -166.58 73.28 -125.62
CA GLY S 77 -165.24 73.84 -125.63
C GLY S 77 -164.96 75.16 -124.94
N GLY S 78 -165.89 75.66 -124.12
CA GLY S 78 -165.70 76.92 -123.43
C GLY S 78 -166.14 78.12 -124.27
N GLU S 79 -165.94 79.32 -123.73
CA GLU S 79 -166.32 80.55 -124.40
C GLU S 79 -165.73 80.68 -125.79
N ARG S 80 -164.46 80.36 -125.96
CA ARG S 80 -163.85 80.53 -127.29
C ARG S 80 -163.80 79.27 -128.15
N THR S 81 -164.39 78.18 -127.64
CA THR S 81 -164.47 76.84 -128.27
C THR S 81 -163.15 76.04 -128.39
N ASP S 82 -162.09 76.46 -127.69
CA ASP S 82 -160.83 75.72 -127.69
C ASP S 82 -160.26 75.49 -126.28
N ARG S 83 -161.14 75.49 -125.29
CA ARG S 83 -160.81 75.26 -123.89
C ARG S 83 -159.62 76.09 -123.39
N THR S 84 -159.73 77.41 -123.53
CA THR S 84 -158.68 78.31 -123.07
C THR S 84 -159.26 79.30 -122.06
N LEU S 85 -158.59 79.51 -120.93
CA LEU S 85 -159.09 80.48 -120.00
C LEU S 85 -158.53 81.82 -120.46
N LYS S 86 -159.30 82.89 -120.34
CA LYS S 86 -158.82 84.18 -120.82
C LYS S 86 -158.61 85.14 -119.65
N ASN S 87 -157.57 85.98 -119.72
CA ASN S 87 -157.36 86.90 -118.66
C ASN S 87 -158.47 87.93 -118.72
N THR S 88 -159.03 88.33 -117.58
CA THR S 88 -160.08 89.34 -117.56
C THR S 88 -159.68 90.64 -118.27
N ALA S 89 -158.43 91.09 -118.14
CA ALA S 89 -158.03 92.37 -118.76
C ALA S 89 -157.25 92.25 -120.08
N SER S 90 -156.15 91.49 -120.05
CA SER S 90 -155.29 91.27 -121.21
C SER S 90 -155.83 90.14 -122.10
N ALA S 91 -155.16 89.86 -123.22
CA ALA S 91 -155.61 88.81 -124.12
C ALA S 91 -154.87 87.48 -123.97
N ASP S 92 -154.15 87.30 -122.87
CA ASP S 92 -153.41 86.05 -122.65
C ASP S 92 -154.38 84.89 -122.47
N VAL S 93 -154.00 83.70 -122.93
CA VAL S 93 -154.88 82.53 -122.81
C VAL S 93 -154.19 81.39 -122.08
N VAL S 94 -154.95 80.53 -121.40
CA VAL S 94 -154.39 79.40 -120.68
C VAL S 94 -155.12 78.12 -121.11
N ALA S 95 -154.51 77.31 -121.97
CA ALA S 95 -155.14 76.08 -122.44
C ALA S 95 -155.35 75.05 -121.30
N TYR S 96 -156.52 74.42 -121.26
CA TYR S 96 -156.83 73.40 -120.27
C TYR S 96 -157.69 72.31 -120.89
N ASN S 97 -158.12 71.32 -120.09
CA ASN S 97 -158.97 70.24 -120.55
C ASN S 97 -159.68 69.63 -119.36
N VAL S 98 -160.82 69.01 -119.60
CA VAL S 98 -161.57 68.37 -118.52
C VAL S 98 -161.61 66.87 -118.78
N TYR S 99 -161.23 66.05 -117.79
CA TYR S 99 -161.25 64.61 -117.96
C TYR S 99 -162.33 64.03 -117.06
N ARG S 100 -162.69 62.78 -117.31
CA ARG S 100 -163.73 62.11 -116.53
C ARG S 100 -163.21 61.23 -115.41
N ASP S 101 -162.08 60.58 -115.63
CA ASP S 101 -161.50 59.71 -114.62
C ASP S 101 -160.41 60.40 -113.82
N ALA S 102 -160.15 59.87 -112.62
CA ALA S 102 -159.15 60.43 -111.68
C ALA S 102 -157.69 60.49 -112.18
N ALA S 103 -157.35 59.66 -113.17
CA ALA S 103 -156.01 59.66 -113.73
C ALA S 103 -155.83 60.53 -114.99
N ARG S 104 -156.72 61.49 -115.26
CA ARG S 104 -156.61 62.39 -116.41
C ARG S 104 -156.45 61.68 -117.76
N THR S 105 -157.06 60.51 -117.92
CA THR S 105 -156.97 59.73 -119.16
C THR S 105 -158.21 59.80 -120.07
N ASN S 106 -159.40 59.56 -119.51
CA ASN S 106 -160.64 59.57 -120.27
C ASN S 106 -161.10 61.00 -120.41
N LEU S 107 -160.74 61.61 -121.53
CA LEU S 107 -161.06 63.02 -121.80
C LEU S 107 -162.52 63.26 -122.21
N TYR S 108 -163.11 64.35 -121.71
CA TYR S 108 -164.46 64.69 -122.10
C TYR S 108 -164.27 65.39 -123.42
N VAL S 109 -164.29 64.63 -124.52
CA VAL S 109 -164.09 65.21 -125.85
C VAL S 109 -165.14 66.28 -126.15
N VAL S 110 -164.73 67.36 -126.82
CA VAL S 110 -165.62 68.48 -127.16
C VAL S 110 -166.92 68.00 -127.82
N ASN S 111 -168.07 68.47 -127.32
CA ASN S 111 -169.37 68.11 -127.88
C ASN S 111 -169.56 66.61 -128.06
N GLN S 112 -169.21 65.82 -127.05
CA GLN S 112 -169.39 64.37 -127.13
C GLN S 112 -170.12 63.83 -125.92
N PRO S 113 -171.07 62.89 -126.14
CA PRO S 113 -171.85 62.34 -125.03
C PRO S 113 -171.13 61.26 -124.23
N GLN S 114 -170.28 61.61 -123.29
CA GLN S 114 -169.63 60.57 -122.52
C GLN S 114 -170.73 59.84 -121.72
N GLN S 115 -170.97 58.54 -122.02
CA GLN S 115 -172.02 57.71 -121.36
C GLN S 115 -171.91 57.64 -119.81
N PHE S 116 -173.06 57.38 -119.18
CA PHE S 116 -173.16 57.24 -117.71
C PHE S 116 -174.35 56.38 -117.30
N THR S 117 -174.24 55.71 -116.16
CA THR S 117 -175.32 54.86 -115.66
C THR S 117 -175.92 55.46 -114.38
N THR S 118 -177.16 55.10 -114.08
CA THR S 118 -177.83 55.60 -112.90
C THR S 118 -178.93 54.63 -112.45
N VAL S 119 -178.94 54.23 -111.17
CA VAL S 119 -179.96 53.30 -110.69
C VAL S 119 -180.97 54.04 -109.81
N SER S 120 -182.11 53.39 -109.56
CA SER S 120 -183.17 53.97 -108.75
C SER S 120 -182.74 54.15 -107.30
N GLY S 121 -183.26 55.18 -106.64
CA GLY S 121 -182.93 55.45 -105.24
C GLY S 121 -181.45 55.66 -104.99
N GLN S 122 -180.78 56.32 -105.93
CA GLN S 122 -179.36 56.62 -105.82
C GLN S 122 -179.00 57.81 -106.70
N ALA S 123 -177.97 58.56 -106.30
CA ALA S 123 -177.53 59.71 -107.08
C ALA S 123 -176.13 59.39 -107.58
N THR S 124 -175.88 59.50 -108.88
CA THR S 124 -174.55 59.22 -109.43
C THR S 124 -173.79 60.55 -109.54
N ALA S 125 -172.50 60.54 -109.23
CA ALA S 125 -171.70 61.76 -109.30
C ALA S 125 -171.09 61.94 -110.70
N VAL S 126 -170.96 63.19 -111.14
CA VAL S 126 -170.38 63.48 -112.45
C VAL S 126 -169.00 64.08 -112.21
N PRO S 127 -167.95 63.25 -112.28
CA PRO S 127 -166.63 63.78 -112.03
C PRO S 127 -166.13 64.58 -113.22
N ILE S 128 -165.92 65.88 -113.05
CA ILE S 128 -165.39 66.70 -114.11
C ILE S 128 -164.01 67.06 -113.56
N PHE S 129 -162.99 66.30 -113.94
CA PHE S 129 -161.65 66.54 -113.44
C PHE S 129 -160.89 67.48 -114.37
N GLY S 130 -160.49 68.64 -113.87
CA GLY S 130 -159.74 69.57 -114.69
C GLY S 130 -158.27 69.24 -114.65
N ALA S 131 -157.55 69.70 -115.67
CA ALA S 131 -156.13 69.48 -115.79
C ALA S 131 -155.50 70.54 -116.71
N ILE S 132 -154.39 71.12 -116.30
CA ILE S 132 -153.69 72.10 -117.09
C ILE S 132 -152.22 71.66 -117.32
N ALA S 133 -151.75 71.77 -118.55
CA ALA S 133 -150.39 71.36 -118.89
C ALA S 133 -149.33 72.23 -118.22
N PRO S 134 -148.14 71.66 -118.02
CA PRO S 134 -147.07 72.45 -117.38
C PRO S 134 -146.55 73.52 -118.34
N ASN S 135 -146.69 74.79 -117.97
CA ASN S 135 -146.21 75.88 -118.79
C ASN S 135 -144.82 76.23 -118.29
N THR S 136 -143.78 75.81 -119.02
CA THR S 136 -142.42 76.11 -118.64
C THR S 136 -141.74 76.89 -119.75
N GLY S 137 -142.53 77.69 -120.47
CA GLY S 137 -142.02 78.49 -121.57
C GLY S 137 -142.13 79.98 -121.32
N THR S 138 -143.33 80.53 -121.51
CA THR S 138 -143.56 81.96 -121.31
C THR S 138 -144.44 82.23 -120.10
N PRO S 139 -144.07 83.22 -119.27
CA PRO S 139 -144.89 83.52 -118.09
C PRO S 139 -146.13 84.36 -118.45
N LYS S 140 -147.32 83.79 -118.29
CA LYS S 140 -148.55 84.52 -118.61
C LYS S 140 -148.73 85.71 -117.67
N ALA S 141 -149.32 86.79 -118.16
CA ALA S 141 -149.53 87.99 -117.35
C ALA S 141 -150.33 87.77 -116.05
N GLN S 142 -150.05 88.60 -115.04
CA GLN S 142 -150.74 88.51 -113.76
C GLN S 142 -152.21 88.86 -113.87
N GLY S 143 -153.03 88.32 -112.97
CA GLY S 143 -154.45 88.57 -112.99
C GLY S 143 -155.28 87.31 -112.82
N ASP S 144 -156.56 87.39 -113.17
CA ASP S 144 -157.46 86.26 -113.05
C ASP S 144 -157.84 85.70 -114.43
N TYR S 145 -157.70 84.39 -114.64
CA TYR S 145 -158.06 83.79 -115.91
C TYR S 145 -159.39 83.06 -115.71
N LYS S 146 -160.33 83.20 -116.65
CA LYS S 146 -161.63 82.56 -116.52
C LYS S 146 -162.13 81.90 -117.81
N ASP S 147 -163.14 81.06 -117.64
CA ASP S 147 -163.83 80.38 -118.73
C ASP S 147 -165.14 79.84 -118.17
N THR S 148 -166.12 79.66 -119.03
CA THR S 148 -167.41 79.14 -118.62
C THR S 148 -167.74 77.94 -119.48
N LEU S 149 -167.45 76.73 -118.99
CA LEU S 149 -167.76 75.56 -119.80
C LEU S 149 -169.24 75.27 -119.61
N LEU S 150 -169.93 74.92 -120.69
CA LEU S 150 -171.35 74.61 -120.59
C LEU S 150 -171.42 73.09 -120.53
N VAL S 151 -171.86 72.51 -119.42
CA VAL S 151 -171.98 71.06 -119.33
C VAL S 151 -173.42 70.77 -119.75
N THR S 152 -173.57 69.76 -120.62
CA THR S 152 -174.84 69.38 -121.23
C THR S 152 -175.28 67.98 -120.85
N VAL S 153 -176.06 67.84 -119.80
CA VAL S 153 -176.57 66.53 -119.40
C VAL S 153 -177.76 66.25 -120.33
N ASN S 154 -177.64 65.30 -121.25
CA ASN S 154 -178.71 65.05 -122.18
C ASN S 154 -179.04 63.58 -122.23
N PHE S 155 -180.22 63.29 -122.75
CA PHE S 155 -180.73 61.94 -122.76
C PHE S 155 -180.94 61.46 -124.19
N ALA T 1 -182.88 67.35 -121.64
CA ALA T 1 -181.72 68.18 -121.95
C ALA T 1 -181.50 69.24 -120.86
N VAL T 2 -180.62 68.93 -119.90
CA VAL T 2 -180.30 69.86 -118.83
C VAL T 2 -178.90 70.43 -119.06
N THR T 3 -178.84 71.58 -119.72
CA THR T 3 -177.57 72.26 -119.99
C THR T 3 -177.24 73.21 -118.82
N GLY T 4 -176.00 73.14 -118.34
CA GLY T 4 -175.55 73.96 -117.24
C GLY T 4 -174.17 74.57 -117.35
N GLN T 5 -173.82 75.54 -116.51
CA GLN T 5 -172.51 76.20 -116.60
C GLN T 5 -171.50 75.80 -115.50
N VAL T 6 -170.21 75.76 -115.87
CA VAL T 6 -169.15 75.40 -114.94
C VAL T 6 -168.08 76.48 -115.08
N ASP T 7 -167.98 77.39 -114.09
CA ASP T 7 -167.02 78.45 -114.20
C ASP T 7 -165.61 77.90 -113.93
N VAL T 8 -164.68 78.15 -114.86
CA VAL T 8 -163.31 77.70 -114.71
C VAL T 8 -162.47 78.91 -114.27
N LYS T 9 -161.54 78.72 -113.33
CA LYS T 9 -160.75 79.84 -112.87
C LYS T 9 -159.30 79.45 -112.56
N LEU T 10 -158.42 80.44 -112.62
CA LEU T 10 -157.01 80.28 -112.35
C LEU T 10 -156.45 81.67 -112.03
N ASN T 11 -155.78 81.83 -110.90
CA ASN T 11 -155.26 83.13 -110.51
C ASN T 11 -153.76 83.12 -110.67
N ILE T 12 -153.28 83.56 -111.83
CA ILE T 12 -151.85 83.61 -112.06
C ILE T 12 -151.33 84.88 -111.40
N SER T 13 -150.57 84.73 -110.30
CA SER T 13 -150.00 85.89 -109.59
C SER T 13 -148.69 85.55 -108.82
N THR T 14 -148.79 84.68 -107.81
CA THR T 14 -147.65 84.28 -106.98
C THR T 14 -148.02 82.98 -106.27
N GLY T 15 -147.65 81.84 -106.87
CA GLY T 15 -147.98 80.53 -106.30
C GLY T 15 -146.85 79.67 -105.75
N CYS T 16 -147.25 78.49 -105.30
CA CYS T 16 -146.36 77.51 -104.69
C CYS T 16 -146.29 76.25 -105.56
N THR T 17 -145.11 75.62 -105.67
CA THR T 17 -144.92 74.44 -106.53
C THR T 17 -144.42 73.20 -105.76
N VAL T 18 -144.80 72.01 -106.22
CA VAL T 18 -144.38 70.78 -105.56
C VAL T 18 -143.27 70.07 -106.35
N GLY T 19 -142.10 69.85 -105.74
CA GLY T 19 -141.01 69.17 -106.41
C GLY T 19 -141.00 67.71 -106.02
N GLY T 20 -140.27 66.89 -106.78
CA GLY T 20 -140.18 65.46 -106.52
C GLY T 20 -141.19 64.63 -107.32
N SER T 21 -142.00 65.31 -108.13
CA SER T 21 -143.00 64.61 -108.93
C SER T 21 -142.58 64.50 -110.39
N GLN T 22 -143.16 63.53 -111.08
CA GLN T 22 -142.91 63.28 -112.47
C GLN T 22 -144.28 63.31 -113.12
N THR T 23 -144.39 63.90 -114.30
CA THR T 23 -145.68 63.97 -114.95
C THR T 23 -146.02 62.64 -115.64
N GLU T 24 -146.89 61.83 -115.03
CA GLU T 24 -147.31 60.59 -115.66
C GLU T 24 -148.44 60.99 -116.61
N GLY T 25 -148.14 61.16 -117.89
CA GLY T 25 -149.17 61.58 -118.82
C GLY T 25 -149.65 62.96 -118.37
N ASN T 26 -150.92 63.09 -118.00
CA ASN T 26 -151.44 64.39 -117.55
C ASN T 26 -151.76 64.38 -116.04
N MET T 27 -151.14 63.48 -115.30
CA MET T 27 -151.37 63.39 -113.86
C MET T 27 -150.02 63.34 -113.11
N ASN T 28 -149.81 64.23 -112.15
CA ASN T 28 -148.54 64.28 -111.42
C ASN T 28 -148.25 63.02 -110.59
N LYS T 29 -147.21 62.25 -110.95
CA LYS T 29 -146.84 61.06 -110.19
C LYS T 29 -145.96 61.54 -109.04
N PHE T 30 -146.50 61.57 -107.83
CA PHE T 30 -145.75 62.06 -106.67
C PHE T 30 -144.75 61.06 -106.12
N GLY T 31 -145.13 59.79 -106.00
CA GLY T 31 -144.17 58.84 -105.45
C GLY T 31 -144.70 57.45 -105.23
N THR T 32 -143.98 56.68 -104.40
CA THR T 32 -144.38 55.31 -104.11
C THR T 32 -144.25 55.01 -102.61
N LEU T 33 -145.22 54.29 -102.06
CA LEU T 33 -145.21 53.90 -100.66
C LEU T 33 -144.97 52.40 -100.73
N ASN T 34 -143.70 52.00 -100.73
CA ASN T 34 -143.34 50.61 -100.90
C ASN T 34 -143.09 49.90 -99.58
N PHE T 35 -144.05 49.10 -99.12
CA PHE T 35 -143.88 48.38 -97.86
C PHE T 35 -142.91 47.21 -97.98
N GLY T 36 -142.68 46.76 -99.22
CA GLY T 36 -141.75 45.67 -99.48
C GLY T 36 -142.46 44.34 -99.53
N LYS T 37 -141.69 43.27 -99.37
CA LYS T 37 -142.22 41.91 -99.40
C LYS T 37 -142.68 41.51 -98.00
N THR T 38 -143.63 40.58 -97.92
CA THR T 38 -144.14 40.11 -96.64
C THR T 38 -144.82 38.74 -96.77
N SER T 39 -144.96 38.05 -95.64
CA SER T 39 -145.61 36.75 -95.62
C SER T 39 -147.07 36.91 -95.37
N GLY T 40 -147.85 35.80 -95.47
CA GLY T 40 -149.28 35.83 -95.28
C GLY T 40 -149.70 36.50 -93.97
N THR T 41 -149.05 36.13 -92.89
CA THR T 41 -149.35 36.68 -91.58
C THR T 41 -148.12 37.36 -90.96
N TRP T 42 -148.11 38.69 -90.88
CA TRP T 42 -146.98 39.42 -90.31
C TRP T 42 -147.32 39.90 -88.89
N ASN T 43 -146.40 39.72 -87.93
CA ASN T 43 -146.64 40.15 -86.56
C ASN T 43 -146.15 41.58 -86.30
N ASN T 44 -145.17 42.01 -87.07
CA ASN T 44 -144.64 43.36 -86.94
C ASN T 44 -145.41 44.32 -87.85
N VAL T 45 -145.61 45.56 -87.38
CA VAL T 45 -146.30 46.59 -88.14
C VAL T 45 -145.46 46.88 -89.39
N LEU T 46 -146.00 46.65 -90.60
CA LEU T 46 -145.15 46.90 -91.79
C LEU T 46 -145.12 48.39 -92.01
N THR T 47 -143.93 48.97 -92.19
CA THR T 47 -143.79 50.41 -92.24
C THR T 47 -142.78 50.91 -93.28
N ALA T 48 -143.19 51.80 -94.20
CA ALA T 48 -142.28 52.35 -95.19
C ALA T 48 -142.65 53.80 -95.47
N GLU T 49 -141.69 54.56 -96.00
CA GLU T 49 -141.88 55.97 -96.30
C GLU T 49 -142.07 56.17 -97.79
N VAL T 50 -142.73 57.26 -98.17
CA VAL T 50 -142.94 57.58 -99.56
C VAL T 50 -141.60 57.88 -100.24
N ALA T 51 -141.41 57.40 -101.47
CA ALA T 51 -140.21 57.66 -102.22
C ALA T 51 -140.62 58.44 -103.47
N SER T 52 -140.25 59.72 -103.56
CA SER T 52 -140.63 60.55 -104.71
C SER T 52 -140.24 59.89 -106.04
N ALA T 53 -141.11 59.98 -107.05
CA ALA T 53 -140.80 59.35 -108.34
C ALA T 53 -139.70 60.05 -109.12
N ALA T 54 -139.46 61.32 -108.84
CA ALA T 54 -138.44 62.09 -109.55
C ALA T 54 -137.02 61.90 -109.00
N THR T 55 -136.86 61.99 -107.68
CA THR T 55 -135.54 61.84 -107.09
C THR T 55 -135.29 60.54 -106.33
N GLY T 56 -136.31 60.03 -105.66
CA GLY T 56 -136.15 58.82 -104.87
C GLY T 56 -136.29 59.13 -103.38
N GLY T 57 -136.07 60.40 -103.01
CA GLY T 57 -136.18 60.83 -101.64
C GLY T 57 -137.58 61.32 -101.31
N ASN T 58 -137.71 62.23 -100.34
CA ASN T 58 -139.02 62.74 -99.96
C ASN T 58 -139.51 63.85 -100.88
N ILE T 59 -140.82 63.98 -101.03
CA ILE T 59 -141.40 65.03 -101.86
C ILE T 59 -140.92 66.37 -101.30
N SER T 60 -140.33 67.22 -102.14
CA SER T 60 -139.83 68.50 -101.64
C SER T 60 -140.66 69.65 -102.18
N VAL T 61 -141.57 70.20 -101.38
CA VAL T 61 -142.40 71.28 -101.85
C VAL T 61 -141.69 72.62 -101.57
N THR T 62 -141.59 73.48 -102.58
CA THR T 62 -140.96 74.78 -102.39
C THR T 62 -141.99 75.83 -102.86
N CYS T 63 -141.98 76.99 -102.24
CA CYS T 63 -142.90 78.03 -102.69
C CYS T 63 -142.11 79.07 -103.47
N ASP T 64 -142.80 79.80 -104.33
CA ASP T 64 -142.16 80.83 -105.14
C ASP T 64 -142.46 82.24 -104.63
N GLY T 65 -141.59 82.77 -103.77
CA GLY T 65 -141.78 84.10 -103.22
C GLY T 65 -140.79 84.42 -102.12
N THR T 66 -141.03 85.54 -101.43
CA THR T 66 -140.18 85.97 -100.33
C THR T 66 -140.78 85.83 -98.95
N ASP T 67 -142.10 85.89 -98.79
CA ASP T 67 -142.65 85.71 -97.44
C ASP T 67 -142.99 84.25 -97.18
N PRO T 68 -142.81 83.78 -95.94
CA PRO T 68 -143.12 82.37 -95.68
C PRO T 68 -144.59 82.05 -95.92
N VAL T 69 -144.90 81.20 -96.91
CA VAL T 69 -146.29 80.86 -97.20
C VAL T 69 -146.75 79.63 -96.41
N ASP T 70 -148.01 79.61 -95.99
CA ASP T 70 -148.56 78.48 -95.25
C ASP T 70 -149.40 77.66 -96.21
N PHE T 71 -148.88 76.51 -96.65
CA PHE T 71 -149.61 75.67 -97.60
C PHE T 71 -150.11 74.43 -96.90
N THR T 72 -151.16 73.84 -97.43
CA THR T 72 -151.71 72.65 -96.82
C THR T 72 -151.50 71.38 -97.65
N VAL T 73 -151.59 70.24 -96.97
CA VAL T 73 -151.43 68.94 -97.61
C VAL T 73 -152.61 68.05 -97.27
N ALA T 74 -153.29 67.47 -98.27
CA ALA T 74 -154.42 66.60 -98.01
C ALA T 74 -154.27 65.33 -98.84
N ILE T 75 -154.49 64.17 -98.22
CA ILE T 75 -154.38 62.90 -98.90
C ILE T 75 -155.80 62.31 -98.84
N ASP T 76 -156.21 61.64 -99.92
CA ASP T 76 -157.53 61.04 -99.97
C ASP T 76 -157.51 59.59 -99.45
N GLY T 77 -158.64 58.87 -99.53
CA GLY T 77 -158.74 57.49 -99.06
C GLY T 77 -158.36 56.36 -99.98
N GLY T 78 -157.69 56.63 -101.09
CA GLY T 78 -157.30 55.59 -102.03
C GLY T 78 -158.38 55.25 -103.03
N GLU T 79 -158.11 54.27 -103.89
CA GLU T 79 -159.05 53.86 -104.92
C GLU T 79 -160.42 53.52 -104.39
N ARG T 80 -160.51 52.79 -103.29
CA ARG T 80 -161.82 52.39 -102.77
C ARG T 80 -162.39 53.28 -101.67
N THR T 81 -161.65 54.35 -101.34
CA THR T 81 -161.97 55.35 -100.30
C THR T 81 -161.88 54.89 -98.82
N ASP T 82 -161.28 53.73 -98.57
CA ASP T 82 -161.11 53.25 -97.19
C ASP T 82 -159.67 52.77 -96.90
N ARG T 83 -158.72 53.30 -97.66
CA ARG T 83 -157.29 53.01 -97.52
C ARG T 83 -156.98 51.52 -97.44
N THR T 84 -157.40 50.77 -98.46
CA THR T 84 -157.13 49.33 -98.53
C THR T 84 -156.38 49.01 -99.81
N LEU T 85 -155.31 48.22 -99.72
CA LEU T 85 -154.64 47.85 -100.93
C LEU T 85 -155.36 46.62 -101.46
N LYS T 86 -155.51 46.51 -102.78
CA LYS T 86 -156.24 45.39 -103.34
C LYS T 86 -155.32 44.45 -104.11
N ASN T 87 -155.55 43.15 -104.03
CA ASN T 87 -154.72 42.25 -104.77
C ASN T 87 -155.03 42.44 -106.24
N THR T 88 -154.02 42.46 -107.10
CA THR T 88 -154.24 42.60 -108.53
C THR T 88 -155.21 41.56 -109.11
N ALA T 89 -155.16 40.32 -108.65
CA ALA T 89 -156.05 39.28 -109.20
C ALA T 89 -157.29 38.93 -108.37
N SER T 90 -157.08 38.59 -107.11
CA SER T 90 -158.14 38.23 -106.17
C SER T 90 -158.78 39.48 -105.54
N ALA T 91 -159.79 39.29 -104.69
CA ALA T 91 -160.45 40.43 -104.05
C ALA T 91 -160.00 40.70 -102.62
N ASP T 92 -158.87 40.13 -102.20
CA ASP T 92 -158.36 40.34 -100.86
C ASP T 92 -157.95 41.80 -100.67
N VAL T 93 -158.11 42.33 -99.46
CA VAL T 93 -157.75 43.73 -99.19
C VAL T 93 -156.78 43.83 -98.03
N VAL T 94 -155.95 44.87 -98.03
CA VAL T 94 -154.99 45.07 -96.94
C VAL T 94 -155.12 46.50 -96.41
N ALA T 95 -155.77 46.68 -95.26
CA ALA T 95 -155.97 47.99 -94.70
C ALA T 95 -154.65 48.66 -94.26
N TYR T 96 -154.48 49.96 -94.57
CA TYR T 96 -153.28 50.70 -94.19
C TYR T 96 -153.66 52.14 -93.86
N ASN T 97 -152.67 52.99 -93.54
CA ASN T 97 -152.90 54.39 -93.22
C ASN T 97 -151.60 55.15 -93.45
N VAL T 98 -151.72 56.45 -93.70
CA VAL T 98 -150.54 57.28 -93.91
C VAL T 98 -150.46 58.30 -92.78
N TYR T 99 -149.31 58.40 -92.11
CA TYR T 99 -149.16 59.37 -91.03
C TYR T 99 -148.17 60.44 -91.47
N ARG T 100 -148.13 61.54 -90.74
CA ARG T 100 -147.24 62.65 -91.07
C ARG T 100 -145.94 62.67 -90.28
N ASP T 101 -146.00 62.26 -89.01
CA ASP T 101 -144.81 62.25 -88.18
C ASP T 101 -144.17 60.87 -88.12
N ALA T 102 -142.88 60.84 -87.78
CA ALA T 102 -142.08 59.61 -87.70
C ALA T 102 -142.55 58.54 -86.70
N ALA T 103 -143.32 58.93 -85.69
CA ALA T 103 -143.85 58.00 -84.71
C ALA T 103 -145.27 57.48 -85.01
N ARG T 104 -145.76 57.57 -86.26
CA ARG T 104 -147.08 57.06 -86.63
C ARG T 104 -148.24 57.58 -85.77
N THR T 105 -148.12 58.81 -85.29
CA THR T 105 -149.17 59.41 -84.44
C THR T 105 -150.09 60.42 -85.14
N ASN T 106 -149.52 61.41 -85.83
CA ASN T 106 -150.28 62.44 -86.50
C ASN T 106 -150.75 61.89 -87.84
N LEU T 107 -151.96 61.37 -87.86
CA LEU T 107 -152.54 60.76 -89.05
C LEU T 107 -153.01 61.76 -90.11
N TYR T 108 -152.77 61.44 -91.39
CA TYR T 108 -153.27 62.30 -92.45
C TYR T 108 -154.70 61.89 -92.60
N VAL T 109 -155.60 62.52 -91.86
CA VAL T 109 -157.02 62.19 -91.92
C VAL T 109 -157.57 62.34 -93.34
N VAL T 110 -158.46 61.42 -93.75
CA VAL T 110 -159.04 61.43 -95.08
C VAL T 110 -159.61 62.80 -95.47
N ASN T 111 -159.26 63.30 -96.66
CA ASN T 111 -159.72 64.60 -97.15
C ASN T 111 -159.59 65.73 -96.12
N GLN T 112 -158.41 65.83 -95.50
CA GLN T 112 -158.17 66.90 -94.54
C GLN T 112 -156.87 67.65 -94.84
N PRO T 113 -156.90 68.99 -94.72
CA PRO T 113 -155.71 69.78 -95.03
C PRO T 113 -154.68 69.83 -93.90
N GLN T 114 -153.83 68.83 -93.77
CA GLN T 114 -152.83 68.90 -92.71
C GLN T 114 -151.91 70.10 -93.04
N GLN T 115 -151.91 71.14 -92.19
CA GLN T 115 -151.11 72.38 -92.38
C GLN T 115 -149.58 72.14 -92.54
N PHE T 116 -148.92 73.10 -93.21
CA PHE T 116 -147.47 73.06 -93.44
C PHE T 116 -146.89 74.46 -93.65
N THR T 117 -145.62 74.65 -93.29
CA THR T 117 -144.96 75.95 -93.46
C THR T 117 -143.87 75.84 -94.52
N THR T 118 -143.52 76.98 -95.11
CA THR T 118 -142.48 77.00 -96.14
C THR T 118 -141.84 78.39 -96.22
N VAL T 119 -140.51 78.49 -96.17
CA VAL T 119 -139.86 79.79 -96.23
C VAL T 119 -139.18 79.97 -97.59
N SER T 120 -138.81 81.21 -97.90
CA SER T 120 -138.16 81.54 -99.17
C SER T 120 -136.77 80.90 -99.27
N GLY T 121 -136.36 80.55 -100.49
CA GLY T 121 -135.07 79.93 -100.72
C GLY T 121 -134.85 78.65 -99.96
N GLN T 122 -135.91 77.84 -99.85
CA GLN T 122 -135.82 76.57 -99.15
C GLN T 122 -136.95 75.64 -99.63
N ALA T 123 -136.71 74.34 -99.58
CA ALA T 123 -137.72 73.37 -100.00
C ALA T 123 -138.11 72.58 -98.76
N THR T 124 -139.41 72.49 -98.44
CA THR T 124 -139.86 71.74 -97.28
C THR T 124 -140.25 70.34 -97.73
N ALA T 125 -139.91 69.32 -96.94
CA ALA T 125 -140.25 67.95 -97.30
C ALA T 125 -141.64 67.56 -96.79
N VAL T 126 -142.34 66.71 -97.54
CA VAL T 126 -143.67 66.26 -97.14
C VAL T 126 -143.55 64.79 -96.73
N PRO T 127 -143.43 64.55 -95.42
CA PRO T 127 -143.27 63.17 -94.99
C PRO T 127 -144.61 62.44 -95.04
N ILE T 128 -144.72 61.43 -95.89
CA ILE T 128 -145.93 60.65 -95.96
C ILE T 128 -145.46 59.29 -95.42
N PHE T 129 -145.64 59.06 -94.13
CA PHE T 129 -145.17 57.82 -93.52
C PHE T 129 -146.29 56.78 -93.55
N GLY T 130 -146.05 55.65 -94.23
CA GLY T 130 -147.05 54.62 -94.28
C GLY T 130 -146.91 53.71 -93.07
N ALA T 131 -147.99 53.00 -92.77
CA ALA T 131 -148.03 52.07 -91.66
C ALA T 131 -149.16 51.06 -91.86
N ILE T 132 -148.87 49.78 -91.64
CA ILE T 132 -149.86 48.73 -91.76
C ILE T 132 -149.95 47.94 -90.44
N ALA T 133 -151.17 47.67 -89.99
CA ALA T 133 -151.39 46.95 -88.73
C ALA T 133 -150.92 45.50 -88.81
N PRO T 134 -150.57 44.93 -87.64
CA PRO T 134 -150.11 43.54 -87.63
C PRO T 134 -151.27 42.59 -87.91
N ASN T 135 -151.19 41.83 -89.01
CA ASN T 135 -152.22 40.88 -89.35
C ASN T 135 -151.79 39.53 -88.78
N THR T 136 -152.40 39.12 -87.68
CA THR T 136 -152.07 37.83 -87.07
C THR T 136 -153.32 36.97 -87.00
N GLY T 137 -154.20 37.16 -87.98
CA GLY T 137 -155.44 36.41 -88.03
C GLY T 137 -155.54 35.52 -89.25
N THR T 138 -155.86 36.09 -90.40
CA THR T 138 -155.99 35.32 -91.63
C THR T 138 -154.87 35.66 -92.62
N PRO T 139 -154.29 34.63 -93.26
CA PRO T 139 -153.22 34.90 -94.24
C PRO T 139 -153.77 35.35 -95.59
N LYS T 140 -153.51 36.59 -95.99
CA LYS T 140 -154.01 37.11 -97.27
C LYS T 140 -153.35 36.35 -98.42
N ALA T 141 -154.09 36.18 -99.52
CA ALA T 141 -153.56 35.44 -100.68
C ALA T 141 -152.26 36.02 -101.28
N GLN T 142 -151.46 35.15 -101.89
CA GLN T 142 -150.19 35.56 -102.49
C GLN T 142 -150.41 36.46 -103.69
N GLY T 143 -149.41 37.30 -103.99
CA GLY T 143 -149.52 38.23 -105.11
C GLY T 143 -149.09 39.64 -104.75
N ASP T 144 -149.47 40.59 -105.58
CA ASP T 144 -149.11 42.00 -105.35
C ASP T 144 -150.34 42.82 -104.95
N TYR T 145 -150.25 43.58 -103.85
CA TYR T 145 -151.37 44.41 -103.42
C TYR T 145 -151.02 45.85 -103.79
N LYS T 146 -151.99 46.60 -104.33
CA LYS T 146 -151.74 47.98 -104.74
C LYS T 146 -152.86 48.95 -104.34
N ASP T 147 -152.53 50.23 -104.44
CA ASP T 147 -153.45 51.33 -104.18
C ASP T 147 -152.80 52.58 -104.74
N THR T 148 -153.62 53.57 -105.09
CA THR T 148 -153.12 54.81 -105.62
C THR T 148 -153.69 55.95 -104.81
N LEU T 149 -152.95 56.45 -103.82
CA LEU T 149 -153.47 57.53 -103.01
C LEU T 149 -153.25 58.81 -103.81
N LEU T 150 -154.25 59.70 -103.81
CA LEU T 150 -154.09 60.96 -104.51
C LEU T 150 -153.71 61.98 -103.45
N VAL T 151 -152.50 62.54 -103.51
CA VAL T 151 -152.09 63.54 -102.54
C VAL T 151 -152.46 64.87 -103.19
N THR T 152 -153.08 65.76 -102.40
CA THR T 152 -153.61 67.03 -102.83
C THR T 152 -152.95 68.21 -102.16
N VAL T 153 -151.88 68.76 -102.75
CA VAL T 153 -151.23 69.92 -102.19
C VAL T 153 -152.09 71.13 -102.60
N ASN T 154 -152.78 71.76 -101.65
CA ASN T 154 -153.64 72.86 -102.01
C ASN T 154 -153.37 74.05 -101.13
N PHE T 155 -153.83 75.21 -101.60
CA PHE T 155 -153.55 76.46 -100.93
C PHE T 155 -154.84 77.12 -100.46
N ALA U 1 -153.69 74.47 -106.53
CA ALA U 1 -154.16 73.10 -106.32
C ALA U 1 -153.33 72.12 -107.15
N VAL U 2 -152.31 71.52 -106.51
CA VAL U 2 -151.48 70.56 -107.19
C VAL U 2 -151.79 69.15 -106.65
N THR U 3 -152.69 68.45 -107.34
CA THR U 3 -153.08 67.09 -106.96
C THR U 3 -152.16 66.07 -107.65
N GLY U 4 -151.66 65.11 -106.87
CA GLY U 4 -150.76 64.11 -107.38
C GLY U 4 -150.98 62.69 -106.90
N GLN U 5 -150.36 61.69 -107.55
CA GLN U 5 -150.58 60.29 -107.16
C GLN U 5 -149.41 59.64 -106.39
N VAL U 6 -149.74 58.74 -105.46
CA VAL U 6 -148.74 58.04 -104.67
C VAL U 6 -149.09 56.55 -104.74
N ASP U 7 -148.34 55.77 -105.51
CA ASP U 7 -148.66 54.38 -105.65
C ASP U 7 -148.25 53.63 -104.38
N VAL U 8 -149.18 52.89 -103.79
CA VAL U 8 -148.91 52.11 -102.58
C VAL U 8 -148.76 50.65 -103.00
N LYS U 9 -147.78 49.95 -102.43
CA LYS U 9 -147.56 48.57 -102.82
C LYS U 9 -147.16 47.67 -101.64
N LEU U 10 -147.42 46.38 -101.79
CA LEU U 10 -147.10 45.37 -100.79
C LEU U 10 -147.08 44.02 -101.51
N ASN U 11 -146.00 43.27 -101.39
CA ASN U 11 -145.90 41.98 -102.08
C ASN U 11 -146.04 40.87 -101.05
N ILE U 12 -147.25 40.40 -100.85
CA ILE U 12 -147.48 39.31 -99.93
C ILE U 12 -147.10 38.01 -100.63
N SER U 13 -145.98 37.38 -100.23
CA SER U 13 -145.54 36.12 -100.82
C SER U 13 -144.69 35.24 -99.87
N THR U 14 -143.52 35.73 -99.47
CA THR U 14 -142.60 35.03 -98.58
C THR U 14 -141.63 36.04 -97.99
N GLY U 15 -141.95 36.56 -96.80
CA GLY U 15 -141.11 37.57 -96.15
C GLY U 15 -140.37 37.20 -94.88
N CYS U 16 -139.67 38.19 -94.35
CA CYS U 16 -138.84 38.07 -93.15
C CYS U 16 -139.41 38.94 -92.02
N THR U 17 -139.36 38.45 -90.78
CA THR U 17 -139.92 39.20 -89.63
C THR U 17 -138.91 39.50 -88.53
N VAL U 18 -139.09 40.62 -87.82
CA VAL U 18 -138.16 40.99 -86.76
C VAL U 18 -138.76 40.71 -85.37
N GLY U 19 -138.09 39.89 -84.56
CA GLY U 19 -138.58 39.59 -83.22
C GLY U 19 -137.88 40.46 -82.20
N GLY U 20 -138.43 40.53 -80.99
CA GLY U 20 -137.86 41.36 -79.92
C GLY U 20 -138.46 42.75 -79.85
N SER U 21 -139.43 43.04 -80.71
CA SER U 21 -140.06 44.34 -80.72
C SER U 21 -141.45 44.29 -80.11
N GLN U 22 -141.91 45.44 -79.64
CA GLN U 22 -143.22 45.60 -79.05
C GLN U 22 -143.88 46.71 -79.85
N THR U 23 -145.16 46.57 -80.14
CA THR U 23 -145.83 47.59 -80.93
C THR U 23 -146.21 48.79 -80.05
N GLU U 24 -145.46 49.89 -80.13
CA GLU U 24 -145.80 51.08 -79.38
C GLU U 24 -146.83 51.81 -80.23
N GLY U 25 -148.11 51.64 -79.94
CA GLY U 25 -149.13 52.28 -80.75
C GLY U 25 -149.00 51.70 -82.16
N ASN U 26 -148.68 52.52 -83.16
CA ASN U 26 -148.54 52.03 -84.53
C ASN U 26 -147.09 52.08 -85.00
N MET U 27 -146.15 52.08 -84.07
CA MET U 27 -144.72 52.12 -84.41
C MET U 27 -143.97 51.03 -83.62
N ASN U 28 -143.23 50.17 -84.31
CA ASN U 28 -142.50 49.09 -83.65
C ASN U 28 -141.41 49.55 -82.68
N LYS U 29 -141.58 49.32 -81.38
CA LYS U 29 -140.56 49.69 -80.39
C LYS U 29 -139.53 48.57 -80.38
N PHE U 30 -138.36 48.79 -80.96
CA PHE U 30 -137.34 47.76 -81.04
C PHE U 30 -136.55 47.57 -79.75
N GLY U 31 -136.16 48.65 -79.07
CA GLY U 31 -135.41 48.45 -77.85
C GLY U 31 -134.88 49.73 -77.21
N THR U 32 -133.90 49.57 -76.33
CA THR U 32 -133.32 50.70 -75.64
C THR U 32 -131.79 50.59 -75.59
N LEU U 33 -131.11 51.71 -75.79
CA LEU U 33 -129.65 51.77 -75.76
C LEU U 33 -129.38 52.55 -74.48
N ASN U 34 -129.28 51.85 -73.35
CA ASN U 34 -129.13 52.49 -72.07
C ASN U 34 -127.68 52.57 -71.61
N PHE U 35 -127.07 53.75 -71.73
CA PHE U 35 -125.68 53.92 -71.32
C PHE U 35 -125.52 53.95 -69.80
N GLY U 36 -126.61 54.23 -69.10
CA GLY U 36 -126.62 54.26 -67.66
C GLY U 36 -126.39 55.65 -67.13
N LYS U 37 -125.99 55.73 -65.87
CA LYS U 37 -125.71 57.01 -65.20
C LYS U 37 -124.27 57.42 -65.46
N THR U 38 -124.00 58.73 -65.40
CA THR U 38 -122.65 59.25 -65.63
C THR U 38 -122.49 60.65 -65.05
N SER U 39 -121.24 61.05 -64.82
CA SER U 39 -120.94 62.37 -64.29
C SER U 39 -120.75 63.35 -65.41
N GLY U 40 -120.62 64.66 -65.09
CA GLY U 40 -120.46 65.69 -66.08
C GLY U 40 -119.35 65.41 -67.08
N THR U 41 -118.19 65.00 -66.57
CA THR U 41 -117.04 64.70 -67.41
C THR U 41 -116.57 63.25 -67.22
N TRP U 42 -116.79 62.39 -68.20
CA TRP U 42 -116.37 60.99 -68.10
C TRP U 42 -115.11 60.74 -68.94
N ASN U 43 -114.12 60.05 -68.37
CA ASN U 43 -112.88 59.77 -69.09
C ASN U 43 -112.93 58.45 -69.85
N ASN U 44 -113.76 57.53 -69.40
CA ASN U 44 -113.93 56.25 -70.07
C ASN U 44 -115.04 56.33 -71.12
N VAL U 45 -114.86 55.64 -72.24
CA VAL U 45 -115.84 55.60 -73.31
C VAL U 45 -117.11 54.95 -72.77
N LEU U 46 -118.24 55.66 -72.73
CA LEU U 46 -119.44 55.02 -72.15
C LEU U 46 -119.99 54.07 -73.18
N THR U 47 -120.28 52.82 -72.80
CA THR U 47 -120.65 51.80 -73.76
C THR U 47 -121.76 50.85 -73.29
N ALA U 48 -122.85 50.72 -74.04
CA ALA U 48 -123.93 49.80 -73.67
C ALA U 48 -124.54 49.20 -74.93
N GLU U 49 -125.21 48.06 -74.77
CA GLU U 49 -125.81 47.34 -75.88
C GLU U 49 -127.32 47.55 -75.89
N VAL U 50 -127.93 47.42 -77.06
CA VAL U 50 -129.36 47.55 -77.17
C VAL U 50 -130.06 46.44 -76.40
N ALA U 51 -131.17 46.77 -75.71
CA ALA U 51 -131.94 45.78 -74.98
C ALA U 51 -133.33 45.76 -75.60
N SER U 52 -133.70 44.68 -76.29
CA SER U 52 -135.00 44.59 -76.93
C SER U 52 -136.15 44.89 -75.95
N ALA U 53 -137.17 45.63 -76.41
CA ALA U 53 -138.28 45.97 -75.52
C ALA U 53 -139.18 44.79 -75.16
N ALA U 54 -139.19 43.76 -76.00
CA ALA U 54 -140.03 42.58 -75.77
C ALA U 54 -139.43 41.57 -74.80
N THR U 55 -138.16 41.21 -75.00
CA THR U 55 -137.53 40.21 -74.14
C THR U 55 -136.50 40.77 -73.15
N GLY U 56 -135.74 41.77 -73.57
CA GLY U 56 -134.70 42.32 -72.72
C GLY U 56 -133.33 42.03 -73.29
N GLY U 57 -133.24 41.00 -74.14
CA GLY U 57 -132.00 40.63 -74.78
C GLY U 57 -131.81 41.33 -76.11
N ASN U 58 -131.08 40.72 -77.03
CA ASN U 58 -130.83 41.33 -78.33
C ASN U 58 -131.98 41.11 -79.32
N ILE U 59 -132.19 42.05 -80.24
CA ILE U 59 -133.24 41.92 -81.23
C ILE U 59 -132.98 40.63 -82.02
N SER U 60 -133.98 39.75 -82.11
CA SER U 60 -133.77 38.48 -82.80
C SER U 60 -134.57 38.45 -84.11
N VAL U 61 -133.91 38.69 -85.24
CA VAL U 61 -134.62 38.67 -86.50
C VAL U 61 -134.64 37.26 -87.06
N THR U 62 -135.81 36.75 -87.44
CA THR U 62 -135.91 35.43 -88.03
C THR U 62 -136.61 35.59 -89.39
N CYS U 63 -136.27 34.76 -90.37
CA CYS U 63 -136.92 34.88 -91.67
C CYS U 63 -137.90 33.72 -91.88
N ASP U 64 -139.11 34.02 -92.34
CA ASP U 64 -140.11 32.97 -92.57
C ASP U 64 -139.86 32.29 -93.92
N GLY U 65 -138.85 31.43 -93.96
CA GLY U 65 -138.50 30.71 -95.17
C GLY U 65 -137.62 29.52 -94.86
N THR U 66 -137.29 28.73 -95.87
CA THR U 66 -136.45 27.55 -95.69
C THR U 66 -135.01 27.80 -96.13
N ASP U 67 -134.85 28.35 -97.33
CA ASP U 67 -133.54 28.65 -97.88
C ASP U 67 -132.97 29.88 -97.19
N PRO U 68 -131.63 30.03 -97.16
CA PRO U 68 -131.10 31.21 -96.47
C PRO U 68 -131.53 32.53 -97.14
N VAL U 69 -131.81 33.56 -96.34
CA VAL U 69 -132.23 34.85 -96.86
C VAL U 69 -131.23 35.91 -96.43
N ASP U 70 -130.85 36.82 -97.34
CA ASP U 70 -129.89 37.86 -97.00
C ASP U 70 -130.66 39.15 -96.76
N PHE U 71 -130.83 39.55 -95.51
CA PHE U 71 -131.57 40.76 -95.20
C PHE U 71 -130.63 41.84 -94.73
N THR U 72 -131.03 43.09 -94.88
CA THR U 72 -130.17 44.18 -94.49
C THR U 72 -130.70 44.95 -93.27
N VAL U 73 -129.78 45.65 -92.60
CA VAL U 73 -130.12 46.45 -91.43
C VAL U 73 -129.61 47.87 -91.61
N ALA U 74 -130.47 48.88 -91.44
CA ALA U 74 -130.04 50.27 -91.59
C ALA U 74 -130.56 51.08 -90.40
N ILE U 75 -129.70 51.90 -89.81
CA ILE U 75 -130.09 52.72 -88.68
C ILE U 75 -129.92 54.15 -89.18
N ASP U 76 -130.82 55.04 -88.76
CA ASP U 76 -130.77 56.44 -89.18
C ASP U 76 -129.93 57.27 -88.19
N GLY U 77 -129.87 58.60 -88.38
CA GLY U 77 -129.11 59.50 -87.53
C GLY U 77 -129.75 60.06 -86.27
N GLY U 78 -130.88 59.52 -85.84
CA GLY U 78 -131.55 60.01 -84.65
C GLY U 78 -132.48 61.18 -84.94
N GLU U 79 -133.10 61.73 -83.89
CA GLU U 79 -134.02 62.84 -84.00
C GLU U 79 -133.45 64.02 -84.75
N ARG U 80 -132.22 64.41 -84.46
CA ARG U 80 -131.64 65.59 -85.12
C ARG U 80 -130.77 65.30 -86.34
N THR U 81 -130.68 64.02 -86.70
CA THR U 81 -129.89 63.47 -87.84
C THR U 81 -128.35 63.51 -87.69
N ASP U 82 -127.82 63.76 -86.50
CA ASP U 82 -126.37 63.76 -86.28
C ASP U 82 -125.97 62.93 -85.04
N ARG U 83 -126.81 61.97 -84.67
CA ARG U 83 -126.58 61.06 -83.55
C ARG U 83 -126.17 61.77 -82.26
N THR U 84 -127.01 62.70 -81.81
CA THR U 84 -126.76 63.43 -80.56
C THR U 84 -127.92 63.24 -79.61
N LEU U 85 -127.64 62.92 -78.34
CA LEU U 85 -128.73 62.81 -77.40
C LEU U 85 -128.99 64.22 -76.89
N LYS U 86 -130.25 64.58 -76.67
CA LYS U 86 -130.55 65.92 -76.22
C LYS U 86 -131.08 65.93 -74.79
N ASN U 87 -130.72 66.93 -73.99
CA ASN U 87 -131.23 66.97 -72.66
C ASN U 87 -132.71 67.28 -72.75
N THR U 88 -133.53 66.61 -71.94
CA THR U 88 -134.97 66.88 -71.94
C THR U 88 -135.32 68.35 -71.71
N ALA U 89 -134.58 69.05 -70.83
CA ALA U 89 -134.91 70.46 -70.55
C ALA U 89 -134.03 71.52 -71.26
N SER U 90 -132.73 71.40 -71.09
CA SER U 90 -131.75 72.32 -71.69
C SER U 90 -131.43 71.91 -73.13
N ALA U 91 -130.57 72.68 -73.81
CA ALA U 91 -130.22 72.37 -75.20
C ALA U 91 -128.86 71.66 -75.36
N ASP U 92 -128.32 71.13 -74.27
CA ASP U 92 -127.04 70.43 -74.33
C ASP U 92 -127.18 69.16 -75.17
N VAL U 93 -126.12 68.77 -75.89
CA VAL U 93 -126.17 67.58 -76.72
C VAL U 93 -125.04 66.62 -76.37
N VAL U 94 -125.25 65.32 -76.59
CA VAL U 94 -124.22 64.32 -76.30
C VAL U 94 -124.02 63.44 -77.53
N ALA U 95 -122.95 63.67 -78.30
CA ALA U 95 -122.69 62.90 -79.50
C ALA U 95 -122.41 61.41 -79.20
N TYR U 96 -122.99 60.50 -79.99
CA TYR U 96 -122.77 59.07 -79.83
C TYR U 96 -122.76 58.39 -81.19
N ASN U 97 -122.63 57.05 -81.22
CA ASN U 97 -122.63 56.29 -82.45
C ASN U 97 -123.00 54.84 -82.14
N VAL U 98 -123.53 54.14 -83.12
CA VAL U 98 -123.91 52.74 -82.93
C VAL U 98 -123.03 51.88 -83.83
N TYR U 99 -122.39 50.85 -83.27
CA TYR U 99 -121.54 49.97 -84.07
C TYR U 99 -122.20 48.60 -84.13
N ARG U 100 -121.72 47.76 -85.06
CA ARG U 100 -122.28 46.43 -85.24
C ARG U 100 -121.49 45.33 -84.54
N ASP U 101 -120.18 45.47 -84.49
CA ASP U 101 -119.34 44.45 -83.86
C ASP U 101 -118.96 44.85 -82.43
N ALA U 102 -118.60 43.84 -81.63
CA ALA U 102 -118.24 44.01 -80.22
C ALA U 102 -117.04 44.92 -79.93
N ALA U 103 -116.15 45.12 -80.89
CA ALA U 103 -114.99 45.99 -80.73
C ALA U 103 -115.19 47.44 -81.21
N ARG U 104 -116.43 47.90 -81.38
CA ARG U 104 -116.72 49.28 -81.79
C ARG U 104 -116.01 49.72 -83.09
N THR U 105 -115.81 48.79 -84.02
CA THR U 105 -115.12 49.08 -85.29
C THR U 105 -116.05 49.22 -86.51
N ASN U 106 -116.93 48.25 -86.73
CA ASN U 106 -117.83 48.26 -87.86
C ASN U 106 -119.02 49.14 -87.53
N LEU U 107 -118.95 50.39 -87.95
CA LEU U 107 -119.98 51.38 -87.65
C LEU U 107 -121.24 51.24 -88.51
N TYR U 108 -122.41 51.44 -87.90
CA TYR U 108 -123.64 51.40 -88.66
C TYR U 108 -123.72 52.76 -89.26
N VAL U 109 -123.16 52.94 -90.45
CA VAL U 109 -123.16 54.24 -91.13
C VAL U 109 -124.59 54.76 -91.34
N VAL U 110 -124.80 56.07 -91.18
CA VAL U 110 -126.11 56.68 -91.32
C VAL U 110 -126.80 56.28 -92.64
N ASN U 111 -128.07 55.85 -92.56
CA ASN U 111 -128.84 55.44 -93.73
C ASN U 111 -128.08 54.47 -94.66
N GLN U 112 -127.49 53.44 -94.07
CA GLN U 112 -126.77 52.45 -94.88
C GLN U 112 -127.21 51.02 -94.53
N PRO U 113 -127.40 50.18 -95.55
CA PRO U 113 -127.85 48.80 -95.30
C PRO U 113 -126.76 47.84 -94.87
N GLN U 114 -126.39 47.82 -93.60
CA GLN U 114 -125.36 46.88 -93.19
C GLN U 114 -125.93 45.46 -93.41
N GLN U 115 -125.34 44.68 -94.33
CA GLN U 115 -125.78 43.31 -94.68
C GLN U 115 -125.86 42.32 -93.47
N PHE U 116 -126.72 41.31 -93.63
CA PHE U 116 -126.90 40.27 -92.62
C PHE U 116 -127.41 38.95 -93.23
N THR U 117 -127.08 37.82 -92.61
CA THR U 117 -127.53 36.52 -93.10
C THR U 117 -128.48 35.91 -92.10
N THR U 118 -129.33 35.03 -92.59
CA THR U 118 -130.28 34.35 -91.74
C THR U 118 -130.41 32.96 -92.37
N VAL U 119 -130.48 31.93 -91.54
CA VAL U 119 -130.47 30.56 -91.99
C VAL U 119 -131.68 29.73 -91.54
N SER U 120 -131.75 28.49 -92.04
CA SER U 120 -132.87 27.60 -91.76
C SER U 120 -133.22 27.45 -90.27
N GLY U 121 -134.50 27.65 -89.93
CA GLY U 121 -134.99 27.46 -88.59
C GLY U 121 -134.20 28.18 -87.52
N GLN U 122 -133.79 29.41 -87.77
CA GLN U 122 -133.02 30.11 -86.74
C GLN U 122 -133.30 31.60 -86.66
N ALA U 123 -133.07 32.19 -85.48
CA ALA U 123 -133.26 33.62 -85.30
C ALA U 123 -131.86 34.22 -85.18
N THR U 124 -131.53 35.18 -86.03
CA THR U 124 -130.24 35.85 -85.99
C THR U 124 -130.37 37.11 -85.13
N ALA U 125 -129.37 37.40 -84.30
CA ALA U 125 -129.43 38.58 -83.45
C ALA U 125 -128.86 39.81 -84.16
N VAL U 126 -129.41 40.99 -83.87
CA VAL U 126 -128.94 42.23 -84.47
C VAL U 126 -128.22 43.02 -83.39
N PRO U 127 -126.88 42.90 -83.36
CA PRO U 127 -126.15 43.62 -82.32
C PRO U 127 -126.07 45.10 -82.65
N ILE U 128 -126.66 45.94 -81.83
CA ILE U 128 -126.57 47.36 -82.03
C ILE U 128 -125.75 47.80 -80.82
N PHE U 129 -124.44 47.93 -81.00
CA PHE U 129 -123.57 48.28 -79.90
C PHE U 129 -123.38 49.79 -79.84
N GLY U 130 -123.79 50.42 -78.75
CA GLY U 130 -123.63 51.85 -78.62
C GLY U 130 -122.24 52.17 -78.07
N ALA U 131 -121.80 53.39 -78.32
CA ALA U 131 -120.52 53.87 -77.86
C ALA U 131 -120.51 55.41 -77.81
N ILE U 132 -120.00 55.97 -76.72
CA ILE U 132 -119.90 57.40 -76.57
C ILE U 132 -118.44 57.81 -76.29
N ALA U 133 -117.96 58.84 -76.97
CA ALA U 133 -116.58 59.30 -76.81
C ALA U 133 -116.32 59.88 -75.42
N PRO U 134 -115.06 59.82 -74.97
CA PRO U 134 -114.74 60.36 -73.65
C PRO U 134 -114.81 61.89 -73.67
N ASN U 135 -115.71 62.46 -72.86
CA ASN U 135 -115.85 63.90 -72.77
C ASN U 135 -114.99 64.36 -71.60
N THR U 136 -113.83 64.94 -71.89
CA THR U 136 -112.95 65.42 -70.83
C THR U 136 -112.71 66.91 -71.04
N GLY U 137 -113.72 67.59 -71.57
CA GLY U 137 -113.63 69.02 -71.82
C GLY U 137 -114.61 69.83 -71.00
N THR U 138 -115.87 69.85 -71.44
CA THR U 138 -116.90 70.61 -70.73
C THR U 138 -117.93 69.69 -70.08
N PRO U 139 -118.31 69.98 -68.82
CA PRO U 139 -119.29 69.13 -68.15
C PRO U 139 -120.73 69.45 -68.61
N LYS U 140 -121.39 68.49 -69.28
CA LYS U 140 -122.75 68.71 -69.74
C LYS U 140 -123.70 68.86 -68.56
N ALA U 141 -124.75 69.68 -68.72
CA ALA U 141 -125.71 69.90 -67.63
C ALA U 141 -126.40 68.63 -67.10
N GLN U 142 -126.79 68.66 -65.82
CA GLN U 142 -127.45 67.52 -65.19
C GLN U 142 -128.82 67.26 -65.78
N GLY U 143 -129.29 66.01 -65.70
CA GLY U 143 -130.58 65.65 -66.24
C GLY U 143 -130.53 64.37 -67.06
N ASP U 144 -131.57 64.16 -67.87
CA ASP U 144 -131.64 62.96 -68.71
C ASP U 144 -131.46 63.31 -70.19
N TYR U 145 -130.56 62.61 -70.89
CA TYR U 145 -130.33 62.86 -72.30
C TYR U 145 -131.01 61.74 -73.07
N LYS U 146 -131.73 62.06 -74.15
CA LYS U 146 -132.43 61.04 -74.94
C LYS U 146 -132.27 61.21 -76.45
N ASP U 147 -132.64 60.15 -77.17
CA ASP U 147 -132.65 60.12 -78.62
C ASP U 147 -133.46 58.90 -79.02
N THR U 148 -134.04 58.94 -80.22
CA THR U 148 -134.82 57.83 -80.71
C THR U 148 -134.29 57.43 -82.07
N LEU U 149 -133.42 56.42 -82.12
CA LEU U 149 -132.88 56.01 -83.40
C LEU U 149 -133.93 55.14 -84.07
N LEU U 150 -134.16 55.31 -85.37
CA LEU U 150 -135.12 54.49 -86.07
C LEU U 150 -134.31 53.40 -86.75
N VAL U 151 -134.47 52.14 -86.36
CA VAL U 151 -133.74 51.06 -87.00
C VAL U 151 -134.67 50.58 -88.11
N THR U 152 -134.11 50.38 -89.31
CA THR U 152 -134.82 50.01 -90.51
C THR U 152 -134.41 48.67 -91.07
N VAL U 153 -135.10 47.60 -90.68
CA VAL U 153 -134.81 46.27 -91.21
C VAL U 153 -135.49 46.21 -92.58
N ASN U 154 -134.71 46.20 -93.67
CA ASN U 154 -135.32 46.20 -94.98
C ASN U 154 -134.72 45.12 -95.83
N PHE U 155 -135.44 44.79 -96.90
CA PHE U 155 -135.06 43.69 -97.75
C PHE U 155 -134.77 44.18 -99.16
N ALA V 1 -140.07 45.80 -95.38
CA ALA V 1 -139.58 47.01 -94.72
C ALA V 1 -140.15 47.12 -93.30
N VAL V 2 -139.39 46.65 -92.32
CA VAL V 2 -139.81 46.72 -90.93
C VAL V 2 -138.98 47.80 -90.20
N THR V 3 -139.52 49.01 -90.16
CA THR V 3 -138.85 50.13 -89.48
C THR V 3 -139.28 50.17 -88.01
N GLY V 4 -138.31 50.30 -87.11
CA GLY V 4 -138.56 50.33 -85.70
C GLY V 4 -137.78 51.35 -84.87
N GLN V 5 -138.19 51.61 -83.63
CA GLN V 5 -137.50 52.61 -82.81
C GLN V 5 -136.58 52.04 -81.70
N VAL V 6 -135.48 52.73 -81.41
CA VAL V 6 -134.54 52.32 -80.38
C VAL V 6 -134.29 53.54 -79.51
N ASP V 7 -134.85 53.58 -78.30
CA ASP V 7 -134.68 54.74 -77.46
C ASP V 7 -133.27 54.74 -76.88
N VAL V 8 -132.54 55.84 -77.05
CA VAL V 8 -131.19 55.97 -76.52
C VAL V 8 -131.27 56.84 -75.26
N LYS V 9 -130.54 56.47 -74.21
CA LYS V 9 -130.60 57.25 -72.99
C LYS V 9 -129.26 57.36 -72.27
N LEU V 10 -129.11 58.41 -71.47
CA LEU V 10 -127.92 58.67 -70.69
C LEU V 10 -128.32 59.61 -69.56
N ASN V 11 -128.01 59.27 -68.31
CA ASN V 11 -128.39 60.10 -67.19
C ASN V 11 -127.16 60.77 -66.64
N ILE V 12 -126.87 61.98 -67.11
CA ILE V 12 -125.73 62.72 -66.63
C ILE V 12 -126.13 63.36 -65.30
N SER V 13 -125.57 62.86 -64.19
CA SER V 13 -125.87 63.41 -62.85
C SER V 13 -124.74 63.21 -61.83
N THR V 14 -124.43 61.95 -61.49
CA THR V 14 -123.39 61.59 -60.53
C THR V 14 -123.02 60.12 -60.75
N GLY V 15 -121.98 59.86 -61.55
CA GLY V 15 -121.57 58.51 -61.87
C GLY V 15 -120.23 58.02 -61.33
N CYS V 16 -119.92 56.78 -61.70
CA CYS V 16 -118.73 56.07 -61.29
C CYS V 16 -117.82 55.79 -62.49
N THR V 17 -116.50 55.90 -62.33
CA THR V 17 -115.55 55.70 -63.44
C THR V 17 -114.53 54.58 -63.20
N VAL V 18 -114.09 53.92 -64.27
CA VAL V 18 -113.13 52.84 -64.14
C VAL V 18 -111.71 53.27 -64.57
N GLY V 19 -110.73 53.20 -63.67
CA GLY V 19 -109.37 53.58 -64.01
C GLY V 19 -108.55 52.36 -64.37
N GLY V 20 -107.40 52.56 -64.99
CA GLY V 20 -106.54 51.46 -65.41
C GLY V 20 -106.77 51.02 -66.86
N SER V 21 -107.71 51.68 -67.53
CA SER V 21 -108.01 51.33 -68.91
C SER V 21 -107.42 52.32 -69.89
N GLN V 22 -107.24 51.87 -71.12
CA GLN V 22 -106.71 52.69 -72.20
C GLN V 22 -107.75 52.59 -73.30
N THR V 23 -108.03 53.68 -73.99
CA THR V 23 -109.03 53.64 -75.04
C THR V 23 -108.45 53.05 -76.33
N GLU V 24 -108.76 51.79 -76.62
CA GLU V 24 -108.28 51.18 -77.85
C GLU V 24 -109.30 51.60 -78.92
N GLY V 25 -109.00 52.65 -79.68
CA GLY V 25 -109.95 53.12 -80.67
C GLY V 25 -111.19 53.58 -79.90
N ASN V 26 -112.34 52.95 -80.13
CA ASN V 26 -113.56 53.34 -79.43
C ASN V 26 -114.02 52.27 -78.42
N MET V 27 -113.08 51.42 -77.99
CA MET V 27 -113.41 50.37 -77.02
C MET V 27 -112.39 50.39 -75.87
N ASN V 28 -112.86 50.47 -74.63
CA ASN V 28 -111.96 50.53 -73.48
C ASN V 28 -111.10 49.27 -73.28
N LYS V 29 -109.77 49.38 -73.45
CA LYS V 29 -108.88 48.24 -73.23
C LYS V 29 -108.61 48.17 -71.73
N PHE V 30 -109.21 47.22 -71.03
CA PHE V 30 -109.04 47.11 -69.59
C PHE V 30 -107.72 46.48 -69.17
N GLY V 31 -107.30 45.40 -69.83
CA GLY V 31 -106.05 44.79 -69.41
C GLY V 31 -105.70 43.50 -70.12
N THR V 32 -104.80 42.73 -69.51
CA THR V 32 -104.36 41.48 -70.09
C THR V 32 -104.27 40.38 -69.01
N LEU V 33 -104.70 39.17 -69.37
CA LEU V 33 -104.64 38.04 -68.46
C LEU V 33 -103.58 37.16 -69.09
N ASN V 34 -102.32 37.38 -68.71
CA ASN V 34 -101.20 36.69 -69.31
C ASN V 34 -100.77 35.47 -68.50
N PHE V 35 -101.13 34.27 -68.95
CA PHE V 35 -100.75 33.05 -68.24
C PHE V 35 -99.27 32.71 -68.43
N GLY V 36 -98.67 33.27 -69.47
CA GLY V 36 -97.26 33.06 -69.75
C GLY V 36 -97.05 31.93 -70.72
N LYS V 37 -95.83 31.41 -70.75
CA LYS V 37 -95.47 30.29 -71.62
C LYS V 37 -95.79 28.96 -70.94
N THR V 38 -96.01 27.92 -71.73
CA THR V 38 -96.32 26.60 -71.19
C THR V 38 -96.07 25.50 -72.23
N SER V 39 -95.93 24.28 -71.75
CA SER V 39 -95.69 23.13 -72.61
C SER V 39 -96.99 22.51 -73.01
N GLY V 40 -96.97 21.52 -73.94
CA GLY V 40 -98.17 20.88 -74.43
C GLY V 40 -99.05 20.35 -73.32
N THR V 41 -98.45 19.67 -72.35
CA THR V 41 -99.19 19.09 -71.23
C THR V 41 -98.67 19.64 -69.89
N TRP V 42 -99.45 20.49 -69.22
CA TRP V 42 -99.02 21.06 -67.94
C TRP V 42 -99.76 20.36 -66.78
N ASN V 43 -99.04 19.99 -65.72
CA ASN V 43 -99.66 19.33 -64.57
C ASN V 43 -100.13 20.31 -63.50
N ASN V 44 -99.49 21.48 -63.45
CA ASN V 44 -99.86 22.51 -62.50
C ASN V 44 -100.92 23.44 -63.11
N VAL V 45 -101.85 23.89 -62.27
CA VAL V 45 -102.91 24.80 -62.69
C VAL V 45 -102.25 26.11 -63.14
N LEU V 46 -102.39 26.50 -64.41
CA LEU V 46 -101.69 27.74 -64.83
C LEU V 46 -102.51 28.91 -64.30
N THR V 47 -101.85 29.87 -63.64
CA THR V 47 -102.57 30.93 -62.97
C THR V 47 -101.92 32.31 -63.06
N ALA V 48 -102.64 33.33 -63.54
CA ALA V 48 -102.10 34.67 -63.65
C ALA V 48 -103.20 35.70 -63.38
N GLU V 49 -102.80 36.90 -63.01
CA GLU V 49 -103.73 37.98 -62.67
C GLU V 49 -103.81 38.98 -63.81
N VAL V 50 -104.93 39.69 -63.91
CA VAL V 50 -105.09 40.70 -64.91
C VAL V 50 -104.11 41.84 -64.70
N ALA V 51 -103.52 42.37 -65.77
CA ALA V 51 -102.60 43.48 -65.68
C ALA V 51 -103.23 44.64 -66.47
N SER V 52 -103.66 45.70 -65.79
CA SER V 52 -104.29 46.84 -66.47
C SER V 52 -103.42 47.38 -67.61
N ALA V 53 -104.04 47.73 -68.73
CA ALA V 53 -103.27 48.25 -69.88
C ALA V 53 -102.68 49.63 -69.65
N ALA V 54 -103.27 50.41 -68.75
CA ALA V 54 -102.80 51.77 -68.48
C ALA V 54 -101.62 51.83 -67.51
N THR V 55 -101.71 51.13 -66.39
CA THR V 55 -100.63 51.17 -65.40
C THR V 55 -99.77 49.91 -65.30
N GLY V 56 -100.39 48.75 -65.47
CA GLY V 56 -99.67 47.49 -65.35
C GLY V 56 -100.14 46.72 -64.13
N GLY V 57 -100.75 47.43 -63.18
CA GLY V 57 -101.27 46.81 -61.96
C GLY V 57 -102.72 46.39 -62.13
N ASN V 58 -103.47 46.36 -61.04
CA ASN V 58 -104.87 45.95 -61.10
C ASN V 58 -105.80 47.09 -61.51
N ILE V 59 -106.91 46.76 -62.17
CA ILE V 59 -107.86 47.78 -62.58
C ILE V 59 -108.34 48.51 -61.33
N SER V 60 -108.24 49.84 -61.31
CA SER V 60 -108.64 50.59 -60.12
C SER V 60 -109.91 51.39 -60.38
N VAL V 61 -111.06 50.89 -59.92
CA VAL V 61 -112.30 51.61 -60.17
C VAL V 61 -112.54 52.60 -59.03
N THR V 62 -112.81 53.86 -59.36
CA THR V 62 -113.09 54.86 -58.34
C THR V 62 -114.47 55.47 -58.67
N CYS V 63 -115.22 55.87 -57.67
CA CYS V 63 -116.49 56.51 -57.96
C CYS V 63 -116.36 58.00 -57.73
N ASP V 64 -117.24 58.77 -58.36
CA ASP V 64 -117.21 60.22 -58.23
C ASP V 64 -118.33 60.73 -57.32
N GLY V 65 -118.05 60.88 -56.04
CA GLY V 65 -119.04 61.37 -55.09
C GLY V 65 -118.57 61.27 -53.65
N THR V 66 -119.50 61.51 -52.71
CA THR V 66 -119.20 61.44 -51.29
C THR V 66 -119.79 60.22 -50.56
N ASP V 67 -120.90 59.67 -51.01
CA ASP V 67 -121.42 58.49 -50.30
C ASP V 67 -120.88 57.22 -50.93
N PRO V 68 -120.63 56.17 -50.11
CA PRO V 68 -120.08 54.94 -50.70
C PRO V 68 -121.05 54.31 -51.70
N VAL V 69 -120.68 54.24 -52.98
CA VAL V 69 -121.57 53.66 -53.97
C VAL V 69 -121.33 52.15 -54.14
N ASP V 70 -122.40 51.38 -54.40
CA ASP V 70 -122.27 49.95 -54.59
C ASP V 70 -122.35 49.67 -56.09
N PHE V 71 -121.21 49.38 -56.72
CA PHE V 71 -121.19 49.13 -58.15
C PHE V 71 -120.96 47.66 -58.41
N THR V 72 -121.39 47.18 -59.57
CA THR V 72 -121.23 45.78 -59.88
C THR V 72 -120.23 45.53 -61.01
N VAL V 73 -119.72 44.29 -61.05
CA VAL V 73 -118.76 43.89 -62.06
C VAL V 73 -119.24 42.60 -62.73
N ALA V 74 -119.32 42.59 -64.07
CA ALA V 74 -119.76 41.40 -64.79
C ALA V 74 -118.79 41.12 -65.93
N ILE V 75 -118.38 39.85 -66.08
CA ILE V 75 -117.48 39.48 -67.14
C ILE V 75 -118.27 38.50 -68.00
N ASP V 76 -118.08 38.55 -69.31
CA ASP V 76 -118.80 37.68 -70.23
C ASP V 76 -118.01 36.38 -70.48
N GLY V 77 -118.48 35.51 -71.38
CA GLY V 77 -117.84 34.25 -71.69
C GLY V 77 -116.75 34.20 -72.75
N GLY V 78 -116.22 35.35 -73.18
CA GLY V 78 -115.19 35.38 -74.19
C GLY V 78 -115.73 35.37 -75.60
N GLU V 79 -114.84 35.36 -76.59
CA GLU V 79 -115.22 35.36 -77.99
C GLU V 79 -116.20 34.26 -78.35
N ARG V 80 -115.99 33.04 -77.88
CA ARG V 80 -116.88 31.95 -78.27
C ARG V 80 -117.99 31.63 -77.26
N THR V 81 -118.07 32.44 -76.19
CA THR V 81 -119.04 32.33 -75.08
C THR V 81 -118.88 31.13 -74.12
N ASP V 82 -117.76 30.41 -74.18
CA ASP V 82 -117.53 29.29 -73.27
C ASP V 82 -116.12 29.34 -72.61
N ARG V 83 -115.57 30.54 -72.53
CA ARG V 83 -114.26 30.80 -71.91
C ARG V 83 -113.16 29.87 -72.39
N THR V 84 -112.94 29.84 -73.70
CA THR V 84 -111.89 29.02 -74.29
C THR V 84 -110.92 29.89 -75.08
N LEU V 85 -109.63 29.72 -74.89
CA LEU V 85 -108.70 30.49 -75.68
C LEU V 85 -108.51 29.73 -76.98
N LYS V 86 -108.40 30.41 -78.11
CA LYS V 86 -108.26 29.72 -79.38
C LYS V 86 -106.88 29.93 -79.98
N ASN V 87 -106.32 28.91 -80.63
CA ASN V 87 -105.04 29.09 -81.22
C ASN V 87 -105.21 30.03 -82.40
N THR V 88 -104.30 30.97 -82.59
CA THR V 88 -104.37 31.88 -83.73
C THR V 88 -104.48 31.17 -85.09
N ALA V 89 -103.77 30.05 -85.28
CA ALA V 89 -103.82 29.36 -86.58
C ALA V 89 -104.72 28.11 -86.66
N SER V 90 -104.51 27.17 -85.75
CA SER V 90 -105.29 25.94 -85.69
C SER V 90 -106.61 26.14 -84.91
N ALA V 91 -107.42 25.10 -84.80
CA ALA V 91 -108.69 25.21 -84.09
C ALA V 91 -108.67 24.66 -82.65
N ASP V 92 -107.48 24.44 -82.10
CA ASP V 92 -107.36 23.93 -80.74
C ASP V 92 -107.90 24.96 -79.74
N VAL V 93 -108.50 24.50 -78.65
CA VAL V 93 -109.05 25.41 -77.65
C VAL V 93 -108.48 25.12 -76.26
N VAL V 94 -108.41 26.14 -75.41
CA VAL V 94 -107.89 25.97 -74.05
C VAL V 94 -108.90 26.55 -73.05
N ALA V 95 -109.67 25.70 -72.38
CA ALA V 95 -110.67 26.15 -71.43
C ALA V 95 -110.04 26.84 -70.21
N TYR V 96 -110.61 27.97 -69.77
CA TYR V 96 -110.13 28.70 -68.61
C TYR V 96 -111.31 29.31 -67.86
N ASN V 97 -111.05 30.07 -66.79
CA ASN V 97 -112.08 30.73 -66.01
C ASN V 97 -111.45 31.89 -65.24
N VAL V 98 -112.27 32.88 -64.90
CA VAL V 98 -111.77 34.02 -64.15
C VAL V 98 -112.44 34.02 -62.78
N TYR V 99 -111.66 34.12 -61.70
CA TYR V 99 -112.23 34.16 -60.36
C TYR V 99 -112.00 35.54 -59.76
N ARG V 100 -112.70 35.84 -58.68
CA ARG V 100 -112.59 37.14 -58.03
C ARG V 100 -111.66 37.15 -56.82
N ASP V 101 -111.62 36.05 -56.07
CA ASP V 101 -110.77 35.98 -54.90
C ASP V 101 -109.46 35.26 -55.19
N ALA V 102 -108.45 35.53 -54.36
CA ALA V 102 -107.10 34.96 -54.50
C ALA V 102 -107.00 33.42 -54.45
N ALA V 103 -107.98 32.74 -53.83
CA ALA V 103 -107.98 31.30 -53.75
C ALA V 103 -108.79 30.59 -54.86
N ARG V 104 -109.07 31.25 -55.98
CA ARG V 104 -109.79 30.64 -57.10
C ARG V 104 -111.13 30.00 -56.73
N THR V 105 -111.82 30.56 -55.74
CA THR V 105 -113.12 30.04 -55.29
C THR V 105 -114.35 30.79 -55.78
N ASN V 106 -114.38 32.12 -55.60
CA ASN V 106 -115.49 32.95 -56.00
C ASN V 106 -115.38 33.23 -57.48
N LEU V 107 -116.06 32.44 -58.28
CA LEU V 107 -116.02 32.54 -59.73
C LEU V 107 -116.84 33.70 -60.30
N TYR V 108 -116.30 34.38 -61.32
CA TYR V 108 -117.06 35.44 -61.96
C TYR V 108 -117.96 34.71 -62.91
N VAL V 109 -119.15 34.33 -62.45
CA VAL V 109 -120.09 33.59 -63.30
C VAL V 109 -120.43 34.37 -64.57
N VAL V 110 -120.56 33.66 -65.70
CA VAL V 110 -120.87 34.28 -66.98
C VAL V 110 -122.07 35.24 -66.91
N ASN V 111 -121.92 36.47 -67.43
CA ASN V 111 -122.98 37.46 -67.42
C ASN V 111 -123.66 37.64 -66.06
N GLN V 112 -122.86 37.77 -65.01
CA GLN V 112 -123.41 37.98 -63.67
C GLN V 112 -122.75 39.16 -62.98
N PRO V 113 -123.56 39.99 -62.29
CA PRO V 113 -123.03 41.17 -61.62
C PRO V 113 -122.37 40.90 -60.27
N GLN V 114 -121.12 40.47 -60.24
CA GLN V 114 -120.50 40.24 -58.96
C GLN V 114 -120.40 41.61 -58.24
N GLN V 115 -121.12 41.78 -57.11
CA GLN V 115 -121.16 43.05 -56.33
C GLN V 115 -119.77 43.57 -55.87
N PHE V 116 -119.71 44.89 -55.66
CA PHE V 116 -118.49 45.57 -55.19
C PHE V 116 -118.81 46.87 -54.45
N THR V 117 -117.95 47.26 -53.51
CA THR V 117 -118.14 48.49 -52.76
C THR V 117 -117.06 49.52 -53.12
N THR V 118 -117.36 50.79 -52.90
CA THR V 118 -116.40 51.85 -53.21
C THR V 118 -116.69 53.08 -52.34
N VAL V 119 -115.68 53.62 -51.66
CA VAL V 119 -115.89 54.80 -50.82
C VAL V 119 -115.28 56.03 -51.48
N SER V 120 -115.66 57.21 -50.99
CA SER V 120 -115.16 58.48 -51.51
C SER V 120 -113.67 58.65 -51.26
N GLY V 121 -112.97 59.34 -52.17
CA GLY V 121 -111.54 59.57 -52.04
C GLY V 121 -110.72 58.30 -51.95
N GLN V 122 -111.12 57.27 -52.70
CA GLN V 122 -110.41 56.00 -52.72
C GLN V 122 -110.72 55.26 -54.01
N ALA V 123 -109.78 54.44 -54.47
CA ALA V 123 -109.97 53.66 -55.68
C ALA V 123 -110.00 52.19 -55.27
N THR V 124 -111.02 51.44 -55.65
CA THR V 124 -111.10 50.03 -55.31
C THR V 124 -110.55 49.20 -56.47
N ALA V 125 -109.79 48.15 -56.18
CA ALA V 125 -109.22 47.32 -57.23
C ALA V 125 -110.18 46.20 -57.65
N VAL V 126 -110.16 45.84 -58.93
CA VAL V 126 -111.02 44.77 -59.43
C VAL V 126 -110.12 43.57 -59.72
N PRO V 127 -110.06 42.62 -58.77
CA PRO V 127 -109.19 41.48 -59.00
C PRO V 127 -109.84 40.50 -59.98
N ILE V 128 -109.23 40.31 -61.14
CA ILE V 128 -109.74 39.35 -62.09
C ILE V 128 -108.64 38.30 -62.09
N PHE V 129 -108.83 37.25 -61.30
CA PHE V 129 -107.82 36.21 -61.18
C PHE V 129 -108.10 35.10 -62.19
N GLY V 130 -107.17 34.86 -63.11
CA GLY V 130 -107.37 33.80 -64.08
C GLY V 130 -106.88 32.48 -63.50
N ALA V 131 -107.39 31.40 -64.07
CA ALA V 131 -107.03 30.05 -63.67
C ALA V 131 -107.32 29.06 -64.79
N ILE V 132 -106.38 28.17 -65.08
CA ILE V 132 -106.54 27.16 -66.09
C ILE V 132 -106.33 25.76 -65.48
N ALA V 133 -107.22 24.82 -65.81
CA ALA V 133 -107.15 23.47 -65.28
C ALA V 133 -105.92 22.71 -65.78
N PRO V 134 -105.45 21.73 -64.99
CA PRO V 134 -104.28 20.96 -65.41
C PRO V 134 -104.63 20.05 -66.59
N ASN V 135 -103.99 20.25 -67.74
CA ASN V 135 -104.22 19.43 -68.90
C ASN V 135 -103.17 18.33 -68.89
N THR V 136 -103.55 17.11 -68.50
CA THR V 136 -102.63 16.00 -68.47
C THR V 136 -103.14 14.89 -69.37
N GLY V 137 -103.84 15.29 -70.44
CA GLY V 137 -104.40 14.34 -71.39
C GLY V 137 -103.79 14.46 -72.77
N THR V 138 -104.25 15.45 -73.54
CA THR V 138 -103.74 15.65 -74.89
C THR V 138 -102.91 16.93 -75.00
N PRO V 139 -101.76 16.87 -75.68
CA PRO V 139 -100.93 18.07 -75.82
C PRO V 139 -101.47 19.02 -76.91
N LYS V 140 -101.92 20.21 -76.52
CA LYS V 140 -102.45 21.17 -77.49
C LYS V 140 -101.35 21.63 -78.44
N ALA V 141 -101.69 21.93 -79.69
CA ALA V 141 -100.69 22.37 -80.67
C ALA V 141 -99.91 23.63 -80.28
N GLN V 142 -98.68 23.74 -80.79
CA GLN V 142 -97.82 24.88 -80.50
C GLN V 142 -98.36 26.17 -81.10
N GLY V 143 -98.01 27.30 -80.50
CA GLY V 143 -98.47 28.59 -80.98
C GLY V 143 -98.99 29.48 -79.86
N ASP V 144 -99.75 30.50 -80.23
CA ASP V 144 -100.30 31.44 -79.26
C ASP V 144 -101.82 31.27 -79.12
N TYR V 145 -102.33 31.12 -77.90
CA TYR V 145 -103.76 30.99 -77.69
C TYR V 145 -104.27 32.32 -77.16
N LYS V 146 -105.42 32.81 -77.67
CA LYS V 146 -105.96 34.09 -77.24
C LYS V 146 -107.47 34.07 -76.99
N ASP V 147 -107.94 35.11 -76.33
CA ASP V 147 -109.35 35.34 -76.06
C ASP V 147 -109.48 36.79 -75.62
N THR V 148 -110.67 37.36 -75.81
CA THR V 148 -110.91 38.73 -75.42
C THR V 148 -112.14 38.76 -74.53
N LEU V 149 -111.96 38.76 -73.21
CA LEU V 149 -113.10 38.79 -72.34
C LEU V 149 -113.57 40.23 -72.26
N LEU V 150 -114.88 40.45 -72.30
CA LEU V 150 -115.40 41.81 -72.20
C LEU V 150 -115.82 41.97 -70.75
N VAL V 151 -115.15 42.86 -69.99
CA VAL V 151 -115.53 43.09 -68.60
C VAL V 151 -116.52 44.24 -68.66
N THR V 152 -117.63 44.10 -67.93
CA THR V 152 -118.74 45.04 -67.92
C THR V 152 -118.98 45.67 -66.56
N VAL V 153 -118.36 46.82 -66.30
CA VAL V 153 -118.58 47.52 -65.03
C VAL V 153 -119.91 48.25 -65.18
N ASN V 154 -120.95 47.82 -64.48
CA ASN V 154 -122.24 48.44 -64.64
C ASN V 154 -122.83 48.80 -63.30
N PHE V 155 -123.81 49.70 -63.34
CA PHE V 155 -124.39 50.23 -62.13
C PHE V 155 -125.87 49.89 -62.05
N ALA W 1 -122.63 52.35 -67.38
CA ALA W 1 -122.25 51.13 -68.06
C ALA W 1 -120.90 51.29 -68.77
N VAL W 2 -119.82 50.89 -68.10
CA VAL W 2 -118.49 50.98 -68.69
C VAL W 2 -118.01 49.57 -69.06
N THR W 3 -118.24 49.18 -70.31
CA THR W 3 -117.82 47.88 -70.82
C THR W 3 -116.39 47.99 -71.40
N GLY W 4 -115.54 47.04 -71.01
CA GLY W 4 -114.17 47.03 -71.45
C GLY W 4 -113.58 45.67 -71.84
N GLN W 5 -112.43 45.64 -72.51
CA GLN W 5 -111.85 44.38 -72.94
C GLN W 5 -110.62 43.90 -72.13
N VAL W 6 -110.47 42.58 -71.97
CA VAL W 6 -109.37 42.00 -71.23
C VAL W 6 -108.79 40.91 -72.13
N ASP W 7 -107.62 41.15 -72.74
CA ASP W 7 -107.06 40.17 -73.62
C ASP W 7 -106.46 39.02 -72.81
N VAL W 8 -106.87 37.79 -73.11
CA VAL W 8 -106.35 36.61 -72.43
C VAL W 8 -105.33 35.94 -73.34
N LYS W 9 -104.21 35.49 -72.78
CA LYS W 9 -103.19 34.88 -73.61
C LYS W 9 -102.49 33.69 -72.94
N LEU W 10 -101.94 32.81 -73.76
CA LEU W 10 -101.22 31.63 -73.31
C LEU W 10 -100.34 31.17 -74.47
N ASN W 11 -99.04 31.01 -74.24
CA ASN W 11 -98.13 30.61 -75.30
C ASN W 11 -97.72 29.17 -75.08
N ILE W 12 -98.45 28.25 -75.71
CA ILE W 12 -98.13 26.84 -75.59
C ILE W 12 -96.98 26.56 -76.55
N SER W 13 -95.78 26.31 -76.02
CA SER W 13 -94.60 26.01 -76.86
C SER W 13 -93.54 25.13 -76.14
N THR W 14 -92.93 25.66 -75.08
CA THR W 14 -91.89 24.98 -74.31
C THR W 14 -91.78 25.68 -72.95
N GLY W 15 -92.49 25.16 -71.94
CA GLY W 15 -92.49 25.75 -70.62
C GLY W 15 -91.83 24.98 -69.48
N CYS W 16 -91.91 25.59 -68.30
CA CYS W 16 -91.33 25.08 -67.06
C CYS W 16 -92.44 24.73 -66.06
N THR W 17 -92.27 23.65 -65.30
CA THR W 17 -93.30 23.21 -64.34
C THR W 17 -92.80 23.11 -62.89
N VAL W 18 -93.69 23.35 -61.93
CA VAL W 18 -93.30 23.29 -60.53
C VAL W 18 -93.79 22.00 -59.85
N GLY W 19 -92.89 21.19 -59.30
CA GLY W 19 -93.28 19.96 -58.64
C GLY W 19 -93.35 20.17 -57.14
N GLY W 20 -93.99 19.25 -56.43
CA GLY W 20 -94.14 19.35 -54.98
C GLY W 20 -95.44 20.01 -54.55
N SER W 21 -96.27 20.38 -55.52
CA SER W 21 -97.53 21.03 -55.21
C SER W 21 -98.71 20.07 -55.40
N GLN W 22 -99.80 20.38 -54.72
CA GLN W 22 -101.02 19.60 -54.78
C GLN W 22 -102.10 20.60 -55.19
N THR W 23 -103.01 20.21 -56.06
CA THR W 23 -104.04 21.13 -56.49
C THR W 23 -105.16 21.24 -55.44
N GLU W 24 -105.17 22.32 -54.67
CA GLU W 24 -106.23 22.52 -53.70
C GLU W 24 -107.38 23.15 -54.48
N GLY W 25 -108.35 22.36 -54.92
CA GLY W 25 -109.43 22.91 -55.70
C GLY W 25 -108.81 23.46 -56.99
N ASN W 26 -108.91 24.76 -57.23
CA ASN W 26 -108.33 25.35 -58.45
C ASN W 26 -107.13 26.24 -58.14
N MET W 27 -106.49 26.01 -56.99
CA MET W 27 -105.32 26.80 -56.60
C MET W 27 -104.19 25.87 -56.15
N ASN W 28 -103.00 26.00 -56.74
CA ASN W 28 -101.88 25.13 -56.40
C ASN W 28 -101.39 25.26 -54.94
N LYS W 29 -101.56 24.21 -54.13
CA LYS W 29 -101.08 24.23 -52.75
C LYS W 29 -99.59 23.86 -52.79
N PHE W 30 -98.71 24.84 -52.60
CA PHE W 30 -97.28 24.58 -52.67
C PHE W 30 -96.70 23.94 -51.41
N GLY W 31 -97.10 24.40 -50.23
CA GLY W 31 -96.54 23.79 -49.04
C GLY W 31 -96.94 24.45 -47.74
N THR W 32 -96.16 24.17 -46.69
CA THR W 32 -96.44 24.71 -45.37
C THR W 32 -95.15 25.21 -44.70
N LEU W 33 -95.24 26.35 -44.04
CA LEU W 33 -94.10 26.92 -43.33
C LEU W 33 -94.49 26.75 -41.86
N ASN W 34 -94.15 25.61 -41.29
CA ASN W 34 -94.57 25.28 -39.93
C ASN W 34 -93.51 25.63 -38.89
N PHE W 35 -93.68 26.74 -38.17
CA PHE W 35 -92.71 27.12 -37.15
C PHE W 35 -92.80 26.25 -35.90
N GLY W 36 -93.93 25.57 -35.72
CA GLY W 36 -94.14 24.69 -34.61
C GLY W 36 -94.83 25.38 -33.46
N LYS W 37 -94.71 24.79 -32.28
CA LYS W 37 -95.31 25.35 -31.06
C LYS W 37 -94.36 26.35 -30.41
N THR W 38 -94.91 27.30 -29.66
CA THR W 38 -94.10 28.30 -28.98
C THR W 38 -94.84 28.95 -27.83
N SER W 39 -94.10 29.56 -26.91
CA SER W 39 -94.70 30.23 -25.76
C SER W 39 -94.96 31.67 -26.09
N GLY W 40 -95.65 32.40 -25.18
CA GLY W 40 -96.00 33.79 -25.40
C GLY W 40 -94.81 34.65 -25.79
N THR W 41 -93.71 34.50 -25.06
CA THR W 41 -92.50 35.27 -25.33
C THR W 41 -91.31 34.35 -25.63
N TRP W 42 -90.85 34.31 -26.89
CA TRP W 42 -89.73 33.46 -27.25
C TRP W 42 -88.46 34.30 -27.43
N ASN W 43 -87.33 33.85 -26.88
CA ASN W 43 -86.07 34.60 -26.99
C ASN W 43 -85.26 34.18 -28.22
N ASN W 44 -85.46 32.93 -28.66
CA ASN W 44 -84.76 32.43 -29.83
C ASN W 44 -85.57 32.72 -31.10
N VAL W 45 -84.87 33.03 -32.20
CA VAL W 45 -85.50 33.30 -33.48
C VAL W 45 -86.22 32.02 -33.92
N LEU W 46 -87.55 32.05 -34.08
CA LEU W 46 -88.23 30.78 -34.47
C LEU W 46 -87.97 30.58 -35.95
N THR W 47 -87.54 29.38 -36.35
CA THR W 47 -87.13 29.16 -37.71
C THR W 47 -87.52 27.80 -38.29
N ALA W 48 -88.23 27.76 -39.43
CA ALA W 48 -88.62 26.49 -40.05
C ALA W 48 -88.60 26.65 -41.56
N GLU W 49 -88.49 25.52 -42.25
CA GLU W 49 -88.42 25.49 -43.70
C GLU W 49 -89.76 25.06 -44.29
N VAL W 50 -90.02 25.47 -45.54
CA VAL W 50 -91.24 25.08 -46.20
C VAL W 50 -91.26 23.56 -46.44
N ALA W 51 -92.42 22.94 -46.25
CA ALA W 51 -92.57 21.51 -46.49
C ALA W 51 -93.60 21.36 -47.61
N SER W 52 -93.18 20.91 -48.79
CA SER W 52 -94.10 20.75 -49.92
C SER W 52 -95.32 19.91 -49.55
N ALA W 53 -96.51 20.30 -50.01
CA ALA W 53 -97.72 19.54 -49.68
C ALA W 53 -97.81 18.16 -50.36
N ALA W 54 -97.11 18.00 -51.47
CA ALA W 54 -97.13 16.74 -52.21
C ALA W 54 -96.18 15.67 -51.66
N THR W 55 -94.94 16.04 -51.41
CA THR W 55 -93.97 15.07 -50.91
C THR W 55 -93.57 15.22 -49.44
N GLY W 56 -93.49 16.45 -48.96
CA GLY W 56 -93.08 16.69 -47.58
C GLY W 56 -91.73 17.37 -47.55
N GLY W 57 -90.96 17.26 -48.63
CA GLY W 57 -89.66 17.88 -48.73
C GLY W 57 -89.75 19.27 -49.34
N ASN W 58 -88.68 19.71 -50.00
CA ASN W 58 -88.68 21.05 -50.60
C ASN W 58 -89.35 21.06 -51.97
N ILE W 59 -89.93 22.20 -52.35
CA ILE W 59 -90.58 22.34 -53.64
C ILE W 59 -89.53 22.06 -54.71
N SER W 60 -89.80 21.14 -55.63
CA SER W 60 -88.82 20.80 -56.65
C SER W 60 -89.27 21.28 -58.03
N VAL W 61 -88.73 22.41 -58.49
CA VAL W 61 -89.14 22.92 -59.79
C VAL W 61 -88.26 22.31 -60.87
N THR W 62 -88.86 21.77 -61.92
CA THR W 62 -88.10 21.20 -63.02
C THR W 62 -88.58 21.89 -64.30
N CYS W 63 -87.71 22.06 -65.28
CA CYS W 63 -88.14 22.67 -66.52
C CYS W 63 -88.25 21.58 -67.58
N ASP W 64 -89.05 21.84 -68.61
CA ASP W 64 -89.24 20.87 -69.68
C ASP W 64 -88.50 21.27 -70.95
N GLY W 65 -87.26 20.79 -71.10
CA GLY W 65 -86.47 21.10 -72.28
C GLY W 65 -85.04 20.61 -72.15
N THR W 66 -84.20 21.04 -73.10
CA THR W 66 -82.78 20.67 -73.11
C THR W 66 -81.82 21.80 -72.73
N ASP W 67 -82.16 23.06 -72.96
CA ASP W 67 -81.21 24.10 -72.57
C ASP W 67 -81.53 24.60 -71.16
N PRO W 68 -80.49 24.96 -70.38
CA PRO W 68 -80.78 25.42 -69.02
C PRO W 68 -81.63 26.69 -69.00
N VAL W 69 -82.86 26.63 -68.48
CA VAL W 69 -83.71 27.81 -68.44
C VAL W 69 -83.53 28.61 -67.15
N ASP W 70 -83.63 29.94 -67.24
CA ASP W 70 -83.50 30.79 -66.07
C ASP W 70 -84.90 31.21 -65.66
N PHE W 71 -85.43 30.63 -64.58
CA PHE W 71 -86.78 30.97 -64.13
C PHE W 71 -86.69 31.77 -62.84
N THR W 72 -87.73 32.56 -62.58
CA THR W 72 -87.71 33.38 -61.38
C THR W 72 -88.74 32.92 -60.33
N VAL W 73 -88.49 33.33 -59.09
CA VAL W 73 -89.37 33.00 -57.99
C VAL W 73 -89.76 34.28 -57.23
N ALA W 74 -91.06 34.53 -57.04
CA ALA W 74 -91.50 35.71 -56.32
C ALA W 74 -92.53 35.32 -55.28
N ILE W 75 -92.40 35.83 -54.06
CA ILE W 75 -93.34 35.54 -53.00
C ILE W 75 -93.97 36.88 -52.65
N ASP W 76 -95.26 36.86 -52.32
CA ASP W 76 -95.97 38.09 -51.99
C ASP W 76 -95.90 38.35 -50.47
N GLY W 77 -96.60 39.40 -49.98
CA GLY W 77 -96.62 39.77 -48.58
C GLY W 77 -97.62 39.10 -47.63
N GLY W 78 -98.28 38.03 -48.07
CA GLY W 78 -99.26 37.36 -47.23
C GLY W 78 -100.64 37.97 -47.33
N GLU W 79 -101.59 37.44 -46.56
CA GLU W 79 -102.95 37.91 -46.57
C GLU W 79 -103.09 39.40 -46.33
N ARG W 80 -102.36 39.95 -45.38
CA ARG W 80 -102.50 41.38 -45.09
C ARG W 80 -101.46 42.29 -45.76
N THR W 81 -100.60 41.69 -46.59
CA THR W 81 -99.51 42.34 -47.34
C THR W 81 -98.30 42.87 -46.53
N ASP W 82 -98.19 42.49 -45.26
CA ASP W 82 -97.05 42.91 -44.43
C ASP W 82 -96.40 41.72 -43.69
N ARG W 83 -96.57 40.52 -44.22
CA ARG W 83 -96.00 39.29 -43.67
C ARG W 83 -96.24 39.11 -42.17
N THR W 84 -97.52 39.13 -41.78
CA THR W 84 -97.89 38.94 -40.38
C THR W 84 -98.84 37.75 -40.25
N LEU W 85 -98.59 36.86 -39.31
CA LEU W 85 -99.52 35.77 -39.13
C LEU W 85 -100.62 36.30 -38.22
N LYS W 86 -101.86 35.93 -38.44
CA LYS W 86 -102.95 36.44 -37.62
C LYS W 86 -103.57 35.33 -36.76
N ASN W 87 -103.96 35.64 -35.53
CA ASN W 87 -104.56 34.64 -34.71
C ASN W 87 -105.92 34.33 -35.31
N THR W 88 -106.30 33.06 -35.37
CA THR W 88 -107.61 32.69 -35.88
C THR W 88 -108.77 33.40 -35.19
N ALA W 89 -108.71 33.61 -33.88
CA ALA W 89 -109.82 34.26 -33.17
C ALA W 89 -109.63 35.75 -32.83
N SER W 90 -108.54 36.08 -32.16
CA SER W 90 -108.20 37.45 -31.77
C SER W 90 -107.52 38.20 -32.91
N ALA W 91 -107.19 39.48 -32.70
CA ALA W 91 -106.55 40.28 -33.74
C ALA W 91 -105.02 40.42 -33.58
N ASP W 92 -104.42 39.58 -32.74
CA ASP W 92 -102.97 39.64 -32.53
C ASP W 92 -102.24 39.26 -33.82
N VAL W 93 -101.07 39.86 -34.06
CA VAL W 93 -100.31 39.56 -35.27
C VAL W 93 -98.89 39.12 -34.93
N VAL W 94 -98.28 38.30 -35.79
CA VAL W 94 -96.91 37.84 -35.56
C VAL W 94 -96.09 38.10 -36.82
N ALA W 95 -95.26 39.13 -36.82
CA ALA W 95 -94.45 39.47 -37.98
C ALA W 95 -93.40 38.40 -38.30
N TYR W 96 -93.24 38.05 -39.58
CA TYR W 96 -92.26 37.06 -40.01
C TYR W 96 -91.67 37.47 -41.36
N ASN W 97 -90.80 36.64 -41.93
CA ASN W 97 -90.20 36.89 -43.24
C ASN W 97 -89.70 35.58 -43.82
N VAL W 98 -89.59 35.51 -45.13
CA VAL W 98 -89.11 34.31 -45.79
C VAL W 98 -87.79 34.62 -46.48
N TYR W 99 -86.74 33.83 -46.23
CA TYR W 99 -85.46 34.06 -46.87
C TYR W 99 -85.17 32.93 -47.83
N ARG W 100 -84.20 33.12 -48.70
CA ARG W 100 -83.85 32.12 -49.70
C ARG W 100 -82.67 31.24 -49.32
N ASP W 101 -81.69 31.81 -48.63
CA ASP W 101 -80.51 31.06 -48.23
C ASP W 101 -80.63 30.56 -46.80
N ALA W 102 -79.85 29.52 -46.47
CA ALA W 102 -79.84 28.89 -45.15
C ALA W 102 -79.44 29.78 -43.96
N ALA W 103 -78.71 30.86 -44.22
CA ALA W 103 -78.31 31.79 -43.17
C ALA W 103 -79.24 33.00 -42.97
N ARG W 104 -80.49 32.95 -43.44
CA ARG W 104 -81.47 34.03 -43.26
C ARG W 104 -80.98 35.41 -43.73
N THR W 105 -80.15 35.44 -44.78
CA THR W 105 -79.61 36.70 -45.32
C THR W 105 -80.28 37.21 -46.60
N ASN W 106 -80.40 36.35 -47.61
CA ASN W 106 -80.99 36.72 -48.89
C ASN W 106 -82.49 36.64 -48.77
N LEU W 107 -83.11 37.79 -48.47
CA LEU W 107 -84.55 37.88 -48.27
C LEU W 107 -85.37 37.83 -49.56
N TYR W 108 -86.51 37.12 -49.52
CA TYR W 108 -87.38 37.11 -50.68
C TYR W 108 -88.16 38.38 -50.55
N VAL W 109 -87.65 39.47 -51.13
CA VAL W 109 -88.32 40.76 -51.05
C VAL W 109 -89.75 40.69 -51.63
N VAL W 110 -90.69 41.40 -51.00
CA VAL W 110 -92.09 41.40 -51.42
C VAL W 110 -92.24 41.69 -52.93
N ASN W 111 -93.02 40.86 -53.63
CA ASN W 111 -93.25 41.03 -55.06
C ASN W 111 -91.98 41.24 -55.87
N GLN W 112 -90.96 40.41 -55.63
CA GLN W 112 -89.72 40.52 -56.38
C GLN W 112 -89.29 39.17 -56.95
N PRO W 113 -88.82 39.17 -58.22
CA PRO W 113 -88.41 37.91 -58.86
C PRO W 113 -87.03 37.40 -58.47
N GLN W 114 -86.88 36.73 -57.34
CA GLN W 114 -85.57 36.23 -56.99
C GLN W 114 -85.18 35.20 -58.07
N GLN W 115 -84.12 35.48 -58.86
CA GLN W 115 -83.65 34.60 -59.96
C GLN W 115 -83.29 33.15 -59.52
N PHE W 116 -83.37 32.23 -60.49
CA PHE W 116 -83.05 30.81 -60.27
C PHE W 116 -82.63 30.12 -61.57
N THR W 117 -81.79 29.09 -61.46
CA THR W 117 -81.32 28.35 -62.63
C THR W 117 -81.89 26.93 -62.61
N THR W 118 -81.96 26.30 -63.78
CA THR W 118 -82.47 24.95 -63.88
C THR W 118 -81.91 24.26 -65.13
N VAL W 119 -81.35 23.06 -65.00
CA VAL W 119 -80.81 22.35 -66.15
C VAL W 119 -81.71 21.19 -66.54
N SER W 120 -81.49 20.65 -67.74
CA SER W 120 -82.28 19.55 -68.26
C SER W 120 -82.04 18.27 -67.44
N GLY W 121 -83.07 17.43 -67.34
CA GLY W 121 -82.98 16.18 -66.60
C GLY W 121 -82.60 16.35 -65.14
N GLN W 122 -83.11 17.41 -64.52
CA GLN W 122 -82.83 17.69 -63.12
C GLN W 122 -83.93 18.56 -62.53
N ALA W 123 -84.18 18.44 -61.23
CA ALA W 123 -85.19 19.25 -60.58
C ALA W 123 -84.46 20.15 -59.58
N THR W 124 -84.69 21.47 -59.63
CA THR W 124 -84.03 22.38 -58.70
C THR W 124 -84.98 22.64 -57.53
N ALA W 125 -84.45 22.71 -56.31
CA ALA W 125 -85.29 22.94 -55.14
C ALA W 125 -85.46 24.44 -54.88
N VAL W 126 -86.62 24.83 -54.36
CA VAL W 126 -86.88 26.23 -54.05
C VAL W 126 -86.89 26.36 -52.53
N PRO W 127 -85.75 26.79 -51.96
CA PRO W 127 -85.71 26.89 -50.51
C PRO W 127 -86.46 28.14 -50.04
N ILE W 128 -87.54 27.96 -49.30
CA ILE W 128 -88.26 29.08 -48.75
C ILE W 128 -88.01 28.93 -47.25
N PHE W 129 -87.00 29.63 -46.75
CA PHE W 129 -86.64 29.52 -45.35
C PHE W 129 -87.38 30.58 -44.53
N GLY W 130 -88.21 30.15 -43.59
CA GLY W 130 -88.92 31.11 -42.77
C GLY W 130 -88.07 31.51 -41.58
N ALA W 131 -88.39 32.66 -41.01
CA ALA W 131 -87.68 33.19 -39.86
C ALA W 131 -88.57 34.20 -39.12
N ILE W 132 -88.63 34.09 -37.79
CA ILE W 132 -89.40 35.00 -36.98
C ILE W 132 -88.49 35.65 -35.91
N ALA W 133 -88.62 36.97 -35.75
CA ALA W 133 -87.79 37.71 -34.80
C ALA W 133 -88.10 37.33 -33.36
N PRO W 134 -87.10 37.50 -32.47
CA PRO W 134 -87.33 37.15 -31.07
C PRO W 134 -88.27 38.16 -30.41
N ASN W 135 -89.43 37.70 -29.93
CA ASN W 135 -90.38 38.56 -29.26
C ASN W 135 -90.11 38.46 -27.78
N THR W 136 -89.47 39.48 -27.21
CA THR W 136 -89.18 39.49 -25.79
C THR W 136 -89.82 40.71 -25.15
N GLY W 137 -90.96 41.12 -25.70
CA GLY W 137 -91.68 42.27 -25.20
C GLY W 137 -93.05 41.92 -24.65
N THR W 138 -94.02 41.73 -25.54
CA THR W 138 -95.38 41.42 -25.12
C THR W 138 -95.75 39.98 -25.50
N PRO W 139 -96.39 39.24 -24.57
CA PRO W 139 -96.78 37.86 -24.89
C PRO W 139 -98.06 37.80 -25.74
N LYS W 140 -97.96 37.34 -26.99
CA LYS W 140 -99.12 37.25 -27.86
C LYS W 140 -100.13 36.24 -27.32
N ALA W 141 -101.42 36.48 -27.53
CA ALA W 141 -102.46 35.58 -27.03
C ALA W 141 -102.35 34.12 -27.51
N GLN W 142 -102.84 33.19 -26.70
CA GLN W 142 -102.79 31.77 -27.03
C GLN W 142 -103.68 31.44 -28.23
N GLY W 143 -103.34 30.37 -28.94
CA GLY W 143 -104.10 29.96 -30.11
C GLY W 143 -103.22 29.63 -31.30
N ASP W 144 -103.82 29.60 -32.49
CA ASP W 144 -103.08 29.29 -33.71
C ASP W 144 -102.95 30.53 -34.60
N TYR W 145 -101.73 30.84 -35.04
CA TYR W 145 -101.51 31.99 -35.91
C TYR W 145 -101.30 31.45 -37.32
N LYS W 146 -101.92 32.08 -38.33
CA LYS W 146 -101.80 31.61 -39.70
C LYS W 146 -101.58 32.74 -40.72
N ASP W 147 -101.17 32.33 -41.92
CA ASP W 147 -100.97 33.21 -43.06
C ASP W 147 -100.88 32.33 -44.28
N THR W 148 -101.20 32.89 -45.44
CA THR W 148 -101.14 32.15 -46.68
C THR W 148 -100.29 32.94 -47.67
N LEU W 149 -99.00 32.63 -47.77
CA LEU W 149 -98.17 33.36 -48.70
C LEU W 149 -98.42 32.77 -50.09
N LEU W 150 -98.54 33.62 -51.10
CA LEU W 150 -98.74 33.14 -52.45
C LEU W 150 -97.37 33.16 -53.11
N VAL W 151 -96.82 31.99 -53.46
CA VAL W 151 -95.53 31.94 -54.12
C VAL W 151 -95.86 31.96 -55.61
N THR W 152 -95.13 32.79 -56.36
CA THR W 152 -95.34 33.03 -57.77
C THR W 152 -94.16 32.63 -58.64
N VAL W 153 -94.16 31.39 -59.13
CA VAL W 153 -93.08 30.95 -60.00
C VAL W 153 -93.41 31.51 -61.39
N ASN W 154 -92.64 32.48 -61.88
CA ASN W 154 -92.96 33.07 -63.17
C ASN W 154 -91.75 33.10 -64.04
N PHE W 155 -91.99 33.28 -65.33
CA PHE W 155 -90.94 33.21 -66.32
C PHE W 155 -90.81 34.55 -67.05
N ALA X 1 -96.51 31.23 -65.80
CA ALA X 1 -96.90 31.82 -64.52
C ALA X 1 -97.60 30.78 -63.63
N VAL X 2 -96.84 30.13 -62.75
CA VAL X 2 -97.41 29.15 -61.85
C VAL X 2 -97.45 29.74 -60.43
N THR X 3 -98.59 30.33 -60.07
CA THR X 3 -98.78 30.91 -58.75
C THR X 3 -99.35 29.84 -57.79
N GLY X 4 -98.75 29.74 -56.61
CA GLY X 4 -99.16 28.77 -55.62
C GLY X 4 -99.23 29.25 -54.18
N GLN X 5 -99.86 28.48 -53.28
CA GLN X 5 -99.99 28.91 -51.88
C GLN X 5 -99.08 28.18 -50.88
N VAL X 6 -98.62 28.90 -49.85
CA VAL X 6 -97.76 28.33 -48.83
C VAL X 6 -98.38 28.71 -47.48
N ASP X 7 -99.00 27.75 -46.79
CA ASP X 7 -99.65 28.08 -45.54
C ASP X 7 -98.58 28.24 -44.45
N VAL X 8 -98.61 29.38 -43.76
CA VAL X 8 -97.67 29.65 -42.68
C VAL X 8 -98.40 29.42 -41.35
N LYS X 9 -97.74 28.79 -40.40
CA LYS X 9 -98.39 28.51 -39.12
C LYS X 9 -97.47 28.66 -37.92
N LEU X 10 -98.05 28.92 -36.76
CA LEU X 10 -97.34 29.07 -35.50
C LEU X 10 -98.36 28.84 -34.39
N ASN X 11 -98.08 27.94 -33.45
CA ASN X 11 -99.01 27.65 -32.38
C ASN X 11 -98.47 28.24 -31.09
N ILE X 12 -98.89 29.46 -30.77
CA ILE X 12 -98.45 30.10 -29.56
C ILE X 12 -99.31 29.54 -28.42
N SER X 13 -98.73 28.72 -27.54
CA SER X 13 -99.45 28.13 -26.40
C SER X 13 -98.55 27.79 -25.20
N THR X 14 -97.62 26.85 -25.38
CA THR X 14 -96.70 26.40 -24.34
C THR X 14 -95.53 25.69 -25.01
N GLY X 15 -94.43 26.41 -25.28
CA GLY X 15 -93.27 25.86 -25.95
C GLY X 15 -91.99 25.70 -25.16
N CYS X 16 -90.97 25.21 -25.87
CA CYS X 16 -89.64 24.95 -25.33
C CYS X 16 -88.61 25.87 -25.98
N THR X 17 -87.62 26.34 -25.21
CA THR X 17 -86.60 27.27 -25.73
C THR X 17 -85.17 26.75 -25.59
N VAL X 18 -84.29 27.15 -26.51
CA VAL X 18 -82.90 26.71 -26.47
C VAL X 18 -81.96 27.82 -25.96
N GLY X 19 -81.24 27.58 -24.87
CA GLY X 19 -80.33 28.57 -24.34
C GLY X 19 -78.91 28.29 -24.82
N GLY X 20 -78.02 29.27 -24.67
CA GLY X 20 -76.64 29.12 -25.11
C GLY X 20 -76.38 29.63 -26.52
N SER X 21 -77.43 30.14 -27.17
CA SER X 21 -77.30 30.65 -28.52
C SER X 21 -77.27 32.18 -28.54
N GLN X 22 -76.70 32.71 -29.62
CA GLN X 22 -76.61 34.15 -29.83
C GLN X 22 -77.24 34.37 -31.19
N THR X 23 -78.01 35.44 -31.34
CA THR X 23 -78.67 35.68 -32.61
C THR X 23 -77.69 36.31 -33.62
N GLU X 24 -77.17 35.53 -34.56
CA GLU X 24 -76.28 36.08 -35.57
C GLU X 24 -77.21 36.64 -36.64
N GLY X 25 -77.47 37.94 -36.62
CA GLY X 25 -78.38 38.52 -37.59
C GLY X 25 -79.74 37.87 -37.35
N ASN X 26 -80.27 37.14 -38.33
CA ASN X 26 -81.58 36.49 -38.17
C ASN X 26 -81.45 34.97 -38.09
N MET X 27 -80.27 34.48 -37.72
CA MET X 27 -80.05 33.04 -37.61
C MET X 27 -79.38 32.71 -36.26
N ASN X 28 -79.96 31.81 -35.48
CA ASN X 28 -79.43 31.48 -34.16
C ASN X 28 -78.03 30.82 -34.20
N LYS X 29 -77.00 31.51 -33.68
CA LYS X 29 -75.66 30.95 -33.64
C LYS X 29 -75.58 30.08 -32.38
N PHE X 30 -75.61 28.75 -32.56
CA PHE X 30 -75.59 27.85 -31.43
C PHE X 30 -74.23 27.65 -30.80
N GLY X 31 -73.18 27.50 -31.62
CA GLY X 31 -71.87 27.31 -31.01
C GLY X 31 -70.76 27.01 -31.98
N THR X 32 -69.66 26.47 -31.46
CA THR X 32 -68.50 26.15 -32.27
C THR X 32 -67.93 24.77 -31.92
N LEU X 33 -67.53 24.02 -32.93
CA LEU X 33 -66.95 22.69 -32.73
C LEU X 33 -65.50 22.91 -33.13
N ASN X 34 -64.67 23.30 -32.17
CA ASN X 34 -63.29 23.64 -32.44
C ASN X 34 -62.33 22.48 -32.18
N PHE X 35 -61.87 21.81 -33.24
CA PHE X 35 -60.95 20.69 -33.07
C PHE X 35 -59.55 21.15 -32.71
N GLY X 36 -59.25 22.42 -32.98
CA GLY X 36 -57.96 22.99 -32.67
C GLY X 36 -57.01 22.91 -33.83
N LYS X 37 -55.72 23.04 -33.54
CA LYS X 37 -54.67 22.99 -34.56
C LYS X 37 -54.24 21.53 -34.78
N THR X 38 -53.72 21.24 -35.97
CA THR X 38 -53.28 19.89 -36.30
C THR X 38 -52.31 19.90 -37.48
N SER X 39 -51.54 18.82 -37.61
CA SER X 39 -50.58 18.68 -38.69
C SER X 39 -51.22 18.01 -39.85
N GLY X 40 -50.51 17.94 -41.01
CA GLY X 40 -51.03 17.35 -42.22
C GLY X 40 -51.59 15.95 -42.01
N THR X 41 -50.82 15.12 -41.31
CA THR X 41 -51.24 13.74 -41.04
C THR X 41 -51.31 13.47 -39.53
N TRP X 42 -52.51 13.32 -38.97
CA TRP X 42 -52.67 13.06 -37.55
C TRP X 42 -53.00 11.58 -37.31
N ASN X 43 -52.35 10.94 -36.34
CA ASN X 43 -52.61 9.53 -36.04
C ASN X 43 -53.69 9.34 -34.99
N ASN X 44 -53.85 10.35 -34.13
CA ASN X 44 -54.87 10.30 -33.09
C ASN X 44 -56.18 10.90 -33.61
N VAL X 45 -57.31 10.32 -33.18
CA VAL X 45 -58.63 10.78 -33.57
C VAL X 45 -58.80 12.21 -33.02
N LEU X 46 -58.98 13.22 -33.87
CA LEU X 46 -59.08 14.59 -33.31
C LEU X 46 -60.48 14.73 -32.74
N THR X 47 -60.60 15.23 -31.50
CA THR X 47 -61.88 15.23 -30.82
C THR X 47 -62.13 16.48 -29.98
N ALA X 48 -63.24 17.20 -30.21
CA ALA X 48 -63.57 18.39 -29.43
C ALA X 48 -65.08 18.47 -29.24
N GLU X 49 -65.51 19.20 -28.23
CA GLU X 49 -66.92 19.37 -27.90
C GLU X 49 -67.42 20.72 -28.35
N VAL X 50 -68.72 20.84 -28.61
CA VAL X 50 -69.31 22.09 -28.99
C VAL X 50 -69.20 23.11 -27.86
N ALA X 51 -68.90 24.36 -28.18
CA ALA X 51 -68.81 25.42 -27.19
C ALA X 51 -69.88 26.44 -27.55
N SER X 52 -70.94 26.57 -26.74
CA SER X 52 -72.01 27.51 -27.02
C SER X 52 -71.48 28.93 -27.26
N ALA X 53 -72.04 29.65 -28.23
CA ALA X 53 -71.57 31.00 -28.54
C ALA X 53 -71.93 32.04 -27.46
N ALA X 54 -72.96 31.77 -26.68
CA ALA X 54 -73.40 32.69 -25.64
C ALA X 54 -72.62 32.59 -24.33
N THR X 55 -72.43 31.36 -23.84
CA THR X 55 -71.72 31.19 -22.57
C THR X 55 -70.31 30.60 -22.68
N GLY X 56 -70.11 29.69 -23.62
CA GLY X 56 -68.81 29.04 -23.78
C GLY X 56 -68.91 27.57 -23.42
N GLY X 57 -69.93 27.21 -22.63
CA GLY X 57 -70.14 25.83 -22.22
C GLY X 57 -71.05 25.10 -23.19
N ASN X 58 -71.78 24.10 -22.70
CA ASN X 58 -72.65 23.32 -23.57
C ASN X 58 -74.02 24.00 -23.78
N ILE X 59 -74.63 23.76 -24.93
CA ILE X 59 -75.94 24.33 -25.22
C ILE X 59 -76.91 23.86 -24.13
N SER X 60 -77.60 24.79 -23.48
CA SER X 60 -78.51 24.39 -22.40
C SER X 60 -79.95 24.60 -22.81
N VAL X 61 -80.65 23.54 -23.20
CA VAL X 61 -82.03 23.70 -23.61
C VAL X 61 -82.95 23.56 -22.40
N THR X 62 -83.86 24.51 -22.20
CA THR X 62 -84.79 24.44 -21.09
C THR X 62 -86.20 24.53 -21.69
N CYS X 63 -87.18 23.88 -21.07
CA CYS X 63 -88.53 24.00 -21.58
C CYS X 63 -89.32 24.91 -20.66
N ASP X 64 -90.39 25.50 -21.19
CA ASP X 64 -91.22 26.40 -20.41
C ASP X 64 -92.54 25.75 -19.99
N GLY X 65 -92.57 25.15 -18.80
CA GLY X 65 -93.76 24.50 -18.31
C GLY X 65 -93.52 23.71 -17.04
N THR X 66 -94.52 22.92 -16.63
CA THR X 66 -94.42 22.10 -15.43
C THR X 66 -94.29 20.60 -15.70
N ASP X 67 -94.80 20.07 -16.81
CA ASP X 67 -94.63 18.64 -17.02
C ASP X 67 -93.38 18.37 -17.84
N PRO X 68 -92.68 17.26 -17.58
CA PRO X 68 -91.45 17.00 -18.34
C PRO X 68 -91.74 16.82 -19.84
N VAL X 69 -91.24 17.72 -20.68
CA VAL X 69 -91.48 17.62 -22.12
C VAL X 69 -90.40 16.79 -22.82
N ASP X 70 -90.77 16.03 -23.85
CA ASP X 70 -89.82 15.23 -24.59
C ASP X 70 -89.53 15.97 -25.90
N PHE X 71 -88.37 16.59 -26.01
CA PHE X 71 -88.01 17.33 -27.22
C PHE X 71 -86.94 16.59 -27.98
N THR X 72 -86.87 16.83 -29.28
CA THR X 72 -85.89 16.14 -30.09
C THR X 72 -84.79 17.06 -30.61
N VAL X 73 -83.66 16.45 -30.99
CA VAL X 73 -82.52 17.18 -31.51
C VAL X 73 -82.08 16.56 -32.84
N ALA X 74 -81.96 17.36 -33.90
CA ALA X 74 -81.54 16.83 -35.18
C ALA X 74 -80.45 17.73 -35.76
N ILE X 75 -79.37 17.14 -36.26
CA ILE X 75 -78.28 17.89 -36.85
C ILE X 75 -78.25 17.47 -38.31
N ASP X 76 -77.95 18.41 -39.20
CA ASP X 76 -77.92 18.12 -40.63
C ASP X 76 -76.49 17.70 -41.06
N GLY X 77 -76.25 17.49 -42.36
CA GLY X 77 -74.97 17.08 -42.89
C GLY X 77 -73.92 18.13 -43.22
N GLY X 78 -74.12 19.39 -42.79
CA GLY X 78 -73.16 20.44 -43.09
C GLY X 78 -73.42 21.12 -44.42
N GLU X 79 -72.56 22.07 -44.78
CA GLU X 79 -72.69 22.79 -46.03
C GLU X 79 -72.80 21.91 -47.24
N ARG X 80 -71.98 20.87 -47.35
CA ARG X 80 -72.02 20.03 -48.55
C ARG X 80 -72.86 18.77 -48.42
N THR X 81 -73.53 18.60 -47.26
CA THR X 81 -74.39 17.45 -46.89
C THR X 81 -73.69 16.10 -46.64
N ASP X 82 -72.36 16.08 -46.52
CA ASP X 82 -71.63 14.85 -46.22
C ASP X 82 -70.62 15.01 -45.07
N ARG X 83 -70.89 15.98 -44.19
CA ARG X 83 -70.07 16.27 -43.01
C ARG X 83 -68.57 16.36 -43.30
N THR X 84 -68.21 17.25 -44.23
CA THR X 84 -66.81 17.47 -44.58
C THR X 84 -66.45 18.94 -44.35
N LEU X 85 -65.32 19.20 -43.70
CA LEU X 85 -64.92 20.57 -43.55
C LEU X 85 -64.15 20.95 -44.81
N LYS X 86 -64.31 22.16 -45.30
CA LYS X 86 -63.64 22.54 -46.53
C LYS X 86 -62.57 23.60 -46.27
N ASN X 87 -61.45 23.53 -46.98
CA ASN X 87 -60.44 24.52 -46.78
C ASN X 87 -60.98 25.83 -47.33
N THR X 88 -60.76 26.93 -46.64
CA THR X 88 -61.20 28.24 -47.13
C THR X 88 -60.70 28.57 -48.54
N ALA X 89 -59.46 28.21 -48.88
CA ALA X 89 -58.93 28.54 -50.21
C ALA X 89 -58.93 27.41 -51.25
N SER X 90 -58.34 26.28 -50.89
CA SER X 90 -58.25 25.10 -51.75
C SER X 90 -59.53 24.25 -51.66
N ALA X 91 -59.59 23.15 -52.42
CA ALA X 91 -60.77 22.29 -52.40
C ALA X 91 -60.62 21.03 -51.54
N ASP X 92 -59.61 20.99 -50.67
CA ASP X 92 -59.40 19.84 -49.82
C ASP X 92 -60.56 19.70 -48.82
N VAL X 93 -60.90 18.46 -48.46
CA VAL X 93 -62.01 18.24 -47.53
C VAL X 93 -61.56 17.40 -46.33
N VAL X 94 -62.20 17.57 -45.18
CA VAL X 94 -61.86 16.80 -43.99
C VAL X 94 -63.13 16.18 -43.41
N ALA X 95 -63.34 14.88 -43.64
CA ALA X 95 -64.53 14.21 -43.15
C ALA X 95 -64.59 14.15 -41.61
N TYR X 96 -65.77 14.42 -41.02
CA TYR X 96 -65.95 14.36 -39.58
C TYR X 96 -67.34 13.85 -39.26
N ASN X 97 -67.70 13.79 -37.97
CA ASN X 97 -69.02 13.34 -37.54
C ASN X 97 -69.28 13.89 -36.14
N VAL X 98 -70.55 14.03 -35.78
CA VAL X 98 -70.92 14.52 -34.47
C VAL X 98 -71.63 13.41 -33.71
N TYR X 99 -71.21 13.09 -32.50
CA TYR X 99 -71.85 12.05 -31.71
C TYR X 99 -72.54 12.70 -30.52
N ARG X 100 -73.42 11.95 -29.87
CA ARG X 100 -74.17 12.46 -28.72
C ARG X 100 -73.58 12.08 -27.37
N ASP X 101 -73.01 10.88 -27.27
CA ASP X 101 -72.44 10.42 -26.02
C ASP X 101 -70.93 10.62 -25.99
N ALA X 102 -70.38 10.66 -24.78
CA ALA X 102 -68.94 10.88 -24.54
C ALA X 102 -67.97 9.86 -25.15
N ALA X 103 -68.44 8.64 -25.43
CA ALA X 103 -67.62 7.60 -26.02
C ALA X 103 -67.72 7.51 -27.57
N ARG X 104 -68.19 8.56 -28.26
CA ARG X 104 -68.27 8.57 -29.72
C ARG X 104 -69.02 7.38 -30.33
N THR X 105 -70.05 6.88 -29.63
CA THR X 105 -70.83 5.74 -30.10
C THR X 105 -72.21 6.09 -30.69
N ASN X 106 -73.01 6.85 -29.96
CA ASN X 106 -74.35 7.24 -30.38
C ASN X 106 -74.23 8.41 -31.34
N LEU X 107 -74.22 8.11 -32.63
CA LEU X 107 -74.05 9.11 -33.67
C LEU X 107 -75.31 9.94 -33.94
N TYR X 108 -75.15 11.25 -34.18
CA TYR X 108 -76.28 12.07 -34.53
C TYR X 108 -76.45 11.83 -35.99
N VAL X 109 -77.25 10.83 -36.35
CA VAL X 109 -77.47 10.49 -37.76
C VAL X 109 -78.04 11.70 -38.53
N VAL X 110 -77.59 11.88 -39.78
CA VAL X 110 -78.03 12.98 -40.63
C VAL X 110 -79.56 13.12 -40.68
N ASN X 111 -80.08 14.33 -40.45
CA ASN X 111 -81.52 14.59 -40.46
C ASN X 111 -82.34 13.59 -39.64
N GLN X 112 -81.90 13.34 -38.41
CA GLN X 112 -82.64 12.42 -37.54
C GLN X 112 -82.88 13.03 -36.17
N PRO X 113 -84.11 12.85 -35.64
CA PRO X 113 -84.45 13.43 -34.34
C PRO X 113 -83.93 12.65 -33.13
N GLN X 114 -82.68 12.83 -32.74
CA GLN X 114 -82.21 12.10 -31.58
C GLN X 114 -83.02 12.61 -30.37
N GLN X 115 -83.85 11.74 -29.74
CA GLN X 115 -84.72 12.08 -28.59
C GLN X 115 -83.95 12.69 -27.38
N PHE X 116 -84.69 13.47 -26.57
CA PHE X 116 -84.16 14.10 -25.36
C PHE X 116 -85.26 14.40 -24.33
N THR X 117 -84.92 14.41 -23.05
CA THR X 117 -85.89 14.69 -21.99
C THR X 117 -85.56 16.02 -21.32
N THR X 118 -86.57 16.63 -20.71
CA THR X 118 -86.36 17.91 -20.02
C THR X 118 -87.43 18.09 -18.93
N VAL X 119 -87.02 18.41 -17.70
CA VAL X 119 -87.98 18.60 -16.62
C VAL X 119 -88.11 20.08 -16.28
N SER X 120 -89.17 20.42 -15.53
CA SER X 120 -89.44 21.80 -15.14
C SER X 120 -88.36 22.33 -14.19
N GLY X 121 -88.08 23.62 -14.26
CA GLY X 121 -87.08 24.26 -13.41
C GLY X 121 -85.69 23.65 -13.55
N GLN X 122 -85.33 23.29 -14.77
CA GLN X 122 -84.02 22.71 -15.05
C GLN X 122 -83.67 22.91 -16.52
N ALA X 123 -82.38 23.00 -16.82
CA ALA X 123 -81.92 23.16 -18.19
C ALA X 123 -81.14 21.90 -18.56
N THR X 124 -81.49 21.24 -19.66
CA THR X 124 -80.78 20.03 -20.07
C THR X 124 -79.71 20.42 -21.10
N ALA X 125 -78.52 19.82 -21.01
CA ALA X 125 -77.45 20.15 -21.94
C ALA X 125 -77.53 19.28 -23.20
N VAL X 126 -77.13 19.84 -24.34
CA VAL X 126 -77.14 19.10 -25.60
C VAL X 126 -75.69 18.82 -25.97
N PRO X 127 -75.21 17.61 -25.65
CA PRO X 127 -73.82 17.32 -25.96
C PRO X 127 -73.65 17.02 -27.44
N ILE X 128 -72.90 17.86 -28.15
CA ILE X 128 -72.63 17.61 -29.54
C ILE X 128 -71.14 17.33 -29.53
N PHE X 129 -70.79 16.04 -29.48
CA PHE X 129 -69.38 15.66 -29.41
C PHE X 129 -68.83 15.43 -30.82
N GLY X 130 -67.83 16.20 -31.21
CA GLY X 130 -67.26 16.02 -32.52
C GLY X 130 -66.18 14.96 -32.48
N ALA X 131 -65.88 14.39 -33.64
CA ALA X 131 -64.86 13.37 -33.77
C ALA X 131 -64.38 13.30 -35.23
N ILE X 132 -63.07 13.24 -35.42
CA ILE X 132 -62.49 13.12 -36.74
C ILE X 132 -61.58 11.87 -36.82
N ALA X 133 -61.72 11.10 -37.90
CA ALA X 133 -60.94 9.88 -38.08
C ALA X 133 -59.44 10.16 -38.24
N PRO X 134 -58.60 9.18 -37.88
CA PRO X 134 -57.16 9.39 -38.03
C PRO X 134 -56.77 9.37 -39.50
N ASN X 135 -56.21 10.48 -40.00
CA ASN X 135 -55.78 10.56 -41.37
C ASN X 135 -54.30 10.22 -41.39
N THR X 136 -53.96 9.00 -41.83
CA THR X 136 -52.57 8.59 -41.89
C THR X 136 -52.22 8.21 -43.32
N GLY X 137 -52.87 8.88 -44.27
CA GLY X 137 -52.66 8.62 -45.68
C GLY X 137 -52.07 9.81 -46.42
N THR X 138 -52.90 10.78 -46.75
CA THR X 138 -52.44 11.96 -47.47
C THR X 138 -52.50 13.22 -46.60
N PRO X 139 -51.44 14.05 -46.64
CA PRO X 139 -51.45 15.27 -45.82
C PRO X 139 -52.29 16.38 -46.46
N LYS X 140 -53.41 16.77 -45.83
CA LYS X 140 -54.26 17.82 -46.37
C LYS X 140 -53.52 19.16 -46.38
N ALA X 141 -53.79 20.01 -47.37
CA ALA X 141 -53.13 21.31 -47.47
C ALA X 141 -53.27 22.22 -46.24
N GLN X 142 -52.28 23.08 -46.03
CA GLN X 142 -52.29 24.00 -44.89
C GLN X 142 -53.39 25.04 -45.01
N GLY X 143 -53.84 25.57 -43.87
CA GLY X 143 -54.91 26.56 -43.86
C GLY X 143 -55.98 26.26 -42.84
N ASP X 144 -57.13 26.89 -42.99
CA ASP X 144 -58.25 26.70 -42.06
C ASP X 144 -59.40 25.92 -42.72
N TYR X 145 -59.87 24.85 -42.08
CA TYR X 145 -60.97 24.07 -42.62
C TYR X 145 -62.22 24.44 -41.84
N LYS X 146 -63.35 24.66 -42.52
CA LYS X 146 -64.59 25.04 -41.86
C LYS X 146 -65.82 24.28 -42.37
N ASP X 147 -66.90 24.39 -41.58
CA ASP X 147 -68.21 23.83 -41.90
C ASP X 147 -69.20 24.49 -40.96
N THR X 148 -70.46 24.53 -41.38
CA THR X 148 -71.50 25.12 -40.57
C THR X 148 -72.62 24.11 -40.43
N LEU X 149 -72.64 23.35 -39.34
CA LEU X 149 -73.69 22.38 -39.17
C LEU X 149 -74.92 23.13 -38.66
N LEU X 150 -76.10 22.80 -39.18
CA LEU X 150 -77.31 23.45 -38.71
C LEU X 150 -77.93 22.49 -37.72
N VAL X 151 -78.00 22.87 -36.44
CA VAL X 151 -78.62 22.00 -35.44
C VAL X 151 -80.08 22.44 -35.40
N THR X 152 -80.99 21.45 -35.41
CA THR X 152 -82.42 21.66 -35.46
C THR X 152 -83.15 21.13 -34.25
N VAL X 153 -83.36 21.98 -33.24
CA VAL X 153 -84.09 21.57 -32.05
C VAL X 153 -85.57 21.65 -32.44
N ASN X 154 -86.26 20.51 -32.57
CA ASN X 154 -87.65 20.55 -32.98
C ASN X 154 -88.49 19.72 -32.05
N PHE X 155 -89.79 19.97 -32.11
CA PHE X 155 -90.72 19.35 -31.21
C PHE X 155 -91.73 18.49 -31.96
N ALA Y 1 -89.86 24.76 -33.47
CA ALA Y 1 -88.74 24.51 -34.39
C ALA Y 1 -87.67 25.59 -34.24
N VAL Y 2 -86.66 25.30 -33.43
CA VAL Y 2 -85.56 26.24 -33.23
C VAL Y 2 -84.31 25.71 -33.94
N THR Y 3 -84.11 26.15 -35.19
CA THR Y 3 -82.95 25.74 -35.98
C THR Y 3 -81.79 26.73 -35.73
N GLY Y 4 -80.61 26.18 -35.48
CA GLY Y 4 -79.43 26.98 -35.21
C GLY Y 4 -78.13 26.54 -35.86
N GLN Y 5 -77.10 27.39 -35.87
CA GLN Y 5 -75.83 27.03 -36.52
C GLN Y 5 -74.68 26.66 -35.56
N VAL Y 6 -73.83 25.72 -35.98
CA VAL Y 6 -72.68 25.29 -35.18
C VAL Y 6 -71.47 25.35 -36.10
N ASP Y 7 -70.60 26.33 -35.93
CA ASP Y 7 -69.46 26.44 -36.80
C ASP Y 7 -68.42 25.39 -36.43
N VAL Y 8 -67.99 24.60 -37.41
CA VAL Y 8 -66.99 23.56 -37.18
C VAL Y 8 -65.67 24.09 -37.73
N LYS Y 9 -64.57 23.85 -37.00
CA LYS Y 9 -63.28 24.36 -37.46
C LYS Y 9 -62.12 23.41 -37.18
N LEU Y 10 -61.06 23.54 -37.96
CA LEU Y 10 -59.86 22.73 -37.83
C LEU Y 10 -58.74 23.49 -38.53
N ASN Y 11 -57.62 23.73 -37.84
CA ASN Y 11 -56.53 24.48 -38.43
C ASN Y 11 -55.38 23.53 -38.74
N ILE Y 12 -55.37 23.02 -39.96
CA ILE Y 12 -54.30 22.12 -40.37
C ILE Y 12 -53.09 22.98 -40.72
N SER Y 13 -52.05 22.94 -39.88
CA SER Y 13 -50.82 23.71 -40.14
C SER Y 13 -49.55 23.08 -39.51
N THR Y 14 -49.50 23.02 -38.18
CA THR Y 14 -48.37 22.46 -37.43
C THR Y 14 -48.85 22.12 -36.02
N GLY Y 15 -49.25 20.86 -35.80
CA GLY Y 15 -49.77 20.42 -34.52
C GLY Y 15 -48.94 19.44 -33.70
N CYS Y 16 -49.51 19.08 -32.54
CA CYS Y 16 -48.90 18.19 -31.58
C CYS Y 16 -49.72 16.89 -31.46
N THR Y 17 -49.07 15.74 -31.31
CA THR Y 17 -49.76 14.45 -31.23
C THR Y 17 -49.49 13.67 -29.93
N VAL Y 18 -50.46 12.87 -29.49
CA VAL Y 18 -50.29 12.10 -28.27
C VAL Y 18 -50.04 10.62 -28.55
N GLY Y 19 -48.90 10.08 -28.10
CA GLY Y 19 -48.59 8.68 -28.34
C GLY Y 19 -48.97 7.85 -27.11
N GLY Y 20 -49.04 6.54 -27.27
CA GLY Y 20 -49.41 5.64 -26.19
C GLY Y 20 -50.90 5.31 -26.15
N SER Y 21 -51.65 5.85 -27.09
CA SER Y 21 -53.08 5.61 -27.13
C SER Y 21 -53.44 4.63 -28.24
N GLN Y 22 -54.60 3.99 -28.08
CA GLN Y 22 -55.12 3.03 -29.02
C GLN Y 22 -56.51 3.55 -29.37
N THR Y 23 -56.91 3.48 -30.63
CA THR Y 23 -58.22 3.98 -31.01
C THR Y 23 -59.31 2.97 -30.65
N GLU Y 24 -60.05 3.20 -29.56
CA GLU Y 24 -61.15 2.32 -29.21
C GLU Y 24 -62.33 2.80 -30.04
N GLY Y 25 -62.60 2.16 -31.17
CA GLY Y 25 -63.69 2.61 -32.02
C GLY Y 25 -63.34 4.02 -32.47
N ASN Y 26 -64.14 5.02 -32.10
CA ASN Y 26 -63.86 6.40 -32.51
C ASN Y 26 -63.44 7.27 -31.32
N MET Y 27 -62.95 6.65 -30.25
CA MET Y 27 -62.52 7.38 -29.07
C MET Y 27 -61.12 6.90 -28.64
N ASN Y 28 -60.17 7.82 -28.49
CA ASN Y 28 -58.80 7.46 -28.13
C ASN Y 28 -58.67 6.81 -26.73
N LYS Y 29 -58.31 5.53 -26.66
CA LYS Y 29 -58.11 4.86 -25.37
C LYS Y 29 -56.70 5.20 -24.90
N PHE Y 30 -56.58 6.09 -23.92
CA PHE Y 30 -55.26 6.51 -23.45
C PHE Y 30 -54.59 5.51 -22.52
N GLY Y 31 -55.34 4.93 -21.58
CA GLY Y 31 -54.68 3.98 -20.69
C GLY Y 31 -55.54 3.45 -19.57
N THR Y 32 -54.89 2.89 -18.55
CA THR Y 32 -55.60 2.33 -17.41
C THR Y 32 -54.93 2.74 -16.09
N LEU Y 33 -55.76 3.07 -15.09
CA LEU Y 33 -55.25 3.44 -13.77
C LEU Y 33 -55.67 2.26 -12.92
N ASN Y 34 -54.80 1.25 -12.83
CA ASN Y 34 -55.13 0.01 -12.12
C ASN Y 34 -54.60 0.00 -10.70
N PHE Y 35 -55.48 0.23 -9.71
CA PHE Y 35 -55.05 0.22 -8.32
C PHE Y 35 -54.77 -1.19 -7.80
N GLY Y 36 -55.32 -2.19 -8.49
CA GLY Y 36 -55.11 -3.57 -8.13
C GLY Y 36 -56.22 -4.08 -7.25
N LYS Y 37 -55.94 -5.18 -6.55
CA LYS Y 37 -56.90 -5.79 -5.64
C LYS Y 37 -56.80 -5.17 -4.25
N THR Y 38 -57.88 -5.22 -3.48
CA THR Y 38 -57.89 -4.65 -2.14
C THR Y 38 -59.03 -5.23 -1.30
N SER Y 39 -58.90 -5.10 0.02
CA SER Y 39 -59.91 -5.60 0.95
C SER Y 39 -60.91 -4.53 1.22
N GLY Y 40 -62.02 -4.87 1.94
CA GLY Y 40 -63.07 -3.92 2.25
C GLY Y 40 -62.57 -2.65 2.88
N THR Y 41 -61.68 -2.77 3.86
CA THR Y 41 -61.12 -1.62 4.56
C THR Y 41 -59.58 -1.60 4.45
N TRP Y 42 -59.03 -0.66 3.67
CA TRP Y 42 -57.59 -0.57 3.51
C TRP Y 42 -57.03 0.60 4.33
N ASN Y 43 -55.93 0.38 5.06
CA ASN Y 43 -55.34 1.44 5.87
C ASN Y 43 -54.28 2.24 5.12
N ASN Y 44 -53.67 1.60 4.12
CA ASN Y 44 -52.67 2.27 3.30
C ASN Y 44 -53.32 2.96 2.09
N VAL Y 45 -52.80 4.11 1.71
CA VAL Y 45 -53.29 4.87 0.57
C VAL Y 45 -53.08 4.01 -0.68
N LEU Y 46 -54.14 3.61 -1.39
CA LEU Y 46 -53.90 2.74 -2.56
C LEU Y 46 -53.39 3.63 -3.69
N THR Y 47 -52.30 3.24 -4.34
CA THR Y 47 -51.66 4.11 -5.31
C THR Y 47 -51.12 3.40 -6.55
N ALA Y 48 -51.52 3.80 -7.75
CA ALA Y 48 -51.01 3.20 -8.98
C ALA Y 48 -50.90 4.26 -10.07
N GLU Y 49 -50.08 3.97 -11.07
CA GLU Y 49 -49.81 4.90 -12.17
C GLU Y 49 -50.56 4.46 -13.41
N VAL Y 50 -50.84 5.42 -14.29
CA VAL Y 50 -51.52 5.11 -15.54
C VAL Y 50 -50.63 4.22 -16.41
N ALA Y 51 -51.22 3.23 -17.08
CA ALA Y 51 -50.48 2.36 -17.98
C ALA Y 51 -51.08 2.57 -19.37
N SER Y 52 -50.33 3.17 -20.30
CA SER Y 52 -50.85 3.42 -21.65
C SER Y 52 -51.38 2.14 -22.30
N ALA Y 53 -52.50 2.24 -23.02
CA ALA Y 53 -53.08 1.05 -23.65
C ALA Y 53 -52.28 0.52 -24.84
N ALA Y 54 -51.47 1.38 -25.46
CA ALA Y 54 -50.66 0.98 -26.61
C ALA Y 54 -49.36 0.28 -26.25
N THR Y 55 -48.59 0.84 -25.33
CA THR Y 55 -47.31 0.26 -24.95
C THR Y 55 -47.27 -0.42 -23.58
N GLY Y 56 -47.98 0.13 -22.60
CA GLY Y 56 -47.97 -0.41 -21.26
C GLY Y 56 -47.28 0.56 -20.30
N GLY Y 57 -46.46 1.46 -20.84
CA GLY Y 57 -45.76 2.44 -20.04
C GLY Y 57 -46.55 3.72 -19.92
N ASN Y 58 -45.87 4.85 -19.74
CA ASN Y 58 -46.56 6.14 -19.60
C ASN Y 58 -46.93 6.76 -20.94
N ILE Y 59 -48.00 7.53 -20.97
CA ILE Y 59 -48.44 8.19 -22.19
C ILE Y 59 -47.29 9.08 -22.67
N SER Y 60 -46.86 8.92 -23.92
CA SER Y 60 -45.75 9.72 -24.41
C SER Y 60 -46.21 10.74 -25.44
N VAL Y 61 -46.37 12.00 -25.04
CA VAL Y 61 -46.83 13.00 -25.99
C VAL Y 61 -45.63 13.61 -26.71
N THR Y 62 -45.66 13.67 -28.03
CA THR Y 62 -44.57 14.27 -28.79
C THR Y 62 -45.20 15.36 -29.67
N CYS Y 63 -44.48 16.43 -29.95
CA CYS Y 63 -45.04 17.49 -30.79
C CYS Y 63 -44.38 17.46 -32.16
N ASP Y 64 -45.15 17.56 -33.24
CA ASP Y 64 -44.60 17.55 -34.58
C ASP Y 64 -44.11 18.94 -34.96
N GLY Y 65 -42.95 19.31 -34.43
CA GLY Y 65 -42.37 20.61 -34.69
C GLY Y 65 -40.90 20.62 -34.31
N THR Y 66 -40.22 21.73 -34.59
CA THR Y 66 -38.81 21.86 -34.25
C THR Y 66 -38.57 22.69 -32.99
N ASP Y 67 -39.21 23.85 -32.93
CA ASP Y 67 -39.09 24.74 -31.77
C ASP Y 67 -39.89 24.16 -30.62
N PRO Y 68 -39.54 24.52 -29.36
CA PRO Y 68 -40.32 23.95 -28.26
C PRO Y 68 -41.79 24.40 -28.27
N VAL Y 69 -42.70 23.49 -27.92
CA VAL Y 69 -44.13 23.81 -27.91
C VAL Y 69 -44.66 23.63 -26.49
N ASP Y 70 -45.50 24.54 -26.02
CA ASP Y 70 -46.03 24.44 -24.67
C ASP Y 70 -47.46 23.92 -24.79
N PHE Y 71 -47.69 22.65 -24.46
CA PHE Y 71 -49.03 22.08 -24.58
C PHE Y 71 -49.58 21.84 -23.19
N THR Y 72 -50.91 21.81 -23.09
CA THR Y 72 -51.52 21.62 -21.80
C THR Y 72 -52.23 20.26 -21.66
N VAL Y 73 -52.43 19.85 -20.40
CA VAL Y 73 -53.09 18.58 -20.11
C VAL Y 73 -54.24 18.83 -19.12
N ALA Y 74 -55.45 18.37 -19.45
CA ALA Y 74 -56.58 18.55 -18.55
C ALA Y 74 -57.32 17.23 -18.41
N ILE Y 75 -57.66 16.86 -17.17
CA ILE Y 75 -58.38 15.64 -16.92
C ILE Y 75 -59.71 16.07 -16.32
N ASP Y 76 -60.79 15.37 -16.66
CA ASP Y 76 -62.12 15.72 -16.16
C ASP Y 76 -62.41 14.96 -14.85
N GLY Y 77 -63.63 15.08 -14.30
CA GLY Y 77 -64.04 14.45 -13.08
C GLY Y 77 -64.58 13.03 -13.11
N GLY Y 78 -64.45 12.32 -14.23
CA GLY Y 78 -64.95 10.96 -14.33
C GLY Y 78 -66.40 10.91 -14.75
N GLU Y 79 -66.95 9.69 -14.82
CA GLU Y 79 -68.33 9.48 -15.23
C GLU Y 79 -69.33 10.29 -14.44
N ARG Y 80 -69.19 10.35 -13.12
CA ARG Y 80 -70.17 11.09 -12.30
C ARG Y 80 -69.77 12.52 -11.95
N THR Y 81 -68.62 12.96 -12.46
CA THR Y 81 -68.02 14.30 -12.26
C THR Y 81 -67.46 14.61 -10.84
N ASP Y 82 -67.31 13.60 -9.99
CA ASP Y 82 -66.73 13.80 -8.65
C ASP Y 82 -65.63 12.78 -8.32
N ARG Y 83 -65.00 12.24 -9.36
CA ARG Y 83 -63.91 11.27 -9.25
C ARG Y 83 -64.19 10.12 -8.29
N THR Y 84 -65.28 9.40 -8.55
CA THR Y 84 -65.64 8.25 -7.73
C THR Y 84 -65.74 7.00 -8.61
N LEU Y 85 -65.15 5.90 -8.18
CA LEU Y 85 -65.30 4.69 -8.96
C LEU Y 85 -66.59 4.05 -8.51
N LYS Y 86 -67.35 3.46 -9.42
CA LYS Y 86 -68.63 2.86 -9.04
C LYS Y 86 -68.59 1.35 -9.17
N ASN Y 87 -69.25 0.64 -8.26
CA ASN Y 87 -69.25 -0.79 -8.36
C ASN Y 87 -70.09 -1.14 -9.57
N THR Y 88 -69.66 -2.11 -10.37
CA THR Y 88 -70.43 -2.54 -11.53
C THR Y 88 -71.87 -2.94 -11.20
N ALA Y 89 -72.11 -3.61 -10.06
CA ALA Y 89 -73.47 -4.04 -9.72
C ALA Y 89 -74.23 -3.18 -8.70
N SER Y 90 -73.62 -2.96 -7.54
CA SER Y 90 -74.19 -2.15 -6.46
C SER Y 90 -73.93 -0.66 -6.69
N ALA Y 91 -74.43 0.19 -5.80
CA ALA Y 91 -74.24 1.64 -5.93
C ALA Y 91 -73.12 2.22 -5.06
N ASP Y 92 -72.26 1.36 -4.53
CA ASP Y 92 -71.16 1.83 -3.69
C ASP Y 92 -70.17 2.66 -4.52
N VAL Y 93 -69.56 3.67 -3.91
CA VAL Y 93 -68.61 4.52 -4.63
C VAL Y 93 -67.25 4.56 -3.93
N VAL Y 94 -66.18 4.78 -4.68
CA VAL Y 94 -64.84 4.85 -4.11
C VAL Y 94 -64.16 6.14 -4.58
N ALA Y 95 -64.10 7.15 -3.73
CA ALA Y 95 -63.49 8.42 -4.10
C ALA Y 95 -61.98 8.30 -4.36
N TYR Y 96 -61.48 8.93 -5.43
CA TYR Y 96 -60.07 8.91 -5.77
C TYR Y 96 -59.67 10.26 -6.36
N ASN Y 97 -58.40 10.40 -6.78
CA ASN Y 97 -57.90 11.63 -7.39
C ASN Y 97 -56.66 11.29 -8.21
N VAL Y 98 -56.37 12.11 -9.20
CA VAL Y 98 -55.20 11.90 -10.05
C VAL Y 98 -54.22 13.05 -9.83
N TYR Y 99 -52.96 12.77 -9.54
CA TYR Y 99 -51.98 13.83 -9.33
C TYR Y 99 -50.97 13.76 -10.47
N ARG Y 100 -50.18 14.82 -10.61
CA ARG Y 100 -49.19 14.90 -11.67
C ARG Y 100 -47.78 14.53 -11.24
N ASP Y 101 -47.42 14.86 -10.01
CA ASP Y 101 -46.08 14.55 -9.52
C ASP Y 101 -46.07 13.27 -8.70
N ALA Y 102 -44.89 12.66 -8.58
CA ALA Y 102 -44.68 11.40 -7.85
C ALA Y 102 -45.02 11.41 -6.35
N ALA Y 103 -45.04 12.59 -5.72
CA ALA Y 103 -45.38 12.71 -4.31
C ALA Y 103 -46.86 13.04 -4.03
N ARG Y 104 -47.78 12.82 -4.98
CA ARG Y 104 -49.21 13.07 -4.79
C ARG Y 104 -49.55 14.48 -4.29
N THR Y 105 -48.76 15.48 -4.71
CA THR Y 105 -48.99 16.87 -4.31
C THR Y 105 -49.66 17.76 -5.35
N ASN Y 106 -49.13 17.79 -6.58
CA ASN Y 106 -49.65 18.60 -7.65
C ASN Y 106 -50.84 17.90 -8.27
N LEU Y 107 -52.03 18.24 -7.80
CA LEU Y 107 -53.27 17.63 -8.25
C LEU Y 107 -53.74 18.09 -9.64
N TYR Y 108 -54.25 17.15 -10.44
CA TYR Y 108 -54.79 17.53 -11.73
C TYR Y 108 -56.18 18.02 -11.41
N VAL Y 109 -56.32 19.30 -11.13
CA VAL Y 109 -57.62 19.87 -10.77
C VAL Y 109 -58.65 19.64 -11.89
N VAL Y 110 -59.90 19.35 -11.50
CA VAL Y 110 -60.98 19.09 -12.47
C VAL Y 110 -61.08 20.17 -13.55
N ASN Y 111 -61.12 19.75 -14.83
CA ASN Y 111 -61.22 20.67 -15.95
C ASN Y 111 -60.22 21.83 -15.90
N GLN Y 112 -58.95 21.50 -15.65
CA GLN Y 112 -57.92 22.53 -15.60
C GLN Y 112 -56.72 22.14 -16.46
N PRO Y 113 -56.17 23.11 -17.23
CA PRO Y 113 -55.04 22.82 -18.10
C PRO Y 113 -53.69 22.77 -17.40
N GLN Y 114 -53.31 21.66 -16.79
CA GLN Y 114 -52.02 21.61 -16.16
C GLN Y 114 -50.97 21.73 -17.27
N GLN Y 115 -50.18 22.83 -17.29
CA GLN Y 115 -49.14 23.11 -18.31
C GLN Y 115 -48.08 21.99 -18.47
N PHE Y 116 -47.49 21.95 -19.68
CA PHE Y 116 -46.43 20.98 -20.02
C PHE Y 116 -45.52 21.49 -21.13
N THR Y 117 -44.26 21.04 -21.14
CA THR Y 117 -43.31 21.46 -22.17
C THR Y 117 -42.95 20.27 -23.01
N THR Y 118 -42.53 20.53 -24.24
CA THR Y 118 -42.11 19.48 -25.14
C THR Y 118 -41.00 20.13 -25.96
N VAL Y 119 -39.95 19.37 -26.23
CA VAL Y 119 -38.76 19.88 -26.87
C VAL Y 119 -38.37 19.15 -28.17
N SER Y 120 -37.34 19.67 -28.84
CA SER Y 120 -36.88 19.13 -30.11
C SER Y 120 -36.63 17.61 -30.13
N GLY Y 121 -37.24 16.92 -31.10
CA GLY Y 121 -37.03 15.50 -31.28
C GLY Y 121 -37.22 14.67 -30.04
N GLN Y 122 -38.25 14.94 -29.24
CA GLN Y 122 -38.43 14.16 -28.03
C GLN Y 122 -39.90 13.91 -27.67
N ALA Y 123 -40.16 12.82 -26.95
CA ALA Y 123 -41.50 12.52 -26.51
C ALA Y 123 -41.52 12.76 -24.99
N THR Y 124 -42.43 13.62 -24.53
CA THR Y 124 -42.55 13.92 -23.10
C THR Y 124 -43.61 12.99 -22.51
N ALA Y 125 -43.38 12.47 -21.31
CA ALA Y 125 -44.34 11.57 -20.68
C ALA Y 125 -45.37 12.35 -19.87
N VAL Y 126 -46.60 11.85 -19.82
CA VAL Y 126 -47.67 12.49 -19.06
C VAL Y 126 -47.95 11.62 -17.84
N PRO Y 127 -47.35 11.99 -16.69
CA PRO Y 127 -47.57 11.17 -15.52
C PRO Y 127 -48.94 11.42 -14.92
N ILE Y 128 -49.81 10.42 -14.93
CA ILE Y 128 -51.11 10.57 -14.32
C ILE Y 128 -51.01 9.62 -13.13
N PHE Y 129 -50.67 10.16 -11.97
CA PHE Y 129 -50.50 9.34 -10.78
C PHE Y 129 -51.80 9.26 -10.00
N GLY Y 130 -52.35 8.06 -9.85
CA GLY Y 130 -53.58 7.90 -9.11
C GLY Y 130 -53.27 7.76 -7.62
N ALA Y 131 -54.27 8.06 -6.81
CA ALA Y 131 -54.16 7.96 -5.37
C ALA Y 131 -55.55 7.83 -4.74
N ILE Y 132 -55.72 6.91 -3.80
CA ILE Y 132 -56.97 6.71 -3.10
C ILE Y 132 -56.75 6.84 -1.58
N ALA Y 133 -57.64 7.57 -0.91
CA ALA Y 133 -57.52 7.79 0.53
C ALA Y 133 -57.73 6.51 1.33
N PRO Y 134 -57.14 6.45 2.54
CA PRO Y 134 -57.30 5.25 3.36
C PRO Y 134 -58.74 5.15 3.89
N ASN Y 135 -59.46 4.09 3.52
CA ASN Y 135 -60.81 3.89 4.00
C ASN Y 135 -60.73 3.00 5.22
N THR Y 136 -60.87 3.57 6.41
CA THR Y 136 -60.82 2.79 7.63
C THR Y 136 -62.14 2.97 8.38
N GLY Y 137 -63.22 3.16 7.65
CA GLY Y 137 -64.53 3.35 8.23
C GLY Y 137 -65.51 2.25 7.88
N THR Y 138 -66.06 2.29 6.67
CA THR Y 138 -67.01 1.28 6.23
C THR Y 138 -66.44 0.41 5.12
N PRO Y 139 -66.65 -0.92 5.20
CA PRO Y 139 -66.12 -1.80 4.15
C PRO Y 139 -67.01 -1.79 2.90
N LYS Y 140 -66.50 -1.29 1.77
CA LYS Y 140 -67.27 -1.24 0.54
C LYS Y 140 -67.56 -2.66 0.04
N ALA Y 141 -68.71 -2.85 -0.60
CA ALA Y 141 -69.10 -4.17 -1.10
C ALA Y 141 -68.10 -4.81 -2.07
N GLN Y 142 -68.06 -6.15 -2.11
CA GLN Y 142 -67.17 -6.88 -2.99
C GLN Y 142 -67.52 -6.69 -4.46
N GLY Y 143 -66.54 -6.84 -5.34
CA GLY Y 143 -66.77 -6.67 -6.77
C GLY Y 143 -65.73 -5.80 -7.43
N ASP Y 144 -66.04 -5.31 -8.63
CA ASP Y 144 -65.10 -4.47 -9.37
C ASP Y 144 -65.59 -3.01 -9.43
N TYR Y 145 -64.73 -2.06 -9.07
CA TYR Y 145 -65.11 -0.66 -9.12
C TYR Y 145 -64.45 -0.05 -10.35
N LYS Y 146 -65.19 0.76 -11.12
CA LYS Y 146 -64.64 1.37 -12.33
C LYS Y 146 -64.99 2.85 -12.50
N ASP Y 147 -64.27 3.48 -13.41
CA ASP Y 147 -64.46 4.88 -13.79
C ASP Y 147 -63.72 5.09 -15.09
N THR Y 148 -64.16 6.07 -15.88
CA THR Y 148 -63.52 6.37 -17.13
C THR Y 148 -63.17 7.84 -17.15
N LEU Y 149 -61.94 8.20 -16.80
CA LEU Y 149 -61.57 9.61 -16.80
C LEU Y 149 -61.26 9.99 -18.24
N LEU Y 150 -61.72 11.15 -18.68
CA LEU Y 150 -61.42 11.60 -20.03
C LEU Y 150 -60.25 12.54 -19.91
N VAL Y 151 -59.08 12.19 -20.46
CA VAL Y 151 -57.93 13.07 -20.40
C VAL Y 151 -58.00 13.89 -21.69
N THR Y 152 -57.82 15.21 -21.56
CA THR Y 152 -57.93 16.17 -22.63
C THR Y 152 -56.65 16.90 -22.94
N VAL Y 153 -55.85 16.38 -23.87
CA VAL Y 153 -54.62 17.04 -24.26
C VAL Y 153 -55.03 18.16 -25.22
N ASN Y 154 -54.91 19.42 -24.81
CA ASN Y 154 -55.35 20.51 -25.67
C ASN Y 154 -54.28 21.55 -25.77
N PHE Y 155 -54.40 22.38 -26.80
CA PHE Y 155 -53.40 23.36 -27.12
C PHE Y 155 -53.97 24.77 -27.00
N ALA Z 1 -56.80 19.55 -30.13
CA ALA Z 1 -57.61 19.00 -29.05
C ALA Z 1 -57.70 17.47 -29.18
N VAL Z 2 -56.83 16.77 -28.45
CA VAL Z 2 -56.83 15.32 -28.45
C VAL Z 2 -57.38 14.80 -27.12
N THR Z 3 -58.69 14.54 -27.09
CA THR Z 3 -59.36 14.03 -25.90
C THR Z 3 -59.31 12.48 -25.90
N GLY Z 4 -58.93 11.90 -24.76
CA GLY Z 4 -58.82 10.48 -24.64
C GLY Z 4 -59.34 9.86 -23.35
N GLN Z 5 -59.51 8.54 -23.30
CA GLN Z 5 -60.04 7.90 -22.09
C GLN Z 5 -59.01 7.12 -21.23
N VAL Z 6 -59.20 7.14 -19.91
CA VAL Z 6 -58.31 6.44 -18.99
C VAL Z 6 -59.20 5.61 -18.08
N ASP Z 7 -59.24 4.29 -18.26
CA ASP Z 7 -60.10 3.48 -17.45
C ASP Z 7 -59.49 3.32 -16.05
N VAL Z 8 -60.26 3.64 -15.02
CA VAL Z 8 -59.80 3.50 -13.65
C VAL Z 8 -60.42 2.24 -13.06
N LYS Z 9 -59.65 1.46 -12.31
CA LYS Z 9 -60.18 0.22 -11.76
C LYS Z 9 -59.67 -0.08 -10.35
N LEU Z 10 -60.45 -0.86 -9.62
CA LEU Z 10 -60.11 -1.27 -8.26
C LEU Z 10 -60.96 -2.52 -7.97
N ASN Z 11 -60.32 -3.61 -7.53
CA ASN Z 11 -61.04 -4.84 -7.26
C ASN Z 11 -61.12 -5.05 -5.77
N ILE Z 12 -62.19 -4.58 -5.16
CA ILE Z 12 -62.37 -4.75 -3.72
C ILE Z 12 -62.88 -6.17 -3.50
N SER Z 13 -62.05 -7.05 -2.94
CA SER Z 13 -62.45 -8.44 -2.67
C SER Z 13 -61.68 -9.08 -1.49
N THR Z 14 -60.36 -9.25 -1.64
CA THR Z 14 -59.49 -9.85 -0.63
C THR Z 14 -58.05 -9.46 -0.94
N GLY Z 15 -57.56 -8.38 -0.32
CA GLY Z 15 -56.22 -7.88 -0.56
C GLY Z 15 -55.18 -7.99 0.56
N CYS Z 16 -54.00 -7.48 0.24
CA CYS Z 16 -52.84 -7.49 1.13
C CYS Z 16 -52.45 -6.06 1.51
N THR Z 17 -52.04 -5.85 2.76
CA THR Z 17 -51.69 -4.50 3.25
C THR Z 17 -50.25 -4.38 3.77
N VAL Z 18 -49.65 -3.19 3.64
CA VAL Z 18 -48.29 -3.00 4.10
C VAL Z 18 -48.24 -2.20 5.42
N GLY Z 19 -47.66 -2.77 6.48
CA GLY Z 19 -47.57 -2.08 7.74
C GLY Z 19 -46.20 -1.43 7.88
N GLY Z 20 -46.06 -0.52 8.84
CA GLY Z 20 -44.81 0.20 9.07
C GLY Z 20 -44.72 1.52 8.33
N SER Z 21 -45.77 1.88 7.60
CA SER Z 21 -45.79 3.11 6.86
C SER Z 21 -46.65 4.17 7.54
N GLN Z 22 -46.37 5.43 7.23
CA GLN Z 22 -47.09 6.57 7.76
C GLN Z 22 -47.56 7.33 6.53
N THR Z 23 -48.77 7.85 6.56
CA THR Z 23 -49.27 8.57 5.39
C THR Z 23 -48.73 9.99 5.36
N GLU Z 24 -47.73 10.27 4.52
CA GLU Z 24 -47.20 11.61 4.38
C GLU Z 24 -48.15 12.31 3.40
N GLY Z 25 -49.10 13.07 3.90
CA GLY Z 25 -50.05 13.72 3.00
C GLY Z 25 -50.80 12.61 2.27
N ASN Z 26 -50.68 12.52 0.95
CA ASN Z 26 -51.37 11.49 0.20
C ASN Z 26 -50.40 10.46 -0.39
N MET Z 27 -49.21 10.35 0.21
CA MET Z 27 -48.21 9.39 -0.27
C MET Z 27 -47.67 8.58 0.92
N ASN Z 28 -47.71 7.25 0.85
CA ASN Z 28 -47.25 6.41 1.94
C ASN Z 28 -45.75 6.53 2.25
N LYS Z 29 -45.39 7.06 3.42
CA LYS Z 29 -43.98 7.17 3.81
C LYS Z 29 -43.58 5.82 4.40
N PHE Z 30 -42.82 5.03 3.66
CA PHE Z 30 -42.42 3.71 4.12
C PHE Z 30 -41.29 3.72 5.13
N GLY Z 31 -40.26 4.52 4.90
CA GLY Z 31 -39.17 4.52 5.87
C GLY Z 31 -37.97 5.36 5.49
N THR Z 32 -36.84 5.08 6.13
CA THR Z 32 -35.62 5.83 5.89
C THR Z 32 -34.41 4.88 5.79
N LEU Z 33 -33.52 5.16 4.84
CA LEU Z 33 -32.32 4.37 4.66
C LEU Z 33 -31.22 5.33 5.10
N ASN Z 34 -30.90 5.30 6.39
CA ASN Z 34 -29.95 6.24 6.96
C ASN Z 34 -28.54 5.67 7.06
N PHE Z 35 -27.65 6.05 6.15
CA PHE Z 35 -26.28 5.55 6.18
C PHE Z 35 -25.46 6.17 7.31
N GLY Z 36 -25.92 7.31 7.81
CA GLY Z 36 -25.25 8.00 8.90
C GLY Z 36 -24.29 9.05 8.39
N LYS Z 37 -23.37 9.44 9.26
CA LYS Z 37 -22.35 10.44 8.93
C LYS Z 37 -21.15 9.78 8.28
N THR Z 38 -20.41 10.53 7.47
CA THR Z 38 -19.23 9.99 6.80
C THR Z 38 -18.29 11.10 6.34
N SER Z 39 -17.03 10.75 6.10
CA SER Z 39 -16.04 11.71 5.63
C SER Z 39 -16.02 11.75 4.15
N GLY Z 40 -15.26 12.71 3.56
CA GLY Z 40 -15.18 12.86 2.11
C GLY Z 40 -14.84 11.57 1.39
N THR Z 41 -13.84 10.86 1.89
CA THR Z 41 -13.41 9.60 1.28
C THR Z 41 -13.50 8.44 2.28
N TRP Z 42 -14.46 7.53 2.10
CA TRP Z 42 -14.61 6.40 3.00
C TRP Z 42 -14.06 5.11 2.35
N ASN Z 43 -13.28 4.33 3.10
CA ASN Z 43 -12.72 3.09 2.56
C ASN Z 43 -13.62 1.88 2.81
N ASN Z 44 -14.43 1.96 3.85
CA ASN Z 44 -15.37 0.89 4.17
C ASN Z 44 -16.70 1.10 3.45
N VAL Z 45 -17.33 0.01 3.01
CA VAL Z 45 -18.62 0.07 2.33
C VAL Z 45 -19.64 0.61 3.33
N LEU Z 46 -20.27 1.76 3.06
CA LEU Z 46 -21.21 2.30 4.06
C LEU Z 46 -22.49 1.50 3.94
N THR Z 47 -23.03 1.01 5.06
CA THR Z 47 -24.15 0.09 5.00
C THR Z 47 -25.19 0.30 6.10
N ALA Z 48 -26.46 0.51 5.75
CA ALA Z 48 -27.52 0.68 6.75
C ALA Z 48 -28.81 0.05 6.24
N GLU Z 49 -29.72 -0.26 7.17
CA GLU Z 49 -30.99 -0.90 6.85
C GLU Z 49 -32.11 0.11 6.91
N VAL Z 50 -33.19 -0.16 6.17
CA VAL Z 50 -34.34 0.71 6.18
C VAL Z 50 -34.99 0.73 7.57
N ALA Z 51 -35.43 1.89 8.03
CA ALA Z 51 -36.10 2.01 9.32
C ALA Z 51 -37.51 2.52 9.02
N SER Z 52 -38.54 1.69 9.23
CA SER Z 52 -39.92 2.09 8.96
C SER Z 52 -40.28 3.40 9.67
N ALA Z 53 -41.01 4.28 8.99
CA ALA Z 53 -41.38 5.57 9.59
C ALA Z 53 -42.40 5.46 10.73
N ALA Z 54 -43.19 4.38 10.73
CA ALA Z 54 -44.20 4.18 11.75
C ALA Z 54 -43.68 3.59 13.07
N THR Z 55 -42.89 2.53 12.97
CA THR Z 55 -42.37 1.89 14.19
C THR Z 55 -40.89 2.11 14.46
N GLY Z 56 -40.07 2.16 13.41
CA GLY Z 56 -38.64 2.31 13.58
C GLY Z 56 -37.91 1.06 13.14
N GLY Z 57 -38.62 -0.07 13.13
CA GLY Z 57 -38.05 -1.34 12.71
C GLY Z 57 -38.23 -1.58 11.22
N ASN Z 58 -38.29 -2.84 10.81
CA ASN Z 58 -38.44 -3.16 9.40
C ASN Z 58 -39.90 -3.10 8.94
N ILE Z 59 -40.12 -2.77 7.66
CA ILE Z 59 -41.47 -2.70 7.12
C ILE Z 59 -42.11 -4.08 7.29
N SER Z 60 -43.29 -4.13 7.91
CA SER Z 60 -43.93 -5.43 8.15
C SER Z 60 -45.17 -5.58 7.27
N VAL Z 61 -45.06 -6.32 6.18
CA VAL Z 61 -46.21 -6.49 5.30
C VAL Z 61 -47.03 -7.70 5.76
N THR Z 62 -48.34 -7.53 5.94
CA THR Z 62 -49.19 -8.64 6.34
C THR Z 62 -50.30 -8.74 5.29
N CYS Z 63 -50.79 -9.94 5.03
CA CYS Z 63 -51.88 -10.06 4.08
C CYS Z 63 -53.16 -10.33 4.85
N ASP Z 64 -54.29 -10.02 4.22
CA ASP Z 64 -55.59 -10.21 4.85
C ASP Z 64 -56.32 -11.43 4.29
N GLY Z 65 -56.15 -12.59 4.92
CA GLY Z 65 -56.81 -13.80 4.45
C GLY Z 65 -56.31 -15.04 5.18
N THR Z 66 -56.71 -16.21 4.68
CA THR Z 66 -56.32 -17.49 5.26
C THR Z 66 -55.31 -18.28 4.43
N ASP Z 67 -55.27 -18.14 3.12
CA ASP Z 67 -54.28 -18.90 2.37
C ASP Z 67 -53.00 -18.08 2.18
N PRO Z 68 -51.83 -18.74 2.19
CA PRO Z 68 -50.59 -17.95 2.05
C PRO Z 68 -50.53 -17.24 0.69
N VAL Z 69 -50.55 -15.91 0.67
CA VAL Z 69 -50.49 -15.18 -0.58
C VAL Z 69 -49.05 -14.87 -1.01
N ASP Z 70 -48.78 -14.88 -2.32
CA ASP Z 70 -47.46 -14.58 -2.83
C ASP Z 70 -47.47 -13.16 -3.37
N PHE Z 71 -46.89 -12.22 -2.64
CA PHE Z 71 -46.89 -10.82 -3.06
C PHE Z 71 -45.49 -10.43 -3.50
N THR Z 72 -45.41 -9.43 -4.36
CA THR Z 72 -44.12 -9.00 -4.85
C THR Z 72 -43.69 -7.62 -4.33
N VAL Z 73 -42.37 -7.38 -4.39
CA VAL Z 73 -41.82 -6.11 -3.95
C VAL Z 73 -40.93 -5.53 -5.04
N ALA Z 74 -41.17 -4.28 -5.45
CA ALA Z 74 -40.35 -3.66 -6.48
C ALA Z 74 -39.93 -2.26 -6.02
N ILE Z 75 -38.65 -1.94 -6.19
CA ILE Z 75 -38.13 -0.65 -5.80
C ILE Z 75 -37.67 0.00 -7.10
N ASP Z 76 -37.86 1.31 -7.23
CA ASP Z 76 -37.47 2.03 -8.43
C ASP Z 76 -36.03 2.56 -8.31
N GLY Z 77 -35.55 3.34 -9.30
CA GLY Z 77 -34.21 3.88 -9.31
C GLY Z 77 -33.94 5.21 -8.61
N GLY Z 78 -34.87 5.71 -7.80
CA GLY Z 78 -34.67 6.97 -7.11
C GLY Z 78 -35.10 8.16 -7.95
N GLU Z 79 -34.92 9.36 -7.41
CA GLU Z 79 -35.28 10.60 -8.08
C GLU Z 79 -34.71 10.72 -9.46
N ARG Z 80 -33.43 10.41 -9.65
CA ARG Z 80 -32.82 10.57 -10.97
C ARG Z 80 -32.78 9.32 -11.84
N THR Z 81 -33.37 8.22 -11.32
CA THR Z 81 -33.45 6.88 -11.96
C THR Z 81 -32.13 6.08 -12.06
N ASP Z 82 -31.07 6.49 -11.37
CA ASP Z 82 -29.80 5.75 -11.38
C ASP Z 82 -29.23 5.52 -9.97
N ARG Z 83 -30.12 5.53 -8.97
CA ARG Z 83 -29.78 5.30 -7.56
C ARG Z 83 -28.59 6.12 -7.08
N THR Z 84 -28.70 7.44 -7.21
CA THR Z 84 -27.66 8.36 -6.75
C THR Z 84 -28.24 9.34 -5.74
N LEU Z 85 -27.57 9.55 -4.61
CA LEU Z 85 -28.06 10.53 -3.69
C LEU Z 85 -27.49 11.87 -4.14
N LYS Z 86 -28.26 12.94 -4.04
CA LYS Z 86 -27.78 14.23 -4.50
C LYS Z 86 -27.57 15.19 -3.34
N ASN Z 87 -26.54 16.02 -3.40
CA ASN Z 87 -26.32 16.95 -2.35
C ASN Z 87 -27.43 17.98 -2.41
N THR Z 88 -27.99 18.38 -1.28
CA THR Z 88 -29.03 19.38 -1.26
C THR Z 88 -28.65 20.69 -1.96
N ALA Z 89 -27.39 21.14 -1.83
CA ALA Z 89 -26.99 22.41 -2.46
C ALA Z 89 -26.20 22.29 -3.78
N SER Z 90 -25.11 21.53 -3.74
CA SER Z 90 -24.25 21.31 -4.91
C SER Z 90 -24.80 20.19 -5.80
N ALA Z 91 -24.12 19.90 -6.91
CA ALA Z 91 -24.57 18.85 -7.82
C ALA Z 91 -23.83 17.51 -7.67
N ASP Z 92 -23.11 17.33 -6.57
CA ASP Z 92 -22.38 16.09 -6.34
C ASP Z 92 -23.36 14.93 -6.17
N VAL Z 93 -22.97 13.73 -6.61
CA VAL Z 93 -23.85 12.58 -6.49
C VAL Z 93 -23.16 11.43 -5.76
N VAL Z 94 -23.92 10.58 -5.09
CA VAL Z 94 -23.35 9.43 -4.37
C VAL Z 94 -24.09 8.17 -4.78
N ALA Z 95 -23.48 7.35 -5.64
CA ALA Z 95 -24.12 6.13 -6.12
C ALA Z 95 -24.33 5.10 -4.99
N TYR Z 96 -25.50 4.46 -4.94
CA TYR Z 96 -25.80 3.44 -3.94
C TYR Z 96 -26.67 2.36 -4.57
N ASN Z 97 -27.09 1.36 -3.76
CA ASN Z 97 -27.95 0.28 -4.24
C ASN Z 97 -28.66 -0.33 -3.03
N VAL Z 98 -29.80 -0.94 -3.27
CA VAL Z 98 -30.55 -1.58 -2.19
C VAL Z 98 -30.59 -3.09 -2.45
N TYR Z 99 -30.21 -3.89 -1.46
CA TYR Z 99 -30.23 -5.35 -1.64
C TYR Z 99 -31.31 -5.92 -0.73
N ARG Z 100 -31.68 -7.17 -0.97
CA ARG Z 100 -32.72 -7.84 -0.20
C ARG Z 100 -32.19 -8.72 0.93
N ASP Z 101 -31.06 -9.37 0.71
CA ASP Z 101 -30.49 -10.24 1.72
C ASP Z 101 -29.40 -9.55 2.52
N ALA Z 102 -29.13 -10.07 3.73
CA ALA Z 102 -28.13 -9.52 4.65
C ALA Z 102 -26.68 -9.46 4.14
N ALA Z 103 -26.33 -10.29 3.17
CA ALA Z 103 -24.99 -10.29 2.60
C ALA Z 103 -24.81 -9.43 1.34
N ARG Z 104 -25.70 -8.46 1.08
CA ARG Z 104 -25.59 -7.57 -0.08
C ARG Z 104 -25.43 -8.27 -1.43
N THR Z 105 -26.05 -9.45 -1.58
CA THR Z 105 -25.96 -10.22 -2.82
C THR Z 105 -27.20 -10.15 -3.73
N ASN Z 106 -28.39 -10.40 -3.18
CA ASN Z 106 -29.63 -10.39 -3.93
C ASN Z 106 -30.09 -8.95 -4.08
N LEU Z 107 -29.74 -8.33 -5.20
CA LEU Z 107 -30.05 -6.94 -5.47
C LEU Z 107 -31.51 -6.69 -5.87
N TYR Z 108 -32.09 -5.60 -5.37
CA TYR Z 108 -33.45 -5.26 -5.78
C TYR Z 108 -33.25 -4.57 -7.09
N VAL Z 109 -33.27 -5.33 -8.18
CA VAL Z 109 -33.08 -4.75 -9.51
C VAL Z 109 -34.13 -3.67 -9.82
N VAL Z 110 -33.71 -2.60 -10.49
CA VAL Z 110 -34.60 -1.48 -10.83
C VAL Z 110 -35.91 -1.95 -11.49
N ASN Z 111 -37.06 -1.47 -11.00
CA ASN Z 111 -38.36 -1.84 -11.54
C ASN Z 111 -38.55 -3.35 -11.73
N GLN Z 112 -38.20 -4.14 -10.71
CA GLN Z 112 -38.37 -5.58 -10.80
C GLN Z 112 -39.11 -6.12 -9.58
N PRO Z 113 -40.06 -7.06 -9.80
CA PRO Z 113 -40.84 -7.61 -8.69
C PRO Z 113 -40.12 -8.69 -7.89
N GLN Z 114 -39.27 -8.34 -6.95
CA GLN Z 114 -38.61 -9.38 -6.18
C GLN Z 114 -39.72 -10.12 -5.38
N GLN Z 115 -39.96 -11.41 -5.68
CA GLN Z 115 -41.00 -12.23 -5.02
C GLN Z 115 -40.90 -12.30 -3.47
N PHE Z 116 -42.06 -12.56 -2.84
CA PHE Z 116 -42.15 -12.69 -1.38
C PHE Z 116 -43.34 -13.56 -0.96
N THR Z 117 -43.23 -14.23 0.20
CA THR Z 117 -44.31 -15.08 0.70
C THR Z 117 -44.91 -14.48 1.96
N THR Z 118 -46.15 -14.84 2.26
CA THR Z 118 -46.82 -14.33 3.46
C THR Z 118 -47.91 -15.30 3.90
N VAL Z 119 -47.92 -15.70 5.18
CA VAL Z 119 -48.95 -16.62 5.66
C VAL Z 119 -49.96 -15.89 6.54
N SER Z 120 -51.09 -16.53 6.79
CA SER Z 120 -52.16 -15.96 7.61
C SER Z 120 -51.72 -15.78 9.05
N GLY Z 121 -52.25 -14.74 9.72
CA GLY Z 121 -51.91 -14.47 11.11
C GLY Z 121 -50.43 -14.25 11.36
N GLN Z 122 -49.77 -13.59 10.41
CA GLN Z 122 -48.34 -13.31 10.53
C GLN Z 122 -47.98 -12.11 9.65
N ALA Z 123 -46.95 -11.36 10.04
CA ALA Z 123 -46.52 -10.22 9.26
C ALA Z 123 -45.10 -10.54 8.76
N THR Z 124 -44.85 -10.43 7.46
CA THR Z 124 -43.54 -10.71 6.91
C THR Z 124 -42.77 -9.38 6.79
N ALA Z 125 -41.48 -9.40 7.11
CA ALA Z 125 -40.68 -8.17 7.04
C ALA Z 125 -40.08 -8.00 5.64
N VAL Z 126 -39.94 -6.75 5.20
CA VAL Z 126 -39.35 -6.46 3.89
C VAL Z 126 -37.98 -5.85 4.13
N PRO Z 127 -36.93 -6.70 4.05
CA PRO Z 127 -35.61 -6.16 4.31
C PRO Z 127 -35.11 -5.37 3.11
N ILE Z 128 -34.90 -4.06 3.28
CA ILE Z 128 -34.36 -3.25 2.22
C ILE Z 128 -32.99 -2.87 2.77
N PHE Z 129 -31.97 -3.64 2.38
CA PHE Z 129 -30.63 -3.40 2.89
C PHE Z 129 -29.87 -2.47 1.96
N GLY Z 130 -29.46 -1.30 2.45
CA GLY Z 130 -28.72 -0.38 1.64
C GLY Z 130 -27.25 -0.71 1.67
N ALA Z 131 -26.52 -0.25 0.66
CA ALA Z 131 -25.10 -0.46 0.54
C ALA Z 131 -24.48 0.58 -0.39
N ILE Z 132 -23.37 1.17 0.03
CA ILE Z 132 -22.66 2.15 -0.77
C ILE Z 132 -21.20 1.71 -1.00
N ALA Z 133 -20.73 1.81 -2.24
CA ALA Z 133 -19.37 1.40 -2.57
C ALA Z 133 -18.31 2.27 -1.91
N PRO Z 134 -17.11 1.70 -1.70
CA PRO Z 134 -16.05 2.48 -1.06
C PRO Z 134 -15.52 3.55 -2.03
N ASN Z 135 -15.66 4.82 -1.65
CA ASN Z 135 -15.18 5.91 -2.47
C ASN Z 135 -13.78 6.27 -1.98
N THR Z 136 -12.76 5.85 -2.71
CA THR Z 136 -11.39 6.15 -2.32
C THR Z 136 -10.71 6.92 -3.45
N GLY Z 137 -11.49 7.73 -4.15
CA GLY Z 137 -10.99 8.51 -5.25
C GLY Z 137 -11.10 10.00 -5.02
N THR Z 138 -12.30 10.56 -5.21
CA THR Z 138 -12.52 11.98 -5.01
C THR Z 138 -13.41 12.26 -3.79
N PRO Z 139 -13.04 13.25 -2.97
CA PRO Z 139 -13.85 13.56 -1.79
C PRO Z 139 -15.09 14.38 -2.15
N LYS Z 140 -16.29 13.83 -1.99
CA LYS Z 140 -17.52 14.55 -2.29
C LYS Z 140 -17.69 15.75 -1.36
N ALA Z 141 -18.28 16.83 -1.86
CA ALA Z 141 -18.48 18.03 -1.05
C ALA Z 141 -19.28 17.82 0.25
N GLN Z 142 -19.02 18.64 1.26
CA GLN Z 142 -19.70 18.55 2.55
C GLN Z 142 -21.17 18.90 2.44
N GLY Z 143 -21.99 18.37 3.34
CA GLY Z 143 -23.42 18.62 3.32
C GLY Z 143 -24.24 17.36 3.49
N ASP Z 144 -25.52 17.44 3.14
CA ASP Z 144 -26.42 16.30 3.26
C ASP Z 144 -26.80 15.75 1.88
N TYR Z 145 -26.66 14.43 1.67
CA TYR Z 145 -27.02 13.83 0.39
C TYR Z 145 -28.35 13.11 0.60
N LYS Z 146 -29.29 13.25 -0.34
CA LYS Z 146 -30.60 12.60 -0.21
C LYS Z 146 -31.09 11.94 -1.49
N ASP Z 147 -32.12 11.12 -1.33
CA ASP Z 147 -32.80 10.43 -2.42
C ASP Z 147 -34.10 9.90 -1.85
N THR Z 148 -35.09 9.71 -2.72
CA THR Z 148 -36.37 9.20 -2.30
C THR Z 148 -36.71 7.99 -3.16
N LEU Z 149 -36.42 6.79 -2.67
CA LEU Z 149 -36.73 5.61 -3.47
C LEU Z 149 -38.22 5.32 -3.28
N LEU Z 150 -38.91 4.98 -4.37
CA LEU Z 150 -40.33 4.66 -4.26
C LEU Z 150 -40.39 3.14 -4.20
N VAL Z 151 -40.83 2.57 -3.09
CA VAL Z 151 -40.96 1.12 -2.99
C VAL Z 151 -42.39 0.83 -3.42
N THR Z 152 -42.56 -0.18 -4.30
CA THR Z 152 -43.81 -0.56 -4.89
C THR Z 152 -44.25 -1.97 -4.52
N VAL Z 153 -45.04 -2.10 -3.46
CA VAL Z 153 -45.55 -3.41 -3.06
C VAL Z 153 -46.74 -3.69 -3.99
N ASN Z 154 -46.62 -4.64 -4.92
CA ASN Z 154 -47.70 -4.89 -5.84
C ASN Z 154 -48.02 -6.36 -5.90
N PHE Z 155 -49.21 -6.65 -6.40
CA PHE Z 155 -49.71 -8.00 -6.41
C PHE Z 155 -49.92 -8.49 -7.85
N ALA AA 1 -51.85 -2.58 -5.30
CA ALA AA 1 -50.70 -1.75 -5.61
C ALA AA 1 -50.48 -0.70 -4.52
N VAL AA 2 -49.60 -1.01 -3.57
CA VAL AA 2 -49.29 -0.08 -2.50
C VAL AA 2 -47.87 0.49 -2.72
N THR AA 3 -47.81 1.64 -3.38
CA THR AA 3 -46.55 2.32 -3.65
C THR AA 3 -46.21 3.28 -2.49
N GLY AA 4 -44.97 3.20 -2.01
CA GLY AA 4 -44.52 4.02 -0.91
C GLY AA 4 -43.13 4.63 -1.03
N GLN AA 5 -42.80 5.61 -0.19
CA GLN AA 5 -41.49 6.25 -0.27
C GLN AA 5 -40.46 5.86 0.81
N VAL AA 6 -39.18 5.81 0.45
CA VAL AA 6 -38.12 5.46 1.38
C VAL AA 6 -37.06 6.55 1.25
N ASP AA 7 -36.94 7.44 2.23
CA ASP AA 7 -35.98 8.50 2.12
C ASP AA 7 -34.58 7.96 2.39
N VAL AA 8 -33.65 8.21 1.46
CA VAL AA 8 -32.27 7.75 1.61
C VAL AA 8 -31.44 8.96 2.04
N LYS AA 9 -30.51 8.77 2.98
CA LYS AA 9 -29.71 9.89 3.45
C LYS AA 9 -28.27 9.51 3.75
N LEU AA 10 -27.39 10.50 3.68
CA LEU AA 10 -25.96 10.34 3.97
C LEU AA 10 -25.42 11.72 4.29
N ASN AA 11 -24.74 11.89 5.42
CA ASN AA 11 -24.22 13.18 5.80
C ASN AA 11 -22.71 13.17 5.64
N ILE AA 12 -22.24 13.60 4.48
CA ILE AA 12 -20.81 13.66 4.24
C ILE AA 12 -20.29 14.92 4.91
N SER AA 13 -19.53 14.78 6.01
CA SER AA 13 -18.96 15.94 6.72
C SER AA 13 -17.65 15.60 7.49
N THR AA 14 -17.74 14.73 8.49
CA THR AA 14 -16.61 14.33 9.33
C THR AA 14 -16.98 13.03 10.04
N GLY AA 15 -16.61 11.88 9.45
CA GLY AA 15 -16.94 10.58 10.01
C GLY AA 15 -15.81 9.72 10.55
N CYS AA 16 -16.20 8.53 11.01
CA CYS AA 16 -15.32 7.55 11.62
C CYS AA 16 -15.25 6.30 10.75
N THR AA 17 -14.07 5.67 10.64
CA THR AA 17 -13.89 4.49 9.79
C THR AA 17 -13.39 3.24 10.56
N VAL AA 18 -13.77 2.06 10.09
CA VAL AA 18 -13.35 0.83 10.76
C VAL AA 18 -12.24 0.11 9.97
N GLY AA 19 -11.07 -0.10 10.58
CA GLY AA 19 -9.98 -0.79 9.91
C GLY AA 19 -9.97 -2.26 10.29
N GLY AA 20 -9.24 -3.07 9.54
CA GLY AA 20 -9.16 -4.51 9.79
C GLY AA 20 -10.17 -5.32 9.00
N SER AA 21 -10.97 -4.66 8.19
CA SER AA 21 -11.98 -5.34 7.40
C SER AA 21 -11.56 -5.46 5.94
N GLN AA 22 -12.14 -6.43 5.25
CA GLN AA 22 -11.88 -6.68 3.85
C GLN AA 22 -13.26 -6.65 3.20
N THR AA 23 -13.37 -6.07 2.02
CA THR AA 23 -14.67 -5.99 1.37
C THR AA 23 -15.01 -7.32 0.68
N GLU AA 24 -15.88 -8.13 1.29
CA GLU AA 24 -16.30 -9.37 0.67
C GLU AA 24 -17.43 -8.98 -0.28
N GLY AA 25 -17.12 -8.80 -1.56
CA GLY AA 25 -18.16 -8.38 -2.50
C GLY AA 25 -18.63 -7.01 -2.04
N ASN AA 26 -19.90 -6.88 -1.67
CA ASN AA 26 -20.42 -5.58 -1.22
C ASN AA 26 -20.74 -5.57 0.27
N MET AA 27 -20.12 -6.48 1.03
CA MET AA 27 -20.35 -6.57 2.47
C MET AA 27 -19.00 -6.62 3.22
N ASN AA 28 -18.79 -5.72 4.17
CA ASN AA 28 -17.52 -5.67 4.90
C ASN AA 28 -17.23 -6.94 5.74
N LYS AA 29 -16.20 -7.71 5.37
CA LYS AA 29 -15.82 -8.89 6.13
C LYS AA 29 -14.94 -8.41 7.29
N PHE AA 30 -15.48 -8.38 8.51
CA PHE AA 30 -14.73 -7.90 9.66
C PHE AA 30 -13.73 -8.89 10.21
N GLY AA 31 -14.11 -10.16 10.33
CA GLY AA 31 -13.15 -11.12 10.87
C GLY AA 31 -13.68 -12.51 11.10
N THR AA 32 -12.97 -13.28 11.92
CA THR AA 32 -13.36 -14.64 12.23
C THR AA 32 -13.23 -14.94 13.72
N LEU AA 33 -14.20 -15.67 14.27
CA LEU AA 33 -14.18 -16.05 15.67
C LEU AA 33 -13.95 -17.55 15.61
N ASN AA 34 -12.68 -17.95 15.60
CA ASN AA 34 -12.32 -19.34 15.43
C ASN AA 34 -12.07 -20.05 16.75
N PHE AA 35 -13.03 -20.85 17.21
CA PHE AA 35 -12.87 -21.57 18.48
C PHE AA 35 -11.89 -22.74 18.35
N GLY AA 36 -11.66 -23.19 17.12
CA GLY AA 36 -10.74 -24.28 16.86
C GLY AA 36 -11.45 -25.61 16.81
N LYS AA 37 -10.68 -26.68 16.96
CA LYS AA 37 -11.22 -28.04 16.95
C LYS AA 37 -11.67 -28.45 18.35
N THR AA 38 -12.61 -29.37 18.42
CA THR AA 38 -13.13 -29.84 19.71
C THR AA 38 -13.82 -31.20 19.58
N SER AA 39 -13.95 -31.90 20.70
CA SER AA 39 -14.61 -33.20 20.73
C SER AA 39 -16.06 -33.03 20.97
N GLY AA 40 -16.84 -34.14 20.88
CA GLY AA 40 -18.28 -34.11 21.07
C GLY AA 40 -18.70 -33.44 22.37
N THR AA 41 -18.04 -33.81 23.46
CA THR AA 41 -18.34 -33.25 24.78
C THR AA 41 -17.10 -32.57 25.39
N TRP AA 42 -17.10 -31.24 25.47
CA TRP AA 42 -15.97 -30.53 26.04
C TRP AA 42 -16.31 -30.03 27.46
N ASN AA 43 -15.39 -30.21 28.41
CA ASN AA 43 -15.63 -29.78 29.78
C ASN AA 43 -15.14 -28.36 30.04
N ASN AA 44 -14.15 -27.93 29.27
CA ASN AA 44 -13.63 -26.57 29.41
C ASN AA 44 -14.38 -25.61 28.49
N VAL AA 45 -14.59 -24.38 28.97
CA VAL AA 45 -15.28 -23.34 28.20
C VAL AA 45 -14.45 -23.06 26.95
N LEU AA 46 -14.98 -23.29 25.75
CA LEU AA 46 -14.14 -23.04 24.56
C LEU AA 46 -14.10 -21.55 24.34
N THR AA 47 -12.90 -20.97 24.14
CA THR AA 47 -12.77 -19.53 24.09
C THR AA 47 -11.76 -19.03 23.06
N ALA AA 48 -12.17 -18.15 22.14
CA ALA AA 48 -11.25 -17.60 21.14
C ALA AA 48 -11.63 -16.14 20.86
N GLU AA 49 -10.67 -15.39 20.32
CA GLU AA 49 -10.86 -13.98 20.03
C GLU AA 49 -11.04 -13.78 18.54
N VAL AA 50 -11.72 -12.69 18.16
CA VAL AA 50 -11.92 -12.37 16.77
C VAL AA 50 -10.58 -12.07 16.09
N ALA AA 51 -10.39 -12.55 14.86
CA ALA AA 51 -9.18 -12.29 14.10
C ALA AA 51 -9.60 -11.52 12.86
N SER AA 52 -9.23 -10.23 12.76
CA SER AA 52 -9.62 -9.41 11.62
C SER AA 52 -9.22 -10.07 10.28
N ALA AA 53 -10.09 -9.98 9.28
CA ALA AA 53 -9.79 -10.61 7.98
C ALA AA 53 -8.67 -9.91 7.20
N ALA AA 54 -8.44 -8.64 7.47
CA ALA AA 54 -7.42 -7.87 6.78
C ALA AA 54 -6.00 -8.07 7.32
N THR AA 55 -5.84 -7.97 8.63
CA THR AA 55 -4.51 -8.11 9.23
C THR AA 55 -4.27 -9.42 9.99
N GLY AA 56 -5.29 -9.92 10.67
CA GLY AA 56 -5.13 -11.13 11.46
C GLY AA 56 -5.26 -10.82 12.94
N GLY AA 57 -5.05 -9.56 13.31
CA GLY AA 57 -5.15 -9.12 14.69
C GLY AA 57 -6.56 -8.64 15.01
N ASN AA 58 -6.68 -7.73 15.98
CA ASN AA 58 -7.99 -7.22 16.36
C ASN AA 58 -8.48 -6.10 15.44
N ILE AA 59 -9.80 -5.97 15.29
CA ILE AA 59 -10.36 -4.93 14.46
C ILE AA 59 -9.89 -3.59 15.02
N SER AA 60 -9.30 -2.73 14.18
CA SER AA 60 -8.80 -1.45 14.67
C SER AA 60 -9.63 -0.30 14.13
N VAL AA 61 -10.54 0.24 14.94
CA VAL AA 61 -11.36 1.33 14.47
C VAL AA 61 -10.67 2.67 14.74
N THR AA 62 -10.55 3.52 13.73
CA THR AA 62 -9.93 4.82 13.92
C THR AA 62 -10.95 5.87 13.46
N CYS AA 63 -10.94 7.04 14.07
CA CYS AA 63 -11.86 8.08 13.62
C CYS AA 63 -11.07 9.12 12.84
N ASP AA 64 -11.77 9.85 11.97
CA ASP AA 64 -11.12 10.87 11.15
C ASP AA 64 -11.42 12.28 11.67
N GLY AA 65 -10.55 12.81 12.53
CA GLY AA 65 -10.74 14.14 13.08
C GLY AA 65 -9.75 14.46 14.17
N THR AA 66 -9.98 15.58 14.87
CA THR AA 66 -9.12 16.03 15.96
C THR AA 66 -9.74 15.88 17.35
N ASP AA 67 -11.06 15.93 17.50
CA ASP AA 67 -11.59 15.77 18.86
C ASP AA 67 -11.94 14.30 19.12
N PRO AA 68 -11.77 13.84 20.36
CA PRO AA 68 -12.07 12.43 20.63
C PRO AA 68 -13.55 12.10 20.38
N VAL AA 69 -13.86 11.26 19.39
CA VAL AA 69 -15.25 10.92 19.11
C VAL AA 69 -15.71 9.68 19.90
N ASP AA 70 -16.97 9.66 20.32
CA ASP AA 70 -17.52 8.54 21.06
C ASP AA 70 -18.35 7.71 20.10
N PHE AA 71 -17.84 6.57 19.65
CA PHE AA 71 -18.58 5.73 18.71
C PHE AA 71 -19.06 4.48 19.41
N THR AA 72 -20.12 3.90 18.87
CA THR AA 72 -20.68 2.71 19.50
C THR AA 72 -20.47 1.44 18.67
N VAL AA 73 -20.55 0.30 19.35
CA VAL AA 73 -20.40 -0.99 18.71
C VAL AA 73 -21.59 -1.90 19.06
N ALA AA 74 -22.25 -2.46 18.05
CA ALA AA 74 -23.39 -3.34 18.31
C ALA AA 74 -23.24 -4.61 17.49
N ILE AA 75 -23.46 -5.77 18.11
CA ILE AA 75 -23.36 -7.03 17.42
C ILE AA 75 -24.77 -7.63 17.48
N ASP AA 76 -25.18 -8.30 16.41
CA ASP AA 76 -26.51 -8.90 16.36
C ASP AA 76 -26.48 -10.35 16.89
N GLY AA 77 -27.61 -11.07 16.80
CA GLY AA 77 -27.73 -12.43 17.28
C GLY AA 77 -27.33 -13.58 16.36
N GLY AA 78 -26.67 -13.30 15.24
CA GLY AA 78 -26.28 -14.35 14.32
C GLY AA 78 -27.36 -14.68 13.31
N GLU AA 79 -27.09 -15.67 12.45
CA GLU AA 79 -28.03 -16.08 11.42
C GLU AA 79 -29.41 -16.42 11.95
N ARG AA 80 -29.49 -17.15 13.06
CA ARG AA 80 -30.81 -17.55 13.56
C ARG AA 80 -31.37 -16.66 14.68
N THR AA 81 -30.63 -15.59 15.00
CA THR AA 81 -30.95 -14.58 16.04
C THR AA 81 -30.86 -15.04 17.52
N ASP AA 82 -30.27 -16.21 17.78
CA ASP AA 82 -30.10 -16.70 19.15
C ASP AA 82 -28.65 -17.16 19.44
N ARG AA 83 -27.70 -16.63 18.69
CA ARG AA 83 -26.27 -16.93 18.82
C ARG AA 83 -25.95 -18.42 18.90
N THR AA 84 -26.38 -19.16 17.88
CA THR AA 84 -26.12 -20.60 17.82
C THR AA 84 -25.36 -20.93 16.53
N LEU AA 85 -24.30 -21.71 16.62
CA LEU AA 85 -23.62 -22.09 15.41
C LEU AA 85 -24.35 -23.32 14.87
N LYS AA 86 -24.50 -23.44 13.57
CA LYS AA 86 -25.23 -24.56 13.01
C LYS AA 86 -24.31 -25.49 12.24
N ASN AA 87 -24.54 -26.79 12.31
CA ASN AA 87 -23.71 -27.69 11.58
C ASN AA 87 -24.03 -27.50 10.11
N THR AA 88 -23.02 -27.48 9.25
CA THR AA 88 -23.23 -27.34 7.82
C THR AA 88 -24.20 -28.38 7.24
N ALA AA 89 -24.16 -29.63 7.71
CA ALA AA 89 -25.05 -30.67 7.15
C ALA AA 89 -26.29 -31.01 7.99
N SER AA 90 -26.07 -31.36 9.25
CA SER AA 90 -27.15 -31.71 10.18
C SER AA 90 -27.77 -30.46 10.82
N ALA AA 91 -28.78 -30.64 11.66
CA ALA AA 91 -29.45 -29.51 12.30
C ALA AA 91 -28.99 -29.23 13.74
N ASP AA 92 -27.86 -29.81 14.15
CA ASP AA 92 -27.36 -29.60 15.50
C ASP AA 92 -26.94 -28.13 15.68
N VAL AA 93 -27.10 -27.60 16.90
CA VAL AA 93 -26.74 -26.21 17.16
C VAL AA 93 -25.77 -26.10 18.33
N VAL AA 94 -24.94 -25.07 18.33
CA VAL AA 94 -23.97 -24.87 19.41
C VAL AA 94 -24.11 -23.44 19.93
N ALA AA 95 -24.75 -23.27 21.08
CA ALA AA 95 -24.95 -21.94 21.65
C ALA AA 95 -23.62 -21.27 22.08
N TYR AA 96 -23.46 -19.98 21.77
CA TYR AA 96 -22.27 -19.23 22.14
C TYR AA 96 -22.65 -17.81 22.49
N ASN AA 97 -21.65 -16.95 22.80
CA ASN AA 97 -21.87 -15.55 23.11
C ASN AA 97 -20.58 -14.78 22.89
N VAL AA 98 -20.69 -13.49 22.63
CA VAL AA 98 -19.51 -12.66 22.42
C VAL AA 98 -19.43 -11.64 23.55
N TYR AA 99 -18.28 -11.54 24.22
CA TYR AA 99 -18.13 -10.57 25.30
C TYR AA 99 -17.13 -9.50 24.85
N ARG AA 100 -17.10 -8.40 25.59
CA ARG AA 100 -16.22 -7.28 25.25
C ARG AA 100 -14.91 -7.27 26.05
N ASP AA 101 -14.96 -7.68 27.31
CA ASP AA 101 -13.78 -7.68 28.14
C ASP AA 101 -13.13 -9.07 28.20
N ALA AA 102 -11.84 -9.09 28.54
CA ALA AA 102 -11.04 -10.32 28.62
C ALA AA 102 -11.53 -11.40 29.62
N ALA AA 103 -12.29 -11.00 30.64
CA ALA AA 103 -12.82 -11.93 31.62
C ALA AA 103 -14.24 -12.46 31.32
N ARG AA 104 -14.73 -12.36 30.08
CA ARG AA 104 -16.05 -12.87 29.70
C ARG AA 104 -17.21 -12.35 30.56
N THR AA 105 -17.10 -11.11 31.04
CA THR AA 105 -18.14 -10.52 31.89
C THR AA 105 -19.06 -9.51 31.20
N ASN AA 106 -18.49 -8.53 30.50
CA ASN AA 106 -19.25 -7.50 29.81
C ASN AA 106 -19.71 -8.05 28.49
N LEU AA 107 -20.93 -8.56 28.47
CA LEU AA 107 -21.51 -9.17 27.29
C LEU AA 107 -21.98 -8.18 26.21
N TYR AA 108 -21.74 -8.49 24.94
CA TYR AA 108 -22.24 -7.64 23.88
C TYR AA 108 -23.67 -8.05 23.73
N VAL AA 109 -24.57 -7.40 24.47
CA VAL AA 109 -25.99 -7.75 24.41
C VAL AA 109 -26.54 -7.60 22.99
N VAL AA 110 -27.43 -8.51 22.58
CA VAL AA 110 -28.02 -8.50 21.25
C VAL AA 110 -28.58 -7.13 20.86
N ASN AA 111 -28.23 -6.63 19.67
CA ASN AA 111 -28.69 -5.33 19.18
C ASN AA 111 -28.55 -4.21 20.20
N GLN AA 112 -27.38 -4.10 20.83
CA GLN AA 112 -27.14 -3.03 21.80
C GLN AA 112 -25.84 -2.29 21.49
N PRO AA 113 -25.87 -0.95 21.60
CA PRO AA 113 -24.68 -0.15 21.30
C PRO AA 113 -23.64 -0.10 22.42
N GLN AA 114 -22.79 -1.10 22.56
CA GLN AA 114 -21.79 -1.03 23.61
C GLN AA 114 -20.88 0.17 23.28
N GLN AA 115 -20.87 1.21 24.13
CA GLN AA 115 -20.07 2.45 23.94
C GLN AA 115 -18.54 2.21 23.78
N PHE AA 116 -17.89 3.16 23.10
CA PHE AA 116 -16.44 3.12 22.88
C PHE AA 116 -15.85 4.52 22.66
N THR AA 117 -14.58 4.71 23.03
CA THR AA 117 -13.93 6.01 22.85
C THR AA 117 -12.83 5.90 21.79
N THR AA 118 -12.47 7.04 21.20
CA THR AA 118 -11.44 7.05 20.17
C THR AA 118 -10.80 8.45 20.09
N VAL AA 119 -9.47 8.54 20.15
CA VAL AA 119 -8.81 9.84 20.07
C VAL AA 119 -8.14 10.01 18.71
N SER AA 120 -7.77 11.26 18.41
CA SER AA 120 -7.12 11.58 17.14
C SER AA 120 -5.74 10.95 17.03
N GLY AA 121 -5.32 10.59 15.82
CA GLY AA 121 -4.02 9.98 15.58
C GLY AA 121 -3.81 8.68 16.35
N GLN AA 122 -4.87 7.89 16.46
CA GLN AA 122 -4.79 6.61 17.15
C GLN AA 122 -5.91 5.69 16.68
N ALA AA 123 -5.67 4.39 16.73
CA ALA AA 123 -6.68 3.42 16.31
C ALA AA 123 -7.08 2.62 17.55
N THR AA 124 -8.37 2.53 17.86
CA THR AA 124 -8.82 1.79 19.03
C THR AA 124 -9.21 0.38 18.59
N ALA AA 125 -8.89 -0.63 19.37
CA ALA AA 125 -9.21 -2.00 19.02
C ALA AA 125 -10.61 -2.39 19.53
N VAL AA 126 -11.31 -3.23 18.78
CA VAL AA 126 -12.64 -3.69 19.18
C VAL AA 126 -12.53 -5.15 19.59
N PRO AA 127 -12.40 -5.39 20.90
CA PRO AA 127 -12.24 -6.77 21.34
C PRO AA 127 -13.58 -7.51 21.29
N ILE AA 128 -13.69 -8.51 20.43
CA ILE AA 128 -14.90 -9.29 20.37
C ILE AA 128 -14.43 -10.64 20.91
N PHE AA 129 -14.62 -10.88 22.19
CA PHE AA 129 -14.16 -12.11 22.81
C PHE AA 129 -15.26 -13.16 22.78
N GLY AA 130 -15.03 -14.28 22.10
CA GLY AA 130 -16.03 -15.33 22.05
C GLY AA 130 -15.88 -16.24 23.25
N ALA AA 131 -16.97 -16.94 23.56
CA ALA AA 131 -17.01 -17.86 24.67
C ALA AA 131 -18.14 -18.87 24.48
N ILE AA 132 -17.85 -20.16 24.70
CA ILE AA 132 -18.84 -21.21 24.58
C ILE AA 132 -18.93 -22.00 25.90
N ALA AA 133 -20.16 -22.26 26.36
CA ALA AA 133 -20.37 -22.98 27.61
C ALA AA 133 -19.90 -24.43 27.54
N PRO AA 134 -19.55 -25.00 28.70
CA PRO AA 134 -19.09 -26.39 28.71
C PRO AA 134 -20.25 -27.34 28.44
N ASN AA 135 -20.17 -28.10 27.34
CA ASN AA 135 -21.21 -29.06 27.00
C ASN AA 135 -20.78 -30.40 27.56
N THR AA 136 -21.39 -30.82 28.68
CA THR AA 136 -21.06 -32.09 29.28
C THR AA 136 -22.30 -32.95 29.35
N GLY AA 137 -23.19 -32.77 28.37
CA GLY AA 137 -24.43 -33.51 28.32
C GLY AA 137 -24.53 -34.42 27.10
N THR AA 138 -24.86 -33.84 25.95
CA THR AA 138 -24.98 -34.62 24.72
C THR AA 138 -23.88 -34.27 23.73
N PRO AA 139 -23.28 -35.31 23.09
CA PRO AA 139 -22.22 -35.04 22.12
C PRO AA 139 -22.77 -34.59 20.77
N LYS AA 140 -22.50 -33.34 20.37
CA LYS AA 140 -22.99 -32.83 19.09
C LYS AA 140 -22.35 -33.59 17.93
N ALA AA 141 -23.08 -33.77 16.83
CA ALA AA 141 -22.56 -34.49 15.68
C ALA AA 141 -21.26 -33.93 15.08
N GLN AA 142 -20.45 -34.80 14.46
CA GLN AA 142 -19.20 -34.39 13.86
C GLN AA 142 -19.41 -33.47 12.65
N GLY AA 143 -18.42 -32.64 12.36
CA GLY AA 143 -18.52 -31.72 11.24
C GLY AA 143 -18.08 -30.31 11.59
N ASP AA 144 -18.47 -29.35 10.76
CA ASP AA 144 -18.11 -27.95 10.99
C ASP AA 144 -19.33 -27.12 11.40
N TYR AA 145 -19.25 -26.37 12.49
CA TYR AA 145 -20.35 -25.54 12.92
C TYR AA 145 -20.02 -24.10 12.56
N LYS AA 146 -20.98 -23.35 12.01
CA LYS AA 146 -20.73 -21.97 11.60
C LYS AA 146 -21.84 -21.00 12.00
N ASP AA 147 -21.51 -19.71 11.91
CA ASP AA 147 -22.44 -18.61 12.16
C ASP AA 147 -21.79 -17.36 11.59
N THR AA 148 -22.61 -16.38 11.25
CA THR AA 148 -22.10 -15.13 10.71
C THR AA 148 -22.68 -14.00 11.53
N LEU AA 149 -21.94 -13.50 12.52
CA LEU AA 149 -22.45 -12.42 13.32
C LEU AA 149 -22.23 -11.14 12.53
N LEU AA 150 -23.22 -10.24 12.52
CA LEU AA 150 -23.08 -8.98 11.81
C LEU AA 150 -22.69 -7.96 12.88
N VAL AA 151 -21.47 -7.41 12.82
CA VAL AA 151 -21.06 -6.41 13.78
C VAL AA 151 -21.43 -5.07 13.14
N THR AA 152 -22.06 -4.19 13.92
CA THR AA 152 -22.58 -2.91 13.49
C THR AA 152 -21.92 -1.73 14.17
N VAL AA 153 -20.86 -1.18 13.57
CA VAL AA 153 -20.20 -0.02 14.12
C VAL AA 153 -21.06 1.18 13.72
N ASN AA 154 -21.75 1.82 14.67
CA ASN AA 154 -22.61 2.92 14.30
C ASN AA 154 -22.33 4.11 15.19
N PHE AA 155 -22.80 5.27 14.72
CA PHE AA 155 -22.51 6.51 15.38
C PHE AA 155 -23.80 7.18 15.85
N ALA BA 1 -22.65 4.52 9.79
CA ALA BA 1 -23.13 3.16 9.99
C ALA BA 1 -22.30 2.17 9.17
N VAL BA 2 -21.28 1.58 9.80
CA VAL BA 2 -20.44 0.60 9.13
C VAL BA 2 -20.77 -0.81 9.68
N THR BA 3 -21.66 -1.50 8.99
CA THR BA 3 -22.06 -2.85 9.36
C THR BA 3 -21.13 -3.87 8.67
N GLY BA 4 -20.63 -4.83 9.46
CA GLY BA 4 -19.73 -5.83 8.94
C GLY BA 4 -19.96 -7.26 9.42
N GLN BA 5 -19.34 -8.26 8.78
CA GLN BA 5 -19.56 -9.66 9.17
C GLN BA 5 -18.39 -10.32 9.94
N VAL BA 6 -18.72 -11.21 10.87
CA VAL BA 6 -17.72 -11.92 11.66
C VAL BA 6 -18.07 -13.39 11.58
N ASP BA 7 -17.31 -14.18 10.82
CA ASP BA 7 -17.65 -15.58 10.68
C ASP BA 7 -17.23 -16.32 11.96
N VAL BA 8 -18.18 -17.06 12.55
CA VAL BA 8 -17.91 -17.83 13.75
C VAL BA 8 -17.74 -19.30 13.33
N LYS BA 9 -16.77 -20.00 13.91
CA LYS BA 9 -16.54 -21.38 13.52
C LYS BA 9 -16.15 -22.28 14.69
N LEU BA 10 -16.42 -23.57 14.56
CA LEU BA 10 -16.08 -24.57 15.56
C LEU BA 10 -16.07 -25.92 14.84
N ASN BA 11 -14.99 -26.68 14.96
CA ASN BA 11 -14.89 -27.96 14.27
C ASN BA 11 -15.02 -29.08 15.29
N ILE BA 12 -16.25 -29.56 15.49
CA ILE BA 12 -16.48 -30.64 16.43
C ILE BA 12 -16.09 -31.93 15.72
N SER BA 13 -14.98 -32.56 16.12
CA SER BA 13 -14.53 -33.83 15.53
C SER BA 13 -13.70 -34.70 16.48
N THR BA 14 -12.52 -34.22 16.88
CA THR BA 14 -11.60 -34.93 17.78
C THR BA 14 -10.62 -33.91 18.35
N GLY BA 15 -10.94 -33.38 19.55
CA GLY BA 15 -10.11 -32.37 20.19
C GLY BA 15 -9.36 -32.75 21.47
N CYS BA 16 -8.66 -31.75 22.00
CA CYS BA 16 -7.83 -31.88 23.19
C CYS BA 16 -8.40 -31.00 24.32
N THR BA 17 -8.35 -31.49 25.56
CA THR BA 17 -8.91 -30.75 26.71
C THR BA 17 -7.89 -30.44 27.81
N VAL BA 18 -8.08 -29.33 28.52
CA VAL BA 18 -7.15 -28.94 29.58
C VAL BA 18 -7.74 -29.23 30.98
N GLY BA 19 -7.08 -30.06 31.78
CA GLY BA 19 -7.57 -30.35 33.12
C GLY BA 19 -6.87 -29.47 34.15
N GLY BA 20 -7.40 -29.40 35.35
CA GLY BA 20 -6.84 -28.58 36.41
C GLY BA 20 -7.45 -27.18 36.50
N SER BA 21 -8.40 -26.90 35.62
CA SER BA 21 -9.03 -25.59 35.62
C SER BA 21 -10.43 -25.64 36.24
N GLN BA 22 -10.89 -24.49 36.69
CA GLN BA 22 -12.19 -24.33 37.29
C GLN BA 22 -12.86 -23.23 36.48
N THR BA 23 -14.14 -23.36 36.20
CA THR BA 23 -14.80 -22.34 35.41
C THR BA 23 -15.19 -21.14 36.29
N GLU BA 24 -14.44 -20.04 36.21
CA GLU BA 24 -14.77 -18.84 36.96
C GLU BA 24 -15.80 -18.12 36.10
N GLY BA 25 -17.09 -18.29 36.40
CA GLY BA 25 -18.10 -17.65 35.58
C GLY BA 25 -17.97 -18.23 34.18
N ASN BA 26 -17.66 -17.40 33.18
CA ASN BA 26 -17.52 -17.90 31.81
C ASN BA 26 -16.07 -17.86 31.32
N MET BA 27 -15.12 -17.85 32.27
CA MET BA 27 -13.70 -17.81 31.93
C MET BA 27 -12.94 -18.90 32.71
N ASN BA 28 -12.20 -19.77 32.03
CA ASN BA 28 -11.48 -20.85 32.68
C ASN BA 28 -10.39 -20.38 33.66
N LYS BA 29 -10.55 -20.61 34.96
CA LYS BA 29 -9.53 -20.24 35.94
C LYS BA 29 -8.50 -21.37 35.96
N PHE BA 30 -7.33 -21.14 35.37
CA PHE BA 30 -6.31 -22.18 35.30
C PHE BA 30 -5.53 -22.37 36.58
N GLY BA 31 -5.14 -21.29 37.25
CA GLY BA 31 -4.38 -21.48 38.48
C GLY BA 31 -3.85 -20.21 39.12
N THR BA 32 -2.87 -20.37 40.00
CA THR BA 32 -2.29 -19.24 40.69
C THR BA 32 -0.76 -19.34 40.74
N LEU BA 33 -0.08 -18.22 40.53
CA LEU BA 33 1.38 -18.17 40.57
C LEU BA 33 1.65 -17.38 41.85
N ASN BA 34 1.74 -18.09 42.97
CA ASN BA 34 1.90 -17.45 44.26
C ASN BA 34 3.36 -17.36 44.71
N PHE BA 35 3.96 -16.18 44.59
CA PHE BA 35 5.36 -16.02 45.00
C PHE BA 35 5.51 -15.98 46.52
N GLY BA 36 4.41 -15.71 47.22
CA GLY BA 36 4.42 -15.68 48.66
C GLY BA 36 4.65 -14.28 49.19
N LYS BA 37 5.05 -14.19 50.45
CA LYS BA 37 5.33 -12.92 51.11
C LYS BA 37 6.78 -12.50 50.86
N THR BA 38 7.04 -11.20 50.92
CA THR BA 38 8.38 -10.69 50.70
C THR BA 38 8.56 -9.28 51.27
N SER BA 39 9.80 -8.88 51.50
CA SER BA 39 10.11 -7.56 52.02
C SER BA 39 10.29 -6.60 50.90
N GLY BA 40 10.43 -5.29 51.23
CA GLY BA 40 10.59 -4.24 50.23
C GLY BA 40 11.70 -4.53 49.24
N THR BA 41 12.86 -4.94 49.74
CA THR BA 41 14.00 -5.24 48.90
C THR BA 41 14.47 -6.68 49.10
N TRP BA 42 14.25 -7.55 48.11
CA TRP BA 42 14.67 -8.95 48.21
C TRP BA 42 15.94 -9.20 47.38
N ASN BA 43 16.92 -9.90 47.94
CA ASN BA 43 18.16 -10.18 47.22
C ASN BA 43 18.10 -11.50 46.45
N ASN BA 44 17.27 -12.41 46.91
CA ASN BA 44 17.10 -13.69 46.24
C ASN BA 44 16.00 -13.61 45.19
N VAL BA 45 16.18 -14.31 44.08
CA VAL BA 45 15.20 -14.35 42.99
C VAL BA 45 13.93 -15.00 43.55
N LEU BA 46 12.80 -14.28 43.59
CA LEU BA 46 11.59 -14.92 44.17
C LEU BA 46 11.04 -15.87 43.13
N THR BA 47 10.74 -17.12 43.53
CA THR BA 47 10.38 -18.13 42.56
C THR BA 47 9.28 -19.09 43.03
N ALA BA 48 8.18 -19.23 42.29
CA ALA BA 48 7.10 -20.13 42.65
C ALA BA 48 6.49 -20.74 41.40
N GLU BA 49 5.82 -21.87 41.56
CA GLU BA 49 5.21 -22.60 40.46
C GLU BA 49 3.71 -22.38 40.44
N VAL BA 50 3.10 -22.53 39.27
CA VAL BA 50 1.66 -22.39 39.16
C VAL BA 50 0.95 -23.50 39.93
N ALA BA 51 -0.14 -23.17 40.62
CA ALA BA 51 -0.91 -24.15 41.36
C ALA BA 51 -2.30 -24.16 40.73
N SER BA 52 -2.67 -25.26 40.05
CA SER BA 52 -3.98 -25.34 39.41
C SER BA 52 -5.13 -25.04 40.39
N ALA BA 53 -6.15 -24.30 39.93
CA ALA BA 53 -7.26 -23.96 40.82
C ALA BA 53 -8.15 -25.14 41.18
N ALA BA 54 -8.17 -26.17 40.34
CA ALA BA 54 -9.01 -27.35 40.57
C ALA BA 54 -8.41 -28.36 41.54
N THR BA 55 -7.14 -28.72 41.34
CA THR BA 55 -6.51 -29.72 42.20
C THR BA 55 -5.48 -29.17 43.19
N GLY BA 56 -4.72 -28.16 42.78
CA GLY BA 56 -3.67 -27.61 43.63
C GLY BA 56 -2.30 -27.91 43.04
N GLY BA 57 -2.22 -28.93 42.19
CA GLY BA 57 -0.98 -29.31 41.55
C GLY BA 57 -0.79 -28.60 40.23
N ASN BA 58 -0.06 -29.22 39.31
CA ASN BA 58 0.19 -28.61 38.00
C ASN BA 58 -0.97 -28.83 37.02
N ILE BA 59 -1.16 -27.89 36.09
CA ILE BA 59 -2.22 -28.02 35.10
C ILE BA 59 -1.96 -29.32 34.33
N SER BA 60 -2.96 -30.19 34.23
CA SER BA 60 -2.76 -31.45 33.54
C SER BA 60 -3.55 -31.50 32.24
N VAL BA 61 -2.89 -31.26 31.10
CA VAL BA 61 -3.61 -31.27 29.84
C VAL BA 61 -3.63 -32.69 29.28
N THR BA 62 -4.80 -33.18 28.89
CA THR BA 62 -4.90 -34.51 28.32
C THR BA 62 -5.61 -34.35 26.96
N CYS BA 63 -5.27 -35.19 25.98
CA CYS BA 63 -5.92 -35.06 24.68
C CYS BA 63 -6.90 -36.22 24.48
N ASP BA 64 -8.10 -35.93 24.00
CA ASP BA 64 -9.10 -36.97 23.78
C ASP BA 64 -8.86 -37.65 22.44
N GLY BA 65 -7.85 -38.52 22.39
CA GLY BA 65 -7.50 -39.24 21.18
C GLY BA 65 -6.62 -40.43 21.50
N THR BA 66 -6.30 -41.22 20.47
CA THR BA 66 -5.45 -42.39 20.67
C THR BA 66 -4.01 -42.15 20.22
N ASP BA 67 -3.85 -41.61 19.02
CA ASP BA 67 -2.54 -41.30 18.47
C ASP BA 67 -1.97 -40.07 19.16
N PRO BA 68 -0.63 -39.92 19.19
CA PRO BA 68 -0.11 -38.74 19.88
C PRO BA 68 -0.53 -37.42 19.21
N VAL BA 69 -0.81 -36.40 20.01
CA VAL BA 69 -1.23 -35.11 19.48
C VAL BA 69 -0.22 -34.05 19.91
N ASP BA 70 0.15 -33.14 19.01
CA ASP BA 70 1.12 -32.11 19.35
C ASP BA 70 0.34 -30.81 19.58
N PHE BA 71 0.18 -30.41 20.84
CA PHE BA 71 -0.57 -29.19 21.15
C PHE BA 71 0.38 -28.11 21.61
N THR BA 72 -0.03 -26.87 21.45
CA THR BA 72 0.84 -25.77 21.85
C THR BA 72 0.31 -25.01 23.07
N VAL BA 73 1.24 -24.30 23.73
CA VAL BA 73 0.90 -23.51 24.90
C VAL BA 73 1.41 -22.08 24.73
N ALA BA 74 0.55 -21.07 24.89
CA ALA BA 74 0.98 -19.69 24.74
C ALA BA 74 0.46 -18.88 25.92
N ILE BA 75 1.32 -18.05 26.52
CA ILE BA 75 0.94 -17.23 27.64
C ILE BA 75 1.10 -15.79 27.14
N ASP BA 76 0.21 -14.91 27.56
CA ASP BA 76 0.26 -13.52 27.14
C ASP BA 76 1.11 -12.68 28.13
N GLY BA 77 1.16 -11.35 27.94
CA GLY BA 77 1.92 -10.45 28.79
C GLY BA 77 1.28 -9.89 30.05
N GLY BA 78 0.14 -10.42 30.48
CA GLY BA 78 -0.52 -9.92 31.67
C GLY BA 78 -1.45 -8.76 31.38
N GLU BA 79 -2.06 -8.22 32.43
CA GLU BA 79 -2.98 -7.11 32.31
C GLU BA 79 -2.41 -5.92 31.57
N ARG BA 80 -1.18 -5.53 31.86
CA ARG BA 80 -0.61 -4.35 31.20
C ARG BA 80 0.26 -4.64 29.97
N THR BA 81 0.36 -5.94 29.60
CA THR BA 81 1.15 -6.47 28.47
C THR BA 81 2.68 -6.44 28.61
N ASP BA 82 3.20 -6.19 29.81
CA ASP BA 82 4.66 -6.19 30.04
C ASP BA 82 5.07 -7.02 31.28
N ARG BA 83 4.22 -7.98 31.64
CA ARG BA 83 4.45 -8.88 32.77
C ARG BA 83 4.87 -8.18 34.06
N THR BA 84 4.03 -7.25 34.50
CA THR BA 84 4.29 -6.52 35.75
C THR BA 84 3.12 -6.71 36.71
N LEU BA 85 3.39 -7.02 37.97
CA LEU BA 85 2.31 -7.13 38.91
C LEU BA 85 2.05 -5.72 39.42
N LYS BA 86 0.80 -5.36 39.65
CA LYS BA 86 0.50 -4.01 40.10
C LYS BA 86 -0.04 -4.01 41.52
N ASN BA 87 0.32 -3.01 42.32
CA ASN BA 87 -0.18 -2.97 43.65
C ASN BA 87 -1.66 -2.66 43.57
N THR BA 88 -2.49 -3.32 44.36
CA THR BA 88 -3.91 -3.05 44.37
C THR BA 88 -4.27 -1.57 44.61
N ALA BA 89 -3.53 -0.87 45.48
CA ALA BA 89 -3.86 0.54 45.76
C ALA BA 89 -2.99 1.59 45.04
N SER BA 90 -1.68 1.47 45.22
CA SER BA 90 -0.71 2.39 44.61
C SER BA 90 -0.38 1.98 43.17
N ALA BA 91 0.48 2.74 42.49
CA ALA BA 91 0.83 2.44 41.11
C ALA BA 91 2.19 1.72 40.95
N ASP BA 92 2.73 1.19 42.04
CA ASP BA 92 4.00 0.49 41.98
C ASP BA 92 3.87 -0.78 41.14
N VAL BA 93 4.93 -1.17 40.42
CA VAL BA 93 4.88 -2.36 39.59
C VAL BA 93 6.00 -3.33 39.94
N VAL BA 94 5.79 -4.63 39.72
CA VAL BA 94 6.82 -5.63 40.01
C VAL BA 94 7.02 -6.51 38.78
N ALA BA 95 8.08 -6.28 38.01
CA ALA BA 95 8.35 -7.06 36.81
C ALA BA 95 8.63 -8.54 37.11
N TYR BA 96 8.05 -9.45 36.32
CA TYR BA 96 8.27 -10.88 36.49
C TYR BA 96 8.27 -11.57 35.13
N ASN BA 97 8.40 -12.89 35.10
CA ASN BA 97 8.40 -13.67 33.86
C ASN BA 97 8.03 -15.10 34.18
N VAL BA 98 7.49 -15.82 33.20
CA VAL BA 98 7.12 -17.21 33.40
C VAL BA 98 8.00 -18.08 32.50
N TYR BA 99 8.64 -19.10 33.06
CA TYR BA 99 9.47 -19.98 32.25
C TYR BA 99 8.83 -21.35 32.19
N ARG BA 100 9.30 -22.19 31.27
CA ARG BA 100 8.74 -23.53 31.09
C ARG BA 100 9.53 -24.63 31.79
N ASP BA 101 10.84 -24.49 31.84
CA ASP BA 101 11.68 -25.50 32.47
C ASP BA 101 12.05 -25.11 33.89
N ALA BA 102 12.42 -26.12 34.70
CA ALA BA 102 12.78 -25.95 36.10
C ALA BA 102 13.98 -25.02 36.40
N ALA BA 103 14.87 -24.83 35.44
CA ALA BA 103 16.03 -23.97 35.60
C ALA BA 103 15.83 -22.51 35.11
N ARG BA 104 14.59 -22.04 34.94
CA ARG BA 104 14.30 -20.67 34.52
C ARG BA 104 15.02 -20.24 33.23
N THR BA 105 15.22 -21.18 32.30
CA THR BA 105 15.89 -20.89 31.04
C THR BA 105 14.97 -20.73 29.82
N ASN BA 106 14.09 -21.72 29.59
CA ASN BA 106 13.19 -21.71 28.45
C ASN BA 106 12.00 -20.82 28.79
N LEU BA 107 12.08 -19.57 28.37
CA LEU BA 107 11.05 -18.57 28.67
C LEU BA 107 9.78 -18.72 27.81
N TYR BA 108 8.61 -18.52 28.43
CA TYR BA 108 7.39 -18.56 27.66
C TYR BA 108 7.31 -17.18 27.06
N VAL BA 109 7.87 -17.02 25.87
CA VAL BA 109 7.86 -15.72 25.19
C VAL BA 109 6.44 -15.20 24.98
N VAL BA 110 6.23 -13.89 25.14
CA VAL BA 110 4.91 -13.27 24.99
C VAL BA 110 4.22 -13.67 23.68
N ASN BA 111 2.96 -14.11 23.76
CA ASN BA 111 2.18 -14.51 22.59
C ASN BA 111 2.93 -15.48 21.67
N GLN BA 112 3.54 -16.52 22.25
CA GLN BA 112 4.25 -17.51 21.45
C GLN BA 112 3.81 -18.93 21.80
N PRO BA 113 3.62 -19.78 20.78
CA PRO BA 113 3.16 -21.15 21.02
C PRO BA 113 4.26 -22.12 21.46
N GLN BA 114 4.63 -22.14 22.73
CA GLN BA 114 5.66 -23.08 23.14
C GLN BA 114 5.08 -24.50 22.93
N GLN BA 115 5.68 -25.28 22.00
CA GLN BA 115 5.24 -26.65 21.65
C GLN BA 115 5.16 -27.63 22.85
N PHE BA 116 4.29 -28.65 22.70
CA PHE BA 116 4.11 -29.69 23.72
C PHE BA 116 3.59 -31.01 23.11
N THR BA 117 3.92 -32.14 23.73
CA THR BA 117 3.48 -33.44 23.24
C THR BA 117 2.53 -34.05 24.24
N THR BA 118 1.67 -34.93 23.75
CA THR BA 118 0.73 -35.61 24.61
C THR BA 118 0.60 -36.99 23.97
N VAL BA 119 0.53 -38.03 24.81
CA VAL BA 119 0.54 -39.39 24.35
C VAL BA 119 -0.68 -40.22 24.81
N SER BA 120 -0.74 -41.46 24.32
CA SER BA 120 -1.86 -42.36 24.59
C SER BA 120 -2.22 -42.51 26.08
N GLY BA 121 -3.49 -42.30 26.41
CA GLY BA 121 -3.99 -42.48 27.77
C GLY BA 121 -3.20 -41.77 28.83
N GLN BA 122 -2.78 -40.53 28.59
CA GLN BA 122 -2.01 -39.84 29.61
C GLN BA 122 -2.30 -38.35 29.69
N ALA BA 123 -2.07 -37.75 30.86
CA ALA BA 123 -2.26 -36.33 31.04
C ALA BA 123 -0.85 -35.73 31.16
N THR BA 124 -0.52 -34.75 30.31
CA THR BA 124 0.78 -34.09 30.36
C THR BA 124 0.65 -32.84 31.21
N ALA BA 125 1.65 -32.55 32.03
CA ALA BA 125 1.59 -31.36 32.90
C ALA BA 125 2.16 -30.13 32.18
N VAL BA 126 1.60 -28.96 32.47
CA VAL BA 126 2.07 -27.72 31.87
C VAL BA 126 2.80 -26.93 32.95
N PRO BA 127 4.13 -27.04 32.97
CA PRO BA 127 4.87 -26.33 34.01
C PRO BA 127 4.96 -24.85 33.68
N ILE BA 128 4.35 -24.00 34.50
CA ILE BA 128 4.45 -22.57 34.30
C ILE BA 128 5.27 -22.15 35.51
N PHE BA 129 6.58 -22.02 35.32
CA PHE BA 129 7.46 -21.67 36.43
C PHE BA 129 7.65 -20.16 36.49
N GLY BA 130 7.24 -19.52 37.58
CA GLY BA 130 7.41 -18.10 37.70
C GLY BA 130 8.78 -17.77 38.25
N ALA BA 131 9.22 -16.55 38.00
CA ALA BA 131 10.51 -16.08 38.46
C ALA BA 131 10.52 -14.55 38.50
N ILE BA 132 11.03 -13.97 39.59
CA ILE BA 132 11.13 -12.55 39.75
C ILE BA 132 12.60 -12.15 40.03
N ALA BA 133 13.07 -11.10 39.34
CA ALA BA 133 14.45 -10.65 39.51
C ALA BA 133 14.71 -10.07 40.89
N PRO BA 134 15.98 -10.13 41.33
CA PRO BA 134 16.30 -9.58 42.66
C PRO BA 134 16.23 -8.06 42.64
N ASN BA 135 15.33 -7.48 43.45
CA ASN BA 135 15.19 -6.06 43.54
C ASN BA 135 16.05 -5.59 44.71
N THR BA 136 17.22 -5.01 44.42
CA THR BA 136 18.10 -4.53 45.47
C THR BA 136 18.33 -3.03 45.27
N GLY BA 137 17.33 -2.36 44.73
CA GLY BA 137 17.42 -0.93 44.48
C GLY BA 137 16.43 -0.12 45.30
N THR BA 138 15.18 -0.09 44.86
CA THR BA 138 14.15 0.67 45.56
C THR BA 138 13.12 -0.26 46.22
N PRO BA 139 12.74 0.04 47.49
CA PRO BA 139 11.76 -0.81 48.15
C PRO BA 139 10.32 -0.49 47.70
N LYS BA 140 9.66 -1.43 47.02
CA LYS BA 140 8.30 -1.23 46.57
C LYS BA 140 7.34 -1.07 47.75
N ALA BA 141 6.30 -0.25 47.59
CA ALA BA 141 5.35 -0.03 48.68
C ALA BA 141 4.65 -1.30 49.21
N GLN BA 142 4.26 -1.27 50.49
CA GLN BA 142 3.60 -2.41 51.12
C GLN BA 142 2.22 -2.67 50.52
N GLY BA 143 1.77 -3.91 50.62
CA GLY BA 143 0.46 -4.28 50.07
C GLY BA 143 0.50 -5.56 49.25
N ASP BA 144 -0.53 -5.77 48.44
CA ASP BA 144 -0.61 -6.97 47.60
C ASP BA 144 -0.42 -6.62 46.12
N TYR BA 145 0.49 -7.32 45.43
CA TYR BA 145 0.71 -7.07 44.02
C TYR BA 145 0.04 -8.20 43.24
N LYS BA 146 -0.69 -7.87 42.16
CA LYS BA 146 -1.38 -8.89 41.38
C LYS BA 146 -1.23 -8.72 39.87
N ASP BA 147 -1.60 -9.78 39.15
CA ASP BA 147 -1.61 -9.82 37.70
C ASP BA 147 -2.43 -11.03 37.31
N THR BA 148 -3.00 -11.00 36.11
CA THR BA 148 -3.80 -12.10 35.62
C THR BA 148 -3.26 -12.50 34.25
N LEU BA 149 -2.39 -13.51 34.20
CA LEU BA 149 -1.85 -13.93 32.93
C LEU BA 149 -2.91 -14.81 32.26
N LEU BA 150 -3.13 -14.63 30.96
CA LEU BA 150 -4.10 -15.45 30.26
C LEU BA 150 -3.28 -16.54 29.57
N VAL BA 151 -3.45 -17.81 29.97
CA VAL BA 151 -2.72 -18.89 29.32
C VAL BA 151 -3.65 -19.37 28.22
N THR BA 152 -3.08 -19.57 27.02
CA THR BA 152 -3.80 -19.94 25.82
C THR BA 152 -3.39 -21.28 25.26
N VAL BA 153 -4.09 -22.35 25.66
CA VAL BA 153 -3.79 -23.67 25.13
C VAL BA 153 -4.47 -23.74 23.76
N ASN BA 154 -3.70 -23.75 22.67
CA ASN BA 154 -4.30 -23.75 21.36
C ASN BA 154 -3.70 -24.84 20.51
N PHE BA 155 -4.42 -25.16 19.44
CA PHE BA 155 -4.05 -26.26 18.59
C PHE BA 155 -3.76 -25.78 17.17
N ALA CA 1 -9.06 -24.14 20.95
CA ALA CA 1 -8.57 -22.93 21.61
C ALA CA 1 -9.14 -22.83 23.03
N VAL CA 2 -8.37 -23.29 24.02
CA VAL CA 2 -8.80 -23.22 25.41
C VAL CA 2 -7.96 -22.15 26.13
N THR CA 3 -8.50 -20.93 26.17
CA THR CA 3 -7.83 -19.82 26.85
C THR CA 3 -8.26 -19.77 28.33
N GLY CA 4 -7.28 -19.65 29.22
CA GLY CA 4 -7.54 -19.61 30.64
C GLY CA 4 -6.76 -18.59 31.45
N GLN CA 5 -7.16 -18.33 32.70
CA GLN CA 5 -6.48 -17.33 33.52
C GLN CA 5 -5.55 -17.90 34.63
N VAL CA 6 -4.45 -17.21 34.92
CA VAL CA 6 -3.51 -17.61 35.95
C VAL CA 6 -3.27 -16.39 36.82
N ASP CA 7 -3.82 -16.35 38.03
CA ASP CA 7 -3.64 -15.19 38.86
C ASP CA 7 -2.24 -15.20 39.45
N VAL CA 8 -1.51 -14.09 39.27
CA VAL CA 8 -0.16 -13.97 39.81
C VAL CA 8 -0.24 -13.09 41.06
N LYS CA 9 0.50 -13.46 42.11
CA LYS CA 9 0.43 -12.69 43.34
C LYS CA 9 1.78 -12.57 44.05
N LEU CA 10 1.92 -11.52 44.85
CA LEU CA 10 3.13 -11.27 45.63
C LEU CA 10 2.72 -10.32 46.75
N ASN CA 11 3.02 -10.66 48.01
CA ASN CA 11 2.65 -9.83 49.13
C ASN CA 11 3.89 -9.15 49.68
N ILE CA 12 4.17 -7.95 49.20
CA ILE CA 12 5.31 -7.21 49.69
C ILE CA 12 4.91 -6.57 51.01
N SER CA 13 5.46 -7.07 52.12
CA SER CA 13 5.18 -6.51 53.46
C SER CA 13 6.32 -6.73 54.48
N THR CA 14 6.62 -7.98 54.83
CA THR CA 14 7.66 -8.34 55.79
C THR CA 14 8.02 -9.81 55.57
N GLY CA 15 9.06 -10.06 54.77
CA GLY CA 15 9.48 -11.41 54.44
C GLY CA 15 10.81 -11.91 54.98
N CYS CA 16 11.12 -13.15 54.62
CA CYS CA 16 12.32 -13.86 55.03
C CYS CA 16 13.22 -14.14 53.82
N THR CA 17 14.54 -14.04 53.99
CA THR CA 17 15.48 -14.23 52.87
C THR CA 17 16.51 -15.35 53.11
N VAL CA 18 16.95 -16.01 52.05
CA VAL CA 18 17.91 -17.10 52.18
C VAL CA 18 19.32 -16.67 51.75
N GLY CA 19 20.31 -16.74 52.65
CA GLY CA 19 21.67 -16.36 52.31
C GLY CA 19 22.48 -17.59 51.95
N GLY CA 20 23.63 -17.38 51.32
CA GLY CA 20 24.50 -18.48 50.91
C GLY CA 20 24.26 -18.93 49.46
N SER CA 21 23.33 -18.28 48.78
CA SER CA 21 23.02 -18.63 47.41
C SER CA 21 23.62 -17.62 46.43
N GLN CA 22 23.79 -18.07 45.20
CA GLN CA 22 24.33 -17.27 44.12
C GLN CA 22 23.29 -17.36 43.02
N THR CA 23 23.00 -16.27 42.33
CA THR CA 23 22.00 -16.32 41.28
C THR CA 23 22.59 -16.91 39.99
N GLU CA 24 22.28 -18.17 39.70
CA GLU CA 24 22.73 -18.78 38.46
C GLU CA 24 21.72 -18.35 37.40
N GLY CA 25 22.03 -17.31 36.63
CA GLY CA 25 21.08 -16.84 35.65
C GLY CA 25 19.85 -16.38 36.41
N ASN CA 26 18.69 -17.02 36.18
CA ASN CA 26 17.47 -16.62 36.88
C ASN CA 26 17.01 -17.68 37.88
N MET CA 27 17.94 -18.53 38.33
CA MET CA 27 17.63 -19.58 39.30
C MET CA 27 18.64 -19.56 40.45
N ASN CA 28 18.18 -19.48 41.69
CA ASN CA 28 19.07 -19.42 42.84
C ASN CA 28 19.93 -20.69 43.04
N LYS CA 29 21.25 -20.58 42.87
CA LYS CA 29 22.14 -21.71 43.09
C LYS CA 29 22.43 -21.77 44.59
N PHE CA 30 21.82 -22.73 45.29
CA PHE CA 30 22.00 -22.83 46.73
C PHE CA 30 23.31 -23.47 47.16
N GLY CA 31 23.72 -24.55 46.49
CA GLY CA 31 24.97 -25.17 46.91
C GLY CA 31 25.33 -26.45 46.21
N THR CA 32 26.23 -27.21 46.81
CA THR CA 32 26.67 -28.48 46.23
C THR CA 32 26.75 -29.57 47.31
N LEU CA 33 26.32 -30.77 46.96
CA LEU CA 33 26.37 -31.91 47.86
C LEU CA 33 27.44 -32.80 47.24
N ASN CA 34 28.70 -32.57 47.62
CA ASN CA 34 29.81 -33.27 47.02
C ASN CA 34 30.25 -34.49 47.83
N PHE CA 35 29.89 -35.69 47.38
CA PHE CA 35 30.27 -36.90 48.09
C PHE CA 35 31.75 -37.24 47.90
N GLY CA 36 32.35 -36.68 46.86
CA GLY CA 36 33.75 -36.89 46.57
C GLY CA 36 33.96 -38.03 45.60
N LYS CA 37 35.18 -38.56 45.59
CA LYS CA 37 35.54 -39.68 44.70
C LYS CA 37 35.22 -41.00 45.39
N THR CA 38 34.99 -42.04 44.60
CA THR CA 38 34.69 -43.37 45.14
C THR CA 38 34.94 -44.46 44.11
N SER CA 39 35.08 -45.70 44.59
CA SER CA 39 35.32 -46.84 43.72
C SER CA 39 34.01 -47.45 43.34
N GLY CA 40 34.04 -48.44 42.40
CA GLY CA 40 32.84 -49.08 41.91
C GLY CA 40 31.95 -49.62 43.03
N THR CA 41 32.55 -50.29 43.99
CA THR CA 41 31.81 -50.87 45.12
C THR CA 41 32.34 -50.32 46.45
N TRP CA 42 31.56 -49.47 47.12
CA TRP CA 42 31.98 -48.90 48.40
C TRP CA 42 31.24 -49.59 49.56
N ASN CA 43 31.96 -49.96 50.62
CA ASN CA 43 31.34 -50.62 51.77
C ASN CA 43 30.88 -49.64 52.84
N ASN CA 44 31.53 -48.48 52.88
CA ASN CA 44 31.15 -47.45 53.83
C ASN CA 44 30.09 -46.51 53.24
N VAL CA 45 29.17 -46.06 54.07
CA VAL CA 45 28.10 -45.14 53.66
C VAL CA 45 28.77 -43.84 53.20
N LEU CA 46 28.63 -43.45 51.93
CA LEU CA 46 29.32 -42.21 51.51
C LEU CA 46 28.51 -41.04 52.03
N THR CA 47 29.17 -40.08 52.68
CA THR CA 47 28.45 -39.02 53.36
C THR CA 47 29.10 -37.64 53.27
N ALA CA 48 28.39 -36.63 52.78
CA ALA CA 48 28.93 -35.27 52.68
C ALA CA 48 27.82 -34.25 52.95
N GLU CA 49 28.22 -33.04 53.32
CA GLU CA 49 27.30 -31.98 53.65
C GLU CA 49 27.22 -30.96 52.52
N VAL CA 50 26.09 -30.26 52.43
CA VAL CA 50 25.93 -29.24 51.41
C VAL CA 50 26.92 -28.10 51.63
N ALA CA 51 27.50 -27.58 50.54
CA ALA CA 51 28.43 -26.46 50.63
C ALA CA 51 27.80 -25.32 49.85
N SER CA 52 27.37 -24.25 50.52
CA SER CA 52 26.74 -23.12 49.85
C SER CA 52 27.60 -22.57 48.71
N ALA CA 53 26.99 -22.22 47.59
CA ALA CA 53 27.76 -21.71 46.44
C ALA CA 53 28.36 -20.32 46.66
N ALA CA 54 27.77 -19.54 47.56
CA ALA CA 54 28.23 -18.18 47.84
C ALA CA 54 29.42 -18.12 48.80
N THR CA 55 29.33 -18.82 49.92
CA THR CA 55 30.40 -18.78 50.91
C THR CA 55 31.25 -20.04 51.01
N GLY CA 56 30.64 -21.20 50.84
CA GLY CA 56 31.36 -22.46 50.97
C GLY CA 56 30.88 -23.23 52.18
N GLY CA 57 30.28 -22.53 53.14
CA GLY CA 57 29.76 -23.14 54.35
C GLY CA 57 28.32 -23.55 54.19
N ASN CA 58 27.57 -23.59 55.28
CA ASN CA 58 26.16 -24.00 55.22
C ASN CA 58 25.24 -22.85 54.81
N ILE CA 59 24.12 -23.18 54.16
CA ILE CA 59 23.16 -22.16 53.74
C ILE CA 59 22.70 -21.43 55.00
N SER CA 60 22.79 -20.10 55.00
CA SER CA 60 22.39 -19.35 56.19
C SER CA 60 21.13 -18.55 55.94
N VAL CA 61 19.97 -19.05 56.40
CA VAL CA 61 18.74 -18.33 56.16
C VAL CA 61 18.50 -17.34 57.29
N THR CA 62 18.22 -16.07 56.95
CA THR CA 62 17.94 -15.07 57.97
C THR CA 62 16.58 -14.47 57.64
N CYS CA 63 15.83 -14.05 58.65
CA CYS CA 63 14.55 -13.42 58.36
C CYS CA 63 14.68 -11.93 58.58
N ASP CA 64 13.80 -11.16 57.95
CA ASP CA 64 13.84 -9.71 58.08
C ASP CA 64 12.72 -9.20 58.98
N GLY CA 65 13.00 -9.04 60.28
CA GLY CA 65 12.01 -8.56 61.22
C GLY CA 65 12.48 -8.65 62.66
N THR CA 66 11.55 -8.42 63.60
CA THR CA 66 11.85 -8.48 65.02
C THR CA 66 11.26 -9.69 65.75
N ASP CA 67 10.15 -10.26 65.30
CA ASP CA 67 9.63 -11.43 66.01
C ASP CA 67 10.17 -12.71 65.38
N PRO CA 68 10.42 -13.74 66.21
CA PRO CA 68 10.96 -14.98 65.63
C PRO CA 68 9.99 -15.61 64.62
N VAL CA 69 10.36 -15.68 63.34
CA VAL CA 69 9.48 -16.27 62.35
C VAL CA 69 9.71 -17.78 62.18
N ASP CA 70 8.65 -18.54 61.92
CA ASP CA 70 8.76 -19.98 61.73
C ASP CA 70 8.69 -20.25 60.24
N PHE CA 71 9.83 -20.54 59.61
CA PHE CA 71 9.85 -20.80 58.17
C PHE CA 71 10.08 -22.27 57.91
N THR CA 72 9.63 -22.74 56.76
CA THR CA 72 9.80 -24.15 56.44
C THR CA 72 10.80 -24.40 55.33
N VAL CA 73 11.31 -25.64 55.28
CA VAL CA 73 12.27 -26.05 54.27
C VAL CA 73 11.79 -27.33 53.60
N ALA CA 74 11.71 -27.34 52.26
CA ALA CA 74 11.27 -28.53 51.55
C ALA CA 74 12.23 -28.81 50.40
N ILE CA 75 12.64 -30.08 50.25
CA ILE CA 75 13.54 -30.47 49.18
C ILE CA 75 12.75 -31.44 48.33
N ASP CA 76 12.94 -31.38 47.02
CA ASP CA 76 12.22 -32.26 46.10
C ASP CA 76 13.02 -33.56 45.86
N GLY CA 77 12.54 -34.43 44.96
CA GLY CA 77 13.17 -35.70 44.65
C GLY CA 77 14.27 -35.75 43.59
N GLY CA 78 14.79 -34.60 43.16
CA GLY CA 78 15.84 -34.57 42.15
C GLY CA 78 15.28 -34.57 40.73
N GLU CA 79 16.17 -34.60 39.75
CA GLU CA 79 15.79 -34.59 38.35
C GLU CA 79 14.81 -35.68 37.98
N ARG CA 80 15.03 -36.91 38.46
CA ARG CA 80 14.12 -38.01 38.07
C ARG CA 80 13.02 -38.31 39.08
N THR CA 81 12.94 -37.51 40.15
CA THR CA 81 11.97 -37.61 41.27
C THR CA 81 12.13 -38.81 42.22
N ASP CA 82 13.25 -39.54 42.16
CA ASP CA 82 13.49 -40.66 43.07
C ASP CA 82 14.88 -40.61 43.73
N ARG CA 83 15.44 -39.40 43.81
CA ARG CA 83 16.75 -39.14 44.43
C ARG CA 83 17.86 -40.08 43.95
N THR CA 84 18.08 -40.11 42.64
CA THR CA 84 19.13 -40.93 42.05
C THR CA 84 20.09 -40.06 41.26
N LEU CA 85 21.39 -40.23 41.45
CA LEU CA 85 22.31 -39.47 40.65
C LEU CA 85 22.50 -40.23 39.35
N LYS CA 86 22.61 -39.55 38.23
CA LYS CA 86 22.75 -40.24 36.96
C LYS CA 86 24.13 -40.02 36.35
N ASN CA 87 24.68 -41.05 35.71
CA ASN CA 87 25.97 -40.88 35.12
C ASN CA 87 25.79 -39.94 33.94
N THR CA 88 26.71 -39.00 33.74
CA THR CA 88 26.63 -38.09 32.61
C THR CA 88 26.53 -38.80 31.25
N ALA CA 89 27.23 -39.92 31.06
CA ALA CA 89 27.19 -40.61 29.75
C ALA CA 89 26.27 -41.85 29.67
N SER CA 90 26.48 -42.80 30.59
CA SER CA 90 25.71 -44.04 30.66
C SER CA 90 24.40 -43.83 31.43
N ALA CA 91 23.59 -44.87 31.54
CA ALA CA 91 22.31 -44.75 32.25
C ALA CA 91 22.33 -45.30 33.69
N ASP CA 92 23.52 -45.52 34.24
CA ASP CA 92 23.63 -46.03 35.61
C ASP CA 92 23.10 -45.00 36.60
N VAL CA 93 22.50 -45.46 37.70
CA VAL CA 93 21.95 -44.54 38.70
C VAL CA 93 22.53 -44.83 40.09
N VAL CA 94 22.60 -43.81 40.93
CA VAL CA 94 23.12 -43.99 42.29
C VAL CA 94 22.11 -43.41 43.29
N ALA CA 95 21.34 -44.26 43.95
CA ALA CA 95 20.35 -43.80 44.91
C ALA CA 95 20.97 -43.10 46.13
N TYR CA 96 20.39 -41.97 46.57
CA TYR CA 96 20.88 -41.25 47.73
C TYR CA 96 19.70 -40.64 48.48
N ASN CA 97 19.97 -39.88 49.55
CA ASN CA 97 18.94 -39.22 50.33
C ASN CA 97 19.56 -38.06 51.10
N VAL CA 98 18.75 -37.07 51.44
CA VAL CA 98 19.25 -35.92 52.19
C VAL CA 98 18.59 -35.92 53.56
N TYR CA 99 19.36 -35.82 54.64
CA TYR CA 99 18.79 -35.78 55.98
C TYR CA 99 19.03 -34.40 56.57
N ARG CA 100 18.32 -34.10 57.65
CA ARG CA 100 18.44 -32.80 58.30
C ARG CA 100 19.37 -32.79 59.51
N ASP CA 101 19.41 -33.88 60.27
CA ASP CA 101 20.26 -33.95 61.44
C ASP CA 101 21.57 -34.67 61.13
N ALA CA 102 22.58 -34.41 61.97
CA ALA CA 102 23.93 -34.98 61.83
C ALA CA 102 24.03 -36.52 61.89
N ALA CA 103 23.06 -37.18 62.51
CA ALA CA 103 23.04 -38.64 62.59
C ALA CA 103 22.23 -39.35 61.48
N ARG CA 104 21.95 -38.68 60.35
CA ARG CA 104 21.24 -39.30 59.23
C ARG CA 104 19.89 -39.94 59.61
N THR CA 105 19.19 -39.37 60.60
CA THR CA 105 17.91 -39.90 61.05
C THR CA 105 16.67 -39.13 60.55
N ASN CA 106 16.65 -37.82 60.73
CA ASN CA 106 15.53 -36.98 60.34
C ASN CA 106 15.64 -36.70 58.86
N LEU CA 107 14.96 -37.49 58.06
CA LEU CA 107 15.01 -37.39 56.61
C LEU CA 107 14.19 -36.22 56.03
N TYR CA 108 14.72 -35.55 55.02
CA TYR CA 108 13.96 -34.50 54.38
C TYR CA 108 13.07 -35.23 53.42
N VAL CA 109 11.89 -35.60 53.88
CA VAL CA 109 10.94 -36.34 53.04
C VAL CA 109 10.59 -35.57 51.76
N VAL CA 110 10.46 -36.27 50.65
CA VAL CA 110 10.15 -35.65 49.36
C VAL CA 110 8.95 -34.69 49.42
N ASN CA 111 9.10 -33.47 48.90
CA ASN CA 111 8.04 -32.47 48.92
C ASN CA 111 7.37 -32.29 50.28
N GLN CA 112 8.17 -32.16 51.33
CA GLN CA 112 7.62 -31.96 52.66
C GLN CA 112 8.28 -30.77 53.36
N PRO CA 113 7.46 -29.94 54.05
CA PRO CA 113 8.00 -28.76 54.71
C PRO CA 113 8.66 -29.03 56.06
N GLN CA 114 9.91 -29.46 56.10
CA GLN CA 114 10.53 -29.69 57.38
C GLN CA 114 10.63 -28.32 58.09
N GLN CA 115 9.91 -28.14 59.23
CA GLN CA 115 9.87 -26.88 60.00
C GLN CA 115 11.26 -26.36 60.45
N PHE CA 116 11.32 -25.04 60.67
CA PHE CA 116 12.54 -24.36 61.13
C PHE CA 116 12.23 -23.05 61.88
N THR CA 117 13.09 -22.67 62.81
CA THR CA 117 12.90 -21.44 63.56
C THR CA 117 13.98 -20.41 63.20
N THR CA 118 13.69 -19.13 63.42
CA THR CA 118 14.64 -18.07 63.11
C THR CA 118 14.35 -16.84 63.97
N VAL CA 119 15.37 -16.30 64.66
CA VAL CA 119 15.15 -15.13 65.50
C VAL CA 119 15.77 -13.89 64.83
N SER CA 120 15.39 -12.71 65.33
CA SER CA 120 15.89 -11.45 64.80
C SER CA 120 17.38 -11.27 65.05
N GLY CA 121 18.07 -10.60 64.14
CA GLY CA 121 19.50 -10.36 64.26
C GLY CA 121 20.33 -11.63 64.36
N GLN CA 122 19.93 -12.65 63.61
CA GLN CA 122 20.63 -13.92 63.59
C GLN CA 122 20.34 -14.67 62.30
N ALA CA 123 21.26 -15.50 61.85
CA ALA CA 123 21.07 -16.27 60.63
C ALA CA 123 21.04 -17.75 61.05
N THR CA 124 20.02 -18.50 60.66
CA THR CA 124 19.94 -19.91 61.02
C THR CA 124 20.50 -20.73 59.85
N ALA CA 125 21.24 -21.79 60.15
CA ALA CA 125 21.82 -22.61 59.09
C ALA CA 125 20.86 -23.73 58.68
N VAL CA 126 20.87 -24.10 57.40
CA VAL CA 126 20.01 -25.17 56.90
C VAL CA 126 20.90 -26.37 56.60
N PRO CA 127 20.98 -27.31 57.55
CA PRO CA 127 21.84 -28.46 57.32
C PRO CA 127 21.19 -29.44 56.35
N ILE CA 128 21.79 -29.63 55.18
CA ILE CA 128 21.28 -30.59 54.24
C ILE CA 128 22.38 -31.65 54.24
N PHE CA 129 22.20 -32.69 55.04
CA PHE CA 129 23.21 -33.73 55.15
C PHE CA 129 22.92 -34.84 54.15
N GLY CA 130 23.85 -35.09 53.22
CA GLY CA 130 23.66 -36.14 52.26
C GLY CA 130 24.14 -37.46 52.83
N ALA CA 131 23.63 -38.55 52.26
CA ALA CA 131 23.99 -39.90 52.67
C ALA CA 131 23.70 -40.89 51.54
N ILE CA 132 24.64 -41.77 51.26
CA ILE CA 132 24.47 -42.79 50.24
C ILE CA 132 24.67 -44.19 50.86
N ALA CA 133 23.79 -45.13 50.53
CA ALA CA 133 23.87 -46.48 51.06
C ALA CA 133 25.10 -47.24 50.56
N PRO CA 134 25.56 -48.22 51.36
CA PRO CA 134 26.73 -48.99 50.93
C PRO CA 134 26.38 -49.90 49.76
N ASN CA 135 27.02 -49.70 48.61
CA ASN CA 135 26.79 -50.53 47.45
C ASN CA 135 27.84 -51.63 47.45
N THR CA 136 27.45 -52.84 47.85
CA THR CA 136 28.38 -53.95 47.88
C THR CA 136 27.86 -55.06 46.97
N GLY CA 137 27.16 -54.67 45.91
CA GLY CA 137 26.61 -55.61 44.97
C GLY CA 137 27.21 -55.50 43.58
N THR CA 138 26.75 -54.50 42.81
CA THR CA 138 27.25 -54.31 41.46
C THR CA 138 28.09 -53.03 41.35
N PRO CA 139 29.25 -53.09 40.66
CA PRO CA 139 30.07 -51.89 40.51
C PRO CA 139 29.53 -50.94 39.44
N LYS CA 140 29.08 -49.75 39.81
CA LYS CA 140 28.55 -48.79 38.85
C LYS CA 140 29.66 -48.33 37.91
N ALA CA 141 29.31 -48.04 36.65
CA ALA CA 141 30.30 -47.60 35.67
C ALA CA 141 31.09 -46.34 36.06
N GLN CA 142 32.32 -46.23 35.55
CA GLN CA 142 33.19 -45.09 35.84
C GLN CA 142 32.64 -43.81 35.24
N GLY CA 143 33.00 -42.67 35.84
CA GLY CA 143 32.52 -41.38 35.36
C GLY CA 143 32.01 -40.48 36.46
N ASP CA 144 31.25 -39.46 36.10
CA ASP CA 144 30.71 -38.52 37.07
C ASP CA 144 29.19 -38.70 37.21
N TYR CA 145 28.68 -38.83 38.44
CA TYR CA 145 27.25 -38.98 38.65
C TYR CA 145 26.74 -37.64 39.17
N LYS CA 146 25.60 -37.16 38.65
CA LYS CA 146 25.06 -35.88 39.09
C LYS CA 146 23.55 -35.89 39.34
N ASP CA 147 23.07 -34.85 40.00
CA ASP CA 147 21.66 -34.61 40.28
C ASP CA 147 21.53 -33.16 40.72
N THR CA 148 20.35 -32.60 40.52
CA THR CA 148 20.11 -31.22 40.91
C THR CA 148 18.88 -31.19 41.80
N LEU CA 149 19.07 -31.19 43.11
CA LEU CA 149 17.91 -31.17 44.00
C LEU CA 149 17.45 -29.72 44.07
N LEU CA 150 16.14 -29.49 44.03
CA LEU CA 150 15.63 -28.13 44.13
C LEU CA 150 15.21 -27.96 45.58
N VAL CA 151 15.87 -27.09 46.34
CA VAL CA 151 15.50 -26.85 47.72
C VAL CA 151 14.51 -25.70 47.67
N THR CA 152 13.39 -25.84 48.39
CA THR CA 152 12.29 -24.90 48.41
C THR CA 152 12.05 -24.28 49.77
N VAL CA 153 12.67 -23.12 50.03
CA VAL CA 153 12.45 -22.43 51.29
C VAL CA 153 11.12 -21.69 51.14
N ASN CA 154 10.07 -22.12 51.85
CA ASN CA 154 8.78 -21.48 51.69
C ASN CA 154 8.20 -21.13 53.03
N PHE CA 155 7.23 -20.23 52.99
CA PHE CA 155 6.65 -19.70 54.19
C PHE CA 155 5.17 -20.04 54.28
N ALA DA 1 8.40 -17.58 48.94
CA ALA DA 1 8.78 -18.81 48.25
C ALA DA 1 10.13 -18.64 47.55
N VAL DA 2 11.21 -19.05 48.22
CA VAL DA 2 12.54 -18.96 47.64
C VAL DA 2 13.02 -20.38 47.27
N THR DA 3 12.79 -20.76 46.02
CA THR DA 3 13.21 -22.07 45.50
C THR DA 3 14.64 -21.96 44.93
N GLY DA 4 15.49 -22.91 45.32
CA GLY DA 4 16.86 -22.92 44.87
C GLY DA 4 17.45 -24.27 44.48
N GLN DA 5 18.60 -24.30 43.82
CA GLN DA 5 19.18 -25.58 43.38
C GLN DA 5 20.41 -26.05 44.19
N VAL DA 6 20.54 -27.37 44.35
CA VAL DA 6 21.66 -27.96 45.09
C VAL DA 6 22.24 -29.05 44.19
N ASP DA 7 23.40 -28.81 43.59
CA ASP DA 7 23.96 -29.79 42.70
C ASP DA 7 24.56 -30.94 43.52
N VAL DA 8 24.15 -32.17 43.21
CA VAL DA 8 24.67 -33.34 43.90
C VAL DA 8 25.69 -34.02 42.99
N LYS DA 9 26.81 -34.46 43.55
CA LYS DA 9 27.83 -35.08 42.72
C LYS DA 9 28.52 -36.26 43.39
N LEU DA 10 29.08 -37.15 42.57
CA LEU DA 10 29.79 -38.34 43.03
C LEU DA 10 30.67 -38.78 41.86
N ASN DA 11 31.97 -38.96 42.09
CA ASN DA 11 32.88 -39.36 41.04
C ASN DA 11 33.28 -40.80 41.24
N ILE DA 12 32.55 -41.72 40.63
CA ILE DA 12 32.88 -43.13 40.75
C ILE DA 12 34.03 -43.41 39.78
N SER DA 13 35.23 -43.66 40.31
CA SER DA 13 36.39 -43.97 39.47
C SER DA 13 37.46 -44.83 40.18
N THR DA 14 38.09 -44.31 41.25
CA THR DA 14 39.12 -44.98 42.02
C THR DA 14 39.24 -44.29 43.38
N GLY DA 15 38.52 -44.81 44.39
CA GLY DA 15 38.52 -44.22 45.72
C GLY DA 15 39.18 -44.99 46.85
N CYS DA 16 39.10 -44.37 48.04
CA CYS DA 16 39.68 -44.89 49.27
C CYS DA 16 38.58 -45.23 50.28
N THR DA 17 38.74 -46.31 51.03
CA THR DA 17 37.71 -46.75 51.99
C THR DA 17 38.21 -46.84 53.44
N VAL DA 18 37.32 -46.61 54.41
CA VAL DA 18 37.72 -46.67 55.81
C VAL DA 18 37.22 -47.95 56.49
N GLY DA 19 38.12 -48.77 57.03
CA GLY DA 19 37.73 -50.00 57.70
C GLY DA 19 37.66 -49.77 59.20
N GLY DA 20 37.03 -50.70 59.91
CA GLY DA 20 36.88 -50.60 61.36
C GLY DA 20 35.57 -49.94 61.79
N SER DA 21 34.74 -49.57 60.82
CA SER DA 21 33.48 -48.92 61.13
C SER DA 21 32.31 -49.88 60.94
N GLN DA 22 31.21 -49.56 61.62
CA GLN DA 22 29.99 -50.34 61.56
C GLN DA 22 28.92 -49.34 61.15
N THR DA 23 28.00 -49.74 60.29
CA THR DA 23 26.97 -48.81 59.84
C THR DA 23 25.86 -48.70 60.90
N GLU DA 24 25.85 -47.62 61.68
CA GLU DA 24 24.78 -47.41 62.64
C GLU DA 24 23.64 -46.78 61.86
N GLY DA 25 22.67 -47.57 61.43
CA GLY DA 25 21.58 -47.03 60.64
C GLY DA 25 22.21 -46.49 59.36
N ASN DA 26 22.11 -45.17 59.10
CA ASN DA 26 22.68 -44.60 57.89
C ASN DA 26 23.89 -43.71 58.20
N MET DA 27 24.52 -43.92 59.35
CA MET DA 27 25.69 -43.14 59.75
C MET DA 27 26.83 -44.07 60.20
N ASN DA 28 28.01 -43.94 59.61
CA ASN DA 28 29.14 -44.81 59.94
C ASN DA 28 29.63 -44.68 61.40
N LYS DA 29 29.46 -45.73 62.21
CA LYS DA 29 29.95 -45.70 63.59
C LYS DA 29 31.42 -46.08 63.56
N PHE DA 30 32.31 -45.10 63.73
CA PHE DA 30 33.74 -45.36 63.66
C PHE DA 30 34.31 -46.00 64.92
N GLY DA 31 33.92 -45.54 66.11
CA GLY DA 31 34.48 -46.15 67.29
C GLY DA 31 34.08 -45.49 68.60
N THR DA 32 34.86 -45.77 69.65
CA THR DA 32 34.58 -45.22 70.96
C THR DA 32 35.87 -44.73 71.63
N LEU DA 33 35.79 -43.59 72.30
CA LEU DA 33 36.93 -43.02 73.01
C LEU DA 33 36.53 -43.19 74.47
N ASN DA 34 36.87 -44.32 75.05
CA ASN DA 34 36.45 -44.64 76.41
C ASN DA 34 37.52 -44.31 77.44
N PHE DA 35 37.34 -43.20 78.16
CA PHE DA 35 38.32 -42.81 79.19
C PHE DA 35 38.23 -43.69 80.43
N GLY DA 36 37.09 -44.36 80.60
CA GLY DA 36 36.89 -45.24 81.73
C GLY DA 36 36.20 -44.55 82.87
N LYS DA 37 36.31 -45.13 84.06
CA LYS DA 37 35.71 -44.57 85.27
C LYS DA 37 36.68 -43.57 85.91
N THR DA 38 36.13 -42.63 86.68
CA THR DA 38 36.94 -41.62 87.35
C THR DA 38 36.18 -40.96 88.51
N SER DA 39 36.93 -40.36 89.43
CA SER DA 39 36.34 -39.69 90.57
C SER DA 39 36.08 -38.25 90.24
N GLY DA 40 35.39 -37.52 91.14
CA GLY DA 40 35.05 -36.13 90.92
C GLY DA 40 36.23 -35.27 90.53
N THR DA 41 37.33 -35.43 91.26
CA THR DA 41 38.54 -34.65 90.99
C THR DA 41 39.73 -35.57 90.70
N TRP DA 42 40.18 -35.62 89.44
CA TRP DA 42 41.31 -36.47 89.07
C TRP DA 42 42.59 -35.62 88.89
N ASN DA 43 43.71 -36.07 89.45
CA ASN DA 43 44.97 -35.34 89.33
C ASN DA 43 45.78 -35.75 88.11
N ASN DA 44 45.58 -36.99 87.67
CA ASN DA 44 46.28 -37.50 86.50
C ASN DA 44 45.47 -37.21 85.23
N VAL DA 45 46.16 -36.91 84.13
CA VAL DA 45 45.53 -36.63 82.84
C VAL DA 45 44.82 -37.91 82.40
N LEU DA 46 43.49 -37.89 82.24
CA LEU DA 46 42.81 -39.15 81.86
C LEU DA 46 43.05 -39.35 80.38
N THR DA 47 43.49 -40.56 79.98
CA THR DA 47 43.90 -40.78 78.60
C THR DA 47 43.51 -42.13 78.04
N ALA DA 48 42.80 -42.18 76.90
CA ALA DA 48 42.41 -43.45 76.28
C ALA DA 48 42.43 -43.30 74.77
N GLU DA 49 42.53 -44.43 74.08
CA GLU DA 49 42.60 -44.45 72.62
C GLU DA 49 41.26 -44.89 72.03
N VAL DA 50 41.00 -44.48 70.80
CA VAL DA 50 39.79 -44.87 70.13
C VAL DA 50 39.76 -46.37 69.89
N ALA DA 51 38.60 -47.01 70.08
CA ALA DA 51 38.46 -48.43 69.85
C ALA DA 51 37.41 -48.59 68.73
N SER DA 52 37.84 -49.03 67.55
CA SER DA 52 36.92 -49.19 66.42
C SER DA 52 35.69 -50.04 66.79
N ALA DA 53 34.51 -49.65 66.33
CA ALA DA 53 33.30 -50.40 66.67
C ALA DA 53 33.21 -51.77 65.99
N ALA DA 54 33.90 -51.94 64.87
CA ALA DA 54 33.88 -53.21 64.13
C ALA DA 54 34.82 -54.27 64.68
N THR DA 55 36.07 -53.91 64.93
CA THR DA 55 37.05 -54.87 65.43
C THR DA 55 37.44 -54.72 66.90
N GLY DA 56 37.52 -53.49 67.39
CA GLY DA 56 37.93 -53.26 68.76
C GLY DA 56 39.28 -52.57 68.80
N GLY DA 57 40.05 -52.69 67.71
CA GLY DA 57 41.36 -52.06 67.61
C GLY DA 57 41.27 -50.68 67.00
N ASN DA 58 42.33 -50.24 66.34
CA ASN DA 58 42.34 -48.90 65.73
C ASN DA 58 41.67 -48.88 64.36
N ILE DA 59 41.08 -47.75 63.99
CA ILE DA 59 40.44 -47.61 62.69
C ILE DA 59 41.49 -47.90 61.62
N SER DA 60 41.21 -48.82 60.71
CA SER DA 60 42.19 -49.16 59.68
C SER DA 60 41.74 -48.67 58.31
N VAL DA 61 42.29 -47.55 57.84
CA VAL DA 61 41.87 -47.04 56.55
C VAL DA 61 42.75 -47.64 55.45
N THR DA 62 42.14 -48.20 54.41
CA THR DA 62 42.91 -48.76 53.31
C THR DA 62 42.42 -48.07 52.03
N CYS DA 63 43.31 -47.90 51.06
CA CYS DA 63 42.86 -47.29 49.81
C CYS DA 63 42.76 -48.39 48.76
N ASP DA 64 41.95 -48.12 47.73
CA ASP DA 64 41.76 -49.10 46.66
C ASP DA 64 42.51 -48.70 45.39
N GLY DA 65 43.74 -49.18 45.23
CA GLY DA 65 44.54 -48.87 44.06
C GLY DA 65 45.97 -49.35 44.18
N THR DA 66 46.81 -48.94 43.24
CA THR DA 66 48.21 -49.30 43.22
C THR DA 66 49.19 -48.18 43.59
N ASP DA 67 48.85 -46.92 43.37
CA ASP DA 67 49.80 -45.88 43.76
C ASP DA 67 49.48 -45.38 45.17
N PRO DA 68 50.52 -45.01 45.94
CA PRO DA 68 50.23 -44.56 47.31
C PRO DA 68 49.38 -43.28 47.33
N VAL DA 69 48.15 -43.35 47.84
CA VAL DA 69 47.30 -42.16 47.87
C VAL DA 69 47.48 -41.36 49.17
N ASP DA 70 47.38 -40.03 49.08
CA ASP DA 70 47.52 -39.17 50.25
C ASP DA 70 46.12 -38.75 50.66
N PHE DA 71 45.59 -39.33 51.74
CA PHE DA 71 44.24 -38.99 52.20
C PHE DA 71 44.32 -38.19 53.48
N THR DA 72 43.30 -37.41 53.74
CA THR DA 72 43.30 -36.59 54.94
C THR DA 72 42.29 -37.03 55.99
N VAL DA 73 42.53 -36.62 57.23
CA VAL DA 73 41.64 -36.95 58.34
C VAL DA 73 41.27 -35.67 59.09
N ALA DA 74 39.97 -35.43 59.28
CA ALA DA 74 39.52 -34.24 60.00
C ALA DA 74 38.49 -34.64 61.04
N ILE DA 75 38.63 -34.11 62.26
CA ILE DA 75 37.70 -34.41 63.32
C ILE DA 75 37.06 -33.07 63.68
N ASP DA 76 35.78 -33.07 64.00
CA ASP DA 76 35.06 -31.85 64.33
C ASP DA 76 35.13 -31.58 65.86
N GLY DA 77 34.43 -30.54 66.34
CA GLY DA 77 34.42 -30.18 67.74
C GLY DA 77 33.41 -30.83 68.68
N GLY DA 78 32.75 -31.90 68.25
CA GLY DA 78 31.78 -32.58 69.09
C GLY DA 78 30.40 -31.97 68.99
N GLU DA 79 29.45 -32.49 69.76
CA GLU DA 79 28.08 -32.02 69.77
C GLU DA 79 27.94 -30.54 69.99
N ARG DA 80 28.68 -29.98 70.95
CA ARG DA 80 28.54 -28.54 71.24
C ARG DA 80 29.57 -27.64 70.56
N THR DA 81 30.43 -28.25 69.73
CA THR DA 81 31.53 -27.59 68.97
C THR DA 81 32.73 -27.07 69.79
N ASP DA 82 32.84 -27.45 71.06
CA ASP DA 82 34.00 -27.04 71.88
C ASP DA 82 34.64 -28.21 72.64
N ARG DA 83 34.47 -29.42 72.10
CA ARG DA 83 35.03 -30.65 72.65
C ARG DA 83 34.79 -30.82 74.16
N THR DA 84 33.53 -30.79 74.54
CA THR DA 84 33.15 -30.99 75.95
C THR DA 84 32.19 -32.17 76.07
N LEU DA 85 32.44 -33.07 77.01
CA LEU DA 85 31.50 -34.15 77.20
C LEU DA 85 30.41 -33.62 78.12
N LYS DA 86 29.17 -34.00 77.89
CA LYS DA 86 28.09 -33.49 78.71
C LYS DA 86 27.47 -34.58 79.57
N ASN DA 87 27.08 -34.27 80.80
CA ASN DA 87 26.48 -35.28 81.62
C ASN DA 87 25.12 -35.58 81.02
N THR DA 88 24.74 -36.86 80.96
CA THR DA 88 23.43 -37.22 80.45
C THR DA 88 22.26 -36.52 81.14
N ALA DA 89 22.33 -36.30 82.46
CA ALA DA 89 21.22 -35.65 83.17
C ALA DA 89 21.40 -34.16 83.50
N SER DA 90 22.50 -33.84 84.17
CA SER DA 90 22.84 -32.47 84.56
C SER DA 90 23.51 -31.71 83.41
N ALA DA 91 23.85 -30.44 83.63
CA ALA DA 91 24.50 -29.64 82.59
C ALA DA 91 26.02 -29.50 82.75
N ASP DA 92 26.62 -30.33 83.59
CA ASP DA 92 28.07 -30.28 83.79
C ASP DA 92 28.81 -30.66 82.51
N VAL DA 93 29.97 -30.06 82.26
CA VAL DA 93 30.73 -30.37 81.06
C VAL DA 93 32.15 -30.80 81.39
N VAL DA 94 32.76 -31.62 80.54
CA VAL DA 94 34.13 -32.08 80.76
C VAL DA 94 34.95 -31.83 79.50
N ALA DA 95 35.78 -30.79 79.50
CA ALA DA 95 36.59 -30.45 78.34
C ALA DA 95 37.64 -31.54 78.02
N TYR DA 96 37.80 -31.89 76.74
CA TYR DA 96 38.78 -32.87 76.31
C TYR DA 96 39.36 -32.46 74.96
N ASN DA 97 40.23 -33.30 74.39
CA ASN DA 97 40.84 -33.04 73.09
C ASN DA 97 41.33 -34.37 72.50
N VAL DA 98 41.44 -34.44 71.19
CA VAL DA 98 41.92 -35.64 70.54
C VAL DA 98 43.24 -35.33 69.85
N TYR DA 99 44.29 -36.12 70.09
CA TYR DA 99 45.57 -35.88 69.45
C TYR DA 99 45.85 -37.03 68.49
N ARG DA 100 46.83 -36.84 67.62
CA ARG DA 100 47.17 -37.84 66.62
C ARG DA 100 48.36 -38.71 67.00
N ASP DA 101 49.34 -38.14 67.70
CA ASP DA 101 50.52 -38.90 68.09
C ASP DA 101 50.40 -39.38 69.53
N ALA DA 102 51.17 -40.43 69.85
CA ALA DA 102 51.18 -41.07 71.17
C ALA DA 102 51.59 -40.17 72.37
N ALA DA 103 52.32 -39.08 72.11
CA ALA DA 103 52.72 -38.15 73.15
C ALA DA 103 51.79 -36.94 73.35
N ARG DA 104 50.53 -37.01 72.88
CA ARG DA 104 49.57 -35.91 73.06
C ARG DA 104 50.05 -34.54 72.58
N THR DA 105 50.89 -34.52 71.54
CA THR DA 105 51.42 -33.26 71.01
C THR DA 105 50.76 -32.75 69.72
N ASN DA 106 50.63 -33.60 68.70
CA ASN DA 106 50.05 -33.23 67.43
C ASN DA 106 48.54 -33.30 67.56
N LEU DA 107 47.92 -32.16 67.84
CA LEU DA 107 46.49 -32.08 68.05
C LEU DA 107 45.66 -32.12 66.77
N TYR DA 108 44.53 -32.83 66.80
CA TYR DA 108 43.65 -32.85 65.64
C TYR DA 108 42.87 -31.58 65.77
N VAL DA 109 43.39 -30.49 65.18
CA VAL DA 109 42.72 -29.19 65.26
C VAL DA 109 41.29 -29.26 64.69
N VAL DA 110 40.35 -28.55 65.32
CA VAL DA 110 38.95 -28.55 64.89
C VAL DA 110 38.79 -28.25 63.39
N ASN DA 111 38.02 -29.09 62.69
CA ASN DA 111 37.78 -28.92 61.25
C ASN DA 111 39.06 -28.71 60.44
N GLN DA 112 40.07 -29.54 60.68
CA GLN DA 112 41.32 -29.43 59.93
C GLN DA 112 41.74 -30.78 59.37
N PRO DA 113 42.21 -30.80 58.09
CA PRO DA 113 42.61 -32.05 57.46
C PRO DA 113 44.00 -32.55 57.85
N GLN DA 114 44.14 -33.23 58.98
CA GLN DA 114 45.46 -33.73 59.33
C GLN DA 114 45.84 -34.76 58.25
N GLN DA 115 46.90 -34.48 57.46
CA GLN DA 115 47.38 -35.37 56.36
C GLN DA 115 47.73 -36.81 56.80
N PHE DA 116 47.64 -37.74 55.83
CA PHE DA 116 47.96 -39.14 56.06
C PHE DA 116 48.39 -39.85 54.76
N THR DA 117 49.23 -40.88 54.87
CA THR DA 117 49.70 -41.62 53.69
C THR DA 117 49.13 -43.03 53.72
N THR DA 118 49.05 -43.67 52.54
CA THR DA 118 48.53 -45.02 52.45
C THR DA 118 49.09 -45.71 51.19
N VAL DA 119 49.66 -46.91 51.33
CA VAL DA 119 50.21 -47.62 50.18
C VAL DA 119 49.30 -48.78 49.79
N SER DA 120 49.51 -49.32 48.59
CA SER DA 120 48.72 -50.43 48.08
C SER DA 120 48.95 -51.71 48.89
N GLY DA 121 47.93 -52.54 49.00
CA GLY DA 121 48.02 -53.79 49.74
C GLY DA 121 48.41 -53.62 51.19
N GLN DA 122 47.90 -52.56 51.82
CA GLN DA 122 48.18 -52.28 53.22
C GLN DA 122 47.07 -51.39 53.80
N ALA DA 123 46.84 -51.52 55.10
CA ALA DA 123 45.82 -50.71 55.76
C ALA DA 123 46.55 -49.81 56.76
N THR DA 124 46.32 -48.50 56.70
CA THR DA 124 46.98 -47.58 57.64
C THR DA 124 46.03 -47.32 58.81
N ALA DA 125 46.56 -47.26 60.02
CA ALA DA 125 45.73 -47.01 61.19
C ALA DA 125 45.56 -45.51 61.46
N VAL DA 126 44.40 -45.12 61.96
CA VAL DA 126 44.14 -43.73 62.28
C VAL DA 126 44.13 -43.59 63.80
N PRO DA 127 45.27 -43.16 64.37
CA PRO DA 127 45.31 -43.06 65.82
C PRO DA 127 44.56 -41.81 66.29
N ILE DA 128 43.48 -41.99 67.03
CA ILE DA 128 42.76 -40.86 67.57
C ILE DA 128 43.02 -41.01 69.07
N PHE DA 129 44.03 -40.32 69.57
CA PHE DA 129 44.38 -40.42 70.97
C PHE DA 129 43.65 -39.37 71.80
N GLY DA 130 42.82 -39.79 72.74
CA GLY DA 130 42.11 -38.84 73.56
C GLY DA 130 42.96 -38.43 74.74
N ALA DA 131 42.64 -37.29 75.31
CA ALA DA 131 43.34 -36.76 76.47
C ALA DA 131 42.46 -35.74 77.21
N ILE DA 132 42.40 -35.85 78.53
CA ILE DA 132 41.64 -34.93 79.34
C ILE DA 132 42.54 -34.28 80.40
N ALA DA 133 42.42 -32.96 80.57
CA ALA DA 133 43.24 -32.22 81.52
C ALA DA 133 42.94 -32.61 82.97
N PRO DA 134 43.93 -32.44 83.85
CA PRO DA 134 43.71 -32.77 85.26
C PRO DA 134 42.77 -31.77 85.92
N ASN DA 135 41.62 -32.23 86.39
CA ASN DA 135 40.66 -31.37 87.05
C ASN DA 135 40.94 -31.46 88.54
N THR DA 136 41.57 -30.44 89.11
CA THR DA 136 41.86 -30.44 90.53
C THR DA 136 41.22 -29.21 91.17
N GLY DA 137 40.09 -28.81 90.62
CA GLY DA 137 39.37 -27.65 91.11
C GLY DA 137 38.00 -27.99 91.66
N THR DA 138 37.03 -28.18 90.78
CA THR DA 138 35.67 -28.51 91.20
C THR DA 138 35.29 -29.95 90.82
N PRO DA 139 34.65 -30.68 91.75
CA PRO DA 139 34.26 -32.05 91.43
C PRO DA 139 32.99 -32.11 90.58
N LYS DA 140 33.08 -32.58 89.33
CA LYS DA 140 31.92 -32.67 88.46
C LYS DA 140 30.92 -33.68 89.01
N ALA DA 141 29.62 -33.43 88.79
CA ALA DA 141 28.59 -34.33 89.29
C ALA DA 141 28.69 -35.79 88.82
N GLN DA 142 28.20 -36.72 89.63
CA GLN DA 142 28.24 -38.15 89.30
C GLN DA 142 27.36 -38.48 88.10
N GLY DA 143 27.69 -39.55 87.40
CA GLY DA 143 26.93 -39.95 86.23
C GLY DA 143 27.82 -40.29 85.03
N ASP DA 144 27.21 -40.32 83.85
CA ASP DA 144 27.95 -40.63 82.63
C ASP DA 144 28.08 -39.39 81.73
N TYR DA 145 29.31 -39.08 81.29
CA TYR DA 145 29.52 -37.94 80.42
C TYR DA 145 29.73 -38.47 79.01
N LYS DA 146 29.11 -37.85 78.01
CA LYS DA 146 29.24 -38.32 76.62
C LYS DA 146 29.45 -37.20 75.61
N ASP DA 147 29.86 -37.60 74.42
CA ASP DA 147 30.06 -36.71 73.27
C ASP DA 147 30.15 -37.60 72.05
N THR DA 148 29.83 -37.05 70.89
CA THR DA 148 29.89 -37.79 69.65
C THR DA 148 30.74 -37.00 68.66
N LEU DA 149 32.02 -37.32 68.55
CA LEU DA 149 32.86 -36.58 67.62
C LEU DA 149 32.60 -37.16 66.23
N LEU DA 150 32.49 -36.32 65.23
CA LEU DA 150 32.27 -36.80 63.88
C LEU DA 150 33.65 -36.79 63.22
N VAL DA 151 34.20 -37.96 62.87
CA VAL DA 151 35.50 -38.00 62.21
C VAL DA 151 35.17 -37.99 60.72
N THR DA 152 35.89 -37.15 59.97
CA THR DA 152 35.67 -36.92 58.55
C THR DA 152 36.86 -37.32 57.69
N VAL DA 153 36.87 -38.56 57.19
CA VAL DA 153 37.95 -39.01 56.32
C VAL DA 153 37.61 -38.45 54.94
N ASN DA 154 38.38 -37.48 54.44
CA ASN DA 154 38.06 -36.89 53.16
C ASN DA 154 39.28 -36.85 52.28
N PHE DA 155 39.02 -36.69 51.00
CA PHE DA 155 40.08 -36.75 50.01
C PHE DA 155 40.21 -35.42 49.27
N ALA EA 1 34.51 -38.73 50.53
CA ALA EA 1 34.12 -38.14 51.81
C ALA EA 1 33.41 -39.17 52.69
N VAL EA 2 34.17 -39.82 53.57
CA VAL EA 2 33.61 -40.80 54.48
C VAL EA 2 33.57 -40.21 55.90
N THR EA 3 32.43 -39.62 56.26
CA THR EA 3 32.23 -39.04 57.58
C THR EA 3 31.67 -40.11 58.54
N GLY EA 4 32.27 -40.21 59.73
CA GLY EA 4 31.86 -41.17 60.72
C GLY EA 4 31.80 -40.70 62.15
N GLN EA 5 31.16 -41.46 63.05
CA GLN EA 5 31.04 -41.03 64.45
C GLN EA 5 31.95 -41.76 65.45
N VAL EA 6 32.40 -41.04 66.48
CA VAL EA 6 33.27 -41.61 67.50
C VAL EA 6 32.64 -41.23 68.84
N ASP EA 7 32.02 -42.18 69.55
CA ASP EA 7 31.38 -41.86 70.79
C ASP EA 7 32.45 -41.69 71.88
N VAL EA 8 32.42 -40.55 72.58
CA VAL EA 8 33.36 -40.28 73.65
C VAL EA 8 32.63 -40.51 74.98
N LYS EA 9 33.29 -41.14 75.94
CA LYS EA 9 32.63 -41.41 77.21
C LYS EA 9 33.56 -41.26 78.41
N LEU EA 10 32.97 -41.00 79.57
CA LEU EA 10 33.69 -40.86 80.83
C LEU EA 10 32.67 -41.08 81.95
N ASN EA 11 32.96 -41.98 82.88
CA ASN EA 11 32.02 -42.27 83.96
C ASN EA 11 32.56 -41.69 85.24
N ILE EA 12 32.15 -40.46 85.55
CA ILE EA 12 32.58 -39.82 86.78
C ILE EA 12 31.73 -40.38 87.91
N SER EA 13 32.31 -41.20 88.79
CA SER EA 13 31.58 -41.78 89.92
C SER EA 13 32.49 -42.12 91.13
N THR EA 14 33.41 -43.07 90.95
CA THR EA 14 34.33 -43.51 92.00
C THR EA 14 35.51 -44.24 91.31
N GLY EA 15 36.60 -43.51 91.06
CA GLY EA 15 37.76 -44.06 90.38
C GLY EA 15 39.05 -44.21 91.17
N CYS EA 16 40.07 -44.70 90.46
CA CYS EA 16 41.38 -44.98 91.00
C CYS EA 16 42.43 -44.06 90.35
N THR EA 17 43.41 -43.58 91.12
CA THR EA 17 44.43 -42.65 90.60
C THR EA 17 45.86 -43.17 90.73
N VAL EA 18 46.75 -42.77 89.82
CA VAL EA 18 48.13 -43.23 89.86
C VAL EA 18 49.07 -42.12 90.36
N GLY EA 19 49.80 -42.35 91.45
CA GLY EA 19 50.72 -41.36 91.98
C GLY EA 19 52.12 -41.65 91.51
N GLY EA 20 53.02 -40.67 91.65
CA GLY EA 20 54.40 -40.82 91.21
C GLY EA 20 54.65 -40.30 89.80
N SER EA 21 53.61 -39.79 89.15
CA SER EA 21 53.75 -39.28 87.80
C SER EA 21 53.77 -37.77 87.77
N GLN EA 22 54.33 -37.22 86.70
CA GLN EA 22 54.43 -35.80 86.49
C GLN EA 22 53.79 -35.57 85.12
N THR EA 23 53.02 -34.50 84.97
CA THR EA 23 52.38 -34.26 83.70
C THR EA 23 53.36 -33.63 82.70
N GLU EA 24 53.88 -34.41 81.76
CA GLU EA 24 54.76 -33.87 80.74
C GLU EA 24 53.83 -33.31 79.66
N GLY EA 25 53.57 -32.00 79.69
CA GLY EA 25 52.66 -31.43 78.72
C GLY EA 25 51.30 -32.07 78.96
N ASN EA 26 50.77 -32.81 77.98
CA ASN EA 26 49.46 -33.45 78.15
C ASN EA 26 49.58 -34.97 78.22
N MET EA 27 50.76 -35.47 78.60
CA MET EA 27 50.99 -36.90 78.71
C MET EA 27 51.65 -37.22 80.06
N ASN EA 28 51.07 -38.13 80.85
CA ASN EA 28 51.61 -38.47 82.16
C ASN EA 28 53.01 -39.11 82.12
N LYS EA 29 54.03 -38.43 82.63
CA LYS EA 29 55.38 -38.99 82.68
C LYS EA 29 55.45 -39.87 83.93
N PHE EA 30 55.42 -41.19 83.76
CA PHE EA 30 55.43 -42.10 84.90
C PHE EA 30 56.81 -42.28 85.52
N GLY EA 31 57.85 -42.44 84.71
CA GLY EA 31 59.17 -42.63 85.31
C GLY EA 31 60.28 -42.94 84.34
N THR EA 32 61.38 -43.48 84.86
CA THR EA 32 62.53 -43.79 84.05
C THR EA 32 63.10 -45.18 84.41
N LEU EA 33 63.49 -45.94 83.39
CA LEU EA 33 64.08 -47.26 83.59
C LEU EA 33 65.53 -47.04 83.19
N ASN EA 34 66.36 -46.66 84.15
CA ASN EA 34 67.74 -46.31 83.88
C ASN EA 34 68.69 -47.48 84.14
N PHE EA 35 69.15 -48.14 83.08
CA PHE EA 35 70.07 -49.26 83.24
C PHE EA 35 71.48 -48.81 83.61
N GLY EA 36 71.78 -47.54 83.34
CA GLY EA 36 73.07 -46.97 83.66
C GLY EA 36 74.01 -47.05 82.48
N LYS EA 37 75.30 -46.92 82.78
CA LYS EA 37 76.35 -46.98 81.76
C LYS EA 37 76.78 -48.43 81.54
N THR EA 38 77.30 -48.72 80.35
CA THR EA 38 77.75 -50.08 80.02
C THR EA 38 78.72 -50.07 78.84
N SER EA 39 79.49 -51.15 78.71
CA SER EA 39 80.45 -51.29 77.62
C SER EA 39 79.80 -51.96 76.46
N GLY EA 40 80.51 -52.03 75.31
CA GLY EA 40 79.98 -52.63 74.10
C GLY EA 40 79.43 -54.02 74.31
N THR EA 41 80.19 -54.86 75.02
CA THR EA 41 79.78 -56.23 75.28
C THR EA 41 79.71 -56.50 76.79
N TRP EA 42 78.50 -56.65 77.35
CA TRP EA 42 78.35 -56.91 78.77
C TRP EA 42 78.01 -58.39 79.02
N ASN EA 43 78.67 -59.03 79.99
CA ASN EA 43 78.40 -60.43 80.27
C ASN EA 43 77.32 -60.63 81.34
N ASN EA 44 77.16 -59.62 82.20
CA ASN EA 44 76.14 -59.66 83.24
C ASN EA 44 74.82 -59.06 82.72
N VAL EA 45 73.71 -59.64 83.15
CA VAL EA 45 72.37 -59.17 82.76
C VAL EA 45 72.22 -57.74 83.31
N LEU EA 46 72.04 -56.73 82.46
CA LEU EA 46 71.94 -55.37 83.01
C LEU EA 46 70.54 -55.22 83.58
N THR EA 47 70.43 -54.73 84.82
CA THR EA 47 69.15 -54.72 85.50
C THR EA 47 68.89 -53.47 86.35
N ALA EA 48 67.78 -52.76 86.12
CA ALA EA 48 67.45 -51.57 86.90
C ALA EA 48 65.94 -51.48 87.08
N GLU EA 49 65.51 -50.74 88.10
CA GLU EA 49 64.10 -50.58 88.42
C GLU EA 49 63.60 -49.22 87.97
N VAL EA 50 62.30 -49.11 87.73
CA VAL EA 50 61.72 -47.85 87.33
C VAL EA 50 61.83 -46.84 88.47
N ALA EA 51 62.14 -45.58 88.14
CA ALA EA 51 62.22 -44.53 89.14
C ALA EA 51 61.15 -43.50 88.77
N SER EA 52 60.10 -43.37 89.59
CA SER EA 52 59.02 -42.42 89.30
C SER EA 52 59.55 -41.00 89.07
N ALA EA 53 58.99 -40.29 88.08
CA ALA EA 53 59.47 -38.94 87.78
C ALA EA 53 59.12 -37.90 88.86
N ALA EA 54 58.07 -38.17 89.64
CA ALA EA 54 57.63 -37.25 90.68
C ALA EA 54 58.42 -37.36 91.98
N THR EA 55 58.61 -38.57 92.49
CA THR EA 55 59.32 -38.76 93.75
C THR EA 55 60.74 -39.33 93.63
N GLY EA 56 60.93 -40.26 92.69
CA GLY EA 56 62.22 -40.90 92.53
C GLY EA 56 62.13 -42.37 92.90
N GLY EA 57 61.11 -42.73 93.69
CA GLY EA 57 60.89 -44.11 94.10
C GLY EA 57 59.98 -44.84 93.13
N ASN EA 58 59.26 -45.84 93.63
CA ASN EA 58 58.38 -46.62 92.76
C ASN EA 58 57.01 -45.94 92.55
N ILE EA 59 56.40 -46.18 91.40
CA ILE EA 59 55.09 -45.60 91.10
C ILE EA 59 54.13 -46.07 92.19
N SER EA 60 53.43 -45.15 92.85
CA SER EA 60 52.53 -45.54 93.92
C SER EA 60 51.07 -45.32 93.52
N VAL EA 61 50.37 -46.40 93.13
CA VAL EA 61 49.00 -46.23 92.72
C VAL EA 61 48.09 -46.36 93.93
N THR EA 62 47.18 -45.42 94.13
CA THR EA 62 46.24 -45.48 95.24
C THR EA 62 44.84 -45.39 94.64
N CYS EA 63 43.85 -46.04 95.27
CA CYS EA 63 42.50 -45.92 94.75
C CYS EA 63 41.72 -45.01 95.68
N ASP EA 64 40.65 -44.42 95.14
CA ASP EA 64 39.82 -43.51 95.93
C ASP EA 64 38.50 -44.17 96.34
N GLY EA 65 38.47 -44.76 97.53
CA GLY EA 65 37.27 -45.41 98.03
C GLY EA 65 37.52 -46.20 99.30
N THR EA 66 36.52 -46.99 99.71
CA THR EA 66 36.61 -47.81 100.90
C THR EA 66 36.74 -49.31 100.64
N ASP EA 67 36.23 -49.84 99.53
CA ASP EA 67 36.40 -51.27 99.32
C ASP EA 67 37.66 -51.54 98.50
N PRO EA 68 38.34 -52.66 98.76
CA PRO EA 68 39.58 -52.92 98.00
C PRO EA 68 39.29 -53.09 96.51
N VAL EA 69 39.79 -52.19 95.65
CA VAL EA 69 39.54 -52.30 94.22
C VAL EA 69 40.64 -53.12 93.52
N ASP EA 70 40.25 -53.89 92.49
CA ASP EA 70 41.20 -54.69 91.74
C ASP EA 70 41.49 -53.96 90.44
N PHE EA 71 42.66 -53.33 90.33
CA PHE EA 71 43.01 -52.59 89.12
C PHE EA 71 44.08 -53.34 88.36
N THR EA 72 44.14 -53.09 87.05
CA THR EA 72 45.13 -53.79 86.25
C THR EA 72 46.23 -52.87 85.72
N VAL EA 73 47.36 -53.48 85.35
CA VAL EA 73 48.50 -52.76 84.83
C VAL EA 73 48.94 -53.38 83.50
N ALA EA 74 49.06 -52.58 82.44
CA ALA EA 74 49.48 -53.11 81.14
C ALA EA 74 50.57 -52.21 80.58
N ILE EA 75 51.65 -52.80 80.07
CA ILE EA 75 52.73 -52.06 79.49
C ILE EA 75 52.77 -52.48 78.03
N ASP EA 76 53.07 -51.54 77.14
CA ASP EA 76 53.11 -51.83 75.70
C ASP EA 76 54.53 -52.25 75.28
N GLY EA 77 54.77 -52.46 73.97
CA GLY EA 77 56.06 -52.86 73.44
C GLY EA 77 57.09 -51.81 73.11
N GLY EA 78 56.90 -50.57 73.54
CA GLY EA 78 57.86 -49.52 73.24
C GLY EA 78 57.60 -48.84 71.91
N GLU EA 79 58.46 -47.89 71.55
CA GLU EA 79 58.33 -47.16 70.30
C GLU EA 79 58.22 -48.04 69.08
N ARG EA 80 59.04 -49.08 68.97
CA ARG EA 80 59.00 -49.93 67.78
C ARG EA 80 58.15 -51.20 67.91
N THR EA 81 57.49 -51.35 69.07
CA THR EA 81 56.62 -52.50 69.43
C THR EA 81 57.33 -53.85 69.69
N ASP EA 82 58.65 -53.88 69.82
CA ASP EA 82 59.38 -55.12 70.11
C ASP EA 82 60.39 -54.95 71.27
N ARG EA 83 60.13 -53.98 72.14
CA ARG EA 83 60.95 -53.68 73.32
C ARG EA 83 62.44 -53.59 73.02
N THR EA 84 62.80 -52.70 72.11
CA THR EA 84 64.20 -52.48 71.75
C THR EA 84 64.57 -51.02 71.98
N LEU EA 85 65.70 -50.76 72.62
CA LEU EA 85 66.10 -49.38 72.78
C LEU EA 85 66.86 -49.02 71.51
N LYS EA 86 66.71 -47.81 71.01
CA LYS EA 86 67.39 -47.42 69.79
C LYS EA 86 68.45 -46.37 70.04
N ASN EA 87 69.57 -46.43 69.34
CA ASN EA 87 70.58 -45.45 69.54
C ASN EA 87 70.05 -44.15 68.98
N THR EA 88 70.26 -43.04 69.68
CA THR EA 88 69.83 -41.74 69.19
C THR EA 88 70.33 -41.40 67.77
N ALA EA 89 71.57 -41.76 67.43
CA ALA EA 89 72.09 -41.43 66.10
C ALA EA 89 72.09 -42.57 65.06
N SER EA 90 72.69 -43.69 65.43
CA SER EA 90 72.77 -44.88 64.56
C SER EA 90 71.50 -45.73 64.66
N ALA EA 91 71.43 -46.83 63.91
CA ALA EA 91 70.24 -47.68 63.92
C ALA EA 91 70.39 -48.94 64.78
N ASP EA 92 71.40 -48.98 65.65
CA ASP EA 92 71.62 -50.14 66.51
C ASP EA 92 70.46 -50.28 67.50
N VAL EA 93 70.10 -51.51 67.87
CA VAL EA 93 69.01 -51.73 68.80
C VAL EA 93 69.46 -52.57 69.99
N VAL EA 94 68.82 -52.39 71.13
CA VAL EA 94 69.16 -53.17 72.34
C VAL EA 94 67.89 -53.78 72.92
N ALA EA 95 67.66 -55.07 72.69
CA ALA EA 95 66.48 -55.76 73.18
C ALA EA 95 66.43 -55.81 74.72
N TYR EA 96 65.25 -55.54 75.31
CA TYR EA 96 65.07 -55.60 76.75
C TYR EA 96 63.67 -56.11 77.07
N ASN EA 97 63.31 -56.17 78.36
CA ASN EA 97 62.00 -56.61 78.79
C ASN EA 97 61.74 -56.06 80.19
N VAL EA 98 60.46 -55.92 80.54
CA VAL EA 98 60.10 -55.42 81.86
C VAL EA 98 59.38 -56.54 82.63
N TYR EA 99 59.81 -56.85 83.84
CA TYR EA 99 59.16 -57.89 84.62
C TYR EA 99 58.49 -57.24 85.82
N ARG EA 100 57.60 -57.99 86.47
CA ARG EA 100 56.85 -57.48 87.61
C ARG EA 100 57.44 -57.86 88.97
N ASP EA 101 58.01 -59.06 89.06
CA ASP EA 101 58.58 -59.52 90.32
C ASP EA 101 60.09 -59.32 90.35
N ALA EA 102 60.65 -59.27 91.56
CA ALA EA 102 62.08 -59.05 91.80
C ALA EA 102 63.05 -60.09 91.19
N ALA EA 103 62.56 -61.30 90.91
CA ALA EA 103 63.38 -62.34 90.31
C ALA EA 103 63.30 -62.43 88.77
N ARG EA 104 62.82 -61.38 88.08
CA ARG EA 104 62.74 -61.37 86.62
C ARG EA 104 61.99 -62.57 86.01
N THR EA 105 60.97 -63.07 86.71
CA THR EA 105 60.18 -64.21 86.24
C THR EA 105 58.81 -63.85 85.65
N ASN EA 106 58.00 -63.09 86.39
CA ASN EA 106 56.67 -62.70 85.96
C ASN EA 106 56.78 -61.53 85.00
N LEU EA 107 56.80 -61.83 83.72
CA LEU EA 107 56.97 -60.83 82.67
C LEU EA 107 55.71 -60.01 82.39
N TYR EA 108 55.88 -58.69 82.16
CA TYR EA 108 54.74 -57.87 81.81
C TYR EA 108 54.57 -58.11 80.34
N VAL EA 109 53.76 -59.11 79.98
CA VAL EA 109 53.54 -59.45 78.58
C VAL EA 109 52.98 -58.25 77.81
N VAL EA 110 53.42 -58.07 76.56
CA VAL EA 110 52.98 -56.96 75.71
C VAL EA 110 51.45 -56.83 75.66
N ASN EA 111 50.94 -55.62 75.89
CA ASN EA 111 49.50 -55.35 75.88
C ASN EA 111 48.68 -56.35 76.70
N GLN EA 112 49.12 -56.61 77.93
CA GLN EA 112 48.38 -57.53 78.80
C GLN EA 112 48.13 -56.91 80.17
N PRO EA 113 46.91 -57.09 80.71
CA PRO EA 113 46.57 -56.51 82.01
C PRO EA 113 47.09 -57.29 83.21
N GLN EA 114 48.33 -57.11 83.61
CA GLN EA 114 48.81 -57.84 84.77
C GLN EA 114 48.00 -57.32 85.97
N GLN EA 115 47.18 -58.19 86.60
CA GLN EA 115 46.31 -57.85 87.75
C GLN EA 115 47.07 -57.24 88.97
N PHE EA 116 46.33 -56.46 89.77
CA PHE EA 116 46.85 -55.83 90.97
C PHE EA 116 45.76 -55.53 92.01
N THR EA 117 46.10 -55.52 93.29
CA THR EA 117 45.13 -55.24 94.34
C THR EA 117 45.46 -53.91 95.01
N THR EA 118 44.46 -53.30 95.64
CA THR EA 118 44.65 -52.02 96.31
C THR EA 118 43.60 -51.83 97.41
N VAL EA 119 44.01 -51.50 98.63
CA VAL EA 119 43.05 -51.32 99.72
C VAL EA 119 42.91 -49.83 100.06
N SER EA 120 41.87 -49.50 100.80
CA SER EA 120 41.60 -48.11 101.20
C SER EA 120 42.68 -47.59 102.14
N GLY EA 121 42.96 -46.28 102.07
CA GLY EA 121 43.96 -45.65 102.92
C GLY EA 121 45.34 -46.26 102.78
N GLN EA 122 45.71 -46.63 101.56
CA GLN EA 122 47.02 -47.21 101.29
C GLN EA 122 47.37 -47.01 99.81
N ALA EA 123 48.66 -46.93 99.51
CA ALA EA 123 49.11 -46.76 98.13
C ALA EA 123 49.89 -48.03 97.78
N THR EA 124 49.54 -48.69 96.67
CA THR EA 124 50.25 -49.90 96.26
C THR EA 124 51.33 -49.51 95.23
N ALA EA 125 52.51 -50.11 95.32
CA ALA EA 125 53.58 -49.79 94.39
C ALA EA 125 53.50 -50.65 93.14
N VAL EA 126 53.89 -50.09 92.00
CA VAL EA 126 53.89 -50.83 90.74
C VAL EA 126 55.34 -51.11 90.35
N PRO EA 127 55.81 -52.33 90.69
CA PRO EA 127 57.21 -52.61 90.38
C PRO EA 127 57.37 -52.92 88.89
N ILE EA 128 58.12 -52.08 88.19
CA ILE EA 128 58.39 -52.33 86.79
C ILE EA 128 59.89 -52.62 86.80
N PHE EA 129 60.24 -53.90 86.85
CA PHE EA 129 61.64 -54.29 86.92
C PHE EA 129 62.19 -54.52 85.52
N GLY EA 130 63.18 -53.75 85.11
CA GLY EA 130 63.77 -53.93 83.80
C GLY EA 130 64.85 -54.99 83.85
N ALA EA 131 65.14 -55.56 82.70
CA ALA EA 131 66.15 -56.59 82.56
C ALA EA 131 66.63 -56.66 81.11
N ILE EA 132 67.95 -56.72 80.91
CA ILE EA 132 68.53 -56.84 79.59
C ILE EA 132 69.44 -58.09 79.51
N ALA EA 133 69.30 -58.86 78.43
CA ALA EA 133 70.08 -60.08 78.26
C ALA EA 133 71.56 -59.80 78.08
N PRO EA 134 72.40 -60.78 78.45
CA PRO EA 134 73.85 -60.58 78.30
C PRO EA 134 74.25 -60.59 76.83
N ASN EA 135 74.80 -59.49 76.33
CA ASN EA 135 75.23 -59.41 74.96
C ASN EA 135 76.72 -59.75 74.94
N THR EA 136 77.06 -60.97 74.50
CA THR EA 136 78.44 -61.38 74.44
C THR EA 136 78.79 -61.76 73.00
N GLY EA 137 78.14 -61.10 72.06
CA GLY EA 137 78.34 -61.35 70.64
C GLY EA 137 78.94 -60.17 69.91
N THR EA 138 78.10 -59.19 69.57
CA THR EA 138 78.56 -58.02 68.85
C THR EA 138 78.51 -56.76 69.73
N PRO EA 139 79.56 -55.93 69.69
CA PRO EA 139 79.56 -54.71 70.49
C PRO EA 139 78.72 -53.59 69.86
N LYS EA 140 77.61 -53.20 70.49
CA LYS EA 140 76.76 -52.15 69.95
C LYS EA 140 77.51 -50.81 69.94
N ALA EA 141 77.22 -49.97 68.95
CA ALA EA 141 77.89 -48.67 68.84
C ALA EA 141 77.75 -47.76 70.08
N GLN EA 142 78.74 -46.89 70.29
CA GLN EA 142 78.74 -45.97 71.42
C GLN EA 142 77.63 -44.93 71.31
N GLY EA 143 77.18 -44.41 72.44
CA GLY EA 143 76.12 -43.41 72.45
C GLY EA 143 75.05 -43.71 73.48
N ASP EA 144 73.89 -43.08 73.32
CA ASP EA 144 72.78 -43.27 74.26
C ASP EA 144 71.64 -44.05 73.59
N TYR EA 145 71.16 -45.11 74.24
CA TYR EA 145 70.06 -45.89 73.70
C TYR EA 145 68.80 -45.51 74.47
N LYS EA 146 67.67 -45.30 73.79
CA LYS EA 146 66.44 -44.92 74.46
C LYS EA 146 65.20 -45.67 73.96
N ASP EA 147 64.12 -45.56 74.74
CA ASP EA 147 62.82 -46.12 74.42
C ASP EA 147 61.82 -45.47 75.36
N THR EA 148 60.56 -45.42 74.94
CA THR EA 148 59.53 -44.82 75.75
C THR EA 148 58.40 -45.84 75.89
N LEU EA 149 58.38 -46.60 76.98
CA LEU EA 149 57.33 -47.58 77.16
C LEU EA 149 56.10 -46.83 77.66
N LEU EA 150 54.93 -47.15 77.15
CA LEU EA 150 53.72 -46.50 77.61
C LEU EA 150 53.09 -47.45 78.62
N VAL EA 151 53.02 -47.08 79.89
CA VAL EA 151 52.41 -47.94 80.89
C VAL EA 151 50.95 -47.51 80.93
N THR EA 152 50.03 -48.49 80.93
CA THR EA 152 48.61 -48.29 80.86
C THR EA 152 47.88 -48.81 82.09
N VAL EA 153 47.67 -47.95 83.09
CA VAL EA 153 46.93 -48.36 84.28
C VAL EA 153 45.45 -48.29 83.89
N ASN EA 154 44.77 -49.42 83.77
CA ASN EA 154 43.38 -49.39 83.35
C ASN EA 154 42.54 -50.22 84.28
N PHE EA 155 41.23 -49.96 84.23
CA PHE EA 155 40.31 -50.58 85.13
C PHE EA 155 39.30 -51.44 84.38
N ALA FA 1 41.17 -45.17 82.86
CA ALA FA 1 42.28 -45.42 81.94
C ALA FA 1 43.36 -44.35 82.09
N VAL FA 2 44.37 -44.62 82.91
CA VAL FA 2 45.47 -43.70 83.10
C VAL FA 2 46.72 -44.22 82.38
N THR FA 3 46.92 -43.79 81.14
CA THR FA 3 48.08 -44.19 80.35
C THR FA 3 49.25 -43.21 80.59
N GLY FA 4 50.42 -43.76 80.85
CA GLY FA 4 51.60 -42.97 81.12
C GLY FA 4 52.89 -43.41 80.47
N GLN FA 5 53.93 -42.56 80.46
CA GLN FA 5 55.19 -42.92 79.81
C GLN FA 5 56.35 -43.29 80.77
N VAL FA 6 57.20 -44.22 80.35
CA VAL FA 6 58.34 -44.65 81.14
C VAL FA 6 59.56 -44.60 80.22
N ASP FA 7 60.44 -43.61 80.39
CA ASP FA 7 61.57 -43.51 79.51
C ASP FA 7 62.60 -44.57 79.88
N VAL FA 8 63.03 -45.36 78.91
CA VAL FA 8 64.03 -46.39 79.14
C VAL FA 8 65.36 -45.87 78.59
N LYS FA 9 66.46 -46.10 79.32
CA LYS FA 9 67.74 -45.59 78.87
C LYS FA 9 68.90 -46.56 79.14
N LEU FA 10 69.96 -46.42 78.36
CA LEU FA 10 71.17 -47.23 78.49
C LEU FA 10 72.29 -46.47 77.79
N ASN FA 11 73.40 -46.23 78.47
CA ASN FA 11 74.50 -45.48 77.89
C ASN FA 11 75.64 -46.44 77.57
N ILE FA 12 75.66 -46.96 76.35
CA ILE FA 12 76.72 -47.85 75.94
C ILE FA 12 77.93 -46.99 75.59
N SER FA 13 78.98 -47.03 76.43
CA SER FA 13 80.20 -46.26 76.17
C SER FA 13 81.47 -46.89 76.81
N THR FA 14 81.53 -46.96 78.14
CA THR FA 14 82.66 -47.51 78.88
C THR FA 14 82.17 -47.84 80.30
N GLY FA 15 81.77 -49.10 80.51
CA GLY FA 15 81.26 -49.54 81.80
C GLY FA 15 82.08 -50.52 82.62
N CYS FA 16 81.51 -50.88 83.77
CA CYS FA 16 82.11 -51.78 84.74
C CYS FA 16 81.30 -53.07 84.86
N THR FA 17 81.96 -54.21 85.02
CA THR FA 17 81.27 -55.51 85.09
C THR FA 17 81.53 -56.29 86.39
N VAL FA 18 80.56 -57.08 86.83
CA VAL FA 18 80.73 -57.85 88.06
C VAL FA 18 80.98 -59.34 87.78
N GLY FA 19 82.11 -59.88 88.22
CA GLY FA 19 82.43 -61.28 87.99
C GLY FA 19 82.05 -62.10 89.21
N GLY FA 20 81.98 -63.43 89.05
CA GLY FA 20 81.61 -64.32 90.14
C GLY FA 20 80.12 -64.65 90.19
N SER FA 21 79.36 -64.10 89.24
CA SER FA 21 77.93 -64.34 89.20
C SER FA 21 77.57 -65.33 88.10
N GLN FA 22 76.41 -65.97 88.26
CA GLN FA 22 75.89 -66.93 87.31
C GLN FA 22 74.51 -66.40 86.97
N THR FA 23 74.10 -66.48 85.71
CA THR FA 23 72.80 -65.98 85.33
C THR FA 23 71.70 -66.99 85.69
N GLU FA 24 70.96 -66.76 86.77
CA GLU FA 24 69.86 -67.64 87.13
C GLU FA 24 68.68 -67.15 86.31
N GLY FA 25 68.41 -67.79 85.17
CA GLY FA 25 67.32 -67.35 84.32
C GLY FA 25 67.68 -65.93 83.87
N ASN FA 26 66.87 -64.93 84.24
CA ASN FA 26 67.16 -63.55 83.82
C ASN FA 26 67.57 -62.68 85.02
N MET FA 27 68.07 -63.30 86.08
CA MET FA 27 68.50 -62.57 87.27
C MET FA 27 69.89 -63.05 87.70
N ASN FA 28 70.85 -62.13 87.83
CA ASN FA 28 72.21 -62.50 88.21
C ASN FA 28 72.34 -63.14 89.61
N LYS FA 29 72.71 -64.43 89.67
CA LYS FA 29 72.90 -65.09 90.95
C LYS FA 29 74.32 -64.74 91.43
N PHE FA 30 74.45 -63.86 92.41
CA PHE FA 30 75.76 -63.44 92.89
C PHE FA 30 76.43 -64.44 93.81
N GLY FA 31 75.68 -65.03 94.75
CA GLY FA 31 76.34 -65.97 95.65
C GLY FA 31 75.47 -66.50 96.76
N THR FA 32 76.13 -67.05 97.79
CA THR FA 32 75.42 -67.60 98.92
C THR FA 32 76.07 -67.20 100.25
N LEU FA 33 75.27 -66.88 101.24
CA LEU FA 33 75.77 -66.51 102.56
C LEU FA 33 75.35 -67.68 103.42
N ASN FA 34 76.21 -68.69 103.51
CA ASN FA 34 75.89 -69.92 104.21
C ASN FA 34 76.42 -69.94 105.64
N PHE FA 35 75.54 -69.71 106.62
CA PHE FA 35 75.97 -69.71 108.01
C PHE FA 35 76.25 -71.12 108.54
N GLY FA 36 75.71 -72.12 107.85
CA GLY FA 36 75.90 -73.51 108.21
C GLY FA 36 74.80 -74.02 109.10
N LYS FA 37 75.07 -75.12 109.79
CA LYS FA 37 74.12 -75.73 110.71
C LYS FA 37 74.23 -75.10 112.09
N THR FA 38 73.14 -75.14 112.86
CA THR FA 38 73.12 -74.58 114.21
C THR FA 38 71.99 -75.15 115.04
N SER FA 39 72.11 -75.03 116.36
CA SER FA 39 71.11 -75.52 117.28
C SER FA 39 70.11 -74.45 117.56
N GLY FA 40 69.01 -74.79 118.28
CA GLY FA 40 67.95 -73.85 118.59
C GLY FA 40 68.46 -72.56 119.23
N THR FA 41 69.34 -72.70 120.21
CA THR FA 41 69.90 -71.54 120.91
C THR FA 41 71.44 -71.52 120.79
N TRP FA 42 71.99 -70.59 120.01
CA TRP FA 42 73.44 -70.50 119.85
C TRP FA 42 74.00 -69.32 120.67
N ASN FA 43 75.10 -69.54 121.40
CA ASN FA 43 75.69 -68.48 122.21
C ASN FA 43 76.75 -67.69 121.45
N ASN FA 44 77.36 -68.31 120.45
CA ASN FA 44 78.36 -67.66 119.64
C ASN FA 44 77.71 -66.97 118.43
N VAL FA 45 78.24 -65.81 118.04
CA VAL FA 45 77.74 -65.06 116.90
C VAL FA 45 77.95 -65.92 115.65
N LEU FA 46 76.88 -66.32 114.94
CA LEU FA 46 77.12 -67.18 113.76
C LEU FA 46 77.63 -66.31 112.65
N THR FA 47 78.73 -66.70 112.00
CA THR FA 47 79.36 -65.83 111.02
C THR FA 47 79.91 -66.54 109.78
N ALA FA 48 79.51 -66.13 108.57
CA ALA FA 48 80.00 -66.74 107.35
C ALA FA 48 80.13 -65.68 106.27
N GLU FA 49 80.95 -65.96 105.26
CA GLU FA 49 81.22 -65.04 104.17
C GLU FA 49 80.46 -65.48 102.92
N VAL FA 50 80.18 -64.53 102.04
CA VAL FA 50 79.50 -64.84 100.79
C VAL FA 50 80.38 -65.73 99.91
N ALA FA 51 79.80 -66.72 99.25
CA ALA FA 51 80.53 -67.59 98.36
C ALA FA 51 79.93 -67.38 96.97
N SER FA 52 80.67 -66.78 96.03
CA SER FA 52 80.17 -66.53 94.69
C SER FA 52 79.64 -67.82 94.03
N ALA FA 53 78.52 -67.71 93.31
CA ALA FA 53 77.93 -68.89 92.68
C ALA FA 53 78.74 -69.43 91.50
N ALA FA 54 79.55 -68.58 90.87
CA ALA FA 54 80.35 -68.98 89.72
C ALA FA 54 81.66 -69.68 90.08
N THR FA 55 82.42 -69.11 91.01
CA THR FA 55 83.70 -69.70 91.39
C THR FA 55 83.74 -70.38 92.76
N GLY FA 56 83.04 -69.81 93.73
CA GLY FA 56 83.05 -70.37 95.07
C GLY FA 56 83.73 -69.40 96.03
N GLY FA 57 84.56 -68.50 95.49
CA GLY FA 57 85.25 -67.52 96.28
C GLY FA 57 84.46 -66.23 96.40
N ASN FA 58 85.15 -65.10 96.59
CA ASN FA 58 84.46 -63.82 96.73
C ASN FA 58 84.09 -63.20 95.39
N ILE FA 59 83.01 -62.42 95.36
CA ILE FA 59 82.58 -61.77 94.14
C ILE FA 59 83.73 -60.88 93.66
N SER FA 60 84.16 -61.04 92.41
CA SER FA 60 85.28 -60.25 91.91
C SER FA 60 84.81 -59.23 90.88
N VAL FA 61 84.65 -57.97 91.28
CA VAL FA 61 84.19 -56.96 90.34
C VAL FA 61 85.40 -56.35 89.61
N THR FA 62 85.36 -56.29 88.28
CA THR FA 62 86.44 -55.70 87.53
C THR FA 62 85.82 -54.60 86.65
N CYS FA 63 86.55 -53.53 86.37
CA CYS FA 63 85.99 -52.48 85.53
C CYS FA 63 86.65 -52.50 84.16
N ASP FA 64 85.86 -52.42 83.09
CA ASP FA 64 86.42 -52.42 81.74
C ASP FA 64 86.92 -51.03 81.35
N GLY FA 65 88.07 -50.66 81.89
CA GLY FA 65 88.66 -49.36 81.61
C GLY FA 65 90.13 -49.35 82.00
N THR FA 66 90.80 -48.24 81.73
CA THR FA 66 92.22 -48.12 82.05
C THR FA 66 92.45 -47.29 83.31
N ASP FA 67 91.82 -46.13 83.37
CA ASP FA 67 91.94 -45.23 84.53
C ASP FA 67 91.14 -45.81 85.69
N PRO FA 68 91.49 -45.45 86.93
CA PRO FA 68 90.71 -46.02 88.05
C PRO FA 68 89.25 -45.58 88.03
N VAL FA 69 88.33 -46.47 88.39
CA VAL FA 69 86.91 -46.17 88.40
C VAL FA 69 86.37 -46.35 89.82
N ASP FA 70 85.53 -45.41 90.29
CA ASP FA 70 85.00 -45.52 91.63
C ASP FA 70 83.58 -46.04 91.52
N PHE FA 71 83.34 -47.31 91.84
CA PHE FA 71 82.00 -47.88 91.74
C PHE FA 71 81.44 -48.11 93.12
N THR FA 72 80.12 -48.14 93.22
CA THR FA 72 79.50 -48.35 94.52
C THR FA 72 78.80 -49.69 94.66
N VAL FA 73 78.60 -50.11 95.91
CA VAL FA 73 77.94 -51.36 96.21
C VAL FA 73 76.79 -51.12 97.19
N ALA FA 74 75.59 -51.58 96.87
CA ALA FA 74 74.45 -51.39 97.77
C ALA FA 74 73.71 -52.71 97.91
N ILE FA 75 73.36 -53.08 99.15
CA ILE FA 75 72.65 -54.31 99.41
C ILE FA 75 71.32 -53.86 100.01
N ASP FA 76 70.24 -54.57 99.67
CA ASP FA 76 68.91 -54.22 100.17
C ASP FA 76 68.62 -54.98 101.48
N GLY FA 77 67.40 -54.84 102.02
CA GLY FA 77 66.99 -55.48 103.26
C GLY FA 77 66.44 -56.91 103.22
N GLY FA 78 66.59 -57.61 102.10
CA GLY FA 78 66.08 -58.98 102.00
C GLY FA 78 64.63 -59.03 101.58
N GLU FA 79 64.07 -60.23 101.50
CA GLU FA 79 62.70 -60.44 101.11
C GLU FA 79 61.69 -59.64 101.90
N ARG FA 80 61.84 -59.58 103.21
CA ARG FA 80 60.86 -58.84 104.03
C ARG FA 80 61.25 -57.41 104.39
N THR FA 81 62.41 -56.96 103.86
CA THR FA 81 63.01 -55.63 104.08
C THR FA 81 63.57 -55.32 105.49
N ASP FA 82 63.72 -56.33 106.35
CA ASP FA 82 64.29 -56.12 107.68
C ASP FA 82 65.40 -57.14 108.00
N ARG FA 83 66.03 -57.69 106.97
CA ARG FA 83 67.13 -58.66 107.09
C ARG FA 83 66.85 -59.80 108.04
N THR FA 84 65.76 -60.53 107.79
CA THR FA 84 65.38 -61.68 108.61
C THR FA 84 65.28 -62.92 107.73
N LEU FA 85 65.88 -64.03 108.15
CA LEU FA 85 65.73 -65.24 107.38
C LEU FA 85 64.43 -65.88 107.83
N LYS FA 86 63.67 -66.47 106.92
CA LYS FA 86 62.40 -67.06 107.31
C LYS FA 86 62.43 -68.58 107.17
N ASN FA 87 61.77 -69.29 108.09
CA ASN FA 87 61.77 -70.71 107.99
C ASN FA 87 60.93 -71.07 106.78
N THR FA 88 61.36 -72.04 105.98
CA THR FA 88 60.58 -72.47 104.82
C THR FA 88 59.14 -72.87 105.16
N ALA FA 89 58.91 -73.54 106.29
CA ALA FA 89 57.54 -73.97 106.64
C ALA FA 89 56.79 -73.09 107.65
N SER FA 90 57.40 -72.88 108.81
CA SER FA 90 56.82 -72.07 109.89
C SER FA 90 57.08 -70.58 109.66
N ALA FA 91 56.59 -69.72 110.56
CA ALA FA 91 56.79 -68.28 110.41
C ALA FA 91 57.91 -67.70 111.28
N ASP FA 92 58.77 -68.55 111.82
CA ASP FA 92 59.87 -68.09 112.65
C ASP FA 92 60.85 -67.27 111.82
N VAL FA 93 61.48 -66.25 112.43
CA VAL FA 93 62.42 -65.40 111.71
C VAL FA 93 63.77 -65.36 112.41
N VAL FA 94 64.84 -65.15 111.66
CA VAL FA 94 66.18 -65.07 112.23
C VAL FA 94 66.86 -63.79 111.76
N ALA FA 95 66.93 -62.77 112.61
CA ALA FA 95 67.54 -61.50 112.24
C ALA FA 95 69.05 -61.63 111.97
N TYR FA 96 69.55 -60.99 110.90
CA TYR FA 96 70.96 -61.02 110.57
C TYR FA 96 71.36 -59.67 109.97
N ASN FA 97 72.64 -59.53 109.55
CA ASN FA 97 73.13 -58.31 108.94
C ASN FA 97 74.37 -58.65 108.11
N VAL FA 98 74.66 -57.83 107.12
CA VAL FA 98 75.83 -58.04 106.28
C VAL FA 98 76.81 -56.88 106.50
N TYR FA 99 78.07 -57.17 106.79
CA TYR FA 99 79.05 -56.12 107.00
C TYR FA 99 80.07 -56.18 105.85
N ARG FA 100 80.85 -55.12 105.71
CA ARG FA 100 81.84 -55.04 104.64
C ARG FA 100 83.25 -55.41 105.07
N ASP FA 101 83.62 -55.08 106.31
CA ASP FA 101 84.96 -55.40 106.80
C ASP FA 101 84.97 -56.68 107.62
N ALA FA 102 86.15 -57.28 107.74
CA ALA FA 102 86.35 -58.54 108.48
C ALA FA 102 86.00 -58.52 109.98
N ALA FA 103 85.99 -57.35 110.61
CA ALA FA 103 85.65 -57.23 112.01
C ALA FA 103 84.17 -56.90 112.30
N ARG FA 104 83.26 -57.12 111.34
CA ARG FA 104 81.82 -56.87 111.54
C ARG FA 104 81.48 -55.46 112.03
N THR FA 105 82.27 -54.47 111.61
CA THR FA 105 82.04 -53.07 112.01
C THR FA 105 81.37 -52.17 110.96
N ASN FA 106 81.91 -52.16 109.74
CA ASN FA 106 81.38 -51.34 108.67
C ASN FA 106 80.20 -52.05 108.05
N LEU FA 107 79.01 -51.69 108.52
CA LEU FA 107 77.77 -52.32 108.07
C LEU FA 107 77.29 -51.86 106.68
N TYR FA 108 76.79 -52.79 105.88
CA TYR FA 108 76.24 -52.41 104.59
C TYR FA 108 74.85 -51.93 104.91
N VAL FA 109 74.72 -50.64 105.20
CA VAL FA 109 73.42 -50.06 105.55
C VAL FA 109 72.38 -50.29 104.43
N VAL FA 110 71.14 -50.58 104.82
CA VAL FA 110 70.06 -50.85 103.86
C VAL FA 110 69.96 -49.77 102.77
N ASN FA 111 69.90 -50.19 101.50
CA ASN FA 111 69.81 -49.26 100.37
C ASN FA 111 70.82 -48.12 100.42
N GLN FA 112 72.08 -48.44 100.67
CA GLN FA 112 73.12 -47.41 100.72
C GLN FA 112 74.32 -47.81 99.86
N PRO FA 113 74.86 -46.84 99.09
CA PRO FA 113 75.99 -47.13 98.21
C PRO FA 113 77.36 -47.18 98.91
N GLN FA 114 77.71 -48.28 99.53
CA GLN FA 114 79.01 -48.34 100.16
C GLN FA 114 80.07 -48.21 99.03
N GLN FA 115 80.85 -47.12 99.03
CA GLN FA 115 81.90 -46.84 98.00
C GLN FA 115 82.96 -47.96 97.84
N PHE FA 116 83.55 -48.01 96.64
CA PHE FA 116 84.60 -48.97 96.30
C PHE FA 116 85.51 -48.47 95.18
N THR FA 117 86.77 -48.91 95.17
CA THR FA 117 87.72 -48.50 94.15
C THR FA 117 88.09 -49.69 93.30
N THR FA 118 88.50 -49.43 92.07
CA THR FA 118 88.92 -50.48 91.18
C THR FA 118 90.03 -49.83 90.36
N VAL FA 119 91.08 -50.60 90.09
CA VAL FA 119 92.27 -50.09 89.44
C VAL FA 119 92.65 -50.82 88.15
N SER FA 120 93.69 -50.30 87.47
CA SER FA 120 94.13 -50.84 86.19
C SER FA 120 94.39 -52.36 86.19
N GLY FA 121 93.79 -53.06 85.22
CA GLY FA 121 93.98 -54.48 85.03
C GLY FA 121 93.80 -55.32 86.28
N GLN FA 122 92.78 -55.02 87.08
CA GLN FA 122 92.59 -55.82 88.29
C GLN FA 122 91.13 -56.06 88.64
N ALA FA 123 90.87 -57.15 89.36
CA ALA FA 123 89.51 -57.44 89.81
C ALA FA 123 89.50 -57.20 91.32
N THR FA 124 88.60 -56.33 91.80
CA THR FA 124 88.48 -56.04 93.21
C THR FA 124 87.41 -56.97 93.80
N ALA FA 125 87.65 -57.49 95.01
CA ALA FA 125 86.69 -58.38 95.64
C ALA FA 125 85.66 -57.60 96.45
N VAL FA 126 84.43 -58.10 96.50
CA VAL FA 126 83.36 -57.46 97.26
C VAL FA 126 83.08 -58.33 98.49
N PRO FA 127 83.67 -57.96 99.63
CA PRO FA 127 83.46 -58.79 100.81
C PRO FA 127 82.08 -58.52 101.40
N ILE FA 128 81.22 -59.53 101.40
CA ILE FA 128 79.92 -59.38 102.01
C ILE FA 128 80.02 -60.33 103.20
N PHE FA 129 80.35 -59.79 104.36
CA PHE FA 129 80.53 -60.61 105.54
C PHE FA 129 79.23 -60.69 106.33
N GLY FA 130 78.67 -61.89 106.49
CA GLY FA 130 77.45 -62.03 107.22
C GLY FA 130 77.75 -62.17 108.70
N ALA FA 131 76.75 -61.88 109.53
CA ALA FA 131 76.86 -61.97 110.97
C ALA FA 131 75.48 -62.09 111.60
N ILE FA 132 75.31 -63.02 112.54
CA ILE FA 132 74.06 -63.22 113.23
C ILE FA 132 74.28 -63.09 114.75
N ALA FA 133 73.39 -62.35 115.43
CA ALA FA 133 73.50 -62.14 116.86
C ALA FA 133 73.31 -63.42 117.67
N PRO FA 134 73.89 -63.47 118.87
CA PRO FA 134 73.72 -64.68 119.69
C PRO FA 134 72.30 -64.77 120.23
N ASN FA 135 71.58 -65.83 119.86
CA ASN FA 135 70.22 -66.02 120.33
C ASN FA 135 70.30 -66.92 121.56
N THR FA 136 70.15 -66.35 122.75
CA THR FA 136 70.20 -67.12 123.98
C THR FA 136 68.90 -66.94 124.73
N GLY FA 137 67.82 -66.76 123.98
CA GLY FA 137 66.50 -66.56 124.57
C GLY FA 137 65.53 -67.67 124.21
N THR FA 138 64.97 -67.62 123.01
CA THR FA 138 64.01 -68.63 122.57
C THR FA 138 64.59 -69.51 121.45
N PRO FA 139 64.37 -70.83 121.54
CA PRO FA 139 64.90 -71.71 120.50
C PRO FA 139 64.02 -71.70 119.24
N LYS FA 140 64.53 -71.20 118.12
CA LYS FA 140 63.75 -71.16 116.88
C LYS FA 140 63.46 -72.57 116.39
N ALA FA 141 62.30 -72.77 115.75
CA ALA FA 141 61.92 -74.09 115.25
C ALA FA 141 62.92 -74.73 114.27
N GLN FA 142 62.95 -76.07 114.25
CA GLN FA 142 63.85 -76.80 113.36
C GLN FA 142 63.49 -76.61 111.89
N GLY FA 143 64.47 -76.76 111.01
CA GLY FA 143 64.24 -76.59 109.59
C GLY FA 143 65.29 -75.73 108.92
N ASP FA 144 64.98 -75.24 107.73
CA ASP FA 144 65.92 -74.40 106.98
C ASP FA 144 65.43 -72.95 106.92
N TYR FA 145 66.29 -71.99 107.27
CA TYR FA 145 65.91 -70.58 107.23
C TYR FA 145 66.57 -69.98 105.99
N LYS FA 146 65.84 -69.17 105.22
CA LYS FA 146 66.38 -68.56 104.01
C LYS FA 146 66.04 -67.08 103.84
N ASP FA 147 66.76 -66.45 102.93
CA ASP FA 147 66.55 -65.06 102.54
C ASP FA 147 67.30 -64.85 101.24
N THR FA 148 66.86 -63.87 100.46
CA THR FA 148 67.51 -63.57 99.20
C THR FA 148 67.85 -62.09 99.18
N LEU FA 149 69.09 -61.74 99.54
CA LEU FA 149 69.45 -60.34 99.54
C LEU FA 149 69.76 -59.96 98.09
N LEU FA 150 69.31 -58.79 97.65
CA LEU FA 150 69.60 -58.35 96.30
C LEU FA 150 70.78 -57.41 96.42
N VAL FA 151 71.94 -57.76 95.87
CA VAL FA 151 73.10 -56.88 95.92
C VAL FA 151 73.02 -56.06 94.65
N THR FA 152 73.21 -54.73 94.77
CA THR FA 152 73.10 -53.77 93.70
C THR FA 152 74.38 -53.05 93.39
N VAL FA 153 75.17 -53.57 92.45
CA VAL FA 153 76.41 -52.91 92.06
C VAL FA 153 75.99 -51.79 91.10
N ASN FA 154 76.11 -50.53 91.51
CA ASN FA 154 75.68 -49.45 90.65
C ASN FA 154 76.76 -48.40 90.54
N PHE FA 155 76.62 -47.57 89.52
CA PHE FA 155 77.62 -46.59 89.21
C PHE FA 155 77.06 -45.18 89.31
N ALA GA 1 74.23 -50.41 86.19
CA ALA GA 1 73.41 -50.97 87.26
C ALA GA 1 73.32 -52.48 87.16
N VAL GA 2 74.20 -53.18 87.88
CA VAL GA 2 74.19 -54.64 87.87
C VAL GA 2 73.64 -55.14 89.21
N THR GA 3 72.33 -55.41 89.24
CA THR GA 3 71.67 -55.92 90.43
C THR GA 3 71.71 -57.47 90.43
N GLY GA 4 72.10 -58.05 91.56
CA GLY GA 4 72.20 -59.48 91.69
C GLY GA 4 71.68 -60.08 92.98
N GLN GA 5 71.51 -61.41 93.04
CA GLN GA 5 70.97 -62.05 94.25
C GLN GA 5 72.01 -62.82 95.10
N VAL GA 6 71.82 -62.81 96.41
CA VAL GA 6 72.71 -63.51 97.34
C VAL GA 6 71.82 -64.33 98.26
N ASP GA 7 71.78 -65.65 98.07
CA ASP GA 7 70.92 -66.46 98.88
C ASP GA 7 71.53 -66.62 100.28
N VAL GA 8 70.76 -66.30 101.32
CA VAL GA 8 71.23 -66.44 102.69
C VAL GA 8 70.60 -67.70 103.27
N LYS GA 9 71.38 -68.48 104.03
CA LYS GA 9 70.84 -69.72 104.58
C LYS GA 9 71.35 -70.01 105.99
N LEU GA 10 70.57 -70.79 106.73
CA LEU GA 10 70.90 -71.21 108.09
C LEU GA 10 70.07 -72.45 108.37
N ASN GA 11 70.70 -73.55 108.81
CA ASN GA 11 69.97 -74.77 109.08
C ASN GA 11 69.90 -74.98 110.59
N ILE GA 12 68.83 -74.50 111.19
CA ILE GA 12 68.64 -74.67 112.62
C ILE GA 12 68.13 -76.09 112.84
N SER GA 13 68.96 -76.98 113.40
CA SER GA 13 68.57 -78.36 113.68
C SER GA 13 69.34 -79.00 114.87
N THR GA 14 70.65 -79.18 114.71
CA THR GA 14 71.52 -79.79 115.73
C THR GA 14 72.97 -79.39 115.41
N GLY GA 15 73.45 -78.30 116.03
CA GLY GA 15 74.81 -77.81 115.78
C GLY GA 15 75.83 -77.92 116.90
N CYS GA 16 77.02 -77.41 116.59
CA CYS GA 16 78.18 -77.42 117.47
C CYS GA 16 78.56 -75.99 117.86
N THR GA 17 78.98 -75.77 119.11
CA THR GA 17 79.33 -74.43 119.60
C THR GA 17 80.77 -74.31 120.11
N VAL GA 18 81.37 -73.12 119.98
CA VAL GA 18 82.74 -72.92 120.44
C VAL GA 18 82.79 -72.13 121.75
N GLY GA 19 83.37 -72.69 122.81
CA GLY GA 19 83.46 -72.01 124.08
C GLY GA 19 84.83 -71.36 124.22
N GLY GA 20 84.96 -70.45 125.18
CA GLY GA 20 86.22 -69.73 125.40
C GLY GA 20 86.31 -68.40 124.66
N SER GA 21 85.26 -68.05 123.93
CA SER GA 21 85.24 -66.81 123.19
C SER GA 21 84.38 -65.75 123.87
N GLN GA 22 84.67 -64.50 123.55
CA GLN GA 22 83.94 -63.36 124.09
C GLN GA 22 83.48 -62.60 122.86
N THR GA 23 82.26 -62.08 122.88
CA THR GA 23 81.76 -61.36 121.73
C THR GA 23 82.31 -59.94 121.69
N GLU GA 24 83.31 -59.67 120.84
CA GLU GA 24 83.84 -58.32 120.71
C GLU GA 24 82.90 -57.63 119.72
N GLY GA 25 81.94 -56.86 120.22
CA GLY GA 25 80.99 -56.21 119.33
C GLY GA 25 80.24 -57.32 118.60
N ASN GA 26 80.36 -57.40 117.27
CA ASN GA 26 79.66 -58.45 116.52
C ASN GA 26 80.63 -59.48 115.93
N MET GA 27 81.82 -59.59 116.54
CA MET GA 27 82.82 -60.55 116.06
C MET GA 27 83.36 -61.35 117.25
N ASN GA 28 83.31 -62.68 117.18
CA ASN GA 28 83.78 -63.53 118.27
C ASN GA 28 85.28 -63.41 118.57
N LYS GA 29 85.65 -62.87 119.76
CA LYS GA 29 87.05 -62.77 120.14
C LYS GA 29 87.45 -64.12 120.73
N PHE GA 30 88.22 -64.91 119.98
CA PHE GA 30 88.60 -66.23 120.44
C PHE GA 30 89.74 -66.22 121.46
N GLY GA 31 90.77 -65.42 121.23
CA GLY GA 31 91.86 -65.42 122.20
C GLY GA 31 93.06 -64.58 121.81
N THR GA 32 94.19 -64.86 122.46
CA THR GA 32 95.41 -64.11 122.21
C THR GA 32 96.62 -65.05 122.11
N LEU GA 33 97.51 -64.77 121.17
CA LEU GA 33 98.72 -65.56 120.98
C LEU GA 33 99.81 -64.62 121.42
N ASN GA 34 100.14 -64.64 122.71
CA ASN GA 34 101.08 -63.70 123.28
C ASN GA 34 102.50 -64.28 123.38
N PHE GA 35 103.38 -63.89 122.47
CA PHE GA 35 104.76 -64.41 122.50
C PHE GA 35 105.58 -63.78 123.63
N GLY GA 36 105.12 -62.63 124.13
CA GLY GA 36 105.79 -61.95 125.22
C GLY GA 36 106.74 -60.91 124.71
N LYS GA 37 107.67 -60.50 125.58
CA LYS GA 37 108.69 -59.51 125.23
C LYS GA 37 109.89 -60.18 124.59
N THR GA 38 110.63 -59.43 123.78
CA THR GA 38 111.82 -59.96 123.11
C THR GA 38 112.75 -58.85 122.64
N SER GA 39 114.01 -59.20 122.41
CA SER GA 39 115.00 -58.24 121.94
C SER GA 39 115.02 -58.21 120.46
N GLY GA 40 115.78 -57.26 119.86
CA GLY GA 40 115.86 -57.10 118.42
C GLY GA 40 116.20 -58.39 117.70
N THR GA 41 117.20 -59.11 118.20
CA THR GA 41 117.62 -60.36 117.59
C THR GA 41 117.53 -61.52 118.59
N TRP GA 42 116.58 -62.43 118.41
CA TRP GA 42 116.42 -63.56 119.31
C TRP GA 42 116.97 -64.85 118.67
N ASN GA 43 117.75 -65.64 119.42
CA ASN GA 43 118.31 -66.87 118.88
C ASN GA 43 117.41 -68.08 119.13
N ASN GA 44 116.59 -68.00 120.17
CA ASN GA 44 115.66 -69.08 120.48
C ASN GA 44 114.32 -68.86 119.76
N VAL GA 45 113.70 -69.95 119.33
CA VAL GA 45 112.41 -69.90 118.65
C VAL GA 45 111.39 -69.34 119.65
N LEU GA 46 110.76 -68.19 119.37
CA LEU GA 46 109.82 -67.66 120.38
C LEU GA 46 108.53 -68.45 120.25
N THR GA 47 107.99 -68.95 121.37
CA THR GA 47 106.87 -69.86 121.31
C THR GA 47 105.84 -69.65 122.43
N ALA GA 48 104.56 -69.45 122.07
CA ALA GA 48 103.51 -69.26 123.08
C ALA GA 48 102.22 -69.89 122.57
N GLU GA 49 101.32 -70.20 123.49
CA GLU GA 49 100.04 -70.84 123.18
C GLU GA 49 98.91 -69.83 123.23
N VAL GA 50 97.84 -70.10 122.50
CA VAL GA 50 96.69 -69.22 122.51
C VAL GA 50 96.04 -69.22 123.90
N ALA GA 51 95.60 -68.05 124.36
CA ALA GA 51 94.94 -67.93 125.64
C ALA GA 51 93.52 -67.42 125.34
N SER GA 52 92.50 -68.24 125.56
CA SER GA 52 91.11 -67.83 125.29
C SER GA 52 90.76 -66.53 125.99
N ALA GA 53 90.01 -65.65 125.31
CA ALA GA 53 89.65 -64.35 125.91
C ALA GA 53 88.63 -64.47 127.05
N ALA GA 54 87.85 -65.54 127.06
CA ALA GA 54 86.83 -65.75 128.08
C ALA GA 54 87.35 -66.33 129.39
N THR GA 55 88.15 -67.39 129.30
CA THR GA 55 88.66 -68.03 130.51
C THR GA 55 90.15 -67.82 130.78
N GLY GA 56 90.96 -67.78 129.74
CA GLY GA 56 92.40 -67.61 129.91
C GLY GA 56 93.12 -68.87 129.48
N GLY GA 57 92.41 -70.00 129.45
CA GLY GA 57 92.98 -71.27 129.04
C GLY GA 57 92.80 -71.50 127.55
N ASN GA 58 92.73 -72.77 127.15
CA ASN GA 58 92.57 -73.09 125.73
C ASN GA 58 91.12 -73.02 125.26
N ILE GA 59 90.91 -72.71 123.99
CA ILE GA 59 89.56 -72.63 123.44
C ILE GA 59 88.92 -74.01 123.63
N SER GA 60 87.74 -74.06 124.25
CA SER GA 60 87.10 -75.36 124.49
C SER GA 60 85.85 -75.51 123.61
N VAL GA 61 85.96 -76.26 122.51
CA VAL GA 61 84.81 -76.42 121.64
C VAL GA 61 83.99 -77.63 122.10
N THR GA 62 82.69 -77.46 122.28
CA THR GA 62 81.84 -78.56 122.68
C THR GA 62 80.72 -78.67 121.63
N CYS GA 63 80.23 -79.87 121.38
CA CYS GA 63 79.13 -79.99 120.42
C CYS GA 63 77.85 -80.26 121.19
N ASP GA 64 76.73 -79.94 120.57
CA ASP GA 64 75.43 -80.13 121.20
C ASP GA 64 74.70 -81.35 120.64
N GLY GA 65 74.86 -82.51 121.26
CA GLY GA 65 74.21 -83.72 120.80
C GLY GA 65 74.70 -84.96 121.53
N THR GA 66 74.30 -86.13 121.04
CA THR GA 66 74.69 -87.41 121.62
C THR GA 66 75.70 -88.20 120.79
N ASP GA 67 75.74 -88.06 119.47
CA ASP GA 67 76.73 -88.83 118.72
C ASP GA 67 78.01 -88.00 118.54
N PRO GA 68 79.18 -88.67 118.54
CA PRO GA 68 80.41 -87.88 118.40
C PRO GA 68 80.48 -87.18 117.04
N VAL GA 69 80.47 -85.84 117.03
CA VAL GA 69 80.51 -85.11 115.77
C VAL GA 69 81.96 -84.80 115.34
N ASP GA 70 82.23 -84.82 114.03
CA ASP GA 70 83.56 -84.52 113.52
C ASP GA 70 83.53 -83.10 112.99
N PHE GA 71 84.13 -82.15 113.72
CA PHE GA 71 84.13 -80.76 113.28
C PHE GA 71 85.52 -80.38 112.85
N THR GA 72 85.60 -79.37 111.98
CA THR GA 72 86.90 -78.95 111.49
C THR GA 72 87.32 -77.57 112.01
N VAL GA 73 88.63 -77.32 111.95
CA VAL GA 73 89.20 -76.05 112.39
C VAL GA 73 90.08 -75.48 111.29
N ALA GA 74 89.85 -74.22 110.90
CA ALA GA 74 90.67 -73.60 109.85
C ALA GA 74 91.09 -72.21 110.32
N ILE GA 75 92.37 -71.89 110.15
CA ILE GA 75 92.89 -70.59 110.53
C ILE GA 75 93.35 -69.95 109.23
N ASP GA 76 93.17 -68.64 109.11
CA ASP GA 76 93.54 -67.92 107.89
C ASP GA 76 94.99 -67.40 108.02
N GLY GA 77 95.46 -66.62 107.03
CA GLY GA 77 96.81 -66.07 107.01
C GLY GA 77 97.08 -64.74 107.71
N GLY GA 78 96.15 -64.25 108.52
CA GLY GA 78 96.35 -62.98 109.21
C GLY GA 78 95.93 -61.79 108.37
N GLU GA 79 96.11 -60.59 108.92
CA GLU GA 79 95.74 -59.36 108.24
C GLU GA 79 96.32 -59.23 106.85
N ARG GA 80 97.60 -59.54 106.67
CA ARG GA 80 98.21 -59.39 105.34
C ARG GA 80 98.25 -60.65 104.48
N THR GA 81 97.66 -61.74 105.00
CA THR GA 81 97.58 -63.07 104.37
C THR GA 81 98.89 -63.88 104.26
N ASP GA 82 99.96 -63.46 104.95
CA ASP GA 82 101.22 -64.21 104.94
C ASP GA 82 101.79 -64.44 106.35
N ARG GA 83 100.90 -64.43 107.35
CA ARG GA 83 101.24 -64.65 108.76
C ARG GA 83 102.44 -63.83 109.25
N THR GA 84 102.33 -62.51 109.11
CA THR GA 84 103.37 -61.61 109.56
C THR GA 84 102.80 -60.61 110.58
N LEU GA 85 103.47 -60.41 111.70
CA LEU GA 85 102.98 -59.43 112.63
C LEU GA 85 103.54 -58.09 112.17
N LYS GA 86 102.78 -57.02 112.28
CA LYS GA 86 103.25 -55.73 111.81
C LYS GA 86 103.47 -54.76 112.97
N ASN GA 87 104.50 -53.93 112.90
CA ASN GA 87 104.72 -53.01 113.96
C ASN GA 87 103.61 -51.98 113.89
N THR GA 88 103.05 -51.58 115.02
CA THR GA 88 102.01 -50.57 115.05
C THR GA 88 102.39 -49.26 114.34
N ALA GA 89 103.65 -48.81 114.48
CA ALA GA 89 104.05 -47.54 113.84
C ALA GA 89 104.84 -47.66 112.53
N SER GA 90 105.93 -48.43 112.56
CA SER GA 90 106.80 -48.65 111.39
C SER GA 90 106.25 -49.76 110.50
N ALA GA 91 106.92 -50.06 109.39
CA ALA GA 91 106.46 -51.11 108.48
C ALA GA 91 107.20 -52.45 108.63
N ASP GA 92 107.92 -52.63 109.73
CA ASP GA 92 108.65 -53.87 109.96
C ASP GA 92 107.67 -55.03 110.14
N VAL GA 93 108.06 -56.23 109.70
CA VAL GA 93 107.18 -57.40 109.82
C VAL GA 93 107.88 -58.54 110.55
N VAL GA 94 107.11 -59.38 111.22
CA VAL GA 94 107.68 -60.52 111.94
C VAL GA 94 106.94 -61.80 111.53
N ALA GA 95 107.54 -62.61 110.66
CA ALA GA 95 106.91 -63.83 110.20
C ALA GA 95 106.70 -64.86 111.33
N TYR GA 96 105.52 -65.50 111.37
CA TYR GA 96 105.23 -66.52 112.38
C TYR GA 96 104.35 -67.60 111.76
N ASN GA 97 103.93 -68.59 112.55
CA ASN GA 97 103.07 -69.67 112.09
C ASN GA 97 102.37 -70.29 113.30
N VAL GA 98 101.22 -70.90 113.06
CA VAL GA 98 100.46 -71.53 114.13
C VAL GA 98 100.44 -73.04 113.87
N TYR GA 99 100.81 -73.85 114.86
CA TYR GA 99 100.79 -75.30 114.70
C TYR GA 99 99.71 -75.87 115.60
N ARG GA 100 99.34 -77.12 115.36
CA ARG GA 100 98.30 -77.79 116.13
C ARG GA 100 98.82 -78.67 117.26
N ASP GA 101 99.96 -79.32 117.04
CA ASP GA 101 100.53 -80.19 118.06
C ASP GA 101 101.62 -79.50 118.85
N ALA GA 102 101.88 -80.01 120.05
CA ALA GA 102 102.88 -79.47 120.98
C ALA GA 102 104.34 -79.41 120.47
N ALA GA 103 104.70 -80.24 119.50
CA ALA GA 103 106.03 -80.25 118.93
C ALA GA 103 106.21 -79.38 117.66
N ARG GA 104 105.31 -78.42 117.40
CA ARG GA 104 105.43 -77.52 116.25
C ARG GA 104 105.59 -78.23 114.90
N THR GA 105 104.97 -79.41 114.75
CA THR GA 105 105.05 -80.18 113.51
C THR GA 105 103.81 -80.10 112.60
N ASN GA 106 102.63 -80.35 113.15
CA ASN GA 106 101.40 -80.34 112.40
C ASN GA 106 100.93 -78.90 112.25
N LEU GA 107 101.28 -78.29 111.13
CA LEU GA 107 100.97 -76.90 110.86
C LEU GA 107 99.51 -76.65 110.46
N TYR GA 108 98.92 -75.56 110.96
CA TYR GA 108 97.57 -75.22 110.55
C TYR GA 108 97.76 -74.53 109.25
N VAL GA 109 97.74 -75.28 108.14
CA VAL GA 109 97.94 -74.71 106.82
C VAL GA 109 96.89 -73.63 106.51
N VAL GA 110 97.31 -72.56 105.84
CA VAL GA 110 96.42 -71.44 105.50
C VAL GA 110 95.11 -71.91 104.84
N ASN GA 111 93.96 -71.43 105.33
CA ASN GA 111 92.66 -71.80 104.79
C ASN GA 111 92.47 -73.31 104.59
N GLN GA 112 92.81 -74.09 105.62
CA GLN GA 112 92.64 -75.53 105.54
C GLN GA 112 91.90 -76.07 106.76
N PRO GA 113 90.95 -77.01 106.53
CA PRO GA 113 90.17 -77.56 107.65
C PRO GA 113 90.90 -78.64 108.45
N GLN GA 114 91.75 -78.29 109.39
CA GLN GA 114 92.40 -79.33 110.16
C GLN GA 114 91.28 -80.06 110.96
N GLN GA 115 91.05 -81.35 110.67
CA GLN GA 115 90.00 -82.19 111.33
C GLN GA 115 90.11 -82.25 112.88
N PHE GA 116 88.95 -82.50 113.51
CA PHE GA 116 88.86 -82.63 114.97
C PHE GA 116 87.67 -83.50 115.39
N THR GA 117 87.79 -84.17 116.54
CA THR GA 117 86.71 -85.01 117.04
C THR GA 117 86.11 -84.41 118.31
N THR GA 118 84.86 -84.78 118.62
CA THR GA 118 84.20 -84.26 119.81
C THR GA 118 83.10 -85.24 120.26
N VAL GA 119 83.08 -85.62 121.53
CA VAL GA 119 82.06 -86.55 122.01
C VAL GA 119 81.06 -85.81 122.88
N SER GA 120 79.92 -86.46 123.15
CA SER GA 120 78.86 -85.87 123.95
C SER GA 120 79.30 -85.70 125.41
N GLY GA 121 78.77 -84.67 126.07
CA GLY GA 121 79.11 -84.38 127.47
C GLY GA 121 80.59 -84.17 127.71
N GLN GA 122 81.25 -83.51 126.76
CA GLN GA 122 82.68 -83.23 126.88
C GLN GA 122 83.04 -82.03 126.00
N ALA GA 123 84.07 -81.30 126.39
CA ALA GA 123 84.51 -80.15 125.60
C ALA GA 123 85.91 -80.47 125.11
N THR GA 124 86.16 -80.36 123.80
CA THR GA 124 87.49 -80.64 123.25
C THR GA 124 88.25 -79.32 123.13
N ALA GA 125 89.55 -79.33 123.45
CA ALA GA 125 90.34 -78.11 123.38
C ALA GA 125 90.95 -77.93 121.98
N VAL GA 126 91.08 -76.69 121.54
CA VAL GA 126 91.66 -76.40 120.23
C VAL GA 126 93.04 -75.79 120.46
N PRO GA 127 94.08 -76.63 120.38
CA PRO GA 127 95.41 -76.10 120.64
C PRO GA 127 95.92 -75.31 119.45
N ILE GA 128 96.12 -74.01 119.62
CA ILE GA 128 96.66 -73.20 118.55
C ILE GA 128 98.03 -72.82 119.10
N PHE GA 129 99.05 -73.59 118.71
CA PHE GA 129 100.40 -73.35 119.22
C PHE GA 129 101.16 -72.41 118.29
N GLY GA 130 101.56 -71.25 118.79
CA GLY GA 130 102.30 -70.33 117.96
C GLY GA 130 103.78 -70.66 117.99
N ALA GA 131 104.50 -70.20 116.97
CA ALA GA 131 105.93 -70.42 116.86
C ALA GA 131 106.54 -69.37 115.93
N ILE GA 132 107.66 -68.79 116.35
CA ILE GA 132 108.37 -67.81 115.55
C ILE GA 132 109.82 -68.26 115.32
N ALA GA 133 110.30 -68.14 114.08
CA ALA GA 133 111.65 -68.57 113.74
C ALA GA 133 112.71 -67.70 114.41
N PRO GA 134 113.92 -68.27 114.61
CA PRO GA 134 114.98 -67.48 115.25
C PRO GA 134 115.49 -66.42 114.29
N ASN GA 135 115.37 -65.14 114.66
CA ASN GA 135 115.85 -64.05 113.84
C ASN GA 135 117.24 -63.71 114.33
N THR GA 136 118.27 -64.11 113.60
CA THR GA 136 119.64 -63.82 113.98
C THR GA 136 120.32 -63.05 112.87
N GLY GA 137 119.53 -62.24 112.15
CA GLY GA 137 120.04 -61.46 111.04
C GLY GA 137 119.93 -59.97 111.29
N THR GA 138 118.73 -59.42 111.10
CA THR GA 138 118.51 -57.99 111.30
C THR GA 138 117.63 -57.71 112.51
N PRO GA 139 118.00 -56.71 113.34
CA PRO GA 139 117.18 -56.41 114.52
C PRO GA 139 115.95 -55.58 114.16
N LYS GA 140 114.74 -56.13 114.32
CA LYS GA 140 113.52 -55.42 114.01
C LYS GA 140 113.35 -54.22 114.94
N ALA GA 141 112.75 -53.14 114.44
CA ALA GA 141 112.56 -51.93 115.25
C ALA GA 141 111.75 -52.14 116.55
N GLN GA 142 112.03 -51.32 117.55
CA GLN GA 142 111.35 -51.40 118.85
C GLN GA 142 109.87 -51.06 118.73
N GLY GA 143 109.06 -51.58 119.64
CA GLY GA 143 107.63 -51.33 119.62
C GLY GA 143 106.80 -52.59 119.80
N ASP GA 144 105.52 -52.50 119.44
CA ASP GA 144 104.62 -53.65 119.56
C ASP GA 144 104.23 -54.20 118.18
N TYR GA 145 104.38 -55.51 117.97
CA TYR GA 145 104.02 -56.12 116.71
C TYR GA 145 102.69 -56.85 116.92
N LYS GA 146 101.75 -56.71 115.98
CA LYS GA 146 100.44 -57.34 116.11
C LYS GA 146 99.95 -58.01 114.82
N ASP GA 147 98.92 -58.83 114.98
CA ASP GA 147 98.23 -59.53 113.90
C ASP GA 147 96.93 -60.05 114.47
N THR GA 148 95.94 -60.23 113.60
CA THR GA 148 94.65 -60.75 114.03
C THR GA 148 94.32 -61.95 113.17
N LEU GA 149 94.61 -63.16 113.65
CA LEU GA 149 94.30 -64.33 112.86
C LEU GA 149 92.81 -64.62 113.04
N LEU GA 150 92.12 -64.97 111.96
CA LEU GA 150 90.70 -65.29 112.06
C LEU GA 150 90.63 -66.80 112.12
N VAL GA 151 90.19 -67.38 113.23
CA VAL GA 151 90.07 -68.82 113.34
C VAL GA 151 88.63 -69.12 112.91
N THR GA 152 88.46 -70.12 112.04
CA THR GA 152 87.21 -70.51 111.44
C THR GA 152 86.77 -71.91 111.82
N VAL GA 153 85.98 -72.04 112.88
CA VAL GA 153 85.46 -73.35 113.27
C VAL GA 153 84.27 -73.63 112.34
N ASN GA 154 84.40 -74.58 111.43
CA ASN GA 154 83.32 -74.83 110.49
C ASN GA 154 83.00 -76.30 110.45
N PHE GA 155 81.81 -76.59 109.94
CA PHE GA 155 81.30 -77.93 109.92
C PHE GA 155 81.08 -78.42 108.50
N ALA HA 1 79.16 -72.52 111.05
CA ALA HA 1 80.31 -71.69 110.73
C ALA HA 1 80.54 -70.64 111.82
N VAL HA 2 81.42 -70.95 112.77
CA VAL HA 2 81.73 -70.02 113.84
C VAL HA 2 83.14 -69.45 113.61
N THR HA 3 83.22 -68.29 112.95
CA THR HA 3 84.48 -67.62 112.67
C THR HA 3 84.81 -66.66 113.84
N GLY HA 4 86.06 -66.74 114.32
CA GLY HA 4 86.50 -65.92 115.42
C GLY HA 4 87.88 -65.31 115.30
N GLN HA 5 88.23 -64.33 116.14
CA GLN HA 5 89.54 -63.68 116.06
C GLN HA 5 90.57 -64.08 117.14
N VAL HA 6 91.85 -64.12 116.78
CA VAL HA 6 92.91 -64.47 117.71
C VAL HA 6 93.98 -63.40 117.57
N ASP HA 7 94.09 -62.50 118.55
CA ASP HA 7 95.05 -61.44 118.44
C ASP HA 7 96.45 -61.98 118.70
N VAL HA 8 97.38 -61.74 117.78
CA VAL HA 8 98.75 -62.19 117.94
C VAL HA 8 99.60 -60.99 118.36
N LYS HA 9 100.51 -61.18 119.30
CA LYS HA 9 101.32 -60.06 119.76
C LYS HA 9 102.77 -60.44 120.06
N LEU HA 10 103.65 -59.45 120.00
CA LEU HA 10 105.07 -59.62 120.28
C LEU HA 10 105.62 -58.22 120.59
N ASN HA 11 106.30 -58.07 121.73
CA ASN HA 11 106.82 -56.77 122.12
C ASN HA 11 108.33 -56.77 121.95
N ILE HA 12 108.80 -56.35 120.79
CA ILE HA 12 110.23 -56.29 120.55
C ILE HA 12 110.75 -55.03 121.21
N SER HA 13 111.51 -55.17 122.31
CA SER HA 13 112.09 -54.02 123.02
C SER HA 13 113.39 -54.36 123.78
N THR HA 14 113.30 -55.22 124.80
CA THR HA 14 114.44 -55.62 125.63
C THR HA 14 114.06 -56.92 126.34
N GLY HA 15 114.43 -58.07 125.76
CA GLY HA 15 114.10 -59.37 126.32
C GLY HA 15 115.24 -60.23 126.87
N CYS HA 16 114.84 -61.42 127.32
CA CYS HA 16 115.72 -62.40 127.93
C CYS HA 16 115.79 -63.66 127.06
N THR HA 17 116.96 -64.28 126.95
CA THR HA 17 117.15 -65.47 126.11
C THR HA 17 117.65 -66.71 126.86
N VAL HA 18 117.26 -67.90 126.41
CA VAL HA 18 117.69 -69.13 127.07
C VAL HA 18 118.79 -69.85 126.29
N GLY HA 19 119.96 -70.06 126.90
CA GLY HA 19 121.04 -70.75 126.21
C GLY HA 19 121.06 -72.21 126.61
N GLY HA 20 121.79 -73.03 125.86
CA GLY HA 20 121.87 -74.46 126.11
C GLY HA 20 120.85 -75.28 125.32
N SER HA 21 120.06 -74.61 124.51
CA SER HA 21 119.05 -75.30 123.72
C SER HA 21 119.46 -75.42 122.25
N GLN HA 22 118.89 -76.39 121.57
CA GLN HA 22 119.13 -76.64 120.17
C GLN HA 22 117.76 -76.61 119.53
N THR HA 23 117.65 -76.02 118.35
CA THR HA 23 116.35 -75.95 117.70
C THR HA 23 116.01 -77.28 117.01
N GLU HA 24 115.14 -78.09 117.62
CA GLU HA 24 114.72 -79.33 116.99
C GLU HA 24 113.59 -78.93 116.04
N GLY HA 25 113.89 -78.76 114.76
CA GLY HA 25 112.86 -78.35 113.83
C GLY HA 25 112.39 -76.98 114.29
N ASN HA 26 111.12 -76.83 114.66
CA ASN HA 26 110.60 -75.53 115.10
C ASN HA 26 110.28 -75.53 116.60
N MET HA 27 110.90 -76.44 117.35
CA MET HA 27 110.67 -76.53 118.80
C MET HA 27 112.02 -76.57 119.53
N ASN HA 28 112.23 -75.68 120.50
CA ASN HA 28 113.50 -75.64 121.22
C ASN HA 28 113.80 -76.89 122.06
N LYS HA 29 114.82 -77.67 121.70
CA LYS HA 29 115.20 -78.85 122.46
C LYS HA 29 116.08 -78.37 123.61
N PHE HA 30 115.54 -78.34 124.84
CA PHE HA 30 116.29 -77.85 125.97
C PHE HA 30 117.30 -78.85 126.53
N GLY HA 31 116.92 -80.12 126.66
CA GLY HA 31 117.87 -81.07 127.20
C GLY HA 31 117.34 -82.47 127.43
N THR HA 32 118.05 -83.22 128.26
CA THR HA 32 117.65 -84.59 128.55
C THR HA 32 117.79 -84.89 130.06
N LEU HA 33 116.82 -85.62 130.59
CA LEU HA 33 116.84 -86.00 132.00
C LEU HA 33 117.08 -87.50 131.94
N ASN HA 34 118.34 -87.90 131.93
CA ASN HA 34 118.70 -89.30 131.76
C ASN HA 34 118.95 -90.00 133.09
N PHE HA 35 117.99 -90.80 133.55
CA PHE HA 35 118.15 -91.52 134.81
C PHE HA 35 119.12 -92.69 134.69
N GLY HA 36 119.35 -93.14 133.46
CA GLY HA 36 120.26 -94.23 133.20
C GLY HA 36 119.55 -95.55 133.15
N LYS HA 37 120.33 -96.63 133.30
CA LYS HA 37 119.79 -97.99 133.29
C LYS HA 37 119.33 -98.38 134.69
N THR HA 38 118.39 -99.33 134.77
CA THR HA 38 117.87 -99.79 136.05
C THR HA 38 117.19 -101.14 135.93
N SER HA 39 117.05 -101.84 137.05
CA SER HA 39 116.40 -103.14 137.08
C SER HA 39 114.94 -102.98 137.33
N GLY HA 40 114.17 -104.08 137.23
CA GLY HA 40 112.72 -104.04 137.43
C GLY HA 40 112.31 -103.37 138.72
N THR HA 41 112.97 -103.75 139.81
CA THR HA 41 112.67 -103.19 141.13
C THR HA 41 113.91 -102.51 141.74
N TRP HA 42 113.91 -101.18 141.82
CA TRP HA 42 115.04 -100.46 142.39
C TRP HA 42 114.71 -99.97 143.81
N ASN HA 43 115.62 -100.15 144.76
CA ASN HA 43 115.39 -99.72 146.13
C ASN HA 43 115.88 -98.29 146.39
N ASN HA 44 116.86 -97.86 145.61
CA ASN HA 44 117.40 -96.51 145.74
C ASN HA 44 116.63 -95.55 144.83
N VAL HA 45 116.43 -94.31 145.31
CA VAL HA 45 115.74 -93.28 144.55
C VAL HA 45 116.57 -93.00 143.29
N LEU HA 46 116.04 -93.23 142.09
CA LEU HA 46 116.88 -92.98 140.90
C LEU HA 46 116.92 -91.49 140.67
N THR HA 47 118.11 -90.92 140.48
CA THR HA 47 118.25 -89.48 140.43
C THR HA 47 119.26 -88.97 139.39
N ALA HA 48 118.86 -88.09 138.47
CA ALA HA 48 119.77 -87.54 137.48
C ALA HA 48 119.39 -86.09 137.19
N GLU HA 49 120.35 -85.34 136.66
CA GLU HA 49 120.17 -83.93 136.36
C GLU HA 49 119.98 -83.72 134.86
N VAL HA 50 119.31 -82.63 134.49
CA VAL HA 50 119.11 -82.33 133.09
C VAL HA 50 120.45 -82.03 132.41
N ALA HA 51 120.62 -82.50 131.18
CA ALA HA 51 121.84 -82.25 130.43
C ALA HA 51 121.41 -81.47 129.18
N SER HA 52 121.79 -80.19 129.08
CA SER HA 52 121.41 -79.36 127.94
C SER HA 52 121.80 -80.03 126.61
N ALA HA 53 120.94 -79.94 125.60
CA ALA HA 53 121.23 -80.57 124.31
C ALA HA 53 122.35 -79.88 123.52
N ALA HA 54 122.58 -78.60 123.80
CA ALA HA 54 123.61 -77.84 123.10
C ALA HA 54 125.02 -78.03 123.64
N THR HA 55 125.18 -77.94 124.96
CA THR HA 55 126.52 -78.08 125.55
C THR HA 55 126.75 -79.38 126.31
N GLY HA 56 125.74 -79.89 126.99
CA GLY HA 56 125.89 -81.10 127.78
C GLY HA 56 125.76 -80.78 129.27
N GLY HA 57 125.97 -79.51 129.63
CA GLY HA 57 125.87 -79.08 131.02
C GLY HA 57 124.46 -78.60 131.34
N ASN HA 58 124.35 -77.68 132.29
CA ASN HA 58 123.04 -77.17 132.68
C ASN HA 58 122.55 -76.05 131.77
N ILE HA 59 121.23 -75.93 131.62
CA ILE HA 59 120.66 -74.88 130.77
C ILE HA 59 121.13 -73.54 131.33
N SER HA 60 121.73 -72.69 130.50
CA SER HA 60 122.24 -71.41 130.99
C SER HA 60 121.40 -70.25 130.44
N VAL HA 61 120.49 -69.71 131.25
CA VAL HA 61 119.67 -68.63 130.78
C VAL HA 61 120.37 -67.29 131.05
N THR HA 62 120.49 -66.43 130.04
CA THR HA 62 121.11 -65.13 130.23
C THR HA 62 120.09 -64.08 129.77
N CYS HA 63 120.10 -62.91 130.38
CA CYS HA 63 119.18 -61.87 129.92
C CYS HA 63 119.96 -60.83 129.14
N ASP HA 64 119.27 -60.11 128.28
CA ASP HA 64 119.92 -59.08 127.46
C ASP HA 64 119.62 -57.67 127.98
N GLY HA 65 120.48 -57.14 128.84
CA GLY HA 65 120.30 -55.81 129.38
C GLY HA 65 121.30 -55.49 130.48
N THR HA 66 121.07 -54.37 131.17
CA THR HA 66 121.93 -53.92 132.26
C THR HA 66 121.31 -54.07 133.65
N ASP HA 67 119.99 -54.01 133.81
CA ASP HA 67 119.45 -54.18 135.16
C ASP HA 67 119.10 -55.64 135.41
N PRO HA 68 119.28 -56.11 136.66
CA PRO HA 68 118.98 -57.52 136.93
C PRO HA 68 117.50 -57.85 136.68
N VAL HA 69 117.19 -58.69 135.69
CA VAL HA 69 115.80 -59.03 135.42
C VAL HA 69 115.34 -60.26 136.21
N ASP HA 70 114.07 -60.27 136.62
CA ASP HA 70 113.53 -61.40 137.38
C ASP HA 70 112.70 -62.23 136.40
N PHE HA 71 113.20 -63.37 135.96
CA PHE HA 71 112.46 -64.21 135.02
C PHE HA 71 111.98 -65.45 135.73
N THR HA 72 110.91 -66.05 135.19
CA THR HA 72 110.36 -67.23 135.82
C THR HA 72 110.56 -68.50 134.99
N VAL HA 73 110.48 -69.64 135.68
CA VAL HA 73 110.64 -70.94 135.03
C VAL HA 73 109.45 -71.84 135.38
N ALA HA 74 108.77 -72.41 134.38
CA ALA HA 74 107.64 -73.28 134.64
C ALA HA 74 107.79 -74.55 133.82
N ILE HA 75 107.57 -75.71 134.44
CA ILE HA 75 107.67 -76.98 133.75
C ILE HA 75 106.26 -77.57 133.81
N ASP HA 76 105.85 -78.25 132.75
CA ASP HA 76 104.51 -78.83 132.69
C ASP HA 76 104.55 -80.28 133.22
N GLY HA 77 103.42 -81.01 133.14
CA GLY HA 77 103.30 -82.37 133.61
C GLY HA 77 103.68 -83.52 132.69
N GLY HA 78 104.35 -83.24 131.57
CA GLY HA 78 104.74 -84.29 130.65
C GLY HA 78 103.66 -84.62 129.64
N GLU HA 79 103.92 -85.60 128.79
CA GLU HA 79 102.99 -86.02 127.76
C GLU HA 79 101.61 -86.36 128.29
N ARG HA 80 101.53 -87.09 129.39
CA ARG HA 80 100.21 -87.48 129.91
C ARG HA 80 99.65 -86.59 131.02
N THR HA 81 100.38 -85.51 131.34
CA THR HA 81 100.07 -84.52 132.39
C THR HA 81 100.16 -84.98 133.85
N ASP HA 82 100.76 -86.14 134.12
CA ASP HA 82 100.93 -86.63 135.49
C ASP HA 82 102.37 -87.09 135.79
N ARG HA 83 103.32 -86.57 135.02
CA ARG HA 83 104.75 -86.86 135.16
C ARG HA 83 105.06 -88.36 135.25
N THR HA 84 104.64 -89.11 134.23
CA THR HA 84 104.90 -90.54 134.16
C THR HA 84 105.66 -90.86 132.88
N LEU HA 85 106.71 -91.66 132.97
CA LEU HA 85 107.39 -92.03 131.76
C LEU HA 85 106.66 -93.26 131.22
N LYS HA 86 106.51 -93.37 129.91
CA LYS HA 86 105.78 -94.50 129.36
C LYS HA 86 106.69 -95.44 128.58
N ASN HA 87 106.46 -96.74 128.66
CA ASN HA 87 107.30 -97.64 127.93
C ASN HA 87 106.98 -97.44 126.47
N THR HA 88 107.99 -97.43 125.60
CA THR HA 88 107.77 -97.30 124.17
C THR HA 88 106.79 -98.33 123.59
N ALA HA 89 106.85 -99.58 124.05
CA ALA HA 89 105.95 -100.61 123.50
C ALA HA 89 104.71 -100.96 124.33
N SER HA 90 104.93 -101.30 125.61
CA SER HA 90 103.85 -101.66 126.54
C SER HA 90 103.23 -100.40 127.16
N ALA HA 91 102.22 -100.59 128.02
CA ALA HA 91 101.56 -99.44 128.65
C ALA HA 91 102.02 -99.17 130.10
N ASP HA 92 103.14 -99.75 130.51
CA ASP HA 92 103.65 -99.54 131.85
C ASP HA 92 104.07 -98.08 132.03
N VAL HA 93 103.91 -97.54 133.25
CA VAL HA 93 104.27 -96.15 133.50
C VAL HA 93 105.25 -96.04 134.67
N VAL HA 94 106.08 -95.01 134.67
CA VAL HA 94 107.05 -94.81 135.75
C VAL HA 94 106.91 -93.37 136.28
N ALA HA 95 106.26 -93.20 137.43
CA ALA HA 95 106.07 -91.87 138.00
C ALA HA 95 107.39 -91.20 138.42
N TYR HA 96 107.56 -89.92 138.12
CA TYR HA 96 108.75 -89.17 138.48
C TYR HA 96 108.38 -87.74 138.83
N ASN HA 97 109.37 -86.89 139.13
CA ASN HA 97 109.15 -85.49 139.45
C ASN HA 97 110.44 -84.72 139.23
N VAL HA 98 110.33 -83.43 138.97
CA VAL HA 98 111.52 -82.60 138.75
C VAL HA 98 111.60 -81.58 139.88
N TYR HA 99 112.75 -81.47 140.55
CA TYR HA 99 112.90 -80.50 141.63
C TYR HA 99 113.89 -79.44 141.19
N ARG HA 100 113.93 -78.33 141.91
CA ARG HA 100 114.81 -77.22 141.58
C ARG HA 100 116.13 -77.21 142.37
N ASP HA 101 116.06 -77.61 143.63
CA ASP HA 101 117.25 -77.62 144.47
C ASP HA 101 117.90 -79.00 144.53
N ALA HA 102 119.19 -79.03 144.87
CA ALA HA 102 119.99 -80.26 144.95
C ALA HA 102 119.50 -81.33 145.95
N ALA HA 103 118.74 -80.94 146.97
CA ALA HA 103 118.21 -81.87 147.95
C ALA HA 103 116.79 -82.39 147.65
N ARG HA 104 116.30 -82.29 146.41
CA ARG HA 104 114.98 -82.80 146.02
C ARG HA 104 113.82 -82.29 146.89
N THR HA 105 113.93 -81.05 147.37
CA THR HA 105 112.90 -80.45 148.22
C THR HA 105 111.98 -79.44 147.52
N ASN HA 106 112.55 -78.46 146.83
CA ASN HA 106 111.79 -77.42 146.15
C ASN HA 106 111.32 -77.98 144.82
N LEU HA 107 110.09 -78.48 144.80
CA LEU HA 107 109.52 -79.11 143.61
C LEU HA 107 109.05 -78.11 142.55
N TYR HA 108 109.29 -78.43 141.27
CA TYR HA 108 108.79 -77.57 140.21
C TYR HA 108 107.37 -77.98 140.06
N VAL HA 109 106.46 -77.33 140.80
CA VAL HA 109 105.04 -77.67 140.74
C VAL HA 109 104.49 -77.53 139.32
N VAL HA 110 103.60 -78.44 138.92
CA VAL HA 110 103.01 -78.44 137.58
C VAL HA 110 102.45 -77.05 137.19
N ASN HA 111 102.80 -76.57 136.00
CA ASN HA 111 102.34 -75.27 135.51
C ASN HA 111 102.48 -74.14 136.53
N GLN HA 112 103.65 -74.03 137.15
CA GLN HA 112 103.89 -72.97 138.12
C GLN HA 112 105.20 -72.23 137.81
N PRO HA 113 105.16 -70.88 137.92
CA PRO HA 113 106.36 -70.08 137.62
C PRO HA 113 107.40 -70.04 138.75
N GLN HA 114 108.25 -71.04 138.88
CA GLN HA 114 109.25 -70.97 139.93
C GLN HA 114 110.16 -69.77 139.60
N GLN HA 115 110.17 -68.73 140.44
CA GLN HA 115 110.98 -67.49 140.26
C GLN HA 115 112.50 -67.74 140.10
N PHE HA 116 113.15 -66.78 139.41
CA PHE HA 116 114.60 -66.82 139.19
C PHE HA 116 115.19 -65.42 138.98
N THR HA 117 116.46 -65.24 139.34
CA THR HA 117 117.12 -63.93 139.16
C THR HA 117 118.21 -64.05 138.11
N THR HA 118 118.57 -62.91 137.51
CA THR HA 118 119.61 -62.89 136.48
C THR HA 118 120.25 -61.50 136.39
N VAL HA 119 121.57 -61.41 136.45
CA VAL HA 119 122.24 -60.11 136.38
C VAL HA 119 122.91 -59.94 135.02
N SER HA 120 123.28 -58.69 134.71
CA SER HA 120 123.92 -58.37 133.43
C SER HA 120 125.31 -59.01 133.33
N GLY HA 121 125.72 -59.37 132.11
CA GLY HA 121 127.02 -59.98 131.88
C GLY HA 121 127.23 -61.27 132.65
N GLN HA 122 126.17 -62.08 132.77
CA GLN HA 122 126.25 -63.34 133.46
C GLN HA 122 125.13 -64.27 132.98
N ALA HA 123 125.36 -65.57 133.03
CA ALA HA 123 124.35 -66.53 132.62
C ALA HA 123 123.96 -67.33 133.86
N THR HA 124 122.67 -67.42 134.18
CA THR HA 124 122.22 -68.16 135.35
C THR HA 124 121.81 -69.57 134.90
N ALA HA 125 122.15 -70.58 135.69
CA ALA HA 125 121.82 -71.95 135.33
C ALA HA 125 120.43 -72.34 135.85
N VAL HA 126 119.72 -73.18 135.09
CA VAL HA 126 118.40 -73.63 135.50
C VAL HA 126 118.51 -75.10 135.91
N PRO HA 127 118.63 -75.34 137.22
CA PRO HA 127 118.79 -76.72 137.65
C PRO HA 127 117.44 -77.44 137.61
N ILE HA 128 117.33 -78.46 136.76
CA ILE HA 128 116.13 -79.24 136.70
C ILE HA 128 116.60 -80.59 137.23
N PHE HA 129 116.41 -80.83 138.52
CA PHE HA 129 116.87 -82.06 139.14
C PHE HA 129 115.76 -83.11 139.11
N GLY HA 130 115.99 -84.23 138.43
CA GLY HA 130 115.00 -85.27 138.38
C GLY HA 130 115.13 -86.17 139.58
N ALA HA 131 114.05 -86.87 139.90
CA ALA HA 131 114.01 -87.79 141.01
C ALA HA 131 112.88 -88.81 140.82
N ILE HA 132 113.17 -90.09 141.03
CA ILE HA 132 112.18 -91.15 140.92
C ILE HA 132 112.09 -91.93 142.25
N ALA HA 133 110.86 -92.19 142.69
CA ALA HA 133 110.64 -92.91 143.95
C ALA HA 133 111.12 -94.36 143.88
N PRO HA 134 111.47 -94.93 145.05
CA PRO HA 134 111.93 -96.32 145.05
C PRO HA 134 110.77 -97.27 144.78
N ASN HA 135 110.84 -98.03 143.68
CA ASN HA 135 109.80 -98.99 143.35
C ASN HA 135 110.23 -100.33 143.92
N THR HA 136 109.63 -100.74 145.03
CA THR HA 136 109.96 -102.02 145.63
C THR HA 136 108.70 -102.88 145.70
N GLY HA 137 107.82 -102.69 144.73
CA GLY HA 137 106.57 -103.44 144.67
C GLY HA 137 106.48 -104.34 143.46
N THR HA 138 106.15 -103.76 142.31
CA THR HA 138 106.02 -104.54 141.08
C THR HA 138 107.13 -104.21 140.09
N PRO HA 139 107.73 -105.24 139.45
CA PRO HA 139 108.79 -104.98 138.48
C PRO HA 139 108.23 -104.52 137.12
N LYS HA 140 108.50 -103.27 136.72
CA LYS HA 140 108.01 -102.77 135.45
C LYS HA 140 108.65 -103.53 134.28
N ALA HA 141 107.92 -103.71 133.19
CA ALA HA 141 108.44 -104.43 132.03
C ALA HA 141 109.73 -103.87 131.43
N GLN HA 142 110.54 -104.74 130.82
CA GLN HA 142 111.81 -104.34 130.21
C GLN HA 142 111.59 -103.42 129.01
N GLY HA 143 112.59 -102.59 128.71
CA GLY HA 143 112.49 -101.67 127.59
C GLY HA 143 112.92 -100.27 127.95
N ASP HA 144 112.54 -99.30 127.11
CA ASP HA 144 112.90 -97.91 127.34
C ASP HA 144 111.67 -97.07 127.74
N TYR HA 145 111.76 -96.32 128.84
CA TYR HA 145 110.66 -95.48 129.27
C TYR HA 145 111.00 -94.04 128.90
N LYS HA 146 110.03 -93.29 128.35
CA LYS HA 146 110.28 -91.92 127.95
C LYS HA 146 109.17 -90.95 128.34
N ASP HA 147 109.49 -89.66 128.24
CA ASP HA 147 108.58 -88.56 128.50
C ASP HA 147 109.23 -87.30 127.93
N THR HA 148 108.41 -86.32 127.58
CA THR HA 148 108.91 -85.08 127.05
C THR HA 148 108.34 -83.94 127.87
N LEU HA 149 109.08 -83.45 128.85
CA LEU HA 149 108.57 -82.36 129.66
C LEU HA 149 108.78 -81.07 128.86
N LEU HA 150 107.80 -80.18 128.86
CA LEU HA 150 107.95 -78.92 128.15
C LEU HA 150 108.34 -77.91 129.21
N VAL HA 151 109.54 -77.35 129.14
CA VAL HA 151 109.96 -76.34 130.11
C VAL HA 151 109.59 -75.01 129.46
N THR HA 152 108.97 -74.13 130.25
CA THR HA 152 108.44 -72.86 129.81
C THR HA 152 109.11 -71.67 130.50
N VAL HA 153 110.17 -71.13 129.88
CA VAL HA 153 110.83 -69.96 130.44
C VAL HA 153 109.98 -68.77 130.03
N ASN HA 154 109.29 -68.12 130.99
CA ASN HA 154 108.42 -67.02 130.62
C ASN HA 154 108.70 -65.83 131.50
N PHE HA 155 108.25 -64.68 131.03
CA PHE HA 155 108.52 -63.43 131.70
C PHE HA 155 107.24 -62.77 132.17
N ALA IA 1 108.38 -65.42 126.11
CA ALA IA 1 107.90 -66.78 126.31
C ALA IA 1 108.74 -67.78 125.49
N VAL IA 2 109.75 -68.37 126.12
CA VAL IA 2 110.58 -69.35 125.46
C VAL IA 2 110.27 -70.75 126.00
N THR IA 3 109.36 -71.45 125.31
CA THR IA 3 108.97 -72.80 125.69
C THR IA 3 109.90 -73.82 125.00
N GLY IA 4 110.39 -74.78 125.77
CA GLY IA 4 111.29 -75.79 125.27
C GLY IA 4 111.07 -77.21 125.75
N GLN IA 5 111.67 -78.21 125.11
CA GLN IA 5 111.46 -79.60 125.50
C GLN IA 5 112.63 -80.27 126.27
N VAL IA 6 112.30 -81.16 127.21
CA VAL IA 6 113.31 -81.86 127.99
C VAL IA 6 112.95 -83.34 127.92
N ASP IA 7 113.71 -84.13 127.15
CA ASP IA 7 113.38 -85.53 127.02
C ASP IA 7 113.78 -86.28 128.29
N VAL IA 8 112.85 -87.01 128.88
CA VAL IA 8 113.12 -87.78 130.08
C VAL IA 8 113.28 -89.25 129.67
N LYS IA 9 114.25 -89.95 130.25
CA LYS IA 9 114.46 -91.33 129.86
C LYS IA 9 114.87 -92.23 131.03
N LEU IA 10 114.59 -93.51 130.90
CA LEU IA 10 114.93 -94.53 131.90
C LEU IA 10 114.93 -95.87 131.18
N ASN IA 11 116.02 -96.64 131.30
CA ASN IA 11 116.11 -97.91 130.62
C ASN IA 11 115.99 -99.03 131.64
N ILE IA 12 114.76 -99.51 131.84
CA ILE IA 12 114.53 -100.59 132.78
C ILE IA 12 114.90 -101.88 132.06
N SER IA 13 116.02 -102.51 132.47
CA SER IA 13 116.47 -103.78 131.87
C SER IA 13 117.31 -104.65 132.83
N THR IA 14 118.49 -104.16 133.23
CA THR IA 14 119.40 -104.88 134.12
C THR IA 14 120.38 -103.85 134.71
N GLY IA 15 120.07 -103.33 135.90
CA GLY IA 15 120.90 -102.33 136.54
C GLY IA 15 121.64 -102.69 137.82
N CYS IA 16 122.35 -101.70 138.34
CA CYS IA 16 123.18 -101.82 139.54
C CYS IA 16 122.61 -100.96 140.67
N THR IA 17 122.66 -101.43 141.91
CA THR IA 17 122.10 -100.70 143.06
C THR IA 17 123.13 -100.38 144.16
N VAL IA 18 122.94 -99.27 144.87
CA VAL IA 18 123.86 -98.88 145.92
C VAL IA 18 123.27 -99.16 147.32
N GLY IA 19 123.93 -99.98 148.13
CA GLY IA 19 123.45 -100.28 149.46
C GLY IA 19 124.16 -99.41 150.48
N GLY IA 20 123.61 -99.34 151.70
CA GLY IA 20 124.18 -98.51 152.76
C GLY IA 20 123.58 -97.12 152.84
N SER IA 21 122.62 -96.83 151.96
CA SER IA 21 121.99 -95.52 151.96
C SER IA 21 120.59 -95.58 152.57
N GLN IA 22 120.13 -94.42 153.03
CA GLN IA 22 118.83 -94.26 153.63
C GLN IA 22 118.17 -93.15 152.83
N THR IA 23 116.89 -93.29 152.54
CA THR IA 23 116.22 -92.27 151.75
C THR IA 23 115.84 -91.06 152.62
N GLU IA 24 116.60 -89.97 152.55
CA GLU IA 24 116.26 -88.77 153.30
C GLU IA 24 115.22 -88.04 152.43
N GLY IA 25 113.94 -88.22 152.73
CA GLY IA 25 112.92 -87.58 151.92
C GLY IA 25 113.06 -88.15 150.52
N ASN IA 26 113.37 -87.33 149.51
CA ASN IA 26 113.51 -87.83 148.15
C ASN IA 26 114.96 -87.79 147.66
N MET IA 27 115.90 -87.78 148.60
CA MET IA 27 117.33 -87.75 148.26
C MET IA 27 118.08 -88.83 149.05
N ASN IA 28 118.83 -89.70 148.36
CA ASN IA 28 119.54 -90.78 149.02
C ASN IA 28 120.64 -90.31 149.99
N LYS IA 29 120.48 -90.55 151.29
CA LYS IA 29 121.49 -90.18 152.28
C LYS IA 29 122.52 -91.30 152.30
N PHE IA 30 123.69 -91.08 151.70
CA PHE IA 30 124.71 -92.12 151.63
C PHE IA 30 125.49 -92.30 152.92
N GLY IA 31 125.88 -91.22 153.59
CA GLY IA 31 126.64 -91.41 154.81
C GLY IA 31 127.17 -90.15 155.44
N THR IA 32 128.15 -90.30 156.32
CA THR IA 32 128.74 -89.17 157.02
C THR IA 32 130.27 -89.28 157.06
N LEU IA 33 130.95 -88.16 156.86
CA LEU IA 33 132.41 -88.11 156.90
C LEU IA 33 132.68 -87.32 158.18
N ASN IA 34 132.78 -88.02 159.29
CA ASN IA 34 132.93 -87.39 160.59
C ASN IA 34 134.38 -87.30 161.03
N PHE IA 35 135.00 -86.12 160.91
CA PHE IA 35 136.40 -85.95 161.32
C PHE IA 35 136.54 -85.92 162.85
N GLY IA 36 135.45 -85.64 163.54
CA GLY IA 36 135.46 -85.61 164.99
C GLY IA 36 135.69 -84.21 165.51
N LYS IA 37 136.09 -84.13 166.78
CA LYS IA 37 136.37 -82.85 167.43
C LYS IA 37 137.81 -82.44 167.18
N THR IA 38 138.08 -81.14 167.23
CA THR IA 38 139.43 -80.62 167.01
C THR IA 38 139.60 -79.21 167.58
N SER IA 39 140.85 -78.81 167.80
CA SER IA 39 141.15 -77.50 168.34
C SER IA 39 141.34 -76.53 167.21
N GLY IA 40 141.48 -75.22 167.54
CA GLY IA 40 141.63 -74.18 166.54
C GLY IA 40 142.75 -74.46 165.54
N THR IA 41 143.90 -74.87 166.05
CA THR IA 41 145.05 -75.18 165.20
C THR IA 41 145.52 -76.62 165.40
N TRP IA 42 145.30 -77.49 164.41
CA TRP IA 42 145.71 -78.89 164.52
C TRP IA 42 146.98 -79.14 163.69
N ASN IA 43 147.97 -79.84 164.25
CA ASN IA 43 149.20 -80.13 163.53
C ASN IA 43 149.15 -81.44 162.76
N ASN IA 44 148.31 -82.36 163.22
CA ASN IA 44 148.15 -83.64 162.55
C ASN IA 44 147.03 -83.56 161.51
N VAL IA 45 147.21 -84.26 160.39
CA VAL IA 45 146.23 -84.29 159.31
C VAL IA 45 144.96 -84.95 159.87
N LEU IA 46 143.83 -84.23 159.90
CA LEU IA 46 142.63 -84.87 160.49
C LEU IA 46 142.08 -85.82 159.45
N THR IA 47 141.78 -87.06 159.85
CA THR IA 47 141.41 -88.08 158.88
C THR IA 47 140.31 -89.03 159.36
N ALA IA 48 139.21 -89.16 158.61
CA ALA IA 48 138.13 -90.08 158.98
C ALA IA 48 137.52 -90.68 157.72
N GLU IA 49 136.85 -91.82 157.88
CA GLU IA 49 136.24 -92.54 156.79
C GLU IA 49 134.73 -92.33 156.77
N VAL IA 50 134.12 -92.47 155.60
CA VAL IA 50 132.69 -92.33 155.50
C VAL IA 50 131.98 -93.44 156.26
N ALA IA 51 130.89 -93.11 156.96
CA ALA IA 51 130.12 -94.09 157.70
C ALA IA 51 128.72 -94.10 157.06
N SER IA 52 128.35 -95.19 156.39
CA SER IA 52 127.04 -95.27 155.74
C SER IA 52 125.90 -94.98 156.72
N ALA IA 53 124.88 -94.24 156.26
CA ALA IA 53 123.77 -93.89 157.16
C ALA IA 53 122.86 -95.07 157.51
N ALA IA 54 122.86 -96.10 156.68
CA ALA IA 54 122.01 -97.27 156.90
C ALA IA 54 122.62 -98.29 157.88
N THR IA 55 123.87 -98.65 157.68
CA THR IA 55 124.51 -99.64 158.55
C THR IA 55 125.54 -99.09 159.53
N GLY IA 56 126.31 -98.09 159.12
CA GLY IA 56 127.34 -97.54 159.96
C GLY IA 56 128.72 -97.84 159.38
N GLY IA 57 128.80 -98.87 158.53
CA GLY IA 57 130.04 -99.24 157.90
C GLY IA 57 130.23 -98.53 156.56
N ASN IA 58 130.95 -99.16 155.64
CA ASN IA 58 131.20 -98.54 154.34
C ASN IA 58 130.05 -98.77 153.36
N ILE IA 59 129.86 -97.83 152.43
CA ILE IA 59 128.80 -97.96 151.43
C ILE IA 59 129.05 -99.25 150.66
N SER IA 60 128.06 -100.13 150.57
CA SER IA 60 128.26 -101.40 149.88
C SER IA 60 127.46 -101.44 148.58
N VAL IA 61 128.12 -101.20 147.45
CA VAL IA 61 127.39 -101.21 146.19
C VAL IA 61 127.38 -102.63 145.61
N THR IA 62 126.20 -103.13 145.24
CA THR IA 62 126.11 -104.46 144.66
C THR IA 62 125.40 -104.29 143.31
N CYS IA 63 125.74 -105.13 142.33
CA CYS IA 63 125.09 -105.01 141.03
C CYS IA 63 124.11 -106.16 140.83
N ASP IA 64 122.90 -105.87 140.35
CA ASP IA 64 121.91 -106.91 140.12
C ASP IA 64 122.14 -107.60 138.78
N GLY IA 65 123.15 -108.47 138.74
CA GLY IA 65 123.50 -109.19 137.53
C GLY IA 65 124.38 -110.38 137.85
N THR IA 66 124.71 -111.17 136.83
CA THR IA 66 125.55 -112.35 137.03
C THR IA 66 126.99 -112.10 136.57
N ASP IA 67 127.15 -111.56 135.37
CA ASP IA 67 128.46 -111.26 134.82
C ASP IA 67 129.03 -110.03 135.52
N PRO IA 68 130.37 -109.88 135.54
CA PRO IA 68 130.90 -108.70 136.22
C PRO IA 68 130.48 -107.39 135.55
N VAL IA 69 130.20 -106.36 136.35
CA VAL IA 69 129.77 -105.06 135.83
C VAL IA 69 130.78 -104.00 136.25
N ASP IA 70 131.15 -103.09 135.35
CA ASP IA 70 132.13 -102.07 135.69
C ASP IA 70 131.36 -100.77 135.92
N PHE IA 71 131.19 -100.36 137.18
CA PHE IA 71 130.45 -99.15 137.48
C PHE IA 71 131.39 -98.07 137.96
N THR IA 72 130.98 -96.83 137.79
CA THR IA 72 131.85 -95.73 138.18
C THR IA 72 131.33 -94.96 139.40
N VAL IA 73 132.24 -94.25 140.06
CA VAL IA 73 131.91 -93.46 141.24
C VAL IA 73 132.43 -92.04 141.06
N ALA IA 74 131.57 -91.03 141.22
CA ALA IA 74 132.00 -89.64 141.08
C ALA IA 74 131.48 -88.83 142.26
N ILE IA 75 132.35 -88.01 142.85
CA ILE IA 75 131.96 -87.18 143.96
C ILE IA 75 132.12 -85.75 143.47
N ASP IA 76 131.24 -84.85 143.89
CA ASP IA 76 131.29 -83.46 143.46
C ASP IA 76 132.13 -82.62 144.45
N GLY IA 77 132.20 -81.30 144.26
CA GLY IA 77 132.96 -80.40 145.11
C GLY IA 77 132.32 -79.83 146.37
N GLY IA 78 131.18 -80.37 146.80
CA GLY IA 78 130.51 -79.87 148.00
C GLY IA 78 129.59 -78.71 147.70
N GLU IA 79 128.98 -78.16 148.75
CA GLU IA 79 128.05 -77.04 148.64
C GLU IA 79 128.62 -75.87 147.89
N ARG IA 80 129.86 -75.48 148.17
CA ARG IA 80 130.43 -74.30 147.50
C ARG IA 80 131.30 -74.60 146.29
N THR IA 81 131.39 -75.88 145.92
CA THR IA 81 132.18 -76.42 144.79
C THR IA 81 133.72 -76.39 144.93
N ASP IA 82 134.24 -76.13 146.13
CA ASP IA 82 135.69 -76.14 146.35
C ASP IA 82 136.10 -76.96 147.58
N ARG IA 83 135.26 -77.93 147.96
CA ARG IA 83 135.49 -78.84 149.09
C ARG IA 83 135.90 -78.13 150.38
N THR IA 84 135.07 -77.19 150.82
CA THR IA 84 135.32 -76.46 152.06
C THR IA 84 134.16 -76.65 153.03
N LEU IA 85 134.43 -76.96 154.29
CA LEU IA 85 133.35 -77.07 155.22
C LEU IA 85 133.09 -75.66 155.74
N LYS IA 86 131.84 -75.30 155.96
CA LYS IA 86 131.54 -73.95 156.41
C LYS IA 86 131.01 -73.94 157.84
N ASN IA 87 131.37 -72.95 158.63
CA ASN IA 87 130.87 -72.90 159.96
C ASN IA 87 129.39 -72.59 159.88
N THR IA 88 128.56 -73.25 160.68
CA THR IA 88 127.13 -72.98 160.69
C THR IA 88 126.78 -71.50 160.92
N ALA IA 89 127.51 -70.81 161.79
CA ALA IA 89 127.18 -69.39 162.06
C ALA IA 89 128.06 -68.34 161.36
N SER IA 90 129.37 -68.46 161.53
CA SER IA 90 130.34 -67.54 160.92
C SER IA 90 130.67 -67.95 159.48
N ALA IA 91 131.53 -67.19 158.80
CA ALA IA 91 131.88 -67.51 157.41
C ALA IA 91 133.22 -68.21 157.26
N ASP IA 92 133.78 -68.75 158.34
CA ASP IA 92 135.05 -69.45 158.28
C ASP IA 92 134.91 -70.73 157.45
N VAL IA 93 135.97 -71.10 156.73
CA VAL IA 93 135.93 -72.31 155.90
C VAL IA 93 137.05 -73.27 156.24
N VAL IA 94 136.84 -74.57 156.03
CA VAL IA 94 137.85 -75.57 156.32
C VAL IA 94 138.05 -76.45 155.08
N ALA IA 95 139.12 -76.23 154.32
CA ALA IA 95 139.38 -77.00 153.13
C ALA IA 95 139.66 -78.49 153.43
N TYR IA 96 139.08 -79.40 152.64
CA TYR IA 96 139.30 -80.83 152.80
C TYR IA 96 139.31 -81.51 151.45
N ASN IA 97 139.44 -82.85 151.41
CA ASN IA 97 139.43 -83.61 150.18
C ASN IA 97 139.06 -85.06 150.50
N VAL IA 98 138.52 -85.76 149.52
CA VAL IA 98 138.15 -87.16 149.72
C VAL IA 98 139.02 -88.02 148.82
N TYR IA 99 139.67 -89.05 149.38
CA TYR IA 99 140.50 -89.94 148.57
C TYR IA 99 139.85 -91.31 148.52
N ARG IA 100 140.31 -92.14 147.60
CA ARG IA 100 139.75 -93.47 147.42
C ARG IA 100 140.55 -94.58 148.12
N ASP IA 101 141.87 -94.44 148.17
CA ASP IA 101 142.70 -95.45 148.80
C ASP IA 101 143.07 -95.06 150.22
N ALA IA 102 143.43 -96.06 151.02
CA ALA IA 102 143.80 -95.90 152.44
C ALA IA 102 145.01 -94.98 152.73
N ALA IA 103 145.89 -94.79 151.76
CA ALA IA 103 147.05 -93.91 151.92
C ALA IA 103 146.86 -92.47 151.43
N ARG IA 104 145.61 -92.00 151.27
CA ARG IA 104 145.33 -90.62 150.84
C ARG IA 104 146.05 -90.20 149.55
N THR IA 105 146.25 -91.13 148.62
CA THR IA 105 146.92 -90.84 147.36
C THR IA 105 146.00 -90.70 146.14
N ASN IA 106 145.12 -91.67 145.91
CA ASN IA 106 144.21 -91.66 144.78
C ASN IA 106 143.02 -90.78 145.12
N LEU IA 107 143.10 -89.52 144.70
CA LEU IA 107 142.07 -88.54 144.99
C LEU IA 107 140.81 -88.68 144.14
N TYR IA 108 139.64 -88.48 144.75
CA TYR IA 108 138.40 -88.51 143.99
C TYR IA 108 138.33 -87.15 143.38
N VAL IA 109 138.89 -86.98 142.18
CA VAL IA 109 138.89 -85.68 141.52
C VAL IA 109 137.46 -85.16 141.30
N VAL IA 110 137.25 -83.86 141.46
CA VAL IA 110 135.94 -83.23 141.31
C VAL IA 110 135.24 -83.63 140.00
N ASN IA 111 133.98 -84.07 140.09
CA ASN IA 111 133.21 -84.47 138.91
C ASN IA 111 133.96 -85.44 137.99
N GLN IA 112 134.56 -86.48 138.56
CA GLN IA 112 135.27 -87.47 137.77
C GLN IA 112 134.82 -88.89 138.13
N PRO IA 113 134.63 -89.74 137.09
CA PRO IA 113 134.18 -91.11 137.35
C PRO IA 113 135.28 -92.08 137.79
N GLN IA 114 135.65 -92.10 139.06
CA GLN IA 114 136.67 -93.04 139.48
C GLN IA 114 136.10 -94.45 139.25
N GLN IA 115 136.69 -95.24 138.33
CA GLN IA 115 136.25 -96.61 137.98
C GLN IA 115 136.17 -97.59 139.19
N PHE IA 116 135.30 -98.61 139.04
CA PHE IA 116 135.11 -99.65 140.06
C PHE IA 116 134.61 -100.96 139.45
N THR IA 117 134.94 -102.09 140.07
CA THR IA 117 134.49 -103.40 139.58
C THR IA 117 133.54 -104.00 140.58
N THR IA 118 132.68 -104.88 140.10
CA THR IA 118 131.74 -105.56 140.95
C THR IA 118 131.61 -106.94 140.32
N VAL IA 119 131.53 -107.98 141.15
CA VAL IA 119 131.54 -109.35 140.70
C VAL IA 119 130.32 -110.17 141.15
N SER IA 120 130.26 -111.41 140.67
CA SER IA 120 129.14 -112.31 140.93
C SER IA 120 128.78 -112.46 142.43
N GLY IA 121 127.51 -112.26 142.77
CA GLY IA 121 127.01 -112.43 144.13
C GLY IA 121 127.81 -111.72 145.18
N GLN IA 122 128.22 -110.47 144.94
CA GLN IA 122 129.00 -109.79 145.96
C GLN IA 122 128.71 -108.29 146.04
N ALA IA 123 128.94 -107.70 147.21
CA ALA IA 123 128.75 -106.27 147.38
C ALA IA 123 130.16 -105.67 147.51
N THR IA 124 130.49 -104.71 146.65
CA THR IA 124 131.79 -104.05 146.70
C THR IA 124 131.66 -102.78 147.55
N ALA IA 125 132.66 -102.49 148.38
CA ALA IA 125 132.60 -101.31 149.24
C ALA IA 125 133.17 -100.08 148.52
N VAL IA 126 132.61 -98.90 148.81
CA VAL IA 126 133.09 -97.67 148.20
C VAL IA 126 133.82 -96.88 149.28
N PRO IA 127 135.16 -96.99 149.30
CA PRO IA 127 135.88 -96.28 150.34
C PRO IA 127 135.98 -94.79 150.01
N ILE IA 128 135.37 -93.95 150.83
CA ILE IA 128 135.47 -92.52 150.63
C ILE IA 128 136.29 -92.09 151.83
N PHE IA 129 137.60 -91.97 151.65
CA PHE IA 129 138.49 -91.62 152.75
C PHE IA 129 138.67 -90.10 152.81
N GLY IA 130 138.26 -89.46 153.90
CA GLY IA 130 138.43 -88.04 154.03
C GLY IA 130 139.81 -87.73 154.57
N ALA IA 131 140.26 -86.50 154.32
CA ALA IA 131 141.54 -86.03 154.78
C ALA IA 131 141.56 -84.49 154.82
N ILE IA 132 142.06 -83.93 155.92
CA ILE IA 132 142.16 -82.49 156.06
C ILE IA 132 143.63 -82.09 156.35
N ALA IA 133 144.10 -81.05 155.66
CA ALA IA 133 145.48 -80.60 155.82
C ALA IA 133 145.75 -80.02 157.20
N PRO IA 134 147.02 -80.08 157.64
CA PRO IA 134 147.34 -79.53 158.97
C PRO IA 134 147.26 -78.01 158.96
N ASN IA 135 146.37 -77.44 159.76
CA ASN IA 135 146.24 -76.00 159.84
C ASN IA 135 147.10 -75.53 161.01
N THR IA 136 148.26 -74.96 160.72
CA THR IA 136 149.14 -74.47 161.77
C THR IA 136 149.38 -72.98 161.57
N GLY IA 137 148.38 -72.30 161.04
CA GLY IA 137 148.47 -70.88 160.78
C GLY IA 137 147.48 -70.07 161.60
N THR IA 138 146.23 -70.04 161.16
CA THR IA 138 145.20 -69.28 161.87
C THR IA 138 144.17 -70.20 162.53
N PRO IA 139 143.79 -69.89 163.78
CA PRO IA 139 142.80 -70.75 164.45
C PRO IA 139 141.37 -70.44 164.00
N LYS IA 140 140.70 -71.38 163.33
CA LYS IA 140 139.34 -71.17 162.86
C LYS IA 140 138.39 -71.01 164.05
N ALA IA 141 137.35 -70.20 163.90
CA ALA IA 141 136.40 -69.97 164.99
C ALA IA 141 135.71 -71.23 165.52
N GLN IA 142 135.31 -71.20 166.80
CA GLN IA 142 134.65 -72.34 167.43
C GLN IA 142 133.27 -72.60 166.84
N GLY IA 143 132.80 -73.84 166.93
CA GLY IA 143 131.51 -74.20 166.38
C GLY IA 143 131.55 -75.48 165.57
N ASP IA 144 130.52 -75.70 164.75
CA ASP IA 144 130.44 -76.89 163.92
C ASP IA 144 130.63 -76.55 162.44
N TYR IA 145 131.53 -77.25 161.75
CA TYR IA 145 131.75 -77.00 160.33
C TYR IA 145 131.08 -78.13 159.57
N LYS IA 146 130.36 -77.80 158.48
CA LYS IA 146 129.65 -78.83 157.70
C LYS IA 146 129.81 -78.66 156.19
N ASP IA 147 129.44 -79.72 155.47
CA ASP IA 147 129.42 -79.76 154.02
C ASP IA 147 128.61 -80.98 153.63
N THR IA 148 128.04 -80.93 152.43
CA THR IA 148 127.24 -82.05 151.94
C THR IA 148 127.77 -82.45 150.57
N LEU IA 149 128.64 -83.46 150.53
CA LEU IA 149 129.17 -83.87 149.25
C LEU IA 149 128.12 -84.74 148.58
N LEU IA 150 127.90 -84.57 147.29
CA LEU IA 150 126.93 -85.40 146.59
C LEU IA 150 127.74 -86.49 145.90
N VAL IA 151 127.58 -87.74 146.29
CA VAL IA 151 128.30 -88.84 145.65
C VAL IA 151 127.38 -89.32 144.55
N THR IA 152 127.94 -89.51 143.34
CA THR IA 152 127.21 -89.88 142.15
C THR IA 152 127.63 -91.24 141.59
N VAL IA 153 126.93 -92.29 141.99
CA VAL IA 153 127.23 -93.62 141.47
C VAL IA 153 126.55 -93.68 140.09
N ASN IA 154 127.32 -93.70 139.00
CA ASN IA 154 126.72 -93.70 137.69
C ASN IA 154 127.30 -94.79 136.84
N PHE IA 155 126.59 -95.12 135.78
CA PHE IA 155 126.96 -96.22 134.92
C PHE IA 155 127.25 -95.74 133.51
N ALA JA 1 121.96 -94.09 137.29
CA ALA JA 1 122.45 -92.88 137.95
C ALA JA 1 121.89 -92.77 139.37
N VAL JA 2 122.65 -93.24 140.35
CA VAL JA 2 122.22 -93.16 141.74
C VAL JA 2 123.05 -92.09 142.46
N THR JA 3 122.53 -90.87 142.51
CA THR JA 3 123.19 -89.76 143.18
C THR JA 3 122.76 -89.71 144.67
N GLY JA 4 123.74 -89.58 145.56
CA GLY JA 4 123.48 -89.55 146.98
C GLY JA 4 124.26 -88.54 147.78
N GLN JA 5 123.87 -88.27 149.04
CA GLN JA 5 124.55 -87.27 149.85
C GLN JA 5 125.47 -87.84 150.96
N VAL JA 6 126.57 -87.14 151.24
CA VAL JA 6 127.52 -87.55 152.28
C VAL JA 6 127.77 -86.33 153.14
N ASP JA 7 127.21 -86.29 154.35
CA ASP JA 7 127.39 -85.13 155.19
C ASP JA 7 128.80 -85.13 155.77
N VAL JA 8 129.52 -84.03 155.60
CA VAL JA 8 130.88 -83.90 156.13
C VAL JA 8 130.80 -83.03 157.38
N LYS JA 9 131.52 -83.40 158.43
CA LYS JA 9 131.47 -82.62 159.66
C LYS JA 9 132.81 -82.51 160.38
N LEU JA 10 132.96 -81.46 161.17
CA LEU JA 10 134.16 -81.20 161.95
C LEU JA 10 133.75 -80.25 163.08
N ASN JA 11 134.06 -80.60 164.32
CA ASN JA 11 133.68 -79.75 165.45
C ASN JA 11 134.93 -79.08 166.00
N ILE JA 12 135.21 -77.88 165.51
CA ILE JA 12 136.36 -77.13 165.99
C ILE JA 12 135.96 -76.50 167.32
N SER JA 13 136.51 -76.99 168.44
CA SER JA 13 136.22 -76.44 169.77
C SER JA 13 137.37 -76.65 170.79
N THR JA 14 137.66 -77.90 171.13
CA THR JA 14 138.70 -78.27 172.09
C THR JA 14 139.06 -79.73 171.88
N GLY KA 15 178.87 -89.47 110.78
CA GLY KA 15 178.07 -88.40 111.36
C GLY KA 15 177.34 -87.46 110.41
N CYS KA 16 176.66 -86.50 111.03
CA CYS KA 16 175.85 -85.50 110.35
C CYS KA 16 176.45 -84.11 110.55
N THR KA 17 176.40 -83.25 109.53
CA THR KA 17 176.99 -81.91 109.60
C THR KA 17 175.99 -80.77 109.35
N VAL KA 18 176.20 -79.61 109.97
CA VAL KA 18 175.30 -78.48 109.79
C VAL KA 18 175.90 -77.41 108.86
N GLY KA 19 175.24 -77.10 107.75
CA GLY KA 19 175.74 -76.08 106.84
C GLY KA 19 175.06 -74.75 107.11
N GLY KA 20 175.62 -73.67 106.57
CA GLY KA 20 175.08 -72.34 106.77
C GLY KA 20 175.72 -71.60 107.94
N SER KA 21 176.67 -72.24 108.61
CA SER KA 21 177.32 -71.61 109.74
C SER KA 21 178.73 -71.13 109.38
N GLN KA 22 179.21 -70.18 110.16
CA GLN KA 22 180.54 -69.60 109.98
C GLN KA 22 181.20 -69.78 111.33
N THR KA 23 182.48 -70.13 111.35
CA THR KA 23 183.16 -70.33 112.62
C THR KA 23 183.58 -68.98 113.23
N GLU KA 24 182.84 -68.50 114.22
CA GLU KA 24 183.22 -67.27 114.90
C GLU KA 24 184.25 -67.68 115.94
N GLY KA 25 185.54 -67.54 115.64
CA GLY KA 25 186.55 -67.95 116.58
C GLY KA 25 186.40 -69.46 116.76
N ASN KA 26 186.08 -69.92 117.97
CA ASN KA 26 185.92 -71.36 118.21
C ASN KA 26 184.46 -71.72 118.50
N MET KA 27 183.53 -70.88 118.06
CA MET KA 27 182.11 -71.14 118.27
C MET KA 27 181.34 -70.96 116.95
N ASN KA 28 180.57 -71.97 116.55
CA ASN KA 28 179.83 -71.90 115.29
C ASN KA 28 178.76 -70.80 115.23
N LYS KA 29 178.94 -69.78 114.38
CA LYS KA 29 177.94 -68.73 114.24
C LYS KA 29 176.88 -69.24 113.27
N PHE KA 30 175.71 -69.62 113.76
CA PHE KA 30 174.67 -70.17 112.91
C PHE KA 30 173.90 -69.12 112.12
N GLY KA 31 173.54 -68.00 112.75
CA GLY KA 31 172.79 -67.01 111.99
C GLY KA 31 172.31 -65.82 112.79
N THR KA 32 171.32 -65.11 112.23
CA THR KA 32 170.77 -63.95 112.88
C THR KA 32 169.25 -63.93 112.79
N LEU KA 33 168.58 -63.54 113.87
CA LEU KA 33 167.14 -63.45 113.91
C LEU KA 33 166.89 -61.96 113.98
N ASN KA 34 166.79 -61.31 112.83
CA ASN KA 34 166.67 -59.87 112.75
C ASN KA 34 165.22 -59.41 112.62
N PHE KA 35 164.63 -58.93 113.72
CA PHE KA 35 163.24 -58.46 113.68
C PHE KA 35 163.11 -57.11 112.96
N GLY KA 36 164.23 -56.39 112.85
CA GLY KA 36 164.24 -55.11 112.18
C GLY KA 36 164.05 -53.96 113.14
N LYS KA 37 163.66 -52.82 112.60
CA LYS KA 37 163.41 -51.62 113.39
C LYS KA 37 161.97 -51.60 113.90
N THR KA 38 161.74 -50.91 115.01
CA THR KA 38 160.40 -50.82 115.58
C THR KA 38 160.27 -49.63 116.53
N SER KA 39 159.03 -49.22 116.79
CA SER KA 39 158.76 -48.10 117.69
C SER KA 39 158.59 -48.60 119.07
N GLY KA 40 158.48 -47.68 120.06
CA GLY KA 40 158.33 -48.04 121.46
C GLY KA 40 157.20 -49.01 121.71
N THR KA 41 156.04 -48.75 121.11
CA THR KA 41 154.88 -49.61 121.28
C THR KA 41 154.38 -50.13 119.92
N TRP KA 42 154.57 -51.43 119.66
CA TRP KA 42 154.12 -52.01 118.39
C TRP KA 42 152.84 -52.82 118.59
N ASN KA 43 151.85 -52.66 117.72
CA ASN KA 43 150.60 -53.40 117.85
C ASN KA 43 150.61 -54.72 117.07
N ASN KA 44 151.45 -54.78 116.03
CA ASN KA 44 151.57 -55.99 115.25
C ASN KA 44 152.67 -56.89 115.82
N VAL KA 45 152.46 -58.21 115.75
CA VAL KA 45 153.43 -59.18 116.24
C VAL KA 45 154.69 -59.04 115.38
N LEU KA 46 155.84 -58.69 115.98
CA LEU KA 46 157.03 -58.52 115.11
C LEU KA 46 157.55 -59.89 114.79
N THR KA 47 157.82 -60.16 113.51
CA THR KA 47 158.15 -61.52 113.09
C THR KA 47 159.23 -61.59 112.01
N ALA KA 48 160.33 -62.34 112.24
CA ALA KA 48 161.39 -62.48 111.25
C ALA KA 48 161.97 -63.89 111.34
N GLU KA 49 162.62 -64.31 110.26
CA GLU KA 49 163.20 -65.64 110.16
C GLU KA 49 164.71 -65.58 110.33
N VAL KA 50 165.30 -66.68 110.78
CA VAL KA 50 166.74 -66.74 110.93
C VAL KA 50 167.43 -66.62 109.58
N ALA KA 51 168.54 -65.89 109.51
CA ALA KA 51 169.30 -65.73 108.28
C ALA KA 51 170.69 -66.32 108.57
N SER KA 52 171.02 -67.45 107.94
CA SER KA 52 172.32 -68.08 108.17
C SER KA 52 173.48 -67.11 107.94
N ALA KA 53 174.51 -67.17 108.79
CA ALA KA 53 175.64 -66.25 108.64
C ALA KA 53 176.53 -66.53 107.43
N ALA KA 54 176.50 -67.77 106.94
CA ALA KA 54 177.32 -68.15 105.80
C ALA KA 54 176.72 -67.79 104.44
N THR KA 55 175.44 -68.11 104.24
CA THR KA 55 174.80 -67.84 102.96
C THR KA 55 173.79 -66.69 102.96
N GLY KA 56 173.04 -66.53 104.05
CA GLY KA 56 172.03 -65.51 104.14
C GLY KA 56 170.64 -66.12 104.17
N GLY KA 57 170.53 -67.37 103.70
CA GLY KA 57 169.27 -68.08 103.70
C GLY KA 57 169.08 -68.89 104.96
N ASN KA 58 168.32 -69.99 104.89
CA ASN KA 58 168.08 -70.81 106.06
C ASN KA 58 169.21 -71.81 106.33
N ILE KA 59 169.41 -72.17 107.60
CA ILE KA 59 170.45 -73.11 107.95
C ILE KA 59 170.16 -74.42 107.22
N SER KA 60 171.14 -74.94 106.48
CA SER KA 60 170.90 -76.16 105.72
C SER KA 60 171.68 -77.34 106.31
N VAL KA 61 171.01 -78.19 107.08
CA VAL KA 61 171.71 -79.31 107.68
C VAL KA 61 171.70 -80.50 106.72
N THR KA 62 172.86 -81.10 106.46
CA THR KA 62 172.92 -82.26 105.57
C THR KA 62 173.61 -83.38 106.38
N CYS KA 63 173.25 -84.62 106.12
CA CYS KA 63 173.92 -85.71 106.83
C CYS KA 63 174.87 -86.39 105.86
N ASP KA 64 175.87 -87.07 106.41
CA ASP KA 64 176.86 -87.75 105.59
C ASP KA 64 176.64 -89.26 105.58
N GLY KA 65 175.89 -89.77 104.61
CA GLY KA 65 175.63 -91.20 104.51
C GLY KA 65 174.59 -91.52 103.46
N THR KA 66 174.14 -92.78 103.45
CA THR KA 66 173.14 -93.25 102.51
C THR KA 66 171.76 -93.51 103.11
N ASP KA 67 171.65 -93.86 104.39
CA ASP KA 67 170.31 -94.08 104.93
C ASP KA 67 169.78 -92.80 105.56
N PRO KA 68 168.46 -92.57 105.46
CA PRO KA 68 167.93 -91.33 106.03
C PRO KA 68 168.13 -91.26 107.55
N VAL KA 69 168.94 -90.31 108.03
CA VAL KA 69 169.18 -90.21 109.47
C VAL KA 69 168.17 -89.28 110.15
N ASP KA 70 167.78 -89.60 111.39
CA ASP KA 70 166.84 -88.78 112.13
C ASP KA 70 167.65 -87.96 113.14
N PHE KA 71 167.84 -86.67 112.87
CA PHE KA 71 168.61 -85.83 113.78
C PHE KA 71 167.69 -84.87 114.50
N THR KA 72 168.12 -84.41 115.66
CA THR KA 72 167.28 -83.51 116.43
C THR KA 72 167.83 -82.08 116.50
N VAL KA 73 166.94 -81.14 116.80
CA VAL KA 73 167.32 -79.74 116.92
C VAL KA 73 166.82 -79.18 118.25
N ALA KA 74 167.70 -78.57 119.05
CA ALA KA 74 167.30 -78.01 120.33
C ALA KA 74 167.85 -76.59 120.45
N ILE KA 75 167.02 -75.65 120.89
CA ILE KA 75 167.43 -74.28 121.07
C ILE KA 75 167.30 -74.01 122.55
N ASP KA 76 168.21 -73.23 123.11
CA ASP KA 76 168.18 -72.92 124.54
C ASP KA 76 167.36 -71.62 124.79
N GLY KA 77 167.33 -71.15 126.03
CA GLY KA 77 166.60 -69.94 126.42
C GLY KA 77 167.27 -68.59 126.29
N GLY KA 78 168.40 -68.50 125.60
CA GLY KA 78 169.09 -67.22 125.44
C GLY KA 78 170.03 -66.93 126.58
N GLU KA 79 170.67 -65.76 126.54
CA GLU KA 79 171.62 -65.34 127.56
C GLU KA 79 171.07 -65.40 128.96
N ARG KA 80 169.84 -64.93 129.17
CA ARG KA 80 169.29 -64.92 130.53
C ARG KA 80 168.39 -66.11 130.89
N THR KA 81 168.28 -67.06 129.94
CA THR KA 81 167.46 -68.29 130.03
C THR KA 81 165.92 -68.12 130.01
N ASP KA 82 165.42 -66.94 129.65
CA ASP KA 82 163.97 -66.72 129.56
C ASP KA 82 163.56 -66.04 128.24
N ARG KA 83 164.39 -66.21 127.21
CA ARG KA 83 164.15 -65.66 125.86
C ARG KA 83 163.77 -64.18 125.86
N THR KA 84 164.63 -63.35 126.44
CA THR KA 84 164.40 -61.91 126.48
C THR KA 84 165.58 -61.18 125.83
N LEU KA 85 165.30 -60.23 124.94
CA LEU KA 85 166.40 -59.48 124.37
C LEU KA 85 166.70 -58.36 125.35
N LYS KA 86 167.97 -58.01 125.54
CA LYS KA 86 168.30 -56.97 126.49
C LYS KA 86 168.85 -55.73 125.79
N ASN KA 87 168.52 -54.55 126.27
CA ASN KA 87 169.04 -53.37 125.65
C ASN KA 87 170.52 -53.32 125.95
N THR KA 88 171.34 -52.97 124.97
CA THR KA 88 172.78 -52.86 125.18
C THR KA 88 173.17 -51.94 126.35
N ALA KA 89 172.46 -50.82 126.55
CA ALA KA 89 172.82 -49.90 127.64
C ALA KA 89 171.96 -49.98 128.91
N SER KA 90 170.64 -49.86 128.74
CA SER KA 90 169.68 -49.93 129.85
C SER KA 90 169.34 -51.37 130.20
N ALA KA 91 168.49 -51.58 131.21
CA ALA KA 91 168.11 -52.93 131.62
C ALA KA 91 166.74 -53.39 131.09
N ASP KA 92 166.20 -52.69 130.11
CA ASP KA 92 164.91 -53.06 129.54
C ASP KA 92 165.01 -54.41 128.84
N VAL KA 93 163.93 -55.20 128.87
CA VAL KA 93 163.95 -56.51 128.22
C VAL KA 93 162.80 -56.66 127.23
N VAL KA 94 162.99 -57.48 126.21
CA VAL KA 94 161.94 -57.70 125.21
C VAL KA 94 161.71 -59.20 125.04
N ALA KA 95 160.64 -59.74 125.62
CA ALA KA 95 160.35 -61.16 125.54
C ALA KA 95 160.03 -61.62 124.09
N TYR KA 96 160.59 -62.76 123.68
CA TYR KA 96 160.34 -63.31 122.36
C TYR KA 96 160.31 -64.83 122.43
N ASN KA 97 160.15 -65.51 121.28
CA ASN KA 97 160.12 -66.96 121.22
C ASN KA 97 160.46 -67.39 119.80
N VAL KA 98 160.98 -68.61 119.65
CA VAL KA 98 161.33 -69.12 118.34
C VAL KA 98 160.41 -70.31 118.03
N TYR KA 99 159.76 -70.32 116.88
CA TYR KA 99 158.89 -71.43 116.51
C TYR KA 99 159.51 -72.16 115.33
N ARG KA 100 159.02 -73.36 115.05
CA ARG KA 100 159.54 -74.18 113.98
C ARG KA 100 158.74 -74.09 112.68
N ASP KA 101 157.43 -73.97 112.79
CA ASP KA 101 156.58 -73.89 111.61
C ASP KA 101 156.23 -72.45 111.26
N ALA KA 102 155.87 -72.23 110.00
CA ALA KA 102 155.51 -70.91 109.45
C ALA KA 102 154.33 -70.18 110.12
N ALA KA 103 153.44 -70.91 110.78
CA ALA KA 103 152.31 -70.31 111.48
C ALA KA 103 152.52 -70.04 112.97
N ARG KA 104 153.78 -69.99 113.46
CA ARG KA 104 154.07 -69.68 114.86
C ARG KA 104 153.36 -70.58 115.87
N THR KA 105 153.13 -71.84 115.51
CA THR KA 105 152.44 -72.80 116.39
C THR KA 105 153.35 -73.81 117.10
N ASN KA 106 154.21 -74.50 116.35
CA ASN KA 106 155.11 -75.50 116.90
C ASN KA 106 156.31 -74.81 117.49
N LEU KA 107 156.26 -74.56 118.79
CA LEU KA 107 157.31 -73.84 119.51
C LEU KA 107 158.56 -74.68 119.78
N TYR KA 108 159.74 -74.07 119.64
CA TYR KA 108 160.96 -74.78 119.97
C TYR KA 108 161.07 -74.64 121.45
N VAL KA 109 160.49 -75.58 122.19
CA VAL KA 109 160.51 -75.54 123.65
C VAL KA 109 161.95 -75.49 124.19
N VAL KA 110 162.18 -74.72 125.25
CA VAL KA 110 163.50 -74.58 125.86
C VAL KA 110 164.17 -75.93 126.13
N ASN KA 111 165.43 -76.09 125.70
CA ASN KA 111 166.18 -77.34 125.91
C ASN KA 111 165.40 -78.59 125.53
N GLN KA 112 164.79 -78.59 124.34
CA GLN KA 112 164.05 -79.76 123.88
C GLN KA 112 164.46 -80.15 122.46
N PRO KA 113 164.62 -81.46 122.21
CA PRO KA 113 165.04 -81.93 120.89
C PRO KA 113 163.93 -81.99 119.86
N GLN KA 114 163.58 -80.89 119.22
CA GLN KA 114 162.54 -80.97 118.21
C GLN KA 114 163.08 -81.86 117.07
N GLN KA 115 162.46 -83.04 116.85
CA GLN KA 115 162.88 -84.02 115.81
C GLN KA 115 162.94 -83.45 114.37
N PHE KA 116 163.78 -84.10 113.55
CA PHE KA 116 163.96 -83.73 112.14
C PHE KA 116 164.44 -84.91 111.28
N THR KA 117 164.09 -84.91 110.00
CA THR KA 117 164.50 -85.99 109.10
C THR KA 117 165.49 -85.46 108.07
N THR KA 118 166.29 -86.35 107.50
CA THR KA 118 167.27 -85.96 106.50
C THR KA 118 167.62 -87.15 105.59
N VAL KA 119 167.55 -86.99 104.27
CA VAL KA 119 167.87 -88.09 103.37
C VAL KA 119 169.22 -87.84 102.70
N SER KA 120 169.76 -88.90 102.09
CA SER KA 120 171.05 -88.82 101.41
C SER KA 120 171.00 -87.92 100.18
N GLY KA 121 172.11 -87.25 99.88
CA GLY KA 121 172.18 -86.35 98.73
C GLY KA 121 171.17 -85.22 98.76
N GLN KA 122 170.92 -84.69 99.96
CA GLN KA 122 169.98 -83.60 100.13
C GLN KA 122 170.30 -82.84 101.42
N ALA KA 123 169.98 -81.55 101.45
CA ALA KA 123 170.22 -80.75 102.64
C ALA KA 123 168.85 -80.31 103.16
N THR KA 124 168.56 -80.54 104.44
CA THR KA 124 167.27 -80.16 105.01
C THR KA 124 167.45 -78.80 105.69
N ALA KA 125 166.46 -77.92 105.56
CA ALA KA 125 166.55 -76.60 106.16
C ALA KA 125 166.00 -76.61 107.60
N VAL KA 126 166.59 -75.79 108.47
CA VAL KA 126 166.13 -75.71 109.85
C VAL KA 126 165.44 -74.36 110.02
N PRO KA 127 164.10 -74.36 109.93
CA PRO KA 127 163.40 -73.09 110.05
C PRO KA 127 163.33 -72.66 111.51
N ILE KA 128 163.96 -71.54 111.84
CA ILE KA 128 163.88 -71.01 113.18
C ILE KA 128 163.09 -69.72 112.97
N PHE KA 129 161.79 -69.80 113.19
CA PHE KA 129 160.93 -68.65 112.97
C PHE KA 129 160.78 -67.86 114.27
N GLY KA 130 161.21 -66.60 114.27
CA GLY KA 130 161.07 -65.79 115.46
C GLY KA 130 159.71 -65.14 115.49
N ALA KA 131 159.29 -64.74 116.68
CA ALA KA 131 158.02 -64.08 116.89
C ALA KA 131 158.04 -63.29 118.21
N ILE KA 132 157.55 -62.06 118.17
CA ILE KA 132 157.48 -61.22 119.35
C ILE KA 132 156.04 -60.76 119.58
N ALA KA 133 155.57 -60.83 120.83
CA ALA KA 133 154.20 -60.44 121.16
C ALA KA 133 153.97 -58.94 120.99
N PRO KA 134 152.70 -58.55 120.74
CA PRO KA 134 152.41 -57.13 120.57
C PRO KA 134 152.52 -56.39 121.91
N ASN KA 135 153.44 -55.43 122.00
CA ASN KA 135 153.60 -54.66 123.21
C ASN KA 135 152.77 -53.40 123.05
N THR KA 136 151.61 -53.34 123.71
CA THR KA 136 150.76 -52.17 123.62
C THR KA 136 150.54 -51.62 125.03
N GLY KA 137 151.56 -51.76 125.88
CA GLY KA 137 151.50 -51.29 127.24
C GLY KA 137 152.51 -50.20 127.54
N THR KA 138 153.76 -50.59 127.76
CA THR KA 138 154.81 -49.63 128.07
C THR KA 138 155.82 -49.52 126.93
N PRO KA 139 156.23 -48.30 126.57
CA PRO KA 139 157.21 -48.14 125.48
C PRO KA 139 158.64 -48.42 125.96
N LYS KA 140 159.28 -49.48 125.46
CA LYS KA 140 160.64 -49.80 125.86
C LYS KA 140 161.61 -48.72 125.40
N ALA KA 141 162.67 -48.47 126.17
CA ALA KA 141 163.64 -47.44 125.82
C ALA KA 141 164.30 -47.61 124.45
N GLN KA 142 164.72 -46.49 123.85
CA GLN KA 142 165.37 -46.50 122.54
C GLN KA 142 166.73 -47.18 122.59
N GLY KA 143 167.16 -47.72 121.45
CA GLY KA 143 168.45 -48.40 121.39
C GLY KA 143 168.36 -49.73 120.67
N ASP KA 144 169.38 -50.57 120.87
CA ASP KA 144 169.43 -51.89 120.23
C ASP KA 144 169.24 -53.01 121.26
N TYR KA 145 168.30 -53.93 120.99
CA TYR KA 145 168.07 -55.04 121.91
C TYR KA 145 168.71 -56.27 121.29
N LYS KA 146 169.42 -57.07 122.10
CA LYS KA 146 170.10 -58.27 121.58
C LYS KA 146 169.92 -59.50 122.48
N ASP KA 147 170.26 -60.65 121.90
CA ASP KA 147 170.26 -61.94 122.57
C ASP KA 147 171.04 -62.90 121.69
N THR KA 148 171.60 -63.93 122.31
CA THR KA 148 172.37 -64.92 121.57
C THR KA 148 171.81 -66.29 121.90
N LEU KA 149 170.92 -66.81 121.05
CA LEU KA 149 170.36 -68.12 121.32
C LEU KA 149 171.38 -69.15 120.86
N LEU KA 150 171.59 -70.20 121.65
CA LEU KA 150 172.54 -71.23 121.26
C LEU KA 150 171.69 -72.35 120.66
N VAL KA 151 171.83 -72.62 119.37
CA VAL KA 151 171.08 -73.69 118.74
C VAL KA 151 171.98 -74.92 118.86
N THR KA 152 171.40 -76.05 119.27
CA THR KA 152 172.09 -77.29 119.53
C THR KA 152 171.65 -78.43 118.63
N VAL KA 153 172.33 -78.62 117.50
CA VAL KA 153 172.00 -79.72 116.61
C VAL KA 153 172.66 -80.96 117.21
N ASN KA 154 171.87 -81.90 117.75
CA ASN KA 154 172.46 -83.06 118.38
C ASN KA 154 171.83 -84.32 117.85
N PHE KA 155 172.53 -85.43 118.08
CA PHE KA 155 172.12 -86.69 117.54
C PHE KA 155 171.82 -87.68 118.66
N ALA LA 1 177.20 -83.70 118.18
CA ALA LA 1 176.75 -82.52 118.91
C ALA LA 1 177.33 -81.24 118.31
N VAL LA 2 176.57 -80.60 117.43
CA VAL LA 2 177.02 -79.36 116.81
C VAL LA 2 176.21 -78.19 117.40
N THR LA 3 176.77 -77.57 118.43
CA THR LA 3 176.13 -76.42 119.08
C THR LA 3 176.59 -75.11 118.39
N GLY LA 4 175.62 -74.25 118.08
CA GLY LA 4 175.90 -73.00 117.41
C GLY LA 4 175.15 -71.78 117.91
N GLN LA 5 175.56 -70.57 117.52
CA GLN LA 5 174.91 -69.36 118.01
C GLN LA 5 173.99 -68.64 116.98
N VAL LA 6 172.91 -68.03 117.47
CA VAL LA 6 171.98 -67.32 116.61
C VAL LA 6 171.76 -65.95 117.25
N ASP LA 7 172.33 -64.89 116.69
CA ASP LA 7 172.19 -63.60 117.29
C ASP LA 7 170.79 -63.05 117.02
N VAL LA 8 170.09 -62.65 118.08
CA VAL LA 8 168.74 -62.10 117.94
C VAL LA 8 168.85 -60.58 118.09
N LYS LA 9 168.14 -59.83 117.27
CA LYS LA 9 168.23 -58.37 117.34
C LYS LA 9 166.89 -57.68 117.11
N LEU LA 10 166.77 -56.46 117.63
CA LEU LA 10 165.59 -55.63 117.49
C LEU LA 10 166.02 -54.19 117.76
N ASN LA 11 165.73 -53.27 116.85
CA ASN LA 11 166.13 -51.89 117.03
C ASN LA 11 164.93 -51.05 117.36
N ILE LA 12 164.66 -50.88 118.65
CA ILE LA 12 163.53 -50.07 119.08
C ILE LA 12 163.96 -48.61 118.98
N SER LA 13 163.41 -47.86 118.01
CA SER LA 13 163.73 -46.44 117.83
C SER LA 13 162.60 -45.62 117.17
N THR LA 14 162.28 -45.94 115.91
CA THR LA 14 161.24 -45.25 115.14
C THR LA 14 160.85 -46.15 113.97
N GLY LA 15 159.79 -46.95 114.14
CA GLY LA 15 159.35 -47.89 113.13
C GLY LA 15 158.00 -47.62 112.44
N CYS LA 16 157.66 -48.55 111.55
CA CYS LA 16 156.45 -48.51 110.74
C CYS LA 16 155.54 -49.68 111.10
N THR LA 17 154.22 -49.46 111.13
CA THR LA 17 153.26 -50.50 111.51
C THR LA 17 152.22 -50.82 110.43
N VAL LA 18 151.75 -52.07 110.37
CA VAL LA 18 150.77 -52.46 109.38
C VAL LA 18 149.36 -52.59 109.99
N GLY LA 19 148.38 -51.83 109.49
CA GLY LA 19 147.02 -51.92 110.01
C GLY LA 19 146.18 -52.81 109.12
N GLY LA 20 145.02 -53.24 109.62
CA GLY LA 20 144.14 -54.11 108.88
C GLY LA 20 144.34 -55.59 109.19
N SER LA 21 145.29 -55.89 110.08
CA SER LA 21 145.56 -57.27 110.43
C SER LA 21 144.99 -57.62 111.80
N GLN LA 22 144.77 -58.91 112.01
CA GLN LA 22 144.25 -59.44 113.25
C GLN LA 22 145.27 -60.48 113.69
N THR LA 23 145.57 -60.54 114.98
CA THR LA 23 146.56 -61.50 115.45
C THR LA 23 145.94 -62.90 115.56
N GLU LA 24 146.22 -63.78 114.59
CA GLU LA 24 145.74 -65.15 114.68
C GLU LA 24 146.74 -65.89 115.56
N GLY LA 25 146.45 -66.04 116.84
CA GLY LA 25 147.41 -66.70 117.73
C GLY LA 25 148.65 -65.83 117.74
N ASN LA 26 149.80 -66.36 117.28
CA ASN LA 26 151.03 -65.57 117.26
C ASN LA 26 151.48 -65.24 115.85
N MET LA 27 150.54 -65.24 114.90
CA MET LA 27 150.85 -64.92 113.51
C MET LA 27 149.85 -63.89 112.97
N ASN LA 28 150.32 -62.77 112.44
CA ASN LA 28 149.44 -61.72 111.93
C ASN LA 28 148.56 -62.14 110.75
N LYS LA 29 147.24 -62.21 110.94
CA LYS LA 29 146.33 -62.56 109.85
C LYS LA 29 146.06 -61.28 109.07
N PHE LA 30 146.66 -61.14 107.89
CA PHE LA 30 146.50 -59.93 107.09
C PHE LA 30 145.18 -59.85 106.34
N GLY LA 31 144.73 -60.95 105.73
CA GLY LA 31 143.47 -60.85 105.01
C GLY LA 31 143.09 -62.09 104.23
N THR LA 32 142.18 -61.92 103.28
CA THR LA 32 141.70 -63.03 102.46
C THR LA 32 141.61 -62.62 100.98
N LEU LA 33 142.01 -63.53 100.11
CA LEU LA 33 141.95 -63.29 98.66
C LEU LA 33 140.85 -64.25 98.23
N ASN LA 34 139.61 -63.77 98.24
CA ASN LA 34 138.46 -64.62 97.95
C ASN LA 34 138.01 -64.50 96.50
N PHE LA 35 138.35 -65.49 95.66
CA PHE LA 35 137.95 -65.45 94.25
C PHE LA 35 136.46 -65.75 94.07
N GLY LA 36 135.86 -66.37 95.07
CA GLY LA 36 134.45 -66.70 95.04
C GLY LA 36 134.21 -68.10 94.53
N LYS LA 37 132.98 -68.34 94.09
CA LYS LA 37 132.58 -69.64 93.55
C LYS LA 37 132.88 -69.70 92.06
N THR LA 38 133.08 -70.92 91.53
CA THR LA 38 133.36 -71.09 90.12
C THR LA 38 133.08 -72.52 89.66
N SER LA 39 132.92 -72.70 88.36
CA SER LA 39 132.65 -74.01 87.78
C SER LA 39 133.93 -74.67 87.42
N GLY LA 40 133.88 -75.97 87.02
CA GLY LA 40 135.06 -76.74 86.68
C GLY LA 40 135.95 -76.04 85.67
N THR LA 41 135.34 -75.52 84.60
CA THR LA 41 136.08 -74.84 83.56
C THR LA 41 135.59 -73.39 83.38
N TRP LA 42 136.39 -72.40 83.78
CA TRP LA 42 136.00 -71.01 83.65
C TRP LA 42 136.73 -70.34 82.48
N ASN LA 43 136.02 -69.59 81.65
CA ASN LA 43 136.64 -68.92 80.50
C ASN LA 43 137.14 -67.52 80.83
N ASN LA 44 136.52 -66.89 81.84
CA ASN LA 44 136.92 -65.57 82.26
C ASN LA 44 137.98 -65.66 83.35
N VAL LA 45 138.94 -64.73 83.33
CA VAL LA 45 140.02 -64.67 84.32
C VAL LA 45 139.38 -64.41 85.69
N LEU LA 46 139.51 -65.33 86.65
CA LEU LA 46 138.83 -65.09 87.94
C LEU LA 46 139.67 -64.06 88.70
N THR LA 47 139.04 -63.01 89.22
CA THR LA 47 139.80 -61.92 89.80
C THR LA 47 139.17 -61.32 91.07
N ALA LA 48 139.90 -61.26 92.18
CA ALA LA 48 139.38 -60.68 93.42
C ALA LA 48 140.51 -59.97 94.16
N GLU LA 49 140.14 -59.04 95.04
CA GLU LA 49 141.10 -58.25 95.80
C GLU LA 49 141.18 -58.76 97.24
N VAL LA 50 142.31 -58.51 97.88
CA VAL LA 50 142.48 -58.91 99.25
C VAL LA 50 141.52 -58.13 100.16
N ALA LA 51 140.94 -58.81 101.15
CA ALA LA 51 140.03 -58.16 102.09
C ALA LA 51 140.68 -58.31 103.47
N SER LA 52 141.14 -57.20 104.06
CA SER LA 52 141.79 -57.26 105.38
C SER LA 52 140.92 -57.96 106.42
N ALA LA 53 141.53 -58.79 107.27
CA ALA LA 53 140.75 -59.52 108.28
C ALA LA 53 140.19 -58.64 109.39
N ALA LA 54 140.81 -57.49 109.63
CA ALA LA 54 140.37 -56.57 110.68
C ALA LA 54 139.20 -55.67 110.28
N THR LA 55 139.29 -55.03 109.12
CA THR LA 55 138.23 -54.13 108.69
C THR LA 55 137.35 -54.65 107.55
N GLY LA 56 137.94 -55.37 106.60
CA GLY LA 56 137.19 -55.87 105.46
C GLY LA 56 137.67 -55.19 104.18
N GLY LA 57 138.30 -54.01 104.33
CA GLY LA 57 138.81 -53.28 103.19
C GLY LA 57 140.26 -53.65 102.90
N ASN LA 58 141.02 -52.72 102.32
CA ASN LA 58 142.42 -53.01 101.97
C ASN LA 58 143.35 -52.83 103.16
N ILE LA 59 144.46 -53.58 103.18
CA ILE LA 59 145.43 -53.47 104.26
C ILE LA 59 145.92 -52.02 104.29
N SER LA 60 145.86 -51.36 105.44
CA SER LA 60 146.28 -49.97 105.51
C SER LA 60 147.57 -49.84 106.32
N VAL LA 61 148.71 -49.70 105.64
CA VAL LA 61 149.96 -49.58 106.37
C VAL LA 61 150.24 -48.11 106.69
N THR LA 62 150.53 -47.79 107.94
CA THR LA 62 150.84 -46.42 108.31
C THR LA 62 152.22 -46.44 108.99
N CYS LA 63 153.00 -45.37 108.85
CA CYS LA 63 154.31 -45.37 109.48
C CYS LA 63 154.30 -44.42 110.67
N ASP LA 64 154.86 -44.84 111.81
CA ASP LA 64 154.90 -43.99 113.00
C ASP LA 64 156.07 -43.02 112.92
N GLY LA 65 155.91 -41.98 112.11
CA GLY LA 65 156.94 -40.98 111.93
C GLY LA 65 156.37 -39.72 111.30
N THR LA 66 157.21 -38.69 111.16
CA THR LA 66 156.77 -37.43 110.57
C THR LA 66 157.22 -37.30 109.11
N ASP LA 67 158.50 -37.54 108.87
CA ASP LA 67 159.07 -37.46 107.54
C ASP LA 67 158.62 -38.67 106.72
N PRO LA 68 158.60 -38.54 105.37
CA PRO LA 68 158.15 -39.71 104.61
C PRO LA 68 159.08 -40.93 104.77
N VAL LA 69 158.50 -42.13 104.83
CA VAL LA 69 159.29 -43.34 104.99
C VAL LA 69 159.05 -44.25 103.78
N ASP LA 70 160.11 -44.86 103.26
CA ASP LA 70 159.96 -45.72 102.09
C ASP LA 70 160.01 -47.17 102.58
N PHE LA 71 158.86 -47.84 102.65
CA PHE LA 71 158.82 -49.21 103.12
C PHE LA 71 158.55 -50.15 101.97
N THR LA 72 158.97 -51.40 102.12
CA THR LA 72 158.78 -52.35 101.06
C THR LA 72 157.75 -53.44 101.38
N VAL LA 73 157.22 -54.06 100.33
CA VAL LA 73 156.25 -55.13 100.49
C VAL LA 73 156.69 -56.36 99.69
N ALA LA 74 156.76 -57.52 100.33
CA ALA LA 74 157.16 -58.73 99.63
C ALA LA 74 156.18 -59.86 99.95
N ILE LA 75 155.74 -60.59 98.93
CA ILE LA 75 154.81 -61.69 99.13
C ILE LA 75 155.58 -62.94 98.69
N ASP LA 76 155.37 -64.05 99.38
CA ASP LA 76 156.07 -65.28 99.06
C ASP LA 76 155.24 -66.11 98.05
N GLY LA 77 155.69 -67.34 97.73
CA GLY LA 77 155.02 -68.23 96.78
C GLY LA 77 153.92 -69.14 97.27
N GLY LA 78 153.42 -68.95 98.49
CA GLY LA 78 152.36 -69.79 99.02
C GLY LA 78 152.89 -71.04 99.70
N GLU LA 79 151.99 -71.89 100.17
CA GLU LA 79 152.35 -73.12 100.86
C GLU LA 79 153.31 -73.99 100.07
N ARG LA 80 153.07 -74.18 98.78
CA ARG LA 80 153.94 -75.06 97.99
C ARG LA 80 155.06 -74.35 97.22
N THR LA 81 155.16 -73.03 97.40
CA THR LA 81 156.14 -72.12 96.75
C THR LA 81 155.97 -71.88 95.23
N ASP LA 82 154.83 -72.26 94.65
CA ASP LA 82 154.59 -72.01 93.22
C ASP LA 82 153.21 -71.38 92.97
N ARG LA 83 152.67 -70.70 93.98
CA ARG LA 83 151.38 -70.01 93.92
C ARG LA 83 150.24 -70.86 93.35
N THR LA 84 150.01 -72.02 93.97
CA THR LA 84 148.94 -72.92 93.56
C THR LA 84 147.98 -73.16 94.72
N LEU LA 85 146.68 -73.06 94.49
CA LEU LA 85 145.76 -73.35 95.56
C LEU LA 85 145.54 -74.86 95.52
N LYS LA 86 145.44 -75.51 96.68
CA LYS LA 86 145.26 -76.95 96.69
C LYS LA 86 143.88 -77.34 97.19
N ASN LA 87 143.29 -78.39 96.62
CA ASN LA 87 142.01 -78.80 97.08
C ASN LA 87 142.19 -79.38 98.47
N THR LA 88 141.29 -79.07 99.39
CA THR LA 88 141.37 -79.61 100.74
C THR LA 88 141.45 -81.15 100.79
N ALA LA 89 140.71 -81.84 99.91
CA ALA LA 89 140.74 -83.31 99.95
C ALA LA 89 141.61 -84.01 98.89
N SER LA 90 141.39 -83.67 97.63
CA SER LA 90 142.15 -84.23 96.50
C SER LA 90 143.47 -83.49 96.29
N ALA LA 91 144.27 -83.91 95.31
CA ALA LA 91 145.55 -83.27 95.05
C ALA LA 91 145.54 -82.28 93.87
N ASP LA 92 144.35 -81.88 93.42
CA ASP LA 92 144.24 -80.94 92.31
C ASP LA 92 144.81 -79.58 92.72
N VAL LA 93 145.41 -78.86 91.77
CA VAL LA 93 146.00 -77.54 92.07
C VAL LA 93 145.43 -76.47 91.15
N VAL LA 94 145.39 -75.22 91.63
CA VAL LA 94 144.88 -74.12 90.82
C VAL LA 94 145.91 -72.99 90.82
N ALA LA 95 146.68 -72.83 89.75
CA ALA LA 95 147.69 -71.80 89.67
C ALA LA 95 147.09 -70.38 89.68
N TYR LA 96 147.70 -69.46 90.46
CA TYR LA 96 147.24 -68.08 90.52
C TYR LA 96 148.44 -67.15 90.67
N ASN LA 97 148.20 -65.84 90.82
CA ASN LA 97 149.26 -64.86 91.00
C ASN LA 97 148.67 -63.61 91.64
N VAL LA 98 149.50 -62.85 92.33
CA VAL LA 98 149.04 -61.63 92.98
C VAL LA 98 149.72 -60.43 92.30
N TYR LA 99 148.96 -59.44 91.87
CA TYR LA 99 149.55 -58.27 91.24
C TYR LA 99 149.34 -57.07 92.15
N ARG LA 100 150.06 -55.99 91.88
CA ARG LA 100 149.99 -54.78 92.70
C ARG LA 100 149.07 -53.71 92.13
N ASP LA 101 149.02 -53.58 90.81
CA ASP LA 101 148.18 -52.57 90.18
C ASP LA 101 146.86 -53.16 89.72
N ALA LA 102 145.86 -52.28 89.55
CA ALA LA 102 144.51 -52.65 89.13
C ALA LA 102 144.37 -53.35 87.77
N ALA LA 103 145.34 -53.17 86.87
CA ALA LA 103 145.32 -53.80 85.57
C ALA LA 103 146.09 -55.13 85.48
N ARG LA 104 146.38 -55.80 86.60
CA ARG LA 104 147.07 -57.09 86.61
C ARG LA 104 148.40 -57.10 85.85
N THR LA 105 149.12 -55.97 85.86
CA THR LA 105 150.41 -55.86 85.15
C THR LA 105 151.65 -55.95 86.05
N ASN LA 106 151.70 -55.14 87.11
CA ASN LA 106 152.83 -55.10 88.01
C ASN LA 106 152.71 -56.25 89.00
N LEU LA 107 153.37 -57.36 88.68
CA LEU LA 107 153.30 -58.57 89.48
C LEU LA 107 154.14 -58.52 90.77
N TYR LA 108 153.60 -59.07 91.86
CA TYR LA 108 154.38 -59.13 93.09
C TYR LA 108 155.25 -60.33 92.90
N VAL LA 109 156.43 -60.15 92.34
CA VAL LA 109 157.35 -61.26 92.09
C VAL LA 109 157.69 -61.99 93.39
N VAL LA 110 157.80 -63.33 93.32
CA VAL LA 110 158.11 -64.16 94.49
C VAL LA 110 159.33 -63.64 95.27
N ASN LA 111 159.19 -63.50 96.59
CA ASN LA 111 160.28 -63.03 97.45
C ASN LA 111 160.97 -61.77 96.93
N GLN LA 112 160.18 -60.77 96.53
CA GLN LA 112 160.75 -59.51 96.05
C GLN LA 112 160.12 -58.31 96.76
N PRO LA 113 160.97 -57.33 97.14
CA PRO LA 113 160.45 -56.15 97.85
C PRO LA 113 159.81 -55.10 96.96
N GLN LA 114 158.56 -55.25 96.59
CA GLN LA 114 157.94 -54.24 95.77
C GLN LA 114 157.89 -52.94 96.62
N GLN LA 115 158.62 -51.88 96.21
CA GLN LA 115 158.70 -50.59 96.92
C GLN LA 115 157.33 -49.91 97.18
N PHE LA 116 157.29 -49.07 98.23
CA PHE LA 116 156.09 -48.31 98.60
C PHE LA 116 156.44 -47.04 99.38
N THR LA 117 155.60 -46.01 99.27
CA THR LA 117 155.83 -44.75 99.97
C THR LA 117 154.75 -44.56 101.01
N THR LA 118 155.07 -43.79 102.03
CA THR LA 118 154.11 -43.50 103.08
C THR LA 118 154.46 -42.07 103.50
N VAL LA 119 153.45 -41.26 103.76
CA VAL LA 119 153.62 -39.85 104.04
C VAL LA 119 153.04 -39.39 105.38
N SER LA 120 153.27 -38.12 105.70
CA SER LA 120 152.85 -37.54 106.98
C SER LA 120 151.36 -37.77 107.33
N GLY LA 121 151.11 -38.28 108.53
CA GLY LA 121 149.76 -38.48 109.03
C GLY LA 121 148.84 -39.22 108.09
N GLN LA 122 149.33 -40.28 107.45
CA GLN LA 122 148.44 -40.99 106.52
C GLN LA 122 148.67 -42.50 106.51
N ALA LA 123 147.63 -43.25 106.14
CA ALA LA 123 147.74 -44.69 106.04
C ALA LA 123 147.71 -45.01 104.54
N THR LA 124 148.73 -45.70 104.04
CA THR LA 124 148.79 -46.08 102.64
C THR LA 124 148.20 -47.50 102.50
N ALA LA 125 147.43 -47.74 101.43
CA ALA LA 125 146.83 -49.05 101.23
C ALA LA 125 147.76 -49.98 100.45
N VAL LA 126 147.73 -51.27 100.75
CA VAL LA 126 148.55 -52.24 100.06
C VAL LA 126 147.63 -53.08 99.17
N PRO LA 127 147.56 -52.70 97.88
CA PRO LA 127 146.66 -53.45 97.01
C PRO LA 127 147.28 -54.78 96.62
N ILE LA 128 146.66 -55.88 97.03
CA ILE LA 128 147.14 -57.19 96.65
C ILE LA 128 146.02 -57.68 95.74
N PHE LA 129 146.19 -57.51 94.43
CA PHE LA 129 145.16 -57.88 93.49
C PHE LA 129 145.41 -59.31 92.99
N GLY LA 130 144.47 -60.22 93.25
CA GLY LA 130 144.63 -61.58 92.80
C GLY LA 130 144.13 -61.72 91.37
N ALA LA 131 144.61 -62.75 90.70
CA ALA LA 131 144.23 -63.04 89.33
C ALA LA 131 144.48 -64.52 89.02
N ILE LA 132 143.52 -65.18 88.39
CA ILE LA 132 143.65 -66.57 87.99
C ILE LA 132 143.42 -66.72 86.47
N ALA LA 133 144.30 -67.48 85.81
CA ALA LA 133 144.19 -67.67 84.37
C ALA LA 133 142.94 -68.44 83.97
N PRO LA 134 142.47 -68.23 82.73
CA PRO LA 134 141.27 -68.95 82.29
C PRO LA 134 141.59 -70.42 82.05
N ASN LA 135 140.94 -71.32 82.80
CA ASN LA 135 141.14 -72.74 82.65
C ASN LA 135 140.07 -73.25 81.69
N THR LA 136 140.44 -73.50 80.44
CA THR LA 136 139.49 -74.00 79.47
C THR LA 136 139.98 -75.35 78.93
N GLY LA 137 140.66 -76.09 79.80
CA GLY LA 137 141.19 -77.40 79.41
C GLY LA 137 140.57 -78.53 80.20
N THR LA 138 141.04 -78.72 81.43
CA THR LA 138 140.52 -79.80 82.27
C THR LA 138 139.72 -79.25 83.46
N PRO LA 139 138.55 -79.86 83.75
CA PRO LA 139 137.75 -79.38 84.89
C PRO LA 139 138.29 -79.87 86.23
N LYS LA 140 138.78 -78.97 87.08
CA LYS LA 140 139.31 -79.35 88.38
C LYS LA 140 138.20 -79.93 89.25
N ALA LA 141 138.54 -80.90 90.12
CA ALA LA 141 137.55 -81.51 91.00
C ALA LA 141 136.78 -80.53 91.91
N GLN LA 142 135.55 -80.90 92.27
CA GLN LA 142 134.72 -80.08 93.13
C GLN LA 142 135.28 -79.98 94.55
N GLY LA 143 134.95 -78.90 95.25
CA GLY LA 143 135.44 -78.70 96.60
C GLY LA 143 135.99 -77.30 96.83
N ASP LA 144 136.77 -77.14 97.90
CA ASP LA 144 137.35 -75.84 98.23
C ASP LA 144 138.86 -75.83 98.00
N TYR LA 145 139.38 -74.85 97.27
CA TYR LA 145 140.81 -74.76 97.03
C TYR LA 145 141.35 -73.66 97.93
N LYS LA 146 142.49 -73.89 98.59
CA LYS LA 146 143.07 -72.90 99.49
C LYS LA 146 144.59 -72.73 99.33
N ASP LA 147 145.09 -71.65 99.92
CA ASP LA 147 146.51 -71.32 99.96
C ASP LA 147 146.67 -70.24 101.01
N THR LA 148 147.86 -70.15 101.59
CA THR LA 148 148.14 -69.15 102.59
C THR LA 148 149.38 -68.38 102.18
N LEU LA 149 149.21 -67.23 101.53
CA LEU LA 149 150.37 -66.47 101.12
C LEU LA 149 150.87 -65.71 102.33
N LEU LA 150 152.17 -65.66 102.53
CA LEU LA 150 152.72 -64.93 103.66
C LEU LA 150 153.15 -63.58 103.09
N VAL LA 151 152.52 -62.48 103.50
CA VAL LA 151 152.92 -61.17 103.02
C VAL LA 151 153.93 -60.66 104.04
N THR LA 152 155.05 -60.13 103.55
CA THR LA 152 156.17 -59.68 104.34
C THR LA 152 156.44 -58.19 104.23
N VAL LA 153 155.85 -57.39 105.12
CA VAL LA 153 156.10 -55.95 105.10
C VAL LA 153 157.45 -55.76 105.80
N ASN LA 154 158.49 -55.37 105.06
CA ASN LA 154 159.79 -55.23 105.68
C ASN LA 154 160.39 -53.89 105.34
N PHE LA 155 161.39 -53.51 106.12
CA PHE LA 155 161.99 -52.21 105.99
C PHE LA 155 163.47 -52.33 105.63
N ALA MA 1 160.22 -55.72 110.43
CA ALA MA 1 159.80 -56.92 109.69
C ALA MA 1 158.45 -57.42 110.21
N VAL MA 2 157.37 -57.00 109.54
CA VAL MA 2 156.04 -57.45 109.91
C VAL MA 2 155.53 -58.45 108.86
N THR MA 3 155.73 -59.74 109.14
CA THR MA 3 155.28 -60.80 108.26
C THR MA 3 153.85 -61.23 108.65
N GLY MA 4 152.98 -61.33 107.64
CA GLY MA 4 151.60 -61.70 107.86
C GLY MA 4 150.99 -62.69 106.88
N GLN MA 5 149.83 -63.27 107.20
CA GLN MA 5 149.21 -64.26 106.31
C GLN MA 5 147.99 -63.76 105.50
N VAL MA 6 147.83 -64.25 104.27
CA VAL MA 6 146.71 -63.88 103.41
C VAL MA 6 146.10 -65.17 102.92
N ASP MA 7 144.93 -65.56 103.44
CA ASP MA 7 144.34 -66.80 103.02
C ASP MA 7 143.73 -66.64 101.62
N VAL MA 8 144.10 -67.52 100.69
CA VAL MA 8 143.58 -67.48 99.34
C VAL MA 8 142.52 -68.58 99.21
N LYS MA 9 141.40 -68.29 98.56
CA LYS MA 9 140.36 -69.29 98.44
C LYS MA 9 139.65 -69.27 97.08
N LEU MA 10 139.08 -70.42 96.72
CA LEU MA 10 138.34 -70.57 95.47
C LEU MA 10 137.43 -71.79 95.67
N ASN MA 11 136.14 -71.65 95.41
CA ASN MA 11 135.20 -72.75 95.59
C ASN MA 11 134.77 -73.26 94.24
N ILE MA 12 135.47 -74.27 93.73
CA ILE MA 12 135.12 -74.83 92.45
C ILE MA 12 133.96 -75.80 92.68
N SER MA 13 132.76 -75.44 92.22
CA SER MA 13 131.57 -76.29 92.38
C SER MA 13 130.50 -76.08 91.29
N THR MA 14 129.91 -74.87 91.24
CA THR MA 14 128.87 -74.51 90.28
C THR MA 14 128.78 -72.99 90.22
N GLY MA 15 129.49 -72.37 89.27
CA GLY MA 15 129.51 -70.92 89.14
C GLY MA 15 128.86 -70.29 87.91
N CYS MA 16 128.97 -68.96 87.87
CA CYS MA 16 128.39 -68.13 86.83
C CYS MA 16 129.50 -67.44 86.03
N THR MA 17 129.33 -67.31 84.71
CA THR MA 17 130.35 -66.70 83.85
C THR MA 17 129.87 -65.47 83.06
N VAL MA 18 130.77 -64.54 82.78
CA VAL MA 18 130.40 -63.33 82.05
C VAL MA 18 130.88 -63.38 80.60
N GLY MA 19 129.96 -63.28 79.63
CA GLY MA 19 130.34 -63.31 78.22
C GLY MA 19 130.43 -61.89 77.68
N GLY MA 20 131.05 -61.73 76.52
CA GLY MA 20 131.22 -60.43 75.90
C GLY MA 20 132.55 -59.76 76.25
N SER MA 21 133.37 -60.44 77.04
CA SER MA 21 134.65 -59.89 77.45
C SER MA 21 135.80 -60.54 76.67
N GLN MA 22 136.91 -59.81 76.61
CA GLN MA 22 138.12 -60.27 75.95
C GLN MA 22 139.20 -60.16 77.01
N THR MA 23 140.11 -61.13 77.07
CA THR MA 23 141.14 -61.08 78.08
C THR MA 23 142.27 -60.13 77.65
N GLU MA 24 142.32 -58.93 78.20
CA GLU MA 24 143.39 -58.00 77.90
C GLU MA 24 144.54 -58.40 78.83
N GLY MA 25 145.50 -59.18 78.33
CA GLY MA 25 146.57 -59.63 79.19
C GLY MA 25 145.95 -60.48 80.29
N ASN MA 26 146.07 -60.05 81.56
CA ASN MA 26 145.49 -60.82 82.66
C ASN MA 26 144.31 -60.08 83.30
N MET MA 27 143.68 -59.18 82.56
CA MET MA 27 142.54 -58.43 83.06
C MET MA 27 141.39 -58.47 82.04
N ASN MA 28 140.20 -58.89 82.46
CA ASN MA 28 139.06 -59.00 81.55
C ASN MA 28 138.59 -57.65 80.95
N LYS MA 29 138.74 -57.46 79.64
CA LYS MA 29 138.29 -56.24 79.00
C LYS MA 29 136.79 -56.42 78.70
N PHE MA 30 135.94 -55.77 79.48
CA PHE MA 30 134.50 -55.93 79.30
C PHE MA 30 133.93 -55.13 78.14
N GLY MA 31 134.35 -53.88 77.96
CA GLY MA 31 133.79 -53.13 76.85
C GLY MA 31 134.21 -51.68 76.78
N THR MA 32 133.44 -50.88 76.04
CA THR MA 32 133.75 -49.47 75.86
C THR MA 32 132.47 -48.62 75.99
N LEU MA 33 132.59 -47.49 76.65
CA LEU MA 33 131.47 -46.56 76.82
C LEU MA 33 131.88 -45.37 75.96
N ASN MA 34 131.52 -45.42 74.68
CA ASN MA 34 131.95 -44.41 73.74
C ASN MA 34 130.91 -43.31 73.54
N PHE MA 35 131.12 -42.14 74.15
CA PHE MA 35 130.16 -41.05 74.00
C PHE MA 35 130.24 -40.38 72.62
N GLY MA 36 131.36 -40.59 71.94
CA GLY MA 36 131.57 -40.05 70.61
C GLY MA 36 132.28 -38.72 70.66
N LYS MA 37 132.17 -37.97 69.56
CA LYS MA 37 132.79 -36.65 69.46
C LYS MA 37 131.87 -35.58 70.02
N THR MA 38 132.45 -34.46 70.46
CA THR MA 38 131.66 -33.37 71.03
C THR MA 38 132.44 -32.06 71.02
N SER MA 39 131.72 -30.95 71.12
CA SER MA 39 132.33 -29.63 71.13
C SER MA 39 132.62 -29.22 72.53
N GLY MA 40 133.34 -28.09 72.73
CA GLY MA 40 133.72 -27.61 74.04
C GLY MA 40 132.54 -27.50 75.00
N THR MA 41 131.44 -26.92 74.52
CA THR MA 41 130.25 -26.76 75.34
C THR MA 41 129.04 -27.44 74.70
N TRP MA 42 128.57 -28.55 75.28
CA TRP MA 42 127.42 -29.26 74.73
C TRP MA 42 126.16 -28.98 75.57
N ASN MA 43 125.03 -28.69 74.92
CA ASN MA 43 123.79 -28.41 75.65
C ASN MA 43 122.95 -29.66 75.88
N ASN MA 44 123.12 -30.65 75.02
CA ASN MA 44 122.40 -31.91 75.15
C ASN MA 44 123.20 -32.90 76.01
N VAL MA 45 122.50 -33.69 76.82
CA VAL MA 45 123.12 -34.69 77.69
C VAL MA 45 123.80 -35.71 76.78
N LEU MA 46 125.14 -35.86 76.86
CA LEU MA 46 125.78 -36.83 75.93
C LEU MA 46 125.51 -38.22 76.49
N THR MA 47 125.05 -39.14 75.64
CA THR MA 47 124.61 -40.44 76.12
C THR MA 47 124.97 -41.61 75.21
N ALA MA 48 125.67 -42.63 75.71
CA ALA MA 48 126.02 -43.80 74.91
C ALA MA 48 125.98 -45.05 75.78
N GLU MA 49 125.86 -46.20 75.13
CA GLU MA 49 125.76 -47.49 75.83
C GLU MA 49 127.09 -48.23 75.72
N VAL MA 50 127.34 -49.12 76.68
CA VAL MA 50 128.54 -49.91 76.65
C VAL MA 50 128.53 -50.86 75.45
N ALA MA 51 129.68 -51.04 74.79
CA ALA MA 51 129.80 -51.93 73.66
C ALA MA 51 130.81 -53.00 74.07
N SER MA 52 130.38 -54.24 74.25
CA SER MA 52 131.27 -55.33 74.66
C SER MA 52 132.48 -55.44 73.72
N ALA MA 53 133.67 -55.68 74.27
CA ALA MA 53 134.88 -55.78 73.44
C ALA MA 53 134.92 -57.04 72.57
N ALA MA 54 134.21 -58.09 72.97
CA ALA MA 54 134.20 -59.35 72.24
C ALA MA 54 133.24 -59.37 71.05
N THR MA 55 132.00 -58.94 71.26
CA THR MA 55 131.02 -58.97 70.18
C THR MA 55 130.64 -57.60 69.60
N GLY MA 56 130.59 -56.57 70.44
CA GLY MA 56 130.21 -55.25 69.98
C GLY MA 56 128.87 -54.85 70.58
N GLY MA 57 128.08 -55.84 71.01
CA GLY MA 57 126.79 -55.59 71.62
C GLY MA 57 126.91 -55.46 73.13
N ASN MA 58 125.84 -55.79 73.85
CA ASN MA 58 125.85 -55.67 75.30
C ASN MA 58 126.50 -56.88 75.99
N ILE MA 59 127.10 -56.65 77.15
CA ILE MA 59 127.74 -57.73 77.90
C ILE MA 59 126.67 -58.78 78.19
N SER MA 60 126.92 -60.05 77.83
CA SER MA 60 125.91 -61.08 78.04
C SER MA 60 126.36 -62.05 79.14
N VAL MA 61 125.84 -61.89 80.35
CA VAL MA 61 126.24 -62.78 81.42
C VAL MA 61 125.34 -64.02 81.43
N THR MA 62 125.92 -65.21 81.46
CA THR MA 62 125.13 -66.43 81.51
C THR MA 62 125.61 -67.21 82.74
N CYS MA 63 124.73 -67.97 83.37
CA CYS MA 63 125.16 -68.76 84.50
C CYS MA 63 125.23 -70.22 84.06
N ASP MA 64 126.03 -71.00 84.78
CA ASP MA 64 126.20 -72.41 84.46
C ASP MA 64 125.44 -73.32 85.44
N GLY MA 65 124.19 -73.66 85.11
CA GLY MA 65 123.39 -74.52 85.96
C GLY MA 65 121.95 -74.61 85.49
N THR MA 66 121.11 -75.22 86.34
CA THR MA 66 119.69 -75.39 86.03
C THR MA 66 118.75 -74.49 86.84
N ASP MA 67 119.11 -74.08 88.05
CA ASP MA 67 118.18 -73.20 88.78
C ASP MA 67 118.54 -71.74 88.52
N PRO MA 68 117.51 -70.86 88.47
CA PRO MA 68 117.82 -69.46 88.19
C PRO MA 68 118.70 -68.84 89.30
N VAL MA 69 119.93 -68.44 88.97
CA VAL MA 69 120.81 -67.85 89.98
C VAL MA 69 120.66 -66.33 90.05
N ASP MA 70 120.79 -65.76 91.25
CA ASP MA 70 120.68 -64.32 91.43
C ASP MA 70 122.09 -63.77 91.57
N PHE MA 71 122.64 -63.14 90.53
CA PHE MA 71 123.99 -62.60 90.59
C PHE MA 71 123.93 -61.09 90.67
N THR MA 72 124.99 -60.50 91.21
CA THR MA 72 125.01 -59.05 91.34
C THR MA 72 126.03 -58.38 90.43
N VAL MA 73 125.81 -57.08 90.18
CA VAL MA 73 126.70 -56.30 89.34
C VAL MA 73 127.12 -55.03 90.08
N ALA MA 74 128.42 -54.76 90.18
CA ALA MA 74 128.89 -53.57 90.86
C ALA MA 74 129.94 -52.88 90.00
N ILE MA 75 129.82 -51.55 89.86
CA ILE MA 75 130.76 -50.79 89.07
C ILE MA 75 131.43 -49.85 90.06
N ASP MA 76 132.72 -49.59 89.88
CA ASP MA 76 133.46 -48.72 90.78
C ASP MA 76 133.42 -47.26 90.27
N GLY MA 77 134.14 -46.34 90.93
CA GLY MA 77 134.19 -44.93 90.56
C GLY MA 77 135.18 -44.46 89.52
N GLY MA 78 135.82 -45.37 88.78
CA GLY MA 78 136.79 -44.98 87.78
C GLY MA 78 138.19 -44.80 88.34
N GLU MA 79 139.12 -44.41 87.49
CA GLU MA 79 140.51 -44.21 87.89
C GLU MA 79 140.67 -43.29 89.07
N ARG MA 80 139.96 -42.16 89.11
CA ARG MA 80 140.13 -41.21 90.21
C ARG MA 80 139.11 -41.34 91.34
N THR MA 81 138.22 -42.34 91.23
CA THR MA 81 137.14 -42.66 92.18
C THR MA 81 135.96 -41.67 92.26
N ASP MA 82 135.85 -40.74 91.30
CA ASP MA 82 134.72 -39.79 91.28
C ASP MA 82 134.06 -39.70 89.89
N ARG MA 83 134.20 -40.76 89.10
CA ARG MA 83 133.62 -40.87 87.76
C ARG MA 83 133.87 -39.65 86.87
N THR MA 84 135.14 -39.32 86.68
CA THR MA 84 135.53 -38.20 85.84
C THR MA 84 136.47 -38.69 84.73
N LEU MA 85 136.21 -38.29 83.48
CA LEU MA 85 137.13 -38.69 82.44
C LEU MA 85 138.24 -37.65 82.43
N LYS MA 86 139.48 -38.07 82.20
CA LYS MA 86 140.57 -37.12 82.23
C LYS MA 86 141.18 -36.92 80.85
N ASN MA 87 141.59 -35.70 80.52
CA ASN MA 87 142.18 -35.50 79.24
C ASN MA 87 143.52 -36.19 79.24
N THR MA 88 143.88 -36.86 78.16
CA THR MA 88 145.17 -37.53 78.06
C THR MA 88 146.37 -36.60 78.34
N ALA MA 89 146.32 -35.34 77.87
CA ALA MA 89 147.45 -34.43 78.09
C ALA MA 89 147.30 -33.41 79.22
N SER MA 90 146.21 -32.64 79.19
CA SER MA 90 145.92 -31.62 80.21
C SER MA 90 145.24 -32.24 81.43
N ALA MA 91 144.93 -31.42 82.44
CA ALA MA 91 144.29 -31.93 83.65
C ALA MA 91 142.78 -31.69 83.71
N ASP MA 92 142.16 -31.35 82.59
CA ASP MA 92 140.72 -31.12 82.55
C ASP MA 92 139.97 -32.41 82.85
N VAL MA 93 138.81 -32.31 83.51
CA VAL MA 93 138.03 -33.50 83.84
C VAL MA 93 136.60 -33.38 83.32
N VAL MA 94 135.97 -34.52 83.02
CA VAL MA 94 134.60 -34.52 82.53
C VAL MA 94 133.76 -35.47 83.38
N ALA MA 95 132.95 -34.95 84.30
CA ALA MA 95 132.13 -35.79 85.17
C ALA MA 95 131.05 -36.56 84.39
N TYR MA 96 130.87 -37.85 84.72
CA TYR MA 96 129.86 -38.68 84.07
C TYR MA 96 129.28 -39.65 85.10
N ASN MA 97 128.38 -40.55 84.66
CA ASN MA 97 127.77 -41.54 85.53
C ASN MA 97 127.24 -42.68 84.66
N VAL MA 98 127.12 -43.87 85.25
CA VAL MA 98 126.60 -45.02 84.53
C VAL MA 98 125.28 -45.44 85.15
N TYR MA 99 124.22 -45.59 84.35
CA TYR MA 99 122.93 -45.99 84.88
C TYR MA 99 122.62 -47.39 84.36
N ARG MA 100 121.63 -48.04 84.98
CA ARG MA 100 121.26 -49.40 84.59
C ARG MA 100 120.06 -49.47 83.65
N ASP MA 101 119.10 -48.56 83.82
CA ASP MA 101 117.91 -48.56 82.99
C ASP MA 101 118.03 -47.55 81.85
N ALA MA 102 117.24 -47.77 80.79
CA ALA MA 102 117.24 -46.91 79.59
C ALA MA 102 116.87 -45.43 79.79
N ALA MA 103 116.16 -45.11 80.87
CA ALA MA 103 115.79 -43.74 81.18
C ALA MA 103 116.74 -42.99 82.12
N ARG MA 104 117.99 -43.46 82.29
CA ARG MA 104 118.98 -42.79 83.14
C ARG MA 104 118.52 -42.52 84.58
N THR MA 105 117.68 -43.41 85.12
CA THR MA 105 117.16 -43.24 86.49
C THR MA 105 117.82 -44.13 87.55
N ASN MA 106 117.91 -45.43 87.30
CA ASN MA 106 118.49 -46.38 88.24
C ASN MA 106 120.00 -46.34 88.10
N LEU MA 107 120.64 -45.54 88.95
CA LEU MA 107 122.08 -45.34 88.90
C LEU MA 107 122.89 -46.51 89.49
N TYR MA 108 124.01 -46.85 88.84
CA TYR MA 108 124.87 -47.88 89.37
C TYR MA 108 125.68 -47.16 90.41
N VAL MA 109 125.18 -47.13 91.65
CA VAL MA 109 125.88 -46.44 92.74
C VAL MA 109 127.29 -47.01 92.94
N VAL MA 110 128.26 -46.14 93.24
CA VAL MA 110 129.65 -46.53 93.44
C VAL MA 110 129.80 -47.70 94.41
N ASN MA 111 130.55 -48.73 94.03
CA ASN MA 111 130.76 -49.91 94.87
C ASN MA 111 129.48 -50.49 95.47
N GLN MA 112 128.45 -50.66 94.64
CA GLN MA 112 127.20 -51.24 95.11
C GLN MA 112 126.75 -52.39 94.21
N PRO MA 113 126.26 -53.49 94.83
CA PRO MA 113 125.83 -54.65 94.06
C PRO MA 113 124.43 -54.52 93.45
N GLN MA 114 124.29 -53.87 92.31
CA GLN MA 114 122.97 -53.78 91.72
C GLN MA 114 122.54 -55.22 91.34
N GLN MA 115 121.49 -55.76 91.99
CA GLN MA 115 120.98 -57.13 91.77
C GLN MA 115 120.60 -57.44 90.29
N PHE MA 116 120.66 -58.74 89.96
CA PHE MA 116 120.31 -59.23 88.62
C PHE MA 116 119.86 -60.70 88.65
N THR MA 117 118.99 -61.09 87.71
CA THR MA 117 118.50 -62.47 87.63
C THR MA 117 119.03 -63.15 86.38
N THR MA 118 119.09 -64.48 86.40
CA THR MA 118 119.58 -65.24 85.27
C THR MA 118 118.99 -66.66 85.28
N VAL MA 119 118.40 -67.10 84.17
CA VAL MA 119 117.83 -68.45 84.13
C VAL MA 119 118.70 -69.38 83.29
N SER MA 120 118.46 -70.68 83.41
CA SER MA 120 119.22 -71.69 82.68
C SER MA 120 118.98 -71.60 81.17
N GLY MA 121 119.99 -71.94 80.38
CA GLY MA 121 119.87 -71.89 78.93
C GLY MA 121 119.50 -70.53 78.37
N GLN MA 122 120.05 -69.49 78.98
CA GLN MA 122 119.80 -68.12 78.55
C GLN MA 122 120.92 -67.20 79.02
N ALA MA 123 121.18 -66.13 78.28
CA ALA MA 123 122.21 -65.18 78.65
C ALA MA 123 121.51 -63.86 78.96
N THR MA 124 121.77 -63.27 80.12
CA THR MA 124 121.14 -62.00 80.48
C THR MA 124 122.11 -60.87 80.12
N ALA MA 125 121.59 -59.77 79.59
CA ALA MA 125 122.45 -58.64 79.21
C ALA MA 125 122.64 -57.68 80.39
N VAL MA 126 123.82 -57.07 80.48
CA VAL MA 126 124.12 -56.11 81.53
C VAL MA 126 124.15 -54.73 80.91
N PRO MA 127 123.03 -54.00 81.01
CA PRO MA 127 123.01 -52.68 80.40
C PRO MA 127 123.78 -51.68 81.25
N ILE MA 128 124.87 -51.14 80.71
CA ILE MA 128 125.62 -50.13 81.43
C ILE MA 128 125.38 -48.90 80.56
N PHE MA 129 124.39 -48.09 80.94
CA PHE MA 129 124.04 -46.92 80.16
C PHE MA 129 124.81 -45.70 80.67
N GLY MA 130 125.65 -45.10 79.84
CA GLY MA 130 126.39 -43.93 80.26
C GLY MA 130 125.55 -42.69 80.04
N ALA MA 131 125.90 -41.63 80.77
CA ALA MA 131 125.22 -40.36 80.68
C ALA MA 131 126.13 -39.24 81.18
N ILE MA 132 126.21 -38.14 80.44
CA ILE MA 132 127.01 -36.99 80.83
C ILE MA 132 126.12 -35.73 80.90
N ALA MA 133 126.28 -34.95 81.96
CA ALA MA 133 125.48 -33.74 82.14
C ALA MA 133 125.79 -32.66 81.10
N PRO MA 134 124.82 -31.79 80.83
CA PRO MA 134 125.05 -30.74 79.85
C PRO MA 134 126.02 -29.69 80.40
N ASN MA 135 127.17 -29.52 79.74
CA ASN MA 135 128.15 -28.55 80.16
C ASN MA 135 127.90 -27.29 79.36
N THR MA 136 127.28 -26.27 79.97
CA THR MA 136 127.01 -25.03 79.29
C THR MA 136 127.68 -23.89 80.04
N GLY MA 137 128.82 -24.19 80.65
CA GLY MA 137 129.57 -23.22 81.41
C GLY MA 137 130.94 -22.93 80.82
N THR MA 138 131.90 -23.82 81.07
CA THR MA 138 133.25 -23.63 80.56
C THR MA 138 133.59 -24.67 79.50
N PRO MA 139 134.23 -24.23 78.40
CA PRO MA 139 134.59 -25.19 77.34
C PRO MA 139 135.85 -25.99 77.69
N LYS MA 140 135.72 -27.30 77.90
CA LYS MA 140 136.88 -28.13 78.23
C LYS MA 140 137.87 -28.16 77.07
N ALA MA 141 139.16 -28.26 77.38
CA ALA MA 141 140.19 -28.28 76.33
C ALA MA 141 140.04 -29.42 75.30
N GLN MA 142 140.53 -29.17 74.08
CA GLN MA 142 140.46 -30.16 73.00
C GLN MA 142 141.32 -31.38 73.28
N GLY MA 143 140.94 -32.51 72.70
CA GLY MA 143 141.69 -33.74 72.91
C GLY MA 143 140.78 -34.93 73.21
N ASP MA 144 141.37 -35.99 73.76
CA ASP MA 144 140.61 -37.19 74.09
C ASP MA 144 140.49 -37.37 75.60
N TYR MA 145 139.27 -37.57 76.11
CA TYR MA 145 139.07 -37.76 77.55
C TYR MA 145 138.83 -39.26 77.77
N LYS MA 146 139.46 -39.84 78.79
CA LYS MA 146 139.30 -41.27 79.06
C LYS MA 146 139.10 -41.60 80.53
N ASP MA 147 138.67 -42.83 80.77
CA ASP MA 147 138.47 -43.40 82.11
C ASP MA 147 138.34 -44.90 81.93
N THR MA 148 138.66 -45.64 82.98
CA THR MA 148 138.57 -47.09 82.93
C THR MA 148 137.74 -47.54 84.12
N LEU MA 149 136.44 -47.77 83.92
CA LEU MA 149 135.60 -48.20 85.02
C LEU MA 149 135.83 -49.70 85.19
N LEU MA 150 135.95 -50.17 86.42
CA LEU MA 150 136.14 -51.59 86.65
C LEU MA 150 134.76 -52.13 87.00
N VAL MA 151 134.18 -52.99 86.16
CA VAL MA 151 132.88 -53.57 86.46
C VAL MA 151 133.19 -54.86 87.20
N THR MA 152 132.47 -55.10 88.30
CA THR MA 152 132.67 -56.22 89.19
C THR MA 152 131.47 -57.14 89.27
N VAL MA 153 131.42 -58.18 88.44
CA VAL MA 153 130.34 -59.14 88.48
C VAL MA 153 130.67 -60.07 89.65
N ASN MA 154 129.91 -60.02 90.75
CA ASN MA 154 130.22 -60.86 91.89
C ASN MA 154 128.99 -61.58 92.36
N PHE MA 155 129.24 -62.63 93.13
CA PHE MA 155 128.18 -63.50 93.57
C PHE MA 155 128.06 -63.49 95.09
N ALA NA 1 133.71 -64.12 91.52
CA ALA NA 1 134.12 -62.72 91.40
C ALA NA 1 134.81 -62.48 90.06
N VAL NA 2 134.05 -62.01 89.08
CA VAL NA 2 134.61 -61.71 87.77
C VAL NA 2 134.67 -60.18 87.59
N THR NA 3 135.83 -59.61 87.92
CA THR NA 3 136.06 -58.17 87.78
C THR NA 3 136.62 -57.87 86.36
N GLY NA 4 136.02 -56.87 85.71
CA GLY NA 4 136.42 -56.50 84.38
C GLY NA 4 136.52 -55.00 84.08
N GLN NA 5 137.14 -54.60 82.97
CA GLN NA 5 137.30 -53.18 82.67
C GLN NA 5 136.38 -52.64 81.55
N VAL NA 6 135.96 -51.39 81.68
CA VAL NA 6 135.09 -50.74 80.69
C VAL NA 6 135.74 -49.41 80.35
N ASP NA 7 136.35 -49.28 79.18
CA ASP NA 7 137.01 -48.05 78.84
C ASP NA 7 135.96 -46.99 78.47
N VAL NA 8 136.03 -45.83 79.13
CA VAL NA 8 135.10 -44.74 78.85
C VAL NA 8 135.84 -43.71 77.99
N LYS NA 9 135.18 -43.17 76.98
CA LYS NA 9 135.85 -42.21 76.11
C LYS NA 9 134.93 -41.07 75.66
N LEU NA 10 135.54 -39.93 75.32
CA LEU NA 10 134.84 -38.75 74.84
C LEU NA 10 135.87 -37.91 74.09
N ASN NA 11 135.58 -37.53 72.85
CA ASN NA 11 136.52 -36.75 72.06
C ASN NA 11 136.01 -35.33 71.95
N ILE NA 12 136.45 -34.47 72.86
CA ILE NA 12 136.04 -33.08 72.82
C ILE NA 12 136.91 -32.38 71.78
N SER NA 13 136.32 -32.01 70.64
CA SER NA 13 137.04 -31.31 69.57
C SER NA 13 136.14 -30.41 68.69
N THR NA 14 135.20 -31.01 67.96
CA THR NA 14 134.28 -30.30 67.07
C THR NA 14 133.09 -31.21 66.79
N GLY NA 15 132.01 -31.07 67.57
CA GLY NA 15 130.83 -31.89 67.43
C GLY NA 15 129.55 -31.26 66.92
N CYS NA 16 128.51 -32.10 66.86
CA CYS NA 16 127.19 -31.74 66.37
C CYS NA 16 126.17 -31.83 67.50
N THR NA 17 125.20 -30.92 67.55
CA THR NA 17 124.20 -30.89 68.63
C THR NA 17 122.74 -30.99 68.13
N VAL NA 18 121.87 -31.59 68.93
CA VAL NA 18 120.47 -31.73 68.54
C VAL NA 18 119.56 -30.74 69.27
N GLY NA 19 118.85 -29.88 68.54
CA GLY NA 19 117.95 -28.92 69.16
C GLY NA 19 116.53 -29.44 69.15
N GLY NA 20 115.66 -28.82 69.96
CA GLY NA 20 114.27 -29.25 70.05
C GLY NA 20 114.01 -30.23 71.20
N SER NA 21 115.05 -30.56 71.94
CA SER NA 21 114.91 -31.49 73.05
C SER NA 21 114.92 -30.77 74.39
N GLN NA 22 114.36 -31.42 75.39
CA GLN NA 22 114.28 -30.92 76.74
C GLN NA 22 114.91 -32.01 77.59
N THR NA 23 115.70 -31.63 78.59
CA THR NA 23 116.34 -32.65 79.42
C THR NA 23 115.36 -33.18 80.47
N GLU NA 24 114.82 -34.37 80.26
CA GLU NA 24 113.93 -34.97 81.23
C GLU NA 24 114.85 -35.66 82.23
N GLY NA 25 115.14 -35.01 83.36
CA GLY NA 25 116.05 -35.59 84.32
C GLY NA 25 117.40 -35.73 83.63
N ASN NA 26 117.91 -36.95 83.46
CA ASN NA 26 119.20 -37.15 82.80
C ASN NA 26 119.05 -37.82 81.44
N MET NA 27 117.86 -37.71 80.84
CA MET NA 27 117.61 -38.32 79.53
C MET NA 27 116.95 -37.28 78.60
N ASN NA 28 117.53 -37.05 77.42
CA ASN NA 28 116.99 -36.06 76.49
C ASN NA 28 115.59 -36.37 75.96
N LYS NA 29 114.58 -35.57 76.32
CA LYS NA 29 113.23 -35.77 75.83
C LYS NA 29 113.15 -35.12 74.44
N PHE NA 30 113.15 -35.90 73.38
CA PHE NA 30 113.13 -35.36 72.04
C PHE NA 30 111.76 -34.88 71.58
N GLY NA 31 110.70 -35.64 71.85
CA GLY NA 31 109.40 -35.19 71.41
C GLY NA 31 108.27 -36.16 71.64
N THR NA 32 107.16 -35.94 70.91
CA THR NA 32 106.00 -36.79 71.05
C THR NA 32 105.41 -37.14 69.68
N LEU NA 33 104.98 -38.38 69.51
CA LEU NA 33 104.37 -38.85 68.28
C LEU NA 33 102.92 -39.06 68.68
N ASN NA 34 102.11 -38.01 68.56
CA ASN NA 34 100.73 -38.06 69.00
C ASN NA 34 99.75 -38.37 67.88
N PHE NA 35 99.27 -39.63 67.82
CA PHE NA 35 98.34 -40.00 66.77
C PHE NA 35 96.93 -39.43 67.01
N GLY NA 36 96.66 -39.05 68.24
CA GLY NA 36 95.39 -38.46 68.61
C GLY NA 36 94.43 -39.50 69.12
N LYS NA 37 93.14 -39.15 69.10
CA LYS NA 37 92.08 -40.05 69.56
C LYS NA 37 91.62 -40.95 68.41
N THR NA 38 91.08 -42.11 68.74
CA THR NA 38 90.60 -43.05 67.74
C THR NA 38 89.61 -44.06 68.32
N SER NA 39 88.83 -44.68 67.46
CA SER NA 39 87.85 -45.68 67.87
C SER NA 39 88.46 -47.03 67.85
N GLY NA 40 87.74 -48.06 68.36
CA GLY NA 40 88.24 -49.42 68.43
C GLY NA 40 88.77 -49.93 67.09
N THR NA 41 88.01 -49.70 66.03
CA THR NA 41 88.38 -50.15 64.70
C THR NA 41 88.47 -48.97 63.73
N TRP NA 42 89.68 -48.58 63.31
CA TRP NA 42 89.84 -47.47 62.38
C TRP NA 42 90.15 -47.99 60.97
N ASN NA 43 89.49 -47.44 59.95
CA ASN NA 43 89.73 -47.88 58.57
C ASN NA 43 90.82 -47.05 57.88
N ASN NA 44 91.02 -45.83 58.33
CA ASN NA 44 92.05 -44.97 57.77
C ASN NA 44 93.36 -45.14 58.53
N VAL NA 45 94.48 -45.08 57.82
CA VAL NA 45 95.81 -45.21 58.39
C VAL NA 45 96.01 -44.04 59.36
N LEU NA 46 96.20 -44.30 60.66
CA LEU NA 46 96.33 -43.15 61.58
C LEU NA 46 97.75 -42.60 61.41
N THR NA 47 97.89 -41.29 61.23
CA THR NA 47 99.17 -40.72 60.90
C THR NA 47 99.46 -39.38 61.57
N ALA NA 48 100.58 -39.25 62.29
CA ALA NA 48 100.95 -37.99 62.94
C ALA NA 48 102.46 -37.82 62.91
N GLU NA 49 102.92 -36.59 63.05
CA GLU NA 49 104.33 -36.25 63.02
C GLU NA 49 104.85 -35.99 64.42
N VAL NA 50 106.15 -36.19 64.61
CA VAL NA 50 106.76 -35.92 65.90
C VAL NA 50 106.69 -34.43 66.23
N ALA NA 51 106.40 -34.10 67.49
CA ALA NA 51 106.35 -32.71 67.92
C ALA NA 51 107.44 -32.55 68.98
N SER NA 52 108.50 -31.79 68.69
CA SER NA 52 109.59 -31.60 69.64
C SER NA 52 109.08 -31.11 71.00
N ALA NA 53 109.65 -31.63 72.10
CA ALA NA 53 109.20 -31.21 73.43
C ALA NA 53 109.59 -29.78 73.81
N ALA NA 54 110.63 -29.25 73.17
CA ALA NA 54 111.10 -27.90 73.47
C ALA NA 54 110.33 -26.80 72.74
N THR NA 55 110.12 -26.95 71.44
CA THR NA 55 109.42 -25.93 70.67
C THR NA 55 108.01 -26.29 70.23
N GLY NA 56 107.77 -27.54 69.90
CA GLY NA 56 106.46 -27.97 69.42
C GLY NA 56 106.53 -28.37 67.96
N GLY NA 57 107.55 -27.88 67.26
CA GLY NA 57 107.74 -28.20 65.85
C GLY NA 57 108.62 -29.42 65.67
N ASN NA 58 109.33 -29.50 64.55
CA ASN NA 58 110.19 -30.66 64.28
C ASN NA 58 111.56 -30.53 64.97
N ILE NA 59 112.16 -31.67 65.30
CA ILE NA 59 113.47 -31.67 65.94
C ILE NA 59 114.45 -30.96 64.99
N SER NA 60 115.17 -29.95 65.46
CA SER NA 60 116.08 -29.23 64.58
C SER NA 60 117.52 -29.51 64.94
N VAL NA 61 118.19 -30.38 64.20
CA VAL NA 61 119.58 -30.70 64.52
C VAL NA 61 120.50 -29.72 63.80
N THR NA 62 121.43 -29.11 64.53
CA THR NA 62 122.38 -28.18 63.92
C THR NA 62 123.78 -28.69 64.26
N CYS NA 63 124.75 -28.48 63.39
CA CYS NA 63 126.10 -28.90 63.73
C CYS NA 63 126.92 -27.67 64.06
N ASP NA 64 127.99 -27.86 64.82
CA ASP NA 64 128.85 -26.76 65.23
C ASP NA 64 130.16 -26.74 64.43
N GLY NA 65 130.19 -25.99 63.32
CA GLY NA 65 131.38 -25.90 62.50
C GLY NA 65 131.14 -25.17 61.20
N THR NA 66 132.12 -25.22 60.30
CA THR NA 66 132.03 -24.58 59.00
C THR NA 66 131.86 -25.54 57.81
N ASP NA 67 132.34 -26.77 57.89
CA ASP NA 67 132.15 -27.66 56.75
C ASP NA 67 130.87 -28.49 56.94
N PRO NA 68 130.16 -28.78 55.83
CA PRO NA 68 128.93 -29.54 56.00
C PRO NA 68 129.19 -30.94 56.57
N VAL NA 69 128.69 -31.23 57.78
CA VAL NA 69 128.91 -32.54 58.38
C VAL NA 69 127.81 -33.54 58.02
N ASP NA 70 128.16 -34.81 57.85
CA ASP NA 70 127.19 -35.83 57.53
C ASP NA 70 126.89 -36.61 58.81
N PHE NA 71 125.74 -36.38 59.43
CA PHE NA 71 125.38 -37.06 60.66
C PHE NA 71 124.29 -38.07 60.40
N THR NA 72 124.22 -39.09 61.25
CA THR NA 72 123.21 -40.11 61.05
C THR NA 72 122.12 -40.10 62.12
N VAL NA 73 120.97 -40.69 61.78
CA VAL NA 73 119.85 -40.77 62.69
C VAL NA 73 119.37 -42.22 62.79
N ALA NA 74 119.26 -42.76 64.02
CA ALA NA 74 118.81 -44.14 64.19
C ALA NA 74 117.73 -44.17 65.27
N ILE NA 75 116.64 -44.88 65.01
CA ILE NA 75 115.56 -45.00 65.97
C ILE NA 75 115.50 -46.48 66.31
N ASP NA 76 115.22 -46.80 67.56
CA ASP NA 76 115.15 -48.19 68.00
C ASP NA 76 113.71 -48.73 67.87
N GLY NA 77 113.46 -49.97 68.33
CA GLY NA 77 112.16 -50.60 68.24
C GLY NA 77 111.13 -50.36 69.34
N GLY NA 78 111.35 -49.38 70.22
CA GLY NA 78 110.41 -49.10 71.29
C GLY NA 78 110.68 -49.94 72.53
N GLU NA 79 109.83 -49.78 73.54
CA GLU NA 79 109.96 -50.51 74.78
C GLU NA 79 110.03 -52.00 74.61
N ARG NA 80 109.19 -52.58 73.77
CA ARG NA 80 109.20 -54.04 73.61
C ARG NA 80 110.02 -54.57 72.43
N THR NA 81 110.69 -53.65 71.72
CA THR NA 81 111.54 -53.91 70.54
C THR NA 81 110.81 -54.33 69.23
N ASP NA 82 109.49 -54.20 69.18
CA ASP NA 82 108.74 -54.53 67.96
C ASP NA 82 107.75 -53.42 67.55
N ARG NA 83 108.04 -52.20 67.96
CA ARG NA 83 107.24 -51.01 67.65
C ARG NA 83 105.74 -51.20 67.90
N THR NA 84 105.39 -51.55 69.13
CA THR NA 84 103.99 -51.72 69.51
C THR NA 84 103.65 -50.81 70.68
N LEU NA 85 102.54 -50.09 70.60
CA LEU NA 85 102.17 -49.28 71.73
C LEU NA 85 101.40 -50.18 72.68
N LYS NA 86 101.58 -50.03 73.98
CA LYS NA 86 100.89 -50.89 74.91
C LYS NA 86 99.86 -50.14 75.73
N ASN NA 87 98.72 -50.76 76.03
CA ASN NA 87 97.74 -50.08 76.80
C ASN NA 87 98.28 -49.94 78.20
N THR NA 88 98.10 -48.79 78.84
CA THR NA 88 98.57 -48.59 80.21
C THR NA 88 98.06 -49.64 81.19
N ALA NA 89 96.80 -50.10 81.05
CA ALA NA 89 96.26 -51.09 82.00
C ALA NA 89 96.23 -52.55 81.52
N SER NA 90 95.61 -52.76 80.37
CA SER NA 90 95.50 -54.10 79.76
C SER NA 90 96.76 -54.46 78.96
N ALA NA 91 96.79 -55.65 78.38
CA ALA NA 91 97.95 -56.08 77.60
C ALA NA 91 97.79 -55.94 76.08
N ASP NA 92 96.78 -55.18 75.63
CA ASP NA 92 96.56 -55.00 74.21
C ASP NA 92 97.73 -54.22 73.58
N VAL NA 93 98.06 -54.51 72.33
CA VAL NA 93 99.17 -53.82 71.67
C VAL NA 93 98.71 -53.19 70.35
N VAL NA 94 99.37 -52.11 69.94
CA VAL NA 94 99.03 -51.44 68.69
C VAL NA 94 100.30 -51.27 67.84
N ALA NA 95 100.48 -52.10 66.83
CA ALA NA 95 101.67 -52.02 65.98
C ALA NA 95 101.74 -50.71 65.18
N TYR NA 96 102.92 -50.09 65.12
CA TYR NA 96 103.12 -48.87 64.36
C TYR NA 96 104.51 -48.86 63.74
N ASN NA 97 104.88 -47.77 63.05
CA ASN NA 97 106.20 -47.64 62.44
C ASN NA 97 106.49 -46.16 62.22
N VAL NA 98 107.76 -45.80 62.17
CA VAL NA 98 108.15 -44.42 61.95
C VAL NA 98 108.86 -44.32 60.60
N TYR NA 99 108.43 -43.40 59.73
CA TYR NA 99 109.08 -43.25 58.44
C TYR NA 99 109.79 -41.89 58.41
N ARG NA 100 110.66 -41.71 57.43
CA ARG NA 100 111.43 -40.48 57.31
C ARG NA 100 110.84 -39.47 56.32
N ASP NA 101 110.26 -39.97 55.23
CA ASP NA 101 109.69 -39.08 54.23
C ASP NA 101 108.18 -38.92 54.41
N ALA NA 102 107.65 -37.83 53.85
CA ALA NA 102 106.22 -37.50 53.95
C ALA NA 102 105.23 -38.50 53.35
N ALA NA 103 105.67 -39.35 52.43
CA ALA NA 103 104.83 -40.36 51.84
C ALA NA 103 104.90 -41.76 52.49
N ARG NA 104 105.38 -41.85 53.74
CA ARG NA 104 105.44 -43.13 54.47
C ARG NA 104 106.17 -44.25 53.72
N THR NA 105 107.19 -43.90 52.93
CA THR NA 105 107.94 -44.89 52.15
C THR NA 105 109.32 -45.26 52.73
N ASN NA 106 110.15 -44.26 53.04
CA ASN NA 106 111.48 -44.48 53.56
C ASN NA 106 111.38 -44.73 55.05
N LEU NA 107 111.34 -46.00 55.42
CA LEU NA 107 111.19 -46.43 56.80
C LEU NA 107 112.47 -46.29 57.64
N TYR NA 108 112.31 -45.85 58.89
CA TYR NA 108 113.46 -45.77 59.77
C TYR NA 108 113.62 -47.18 60.28
N VAL NA 109 114.39 -47.99 59.57
CA VAL NA 109 114.59 -49.40 59.97
C VAL NA 109 115.17 -49.49 61.38
N VAL NA 110 114.71 -50.49 62.16
CA VAL NA 110 115.17 -50.68 63.53
C VAL NA 110 116.69 -50.69 63.65
N ASN NA 111 117.24 -49.92 64.59
CA ASN NA 111 118.69 -49.83 64.81
C ASN NA 111 119.49 -49.62 63.52
N GLN NA 112 119.07 -48.66 62.70
CA GLN NA 112 119.79 -48.37 61.48
C GLN NA 112 120.07 -46.87 61.34
N PRO NA 113 121.30 -46.51 60.90
CA PRO NA 113 121.66 -45.11 60.77
C PRO NA 113 121.14 -44.42 59.51
N GLN NA 114 119.90 -43.97 59.49
CA GLN NA 114 119.43 -43.30 58.29
C GLN NA 114 120.27 -42.02 58.14
N GLN NA 115 121.08 -41.91 57.07
CA GLN NA 115 121.96 -40.75 56.79
C GLN NA 115 121.23 -39.38 56.73
N PHE NA 116 122.00 -38.31 57.01
CA PHE NA 116 121.50 -36.94 56.98
C PHE NA 116 122.61 -35.92 56.73
N THR NA 117 122.28 -34.80 56.11
CA THR NA 117 123.27 -33.76 55.83
C THR NA 117 122.98 -32.51 56.67
N THR NA 118 124.00 -31.68 56.88
CA THR NA 118 123.84 -30.47 57.67
C THR NA 118 124.91 -29.45 57.28
N VAL NA 119 124.52 -28.21 56.97
CA VAL NA 119 125.50 -27.19 56.59
C VAL NA 119 125.67 -26.18 57.73
N SER NA 120 126.74 -25.38 57.64
CA SER NA 120 127.03 -24.36 58.64
C SER NA 120 125.98 -23.26 58.65
N GLY NA 121 125.73 -22.69 59.83
CA GLY NA 121 124.75 -21.61 59.98
C GLY NA 121 123.35 -22.00 59.54
N GLN NA 122 122.97 -23.24 59.82
CA GLN NA 122 121.64 -23.74 59.46
C GLN NA 122 121.27 -24.92 60.36
N ALA NA 123 119.98 -25.11 60.59
CA ALA NA 123 119.52 -26.23 61.41
C ALA NA 123 118.71 -27.14 60.50
N THR NA 124 119.02 -28.43 60.46
CA THR NA 124 118.29 -29.37 59.61
C THR NA 124 117.22 -30.04 60.47
N ALA NA 125 116.02 -30.25 59.91
CA ALA NA 125 114.94 -30.87 60.66
C ALA NA 125 114.98 -32.40 60.52
N VAL NA 126 114.59 -33.12 61.57
CA VAL NA 126 114.56 -34.57 61.54
C VAL NA 126 113.11 -35.00 61.50
N PRO NA 127 112.61 -35.30 60.28
CA PRO NA 127 111.21 -35.68 60.21
C PRO NA 127 111.01 -37.12 60.67
N ILE NA 128 110.28 -37.31 61.75
CA ILE NA 128 109.99 -38.65 62.22
C ILE NA 128 108.49 -38.75 61.98
N PHE NA 129 108.11 -39.32 60.84
CA PHE NA 129 106.70 -39.42 60.49
C PHE NA 129 106.14 -40.76 60.97
N GLY NA 130 105.14 -40.70 61.87
CA GLY NA 130 104.55 -41.92 62.35
C GLY NA 130 103.44 -42.38 61.41
N ALA NA 131 103.12 -43.66 61.48
CA ALA NA 131 102.08 -44.26 60.67
C ALA NA 131 101.58 -45.55 61.32
N ILE NA 132 100.27 -45.73 61.38
CA ILE NA 132 99.67 -46.92 61.93
C ILE NA 132 98.74 -47.58 60.89
N ALA NA 133 98.84 -48.90 60.74
CA ALA NA 133 98.05 -49.64 59.77
C ALA NA 133 96.55 -49.62 60.12
N PRO NA 134 95.70 -49.76 59.09
CA PRO NA 134 94.26 -49.75 59.36
C PRO NA 134 93.84 -51.05 60.07
N ASN NA 135 93.31 -50.93 61.28
CA ASN NA 135 92.86 -52.08 62.03
C ASN NA 135 91.37 -52.24 61.76
N THR NA 136 91.01 -53.20 60.91
CA THR NA 136 89.60 -53.43 60.60
C THR NA 136 89.24 -54.86 60.98
N GLY NA 137 89.90 -55.37 62.01
CA GLY NA 137 89.65 -56.73 62.48
C GLY NA 137 89.08 -56.77 63.88
N THR NA 138 89.93 -56.61 64.89
CA THR NA 138 89.48 -56.65 66.28
C THR NA 138 89.58 -55.28 66.94
N PRO NA 139 88.54 -54.89 67.70
CA PRO NA 139 88.58 -53.58 68.36
C PRO NA 139 89.43 -53.62 69.63
N LYS NA 140 90.55 -52.89 69.66
CA LYS NA 140 91.42 -52.87 70.83
C LYS NA 140 90.71 -52.21 72.01
N ALA NA 141 90.99 -52.66 73.23
CA ALA NA 141 90.35 -52.11 74.42
C ALA NA 141 90.53 -50.59 74.61
N GLN NA 142 89.56 -49.96 75.27
CA GLN NA 142 89.59 -48.52 75.52
C GLN NA 142 90.72 -48.14 76.47
N GLY NA 143 91.19 -46.90 76.37
CA GLY NA 143 92.27 -46.44 77.22
C GLY NA 143 93.35 -45.70 76.45
N ASP NA 144 94.52 -45.55 77.06
CA ASP NA 144 95.64 -44.85 76.43
C ASP NA 144 96.76 -45.84 76.05
N TYR NA 145 97.23 -45.80 74.80
CA TYR NA 145 98.30 -46.68 74.38
C TYR NA 145 99.57 -45.85 74.30
N LYS NA 146 100.70 -46.37 74.81
CA LYS NA 146 101.95 -45.62 74.80
C LYS NA 146 103.16 -46.45 74.38
N ASP NA 147 104.25 -45.73 74.08
CA ASP NA 147 105.54 -46.32 73.73
C ASP NA 147 106.56 -45.20 73.83
N THR NA 148 107.81 -45.56 74.06
CA THR NA 148 108.88 -44.59 74.17
C THR NA 148 109.98 -44.99 73.21
N LEU NA 149 109.99 -44.40 72.02
CA LEU NA 149 111.02 -44.75 71.06
C LEU NA 149 112.28 -43.97 71.46
N LEU NA 150 113.44 -44.60 71.40
CA LEU NA 150 114.68 -43.90 71.74
C LEU NA 150 115.28 -43.51 70.40
N VAL NA 151 115.38 -42.22 70.11
CA VAL NA 151 115.99 -41.77 68.86
C VAL NA 151 117.45 -41.55 69.20
N THR NA 152 118.35 -42.06 68.33
CA THR NA 152 119.78 -42.05 68.53
C THR NA 152 120.52 -41.25 67.47
N VAL NA 153 120.75 -39.96 67.71
CA VAL NA 153 121.50 -39.14 66.76
C VAL NA 153 122.97 -39.47 67.00
N ASN NA 154 123.63 -40.14 66.07
CA ASN NA 154 125.01 -40.52 66.28
C ASN NA 154 125.85 -40.12 65.09
N PHE NA 155 127.15 -40.08 65.33
CA PHE NA 155 128.09 -39.61 64.33
C PHE NA 155 129.06 -40.72 63.94
N ALA OA 1 127.31 -38.93 70.17
CA ALA OA 1 126.18 -39.83 70.42
C ALA OA 1 125.13 -39.16 71.30
N VAL OA 2 124.12 -38.56 70.67
CA VAL OA 2 123.04 -37.92 71.40
C VAL OA 2 121.77 -38.78 71.30
N THR OA 3 121.57 -39.64 72.29
CA THR OA 3 120.39 -40.51 72.34
C THR OA 3 119.24 -39.78 73.10
N GLY OA 4 118.05 -39.81 72.50
CA GLY OA 4 116.90 -39.16 73.08
C GLY OA 4 115.59 -39.92 73.03
N GLN OA 5 114.57 -39.49 73.78
CA GLN OA 5 113.30 -40.20 73.80
C GLN OA 5 112.14 -39.53 73.02
N VAL OA 6 111.26 -40.34 72.43
CA VAL OA 6 110.13 -39.82 71.67
C VAL OA 6 108.90 -40.57 72.18
N ASP OA 7 108.05 -39.93 72.98
CA ASP OA 7 106.91 -40.62 73.52
C ASP OA 7 105.84 -40.79 72.42
N VAL OA 8 105.39 -42.02 72.22
CA VAL OA 8 104.38 -42.30 71.21
C VAL OA 8 103.05 -42.50 71.94
N LYS OA 9 101.96 -41.96 71.41
CA LYS OA 9 100.68 -42.08 72.08
C LYS OA 9 99.51 -42.28 71.13
N LEU OA 10 98.44 -42.88 71.64
CA LEU OA 10 97.22 -43.13 70.88
C LEU OA 10 96.11 -43.35 71.90
N ASN OA 11 95.00 -42.61 71.79
CA ASN OA 11 93.92 -42.73 72.74
C ASN OA 11 92.76 -43.45 72.08
N ILE OA 12 92.71 -44.77 72.22
CA ILE OA 12 91.63 -45.54 71.65
C ILE OA 12 90.43 -45.41 72.58
N SER OA 13 89.38 -44.67 72.16
CA SER OA 13 88.18 -44.49 72.98
C SER OA 13 86.91 -44.22 72.12
N THR OA 14 86.87 -43.10 71.42
CA THR OA 14 85.73 -42.69 70.59
C THR OA 14 86.23 -41.63 69.60
N GLY OA 15 86.61 -42.07 68.38
CA GLY OA 15 87.13 -41.16 67.36
C GLY OA 15 86.29 -40.91 66.12
N CYS OA 16 86.87 -40.10 65.23
CA CYS OA 16 86.25 -39.67 63.99
C CYS OA 16 87.06 -40.22 62.80
N THR OA 17 86.37 -40.63 61.73
CA THR OA 17 87.04 -41.22 60.55
C THR OA 17 86.77 -40.46 59.25
N VAL OA 18 87.73 -40.48 58.32
CA VAL OA 18 87.56 -39.78 57.05
C VAL OA 18 87.27 -40.76 55.90
N GLY OA 19 86.13 -40.60 55.22
CA GLY OA 19 85.79 -41.47 54.12
C GLY OA 19 86.16 -40.82 52.79
N GLY OA 20 86.21 -41.61 51.72
CA GLY OA 20 86.57 -41.10 50.41
C GLY OA 20 88.05 -41.26 50.08
N SER OA 21 88.81 -41.82 51.01
CA SER OA 21 90.23 -42.02 50.80
C SER OA 21 90.56 -43.46 50.47
N GLN OA 22 91.71 -43.65 49.83
CA GLN OA 22 92.20 -44.96 49.45
C GLN OA 22 93.59 -45.04 50.05
N THR OA 23 93.97 -46.18 50.59
CA THR OA 23 95.28 -46.29 51.20
C THR OA 23 96.37 -46.50 50.13
N GLU OA 24 97.12 -45.45 49.79
CA GLU OA 24 98.21 -45.60 48.84
C GLU OA 24 99.39 -46.10 49.65
N GLY OA 25 99.63 -47.41 49.65
CA GLY OA 25 100.72 -47.95 50.44
C GLY OA 25 100.39 -47.65 51.89
N ASN OA 26 101.22 -46.86 52.58
CA ASN OA 26 100.96 -46.53 53.99
C ASN OA 26 100.57 -45.06 54.17
N MET OA 27 100.08 -44.43 53.11
CA MET OA 27 99.68 -43.03 53.17
C MET OA 27 98.27 -42.85 52.57
N ASN OA 28 97.34 -42.26 53.30
CA ASN OA 28 95.97 -42.10 52.82
C ASN OA 28 95.86 -41.18 51.59
N LYS OA 29 95.46 -41.74 50.44
CA LYS OA 29 95.26 -40.94 49.23
C LYS OA 29 93.86 -40.34 49.31
N PHE OA 30 93.77 -39.05 49.61
CA PHE OA 30 92.47 -38.41 49.76
C PHE OA 30 91.80 -38.06 48.44
N GLY OA 31 92.53 -37.55 47.46
CA GLY OA 31 91.88 -37.22 46.21
C GLY OA 31 92.74 -36.52 45.19
N THR OA 32 92.09 -35.88 44.22
CA THR OA 32 92.80 -35.17 43.16
C THR OA 32 92.16 -33.81 42.88
N LEU OA 33 92.99 -32.80 42.66
CA LEU OA 33 92.51 -31.46 42.36
C LEU OA 33 92.92 -31.29 40.89
N ASN OA 34 92.03 -31.69 39.99
CA ASN OA 34 92.33 -31.68 38.57
C ASN OA 34 91.83 -30.44 37.86
N PHE OA 35 92.72 -29.49 37.57
CA PHE OA 35 92.31 -28.26 36.90
C PHE OA 35 92.01 -28.49 35.41
N GLY OA 36 92.53 -29.59 34.87
CA GLY OA 36 92.30 -29.94 33.49
C GLY OA 36 93.41 -29.44 32.59
N LYS OA 37 93.11 -29.37 31.30
CA LYS OA 37 94.08 -28.90 30.31
C LYS OA 37 93.99 -27.37 30.18
N THR OA 38 95.09 -26.75 29.75
CA THR OA 38 95.14 -25.30 29.59
C THR OA 38 96.27 -24.86 28.66
N SER OA 39 96.16 -23.66 28.13
CA SER OA 39 97.17 -23.11 27.23
C SER OA 39 98.19 -22.37 28.02
N GLY OA 40 99.29 -21.92 27.36
CA GLY OA 40 100.37 -21.22 28.02
C GLY OA 40 99.89 -20.04 28.84
N THR OA 41 99.02 -19.22 28.25
CA THR OA 41 98.49 -18.04 28.93
C THR OA 41 96.96 -18.10 29.01
N TRP OA 42 96.42 -18.31 30.22
CA TRP OA 42 94.97 -18.37 30.40
C TRP OA 42 94.44 -17.07 31.03
N ASN OA 43 93.35 -16.53 30.49
CA ASN OA 43 92.79 -15.28 31.03
C ASN OA 43 91.74 -15.53 32.10
N ASN OA 44 91.11 -16.70 32.05
CA ASN OA 44 90.10 -17.07 33.03
C ASN OA 44 90.76 -17.80 34.21
N VAL OA 45 90.25 -17.56 35.42
CA VAL OA 45 90.75 -18.21 36.63
C VAL OA 45 90.50 -19.72 36.49
N LEU OA 46 91.54 -20.54 36.48
CA LEU OA 46 91.28 -21.99 36.30
C LEU OA 46 90.78 -22.52 37.61
N THR OA 47 89.67 -23.26 37.61
CA THR OA 47 89.03 -23.68 38.86
C THR OA 47 88.46 -25.08 38.84
N ALA OA 48 88.86 -25.95 39.78
CA ALA OA 48 88.33 -27.31 39.86
C ALA OA 48 88.22 -27.73 41.31
N GLU OA 49 87.38 -28.73 41.57
CA GLU OA 49 87.13 -29.23 42.91
C GLU OA 49 87.84 -30.55 43.12
N VAL OA 50 88.14 -30.86 44.39
CA VAL OA 50 88.79 -32.11 44.71
C VAL OA 50 87.87 -33.28 44.39
N ALA OA 51 88.45 -34.37 43.84
CA ALA OA 51 87.67 -35.55 43.53
C ALA OA 51 88.27 -36.68 44.38
N SER OA 52 87.52 -37.19 45.36
CA SER OA 52 88.01 -38.25 46.24
C SER OA 52 88.52 -39.46 45.43
N ALA OA 53 89.63 -40.06 45.86
CA ALA OA 53 90.19 -41.20 45.12
C ALA OA 53 89.35 -42.47 45.24
N ALA OA 54 88.55 -42.58 46.30
CA ALA OA 54 87.73 -43.77 46.53
C ALA OA 54 86.41 -43.77 45.76
N THR OA 55 85.67 -42.67 45.81
CA THR OA 55 84.39 -42.60 45.13
C THR OA 55 84.35 -41.73 43.86
N GLY OA 56 85.08 -40.62 43.87
CA GLY OA 56 85.06 -39.72 42.74
C GLY OA 56 84.41 -38.40 43.12
N GLY OA 57 83.60 -38.42 44.17
CA GLY OA 57 82.93 -37.22 44.66
C GLY OA 57 83.76 -36.51 45.71
N ASN OA 58 83.10 -35.79 46.61
CA ASN OA 58 83.80 -35.05 47.64
C ASN OA 58 84.17 -35.93 48.85
N ILE OA 59 85.27 -35.59 49.52
CA ILE OA 59 85.70 -36.35 50.68
C ILE OA 59 84.56 -36.31 51.71
N SER OA 60 84.12 -37.48 52.20
CA SER OA 60 83.01 -37.49 53.14
C SER OA 60 83.49 -37.90 54.52
N VAL OA 61 83.67 -36.94 55.43
CA VAL OA 61 84.14 -37.28 56.76
C VAL OA 61 82.95 -37.60 57.66
N THR OA 62 82.96 -38.73 58.36
CA THR OA 62 81.88 -39.07 59.26
C THR OA 62 82.52 -39.32 60.64
N CYS OA 63 81.81 -39.03 61.72
CA CYS OA 63 82.38 -39.25 63.03
C CYS OA 63 81.70 -40.44 63.70
N ASP OA 64 82.47 -41.35 64.29
CA ASP OA 64 81.91 -42.53 64.95
C ASP OA 64 81.43 -42.16 66.35
N GLY OA 65 80.29 -41.49 66.43
CA GLY OA 65 79.72 -41.08 67.70
C GLY OA 65 78.27 -40.71 67.54
N THR OA 66 77.61 -40.40 68.66
CA THR OA 66 76.20 -40.02 68.62
C THR OA 66 76.00 -38.51 68.72
N ASP OA 67 76.65 -37.90 69.71
CA ASP OA 67 76.57 -36.46 69.92
C ASP OA 67 77.37 -35.74 68.84
N PRO OA 68 77.04 -34.48 68.55
CA PRO OA 68 77.82 -33.80 67.50
C PRO OA 68 79.30 -33.63 67.88
N VAL OA 69 80.20 -33.78 66.91
CA VAL OA 69 81.63 -33.64 67.15
C VAL OA 69 82.18 -32.50 66.31
N ASP OA 70 83.04 -31.65 66.87
CA ASP OA 70 83.59 -30.55 66.11
C ASP OA 70 85.00 -30.93 65.70
N PHE OA 71 85.21 -31.27 64.43
CA PHE OA 71 86.53 -31.67 63.97
C PHE OA 71 87.11 -30.59 63.08
N THR OA 72 88.43 -30.54 62.99
CA THR OA 72 89.06 -29.53 62.18
C THR OA 72 89.73 -30.07 60.92
N VAL OA 73 89.94 -29.19 59.95
CA VAL OA 73 90.57 -29.56 58.70
C VAL OA 73 91.74 -28.60 58.41
N ALA OA 74 92.94 -29.13 58.16
CA ALA OA 74 94.09 -28.29 57.87
C ALA OA 74 94.80 -28.81 56.63
N ILE OA 75 95.15 -27.92 55.70
CA ILE OA 75 95.85 -28.31 54.50
C ILE OA 75 97.19 -27.60 54.57
N ASP OA 76 98.25 -28.26 54.12
CA ASP OA 76 99.58 -27.69 54.16
C ASP OA 76 99.88 -26.92 52.85
N GLY OA 77 101.12 -26.41 52.68
CA GLY OA 77 101.53 -25.65 51.52
C GLY OA 77 102.04 -26.38 50.29
N GLY OA 78 101.87 -27.70 50.22
CA GLY OA 78 102.35 -28.47 49.08
C GLY OA 78 103.79 -28.89 49.22
N GLU OA 79 104.33 -29.55 48.19
CA GLU OA 79 105.70 -30.04 48.19
C GLU OA 79 106.71 -28.97 48.49
N ARG OA 80 106.59 -27.79 47.90
CA ARG OA 80 107.59 -26.75 48.14
C ARG OA 80 107.23 -25.72 49.22
N THR OA 81 106.09 -25.93 49.88
CA THR OA 81 105.51 -25.08 50.95
C THR OA 81 104.97 -23.69 50.53
N ASP OA 82 104.81 -23.44 49.24
CA ASP OA 82 104.26 -22.16 48.77
C ASP OA 82 103.14 -22.35 47.72
N ARG OA 83 102.49 -23.51 47.77
CA ARG OA 83 101.37 -23.85 46.89
C ARG OA 83 101.64 -23.59 45.41
N THR OA 84 102.72 -24.19 44.89
CA THR OA 84 103.07 -24.05 43.48
C THR OA 84 103.14 -25.42 42.83
N LEU OA 85 102.53 -25.57 41.65
CA LEU OA 85 102.63 -26.84 40.98
C LEU OA 85 103.93 -26.79 40.18
N LYS OA 86 104.67 -27.88 40.10
CA LYS OA 86 105.93 -27.87 39.39
C LYS OA 86 105.86 -28.72 38.13
N ASN OA 87 106.52 -28.28 37.05
CA ASN OA 87 106.49 -29.07 35.87
C ASN OA 87 107.31 -30.32 36.13
N THR OA 88 106.85 -31.48 35.69
CA THR OA 88 107.60 -32.71 35.86
C THR OA 88 109.04 -32.65 35.34
N ALA OA 89 109.27 -31.99 34.19
CA ALA OA 89 110.63 -31.93 33.64
C ALA OA 89 111.41 -30.63 33.89
N SER OA 90 110.81 -29.51 33.52
CA SER OA 90 111.42 -28.18 33.69
C SER OA 90 111.20 -27.64 35.11
N ALA OA 91 111.72 -26.45 35.41
CA ALA OA 91 111.56 -25.87 36.74
C ALA OA 91 110.46 -24.80 36.83
N ASP OA 92 109.58 -24.74 35.84
CA ASP OA 92 108.50 -23.76 35.84
C ASP OA 92 107.53 -24.05 36.98
N VAL OA 93 106.93 -23.02 37.57
CA VAL OA 93 106.00 -23.22 38.68
C VAL OA 93 104.66 -22.55 38.39
N VAL OA 94 103.58 -23.09 38.97
CA VAL OA 94 102.24 -22.52 38.76
C VAL OA 94 101.59 -22.29 40.12
N ALA OA 95 101.55 -21.05 40.60
CA ALA OA 95 100.96 -20.75 41.89
C ALA OA 95 99.44 -21.00 41.93
N TYR OA 96 98.95 -21.62 43.01
CA TYR OA 96 97.53 -21.89 43.17
C TYR OA 96 97.14 -21.75 44.64
N ASN OA 97 95.88 -22.02 44.98
CA ASN OA 97 95.40 -21.94 46.35
C ASN OA 97 94.15 -22.80 46.48
N VAL OA 98 93.86 -23.26 47.69
CA VAL OA 98 92.67 -24.07 47.91
C VAL OA 98 91.72 -23.30 48.84
N TYR OA 99 90.46 -23.16 48.45
CA TYR OA 99 89.49 -22.45 49.29
C TYR OA 99 88.47 -23.45 49.80
N ARG OA 100 87.71 -23.05 50.81
CA ARG OA 100 86.71 -23.91 51.42
C ARG OA 100 85.29 -23.69 50.89
N ASP OA 101 84.95 -22.45 50.58
CA ASP OA 101 83.61 -22.15 50.08
C ASP OA 101 83.58 -22.04 48.57
N ALA OA 102 82.40 -22.22 47.99
CA ALA OA 102 82.16 -22.19 46.54
C ALA OA 102 82.53 -20.88 45.81
N ALA OA 103 82.58 -19.76 46.52
CA ALA OA 103 82.94 -18.47 45.94
C ALA OA 103 84.42 -18.10 46.08
N ARG OA 104 85.32 -19.06 46.34
CA ARG OA 104 86.76 -18.79 46.44
C ARG OA 104 87.14 -17.69 47.44
N THR OA 105 86.38 -17.55 48.52
CA THR OA 105 86.64 -16.52 49.53
C THR OA 105 87.31 -17.01 50.82
N ASN OA 106 86.77 -18.06 51.43
CA ASN OA 106 87.29 -18.61 52.67
C ASN OA 106 88.46 -19.51 52.34
N LEU OA 107 89.66 -18.96 52.40
CA LEU OA 107 90.87 -19.68 52.06
C LEU OA 107 91.34 -20.67 53.14
N TYR OA 108 91.83 -21.84 52.71
CA TYR OA 108 92.36 -22.79 53.66
C TYR OA 108 93.75 -22.30 53.91
N VAL OA 109 93.92 -21.43 54.90
CA VAL OA 109 95.23 -20.87 55.21
C VAL OA 109 96.26 -21.97 55.54
N VAL OA 110 97.50 -21.81 55.09
CA VAL OA 110 98.56 -22.79 55.31
C VAL OA 110 98.67 -23.22 56.78
N ASN OA 111 98.70 -24.54 57.04
CA ASN OA 111 98.80 -25.07 58.40
C ASN OA 111 97.82 -24.44 59.38
N GLN OA 112 96.54 -24.35 58.98
CA GLN OA 112 95.53 -23.79 59.88
C GLN OA 112 94.32 -24.72 59.97
N PRO OA 113 93.78 -24.90 61.19
CA PRO OA 113 92.64 -25.78 61.39
C PRO OA 113 91.28 -25.17 61.02
N GLN OA 114 90.91 -25.16 59.75
CA GLN OA 114 89.62 -24.61 59.41
C GLN OA 114 88.55 -25.51 60.09
N GLN OA 115 87.79 -24.96 61.05
CA GLN OA 115 86.74 -25.70 61.81
C GLN OA 115 85.66 -26.37 60.93
N PHE OA 116 85.05 -27.43 61.48
CA PHE OA 116 83.97 -28.17 60.81
C PHE OA 116 83.06 -28.89 61.82
N THR OA 117 81.79 -29.08 61.44
CA THR OA 117 80.84 -29.76 62.32
C THR OA 117 80.44 -31.07 61.70
N THR OA 118 80.01 -32.00 62.53
CA THR OA 118 79.57 -33.28 62.05
C THR OA 118 78.45 -33.66 63.03
N VAL OA 119 77.37 -34.25 62.51
CA VAL OA 119 76.19 -34.54 63.30
C VAL OA 119 75.78 -36.02 63.29
N SER OA 120 74.75 -36.34 64.08
CA SER OA 120 74.27 -37.70 64.24
C SER OA 120 73.99 -38.45 62.92
N GLY OA 121 74.56 -39.64 62.78
CA GLY OA 121 74.33 -40.50 61.63
C GLY OA 121 74.52 -39.82 60.30
N GLN OA 122 75.57 -39.00 60.15
CA GLN OA 122 75.74 -38.34 58.86
C GLN OA 122 77.20 -38.18 58.46
N ALA OA 123 77.46 -38.08 57.15
CA ALA OA 123 78.80 -37.87 56.65
C ALA OA 123 78.84 -36.42 56.13
N THR OA 124 79.76 -35.62 56.65
CA THR OA 124 79.91 -34.24 56.20
C THR OA 124 80.97 -34.19 55.09
N ALA OA 125 80.73 -33.39 54.06
CA ALA OA 125 81.69 -33.30 52.96
C ALA OA 125 82.75 -32.23 53.22
N VAL OA 126 83.96 -32.47 52.74
CA VAL OA 126 85.04 -31.50 52.93
C VAL OA 126 85.33 -30.87 51.57
N PRO OA 127 84.75 -29.68 51.34
CA PRO OA 127 84.96 -29.06 50.04
C PRO OA 127 86.35 -28.44 49.96
N ILE OA 128 87.20 -28.95 49.08
CA ILE OA 128 88.50 -28.38 48.89
C ILE OA 128 88.40 -27.80 47.48
N PHE OA 129 88.08 -26.51 47.39
CA PHE OA 129 87.91 -25.87 46.10
C PHE OA 129 89.22 -25.26 45.63
N GLY OA 130 89.75 -25.72 44.50
CA GLY OA 130 90.99 -25.17 44.00
C GLY OA 130 90.70 -23.94 43.15
N ALA OA 131 91.71 -23.10 43.00
CA ALA OA 131 91.61 -21.88 42.21
C ALA OA 131 93.01 -21.43 41.78
N ILE OA 132 93.16 -21.07 40.51
CA ILE OA 132 94.42 -20.57 39.98
C ILE OA 132 94.22 -19.18 39.36
N ALA OA 133 95.13 -18.26 39.66
CA ALA OA 133 95.03 -16.90 39.14
C ALA OA 133 95.22 -16.82 37.63
N PRO OA 134 94.66 -15.79 37.00
CA PRO OA 134 94.80 -15.66 35.55
C PRO OA 134 96.23 -15.27 35.19
N ASN OA 135 96.93 -16.12 34.44
CA ASN OA 135 98.28 -15.84 34.01
C ASN OA 135 98.20 -15.21 32.63
N THR OA 136 98.37 -13.88 32.56
CA THR OA 136 98.32 -13.20 31.28
C THR OA 136 99.64 -12.47 31.05
N GLY OA 137 100.72 -13.06 31.57
CA GLY OA 137 102.04 -12.48 31.43
C GLY OA 137 102.99 -13.35 30.62
N THR OA 138 103.53 -14.39 31.26
CA THR OA 138 104.47 -15.29 30.58
C THR OA 138 103.86 -16.67 30.37
N PRO OA 139 104.04 -17.25 29.16
CA PRO OA 139 103.49 -18.58 28.91
C PRO OA 139 104.36 -19.69 29.52
N LYS OA 140 103.84 -20.42 30.52
CA LYS OA 140 104.61 -21.49 31.15
C LYS OA 140 104.86 -22.62 30.16
N ALA OA 141 106.00 -23.28 30.28
CA ALA OA 141 106.36 -24.37 29.36
C ALA OA 141 105.33 -25.53 29.30
N GLN OA 142 105.28 -26.21 28.15
CA GLN OA 142 104.35 -27.32 27.94
C GLN OA 142 104.69 -28.51 28.82
N GLY OA 143 103.69 -29.33 29.14
CA GLY OA 143 103.91 -30.50 29.98
C GLY OA 143 102.87 -30.63 31.07
N ASP OA 144 103.18 -31.44 32.08
CA ASP OA 144 102.26 -31.67 33.19
C ASP OA 144 102.77 -31.01 34.48
N TYR OA 145 101.94 -30.22 35.16
CA TYR OA 145 102.34 -29.58 36.40
C TYR OA 145 101.69 -30.35 37.53
N LYS OA 146 102.42 -30.64 38.61
CA LYS OA 146 101.87 -31.40 39.73
C LYS OA 146 102.24 -30.82 41.10
N ASP OA 147 101.53 -31.30 42.11
CA ASP OA 147 101.75 -30.95 43.52
C ASP OA 147 101.00 -31.97 44.34
N THR OA 148 101.45 -32.19 45.57
CA THR OA 148 100.79 -33.12 46.46
C THR OA 148 100.48 -32.42 47.76
N LEU OA 149 99.26 -31.90 47.91
CA LEU OA 149 98.91 -31.21 49.14
C LEU OA 149 98.60 -32.28 50.18
N LEU OA 150 99.07 -32.10 51.41
CA LEU OA 150 98.77 -33.06 52.45
C LEU OA 150 97.61 -32.47 53.24
N VAL OA 151 96.44 -33.11 53.21
CA VAL OA 151 95.30 -32.60 53.96
C VAL OA 151 95.38 -33.32 55.30
N THR OA 152 95.22 -32.56 56.40
CA THR OA 152 95.34 -33.03 57.76
C THR OA 152 94.07 -32.92 58.56
N VAL OA 153 93.25 -33.97 58.57
CA VAL OA 153 92.03 -33.97 59.36
C VAL OA 153 92.45 -34.26 60.79
N ASN OA 154 92.36 -33.29 61.70
CA ASN OA 154 92.81 -33.51 63.06
C ASN OA 154 91.75 -33.08 64.03
N PHE OA 155 91.90 -33.57 65.25
CA PHE OA 155 90.91 -33.34 66.27
C PHE OA 155 91.50 -32.57 67.45
N ALA PA 1 94.19 -37.90 64.38
CA ALA PA 1 95.00 -37.26 63.36
C ALA PA 1 95.06 -38.10 62.08
N VAL PA 2 94.18 -37.79 61.13
CA VAL PA 2 94.15 -38.50 59.87
C VAL PA 2 94.72 -37.60 58.76
N THR PA 3 96.01 -37.73 58.50
CA THR PA 3 96.68 -36.95 57.46
C THR PA 3 96.61 -37.71 56.12
N GLY PA 4 96.23 -37.00 55.06
CA GLY PA 4 96.10 -37.58 53.76
C GLY PA 4 96.61 -36.77 52.59
N GLN PA 5 96.77 -37.36 51.40
CA GLN PA 5 97.30 -36.64 50.25
C GLN PA 5 96.26 -36.24 49.17
N VAL PA 6 96.46 -35.09 48.53
CA VAL PA 6 95.57 -34.61 47.49
C VAL PA 6 96.45 -34.23 46.30
N ASP PA 7 96.47 -35.04 45.24
CA ASP PA 7 97.32 -34.74 44.13
C ASP PA 7 96.72 -33.60 43.32
N VAL PA 8 97.52 -32.55 43.07
CA VAL PA 8 97.06 -31.41 42.30
C VAL PA 8 97.67 -31.53 40.90
N LYS PA 9 96.88 -31.24 39.87
CA LYS PA 9 97.40 -31.36 38.51
C LYS PA 9 96.91 -30.27 37.56
N LEU PA 10 97.67 -30.03 36.51
CA LEU PA 10 97.35 -29.04 35.49
C LEU PA 10 98.16 -29.41 34.25
N ASN PA 11 97.52 -29.55 33.10
CA ASN PA 11 98.21 -29.92 31.89
C ASN PA 11 98.30 -28.72 30.97
N ILE PA 12 99.39 -27.97 31.08
CA ILE PA 12 99.59 -26.82 30.22
C ILE PA 12 100.08 -27.33 28.87
N SER PA 13 99.23 -27.25 27.83
CA SER PA 13 99.60 -27.70 26.48
C SER PA 13 98.84 -26.96 25.36
N THR PA 14 97.51 -27.15 25.30
CA THR PA 14 96.64 -26.55 24.29
C THR PA 14 95.20 -26.61 24.80
N GLY PA 15 94.75 -25.53 25.45
CA GLY PA 15 93.41 -25.47 26.02
C GLY PA 15 92.39 -24.53 25.39
N CYS PA 16 91.21 -24.53 26.00
CA CYS PA 16 90.06 -23.73 25.57
C CYS PA 16 89.71 -22.69 26.63
N THR PA 17 89.32 -21.49 26.21
CA THR PA 17 88.99 -20.40 27.15
C THR PA 17 87.56 -19.86 27.03
N VAL PA 18 86.99 -19.38 28.13
CA VAL PA 18 85.63 -18.86 28.10
C VAL PA 18 85.61 -17.32 28.15
N GLY PA 19 85.04 -16.66 27.15
CA GLY PA 19 84.97 -15.22 27.13
C GLY PA 19 83.61 -14.75 27.64
N GLY PA 20 83.51 -13.46 27.97
CA GLY PA 20 82.28 -12.89 28.50
C GLY PA 20 82.21 -12.89 30.02
N SER PA 21 83.26 -13.37 30.67
CA SER PA 21 83.28 -13.42 32.12
C SER PA 21 84.18 -12.32 32.69
N GLN PA 22 83.91 -11.98 33.95
CA GLN PA 22 84.67 -10.98 34.68
C GLN PA 22 85.14 -11.69 35.94
N THR PA 23 86.37 -11.44 36.36
CA THR PA 23 86.87 -12.10 37.54
C THR PA 23 86.34 -11.43 38.81
N GLU PA 24 85.34 -12.02 39.47
CA GLU PA 24 84.84 -11.46 40.72
C GLU PA 24 85.78 -12.00 41.80
N GLY PA 25 86.77 -11.22 42.21
CA GLY PA 25 87.71 -11.69 43.20
C GLY PA 25 88.42 -12.88 42.58
N ASN PA 26 88.29 -14.08 43.16
CA ASN PA 26 88.96 -15.26 42.60
C ASN PA 26 87.97 -16.26 42.01
N MET PA 27 86.78 -15.76 41.63
CA MET PA 27 85.75 -16.62 41.03
C MET PA 27 85.20 -15.97 39.76
N ASN PA 28 85.22 -16.69 38.63
CA ASN PA 28 84.76 -16.13 37.36
C ASN PA 28 83.26 -15.78 37.34
N LYS PA 29 82.93 -14.49 37.24
CA LYS PA 29 81.53 -14.07 37.17
C LYS PA 29 81.10 -14.21 35.69
N PHE PA 30 80.31 -15.23 35.38
CA PHE PA 30 79.90 -15.47 34.01
C PHE PA 30 78.78 -14.56 33.54
N GLY PA 31 77.76 -14.33 34.36
CA GLY PA 31 76.69 -13.47 33.89
C GLY PA 31 75.50 -13.36 34.83
N THR PA 32 74.38 -12.91 34.29
CA THR PA 32 73.16 -12.74 35.07
C THR PA 32 71.94 -13.27 34.32
N LEU PA 33 71.04 -13.94 35.02
CA LEU PA 33 69.81 -14.46 34.44
C LEU PA 33 68.74 -13.58 35.07
N ASN PA 34 68.44 -12.47 34.43
CA ASN PA 34 67.52 -11.49 34.98
C ASN PA 34 66.09 -11.65 34.44
N PHE PA 35 65.20 -12.24 35.24
CA PHE PA 35 63.83 -12.44 34.79
C PHE PA 35 63.02 -11.13 34.80
N GLY PA 36 63.51 -10.15 35.55
CA GLY PA 36 62.88 -8.85 35.61
C GLY PA 36 61.93 -8.76 36.79
N LYS PA 37 61.02 -7.79 36.72
CA LYS PA 37 60.03 -7.57 37.77
C LYS PA 37 58.80 -8.44 37.52
N THR PA 38 58.06 -8.76 38.58
CA THR PA 38 56.86 -9.58 38.45
C THR PA 38 55.95 -9.43 39.67
N SER PA 39 54.68 -9.79 39.48
CA SER PA 39 53.70 -9.70 40.56
C SER PA 39 53.66 -10.98 41.32
N GLY PA 40 52.92 -11.02 42.44
CA GLY PA 40 52.83 -12.21 43.30
C GLY PA 40 52.46 -13.46 42.52
N THR PA 41 51.44 -13.35 41.67
CA THR PA 41 50.97 -14.48 40.87
C THR PA 41 51.05 -14.17 39.37
N TRP PA 42 52.00 -14.80 38.65
CA TRP PA 42 52.14 -14.57 37.22
C TRP PA 42 51.55 -15.74 36.43
N ASN PA 43 50.78 -15.47 35.38
CA ASN PA 43 50.17 -16.52 34.57
C ASN PA 43 51.05 -16.92 33.39
N ASN PA 44 51.88 -15.99 32.93
CA ASN PA 44 52.79 -16.26 31.84
C ASN PA 44 54.13 -16.80 32.36
N VAL PA 45 54.72 -17.73 31.61
CA VAL PA 45 56.01 -18.33 31.98
C VAL PA 45 57.06 -17.21 31.96
N LEU PA 46 57.70 -16.90 33.09
CA LEU PA 46 58.66 -15.78 33.06
C LEU PA 46 59.93 -16.30 32.40
N THR PA 47 60.46 -15.58 31.42
CA THR PA 47 61.57 -16.09 30.64
C THR PA 47 62.64 -15.04 30.27
N ALA PA 48 63.91 -15.27 30.60
CA ALA PA 48 64.97 -14.34 30.26
C ALA PA 48 66.24 -15.12 29.94
N GLU PA 49 67.15 -14.48 29.21
CA GLU PA 49 68.41 -15.09 28.79
C GLU PA 49 69.56 -14.58 29.63
N VAL PA 50 70.62 -15.36 29.74
CA VAL PA 50 71.79 -14.96 30.48
C VAL PA 50 72.45 -13.75 29.80
N ALA PA 51 72.93 -12.79 30.59
CA ALA PA 51 73.61 -11.62 30.06
C ALA PA 51 75.02 -11.66 30.64
N SER PA 52 76.04 -11.90 29.80
CA SER PA 52 77.42 -11.97 30.27
C SER PA 52 77.82 -10.72 31.07
N ALA PA 53 78.56 -10.90 32.15
CA ALA PA 53 78.96 -9.75 32.98
C ALA PA 53 79.99 -8.83 32.32
N ALA PA 54 80.75 -9.37 31.36
CA ALA PA 54 81.78 -8.60 30.68
C ALA PA 54 81.26 -7.73 29.53
N THR PA 55 80.45 -8.31 28.66
CA THR PA 55 79.93 -7.57 27.51
C THR PA 55 78.45 -7.19 27.59
N GLY PA 56 77.63 -8.06 28.15
CA GLY PA 56 76.20 -7.80 28.22
C GLY PA 56 75.44 -8.78 27.34
N GLY PA 57 76.13 -9.36 26.35
CA GLY PA 57 75.53 -10.33 25.46
C GLY PA 57 75.69 -11.75 25.98
N ASN PA 58 75.72 -12.73 25.07
CA ASN PA 58 75.85 -14.12 25.48
C ASN PA 58 77.31 -14.52 25.75
N ILE PA 59 77.51 -15.48 26.65
CA ILE PA 59 78.86 -15.94 26.97
C ILE PA 59 79.47 -16.47 25.67
N SER PA 60 80.65 -15.99 25.30
CA SER PA 60 81.28 -16.43 24.05
C SER PA 60 82.49 -17.29 24.33
N VAL PA 61 82.36 -18.61 24.22
CA VAL PA 61 83.49 -19.47 24.49
C VAL PA 61 84.30 -19.68 23.20
N THR PA 62 85.61 -19.47 23.25
CA THR PA 62 86.45 -19.68 22.07
C THR PA 62 87.54 -20.66 22.49
N CYS PA 63 88.01 -21.49 21.55
CA CYS PA 63 89.09 -22.40 21.90
C CYS PA 63 90.37 -21.88 21.28
N ASP PA 64 91.50 -22.29 21.85
CA ASP PA 64 92.79 -21.86 21.34
C ASP PA 64 93.50 -22.96 20.56
N GLY PA 65 93.32 -22.99 19.24
CA GLY PA 65 93.94 -23.98 18.40
C GLY PA 65 93.43 -23.94 16.97
N THR PA 66 93.81 -24.97 16.18
CA THR PA 66 93.39 -25.07 14.79
C THR PA 66 92.35 -26.16 14.52
N ASP PA 67 92.31 -27.23 15.28
CA ASP PA 67 91.28 -28.25 14.99
C ASP PA 67 90.03 -27.98 15.82
N PRO PA 68 88.84 -28.27 15.25
CA PRO PA 68 87.62 -28.00 16.02
C PRO PA 68 87.55 -28.83 17.30
N VAL PA 69 87.59 -28.19 18.47
CA VAL PA 69 87.54 -28.93 19.73
C VAL PA 69 86.10 -29.12 20.22
N ASP PA 70 85.82 -30.26 20.85
CA ASP PA 70 84.49 -30.55 21.36
C ASP PA 70 84.53 -30.31 22.88
N PHE PA 71 83.97 -29.20 23.35
CA PHE PA 71 83.98 -28.90 24.77
C PHE PA 71 82.60 -29.06 25.35
N THR PA 72 82.53 -29.32 26.65
CA THR PA 72 81.23 -29.51 27.27
C THR PA 72 80.85 -28.39 28.23
N VAL PA 73 79.54 -28.29 28.48
CA VAL PA 73 79.01 -27.28 29.38
C VAL PA 73 78.12 -27.93 30.44
N ALA PA 74 78.37 -27.67 31.72
CA ALA PA 74 77.56 -28.26 32.78
C ALA PA 74 77.16 -27.17 33.76
N ILE PA 75 75.88 -27.13 34.15
CA ILE PA 75 75.41 -26.15 35.11
C ILE PA 75 74.95 -26.96 36.31
N ASP PA 76 75.16 -26.44 37.50
CA ASP PA 76 74.77 -27.13 38.73
C ASP PA 76 73.34 -26.73 39.14
N GLY PA 77 72.87 -27.20 40.31
CA GLY PA 77 71.54 -26.93 40.81
C GLY PA 77 71.31 -25.67 41.63
N GLY PA 78 72.26 -24.73 41.65
CA GLY PA 78 72.09 -23.52 42.43
C GLY PA 78 72.53 -23.66 43.87
N GLU PA 79 72.38 -22.61 44.66
CA GLU PA 79 72.76 -22.60 46.06
C GLU PA 79 72.18 -23.74 46.85
N ARG PA 80 70.88 -24.03 46.67
CA ARG PA 80 70.26 -25.09 47.47
C ARG PA 80 70.18 -26.45 46.79
N THR PA 81 70.76 -26.55 45.58
CA THR PA 81 70.81 -27.75 44.73
C THR PA 81 69.47 -28.22 44.09
N ASP PA 82 68.42 -27.38 44.13
CA ASP PA 82 67.15 -27.73 43.51
C ASP PA 82 66.58 -26.60 42.62
N ARG PA 83 67.49 -25.75 42.13
CA ARG PA 83 67.16 -24.62 41.24
C ARG PA 83 65.99 -23.77 41.74
N THR PA 84 66.13 -23.25 42.96
CA THR PA 84 65.10 -22.38 43.54
C THR PA 84 65.71 -21.03 43.90
N LEU PA 85 65.06 -19.94 43.54
CA LEU PA 85 65.59 -18.65 43.94
C LEU PA 85 65.04 -18.40 45.33
N LYS PA 86 65.84 -17.79 46.21
CA LYS PA 86 65.37 -17.56 47.56
C LYS PA 86 65.19 -16.07 47.84
N ASN PA 87 64.18 -15.71 48.61
CA ASN PA 87 64.00 -14.32 48.90
C ASN PA 87 65.12 -13.90 49.82
N THR PA 88 65.70 -12.73 49.61
CA THR PA 88 66.77 -12.24 50.47
C THR PA 88 66.39 -12.21 51.96
N ALA PA 89 65.15 -11.84 52.30
CA ALA PA 89 64.77 -11.78 53.72
C ALA PA 89 63.96 -12.96 54.27
N SER PA 90 62.86 -13.28 53.60
CA SER PA 90 61.97 -14.38 53.99
C SER PA 90 62.49 -15.72 53.44
N ALA PA 91 61.79 -16.82 53.74
CA ALA PA 91 62.21 -18.14 53.26
C ALA PA 91 61.45 -18.64 52.03
N ASP PA 92 60.74 -17.76 51.34
CA ASP PA 92 59.99 -18.15 50.16
C ASP PA 92 60.94 -18.58 49.04
N VAL PA 93 60.53 -19.54 48.22
CA VAL PA 93 61.39 -20.02 47.14
C VAL PA 93 60.67 -19.94 45.79
N VAL PA 94 61.43 -19.78 44.71
CA VAL PA 94 60.85 -19.69 43.37
C VAL PA 94 61.56 -20.69 42.46
N ALA PA 95 60.93 -21.83 42.17
CA ALA PA 95 61.54 -22.84 41.33
C ALA PA 95 61.73 -22.37 39.88
N TYR PA 96 62.90 -22.67 39.29
CA TYR PA 96 63.18 -22.29 37.91
C TYR PA 96 64.02 -23.39 37.25
N ASN PA 97 64.44 -23.18 35.99
CA ASN PA 97 65.27 -24.13 35.27
C ASN PA 97 65.97 -23.39 34.13
N VAL PA 98 67.11 -23.92 33.70
CA VAL PA 98 67.86 -23.31 32.61
C VAL PA 98 67.85 -24.27 31.42
N TYR PA 99 67.48 -23.79 30.24
CA TYR PA 99 67.47 -24.65 29.05
C TYR PA 99 68.55 -24.16 28.10
N ARG PA 100 68.88 -24.99 27.11
CA ARG PA 100 69.92 -24.66 26.15
C ARG PA 100 69.39 -24.09 24.84
N ASP PA 101 68.24 -24.58 24.39
CA ASP PA 101 67.66 -24.12 23.14
C ASP PA 101 66.60 -23.06 23.37
N ALA PA 102 66.34 -22.26 22.33
CA ALA PA 102 65.36 -21.16 22.37
C ALA PA 102 63.90 -21.55 22.68
N ALA PA 103 63.52 -22.80 22.44
CA ALA PA 103 62.17 -23.26 22.73
C ALA PA 103 62.00 -23.94 24.11
N ARG PA 104 62.91 -23.72 25.07
CA ARG PA 104 62.80 -24.28 26.41
C ARG PA 104 62.62 -25.81 26.45
N THR PA 105 63.21 -26.53 25.50
CA THR PA 105 63.09 -27.98 25.43
C THR PA 105 64.32 -28.76 25.92
N ASN PA 106 65.51 -28.43 25.42
CA ASN PA 106 66.74 -29.11 25.78
C ASN PA 106 67.22 -28.54 27.11
N LEU PA 107 66.86 -29.21 28.19
CA LEU PA 107 67.21 -28.78 29.54
C LEU PA 107 68.67 -29.03 29.94
N TYR PA 108 69.28 -28.07 30.64
CA TYR PA 108 70.63 -28.28 31.11
C TYR PA 108 70.45 -29.09 32.36
N VAL PA 109 70.43 -30.41 32.23
CA VAL PA 109 70.23 -31.30 33.38
C VAL PA 109 71.30 -31.06 34.46
N VAL PA 110 70.90 -31.12 35.74
CA VAL PA 110 71.81 -30.88 36.86
C VAL PA 110 73.09 -31.72 36.76
N ASN PA 111 74.26 -31.07 36.92
CA ASN PA 111 75.55 -31.75 36.85
C ASN PA 111 75.70 -32.66 35.63
N GLN PA 112 75.35 -32.14 34.45
CA GLN PA 112 75.49 -32.93 33.23
C GLN PA 112 76.23 -32.14 32.15
N PRO PA 113 77.16 -32.81 31.44
CA PRO PA 113 77.94 -32.12 30.40
C PRO PA 113 77.21 -31.94 29.07
N GLN PA 114 76.38 -30.93 28.93
CA GLN PA 114 75.72 -30.75 27.66
C GLN PA 114 76.82 -30.43 26.61
N GLN PA 115 77.03 -31.32 25.62
CA GLN PA 115 78.06 -31.18 24.57
C GLN PA 115 77.98 -29.85 23.76
N PHE PA 116 79.14 -29.45 23.21
CA PHE PA 116 79.24 -28.24 22.38
C PHE PA 116 80.42 -28.32 21.40
N THR PA 117 80.31 -27.64 20.26
CA THR PA 117 81.38 -27.64 19.26
C THR PA 117 82.00 -26.26 19.16
N THR PA 118 83.24 -26.19 18.68
CA THR PA 118 83.93 -24.92 18.54
C THR PA 118 85.01 -25.02 17.46
N VAL PA 119 85.03 -24.11 16.48
CA VAL PA 119 86.04 -24.16 15.44
C VAL PA 119 87.07 -23.05 15.65
N SER PA 120 88.20 -23.17 14.94
CA SER PA 120 89.29 -22.20 15.04
C SER PA 120 88.87 -20.84 14.48
N GLY PA 121 89.42 -19.76 15.06
CA GLY PA 121 89.11 -18.41 14.62
C GLY PA 121 87.64 -18.06 14.71
N GLN PA 122 86.97 -18.54 15.75
CA GLN PA 122 85.55 -18.28 15.96
C GLN PA 122 85.21 -18.45 17.43
N ALA PA 123 84.20 -17.73 17.91
CA ALA PA 123 83.77 -17.83 19.29
C ALA PA 123 82.35 -18.41 19.27
N THR PA 124 82.09 -19.48 20.01
CA THR PA 124 80.76 -20.07 20.05
C THR PA 124 80.02 -19.52 21.28
N ALA PA 125 78.74 -19.22 21.12
CA ALA PA 125 77.96 -18.68 22.23
C ALA PA 125 77.34 -19.79 23.08
N VAL PA 126 77.22 -19.56 24.39
CA VAL PA 126 76.63 -20.55 25.28
C VAL PA 126 75.27 -20.02 25.71
N PRO PA 127 74.21 -20.48 25.03
CA PRO PA 127 72.90 -19.97 25.39
C PRO PA 127 72.40 -20.62 26.67
N ILE PA 128 72.22 -19.83 27.72
CA ILE PA 128 71.68 -20.34 28.96
C ILE PA 128 70.32 -19.66 29.03
N PHE PA 129 69.29 -20.34 28.56
CA PHE PA 129 67.96 -19.76 28.53
C PHE PA 129 67.20 -20.10 29.82
N GLY PA 130 66.82 -19.09 30.60
CA GLY PA 130 66.10 -19.34 31.81
C GLY PA 130 64.61 -19.45 31.52
N ALA PA 131 63.89 -20.09 32.43
CA ALA PA 131 62.46 -20.28 32.31
C ALA PA 131 61.85 -20.56 33.69
N ILE PA 132 60.75 -19.89 34.02
CA ILE PA 132 60.06 -20.09 35.27
C ILE PA 132 58.58 -20.48 35.00
N ALA PA 133 58.10 -21.50 35.71
CA ALA PA 133 56.73 -21.97 35.53
C ALA PA 133 55.69 -20.94 35.97
N PRO PA 134 54.49 -21.01 35.38
CA PRO PA 134 53.45 -20.06 35.77
C PRO PA 134 52.93 -20.36 37.18
N ASN PA 135 53.11 -19.42 38.11
CA ASN PA 135 52.64 -19.59 39.46
C ASN PA 135 51.25 -18.96 39.55
N THR PA 136 50.20 -19.78 39.56
CA THR PA 136 48.84 -19.28 39.64
C THR PA 136 48.17 -19.86 40.87
N GLY PA 137 48.97 -20.11 41.91
CA GLY PA 137 48.46 -20.67 43.15
C GLY PA 137 48.61 -19.74 44.32
N THR PA 138 49.82 -19.66 44.88
CA THR PA 138 50.06 -18.79 46.04
C THR PA 138 50.97 -17.61 45.67
N PRO PA 139 50.63 -16.40 46.14
CA PRO PA 139 51.47 -15.24 45.82
C PRO PA 139 52.71 -15.17 46.70
N LYS PA 140 53.90 -15.32 46.12
CA LYS PA 140 55.14 -15.28 46.89
C LYS PA 140 55.34 -13.88 47.48
N ALA PA 141 55.96 -13.80 48.66
CA ALA PA 141 56.19 -12.50 49.31
C ALA PA 141 57.00 -11.49 48.47
N GLN PA 142 56.76 -10.21 48.71
CA GLN PA 142 57.45 -9.14 47.99
C GLN PA 142 58.94 -9.10 48.34
N GLY PA 143 59.75 -8.58 47.42
CA GLY PA 143 61.19 -8.50 47.63
C GLY PA 143 61.99 -8.99 46.45
N ASP PA 144 63.26 -9.28 46.67
CA ASP PA 144 64.15 -9.75 45.60
C ASP PA 144 64.50 -11.24 45.79
N TYR PA 145 64.33 -12.05 44.75
CA TYR PA 145 64.66 -13.46 44.84
C TYR PA 145 65.98 -13.66 44.09
N LYS PA 146 66.91 -14.43 44.66
CA LYS PA 146 68.21 -14.66 44.02
C LYS PA 146 68.66 -16.11 44.06
N ASP PA 147 69.68 -16.40 43.25
CA ASP PA 147 70.34 -17.69 43.17
C ASP PA 147 71.64 -17.48 42.42
N THR PA 148 72.61 -18.35 42.67
CA THR PA 148 73.89 -18.26 42.00
C THR PA 148 74.20 -19.60 41.36
N LEU PA 149 73.88 -19.77 40.08
CA LEU PA 149 74.16 -21.03 39.44
C LEU PA 149 75.64 -21.05 39.09
N LEU PA 150 76.32 -22.17 39.30
CA LEU PA 150 77.72 -22.26 38.95
C LEU PA 150 77.77 -22.96 37.60
N VAL PA 151 78.21 -22.27 36.55
CA VAL PA 151 78.31 -22.89 35.24
C VAL PA 151 79.73 -23.44 35.17
N THR PA 152 79.86 -24.69 34.72
CA THR PA 152 81.10 -25.42 34.66
C THR PA 152 81.52 -25.80 33.25
N VAL PA 153 82.31 -24.95 32.60
CA VAL PA 153 82.81 -25.26 31.27
C VAL PA 153 83.98 -26.23 31.47
N ASN PA 154 83.83 -27.49 31.09
CA ASN PA 154 84.89 -28.45 31.30
C ASN PA 154 85.18 -29.21 30.04
N PHE PA 155 86.35 -29.82 30.03
CA PHE PA 155 86.84 -30.50 28.85
C PHE PA 155 87.02 -31.99 29.12
N ALA QA 1 89.10 -26.92 33.00
CA ALA QA 1 87.96 -26.77 33.90
C ALA QA 1 87.76 -25.30 34.29
N VAL QA 2 86.89 -24.61 33.56
CA VAL QA 2 86.61 -23.21 33.85
C VAL QA 2 85.21 -23.10 34.47
N THR QA 3 85.16 -23.11 35.81
CA THR QA 3 83.91 -23.00 36.54
C THR QA 3 83.60 -21.51 36.81
N GLY QA 4 82.36 -21.10 36.53
CA GLY QA 4 81.95 -19.74 36.71
C GLY QA 4 80.57 -19.52 37.32
N GLN QA 5 80.26 -18.29 37.76
CA GLN QA 5 78.96 -18.02 38.39
C GLN QA 5 77.95 -17.25 37.52
N VAL QA 6 76.66 -17.56 37.67
CA VAL QA 6 75.60 -16.90 36.93
C VAL QA 6 74.56 -16.47 37.95
N ASP QA 7 74.47 -15.18 38.25
CA ASP QA 7 73.53 -14.74 39.25
C ASP QA 7 72.12 -14.73 38.65
N VAL QA 8 71.19 -15.41 39.33
CA VAL QA 8 69.81 -15.46 38.88
C VAL QA 8 68.99 -14.49 39.73
N LYS QA 9 68.09 -13.74 39.12
CA LYS QA 9 67.31 -12.77 39.88
C LYS QA 9 65.86 -12.67 39.41
N LEU QA 10 65.00 -12.22 40.32
CA LEU QA 10 63.58 -12.03 40.06
C LEU QA 10 63.06 -11.06 41.12
N ASN QA 11 62.40 -9.98 40.72
CA ASN QA 11 61.91 -9.01 41.66
C ASN QA 11 60.40 -9.12 41.75
N ILE QA 12 59.92 -9.91 42.70
CA ILE QA 12 58.49 -10.07 42.88
C ILE QA 12 58.00 -8.85 43.67
N SER QA 13 57.25 -7.95 43.02
CA SER QA 13 56.72 -6.76 43.68
C SER QA 13 55.42 -6.23 43.04
N THR QA 14 55.50 -5.77 41.78
CA THR QA 14 54.37 -5.22 41.04
C THR QA 14 54.72 -5.25 39.54
N GLY QA 15 54.32 -6.30 38.84
CA GLY QA 15 54.63 -6.46 37.43
C GLY QA 15 53.49 -6.37 36.43
N CYS QA 16 53.86 -6.57 35.16
CA CYS QA 16 52.97 -6.50 34.02
C CYS QA 16 52.87 -7.87 33.34
N THR QA 17 51.68 -8.24 32.87
CA THR QA 17 51.46 -9.56 32.25
C THR QA 17 50.94 -9.49 30.81
N VAL QA 18 51.29 -10.49 29.99
CA VAL QA 18 50.86 -10.49 28.59
C VAL QA 18 49.72 -11.51 28.36
N GLY QA 19 48.56 -11.06 27.90
CA GLY QA 19 47.45 -11.95 27.64
C GLY QA 19 47.41 -12.33 26.17
N GLY QA 20 46.66 -13.38 25.83
CA GLY QA 20 46.55 -13.85 24.46
C GLY QA 20 47.54 -14.96 24.12
N SER QA 21 48.34 -15.36 25.09
CA SER QA 21 49.32 -16.40 24.86
C SER QA 21 48.88 -17.73 25.48
N GLN QA 22 49.44 -18.82 24.96
CA GLN QA 22 49.16 -20.15 25.43
C GLN QA 22 50.53 -20.73 25.75
N THR QA 23 50.64 -21.48 26.84
CA THR QA 23 51.93 -22.03 27.20
C THR QA 23 52.24 -23.29 26.37
N GLU QA 24 53.10 -23.17 25.36
CA GLU QA 24 53.48 -24.33 24.58
C GLU QA 24 54.61 -24.99 25.38
N GLY QA 25 54.30 -26.01 26.16
CA GLY QA 25 55.32 -26.65 26.96
C GLY QA 25 55.83 -25.58 27.93
N ASN QA 26 57.11 -25.22 27.86
CA ASN QA 26 57.66 -24.20 28.76
C ASN QA 26 58.00 -22.91 28.03
N MET QA 27 57.37 -22.68 26.88
CA MET QA 27 57.61 -21.47 26.10
C MET QA 27 56.28 -20.82 25.71
N ASN QA 28 56.08 -19.54 26.02
CA ASN QA 28 54.83 -18.85 25.73
C ASN QA 28 54.52 -18.73 24.22
N LYS QA 29 53.47 -19.41 23.74
CA LYS QA 29 53.08 -19.31 22.34
C LYS QA 29 52.22 -18.05 22.21
N PHE QA 30 52.78 -16.99 21.62
CA PHE QA 30 52.04 -15.73 21.50
C PHE QA 30 51.03 -15.72 20.37
N GLY QA 31 51.39 -16.25 19.20
CA GLY QA 31 50.42 -16.21 18.11
C GLY QA 31 50.93 -16.70 16.78
N THR QA 32 50.21 -16.34 15.72
CA THR QA 32 50.58 -16.76 14.38
C THR QA 32 50.46 -15.59 13.38
N LEU QA 33 51.43 -15.49 12.48
CA LEU QA 33 51.41 -14.45 11.45
C LEU QA 33 51.14 -15.23 10.18
N ASN QA 34 49.87 -15.41 9.85
CA ASN QA 34 49.48 -16.23 8.72
C ASN QA 34 49.23 -15.41 7.46
N PHE QA 35 50.18 -15.43 6.52
CA PHE QA 35 50.02 -14.66 5.28
C PHE QA 35 49.02 -15.33 4.33
N GLY QA 36 48.77 -16.61 4.54
CA GLY QA 36 47.82 -17.35 3.74
C GLY QA 36 48.51 -18.06 2.59
N LYS QA 37 47.71 -18.43 1.58
CA LYS QA 37 48.23 -19.12 0.40
C LYS QA 37 48.69 -18.10 -0.64
N THR QA 38 49.62 -18.52 -1.50
CA THR QA 38 50.13 -17.64 -2.54
C THR QA 38 50.80 -18.43 -3.67
N SER QA 39 50.93 -17.79 -4.83
CA SER QA 39 51.56 -18.41 -5.99
C SER QA 39 53.02 -18.14 -5.99
N GLY QA 40 53.77 -18.78 -6.91
CA GLY QA 40 55.21 -18.62 -6.99
C GLY QA 40 55.66 -17.17 -7.05
N THR QA 41 55.00 -16.39 -7.89
CA THR QA 41 55.33 -14.97 -8.05
C THR QA 41 54.13 -14.09 -7.75
N TRP QA 42 54.14 -13.36 -6.63
CA TRP QA 42 53.03 -12.50 -6.26
C TRP QA 42 53.39 -11.03 -6.52
N ASN QA 43 52.49 -10.27 -7.14
CA ASN QA 43 52.75 -8.86 -7.44
C ASN QA 43 52.29 -7.92 -6.32
N ASN QA 44 51.31 -8.38 -5.55
CA ASN QA 44 50.81 -7.59 -4.43
C ASN QA 44 51.58 -7.93 -3.15
N VAL QA 45 51.81 -6.92 -2.31
CA VAL QA 45 52.52 -7.09 -1.04
C VAL QA 45 51.67 -8.03 -0.17
N LEU QA 46 52.18 -9.20 0.21
CA LEU QA 46 51.33 -10.11 1.01
C LEU QA 46 51.32 -9.57 2.44
N THR QA 47 50.14 -9.44 3.04
CA THR QA 47 50.03 -8.77 4.33
C THR QA 47 49.02 -9.40 5.28
N ALA QA 48 49.43 -9.78 6.49
CA ALA QA 48 48.52 -10.37 7.47
C ALA QA 48 48.92 -9.92 8.87
N GLU QA 49 47.97 -9.99 9.80
CA GLU QA 49 48.18 -9.57 11.18
C GLU QA 49 48.36 -10.78 12.08
N VAL QA 50 49.04 -10.59 13.20
CA VAL QA 50 49.23 -11.66 14.16
C VAL QA 50 47.89 -12.07 14.76
N ALA QA 51 47.69 -13.38 14.95
CA ALA QA 51 46.47 -13.88 15.56
C ALA QA 51 46.89 -14.59 16.84
N SER QA 52 46.54 -14.06 18.01
CA SER QA 52 46.93 -14.66 19.28
C SER QA 52 46.50 -16.13 19.36
N ALA QA 53 47.36 -16.99 19.91
CA ALA QA 53 47.04 -18.42 20.01
C ALA QA 53 45.92 -18.74 21.01
N ALA QA 54 45.72 -17.87 21.99
CA ALA QA 54 44.71 -18.09 23.02
C ALA QA 54 43.30 -17.68 22.59
N THR QA 55 43.15 -16.48 22.04
CA THR QA 55 41.83 -16.01 21.63
C THR QA 55 41.57 -15.98 20.13
N GLY QA 56 42.58 -15.65 19.34
CA GLY QA 56 42.41 -15.55 17.91
C GLY QA 56 42.57 -14.11 17.45
N GLY QA 57 42.38 -13.16 18.38
CA GLY QA 57 42.51 -11.75 18.08
C GLY QA 57 43.93 -11.26 18.34
N ASN QA 58 44.08 -9.98 18.66
CA ASN QA 58 45.41 -9.41 18.89
C ASN QA 58 45.90 -9.68 20.32
N ILE QA 59 47.22 -9.77 20.49
CA ILE QA 59 47.81 -10.01 21.80
C ILE QA 59 47.36 -8.86 22.70
N SER QA 60 46.78 -9.16 23.86
CA SER QA 60 46.31 -8.10 24.74
C SER QA 60 47.16 -8.02 26.01
N VAL QA 61 48.08 -7.06 26.07
CA VAL QA 61 48.92 -6.97 27.24
C VAL QA 61 48.25 -6.06 28.28
N THR QA 62 48.14 -6.52 29.52
CA THR QA 62 47.55 -5.71 30.57
C THR QA 62 48.59 -5.63 31.70
N CYS QA 63 48.61 -4.52 32.43
CA CYS QA 63 49.55 -4.44 33.54
C CYS QA 63 48.77 -4.59 34.84
N ASP QA 64 49.47 -4.99 35.89
CA ASP QA 64 48.84 -5.20 37.19
C ASP QA 64 49.17 -4.06 38.16
N GLY QA 65 48.32 -3.04 38.22
CA GLY QA 65 48.54 -1.92 39.12
C GLY QA 65 47.56 -0.78 38.87
N THR QA 66 47.82 0.36 39.50
CA THR QA 66 46.99 1.55 39.36
C THR QA 66 47.62 2.68 38.55
N ASP QA 67 48.94 2.81 38.51
CA ASP QA 67 49.50 3.90 37.70
C ASP QA 67 49.81 3.40 36.29
N PRO QA 68 49.65 4.27 35.28
CA PRO QA 68 49.91 3.81 33.91
C PRO QA 68 51.39 3.40 33.73
N VAL QA 69 51.67 2.12 33.48
CA VAL QA 69 53.04 1.69 33.29
C VAL QA 69 53.50 1.77 31.84
N ASP QA 70 54.76 2.10 31.60
CA ASP QA 70 55.29 2.19 30.25
C ASP QA 70 56.11 0.92 29.99
N PHE QA 71 55.57 -0.02 29.21
CA PHE QA 71 56.27 -1.26 28.93
C PHE QA 71 56.74 -1.27 27.49
N THR QA 72 57.78 -2.04 27.23
CA THR QA 72 58.32 -2.09 25.88
C THR QA 72 58.08 -3.43 25.18
N VAL QA 73 58.15 -3.38 23.85
CA VAL QA 73 57.96 -4.58 23.04
C VAL QA 73 59.13 -4.74 22.07
N ALA QA 74 59.77 -5.91 22.05
CA ALA QA 74 60.89 -6.13 21.15
C ALA QA 74 60.71 -7.47 20.44
N ILE QA 75 60.92 -7.49 19.12
CA ILE QA 75 60.79 -8.70 18.36
C ILE QA 75 62.18 -8.97 17.79
N ASP QA 76 62.57 -10.24 17.72
CA ASP QA 76 63.89 -10.60 17.22
C ASP QA 76 63.84 -10.85 15.69
N GLY QA 77 64.94 -11.30 15.10
CA GLY QA 77 65.04 -11.55 13.66
C GLY QA 77 64.62 -12.90 13.12
N GLY QA 78 63.94 -13.74 13.92
CA GLY QA 78 63.52 -15.05 13.46
C GLY QA 78 64.59 -16.11 13.65
N GLU QA 79 64.29 -17.33 13.21
CA GLU QA 79 65.21 -18.45 13.34
C GLU QA 79 66.58 -18.18 12.77
N ARG QA 80 66.67 -17.58 11.59
CA ARG QA 80 67.98 -17.34 10.98
C ARG QA 80 68.57 -15.96 11.21
N THR QA 81 67.86 -15.13 12.00
CA THR QA 81 68.21 -13.74 12.37
C THR QA 81 68.13 -12.69 11.24
N ASP QA 82 67.51 -13.01 10.10
CA ASP QA 82 67.34 -12.04 9.01
C ASP QA 82 65.90 -11.99 8.47
N ARG QA 83 64.94 -12.37 9.32
CA ARG QA 83 63.51 -12.36 9.00
C ARG QA 83 63.17 -13.02 7.67
N THR QA 84 63.56 -14.27 7.51
CA THR QA 84 63.28 -15.03 6.30
C THR QA 84 62.51 -16.30 6.64
N LEU QA 85 61.42 -16.58 5.92
CA LEU QA 85 60.72 -17.82 6.19
C LEU QA 85 61.43 -18.89 5.38
N LYS QA 86 61.55 -20.09 5.91
CA LYS QA 86 62.26 -21.14 5.19
C LYS QA 86 61.31 -22.25 4.77
N ASN QA 87 61.52 -22.83 3.59
CA ASN QA 87 60.66 -23.89 3.18
C ASN QA 87 60.96 -25.08 4.06
N THR QA 88 59.94 -25.81 4.51
CA THR QA 88 60.14 -26.99 5.33
C THR QA 88 61.09 -28.02 4.70
N ALA QA 89 61.02 -28.23 3.37
CA ALA QA 89 61.89 -29.23 2.73
C ALA QA 89 63.13 -28.70 2.00
N SER QA 90 62.92 -27.76 1.09
CA SER QA 90 63.99 -27.14 0.32
C SER QA 90 64.66 -25.99 1.09
N ALA QA 91 65.67 -25.35 0.50
CA ALA QA 91 66.37 -24.26 1.18
C ALA QA 91 65.93 -22.86 0.72
N ASP QA 92 64.80 -22.76 0.03
CA ASP QA 92 64.31 -21.47 -0.44
C ASP QA 92 63.93 -20.59 0.74
N VAL QA 93 64.11 -19.27 0.62
CA VAL QA 93 63.78 -18.36 1.72
C VAL QA 93 62.82 -17.27 1.25
N VAL QA 94 62.02 -16.74 2.16
CA VAL QA 94 61.07 -15.69 1.82
C VAL QA 94 61.24 -14.52 2.81
N ALA QA 95 61.90 -13.45 2.39
CA ALA QA 95 62.13 -12.31 3.27
C ALA QA 95 60.82 -11.60 3.66
N TYR QA 96 60.69 -11.23 4.94
CA TYR QA 96 59.51 -10.52 5.42
C TYR QA 96 59.92 -9.53 6.50
N ASN QA 97 58.94 -8.82 7.11
CA ASN QA 97 59.20 -7.86 8.17
C ASN QA 97 57.92 -7.66 8.96
N VAL QA 98 58.05 -7.25 10.22
CA VAL QA 98 56.89 -7.01 11.06
C VAL QA 98 56.84 -5.52 11.40
N TYR QA 99 55.70 -4.87 11.18
CA TYR QA 99 55.58 -3.45 11.49
C TYR QA 99 54.60 -3.30 12.65
N ARG QA 100 54.60 -2.12 13.26
CA ARG QA 100 53.73 -1.85 14.40
C ARG QA 100 52.44 -1.12 14.05
N ASP QA 101 52.49 -0.23 13.07
CA ASP QA 101 51.31 0.53 12.68
C ASP QA 101 50.65 -0.09 11.45
N ALA QA 102 49.36 0.22 11.27
CA ALA QA 102 48.54 -0.29 10.17
C ALA QA 102 49.01 0.05 8.74
N ALA QA 103 49.80 1.11 8.58
CA ALA QA 103 50.32 1.50 7.27
C ALA QA 103 51.73 0.96 6.95
N ARG QA 104 52.20 -0.10 7.64
CA ARG QA 104 53.50 -0.70 7.36
C ARG QA 104 54.68 0.29 7.38
N THR QA 105 54.61 1.32 8.22
CA THR QA 105 55.67 2.32 8.32
C THR QA 105 56.60 2.18 9.53
N ASN QA 106 56.03 2.08 10.73
CA ASN QA 106 56.80 1.98 11.96
C ASN QA 106 57.25 0.53 12.13
N LEU QA 107 58.46 0.24 11.67
CA LEU QA 107 59.01 -1.11 11.71
C LEU QA 107 59.49 -1.57 13.09
N TYR QA 108 59.23 -2.83 13.44
CA TYR QA 108 59.72 -3.34 14.70
C TYR QA 108 61.15 -3.70 14.39
N VAL QA 109 62.07 -2.76 14.59
CA VAL QA 109 63.48 -3.00 14.30
C VAL QA 109 64.02 -4.19 15.11
N VAL QA 110 64.89 -5.00 14.51
CA VAL QA 110 65.46 -6.18 15.16
C VAL QA 110 66.04 -5.86 16.54
N ASN QA 111 65.69 -6.65 17.56
CA ASN QA 111 66.18 -6.44 18.93
C ASN QA 111 66.06 -5.00 19.42
N GLN QA 112 64.90 -4.39 19.22
CA GLN QA 112 64.69 -3.01 19.68
C GLN QA 112 63.41 -2.89 20.49
N PRO QA 113 63.46 -2.14 21.61
CA PRO QA 113 62.28 -1.99 22.46
C PRO QA 113 61.27 -0.97 21.97
N GLN QA 114 60.39 -1.32 21.04
CA GLN QA 114 59.41 -0.35 20.60
C GLN QA 114 58.51 -0.03 21.82
N GLN QA 115 58.54 1.21 22.32
CA GLN QA 115 57.76 1.67 23.49
C GLN QA 115 56.23 1.44 23.38
N PHE QA 116 55.58 1.33 24.55
CA PHE QA 116 54.13 1.14 24.64
C PHE QA 116 53.57 1.66 25.97
N THR QA 117 52.31 2.08 25.98
CA THR QA 117 51.67 2.58 27.20
C THR QA 117 50.57 1.62 27.64
N THR QA 118 50.22 1.66 28.92
CA THR QA 118 49.18 0.80 29.45
C THR QA 118 48.56 1.42 30.71
N VAL QA 119 47.24 1.55 30.78
CA VAL QA 119 46.60 2.12 31.96
C VAL QA 119 45.92 1.04 32.79
N SER QA 120 45.57 1.38 34.03
CA SER QA 120 44.91 0.45 34.94
C SER QA 120 43.52 0.07 34.45
N GLY QA 121 43.08 -1.16 34.74
CA GLY QA 121 41.77 -1.63 34.33
C GLY QA 121 41.54 -1.58 32.83
N GLN QA 122 42.57 -1.90 32.06
CA GLN QA 122 42.49 -1.91 30.61
C GLN QA 122 43.57 -2.80 30.04
N ALA QA 123 43.32 -3.40 28.87
CA ALA QA 123 44.31 -4.25 28.22
C ALA QA 123 44.70 -3.56 26.91
N THR QA 124 46.00 -3.36 26.67
CA THR QA 124 46.44 -2.71 25.45
C THR QA 124 46.81 -3.80 24.43
N ALA QA 125 46.46 -3.59 23.16
CA ALA QA 125 46.76 -4.58 22.14
C ALA QA 125 48.15 -4.35 21.54
N VAL QA 126 48.83 -5.43 21.16
CA VAL QA 126 50.15 -5.32 20.55
C VAL QA 126 50.01 -5.68 19.07
N PRO QA 127 49.90 -4.65 18.23
CA PRO QA 127 49.72 -4.95 16.81
C PRO QA 127 51.05 -5.37 16.19
N ILE QA 128 51.12 -6.61 15.71
CA ILE QA 128 52.32 -7.06 15.04
C ILE QA 128 51.82 -7.25 13.61
N PHE QA 129 52.03 -6.25 12.78
CA PHE QA 129 51.54 -6.30 11.41
C PHE QA 129 52.63 -6.86 10.49
N GLY QA 130 52.37 -7.99 9.85
CA GLY QA 130 53.34 -8.57 8.95
C GLY QA 130 53.20 -7.96 7.57
N ALA QA 131 54.26 -8.05 6.80
CA ALA QA 131 54.31 -7.53 5.44
C ALA QA 131 55.42 -8.22 4.64
N ILE QA 132 55.10 -8.64 3.42
CA ILE QA 132 56.07 -9.28 2.55
C ILE QA 132 56.16 -8.52 1.22
N ALA QA 133 57.39 -8.28 0.74
CA ALA QA 133 57.60 -7.53 -0.49
C ALA QA 133 57.10 -8.29 -1.72
N PRO QA 134 56.75 -7.54 -2.78
CA PRO QA 134 56.26 -8.21 -3.99
C PRO QA 134 57.41 -8.94 -4.69
N ASN QA 135 57.30 -10.26 -4.83
CA ASN QA 135 58.31 -11.04 -5.50
C ASN QA 135 57.86 -11.19 -6.95
N THR QA 136 58.48 -10.45 -7.86
CA THR QA 136 58.13 -10.54 -9.27
C THR QA 136 59.36 -10.92 -10.07
N GLY QA 137 60.23 -11.69 -9.44
CA GLY QA 137 61.47 -12.13 -10.08
C GLY QA 137 61.53 -13.63 -10.28
N THR QA 138 61.85 -14.36 -9.21
CA THR QA 138 61.95 -15.82 -9.29
C THR QA 138 60.83 -16.50 -8.50
N PRO QA 139 60.22 -17.54 -9.08
CA PRO QA 139 59.14 -18.24 -8.36
C PRO QA 139 59.69 -19.21 -7.30
N LYS QA 140 59.45 -18.95 -6.03
CA LYS QA 140 59.93 -19.83 -4.96
C LYS QA 140 59.26 -21.19 -5.05
N ALA QA 141 59.97 -22.25 -4.68
CA ALA QA 141 59.42 -23.61 -4.74
C ALA QA 141 58.13 -23.82 -3.94
N GLN QA 142 57.30 -24.77 -4.39
CA GLN QA 142 56.03 -25.07 -3.72
C GLN QA 142 56.26 -25.68 -2.34
N GLY QA 143 55.27 -25.52 -1.46
CA GLY QA 143 55.38 -26.05 -0.11
C GLY QA 143 54.99 -25.04 0.95
N ASP QA 144 55.38 -25.30 2.19
CA ASP QA 144 55.04 -24.42 3.30
C ASP QA 144 56.29 -23.68 3.82
N TYR QA 145 56.23 -22.36 3.94
CA TYR QA 145 57.36 -21.59 4.44
C TYR QA 145 57.05 -21.21 5.88
N LYS QA 146 58.02 -21.34 6.80
CA LYS QA 146 57.79 -21.02 8.20
C LYS QA 146 58.93 -20.23 8.84
N ASP QA 147 58.63 -19.66 10.01
CA ASP QA 147 59.57 -18.93 10.84
C ASP QA 147 58.94 -18.80 12.21
N THR QA 148 59.78 -18.64 13.22
CA THR QA 148 59.29 -18.49 14.58
C THR QA 148 59.90 -17.24 15.17
N LEU QA 149 59.18 -16.11 15.13
CA LEU QA 149 59.72 -14.89 15.67
C LEU QA 149 59.53 -14.95 17.19
N LEU QA 150 60.53 -14.54 17.95
CA LEU QA 150 60.40 -14.54 19.40
C LEU QA 150 60.04 -13.11 19.78
N VAL QA 151 58.84 -12.87 20.30
CA VAL QA 151 58.46 -11.53 20.72
C VAL QA 151 58.85 -11.45 22.18
N THR QA 152 59.50 -10.35 22.57
CA THR QA 152 60.04 -10.11 23.89
C THR QA 152 59.41 -8.93 24.60
N VAL QA 153 58.35 -9.18 25.38
CA VAL QA 153 57.73 -8.10 26.13
C VAL QA 153 58.60 -7.89 27.37
N ASN QA 154 59.31 -6.76 27.46
CA ASN QA 154 60.20 -6.55 28.58
C ASN QA 154 59.96 -5.20 29.19
N PHE QA 155 60.43 -5.06 30.42
CA PHE QA 155 60.18 -3.86 31.19
C PHE QA 155 61.49 -3.16 31.52
N ALA RA 1 60.22 -9.71 32.18
CA ALA RA 1 60.67 -10.21 30.88
C ALA RA 1 59.80 -11.40 30.44
N VAL RA 2 58.80 -11.12 29.62
CA VAL RA 2 57.93 -12.16 29.10
C VAL RA 2 58.22 -12.38 27.61
N THR RA 3 59.10 -13.34 27.33
CA THR RA 3 59.48 -13.67 25.96
C THR RA 3 58.52 -14.75 25.42
N GLY RA 4 58.01 -14.54 24.21
CA GLY RA 4 57.08 -15.45 23.59
C GLY RA 4 57.29 -15.73 22.11
N GLN RA 5 56.65 -16.77 21.56
CA GLN RA 5 56.83 -17.11 20.14
C GLN RA 5 55.67 -16.74 19.20
N VAL RA 6 55.98 -16.37 17.97
CA VAL RA 6 54.98 -16.00 16.98
C VAL RA 6 55.30 -16.81 15.72
N ASP RA 7 54.53 -17.84 15.41
CA ASP RA 7 54.82 -18.64 14.26
C ASP RA 7 54.41 -17.88 12.99
N VAL RA 8 55.34 -17.75 12.05
CA VAL RA 8 55.07 -17.07 10.79
C VAL RA 8 54.88 -18.14 9.71
N LYS RA 9 53.90 -17.97 8.84
CA LYS RA 9 53.65 -18.97 7.82
C LYS RA 9 53.24 -18.38 6.47
N LEU RA 10 53.49 -19.13 5.41
CA LEU RA 10 53.14 -18.75 4.05
C LEU RA 10 53.09 -20.03 3.23
N ASN RA 11 52.00 -20.27 2.51
CA ASN RA 11 51.87 -21.49 1.73
C ASN RA 11 52.00 -21.15 0.26
N ILE RA 12 53.21 -21.23 -0.28
CA ILE RA 12 53.42 -20.96 -1.68
C ILE RA 12 53.01 -22.20 -2.46
N SER RA 13 51.89 -22.13 -3.19
CA SER RA 13 51.41 -23.26 -3.99
C SER RA 13 50.56 -22.83 -5.22
N THR RA 14 49.40 -22.22 -4.98
CA THR RA 14 48.47 -21.77 -6.02
C THR RA 14 47.53 -20.74 -5.40
N GLY RA 15 47.87 -19.45 -5.52
CA GLY RA 15 47.07 -18.38 -4.95
C GLY RA 15 46.33 -17.44 -5.90
N CYS RA 16 45.65 -16.47 -5.28
CA CYS RA 16 44.84 -15.48 -5.95
C CYS RA 16 45.44 -14.08 -5.75
N THR RA 17 45.39 -13.23 -6.78
CA THR RA 17 45.98 -11.88 -6.70
C THR RA 17 44.98 -10.74 -6.96
N VAL RA 18 45.19 -9.59 -6.34
CA VAL RA 18 44.29 -8.46 -6.51
C VAL RA 18 44.90 -7.39 -7.44
N GLY RA 19 44.23 -7.08 -8.55
CA GLY RA 19 44.72 -6.06 -9.46
C GLY RA 19 44.04 -4.73 -9.19
N GLY RA 20 44.61 -3.65 -9.73
CA GLY RA 20 44.06 -2.31 -9.52
C GLY RA 20 44.70 -1.57 -8.35
N SER RA 21 45.65 -2.21 -7.68
CA SER RA 21 46.31 -1.60 -6.55
C SER RA 21 47.70 -1.11 -6.91
N GLN RA 22 48.20 -0.15 -6.13
CA GLN RA 22 49.51 0.42 -6.30
C GLN RA 22 50.18 0.25 -4.95
N THR RA 23 51.46 -0.10 -4.94
CA THR RA 23 52.15 -0.30 -3.67
C THR RA 23 52.55 1.04 -3.06
N GLU RA 24 51.82 1.52 -2.06
CA GLU RA 24 52.20 2.75 -1.38
C GLU RA 24 53.22 2.34 -0.34
N GLY RA 25 54.51 2.49 -0.65
CA GLY RA 25 55.53 2.07 0.29
C GLY RA 25 55.37 0.56 0.47
N ASN RA 26 55.06 0.10 1.68
CA ASN RA 26 54.89 -1.33 1.92
C ASN RA 26 53.45 -1.70 2.21
N MET RA 27 52.51 -0.86 1.77
CA MET RA 27 51.08 -1.11 1.99
C MET RA 27 50.32 -0.94 0.67
N ASN RA 28 49.55 -1.95 0.26
CA ASN RA 28 48.82 -1.88 -1.01
C ASN RA 28 47.74 -0.79 -1.06
N LYS RA 29 47.92 0.23 -1.90
CA LYS RA 29 46.92 1.29 -2.05
C LYS RA 29 45.87 0.78 -3.03
N PHE RA 30 44.69 0.40 -2.53
CA PHE RA 30 43.65 -0.15 -3.38
C PHE RA 30 42.88 0.89 -4.16
N GLY RA 31 42.52 2.01 -3.54
CA GLY RA 31 41.77 3.00 -4.30
C GLY RA 31 41.28 4.19 -3.50
N THR RA 32 40.30 4.90 -4.05
CA THR RA 32 39.75 6.07 -3.40
C THR RA 32 38.21 6.08 -3.49
N LEU RA 33 37.56 6.47 -2.41
CA LEU RA 33 36.11 6.56 -2.37
C LEU RA 33 35.87 8.06 -2.31
N ASN RA 34 35.76 8.70 -3.47
CA ASN RA 34 35.64 10.14 -3.53
C ASN RA 34 34.19 10.61 -3.66
N PHE RA 35 33.60 11.08 -2.56
CA PHE RA 35 32.22 11.54 -2.60
C PHE RA 35 32.09 12.90 -3.32
N GLY RA 36 33.19 13.62 -3.43
CA GLY RA 36 33.21 14.90 -4.11
C GLY RA 36 33.01 16.04 -3.14
N LYS RA 37 32.62 17.19 -3.69
CA LYS RA 37 32.38 18.39 -2.88
C LYS RA 37 30.94 18.41 -2.38
N THR RA 38 30.70 19.09 -1.27
CA THR RA 38 29.36 19.19 -0.69
C THR RA 38 29.24 20.37 0.26
N SER RA 39 27.99 20.79 0.51
CA SER RA 39 27.72 21.89 1.40
C SER RA 39 27.54 21.40 2.80
N GLY RA 40 27.43 22.32 3.79
CA GLY RA 40 27.29 21.95 5.18
C GLY RA 40 26.15 20.97 5.43
N THR RA 41 25.00 21.24 4.84
CA THR RA 41 23.83 20.39 5.01
C THR RA 41 23.34 19.86 3.65
N TRP RA 42 23.53 18.57 3.38
CA TRP RA 42 23.08 17.99 2.11
C TRP RA 42 21.80 17.16 2.31
N ASN RA 43 20.81 17.34 1.44
CA ASN RA 43 19.56 16.59 1.55
C ASN RA 43 19.58 15.27 0.78
N ASN RA 44 20.40 15.22 -0.25
CA ASN RA 44 20.53 14.00 -1.05
C ASN RA 44 21.64 13.11 -0.47
N VAL RA 45 21.43 11.79 -0.54
CA VAL RA 45 22.39 10.81 -0.06
C VAL RA 45 23.66 10.95 -0.91
N LEU RA 46 24.81 11.31 -0.31
CA LEU RA 46 26.00 11.49 -1.17
C LEU RA 46 26.52 10.11 -1.51
N THR RA 47 26.79 9.84 -2.79
CA THR RA 47 27.13 8.49 -3.21
C THR RA 47 28.22 8.42 -4.28
N ALA RA 48 29.30 7.67 -4.05
CA ALA RA 48 30.36 7.53 -5.03
C ALA RA 48 30.95 6.12 -4.95
N GLU RA 49 31.60 5.70 -6.03
CA GLU RA 49 32.18 4.37 -6.13
C GLU RA 49 33.69 4.43 -5.96
N VAL RA 50 34.29 3.34 -5.52
CA VAL RA 50 35.72 3.27 -5.35
C VAL RA 50 36.41 3.40 -6.72
N ALA RA 51 37.52 4.13 -6.78
CA ALA RA 51 38.28 4.28 -8.00
C ALA RA 51 39.66 3.70 -7.72
N SER RA 52 40.01 2.57 -8.35
CA SER RA 52 41.31 1.93 -8.12
C SER RA 52 42.47 2.91 -8.35
N ALA RA 53 43.49 2.85 -7.50
CA ALA RA 53 44.62 3.78 -7.63
C ALA RA 53 45.51 3.49 -8.86
N ALA RA 54 45.49 2.26 -9.35
CA ALA RA 54 46.30 1.87 -10.49
C ALA RA 54 45.70 2.23 -11.85
N THR RA 55 44.43 1.92 -12.05
CA THR RA 55 43.78 2.19 -13.33
C THR RA 55 42.77 3.34 -13.32
N GLY RA 56 42.02 3.48 -12.23
CA GLY RA 56 41.01 4.52 -12.16
C GLY RA 56 39.61 3.89 -12.12
N GLY RA 57 39.51 2.65 -12.59
CA GLY RA 57 38.25 1.94 -12.60
C GLY RA 57 38.06 1.12 -11.32
N ASN RA 58 37.31 0.03 -11.41
CA ASN RA 58 37.06 -0.80 -10.24
C ASN RA 58 38.19 -1.79 -9.96
N ILE RA 59 38.40 -2.14 -8.70
CA ILE RA 59 39.44 -3.09 -8.34
C ILE RA 59 39.15 -4.40 -9.08
N SER RA 60 40.13 -4.92 -9.82
CA SER RA 60 39.89 -6.14 -10.58
C SER RA 60 40.67 -7.31 -9.99
N VAL RA 61 40.00 -8.17 -9.22
CA VAL RA 61 40.72 -9.29 -8.62
C VAL RA 61 40.70 -10.48 -9.58
N THR RA 62 41.85 -11.08 -9.85
CA THR RA 62 41.92 -12.24 -10.72
C THR RA 62 42.60 -13.36 -9.93
N CYS RA 63 42.24 -14.60 -10.18
CA CYS RA 63 42.92 -15.69 -9.48
C CYS RA 63 43.87 -16.37 -10.45
N ASP RA 64 44.87 -17.03 -9.90
CA ASP RA 64 45.86 -17.73 -10.72
C ASP RA 64 45.65 -19.24 -10.72
N GLY RA 65 44.89 -19.74 -11.70
CA GLY RA 65 44.63 -21.17 -11.79
C GLY RA 65 43.59 -21.50 -12.85
N THR RA 66 43.15 -22.76 -12.86
CA THR RA 66 42.14 -23.23 -13.81
C THR RA 66 40.77 -23.49 -13.20
N ASP RA 67 40.66 -23.84 -11.93
CA ASP RA 67 39.32 -24.07 -11.39
C ASP RA 67 38.78 -22.78 -10.76
N PRO RA 68 37.46 -22.55 -10.85
CA PRO RA 68 36.93 -21.30 -10.28
C PRO RA 68 37.13 -21.25 -8.78
N VAL RA 69 37.94 -20.30 -8.27
CA VAL RA 69 38.18 -20.19 -6.84
C VAL RA 69 37.17 -19.27 -6.15
N ASP RA 70 36.78 -19.59 -4.92
CA ASP RA 70 35.85 -18.77 -4.17
C ASP RA 70 36.64 -17.95 -3.17
N PHE RA 71 36.83 -16.66 -3.43
CA PHE RA 71 37.60 -15.82 -2.53
C PHE RA 71 36.68 -14.86 -1.81
N THR RA 72 37.11 -14.39 -0.65
CA THR RA 72 36.27 -13.50 0.13
C THR RA 72 36.83 -12.07 0.20
N VAL RA 73 35.93 -11.14 0.49
CA VAL RA 73 36.30 -9.74 0.61
C VAL RA 73 35.80 -9.18 1.95
N ALA RA 74 36.69 -8.56 2.74
CA ALA RA 74 36.28 -8.01 4.03
C ALA RA 74 36.83 -6.60 4.15
N ILE RA 75 36.00 -5.65 4.59
CA ILE RA 75 36.41 -4.28 4.76
C ILE RA 75 36.27 -4.01 6.26
N ASP RA 76 37.19 -3.22 6.81
CA ASP RA 76 37.16 -2.92 8.25
C ASP RA 76 36.35 -1.63 8.49
N GLY RA 77 36.31 -1.15 9.75
CA GLY RA 77 35.57 0.05 10.13
C GLY RA 77 36.24 1.41 9.99
N GLY RA 78 37.38 1.50 9.30
CA GLY RA 78 38.06 2.77 9.14
C GLY RA 78 39.00 3.07 10.29
N GLU RA 79 39.64 4.24 10.25
CA GLU RA 79 40.58 4.66 11.27
C GLU RA 79 40.03 4.60 12.67
N ARG RA 80 38.81 5.06 12.89
CA ARG RA 80 38.26 5.08 14.24
C ARG RA 80 37.36 3.88 14.60
N THR RA 81 37.24 2.94 13.65
CA THR RA 81 36.43 1.70 13.75
C THR RA 81 34.89 1.87 13.72
N ASP RA 82 34.38 3.05 13.37
CA ASP RA 82 32.94 3.27 13.26
C ASP RA 82 32.52 3.95 11.95
N ARG RA 83 33.36 3.79 10.92
CA ARG RA 83 33.13 4.33 9.58
C ARG RA 83 32.74 5.81 9.57
N THR RA 84 33.59 6.65 10.15
CA THR RA 84 33.37 8.09 10.19
C THR RA 84 34.54 8.81 9.54
N LEU RA 85 34.28 9.76 8.66
CA LEU RA 85 35.37 10.51 8.08
C LEU RA 85 35.66 11.64 9.06
N LYS RA 86 36.93 11.98 9.26
CA LYS RA 86 37.26 13.02 10.21
C LYS RA 86 37.81 14.26 9.51
N ASN RA 87 37.48 15.45 10.01
CA ASN RA 87 37.99 16.62 9.38
C ASN RA 87 39.48 16.67 9.68
N THR RA 88 40.30 17.03 8.70
CA THR RA 88 41.74 17.14 8.91
C THR RA 88 42.12 18.07 10.08
N ALA RA 89 41.41 19.18 10.28
CA ALA RA 89 41.77 20.10 11.36
C ALA RA 89 40.91 20.02 12.64
N SER RA 90 39.61 20.14 12.48
CA SER RA 90 38.64 20.07 13.57
C SER RA 90 38.29 18.62 13.93
N ALA RA 91 37.44 18.42 14.94
CA ALA RA 91 37.07 17.07 15.35
C ALA RA 91 35.70 16.60 14.82
N ASP RA 92 35.16 17.30 13.83
CA ASP RA 92 33.86 16.93 13.26
C ASP RA 92 33.97 15.58 12.55
N VAL RA 93 32.89 14.79 12.59
CA VAL RA 93 32.91 13.47 11.94
C VAL RA 93 31.76 13.34 10.95
N VAL RA 94 31.95 12.51 9.92
CA VAL RA 94 30.90 12.29 8.92
C VAL RA 94 30.68 10.79 8.76
N ALA RA 95 29.60 10.26 9.33
CA ALA RA 95 29.32 8.83 9.25
C ALA RA 95 29.01 8.37 7.81
N TYR RA 96 29.56 7.24 7.39
CA TYR RA 96 29.32 6.68 6.07
C TYR RA 96 29.28 5.16 6.14
N ASN RA 97 29.12 4.49 4.99
CA ASN RA 97 29.10 3.04 4.92
C ASN RA 97 29.44 2.60 3.50
N VAL RA 98 29.96 1.39 3.36
CA VAL RA 98 30.30 0.88 2.05
C VAL RA 98 29.39 -0.31 1.73
N TYR RA 99 28.74 -0.31 0.57
CA TYR RA 99 27.87 -1.43 0.21
C TYR RA 99 28.49 -2.16 -0.97
N ARG RA 100 28.00 -3.36 -1.25
CA ARG RA 100 28.52 -4.18 -2.33
C ARG RA 100 27.73 -4.09 -3.63
N ASP RA 101 26.41 -3.96 -3.51
CA ASP RA 101 25.56 -3.89 -4.69
C ASP RA 101 25.21 -2.45 -5.04
N ALA RA 102 24.85 -2.23 -6.31
CA ALA RA 102 24.50 -0.91 -6.84
C ALA RA 102 23.32 -0.18 -6.17
N ALA RA 103 22.42 -0.92 -5.52
CA ALA RA 103 21.29 -0.32 -4.83
C ALA RA 103 21.51 -0.04 -3.33
N ARG RA 104 22.76 0.01 -2.85
CA ARG RA 104 23.06 0.32 -1.45
C ARG RA 104 22.34 -0.59 -0.43
N THR RA 105 22.11 -1.85 -0.80
CA THR RA 105 21.42 -2.81 0.09
C THR RA 105 22.33 -3.81 0.80
N ASN RA 106 23.19 -4.50 0.05
CA ASN RA 106 24.09 -5.51 0.60
C ASN RA 106 25.29 -4.81 1.19
N LEU RA 107 25.24 -4.56 2.49
CA LEU RA 107 26.29 -3.85 3.20
C LEU RA 107 27.54 -4.68 3.48
N TYR RA 108 28.72 -4.08 3.33
CA TYR RA 108 29.94 -4.78 3.66
C TYR RA 108 30.04 -4.64 5.16
N VAL RA 109 29.46 -5.59 5.89
CA VAL RA 109 29.49 -5.54 7.36
C VAL RA 109 30.92 -5.50 7.89
N VAL RA 110 31.16 -4.73 8.95
CA VAL RA 110 32.48 -4.58 9.55
C VAL RA 110 33.16 -5.94 9.83
N ASN RA 111 34.41 -6.11 9.40
CA ASN RA 111 35.16 -7.34 9.61
C ASN RA 111 34.38 -8.60 9.22
N GLN RA 112 33.76 -8.59 8.04
CA GLN RA 112 33.03 -9.76 7.57
C GLN RA 112 33.44 -10.15 6.16
N PRO RA 113 33.61 -11.46 5.92
CA PRO RA 113 34.03 -11.92 4.58
C PRO RA 113 32.92 -11.99 3.55
N GLN RA 114 32.57 -10.89 2.91
CA GLN RA 114 31.53 -10.96 1.90
C GLN RA 114 32.07 -11.86 0.76
N GLN RA 115 31.45 -13.04 0.54
CA GLN RA 115 31.86 -14.02 -0.50
C GLN RA 115 31.93 -13.44 -1.94
N PHE RA 116 32.77 -14.10 -2.77
CA PHE RA 116 32.95 -13.71 -4.17
C PHE RA 116 33.43 -14.90 -5.02
N THR RA 117 33.08 -14.90 -6.31
CA THR RA 117 33.49 -15.97 -7.21
C THR RA 117 34.49 -15.44 -8.24
N THR RA 118 35.29 -16.34 -8.81
CA THR RA 118 36.27 -15.95 -9.81
C THR RA 118 36.62 -17.14 -10.71
N VAL RA 119 36.55 -16.97 -12.03
CA VAL RA 119 36.87 -18.06 -12.94
C VAL RA 119 38.22 -17.82 -13.61
N SER RA 120 38.77 -18.88 -14.22
CA SER RA 120 40.06 -18.80 -14.90
C SER RA 120 39.99 -17.89 -16.12
N GLY RA 121 41.11 -17.22 -16.43
CA GLY RA 121 41.19 -16.33 -17.57
C GLY RA 121 40.18 -15.20 -17.54
N GLN RA 122 39.92 -14.67 -16.35
CA GLN RA 122 38.98 -13.57 -16.18
C GLN RA 122 39.30 -12.81 -14.89
N ALA RA 123 38.98 -11.53 -14.86
CA ALA RA 123 39.22 -10.72 -13.66
C ALA RA 123 37.85 -10.29 -13.13
N THR RA 124 37.55 -10.53 -11.86
CA THR RA 124 36.27 -10.14 -11.30
C THR RA 124 36.44 -8.78 -10.61
N ALA RA 125 35.45 -7.90 -10.74
CA ALA RA 125 35.54 -6.58 -10.13
C ALA RA 125 34.99 -6.59 -8.71
N VAL RA 126 35.58 -5.77 -7.83
CA VAL RA 126 35.12 -5.68 -6.45
C VAL RA 126 34.42 -4.35 -6.28
N PRO RA 127 33.08 -4.35 -6.37
CA PRO RA 127 32.38 -3.08 -6.25
C PRO RA 127 32.31 -2.64 -4.79
N ILE RA 128 32.94 -1.53 -4.46
CA ILE RA 128 32.87 -1.01 -3.12
C ILE RA 128 32.08 0.28 -3.32
N PHE RA 129 30.76 0.20 -3.11
CA PHE RA 129 29.91 1.35 -3.32
C PHE RA 129 29.75 2.14 -2.03
N GLY RA 130 30.18 3.40 -2.02
CA GLY RA 130 30.04 4.21 -0.84
C GLY RA 130 28.68 4.87 -0.80
N ALA RA 131 28.26 5.26 0.38
CA ALA RA 131 26.99 5.92 0.59
C ALA RA 131 27.01 6.70 1.92
N ILE RA 132 26.53 7.94 1.87
CA ILE RA 132 26.45 8.77 3.06
C ILE RA 132 25.00 9.24 3.29
N ALA RA 133 24.53 9.16 4.54
CA ALA RA 133 23.17 9.55 4.87
C ALA RA 133 22.93 11.05 4.69
N PRO RA 134 21.67 11.43 4.45
CA PRO RA 134 21.38 12.86 4.28
C PRO RA 134 21.48 13.59 5.62
N ASN RA 135 22.40 14.56 5.71
CA ASN RA 135 22.56 15.33 6.93
C ASN RA 135 21.73 16.59 6.76
N THR RA 136 20.57 16.64 7.43
CA THR RA 136 19.72 17.82 7.34
C THR RA 136 19.50 18.37 8.74
N GLY RA 137 20.52 18.22 9.59
CA GLY RA 137 20.45 18.69 10.96
C GLY RA 137 21.46 19.78 11.26
N THR RA 138 22.71 19.40 11.47
CA THR RA 138 23.77 20.36 11.78
C THR RA 138 24.78 20.46 10.65
N PRO RA 139 25.18 21.69 10.29
CA PRO RA 139 26.16 21.85 9.20
C PRO RA 139 27.59 21.57 9.68
N LYS RA 140 28.23 20.52 9.18
CA LYS RA 140 29.59 20.18 9.58
C LYS RA 140 30.57 21.28 9.12
N ALA RA 141 31.62 21.52 9.90
CA ALA RA 141 32.59 22.55 9.55
C ALA RA 141 33.26 22.38 8.18
N GLN RA 142 33.67 23.51 7.57
CA GLN RA 142 34.32 23.49 6.26
C GLN RA 142 35.68 22.82 6.31
N GLY RA 143 36.12 22.28 5.17
CA GLY RA 143 37.41 21.60 5.11
C GLY RA 143 37.32 20.27 4.40
N ASP RA 144 38.34 19.44 4.59
CA ASP RA 144 38.39 18.12 3.95
C ASP RA 144 38.19 17.00 4.98
N TYR RA 145 37.27 16.07 4.72
CA TYR RA 145 37.03 14.97 5.63
C TYR RA 145 37.67 13.73 5.02
N LYS RA 146 38.39 12.93 5.82
CA LYS RA 146 39.06 11.74 5.30
C LYS RA 146 38.89 10.50 6.20
N ASP RA 147 39.23 9.35 5.62
CA ASP RA 147 39.23 8.06 6.29
C ASP RA 147 40.01 7.11 5.41
N THR RA 148 40.57 6.07 6.03
CA THR RA 148 41.33 5.09 5.28
C THR RA 148 40.78 3.71 5.60
N LEU RA 149 39.88 3.19 4.76
CA LEU RA 149 39.32 1.89 5.03
C LEU RA 149 40.36 0.85 4.58
N LEU RA 150 40.57 -0.20 5.36
CA LEU RA 150 41.51 -1.22 4.97
C LEU RA 150 40.66 -2.34 4.37
N VAL RA 151 40.81 -2.62 3.08
CA VAL RA 151 40.05 -3.70 2.44
C VAL RA 151 40.96 -4.91 2.56
N THR RA 152 40.38 -6.04 2.98
CA THR RA 152 41.08 -7.29 3.24
C THR RA 152 40.64 -8.42 2.34
N VAL RA 153 41.31 -8.61 1.20
CA VAL RA 153 40.99 -9.71 0.31
C VAL RA 153 41.64 -10.95 0.91
N ASN RA 154 40.86 -11.89 1.44
CA ASN RA 154 41.45 -13.05 2.07
C ASN RA 154 40.82 -14.32 1.55
N PHE RA 155 41.52 -15.41 1.77
CA PHE RA 155 41.12 -16.69 1.23
C PHE RA 155 40.82 -17.68 2.35
N ALA SA 1 46.19 -13.68 1.87
CA ALA SA 1 45.73 -12.51 2.61
C ALA SA 1 46.31 -11.23 2.01
N VAL SA 2 45.56 -10.58 1.12
CA VAL SA 2 46.00 -9.35 0.51
C VAL SA 2 45.19 -8.17 1.10
N THR SA 3 45.75 -7.55 2.13
CA THR SA 3 45.11 -6.40 2.79
C THR SA 3 45.56 -5.10 2.10
N GLY SA 4 44.60 -4.24 1.79
CA GLY SA 4 44.87 -3.00 1.12
C GLY SA 4 44.13 -1.77 1.62
N GLN SA 5 44.55 -0.56 1.23
CA GLN SA 5 43.88 0.65 1.72
C GLN SA 5 42.98 1.37 0.69
N VAL SA 6 41.88 1.97 1.18
CA VAL SA 6 40.95 2.69 0.32
C VAL SA 6 40.73 4.05 0.97
N ASP SA 7 41.31 5.11 0.40
CA ASP SA 7 41.16 6.42 1.00
C ASP SA 7 39.76 6.96 0.73
N VAL SA 8 39.06 7.35 1.79
CA VAL SA 8 37.71 7.90 1.66
C VAL SA 8 37.82 9.42 1.80
N LYS SA 9 37.10 10.18 0.98
CA LYS SA 9 37.19 11.63 1.06
C LYS SA 9 35.85 12.33 0.83
N LEU SA 10 35.74 13.54 1.35
CA LEU SA 10 34.55 14.38 1.21
C LEU SA 10 35.00 15.81 1.48
N ASN SA 11 34.69 16.74 0.57
CA ASN SA 11 35.10 18.11 0.75
C ASN SA 11 33.89 18.96 1.09
N ILE SA 12 33.62 19.13 2.37
CA ILE SA 12 32.49 19.94 2.80
C ILE SA 12 32.91 21.39 2.71
N SER SA 13 32.37 22.14 1.74
CA SER SA 13 32.68 23.56 1.56
C SER SA 13 31.55 24.37 0.89
N THR SA 14 31.24 24.07 -0.36
CA THR SA 14 30.20 24.75 -1.14
C THR SA 14 29.80 23.85 -2.31
N GLY SA 15 28.75 23.05 -2.13
CA GLY SA 15 28.31 22.12 -3.15
C GLY SA 15 26.97 22.38 -3.83
N CYS SA 16 26.63 21.44 -4.73
CA CYS SA 16 25.42 21.49 -5.53
C CYS SA 16 24.50 20.32 -5.18
N THR SA 17 23.18 20.55 -5.15
CA THR SA 17 22.22 19.49 -4.77
C THR SA 17 21.18 19.17 -5.86
N VAL SA 18 20.72 17.93 -5.90
CA VAL SA 18 19.73 17.54 -6.91
C VAL SA 18 18.32 17.40 -6.30
N GLY SA 19 17.35 18.16 -6.79
CA GLY SA 19 15.99 18.08 -6.28
C GLY SA 19 15.15 17.19 -7.17
N GLY SA 20 13.99 16.76 -6.67
CA GLY SA 20 13.10 15.88 -7.41
C GLY SA 20 13.32 14.39 -7.10
N SER SA 21 14.25 14.11 -6.21
CA SER SA 21 14.54 12.73 -5.86
C SER SA 21 13.96 12.37 -4.49
N GLN SA 22 13.75 11.08 -4.28
CA GLN SA 22 13.22 10.55 -3.05
C GLN SA 22 14.25 9.52 -2.61
N THR SA 23 14.54 9.45 -1.32
CA THR SA 23 15.53 8.49 -0.85
C THR SA 23 14.92 7.09 -0.74
N GLU SA 24 15.20 6.20 -1.70
CA GLU SA 24 14.71 4.84 -1.62
C GLU SA 24 15.72 4.10 -0.75
N GLY SA 25 15.43 3.95 0.55
CA GLY SA 25 16.38 3.29 1.43
C GLY SA 25 17.63 4.16 1.44
N ASN SA 26 18.77 3.63 0.98
CA ASN SA 26 20.01 4.41 0.98
C ASN SA 26 20.45 4.75 -0.45
N MET SA 27 19.51 4.75 -1.40
CA MET SA 27 19.83 5.08 -2.79
C MET SA 27 18.82 6.11 -3.32
N ASN SA 28 19.30 7.23 -3.86
CA ASN SA 28 18.41 8.28 -4.36
C ASN SA 28 17.53 7.85 -5.55
N LYS SA 29 16.21 7.78 -5.36
CA LYS SA 29 15.31 7.44 -6.44
C LYS SA 29 15.04 8.72 -7.23
N PHE SA 30 15.63 8.85 -8.42
CA PHE SA 30 15.48 10.06 -9.20
C PHE SA 30 14.15 10.15 -9.95
N GLY SA 31 13.71 9.05 -10.56
CA GLY SA 31 12.45 9.15 -11.29
C GLY SA 31 12.07 7.91 -12.07
N THR SA 32 11.15 8.08 -13.02
CA THR SA 32 10.68 6.97 -13.83
C THR SA 32 10.59 7.37 -15.31
N LEU SA 33 10.99 6.47 -16.20
CA LEU SA 33 10.93 6.71 -17.63
C LEU SA 33 9.83 5.76 -18.08
N ASN SA 34 8.59 6.23 -18.06
CA ASN SA 34 7.46 5.38 -18.36
C ASN SA 34 7.00 5.50 -19.81
N PHE SA 35 7.33 4.52 -20.65
CA PHE SA 35 6.93 4.56 -22.05
C PHE SA 35 5.45 4.25 -22.24
N GLY SA 36 4.84 3.62 -21.23
CA GLY SA 36 3.43 3.31 -21.26
C GLY SA 36 3.19 1.91 -21.78
N LYS SA 37 1.96 1.66 -22.22
CA LYS SA 37 1.57 0.36 -22.75
C LYS SA 37 1.87 0.30 -24.25
N THR SA 38 2.07 -0.91 -24.78
CA THR SA 38 2.36 -1.09 -26.19
C THR SA 38 2.08 -2.52 -26.65
N SER SA 39 1.91 -2.70 -27.96
CA SER SA 39 1.64 -4.00 -28.53
C SER SA 39 2.93 -4.67 -28.89
N GLY SA 40 2.88 -5.96 -29.29
CA GLY SA 40 4.05 -6.73 -29.64
C GLY SA 40 4.95 -6.04 -30.66
N THR SA 41 4.34 -5.51 -31.71
CA THR SA 41 5.09 -4.82 -32.76
C THR SA 41 4.58 -3.37 -32.93
N TRP SA 42 5.39 -2.39 -32.52
CA TRP SA 42 5.00 -1.00 -32.66
C TRP SA 42 5.73 -0.33 -33.83
N ASN SA 43 5.01 0.42 -34.66
CA ASN SA 43 5.63 1.09 -35.81
C ASN SA 43 6.13 2.50 -35.47
N ASN SA 44 5.51 3.12 -34.48
CA ASN SA 44 5.91 4.45 -34.04
C ASN SA 44 6.98 4.35 -32.95
N VAL SA 45 7.93 5.29 -32.97
CA VAL SA 45 9.01 5.35 -31.98
C VAL SA 45 8.36 5.60 -30.61
N LEU SA 46 8.50 4.68 -29.65
CA LEU SA 46 7.82 4.93 -28.37
C LEU SA 46 8.65 5.95 -27.60
N THR SA 47 8.03 7.00 -27.08
CA THR SA 47 8.78 8.09 -26.50
C THR SA 47 8.15 8.69 -25.23
N ALA SA 48 8.89 8.75 -24.12
CA ALA SA 48 8.37 9.33 -22.88
C ALA SA 48 9.49 10.04 -22.14
N GLU SA 49 9.12 10.96 -21.26
CA GLU SA 49 10.07 11.75 -20.49
C GLU SA 49 10.16 11.25 -19.06
N VAL SA 50 11.28 11.50 -18.42
CA VAL SA 50 11.47 11.10 -17.04
C VAL SA 50 10.49 11.87 -16.14
N ALA SA 51 9.91 11.19 -15.15
CA ALA SA 51 9.01 11.84 -14.21
C ALA SA 51 9.66 11.69 -12.82
N SER SA 52 10.11 12.79 -12.23
CA SER SA 52 10.76 12.74 -10.92
C SER SA 52 9.89 12.03 -9.88
N ALA SA 53 10.50 11.21 -9.02
CA ALA SA 53 9.73 10.47 -8.01
C ALA SA 53 9.17 11.35 -6.90
N ALA SA 54 9.77 12.51 -6.66
CA ALA SA 54 9.34 13.42 -5.62
C ALA SA 54 8.17 14.32 -6.01
N THR SA 55 8.26 14.96 -7.17
CA THR SA 55 7.20 15.86 -7.61
C THR SA 55 6.32 15.34 -8.76
N GLY SA 56 6.91 14.62 -9.69
CA GLY SA 56 6.16 14.12 -10.84
C GLY SA 56 6.64 14.81 -12.11
N GLY SA 57 7.27 15.97 -11.97
CA GLY SA 57 7.79 16.72 -13.10
C GLY SA 57 9.23 16.34 -13.40
N ASN SA 58 9.99 17.27 -13.97
CA ASN SA 58 11.38 16.99 -14.32
C ASN SA 58 12.33 17.17 -13.13
N ILE SA 59 13.42 16.42 -13.11
CA ILE SA 59 14.39 16.53 -12.03
C ILE SA 59 14.89 17.98 -12.00
N SER SA 60 14.82 18.64 -10.85
CA SER SA 60 15.25 20.03 -10.78
C SER SA 60 16.54 20.17 -9.97
N VAL SA 61 17.68 20.31 -10.64
CA VAL SA 61 18.92 20.43 -9.91
C VAL SA 61 19.20 21.89 -9.59
N THR SA 62 19.49 22.21 -8.34
CA THR SA 62 19.80 23.59 -7.97
C THR SA 62 21.18 23.56 -7.29
N CYS SA 63 21.96 24.63 -7.42
CA CYS SA 63 23.27 24.64 -6.80
C CYS SA 63 23.26 25.59 -5.61
N ASP SA 64 23.81 25.17 -4.47
CA ASP SA 64 23.85 26.01 -3.28
C ASP SA 64 25.02 26.98 -3.36
N GLY SA 65 24.87 28.02 -4.16
CA GLY SA 65 25.90 29.02 -4.34
C GLY SA 65 25.33 30.28 -4.97
N THR SA 66 26.15 31.31 -5.11
CA THR SA 66 25.72 32.57 -5.70
C THR SA 66 26.17 32.71 -7.15
N ASP SA 67 27.46 32.46 -7.39
CA ASP SA 67 28.03 32.55 -8.73
C ASP SA 67 27.57 31.34 -9.55
N PRO SA 68 27.56 31.47 -10.89
CA PRO SA 68 27.11 30.31 -11.66
C PRO SA 68 28.03 29.09 -11.50
N VAL SA 69 27.47 27.89 -11.45
CA VAL SA 69 28.25 26.67 -11.28
C VAL SA 69 28.02 25.76 -12.49
N ASP SA 70 29.08 25.16 -13.02
CA ASP SA 70 28.92 24.29 -14.18
C ASP SA 70 28.98 22.85 -13.70
N PHE SA 71 27.83 22.18 -13.64
CA PHE SA 71 27.80 20.79 -13.16
C PHE SA 71 27.53 19.87 -14.31
N THR SA 72 27.94 18.62 -14.16
CA THR SA 72 27.75 17.65 -15.23
C THR SA 72 26.73 16.58 -14.90
N VAL SA 73 26.20 15.95 -15.95
CA VAL SA 73 25.22 14.89 -15.80
C VAL SA 73 25.67 13.66 -16.60
N ALA SA 74 25.73 12.48 -15.96
CA ALA SA 74 26.14 11.27 -16.65
C ALA SA 74 25.16 10.16 -16.34
N ILE SA 75 24.72 9.41 -17.35
CA ILE SA 75 23.80 8.32 -17.16
C ILE SA 75 24.56 7.08 -17.60
N ASP SA 76 24.35 5.97 -16.91
CA ASP SA 76 25.05 4.73 -17.24
C ASP SA 76 24.22 3.89 -18.25
N GLY SA 77 24.67 2.68 -18.57
CA GLY SA 77 24.01 1.79 -19.51
C GLY SA 77 22.90 0.87 -19.03
N GLY SA 78 22.40 1.07 -17.80
CA GLY SA 78 21.34 0.22 -17.28
C GLY SA 78 21.88 -1.03 -16.60
N GLU SA 79 20.98 -1.88 -16.12
CA GLU SA 79 21.34 -3.11 -15.45
C GLU SA 79 22.30 -3.98 -16.23
N ARG SA 80 22.06 -4.16 -17.53
CA ARG SA 80 22.93 -5.04 -18.31
C ARG SA 80 24.05 -4.34 -19.09
N THR SA 81 24.15 -3.02 -18.91
CA THR SA 81 25.14 -2.12 -19.55
C THR SA 81 24.97 -1.86 -21.07
N ASP SA 82 23.83 -2.25 -21.65
CA ASP SA 82 23.58 -1.99 -23.08
C ASP SA 82 22.20 -1.37 -23.34
N ARG SA 83 21.66 -0.69 -22.32
CA ARG SA 83 20.37 0.00 -22.38
C ARG SA 83 19.24 -0.85 -22.95
N THR SA 84 19.00 -2.01 -22.33
CA THR SA 84 17.93 -2.90 -22.75
C THR SA 84 16.97 -3.15 -21.59
N LEU SA 85 15.67 -3.05 -21.82
CA LEU SA 85 14.76 -3.35 -20.75
C LEU SA 85 14.55 -4.85 -20.79
N LYS SA 86 14.42 -5.50 -19.63
CA LYS SA 86 14.26 -6.94 -19.63
C LYS SA 86 12.88 -7.34 -19.12
N ASN SA 87 12.29 -8.39 -19.69
CA ASN SA 87 11.00 -8.80 -19.24
C ASN SA 87 11.18 -9.37 -17.85
N THR SA 88 10.29 -9.06 -16.92
CA THR SA 88 10.36 -9.61 -15.57
C THR SA 88 10.44 -11.14 -15.53
N ALA SA 89 9.71 -11.84 -16.41
CA ALA SA 89 9.73 -13.32 -16.38
C ALA SA 89 10.62 -14.01 -17.43
N SER SA 90 10.40 -13.67 -18.69
CA SER SA 90 11.15 -14.23 -19.82
C SER SA 90 12.47 -13.49 -20.03
N ALA SA 91 13.27 -13.91 -21.02
CA ALA SA 91 14.56 -13.25 -21.27
C ALA SA 91 14.54 -12.28 -22.44
N ASP SA 92 13.35 -11.86 -22.90
CA ASP SA 92 13.24 -10.92 -24.00
C ASP SA 92 13.81 -9.56 -23.59
N VAL SA 93 14.42 -8.84 -24.54
CA VAL SA 93 14.99 -7.53 -24.24
C VAL SA 93 14.43 -6.45 -25.16
N VAL SA 94 14.39 -5.21 -24.67
CA VAL SA 94 13.87 -4.11 -25.49
C VAL SA 94 14.91 -2.98 -25.48
N ALA SA 95 15.67 -2.82 -26.56
CA ALA SA 95 16.69 -1.78 -26.63
C ALA SA 95 16.09 -0.36 -26.61
N TYR SA 96 16.69 0.55 -25.85
CA TYR SA 96 16.24 1.94 -25.77
C TYR SA 96 17.43 2.87 -25.62
N ASN SA 97 17.19 4.18 -25.47
CA ASN SA 97 18.25 5.16 -25.30
C ASN SA 97 17.65 6.40 -24.66
N VAL SA 98 18.48 7.17 -23.97
CA VAL SA 98 18.02 8.39 -23.32
C VAL SA 98 18.70 9.59 -23.99
N TYR SA 99 17.94 10.58 -24.42
CA TYR SA 99 18.53 11.75 -25.06
C TYR SA 99 18.32 12.95 -24.13
N ARG SA 100 19.05 14.03 -24.42
CA ARG SA 100 18.97 15.23 -23.59
C ARG SA 100 18.05 16.31 -24.16
N ASP SA 101 18.00 16.43 -25.48
CA ASP SA 101 17.15 17.45 -26.10
C ASP SA 101 15.83 16.86 -26.57
N ALA SA 102 14.83 17.73 -26.74
CA ALA SA 102 13.47 17.36 -27.15
C ALA SA 102 13.35 16.67 -28.52
N ALA SA 103 14.31 16.85 -29.42
CA ALA SA 103 14.30 16.22 -30.73
C ALA SA 103 15.07 14.89 -30.82
N ARG SA 104 15.36 14.22 -29.69
CA ARG SA 104 16.05 12.93 -29.69
C ARG SA 104 17.39 12.92 -30.44
N THR SA 105 18.10 14.05 -30.44
CA THR SA 105 19.39 14.16 -31.14
C THR SA 105 20.63 14.07 -30.25
N ASN SA 106 20.68 14.87 -29.18
CA ASN SA 106 21.81 14.91 -28.27
C ASN SA 106 21.69 13.77 -27.29
N LEU SA 107 22.35 12.66 -27.62
CA LEU SA 107 22.29 11.44 -26.81
C LEU SA 107 23.12 11.50 -25.53
N TYR SA 108 22.59 10.95 -24.43
CA TYR SA 108 23.35 10.89 -23.20
C TYR SA 108 24.22 9.68 -23.39
N VAL SA 109 25.42 9.88 -23.96
CA VAL SA 109 26.33 8.77 -24.21
C VAL SA 109 26.68 8.03 -22.91
N VAL SA 110 26.79 6.69 -22.97
CA VAL SA 110 27.09 5.87 -21.80
C VAL SA 110 28.31 6.38 -21.02
N ASN SA 111 28.17 6.52 -19.70
CA ASN SA 111 29.26 6.99 -18.85
C ASN SA 111 29.95 8.25 -19.36
N GLN SA 112 29.16 9.26 -19.75
CA GLN SA 112 29.73 10.51 -20.23
C GLN SA 112 29.11 11.71 -19.52
N PRO SA 113 29.95 12.70 -19.15
CA PRO SA 113 29.44 13.87 -18.43
C PRO SA 113 28.79 14.93 -19.32
N GLN SA 114 27.53 14.77 -19.69
CA GLN SA 114 26.91 15.79 -20.52
C GLN SA 114 26.86 17.08 -19.67
N GLN SA 115 27.60 18.14 -20.08
CA GLN SA 115 27.66 19.43 -19.35
C GLN SA 115 26.30 20.11 -19.10
N PHE SA 116 26.26 20.95 -18.05
CA PHE SA 116 25.05 21.70 -17.68
C PHE SA 116 25.41 22.98 -16.90
N THR SA 117 24.56 24.00 -17.01
CA THR SA 117 24.79 25.27 -16.30
C THR SA 117 23.71 25.45 -15.26
N THR SA 118 24.03 26.22 -14.24
CA THR SA 118 23.07 26.51 -13.19
C THR SA 118 23.43 27.93 -12.78
N VAL SA 119 22.41 28.74 -12.51
CA VAL SA 119 22.57 30.15 -12.23
C VAL SA 119 21.99 30.61 -10.89
N SER SA 120 22.22 31.89 -10.56
CA SER SA 120 21.80 32.46 -9.29
C SER SA 120 20.32 32.24 -8.94
N GLY SA 121 20.07 31.72 -7.74
CA GLY SA 121 18.72 31.52 -7.24
C GLY SA 121 17.80 30.77 -8.18
N GLN SA 122 18.28 29.73 -8.83
CA GLN SA 122 17.39 29.01 -9.75
C GLN SA 122 17.63 27.50 -9.77
N ALA SA 123 16.58 26.75 -10.13
CA ALA SA 123 16.71 25.31 -10.24
C ALA SA 123 16.67 24.98 -11.74
N THR SA 124 17.70 24.29 -12.24
CA THR SA 124 17.76 23.92 -13.65
C THR SA 124 17.17 22.51 -13.79
N ALA SA 125 16.40 22.27 -14.84
CA ALA SA 125 15.80 20.95 -15.04
C ALA SA 125 16.73 20.03 -15.83
N VAL SA 126 16.69 18.73 -15.53
CA VAL SA 126 17.53 17.76 -16.23
C VAL SA 126 16.61 16.93 -17.12
N PRO SA 127 16.53 17.31 -18.41
CA PRO SA 127 15.64 16.56 -19.29
C PRO SA 127 16.25 15.22 -19.67
N ILE SA 128 15.64 14.13 -19.26
CA ILE SA 128 16.12 12.82 -19.64
C ILE SA 128 15.00 12.32 -20.55
N PHE SA 129 15.17 12.51 -21.86
CA PHE SA 129 14.14 12.13 -22.81
C PHE SA 129 14.39 10.70 -23.30
N GLY SA 130 13.45 9.79 -23.05
CA GLY SA 130 13.61 8.43 -23.50
C GLY SA 130 13.12 8.30 -24.93
N ALA SA 131 13.60 7.26 -25.60
CA ALA SA 131 13.21 6.97 -26.97
C ALA SA 131 13.47 5.49 -27.29
N ILE SA 132 12.50 4.83 -27.91
CA ILE SA 132 12.64 3.44 -28.31
C ILE SA 132 12.41 3.31 -29.83
N ALA SA 133 13.29 2.54 -30.49
CA ALA SA 133 13.18 2.34 -31.94
C ALA SA 133 11.93 1.57 -32.34
N PRO SA 134 11.46 1.79 -33.58
CA PRO SA 134 10.27 1.07 -34.02
C PRO SA 134 10.59 -0.40 -34.25
N ASN SA 135 9.93 -1.29 -33.51
CA ASN SA 135 10.13 -2.71 -33.66
C ASN SA 135 9.07 -3.22 -34.62
N THR SA 136 9.44 -3.49 -35.87
CA THR SA 136 8.49 -3.99 -36.85
C THR SA 136 8.98 -5.32 -37.38
N GLY SA 137 9.66 -6.08 -36.52
CA GLY SA 137 10.20 -7.37 -36.90
C GLY SA 137 9.58 -8.52 -36.11
N THR SA 138 10.04 -8.70 -34.87
CA THR SA 138 9.53 -9.78 -34.04
C THR SA 138 8.72 -9.23 -32.86
N PRO SA 139 7.56 -9.85 -32.57
CA PRO SA 139 6.75 -9.37 -31.44
C PRO SA 139 7.29 -9.87 -30.09
N LYS SA 140 7.78 -8.96 -29.24
CA LYS SA 140 8.31 -9.35 -27.94
C LYS SA 140 7.20 -9.92 -27.05
N ALA SA 141 7.54 -10.88 -26.20
CA ALA SA 141 6.55 -11.51 -25.33
C ALA SA 141 5.78 -10.53 -24.40
N GLN SA 142 4.55 -10.90 -24.04
CA GLN SA 142 3.71 -10.07 -23.18
C GLN SA 142 4.27 -9.98 -21.77
N GLY SA 143 3.94 -8.90 -21.07
CA GLY SA 143 4.44 -8.70 -19.71
C GLY SA 143 4.98 -7.31 -19.49
N ASP SA 144 5.76 -7.15 -18.43
CA ASP SA 144 6.33 -5.85 -18.08
C ASP SA 144 7.86 -5.84 -18.31
N TYR SA 145 8.37 -4.85 -19.04
CA TYR SA 145 9.80 -4.76 -19.29
C TYR SA 145 10.35 -3.66 -18.38
N LYS SA 146 11.49 -3.90 -17.72
CA LYS SA 146 12.07 -2.90 -16.82
C LYS SA 146 13.57 -2.72 -16.98
N ASP SA 147 14.07 -1.64 -16.39
CA ASP SA 147 15.49 -1.31 -16.34
C ASP SA 147 15.65 -0.24 -15.28
N THR SA 148 16.84 -0.15 -14.71
CA THR SA 148 17.12 0.86 -13.70
C THR SA 148 18.36 1.62 -14.12
N LEU SA 149 18.19 2.78 -14.77
CA LEU SA 149 19.35 3.53 -15.20
C LEU SA 149 19.85 4.30 -13.97
N LEU SA 150 21.16 4.34 -13.76
CA LEU SA 150 21.70 5.09 -12.64
C LEU SA 150 22.14 6.43 -13.21
N VAL SA 151 21.51 7.52 -12.79
CA VAL SA 151 21.90 8.84 -13.27
C VAL SA 151 22.91 9.34 -12.24
N THR SA 152 24.03 9.88 -12.74
CA THR SA 152 25.15 10.33 -11.94
C THR SA 152 25.41 11.82 -12.06
N VAL SA 153 24.83 12.62 -11.18
CA VAL SA 153 25.08 14.06 -11.18
C VAL SA 153 26.42 14.26 -10.48
N ASN SA 154 27.46 14.64 -11.21
CA ASN SA 154 28.77 14.79 -10.60
C ASN SA 154 29.36 16.12 -10.95
N PHE SA 155 30.36 16.51 -10.16
CA PHE SA 155 30.96 17.81 -10.28
C PHE SA 155 32.43 17.68 -10.65
N ALA TA 1 29.19 14.29 -5.86
CA ALA TA 1 28.77 13.10 -6.59
C ALA TA 1 27.42 12.59 -6.08
N VAL TA 2 26.35 12.99 -6.75
CA VAL TA 2 25.01 12.56 -6.38
C VAL TA 2 24.49 11.55 -7.43
N THR TA 3 24.71 10.27 -7.16
CA THR TA 3 24.26 9.20 -8.04
C THR TA 3 22.82 8.77 -7.65
N GLY TA 4 21.95 8.66 -8.65
CA GLY TA 4 20.58 8.30 -8.43
C GLY TA 4 19.97 7.31 -9.42
N GLN TA 5 18.81 6.74 -9.10
CA GLN TA 5 18.19 5.74 -9.99
C GLN TA 5 16.97 6.24 -10.79
N VAL TA 6 16.80 5.75 -12.02
CA VAL TA 6 15.69 6.13 -12.87
C VAL TA 6 15.08 4.83 -13.38
N ASP TA 7 13.91 4.44 -12.87
CA ASP TA 7 13.32 3.20 -13.28
C ASP TA 7 12.72 3.36 -14.68
N VAL TA 8 13.09 2.48 -15.61
CA VAL TA 8 12.57 2.52 -16.97
C VAL TA 8 11.52 1.43 -17.09
N LYS TA 9 10.39 1.71 -17.75
CA LYS TA 9 9.35 0.71 -17.87
C LYS TA 9 8.64 0.73 -19.21
N LEU TA 10 8.06 -0.41 -19.59
CA LEU TA 10 7.33 -0.57 -20.83
C LEU TA 10 6.43 -1.79 -20.65
N ASN TA 11 5.12 -1.65 -20.90
CA ASN TA 11 4.19 -2.75 -20.72
C ASN TA 11 3.76 -3.26 -22.07
N ILE TA 12 4.47 -4.26 -22.59
CA ILE TA 12 4.12 -4.84 -23.87
C ILE TA 12 2.96 -5.79 -23.63
N SER TA 13 1.75 -5.44 -24.09
CA SER TA 13 0.56 -6.29 -23.94
C SER TA 13 -0.51 -6.07 -25.03
N THR TA 14 -1.10 -4.88 -25.08
CA THR TA 14 -2.14 -4.51 -26.04
C THR TA 14 -2.23 -2.98 -26.09
N GLY TA 15 -1.52 -2.37 -27.05
CA GLY TA 15 -1.49 -0.92 -27.18
C GLY TA 15 -2.15 -0.29 -28.41
N CYS TA 16 -2.04 1.04 -28.44
CA CYS TA 16 -2.61 1.87 -29.48
C CYS TA 16 -1.51 2.56 -30.29
N THR TA 17 -1.68 2.69 -31.60
CA THR TA 17 -0.65 3.30 -32.47
C THR TA 17 -1.14 4.53 -33.24
N VAL TA 18 -0.24 5.47 -33.53
CA VAL TA 18 -0.60 6.68 -34.25
C VAL TA 18 -0.13 6.63 -35.71
N GLY TA 19 -1.05 6.73 -36.68
CA GLY TA 19 -0.67 6.70 -38.08
C GLY TA 19 -0.58 8.12 -38.63
N GLY TA 20 0.04 8.28 -39.79
CA GLY TA 20 0.21 9.58 -40.40
C GLY TA 20 1.54 10.26 -40.05
N SER TA 21 2.36 9.57 -39.26
CA SER TA 21 3.64 10.14 -38.86
C SER TA 21 4.79 9.48 -39.63
N GLN TA 22 5.90 10.21 -39.69
CA GLN TA 22 7.11 9.75 -40.36
C GLN TA 22 8.19 9.86 -39.29
N THR TA 23 9.09 8.89 -39.23
CA THR TA 23 10.13 8.94 -38.22
C THR TA 23 11.26 9.89 -38.65
N GLU TA 24 11.30 11.10 -38.09
CA GLU TA 24 12.39 12.02 -38.39
C GLU TA 24 13.53 11.62 -37.47
N GLY TA 25 14.48 10.83 -37.96
CA GLY TA 25 15.57 10.40 -37.11
C GLY TA 25 14.94 9.56 -36.01
N ASN TA 26 15.06 9.97 -34.74
CA ASN TA 26 14.48 9.20 -33.64
C ASN TA 26 13.30 9.94 -33.00
N MET TA 27 12.67 10.84 -33.75
CA MET TA 27 11.52 11.59 -33.23
C MET TA 27 10.37 11.55 -34.26
N ASN TA 28 9.19 11.13 -33.84
CA ASN TA 28 8.05 11.02 -34.76
C ASN TA 28 7.58 12.35 -35.34
N LYS TA 29 7.74 12.55 -36.66
CA LYS TA 29 7.27 13.78 -37.30
C LYS TA 29 5.78 13.59 -37.59
N PHE TA 30 4.92 14.24 -36.82
CA PHE TA 30 3.48 14.09 -37.00
C PHE TA 30 2.91 14.88 -38.16
N GLY TA 31 3.33 16.13 -38.34
CA GLY TA 31 2.77 16.89 -39.45
C GLY TA 31 3.19 18.34 -39.51
N THR TA 32 2.43 19.14 -40.26
CA THR TA 32 2.73 20.54 -40.42
C THR TA 32 1.46 21.39 -40.31
N LEU TA 33 1.57 22.53 -39.63
CA LEU TA 33 0.44 23.45 -39.47
C LEU TA 33 0.86 24.64 -40.34
N ASN TA 34 0.50 24.60 -41.60
CA ASN TA 34 0.93 25.61 -42.55
C ASN TA 34 -0.12 26.71 -42.75
N PHE TA 35 0.09 27.87 -42.13
CA PHE TA 35 -0.87 28.97 -42.29
C PHE TA 35 -0.78 29.63 -43.66
N GLY TA 36 0.34 29.43 -44.35
CA GLY TA 36 0.54 29.97 -45.67
C GLY TA 36 1.25 31.30 -45.62
N LYS TA 37 1.14 32.05 -46.71
CA LYS TA 37 1.77 33.38 -46.82
C LYS TA 37 0.84 34.44 -46.26
N THR TA 38 1.42 35.55 -45.82
CA THR TA 38 0.63 36.65 -45.26
C THR TA 38 1.41 37.97 -45.25
N SER TA 39 0.69 39.08 -45.16
CA SER TA 39 1.30 40.40 -45.14
C SER TA 39 1.60 40.80 -43.73
N GLY TA 40 2.30 41.93 -43.54
CA GLY TA 40 2.68 42.41 -42.22
C GLY TA 40 1.51 42.51 -41.27
N THR TA 41 0.41 43.10 -41.74
CA THR TA 41 -0.79 43.27 -40.93
C THR TA 41 -2.00 42.58 -41.58
N TRP TA 42 -2.47 41.47 -41.00
CA TRP TA 42 -3.62 40.75 -41.54
C TRP TA 42 -4.88 41.04 -40.71
N ASN TA 43 -6.00 41.33 -41.35
CA ASN TA 43 -7.25 41.60 -40.63
C ASN TA 43 -8.09 40.35 -40.40
N ASN TA 44 -7.91 39.35 -41.26
CA ASN TA 44 -8.63 38.10 -41.13
C ASN TA 44 -7.83 37.12 -40.27
N VAL TA 45 -8.53 36.32 -39.46
CA VAL TA 45 -7.91 35.32 -38.60
C VAL TA 45 -7.22 34.29 -39.50
N LEU TA 46 -5.90 34.14 -39.43
CA LEU TA 46 -5.25 33.18 -40.34
C LEU TA 46 -5.52 31.79 -39.80
N THR TA 47 -5.98 30.87 -40.65
CA THR TA 47 -6.42 29.57 -40.16
C THR TA 47 -6.05 28.40 -41.09
N ALA TA 48 -5.36 27.38 -40.58
CA ALA TA 48 -5.00 26.22 -41.38
C ALA TA 48 -5.04 24.96 -40.51
N GLU TA 49 -5.16 23.81 -41.15
CA GLU TA 49 -5.25 22.53 -40.47
C GLU TA 49 -3.94 21.78 -40.57
N VAL TA 50 -3.67 20.90 -39.62
CA VAL TA 50 -2.48 20.09 -39.64
C VAL TA 50 -2.48 19.15 -40.85
N ALA TA 51 -1.34 18.98 -41.51
CA ALA TA 51 -1.22 18.09 -42.64
C ALA TA 51 -0.20 17.02 -42.24
N SER TA 52 -0.64 15.77 -42.05
CA SER TA 52 0.26 14.69 -41.64
C SER TA 52 1.47 14.57 -42.58
N ALA TA 53 2.65 14.34 -42.02
CA ALA TA 53 3.86 14.24 -42.85
C ALA TA 53 3.92 12.98 -43.73
N ALA TA 54 3.19 11.93 -43.33
CA ALA TA 54 3.19 10.67 -44.06
C ALA TA 54 2.23 10.65 -45.25
N THR TA 55 0.99 11.08 -45.05
CA THR TA 55 0.01 11.05 -46.12
C THR TA 55 -0.36 12.42 -46.70
N GLY TA 56 -0.42 13.45 -45.86
CA GLY TA 56 -0.80 14.77 -46.32
C GLY TA 56 -2.14 15.17 -45.72
N GLY TA 57 -2.93 14.18 -45.29
CA GLY TA 57 -4.22 14.41 -44.68
C GLY TA 57 -4.11 14.56 -43.17
N ASN TA 58 -5.17 14.22 -42.45
CA ASN TA 58 -5.16 14.34 -40.99
C ASN TA 58 -4.51 13.13 -40.32
N ILE TA 59 -3.90 13.36 -39.15
CA ILE TA 59 -3.27 12.28 -38.40
C ILE TA 59 -4.34 11.22 -38.12
N SER TA 60 -4.09 9.96 -38.48
CA SER TA 60 -5.09 8.93 -38.26
C SER TA 60 -4.65 7.96 -37.17
N VAL TA 61 -5.17 8.11 -35.96
CA VAL TA 61 -4.76 7.22 -34.89
C VAL TA 61 -5.67 5.99 -34.88
N THR TA 62 -5.09 4.79 -34.85
CA THR TA 62 -5.88 3.58 -34.80
C THR TA 62 -5.40 2.79 -33.58
N CYS TA 63 -6.28 2.04 -32.95
CA CYS TA 63 -5.84 1.24 -31.81
C CYS TA 63 -5.77 -0.22 -32.25
N ASP TA 64 -4.97 -1.00 -31.53
CA ASP TA 64 -4.81 -2.42 -31.87
C ASP TA 64 -5.57 -3.31 -30.88
N GLY TA 65 -6.81 -3.67 -31.22
CA GLY TA 65 -7.61 -4.53 -30.36
C GLY TA 65 -9.05 -4.62 -30.82
N THR TA 66 -9.90 -5.23 -29.98
CA THR TA 66 -11.32 -5.39 -30.29
C THR TA 66 -12.25 -4.49 -29.48
N ASP TA 67 -11.90 -4.08 -28.27
CA ASP TA 67 -12.82 -3.21 -27.54
C ASP TA 67 -12.47 -1.75 -27.80
N PRO TA 68 -13.49 -0.87 -27.84
CA PRO TA 68 -13.18 0.53 -28.12
C PRO TA 68 -12.31 1.15 -27.02
N VAL TA 69 -11.08 1.55 -27.34
CA VAL TA 69 -10.20 2.14 -26.34
C VAL TA 69 -10.34 3.67 -26.27
N ASP TA 70 -10.22 4.23 -25.07
CA ASP TA 70 -10.33 5.67 -24.89
C ASP TA 70 -8.91 6.22 -24.74
N PHE TA 71 -8.38 6.86 -25.77
CA PHE TA 71 -7.03 7.39 -25.72
C PHE TA 71 -7.08 8.90 -25.65
N THR TA 72 -6.03 9.50 -25.10
CA THR TA 72 -6.01 10.94 -24.96
C THR TA 72 -4.98 11.62 -25.88
N VAL TA 73 -5.21 12.91 -26.12
CA VAL TA 73 -4.31 13.70 -26.96
C VAL TA 73 -3.90 14.97 -26.22
N ALA TA 74 -2.60 15.23 -26.11
CA ALA TA 74 -2.12 16.43 -25.43
C ALA TA 74 -1.09 17.12 -26.30
N ILE TA 75 -1.20 18.45 -26.44
CA ILE TA 75 -0.26 19.21 -27.23
C ILE TA 75 0.40 20.16 -26.24
N ASP TA 76 1.70 20.41 -26.41
CA ASP TA 76 2.43 21.28 -25.51
C ASP TA 76 2.39 22.74 -26.02
N GLY TA 77 3.11 23.67 -25.35
CA GLY TA 77 3.15 25.07 -25.73
C GLY TA 77 4.15 25.54 -26.76
N GLY TA 78 4.79 24.63 -27.50
CA GLY TA 78 5.75 25.02 -28.51
C GLY TA 78 7.15 25.21 -27.94
N GLU TA 79 8.09 25.60 -28.79
CA GLU TA 79 9.47 25.81 -28.40
C GLU TA 79 9.64 26.73 -27.21
N ARG TA 80 8.93 27.84 -27.18
CA ARG TA 80 9.10 28.80 -26.08
C ARG TA 80 8.08 28.67 -24.94
N THR TA 81 7.20 27.66 -25.05
CA THR TA 81 6.10 27.35 -24.10
C THR TA 81 4.92 28.34 -24.03
N ASP TA 82 4.81 29.26 -24.98
CA ASP TA 82 3.69 30.20 -25.00
C ASP TA 82 3.02 30.31 -26.39
N ARG TA 83 3.17 29.25 -27.19
CA ARG TA 83 2.58 29.13 -28.52
C ARG TA 83 2.84 30.35 -29.41
N THR TA 84 4.11 30.69 -29.59
CA THR TA 84 4.50 31.80 -30.45
C THR TA 84 5.43 31.32 -31.55
N LEU TA 85 5.18 31.72 -32.79
CA LEU TA 85 6.09 31.32 -33.83
C LEU TA 85 7.21 32.36 -33.84
N LYS TA 86 8.45 31.96 -34.07
CA LYS TA 86 9.54 32.91 -34.04
C LYS TA 86 10.15 33.09 -35.42
N ASN TA 87 10.56 34.32 -35.75
CA ASN TA 87 11.15 34.53 -37.04
C ASN TA 87 12.50 33.83 -37.03
N THR TA 88 12.85 33.16 -38.11
CA THR TA 88 14.15 32.50 -38.20
C THR TA 88 15.34 33.44 -37.93
N ALA TA 89 15.29 34.68 -38.39
CA ALA TA 89 16.42 35.60 -38.19
C ALA TA 89 16.27 36.62 -37.04
N SER TA 90 15.18 37.38 -37.07
CA SER TA 90 14.88 38.40 -36.06
C SER TA 90 14.20 37.79 -34.84
N ALA TA 91 13.89 38.60 -33.83
CA ALA TA 91 13.25 38.09 -32.62
C ALA TA 91 11.74 38.33 -32.56
N ASP TA 92 11.12 38.66 -33.69
CA ASP TA 92 9.69 38.90 -33.72
C ASP TA 92 8.92 37.61 -33.42
N VAL TA 93 7.77 37.71 -32.76
CA VAL TA 93 6.99 36.52 -32.43
C VAL TA 93 5.56 36.63 -32.95
N VAL TA 94 4.94 35.49 -33.25
CA VAL TA 94 3.56 35.49 -33.74
C VAL TA 94 2.72 34.53 -32.90
N ALA TA 95 1.91 35.06 -31.98
CA ALA TA 95 1.09 34.23 -31.11
C ALA TA 95 0.02 33.44 -31.90
N TYR TA 96 -0.16 32.16 -31.57
CA TYR TA 96 -1.16 31.32 -32.21
C TYR TA 96 -1.75 30.35 -31.18
N ASN TA 97 -2.65 29.46 -31.62
CA ASN TA 97 -3.26 28.46 -30.76
C ASN TA 97 -3.79 27.33 -31.63
N VAL TA 98 -3.91 26.14 -31.03
CA VAL TA 98 -4.42 24.99 -31.76
C VAL TA 98 -5.75 24.57 -31.13
N TYR TA 99 -6.80 24.42 -31.94
CA TYR TA 99 -8.10 24.00 -31.40
C TYR TA 99 -8.41 22.61 -31.93
N ARG TA 100 -9.39 21.96 -31.32
CA ARG TA 100 -9.77 20.60 -31.71
C ARG TA 100 -10.96 20.53 -32.65
N ASP TA 101 -11.92 21.44 -32.47
CA ASP TA 101 -13.11 21.44 -33.32
C ASP TA 101 -12.99 22.45 -34.45
N ALA TA 102 -13.77 22.23 -35.51
CA ALA TA 102 -13.79 23.09 -36.71
C ALA TA 102 -14.16 24.57 -36.50
N ALA TA 103 -14.87 24.89 -35.42
CA ALA TA 103 -15.24 26.26 -35.12
C ALA TA 103 -14.29 27.01 -34.17
N ARG TA 104 -13.04 26.54 -34.00
CA ARG TA 104 -12.05 27.21 -33.15
C ARG TA 104 -12.52 27.48 -31.71
N THR TA 105 -13.34 26.59 -31.17
CA THR TA 105 -13.87 26.75 -29.80
C THR TA 105 -13.20 25.87 -28.74
N ASN TA 106 -13.12 24.56 -29.00
CA ASN TA 106 -12.53 23.61 -28.05
C ASN TA 106 -11.03 23.65 -28.20
N LEU TA 107 -10.39 24.45 -27.35
CA LEU TA 107 -8.95 24.65 -27.39
C LEU TA 107 -8.14 23.48 -26.81
N TYR TA 108 -7.02 23.15 -27.45
CA TYR TA 108 -6.15 22.11 -26.92
C TYR TA 108 -5.35 22.83 -25.88
N VAL TA 109 -5.84 22.86 -24.63
CA VAL TA 109 -5.16 23.54 -23.55
C VAL TA 109 -3.74 22.99 -23.35
N VAL TA 110 -2.78 23.86 -23.05
CA VAL TA 110 -1.38 23.47 -22.85
C VAL TA 110 -1.24 22.29 -21.88
N ASN TA 111 -0.47 21.26 -22.26
CA ASN TA 111 -0.26 20.09 -21.42
C ASN TA 111 -1.55 19.50 -20.83
N GLN TA 112 -2.57 19.33 -21.66
CA GLN TA 112 -3.83 18.75 -21.19
C GLN TA 112 -4.28 17.61 -22.08
N PRO TA 113 -4.76 16.50 -21.47
CA PRO TA 113 -5.19 15.35 -22.24
C PRO TA 113 -6.59 15.47 -22.86
N GLN TA 114 -6.74 16.12 -24.00
CA GLN TA 114 -8.05 16.21 -24.59
C GLN TA 114 -8.47 14.77 -24.96
N GLN TA 115 -9.53 14.24 -24.31
CA GLN TA 115 -10.04 12.86 -24.54
C GLN TA 115 -10.42 12.55 -26.02
N PHE TA 116 -10.36 11.25 -26.35
CA PHE TA 116 -10.71 10.76 -27.69
C PHE TA 116 -11.16 9.29 -27.66
N THR TA 117 -12.02 8.91 -28.61
CA THR TA 117 -12.51 7.53 -28.68
C THR TA 117 -11.97 6.84 -29.93
N THR TA 118 -11.93 5.52 -29.91
CA THR TA 118 -11.44 4.76 -31.05
C THR TA 118 -12.02 3.34 -31.04
N VAL TA 119 -12.60 2.89 -32.14
CA VAL TA 119 -13.18 1.55 -32.19
C VAL TA 119 -12.31 0.62 -33.03
N SER TA 120 -12.54 -0.69 -32.90
CA SER TA 120 -11.79 -1.69 -33.64
C SER TA 120 -12.03 -1.60 -35.14
N GLY TA 121 -11.02 -1.93 -35.94
CA GLY TA 121 -11.12 -1.90 -37.39
C GLY TA 121 -11.49 -0.53 -37.94
N GLN TA 122 -10.95 0.52 -37.33
CA GLN TA 122 -11.21 1.88 -37.77
C GLN TA 122 -10.08 2.80 -37.29
N ALA TA 123 -9.83 3.87 -38.04
CA ALA TA 123 -8.79 4.83 -37.67
C ALA TA 123 -9.50 6.14 -37.35
N THR TA 124 -9.24 6.74 -36.19
CA THR TA 124 -9.87 8.00 -35.83
C THR TA 124 -8.91 9.13 -36.18
N ALA TA 125 -9.43 10.24 -36.71
CA ALA TA 125 -8.57 11.36 -37.09
C ALA TA 125 -8.36 12.32 -35.92
N VAL TA 126 -7.19 12.94 -35.83
CA VAL TA 126 -6.90 13.89 -34.77
C VAL TA 126 -6.86 15.28 -35.39
N PRO TA 127 -7.99 16.00 -35.29
CA PRO TA 127 -8.01 17.33 -35.90
C PRO TA 127 -7.24 18.33 -35.05
N ILE TA 128 -6.16 18.87 -35.58
CA ILE TA 128 -5.40 19.88 -34.87
C ILE TA 128 -5.65 21.11 -35.73
N PHE TA 129 -6.63 21.92 -35.35
CA PHE TA 129 -6.98 23.09 -36.13
C PHE TA 129 -6.21 24.31 -35.61
N GLY TA 130 -5.38 24.91 -36.45
CA GLY TA 130 -4.64 26.08 -36.03
C GLY TA 130 -5.48 27.32 -36.25
N ALA TA 131 -5.12 28.37 -35.53
CA ALA TA 131 -5.80 29.65 -35.62
C ALA TA 131 -4.90 30.77 -35.10
N ILE TA 132 -4.82 31.87 -35.84
CA ILE TA 132 -4.02 33.02 -35.46
C ILE TA 132 -4.91 34.27 -35.39
N ALA TA 133 -4.75 35.06 -34.32
CA ALA TA 133 -5.55 36.26 -34.13
C ALA TA 133 -5.24 37.34 -35.17
N PRO TA 134 -6.22 38.22 -35.45
CA PRO TA 134 -5.99 39.27 -36.43
C PRO TA 134 -5.02 40.32 -35.88
N ASN TA 135 -3.87 40.48 -36.53
CA ASN TA 135 -2.89 41.46 -36.12
C ASN TA 135 -3.14 42.73 -36.92
N THR TA 136 -3.76 43.73 -36.30
CA THR TA 136 -4.04 44.98 -36.98
C THR TA 136 -3.36 46.12 -36.23
N GLY TA 137 -2.22 45.82 -35.62
CA GLY TA 137 -1.48 46.80 -34.86
C GLY TA 137 -0.11 47.09 -35.45
N THR TA 138 0.85 46.20 -35.20
CA THR TA 138 2.21 46.39 -35.70
C THR TA 138 2.55 45.34 -36.77
N PRO TA 139 3.18 45.78 -37.87
CA PRO TA 139 3.54 44.82 -38.93
C PRO TA 139 4.81 44.03 -38.57
N LYS TA 140 4.68 42.71 -38.38
CA LYS TA 140 5.84 41.89 -38.03
C LYS TA 140 6.83 41.85 -39.20
N ALA TA 141 8.13 41.76 -38.90
CA ALA TA 141 9.15 41.74 -39.93
C ALA TA 141 9.01 40.60 -40.97
N GLN TA 142 9.49 40.85 -42.19
CA GLN TA 142 9.42 39.88 -43.27
C GLN TA 142 10.28 38.65 -42.99
N GLY TA 143 9.91 37.52 -43.57
CA GLY TA 143 10.65 36.28 -43.36
C GLY TA 143 9.76 35.11 -43.06
N ASP TA 144 10.34 34.04 -42.52
CA ASP TA 144 9.59 32.83 -42.19
C ASP TA 144 9.45 32.66 -40.67
N TYR TA 145 8.24 32.45 -40.17
CA TYR TA 145 8.04 32.25 -38.74
C TYR TA 145 7.80 30.77 -38.51
N LYS TA 146 8.43 30.18 -37.49
CA LYS TA 146 8.28 28.74 -37.23
C LYS TA 146 8.07 28.42 -35.74
N ASP TA 147 7.64 27.18 -35.51
CA ASP TA 147 7.44 26.61 -34.18
C ASP TA 147 7.32 25.12 -34.35
N THR TA 148 7.64 24.37 -33.30
CA THR TA 148 7.55 22.92 -33.35
C THR TA 148 6.71 22.47 -32.16
N LEU TA 149 5.41 22.25 -32.37
CA LEU TA 149 4.58 21.81 -31.28
C LEU TA 149 4.82 20.31 -31.11
N LEU TA 150 4.93 19.84 -29.88
CA LEU TA 150 5.12 18.42 -29.64
C LEU TA 150 3.73 17.88 -29.29
N VAL TA 151 3.16 17.02 -30.13
CA VAL TA 151 1.86 16.44 -29.84
C VAL TA 151 2.16 15.14 -29.10
N THR TA 152 1.46 14.91 -28.00
CA THR TA 152 1.65 13.78 -27.10
C THR TA 152 0.46 12.85 -27.02
N VAL TA 153 0.41 11.83 -27.86
CA VAL TA 153 -0.68 10.87 -27.82
C VAL TA 153 -0.35 9.92 -26.65
N ASN TA 154 -1.11 9.98 -25.56
CA ASN TA 154 -0.79 9.15 -24.42
C ASN TA 154 -2.03 8.42 -23.95
N PHE TA 155 -1.78 7.37 -23.17
CA PHE TA 155 -2.84 6.50 -22.74
C PHE TA 155 -2.96 6.50 -21.22
N ALA UA 1 2.69 5.88 -24.79
CA ALA UA 1 3.11 7.27 -24.90
C ALA UA 1 3.80 7.53 -26.25
N VAL UA 2 3.03 8.00 -27.23
CA VAL UA 2 3.59 8.30 -28.54
C VAL UA 2 3.67 9.82 -28.72
N THR UA 3 4.81 10.40 -28.38
CA THR UA 3 5.04 11.83 -28.53
C THR UA 3 5.60 12.14 -29.94
N GLY UA 4 5.00 13.14 -30.59
CA GLY UA 4 5.41 13.52 -31.92
C GLY UA 4 5.50 15.00 -32.21
N GLN UA 5 6.12 15.40 -33.32
CA GLN UA 5 6.28 16.83 -33.63
C GLN UA 5 5.36 17.38 -34.75
N VAL UA 6 4.94 18.63 -34.61
CA VAL UA 6 4.07 19.26 -35.60
C VAL UA 6 4.72 20.61 -35.93
N ASP UA 7 5.33 20.74 -37.10
CA ASP UA 7 5.99 21.97 -37.44
C ASP UA 7 4.94 23.03 -37.82
N VAL UA 8 5.01 24.19 -37.16
CA VAL UA 8 4.08 25.28 -37.43
C VAL UA 8 4.81 26.31 -38.29
N LYS UA 9 4.16 26.85 -39.30
CA LYS UA 9 4.82 27.82 -40.17
C LYS UA 9 3.91 28.96 -40.62
N LEU UA 10 4.52 30.08 -40.97
CA LEU UA 10 3.82 31.26 -41.45
C LEU UA 10 4.85 32.10 -42.19
N ASN UA 11 4.55 32.49 -43.42
CA ASN UA 11 5.49 33.27 -44.22
C ASN UA 11 4.99 34.70 -44.33
N ILE UA 12 5.42 35.55 -43.41
CA ILE UA 12 5.01 36.94 -43.45
C ILE UA 12 5.88 37.64 -44.50
N SER UA 13 5.29 38.02 -45.64
CA SER UA 13 6.01 38.71 -46.71
C SER UA 13 5.11 39.62 -47.59
N THR UA 14 4.17 39.02 -48.32
CA THR UA 14 3.25 39.73 -49.21
C THR UA 14 2.06 38.81 -49.48
N GLY UA 15 0.98 38.96 -48.70
CA GLY UA 15 -0.20 38.12 -48.85
C GLY UA 15 -1.49 38.76 -49.35
N CYS UA 16 -2.52 37.92 -49.42
CA CYS UA 16 -3.84 38.28 -49.91
C CYS UA 16 -4.87 38.18 -48.78
N THR UA 17 -5.83 39.11 -48.72
CA THR UA 17 -6.84 39.12 -47.65
C THR UA 17 -8.29 39.02 -48.15
N VAL UA 18 -9.17 38.43 -47.34
CA VAL UA 18 -10.56 38.28 -47.75
C VAL UA 18 -11.46 39.27 -47.01
N GLY UA 19 -12.19 40.13 -47.74
CA GLY UA 19 -13.08 41.09 -47.12
C GLY UA 19 -14.50 40.57 -47.13
N GLY UA 20 -15.37 41.18 -46.33
CA GLY UA 20 -16.77 40.76 -46.22
C GLY UA 20 -17.03 39.78 -45.09
N SER UA 21 -15.98 39.45 -44.33
CA SER UA 21 -16.12 38.52 -43.24
C SER UA 21 -16.11 39.23 -41.90
N GLN UA 22 -16.68 38.57 -40.89
CA GLN UA 22 -16.75 39.09 -39.54
C GLN UA 22 -16.12 37.99 -38.68
N THR UA 23 -15.33 38.37 -37.70
CA THR UA 23 -14.70 37.35 -36.86
C THR UA 23 -15.67 36.82 -35.82
N GLU UA 24 -16.22 35.62 -36.03
CA GLU UA 24 -17.11 35.01 -35.05
C GLU UA 24 -16.17 34.33 -34.05
N GLY UA 25 -15.89 34.99 -32.93
CA GLY UA 25 -14.98 34.41 -31.96
C GLY UA 25 -13.63 34.27 -32.66
N ASN UA 26 -13.12 33.04 -32.82
CA ASN UA 26 -11.83 32.85 -33.48
C ASN UA 26 -11.98 32.18 -34.85
N MET UA 27 -13.17 32.28 -35.44
CA MET UA 27 -13.42 31.69 -36.76
C MET UA 27 -14.07 32.72 -37.69
N ASN UA 28 -13.50 32.95 -38.87
CA ASN UA 28 -14.03 33.95 -39.79
C ASN UA 28 -15.44 33.62 -40.32
N LYS UA 29 -16.45 34.43 -39.97
CA LYS UA 29 -17.81 34.23 -40.46
C LYS UA 29 -17.87 34.89 -41.84
N PHE UA 30 -17.88 34.10 -42.91
CA PHE UA 30 -17.90 34.65 -44.26
C PHE UA 30 -19.27 35.12 -44.71
N GLY UA 31 -20.32 34.36 -44.43
CA GLY UA 31 -21.63 34.82 -44.89
C GLY UA 31 -22.77 33.84 -44.65
N THR UA 32 -23.86 34.06 -45.37
CA THR UA 32 -25.03 33.21 -45.24
C THR UA 32 -25.63 32.86 -46.61
N LEU UA 33 -26.04 31.62 -46.78
CA LEU UA 33 -26.65 31.16 -48.02
C LEU UA 33 -28.10 30.94 -47.62
N ASN UA 34 -28.92 31.98 -47.74
CA ASN UA 34 -30.29 31.94 -47.29
C ASN UA 34 -31.27 31.62 -48.43
N PHE UA 35 -31.75 30.37 -48.49
CA PHE UA 35 -32.69 29.99 -49.53
C PHE UA 35 -34.09 30.56 -49.30
N GLY UA 36 -34.37 30.95 -48.06
CA GLY UA 36 -35.64 31.53 -47.69
C GLY UA 36 -36.59 30.50 -47.18
N LYS UA 37 -37.89 30.84 -47.20
CA LYS UA 37 -38.94 29.93 -46.75
C LYS UA 37 -39.40 29.05 -47.90
N THR UA 38 -39.94 27.87 -47.57
CA THR UA 38 -40.42 26.93 -48.57
C THR UA 38 -41.39 25.93 -47.99
N SER UA 39 -42.19 25.31 -48.86
CA SER UA 39 -43.17 24.31 -48.45
C SER UA 39 -42.56 22.95 -48.47
N GLY UA 40 -43.28 21.93 -47.95
CA GLY UA 40 -42.77 20.56 -47.89
C GLY UA 40 -42.24 20.07 -49.22
N THR UA 41 -43.01 20.28 -50.29
CA THR UA 41 -42.62 19.84 -51.61
C THR UA 41 -42.55 21.02 -52.59
N TRP UA 42 -41.33 21.41 -53.00
CA TRP UA 42 -41.17 22.52 -53.92
C TRP UA 42 -40.86 22.02 -55.34
N ASN UA 43 -41.52 22.55 -56.37
CA ASN UA 43 -41.27 22.12 -57.73
C ASN UA 43 -40.18 22.94 -58.43
N ASN UA 44 -40.00 24.18 -57.98
CA ASN UA 44 -38.97 25.04 -58.53
C ASN UA 44 -37.64 24.85 -57.78
N VAL UA 45 -36.53 24.92 -58.50
CA VAL UA 45 -35.21 24.79 -57.92
C VAL UA 45 -35.01 25.96 -56.95
N LEU UA 46 -34.82 25.70 -55.65
CA LEU UA 46 -34.68 26.85 -54.72
C LEU UA 46 -33.27 27.40 -54.89
N THR UA 47 -33.14 28.71 -55.06
CA THR UA 47 -31.85 29.28 -55.41
C THR UA 47 -31.56 30.62 -54.73
N ALA UA 48 -30.44 30.75 -54.01
CA ALA UA 48 -30.08 32.01 -53.36
C ALA UA 48 -28.56 32.17 -53.38
N GLU UA 49 -28.11 33.42 -53.24
CA GLU UA 49 -26.70 33.75 -53.28
C GLU UA 49 -26.17 34.02 -51.87
N VAL UA 50 -24.87 33.82 -51.68
CA VAL UA 50 -24.27 34.08 -50.40
C VAL UA 50 -24.35 35.58 -50.06
N ALA UA 51 -24.62 35.91 -48.80
CA ALA UA 51 -24.68 37.29 -48.36
C ALA UA 51 -23.60 37.45 -47.30
N SER UA 52 -22.53 38.20 -47.60
CA SER UA 52 -21.44 38.39 -46.64
C SER UA 52 -21.95 38.89 -45.28
N ALA UA 53 -21.38 38.37 -44.19
CA ALA UA 53 -21.83 38.78 -42.86
C ALA UA 53 -21.44 40.22 -42.48
N ALA UA 54 -20.40 40.75 -43.11
CA ALA UA 54 -19.93 42.10 -42.82
C ALA UA 54 -20.70 43.20 -43.54
N THR UA 55 -20.91 43.04 -44.84
CA THR UA 55 -21.61 44.08 -45.61
C THR UA 55 -23.03 43.72 -46.04
N GLY UA 56 -23.27 42.45 -46.39
CA GLY UA 56 -24.57 42.03 -46.86
C GLY UA 56 -24.51 41.63 -48.33
N GLY UA 57 -23.48 42.12 -49.03
CA GLY UA 57 -23.29 41.81 -50.43
C GLY UA 57 -22.40 40.58 -50.61
N ASN UA 58 -21.70 40.51 -51.73
CA ASN UA 58 -20.83 39.36 -52.00
C ASN UA 58 -19.47 39.47 -51.32
N ILE UA 59 -18.87 38.34 -50.98
CA ILE UA 59 -17.56 38.34 -50.34
C ILE UA 59 -16.58 39.04 -51.30
N SER UA 60 -15.86 40.06 -50.82
CA SER UA 60 -14.96 40.79 -51.70
C SER UA 60 -13.50 40.50 -51.33
N VAL UA 61 -12.83 39.63 -52.07
CA VAL UA 61 -11.45 39.32 -51.76
C VAL UA 61 -10.52 40.29 -52.48
N THR UA 62 -9.59 40.92 -51.75
CA THR UA 62 -8.65 41.83 -52.37
C THR UA 62 -7.25 41.33 -52.01
N CYS UA 63 -6.28 41.54 -52.88
CA CYS UA 63 -4.93 41.12 -52.55
C CYS UA 63 -4.12 42.36 -52.21
N ASP UA 64 -3.04 42.16 -51.45
CA ASP UA 64 -2.18 43.27 -51.05
C ASP UA 64 -0.88 43.29 -51.84
N GLY UA 65 -0.85 44.03 -52.95
CA GLY UA 65 0.35 44.12 -53.77
C GLY UA 65 0.10 44.86 -55.07
N THR UA 66 1.09 44.81 -55.96
CA THR UA 66 0.99 45.46 -57.27
C THR UA 66 0.83 44.49 -58.45
N ASP UA 67 1.32 43.26 -58.37
CA ASP UA 67 1.12 42.37 -59.52
C ASP UA 67 -0.15 41.55 -59.33
N PRO UA 68 -0.86 41.26 -60.44
CA PRO UA 68 -2.10 40.48 -60.28
C PRO UA 68 -1.84 39.09 -59.70
N VAL UA 69 -2.33 38.79 -58.50
CA VAL UA 69 -2.11 37.49 -57.89
C VAL UA 69 -3.22 36.49 -58.26
N ASP UA 70 -2.86 35.23 -58.43
CA ASP UA 70 -3.84 34.19 -58.75
C ASP UA 70 -4.13 33.42 -57.48
N PHE UA 71 -5.29 33.65 -56.86
CA PHE UA 71 -5.63 32.96 -55.62
C PHE UA 71 -6.73 31.95 -55.88
N THR UA 72 -6.80 30.94 -55.04
CA THR UA 72 -7.81 29.91 -55.24
C THR UA 72 -8.90 29.92 -54.17
N VAL UA 73 -10.04 29.32 -54.51
CA VAL UA 73 -11.18 29.25 -53.60
C VAL UA 73 -11.64 27.79 -53.50
N ALA UA 74 -11.76 27.26 -52.28
CA ALA UA 74 -12.20 25.88 -52.11
C ALA UA 74 -13.28 25.85 -51.03
N ILE UA 75 -14.38 25.13 -51.29
CA ILE UA 75 -15.46 25.01 -50.33
C ILE UA 75 -15.52 23.53 -50.00
N ASP UA 76 -15.80 23.21 -48.74
CA ASP UA 76 -15.87 21.82 -48.30
C ASP UA 76 -17.31 21.27 -48.44
N GLY UA 77 -17.55 20.04 -47.98
CA GLY UA 77 -18.86 19.40 -48.06
C GLY UA 77 -19.88 19.65 -46.97
N GLY UA 78 -19.66 20.63 -46.09
CA GLY UA 78 -20.61 20.90 -45.01
C GLY UA 78 -20.34 20.06 -43.78
N GLU UA 79 -21.19 20.22 -42.77
CA GLU UA 79 -21.06 19.49 -41.51
C GLU UA 79 -20.98 17.99 -41.68
N ARG UA 80 -21.82 17.41 -42.53
CA ARG UA 80 -21.81 15.95 -42.70
C ARG UA 80 -20.99 15.43 -43.88
N THR UA 81 -20.32 16.35 -44.59
CA THR UA 81 -19.47 16.10 -45.77
C THR UA 81 -20.20 15.67 -47.07
N ASP UA 82 -21.53 15.80 -47.13
CA ASP UA 82 -22.27 15.47 -48.36
C ASP UA 82 -23.26 16.58 -48.76
N ARG UA 83 -22.98 17.80 -48.34
CA ARG UA 83 -23.78 18.99 -48.66
C ARG UA 83 -25.27 18.81 -48.41
N THR UA 84 -25.62 18.45 -47.18
CA THR UA 84 -27.02 18.27 -46.80
C THR UA 84 -27.36 19.19 -45.63
N LEU UA 85 -28.48 19.91 -45.70
CA LEU UA 85 -28.84 20.73 -44.58
C LEU UA 85 -29.62 19.82 -43.63
N LYS UA 86 -29.44 19.97 -42.33
CA LYS UA 86 -30.12 19.10 -41.39
C LYS UA 86 -31.17 19.86 -40.58
N ASN UA 87 -32.29 19.23 -40.29
CA ASN UA 87 -33.28 19.90 -39.51
C ASN UA 87 -32.73 20.04 -38.10
N THR UA 88 -32.92 21.19 -37.47
CA THR UA 88 -32.46 21.39 -36.10
C THR UA 88 -32.97 20.33 -35.12
N ALA UA 89 -34.21 19.88 -35.25
CA ALA UA 89 -34.76 18.89 -34.31
C ALA UA 89 -34.79 17.43 -34.79
N SER UA 90 -35.40 17.21 -35.95
CA SER UA 90 -35.52 15.88 -36.56
C SER UA 90 -34.26 15.53 -37.36
N ALA UA 91 -34.23 14.33 -37.94
CA ALA UA 91 -33.06 13.90 -38.72
C ALA UA 91 -33.22 14.05 -40.24
N ASP UA 92 -34.22 14.80 -40.68
CA ASP UA 92 -34.45 14.99 -42.11
C ASP UA 92 -33.29 15.77 -42.73
N VAL UA 93 -32.95 15.48 -43.99
CA VAL UA 93 -31.84 16.16 -44.65
C VAL UA 93 -32.29 16.80 -45.96
N VAL UA 94 -31.64 17.88 -46.37
CA VAL UA 94 -31.98 18.56 -47.62
C VAL UA 94 -30.71 18.73 -48.46
N ALA UA 95 -30.53 17.90 -49.48
CA ALA UA 95 -29.35 17.97 -50.32
C ALA UA 95 -29.28 19.29 -51.13
N TYR UA 96 -28.09 19.91 -51.19
CA TYR UA 96 -27.89 21.14 -51.95
C TYR UA 96 -26.50 21.14 -52.57
N ASN UA 97 -26.13 22.23 -53.24
CA ASN UA 97 -24.82 22.37 -53.86
C ASN UA 97 -24.52 23.85 -54.07
N VAL UA 98 -23.25 24.20 -54.13
CA VAL UA 98 -22.86 25.59 -54.35
C VAL UA 98 -22.15 25.69 -55.70
N TYR UA 99 -22.58 26.61 -56.57
CA TYR UA 99 -21.94 26.77 -57.86
C TYR UA 99 -21.23 28.12 -57.89
N ARG UA 100 -20.36 28.30 -58.87
CA ARG UA 100 -19.59 29.54 -58.99
C ARG UA 100 -20.17 30.54 -59.98
N ASP UA 101 -20.76 30.05 -61.06
CA ASP UA 101 -21.32 30.93 -62.06
C ASP UA 101 -22.83 31.09 -61.88
N ALA UA 102 -23.36 32.18 -62.44
CA ALA UA 102 -24.79 32.52 -62.35
C ALA UA 102 -25.78 31.50 -62.94
N ALA UA 103 -25.34 30.67 -63.87
CA ALA UA 103 -26.18 29.65 -64.47
C ALA UA 103 -26.12 28.26 -63.80
N ARG UA 104 -25.63 28.15 -62.56
CA ARG UA 104 -25.57 26.89 -61.84
C ARG UA 104 -24.84 25.76 -62.58
N THR UA 105 -23.83 26.11 -63.37
CA THR UA 105 -23.06 25.12 -64.14
C THR UA 105 -21.68 24.76 -63.57
N ASN UA 106 -20.87 25.76 -63.26
CA ASN UA 106 -19.52 25.54 -62.74
C ASN UA 106 -19.63 25.29 -61.25
N LEU UA 107 -19.67 24.01 -60.89
CA LEU UA 107 -19.82 23.59 -59.50
C LEU UA 107 -18.55 23.73 -58.65
N TYR UA 108 -18.71 24.17 -57.40
CA TYR UA 108 -17.55 24.25 -56.52
C TYR UA 108 -17.40 22.83 -56.02
N VAL UA 109 -16.62 22.02 -56.73
CA VAL UA 109 -16.42 20.63 -56.34
C VAL UA 109 -15.84 20.52 -54.91
N VAL UA 110 -16.30 19.52 -54.15
CA VAL UA 110 -15.85 19.33 -52.78
C VAL UA 110 -14.31 19.32 -52.65
N ASN UA 111 -13.77 20.10 -51.71
CA ASN UA 111 -12.33 20.19 -51.48
C ASN UA 111 -11.52 20.40 -52.77
N GLN UA 112 -11.95 21.35 -53.60
CA GLN UA 112 -11.22 21.66 -54.83
C GLN UA 112 -10.94 23.15 -54.96
N PRO UA 113 -9.72 23.51 -55.39
CA PRO UA 113 -9.35 24.92 -55.52
C PRO UA 113 -9.88 25.60 -56.78
N GLN UA 114 -11.12 26.05 -56.81
CA GLN UA 114 -11.59 26.72 -58.00
C GLN UA 114 -10.75 28.01 -58.15
N GLN UA 115 -9.94 28.12 -59.23
CA GLN UA 115 -9.05 29.28 -59.50
C GLN UA 115 -9.78 30.64 -59.56
N PHE UA 116 -9.02 31.70 -59.27
CA PHE UA 116 -9.52 33.09 -59.31
C PHE UA 116 -8.40 34.11 -59.56
N THR UA 117 -8.74 35.24 -60.17
CA THR UA 117 -7.75 36.28 -60.45
C THR UA 117 -8.05 37.51 -59.62
N THR UA 118 -7.02 38.34 -59.39
CA THR UA 118 -7.19 39.55 -58.61
C THR UA 118 -6.12 40.58 -59.00
N VAL UA 119 -6.51 41.82 -59.31
CA VAL UA 119 -5.52 42.84 -59.68
C VAL UA 119 -5.36 43.85 -58.55
N SER UA 120 -4.29 44.64 -58.63
CA SER UA 120 -3.99 45.66 -57.63
C SER UA 120 -5.05 46.77 -57.61
N GLY UA 121 -5.31 47.34 -56.44
CA GLY UA 121 -6.28 48.41 -56.29
C GLY UA 121 -7.68 48.02 -56.73
N GLN UA 122 -8.07 46.78 -56.45
CA GLN UA 122 -9.39 46.29 -56.81
C GLN UA 122 -9.76 45.10 -55.92
N ALA UA 123 -11.05 44.90 -55.68
CA ALA UA 123 -11.51 43.80 -54.86
C ALA UA 123 -12.32 42.88 -55.78
N THR UA 124 -12.00 41.58 -55.82
CA THR UA 124 -12.74 40.65 -56.67
C THR UA 124 -13.81 39.97 -55.81
N ALA UA 125 -15.01 39.77 -56.36
CA ALA UA 125 -16.08 39.14 -55.62
C ALA UA 125 -16.04 37.62 -55.77
N VAL UA 126 -16.43 36.90 -54.71
CA VAL UA 126 -16.45 35.44 -54.74
C VAL UA 126 -17.91 35.02 -54.79
N PRO UA 127 -18.41 34.71 -56.00
CA PRO UA 127 -19.82 34.33 -56.09
C PRO UA 127 -20.00 32.89 -55.63
N ILE UA 128 -20.75 32.69 -54.54
CA ILE UA 128 -21.03 31.36 -54.08
C ILE UA 128 -22.53 31.26 -54.32
N PHE UA 129 -22.91 30.69 -55.45
CA PHE UA 129 -24.32 30.59 -55.81
C PHE UA 129 -24.89 29.25 -55.32
N GLY UA 130 -25.88 29.30 -54.44
CA GLY UA 130 -26.47 28.09 -53.95
C GLY UA 130 -27.57 27.63 -54.89
N ALA UA 131 -27.89 26.34 -54.82
CA ALA UA 131 -28.93 25.75 -55.63
C ALA UA 131 -29.43 24.45 -54.99
N ILE UA 132 -30.74 24.27 -54.93
CA ILE UA 132 -31.34 23.08 -54.38
C ILE UA 132 -32.27 22.42 -55.42
N ALA UA 133 -32.16 21.10 -55.56
CA ALA UA 133 -32.97 20.37 -56.54
C ALA UA 133 -34.45 20.38 -56.19
N PRO UA 134 -35.31 20.24 -57.21
CA PRO UA 134 -36.75 20.24 -56.95
C PRO UA 134 -37.16 18.96 -56.25
N ASN UA 135 -37.70 19.06 -55.03
CA ASN UA 135 -38.14 17.91 -54.28
C ASN UA 135 -39.64 17.76 -54.56
N THR UA 136 -40.00 16.79 -55.40
CA THR UA 136 -41.40 16.56 -55.71
C THR UA 136 -41.77 15.13 -55.34
N GLY UA 137 -41.11 14.62 -54.31
CA GLY UA 137 -41.35 13.27 -53.84
C GLY UA 137 -41.93 13.21 -52.44
N THR UA 138 -41.08 13.37 -51.43
CA THR UA 138 -41.52 13.33 -50.04
C THR UA 138 -41.44 14.71 -49.38
N PRO UA 139 -42.47 15.10 -48.62
CA PRO UA 139 -42.43 16.40 -47.95
C PRO UA 139 -41.57 16.37 -46.68
N LYS UA 140 -40.46 17.10 -46.66
CA LYS UA 140 -39.59 17.11 -45.49
C LYS UA 140 -40.31 17.77 -44.30
N ALA UA 141 -40.02 17.32 -43.09
CA ALA UA 141 -40.67 17.88 -41.90
C ALA UA 141 -40.49 19.38 -41.70
N GLN UA 142 -41.46 20.02 -41.05
CA GLN UA 142 -41.43 21.46 -40.79
C GLN UA 142 -40.30 21.83 -39.84
N GLY UA 143 -39.84 23.08 -39.94
CA GLY UA 143 -38.75 23.54 -39.09
C GLY UA 143 -37.67 24.28 -39.86
N ASP UA 144 -36.51 24.42 -39.25
CA ASP UA 144 -35.38 25.13 -39.88
C ASP UA 144 -34.26 24.14 -40.25
N TYR UA 145 -33.79 24.18 -41.51
CA TYR UA 145 -32.72 23.30 -41.93
C TYR UA 145 -31.45 24.14 -42.01
N LYS UA 146 -30.32 23.63 -41.49
CA LYS UA 146 -29.07 24.37 -41.50
C LYS UA 146 -27.86 23.55 -41.93
N ASP UA 147 -26.78 24.26 -42.22
CA ASP UA 147 -25.48 23.69 -42.57
C ASP UA 147 -24.46 24.81 -42.47
N THR UA 148 -23.21 24.43 -42.24
CA THR UA 148 -22.15 25.41 -42.13
C THR UA 148 -21.04 25.01 -43.09
N LEU UA 149 -21.03 25.60 -44.29
CA LEU UA 149 -19.99 25.26 -45.23
C LEU UA 149 -18.74 26.04 -44.85
N LEU UA 150 -17.58 25.40 -44.89
CA LEU UA 150 -16.35 26.10 -44.56
C LEU UA 150 -15.74 26.50 -45.90
N VAL UA 151 -15.64 27.79 -46.19
CA VAL UA 151 -15.03 28.24 -47.43
C VAL UA 151 -13.56 28.45 -47.09
N THR UA 152 -12.67 27.95 -47.95
CA THR UA 152 -11.23 27.97 -47.77
C THR UA 152 -10.51 28.77 -48.82
N VAL UA 153 -10.27 30.05 -48.58
CA VAL UA 153 -9.53 30.88 -49.53
C VAL UA 153 -8.05 30.55 -49.29
N ASN UA 154 -7.39 29.88 -50.22
CA ASN UA 154 -6.01 29.51 -50.00
C ASN UA 154 -5.17 29.89 -51.19
N PHE UA 155 -3.87 29.94 -50.95
CA PHE UA 155 -2.94 30.41 -51.94
C PHE UA 155 -1.96 29.31 -52.34
N ALA VA 1 -3.73 31.09 -46.11
CA ALA VA 1 -4.84 30.18 -45.87
C ALA VA 1 -5.90 30.85 -44.99
N VAL VA 2 -6.91 31.45 -45.62
CA VAL VA 2 -7.99 32.10 -44.89
C VAL VA 2 -9.26 31.24 -44.99
N THR VA 3 -9.46 30.37 -44.00
CA THR VA 3 -10.63 29.51 -43.95
C THR VA 3 -11.78 30.23 -43.20
N GLY VA 4 -12.98 30.20 -43.79
CA GLY VA 4 -14.12 30.85 -43.21
C GLY VA 4 -15.43 30.09 -43.27
N GLN VA 5 -16.45 30.51 -42.51
CA GLN VA 5 -17.73 29.79 -42.50
C GLN VA 5 -18.88 30.47 -43.27
N VAL VA 6 -19.76 29.66 -43.87
CA VAL VA 6 -20.90 30.18 -44.62
C VAL VA 6 -22.12 29.42 -44.11
N ASP VA 7 -22.98 30.06 -43.32
CA ASP VA 7 -24.11 29.38 -42.79
C ASP VA 7 -25.18 29.21 -43.87
N VAL VA 8 -25.63 27.97 -44.09
CA VAL VA 8 -26.64 27.69 -45.08
C VAL VA 8 -27.97 27.50 -44.35
N LYS VA 9 -29.06 28.03 -44.89
CA LYS VA 9 -30.34 27.91 -44.22
C LYS VA 9 -31.51 27.72 -45.18
N LEU VA 10 -32.59 27.11 -44.67
CA LEU VA 10 -33.80 26.86 -45.42
C LEU VA 10 -34.91 26.65 -44.41
N ASN VA 11 -36.02 27.38 -44.52
CA ASN VA 11 -37.11 27.25 -43.57
C ASN VA 11 -38.26 26.54 -44.24
N ILE VA 12 -38.31 25.21 -44.08
CA ILE VA 12 -39.40 24.44 -44.66
C ILE VA 12 -40.59 24.58 -43.73
N SER VA 13 -41.64 25.31 -44.15
CA SER VA 13 -42.84 25.49 -43.35
C SER VA 13 -44.12 25.76 -44.19
N THR VA 14 -44.15 26.88 -44.90
CA THR VA 14 -45.28 27.29 -45.73
C THR VA 14 -44.80 28.35 -46.72
N GLY VA 15 -44.41 27.93 -47.92
CA GLY VA 15 -43.90 28.83 -48.94
C GLY VA 15 -44.73 29.08 -50.19
N CYS VA 16 -44.15 29.89 -51.06
CA CYS VA 16 -44.77 30.32 -52.32
C CYS VA 16 -43.97 29.77 -53.51
N THR VA 17 -44.65 29.36 -54.58
CA THR VA 17 -43.98 28.77 -55.75
C THR VA 17 -44.25 29.54 -57.07
N VAL VA 18 -43.29 29.52 -57.99
CA VAL VA 18 -43.46 30.22 -59.26
C VAL VA 18 -43.75 29.25 -60.41
N GLY VA 19 -44.88 29.40 -61.08
CA GLY VA 19 -45.22 28.52 -62.20
C GLY VA 19 -44.85 29.18 -63.52
N GLY VA 20 -44.80 28.40 -64.59
CA GLY VA 20 -44.45 28.90 -65.90
C GLY VA 20 -42.96 28.74 -66.23
N SER VA 21 -42.21 28.17 -65.30
CA SER VA 21 -40.78 27.99 -65.51
C SER VA 21 -40.44 26.54 -65.84
N GLN VA 22 -39.30 26.35 -66.48
CA GLN VA 22 -38.81 25.04 -66.86
C GLN VA 22 -37.42 24.97 -66.25
N THR VA 23 -37.03 23.83 -65.72
CA THR VA 23 -35.72 23.72 -65.10
C THR VA 23 -34.65 23.51 -66.18
N GLU VA 24 -33.89 24.56 -66.52
CA GLU VA 24 -32.80 24.42 -67.46
C GLU VA 24 -31.61 23.91 -66.65
N GLY VA 25 -31.37 22.61 -66.66
CA GLY VA 25 -30.29 22.06 -65.86
C GLY VA 25 -30.62 22.36 -64.41
N ASN VA 26 -29.79 23.16 -63.72
CA ASN VA 26 -30.05 23.48 -62.32
C ASN VA 26 -30.43 24.95 -62.13
N MET VA 27 -30.93 25.58 -63.19
CA MET VA 27 -31.34 26.98 -63.13
C MET VA 27 -32.73 27.15 -63.74
N ASN VA 28 -33.67 27.75 -63.00
CA ASN VA 28 -35.04 27.91 -63.48
C ASN VA 28 -35.16 28.82 -64.72
N LYS VA 29 -35.55 28.27 -65.87
CA LYS VA 29 -35.75 29.07 -67.08
C LYS VA 29 -37.14 29.67 -66.99
N PHE VA 30 -37.25 30.96 -66.69
CA PHE VA 30 -38.54 31.61 -66.54
C PHE VA 30 -39.22 31.94 -67.87
N GLY VA 31 -38.48 32.46 -68.84
CA GLY VA 31 -39.14 32.79 -70.09
C GLY VA 31 -38.27 33.50 -71.11
N THR VA 32 -38.92 34.13 -72.09
CA THR VA 32 -38.22 34.83 -73.13
C THR VA 32 -38.85 36.21 -73.41
N LEU VA 33 -38.02 37.22 -73.64
CA LEU VA 33 -38.50 38.55 -73.94
C LEU VA 33 -38.10 38.72 -75.39
N ASN VA 34 -38.98 38.32 -76.31
CA ASN VA 34 -38.67 38.33 -77.73
C ASN VA 34 -39.18 39.58 -78.43
N PHE VA 35 -38.29 40.53 -78.73
CA PHE VA 35 -38.71 41.76 -79.40
C PHE VA 35 -39.00 41.53 -80.88
N GLY VA 36 -38.49 40.44 -81.42
CA GLY VA 36 -38.71 40.08 -82.81
C GLY VA 36 -37.60 40.57 -83.70
N LYS VA 37 -37.89 40.66 -84.99
CA LYS VA 37 -36.93 41.13 -85.99
C LYS VA 37 -37.02 42.66 -86.10
N THR VA 38 -35.93 43.28 -86.54
CA THR VA 38 -35.88 44.73 -86.69
C THR VA 38 -34.75 45.16 -87.62
N SER VA 39 -34.86 46.37 -88.16
CA SER VA 39 -33.85 46.92 -89.05
C SER VA 39 -32.83 47.67 -88.26
N GLY VA 40 -31.72 48.11 -88.92
CA GLY VA 40 -30.65 48.82 -88.26
C GLY VA 40 -31.12 50.00 -87.45
N THR VA 41 -32.00 50.81 -88.03
CA THR VA 41 -32.53 52.00 -87.35
C THR VA 41 -34.06 51.94 -87.25
N TRP VA 42 -34.61 51.72 -86.06
CA TRP VA 42 -36.05 51.65 -85.88
C TRP VA 42 -36.58 52.96 -85.26
N ASN VA 43 -37.67 53.51 -85.79
CA ASN VA 43 -38.23 54.74 -85.25
C ASN VA 43 -39.29 54.48 -84.17
N ASN VA 44 -39.92 53.32 -84.24
CA ASN VA 44 -40.92 52.95 -83.25
C ASN VA 44 -40.26 52.21 -82.07
N VAL VA 45 -40.77 52.45 -80.87
CA VAL VA 45 -40.28 51.81 -79.66
C VAL VA 45 -40.52 50.31 -79.79
N LEU VA 46 -39.47 49.47 -79.80
CA LEU VA 46 -39.74 48.03 -79.99
C LEU VA 46 -40.24 47.49 -78.67
N THR VA 47 -41.35 46.75 -78.68
CA THR VA 47 -41.98 46.34 -77.44
C THR VA 47 -42.56 44.93 -77.45
N ALA VA 48 -42.17 44.07 -76.51
CA ALA VA 48 -42.69 42.70 -76.44
C ALA VA 48 -42.81 42.28 -74.98
N GLU VA 49 -43.64 41.28 -74.73
CA GLU VA 49 -43.90 40.77 -73.39
C GLU VA 49 -43.17 39.46 -73.17
N VAL VA 50 -42.88 39.15 -71.91
CA VAL VA 50 -42.23 37.90 -71.59
C VAL VA 50 -43.13 36.72 -71.92
N ALA VA 51 -42.57 35.64 -72.46
CA ALA VA 51 -43.34 34.45 -72.78
C ALA VA 51 -42.75 33.33 -71.93
N SER VA 52 -43.49 32.82 -70.94
CA SER VA 52 -43.00 31.75 -70.07
C SER VA 52 -42.50 30.55 -70.88
N ALA VA 53 -41.38 29.95 -70.45
CA ALA VA 53 -40.82 28.81 -71.19
C ALA VA 53 -41.66 27.53 -71.07
N ALA VA 54 -42.46 27.42 -70.01
CA ALA VA 54 -43.28 26.24 -69.78
C ALA VA 54 -44.59 26.23 -70.56
N THR VA 55 -45.34 27.34 -70.51
CA THR VA 55 -46.62 27.40 -71.19
C THR VA 55 -46.66 28.27 -72.45
N GLY VA 56 -45.93 29.38 -72.44
CA GLY VA 56 -45.94 30.29 -73.56
C GLY VA 56 -46.60 31.60 -73.19
N GLY VA 57 -47.42 31.58 -72.13
CA GLY VA 57 -48.08 32.78 -71.65
C GLY VA 57 -47.26 33.49 -70.60
N ASN VA 58 -47.92 34.21 -69.69
CA ASN VA 58 -47.21 34.95 -68.65
C ASN VA 58 -46.84 34.08 -67.46
N ILE VA 59 -45.75 34.41 -66.78
CA ILE VA 59 -45.31 33.65 -65.61
C ILE VA 59 -46.46 33.69 -64.59
N SER VA 60 -46.89 32.53 -64.11
CA SER VA 60 -48.01 32.50 -63.17
C SER VA 60 -47.53 32.09 -61.78
N VAL VA 61 -47.34 33.05 -60.87
CA VAL VA 61 -46.88 32.71 -59.55
C VAL VA 61 -48.07 32.41 -58.65
N THR VA 62 -48.05 31.27 -57.96
CA THR VA 62 -49.13 30.92 -57.04
C THR VA 62 -48.50 30.67 -55.68
N CYS VA 63 -49.21 30.97 -54.59
CA CYS VA 63 -48.63 30.74 -53.27
C CYS VA 63 -49.33 29.54 -52.61
N ASP VA 64 -48.54 28.63 -52.02
CA ASP VA 64 -49.12 27.46 -51.37
C ASP VA 64 -49.58 27.82 -49.96
N GLY VA 65 -50.73 28.49 -49.88
CA GLY VA 65 -51.30 28.89 -48.61
C GLY VA 65 -52.76 29.26 -48.77
N THR VA 66 -53.42 29.57 -47.66
CA THR VA 66 -54.83 29.95 -47.69
C THR VA 66 -55.02 31.46 -47.59
N ASP VA 67 -54.37 32.08 -46.61
CA ASP VA 67 -54.46 33.51 -46.39
C ASP VA 67 -53.65 34.23 -47.46
N PRO VA 68 -53.99 35.50 -47.75
CA PRO VA 68 -53.21 36.17 -48.80
C PRO VA 68 -51.73 36.35 -48.43
N VAL VA 69 -50.83 36.20 -49.40
CA VAL VA 69 -49.40 36.34 -49.14
C VAL VA 69 -48.85 37.48 -50.00
N ASP VA 70 -47.99 38.33 -49.43
CA ASP VA 70 -47.44 39.45 -50.19
C ASP VA 70 -46.02 39.06 -50.60
N PHE VA 71 -45.82 38.71 -51.87
CA PHE VA 71 -44.50 38.32 -52.33
C PHE VA 71 -43.93 39.40 -53.22
N THR VA 72 -42.60 39.45 -53.31
CA THR VA 72 -41.97 40.47 -54.12
C THR VA 72 -41.30 39.92 -55.38
N VAL VA 73 -41.09 40.80 -56.35
CA VAL VA 73 -40.45 40.44 -57.60
C VAL VA 73 -39.28 41.39 -57.88
N ALA VA 74 -38.09 40.87 -58.14
CA ALA VA 74 -36.94 41.71 -58.43
C ALA VA 74 -36.23 41.19 -59.66
N ILE VA 75 -35.88 42.08 -60.59
CA ILE VA 75 -35.18 41.70 -61.79
C ILE VA 75 -33.83 42.40 -61.71
N ASP VA 76 -32.77 41.75 -62.18
CA ASP VA 76 -31.44 42.33 -62.13
C ASP VA 76 -31.14 43.10 -63.44
N GLY VA 77 -29.91 43.61 -63.60
CA GLY VA 77 -29.50 44.36 -64.77
C GLY VA 77 -28.98 43.63 -65.99
N GLY VA 78 -29.15 42.32 -66.07
CA GLY VA 78 -28.67 41.55 -67.21
C GLY VA 78 -27.22 41.12 -67.07
N GLU VA 79 -26.69 40.46 -68.09
CA GLU VA 79 -25.33 39.99 -68.09
C GLU VA 79 -24.30 41.05 -67.78
N ARG VA 80 -24.43 42.23 -68.37
CA ARG VA 80 -23.44 43.28 -68.14
C ARG VA 80 -23.79 44.30 -67.06
N THR VA 81 -24.94 44.08 -66.40
CA THR VA 81 -25.51 44.94 -65.33
C THR VA 81 -26.05 46.32 -65.74
N ASP VA 82 -26.21 46.58 -67.05
CA ASP VA 82 -26.77 47.85 -67.52
C ASP VA 82 -27.89 47.67 -68.56
N ARG VA 83 -28.55 46.51 -68.51
CA ARG VA 83 -29.66 46.16 -69.39
C ARG VA 83 -29.38 46.43 -70.88
N THR VA 84 -28.31 45.84 -71.39
CA THR VA 84 -27.96 45.98 -72.80
C THR VA 84 -27.89 44.61 -73.46
N LEU VA 85 -28.49 44.45 -74.63
CA LEU VA 85 -28.38 43.18 -75.30
C LEU VA 85 -27.09 43.24 -76.10
N LYS VA 86 -26.36 42.14 -76.18
CA LYS VA 86 -25.09 42.16 -76.90
C LYS VA 86 -25.16 41.31 -78.16
N ASN VA 87 -24.50 41.75 -79.23
CA ASN VA 87 -24.53 40.96 -80.42
C ASN VA 87 -23.71 39.71 -80.15
N THR VA 88 -24.17 38.55 -80.60
CA THR VA 88 -23.41 37.32 -80.43
C THR VA 88 -21.98 37.39 -80.95
N ALA VA 89 -21.75 38.05 -82.09
CA ALA VA 89 -20.38 38.11 -82.65
C ALA VA 89 -19.60 39.41 -82.40
N SER VA 90 -20.20 40.54 -82.76
CA SER VA 90 -19.60 41.86 -82.59
C SER VA 90 -19.82 42.39 -81.17
N ALA VA 91 -19.30 43.59 -80.87
CA ALA VA 91 -19.46 44.17 -79.54
C ALA VA 91 -20.57 45.23 -79.45
N ASP VA 92 -21.44 45.30 -80.44
CA ASP VA 92 -22.52 46.28 -80.44
C ASP VA 92 -23.50 45.98 -79.29
N VAL VA 93 -24.09 47.01 -78.71
CA VAL VA 93 -25.03 46.82 -77.59
C VAL VA 93 -26.37 47.47 -77.89
N VAL VA 94 -27.45 46.94 -77.32
CA VAL VA 94 -28.78 47.51 -77.52
C VAL VA 94 -29.44 47.73 -76.16
N ALA VA 95 -29.47 48.97 -75.69
CA ALA VA 95 -30.06 49.28 -74.39
C ALA VA 95 -31.59 49.01 -74.36
N TYR VA 96 -32.07 48.40 -73.27
CA TYR VA 96 -33.50 48.13 -73.11
C TYR VA 96 -33.88 48.27 -71.64
N ASN VA 97 -35.14 47.99 -71.30
CA ASN VA 97 -35.63 48.07 -69.93
C ASN VA 97 -36.89 47.21 -69.81
N VAL VA 98 -37.17 46.75 -68.60
CA VAL VA 98 -38.35 45.93 -68.37
C VAL VA 98 -39.30 46.71 -67.45
N TYR VA 99 -40.57 46.85 -67.84
CA TYR VA 99 -41.53 47.55 -67.00
C TYR VA 99 -42.55 46.55 -66.49
N ARG VA 100 -43.32 46.96 -65.48
CA ARG VA 100 -44.32 46.09 -64.88
C ARG VA 100 -45.73 46.30 -65.40
N ASP VA 101 -46.08 47.55 -65.71
CA ASP VA 101 -47.42 47.85 -66.21
C ASP VA 101 -47.44 47.96 -67.73
N ALA VA 102 -48.64 47.78 -68.30
CA ALA VA 102 -48.86 47.82 -69.75
C ALA VA 102 -48.49 49.12 -70.49
N ALA VA 103 -48.46 50.24 -69.77
CA ALA VA 103 -48.10 51.52 -70.35
C ALA VA 103 -46.60 51.91 -70.22
N ARG VA 104 -45.71 50.95 -69.95
CA ARG VA 104 -44.27 51.22 -69.85
C ARG VA 104 -43.89 52.32 -68.85
N THR VA 105 -44.65 52.46 -67.77
CA THR VA 105 -44.40 53.49 -66.75
C THR VA 105 -43.73 52.99 -65.46
N ASN VA 106 -44.27 51.94 -64.85
CA ASN VA 106 -43.74 51.40 -63.61
C ASN VA 106 -42.57 50.49 -63.95
N LEU VA 107 -41.37 51.05 -63.88
CA LEU VA 107 -40.15 50.32 -64.22
C LEU VA 107 -39.69 49.33 -63.15
N TYR VA 108 -39.21 48.16 -63.58
CA TYR VA 108 -38.67 47.21 -62.63
C TYR VA 108 -37.28 47.70 -62.38
N VAL VA 109 -37.11 48.57 -61.38
CA VAL VA 109 -35.79 49.13 -61.07
C VAL VA 109 -34.78 48.03 -60.75
N VAL VA 110 -33.53 48.19 -61.19
CA VAL VA 110 -32.47 47.22 -60.98
C VAL VA 110 -32.36 46.78 -59.50
N ASN VA 111 -32.33 45.47 -59.25
CA ASN VA 111 -32.23 44.93 -57.89
C ASN VA 111 -33.21 45.56 -56.91
N GLN VA 112 -34.48 45.65 -57.30
CA GLN VA 112 -35.50 46.21 -56.41
C GLN VA 112 -36.71 45.28 -56.32
N PRO VA 113 -37.25 45.10 -55.09
CA PRO VA 113 -38.39 44.21 -54.91
C PRO VA 113 -39.75 44.82 -55.27
N GLN VA 114 -40.12 44.84 -56.54
CA GLN VA 114 -41.42 45.39 -56.88
C GLN VA 114 -42.48 44.48 -56.21
N GLN VA 115 -43.25 45.03 -55.24
CA GLN VA 115 -44.29 44.29 -54.49
C GLN VA 115 -45.37 43.62 -55.37
N PHE VA 116 -45.98 42.56 -54.81
CA PHE VA 116 -47.05 41.82 -55.48
C PHE VA 116 -47.97 41.10 -54.48
N THR VA 117 -49.24 40.91 -54.86
CA THR VA 117 -50.19 40.23 -53.98
C THR VA 117 -50.59 38.92 -54.60
N THR VA 118 -51.01 37.99 -53.77
CA THR VA 118 -51.46 36.70 -54.25
C THR VA 118 -52.57 36.32 -53.27
N VAL VA 119 -53.64 35.73 -53.79
CA VAL VA 119 -54.83 35.43 -53.02
C VAL VA 119 -55.24 33.95 -53.02
N SER VA 120 -56.27 33.64 -52.24
CA SER VA 120 -56.75 32.28 -52.06
C SER VA 120 -57.03 31.53 -53.38
N GLY VA 121 -56.45 30.33 -53.53
CA GLY VA 121 -56.68 29.48 -54.68
C GLY VA 121 -56.49 30.17 -56.02
N GLN VA 122 -55.46 30.98 -56.16
CA GLN VA 122 -55.28 31.64 -57.45
C GLN VA 122 -53.81 31.81 -57.86
N ALA VA 123 -53.57 31.90 -59.16
CA ALA VA 123 -52.22 32.12 -59.65
C ALA VA 123 -52.18 33.56 -60.17
N THR VA 124 -51.26 34.37 -59.66
CA THR VA 124 -51.11 35.75 -60.10
C THR VA 124 -50.06 35.80 -61.21
N ALA VA 125 -50.29 36.60 -62.25
CA ALA VA 125 -49.34 36.69 -63.34
C ALA VA 125 -48.28 37.76 -63.08
N VAL VA 126 -47.05 37.53 -63.55
CA VAL VA 126 -45.98 38.49 -63.37
C VAL VA 126 -45.70 39.13 -64.73
N PRO VA 127 -46.27 40.32 -64.96
CA PRO VA 127 -46.06 40.94 -66.25
C PRO VA 127 -44.67 41.56 -66.34
N ILE VA 128 -43.83 41.06 -67.22
CA ILE VA 128 -42.52 41.63 -67.41
C ILE VA 128 -42.62 42.21 -68.81
N PHE VA 129 -42.94 43.50 -68.91
CA PHE VA 129 -43.12 44.13 -70.20
C PHE VA 129 -41.80 44.75 -70.66
N GLY VA 130 -41.28 44.29 -71.79
CA GLY VA 130 -40.04 44.85 -72.29
C GLY VA 130 -40.33 46.07 -73.14
N ALA VA 131 -39.31 46.91 -73.29
CA ALA VA 131 -39.41 48.13 -74.07
C ALA VA 131 -38.01 48.59 -74.51
N ILE VA 132 -37.87 48.95 -75.78
CA ILE VA 132 -36.61 49.44 -76.30
C ILE VA 132 -36.81 50.83 -76.93
N ALA VA 133 -35.90 51.77 -76.62
CA ALA VA 133 -35.99 53.13 -77.13
C ALA VA 133 -35.80 53.19 -78.64
N PRO VA 134 -36.37 54.23 -79.28
CA PRO VA 134 -36.22 54.35 -80.73
C PRO VA 134 -34.80 54.76 -81.09
N ASN VA 135 -34.10 53.90 -81.84
CA ASN VA 135 -32.74 54.19 -82.26
C ASN VA 135 -32.82 54.82 -83.64
N THR VA 136 -32.66 56.14 -83.72
CA THR VA 136 -32.71 56.84 -84.99
C THR VA 136 -31.38 57.55 -85.22
N GLY VA 137 -30.31 56.97 -84.70
CA GLY VA 137 -28.98 57.55 -84.84
C GLY VA 137 -28.03 56.68 -85.64
N THR VA 138 -27.49 55.65 -85.01
CA THR VA 138 -26.56 54.76 -85.69
C THR VA 138 -27.17 53.36 -85.90
N PRO VA 139 -26.98 52.79 -87.11
CA PRO VA 139 -27.53 51.45 -87.36
C PRO VA 139 -26.67 50.35 -86.75
N LYS VA 140 -27.18 49.62 -85.76
CA LYS VA 140 -26.42 48.55 -85.12
C LYS VA 140 -26.16 47.42 -86.12
N ALA VA 141 -25.01 46.75 -86.00
CA ALA VA 141 -24.67 45.66 -86.92
C ALA VA 141 -25.69 44.51 -86.98
N GLN VA 142 -25.74 43.84 -88.13
CA GLN VA 142 -26.67 42.73 -88.33
C GLN VA 142 -26.32 41.53 -87.46
N GLY VA 143 -27.31 40.70 -87.15
CA GLY VA 143 -27.10 39.54 -86.31
C GLY VA 143 -28.14 39.40 -85.22
N ASP VA 144 -27.83 38.60 -84.21
CA ASP VA 144 -28.76 38.36 -83.10
C ASP VA 144 -28.24 39.01 -81.81
N TYR VA 145 -29.07 39.81 -81.14
CA TYR VA 145 -28.67 40.44 -79.89
C TYR VA 145 -29.33 39.68 -78.75
N LYS VA 146 -28.59 39.39 -77.69
CA LYS VA 146 -29.14 38.63 -76.56
C LYS VA 146 -28.77 39.21 -75.18
N ASP VA 147 -29.49 38.72 -74.17
CA ASP VA 147 -29.26 39.06 -72.77
C ASP VA 147 -30.02 38.05 -71.95
N THR VA 148 -29.57 37.83 -70.72
CA THR VA 148 -30.22 36.90 -69.83
C THR VA 148 -30.54 37.60 -68.53
N LEU VA 149 -31.76 38.11 -68.39
CA LEU VA 149 -32.10 38.80 -67.15
C LEU VA 149 -32.42 37.73 -66.12
N LEU VA 150 -31.96 37.90 -64.89
CA LEU VA 150 -32.24 36.94 -63.84
C LEU VA 150 -33.40 37.54 -63.06
N VAL VA 151 -34.58 36.90 -63.08
CA VAL VA 151 -35.72 37.41 -62.33
C VAL VA 151 -35.64 36.69 -60.98
N THR VA 152 -35.80 37.45 -59.89
CA THR VA 152 -35.68 36.98 -58.53
C THR VA 152 -36.96 37.08 -57.73
N VAL VA 153 -37.77 36.03 -57.73
CA VAL VA 153 -39.00 36.03 -56.94
C VAL VA 153 -38.57 35.74 -55.50
N ASN VA 154 -38.66 36.71 -54.60
CA ASN VA 154 -38.22 36.48 -53.24
C ASN VA 154 -39.28 36.91 -52.27
N PHE VA 155 -39.14 36.42 -51.04
CA PHE VA 155 -40.12 36.65 -50.02
C PHE VA 155 -39.53 37.42 -48.85
N ALA WA 1 -36.83 32.09 -51.92
CA ALA WA 1 -36.01 32.74 -52.94
C ALA WA 1 -35.97 31.90 -54.21
N VAL WA 2 -36.84 32.21 -55.16
CA VAL WA 2 -36.87 31.49 -56.44
C VAL WA 2 -36.30 32.40 -57.54
N THR WA 3 -35.00 32.27 -57.79
CA THR WA 3 -34.33 33.04 -58.83
C THR WA 3 -34.41 32.29 -60.18
N GLY WA 4 -34.80 33.01 -61.23
CA GLY WA 4 -34.92 32.42 -62.54
C GLY WA 4 -34.40 33.24 -63.71
N GLN WA 5 -34.25 32.65 -64.90
CA GLN WA 5 -33.72 33.37 -66.05
C GLN WA 5 -34.75 33.77 -67.13
N VAL WA 6 -34.56 34.92 -67.77
CA VAL WA 6 -35.45 35.40 -68.81
C VAL WA 6 -34.56 35.78 -69.99
N ASP WA 7 -34.55 34.98 -71.06
CA ASP WA 7 -33.69 35.28 -72.17
C ASP WA 7 -34.30 36.42 -72.98
N VAL WA 8 -33.51 37.47 -73.22
CA VAL WA 8 -33.95 38.61 -74.00
C VAL WA 8 -33.35 38.50 -75.39
N LYS WA 9 -34.13 38.78 -76.43
CA LYS WA 9 -33.61 38.66 -77.78
C LYS WA 9 -34.11 39.75 -78.73
N LEU WA 10 -33.34 40.00 -79.78
CA LEU WA 10 -33.67 40.99 -80.80
C LEU WA 10 -32.85 40.62 -82.03
N ASN WA 11 -33.50 40.48 -83.19
CA ASN WA 11 -32.80 40.11 -84.40
C ASN WA 11 -32.71 41.31 -85.32
N ILE WA 12 -31.62 42.05 -85.21
CA ILE WA 12 -31.42 43.21 -86.06
C ILE WA 12 -30.94 42.71 -87.42
N SER WA 13 -31.78 42.78 -88.45
CA SER WA 13 -31.41 42.34 -89.80
C SER WA 13 -32.18 43.07 -90.93
N THR WA 14 -33.51 42.88 -90.99
CA THR WA 14 -34.37 43.49 -91.99
C THR WA 14 -35.81 43.43 -91.48
N GLY WA 15 -36.27 44.51 -90.84
CA GLY WA 15 -37.61 44.57 -90.27
C GLY WA 15 -38.62 45.51 -90.90
N CYS WA 16 -39.80 45.51 -90.29
CA CYS WA 16 -40.95 46.29 -90.71
C CYS WA 16 -41.31 47.34 -89.66
N THR WA 17 -41.71 48.54 -90.07
CA THR WA 17 -42.03 49.63 -89.13
C THR WA 17 -43.46 50.17 -89.27
N VAL WA 18 -44.03 50.64 -88.15
CA VAL WA 18 -45.39 51.16 -88.18
C VAL WA 18 -45.41 52.70 -88.14
N GLY WA 19 -45.99 53.36 -89.14
CA GLY WA 19 -46.05 54.81 -89.16
C GLY WA 19 -47.40 55.27 -88.64
N GLY WA 20 -47.52 56.56 -88.31
CA GLY WA 20 -48.75 57.13 -87.79
C GLY WA 20 -48.82 57.13 -86.26
N SER WA 21 -47.77 56.65 -85.61
CA SER WA 21 -47.74 56.60 -84.17
C SER WA 21 -46.85 57.69 -83.59
N GLN WA 22 -47.12 58.04 -82.33
CA GLN WA 22 -46.36 59.04 -81.61
C GLN WA 22 -45.89 58.32 -80.35
N THR WA 23 -44.66 58.58 -79.93
CA THR WA 23 -44.17 57.91 -78.73
C THR WA 23 -44.70 58.59 -77.46
N GLU WA 24 -45.69 58.00 -76.81
CA GLU WA 24 -46.19 58.54 -75.56
C GLU WA 24 -45.26 58.01 -74.48
N GLY WA 25 -44.27 58.80 -74.07
CA GLY WA 25 -43.33 58.31 -73.08
C GLY WA 25 -42.60 57.12 -73.70
N ASN WA 26 -42.74 55.92 -73.13
CA ASN WA 26 -42.07 54.75 -73.67
C ASN WA 26 -43.07 53.76 -74.28
N MET WA 27 -44.25 54.24 -74.66
CA MET WA 27 -45.28 53.39 -75.24
C MET WA 27 -45.83 54.04 -76.53
N ASN WA 28 -45.80 53.32 -77.65
CA ASN WA 28 -46.27 53.88 -78.91
C ASN WA 28 -47.77 54.24 -78.94
N LYS WA 29 -48.11 55.52 -79.04
CA LYS WA 29 -49.50 55.94 -79.13
C LYS WA 29 -49.92 55.81 -80.58
N PHE WA 30 -50.71 54.79 -80.90
CA PHE WA 30 -51.12 54.55 -82.28
C PHE WA 30 -52.25 55.46 -82.75
N GLY WA 31 -53.27 55.69 -81.93
CA GLY WA 31 -54.35 56.54 -82.39
C GLY WA 31 -55.53 56.65 -81.45
N THR WA 32 -56.66 57.09 -82.00
CA THR WA 32 -57.86 57.26 -81.21
C THR WA 32 -59.09 56.74 -81.97
N LEU WA 33 -59.98 56.07 -81.26
CA LEU WA 33 -61.21 55.54 -81.85
C LEU WA 33 -62.29 56.41 -81.22
N ASN WA 34 -62.59 57.54 -81.86
CA ASN WA 34 -63.52 58.51 -81.31
C ASN WA 34 -64.93 58.35 -81.85
N PHE WA 35 -65.83 57.75 -81.06
CA PHE WA 35 -67.21 57.56 -81.50
C PHE WA 35 -68.01 58.87 -81.49
N GLY WA 36 -67.51 59.85 -80.74
CA GLY WA 36 -68.16 61.15 -80.67
C GLY WA 36 -69.10 61.23 -79.50
N LYS WA 37 -70.01 62.20 -79.57
CA LYS WA 37 -71.00 62.41 -78.51
C LYS WA 37 -72.23 61.55 -78.78
N THR WA 38 -72.97 61.23 -77.71
CA THR WA 38 -74.17 60.40 -77.84
C THR WA 38 -75.09 60.56 -76.62
N SER WA 39 -76.36 60.20 -76.81
CA SER WA 39 -77.34 60.28 -75.73
C SER WA 39 -77.37 59.00 -74.98
N GLY WA 40 -78.11 58.96 -73.85
CA GLY WA 40 -78.21 57.77 -73.00
C GLY WA 40 -78.58 56.52 -73.77
N THR WA 41 -79.59 56.63 -74.63
CA THR WA 41 -80.05 55.50 -75.42
C THR WA 41 -79.98 55.81 -76.93
N TRP WA 42 -79.04 55.18 -77.64
CA TRP WA 42 -78.89 55.41 -79.08
C TRP WA 42 -79.47 54.24 -79.88
N ASN WA 43 -80.25 54.52 -80.92
CA ASN WA 43 -80.85 53.46 -81.73
C ASN WA 43 -79.97 53.07 -82.91
N ASN WA 44 -79.14 54.00 -83.36
CA ASN WA 44 -78.23 53.73 -84.47
C ASN WA 44 -76.89 53.19 -83.94
N VAL WA 45 -76.30 52.26 -84.68
CA VAL WA 45 -75.01 51.67 -84.33
C VAL WA 45 -73.96 52.79 -84.34
N LEU WA 46 -73.33 53.09 -83.21
CA LEU WA 46 -72.36 54.22 -83.24
C LEU WA 46 -71.10 53.70 -83.90
N THR WA 47 -70.55 54.42 -84.88
CA THR WA 47 -69.45 53.91 -85.66
C THR WA 47 -68.39 54.96 -86.03
N ALA WA 48 -67.12 54.73 -85.70
CA ALA WA 48 -66.05 55.66 -86.03
C ALA WA 48 -64.78 54.88 -86.35
N GLU WA 49 -63.87 55.53 -87.08
CA GLU WA 49 -62.62 54.92 -87.50
C GLU WA 49 -61.47 55.43 -86.66
N VAL WA 50 -60.40 54.64 -86.55
CA VAL WA 50 -59.24 55.05 -85.81
C VAL WA 50 -58.57 56.26 -86.48
N ALA WA 51 -58.11 57.23 -85.69
CA ALA WA 51 -57.42 58.39 -86.23
C ALA WA 51 -56.01 58.35 -85.64
N SER WA 52 -54.99 58.11 -86.49
CA SER WA 52 -53.61 58.05 -86.02
C SER WA 52 -53.21 59.29 -85.22
N ALA WA 53 -52.46 59.11 -84.13
CA ALA WA 53 -52.07 60.25 -83.30
C ALA WA 53 -51.04 61.17 -83.97
N ALA WA 54 -50.28 60.64 -84.92
CA ALA WA 54 -49.25 61.42 -85.60
C ALA WA 54 -49.77 62.29 -86.75
N THR WA 55 -50.58 61.70 -87.62
CA THR WA 55 -51.10 62.45 -88.77
C THR WA 55 -52.58 62.84 -88.69
N GLY WA 56 -53.40 61.96 -88.13
CA GLY WA 56 -54.83 62.21 -88.06
C GLY WA 56 -55.59 61.23 -88.94
N GLY WA 57 -54.90 60.65 -89.93
CA GLY WA 57 -55.49 59.68 -90.83
C GLY WA 57 -55.33 58.26 -90.30
N ASN WA 58 -55.30 57.29 -91.21
CA ASN WA 58 -55.17 55.90 -90.79
C ASN WA 58 -53.72 55.50 -90.54
N ILE WA 59 -53.51 54.54 -89.63
CA ILE WA 59 -52.17 54.08 -89.32
C ILE WA 59 -51.55 53.55 -90.62
N SER WA 60 -50.36 54.03 -90.98
CA SER WA 60 -49.74 53.60 -92.23
C SER WA 60 -48.52 52.74 -91.96
N VAL WA 61 -48.65 51.41 -92.07
CA VAL WA 61 -47.51 50.56 -91.80
C VAL WA 61 -46.72 50.35 -93.09
N THR WA 62 -45.40 50.56 -93.05
CA THR WA 62 -44.57 50.35 -94.22
C THR WA 62 -43.48 49.36 -93.80
N CYS WA 63 -43.01 48.55 -94.73
CA CYS WA 63 -41.93 47.64 -94.39
C CYS WA 63 -40.64 48.15 -95.01
N ASP WA 64 -39.52 47.74 -94.44
CA ASP WA 64 -38.21 48.17 -94.94
C ASP WA 64 -37.51 47.07 -95.73
N GLY WA 65 -37.70 47.05 -97.05
CA GLY WA 65 -37.07 46.06 -97.89
C GLY WA 65 -37.58 46.10 -99.32
N THR WA 66 -37.21 45.08 -100.10
CA THR WA 66 -37.62 44.98 -101.50
C THR WA 66 -38.65 43.89 -101.77
N ASP WA 67 -38.71 42.80 -101.00
CA ASP WA 67 -39.72 41.80 -101.30
C ASP WA 67 -40.98 42.06 -100.48
N PRO WA 68 -42.16 41.77 -101.04
CA PRO WA 68 -43.38 42.04 -100.27
C PRO WA 68 -43.45 41.21 -98.99
N VAL WA 69 -43.41 41.85 -97.81
CA VAL WA 69 -43.47 41.10 -96.57
C VAL WA 69 -44.91 40.91 -96.08
N ASP WA 70 -45.18 39.77 -95.45
CA ASP WA 70 -46.51 39.48 -94.93
C ASP WA 70 -46.48 39.72 -93.42
N PHE WA 71 -47.04 40.82 -92.94
CA PHE WA 71 -47.02 41.12 -91.52
C PHE WA 71 -48.41 40.95 -90.94
N THR WA 72 -48.48 40.70 -89.65
CA THR WA 72 -49.77 40.50 -89.02
C THR WA 72 -50.16 41.63 -88.08
N VAL WA 73 -51.47 41.73 -87.81
CA VAL WA 73 -52.01 42.74 -86.91
C VAL WA 73 -52.89 42.08 -85.87
N ALA WA 74 -52.64 42.35 -84.58
CA ALA WA 74 -53.45 41.76 -83.53
C ALA WA 74 -53.85 42.84 -82.53
N ILE WA 75 -55.12 42.88 -82.15
CA ILE WA 75 -55.61 43.85 -81.20
C ILE WA 75 -56.07 43.05 -79.99
N ASP WA 76 -55.86 43.57 -78.80
CA ASP WA 76 -56.24 42.87 -77.57
C ASP WA 76 -57.67 43.26 -77.16
N GLY WA 77 -58.14 42.78 -75.99
CA GLY WA 77 -59.48 43.07 -75.49
C GLY WA 77 -59.72 44.33 -74.67
N GLY WA 78 -58.77 45.27 -74.64
CA GLY WA 78 -58.93 46.48 -73.87
C GLY WA 78 -58.49 46.34 -72.43
N GLU WA 79 -58.65 47.39 -71.64
CA GLU WA 79 -58.27 47.39 -70.24
C GLU WA 79 -58.85 46.25 -69.45
N ARG WA 80 -60.14 45.97 -69.62
CA ARG WA 80 -60.76 44.90 -68.83
C ARG WA 80 -60.84 43.53 -69.51
N THR WA 81 -60.27 43.44 -70.71
CA THR WA 81 -60.21 42.24 -71.58
C THR WA 81 -61.55 41.77 -72.21
N ASP WA 82 -62.59 42.61 -72.17
CA ASP WA 82 -63.87 42.26 -72.80
C ASP WA 82 -64.43 43.39 -73.68
N ARG WA 83 -63.54 44.24 -74.17
CA ARG WA 83 -63.87 45.37 -75.06
C ARG WA 83 -65.03 46.22 -74.56
N THR WA 84 -64.90 46.74 -73.34
CA THR WA 84 -65.92 47.61 -72.76
C THR WA 84 -65.31 48.96 -72.40
N LEU WA 85 -65.97 50.06 -72.76
CA LEU WA 85 -65.44 51.34 -72.36
C LEU WA 85 -65.99 51.60 -70.97
N LYS WA 86 -65.20 52.19 -70.09
CA LYS WA 86 -65.66 52.43 -68.73
C LYS WA 86 -65.84 53.92 -68.45
N ASN WA 87 -66.85 54.28 -67.68
CA ASN WA 87 -67.04 55.66 -67.39
C ASN WA 87 -65.92 56.09 -66.47
N THR WA 88 -65.33 57.26 -66.68
CA THR WA 88 -64.27 57.74 -65.82
C THR WA 88 -64.64 57.78 -64.33
N ALA WA 89 -65.89 58.14 -63.99
CA ALA WA 89 -66.28 58.20 -62.57
C ALA WA 89 -67.08 57.01 -62.02
N SER WA 90 -68.19 56.70 -62.69
CA SER WA 90 -69.06 55.58 -62.31
C SER WA 90 -68.54 54.26 -62.86
N ALA WA 91 -69.25 53.15 -62.56
CA ALA WA 91 -68.82 51.84 -63.04
C ALA WA 91 -69.57 51.34 -64.27
N ASP WA 92 -70.29 52.23 -64.96
CA ASP WA 92 -71.04 51.83 -66.14
C ASP WA 92 -70.09 51.40 -67.26
N VAL WA 93 -70.50 50.43 -68.08
CA VAL WA 93 -69.64 49.96 -69.17
C VAL WA 93 -70.35 50.05 -70.51
N VAL WA 94 -69.60 50.21 -71.59
CA VAL WA 94 -70.17 50.29 -72.92
C VAL WA 94 -69.47 49.30 -73.84
N ALA WA 95 -70.10 48.17 -74.13
CA ALA WA 95 -69.49 47.14 -74.97
C ALA WA 95 -69.29 47.62 -76.42
N TYR WA 96 -68.13 47.32 -77.02
CA TYR WA 96 -67.84 47.70 -78.40
C TYR WA 96 -67.00 46.61 -79.05
N ASN WA 97 -66.58 46.82 -80.31
CA ASN WA 97 -65.75 45.88 -81.04
C ASN WA 97 -65.05 46.61 -82.17
N VAL WA 98 -63.91 46.09 -82.60
CA VAL WA 98 -63.16 46.69 -83.68
C VAL WA 98 -63.17 45.73 -84.88
N TYR WA 99 -63.54 46.21 -86.06
CA TYR WA 99 -63.54 45.35 -87.24
C TYR WA 99 -62.47 45.85 -88.20
N ARG WA 100 -62.13 45.02 -89.18
CA ARG WA 100 -61.09 45.35 -90.15
C ARG WA 100 -61.62 45.91 -91.46
N ASP WA 101 -62.77 45.43 -91.91
CA ASP WA 101 -63.35 45.89 -93.17
C ASP WA 101 -64.42 46.95 -92.93
N ALA WA 102 -64.68 47.75 -93.97
CA ALA WA 102 -65.66 48.85 -93.93
C ALA WA 102 -67.11 48.46 -93.62
N ALA WA 103 -67.50 47.21 -93.86
CA ALA WA 103 -68.84 46.74 -93.58
C ALA WA 103 -69.02 46.06 -92.20
N ARG WA 104 -68.10 46.29 -91.24
CA ARG WA 104 -68.22 45.72 -89.89
C ARG WA 104 -68.40 44.20 -89.85
N THR WA 105 -67.80 43.49 -90.81
CA THR WA 105 -67.92 42.02 -90.88
C THR WA 105 -66.70 41.24 -90.39
N ASN WA 106 -65.51 41.58 -90.89
CA ASN WA 106 -64.28 40.90 -90.53
C ASN WA 106 -63.79 41.47 -89.20
N LEU WA 107 -64.15 40.79 -88.12
CA LEU WA 107 -63.81 41.23 -86.77
C LEU WA 107 -62.35 40.97 -86.37
N TYR WA 108 -61.73 41.93 -85.67
CA TYR WA 108 -60.38 41.72 -85.20
C TYR WA 108 -60.57 40.91 -83.94
N VAL WA 109 -60.58 39.59 -84.08
CA VAL WA 109 -60.78 38.71 -82.92
C VAL WA 109 -59.71 38.95 -81.85
N VAL WA 110 -60.11 38.89 -80.57
CA VAL WA 110 -59.21 39.12 -79.44
C VAL WA 110 -57.92 38.29 -79.55
N ASN WA 111 -56.76 38.93 -79.38
CA ASN WA 111 -55.47 38.25 -79.45
C ASN WA 111 -55.31 37.36 -80.68
N GLN WA 112 -55.66 37.86 -81.86
CA GLN WA 112 -55.52 37.08 -83.08
C GLN WA 112 -54.78 37.88 -84.15
N PRO WA 113 -53.85 37.21 -84.87
CA PRO WA 113 -53.07 37.89 -85.91
C PRO WA 113 -53.79 38.08 -87.23
N GLN WA 114 -54.63 39.09 -87.38
CA GLN WA 114 -55.29 39.26 -88.65
C GLN WA 114 -54.19 39.58 -89.69
N GLN WA 115 -53.98 38.70 -90.68
CA GLN WA 115 -52.95 38.84 -91.74
C GLN WA 115 -53.03 40.17 -92.55
N PHE WA 116 -51.87 40.57 -93.09
CA PHE WA 116 -51.77 41.78 -93.92
C PHE WA 116 -50.59 41.70 -94.90
N THR WA 117 -50.70 42.38 -96.04
CA THR WA 117 -49.63 42.39 -97.04
C THR WA 117 -49.01 43.77 -97.13
N THR WA 118 -47.77 43.84 -97.61
CA THR WA 118 -47.09 45.11 -97.76
C THR WA 118 -46.00 45.01 -98.83
N VAL WA 119 -45.98 45.93 -99.81
CA VAL WA 119 -44.97 45.88 -100.86
C VAL WA 119 -43.93 46.99 -100.65
N SER WA 120 -42.81 46.87 -101.35
CA SER WA 120 -41.72 47.84 -101.25
C SER WA 120 -42.14 49.21 -101.80
N GLY WA 121 -41.59 50.28 -101.23
CA GLY WA 121 -41.90 51.63 -101.66
C GLY WA 121 -43.38 51.98 -101.58
N GLN WA 122 -44.04 51.49 -100.54
CA GLN WA 122 -45.46 51.76 -100.33
C GLN WA 122 -45.81 51.58 -98.85
N ALA WA 123 -46.81 52.30 -98.38
CA ALA WA 123 -47.24 52.19 -96.98
C ALA WA 123 -48.66 51.63 -97.01
N THR WA 124 -48.92 50.55 -96.27
CA THR WA 124 -50.25 49.96 -96.24
C THR WA 124 -51.00 50.51 -95.02
N ALA WA 125 -52.29 50.81 -95.16
CA ALA WA 125 -53.06 51.35 -94.06
C ALA WA 125 -53.68 50.23 -93.22
N VAL WA 126 -53.79 50.46 -91.91
CA VAL WA 126 -54.39 49.47 -91.01
C VAL WA 126 -55.75 49.99 -90.59
N PRO WA 127 -56.81 49.53 -91.26
CA PRO WA 127 -58.13 50.04 -90.91
C PRO WA 127 -58.62 49.39 -89.62
N ILE WA 128 -58.80 50.19 -88.58
CA ILE WA 128 -59.34 49.67 -87.34
C ILE WA 128 -60.69 50.35 -87.27
N PHE WA 129 -61.73 49.66 -87.73
CA PHE WA 129 -63.07 50.25 -87.76
C PHE WA 129 -63.82 49.90 -86.48
N GLY WA 130 -64.19 50.91 -85.70
CA GLY WA 130 -64.92 50.65 -84.48
C GLY WA 130 -66.41 50.55 -84.77
N ALA WA 131 -67.13 49.90 -83.88
CA ALA WA 131 -68.56 49.73 -83.99
C ALA WA 131 -69.17 49.43 -82.62
N ILE WA 132 -70.27 50.11 -82.29
CA ILE WA 132 -70.96 49.90 -81.04
C ILE WA 132 -72.43 49.51 -81.30
N ALA WA 133 -72.92 48.50 -80.59
CA ALA WA 133 -74.29 48.02 -80.78
C ALA WA 133 -75.33 49.04 -80.33
N PRO WA 134 -76.53 48.98 -80.91
CA PRO WA 134 -77.58 49.93 -80.53
C PRO WA 134 -78.09 49.62 -79.12
N ASN WA 135 -77.92 50.56 -78.20
CA ASN WA 135 -78.39 50.39 -76.84
C ASN WA 135 -79.78 51.02 -76.76
N THR WA 136 -80.82 50.20 -76.75
CA THR WA 136 -82.18 50.70 -76.67
C THR WA 136 -82.85 50.12 -75.43
N GLY WA 137 -82.06 49.87 -74.40
CA GLY WA 137 -82.56 49.30 -73.17
C GLY WA 137 -82.42 50.24 -71.98
N THR WA 138 -81.21 50.32 -71.42
CA THR WA 138 -80.96 51.18 -70.27
C THR WA 138 -80.06 52.36 -70.63
N PRO WA 139 -80.40 53.57 -70.17
CA PRO WA 139 -79.56 54.74 -70.48
C PRO WA 139 -78.32 54.80 -69.60
N LYS WA 140 -77.13 54.65 -70.17
CA LYS WA 140 -75.89 54.70 -69.40
C LYS WA 140 -75.68 56.10 -68.82
N ALA WA 141 -75.08 56.18 -67.63
CA ALA WA 141 -74.85 57.47 -66.99
C ALA WA 141 -74.04 58.49 -67.82
N GLN WA 142 -74.28 59.77 -67.59
CA GLN WA 142 -73.58 60.84 -68.30
C GLN WA 142 -72.10 60.88 -67.95
N GLY WA 143 -71.29 61.40 -68.87
CA GLY WA 143 -69.86 61.48 -68.66
C GLY WA 143 -69.05 61.00 -69.84
N ASP WA 144 -67.77 60.70 -69.62
CA ASP WA 144 -66.89 60.24 -70.68
C ASP WA 144 -66.53 58.75 -70.50
N TYR WA 145 -66.72 57.94 -71.54
CA TYR WA 145 -66.38 56.53 -71.45
C TYR WA 145 -65.05 56.33 -72.20
N LYS WA 146 -64.13 55.56 -71.63
CA LYS WA 146 -62.83 55.33 -72.27
C LYS WA 146 -62.36 53.88 -72.23
N ASP WA 147 -61.35 53.60 -73.04
CA ASP WA 147 -60.70 52.31 -73.12
C ASP WA 147 -59.39 52.52 -73.87
N THR WA 148 -58.42 51.64 -73.63
CA THR WA 148 -57.14 51.74 -74.29
C THR WA 148 -56.84 50.40 -74.93
N LEU WA 149 -57.14 50.24 -76.21
CA LEU WA 149 -56.87 48.97 -76.86
C LEU WA 149 -55.38 48.96 -77.21
N LEU WA 150 -54.71 47.83 -77.00
CA LEU WA 150 -53.31 47.74 -77.34
C LEU WA 150 -53.26 47.05 -78.69
N VAL WA 151 -52.82 47.74 -79.74
CA VAL WA 151 -52.72 47.12 -81.05
C VAL WA 151 -51.30 46.57 -81.12
N THR WA 152 -51.16 45.32 -81.58
CA THR WA 152 -49.92 44.59 -81.64
C THR WA 152 -49.50 44.21 -83.05
N VAL WA 153 -48.70 45.06 -83.69
CA VAL WA 153 -48.21 44.76 -85.03
C VAL WA 153 -47.04 43.79 -84.83
N ASN WA 154 -47.19 42.52 -85.21
CA ASN WA 154 -46.12 41.57 -84.99
C ASN WA 154 -45.83 40.81 -86.25
N PHE WA 155 -44.65 40.19 -86.27
CA PHE WA 155 -44.18 39.52 -87.45
C PHE WA 155 -43.99 38.03 -87.18
N ALA XA 1 -41.91 43.10 -83.29
CA ALA XA 1 -43.06 43.25 -82.40
C ALA XA 1 -43.25 44.72 -82.01
N VAL XA 2 -44.12 45.41 -82.74
CA VAL XA 2 -44.40 46.81 -82.44
C VAL XA 2 -45.81 46.92 -81.82
N THR XA 3 -45.86 46.89 -80.49
CA THR XA 3 -47.12 47.02 -79.75
C THR XA 3 -47.42 48.50 -79.47
N GLY XA 4 -48.66 48.90 -79.76
CA GLY XA 4 -49.08 50.27 -79.58
C GLY XA 4 -50.45 50.50 -78.97
N GLN XA 5 -50.77 51.71 -78.53
CA GLN XA 5 -52.06 51.98 -77.91
C GLN XA 5 -53.07 52.76 -78.77
N VAL XA 6 -54.37 52.44 -78.62
CA VAL XA 6 -55.42 53.11 -79.37
C VAL XA 6 -56.47 53.53 -78.34
N ASP XA 7 -56.55 54.82 -78.03
CA ASP XA 7 -57.49 55.27 -77.04
C ASP XA 7 -58.91 55.26 -77.64
N VAL XA 8 -59.84 54.60 -76.95
CA VAL XA 8 -61.22 54.53 -77.41
C VAL XA 8 -62.03 55.50 -76.56
N LYS XA 9 -62.94 56.26 -77.17
CA LYS XA 9 -63.72 57.22 -76.42
C LYS XA 9 -65.17 57.33 -76.88
N LEU XA 10 -66.03 57.77 -75.97
CA LEU XA 10 -67.46 57.96 -76.23
C LEU XA 10 -67.97 58.93 -75.17
N ASN XA 11 -68.63 60.00 -75.58
CA ASN XA 11 -69.12 60.98 -74.63
C ASN XA 11 -70.64 60.87 -74.54
N ILE XA 12 -71.11 60.07 -73.59
CA ILE XA 12 -72.54 59.92 -73.41
C ILE XA 12 -73.03 61.12 -72.62
N SER XA 13 -73.77 62.02 -73.27
CA SER XA 13 -74.33 63.22 -72.61
C SER XA 13 -75.62 63.75 -73.26
N THR XA 14 -75.54 64.22 -74.51
CA THR XA 14 -76.68 64.77 -75.25
C THR XA 14 -76.32 64.74 -76.74
N GLY XA 15 -76.72 63.69 -77.45
CA GLY XA 15 -76.41 63.52 -78.85
C GLY XA 15 -77.55 63.61 -79.87
N CYS XA 16 -77.17 63.42 -81.13
CA CYS XA 16 -78.06 63.49 -82.27
C CYS XA 16 -78.17 62.12 -82.95
N THR XA 17 -79.36 61.74 -83.42
CA THR XA 17 -79.58 60.43 -84.05
C THR XA 17 -80.08 60.50 -85.49
N VAL XA 18 -79.73 59.51 -86.31
CA VAL XA 18 -80.17 59.50 -87.71
C VAL XA 18 -81.30 58.48 -87.93
N GLY XA 19 -82.47 58.93 -88.40
CA GLY XA 19 -83.57 58.04 -88.66
C GLY XA 19 -83.62 57.66 -90.14
N GLY XA 20 -84.37 56.61 -90.47
CA GLY XA 20 -84.47 56.14 -91.84
C GLY XA 20 -83.49 55.03 -92.19
N SER XA 21 -82.68 54.64 -91.21
CA SER XA 21 -81.69 53.59 -91.44
C SER XA 21 -82.14 52.27 -90.82
N GLN XA 22 -81.58 51.19 -91.35
CA GLN XA 22 -81.86 49.84 -90.88
C GLN XA 22 -80.49 49.27 -90.55
N THR XA 23 -80.39 48.51 -89.47
CA THR XA 23 -79.09 47.96 -89.10
C THR XA 23 -78.77 46.71 -89.92
N GLU XA 24 -77.92 46.82 -90.94
CA GLU XA 24 -77.53 45.67 -91.73
C GLU XA 24 -76.40 45.00 -90.93
N GLY XA 25 -76.72 43.98 -90.15
CA GLY XA 25 -75.69 43.36 -89.35
C GLY XA 25 -75.19 44.41 -88.37
N ASN XA 26 -73.91 44.78 -88.44
CA ASN XA 26 -73.36 45.79 -87.54
C ASN XA 26 -73.02 47.09 -88.27
N MET XA 27 -73.65 47.31 -89.42
CA MET XA 27 -73.41 48.53 -90.20
C MET XA 27 -74.74 49.18 -90.59
N ASN XA 28 -74.93 50.45 -90.27
CA ASN XA 28 -76.19 51.14 -90.58
C ASN XA 28 -76.50 51.27 -92.08
N LYS XA 29 -77.54 50.59 -92.57
CA LYS XA 29 -77.94 50.69 -93.96
C LYS XA 29 -78.79 51.94 -94.11
N PHE XA 30 -78.24 53.01 -94.67
CA PHE XA 30 -78.97 54.27 -94.80
C PHE XA 30 -79.99 54.28 -95.94
N GLY XA 31 -79.63 53.76 -97.10
CA GLY XA 31 -80.60 53.79 -98.18
C GLY XA 31 -80.09 53.30 -99.53
N THR XA 32 -80.81 53.66 -100.59
CA THR XA 32 -80.44 53.25 -101.92
C THR XA 32 -80.56 54.41 -102.92
N LEU XA 33 -79.59 54.51 -103.83
CA LEU XA 33 -79.60 55.56 -104.84
C LEU XA 33 -79.87 54.78 -106.12
N ASN XA 34 -81.14 54.60 -106.45
CA ASN XA 34 -81.53 53.78 -107.58
C ASN XA 34 -81.78 54.60 -108.85
N PHE XA 35 -80.83 54.59 -109.78
CA PHE XA 35 -80.99 55.34 -111.01
C PHE XA 35 -82.00 54.68 -111.97
N GLY XA 36 -82.24 53.40 -111.76
CA GLY XA 36 -83.19 52.66 -112.57
C GLY XA 36 -82.50 51.95 -113.72
N LYS XA 37 -83.29 51.58 -114.72
CA LYS XA 37 -82.78 50.89 -115.91
C LYS XA 37 -82.32 51.91 -116.94
N THR XA 38 -81.39 51.51 -117.81
CA THR XA 38 -80.86 52.38 -118.85
C THR XA 38 -80.21 51.60 -119.97
N SER XA 39 -80.07 52.24 -121.13
CA SER XA 39 -79.45 51.62 -122.29
C SER XA 39 -77.99 51.89 -122.29
N GLY XA 40 -77.23 51.25 -123.21
CA GLY XA 40 -75.79 51.41 -123.29
C GLY XA 40 -75.34 52.85 -123.34
N THR XA 41 -76.00 53.65 -124.20
CA THR XA 41 -75.67 55.05 -124.35
C THR XA 41 -76.88 55.94 -124.05
N TRP XA 42 -76.86 56.66 -122.92
CA TRP XA 42 -77.97 57.53 -122.55
C TRP XA 42 -77.62 59.01 -122.82
N ASN XA 43 -78.52 59.76 -123.44
CA ASN XA 43 -78.25 61.17 -123.73
C ASN XA 43 -78.72 62.10 -122.60
N ASN XA 44 -79.71 61.65 -121.84
CA ASN XA 44 -80.21 62.43 -120.73
C ASN XA 44 -79.44 62.09 -119.44
N VAL XA 45 -79.21 63.10 -118.60
CA VAL XA 45 -78.50 62.94 -117.33
C VAL XA 45 -79.34 61.99 -116.46
N LEU XA 46 -78.83 60.81 -116.08
CA LEU XA 46 -79.68 59.91 -115.29
C LEU XA 46 -79.70 60.45 -113.86
N THR XA 47 -80.88 60.58 -113.26
CA THR XA 47 -80.98 61.24 -111.97
C THR XA 47 -82.00 60.61 -111.02
N ALA XA 48 -81.58 60.23 -109.81
CA ALA XA 48 -82.50 59.64 -108.83
C ALA XA 48 -82.10 60.09 -107.43
N GLU XA 49 -83.05 60.01 -106.49
CA GLU XA 49 -82.84 60.44 -105.12
C GLU XA 49 -82.67 59.22 -104.22
N VAL XA 50 -81.98 59.42 -103.10
CA VAL XA 50 -81.79 58.34 -102.15
C VAL XA 50 -83.12 57.92 -101.54
N ALA XA 51 -83.33 56.62 -101.35
CA ALA XA 51 -84.55 56.12 -100.75
C ALA XA 51 -84.12 55.40 -99.46
N SER XA 52 -84.48 55.95 -98.30
CA SER XA 52 -84.09 55.33 -97.02
C SER XA 52 -84.52 53.87 -96.94
N ALA XA 53 -83.65 53.01 -96.38
CA ALA XA 53 -83.98 51.58 -96.30
C ALA XA 53 -85.08 51.25 -95.30
N ALA XA 54 -85.30 52.12 -94.32
CA ALA XA 54 -86.31 51.90 -93.29
C ALA XA 54 -87.72 52.31 -93.72
N THR XA 55 -87.87 53.51 -94.27
CA THR XA 55 -89.19 53.98 -94.67
C THR XA 55 -89.46 54.01 -96.17
N GLY XA 56 -88.44 54.34 -96.97
CA GLY XA 56 -88.60 54.44 -98.40
C GLY XA 56 -88.45 55.90 -98.86
N GLY XA 57 -88.64 56.83 -97.93
CA GLY XA 57 -88.51 58.24 -98.22
C GLY XA 57 -87.09 58.74 -97.97
N ASN XA 58 -86.94 60.02 -97.64
CA ASN XA 58 -85.62 60.58 -97.41
C ASN XA 58 -85.11 60.32 -95.98
N ILE XA 59 -83.81 60.22 -95.81
CA ILE XA 59 -83.22 59.99 -94.50
C ILE XA 59 -83.66 61.14 -93.59
N SER XA 60 -84.25 60.84 -92.43
CA SER XA 60 -84.73 61.89 -91.55
C SER XA 60 -83.87 61.97 -90.29
N VAL XA 61 -82.94 62.92 -90.23
CA VAL XA 61 -82.10 63.03 -89.05
C VAL XA 61 -82.78 63.93 -88.01
N THR XA 62 -82.89 63.46 -86.77
CA THR XA 62 -83.48 64.28 -85.72
C THR XA 62 -82.44 64.36 -84.59
N CYS XA 63 -82.42 65.46 -83.86
CA CYS XA 63 -81.49 65.55 -82.75
C CYS XA 63 -82.27 65.39 -81.45
N ASP XA 64 -81.57 64.98 -80.40
CA ASP XA 64 -82.21 64.78 -79.10
C ASP XA 64 -81.88 65.91 -78.13
N GLY XA 65 -82.72 66.94 -78.07
CA GLY XA 65 -82.50 68.06 -77.18
C GLY XA 65 -83.48 69.20 -77.43
N THR XA 66 -83.22 70.33 -76.78
CA THR XA 66 -84.05 71.53 -76.93
C THR XA 66 -83.43 72.66 -77.74
N ASP XA 67 -82.10 72.80 -77.78
CA ASP XA 67 -81.55 73.88 -78.58
C ASP XA 67 -81.23 73.39 -79.99
N PRO XA 68 -81.40 74.26 -81.00
CA PRO XA 68 -81.12 73.79 -82.37
C PRO XA 68 -79.66 73.38 -82.55
N VAL XA 69 -79.37 72.11 -82.81
CA VAL XA 69 -77.99 71.67 -82.99
C VAL XA 69 -77.55 71.75 -84.45
N ASP XA 70 -76.27 72.08 -84.68
CA ASP XA 70 -75.75 72.18 -86.03
C ASP XA 70 -74.93 70.92 -86.29
N PHE XA 71 -75.48 69.98 -87.08
CA PHE XA 71 -74.77 68.74 -87.36
C PHE XA 71 -74.29 68.73 -88.79
N THR XA 72 -73.26 67.96 -89.05
CA THR XA 72 -72.71 67.91 -90.40
C THR XA 72 -72.95 66.58 -91.11
N VAL XA 73 -72.88 66.61 -92.44
CA VAL XA 73 -73.07 65.42 -93.25
C VAL XA 73 -71.90 65.27 -94.22
N ALA XA 74 -71.25 64.10 -94.24
CA ALA XA 74 -70.13 63.88 -95.14
C ALA XA 74 -70.31 62.55 -95.84
N ILE XA 75 -70.11 62.52 -97.16
CA ILE XA 75 -70.24 61.30 -97.93
C ILE XA 75 -68.84 61.04 -98.49
N ASP XA 76 -68.46 59.78 -98.57
CA ASP XA 76 -67.13 59.41 -99.07
C ASP XA 76 -67.19 59.16 -100.60
N GLY XA 77 -66.07 58.72 -101.19
CA GLY XA 77 -65.98 58.46 -102.62
C GLY XA 77 -66.39 57.11 -103.17
N GLY XA 78 -67.08 56.28 -102.38
CA GLY XA 78 -67.49 54.97 -102.84
C GLY XA 78 -66.43 53.91 -102.64
N GLU XA 79 -66.72 52.68 -103.08
CA GLU XA 79 -65.81 51.57 -102.96
C GLU XA 79 -64.43 51.84 -103.52
N ARG XA 80 -64.35 52.44 -104.70
CA ARG XA 80 -63.03 52.68 -105.32
C ARG XA 80 -62.45 54.07 -105.08
N THR XA 81 -63.16 54.89 -104.30
CA THR XA 81 -62.81 56.28 -103.93
C THR XA 81 -62.89 57.34 -105.06
N ASP XA 82 -63.50 57.02 -106.19
CA ASP XA 82 -63.67 57.99 -107.28
C ASP XA 82 -65.12 58.04 -107.82
N ARG XA 83 -66.07 57.65 -106.98
CA ARG XA 83 -67.50 57.65 -107.28
C ARG XA 83 -67.84 57.01 -108.62
N THR XA 84 -67.45 55.74 -108.78
CA THR XA 84 -67.74 54.99 -110.00
C THR XA 84 -68.51 53.72 -109.65
N LEU XA 85 -69.59 53.43 -110.37
CA LEU XA 85 -70.28 52.21 -110.10
C LEU XA 85 -69.58 51.13 -110.92
N LYS XA 86 -69.45 49.93 -110.38
CA LYS XA 86 -68.75 48.89 -111.11
C LYS XA 86 -69.70 47.77 -111.53
N ASN XA 87 -69.49 47.20 -112.71
CA ASN XA 87 -70.34 46.13 -113.13
C ASN XA 87 -70.05 44.94 -112.25
N THR XA 88 -71.07 44.22 -111.80
CA THR XA 88 -70.86 43.03 -110.98
C THR XA 88 -69.90 42.00 -111.62
N ALA XA 89 -69.98 41.80 -112.94
CA ALA XA 89 -69.11 40.79 -113.58
C ALA XA 89 -67.87 41.33 -114.31
N SER XA 90 -68.08 42.27 -115.22
CA SER XA 90 -67.00 42.89 -116.00
C SER XA 90 -66.34 44.04 -115.21
N ALA XA 91 -65.33 44.68 -115.80
CA ALA XA 91 -64.63 45.78 -115.12
C ALA XA 91 -65.07 47.17 -115.58
N ASP XA 92 -66.20 47.27 -116.27
CA ASP XA 92 -66.69 48.56 -116.74
C ASP XA 92 -67.07 49.45 -115.55
N VAL XA 93 -66.89 50.76 -115.67
CA VAL XA 93 -67.23 51.68 -114.58
C VAL XA 93 -68.19 52.76 -115.05
N VAL XA 94 -69.00 53.28 -114.14
CA VAL XA 94 -69.94 54.34 -114.47
C VAL XA 94 -69.78 55.50 -113.49
N ALA XA 95 -69.11 56.57 -113.89
CA ALA XA 95 -68.88 57.72 -113.02
C ALA XA 95 -70.19 58.43 -112.63
N TYR XA 96 -70.33 58.79 -111.35
CA TYR XA 96 -71.51 59.50 -110.88
C TYR XA 96 -71.11 60.50 -109.79
N ASN XA 97 -72.07 61.20 -109.19
CA ASN XA 97 -71.82 62.16 -108.12
C ASN XA 97 -73.11 62.35 -107.33
N VAL XA 98 -72.97 62.77 -106.07
CA VAL XA 98 -74.13 63.00 -105.23
C VAL XA 98 -74.18 64.50 -104.89
N TYR XA 99 -75.32 65.15 -105.11
CA TYR XA 99 -75.44 66.56 -104.79
C TYR XA 99 -76.42 66.71 -103.64
N ARG XA 100 -76.43 67.90 -103.02
CA ARG XA 100 -77.30 68.16 -101.88
C ARG XA 100 -78.59 68.89 -102.24
N ASP XA 101 -78.53 69.78 -103.22
CA ASP XA 101 -79.71 70.54 -103.62
C ASP XA 101 -80.39 69.92 -104.84
N ALA XA 102 -81.67 70.24 -105.01
CA ALA XA 102 -82.49 69.72 -106.12
C ALA XA 102 -82.02 70.06 -107.55
N ALA XA 103 -81.23 71.12 -107.71
CA ALA XA 103 -80.71 71.51 -109.01
C ALA XA 103 -79.30 70.97 -109.34
N ARG XA 104 -78.83 69.92 -108.65
CA ARG XA 104 -77.52 69.32 -108.93
C ARG XA 104 -76.35 70.30 -108.91
N THR XA 105 -76.43 71.34 -108.06
CA THR XA 105 -75.36 72.34 -107.96
C THR XA 105 -74.43 72.20 -106.75
N ASN XA 106 -75.00 72.09 -105.55
CA ASN XA 106 -74.22 71.98 -104.32
C ASN XA 106 -73.78 70.54 -104.16
N LEU XA 107 -72.57 70.25 -104.61
CA LEU XA 107 -72.02 68.91 -104.58
C LEU XA 107 -71.54 68.45 -103.19
N TYR XA 108 -71.79 67.19 -102.85
CA TYR XA 108 -71.30 66.67 -101.59
C TYR XA 108 -69.88 66.31 -101.89
N VAL XA 109 -68.96 67.26 -101.70
CA VAL XA 109 -67.55 67.02 -101.99
C VAL XA 109 -67.01 65.83 -101.17
N VAL XA 110 -66.14 65.02 -101.78
CA VAL XA 110 -65.56 63.84 -101.13
C VAL XA 110 -64.97 64.15 -99.74
N ASN XA 111 -65.34 63.37 -98.72
CA ASN XA 111 -64.86 63.56 -97.36
C ASN XA 111 -64.96 65.02 -96.87
N GLN XA 112 -66.13 65.63 -97.07
CA GLN XA 112 -66.33 66.99 -96.60
C GLN XA 112 -67.62 67.12 -95.79
N PRO XA 113 -67.57 67.87 -94.67
CA PRO XA 113 -68.75 68.01 -93.82
C PRO XA 113 -69.76 69.04 -94.31
N GLN XA 114 -70.64 68.69 -95.24
CA GLN XA 114 -71.62 69.65 -95.68
C GLN XA 114 -72.52 69.97 -94.46
N GLN XA 115 -72.50 71.22 -93.97
CA GLN XA 115 -73.28 71.68 -92.79
C GLN XA 115 -74.81 71.44 -92.90
N PHE XA 116 -75.46 71.33 -91.73
CA PHE XA 116 -76.91 71.14 -91.64
C PHE XA 116 -77.47 71.65 -90.31
N THR XA 117 -78.73 72.08 -90.31
CA THR XA 117 -79.36 72.57 -89.09
C THR XA 117 -80.47 71.62 -88.64
N THR XA 118 -80.82 71.66 -87.37
CA THR XA 118 -81.86 70.79 -86.83
C THR XA 118 -82.48 71.41 -85.57
N VAL XA 119 -83.80 71.53 -85.50
CA VAL XA 119 -84.44 72.11 -84.33
C VAL XA 119 -85.12 71.02 -83.50
N SER XA 120 -85.47 71.36 -82.26
CA SER XA 120 -86.13 70.43 -81.35
C SER XA 120 -87.53 70.05 -81.84
N GLY XA 121 -87.95 68.82 -81.56
CA GLY XA 121 -89.26 68.34 -81.96
C GLY XA 121 -89.50 68.39 -83.45
N GLN XA 122 -88.46 68.07 -84.23
CA GLN XA 122 -88.55 68.07 -85.68
C GLN XA 122 -87.45 67.17 -86.25
N ALA XA 123 -87.71 66.59 -87.43
CA ALA XA 123 -86.73 65.74 -88.07
C ALA XA 123 -86.34 66.43 -89.38
N THR XA 124 -85.04 66.63 -89.62
CA THR XA 124 -84.59 67.28 -90.85
C THR XA 124 -84.23 66.20 -91.86
N ALA XA 125 -84.57 66.40 -93.13
CA ALA XA 125 -84.26 65.41 -94.15
C ALA XA 125 -82.88 65.65 -94.76
N VAL XA 126 -82.20 64.57 -95.13
CA VAL XA 126 -80.88 64.67 -95.74
C VAL XA 126 -81.01 64.32 -97.22
N PRO XA 127 -81.13 65.35 -98.07
CA PRO XA 127 -81.30 65.05 -99.49
C PRO XA 127 -79.98 64.64 -100.10
N ILE XA 128 -79.89 63.40 -100.57
CA ILE XA 128 -78.71 62.94 -101.25
C ILE XA 128 -79.20 62.75 -102.68
N PHE XA 129 -79.00 63.76 -103.51
CA PHE XA 129 -79.47 63.71 -104.89
C PHE XA 129 -78.39 63.15 -105.80
N GLY XA 130 -78.65 62.02 -106.45
CA GLY XA 130 -77.68 61.45 -107.34
C GLY XA 130 -77.82 62.06 -108.72
N ALA XA 131 -76.74 61.97 -109.49
CA ALA XA 131 -76.71 62.48 -110.84
C ALA XA 131 -75.60 61.80 -111.65
N ILE XA 132 -75.91 61.38 -112.87
CA ILE XA 132 -74.95 60.74 -113.74
C ILE XA 132 -74.86 61.51 -115.07
N ALA XA 133 -73.63 61.75 -115.55
CA ALA XA 133 -73.41 62.49 -116.77
C ALA XA 133 -73.92 61.74 -118.01
N PRO XA 134 -74.26 62.48 -119.07
CA PRO XA 134 -74.75 61.82 -120.28
C PRO XA 134 -73.60 61.10 -120.99
N ASN XA 135 -73.71 59.77 -121.12
CA ASN XA 135 -72.70 58.99 -121.79
C ASN XA 135 -73.15 58.84 -123.25
N THR XA 136 -72.53 59.59 -124.15
CA THR XA 136 -72.89 59.50 -125.56
C THR XA 136 -71.65 59.12 -126.36
N GLY XA 137 -70.77 58.35 -125.74
CA GLY XA 137 -69.55 57.91 -126.37
C GLY XA 137 -69.47 56.41 -126.57
N THR XA 138 -69.15 55.68 -125.51
CA THR XA 138 -69.05 54.22 -125.59
C THR XA 138 -70.17 53.54 -124.80
N PRO XA 139 -70.79 52.49 -125.38
CA PRO XA 139 -71.86 51.79 -124.65
C PRO XA 139 -71.31 50.82 -123.61
N LYS XA 140 -71.56 51.09 -122.32
CA LYS XA 140 -71.07 50.20 -121.26
C LYS XA 140 -71.74 48.84 -121.36
N ALA XA 141 -71.03 47.78 -120.99
CA ALA XA 141 -71.58 46.43 -121.05
C ALA XA 141 -72.87 46.20 -120.24
N GLN XA 142 -73.70 45.26 -120.70
CA GLN XA 142 -74.96 44.95 -120.03
C GLN XA 142 -74.75 44.34 -118.65
N GLY XA 143 -75.72 44.50 -117.77
CA GLY XA 143 -75.62 43.98 -116.42
C GLY XA 143 -76.02 44.98 -115.36
N ASP XA 144 -75.63 44.72 -114.12
CA ASP XA 144 -75.95 45.60 -113.00
C ASP XA 144 -74.71 46.34 -112.49
N TYR XA 145 -74.77 47.66 -112.37
CA TYR XA 145 -73.64 48.43 -111.87
C TYR XA 145 -73.96 48.81 -110.42
N LYS XA 146 -72.98 48.67 -109.52
CA LYS XA 146 -73.22 49.00 -108.10
C LYS XA 146 -72.08 49.80 -107.46
N ASP XA 147 -72.38 50.35 -106.29
CA ASP XA 147 -71.44 51.09 -105.46
C ASP XA 147 -72.07 51.22 -104.09
N THR XA 148 -71.24 51.37 -103.07
CA THR XA 148 -71.73 51.53 -101.72
C THR XA 148 -71.11 52.78 -101.12
N LEU XA 149 -71.84 53.90 -101.17
CA LEU XA 149 -71.29 55.12 -100.62
C LEU XA 149 -71.49 55.06 -99.10
N LEU XA 150 -70.50 55.46 -98.34
CA LEU XA 150 -70.62 55.47 -96.90
C LEU XA 150 -70.99 56.89 -96.52
N VAL XA 151 -72.18 57.14 -95.99
CA VAL XA 151 -72.56 58.48 -95.58
C VAL XA 151 -72.17 58.56 -94.11
N THR XA 152 -71.52 59.66 -93.72
CA THR XA 152 -70.98 59.89 -92.40
C THR XA 152 -71.62 61.07 -91.69
N VAL XA 153 -72.67 60.83 -90.91
CA VAL XA 153 -73.30 61.90 -90.15
C VAL XA 153 -72.43 62.11 -88.92
N ASN XA 154 -71.72 63.24 -88.83
CA ASN XA 154 -70.83 63.45 -87.71
C ASN XA 154 -71.07 64.79 -87.10
N PHE XA 155 -70.60 64.95 -85.87
CA PHE XA 155 -70.85 66.13 -85.10
C PHE XA 155 -69.55 66.85 -84.76
N ALA YA 1 -70.81 60.29 -84.12
CA ALA YA 1 -70.36 59.78 -85.40
C ALA YA 1 -71.22 58.60 -85.86
N VAL YA 2 -72.24 58.88 -86.67
CA VAL YA 2 -73.11 57.84 -87.19
C VAL YA 2 -72.80 57.62 -88.68
N THR YA 3 -71.92 56.66 -88.97
CA THR YA 3 -71.55 56.33 -90.34
C THR YA 3 -72.51 55.25 -90.88
N GLY YA 4 -73.02 55.46 -92.09
CA GLY YA 4 -73.94 54.55 -92.71
C GLY YA 4 -73.73 54.27 -94.19
N GLN YA 5 -74.37 53.23 -94.74
CA GLN YA 5 -74.18 52.89 -96.16
C GLN YA 5 -75.34 53.27 -97.09
N VAL YA 6 -75.04 53.64 -98.33
CA VAL YA 6 -76.04 54.01 -99.32
C VAL YA 6 -75.71 53.21 -100.58
N ASP YA 7 -76.49 52.18 -100.88
CA ASP YA 7 -76.19 51.37 -102.04
C ASP YA 7 -76.60 52.13 -103.31
N VAL YA 8 -75.67 52.26 -104.26
CA VAL YA 8 -75.94 52.95 -105.51
C VAL YA 8 -76.13 51.88 -106.58
N LYS YA 9 -77.12 52.05 -107.47
CA LYS YA 9 -77.36 51.05 -108.48
C LYS YA 9 -77.77 51.64 -109.83
N LEU YA 10 -77.52 50.88 -110.90
CA LEU YA 10 -77.86 51.27 -112.25
C LEU YA 10 -77.90 49.99 -113.08
N ASN YA 11 -79.00 49.74 -113.80
CA ASN YA 11 -79.13 48.53 -114.58
C ASN YA 11 -79.01 48.87 -116.05
N ILE YA 12 -77.79 48.79 -116.58
CA ILE YA 12 -77.58 49.08 -117.98
C ILE YA 12 -77.99 47.83 -118.77
N SER YA 13 -79.12 47.90 -119.50
CA SER YA 13 -79.59 46.76 -120.30
C SER YA 13 -80.44 47.19 -121.53
N THR YA 14 -81.60 47.80 -121.28
CA THR YA 14 -82.52 48.25 -122.32
C THR YA 14 -83.47 49.28 -121.70
N GLY YA 15 -83.13 50.57 -121.83
CA GLY YA 15 -83.93 51.64 -121.26
C GLY YA 15 -84.68 52.58 -122.21
N CYS YA 16 -85.36 53.55 -121.58
CA CYS YA 16 -86.16 54.54 -122.26
C CYS YA 16 -85.57 55.94 -122.05
N THR YA 17 -85.62 56.79 -123.08
CA THR YA 17 -85.03 58.14 -123.00
C THR YA 17 -86.03 59.28 -123.26
N VAL YA 18 -85.81 60.43 -122.63
CA VAL YA 18 -86.73 61.56 -122.81
C VAL YA 18 -86.12 62.63 -123.73
N GLY YA 19 -86.79 62.95 -124.85
CA GLY YA 19 -86.29 63.96 -125.76
C GLY YA 19 -86.97 65.30 -125.49
N GLY YA 20 -86.40 66.38 -126.02
CA GLY YA 20 -86.95 67.71 -125.81
C GLY YA 20 -86.32 68.45 -124.65
N SER YA 21 -85.36 67.81 -123.98
CA SER YA 21 -84.72 68.43 -122.84
C SER YA 21 -83.31 68.92 -123.20
N GLN YA 22 -82.83 69.87 -122.42
CA GLN YA 22 -81.51 70.45 -122.59
C GLN YA 22 -80.83 70.27 -121.24
N THR YA 23 -79.56 69.92 -121.23
CA THR YA 23 -78.88 69.72 -119.96
C THR YA 23 -78.46 71.06 -119.34
N GLU YA 24 -79.20 71.54 -118.34
CA GLU YA 24 -78.83 72.78 -117.66
C GLU YA 24 -77.79 72.36 -116.62
N GLY YA 25 -76.51 72.52 -116.93
CA GLY YA 25 -75.49 72.10 -115.98
C GLY YA 25 -75.65 70.59 -115.81
N ASN YA 26 -75.96 70.12 -114.60
CA ASN YA 26 -76.12 68.68 -114.36
C ASN YA 26 -77.58 68.32 -114.07
N MET YA 27 -78.51 69.16 -114.52
CA MET YA 27 -79.93 68.91 -114.30
C MET YA 27 -80.71 69.08 -115.62
N ASN YA 28 -81.47 68.07 -116.04
CA ASN YA 28 -82.21 68.14 -117.30
C ASN YA 28 -83.28 69.23 -117.35
N LYS YA 29 -83.10 70.25 -118.19
CA LYS YA 29 -84.10 71.30 -118.33
C LYS YA 29 -85.16 70.79 -119.32
N PHE YA 30 -86.32 70.41 -118.81
CA PHE YA 30 -87.37 69.86 -119.67
C PHE YA 30 -88.14 70.91 -120.46
N GLY YA 31 -88.51 72.02 -119.83
CA GLY YA 31 -89.25 73.02 -120.59
C GLY YA 31 -89.74 74.20 -119.78
N THR YA 32 -90.72 74.91 -120.34
CA THR YA 32 -91.28 76.08 -119.69
C THR YA 32 -92.81 76.09 -119.79
N LEU YA 33 -93.46 76.48 -118.70
CA LEU YA 33 -94.92 76.57 -118.67
C LEU YA 33 -95.16 78.07 -118.59
N ASN YA 34 -95.27 78.70 -119.75
CA ASN YA 34 -95.39 80.15 -119.81
C ASN YA 34 -96.83 80.61 -119.94
N PHE YA 35 -97.43 81.10 -118.85
CA PHE YA 35 -98.81 81.56 -118.88
C PHE YA 35 -98.94 82.90 -119.60
N GLY YA 36 -97.84 83.64 -119.71
CA GLY YA 36 -97.82 84.90 -120.39
C GLY YA 36 -98.02 86.05 -119.42
N LYS YA 37 -98.41 87.20 -119.96
CA LYS YA 37 -98.66 88.40 -119.16
C LYS YA 37 -100.09 88.41 -118.66
N THR YA 38 -100.34 89.10 -117.55
CA THR YA 38 -101.67 89.18 -116.97
C THR YA 38 -101.81 90.36 -116.02
N SER YA 39 -103.05 90.78 -115.76
CA SER YA 39 -103.32 91.90 -114.88
C SER YA 39 -103.50 91.39 -113.49
N GLY YA 40 -103.61 92.31 -112.50
CA GLY YA 40 -103.76 91.95 -111.10
C GLY YA 40 -104.88 90.97 -110.85
N THR YA 41 -106.04 91.24 -111.44
CA THR YA 41 -107.21 90.37 -111.28
C THR YA 41 -107.71 89.85 -112.63
N TRP YA 42 -107.52 88.56 -112.91
CA TRP YA 42 -107.95 87.97 -114.17
C TRP YA 42 -109.24 87.15 -113.97
N ASN YA 43 -110.22 87.32 -114.85
CA ASN YA 43 -111.48 86.58 -114.73
C ASN YA 43 -111.46 85.26 -115.50
N ASN YA 44 -110.63 85.21 -116.54
CA ASN YA 44 -110.50 83.99 -117.34
C ASN YA 44 -109.40 83.09 -116.77
N VAL YA 45 -109.61 81.79 -116.83
CA VAL YA 45 -108.64 80.80 -116.35
C VAL YA 45 -107.37 80.95 -117.20
N LEU YA 46 -106.23 81.30 -116.60
CA LEU YA 46 -105.03 81.49 -117.45
C LEU YA 46 -104.51 80.10 -117.79
N THR YA 47 -104.24 79.83 -119.07
CA THR YA 47 -103.90 78.49 -119.50
C THR YA 47 -102.81 78.42 -120.57
N ALA YA 48 -101.72 77.68 -120.33
CA ALA YA 48 -100.66 77.53 -121.32
C ALA YA 48 -100.08 76.13 -121.25
N GLU YA 49 -99.42 75.71 -122.32
CA GLU YA 49 -98.84 74.38 -122.42
C GLU YA 49 -97.34 74.44 -122.25
N VAL YA 50 -96.74 73.35 -121.81
CA VAL YA 50 -95.30 73.28 -121.65
C VAL YA 50 -94.61 73.41 -123.01
N ALA YA 51 -93.50 74.15 -123.06
CA ALA YA 51 -92.74 74.30 -124.29
C ALA YA 51 -91.36 73.72 -124.01
N SER YA 52 -91.01 72.59 -124.64
CA SER YA 52 -89.71 71.95 -124.41
C SER YA 52 -88.55 72.93 -124.64
N ALA YA 53 -87.53 72.88 -123.78
CA ALA YA 53 -86.40 73.80 -123.92
C ALA YA 53 -85.51 73.52 -125.14
N ALA YA 54 -85.53 72.29 -125.64
CA ALA YA 54 -84.71 71.90 -126.78
C ALA YA 54 -85.32 72.26 -128.14
N THR YA 55 -86.60 71.94 -128.34
CA THR YA 55 -87.24 72.22 -129.62
C THR YA 55 -88.24 73.37 -129.61
N GLY YA 56 -88.99 73.51 -128.52
CA GLY YA 56 -90.01 74.55 -128.44
C GLY YA 56 -91.39 73.92 -128.41
N GLY YA 57 -91.51 72.68 -128.88
CA GLY YA 57 -92.77 71.95 -128.89
C GLY YA 57 -92.95 71.14 -127.62
N ASN YA 58 -93.71 70.05 -127.70
CA ASN YA 58 -93.96 69.22 -126.53
C ASN YA 58 -92.82 68.23 -126.25
N ILE YA 59 -92.62 67.87 -124.99
CA ILE YA 59 -91.57 66.93 -124.63
C ILE YA 59 -91.86 65.62 -125.38
N SER YA 60 -90.89 65.10 -126.11
CA SER YA 60 -91.12 63.88 -126.88
C SER YA 60 -90.33 62.70 -126.29
N VAL YA 61 -91.01 61.84 -125.52
CA VAL YA 61 -90.30 60.72 -124.92
C VAL YA 61 -90.31 59.54 -125.88
N THR YA 62 -89.16 58.95 -126.15
CA THR YA 62 -89.09 57.79 -127.02
C THR YA 62 -88.40 56.66 -126.23
N CYS YA 63 -88.76 55.42 -126.49
CA CYS YA 63 -88.09 54.34 -125.79
C CYS YA 63 -87.13 53.66 -126.76
N ASP YA 64 -86.13 52.99 -126.20
CA ASP YA 64 -85.14 52.31 -127.03
C ASP YA 64 -85.35 50.79 -127.04
N GLY YA 65 -86.11 50.28 -128.01
CA GLY YA 65 -86.37 48.85 -128.10
C GLY YA 65 -87.41 48.52 -129.16
N THR YA 66 -87.84 47.27 -129.18
CA THR YA 66 -88.85 46.80 -130.13
C THR YA 66 -90.23 46.54 -129.52
N ASP YA 67 -90.34 46.19 -128.25
CA ASP YA 67 -91.67 45.96 -127.70
C ASP YA 67 -92.22 47.24 -127.08
N PRO YA 68 -93.54 47.47 -127.17
CA PRO YA 68 -94.07 48.71 -126.60
C PRO YA 68 -93.86 48.77 -125.08
N VAL YA 69 -93.06 49.71 -124.59
CA VAL YA 69 -92.83 49.82 -123.15
C VAL YA 69 -93.84 50.75 -122.47
N ASP YA 70 -94.22 50.42 -121.23
CA ASP YA 70 -95.16 51.24 -120.49
C ASP YA 70 -94.36 52.05 -119.48
N PHE YA 71 -94.17 53.36 -119.75
CA PHE YA 71 -93.40 54.20 -118.84
C PHE YA 71 -94.32 55.15 -118.12
N THR YA 72 -93.89 55.61 -116.95
CA THR YA 72 -94.74 56.50 -116.18
C THR YA 72 -94.18 57.93 -116.11
N VAL YA 73 -95.08 58.87 -115.80
CA VAL YA 73 -94.72 60.27 -115.69
C VAL YA 73 -95.21 60.83 -114.34
N ALA YA 74 -94.33 61.44 -113.56
CA ALA YA 74 -94.73 61.99 -112.28
C ALA YA 74 -94.19 63.41 -112.14
N ILE YA 75 -95.03 64.35 -111.71
CA ILE YA 75 -94.61 65.72 -111.53
C ILE YA 75 -94.75 66.00 -110.05
N ASP YA 76 -93.84 66.78 -109.48
CA ASP YA 76 -93.86 67.08 -108.06
C ASP YA 76 -94.68 68.37 -107.80
N GLY YA 77 -94.72 68.85 -106.55
CA GLY YA 77 -95.45 70.04 -106.16
C GLY YA 77 -94.79 71.40 -106.31
N GLY YA 78 -93.66 71.50 -106.99
CA GLY YA 78 -92.97 72.77 -107.14
C GLY YA 78 -92.02 73.07 -106.00
N GLU YA 79 -91.39 74.24 -106.04
CA GLU YA 79 -90.45 74.66 -105.02
C GLU YA 79 -91.00 74.60 -103.62
N ARG YA 80 -92.23 75.06 -103.40
CA ARG YA 80 -92.78 75.06 -102.04
C ARG YA 80 -93.68 73.87 -101.70
N THR YA 81 -93.79 72.93 -102.64
CA THR YA 81 -94.60 71.69 -102.55
C THR YA 81 -96.15 71.87 -102.57
N ASP YA 82 -96.65 73.04 -102.93
CA ASP YA 82 -98.09 73.27 -103.03
C ASP YA 82 -98.51 73.95 -104.34
N ARG YA 83 -97.67 73.79 -105.37
CA ARG YA 83 -97.91 74.33 -106.71
C ARG YA 83 -98.29 75.80 -106.72
N THR YA 84 -97.43 76.64 -106.13
CA THR YA 84 -97.66 78.08 -106.10
C THR YA 84 -96.49 78.81 -106.74
N LEU YA 85 -96.76 79.76 -107.63
CA LEU YA 85 -95.66 80.51 -108.19
C LEU YA 85 -95.37 81.64 -107.22
N LYS YA 86 -94.11 81.99 -107.02
CA LYS YA 86 -93.78 83.03 -106.07
C LYS YA 86 -93.23 84.27 -106.77
N ASN YA 87 -93.56 85.45 -106.27
CA ASN YA 87 -93.05 86.63 -106.90
C ASN YA 87 -91.56 86.68 -106.60
N THR YA 88 -90.74 87.04 -107.58
CA THR YA 88 -89.30 87.15 -107.36
C THR YA 88 -88.92 88.06 -106.19
N ALA YA 89 -89.62 89.18 -106.00
CA ALA YA 89 -89.27 90.10 -104.91
C ALA YA 89 -90.13 90.02 -103.63
N SER YA 90 -91.44 90.13 -103.80
CA SER YA 90 -92.40 90.07 -102.69
C SER YA 90 -92.76 88.62 -102.35
N ALA YA 91 -93.61 88.41 -101.34
CA ALA YA 91 -93.98 87.06 -100.93
C ALA YA 91 -95.34 86.60 -101.45
N ASP YA 92 -95.89 87.30 -102.45
CA ASP YA 92 -97.18 86.93 -103.02
C ASP YA 92 -97.08 85.57 -103.72
N VAL YA 93 -98.15 84.78 -103.70
CA VAL YA 93 -98.14 83.46 -104.33
C VAL YA 93 -99.28 83.32 -105.33
N VAL YA 94 -99.09 82.50 -106.36
CA VAL YA 94 -100.13 82.28 -107.36
C VAL YA 94 -100.36 80.78 -107.53
N ALA YA 95 -101.43 80.24 -106.95
CA ALA YA 95 -101.71 78.83 -107.04
C ALA YA 95 -102.03 78.37 -108.48
N TYR YA 96 -101.47 77.22 -108.90
CA TYR YA 96 -101.72 76.68 -110.22
C TYR YA 96 -101.75 75.16 -110.16
N ASN YA 97 -101.90 74.49 -111.30
CA ASN YA 97 -101.93 73.04 -111.38
C ASN YA 97 -101.58 72.60 -112.79
N VAL YA 98 -101.07 71.39 -112.94
CA VAL YA 98 -100.72 70.88 -114.25
C VAL YA 98 -101.63 69.69 -114.57
N TYR YA 99 -102.28 69.68 -115.72
CA TYR YA 99 -103.15 68.58 -116.09
C TYR YA 99 -102.52 67.85 -117.27
N ARG YA 100 -103.02 66.64 -117.55
CA ARG YA 100 -102.49 65.82 -118.64
C ARG YA 100 -103.29 65.91 -119.92
N ASP YA 101 -104.61 66.04 -119.81
CA ASP YA 101 -105.45 66.12 -120.99
C ASP YA 101 -105.80 67.56 -121.34
N ALA YA 102 -106.17 67.78 -122.61
CA ALA YA 102 -106.52 69.10 -123.14
C ALA YA 102 -107.70 69.83 -122.47
N ALA YA 103 -108.60 69.08 -121.82
CA ALA YA 103 -109.73 69.68 -121.14
C ALA YA 103 -109.51 69.96 -119.63
N ARG YA 104 -108.26 70.01 -119.15
CA ARG YA 104 -107.96 70.32 -117.75
C ARG YA 104 -108.69 69.40 -116.73
N THR YA 105 -108.91 68.15 -117.10
CA THR YA 105 -109.60 67.20 -116.22
C THR YA 105 -108.69 66.18 -115.51
N ASN YA 106 -107.82 65.49 -116.25
CA ASN YA 106 -106.93 64.49 -115.71
C ASN YA 106 -105.73 65.19 -115.11
N LEU YA 107 -105.78 65.43 -113.82
CA LEU YA 107 -104.73 66.16 -113.10
C LEU YA 107 -103.47 65.32 -112.82
N TYR YA 108 -102.30 65.93 -112.97
CA TYR YA 108 -101.08 65.22 -112.64
C TYR YA 108 -100.98 65.35 -111.15
N VAL YA 109 -101.55 64.41 -110.41
CA VAL YA 109 -101.53 64.45 -108.95
C VAL YA 109 -100.09 64.49 -108.41
N VAL YA 110 -99.86 65.26 -107.35
CA VAL YA 110 -98.54 65.42 -106.75
C VAL YA 110 -97.87 64.06 -106.47
N ASN YA 111 -96.61 63.90 -106.90
CA ASN YA 111 -95.87 62.66 -106.69
C ASN YA 111 -96.64 61.40 -107.08
N GLN YA 112 -97.25 61.41 -108.26
CA GLN YA 112 -97.99 60.23 -108.73
C GLN YA 112 -97.58 59.86 -110.15
N PRO YA 113 -97.40 58.53 -110.40
CA PRO YA 113 -96.98 58.08 -111.72
C PRO YA 113 -98.10 58.01 -112.76
N GLN YA 114 -98.45 59.12 -113.40
CA GLN YA 114 -99.48 59.04 -114.41
C GLN YA 114 -98.94 58.14 -115.55
N GLN YA 115 -99.56 56.97 -115.77
CA GLN YA 115 -99.15 55.98 -116.81
C GLN YA 115 -99.07 56.56 -118.24
N PHE YA 116 -98.24 55.92 -119.07
CA PHE YA 116 -98.05 56.29 -120.48
C PHE YA 116 -97.58 55.11 -121.34
N THR YA 117 -97.92 55.11 -122.62
CA THR YA 117 -97.50 54.04 -123.52
C THR YA 117 -96.52 54.57 -124.56
N THR YA 118 -95.71 53.68 -125.12
CA THR YA 118 -94.73 54.08 -126.12
C THR YA 118 -94.38 52.89 -127.02
N VAL YA 119 -94.45 53.06 -128.34
CA VAL YA 119 -94.13 51.96 -129.26
C VAL YA 119 -92.77 52.21 -129.92
N SER YA 120 -92.23 51.15 -130.54
CA SER YA 120 -90.94 51.22 -131.21
C SER YA 120 -90.99 52.13 -132.43
N GLY YA 121 -89.89 52.81 -132.74
CA GLY YA 121 -89.81 53.70 -133.89
C GLY YA 121 -90.83 54.83 -133.85
N GLN YA 122 -91.07 55.36 -132.65
CA GLN YA 122 -92.02 56.45 -132.48
C GLN YA 122 -91.71 57.21 -131.20
N ALA YA 123 -92.02 58.50 -131.15
CA ALA YA 123 -91.79 59.30 -129.97
C ALA YA 123 -93.16 59.73 -129.44
N THR YA 124 -93.45 59.49 -128.16
CA THR YA 124 -94.73 59.88 -127.59
C THR YA 124 -94.57 61.24 -126.92
N ALA YA 125 -95.56 62.12 -127.04
CA ALA YA 125 -95.47 63.44 -126.44
C ALA YA 125 -96.02 63.43 -125.01
N VAL YA 126 -95.44 64.24 -124.13
CA VAL YA 126 -95.90 64.33 -122.75
C VAL YA 126 -96.59 65.67 -122.58
N PRO YA 127 -97.93 65.66 -122.67
CA PRO YA 127 -98.64 66.93 -122.55
C PRO YA 127 -98.71 67.37 -121.09
N ILE YA 128 -98.08 68.49 -120.76
CA ILE YA 128 -98.14 69.01 -119.42
C ILE YA 128 -98.95 70.28 -119.62
N PHE YA 129 -100.26 70.21 -119.41
CA PHE YA 129 -101.11 71.36 -119.62
C PHE YA 129 -101.27 72.15 -118.33
N GLY YA 130 -100.84 73.40 -118.32
CA GLY YA 130 -100.97 74.21 -117.12
C GLY YA 130 -102.34 74.87 -117.10
N ALA YA 131 -102.77 75.25 -115.90
CA ALA YA 131 -104.04 75.91 -115.70
C ALA YA 131 -104.02 76.69 -114.38
N ILE YA 132 -104.50 77.94 -114.41
CA ILE YA 132 -104.58 78.77 -113.23
C ILE YA 132 -106.03 79.24 -113.00
N ALA YA 133 -106.50 79.15 -111.76
CA ALA YA 133 -107.86 79.55 -111.42
C ALA YA 133 -108.10 81.04 -111.59
N PRO YA 134 -109.36 81.42 -111.84
CA PRO YA 134 -109.66 82.85 -112.01
C PRO YA 134 -109.55 83.58 -110.67
N ASN YA 135 -108.64 84.55 -110.58
CA ASN YA 135 -108.47 85.32 -109.37
C ASN YA 135 -109.31 86.57 -109.52
N THR YA 136 -110.47 86.63 -108.86
CA THR YA 136 -111.32 87.80 -108.94
C THR YA 136 -111.54 88.35 -107.54
N GLY YA 137 -110.53 88.20 -106.69
CA GLY YA 137 -110.59 88.67 -105.32
C GLY YA 137 -109.58 89.77 -105.03
N THR YA 138 -108.33 89.37 -104.80
CA THR YA 138 -107.28 90.35 -104.50
C THR YA 138 -106.26 90.44 -105.63
N PRO YA 139 -105.86 91.68 -105.99
CA PRO YA 139 -104.88 91.84 -107.07
C PRO YA 139 -103.45 91.56 -106.59
N LYS YA 140 -102.81 90.51 -107.10
CA LYS YA 140 -101.45 90.18 -106.70
C LYS YA 140 -100.48 91.27 -107.16
N ALA YA 141 -99.43 91.51 -106.38
CA ALA YA 141 -98.45 92.55 -106.72
C ALA YA 141 -97.78 92.39 -108.09
N GLN YA 142 -97.37 93.50 -108.70
CA GLN YA 142 -96.73 93.50 -110.01
C GLN YA 142 -95.36 92.82 -109.96
N GLY YA 143 -94.92 92.28 -111.09
CA GLY YA 143 -93.64 91.61 -111.16
C GLY YA 143 -93.72 90.27 -111.88
N ASP YA 144 -92.70 89.44 -111.68
CA ASP YA 144 -92.65 88.12 -112.32
C ASP YA 144 -92.85 87.00 -111.29
N TYR YA 145 -93.77 86.08 -111.56
CA TYR YA 145 -94.00 84.96 -110.65
C TYR YA 145 -93.36 83.73 -111.26
N LYS YA 146 -92.65 82.93 -110.46
CA LYS YA 146 -91.98 81.74 -110.98
C LYS YA 146 -92.14 80.50 -110.09
N ASP YA 147 -91.80 79.35 -110.67
CA ASP YA 147 -91.81 78.06 -109.99
C ASP YA 147 -91.01 77.11 -110.87
N THR YA 148 -90.46 76.08 -110.26
CA THR YA 148 -89.70 75.09 -111.01
C THR YA 148 -90.25 73.72 -110.68
N LEU YA 149 -91.13 73.20 -111.53
CA LEU YA 149 -91.70 71.89 -111.26
C LEU YA 149 -90.67 70.86 -111.72
N LEU YA 150 -90.46 69.81 -110.93
CA LEU YA 150 -89.52 68.78 -111.32
C LEU YA 150 -90.36 67.67 -111.93
N VAL YA 151 -90.21 67.39 -113.22
CA VAL YA 151 -90.96 66.31 -113.85
C VAL YA 151 -90.06 65.10 -113.74
N THR YA 152 -90.64 63.96 -113.32
CA THR YA 152 -89.94 62.72 -113.07
C THR YA 152 -90.38 61.58 -113.97
N VAL YA 153 -89.71 61.41 -115.10
CA VAL YA 153 -90.03 60.31 -115.99
C VAL YA 153 -89.37 59.06 -115.39
N ASN YA 154 -90.16 58.12 -114.86
CA ASN YA 154 -89.56 56.97 -114.24
C ASN YA 154 -90.19 55.70 -114.76
N PHE YA 155 -89.49 54.60 -114.54
CA PHE YA 155 -89.89 53.32 -115.08
C PHE YA 155 -90.19 52.33 -113.96
N ALA ZA 1 -84.82 56.33 -114.43
CA ALA ZA 1 -85.28 57.50 -113.69
C ALA ZA 1 -84.69 58.79 -114.29
N VAL ZA 2 -85.45 59.42 -115.17
CA VAL ZA 2 -85.01 60.66 -115.79
C VAL ZA 2 -85.82 61.84 -115.19
N THR ZA 3 -85.27 62.46 -114.16
CA THR ZA 3 -85.90 63.60 -113.51
C THR ZA 3 -85.45 64.91 -114.19
N GLY ZA 4 -86.42 65.78 -114.51
CA GLY ZA 4 -86.15 67.02 -115.18
C GLY ZA 4 -86.90 68.25 -114.67
N GLN ZA 5 -86.48 69.45 -115.06
CA GLN ZA 5 -87.14 70.67 -114.57
C GLN ZA 5 -88.05 71.38 -115.60
N VAL ZA 6 -89.14 71.98 -115.12
CA VAL ZA 6 -90.08 72.70 -115.97
C VAL ZA 6 -90.29 74.06 -115.32
N ASP ZA 7 -89.72 75.13 -115.89
CA ASP ZA 7 -89.86 76.42 -115.28
C ASP ZA 7 -91.27 76.96 -115.55
N VAL ZA 8 -91.98 77.36 -114.49
CA VAL ZA 8 -93.31 77.91 -114.63
C VAL ZA 8 -93.21 79.43 -114.48
N LYS ZA 9 -93.93 80.19 -115.30
CA LYS ZA 9 -93.84 81.63 -115.22
C LYS ZA 9 -95.18 82.34 -115.46
N LEU ZA 10 -95.29 83.55 -114.94
CA LEU ZA 10 -96.48 84.38 -115.06
C LEU ZA 10 -96.04 85.82 -114.80
N ASN ZA 11 -96.34 86.75 -115.70
CA ASN ZA 11 -95.94 88.12 -115.53
C ASN ZA 11 -97.16 88.96 -115.19
N ILE ZA 12 -97.43 89.13 -113.90
CA ILE ZA 12 -98.55 89.93 -113.48
C ILE ZA 12 -98.12 91.40 -113.57
N SER ZA 13 -98.67 92.14 -114.55
CA SER ZA 13 -98.35 93.56 -114.71
C SER ZA 13 -99.48 94.37 -115.38
N THR ZA 14 -99.81 94.07 -116.64
CA THR ZA 14 -100.85 94.75 -117.41
C THR ZA 14 -101.24 93.86 -118.59
N GLY ZA 15 -102.28 93.05 -118.40
CA GLY ZA 15 -102.74 92.12 -119.42
C GLY ZA 15 -104.08 92.37 -120.11
N CYS ZA 16 -104.41 91.45 -121.00
CA CYS ZA 16 -105.62 91.49 -121.82
C CYS ZA 16 -106.54 90.32 -121.46
N THR ZA 17 -107.85 90.54 -121.43
CA THR ZA 17 -108.81 89.49 -121.06
C THR ZA 17 -109.85 89.18 -122.14
N VAL ZA 18 -110.32 87.93 -122.19
CA VAL ZA 18 -111.31 87.54 -123.20
C VAL ZA 18 -112.71 87.40 -122.59
N GLY ZA 19 -113.69 88.16 -123.08
CA GLY ZA 19 -115.04 88.08 -122.57
C GLY ZA 19 -115.89 87.18 -123.46
N GLY ZA 20 -117.04 86.76 -122.96
CA GLY ZA 20 -117.93 85.87 -123.70
C GLY ZA 20 -117.71 84.39 -123.39
N SER ZA 21 -116.78 84.10 -122.50
CA SER ZA 21 -116.49 82.73 -122.15
C SER ZA 21 -117.08 82.37 -120.78
N GLN ZA 22 -117.28 81.07 -120.58
CA GLN ZA 22 -117.80 80.54 -119.33
C GLN ZA 22 -116.78 79.51 -118.90
N THR ZA 23 -116.49 79.44 -117.61
CA THR ZA 23 -115.50 78.48 -117.15
C THR ZA 23 -116.10 77.07 -117.03
N GLU ZA 24 -115.83 76.19 -118.00
CA GLU ZA 24 -116.31 74.83 -117.92
C GLU ZA 24 -115.30 74.09 -117.04
N GLY ZA 25 -115.60 73.94 -115.75
CA GLY ZA 25 -114.65 73.28 -114.88
C GLY ZA 25 -113.40 74.15 -114.86
N ASN ZA 26 -112.26 73.62 -115.32
CA ASN ZA 26 -111.02 74.41 -115.33
C ASN ZA 26 -110.58 74.75 -116.75
N MET ZA 27 -111.52 74.75 -117.69
CA MET ZA 27 -111.20 75.07 -119.09
C MET ZA 27 -112.21 76.10 -119.62
N ASN ZA 28 -111.73 77.23 -120.16
CA ASN ZA 28 -112.61 78.27 -120.65
C ASN ZA 28 -113.49 77.85 -121.85
N LYS ZA 29 -114.81 77.78 -121.65
CA LYS ZA 29 -115.72 77.43 -122.74
C LYS ZA 29 -115.98 78.72 -123.52
N PHE ZA 30 -115.39 78.85 -124.71
CA PHE ZA 30 -115.55 80.06 -125.50
C PHE ZA 30 -116.88 80.14 -126.25
N GLY ZA 31 -117.31 79.06 -126.87
CA GLY ZA 31 -118.58 79.15 -127.58
C GLY ZA 31 -118.95 77.91 -128.37
N THR ZA 32 -119.86 78.08 -129.32
CA THR ZA 32 -120.34 76.97 -130.13
C THR ZA 32 -120.43 77.37 -131.61
N LEU ZA 33 -120.03 76.47 -132.50
CA LEU ZA 33 -120.09 76.71 -133.93
C LEU ZA 33 -121.18 75.76 -134.39
N ASN ZA 34 -122.43 76.23 -134.36
CA ASN ZA 34 -123.56 75.38 -134.66
C ASN ZA 34 -124.02 75.51 -136.12
N PHE ZA 35 -123.67 74.52 -136.95
CA PHE ZA 35 -124.08 74.56 -138.35
C PHE ZA 35 -125.57 74.25 -138.54
N GLY ZA 36 -126.17 73.62 -137.54
CA GLY ZA 36 -127.58 73.30 -137.57
C GLY ZA 36 -127.82 71.91 -138.09
N LYS ZA 37 -129.05 71.65 -138.53
CA LYS ZA 37 -129.43 70.35 -139.07
C LYS ZA 37 -129.14 70.29 -140.56
N THR ZA 38 -128.95 69.09 -141.09
CA THR ZA 38 -128.64 68.92 -142.51
C THR ZA 38 -128.92 67.49 -142.97
N SER ZA 39 -129.09 67.31 -144.28
CA SER ZA 39 -129.36 66.00 -144.85
C SER ZA 39 -128.08 65.33 -145.20
N GLY ZA 40 -128.13 64.04 -145.61
CA GLY ZA 40 -126.94 63.28 -145.96
C GLY ZA 40 -126.06 63.98 -146.97
N THR ZA 41 -126.66 64.51 -148.02
CA THR ZA 41 -125.92 65.19 -149.08
C THR ZA 41 -126.41 66.63 -149.25
N TRP ZA 42 -125.61 67.62 -148.84
CA TRP ZA 42 -126.01 69.02 -148.96
C TRP ZA 42 -125.27 69.69 -150.14
N ASN ZA 43 -125.99 70.44 -150.98
CA ASN ZA 43 -125.37 71.11 -152.12
C ASN ZA 43 -124.88 72.52 -151.78
N ASN ZA 44 -125.50 73.13 -150.78
CA ASN ZA 44 -125.09 74.46 -150.35
C ASN ZA 44 -124.03 74.37 -149.25
N VAL ZA 45 -123.08 75.30 -149.27
CA VAL ZA 45 -122.01 75.36 -148.29
C VAL ZA 45 -122.65 75.61 -146.92
N LEU ZA 46 -122.51 74.69 -145.96
CA LEU ZA 46 -123.19 74.94 -144.67
C LEU ZA 46 -122.36 75.96 -143.91
N THR ZA 47 -122.98 77.01 -143.38
CA THR ZA 47 -122.23 78.10 -142.79
C THR ZA 47 -122.86 78.69 -141.53
N ALA ZA 48 -122.13 78.75 -140.42
CA ALA ZA 48 -122.65 79.33 -139.18
C ALA ZA 48 -121.53 80.04 -138.43
N GLU ZA 49 -121.90 80.97 -137.55
CA GLU ZA 49 -120.95 81.76 -136.79
C GLU ZA 49 -120.87 81.25 -135.36
N VAL ZA 50 -119.73 81.49 -134.71
CA VAL ZA 50 -119.56 81.10 -133.33
C VAL ZA 50 -120.53 81.86 -132.43
N ALA ZA 51 -121.11 81.19 -131.44
CA ALA ZA 51 -122.01 81.83 -130.50
C ALA ZA 51 -121.37 81.68 -129.12
N SER ZA 52 -120.92 82.79 -128.52
CA SER ZA 52 -120.27 82.74 -127.21
C SER ZA 52 -121.14 82.02 -126.17
N ALA ZA 53 -120.53 81.20 -125.32
CA ALA ZA 53 -121.30 80.46 -124.31
C ALA ZA 53 -121.87 81.34 -123.20
N ALA ZA 54 -121.25 82.50 -122.96
CA ALA ZA 54 -121.69 83.41 -121.91
C ALA ZA 54 -122.87 84.31 -122.31
N THR ZA 55 -122.78 84.95 -123.47
CA THR ZA 55 -123.84 85.85 -123.90
C THR ZA 55 -124.71 85.33 -125.05
N GLY ZA 56 -124.12 84.61 -125.99
CA GLY ZA 56 -124.86 84.12 -127.13
C GLY ZA 56 -124.40 84.80 -128.41
N GLY ZA 57 -123.76 85.97 -128.26
CA GLY ZA 57 -123.24 86.71 -129.39
C GLY ZA 57 -121.80 86.34 -129.69
N ASN ZA 58 -121.04 87.27 -130.26
CA ASN ZA 58 -119.64 86.99 -130.61
C ASN ZA 58 -118.70 87.17 -129.42
N ILE ZA 59 -117.61 86.42 -129.40
CA ILE ZA 59 -116.63 86.53 -128.31
C ILE ZA 59 -116.14 87.97 -128.29
N SER ZA 60 -116.20 88.64 -127.14
CA SER ZA 60 -115.78 90.04 -127.07
C SER ZA 60 -114.50 90.17 -126.26
N VAL ZA 61 -113.36 90.30 -126.92
CA VAL ZA 61 -112.11 90.42 -126.19
C VAL ZA 61 -111.84 91.90 -125.88
N THR ZA 62 -111.54 92.21 -124.63
CA THR ZA 62 -111.24 93.58 -124.25
C THR ZA 62 -109.86 93.56 -123.57
N CYS ZA 63 -109.08 94.62 -123.70
CA CYS ZA 63 -107.76 94.64 -123.06
C CYS ZA 63 -107.78 95.59 -121.88
N ASP ZA 64 -107.23 95.17 -120.74
CA ASP ZA 64 -107.20 96.01 -119.55
C ASP ZA 64 -106.02 96.98 -119.62
N GLY ZA 65 -106.18 98.02 -120.43
CA GLY ZA 65 -105.15 99.03 -120.61
C GLY ZA 65 -105.72 100.28 -121.24
N THR ZA 66 -104.88 101.31 -121.37
CA THR ZA 66 -105.33 102.57 -121.96
C THR ZA 66 -104.87 102.71 -123.42
N ASP ZA 67 -103.59 102.47 -123.66
CA ASP ZA 67 -103.02 102.56 -125.00
C ASP ZA 67 -103.47 101.36 -125.82
N PRO ZA 68 -103.49 101.48 -127.16
CA PRO ZA 68 -103.94 100.31 -127.93
C PRO ZA 68 -103.01 99.10 -127.77
N VAL ZA 69 -103.58 97.90 -127.71
CA VAL ZA 69 -102.79 96.68 -127.56
C VAL ZA 69 -103.02 95.77 -128.76
N ASP ZA 70 -101.96 95.17 -129.29
CA ASP ZA 70 -102.11 94.31 -130.47
C ASP ZA 70 -102.05 92.86 -129.97
N PHE ZA 71 -103.21 92.19 -129.91
CA PHE ZA 71 -103.24 90.81 -129.43
C PHE ZA 71 -103.50 89.88 -130.59
N THR ZA 72 -103.09 88.63 -130.44
CA THR ZA 72 -103.28 87.67 -131.52
C THR ZA 72 -104.30 86.58 -131.19
N VAL ZA 73 -104.83 85.96 -132.23
CA VAL ZA 73 -105.81 84.90 -132.09
C VAL ZA 73 -105.36 83.68 -132.88
N ALA ZA 74 -105.30 82.50 -132.25
CA ALA ZA 74 -104.89 81.29 -132.94
C ALA ZA 74 -105.86 80.17 -132.62
N ILE ZA 75 -106.30 79.43 -133.64
CA ILE ZA 75 -107.22 78.34 -133.45
C ILE ZA 75 -106.45 77.10 -133.89
N ASP ZA 76 -106.67 75.98 -133.21
CA ASP ZA 76 -105.96 74.75 -133.54
C ASP ZA 76 -106.78 73.91 -134.54
N GLY ZA 77 -106.33 72.69 -134.87
CA GLY ZA 77 -107.00 71.81 -135.81
C GLY ZA 77 -108.11 70.89 -135.32
N GLY ZA 78 -108.61 71.09 -134.11
CA GLY ZA 78 -109.66 70.23 -133.58
C GLY ZA 78 -109.13 68.98 -132.91
N GLU ZA 79 -110.03 68.13 -132.43
CA GLU ZA 79 -109.67 66.90 -131.76
C GLU ZA 79 -108.71 66.03 -132.54
N ARG ZA 80 -108.94 65.85 -133.83
CA ARG ZA 80 -108.08 64.97 -134.62
C ARG ZA 80 -106.96 65.67 -135.39
N THR ZA 81 -106.86 67.00 -135.21
CA THR ZA 81 -105.87 67.91 -135.85
C THR ZA 81 -106.04 68.16 -137.37
N ASP ZA 82 -107.18 67.77 -137.95
CA ASP ZA 82 -107.43 68.02 -139.38
C ASP ZA 82 -108.81 68.65 -139.64
N ARG ZA 83 -109.35 69.33 -138.62
CA ARG ZA 83 -110.64 70.01 -138.68
C ARG ZA 83 -111.78 69.16 -139.25
N THR ZA 84 -112.01 68.01 -138.64
CA THR ZA 84 -113.08 67.11 -139.06
C THR ZA 84 -114.03 66.86 -137.89
N LEU ZA 85 -115.34 66.97 -138.13
CA LEU ZA 85 -116.25 66.66 -137.05
C LEU ZA 85 -116.47 65.16 -137.10
N LYS ZA 86 -116.58 64.51 -135.95
CA LYS ZA 86 -116.74 63.07 -135.94
C LYS ZA 86 -118.12 62.67 -135.44
N ASN ZA 87 -118.71 61.62 -136.01
CA ASN ZA 87 -120.00 61.21 -135.55
C ASN ZA 87 -119.82 60.63 -134.16
N THR ZA 88 -120.72 60.94 -133.24
CA THR ZA 88 -120.64 60.38 -131.89
C THR ZA 88 -120.56 58.85 -131.85
N ALA ZA 89 -121.29 58.15 -132.73
CA ALA ZA 89 -121.26 56.68 -132.69
C ALA ZA 89 -120.39 56.00 -133.75
N SER ZA 90 -120.60 56.33 -135.02
CA SER ZA 90 -119.85 55.78 -136.14
C SER ZA 90 -118.52 56.53 -136.35
N ALA ZA 91 -117.73 56.11 -137.33
CA ALA ZA 91 -116.45 56.75 -137.59
C ALA ZA 91 -116.46 57.74 -138.76
N ASP ZA 92 -117.64 58.14 -139.21
CA ASP ZA 92 -117.75 59.08 -140.32
C ASP ZA 92 -117.19 60.44 -139.92
N VAL ZA 93 -116.59 61.17 -140.86
CA VAL ZA 93 -116.01 62.47 -140.54
C VAL ZA 93 -116.57 63.56 -141.47
N VAL ZA 94 -116.62 64.79 -140.99
CA VAL ZA 94 -117.12 65.91 -141.79
C VAL ZA 94 -116.10 67.05 -141.79
N ALA ZA 95 -115.33 67.19 -142.87
CA ALA ZA 95 -114.32 68.23 -142.94
C ALA ZA 95 -114.92 69.65 -142.92
N TYR ZA 96 -114.32 70.56 -142.15
CA TYR ZA 96 -114.78 71.95 -142.08
C TYR ZA 96 -113.58 72.87 -141.92
N ASN ZA 97 -113.82 74.19 -141.78
CA ASN ZA 97 -112.77 75.17 -141.60
C ASN ZA 97 -113.37 76.42 -140.95
N VAL ZA 98 -112.53 77.18 -140.26
CA VAL ZA 98 -113.00 78.40 -139.62
C VAL ZA 98 -112.31 79.59 -140.29
N TYR ZA 99 -113.08 80.59 -140.72
CA TYR ZA 99 -112.49 81.77 -141.35
C TYR ZA 99 -112.70 82.97 -140.42
N ARG ZA 100 -111.97 84.05 -140.70
CA ARG ZA 100 -112.05 85.25 -139.88
C ARG ZA 100 -112.97 86.33 -140.44
N ASP ZA 101 -113.02 86.45 -141.76
CA ASP ZA 101 -113.86 87.46 -142.38
C ASP ZA 101 -115.19 86.87 -142.86
N ALA ZA 102 -116.18 87.75 -143.02
CA ALA ZA 102 -117.54 87.37 -143.45
C ALA ZA 102 -117.68 86.68 -144.81
N ALA ZA 103 -116.71 86.87 -145.70
CA ALA ZA 103 -116.73 86.24 -147.02
C ALA ZA 103 -115.95 84.91 -147.10
N ARG ZA 104 -115.66 84.24 -145.98
CA ARG ZA 104 -114.97 82.95 -145.98
C ARG ZA 104 -113.62 82.94 -146.74
N THR ZA 105 -112.91 84.06 -146.72
CA THR ZA 105 -111.62 84.18 -147.42
C THR ZA 105 -110.38 84.10 -146.53
N ASN ZA 106 -110.34 84.90 -145.46
CA ASN ZA 106 -109.21 84.94 -144.55
C ASN ZA 106 -109.33 83.79 -143.58
N LEU ZA 107 -108.67 82.68 -143.90
CA LEU ZA 107 -108.73 81.47 -143.10
C LEU ZA 107 -107.90 81.52 -141.81
N TYR ZA 108 -108.43 80.97 -140.72
CA TYR ZA 108 -107.66 80.91 -139.50
C TYR ZA 108 -106.79 79.70 -139.68
N VAL ZA 109 -105.60 79.90 -140.25
CA VAL ZA 109 -104.68 78.79 -140.50
C VAL ZA 109 -104.34 78.05 -139.20
N VAL ZA 110 -104.23 76.72 -139.26
CA VAL ZA 110 -103.92 75.89 -138.10
C VAL ZA 110 -102.71 76.39 -137.31
N ASN ZA 111 -102.84 76.54 -135.99
CA ASN ZA 111 -101.76 77.01 -135.14
C ASN ZA 111 -101.07 78.27 -135.65
N GLN ZA 112 -101.86 79.27 -136.03
CA GLN ZA 112 -101.29 80.53 -136.51
C GLN ZA 112 -101.92 81.72 -135.81
N PRO ZA 113 -101.08 82.71 -135.43
CA PRO ZA 113 -101.58 83.89 -134.72
C PRO ZA 113 -102.24 84.94 -135.60
N GLN ZA 114 -103.49 84.78 -135.98
CA GLN ZA 114 -104.10 85.81 -136.80
C GLN ZA 114 -104.17 87.10 -135.95
N GLN ZA 115 -103.43 88.15 -136.36
CA GLN ZA 115 -103.35 89.45 -135.64
C GLN ZA 115 -104.73 90.13 -135.39
N PHE ZA 116 -104.77 90.96 -134.33
CA PHE ZA 116 -105.97 91.72 -133.95
C PHE ZA 116 -105.63 92.99 -133.18
N THR ZA 117 -106.48 94.01 -133.29
CA THR ZA 117 -106.24 95.28 -132.57
C THR ZA 117 -107.32 95.46 -131.54
N THR ZA 118 -107.01 96.23 -130.52
CA THR ZA 118 -107.96 96.52 -129.47
C THR ZA 118 -107.61 97.95 -129.05
N VAL ZA 119 -108.63 98.76 -128.79
CA VAL ZA 119 -108.47 100.16 -128.50
C VAL ZA 119 -109.05 100.61 -127.16
N SER ZA 120 -108.81 101.89 -126.83
CA SER ZA 120 -109.24 102.47 -125.56
C SER ZA 120 -110.73 102.24 -125.21
N GLY ZA 121 -110.98 101.71 -124.01
CA GLY ZA 121 -112.33 101.52 -123.52
C GLY ZA 121 -113.25 100.78 -124.45
N GLN ZA 122 -112.77 99.72 -125.10
CA GLN ZA 122 -113.64 99.01 -126.02
C GLN ZA 122 -113.42 97.50 -126.04
N ALA ZA 123 -114.46 96.75 -126.41
CA ALA ZA 123 -114.34 95.31 -126.52
C ALA ZA 123 -114.36 94.99 -128.02
N THR ZA 124 -113.34 94.30 -128.52
CA THR ZA 124 -113.29 93.92 -129.93
C THR ZA 124 -113.86 92.52 -130.07
N ALA ZA 125 -114.63 92.27 -131.13
CA ALA ZA 125 -115.24 90.95 -131.33
C ALA ZA 125 -114.30 90.04 -132.12
N VAL ZA 126 -114.34 88.74 -131.82
CA VAL ZA 126 -113.50 87.77 -132.51
C VAL ZA 126 -114.42 86.94 -133.41
N PRO ZA 127 -114.49 87.31 -134.70
CA PRO ZA 127 -115.39 86.57 -135.57
C PRO ZA 127 -114.77 85.23 -135.96
N ILE ZA 128 -115.38 84.14 -135.55
CA ILE ZA 128 -114.91 82.83 -135.94
C ILE ZA 128 -116.02 82.33 -136.85
N PHE ZA 129 -115.85 82.52 -138.16
CA PHE ZA 129 -116.87 82.13 -139.10
C PHE ZA 129 -116.62 80.71 -139.59
N GLY ZA 130 -117.57 79.80 -139.35
CA GLY ZA 130 -117.40 78.44 -139.80
C GLY ZA 130 -117.90 78.31 -141.23
N ALA ZA 131 -117.42 77.27 -141.90
CA ALA ZA 131 -117.81 76.99 -143.27
C ALA ZA 131 -117.55 75.51 -143.59
N ILE ZA 132 -118.51 74.84 -144.22
CA ILE ZA 132 -118.37 73.46 -144.61
C ILE ZA 132 -118.59 73.31 -146.13
N ALA ZA 133 -117.73 72.56 -146.80
CA ALA ZA 133 -117.82 72.37 -148.25
C ALA ZA 133 -119.07 71.59 -148.64
N PRO ZA 134 -119.55 71.80 -149.88
CA PRO ZA 134 -120.74 71.08 -150.34
C PRO ZA 134 -120.41 69.61 -150.57
N ASN ZA 135 -121.07 68.72 -149.82
CA ASN ZA 135 -120.86 67.30 -149.97
C ASN ZA 135 -121.94 66.79 -150.93
N THR ZA 136 -121.55 66.53 -152.19
CA THR ZA 136 -122.51 66.03 -153.16
C THR ZA 136 -122.02 64.69 -153.70
N GLY ZA 137 -121.33 63.95 -152.84
CA GLY ZA 137 -120.80 62.65 -153.21
C GLY ZA 137 -121.42 61.51 -152.43
N THR ZA 138 -120.96 61.31 -151.19
CA THR ZA 138 -121.47 60.23 -150.35
C THR ZA 138 -122.27 60.78 -149.18
N PRO ZA 139 -123.43 60.17 -148.89
CA PRO ZA 139 -124.25 60.64 -147.76
C PRO ZA 139 -123.70 60.15 -146.41
N LYS ZA 140 -123.23 61.05 -145.56
CA LYS ZA 140 -122.69 60.66 -144.25
C LYS ZA 140 -123.80 60.09 -143.38
N ALA ZA 141 -123.46 59.13 -142.52
CA ALA ZA 141 -124.46 58.50 -141.64
C ALA ZA 141 -125.22 59.47 -140.73
N GLN ZA 142 -126.45 59.10 -140.37
CA GLN ZA 142 -127.29 59.93 -139.51
C GLN ZA 142 -126.72 60.02 -138.10
N GLY ZA 143 -127.05 61.11 -137.39
CA GLY ZA 143 -126.56 61.29 -136.04
C GLY ZA 143 -126.01 62.69 -135.80
N ASP ZA 144 -125.24 62.86 -134.74
CA ASP ZA 144 -124.67 64.16 -134.40
C ASP ZA 144 -123.15 64.16 -134.62
N TYR ZA 145 -122.64 65.16 -135.36
CA TYR ZA 145 -121.21 65.25 -135.59
C TYR ZA 145 -120.66 66.34 -134.70
N LYS ZA 146 -119.52 66.11 -134.04
CA LYS ZA 146 -118.95 67.10 -133.13
C LYS ZA 146 -117.43 67.28 -133.28
N ASP ZA 147 -116.94 68.35 -132.69
CA ASP ZA 147 -115.52 68.69 -132.65
C ASP ZA 147 -115.36 69.77 -131.59
N THR ZA 148 -114.17 69.86 -131.02
CA THR ZA 148 -113.89 70.86 -130.02
C THR ZA 148 -112.65 71.62 -130.43
N LEU ZA 149 -112.83 72.78 -131.07
CA LEU ZA 149 -111.67 73.54 -131.49
C LEU ZA 149 -111.16 74.30 -130.27
N LEU ZA 150 -109.86 74.35 -130.06
CA LEU ZA 150 -109.31 75.09 -128.94
C LEU ZA 150 -108.88 76.43 -129.49
N VAL ZA 151 -109.51 77.53 -129.09
CA VAL ZA 151 -109.13 78.85 -129.57
C VAL ZA 151 -108.12 79.34 -128.54
N THR ZA 152 -106.99 79.90 -129.02
CA THR ZA 152 -105.87 80.34 -128.23
C THR ZA 152 -105.61 81.83 -128.35
N VAL ZA 153 -106.20 82.62 -127.46
CA VAL ZA 153 -105.95 84.07 -127.47
C VAL ZA 153 -104.61 84.27 -126.77
N ASN ZA 154 -103.57 84.65 -127.50
CA ASN ZA 154 -102.26 84.79 -126.88
C ASN ZA 154 -101.67 86.13 -127.23
N PHE ZA 155 -100.68 86.51 -126.44
CA PHE ZA 155 -100.07 87.81 -126.57
C PHE ZA 155 -98.60 87.70 -126.93
N ALA AB 1 -101.84 84.29 -122.15
CA ALA AB 1 -102.26 83.11 -122.88
C ALA AB 1 -103.61 82.60 -122.37
N VAL AB 2 -104.68 83.00 -123.04
CA VAL AB 2 -106.02 82.57 -122.67
C VAL AB 2 -106.52 81.56 -123.71
N THR AB 3 -106.32 80.27 -123.44
CA THR AB 3 -106.77 79.21 -124.33
C THR AB 3 -108.21 78.77 -123.94
N GLY AB 4 -109.07 78.67 -124.95
CA GLY AB 4 -110.44 78.30 -124.73
C GLY AB 4 -111.06 77.32 -125.71
N GLN AB 5 -112.22 76.73 -125.40
CA GLN AB 5 -112.83 75.75 -126.30
C GLN AB 5 -114.05 76.25 -127.09
N VAL AB 6 -114.22 75.76 -128.32
CA VAL AB 6 -115.33 76.13 -129.18
C VAL AB 6 -115.94 74.83 -129.69
N ASP AB 7 -117.11 74.44 -129.17
CA ASP AB 7 -117.70 73.20 -129.59
C ASP AB 7 -118.30 73.36 -130.98
N VAL AB 8 -117.93 72.48 -131.91
CA VAL AB 8 -118.45 72.53 -133.27
C VAL AB 8 -119.50 71.43 -133.39
N LYS AB 9 -120.62 71.71 -134.05
CA LYS AB 9 -121.67 70.71 -134.17
C LYS AB 9 -122.37 70.73 -135.52
N LEU AB 10 -122.95 69.59 -135.90
CA LEU AB 10 -123.68 69.43 -137.14
C LEU AB 10 -124.59 68.21 -136.96
N ASN AB 11 -125.89 68.35 -137.21
CA ASN AB 11 -126.81 67.25 -137.03
C ASN AB 11 -127.25 66.74 -138.39
N ILE AB 12 -126.53 65.74 -138.90
CA ILE AB 12 -126.89 65.16 -140.19
C ILE AB 12 -128.05 64.20 -139.95
N SER AB 13 -129.25 64.57 -140.41
CA SER AB 13 -130.44 63.71 -140.25
C SER AB 13 -131.51 63.93 -141.36
N THR AB 14 -132.10 65.13 -141.40
CA THR AB 14 -133.15 65.48 -142.36
C THR AB 14 -133.24 67.01 -142.42
N GLY AB 15 -132.52 67.63 -143.37
CA GLY AB 15 -132.49 69.08 -143.50
C GLY AB 15 -133.15 69.71 -144.71
N CYS AB 16 -133.04 71.04 -144.75
CA CYS AB 16 -133.62 71.88 -145.79
C CYS AB 16 -132.52 72.57 -146.60
N THR AB 17 -132.69 72.70 -147.92
CA THR AB 17 -131.66 73.30 -148.78
C THR AB 17 -132.14 74.54 -149.56
N VAL AB 18 -131.24 75.48 -149.83
CA VAL AB 18 -131.62 76.68 -150.57
C VAL AB 18 -131.13 76.64 -152.02
N GLY AB 19 -132.05 76.73 -152.98
CA GLY AB 19 -131.67 76.71 -154.39
C GLY AB 19 -131.59 78.13 -154.93
N GLY AB 20 -130.96 78.29 -156.09
CA GLY AB 20 -130.80 79.61 -156.70
C GLY AB 20 -129.47 80.28 -156.35
N SER AB 21 -128.65 79.60 -155.56
CA SER AB 21 -127.37 80.15 -155.16
C SER AB 21 -126.22 79.50 -155.93
N GLN AB 22 -125.11 80.23 -155.99
CA GLN AB 22 -123.90 79.77 -156.65
C GLN AB 22 -122.82 79.88 -155.59
N THR AB 23 -121.92 78.92 -155.53
CA THR AB 23 -120.88 78.97 -154.52
C THR AB 23 -119.75 79.91 -154.94
N GLU AB 24 -119.70 81.12 -154.38
CA GLU AB 24 -118.63 82.05 -154.69
C GLU AB 24 -117.48 81.65 -153.76
N GLY AB 25 -116.53 80.86 -154.26
CA GLY AB 25 -115.45 80.42 -153.40
C GLY AB 25 -116.08 79.58 -152.30
N ASN AB 26 -115.95 80.00 -151.04
CA ASN AB 26 -116.53 79.22 -149.94
C ASN AB 26 -117.72 79.96 -149.29
N MET AB 27 -118.34 80.86 -150.04
CA MET AB 27 -119.50 81.61 -149.53
C MET AB 27 -120.64 81.56 -150.55
N ASN AB 28 -121.83 81.14 -150.14
CA ASN AB 28 -122.96 81.03 -151.05
C ASN AB 28 -123.43 82.38 -151.64
N LYS AB 29 -123.28 82.57 -152.95
CA LYS AB 29 -123.75 83.80 -153.60
C LYS AB 29 -125.23 83.61 -153.88
N PHE AB 30 -126.10 84.26 -153.12
CA PHE AB 30 -127.53 84.10 -153.29
C PHE AB 30 -128.11 84.90 -154.45
N GLY AB 31 -127.68 86.15 -154.64
CA GLY AB 31 -128.24 86.91 -155.74
C GLY AB 31 -127.82 88.36 -155.80
N THR AB 32 -128.59 89.15 -156.55
CA THR AB 32 -128.29 90.56 -156.72
C THR AB 32 -129.56 91.41 -156.59
N LEU AB 33 -129.45 92.55 -155.92
CA LEU AB 33 -130.57 93.47 -155.77
C LEU AB 33 -130.16 94.65 -156.61
N ASN AB 34 -130.52 94.62 -157.89
CA ASN AB 34 -130.10 95.63 -158.84
C ASN AB 34 -131.14 96.73 -159.04
N PHE AB 35 -130.93 97.89 -158.42
CA PHE AB 35 -131.89 98.99 -158.58
C PHE AB 35 -131.80 99.65 -159.95
N GLY AB 36 -130.68 99.45 -160.63
CA GLY AB 36 -130.48 99.99 -161.95
C GLY AB 36 -129.77 101.32 -161.91
N LYS AB 37 -129.88 102.08 -163.00
CA LYS AB 37 -129.26 103.39 -163.11
C LYS AB 37 -130.19 104.46 -162.54
N THR AB 38 -129.61 105.58 -162.09
CA THR AB 38 -130.39 106.67 -161.53
C THR AB 38 -129.62 107.98 -161.53
N SER AB 39 -130.35 109.09 -161.44
CA SER AB 39 -129.73 110.42 -161.41
C SER AB 39 -129.44 110.81 -160.01
N GLY AB 40 -128.73 111.95 -159.81
CA GLY AB 40 -128.35 112.43 -158.49
C GLY AB 40 -129.53 112.53 -157.54
N THR AB 41 -130.63 113.11 -158.02
CA THR AB 41 -131.83 113.28 -157.20
C THR AB 41 -133.03 112.59 -157.84
N TRP AB 42 -133.50 111.48 -157.27
CA TRP AB 42 -134.66 110.77 -157.82
C TRP AB 42 -135.92 111.04 -156.99
N ASN AB 43 -137.04 111.33 -157.63
CA ASN AB 43 -138.29 111.61 -156.91
C ASN AB 43 -139.12 110.36 -156.68
N ASN AB 44 -138.95 109.37 -157.55
CA ASN AB 44 -139.66 108.10 -157.41
C ASN AB 44 -138.87 107.12 -156.55
N VAL AB 45 -139.56 106.32 -155.74
CA VAL AB 45 -138.95 105.33 -154.88
C VAL AB 45 -138.26 104.30 -155.79
N LEU AB 46 -136.94 104.15 -155.71
CA LEU AB 46 -136.28 103.19 -156.63
C LEU AB 46 -136.54 101.81 -156.09
N THR AB 47 -137.01 100.88 -156.93
CA THR AB 47 -137.44 99.58 -156.46
C THR AB 47 -137.08 98.41 -157.38
N ALA AB 48 -136.38 97.39 -156.86
CA ALA AB 48 -136.03 96.23 -157.67
C ALA AB 48 -136.06 94.98 -156.79
N GLU AB 49 -136.19 93.82 -157.44
CA GLU AB 49 -136.28 92.54 -156.76
C GLU AB 49 -134.96 91.79 -156.87
N VAL AB 50 -134.70 90.90 -155.91
CA VAL AB 50 -133.49 90.10 -155.94
C VAL AB 50 -133.50 89.17 -157.14
N ALA AB 51 -132.35 89.00 -157.80
CA ALA AB 51 -132.24 88.10 -158.94
C ALA AB 51 -131.22 87.03 -158.54
N SER AB 52 -131.66 85.79 -158.34
CA SER AB 52 -130.74 84.71 -157.94
C SER AB 52 -129.54 84.59 -158.87
N ALA AB 53 -128.35 84.36 -158.32
CA ALA AB 53 -127.15 84.26 -159.16
C ALA AB 53 -127.10 83.00 -160.02
N ALA AB 54 -127.81 81.96 -159.62
CA ALA AB 54 -127.82 80.70 -160.36
C ALA AB 54 -128.78 80.67 -161.55
N THR AB 55 -130.01 81.10 -161.35
CA THR AB 55 -131.00 81.07 -162.42
C THR AB 55 -131.37 82.44 -163.00
N GLY AB 56 -131.43 83.47 -162.17
CA GLY AB 56 -131.82 84.79 -162.62
C GLY AB 56 -133.15 85.19 -162.02
N GLY AB 57 -133.94 84.19 -161.59
CA GLY AB 57 -135.23 84.44 -160.98
C GLY AB 57 -135.12 84.58 -159.47
N ASN AB 58 -136.19 84.23 -158.75
CA ASN AB 58 -136.17 84.35 -157.30
C ASN AB 58 -135.52 83.15 -156.61
N ILE AB 59 -134.92 83.37 -155.45
CA ILE AB 59 -134.28 82.29 -154.71
C ILE AB 59 -135.36 81.23 -154.42
N SER AB 60 -135.11 79.98 -154.78
CA SER AB 60 -136.11 78.93 -154.57
C SER AB 60 -135.66 77.97 -153.48
N VAL AB 61 -136.18 78.12 -152.26
CA VAL AB 61 -135.77 77.23 -151.20
C VAL AB 61 -136.68 76.00 -151.18
N THR AB 62 -136.09 74.80 -151.16
CA THR AB 62 -136.88 73.58 -151.11
C THR AB 62 -136.40 72.79 -149.89
N CYS AB 63 -137.29 72.04 -149.26
CA CYS AB 63 -136.84 71.23 -148.13
C CYS AB 63 -136.77 69.78 -148.57
N ASP AB 64 -135.98 69.00 -147.85
CA ASP AB 64 -135.81 67.59 -148.18
C ASP AB 64 -136.57 66.68 -147.21
N GLY AB 65 -137.81 66.34 -147.54
CA GLY AB 65 -138.61 65.48 -146.68
C GLY AB 65 -140.05 65.38 -147.15
N THR AB 66 -140.90 64.77 -146.31
CA THR AB 66 -142.32 64.61 -146.62
C THR AB 66 -143.25 65.50 -145.80
N ASP AB 67 -142.90 65.91 -144.60
CA ASP AB 67 -143.83 66.77 -143.86
C ASP AB 67 -143.48 68.25 -144.12
N PRO AB 68 -144.50 69.12 -144.17
CA PRO AB 68 -144.19 70.53 -144.44
C PRO AB 68 -143.32 71.15 -143.35
N VAL AB 69 -142.09 71.54 -143.67
CA VAL AB 69 -141.21 72.13 -142.66
C VAL AB 69 -141.36 73.66 -142.58
N ASP AB 70 -141.24 74.22 -141.38
CA ASP AB 70 -141.35 75.66 -141.21
C ASP AB 70 -139.93 76.21 -141.05
N PHE AB 71 -139.40 76.86 -142.09
CA PHE AB 71 -138.04 77.39 -142.03
C PHE AB 71 -138.09 78.90 -141.95
N THR AB 72 -137.05 79.50 -141.40
CA THR AB 72 -137.03 80.94 -141.27
C THR AB 72 -136.00 81.62 -142.19
N VAL AB 73 -136.23 82.91 -142.42
CA VAL AB 73 -135.34 83.70 -143.26
C VAL AB 73 -134.92 84.97 -142.52
N ALA AB 74 -133.62 85.23 -142.41
CA ALA AB 74 -133.15 86.43 -141.72
C ALA AB 74 -132.11 87.12 -142.59
N ILE AB 75 -132.23 88.45 -142.74
CA ILE AB 75 -131.28 89.21 -143.52
C ILE AB 75 -130.62 90.16 -142.52
N ASP AB 76 -129.33 90.41 -142.71
CA ASP AB 76 -128.59 91.29 -141.81
C ASP AB 76 -128.64 92.75 -142.31
N GLY AB 77 -127.91 93.67 -141.65
CA GLY AB 77 -127.88 95.08 -142.01
C GLY AB 77 -126.87 95.55 -143.06
N GLY AB 78 -126.25 94.64 -143.79
CA GLY AB 78 -125.27 95.04 -144.80
C GLY AB 78 -123.87 95.21 -144.22
N GLU AB 79 -122.93 95.62 -145.08
CA GLU AB 79 -121.56 95.83 -144.68
C GLU AB 79 -121.39 96.73 -143.49
N ARG AB 80 -122.10 97.86 -143.46
CA ARG AB 80 -121.93 98.80 -142.35
C ARG AB 80 -122.96 98.67 -141.22
N THR AB 81 -123.83 97.68 -141.33
CA THR AB 81 -124.92 97.35 -140.38
C THR AB 81 -126.12 98.34 -140.31
N ASP AB 82 -126.22 99.27 -141.27
CA ASP AB 82 -127.35 100.21 -141.28
C ASP AB 82 -128.01 100.30 -142.67
N ARG AB 83 -127.87 99.25 -143.46
CA ARG AB 83 -128.45 99.14 -144.81
C ARG AB 83 -128.20 100.36 -145.69
N THR AB 84 -126.92 100.69 -145.88
CA THR AB 84 -126.53 101.82 -146.73
C THR AB 84 -125.60 101.33 -147.83
N LEU AB 85 -125.85 101.73 -149.08
CA LEU AB 85 -124.94 101.34 -150.12
C LEU AB 85 -123.82 102.38 -150.12
N LYS AB 86 -122.59 101.97 -150.35
CA LYS AB 86 -121.49 102.92 -150.31
C LYS AB 86 -120.88 103.12 -151.70
N ASN AB 87 -120.47 104.34 -152.03
CA ASN AB 87 -119.89 104.55 -153.31
C ASN AB 87 -118.54 103.86 -153.30
N THR AB 88 -118.18 103.18 -154.38
CA THR AB 88 -116.88 102.52 -154.48
C THR AB 88 -115.70 103.46 -154.20
N ALA AB 89 -115.75 104.70 -154.66
CA ALA AB 89 -114.61 105.63 -154.45
C ALA AB 89 -114.76 106.65 -153.31
N SER AB 90 -115.86 107.40 -153.34
CA SER AB 90 -116.15 108.42 -152.34
C SER AB 90 -116.84 107.81 -151.10
N ALA AB 91 -117.14 108.62 -150.10
CA ALA AB 91 -117.79 108.11 -148.89
C ALA AB 91 -119.30 108.34 -148.82
N ASP AB 92 -119.92 108.68 -149.95
CA ASP AB 92 -121.36 108.92 -149.99
C ASP AB 92 -122.11 107.62 -149.68
N VAL AB 93 -123.27 107.72 -149.04
CA VAL AB 93 -124.05 106.53 -148.70
C VAL AB 93 -125.47 106.64 -149.23
N VAL AB 94 -126.10 105.51 -149.52
CA VAL AB 94 -127.48 105.50 -150.02
C VAL AB 94 -128.31 104.55 -149.18
N ALA AB 95 -129.12 105.07 -148.25
CA ALA AB 95 -129.94 104.24 -147.39
C ALA AB 95 -131.02 103.45 -148.17
N TYR AB 96 -131.19 102.16 -147.84
CA TYR AB 96 -132.20 101.33 -148.49
C TYR AB 96 -132.78 100.35 -147.47
N ASN AB 97 -133.68 99.46 -147.91
CA ASN AB 97 -134.29 98.47 -147.04
C ASN AB 97 -134.82 97.33 -147.90
N VAL AB 98 -134.94 96.14 -147.33
CA VAL AB 98 -135.45 94.99 -148.06
C VAL AB 98 -136.78 94.57 -147.43
N TYR AB 99 -137.82 94.42 -148.23
CA TYR AB 99 -139.12 94.00 -147.70
C TYR AB 99 -139.43 92.61 -148.23
N ARG AB 100 -140.41 91.95 -147.62
CA ARG AB 100 -140.80 90.60 -148.00
C ARG AB 100 -141.99 90.53 -148.95
N ASP AB 101 -142.94 91.43 -148.78
CA ASP AB 101 -144.13 91.44 -149.61
C ASP AB 101 -144.02 92.45 -150.74
N ALA AB 102 -144.80 92.23 -151.80
CA ALA AB 102 -144.81 93.09 -153.01
C ALA AB 102 -145.18 94.57 -152.79
N ALA AB 103 -145.90 94.88 -151.72
CA ALA AB 103 -146.27 96.26 -151.42
C ALA AB 103 -145.31 97.00 -150.46
N ARG AB 104 -144.06 96.53 -150.29
CA ARG AB 104 -143.07 97.21 -149.44
C ARG AB 104 -143.54 97.48 -148.00
N THR AB 105 -144.38 96.58 -147.46
CA THR AB 105 -144.89 96.74 -146.10
C THR AB 105 -144.24 95.86 -145.04
N ASN AB 106 -144.15 94.55 -145.29
CA ASN AB 106 -143.56 93.60 -144.35
C ASN AB 106 -142.05 93.65 -144.50
N LEU AB 107 -141.42 94.44 -143.65
CA LEU AB 107 -139.97 94.64 -143.68
C LEU AB 107 -139.16 93.48 -143.11
N TYR AB 108 -138.04 93.14 -143.76
CA TYR AB 108 -137.18 92.11 -143.22
C TYR AB 108 -136.38 92.82 -142.17
N VAL AB 109 -136.87 92.85 -140.93
CA VAL AB 109 -136.18 93.54 -139.85
C VAL AB 109 -134.77 92.99 -139.64
N VAL AB 110 -133.80 93.86 -139.35
CA VAL AB 110 -132.41 93.46 -139.15
C VAL AB 110 -132.27 92.29 -138.17
N ASN AB 111 -131.51 91.25 -138.56
CA ASN AB 111 -131.29 90.09 -137.72
C ASN AB 111 -132.57 89.50 -137.12
N GLN AB 112 -133.59 89.32 -137.95
CA GLN AB 112 -134.85 88.75 -137.48
C GLN AB 112 -135.31 87.60 -138.38
N PRO AB 113 -135.79 86.50 -137.76
CA PRO AB 113 -136.22 85.34 -138.54
C PRO AB 113 -137.62 85.46 -139.16
N GLN AB 114 -137.76 86.11 -140.30
CA GLN AB 114 -139.08 86.20 -140.89
C GLN AB 114 -139.50 84.76 -141.27
N GLN AB 115 -140.55 84.23 -140.62
CA GLN AB 115 -141.07 82.85 -140.85
C GLN AB 115 -141.43 82.54 -142.32
N PHE AB 116 -141.38 81.24 -142.66
CA PHE AB 116 -141.73 80.75 -144.00
C PHE AB 116 -142.18 79.28 -143.98
N THR AB 117 -143.04 78.90 -144.91
CA THR AB 117 -143.52 77.52 -144.99
C THR AB 117 -142.99 76.83 -146.24
N THR AB 118 -142.94 75.51 -146.22
CA THR AB 118 -142.44 74.75 -147.36
C THR AB 118 -143.03 73.33 -147.35
N VAL AB 119 -143.61 72.88 -148.46
CA VAL AB 119 -144.19 71.54 -148.51
C VAL AB 119 -143.30 70.62 -149.35
N SER AB 120 -143.55 69.31 -149.23
CA SER AB 120 -142.78 68.31 -149.96
C SER AB 120 -143.04 68.40 -151.46
N GLY AB 121 -142.02 68.07 -152.27
CA GLY AB 121 -142.13 68.11 -153.71
C GLY AB 121 -142.49 69.47 -154.27
N GLN AB 122 -141.95 70.52 -153.65
CA GLN AB 122 -142.21 71.89 -154.09
C GLN AB 122 -141.09 72.81 -153.61
N ALA AB 123 -140.83 73.88 -154.36
CA ALA AB 123 -139.80 74.83 -153.98
C ALA AB 123 -140.50 76.14 -153.67
N THR AB 124 -140.25 76.74 -152.50
CA THR AB 124 -140.87 78.00 -152.14
C THR AB 124 -139.91 79.14 -152.50
N ALA AB 125 -140.44 80.25 -153.02
CA ALA AB 125 -139.59 81.36 -153.40
C ALA AB 125 -139.38 82.32 -152.22
N VAL AB 126 -138.20 82.94 -152.14
CA VAL AB 126 -137.91 83.89 -151.07
C VAL AB 126 -137.88 85.29 -151.69
N PRO AB 127 -139.00 86.01 -151.59
CA PRO AB 127 -139.03 87.33 -152.21
C PRO AB 127 -138.26 88.33 -151.35
N ILE AB 128 -137.18 88.87 -151.88
CA ILE AB 128 -136.43 89.88 -151.17
C ILE AB 128 -136.66 91.12 -152.02
N PHE AB 129 -137.65 91.91 -151.64
CA PHE AB 129 -138.00 93.10 -152.43
C PHE AB 129 -137.24 94.31 -151.91
N GLY AB 130 -136.40 94.91 -152.75
CA GLY AB 130 -135.66 96.09 -152.33
C GLY AB 130 -136.50 97.33 -152.54
N ALA AB 131 -136.16 98.38 -151.81
CA ALA AB 131 -136.83 99.66 -151.90
C ALA AB 131 -135.92 100.78 -151.39
N ILE AB 132 -135.85 101.87 -152.12
CA ILE AB 132 -135.06 103.02 -151.74
C ILE AB 132 -135.94 104.28 -151.67
N ALA AB 133 -135.79 105.06 -150.60
CA ALA AB 133 -136.59 106.27 -150.41
C ALA AB 133 -136.27 107.35 -151.45
N PRO AB 134 -137.26 108.22 -151.72
CA PRO AB 134 -137.03 109.28 -152.71
C PRO AB 134 -136.06 110.32 -152.16
N ASN AB 135 -134.90 110.49 -152.80
CA ASN AB 135 -133.93 111.47 -152.39
C ASN AB 135 -134.19 112.73 -153.19
N THR AB 136 -134.80 113.74 -152.57
CA THR AB 136 -135.08 114.99 -153.26
C THR AB 136 -134.41 116.13 -152.50
N GLY AB 137 -133.26 115.82 -151.89
CA GLY AB 137 -132.52 116.81 -151.12
C GLY AB 137 -131.16 117.10 -151.71
N THR AB 138 -130.19 116.21 -151.46
CA THR AB 138 -128.83 116.40 -151.96
C THR AB 138 -128.49 115.36 -153.04
N PRO AB 139 -127.86 115.79 -154.14
CA PRO AB 139 -127.49 114.85 -155.20
C PRO AB 139 -126.24 114.04 -154.84
N LYS AB 140 -126.35 112.73 -154.64
CA LYS AB 140 -125.20 111.90 -154.31
C LYS AB 140 -124.21 111.87 -155.47
N ALA AB 141 -122.91 111.78 -155.16
CA ALA AB 141 -121.88 111.76 -156.20
C ALA AB 141 -122.03 110.63 -157.24
N GLN AB 142 -121.54 110.88 -158.46
CA GLN AB 142 -121.61 109.90 -159.54
C GLN AB 142 -120.75 108.67 -159.25
N GLY AB 143 -121.11 107.54 -159.84
CA GLY AB 143 -120.37 106.31 -159.64
C GLY AB 143 -121.27 105.13 -159.33
N ASP AB 144 -120.69 104.06 -158.79
CA ASP AB 144 -121.44 102.86 -158.46
C ASP AB 144 -121.57 102.68 -156.94
N TYR AB 145 -122.78 102.47 -156.44
CA TYR AB 145 -122.99 102.28 -155.02
C TYR AB 145 -123.22 100.78 -154.80
N LYS AB 146 -122.59 100.20 -153.77
CA LYS AB 146 -122.75 98.77 -153.50
C LYS AB 146 -122.95 98.43 -152.02
N ASP AB 147 -123.39 97.19 -151.79
CA ASP AB 147 -123.59 96.63 -150.46
C ASP AB 147 -123.71 95.13 -150.64
N THR AB 148 -123.38 94.38 -149.59
CA THR AB 148 -123.48 92.94 -149.63
C THR AB 148 -124.31 92.48 -148.45
N LEU AB 149 -125.61 92.26 -148.67
CA LEU AB 149 -126.44 91.82 -147.56
C LEU AB 149 -126.21 90.33 -147.40
N LEU AB 150 -126.10 89.85 -146.17
CA LEU AB 150 -125.91 88.43 -145.93
C LEU AB 150 -127.29 87.89 -145.59
N VAL AB 151 -127.85 87.03 -146.43
CA VAL AB 151 -129.17 86.45 -146.14
C VAL AB 151 -128.86 85.15 -145.40
N THR AB 152 -129.57 84.91 -144.29
CA THR AB 152 -129.37 83.79 -143.40
C THR AB 152 -130.56 82.87 -143.32
N VAL AB 153 -130.61 81.83 -144.16
CA VAL AB 153 -131.70 80.87 -144.12
C VAL AB 153 -131.37 79.92 -142.95
N ASN AB 154 -132.13 79.98 -141.86
CA ASN AB 154 -131.81 79.15 -140.73
C ASN AB 154 -133.03 78.41 -140.25
N PHE AB 155 -132.79 77.36 -139.49
CA PHE AB 155 -133.85 76.49 -139.04
C PHE AB 155 -133.97 76.51 -137.53
N ALA BB 1 -128.32 75.89 -141.09
CA ALA BB 1 -127.91 77.27 -141.20
C ALA BB 1 -127.21 77.53 -142.54
N VAL BB 2 -127.98 78.00 -143.53
CA VAL BB 2 -127.42 78.31 -144.84
C VAL BB 2 -127.35 79.83 -145.02
N THR BB 3 -126.20 80.41 -144.69
CA THR BB 3 -125.98 81.84 -144.83
C THR BB 3 -125.42 82.16 -146.24
N GLY BB 4 -126.01 83.15 -146.88
CA GLY BB 4 -125.61 83.53 -148.22
C GLY BB 4 -125.52 85.02 -148.50
N GLN BB 5 -124.89 85.42 -149.61
CA GLN BB 5 -124.74 86.85 -149.92
C GLN BB 5 -125.66 87.38 -151.03
N VAL BB 6 -126.08 88.64 -150.91
CA VAL BB 6 -126.95 89.28 -151.89
C VAL BB 6 -126.30 90.62 -152.22
N ASP BB 7 -125.69 90.75 -153.40
CA ASP BB 7 -125.03 91.99 -153.73
C ASP BB 7 -126.08 93.04 -154.10
N VAL BB 8 -126.02 94.20 -153.45
CA VAL BB 8 -126.94 95.29 -153.72
C VAL BB 8 -126.21 96.32 -154.57
N LYS BB 9 -126.87 96.88 -155.59
CA LYS BB 9 -126.20 97.83 -156.45
C LYS BB 9 -127.12 98.97 -156.90
N LEU BB 10 -126.51 100.10 -157.24
CA LEU BB 10 -127.21 101.29 -157.72
C LEU BB 10 -126.18 102.13 -158.47
N ASN BB 11 -126.47 102.52 -159.71
CA ASN BB 11 -125.54 103.30 -160.49
C ASN BB 11 -126.04 104.72 -160.60
N ILE BB 12 -125.61 105.58 -159.69
CA ILE BB 12 -126.01 106.97 -159.72
C ILE BB 12 -125.15 107.66 -160.77
N SER BB 13 -125.75 108.04 -161.91
CA SER BB 13 -125.02 108.74 -162.98
C SER BB 13 -125.91 109.65 -163.85
N THR BB 14 -126.87 109.05 -164.58
CA THR BB 14 -127.78 109.75 -165.47
C THR BB 14 -128.97 108.84 -165.76
N GLY CB 15 -142.00 127.68 -129.33
CA GLY CB 15 -140.65 128.18 -129.58
C GLY CB 15 -139.63 128.07 -128.46
N CYS CB 16 -138.43 128.58 -128.77
CA CYS CB 16 -137.28 128.57 -127.88
C CYS CB 16 -136.89 130.00 -127.49
N THR CB 17 -136.49 130.20 -126.24
CA THR CB 17 -136.13 131.55 -125.75
C THR CB 17 -134.69 131.67 -125.23
N VAL CB 18 -134.10 132.86 -125.36
CA VAL CB 18 -132.72 133.06 -124.90
C VAL CB 18 -132.68 133.86 -123.59
N GLY CB 19 -132.10 133.29 -122.53
CA GLY CB 19 -132.01 133.98 -121.26
C GLY CB 19 -130.64 134.62 -121.12
N GLY CB 20 -130.51 135.54 -120.16
CA GLY CB 20 -129.26 136.25 -119.93
C GLY CB 20 -129.17 137.58 -120.66
N SER CB 21 -130.22 137.93 -121.39
CA SER CB 21 -130.23 139.18 -122.14
C SER CB 21 -131.09 140.22 -121.45
N GLN CB 22 -130.82 141.49 -121.76
CA GLN CB 22 -131.54 142.62 -121.24
C GLN CB 22 -132.01 143.38 -122.46
N THR CB 23 -133.23 143.90 -122.43
CA THR CB 23 -133.73 144.62 -123.60
C THR CB 23 -133.18 146.05 -123.63
N GLU CB 24 -132.18 146.32 -124.47
CA GLU CB 24 -131.66 147.67 -124.60
C GLU CB 24 -132.59 148.37 -125.58
N GLY CB 25 -133.56 149.13 -125.09
CA GLY CB 25 -134.50 149.78 -125.97
C GLY CB 25 -135.25 148.67 -126.70
N ASN CB 26 -135.13 148.58 -128.03
CA ASN CB 26 -135.82 147.55 -128.79
C ASN CB 26 -134.85 146.52 -129.38
N MET CB 27 -133.67 146.41 -128.78
CA MET CB 27 -132.67 145.46 -129.24
C MET CB 27 -132.12 144.64 -128.06
N ASN CB 28 -132.16 143.31 -128.14
CA ASN CB 28 -131.70 142.46 -127.05
C ASN CB 28 -130.19 142.59 -126.74
N LYS CB 29 -129.84 143.12 -125.57
CA LYS CB 29 -128.43 143.23 -125.18
C LYS CB 29 -128.03 141.88 -124.59
N PHE CB 30 -127.26 141.09 -125.34
CA PHE CB 30 -126.87 139.76 -124.88
C PHE CB 30 -125.73 139.77 -123.87
N GLY CB 31 -124.71 140.58 -124.09
CA GLY CB 31 -123.62 140.58 -123.12
C GLY CB 31 -122.42 141.42 -123.51
N THR CB 32 -121.29 141.14 -122.86
CA THR CB 32 -120.07 141.89 -123.10
C THR CB 32 -118.85 140.96 -123.20
N LEU CB 33 -117.97 141.24 -124.15
CA LEU CB 33 -116.76 140.45 -124.33
C LEU CB 33 -115.67 141.40 -123.89
N ASN CB 34 -115.35 141.38 -122.59
CA ASN CB 34 -114.40 142.31 -122.03
C ASN CB 34 -112.99 141.74 -121.93
N PHE CB 35 -112.10 142.12 -122.84
CA PHE CB 35 -110.72 141.62 -122.80
C PHE CB 35 -109.90 142.24 -121.68
N GLY CB 36 -110.37 143.39 -121.18
CA GLY CB 36 -109.70 144.06 -120.09
C GLY CB 36 -108.74 145.12 -120.59
N LYS CB 37 -107.82 145.51 -119.72
CA LYS CB 37 -106.80 146.52 -120.06
C LYS CB 37 -105.60 145.85 -120.70
N THR CB 38 -104.86 146.60 -121.51
CA THR CB 38 -103.67 146.07 -122.18
C THR CB 38 -102.74 147.19 -122.65
N SER CB 39 -101.48 146.84 -122.89
CA SER CB 39 -100.49 147.79 -123.34
C SER CB 39 -100.47 147.84 -124.84
N GLY CB 40 -99.72 148.79 -125.43
CA GLY CB 40 -99.63 148.94 -126.88
C GLY CB 40 -99.30 147.66 -127.60
N THR CB 41 -98.29 146.94 -127.09
CA THR CB 41 -97.86 145.70 -127.71
C THR CB 41 -97.95 144.53 -126.70
N TRP CB 42 -98.91 143.62 -126.89
CA TRP CB 42 -99.06 142.48 -125.99
C TRP CB 42 -98.51 141.20 -126.64
N ASN CB 43 -97.73 140.42 -125.89
CA ASN CB 43 -97.17 139.18 -126.43
C ASN CB 43 -98.06 137.96 -126.19
N ASN CB 44 -98.88 138.05 -125.15
CA ASN CB 44 -99.81 136.97 -124.84
C ASN CB 44 -101.15 137.18 -125.54
N VAL CB 45 -101.77 136.10 -126.00
CA VAL CB 45 -103.07 136.14 -126.67
C VAL CB 45 -104.09 136.69 -125.67
N LEU CB 46 -104.71 137.85 -125.94
CA LEU CB 46 -105.66 138.38 -124.94
C LEU CB 46 -106.94 137.58 -125.06
N THR CB 47 -107.47 137.08 -123.94
CA THR CB 47 -108.59 136.17 -124.00
C THR CB 47 -109.63 136.37 -122.89
N ALA CB 48 -110.91 136.58 -123.25
CA ALA CB 48 -111.97 136.75 -122.25
C ALA CB 48 -113.25 136.12 -122.76
N GLU CB 49 -114.16 135.81 -121.84
CA GLU CB 49 -115.42 135.17 -122.15
C GLU CB 49 -116.56 136.19 -122.09
N VAL CB 50 -117.63 135.90 -122.82
CA VAL CB 50 -118.79 136.78 -122.82
C VAL CB 50 -119.43 136.78 -121.43
N ALA CB 51 -119.87 137.95 -120.97
CA ALA CB 51 -120.54 138.07 -119.68
C ALA CB 51 -121.96 138.58 -119.98
N SER CB 52 -122.98 137.75 -119.77
CA SER CB 52 -124.36 138.15 -120.05
C SER CB 52 -124.72 139.47 -119.33
N ALA CB 53 -125.46 140.34 -120.01
CA ALA CB 53 -125.83 141.62 -119.40
C ALA CB 53 -126.85 141.52 -118.27
N ALA CB 54 -127.63 140.43 -118.26
CA ALA CB 54 -128.65 140.24 -117.24
C ALA CB 54 -128.13 139.64 -115.94
N THR CB 55 -127.34 138.58 -116.03
CA THR CB 55 -126.82 137.94 -114.82
C THR CB 55 -125.33 138.16 -114.55
N GLY CB 56 -124.52 138.21 -115.59
CA GLY CB 56 -123.09 138.37 -115.42
C GLY CB 56 -122.36 137.11 -115.85
N GLY CB 57 -123.07 135.97 -115.87
CA GLY CB 57 -122.50 134.71 -116.29
C GLY CB 57 -122.67 134.48 -117.78
N ASN CB 58 -122.74 133.21 -118.19
CA ASN CB 58 -122.89 132.90 -119.61
C ASN CB 58 -124.35 132.96 -120.08
N ILE CB 59 -124.55 133.29 -121.34
CA ILE CB 59 -125.90 133.36 -121.89
C ILE CB 59 -126.55 131.98 -121.71
N SER CB 60 -127.73 131.93 -121.10
CA SER CB 60 -128.36 130.63 -120.86
C SER CB 60 -129.61 130.47 -121.74
N VAL CB 61 -129.50 129.74 -122.83
CA VAL CB 61 -130.65 129.57 -123.70
C VAL CB 61 -131.47 128.36 -123.25
N THR CB 62 -132.77 128.53 -123.06
CA THR CB 62 -133.63 127.42 -122.68
C THR CB 62 -134.73 127.31 -123.73
N CYS CB 63 -135.22 126.11 -123.99
CA CYS CB 63 -136.32 126.00 -124.94
C CYS CB 63 -137.60 125.72 -124.18
N ASP CB 64 -138.74 126.05 -124.79
CA ASP CB 64 -140.03 125.85 -124.16
C ASP CB 64 -140.76 124.62 -124.72
N GLY CB 65 -140.59 123.47 -124.11
CA GLY CB 65 -141.24 122.25 -124.57
C GLY CB 65 -140.75 121.01 -123.84
N THR CB 66 -141.15 119.84 -124.34
CA THR CB 66 -140.75 118.57 -123.77
C THR CB 66 -139.74 117.78 -124.59
N ASP CB 67 -139.71 117.92 -125.91
CA ASP CB 67 -138.70 117.15 -126.66
C ASP CB 67 -137.43 117.99 -126.85
N PRO CB 68 -136.26 117.32 -126.84
CA PRO CB 68 -135.03 118.10 -126.98
C PRO CB 68 -134.97 118.82 -128.33
N VAL CB 69 -134.97 120.15 -128.35
CA VAL CB 69 -134.93 120.89 -129.60
C VAL CB 69 -133.48 121.20 -130.03
N ASP CB 70 -133.22 121.19 -131.34
CA ASP CB 70 -131.89 121.48 -131.85
C ASP CB 70 -131.91 122.91 -132.38
N PHE CB 71 -131.33 123.85 -131.65
CA PHE CB 71 -131.32 125.24 -132.08
C PHE CB 71 -129.93 125.64 -132.51
N THR CB 72 -129.85 126.65 -133.37
CA THR CB 72 -128.55 127.07 -133.86
C THR CB 72 -128.13 128.45 -133.35
N VAL CB 73 -126.82 128.70 -133.40
CA VAL CB 73 -126.26 129.96 -132.96
C VAL CB 73 -125.37 130.54 -134.06
N ALA CB 74 -125.60 131.80 -134.45
CA ALA CB 74 -124.80 132.42 -135.48
C ALA CB 74 -124.37 133.81 -135.02
N ILE CB 75 -123.08 134.14 -135.19
CA ILE CB 75 -122.58 135.43 -134.80
C ILE CB 75 -122.11 136.09 -136.10
N ASP CB 76 -122.30 137.39 -136.23
CA ASP CB 76 -121.92 138.11 -137.43
C ASP CB 76 -120.47 138.64 -137.30
N GLY CB 77 -120.00 139.41 -138.29
CA GLY CB 77 -118.66 139.97 -138.30
C GLY CB 77 -118.39 141.30 -137.60
N GLY CB 78 -119.31 141.79 -136.79
CA GLY CB 78 -119.13 143.05 -136.10
C GLY CB 78 -119.55 144.25 -136.93
N GLU CB 79 -119.36 145.45 -136.39
CA GLU CB 79 -119.73 146.68 -137.07
C GLU CB 79 -119.16 146.82 -138.45
N ARG CB 80 -117.88 146.49 -138.63
CA ARG CB 80 -117.27 146.67 -139.96
C ARG CB 80 -117.23 145.40 -140.82
N THR CB 81 -117.82 144.31 -140.30
CA THR CB 81 -117.89 142.97 -140.93
C THR CB 81 -116.58 142.17 -141.05
N ASP CB 82 -115.52 142.59 -140.35
CA ASP CB 82 -114.26 141.85 -140.37
C ASP CB 82 -113.68 141.62 -138.96
N ARG CB 83 -114.56 141.62 -137.96
CA ARG CB 83 -114.23 141.39 -136.56
C ARG CB 83 -113.04 142.22 -136.06
N THR CB 84 -113.15 143.54 -136.20
CA THR CB 84 -112.10 144.44 -135.74
C THR CB 84 -112.68 145.43 -134.72
N LEU CB 85 -112.01 145.63 -133.59
CA LEU CB 85 -112.51 146.61 -132.68
C LEU CB 85 -111.95 147.95 -133.13
N LYS CB 86 -112.72 149.02 -133.02
CA LYS CB 86 -112.23 150.32 -133.48
C LYS CB 86 -112.03 151.27 -132.32
N ASN CB 87 -110.99 152.11 -132.39
CA ASN CB 87 -110.78 153.03 -131.33
C ASN CB 87 -111.88 154.06 -131.39
N THR CB 88 -112.45 154.46 -130.26
CA THR CB 88 -113.49 155.46 -130.23
C THR CB 88 -113.11 156.77 -130.93
N ALA CB 89 -111.85 157.22 -130.80
CA ALA CB 89 -111.45 158.50 -131.43
C ALA CB 89 -110.66 158.38 -132.75
N SER CB 90 -109.57 157.62 -132.71
CA SER CB 90 -108.70 157.39 -133.88
C SER CB 90 -109.25 156.27 -134.77
N ALA CB 91 -108.58 155.99 -135.88
CA ALA CB 91 -109.03 154.94 -136.80
C ALA CB 91 -108.29 153.61 -136.64
N ASP CB 92 -107.57 153.43 -135.54
CA ASP CB 92 -106.83 152.19 -135.32
C ASP CB 92 -107.81 151.02 -135.14
N VAL CB 93 -107.42 149.83 -135.60
CA VAL CB 93 -108.31 148.66 -135.47
C VAL CB 93 -107.61 147.52 -134.75
N VAL CB 94 -108.37 146.66 -134.07
CA VAL CB 94 -107.81 145.53 -133.36
C VAL CB 94 -108.54 144.25 -133.77
N ALA CB 95 -107.93 143.44 -134.64
CA ALA CB 95 -108.56 142.22 -135.11
C ALA CB 95 -108.78 141.19 -133.98
N TYR CB 96 -109.95 140.54 -133.94
CA TYR CB 96 -110.25 139.53 -132.94
C TYR CB 96 -111.11 138.45 -133.57
N ASN CB 97 -111.54 137.45 -132.76
CA ASN CB 97 -112.40 136.37 -133.23
C ASN CB 97 -113.10 135.76 -132.03
N VAL CB 98 -114.25 135.14 -132.27
CA VAL CB 98 -114.99 134.50 -131.20
C VAL CB 98 -115.03 133.00 -131.45
N TYR CB 99 -114.65 132.18 -130.47
CA TYR CB 99 -114.67 130.73 -130.64
C TYR CB 99 -115.75 130.16 -129.74
N ARG CB 100 -116.11 128.91 -129.98
CA ARG CB 100 -117.15 128.24 -129.21
C ARG CB 100 -116.63 127.36 -128.08
N ASP CB 101 -115.49 126.71 -128.31
CA ASP CB 101 -114.92 125.83 -127.29
C ASP CB 101 -113.83 126.53 -126.50
N ALA CB 102 -113.57 126.01 -125.29
CA ALA CB 102 -112.57 126.55 -124.37
C ALA CB 102 -111.12 126.61 -124.86
N ALA CB 103 -110.76 125.78 -125.85
CA ALA CB 103 -109.42 125.78 -126.42
C ALA CB 103 -109.24 126.65 -127.68
N ARG CB 104 -110.15 127.61 -127.94
CA ARG CB 104 -110.02 128.52 -129.09
C ARG CB 104 -109.87 127.81 -130.44
N THR CB 105 -110.49 126.63 -130.59
CA THR CB 105 -110.40 125.86 -131.84
C THR CB 105 -111.64 125.94 -132.75
N ASN CB 106 -112.83 125.68 -132.19
CA ASN CB 106 -114.06 125.69 -132.95
C ASN CB 106 -114.52 127.14 -133.09
N LEU CB 107 -114.17 127.75 -134.21
CA LEU CB 107 -114.48 129.14 -134.48
C LEU CB 107 -115.94 129.39 -134.88
N TYR CB 108 -116.53 130.48 -134.38
CA TYR CB 108 -117.88 130.81 -134.78
C TYR CB 108 -117.69 131.52 -136.09
N VAL CB 109 -117.70 130.76 -137.19
CA VAL CB 109 -117.51 131.34 -138.52
C VAL CB 109 -118.57 132.42 -138.83
N VAL CB 110 -118.15 133.49 -139.50
CA VAL CB 110 -119.04 134.61 -139.83
C VAL CB 110 -120.35 134.14 -140.50
N ASN CB 111 -121.49 134.60 -140.00
CA ASN CB 111 -122.80 134.25 -140.54
C ASN CB 111 -122.99 132.74 -140.74
N GLN CB 112 -122.64 131.95 -139.72
CA GLN CB 112 -122.81 130.51 -139.80
C GLN CB 112 -123.55 129.96 -138.58
N PRO CB 113 -124.50 129.02 -138.82
CA PRO CB 113 -125.27 128.47 -137.69
C PRO CB 113 -124.56 127.39 -136.90
N GLN CB 114 -123.70 127.74 -135.96
CA GLN CB 114 -123.06 126.70 -135.18
C GLN CB 114 -124.16 125.96 -134.39
N GLN CB 115 -124.39 124.67 -134.69
CA GLN CB 115 -125.44 123.84 -134.04
C GLN CB 115 -125.33 123.78 -132.49
N PHE CB 116 -126.49 123.52 -131.86
CA PHE CB 116 -126.58 123.38 -130.39
C PHE CB 116 -127.77 122.51 -129.97
N THR CB 117 -127.66 121.84 -128.83
CA THR CB 117 -128.74 120.99 -128.33
C THR CB 117 -129.34 121.59 -127.05
N THR CB 118 -130.58 121.22 -126.75
CA THR CB 118 -131.24 121.73 -125.56
C THR CB 118 -132.35 120.76 -125.12
N VAL CB 119 -132.36 120.36 -123.85
CA VAL CB 119 -133.38 119.43 -123.36
C VAL CB 119 -134.39 120.17 -122.49
N SER CB 120 -135.53 119.52 -122.24
CA SER CB 120 -136.59 120.10 -121.42
C SER CB 120 -136.15 120.27 -119.96
N GLY CB 121 -136.68 121.31 -119.30
CA GLY CB 121 -136.35 121.58 -117.91
C GLY CB 121 -134.86 121.79 -117.66
N GLN CB 122 -134.20 122.46 -118.60
CA GLN CB 122 -132.77 122.74 -118.49
C GLN CB 122 -132.42 123.94 -119.36
N ALA CB 123 -131.39 124.69 -118.97
CA ALA CB 123 -130.95 125.83 -119.75
C ALA CB 123 -129.54 125.52 -120.24
N THR CB 124 -129.29 125.63 -121.55
CA THR CB 124 -127.97 125.35 -122.10
C THR CB 124 -127.21 126.67 -122.22
N ALA CB 125 -125.92 126.66 -121.90
CA ALA CB 125 -125.12 127.89 -121.97
C ALA CB 125 -124.52 128.07 -123.37
N VAL CB 126 -124.38 129.31 -123.81
CA VAL CB 126 -123.80 129.61 -125.11
C VAL CB 126 -122.42 130.21 -124.88
N PRO CB 127 -121.38 129.37 -124.96
CA PRO CB 127 -120.05 129.91 -124.70
C PRO CB 127 -119.55 130.70 -125.90
N ILE CB 128 -119.34 132.01 -125.73
CA ILE CB 128 -118.81 132.82 -126.79
C ILE CB 128 -117.43 133.19 -126.23
N PHE CB 129 -116.41 132.44 -126.62
CA PHE CB 129 -115.07 132.67 -126.11
C PHE CB 129 -114.31 133.61 -127.05
N GLY CB 130 -113.91 134.78 -126.55
CA GLY CB 130 -113.16 135.70 -127.37
C GLY CB 130 -111.69 135.37 -127.32
N ALA CB 131 -110.97 135.83 -128.34
CA ALA CB 131 -109.54 135.61 -128.46
C ALA CB 131 -108.92 136.66 -129.39
N ILE CB 132 -107.81 137.25 -128.97
CA ILE CB 132 -107.11 138.23 -129.77
C ILE CB 132 -105.64 137.78 -129.99
N ALA CB 133 -105.18 137.90 -131.24
CA ALA CB 133 -103.81 137.48 -131.57
C ALA CB 133 -102.76 138.36 -130.91
N PRO CB 134 -101.55 137.78 -130.70
CA PRO CB 134 -100.49 138.57 -130.07
C PRO CB 134 -99.97 139.64 -131.02
N ASN CB 135 -100.10 140.92 -130.65
CA ASN CB 135 -99.63 142.01 -131.46
C ASN CB 135 -98.24 142.36 -130.97
N THR CB 136 -97.20 141.95 -131.70
CA THR CB 136 -95.83 142.25 -131.32
C THR CB 136 -95.16 143.01 -132.43
N GLY CB 137 -95.95 143.82 -133.14
CA GLY CB 137 -95.45 144.61 -134.25
C GLY CB 137 -95.55 146.11 -134.00
N THR CB 138 -96.75 146.65 -134.19
CA THR CB 138 -96.97 148.08 -134.00
C THR CB 138 -97.86 148.35 -132.78
N PRO CB 139 -97.49 149.35 -131.95
CA PRO CB 139 -98.31 149.65 -130.77
C PRO CB 139 -99.55 150.48 -131.13
N LYS CB 140 -100.74 149.92 -130.96
CA LYS CB 140 -101.97 150.64 -131.28
C LYS CB 140 -102.15 151.83 -130.34
N ALA CB 141 -102.74 152.91 -130.84
CA ALA CB 141 -102.94 154.12 -130.02
C ALA CB 141 -103.74 153.90 -128.73
N GLN CB 142 -103.47 154.73 -127.72
CA GLN CB 142 -104.15 154.64 -126.42
C GLN CB 142 -105.63 154.98 -126.54
N GLY CB 143 -106.44 154.45 -125.64
CA GLY CB 143 -107.87 154.70 -125.66
C GLY CB 143 -108.69 153.44 -125.49
N ASP CB 144 -109.98 153.52 -125.84
CA ASP CB 144 -110.88 152.37 -125.72
C ASP CB 144 -111.27 151.82 -127.10
N TYR CB 145 -111.12 150.52 -127.31
CA TYR CB 145 -111.47 149.91 -128.58
C TYR CB 145 -112.80 149.19 -128.37
N LYS CB 146 -113.74 149.33 -129.32
CA LYS CB 146 -115.05 148.68 -129.18
C LYS CB 146 -115.54 148.02 -130.48
N ASP CB 147 -116.57 147.19 -130.31
CA ASP CB 147 -117.25 146.51 -131.40
C ASP CB 147 -118.55 145.97 -130.84
N THR CB 148 -119.54 145.79 -131.71
CA THR CB 148 -120.82 145.27 -131.29
C THR CB 148 -121.16 144.07 -132.14
N LEU CB 149 -120.87 142.87 -131.67
CA LEU CB 149 -121.18 141.69 -132.46
C LEU CB 149 -122.66 141.40 -132.28
N LEU CB 150 -123.36 141.05 -133.35
CA LEU CB 150 -124.76 140.74 -133.25
C LEU CB 150 -124.84 139.22 -133.20
N VAL CB 151 -125.27 138.64 -132.09
CA VAL CB 151 -125.41 137.19 -131.99
C VAL CB 151 -126.84 136.90 -132.43
N THR CB 152 -127.00 135.89 -133.29
CA THR CB 152 -128.26 135.50 -133.89
C THR CB 152 -128.70 134.11 -133.52
N VAL CB 153 -129.49 133.97 -132.46
CA VAL CB 153 -129.99 132.66 -132.07
C VAL CB 153 -131.19 132.38 -133.00
N ASN CB 154 -131.05 131.43 -133.92
CA ASN CB 154 -132.14 131.18 -134.85
C ASN CB 154 -132.46 129.71 -134.91
N PHE CB 155 -133.64 129.42 -135.42
CA PHE CB 155 -134.15 128.08 -135.43
C PHE CB 155 -134.36 127.59 -136.85
N ALA DB 1 -136.30 133.49 -134.29
CA ALA DB 1 -135.15 134.32 -134.61
C ALA DB 1 -134.92 135.37 -133.52
N VAL DB 2 -134.05 135.06 -132.57
CA VAL DB 2 -133.73 135.99 -131.50
C VAL DB 2 -132.32 136.56 -131.72
N THR DB 3 -132.26 137.71 -132.38
CA THR DB 3 -130.99 138.39 -132.65
C THR DB 3 -130.66 139.34 -131.48
N GLY DB 4 -129.42 139.27 -131.01
CA GLY DB 4 -128.97 140.09 -129.91
C GLY DB 4 -127.59 140.71 -130.02
N GLN DB 5 -127.25 141.67 -129.18
CA GLN DB 5 -125.93 142.33 -129.26
C GLN DB 5 -124.91 141.92 -128.18
N VAL DB 6 -123.63 141.89 -128.53
CA VAL DB 6 -122.57 141.54 -127.61
C VAL DB 6 -121.51 142.61 -127.74
N ASP DB 7 -121.39 143.51 -126.76
CA ASP DB 7 -120.43 144.58 -126.87
C ASP DB 7 -119.02 144.03 -126.60
N VAL DB 8 -118.10 144.28 -127.52
CA VAL DB 8 -116.72 143.83 -127.37
C VAL DB 8 -115.89 145.03 -126.95
N LYS DB 9 -114.97 144.84 -126.00
CA LYS DB 9 -114.17 145.96 -125.54
C LYS DB 9 -112.72 145.58 -125.23
N LEU DB 10 -111.84 146.57 -125.30
CA LEU DB 10 -110.42 146.41 -125.01
C LEU DB 10 -109.87 147.80 -124.70
N ASN DB 11 -109.19 147.96 -123.56
CA ASN DB 11 -108.67 149.26 -123.18
C ASN DB 11 -107.17 149.25 -123.33
N ILE DB 12 -106.69 149.68 -124.50
CA ILE DB 12 -105.27 149.73 -124.74
C ILE DB 12 -104.74 151.00 -124.07
N SER DB 13 -103.99 150.86 -122.97
CA SER DB 13 -103.41 152.01 -122.26
C SER DB 13 -102.12 151.67 -121.50
N THR DB 14 -102.20 150.81 -120.48
CA THR DB 14 -101.07 150.40 -119.65
C THR DB 14 -101.43 149.10 -118.95
N GLY DB 15 -101.06 147.96 -119.53
CA GLY DB 15 -101.39 146.65 -118.99
C GLY DB 15 -100.25 145.80 -118.43
N CYS DB 16 -100.65 144.61 -117.98
CA CYS DB 16 -99.77 143.63 -117.36
C CYS DB 16 -99.70 142.37 -118.24
N THR DB 17 -98.52 141.75 -118.35
CA THR DB 17 -98.34 140.56 -119.20
C THR DB 17 -97.84 139.32 -118.44
N VAL DB 18 -98.22 138.14 -118.91
CA VAL DB 18 -97.80 136.90 -118.24
C VAL DB 18 -96.69 136.19 -119.03
N GLY DB 19 -95.52 135.97 -118.42
CA GLY DB 19 -94.43 135.29 -119.09
C GLY DB 19 -94.41 133.82 -118.71
N GLY DB 20 -93.68 133.01 -119.47
CA GLY DB 20 -93.59 131.58 -119.21
C GLY DB 20 -94.61 130.75 -120.00
N SER DB 21 -95.41 131.42 -120.82
CA SER DB 21 -96.42 130.74 -121.61
C SER DB 21 -96.00 130.62 -123.07
N GLN DB 22 -96.58 129.65 -123.75
CA GLN DB 22 -96.32 129.40 -125.16
C GLN DB 22 -97.70 129.43 -125.80
N THR DB 23 -97.81 130.03 -126.99
CA THR DB 23 -99.11 130.10 -127.63
C THR DB 23 -99.45 128.77 -128.32
N GLU DB 24 -100.31 127.96 -127.72
CA GLU DB 24 -100.74 126.72 -128.34
C GLU DB 24 -101.87 127.11 -129.30
N GLY DB 25 -101.56 127.29 -130.58
CA GLY DB 25 -102.59 127.71 -131.51
C GLY DB 25 -103.06 129.08 -131.05
N ASN DB 26 -104.34 129.21 -130.67
CA ASN DB 26 -104.86 130.51 -130.22
C ASN DB 26 -105.19 130.51 -128.73
N MET DB 27 -104.56 129.61 -127.98
CA MET DB 27 -104.79 129.51 -126.54
C MET DB 27 -103.44 129.46 -125.79
N ASN DB 28 -103.22 130.36 -124.83
CA ASN DB 28 -101.96 130.41 -124.11
C ASN DB 28 -101.67 129.14 -123.27
N LYS DB 29 -100.64 128.38 -123.64
CA LYS DB 29 -100.26 127.19 -122.87
C LYS DB 29 -99.38 127.67 -121.72
N PHE DB 30 -99.92 127.69 -120.50
CA PHE DB 30 -99.17 128.18 -119.35
C PHE DB 30 -98.16 127.19 -118.80
N GLY DB 31 -98.54 125.91 -118.68
CA GLY DB 31 -97.58 124.96 -118.14
C GLY DB 31 -98.11 123.57 -117.91
N THR DB 32 -97.40 122.80 -117.08
CA THR DB 32 -97.79 121.43 -116.80
C THR DB 32 -97.67 121.13 -115.29
N LEU DB 33 -98.63 120.40 -114.75
CA LEU DB 33 -98.62 120.02 -113.35
C LEU DB 33 -98.38 118.52 -113.42
N ASN DB 34 -97.11 118.12 -113.43
CA ASN DB 34 -96.75 116.73 -113.60
C ASN DB 34 -96.50 116.02 -112.27
N PHE DB 35 -97.46 115.21 -111.81
CA PHE DB 35 -97.30 114.49 -110.55
C PHE DB 35 -96.32 113.32 -110.68
N GLY DB 36 -96.09 112.87 -111.90
CA GLY DB 36 -95.17 111.80 -112.17
C GLY DB 36 -95.88 110.46 -112.22
N LYS DB 37 -95.11 109.39 -112.07
CA LYS DB 37 -95.64 108.03 -112.09
C LYS DB 37 -96.10 107.63 -110.69
N THR DB 38 -97.04 106.69 -110.61
CA THR DB 38 -97.56 106.22 -109.32
C THR DB 38 -98.24 104.87 -109.46
N SER DB 39 -98.38 104.17 -108.33
CA SER DB 39 -99.02 102.86 -108.31
C SER DB 39 -100.49 103.02 -108.06
N GLY DB 40 -101.26 101.92 -108.16
CA GLY DB 40 -102.70 101.95 -107.97
C GLY DB 40 -103.12 102.62 -106.68
N THR DB 41 -102.45 102.24 -105.59
CA THR DB 41 -102.76 102.80 -104.27
C THR DB 41 -101.53 103.48 -103.65
N TRP DB 42 -101.52 104.81 -103.57
CA TRP DB 42 -100.39 105.53 -103.00
C TRP DB 42 -100.72 106.02 -101.58
N ASN DB 43 -99.81 105.83 -100.62
CA ASN DB 43 -100.05 106.27 -99.25
C ASN DB 43 -99.56 107.69 -98.98
N ASN DB 44 -98.58 108.13 -99.77
CA ASN DB 44 -98.05 109.47 -99.64
C ASN DB 44 -98.82 110.44 -100.54
N VAL DB 45 -99.02 111.67 -100.07
CA VAL DB 45 -99.71 112.71 -100.82
C VAL DB 45 -98.87 112.99 -102.07
N LEU DB 46 -99.41 112.77 -103.28
CA LEU DB 46 -98.56 113.01 -104.47
C LEU DB 46 -98.53 114.51 -104.70
N THR DB 47 -97.34 115.08 -104.89
CA THR DB 47 -97.21 116.52 -104.93
C THR DB 47 -96.20 117.04 -105.96
N ALA DB 48 -96.60 117.92 -106.88
CA ALA DB 48 -95.69 118.47 -107.87
C ALA DB 48 -96.06 119.92 -108.16
N GLU DB 49 -95.10 120.68 -108.69
CA GLU DB 49 -95.29 122.09 -109.00
C GLU DB 49 -95.48 122.29 -110.48
N VAL DB 50 -96.15 123.38 -110.85
CA VAL DB 50 -96.36 123.69 -112.25
C VAL DB 50 -95.02 124.00 -112.93
N ALA DB 51 -94.83 123.52 -114.16
CA ALA DB 51 -93.62 123.78 -114.91
C ALA DB 51 -94.04 124.57 -116.15
N SER DB 52 -93.67 125.85 -116.25
CA SER DB 52 -94.04 126.67 -117.39
C SER DB 52 -93.66 126.01 -118.72
N ALA DB 53 -94.52 126.10 -119.73
CA ALA DB 53 -94.22 125.47 -121.03
C ALA DB 53 -93.11 126.17 -121.81
N ALA DB 54 -92.88 127.45 -121.53
CA ALA DB 54 -91.85 128.22 -122.23
C ALA DB 54 -90.44 128.03 -121.69
N THR DB 55 -90.28 128.12 -120.37
CA THR DB 55 -88.95 127.97 -119.78
C THR DB 55 -88.70 126.67 -119.02
N GLY DB 56 -89.72 126.16 -118.34
CA GLY DB 56 -89.57 124.95 -117.55
C GLY DB 56 -89.69 125.26 -116.07
N GLY DB 57 -89.48 126.52 -115.70
CA GLY DB 57 -89.59 126.96 -114.32
C GLY DB 57 -91.00 127.44 -114.00
N ASN DB 58 -91.12 128.34 -113.04
CA ASN DB 58 -92.43 128.85 -112.65
C ASN DB 58 -92.93 129.98 -113.56
N ILE DB 59 -94.24 130.11 -113.71
CA ILE DB 59 -94.81 131.15 -114.54
C ILE DB 59 -94.33 132.49 -113.99
N SER DB 60 -93.74 133.35 -114.82
CA SER DB 60 -93.24 134.63 -114.33
C SER DB 60 -94.08 135.77 -114.87
N VAL DB 61 -94.98 136.32 -114.05
CA VAL DB 61 -95.81 137.41 -114.53
C VAL DB 61 -95.11 138.73 -114.25
N THR DB 62 -94.99 139.60 -115.26
CA THR DB 62 -94.38 140.90 -115.07
C THR DB 62 -95.40 141.94 -115.53
N CYS DB 63 -95.39 143.12 -114.93
CA CYS DB 63 -96.31 144.15 -115.37
C CYS DB 63 -95.53 145.19 -116.15
N ASP DB 64 -96.22 145.93 -117.01
CA ASP DB 64 -95.58 146.95 -117.82
C ASP DB 64 -95.87 148.36 -117.31
N GLY DB 65 -95.00 148.89 -116.44
CA GLY DB 65 -95.19 150.22 -115.90
C GLY DB 65 -94.20 150.54 -114.80
N THR DB 66 -94.43 151.66 -114.11
CA THR DB 66 -93.58 152.09 -113.01
C THR DB 66 -94.20 151.95 -111.62
N ASP DB 67 -95.51 152.00 -111.48
CA ASP DB 67 -96.06 151.83 -110.12
C ASP DB 67 -96.40 150.37 -109.86
N PRO DB 68 -96.23 149.90 -108.61
CA PRO DB 68 -96.52 148.49 -108.36
C PRO DB 68 -98.00 148.17 -108.60
N VAL DB 69 -98.31 147.32 -109.59
CA VAL DB 69 -99.70 146.98 -109.88
C VAL DB 69 -100.16 145.74 -109.08
N ASP DB 70 -101.42 145.73 -108.67
CA ASP DB 70 -101.97 144.60 -107.93
C ASP DB 70 -102.80 143.78 -108.89
N PHE DB 71 -102.29 142.63 -109.34
CA PHE DB 71 -103.01 141.79 -110.28
C PHE DB 71 -103.51 140.55 -109.58
N THR DB 72 -104.57 139.96 -110.12
CA THR DB 72 -105.12 138.77 -109.50
C THR DB 72 -104.92 137.50 -110.32
N VAL DB 73 -105.00 136.36 -109.64
CA VAL DB 73 -104.84 135.06 -110.29
C VAL DB 73 -106.03 134.17 -109.94
N ALA DB 74 -106.70 133.59 -110.95
CA ALA DB 74 -107.83 132.72 -110.69
C ALA DB 74 -107.68 131.45 -111.52
N ILE DB 75 -107.90 130.29 -110.89
CA ILE DB 75 -107.81 129.02 -111.58
C ILE DB 75 -109.21 128.42 -111.53
N ASP DB 76 -109.61 127.76 -112.59
CA ASP DB 76 -110.95 127.16 -112.65
C ASP DB 76 -110.92 125.71 -112.12
N GLY DB 77 -112.04 124.99 -112.20
CA GLY DB 77 -112.16 123.62 -111.74
C GLY DB 77 -111.77 122.48 -112.66
N GLY DB 78 -111.10 122.76 -113.78
CA GLY DB 78 -110.70 121.71 -114.71
C GLY DB 78 -111.79 121.37 -115.71
N GLU DB 79 -111.53 120.40 -116.57
CA GLU DB 79 -112.46 119.98 -117.60
C GLU DB 79 -113.84 119.64 -117.07
N ARG DB 80 -113.92 118.91 -115.97
CA ARG DB 80 -115.24 118.51 -115.45
C ARG DB 80 -115.79 119.40 -114.35
N THR DB 81 -115.07 120.48 -114.02
CA THR DB 81 -115.38 121.47 -112.98
C THR DB 81 -115.29 121.01 -111.50
N ASP DB 82 -114.70 119.85 -111.24
CA ASP DB 82 -114.52 119.36 -109.87
C ASP DB 82 -113.08 118.89 -109.58
N ARG DB 83 -112.13 119.42 -110.34
CA ARG DB 83 -110.70 119.13 -110.20
C ARG DB 83 -110.38 117.64 -110.12
N THR DB 84 -110.81 116.89 -111.14
CA THR DB 84 -110.55 115.46 -111.22
C THR DB 84 -109.79 115.13 -112.50
N LEU DB 85 -108.72 114.34 -112.41
CA LEU DB 85 -108.05 113.97 -113.63
C LEU DB 85 -108.78 112.75 -114.16
N LYS DB 86 -108.92 112.63 -115.46
CA LYS DB 86 -109.66 111.51 -116.02
C LYS DB 86 -108.73 110.58 -116.80
N ASN DB 87 -108.98 109.26 -116.72
CA ASN DB 87 -108.14 108.37 -117.45
C ASN DB 87 -108.45 108.56 -118.92
N THR DB 88 -107.44 108.58 -119.78
CA THR DB 88 -107.66 108.73 -121.22
C THR DB 88 -108.63 107.69 -121.80
N ALA DB 89 -108.57 106.44 -121.34
CA ALA DB 89 -109.47 105.41 -121.89
C ALA DB 89 -110.71 105.06 -121.06
N SER DB 90 -110.49 104.71 -119.79
CA SER DB 90 -111.56 104.36 -118.86
C SER DB 90 -112.20 105.61 -118.23
N ALA DB 91 -113.20 105.42 -117.38
CA ALA DB 91 -113.87 106.56 -116.74
C ALA DB 91 -113.41 106.83 -115.30
N ASP DB 92 -112.29 106.25 -114.89
CA ASP DB 92 -111.77 106.46 -113.54
C ASP DB 92 -111.37 107.92 -113.36
N VAL DB 93 -111.53 108.46 -112.14
CA VAL DB 93 -111.17 109.84 -111.88
C VAL DB 93 -110.19 109.95 -110.71
N VAL DB 94 -109.35 110.99 -110.70
CA VAL DB 94 -108.39 111.19 -109.63
C VAL DB 94 -108.54 112.61 -109.10
N ALA DB 95 -109.19 112.79 -107.95
CA ALA DB 95 -109.38 114.11 -107.37
C ALA DB 95 -108.06 114.78 -106.95
N TYR DB 96 -107.89 116.07 -107.26
CA TYR DB 96 -106.70 116.82 -106.88
C TYR DB 96 -107.07 118.26 -106.53
N ASN DB 97 -106.08 119.10 -106.22
CA ASN DB 97 -106.30 120.50 -105.91
C ASN DB 97 -105.01 121.27 -106.13
N VAL DB 98 -105.13 122.56 -106.38
CA VAL DB 98 -103.96 123.40 -106.59
C VAL DB 98 -103.87 124.42 -105.46
N TYR DB 99 -102.73 124.52 -104.79
CA TYR DB 99 -102.56 125.49 -103.71
C TYR DB 99 -101.57 126.55 -104.15
N ARG DB 100 -101.54 127.66 -103.42
CA ARG DB 100 -100.65 128.77 -103.76
C ARG DB 100 -99.35 128.79 -102.96
N ASP DB 101 -99.40 128.37 -101.70
CA ASP DB 101 -98.22 128.37 -100.87
C ASP DB 101 -97.57 126.98 -100.81
N ALA DB 102 -96.28 126.97 -100.47
CA ALA DB 102 -95.48 125.74 -100.39
C ALA DB 102 -95.97 124.66 -99.39
N ALA DB 103 -96.73 125.05 -98.37
CA ALA DB 103 -97.26 124.11 -97.40
C ALA DB 103 -98.68 123.59 -97.69
N ARG DB 104 -99.16 123.69 -98.94
CA ARG DB 104 -100.48 123.17 -99.32
C ARG DB 104 -101.64 123.69 -98.46
N THR DB 105 -101.54 124.94 -97.97
CA THR DB 105 -102.58 125.53 -97.12
C THR DB 105 -103.50 126.53 -97.82
N ASN DB 106 -102.93 127.52 -98.51
CA ASN DB 106 -103.68 128.55 -99.19
C ASN DB 106 -104.15 128.00 -100.52
N LEU DB 107 -105.37 127.49 -100.54
CA LEU DB 107 -105.95 126.87 -101.73
C LEU DB 107 -106.42 127.87 -102.80
N TYR DB 108 -106.18 127.56 -104.07
CA TYR DB 108 -106.67 128.42 -105.13
C TYR DB 108 -108.11 128.00 -105.28
N VAL DB 109 -109.00 128.64 -104.54
CA VAL DB 109 -110.43 128.30 -104.60
C VAL DB 109 -110.99 128.45 -106.02
N VAL DB 110 -111.87 127.54 -106.42
CA VAL DB 110 -112.46 127.55 -107.76
C VAL DB 110 -113.02 128.92 -108.15
N ASN DB 111 -112.66 129.42 -109.34
CA ASN DB 111 -113.14 130.72 -109.82
C ASN DB 111 -112.99 131.85 -108.80
N GLN DB 112 -111.81 131.95 -108.18
CA GLN DB 112 -111.59 133.02 -107.21
C GLN DB 112 -110.28 133.76 -107.51
N PRO DB 113 -110.31 135.11 -107.40
CA PRO DB 113 -109.12 135.90 -107.70
C PRO DB 113 -108.09 135.95 -106.58
N GLN DB 114 -107.23 134.95 -106.44
CA GLN DB 114 -106.24 135.02 -105.39
C GLN DB 114 -105.31 136.22 -105.72
N GLN DB 115 -105.32 137.26 -104.87
CA GLN DB 115 -104.51 138.50 -105.06
C GLN DB 115 -102.99 138.26 -105.22
N PHE DB 116 -102.33 139.22 -105.89
CA PHE DB 116 -100.88 139.17 -106.12
C PHE DB 116 -100.30 140.58 -106.33
N THR DB 117 -99.03 140.77 -105.97
CA THR DB 117 -98.37 142.06 -106.14
C THR DB 117 -97.28 141.96 -107.20
N THR DB 118 -96.92 143.10 -107.79
CA THR DB 118 -95.89 143.12 -108.82
C THR DB 118 -95.25 144.51 -108.90
N VAL DB 119 -93.92 144.61 -108.84
CA VAL DB 119 -93.26 145.91 -108.91
C VAL DB 119 -92.59 146.09 -110.27
N SER DB 120 -92.22 147.33 -110.58
CA SER DB 120 -91.57 147.65 -111.85
C SER DB 120 -90.18 147.02 -111.96
N GLY DB 121 -89.77 146.67 -113.17
CA GLY DB 121 -88.47 146.05 -113.40
C GLY DB 121 -88.26 144.76 -112.64
N GLN DB 122 -89.31 143.96 -112.52
CA GLN DB 122 -89.24 142.69 -111.83
C GLN DB 122 -90.35 141.77 -112.32
N ALA DB 123 -90.13 140.45 -112.26
CA ALA DB 123 -91.12 139.49 -112.69
C ALA DB 123 -91.52 138.70 -111.44
N THR DB 124 -92.82 138.61 -111.13
CA THR DB 124 -93.26 137.86 -109.96
C THR DB 124 -93.66 136.45 -110.42
N ALA DB 125 -93.33 135.44 -109.62
CA ALA DB 125 -93.66 134.07 -109.99
C ALA DB 125 -95.04 133.67 -109.47
N VAL DB 126 -95.75 132.84 -110.23
CA VAL DB 126 -97.09 132.38 -109.83
C VAL DB 126 -96.96 130.92 -109.42
N PRO DB 127 -96.84 130.68 -108.10
CA PRO DB 127 -96.68 129.28 -107.67
C PRO DB 127 -98.02 128.57 -107.72
N ILE DB 128 -98.13 127.55 -108.57
CA ILE DB 128 -99.34 126.77 -108.63
C ILE DB 128 -98.86 125.42 -108.11
N PHE DB 129 -99.06 125.18 -106.82
CA PHE DB 129 -98.59 123.95 -106.20
C PHE DB 129 -99.70 122.89 -106.23
N GLY DB 130 -99.46 121.78 -106.91
CA GLY DB 130 -100.46 120.73 -106.96
C GLY DB 130 -100.32 119.83 -105.77
N ALA DB 131 -101.40 119.12 -105.45
CA ALA DB 131 -101.44 118.20 -104.34
C ALA DB 131 -102.57 117.18 -104.55
N ILE DB 132 -102.28 115.90 -104.33
CA ILE DB 132 -103.27 114.85 -104.45
C ILE DB 132 -103.36 114.06 -103.12
N ALA DB 133 -104.59 113.79 -102.67
CA ALA DB 133 -104.80 113.07 -101.42
C ALA DB 133 -104.32 111.62 -101.49
N PRO DB 134 -103.98 111.05 -100.33
CA PRO DB 134 -103.52 109.66 -100.33
C PRO DB 134 -104.68 108.71 -100.60
N ASN DB 135 -104.60 107.95 -101.70
CA ASN DB 135 -105.63 107.00 -102.04
C ASN DB 135 -105.20 105.65 -101.47
N THR DB 136 -105.81 105.23 -100.36
CA THR DB 136 -105.48 103.96 -99.76
C THR DB 136 -106.73 103.10 -99.69
N GLY DB 137 -107.61 103.28 -100.66
CA GLY DB 137 -108.86 102.53 -100.72
C GLY DB 137 -108.96 101.63 -101.94
N THR DB 138 -109.27 102.21 -103.09
CA THR DB 138 -109.40 101.43 -104.33
C THR DB 138 -108.29 101.77 -105.31
N PRO DB 139 -107.70 100.74 -105.96
CA PRO DB 139 -106.64 101.01 -106.92
C PRO DB 139 -107.19 101.47 -108.27
N LYS DB 140 -106.93 102.72 -108.68
CA LYS DB 140 -107.42 103.23 -109.95
C LYS DB 140 -106.77 102.47 -111.11
N ALA DB 141 -107.51 102.29 -112.21
CA ALA DB 141 -106.98 101.57 -113.37
C ALA DB 141 -105.68 102.14 -113.97
N GLN DB 142 -104.88 101.28 -114.58
CA GLN DB 142 -103.61 101.68 -115.18
C GLN DB 142 -103.82 102.59 -116.39
N GLY DB 143 -102.84 103.42 -116.69
CA GLY DB 143 -102.93 104.35 -117.80
C GLY DB 143 -102.51 105.76 -117.44
N ASP DB 144 -102.89 106.72 -118.27
CA ASP DB 144 -102.53 108.12 -118.04
C ASP DB 144 -103.76 108.95 -117.64
N TYR DB 145 -103.67 109.70 -116.54
CA TYR DB 145 -104.78 110.52 -116.10
C TYR DB 145 -104.44 111.97 -116.47
N LYS DB 146 -105.41 112.71 -117.02
CA LYS DB 146 -105.15 114.11 -117.42
C LYS DB 146 -106.27 115.07 -117.03
N ASP DB 147 -105.94 116.35 -117.12
CA ASP DB 147 -106.87 117.46 -116.87
C ASP DB 147 -106.22 118.71 -117.43
N THR DB 148 -107.04 119.69 -117.78
CA THR DB 148 -106.53 120.93 -118.31
C THR DB 148 -107.11 122.08 -117.49
N LEU DB 149 -106.37 122.57 -116.50
CA LEU DB 149 -106.89 123.65 -115.69
C LEU DB 149 -106.67 124.93 -116.48
N LEU DB 150 -107.66 125.82 -116.48
CA LEU DB 150 -107.51 127.08 -117.19
C LEU DB 150 -107.13 128.11 -116.13
N VAL DB 151 -105.91 128.66 -116.19
CA VAL DB 151 -105.50 129.66 -115.23
C VAL DB 151 -105.87 130.99 -115.87
N THR DB 152 -106.50 131.88 -115.07
CA THR DB 152 -107.03 133.16 -115.51
C THR DB 152 -106.36 134.33 -114.83
N VAL DB 153 -105.31 134.88 -115.43
CA VAL DB 153 -104.65 136.05 -114.88
C VAL DB 153 -105.50 137.24 -115.28
N ASN DB 154 -106.19 137.88 -114.33
CA ASN DB 154 -107.06 138.98 -114.69
C ASN DB 154 -106.79 140.17 -113.81
N PHE DB 155 -107.24 141.33 -114.27
CA PHE DB 155 -106.96 142.58 -113.61
C PHE DB 155 -108.25 143.24 -113.14
N ALA EB 1 -107.10 140.60 -119.19
CA ALA EB 1 -107.57 139.23 -119.01
C ALA EB 1 -106.74 138.24 -119.82
N VAL EB 2 -105.72 137.65 -119.20
CA VAL EB 2 -104.88 136.68 -119.86
C VAL EB 2 -105.21 135.27 -119.33
N THR EB 3 -106.11 134.57 -120.01
CA THR EB 3 -106.50 133.22 -119.63
C THR EB 3 -105.57 132.20 -120.34
N GLY EB 4 -105.07 131.24 -119.56
CA GLY EB 4 -104.18 130.23 -120.06
C GLY EB 4 -104.40 128.81 -119.59
N GLN EB 5 -103.78 127.82 -120.23
CA GLN EB 5 -104.00 126.42 -119.84
C GLN EB 5 -102.83 125.76 -119.07
N VAL EB 6 -103.15 124.86 -118.14
CA VAL EB 6 -102.15 124.15 -117.35
C VAL EB 6 -102.50 122.68 -117.43
N ASP EB 7 -101.75 121.89 -118.20
CA ASP EB 7 -102.07 120.49 -118.34
C ASP EB 7 -101.67 119.74 -117.07
N VAL EB 8 -102.60 119.00 -116.47
CA VAL EB 8 -102.33 118.24 -115.27
C VAL EB 8 -102.18 116.77 -115.69
N LYS EB 9 -101.19 116.07 -115.12
CA LYS EB 9 -100.97 114.69 -115.50
C LYS EB 9 -100.58 113.79 -114.33
N LEU EB 10 -100.84 112.50 -114.47
CA LEU EB 10 -100.51 111.49 -113.47
C LEU EB 10 -100.50 110.15 -114.20
N ASN EB 11 -99.41 109.38 -114.08
CA ASN EB 11 -99.32 108.11 -114.76
C ASN EB 11 -99.45 106.99 -113.75
N ILE EB 12 -100.67 106.51 -113.54
CA ILE EB 12 -100.89 105.42 -112.61
C ILE EB 12 -100.52 104.13 -113.33
N SER EB 13 -99.40 103.51 -112.92
CA SER EB 13 -98.96 102.24 -113.52
C SER EB 13 -98.11 101.37 -112.56
N THR EB 14 -96.93 101.85 -112.16
CA THR EB 14 -96.02 101.14 -111.27
C THR EB 14 -95.04 102.16 -110.68
N GLY EB 15 -95.35 102.69 -109.49
CA GLY EB 15 -94.53 103.69 -108.84
C GLY EB 15 -93.78 103.31 -107.57
N CYS EB 16 -93.08 104.31 -107.04
CA CYS EB 16 -92.25 104.19 -105.84
C CYS EB 16 -92.82 105.05 -104.72
N THR EB 17 -92.78 104.57 -103.48
CA THR EB 17 -93.33 105.30 -102.33
C THR EB 17 -92.31 105.62 -101.23
N VAL EB 18 -92.50 106.73 -100.52
CA VAL EB 18 -91.57 107.11 -99.45
C VAL EB 18 -92.17 106.83 -98.06
N GLY EB 19 -91.50 106.00 -97.25
CA GLY EB 19 -91.99 105.71 -95.92
C GLY EB 19 -91.29 106.58 -94.90
N GLY EB 20 -91.84 106.64 -93.68
CA GLY EB 20 -91.26 107.46 -92.62
C GLY EB 20 -91.87 108.86 -92.54
N SER EB 21 -92.82 109.15 -93.41
CA SER EB 21 -93.45 110.45 -93.42
C SER EB 21 -94.85 110.40 -92.79
N GLN EB 22 -95.32 111.56 -92.34
CA GLN EB 22 -96.62 111.71 -91.74
C GLN EB 22 -97.28 112.81 -92.54
N THR EB 23 -98.57 112.68 -92.84
CA THR EB 23 -99.23 113.70 -93.62
C THR EB 23 -99.62 114.90 -92.75
N GLU EB 24 -98.86 116.00 -92.82
CA GLU EB 24 -99.20 117.19 -92.07
C GLU EB 24 -100.23 117.92 -92.92
N GLY EB 25 -101.52 117.75 -92.63
CA GLY EB 25 -102.53 118.39 -93.44
C GLY EB 25 -102.41 117.81 -94.84
N ASN EB 26 -102.09 118.64 -95.84
CA ASN EB 26 -101.95 118.14 -97.21
C ASN EB 26 -100.50 118.19 -97.69
N MET EB 27 -99.55 118.20 -96.75
CA MET EB 27 -98.14 118.23 -97.09
C MET EB 27 -97.37 117.15 -96.31
N ASN EB 28 -96.64 116.29 -97.01
CA ASN EB 28 -95.92 115.20 -96.34
C ASN EB 28 -94.81 115.67 -95.37
N LYS EB 29 -94.98 115.43 -94.06
CA LYS EB 29 -93.97 115.80 -93.08
C LYS EB 29 -92.93 114.67 -93.07
N PHE EB 30 -91.77 114.90 -93.66
CA PHE EB 30 -90.74 113.87 -93.73
C PHE EB 30 -89.96 113.68 -92.44
N GLY EB 31 -89.57 114.76 -91.77
CA GLY EB 31 -88.81 114.57 -90.54
C GLY EB 31 -88.29 115.83 -89.91
N THR EB 32 -87.30 115.67 -89.02
CA THR EB 32 -86.72 116.81 -88.33
C THR EB 32 -85.19 116.70 -88.29
N LEU EB 33 -84.52 117.82 -88.49
CA LEU EB 33 -83.06 117.88 -88.44
C LEU EB 33 -82.79 118.66 -87.17
N ASN EB 34 -82.69 117.95 -86.05
CA ASN EB 34 -82.54 118.59 -84.76
C ASN EB 34 -81.08 118.68 -84.31
N PHE EB 35 -80.47 119.87 -84.43
CA PHE EB 35 -79.08 120.02 -84.02
C PHE EB 35 -78.93 120.06 -82.50
N GLY EB 36 -80.01 120.33 -81.79
CA GLY EB 36 -80.02 120.36 -80.35
C GLY EB 36 -79.79 121.76 -79.83
N LYS EB 37 -79.38 121.83 -78.56
CA LYS EB 37 -79.11 123.12 -77.90
C LYS EB 37 -77.66 123.53 -78.16
N THR EB 38 -77.40 124.84 -78.10
CA THR EB 38 -76.05 125.36 -78.32
C THR EB 38 -75.89 126.76 -77.74
N SER EB 39 -74.64 127.16 -77.52
CA SER EB 39 -74.34 128.48 -76.99
C SER EB 39 -74.16 129.45 -78.10
N GLY EB 40 -74.02 130.76 -77.78
CA GLY EB 40 -73.86 131.80 -78.77
C GLY EB 40 -72.75 131.52 -79.77
N THR EB 41 -71.58 131.10 -79.26
CA THR EB 41 -70.43 130.81 -80.11
C THR EB 41 -69.97 129.37 -79.91
N TRP EB 42 -70.19 128.50 -80.90
CA TRP EB 42 -69.76 127.10 -80.80
C TRP EB 42 -68.50 126.85 -81.63
N ASN EB 43 -67.52 126.16 -81.06
CA ASN EB 43 -66.28 125.87 -81.79
C ASN EB 43 -66.33 124.56 -82.56
N ASN EB 44 -67.17 123.64 -82.10
CA ASN EB 44 -67.33 122.36 -82.77
C ASN EB 44 -68.45 122.44 -83.82
N VAL EB 45 -68.26 121.74 -84.94
CA VAL EB 45 -69.24 121.71 -86.02
C VAL EB 45 -70.51 121.06 -85.46
N LEU EB 46 -71.64 121.77 -85.43
CA LEU EB 46 -72.84 121.13 -84.85
C LEU EB 46 -73.40 120.18 -85.88
N THR EB 47 -73.69 118.93 -85.49
CA THR EB 47 -74.06 117.92 -86.46
C THR EB 47 -75.15 116.96 -85.99
N ALA EB 48 -76.25 116.83 -86.74
CA ALA EB 48 -77.33 115.92 -86.37
C ALA EB 48 -77.95 115.31 -87.63
N GLU EB 49 -78.61 114.17 -87.47
CA GLU EB 49 -79.22 113.45 -88.58
C GLU EB 49 -80.72 113.66 -88.58
N VAL EB 50 -81.34 113.52 -89.75
CA VAL EB 50 -82.77 113.67 -89.87
C VAL EB 50 -83.47 112.54 -89.09
N ALA EB 51 -84.56 112.87 -88.41
CA ALA EB 51 -85.33 111.89 -87.67
C ALA EB 51 -86.73 111.88 -88.30
N SER EB 52 -87.10 110.78 -88.98
CA SER EB 52 -88.41 110.70 -89.63
C SER EB 52 -89.55 111.00 -88.64
N ALA EB 53 -90.57 111.74 -89.09
CA ALA EB 53 -91.68 112.09 -88.21
C ALA EB 53 -92.59 110.89 -87.85
N ALA EB 54 -92.59 109.86 -88.69
CA ALA EB 54 -93.43 108.69 -88.48
C ALA EB 54 -92.84 107.67 -87.50
N THR EB 55 -91.57 107.32 -87.70
CA THR EB 55 -90.94 106.33 -86.83
C THR EB 55 -89.90 106.87 -85.85
N GLY EB 56 -89.14 107.88 -86.25
CA GLY EB 56 -88.10 108.43 -85.40
C GLY EB 56 -86.73 108.13 -85.98
N GLY EB 57 -86.65 107.11 -86.84
CA GLY EB 57 -85.40 106.73 -87.48
C GLY EB 57 -85.22 107.45 -88.81
N ASN EB 58 -84.49 106.83 -89.73
CA ASN EB 58 -84.24 107.45 -91.03
C ASN EB 58 -85.39 107.22 -92.02
N ILE EB 59 -85.58 108.16 -92.94
CA ILE EB 59 -86.65 108.03 -93.93
C ILE EB 59 -86.39 106.74 -94.71
N SER EB 60 -87.38 105.85 -94.80
CA SER EB 60 -87.18 104.59 -95.51
C SER EB 60 -87.98 104.56 -96.80
N VAL EB 61 -87.32 104.80 -97.94
CA VAL EB 61 -88.03 104.79 -99.19
C VAL EB 61 -88.05 103.38 -99.77
N THR EB 62 -89.23 102.87 -100.14
CA THR EB 62 -89.32 101.54 -100.73
C THR EB 62 -90.02 101.71 -102.09
N CYS EB 63 -89.68 100.88 -103.06
CA CYS EB 63 -90.33 101.00 -104.37
C CYS EB 63 -91.32 99.84 -104.57
N ASP EB 64 -92.52 100.13 -105.04
CA ASP EB 64 -93.52 99.09 -105.28
C ASP EB 64 -93.28 98.41 -106.62
N GLY EB 65 -92.26 97.55 -106.66
CA GLY EB 65 -91.91 96.83 -107.87
C GLY EB 65 -91.03 95.63 -107.55
N THR EB 66 -90.71 94.84 -108.58
CA THR EB 66 -89.87 93.67 -108.39
C THR EB 66 -88.42 93.92 -108.83
N ASP EB 67 -88.27 94.47 -110.04
CA ASP EB 67 -86.95 94.77 -110.58
C ASP EB 67 -86.38 96.00 -109.88
N PRO EB 68 -85.05 96.15 -109.86
CA PRO EB 68 -84.52 97.33 -109.17
C PRO EB 68 -84.94 98.65 -109.85
N VAL EB 69 -85.23 99.68 -109.04
CA VAL EB 69 -85.64 100.97 -109.56
C VAL EB 69 -84.65 102.03 -109.13
N ASP EB 70 -84.27 102.94 -110.04
CA ASP EB 70 -83.30 103.98 -109.70
C ASP EB 70 -84.07 105.26 -109.46
N PHE EB 71 -84.24 105.66 -108.20
CA PHE EB 71 -85.00 106.88 -107.89
C PHE EB 71 -84.04 107.95 -107.42
N THR EB 72 -84.45 109.21 -107.58
CA THR EB 72 -83.60 110.30 -107.18
C THR EB 72 -84.11 111.07 -105.96
N VAL EB 73 -83.19 111.77 -105.29
CA VAL EB 73 -83.53 112.56 -104.13
C VAL EB 73 -83.02 113.98 -104.30
N ALA EB 74 -83.88 114.99 -104.14
CA ALA EB 74 -83.45 116.38 -104.28
C ALA EB 74 -83.97 117.19 -103.10
N ILE EB 75 -83.11 118.01 -102.50
CA ILE EB 75 -83.50 118.84 -101.38
C ILE EB 75 -83.33 120.27 -101.88
N ASP EB 76 -84.23 121.16 -101.46
CA ASP EB 76 -84.18 122.56 -101.88
C ASP EB 76 -83.34 123.39 -100.88
N GLY EB 77 -83.28 124.72 -101.08
CA GLY EB 77 -82.52 125.61 -100.22
C GLY EB 77 -83.15 126.17 -98.96
N GLY EB 78 -84.29 125.64 -98.53
CA GLY EB 78 -84.96 126.13 -97.34
C GLY EB 78 -85.89 127.30 -97.62
N GLU EB 79 -86.50 127.84 -96.58
CA GLU EB 79 -87.42 128.95 -96.69
C GLU EB 79 -86.86 130.13 -97.43
N ARG EB 80 -85.62 130.52 -97.15
CA ARG EB 80 -85.05 131.71 -97.81
C ARG EB 80 -84.18 131.41 -99.03
N THR EB 81 -84.09 130.13 -99.40
CA THR EB 81 -83.30 129.59 -100.53
C THR EB 81 -81.75 129.62 -100.39
N ASP EB 82 -81.23 129.88 -99.19
CA ASP EB 82 -79.78 129.88 -98.97
C ASP EB 82 -79.38 129.05 -97.73
N ARG EB 83 -80.22 128.09 -97.37
CA ARG EB 83 -79.99 127.18 -96.24
C ARG EB 83 -79.58 127.88 -94.95
N THR EB 84 -80.41 128.81 -94.50
CA THR EB 84 -80.16 129.54 -93.25
C THR EB 84 -81.32 129.35 -92.29
N LEU EB 85 -81.05 129.03 -91.03
CA LEU EB 85 -82.13 128.92 -90.10
C LEU EB 85 -82.39 130.33 -89.58
N LYS EB 86 -83.65 130.69 -89.36
CA LYS EB 86 -83.95 132.04 -88.91
C LYS EB 86 -84.48 132.04 -87.48
N ASN EB 87 -84.13 133.03 -86.69
CA ASN EB 87 -84.62 133.07 -85.35
C ASN EB 87 -86.10 133.38 -85.43
N THR EB 88 -86.93 132.72 -84.63
CA THR EB 88 -88.36 132.99 -84.62
C THR EB 88 -88.71 134.46 -84.39
N ALA EB 89 -87.98 135.16 -83.52
CA ALA EB 89 -88.31 136.57 -83.24
C ALA EB 89 -87.44 137.63 -83.94
N SER EB 90 -86.13 137.52 -83.77
CA SER EB 90 -85.16 138.43 -84.38
C SER EB 90 -84.83 138.02 -85.82
N ALA EB 91 -83.97 138.78 -86.50
CA ALA EB 91 -83.61 138.48 -87.88
C ALA EB 91 -82.26 137.77 -88.05
N ASP EB 92 -81.73 137.23 -86.96
CA ASP EB 92 -80.44 136.53 -87.02
C ASP EB 92 -80.58 135.26 -87.87
N VAL EB 93 -79.52 134.89 -88.58
CA VAL EB 93 -79.57 133.68 -89.41
C VAL EB 93 -78.44 132.73 -89.06
N VAL EB 94 -78.65 131.43 -89.28
CA VAL EB 94 -77.62 130.43 -89.00
C VAL EB 94 -77.43 129.54 -90.24
N ALA EB 95 -76.35 129.77 -90.99
CA ALA EB 95 -76.10 129.00 -92.19
C ALA EB 95 -75.81 127.51 -91.90
N TYR EB 96 -76.40 126.61 -92.69
CA TYR EB 96 -76.17 125.18 -92.52
C TYR EB 96 -76.16 124.50 -93.89
N ASN EB 97 -76.04 123.16 -93.91
CA ASN EB 97 -76.04 122.40 -95.16
C ASN EB 97 -76.41 120.96 -94.84
N VAL EB 98 -76.94 120.24 -95.82
CA VAL EB 98 -77.32 118.86 -95.62
C VAL EB 98 -76.44 117.98 -96.52
N TYR EB 99 -75.79 116.97 -95.97
CA TYR EB 99 -74.95 116.08 -96.77
C TYR EB 99 -75.60 114.71 -96.83
N ARG EB 100 -75.13 113.88 -97.75
CA ARG EB 100 -75.69 112.55 -97.93
C ARG EB 100 -74.90 111.44 -97.24
N ASP EB 101 -73.58 111.57 -97.20
CA ASP EB 101 -72.74 110.57 -96.57
C ASP EB 101 -72.37 110.95 -95.14
N ALA EB 102 -72.01 109.95 -94.34
CA ALA EB 102 -71.65 110.12 -92.92
C ALA EB 102 -70.45 111.04 -92.62
N ALA EB 103 -69.56 111.23 -93.59
CA ALA EB 103 -68.40 112.09 -93.42
C ALA EB 103 -68.60 113.55 -93.92
N ARG EB 104 -69.84 114.02 -94.08
CA ARG EB 104 -70.12 115.39 -94.50
C ARG EB 104 -69.41 115.83 -95.79
N THR EB 105 -69.21 114.89 -96.72
CA THR EB 105 -68.53 115.19 -97.99
C THR EB 105 -69.46 115.33 -99.21
N ASN EB 106 -70.34 114.36 -99.43
CA ASN EB 106 -71.24 114.37 -100.57
C ASN EB 106 -72.43 115.25 -100.23
N LEU EB 107 -72.35 116.51 -100.65
CA LEU EB 107 -73.38 117.49 -100.36
C LEU EB 107 -74.65 117.35 -101.21
N TYR EB 108 -75.82 117.55 -100.60
CA TYR EB 108 -77.05 117.51 -101.36
C TYR EB 108 -77.13 118.88 -101.96
N VAL EB 109 -76.56 119.05 -103.16
CA VAL EB 109 -76.57 120.35 -103.82
C VAL EB 109 -78.00 120.87 -104.04
N VAL EB 110 -78.21 122.18 -103.87
CA VAL EB 110 -79.52 122.80 -104.02
C VAL EB 110 -80.21 122.40 -105.33
N ASN EB 111 -81.47 121.96 -105.26
CA ASN EB 111 -82.24 121.56 -106.42
C ASN EB 111 -81.51 120.59 -107.35
N GLN EB 112 -80.90 119.55 -106.77
CA GLN EB 112 -80.18 118.56 -107.58
C GLN EB 112 -80.63 117.14 -107.23
N PRO EB 113 -80.81 116.29 -108.25
CA PRO EB 113 -81.27 114.92 -108.00
C PRO EB 113 -80.17 113.96 -107.56
N GLN EB 114 -79.80 113.93 -106.29
CA GLN EB 114 -78.77 112.99 -105.88
C GLN EB 114 -79.35 111.57 -106.11
N GLN EB 115 -78.75 110.79 -107.03
CA GLN EB 115 -79.19 109.41 -107.38
C GLN EB 115 -79.27 108.44 -106.18
N PHE EB 116 -80.13 107.42 -106.33
CA PHE EB 116 -80.32 106.38 -105.32
C PHE EB 116 -80.83 105.07 -105.93
N THR EB 117 -80.49 103.94 -105.30
CA THR EB 117 -80.93 102.64 -105.80
C THR EB 117 -81.89 102.02 -104.80
N THR EB 118 -82.75 101.15 -105.29
CA THR EB 118 -83.69 100.46 -104.43
C THR EB 118 -83.82 99.08 -105.08
N VAL EB 119 -83.89 98.04 -104.24
CA VAL EB 119 -83.88 96.68 -104.70
C VAL EB 119 -85.09 95.85 -104.24
N SER EB 120 -85.16 94.60 -104.74
CA SER EB 120 -86.27 93.72 -104.47
C SER EB 120 -86.63 93.55 -102.98
N GLY EB 121 -87.90 93.76 -102.64
CA GLY EB 121 -88.41 93.58 -101.29
C GLY EB 121 -87.61 94.28 -100.22
N GLN EB 122 -87.20 95.53 -100.46
CA GLN EB 122 -86.42 96.22 -99.44
C GLN EB 122 -86.72 97.72 -99.36
N ALA EB 123 -86.49 98.30 -98.19
CA ALA EB 123 -86.68 99.73 -98.01
C ALA EB 123 -85.27 100.33 -97.88
N THR EB 124 -84.94 101.30 -98.73
CA THR EB 124 -83.64 101.96 -98.68
C THR EB 124 -83.78 103.22 -97.83
N ALA EB 125 -82.78 103.52 -97.00
CA ALA EB 125 -82.83 104.70 -96.15
C ALA EB 125 -82.27 105.92 -96.86
N VAL EB 126 -82.82 107.09 -96.57
CA VAL EB 126 -82.35 108.33 -97.17
C VAL EB 126 -81.63 109.12 -96.09
N PRO EB 127 -80.28 109.01 -96.07
CA PRO EB 127 -79.56 109.72 -95.02
C PRO EB 127 -79.47 111.21 -95.35
N ILE EB 128 -80.07 112.05 -94.53
CA ILE EB 128 -79.97 113.48 -94.73
C ILE EB 128 -79.16 113.91 -93.51
N PHE EB 129 -77.85 114.04 -93.70
CA PHE EB 129 -76.96 114.38 -92.60
C PHE EB 129 -76.78 115.90 -92.54
N GLY EB 130 -77.20 116.53 -91.44
CA GLY EB 130 -77.02 117.96 -91.31
C GLY EB 130 -75.65 118.28 -90.77
N ALA EB 131 -75.21 119.50 -91.02
CA ALA EB 131 -73.92 119.98 -90.56
C ALA EB 131 -73.91 121.51 -90.51
N ILE EB 132 -73.41 122.08 -89.42
CA ILE EB 132 -73.30 123.52 -89.27
C ILE EB 132 -71.84 123.91 -88.98
N ALA EB 133 -71.37 124.96 -89.67
CA ALA EB 133 -69.99 125.41 -89.51
C ALA EB 133 -69.73 125.99 -88.12
N PRO EB 134 -68.46 125.93 -87.67
CA PRO EB 134 -68.14 126.47 -86.35
C PRO EB 134 -68.21 128.00 -86.36
N ASN EB 135 -69.11 128.57 -85.56
CA ASN EB 135 -69.24 130.00 -85.47
C ASN EB 135 -68.39 130.47 -84.30
N THR EB 136 -67.22 131.05 -84.58
CA THR EB 136 -66.34 131.53 -83.53
C THR EB 136 -66.11 133.01 -83.73
N GLY EB 137 -67.11 133.70 -84.27
CA GLY EB 137 -67.02 135.13 -84.52
C GLY EB 137 -68.01 135.93 -83.70
N THR EB 138 -69.27 135.96 -84.14
CA THR EB 138 -70.30 136.72 -83.43
C THR EB 138 -71.33 135.80 -82.77
N PRO EB 139 -71.70 136.09 -81.52
CA PRO EB 139 -72.70 135.24 -80.84
C PRO EB 139 -74.12 135.55 -81.29
N LYS EB 140 -74.79 134.61 -81.97
CA LYS EB 140 -76.15 134.82 -82.44
C LYS EB 140 -77.11 134.97 -81.24
N ALA EB 141 -78.14 135.78 -81.41
CA ALA EB 141 -79.11 136.01 -80.32
C ALA EB 141 -79.79 134.73 -79.79
N GLN EB 142 -80.18 134.76 -78.51
CA GLN EB 142 -80.85 133.62 -77.87
C GLN EB 142 -82.22 133.36 -78.47
N GLY EB 143 -82.69 132.12 -78.39
CA GLY EB 143 -83.98 131.75 -78.93
C GLY EB 143 -83.94 130.48 -79.75
N ASP EB 144 -84.96 130.26 -80.57
CA ASP EB 144 -85.05 129.07 -81.40
C ASP EB 144 -84.86 129.41 -82.88
N TYR EB 145 -83.96 128.73 -83.57
CA TYR EB 145 -83.73 128.98 -84.99
C TYR EB 145 -84.41 127.85 -85.76
N LYS EB 146 -85.12 128.18 -86.85
CA LYS EB 146 -85.83 127.15 -87.63
C LYS EB 146 -85.67 127.32 -89.14
N ASP EB 147 -86.04 126.27 -89.86
CA ASP EB 147 -86.05 126.22 -91.32
C ASP EB 147 -86.87 125.01 -91.71
N THR EB 148 -87.44 125.05 -92.90
CA THR EB 148 -88.23 123.95 -93.39
C THR EB 148 -87.70 123.55 -94.76
N LEU EB 149 -86.83 122.53 -94.81
CA LEU EB 149 -86.29 122.13 -96.10
C LEU EB 149 -87.34 121.25 -96.76
N LEU EB 150 -87.56 121.42 -98.05
CA LEU EB 150 -88.53 120.60 -98.76
C LEU EB 150 -87.71 119.52 -99.44
N VAL EB 151 -87.88 118.26 -99.06
CA VAL EB 151 -87.15 117.17 -99.70
C VAL EB 151 -88.08 116.69 -100.81
N THR EB 152 -87.51 116.49 -102.01
CA THR EB 152 -88.23 116.13 -103.21
C THR EB 152 -87.82 114.79 -103.77
N VAL EB 153 -88.52 113.72 -103.37
CA VAL EB 153 -88.22 112.39 -103.90
C VAL EB 153 -88.90 112.33 -105.28
N ASN EB 154 -88.12 112.31 -106.36
CA ASN EB 154 -88.73 112.31 -107.68
C ASN EB 154 -88.13 111.24 -108.53
N PHE EB 155 -88.84 110.90 -109.59
CA PHE EB 155 -88.48 109.81 -110.45
C PHE EB 155 -88.18 110.30 -111.86
N ALA FB 1 -93.48 111.93 -108.07
CA ALA FB 1 -93.00 113.13 -107.41
C ALA FB 1 -93.57 113.24 -105.99
N VAL FB 2 -92.80 112.76 -105.01
CA VAL FB 2 -93.22 112.84 -103.63
C VAL FB 2 -92.39 113.92 -102.90
N THR FB 3 -92.92 115.13 -102.85
CA THR FB 3 -92.26 116.24 -102.18
C THR FB 3 -92.70 116.28 -100.70
N GLY FB 4 -91.72 116.42 -99.80
CA GLY FB 4 -91.96 116.44 -98.38
C GLY FB 4 -91.19 117.46 -97.57
N GLN FB 5 -91.59 117.72 -96.32
CA GLN FB 5 -90.90 118.72 -95.50
C GLN FB 5 -89.99 118.15 -94.39
N VAL FB 6 -88.89 118.85 -94.11
CA VAL FB 6 -87.94 118.44 -93.07
C VAL FB 6 -87.70 119.66 -92.20
N ASP FB 7 -88.25 119.69 -90.99
CA ASP FB 7 -88.08 120.85 -90.16
C ASP FB 7 -86.67 120.85 -89.57
N VAL FB 8 -85.95 121.96 -89.74
CA VAL FB 8 -84.59 122.08 -89.21
C VAL FB 8 -84.67 122.96 -87.96
N LYS FB 9 -83.94 122.59 -86.90
CA LYS FB 9 -84.01 123.36 -85.68
C LYS FB 9 -82.66 123.47 -84.96
N LEU FB 10 -82.52 124.52 -84.16
CA LEU FB 10 -81.31 124.78 -83.38
C LEU FB 10 -81.72 125.73 -82.26
N ASN FB 11 -81.41 125.37 -81.00
CA ASN FB 11 -81.80 126.21 -79.88
C ASN FB 11 -80.56 126.89 -79.33
N ILE FB 12 -80.27 128.09 -79.81
CA ILE FB 12 -79.13 128.82 -79.32
C ILE FB 12 -79.52 129.47 -78.00
N SER FB 13 -78.98 128.97 -76.88
CA SER FB 13 -79.27 129.52 -75.55
C SER FB 13 -78.12 129.31 -74.52
N THR FB 14 -77.82 128.05 -74.19
CA THR FB 14 -76.79 127.70 -73.22
C THR FB 14 -76.43 126.23 -73.44
N GLY FB 15 -75.39 125.97 -74.25
CA GLY FB 15 -74.96 124.61 -74.57
C GLY FB 15 -73.62 124.12 -74.03
N CYS FB 16 -73.32 122.89 -74.40
CA CYS FB 16 -72.12 122.17 -73.98
C CYS FB 16 -71.22 121.90 -75.19
N THR FB 17 -69.90 122.00 -75.03
CA THR FB 17 -68.95 121.81 -76.14
C THR FB 17 -67.93 120.69 -75.90
N VAL FB 18 -67.49 120.03 -76.97
CA VAL FB 18 -66.52 118.95 -76.84
C VAL FB 18 -65.12 119.38 -77.27
N GLY FB 19 -64.13 119.31 -76.37
CA GLY FB 19 -62.77 119.69 -76.71
C GLY FB 19 -61.96 118.46 -77.07
N GLY FB 20 -60.80 118.66 -77.70
CA GLY FB 20 -59.93 117.57 -78.11
C GLY FB 20 -60.17 117.12 -79.56
N SER FB 21 -61.10 117.78 -80.23
CA SER FB 21 -61.41 117.42 -81.61
C SER FB 21 -60.82 118.43 -82.60
N GLN FB 22 -60.64 117.98 -83.82
CA GLN FB 22 -60.11 118.79 -84.90
C GLN FB 22 -61.15 118.69 -86.01
N THR FB 23 -61.43 119.79 -86.69
CA THR FB 23 -62.43 119.75 -87.74
C THR FB 23 -61.85 119.16 -89.03
N GLU FB 24 -62.16 117.89 -89.33
CA GLU FB 24 -61.69 117.29 -90.56
C GLU FB 24 -62.70 117.72 -91.62
N GLY FB 25 -62.41 118.76 -92.39
CA GLY FB 25 -63.36 119.23 -93.37
C GLY FB 25 -64.59 119.69 -92.61
N ASN FB 26 -65.74 119.06 -92.83
CA ASN FB 26 -66.97 119.45 -92.14
C ASN FB 26 -67.42 118.38 -91.13
N MET FB 27 -66.49 117.53 -90.69
CA MET FB 27 -66.81 116.48 -89.73
C MET FB 27 -65.79 116.50 -88.58
N ASN FB 28 -66.26 116.58 -87.33
CA ASN FB 28 -65.36 116.64 -86.18
C ASN FB 28 -64.50 115.38 -85.98
N LYS FB 29 -63.18 115.49 -86.15
CA LYS FB 29 -62.29 114.35 -85.93
C LYS FB 29 -62.00 114.28 -84.44
N PHE FB 30 -62.61 113.32 -83.73
CA PHE FB 30 -62.44 113.22 -82.29
C PHE FB 30 -61.12 112.58 -81.88
N GLY FB 31 -60.71 111.51 -82.53
CA GLY FB 31 -59.46 110.89 -82.12
C GLY FB 31 -59.11 109.60 -82.82
N THR FB 32 -58.20 108.84 -82.22
CA THR FB 32 -57.76 107.58 -82.80
C THR FB 32 -57.67 106.48 -81.73
N LEU FB 33 -58.10 105.28 -82.07
CA LEU FB 33 -58.05 104.14 -81.17
C LEU FB 33 -56.98 103.26 -81.81
N ASN FB 34 -55.73 103.48 -81.42
CA ASN FB 34 -54.61 102.79 -82.02
C ASN FB 34 -54.17 101.57 -81.22
N PHE FB 35 -54.53 100.37 -81.67
CA PHE FB 35 -54.15 99.16 -80.95
C PHE FB 35 -52.67 98.83 -81.14
N GLY FB 36 -52.06 99.38 -82.19
CA GLY FB 36 -50.66 99.17 -82.47
C GLY FB 36 -50.46 98.03 -83.44
N LYS FB 37 -49.23 97.51 -83.46
CA LYS FB 37 -48.88 96.39 -84.34
C LYS FB 37 -49.19 95.07 -83.66
N THR FB 38 -49.42 94.02 -84.45
CA THR FB 38 -49.73 92.71 -83.92
C THR FB 38 -49.48 91.60 -84.95
N SER FB 39 -49.32 90.38 -84.47
CA SER FB 39 -49.10 89.23 -85.33
C SER FB 39 -50.40 88.62 -85.73
N GLY FB 40 -50.37 87.64 -86.66
CA GLY FB 40 -51.58 86.98 -87.15
C GLY FB 40 -52.46 86.46 -86.03
N THR FB 41 -51.85 85.77 -85.07
CA THR FB 41 -52.60 85.21 -83.95
C THR FB 41 -52.08 85.75 -82.61
N TRP FB 42 -52.86 86.60 -81.94
CA TRP FB 42 -52.43 87.17 -80.66
C TRP FB 42 -53.16 86.47 -79.50
N ASN FB 43 -52.45 86.09 -78.44
CA ASN FB 43 -53.07 85.43 -77.30
C ASN FB 43 -53.53 86.42 -76.22
N ASN FB 44 -52.89 87.57 -76.17
CA ASN FB 44 -53.26 88.61 -75.22
C ASN FB 44 -54.32 89.54 -75.82
N VAL FB 45 -55.25 90.00 -74.99
CA VAL FB 45 -56.31 90.90 -75.40
C VAL FB 45 -55.64 92.21 -75.86
N LEU FB 46 -55.78 92.60 -77.13
CA LEU FB 46 -55.09 93.84 -77.54
C LEU FB 46 -55.90 95.01 -77.02
N THR FB 47 -55.25 95.97 -76.36
CA THR FB 47 -55.98 97.03 -75.68
C THR FB 47 -55.32 98.41 -75.78
N ALA FB 48 -56.04 99.43 -76.26
CA ALA FB 48 -55.49 100.78 -76.36
C ALA FB 48 -56.60 101.80 -76.09
N GLU FB 49 -56.20 103.01 -75.71
CA GLU FB 49 -57.13 104.08 -75.38
C GLU FB 49 -57.21 105.09 -76.52
N VAL FB 50 -58.33 105.79 -76.61
CA VAL FB 50 -58.49 106.81 -77.63
C VAL FB 50 -57.49 107.95 -77.41
N ALA FB 51 -56.92 108.47 -78.48
CA ALA FB 51 -55.99 109.59 -78.39
C ALA FB 51 -56.63 110.74 -79.18
N SER FB 52 -57.06 111.81 -78.51
CA SER FB 52 -57.69 112.93 -79.18
C SER FB 52 -56.83 113.48 -80.32
N ALA FB 53 -57.44 113.84 -81.44
CA ALA FB 53 -56.68 114.34 -82.59
C ALA FB 53 -56.07 115.74 -82.37
N ALA FB 54 -56.67 116.51 -81.46
CA ALA FB 54 -56.19 117.87 -81.19
C ALA FB 54 -55.01 117.94 -80.21
N THR FB 55 -55.10 117.23 -79.10
CA THR FB 55 -54.03 117.28 -78.11
C THR FB 55 -53.18 116.01 -78.01
N GLY FB 56 -53.79 114.85 -78.18
CA GLY FB 56 -53.07 113.59 -78.06
C GLY FB 56 -53.54 112.82 -76.84
N GLY FB 57 -54.15 113.52 -75.88
CA GLY FB 57 -54.67 112.91 -74.68
C GLY FB 57 -56.12 112.49 -74.84
N ASN FB 58 -56.87 112.45 -73.74
CA ASN FB 58 -58.26 112.05 -73.81
C ASN FB 58 -59.20 113.19 -74.22
N ILE FB 59 -60.31 112.87 -74.87
CA ILE FB 59 -61.26 113.88 -75.29
C ILE FB 59 -61.73 114.62 -74.03
N SER FB 60 -61.64 115.95 -74.01
CA SER FB 60 -62.03 116.69 -72.82
C SER FB 60 -63.31 117.49 -73.08
N VAL FB 61 -64.46 116.99 -72.63
CA VAL FB 61 -65.69 117.71 -72.87
C VAL FB 61 -65.93 118.71 -71.73
N THR FB 62 -66.21 119.96 -72.06
CA THR FB 62 -66.49 120.96 -71.04
C THR FB 62 -67.86 121.57 -71.37
N CYS FB 63 -68.61 121.98 -70.37
CA CYS FB 63 -69.88 122.60 -70.66
C CYS FB 63 -69.75 124.10 -70.42
N ASP FB 64 -70.63 124.87 -71.06
CA ASP FB 64 -70.61 126.32 -70.93
C ASP FB 64 -71.72 126.84 -70.02
N GLY FB 65 -71.44 126.98 -68.73
CA GLY FB 65 -72.43 127.47 -67.78
C GLY FB 65 -71.96 127.38 -66.34
N THR FB 66 -72.89 127.61 -65.41
CA THR FB 66 -72.59 127.54 -63.99
C THR FB 66 -73.18 126.33 -63.26
N ASP FB 67 -74.28 125.76 -63.72
CA ASP FB 67 -74.81 124.60 -62.99
C ASP FB 67 -74.27 123.31 -63.63
N PRO FB 68 -74.02 122.28 -62.81
CA PRO FB 68 -73.47 121.04 -63.39
C PRO FB 68 -74.44 120.41 -64.40
N VAL FB 69 -74.08 120.34 -65.68
CA VAL FB 69 -74.97 119.75 -66.68
C VAL FB 69 -74.72 118.25 -66.83
N ASP FB 70 -75.78 117.49 -67.10
CA ASP FB 70 -75.66 116.05 -67.29
C ASP FB 70 -75.73 115.78 -68.79
N PHE FB 71 -74.60 115.48 -69.42
CA PHE FB 71 -74.58 115.23 -70.85
C PHE FB 71 -74.35 113.76 -71.11
N THR FB 72 -74.79 113.29 -72.27
CA THR FB 72 -74.64 111.89 -72.58
C THR FB 72 -73.63 111.63 -73.71
N VAL FB 73 -73.12 110.40 -73.75
CA VAL FB 73 -72.16 109.98 -74.76
C VAL FB 73 -72.63 108.70 -75.44
N ALA FB 74 -72.72 108.69 -76.77
CA ALA FB 74 -73.16 107.50 -77.49
C ALA FB 74 -72.20 107.22 -78.63
N ILE FB 75 -71.78 105.96 -78.79
CA ILE FB 75 -70.88 105.58 -79.85
C ILE FB 75 -71.67 104.60 -80.71
N ASP FB 76 -71.48 104.66 -82.02
CA ASP FB 76 -72.20 103.78 -82.93
C ASP FB 76 -71.40 102.48 -83.18
N GLY FB 77 -71.89 101.62 -84.08
CA GLY FB 77 -71.25 100.35 -84.40
C GLY FB 77 -70.15 100.31 -85.46
N GLY FB 78 -69.63 101.46 -85.88
CA GLY FB 78 -68.59 101.48 -86.89
C GLY FB 78 -69.15 101.49 -88.30
N GLU FB 79 -68.25 101.46 -89.29
CA GLU FB 79 -68.63 101.47 -90.70
C GLU FB 79 -69.61 100.37 -91.07
N ARG FB 80 -69.40 99.15 -90.60
CA ARG FB 80 -70.29 98.05 -90.98
C ARG FB 80 -71.40 97.74 -89.97
N THR FB 81 -71.48 98.55 -88.89
CA THR FB 81 -72.45 98.44 -87.78
C THR FB 81 -72.29 97.24 -86.83
N ASP FB 82 -71.16 96.51 -86.88
CA ASP FB 82 -70.92 95.40 -85.98
C ASP FB 82 -69.53 95.44 -85.32
N ARG FB 83 -68.97 96.65 -85.23
CA ARG FB 83 -67.67 96.91 -84.62
C ARG FB 83 -66.56 95.97 -85.09
N THR FB 84 -66.34 95.95 -86.40
CA THR FB 84 -65.29 95.13 -86.99
C THR FB 84 -64.32 96.00 -87.79
N LEU FB 85 -63.02 95.83 -87.60
CA LEU FB 85 -62.10 96.59 -88.40
C LEU FB 85 -61.92 95.83 -89.69
N LYS FB 86 -61.80 96.51 -90.83
CA LYS FB 86 -61.67 95.82 -92.09
C LYS FB 86 -60.29 96.03 -92.70
N ASN FB 87 -59.73 95.02 -93.34
CA ASN FB 87 -58.45 95.19 -93.94
C ASN FB 87 -58.62 96.13 -95.12
N THR FB 88 -57.70 97.07 -95.31
CA THR FB 88 -57.78 97.98 -96.44
C THR FB 88 -57.89 97.28 -97.80
N ALA FB 89 -57.18 96.17 -98.00
CA ALA FB 89 -57.23 95.47 -99.30
C ALA FB 89 -58.14 94.23 -99.38
N SER FB 90 -57.92 93.29 -98.47
CA SER FB 90 -58.70 92.05 -98.40
C SER FB 90 -60.02 92.26 -97.62
N ALA FB 91 -60.83 91.20 -97.51
CA ALA FB 91 -62.10 91.32 -96.80
C ALA FB 91 -62.08 90.77 -95.37
N ASP FB 92 -60.89 90.55 -94.81
CA ASP FB 92 -60.78 90.04 -93.45
C ASP FB 92 -61.31 91.06 -92.46
N VAL FB 93 -61.91 90.61 -91.35
CA VAL FB 93 -62.46 91.52 -90.36
C VAL FB 93 -61.89 91.23 -88.97
N VAL FB 94 -61.81 92.25 -88.12
CA VAL FB 94 -61.29 92.07 -86.76
C VAL FB 94 -62.30 92.65 -85.77
N ALA FB 95 -63.07 91.80 -85.10
CA ALA FB 95 -64.07 92.25 -84.15
C ALA FB 95 -63.44 92.95 -82.92
N TYR FB 96 -64.02 94.08 -82.49
CA TYR FB 96 -63.54 94.80 -81.32
C TYR FB 96 -64.71 95.41 -80.57
N ASN FB 97 -64.45 96.17 -79.50
CA ASN FB 97 -65.48 96.83 -78.72
C ASN FB 97 -64.85 97.99 -77.95
N VAL FB 98 -65.66 98.98 -77.61
CA VAL FB 98 -65.17 100.12 -76.85
C VAL FB 98 -65.84 100.13 -75.48
N TYR FB 99 -65.06 100.23 -74.41
CA TYR FB 99 -65.64 100.26 -73.07
C TYR FB 99 -65.39 101.64 -72.47
N ARG FB 100 -66.10 101.94 -71.39
CA ARG FB 100 -65.98 103.24 -70.74
C ARG FB 100 -65.05 103.25 -69.53
N ASP FB 101 -65.02 102.16 -68.78
CA ASP FB 101 -64.16 102.09 -67.60
C ASP FB 101 -62.85 101.36 -67.91
N ALA FB 102 -61.84 101.63 -67.07
CA ALA FB 102 -60.50 101.06 -67.21
C ALA FB 102 -60.39 99.52 -67.16
N ALA FB 103 -61.37 98.85 -66.54
CA ALA FB 103 -61.37 97.39 -66.46
C ALA FB 103 -62.18 96.68 -67.57
N ARG FB 104 -62.47 97.36 -68.70
CA ARG FB 104 -63.18 96.74 -69.82
C ARG FB 104 -64.53 96.09 -69.43
N THR FB 105 -65.23 96.66 -68.45
CA THR FB 105 -66.51 96.13 -67.99
C THR FB 105 -67.75 96.90 -68.49
N ASN FB 106 -67.77 98.22 -68.31
CA ASN FB 106 -68.89 99.05 -68.71
C ASN FB 106 -68.78 99.34 -70.19
N LEU FB 107 -69.46 98.54 -70.99
CA LEU FB 107 -69.42 98.64 -72.44
C LEU FB 107 -70.23 99.81 -73.01
N TYR FB 108 -69.70 100.49 -74.03
CA TYR FB 108 -70.45 101.54 -74.67
C TYR FB 108 -71.35 100.81 -75.62
N VAL FB 109 -72.54 100.44 -75.16
CA VAL FB 109 -73.48 99.69 -76.00
C VAL FB 109 -73.83 100.48 -77.28
N VAL FB 110 -73.96 99.77 -78.41
CA VAL FB 110 -74.28 100.39 -79.69
C VAL FB 110 -75.47 101.35 -79.62
N ASN FB 111 -75.31 102.57 -80.13
CA ASN FB 111 -76.39 103.57 -80.13
C ASN FB 111 -77.05 103.75 -78.76
N GLN FB 112 -76.25 103.88 -77.71
CA GLN FB 112 -76.80 104.08 -76.38
C GLN FB 112 -76.14 105.27 -75.68
N PRO FB 113 -76.96 106.10 -74.99
CA PRO FB 113 -76.43 107.28 -74.32
C PRO FB 113 -75.77 107.00 -72.97
N GLN FB 114 -74.51 106.58 -72.94
CA GLN FB 114 -73.89 106.34 -71.66
C GLN FB 114 -73.80 107.71 -70.94
N GLN FB 115 -74.51 107.88 -69.82
CA GLN FB 115 -74.56 109.14 -69.03
C GLN FB 115 -73.17 109.66 -68.58
N PHE FB 116 -73.11 111.00 -68.36
CA PHE FB 116 -71.89 111.66 -67.90
C PHE FB 116 -72.20 112.97 -67.15
N THR FB 117 -71.34 113.36 -66.22
CA THR FB 117 -71.53 114.60 -65.46
C THR FB 117 -70.46 115.61 -65.83
N THR FB 118 -70.75 116.89 -65.60
CA THR FB 118 -69.79 117.94 -65.91
C THR FB 118 -70.08 119.19 -65.05
N VAL FB 119 -69.07 119.72 -64.37
CA VAL FB 119 -69.28 120.91 -63.53
C VAL FB 119 -68.67 122.14 -64.18
N SER FB 120 -69.05 123.32 -63.69
CA SER FB 120 -68.55 124.58 -64.21
C SER FB 120 -67.06 124.75 -63.96
N GLY FB 121 -66.36 125.43 -64.87
CA GLY FB 121 -64.94 125.67 -64.74
C GLY FB 121 -64.11 124.39 -64.65
N GLN FB 122 -64.51 123.38 -65.41
CA GLN FB 122 -63.80 122.11 -65.42
C GLN FB 122 -64.10 121.36 -66.72
N ALA FB 123 -63.16 120.54 -67.17
CA ALA FB 123 -63.37 119.76 -68.38
C ALA FB 123 -63.38 118.29 -67.97
N THR FB 124 -64.41 117.53 -68.36
CA THR FB 124 -64.50 116.12 -68.01
C THR FB 124 -63.94 115.30 -69.18
N ALA FB 125 -63.18 114.25 -68.89
CA ALA FB 125 -62.61 113.42 -69.94
C ALA FB 125 -63.57 112.31 -70.35
N VAL FB 126 -63.56 111.93 -71.63
CA VAL FB 126 -64.41 110.86 -72.13
C VAL FB 126 -63.52 109.67 -72.44
N PRO FB 127 -63.45 108.72 -71.48
CA PRO FB 127 -62.58 107.58 -71.71
C PRO FB 127 -63.23 106.60 -72.69
N ILE FB 128 -62.63 106.42 -73.85
CA ILE FB 128 -63.14 105.46 -74.80
C ILE FB 128 -62.04 104.40 -74.81
N PHE FB 129 -62.23 103.35 -74.01
CA PHE FB 129 -61.21 102.31 -73.89
C PHE FB 129 -61.50 101.19 -74.89
N GLY FB 130 -60.58 100.96 -75.82
CA GLY FB 130 -60.77 99.90 -76.79
C GLY FB 130 -60.29 98.58 -76.21
N ALA FB 131 -60.79 97.50 -76.79
CA ALA FB 131 -60.43 96.15 -76.38
C ALA FB 131 -60.72 95.16 -77.51
N ILE FB 132 -59.78 94.28 -77.79
CA ILE FB 132 -59.94 93.26 -78.80
C ILE FB 132 -59.73 91.86 -78.19
N ALA FB 133 -60.62 90.93 -78.53
CA ALA FB 133 -60.54 89.57 -78.00
C ALA FB 133 -59.32 88.82 -78.49
N PRO FB 134 -58.85 87.83 -77.71
CA PRO FB 134 -57.68 87.07 -78.13
C PRO FB 134 -58.03 86.15 -79.30
N ASN FB 135 -57.38 86.35 -80.45
CA ASN FB 135 -57.62 85.53 -81.61
C ASN FB 135 -56.57 84.43 -81.60
N THR FB 136 -56.96 83.22 -81.22
CA THR FB 136 -56.03 82.11 -81.19
C THR FB 136 -56.55 81.00 -82.09
N GLY FB 137 -57.24 81.39 -83.17
CA GLY FB 137 -57.81 80.45 -84.10
C GLY FB 137 -57.20 80.57 -85.49
N THR FB 138 -57.66 81.57 -86.25
CA THR FB 138 -57.15 81.76 -87.61
C THR FB 138 -56.32 83.04 -87.72
N PRO FB 139 -55.17 82.97 -88.41
CA PRO FB 139 -54.34 84.18 -88.55
C PRO FB 139 -54.87 85.12 -89.63
N LYS FB 140 -55.33 86.32 -89.25
CA LYS FB 140 -55.85 87.27 -90.21
C LYS FB 140 -54.75 87.75 -91.16
N ALA FB 141 -55.10 88.03 -92.41
CA ALA FB 141 -54.11 88.48 -93.40
C ALA FB 141 -53.31 89.74 -93.00
N GLN FB 142 -52.08 89.84 -93.51
CA GLN FB 142 -51.22 90.99 -93.22
C GLN FB 142 -51.77 92.28 -93.82
N GLY FB 143 -51.41 93.41 -93.22
CA GLY FB 143 -51.89 94.69 -93.69
C GLY FB 143 -52.40 95.58 -92.58
N ASP FB 144 -53.16 96.61 -92.95
CA ASP FB 144 -53.71 97.55 -91.97
C ASP FB 144 -55.23 97.39 -91.84
N TYR FB 145 -55.73 97.24 -90.61
CA TYR FB 145 -57.17 97.09 -90.40
C TYR FB 145 -57.68 98.43 -89.87
N LYS FB 146 -58.81 98.91 -90.39
CA LYS FB 146 -59.36 100.19 -89.95
C LYS FB 146 -60.87 100.17 -89.71
N ASP FB 147 -61.34 101.22 -89.04
CA ASP FB 147 -62.75 101.45 -88.76
C ASP FB 147 -62.88 102.90 -88.33
N THR FB 148 -64.07 103.46 -88.52
CA THR FB 148 -64.31 104.83 -88.13
C THR FB 148 -65.54 104.87 -87.24
N LEU FB 149 -65.35 104.86 -85.92
CA LEU FB 149 -66.51 104.89 -85.04
C LEU FB 149 -66.98 106.34 -84.97
N LEU FB 150 -68.28 106.56 -85.01
CA LEU FB 150 -68.80 107.91 -84.90
C LEU FB 150 -69.21 108.08 -83.45
N VAL FB 151 -68.55 108.97 -82.70
CA VAL FB 151 -68.93 109.19 -81.31
C VAL FB 151 -69.91 110.35 -81.36
N THR FB 152 -71.04 110.21 -80.64
CA THR FB 152 -72.14 111.15 -80.62
C THR FB 152 -72.38 111.78 -79.26
N VAL FB 153 -71.76 112.93 -79.00
CA VAL FB 153 -71.98 113.61 -77.73
C VAL FB 153 -73.31 114.35 -77.88
N ASN FB 154 -74.36 113.92 -77.18
CA ASN FB 154 -75.65 114.55 -77.34
C ASN FB 154 -76.23 114.90 -76.00
N PHE FB 155 -77.20 115.80 -76.03
CA PHE FB 155 -77.79 116.34 -74.83
C PHE FB 155 -79.26 115.99 -74.75
N ALA GB 1 -76.03 118.46 -80.08
CA ALA GB 1 -75.65 117.24 -80.77
C ALA GB 1 -74.30 117.40 -81.47
N VAL GB 2 -73.22 117.00 -80.80
CA VAL GB 2 -71.89 117.08 -81.39
C VAL GB 2 -71.41 115.67 -81.76
N THR GB 3 -71.64 115.29 -83.02
CA THR GB 3 -71.23 113.98 -83.51
C THR GB 3 -69.80 114.09 -84.10
N GLY GB 4 -68.93 113.14 -83.71
CA GLY GB 4 -67.57 113.13 -84.15
C GLY GB 4 -66.99 111.78 -84.54
N GLN GB 5 -65.83 111.75 -85.21
CA GLN GB 5 -65.24 110.49 -85.66
C GLN GB 5 -64.02 110.00 -84.84
N VAL GB 6 -63.88 108.68 -84.68
CA VAL GB 6 -62.77 108.10 -83.95
C VAL GB 6 -62.19 107.01 -84.84
N ASP GB 7 -61.02 107.25 -85.45
CA ASP GB 7 -60.46 106.27 -86.34
C ASP GB 7 -59.86 105.12 -85.52
N VAL GB 8 -60.27 103.89 -85.83
CA VAL GB 8 -59.76 102.71 -85.14
C VAL GB 8 -58.72 102.05 -86.05
N LYS GB 9 -57.61 101.59 -85.49
CA LYS GB 9 -56.58 100.99 -86.32
C LYS GB 9 -55.90 99.81 -85.65
N LEU GB 10 -55.35 98.91 -86.48
CA LEU GB 10 -54.62 97.73 -86.01
C LEU GB 10 -53.74 97.29 -87.18
N ASN GB 11 -52.44 97.11 -86.95
CA ASN GB 11 -51.54 96.71 -88.02
C ASN GB 11 -51.13 95.27 -87.81
N ILE GB 12 -51.86 94.35 -88.42
CA ILE GB 12 -51.54 92.94 -88.30
C ILE GB 12 -50.39 92.67 -89.27
N SER GB 13 -49.18 92.41 -88.75
CA SER GB 13 -48.01 92.11 -89.58
C SER GB 13 -46.95 91.24 -88.86
N THR GB 14 -46.33 91.76 -87.81
CA THR GB 14 -45.30 91.08 -87.04
C THR GB 14 -45.18 91.78 -85.68
N GLY GB 15 -45.89 91.26 -84.67
CA GLY GB 15 -45.90 91.85 -83.34
C GLY GB 15 -45.23 91.09 -82.20
N CYS GB 16 -45.31 91.70 -81.02
CA CYS GB 16 -44.74 91.18 -79.79
C CYS GB 16 -45.84 90.84 -78.78
N THR GB 17 -45.68 89.75 -78.03
CA THR GB 17 -46.71 89.30 -77.07
C THR GB 17 -46.20 89.22 -75.62
N VAL GB 18 -47.09 89.44 -74.65
CA VAL GB 18 -46.70 89.38 -73.25
C VAL GB 18 -47.19 88.10 -72.57
N GLY GB 19 -46.28 87.28 -72.03
CA GLY GB 19 -46.67 86.05 -71.36
C GLY GB 19 -46.75 86.27 -69.87
N GLY GB 20 -47.39 85.34 -69.15
CA GLY GB 20 -47.53 85.45 -67.70
C GLY GB 20 -48.84 86.10 -67.27
N SER GB 21 -49.66 86.48 -68.24
CA SER GB 21 -50.93 87.13 -67.93
C SER GB 21 -52.11 86.17 -68.12
N GLN GB 22 -53.20 86.48 -67.44
CA GLN GB 22 -54.42 85.70 -67.49
C GLN GB 22 -55.49 86.71 -67.91
N THR GB 23 -56.41 86.30 -68.78
CA THR GB 23 -57.43 87.23 -69.21
C THR GB 23 -58.55 87.34 -68.16
N GLU GB 24 -58.57 88.41 -67.38
CA GLU GB 24 -59.63 88.62 -66.41
C GLU GB 24 -60.77 89.26 -67.21
N GLY GB 25 -61.75 88.46 -67.63
CA GLY GB 25 -62.83 89.01 -68.42
C GLY GB 25 -62.21 89.56 -69.70
N ASN GB 26 -62.30 90.86 -69.95
CA ASN GB 26 -61.73 91.45 -71.17
C ASN GB 26 -60.53 92.34 -70.86
N MET GB 27 -59.89 92.11 -69.71
CA MET GB 27 -58.72 92.90 -69.31
C MET GB 27 -57.58 91.97 -68.86
N ASN GB 28 -56.40 92.10 -69.45
CA ASN GB 28 -55.28 91.23 -69.12
C ASN GB 28 -54.79 91.36 -67.66
N LYS GB 29 -54.96 90.31 -66.85
CA LYS GB 29 -54.48 90.34 -65.46
C LYS GB 29 -52.99 89.97 -65.50
N PHE GB 30 -52.11 90.94 -65.32
CA PHE GB 30 -50.68 90.68 -65.39
C PHE GB 30 -50.10 90.04 -64.13
N GLY GB 31 -50.50 90.49 -62.96
CA GLY GB 31 -49.94 89.88 -61.76
C GLY GB 31 -50.33 90.55 -60.45
N THR GB 32 -49.56 90.26 -59.41
CA THR GB 32 -49.83 90.81 -58.10
C THR GB 32 -48.55 91.30 -57.42
N LEU GB 33 -48.63 92.44 -56.75
CA LEU GB 33 -47.49 93.02 -56.04
C LEU GB 33 -47.89 92.85 -54.59
N ASN GB 34 -47.54 91.71 -54.00
CA ASN GB 34 -47.96 91.39 -52.65
C ASN GB 34 -46.89 91.72 -51.61
N PHE GB 35 -47.07 92.83 -50.89
CA PHE GB 35 -46.10 93.22 -49.87
C PHE GB 35 -46.18 92.34 -48.62
N GLY GB 36 -47.32 91.66 -48.45
CA GLY GB 36 -47.52 90.78 -47.33
C GLY GB 36 -48.21 91.47 -46.18
N LYS GB 37 -48.10 90.88 -45.00
CA LYS GB 37 -48.70 91.44 -43.78
C LYS GB 37 -47.75 92.44 -43.13
N THR GB 38 -48.29 93.38 -42.38
CA THR GB 38 -47.48 94.39 -41.70
C THR GB 38 -48.23 95.04 -40.55
N SER GB 39 -47.49 95.65 -39.63
CA SER GB 39 -48.07 96.32 -38.48
C SER GB 39 -48.34 97.75 -38.81
N GLY GB 40 -49.03 98.48 -37.90
CA GLY GB 40 -49.39 99.88 -38.12
C GLY GB 40 -48.20 100.73 -38.51
N THR GB 41 -47.09 100.59 -37.78
CA THR GB 41 -45.89 101.36 -38.04
C THR GB 41 -44.68 100.44 -38.34
N TRP GB 42 -44.24 100.39 -39.60
CA TRP GB 42 -43.11 99.55 -39.97
C TRP GB 42 -41.84 100.39 -40.15
N ASN GB 43 -40.71 99.94 -39.59
CA ASN GB 43 -39.46 100.68 -39.72
C ASN GB 43 -38.64 100.26 -40.93
N ASN GB 44 -38.84 99.02 -41.38
CA ASN GB 44 -38.15 98.52 -42.55
C ASN GB 44 -38.95 98.81 -43.82
N VAL GB 45 -38.26 99.12 -44.92
CA VAL GB 45 -38.89 99.39 -46.20
C VAL GB 45 -39.61 98.11 -46.64
N LEU GB 46 -40.93 98.14 -46.81
CA LEU GB 46 -41.61 96.87 -47.19
C LEU GB 46 -41.36 96.67 -48.68
N THR GB 47 -40.93 95.47 -49.07
CA THR GB 47 -40.52 95.25 -50.44
C THR GB 47 -40.91 93.89 -51.01
N ALA GB 48 -41.62 93.85 -52.15
CA ALA GB 48 -42.01 92.59 -52.77
C ALA GB 48 -41.99 92.74 -54.28
N GLU GB 49 -41.89 91.61 -54.98
CA GLU GB 49 -41.81 91.58 -56.43
C GLU GB 49 -43.15 91.15 -57.02
N VAL GB 50 -43.41 91.56 -58.25
CA VAL GB 50 -44.63 91.17 -58.93
C VAL GB 50 -44.65 89.66 -59.17
N ALA GB 51 -45.81 89.03 -58.98
CA ALA GB 51 -45.96 87.61 -59.21
C ALA GB 51 -47.00 87.46 -60.33
N SER GB 52 -46.58 87.00 -61.51
CA SER GB 52 -47.50 86.85 -62.64
C SER GB 52 -48.71 86.00 -62.27
N ALA GB 53 -49.90 86.39 -62.74
CA ALA GB 53 -51.11 85.64 -62.40
C ALA GB 53 -51.21 84.26 -63.07
N ALA GB 54 -50.51 84.09 -64.20
CA ALA GB 54 -50.52 82.84 -64.94
C ALA GB 54 -49.59 81.77 -64.39
N THR GB 55 -48.34 82.14 -64.13
CA THR GB 55 -47.36 81.17 -63.64
C THR GB 55 -46.96 81.31 -62.16
N GLY GB 56 -46.89 82.54 -61.68
CA GLY GB 56 -46.48 82.78 -60.31
C GLY GB 56 -45.13 83.48 -60.26
N GLY GB 57 -44.36 83.35 -61.35
CA GLY GB 57 -43.06 83.98 -61.45
C GLY GB 57 -43.14 85.37 -62.07
N ASN GB 58 -42.07 85.81 -62.73
CA ASN GB 58 -42.07 87.14 -63.33
C ASN GB 58 -42.74 87.17 -64.70
N ILE GB 59 -43.32 88.31 -65.07
CA ILE GB 59 -43.98 88.44 -66.36
C ILE GB 59 -42.92 88.16 -67.44
N SER GB 60 -43.19 87.23 -68.36
CA SER GB 60 -42.21 86.89 -69.38
C SER GB 60 -42.66 87.39 -70.75
N VAL GB 61 -42.13 88.51 -71.21
CA VAL GB 61 -42.54 89.01 -72.51
C VAL GB 61 -41.66 88.42 -73.60
N THR GB 62 -42.26 87.86 -74.65
CA THR GB 62 -41.49 87.30 -75.75
C THR GB 62 -41.99 87.99 -77.02
N CYS GB 63 -41.10 88.17 -78.01
CA CYS GB 63 -41.55 88.77 -79.24
C CYS GB 63 -41.65 87.69 -80.30
N ASP GB 64 -42.46 87.94 -81.33
CA ASP GB 64 -42.65 86.97 -82.40
C ASP GB 64 -41.90 87.37 -83.67
N GLY GB 65 -40.67 86.89 -83.83
CA GLY GB 65 -39.88 87.20 -85.00
C GLY GB 65 -38.44 86.72 -84.88
N THR GB 66 -37.59 87.15 -85.83
CA THR GB 66 -36.19 86.77 -85.85
C THR GB 66 -35.23 87.90 -85.46
N ASP GB 67 -35.56 89.17 -85.69
CA ASP GB 67 -34.61 90.21 -85.29
C ASP GB 67 -34.93 90.70 -83.89
N PRO GB 68 -33.90 91.07 -83.11
CA PRO GB 68 -34.18 91.51 -81.74
C PRO GB 68 -35.03 92.79 -81.73
N VAL GB 69 -36.26 92.73 -81.21
CA VAL GB 69 -37.11 93.91 -81.18
C VAL GB 69 -36.93 94.71 -79.88
N ASP GB 70 -37.04 96.03 -79.97
CA ASP GB 70 -36.89 96.90 -78.80
C ASP GB 70 -38.30 97.32 -78.38
N PHE GB 71 -38.83 96.73 -77.30
CA PHE GB 71 -40.17 97.07 -76.85
C PHE GB 71 -40.10 97.87 -75.57
N THR GB 72 -41.12 98.65 -75.31
CA THR GB 72 -41.12 99.47 -74.11
C THR GB 72 -42.13 99.03 -73.06
N VAL GB 73 -41.89 99.44 -71.82
CA VAL GB 73 -42.78 99.11 -70.71
C VAL GB 73 -43.16 100.37 -69.95
N ALA GB 74 -44.46 100.62 -69.76
CA ALA GB 74 -44.89 101.82 -69.05
C ALA GB 74 -45.93 101.41 -68.00
N ILE GB 75 -45.79 101.93 -66.78
CA ILE GB 75 -46.72 101.64 -65.72
C ILE GB 75 -47.37 102.97 -65.37
N ASP GB 76 -48.65 102.96 -65.05
CA ASP GB 76 -49.36 104.19 -64.70
C ASP GB 76 -49.30 104.46 -63.19
N GLY GB 77 -49.99 105.49 -62.70
CA GLY GB 77 -50.01 105.86 -61.29
C GLY GB 77 -51.01 105.20 -60.36
N GLY GB 78 -51.67 104.13 -60.79
CA GLY GB 78 -52.65 103.46 -59.94
C GLY GB 78 -54.03 104.07 -60.04
N GLU GB 79 -54.98 103.53 -59.27
CA GLU GB 79 -56.35 104.01 -59.28
C GLU GB 79 -56.48 105.49 -59.04
N ARG GB 80 -55.75 106.05 -58.09
CA ARG GB 80 -55.89 107.48 -57.80
C ARG GB 80 -54.85 108.38 -58.48
N THR GB 81 -53.99 107.79 -59.30
CA THR GB 81 -52.90 108.44 -60.07
C THR GB 81 -51.70 108.96 -59.24
N ASP GB 82 -51.58 108.58 -57.96
CA ASP GB 82 -50.44 109.00 -57.15
C ASP GB 82 -49.78 107.82 -56.39
N ARG GB 83 -49.96 106.62 -56.93
CA ARG GB 83 -49.39 105.38 -56.39
C ARG GB 83 -49.63 105.20 -54.89
N THR GB 84 -50.90 105.23 -54.49
CA THR GB 84 -51.28 105.03 -53.09
C THR GB 84 -52.23 103.85 -52.96
N LEU GB 85 -51.98 102.96 -52.02
CA LEU GB 85 -52.91 101.87 -51.84
C LEU GB 85 -54.00 102.40 -50.92
N LYS GB 86 -55.26 102.01 -51.15
CA LYS GB 86 -56.33 102.53 -50.32
C LYS GB 86 -56.95 101.43 -49.47
N ASN GB 87 -57.34 101.74 -48.24
CA ASN GB 87 -57.94 100.74 -47.43
C ASN GB 87 -59.30 100.43 -48.02
N THR GB 88 -59.68 99.16 -48.08
CA THR GB 88 -60.99 98.78 -48.60
C THR GB 88 -62.16 99.50 -47.90
N ALA GB 89 -62.09 99.70 -46.58
CA ALA GB 89 -63.20 100.35 -45.88
C ALA GB 89 -63.02 101.85 -45.54
N SER GB 90 -61.92 102.16 -44.87
CA SER GB 90 -61.59 103.54 -44.48
C SER GB 90 -60.91 104.30 -45.62
N ALA GB 91 -60.58 105.56 -45.40
CA ALA GB 91 -59.93 106.36 -46.45
C ALA GB 91 -58.41 106.50 -46.29
N ASP GB 92 -57.80 105.67 -45.45
CA ASP GB 92 -56.36 105.73 -45.25
C ASP GB 92 -55.62 105.35 -46.53
N VAL GB 93 -54.47 105.95 -46.77
CA VAL GB 93 -53.70 105.65 -47.98
C VAL GB 93 -52.28 105.22 -47.65
N VAL GB 94 -51.67 104.39 -48.50
CA VAL GB 94 -50.31 103.93 -48.28
C VAL GB 94 -49.48 104.19 -49.54
N ALA GB 95 -48.64 105.23 -49.53
CA ALA GB 95 -47.83 105.57 -50.70
C ALA GB 95 -46.78 104.49 -51.02
N TYR GB 96 -46.62 104.15 -52.30
CA TYR GB 96 -45.64 103.16 -52.73
C TYR GB 96 -45.07 103.56 -54.08
N ASN GB 97 -44.19 102.73 -54.65
CA ASN GB 97 -43.58 102.99 -55.95
C ASN GB 97 -43.09 101.67 -56.54
N VAL GB 98 -42.99 101.60 -57.85
CA VAL GB 98 -42.50 100.40 -58.51
C VAL GB 98 -41.17 100.72 -59.20
N TYR GB 99 -40.14 99.92 -58.95
CA TYR GB 99 -38.84 100.16 -59.59
C TYR GB 99 -38.57 99.02 -60.55
N ARG GB 100 -37.59 99.21 -61.43
CA ARG GB 100 -37.24 98.21 -62.43
C ARG GB 100 -36.05 97.33 -62.04
N ASP GB 101 -35.08 97.90 -61.35
CA ASP GB 101 -33.90 97.15 -60.96
C ASP GB 101 -34.01 96.65 -59.52
N ALA GB 102 -33.25 95.62 -59.20
CA ALA GB 102 -33.23 94.98 -57.87
C ALA GB 102 -32.83 95.87 -56.68
N ALA GB 103 -32.10 96.96 -56.94
CA ALA GB 103 -31.70 97.88 -55.89
C ALA GB 103 -32.64 99.10 -55.69
N ARG GB 104 -33.89 99.04 -56.17
CA ARG GB 104 -34.85 100.12 -55.98
C ARG GB 104 -34.36 101.50 -56.45
N THR GB 105 -33.54 101.53 -57.50
CA THR GB 105 -33.01 102.79 -58.04
C THR GB 105 -33.68 103.30 -59.32
N ASN GB 106 -33.79 102.45 -60.34
CA ASN GB 106 -34.38 102.81 -61.62
C ASN GB 106 -35.89 102.75 -61.48
N LEU GB 107 -36.50 103.88 -61.19
CA LEU GB 107 -37.95 103.97 -60.99
C LEU GB 107 -38.77 103.92 -62.28
N TYR GB 108 -39.90 103.22 -62.24
CA TYR GB 108 -40.77 103.20 -63.39
C TYR GB 108 -41.55 104.47 -63.27
N VAL GB 109 -41.05 105.56 -63.85
CA VAL GB 109 -41.72 106.85 -63.77
C VAL GB 109 -43.14 106.79 -64.34
N VAL GB 110 -44.08 107.50 -63.71
CA VAL GB 110 -45.47 107.50 -64.14
C VAL GB 110 -45.63 107.79 -65.64
N ASN GB 111 -46.41 106.96 -66.35
CA ASN GB 111 -46.64 107.12 -67.78
C ASN GB 111 -45.36 107.34 -68.59
N GLN GB 112 -44.36 106.50 -68.35
CA GLN GB 112 -43.11 106.61 -69.10
C GLN GB 112 -42.69 105.26 -69.67
N PRO GB 113 -42.21 105.26 -70.94
CA PRO GB 113 -41.81 104.00 -71.58
C PRO GB 113 -40.43 103.51 -71.18
N GLN GB 114 -40.28 102.83 -70.07
CA GLN GB 114 -38.97 102.33 -69.70
C GLN GB 114 -38.57 101.30 -70.79
N GLN GB 115 -37.52 101.57 -71.58
CA GLN GB 115 -37.04 100.70 -72.68
C GLN GB 115 -36.69 99.25 -72.24
N PHE GB 116 -36.77 98.33 -73.21
CA PHE GB 116 -36.45 96.92 -73.00
C PHE GB 116 -36.02 96.21 -74.30
N THR GB 117 -35.18 95.19 -74.19
CA THR GB 117 -34.73 94.44 -75.36
C THR GB 117 -35.29 93.03 -75.34
N THR GB 118 -35.36 92.41 -76.51
CA THR GB 118 -35.88 91.04 -76.61
C THR GB 118 -35.32 90.35 -77.86
N VAL GB 119 -34.76 89.16 -77.72
CA VAL GB 119 -34.21 88.45 -78.88
C VAL GB 119 -35.11 87.28 -79.27
N SER GB 120 -34.89 86.76 -80.47
CA SER GB 120 -35.69 85.64 -80.98
C SER GB 120 -35.46 84.37 -80.18
N GLY GB 121 -36.48 83.52 -80.06
CA GLY GB 121 -36.38 82.28 -79.33
C GLY GB 121 -36.00 82.45 -77.87
N GLN GB 122 -36.51 83.51 -77.25
CA GLN GB 122 -36.23 83.79 -75.84
C GLN GB 122 -37.33 84.66 -75.26
N ALA GB 123 -37.58 84.55 -73.96
CA ALA GB 123 -38.59 85.35 -73.30
C ALA GB 123 -37.86 86.25 -72.31
N THR GB 124 -38.09 87.56 -72.35
CA THR GB 124 -37.43 88.48 -71.43
C THR GB 124 -38.37 88.74 -70.26
N ALA GB 125 -37.85 88.80 -69.03
CA ALA GB 125 -38.68 89.04 -67.86
C ALA GB 125 -38.85 90.54 -67.60
N VAL GB 126 -40.02 90.93 -67.09
CA VAL GB 126 -40.28 92.33 -66.77
C VAL GB 126 -40.29 92.46 -65.25
N PRO GB 127 -39.15 92.89 -64.68
CA PRO GB 127 -39.12 92.99 -63.23
C PRO GB 127 -39.85 94.24 -62.76
N ILE GB 128 -40.94 94.05 -62.02
CA ILE GB 128 -41.65 95.18 -61.48
C ILE GB 128 -41.40 95.03 -59.98
N PHE GB 129 -40.39 95.73 -59.48
CA PHE GB 129 -40.04 95.61 -58.07
C PHE GB 129 -40.77 96.67 -57.26
N GLY GB 130 -41.59 96.25 -56.31
CA GLY GB 130 -42.31 97.19 -55.48
C GLY GB 130 -41.46 97.60 -54.30
N ALA GB 131 -41.78 98.75 -53.73
CA ALA GB 131 -41.07 99.28 -52.58
C ALA GB 131 -41.96 100.29 -51.84
N ILE GB 132 -42.02 100.18 -50.51
CA ILE GB 132 -42.79 101.09 -49.70
C ILE GB 132 -41.87 101.74 -48.63
N ALA GB 133 -42.01 103.06 -48.47
CA ALA GB 133 -41.18 103.80 -47.52
C ALA GB 133 -41.48 103.42 -46.08
N PRO GB 134 -40.49 103.59 -45.19
CA PRO GB 134 -40.72 103.24 -43.78
C PRO GB 134 -41.65 104.25 -43.13
N ASN GB 135 -42.81 103.79 -42.65
CA ASN GB 135 -43.77 104.65 -41.99
C ASN GB 135 -43.49 104.55 -40.50
N THR GB 136 -42.85 105.57 -39.93
CA THR GB 136 -42.56 105.58 -38.50
C THR GB 136 -43.20 106.80 -37.86
N GLY GB 137 -44.34 107.21 -38.42
CA GLY GB 137 -45.06 108.36 -37.92
C GLY GB 137 -46.43 108.01 -37.37
N THR GB 138 -47.40 107.83 -38.25
CA THR GB 138 -48.76 107.50 -37.84
C THR GB 138 -49.14 106.07 -38.22
N PRO GB 139 -49.78 105.33 -37.29
CA PRO GB 139 -50.17 103.95 -37.61
C PRO GB 139 -51.44 103.90 -38.46
N LYS GB 140 -51.34 103.42 -39.70
CA LYS GB 140 -52.50 103.34 -40.58
C LYS GB 140 -53.51 102.32 -40.03
N ALA GB 141 -54.80 102.57 -40.25
CA ALA GB 141 -55.84 101.67 -39.75
C ALA GB 141 -55.73 100.21 -40.23
N GLN GB 142 -56.22 99.28 -39.42
CA GLN GB 142 -56.18 97.86 -39.75
C GLN GB 142 -57.06 97.53 -40.95
N GLY GB 143 -56.72 96.45 -41.65
CA GLY GB 143 -57.49 96.06 -42.82
C GLY GB 143 -56.61 95.72 -44.02
N ASP GB 144 -57.21 95.70 -45.20
CA ASP GB 144 -56.48 95.38 -46.42
C ASP GB 144 -56.33 96.62 -47.32
N TYR GB 145 -55.11 96.93 -47.76
CA TYR GB 145 -54.90 98.08 -48.62
C TYR GB 145 -54.69 97.55 -50.03
N LYS GB 146 -55.32 98.17 -51.04
CA LYS GB 146 -55.19 97.71 -52.42
C LYS GB 146 -54.97 98.83 -53.44
N ASP GB 147 -54.56 98.43 -54.63
CA ASP GB 147 -54.36 99.31 -55.77
C ASP GB 147 -54.26 98.42 -57.00
N THR GB 148 -54.59 98.98 -58.16
CA THR GB 148 -54.53 98.24 -59.39
C THR GB 148 -53.69 99.03 -60.39
N LEU GB 149 -52.40 98.72 -60.49
CA LEU GB 149 -51.56 99.46 -61.42
C LEU GB 149 -51.82 98.88 -62.81
N LEU GB 150 -51.93 99.72 -63.82
CA LEU GB 150 -52.14 99.24 -65.17
C LEU GB 150 -50.77 99.25 -65.83
N VAL GB 151 -50.22 98.09 -66.18
CA VAL GB 151 -48.93 98.04 -66.84
C VAL GB 151 -49.25 98.06 -68.33
N THR GB 152 -48.52 98.90 -69.08
CA THR GB 152 -48.74 99.13 -70.49
C THR GB 152 -47.56 98.73 -71.36
N VAL GB 153 -47.55 97.50 -71.84
CA VAL GB 153 -46.47 97.04 -72.73
C VAL GB 153 -46.81 97.61 -74.11
N ASN GB 154 -46.04 98.58 -74.60
CA ASN GB 154 -46.36 99.17 -75.88
C ASN GB 154 -45.14 99.20 -76.76
N PHE GB 155 -45.39 99.38 -78.05
CA PHE GB 155 -44.35 99.32 -79.04
C PHE GB 155 -44.21 100.65 -79.76
N ALA HB 1 -49.91 97.33 -78.51
CA ALA HB 1 -50.30 97.92 -77.23
C ALA HB 1 -51.01 96.88 -76.36
N VAL HB 2 -50.24 96.24 -75.47
CA VAL HB 2 -50.81 95.25 -74.57
C VAL HB 2 -50.85 95.84 -73.15
N THR HB 3 -51.99 96.43 -72.79
CA THR HB 3 -52.18 97.01 -71.47
C THR HB 3 -52.75 95.94 -70.50
N GLY HB 4 -52.15 95.84 -69.32
CA GLY HB 4 -52.55 94.87 -68.34
C GLY HB 4 -52.62 95.35 -66.90
N GLN HB 5 -53.25 94.58 -66.00
CA GLN HB 5 -53.38 95.01 -64.60
C GLN HB 5 -52.46 94.28 -63.60
N VAL HB 6 -52.01 95.00 -62.56
CA VAL HB 6 -51.15 94.43 -61.54
C VAL HB 6 -51.78 94.80 -60.20
N ASP HB 7 -52.39 93.85 -59.51
CA ASP HB 7 -53.03 94.17 -58.26
C ASP HB 7 -51.98 94.34 -57.17
N VAL HB 8 -52.01 95.48 -56.47
CA VAL HB 8 -51.06 95.74 -55.40
C VAL HB 8 -51.79 95.51 -54.08
N LYS HB 9 -51.13 94.88 -53.11
CA LYS HB 9 -51.78 94.61 -51.85
C LYS HB 9 -50.85 94.75 -50.64
N LEU HB 10 -51.45 95.02 -49.48
CA LEU HB 10 -50.72 95.16 -48.22
C LEU HB 10 -51.75 94.93 -47.11
N ASN HB 11 -51.46 94.04 -46.17
CA ASN HB 11 -52.40 93.74 -45.10
C ASN HB 11 -51.86 94.33 -43.81
N ILE HB 12 -52.27 95.55 -43.49
CA ILE HB 12 -51.84 96.18 -42.27
C ILE HB 12 -52.70 95.63 -41.14
N SER HB 13 -52.11 94.81 -40.26
CA SER HB 13 -52.84 94.23 -39.13
C SER HB 13 -51.92 93.88 -37.92
N THR HB 14 -51.00 92.93 -38.10
CA THR HB 14 -50.08 92.49 -37.06
C THR HB 14 -48.91 91.77 -37.73
N GLY HB 15 -47.82 92.50 -38.00
CA GLY HB 15 -46.66 91.95 -38.67
C GLY HB 15 -45.36 91.80 -37.88
N CYS HB 16 -44.35 91.31 -38.60
CA CYS HB 16 -43.03 91.03 -38.06
C CYS HB 16 -41.99 91.95 -38.71
N THR HB 17 -41.01 92.43 -37.93
CA THR HB 17 -39.99 93.35 -38.45
C THR HB 17 -38.55 92.84 -38.32
N VAL HB 18 -37.67 93.25 -39.24
CA VAL HB 18 -36.29 92.79 -39.20
C VAL HB 18 -35.34 93.90 -38.69
N GLY HB 19 -34.63 93.66 -37.60
CA GLY HB 19 -33.71 94.66 -37.07
C GLY HB 19 -32.30 94.37 -37.54
N GLY HB 20 -31.40 95.35 -37.40
CA GLY HB 20 -30.02 95.20 -37.84
C GLY HB 20 -29.77 95.72 -39.25
N SER HB 21 -30.81 96.23 -39.89
CA SER HB 21 -30.68 96.73 -41.25
C SER HB 21 -30.65 98.26 -41.27
N GLN HB 22 -30.09 98.80 -42.34
CA GLN HB 22 -29.99 100.23 -42.55
C GLN HB 22 -30.63 100.45 -43.92
N THR HB 23 -31.41 101.52 -44.07
CA THR HB 23 -32.05 101.76 -45.34
C THR HB 23 -31.07 102.40 -46.34
N GLU HB 24 -30.54 101.62 -47.28
CA GLU HB 24 -29.67 102.16 -48.30
C GLU HB 24 -30.59 102.73 -49.38
N GLY HB 25 -30.86 104.03 -49.34
CA GLY HB 25 -31.76 104.61 -50.32
C GLY HB 25 -33.12 103.96 -50.08
N ASN HB 26 -33.66 103.22 -51.06
CA ASN HB 26 -34.96 102.58 -50.89
C ASN HB 26 -34.84 101.06 -50.82
N MET HB 27 -33.66 100.57 -50.44
CA MET HB 27 -33.43 99.13 -50.33
C MET HB 27 -32.76 98.80 -48.99
N ASN HB 28 -33.35 97.90 -48.20
CA ASN HB 28 -32.81 97.56 -46.89
C ASN HB 28 -31.41 96.92 -46.93
N LYS HB 29 -30.39 97.60 -46.41
CA LYS HB 29 -29.04 97.04 -46.36
C LYS HB 29 -28.98 96.16 -45.12
N PHE HB 30 -28.99 94.85 -45.29
CA PHE HB 30 -28.98 93.93 -44.15
C PHE HB 30 -27.61 93.74 -43.53
N GLY HB 31 -26.56 93.59 -44.34
CA GLY HB 31 -25.26 93.39 -43.73
C GLY HB 31 -24.14 93.10 -44.71
N THR HB 32 -23.04 92.55 -44.19
CA THR HB 32 -21.88 92.24 -45.01
C THR HB 32 -21.32 90.86 -44.66
N LEU HB 33 -20.93 90.10 -45.66
CA LEU HB 33 -20.34 88.78 -45.47
C LEU HB 33 -18.88 88.99 -45.87
N ASN HB 34 -18.06 89.38 -44.90
CA ASN HB 34 -16.68 89.73 -45.18
C ASN HB 34 -15.72 88.56 -44.92
N PHE HB 35 -15.27 87.90 -45.97
CA PHE HB 35 -14.34 86.78 -45.81
C PHE HB 35 -12.93 87.24 -45.45
N GLY HB 36 -12.63 88.50 -45.72
CA GLY HB 36 -11.35 89.08 -45.40
C GLY HB 36 -10.39 89.00 -46.57
N LYS HB 37 -9.10 89.12 -46.27
CA LYS HB 37 -8.06 89.06 -47.30
C LYS HB 37 -7.63 87.62 -47.52
N THR HB 38 -7.11 87.33 -48.71
CA THR HB 38 -6.67 85.98 -49.05
C THR HB 38 -5.70 85.98 -50.22
N SER HB 39 -4.93 84.90 -50.35
CA SER HB 39 -3.96 84.77 -51.43
C SER HB 39 -4.61 84.10 -52.59
N GLY HB 40 -3.90 84.03 -53.76
CA GLY HB 40 -4.43 83.44 -54.97
C GLY HB 40 -4.98 82.04 -54.75
N THR HB 41 -4.22 81.20 -54.05
CA THR HB 41 -4.63 79.83 -53.79
C THR HB 41 -4.70 79.55 -52.28
N TRP HB 42 -5.91 79.41 -51.72
CA TRP HB 42 -6.06 79.14 -50.29
C TRP HB 42 -6.39 77.66 -50.05
N ASN HB 43 -5.74 77.02 -49.09
CA ASN HB 43 -5.99 75.62 -48.80
C ASN HB 43 -7.08 75.43 -47.73
N ASN HB 44 -7.24 76.43 -46.88
CA ASN HB 44 -8.26 76.38 -45.84
C ASN HB 44 -9.58 76.99 -46.35
N VAL HB 45 -10.70 76.41 -45.93
CA VAL HB 45 -12.02 76.88 -46.31
C VAL HB 45 -12.19 78.30 -45.76
N LEU HB 46 -12.36 79.31 -46.62
CA LEU HB 46 -12.46 80.67 -46.06
C LEU HB 46 -13.86 80.82 -45.48
N THR HB 47 -13.98 81.31 -44.25
CA THR HB 47 -15.26 81.32 -43.57
C THR HB 47 -15.52 82.56 -42.72
N ALA HB 48 -16.63 83.28 -42.95
CA ALA HB 48 -16.97 84.46 -42.16
C ALA HB 48 -18.47 84.55 -41.99
N GLU HB 49 -18.89 85.29 -40.97
CA GLU HB 49 -20.31 85.45 -40.64
C GLU HB 49 -20.80 86.81 -41.09
N VAL HB 50 -22.10 86.92 -41.33
CA VAL HB 50 -22.69 88.18 -41.72
C VAL HB 50 -22.58 89.19 -40.59
N ALA HB 51 -22.29 90.45 -40.92
CA ALA HB 51 -22.19 91.50 -39.91
C ALA HB 51 -23.26 92.53 -40.28
N SER HB 52 -24.31 92.65 -39.47
CA SER HB 52 -25.40 93.61 -39.75
C SER HB 52 -24.86 95.03 -39.98
N ALA HB 53 -25.43 95.74 -40.97
CA ALA HB 53 -24.95 97.09 -41.26
C ALA HB 53 -25.31 98.12 -40.19
N ALA HB 54 -26.35 97.85 -39.40
CA ALA HB 54 -26.79 98.77 -38.36
C ALA HB 54 -26.00 98.67 -37.06
N THR HB 55 -25.81 97.45 -36.56
CA THR HB 55 -25.09 97.27 -35.30
C THR HB 55 -23.69 96.68 -35.42
N GLY HB 56 -23.49 95.77 -36.36
CA GLY HB 56 -22.20 95.13 -36.51
C GLY HB 56 -22.28 93.66 -36.15
N GLY HB 57 -23.30 93.29 -35.36
CA GLY HB 57 -23.52 91.92 -34.95
C GLY HB 57 -24.43 91.19 -35.92
N ASN HB 58 -25.16 90.18 -35.43
CA ASN HB 58 -26.04 89.40 -36.30
C ASN HB 58 -27.40 90.08 -36.51
N ILE HB 59 -28.01 89.84 -37.66
CA ILE HB 59 -29.32 90.42 -37.95
C ILE HB 59 -30.28 89.95 -36.86
N SER HB 60 -30.99 90.87 -36.20
CA SER HB 60 -31.89 90.48 -35.13
C SER HB 60 -33.34 90.68 -35.53
N VAL HB 61 -34.03 89.63 -35.94
CA VAL HB 61 -35.42 89.78 -36.34
C VAL HB 61 -36.33 89.65 -35.13
N THR HB 62 -37.24 90.60 -34.93
CA THR HB 62 -38.17 90.52 -33.81
C THR HB 62 -39.58 90.62 -34.41
N CYS HB 63 -40.56 89.97 -33.80
CA CYS HB 63 -41.91 90.09 -34.30
C CYS HB 63 -42.70 91.00 -33.38
N ASP HB 64 -43.78 91.58 -33.92
CA ASP HB 64 -44.60 92.49 -33.14
C ASP HB 64 -45.92 91.84 -32.71
N GLY HB 65 -45.94 91.23 -31.53
CA GLY HB 65 -47.14 90.59 -31.03
C GLY HB 65 -46.90 89.80 -29.75
N THR HB 66 -47.89 89.01 -29.35
CA THR HB 66 -47.80 88.18 -28.16
C THR HB 66 -47.67 86.68 -28.41
N ASP HB 67 -48.17 86.16 -29.53
CA ASP HB 67 -48.02 84.72 -29.75
C ASP HB 67 -46.75 84.46 -30.57
N PRO HB 68 -46.06 83.34 -30.30
CA PRO HB 68 -44.83 83.09 -31.07
C PRO HB 68 -45.12 82.91 -32.56
N VAL HB 69 -44.61 83.81 -33.41
CA VAL HB 69 -44.87 83.70 -34.84
C VAL HB 69 -43.77 82.88 -35.55
N ASP HB 70 -44.16 82.12 -36.57
CA ASP HB 70 -43.20 81.32 -37.32
C ASP HB 70 -42.92 82.05 -38.63
N PHE HB 71 -41.75 82.67 -38.74
CA PHE HB 71 -41.41 83.42 -39.95
C PHE HB 71 -40.33 82.68 -40.70
N THR HB 72 -40.27 82.92 -42.01
CA THR HB 72 -39.28 82.23 -42.82
C THR HB 72 -38.18 83.15 -43.35
N VAL HB 73 -37.05 82.54 -43.71
CA VAL HB 73 -35.92 83.27 -44.24
C VAL HB 73 -35.47 82.64 -45.56
N ALA HB 74 -35.35 83.45 -46.63
CA ALA HB 74 -34.93 82.92 -47.91
C ALA HB 74 -33.84 83.83 -48.49
N ILE HB 75 -32.76 83.23 -49.00
CA ILE HB 75 -31.67 83.99 -49.58
C ILE HB 75 -31.64 83.56 -51.03
N ASP HB 76 -31.35 84.50 -51.93
CA ASP HB 76 -31.31 84.20 -53.36
C ASP HB 76 -29.88 83.79 -53.79
N GLY HB 77 -29.65 83.58 -55.09
CA GLY HB 77 -28.36 83.18 -55.62
C GLY HB 77 -27.32 84.23 -55.95
N GLY HB 78 -27.51 85.47 -55.53
CA GLY HB 78 -26.55 86.53 -55.81
C GLY HB 78 -26.82 87.21 -57.15
N GLU HB 79 -25.95 88.15 -57.51
CA GLU HB 79 -26.09 88.89 -58.76
C GLU HB 79 -26.20 88.01 -59.98
N ARG HB 80 -25.38 86.97 -60.08
CA ARG HB 80 -25.41 86.12 -61.28
C ARG HB 80 -26.26 84.85 -61.16
N THR HB 81 -26.91 84.69 -60.00
CA THR HB 81 -27.78 83.55 -59.63
C THR HB 81 -27.08 82.19 -59.38
N ASP HB 82 -25.75 82.18 -59.24
CA ASP HB 82 -25.02 80.94 -58.95
C ASP HB 82 -24.02 81.10 -57.80
N ARG HB 83 -24.27 82.07 -56.93
CA ARG HB 83 -23.46 82.36 -55.75
C ARG HB 83 -21.96 82.45 -56.05
N THR HB 84 -21.60 83.35 -56.96
CA THR HB 84 -20.20 83.57 -57.31
C THR HB 84 -19.83 85.02 -57.09
N LEU HB 85 -18.71 85.29 -56.44
CA LEU HB 85 -18.31 86.67 -56.28
C LEU HB 85 -17.55 87.04 -57.54
N LYS HB 86 -17.70 88.26 -58.04
CA LYS HB 86 -17.03 88.63 -59.27
C LYS HB 86 -15.97 89.69 -59.02
N ASN HB 87 -14.85 89.62 -59.72
CA ASN HB 87 -13.84 90.61 -59.51
C ASN HB 87 -14.36 91.92 -60.07
N THR HB 88 -14.15 93.03 -59.38
CA THR HB 88 -14.59 94.32 -59.86
C THR HB 88 -14.10 94.66 -61.28
N ALA HB 89 -12.86 94.30 -61.62
CA ALA HB 89 -12.33 94.63 -62.95
C ALA HB 89 -12.32 93.49 -63.99
N SER HB 90 -11.72 92.37 -63.63
CA SER HB 90 -11.64 91.19 -64.49
C SER HB 90 -12.92 90.34 -64.40
N ALA HB 91 -12.98 89.25 -65.16
CA ALA HB 91 -14.17 88.39 -65.14
C ALA HB 91 -14.02 87.12 -64.28
N ASP HB 92 -13.00 87.09 -63.41
CA ASP HB 92 -12.79 85.92 -62.55
C ASP HB 92 -13.95 85.78 -61.55
N VAL HB 93 -14.30 84.55 -61.20
CA VAL HB 93 -15.41 84.33 -60.26
C VAL HB 93 -14.95 83.48 -59.07
N VAL HB 94 -15.60 83.66 -57.92
CA VAL HB 94 -15.25 82.90 -56.73
C VAL HB 94 -16.52 82.27 -56.16
N ALA HB 95 -16.73 80.98 -56.38
CA ALA HB 95 -17.93 80.30 -55.89
C ALA HB 95 -17.98 80.24 -54.34
N TYR HB 96 -19.15 80.51 -53.76
CA TYR HB 96 -19.33 80.46 -52.32
C TYR HB 96 -20.74 79.94 -52.00
N ASN HB 97 -21.09 79.88 -50.71
CA ASN HB 97 -22.41 79.44 -50.28
C ASN HB 97 -22.67 79.98 -48.88
N VAL HB 98 -23.94 80.12 -48.52
CA VAL HB 98 -24.31 80.61 -47.21
C VAL HB 98 -25.02 79.50 -46.45
N TYR HB 99 -24.59 79.18 -45.23
CA TYR HB 99 -25.24 78.14 -44.45
C TYR HB 99 -25.92 78.79 -43.26
N ARG HB 100 -26.81 78.04 -42.61
CA ARG HB 100 -27.55 78.55 -41.46
C ARG HB 100 -26.97 78.16 -40.11
N ASP HB 101 -26.40 76.96 -40.01
CA ASP HB 101 -25.83 76.50 -38.76
C ASP HB 101 -24.32 76.71 -38.73
N ALA HB 102 -23.76 76.75 -37.52
CA ALA HB 102 -22.32 76.97 -37.27
C ALA HB 102 -21.36 75.94 -37.88
N ALA HB 103 -21.83 74.72 -38.16
CA ALA HB 103 -21.01 73.68 -38.77
C ALA HB 103 -21.10 73.60 -40.31
N ARG HB 104 -21.58 74.64 -41.00
CA ARG HB 104 -21.65 74.66 -42.45
C ARG HB 104 -22.41 73.47 -43.07
N THR HB 105 -23.43 72.97 -42.36
CA THR HB 105 -24.22 71.83 -42.84
C THR HB 105 -25.59 72.18 -43.43
N ASN HB 106 -26.40 72.95 -42.69
CA ASN HB 106 -27.74 73.33 -43.12
C ASN HB 106 -27.62 74.50 -44.08
N LEU HB 107 -27.60 74.20 -45.36
CA LEU HB 107 -27.44 75.20 -46.40
C LEU HB 107 -28.69 76.03 -46.68
N TYR HB 108 -28.52 77.34 -46.90
CA TYR HB 108 -29.67 78.17 -47.26
C TYR HB 108 -29.83 77.92 -48.73
N VAL HB 109 -30.63 76.92 -49.09
CA VAL HB 109 -30.86 76.59 -50.49
C VAL HB 109 -31.43 77.78 -51.27
N VAL HB 110 -30.99 77.96 -52.51
CA VAL HB 110 -31.42 79.08 -53.36
C VAL HB 110 -32.95 79.22 -53.40
N ASN HB 111 -33.47 80.43 -53.17
CA ASN HB 111 -34.90 80.68 -53.20
C ASN HB 111 -35.73 79.69 -52.37
N GLN HB 112 -35.29 79.42 -51.14
CA GLN HB 112 -36.02 78.51 -50.28
C GLN HB 112 -36.27 79.13 -48.90
N PRO HB 113 -37.50 78.94 -48.36
CA PRO HB 113 -37.84 79.53 -47.06
C PRO HB 113 -37.32 78.75 -45.86
N GLN HB 114 -36.06 78.91 -45.47
CA GLN HB 114 -35.60 78.19 -44.31
C GLN HB 114 -36.41 78.70 -43.09
N GLN HB 115 -37.23 77.83 -42.47
CA GLN HB 115 -38.09 78.17 -41.31
C GLN HB 115 -37.34 78.77 -40.10
N PHE HB 116 -38.09 79.55 -39.30
CA PHE HB 116 -37.55 80.19 -38.10
C PHE HB 116 -38.65 80.48 -37.06
N THR HB 117 -38.30 80.49 -35.78
CA THR HB 117 -39.27 80.77 -34.73
C THR HB 117 -38.94 82.10 -34.05
N THR HB 118 -39.95 82.72 -33.43
CA THR HB 118 -39.75 83.99 -32.75
C THR HB 118 -40.81 84.18 -31.65
N VAL HB 119 -40.40 84.49 -30.42
CA VAL HB 119 -41.35 84.68 -29.34
C VAL HB 119 -41.49 86.16 -29.01
N SER HB 120 -42.55 86.50 -28.26
CA SER HB 120 -42.81 87.88 -27.86
C SER HB 120 -41.74 88.41 -26.92
N GLY HB 121 -41.46 89.72 -26.99
CA GLY HB 121 -40.45 90.34 -26.14
C GLY HB 121 -39.07 89.74 -26.28
N GLN HB 122 -38.70 89.37 -27.50
CA GLN HB 122 -37.40 88.80 -27.77
C GLN HB 122 -37.04 88.99 -29.24
N ALA HB 123 -35.76 89.08 -29.55
CA ALA HB 123 -35.30 89.25 -30.92
C ALA HB 123 -34.52 87.98 -31.29
N THR HB 124 -34.87 87.32 -32.39
CA THR HB 124 -34.16 86.11 -32.81
C THR HB 124 -33.09 86.51 -33.82
N ALA HB 125 -31.90 85.90 -33.74
CA ALA HB 125 -30.83 86.23 -34.67
C ALA HB 125 -30.91 85.36 -35.93
N VAL HB 126 -30.52 85.92 -37.07
CA VAL HB 126 -30.52 85.19 -38.32
C VAL HB 126 -29.07 84.91 -38.71
N PRO HB 127 -28.60 83.69 -38.37
CA PRO HB 127 -27.20 83.41 -38.69
C PRO HB 127 -27.03 83.12 -40.17
N ILE HB 128 -26.30 83.94 -40.88
CA ILE HB 128 -26.02 83.70 -42.28
C ILE HB 128 -24.53 83.41 -42.26
N PHE HB 129 -24.16 82.12 -42.22
CA PHE HB 129 -22.77 81.74 -42.15
C PHE HB 129 -22.22 81.51 -43.55
N GLY HB 130 -21.22 82.29 -43.95
CA GLY HB 130 -20.64 82.12 -45.26
C GLY HB 130 -19.56 81.05 -45.22
N ALA HB 131 -19.27 80.48 -46.38
CA ALA HB 131 -18.26 79.46 -46.51
C ALA HB 131 -17.77 79.38 -47.97
N ILE HB 132 -16.46 79.33 -48.16
CA ILE HB 132 -15.88 79.21 -49.48
C ILE HB 132 -14.97 77.96 -49.55
N ALA HB 133 -15.11 77.19 -50.64
CA ALA HB 133 -14.32 75.97 -50.81
C ALA HB 133 -12.84 76.26 -50.99
N PRO HB 134 -12.00 75.27 -50.62
CA PRO HB 134 -10.55 75.48 -50.77
C PRO HB 134 -10.15 75.45 -52.25
N ASN HB 135 -9.61 76.56 -52.74
CA ASN HB 135 -9.17 76.65 -54.12
C ASN HB 135 -7.69 76.31 -54.14
N THR HB 136 -7.35 75.09 -54.57
CA THR HB 136 -5.96 74.68 -54.63
C THR HB 136 -5.62 74.30 -56.07
N GLY HB 137 -6.27 74.97 -57.02
CA GLY HB 137 -6.05 74.71 -58.43
C GLY HB 137 -5.46 75.90 -59.17
N THR HB 138 -6.30 76.88 -59.50
CA THR HB 138 -5.83 78.05 -60.22
C THR HB 138 -5.89 79.31 -59.34
N PRO HB 139 -4.84 80.14 -59.39
CA PRO HB 139 -4.84 81.36 -58.57
C PRO HB 139 -5.69 82.47 -59.21
N LYS HB 140 -6.80 82.87 -58.57
CA LYS HB 140 -7.65 83.92 -59.11
C LYS HB 140 -6.90 85.25 -59.12
N ALA HB 141 -7.19 86.10 -60.10
CA ALA HB 141 -6.53 87.40 -60.21
C ALA HB 141 -6.66 88.31 -58.98
N GLN HB 142 -5.67 89.17 -58.76
CA GLN HB 142 -5.67 90.09 -57.63
C GLN HB 142 -6.78 91.13 -57.75
N GLY HB 143 -7.23 91.65 -56.61
CA GLY HB 143 -8.29 92.65 -56.60
C GLY HB 143 -9.37 92.35 -55.57
N ASP HB 144 -10.52 92.98 -55.73
CA ASP HB 144 -11.64 92.79 -54.80
C ASP HB 144 -12.78 92.00 -55.46
N TYR HB 145 -13.26 90.94 -54.81
CA TYR HB 145 -14.36 90.16 -55.36
C TYR HB 145 -15.62 90.54 -54.57
N LYS HB 146 -16.74 90.75 -55.27
CA LYS HB 146 -17.98 91.13 -54.59
C LYS HB 146 -19.21 90.38 -55.09
N ASP HB 147 -20.28 90.49 -54.31
CA ASP HB 147 -21.59 89.92 -54.64
C ASP HB 147 -22.59 90.58 -53.70
N THR HB 148 -23.85 90.62 -54.12
CA THR HB 148 -24.89 91.22 -53.30
C THR HB 148 -26.01 90.20 -53.16
N LEU HB 149 -26.03 89.44 -52.08
CA LEU HB 149 -27.09 88.47 -51.90
C LEU HB 149 -28.31 89.21 -51.39
N LEU HB 150 -29.49 88.89 -51.91
CA LEU HB 150 -30.70 89.54 -51.45
C LEU HB 150 -31.32 88.58 -50.45
N VAL HB 151 -31.39 88.95 -49.17
CA VAL HB 151 -32.00 88.09 -48.17
C VAL HB 151 -33.47 88.53 -48.13
N THR HB 152 -34.38 87.55 -48.14
CA THR HB 152 -35.81 87.74 -48.20
C THR HB 152 -36.54 87.23 -46.97
N VAL HB 153 -36.75 88.07 -45.96
CA VAL HB 153 -37.48 87.66 -44.79
C VAL HB 153 -38.96 87.74 -45.16
N ASN HB 154 -39.64 86.60 -45.29
CA ASN HB 154 -41.03 86.63 -45.71
C ASN HB 154 -41.87 85.80 -44.78
N PHE HB 155 -43.18 86.06 -44.83
CA PHE HB 155 -44.10 85.44 -43.93
C PHE HB 155 -45.11 84.58 -44.69
N ALA IB 1 -43.24 90.85 -46.19
CA ALA IB 1 -42.14 90.60 -47.11
C ALA IB 1 -41.05 91.68 -46.96
N VAL IB 2 -40.05 91.39 -46.15
CA VAL IB 2 -38.94 92.33 -45.96
C VAL IB 2 -37.69 91.80 -46.67
N THR IB 3 -37.49 92.24 -47.91
CA THR IB 3 -36.34 91.84 -48.71
C THR IB 3 -35.18 92.82 -48.46
N GLY IB 4 -33.98 92.28 -48.21
CA GLY IB 4 -32.82 93.07 -47.93
C GLY IB 4 -31.52 92.62 -48.58
N GLN IB 5 -30.49 93.47 -48.59
CA GLN IB 5 -29.23 93.11 -49.25
C GLN IB 5 -28.07 92.74 -48.29
N VAL IB 6 -27.21 91.81 -48.71
CA VAL IB 6 -26.07 91.39 -47.91
C VAL IB 6 -24.86 91.43 -48.83
N ASP IB 7 -23.98 92.43 -48.66
CA ASP IB 7 -22.85 92.54 -49.53
C ASP IB 7 -21.80 91.48 -49.17
N VAL IB 8 -21.38 90.68 -50.15
CA VAL IB 8 -20.38 89.65 -49.92
C VAL IB 8 -19.05 90.17 -50.47
N LYS IB 9 -17.96 89.94 -49.74
CA LYS IB 9 -16.67 90.45 -50.19
C LYS IB 9 -15.51 89.49 -49.91
N LEU IB 10 -14.45 89.63 -50.70
CA LEU IB 10 -13.24 88.82 -50.57
C LEU IB 10 -12.12 89.58 -51.26
N ASN IB 11 -11.00 89.82 -50.58
CA ASN IB 11 -9.91 90.57 -51.17
C ASN IB 11 -8.77 89.62 -51.48
N ILE IB 12 -8.75 89.10 -52.70
CA ILE IB 12 -7.69 88.21 -53.11
C ILE IB 12 -6.48 89.07 -53.46
N SER IB 13 -5.44 89.03 -52.62
CA SER IB 13 -4.21 89.80 -52.88
C SER IB 13 -2.94 89.17 -52.25
N THR IB 14 -2.89 89.10 -50.92
CA THR IB 14 -1.75 88.55 -50.17
C THR IB 14 -2.24 88.21 -48.76
N GLY IB 15 -2.64 86.95 -48.54
CA GLY IB 15 -3.16 86.51 -47.25
C GLY IB 15 -2.33 85.53 -46.43
N CYS IB 16 -2.91 85.17 -45.29
CA CYS IB 16 -2.29 84.27 -44.32
C CYS IB 16 -3.12 82.98 -44.21
N THR IB 17 -2.45 81.83 -44.05
CA THR IB 17 -3.14 80.54 -43.98
C THR IB 17 -2.88 79.76 -42.69
N VAL IB 18 -3.85 78.96 -42.23
CA VAL IB 18 -3.68 78.19 -41.00
C VAL IB 18 -3.42 76.70 -41.30
N GLY IB 19 -2.29 76.16 -40.86
CA GLY IB 19 -1.97 74.76 -41.08
C GLY IB 19 -2.35 73.94 -39.87
N GLY IB 20 -2.42 72.62 -40.03
CA GLY IB 20 -2.79 71.72 -38.93
C GLY IB 20 -4.28 71.39 -38.90
N SER IB 21 -5.04 71.94 -39.84
CA SER IB 21 -6.47 71.69 -39.88
C SER IB 21 -6.83 70.71 -40.98
N GLN IB 22 -7.98 70.08 -40.82
CA GLN IB 22 -8.51 69.12 -41.77
C GLN IB 22 -9.90 69.64 -42.12
N THR IB 23 -10.29 69.57 -43.37
CA THR IB 23 -11.60 70.07 -43.74
C THR IB 23 -12.70 69.05 -43.40
N GLU IB 24 -13.44 69.28 -42.32
CA GLU IB 24 -14.53 68.40 -41.96
C GLU IB 24 -15.72 68.89 -42.78
N GLY IB 25 -15.99 68.24 -43.92
CA GLY IB 25 -17.08 68.69 -44.76
C GLY IB 25 -16.73 70.11 -45.21
N ASN IB 26 -17.53 71.12 -44.85
CA ASN IB 26 -17.24 72.49 -45.26
C ASN IB 26 -16.83 73.36 -44.06
N MET IB 27 -16.33 72.73 -43.00
CA MET IB 27 -15.90 73.47 -41.80
C MET IB 27 -14.51 72.99 -41.38
N ASN IB 28 -13.55 73.90 -41.24
CA ASN IB 28 -12.19 73.54 -40.87
C ASN IB 28 -12.06 72.90 -39.47
N LYS IB 29 -11.69 71.61 -39.40
CA LYS IB 29 -11.50 70.95 -38.13
C LYS IB 29 -10.08 71.28 -37.65
N PHE IB 30 -9.96 72.17 -36.67
CA PHE IB 30 -8.64 72.59 -36.19
C PHE IB 30 -7.98 71.59 -35.27
N GLY IB 31 -8.72 71.01 -34.33
CA GLY IB 31 -8.06 70.06 -33.44
C GLY IB 31 -8.93 69.53 -32.32
N THR IB 32 -8.27 68.98 -31.29
CA THR IB 32 -8.98 68.41 -30.16
C THR IB 32 -8.31 68.82 -28.84
N LEU IB 33 -9.13 69.14 -27.83
CA LEU IB 33 -8.63 69.52 -26.52
C LEU IB 33 -9.04 68.33 -25.66
N ASN IB 34 -8.18 67.32 -25.58
CA ASN IB 34 -8.50 66.10 -24.88
C ASN IB 34 -7.98 66.08 -23.45
N PHE IB 35 -8.86 66.31 -22.46
CA PHE IB 35 -8.43 66.30 -21.07
C PHE IB 35 -8.16 64.89 -20.55
N GLY IB 36 -8.70 63.89 -21.24
CA GLY IB 36 -8.49 62.51 -20.88
C GLY IB 36 -9.60 62.00 -19.99
N LYS IB 37 -9.31 60.90 -19.29
CA LYS IB 37 -10.28 60.27 -18.38
C LYS IB 37 -10.17 60.91 -17.01
N THR IB 38 -11.26 60.86 -16.24
CA THR IB 38 -11.27 61.43 -14.89
C THR IB 38 -12.41 60.86 -14.05
N SER IB 39 -12.28 60.97 -12.73
CA SER IB 39 -13.29 60.48 -11.81
C SER IB 39 -14.29 61.54 -11.52
N GLY IB 40 -15.38 61.21 -10.81
CA GLY IB 40 -16.44 62.15 -10.50
C GLY IB 40 -15.93 63.43 -9.87
N THR IB 41 -15.05 63.30 -8.88
CA THR IB 41 -14.49 64.46 -8.19
C THR IB 41 -12.96 64.48 -8.30
N TRP IB 42 -12.41 65.41 -9.08
CA TRP IB 42 -10.96 65.50 -9.24
C TRP IB 42 -10.40 66.67 -8.42
N ASN IB 43 -9.31 66.46 -7.68
CA ASN IB 43 -8.71 67.52 -6.87
C ASN IB 43 -7.65 68.31 -7.63
N ASN IB 44 -7.04 67.68 -8.63
CA ASN IB 44 -6.04 68.35 -9.45
C ASN IB 44 -6.69 69.03 -10.66
N VAL IB 45 -6.17 70.19 -11.04
CA VAL IB 45 -6.66 70.94 -12.18
C VAL IB 45 -6.45 70.08 -13.44
N LEU IB 46 -7.51 69.68 -14.14
CA LEU IB 46 -7.28 68.82 -15.31
C LEU IB 46 -6.77 69.70 -16.43
N THR IB 47 -5.68 69.32 -17.09
CA THR IB 47 -5.04 70.19 -18.05
C THR IB 47 -4.49 69.48 -19.30
N ALA IB 48 -4.90 69.88 -20.50
CA ALA IB 48 -4.40 69.27 -21.73
C ALA IB 48 -4.27 70.34 -22.81
N GLU IB 49 -3.44 70.05 -23.82
CA GLU IB 49 -3.19 70.97 -24.92
C GLU IB 49 -3.93 70.54 -26.16
N VAL IB 50 -4.22 71.50 -27.04
CA VAL IB 50 -4.89 71.18 -28.29
C VAL IB 50 -4.01 70.30 -29.16
N ALA IB 51 -4.60 69.31 -29.83
CA ALA IB 51 -3.86 68.44 -30.73
C ALA IB 51 -4.46 68.65 -32.12
N SER IB 52 -3.71 69.25 -33.05
CA SER IB 52 -4.23 69.50 -34.40
C SER IB 52 -4.77 68.22 -35.05
N ALA IB 53 -5.89 68.32 -35.77
CA ALA IB 53 -6.47 67.14 -36.41
C ALA IB 53 -5.65 66.60 -37.58
N ALA IB 54 -4.85 67.45 -38.21
CA ALA IB 54 -4.06 67.07 -39.36
C ALA IB 54 -2.74 66.36 -39.00
N THR IB 55 -1.98 66.94 -38.08
CA THR IB 55 -0.69 66.34 -37.70
C THR IB 55 -0.66 65.66 -36.33
N GLY IB 56 -1.37 66.22 -35.35
CA GLY IB 56 -1.35 65.67 -34.01
C GLY IB 56 -0.66 66.64 -33.05
N GLY IB 57 0.16 67.54 -33.59
CA GLY IB 57 0.86 68.52 -32.80
C GLY IB 57 0.06 69.81 -32.68
N ASN IB 58 0.75 70.93 -32.49
CA ASN IB 58 0.06 72.22 -32.35
C ASN IB 58 -0.31 72.84 -33.69
N ILE IB 59 -1.39 73.62 -33.72
CA ILE IB 59 -1.82 74.27 -34.94
C ILE IB 59 -0.67 75.15 -35.42
N SER IB 60 -0.24 75.00 -36.67
CA SER IB 60 0.87 75.80 -37.16
C SER IB 60 0.41 76.82 -38.19
N VAL IB 61 0.24 78.08 -37.80
CA VAL IB 61 -0.22 79.08 -38.73
C VAL IB 61 0.98 79.70 -39.46
N THR IB 62 0.95 79.75 -40.78
CA THR IB 62 2.03 80.36 -41.54
C THR IB 62 1.41 81.44 -42.41
N CYS IB 63 2.14 82.52 -42.69
CA CYS IB 63 1.57 83.58 -43.53
C CYS IB 63 2.24 83.55 -44.90
N ASP IB 64 1.46 83.64 -45.97
CA ASP IB 64 2.00 83.63 -47.33
C ASP IB 64 2.50 85.02 -47.71
N GLY IB 65 3.66 85.39 -47.17
CA GLY IB 65 4.25 86.70 -47.44
C GLY IB 65 5.72 86.71 -47.05
N THR IB 66 6.39 87.82 -47.32
CA THR IB 66 7.81 87.95 -47.01
C THR IB 66 8.04 88.77 -45.74
N ASP IB 67 7.40 89.93 -45.67
CA ASP IB 67 7.52 90.82 -44.52
C ASP IB 67 6.71 90.25 -43.36
N PRO IB 68 7.07 90.60 -42.12
CA PRO IB 68 6.30 90.03 -41.01
C PRO IB 68 4.83 90.47 -41.02
N VAL IB 69 3.92 89.58 -40.67
CA VAL IB 69 2.49 89.89 -40.66
C VAL IB 69 1.96 89.71 -39.24
N ASP IB 70 1.12 90.63 -38.77
CA ASP IB 70 0.59 90.52 -37.41
C ASP IB 70 -0.84 90.00 -37.53
N PHE IB 71 -1.07 88.73 -37.21
CA PHE IB 71 -2.40 88.15 -37.32
C PHE IB 71 -2.97 87.92 -35.93
N THR IB 72 -4.29 87.89 -35.84
CA THR IB 72 -4.91 87.69 -34.54
C THR IB 72 -5.61 86.34 -34.40
N VAL IB 73 -5.81 85.93 -33.15
CA VAL IB 73 -6.47 84.67 -32.85
C VAL IB 73 -7.61 84.91 -31.86
N ALA IB 74 -8.82 84.45 -32.19
CA ALA IB 74 -9.96 84.64 -31.29
C ALA IB 74 -10.70 83.31 -31.15
N ILE IB 75 -11.04 82.94 -29.91
CA ILE IB 75 -11.76 81.72 -29.65
C ILE IB 75 -13.09 82.15 -29.07
N ASP IB 76 -14.16 81.45 -29.40
CA ASP IB 76 -15.49 81.80 -28.90
C ASP IB 76 -15.79 81.04 -27.58
N GLY IB 77 -17.01 81.17 -27.05
CA GLY IB 77 -17.42 80.53 -25.81
C GLY IB 77 -17.97 79.10 -25.85
N GLY IB 78 -17.82 78.40 -26.96
CA GLY IB 78 -18.32 77.04 -27.07
C GLY IB 78 -19.78 76.98 -27.49
N GLU IB 79 -20.33 75.78 -27.57
CA GLU IB 79 -21.71 75.57 -27.97
C GLU IB 79 -22.71 76.38 -27.17
N ARG IB 80 -22.56 76.44 -25.86
CA ARG IB 80 -23.54 77.16 -25.05
C ARG IB 80 -23.15 78.60 -24.68
N THR IB 81 -22.00 79.05 -25.21
CA THR IB 81 -21.40 80.38 -24.99
C THR IB 81 -20.83 80.69 -23.58
N ASP IB 82 -20.69 79.67 -22.72
CA ASP IB 82 -20.11 79.87 -21.39
C ASP IB 82 -19.00 78.85 -21.06
N ARG IB 83 -18.38 78.32 -22.10
CA ARG IB 83 -17.28 77.36 -21.99
C ARG IB 83 -17.56 76.20 -21.03
N THR IB 84 -18.65 75.48 -21.29
CA THR IB 84 -19.02 74.32 -20.47
C THR IB 84 -19.12 73.08 -21.35
N LEU IB 85 -18.53 71.97 -20.92
CA LEU IB 85 -18.67 70.76 -21.70
C LEU IB 85 -19.97 70.13 -21.25
N LYS IB 86 -20.73 69.54 -22.15
CA LYS IB 86 -22.00 68.94 -21.78
C LYS IB 86 -21.97 67.43 -21.91
N ASN IB 87 -22.63 66.71 -21.00
CA ASN IB 87 -22.63 65.29 -21.11
C ASN IB 87 -23.48 64.94 -22.31
N THR IB 88 -23.04 63.97 -23.11
CA THR IB 88 -23.81 63.54 -24.27
C THR IB 88 -25.25 63.13 -23.94
N ALA IB 89 -25.48 62.47 -22.80
CA ALA IB 89 -26.86 62.04 -22.46
C ALA IB 89 -27.61 62.90 -21.44
N SER IB 90 -26.99 63.12 -20.28
CA SER IB 90 -27.57 63.93 -19.21
C SER IB 90 -27.32 65.42 -19.43
N ALA IB 91 -27.81 66.28 -18.53
CA ALA IB 91 -27.61 67.71 -18.68
C ALA IB 91 -26.49 68.29 -17.81
N ASP IB 92 -25.63 67.45 -17.27
CA ASP IB 92 -24.53 67.90 -16.43
C ASP IB 92 -23.55 68.73 -17.26
N VAL IB 93 -22.93 69.75 -16.65
CA VAL IB 93 -21.99 70.59 -17.37
C VAL IB 93 -20.63 70.64 -16.67
N VAL IB 94 -19.56 70.86 -17.43
CA VAL IB 94 -18.22 70.93 -16.85
C VAL IB 94 -17.54 72.21 -17.33
N ALA IB 95 -17.48 73.24 -16.46
CA ALA IB 95 -16.87 74.50 -16.84
C ALA IB 95 -15.35 74.38 -17.11
N TYR IB 96 -14.86 75.01 -18.17
CA TYR IB 96 -13.44 74.99 -18.51
C TYR IB 96 -13.04 76.34 -19.10
N ASN IB 97 -11.78 76.47 -19.52
CA ASN IB 97 -11.27 77.70 -20.13
C ASN IB 97 -10.04 77.37 -20.96
N VAL IB 98 -9.75 78.18 -21.95
CA VAL IB 98 -8.57 77.97 -22.79
C VAL IB 98 -7.60 79.13 -22.58
N TYR IB 99 -6.33 78.84 -22.28
CA TYR IB 99 -5.35 79.90 -22.07
C TYR IB 99 -4.34 79.84 -23.21
N ARG IB 100 -3.55 80.90 -23.36
CA ARG IB 100 -2.57 80.98 -24.42
C ARG IB 100 -1.15 80.61 -24.00
N ASP IB 101 -0.79 80.93 -22.76
CA ASP IB 101 0.55 80.62 -22.27
C ASP IB 101 0.56 79.34 -21.44
N ALA IB 102 1.74 78.74 -21.32
CA ALA IB 102 1.95 77.48 -20.59
C ALA IB 102 1.60 77.49 -19.10
N ALA IB 103 1.59 78.66 -18.46
CA ALA IB 103 1.24 78.78 -17.05
C ALA IB 103 -0.23 79.12 -16.77
N ARG IB 104 -1.14 78.90 -17.73
CA ARG IB 104 -2.58 79.14 -17.53
C ARG IB 104 -2.92 80.56 -17.04
N THR IB 105 -2.14 81.56 -17.46
CA THR IB 105 -2.37 82.95 -17.05
C THR IB 105 -3.03 83.84 -18.10
N ASN IB 106 -2.50 83.85 -19.33
CA ASN IB 106 -3.03 84.68 -20.40
C ASN IB 106 -4.21 83.98 -21.02
N LEU IB 107 -5.40 84.32 -20.54
CA LEU IB 107 -6.64 83.70 -20.99
C LEU IB 107 -7.12 84.16 -22.38
N TYR IB 108 -7.63 83.23 -23.19
CA TYR IB 108 -8.17 83.61 -24.48
C TYR IB 108 -9.55 84.09 -24.15
N VAL IB 109 -9.69 85.38 -23.86
CA VAL IB 109 -10.99 85.95 -23.52
C VAL IB 109 -12.03 85.72 -24.63
N VAL IB 110 -13.27 85.43 -24.25
CA VAL IB 110 -14.36 85.17 -25.20
C VAL IB 110 -14.45 86.25 -26.29
N ASN IB 111 -14.51 85.83 -27.56
CA ASN IB 111 -14.60 86.76 -28.68
C ASN IB 111 -13.60 87.90 -28.64
N GLN IB 112 -12.33 87.58 -28.38
CA GLN IB 112 -11.29 88.61 -28.34
C GLN IB 112 -10.09 88.21 -29.21
N PRO IB 113 -9.55 89.19 -29.96
CA PRO IB 113 -8.42 88.89 -30.84
C PRO IB 113 -7.07 88.85 -30.15
N GLN IB 114 -6.70 87.74 -29.53
CA GLN IB 114 -5.40 87.69 -28.89
C GLN IB 114 -4.35 87.82 -30.02
N GLN IB 115 -3.56 88.91 -30.03
CA GLN IB 115 -2.52 89.20 -31.05
C GLN IB 115 -1.46 88.07 -31.22
N PHE IB 116 -0.87 88.03 -32.43
CA PHE IB 116 0.18 87.06 -32.76
C PHE IB 116 1.10 87.57 -33.88
N THR IB 117 2.36 87.13 -33.88
CA THR IB 117 3.31 87.55 -34.91
C THR IB 117 3.67 86.35 -35.76
N THR IB 118 4.09 86.62 -36.98
CA THR IB 118 4.50 85.56 -37.88
C THR IB 118 5.62 86.22 -38.70
N VAL IB 119 6.67 85.46 -38.97
CA VAL IB 119 7.85 85.96 -39.63
C VAL IB 119 8.24 85.23 -40.92
N SER IB 120 9.28 85.75 -41.59
CA SER IB 120 9.73 85.22 -42.87
C SER IB 120 9.98 83.70 -42.88
N GLY IB 121 9.38 83.00 -43.85
CA GLY IB 121 9.58 81.58 -44.03
C GLY IB 121 9.39 80.75 -42.79
N GLN IB 122 8.37 81.03 -41.99
CA GLN IB 122 8.19 80.24 -40.78
C GLN IB 122 6.72 79.99 -40.42
N ALA IB 123 6.46 78.90 -39.71
CA ALA IB 123 5.11 78.60 -39.26
C ALA IB 123 5.09 78.85 -37.75
N THR IB 124 4.19 79.71 -37.27
CA THR IB 124 4.07 80.00 -35.85
C THR IB 124 3.01 79.07 -35.25
N ALA IB 125 3.24 78.55 -34.05
CA ALA IB 125 2.28 77.65 -33.43
C ALA IB 125 1.25 78.43 -32.62
N VAL IB 126 0.02 77.93 -32.57
CA VAL IB 126 -1.05 78.57 -31.81
C VAL IB 126 -1.33 77.70 -30.58
N PRO IB 127 -0.73 78.07 -29.44
CA PRO IB 127 -0.95 77.25 -28.26
C PRO IB 127 -2.32 77.50 -27.67
N ILE IB 128 -3.19 76.50 -27.67
CA ILE IB 128 -4.48 76.64 -27.06
C ILE IB 128 -4.39 75.70 -25.88
N PHE IB 129 -4.05 76.23 -24.71
CA PHE IB 129 -3.87 75.41 -23.52
C PHE IB 129 -5.18 75.34 -22.75
N GLY IB 130 -5.73 74.13 -22.59
CA GLY IB 130 -6.96 73.98 -21.85
C GLY IB 130 -6.66 73.84 -20.37
N ALA IB 131 -7.65 74.13 -19.55
CA ALA IB 131 -7.54 74.04 -18.11
C ALA IB 131 -8.93 73.91 -17.48
N ILE IB 132 -9.08 72.98 -16.54
CA ILE IB 132 -10.34 72.79 -15.84
C ILE IB 132 -10.13 72.91 -14.32
N ALA IB 133 -11.01 73.65 -13.65
CA ALA IB 133 -10.89 73.86 -12.21
C ALA IB 133 -11.10 72.58 -11.41
N PRO IB 134 -10.51 72.52 -10.21
CA PRO IB 134 -10.68 71.32 -9.39
C PRO IB 134 -12.10 71.23 -8.86
N ASN IB 135 -12.83 70.17 -9.22
CA ASN IB 135 -14.17 69.97 -8.75
C ASN IB 135 -14.10 69.07 -7.53
N THR IB 136 -14.25 69.65 -6.34
CA THR IB 136 -14.20 68.86 -5.11
C THR IB 136 -15.50 69.04 -4.35
N GLY IB 137 -16.58 69.23 -5.11
CA GLY IB 137 -17.90 69.42 -4.52
C GLY IB 137 -18.87 68.31 -4.87
N THR IB 138 -19.43 68.37 -6.07
CA THR IB 138 -20.39 67.36 -6.51
C THR IB 138 -19.82 66.49 -7.62
N PRO IB 139 -20.02 65.15 -7.54
CA PRO IB 139 -19.50 64.28 -8.59
C PRO IB 139 -20.37 64.29 -9.85
N LYS IB 140 -19.87 64.79 -10.97
CA LYS IB 140 -20.64 64.84 -12.21
C LYS IB 140 -20.93 63.42 -12.70
N ALA IB 141 -22.09 63.22 -13.34
CA ALA IB 141 -22.48 61.90 -13.83
C ALA IB 141 -21.48 61.26 -14.82
N GLN IB 142 -21.44 59.93 -14.85
CA GLN IB 142 -20.54 59.19 -15.74
C GLN IB 142 -20.91 59.39 -17.21
N GLY IB 143 -19.92 59.23 -18.08
CA GLY IB 143 -20.15 59.41 -19.51
C GLY IB 143 -19.10 60.28 -20.17
N ASP IB 144 -19.41 60.76 -21.37
CA ASP IB 144 -18.48 61.61 -22.12
C ASP IB 144 -18.97 63.07 -22.17
N TYR IB 145 -18.11 64.02 -21.82
CA TYR IB 145 -18.49 65.43 -21.86
C TYR IB 145 -17.83 66.03 -23.09
N LYS IB 146 -18.56 66.84 -23.86
CA LYS IB 146 -18.01 67.44 -25.07
C LYS IB 146 -18.36 68.93 -25.23
N ASP IB 147 -17.65 69.57 -26.16
CA ASP IB 147 -17.85 70.96 -26.54
C ASP IB 147 -17.10 71.17 -27.84
N THR IB 148 -17.54 72.14 -28.62
CA THR IB 148 -16.89 72.45 -29.88
C THR IB 148 -16.55 73.93 -29.90
N LEU IB 149 -15.32 74.28 -29.54
CA LEU IB 149 -14.96 75.68 -29.54
C LEU IB 149 -14.64 76.06 -30.98
N LEU IB 150 -15.09 77.23 -31.42
CA LEU IB 150 -14.81 77.68 -32.77
C LEU IB 150 -13.62 78.62 -32.65
N VAL IB 151 -12.47 78.27 -33.20
CA VAL IB 151 -11.30 79.15 -33.15
C VAL IB 151 -11.39 79.97 -34.42
N THR IB 152 -11.20 81.29 -34.30
CA THR IB 152 -11.32 82.26 -35.37
C THR IB 152 -10.02 82.98 -35.68
N VAL IB 153 -9.23 82.46 -36.62
CA VAL IB 153 -8.00 83.12 -37.01
C VAL IB 153 -8.41 84.24 -37.97
N ASN IB 154 -8.30 85.51 -37.55
CA ASN IB 154 -8.73 86.59 -38.40
C ASN IB 154 -7.66 87.64 -38.52
N PHE IB 155 -7.79 88.46 -39.54
CA PHE IB 155 -6.79 89.45 -39.85
C PHE IB 155 -7.36 90.86 -39.74
N ALA JB 1 -10.19 85.64 -42.87
CA ALA JB 1 -11.00 85.08 -41.80
C ALA JB 1 -11.09 83.55 -41.91
N VAL JB 2 -10.21 82.86 -41.19
CA VAL JB 2 -10.21 81.41 -41.20
C VAL JB 2 -10.77 80.89 -39.86
N THR JB 3 -12.08 80.63 -39.83
CA THR JB 3 -12.74 80.11 -38.64
C THR JB 3 -12.69 78.57 -38.65
N GLY JB 4 -12.31 77.99 -37.51
CA GLY JB 4 -12.20 76.55 -37.38
C GLY JB 4 -12.72 75.94 -36.10
N GLN JB 5 -12.90 74.62 -36.04
CA GLN JB 5 -13.43 73.98 -34.83
C GLN JB 5 -12.39 73.21 -33.98
N VAL JB 6 -12.58 73.21 -32.66
CA VAL JB 6 -11.69 72.52 -31.74
C VAL JB 6 -12.59 71.69 -30.82
N ASP JB 7 -12.62 70.37 -31.01
CA ASP JB 7 -13.48 69.56 -30.19
C ASP JB 7 -12.87 69.40 -28.80
N VAL JB 8 -13.64 69.72 -27.77
CA VAL JB 8 -13.18 69.58 -26.39
C VAL JB 8 -13.80 68.32 -25.81
N LYS JB 9 -13.03 67.54 -25.06
CA LYS JB 9 -13.55 66.31 -24.51
C LYS JB 9 -13.05 65.99 -23.10
N LEU JB 10 -13.82 65.21 -22.36
CA LEU JB 10 -13.49 64.80 -21.01
C LEU JB 10 -14.33 63.56 -20.71
N ASN JB 11 -13.70 62.47 -20.28
CA ASN JB 11 -14.42 61.23 -20.01
C ASN JB 11 -14.50 61.03 -18.51
N ILE JB 12 -15.57 61.50 -17.91
CA ILE JB 12 -15.75 61.32 -16.47
C ILE JB 12 -16.27 59.91 -16.25
N SER JB 13 -15.42 59.02 -15.70
CA SER JB 13 -15.82 57.63 -15.41
C SER JB 13 -15.05 57.00 -14.23
N THR JB 14 -13.73 56.82 -14.39
CA THR JB 14 -12.87 56.22 -13.38
C THR JB 14 -11.42 56.61 -13.69
N GLY JB 15 -10.94 57.70 -13.07
CA GLY JB 15 -9.59 58.20 -13.31
C GLY JB 15 -8.56 58.08 -12.20
N CYS JB 16 -7.37 58.60 -12.50
CA CYS JB 16 -6.22 58.58 -11.63
C CYS JB 16 -5.83 60.00 -11.23
N THR JB 17 -5.42 60.22 -9.98
CA THR JB 17 -5.06 61.56 -9.49
C THR JB 17 -3.62 61.69 -8.98
N VAL JB 18 -3.03 62.87 -9.10
CA VAL JB 18 -1.66 63.07 -8.65
C VAL JB 18 -1.61 63.87 -7.34
N GLY JB 19 -1.03 63.30 -6.28
CA GLY JB 19 -0.93 63.99 -5.01
C GLY JB 19 0.43 64.64 -4.86
N GLY JB 20 0.57 65.55 -3.91
CA GLY JB 20 1.82 66.27 -3.68
C GLY JB 20 1.91 67.60 -4.41
N SER JB 21 0.85 67.95 -5.15
CA SER JB 21 0.85 69.19 -5.89
C SER JB 21 -0.02 70.25 -5.20
N GLN JB 22 0.26 71.50 -5.52
CA GLN JB 22 -0.46 72.63 -4.99
C GLN JB 22 -0.93 73.40 -6.22
N THR JB 23 -2.14 73.91 -6.19
CA THR JB 23 -2.65 74.64 -7.35
C THR JB 23 -2.09 76.07 -7.39
N GLU JB 24 -1.10 76.33 -8.23
CA GLU JB 24 -0.57 77.68 -8.36
C GLU JB 24 -1.51 78.39 -9.35
N GLY JB 25 -2.48 79.14 -8.85
CA GLY JB 25 -3.42 79.79 -9.73
C GLY JB 25 -4.17 78.69 -10.47
N ASN JB 26 -4.05 78.60 -11.80
CA ASN JB 26 -4.74 77.55 -12.55
C ASN JB 26 -3.78 76.53 -13.13
N MET JB 27 -2.59 76.41 -12.54
CA MET JB 27 -1.58 75.46 -13.01
C MET JB 27 -1.04 74.65 -11.83
N ASN JB 28 -1.09 73.33 -11.90
CA ASN JB 28 -0.63 72.47 -10.80
C ASN JB 28 0.88 72.60 -10.49
N LYS JB 29 1.24 73.13 -9.34
CA LYS JB 29 2.65 73.24 -8.94
C LYS JB 29 3.05 71.89 -8.36
N PHE JB 30 3.82 71.10 -9.10
CA PHE JB 30 4.20 69.78 -8.64
C PHE JB 30 5.34 69.78 -7.63
N GLY JB 31 6.38 70.60 -7.85
CA GLY JB 31 7.47 70.59 -6.89
C GLY JB 31 8.66 71.43 -7.26
N THR JB 32 9.79 71.15 -6.62
CA THR JB 32 11.01 71.90 -6.86
C THR JB 32 12.21 70.95 -6.97
N LEU JB 33 13.11 71.23 -7.91
CA LEU JB 33 14.32 70.44 -8.10
C LEU JB 33 15.41 71.40 -7.66
N ASN JB 34 15.73 71.38 -6.37
CA ASN JB 34 16.68 72.31 -5.80
C ASN JB 34 18.09 71.73 -5.69
N PHE JB 35 18.98 72.12 -6.61
CA PHE JB 35 20.35 71.62 -6.58
C PHE JB 35 21.17 72.24 -5.45
N GLY JB 36 20.71 73.38 -4.95
CA GLY JB 36 21.38 74.07 -3.86
C GLY JB 36 22.34 75.11 -4.36
N LYS JB 37 23.27 75.51 -3.50
CA LYS JB 37 24.27 76.51 -3.84
C LYS JB 37 25.49 75.84 -4.48
N THR JB 38 26.23 76.60 -5.29
CA THR JB 38 27.41 76.06 -5.96
C THR JB 38 28.34 77.18 -6.42
N SER JB 39 29.60 76.83 -6.66
CA SER JB 39 30.60 77.79 -7.13
C SER JB 39 30.61 77.82 -8.62
N GLY JB 40 31.37 78.77 -9.21
CA GLY JB 40 31.45 78.93 -10.65
C GLY JB 40 31.79 77.65 -11.37
N THR JB 41 32.79 76.92 -10.87
CA THR JB 41 33.22 75.67 -11.49
C THR JB 41 33.13 74.52 -10.49
N TRP JB 42 32.18 73.60 -10.67
CA TRP JB 42 32.02 72.46 -9.76
C TRP JB 42 32.57 71.19 -10.41
N ASN JB 43 33.35 70.40 -9.66
CA ASN JB 43 33.91 69.16 -10.20
C ASN JB 43 33.01 67.95 -9.96
N ASN JB 44 32.19 68.02 -8.91
CA ASN JB 44 31.26 66.95 -8.60
C ASN JB 44 29.93 67.17 -9.32
N VAL JB 45 29.30 66.08 -9.76
CA VAL JB 45 28.00 66.13 -10.43
C VAL JB 45 26.98 66.68 -9.44
N LEU JB 46 26.37 67.84 -9.71
CA LEU JB 46 25.42 68.37 -8.70
C LEU JB 46 24.14 67.57 -8.83
N THR JB 47 23.60 67.08 -7.71
CA THR JB 47 22.48 66.16 -7.76
C THR JB 47 21.44 66.37 -6.67
N ALA JB 48 20.16 66.57 -7.01
CA ALA JB 48 19.10 66.75 -6.01
C ALA JB 48 17.82 66.12 -6.53
N GLU JB 49 16.92 65.82 -5.60
CA GLU JB 49 15.65 65.17 -5.91
C GLU JB 49 14.51 66.18 -5.85
N VAL JB 50 13.44 65.91 -6.58
CA VAL JB 50 12.29 66.78 -6.57
C VAL JB 50 11.64 66.79 -5.19
N ALA JB 51 11.19 67.96 -4.73
CA ALA JB 51 10.53 68.08 -3.45
C ALA JB 51 9.12 68.59 -3.73
N SER JB 52 8.09 67.76 -3.52
CA SER JB 52 6.71 68.16 -3.80
C SER JB 52 6.35 69.47 -3.09
N ALA JB 53 5.61 70.36 -3.77
CA ALA JB 53 5.25 71.64 -3.16
C ALA JB 53 4.23 71.53 -2.02
N ALA JB 54 3.45 70.45 -2.02
CA ALA JB 54 2.42 70.25 -1.00
C ALA JB 54 2.95 69.66 0.31
N THR JB 55 3.74 68.60 0.22
CA THR JB 55 4.26 67.96 1.43
C THR JB 55 5.75 68.18 1.70
N GLY JB 56 6.57 68.23 0.65
CA GLY JB 56 8.00 68.38 0.82
C GLY JB 56 8.72 67.12 0.39
N GLY JB 57 8.01 66.00 0.37
CA GLY JB 57 8.58 64.72 -0.04
C GLY JB 57 8.40 64.49 -1.54
N ASN JB 58 8.33 63.23 -1.95
CA ASN JB 58 8.18 62.90 -3.36
C ASN JB 58 6.72 62.97 -3.82
N ILE JB 59 6.51 63.30 -5.10
CA ILE JB 59 5.16 63.37 -5.64
C ILE JB 59 4.52 61.99 -5.46
N SER JB 60 3.34 61.94 -4.84
CA SER JB 60 2.70 60.64 -4.61
C SER JB 60 1.46 60.48 -5.48
N VAL JB 61 1.57 59.75 -6.58
CA VAL JB 61 0.42 59.58 -7.45
C VAL JB 61 -0.40 58.37 -6.99
N THR JB 62 -1.71 58.54 -6.82
CA THR JB 62 -2.56 57.44 -6.42
C THR JB 62 -3.68 57.34 -7.47
N CYS JB 63 -4.16 56.13 -7.72
CA CYS JB 63 -5.25 56.01 -8.68
C CYS JB 63 -6.54 55.74 -7.91
N ASP JB 64 -7.67 56.06 -8.54
CA ASP JB 64 -8.96 55.86 -7.89
C ASP JB 64 -9.70 54.65 -8.46
N GLY JB 65 -9.52 53.49 -7.84
CA GLY JB 65 -10.18 52.27 -8.30
C GLY JB 65 -9.69 51.04 -7.57
N THR JB 66 -10.09 49.86 -8.06
CA THR JB 66 -9.69 48.59 -7.49
C THR JB 66 -8.68 47.79 -8.32
N ASP JB 67 -8.64 47.95 -9.64
CA ASP JB 67 -7.65 47.17 -10.39
C ASP JB 67 -6.38 47.99 -10.58
N PRO JB 68 -5.20 47.34 -10.57
CA PRO JB 68 -3.97 48.12 -10.71
C PRO JB 68 -3.91 48.83 -12.07
N VAL JB 69 -3.92 50.17 -12.08
CA VAL JB 69 -3.87 50.89 -13.34
C VAL JB 69 -2.43 51.21 -13.76
N ASP JB 70 -2.17 51.19 -15.07
CA ASP JB 70 -0.83 51.49 -15.59
C ASP JB 70 -0.86 52.91 -16.12
N PHE JB 71 -0.27 53.85 -15.39
CA PHE JB 71 -0.25 55.25 -15.82
C PHE JB 71 1.13 55.64 -16.26
N THR JB 72 1.21 56.65 -17.12
CA THR JB 72 2.51 57.07 -17.61
C THR JB 72 2.93 58.45 -17.09
N VAL JB 73 4.24 58.70 -17.14
CA VAL JB 73 4.80 59.96 -16.70
C VAL JB 73 5.70 60.54 -17.80
N ALA JB 74 5.46 61.80 -18.20
CA ALA JB 74 6.27 62.42 -19.24
C ALA JB 74 6.70 63.81 -18.77
N ILE JB 75 7.98 64.14 -18.95
CA ILE JB 75 8.49 65.43 -18.56
C ILE JB 75 8.95 66.08 -19.86
N ASP JB 76 8.76 67.38 -19.98
CA ASP JB 76 9.15 68.10 -21.20
C ASP JB 76 10.59 68.63 -21.07
N GLY JB 77 11.07 69.41 -22.05
CA GLY JB 77 12.42 69.97 -22.06
C GLY JB 77 12.68 71.29 -21.36
N GLY JB 78 11.76 71.78 -20.56
CA GLY JB 78 11.95 73.05 -19.87
C GLY JB 78 11.52 74.24 -20.70
N GLU JB 79 11.71 75.45 -20.16
CA GLU JB 79 11.34 76.67 -20.83
C GLU JB 79 11.92 76.80 -22.22
N ARG JB 80 13.19 76.48 -22.40
CA ARG JB 80 13.81 76.64 -23.73
C ARG JB 80 13.84 75.39 -24.59
N THR JB 81 13.26 74.30 -24.08
CA THR JB 81 13.17 72.96 -24.70
C THR JB 81 14.49 72.15 -24.82
N ASP JB 82 15.56 72.57 -24.13
CA ASP JB 82 16.81 71.83 -24.14
C ASP JB 82 17.38 71.60 -22.73
N ARG JB 83 16.50 71.61 -21.73
CA ARG JB 83 16.84 71.37 -20.32
C ARG JB 83 18.04 72.20 -19.83
N THR JB 84 17.92 73.52 -19.96
CA THR JB 84 18.96 74.43 -19.51
C THR JB 84 18.39 75.42 -18.50
N LEU JB 85 19.06 75.62 -17.37
CA LEU JB 85 18.57 76.60 -16.45
C LEU JB 85 19.13 77.94 -16.90
N LYS JB 86 18.37 79.01 -16.80
CA LYS JB 86 18.84 80.30 -17.26
C LYS JB 86 19.06 81.26 -16.10
N ASN JB 87 20.09 82.10 -16.16
CA ASN JB 87 20.31 83.02 -15.10
C ASN JB 87 19.19 84.05 -15.17
N THR JB 88 18.64 84.45 -14.03
CA THR JB 88 17.59 85.46 -14.02
C THR JB 88 17.98 86.76 -14.72
N ALA JB 89 19.24 87.21 -14.58
CA ALA JB 89 19.64 88.48 -15.22
C ALA JB 89 20.43 88.37 -16.53
N SER JB 90 21.51 87.60 -16.50
CA SER JB 90 22.37 87.39 -17.66
C SER JB 90 21.83 86.26 -18.55
N ALA JB 91 22.51 85.97 -19.66
CA ALA JB 91 22.06 84.93 -20.57
C ALA JB 91 22.79 83.59 -20.43
N ASP JB 92 23.52 83.41 -19.32
CA ASP JB 92 24.25 82.17 -19.10
C ASP JB 92 23.27 81.00 -18.93
N VAL JB 93 23.65 79.80 -19.37
CA VAL JB 93 22.77 78.65 -19.25
C VAL JB 93 23.47 77.50 -18.52
N VAL JB 94 22.71 76.65 -17.84
CA VAL JB 94 23.27 75.51 -17.13
C VAL JB 94 22.53 74.24 -17.54
N ALA JB 95 23.14 73.43 -18.40
CA ALA JB 95 22.51 72.20 -18.87
C ALA JB 95 22.30 71.17 -17.75
N TYR JB 96 21.12 70.53 -17.71
CA TYR JB 96 20.83 69.51 -16.71
C TYR JB 96 19.96 68.43 -17.33
N ASN JB 97 19.53 67.44 -16.52
CA ASN JB 97 18.67 66.36 -16.99
C ASN JB 97 17.97 65.74 -15.79
N VAL JB 98 16.82 65.13 -16.03
CA VAL JB 98 16.07 64.49 -14.96
C VAL JB 98 16.04 62.98 -15.22
N TYR JB 99 16.42 62.18 -14.22
CA TYR JB 99 16.39 60.72 -14.39
C TYR JB 99 15.31 60.15 -13.49
N ARG JB 100 14.95 58.90 -13.73
CA ARG JB 100 13.90 58.24 -12.96
C ARG JB 100 14.43 57.35 -11.84
N ASP JB 101 15.57 56.71 -12.05
CA ASP JB 101 16.13 55.82 -11.04
C ASP JB 101 17.23 56.52 -10.25
N ALA JB 102 17.49 56.00 -9.05
CA ALA JB 102 18.50 56.55 -8.11
C ALA JB 102 19.94 56.61 -8.62
N ALA JB 103 20.31 55.78 -9.60
CA ALA JB 103 21.64 55.77 -10.16
C ALA JB 103 21.83 56.64 -11.43
N ARG JB 104 20.92 57.61 -11.70
CA ARG JB 104 21.04 58.51 -12.85
C ARG JB 104 21.20 57.80 -14.19
N THR JB 105 20.57 56.62 -14.34
CA THR JB 105 20.66 55.85 -15.59
C THR JB 105 19.42 55.92 -16.50
N ASN JB 106 18.24 55.67 -15.95
CA ASN JB 106 17.01 55.68 -16.70
C ASN JB 106 16.53 57.12 -16.84
N LEU JB 107 16.89 57.74 -17.96
CA LEU JB 107 16.58 59.13 -18.23
C LEU JB 107 15.12 59.38 -18.63
N TYR JB 108 14.53 60.47 -18.13
CA TYR JB 108 13.18 60.81 -18.54
C TYR JB 108 13.37 61.51 -19.86
N VAL JB 109 13.35 60.74 -20.95
CA VAL JB 109 13.54 61.32 -22.28
C VAL JB 109 12.50 62.40 -22.58
N VAL JB 110 12.90 63.48 -23.26
CA VAL JB 110 12.02 64.59 -23.58
C VAL JB 110 10.71 64.12 -24.25
N ASN JB 111 9.57 64.60 -23.76
CA ASN JB 111 8.27 64.23 -24.30
C ASN JB 111 8.07 62.72 -24.49
N GLN JB 112 8.42 61.95 -23.48
CA GLN JB 112 8.24 60.50 -23.56
C GLN JB 112 7.51 59.95 -22.34
N PRO JB 113 6.56 59.02 -22.56
CA PRO JB 113 5.79 58.47 -21.45
C PRO JB 113 6.50 57.38 -20.65
N GLN JB 114 7.36 57.73 -19.71
CA GLN JB 114 8.01 56.69 -18.94
C GLN JB 114 6.90 55.96 -18.13
N GLN JB 115 6.66 54.67 -18.42
CA GLN JB 115 5.62 53.84 -17.78
C GLN JB 115 5.73 53.78 -16.23
N PHE JB 116 4.56 53.51 -15.59
CA PHE JB 116 4.47 53.38 -14.14
C PHE JB 116 3.28 52.51 -13.71
N THR JB 117 3.39 51.84 -12.56
CA THR JB 117 2.31 50.99 -12.06
C THR JB 117 1.72 51.59 -10.80
N THR JB 118 0.48 51.24 -10.49
CA THR JB 118 -0.19 51.74 -9.29
C THR JB 118 -1.29 50.77 -8.86
N VAL JB 119 -1.30 50.37 -7.58
CA VAL JB 119 -2.32 49.44 -7.09
C VAL JB 119 -3.33 50.18 -6.22
N SER JB 120 -4.47 49.54 -5.97
CA SER JB 120 -5.53 50.12 -5.15
C SER JB 120 -5.09 50.29 -3.70
N GLY JB 121 -5.61 51.33 -3.04
CA GLY JB 121 -5.28 51.60 -1.65
C GLY JB 121 -3.80 51.82 -1.40
N GLN JB 122 -3.13 52.48 -2.35
CA GLN JB 122 -1.71 52.76 -2.22
C GLN JB 122 -1.35 53.96 -3.10
N ALA JB 123 -0.32 54.70 -2.71
CA ALA JB 123 0.11 55.85 -3.49
C ALA JB 123 1.52 55.53 -4.00
N THR JB 124 1.77 55.64 -5.30
CA THR JB 124 3.09 55.36 -5.85
C THR JB 124 3.86 56.68 -5.97
N ALA JB 125 5.15 56.67 -5.65
CA ALA JB 125 5.94 57.89 -5.72
C ALA JB 125 6.55 58.07 -7.12
N VAL JB 126 6.68 59.32 -7.56
CA VAL JB 126 7.28 59.61 -8.86
C VAL JB 126 8.65 60.21 -8.63
N PRO JB 127 9.69 59.38 -8.71
CA PRO JB 127 11.03 59.91 -8.45
C PRO JB 127 11.53 60.71 -9.66
N ILE JB 128 11.73 62.01 -9.47
CA ILE JB 128 12.27 62.82 -10.54
C ILE JB 128 13.64 63.20 -9.98
N PHE JB 129 14.66 62.43 -10.38
CA PHE JB 129 16.01 62.67 -9.87
C PHE JB 129 16.75 63.61 -10.80
N GLY JB 130 17.17 64.77 -10.31
CA GLY JB 130 17.91 65.69 -11.13
C GLY JB 130 19.38 65.36 -11.08
N ALA JB 131 20.10 65.82 -12.10
CA ALA JB 131 21.52 65.60 -12.23
C ALA JB 131 22.15 66.65 -13.15
N ILE JB 132 23.26 67.24 -12.74
CA ILE JB 132 23.97 68.22 -13.53
C ILE JB 132 25.42 67.77 -13.76
N ALA JB 133 25.90 67.88 -15.00
CA ALA JB 133 27.26 67.47 -15.34
C ALA JB 133 28.32 68.34 -14.68
N PRO JB 134 29.52 67.77 -14.46
CA PRO JB 134 30.58 68.55 -13.83
C PRO JB 134 31.11 69.62 -14.79
N ASN JB 135 30.96 70.90 -14.41
CA ASN JB 135 31.45 71.99 -15.24
C ASN JB 135 32.84 72.33 -14.74
N THR JB 136 33.87 71.92 -15.48
CA THR JB 136 35.24 72.21 -15.09
C THR JB 136 35.91 72.99 -16.21
N GLY JB 137 35.12 73.79 -16.92
CA GLY JB 137 35.63 74.59 -18.03
C GLY JB 137 35.52 76.08 -17.78
N THR JB 138 34.32 76.63 -17.97
CA THR JB 138 34.10 78.06 -17.77
C THR JB 138 33.22 78.33 -16.56
N PRO JB 139 33.60 79.32 -15.73
CA PRO JB 139 32.78 79.63 -14.55
C PRO JB 139 31.54 80.46 -14.91
N LYS JB 140 30.34 79.90 -14.74
CA LYS JB 140 29.11 80.62 -15.06
C LYS JB 140 28.94 81.82 -14.12
N ALA JB 141 28.35 82.90 -14.62
CA ALA JB 141 28.15 84.10 -13.81
C ALA JB 141 27.35 83.88 -12.51
N GLN JB 142 27.61 84.71 -11.50
CA GLN JB 142 26.94 84.62 -10.21
C GLN JB 142 25.45 84.97 -10.33
N GLY JB 143 24.64 84.43 -9.41
CA GLY JB 143 23.21 84.69 -9.44
C GLY JB 143 22.39 83.43 -9.27
N ASP JB 144 21.11 83.52 -9.63
CA ASP JB 144 20.21 82.37 -9.50
C ASP JB 144 19.82 81.82 -10.88
N TYR JB 145 19.97 80.51 -11.09
CA TYR JB 145 19.61 79.91 -12.36
C TYR JB 145 18.28 79.18 -12.16
N LYS JB 146 17.34 79.32 -13.09
CA LYS JB 146 16.03 78.68 -12.96
C LYS JB 146 15.54 78.01 -14.25
N ASP JB 147 14.51 77.19 -14.08
CA ASP JB 147 13.83 76.50 -15.17
C ASP JB 147 12.53 75.97 -14.61
N THR JB 148 11.54 75.78 -15.48
CA THR JB 148 10.26 75.26 -15.05
C THR JB 148 9.91 74.07 -15.92
N LEU JB 149 10.20 72.86 -15.43
CA LEU JB 149 9.90 71.68 -16.22
C LEU JB 149 8.41 71.39 -16.04
N LEU JB 150 7.72 71.05 -17.11
CA LEU JB 150 6.31 70.74 -17.01
C LEU JB 150 6.24 69.22 -16.96
N VAL JB 151 5.79 68.64 -15.85
CA VAL JB 151 5.67 67.20 -15.75
C VAL JB 151 4.23 66.90 -16.17
N THR JB 152 4.08 65.89 -17.04
CA THR JB 152 2.80 65.51 -17.64
C THR JB 152 2.37 64.12 -17.27
N VAL JB 153 1.58 63.97 -16.21
CA VAL JB 153 1.07 62.66 -15.82
C VAL JB 153 -0.12 62.39 -16.74
N ASN JB 154 0.00 61.44 -17.67
CA ASN JB 154 -1.08 61.18 -18.60
C ASN JB 154 -1.40 59.72 -18.64
N PHE JB 155 -2.58 59.42 -19.16
CA PHE JB 155 -3.09 58.08 -19.17
C PHE JB 155 -3.30 57.59 -20.59
N ALA KB 1 -5.23 63.49 -18.04
CA ALA KB 1 -4.08 64.32 -18.36
C ALA KB 1 -3.85 65.38 -17.27
N VAL KB 2 -2.98 65.07 -16.31
CA VAL KB 2 -2.66 66.00 -15.24
C VAL KB 2 -1.25 66.57 -15.47
N THR KB 3 -1.19 67.72 -16.14
CA THR KB 3 0.08 68.39 -16.41
C THR KB 3 0.41 69.36 -15.24
N GLY KB 4 1.66 69.28 -14.77
CA GLY KB 4 2.11 70.09 -13.66
C GLY KB 4 3.49 70.71 -13.78
N GLN KB 5 3.83 71.68 -12.94
CA GLN KB 5 5.14 72.34 -13.03
C GLN KB 5 6.16 71.93 -11.94
N VAL KB 6 7.44 71.88 -12.31
CA VAL KB 6 8.50 71.53 -11.37
C VAL KB 6 9.57 72.62 -11.50
N ASP KB 7 9.69 73.51 -10.53
CA ASP KB 7 10.64 74.58 -10.64
C ASP KB 7 12.05 74.03 -10.37
N VAL KB 8 12.98 74.27 -11.29
CA VAL KB 8 14.36 73.82 -11.14
C VAL KB 8 15.19 75.02 -10.72
N LYS KB 9 16.11 74.84 -9.77
CA LYS KB 9 16.91 75.96 -9.31
C LYS KB 9 18.37 75.58 -9.01
N LEU KB 10 19.25 76.57 -9.07
CA LEU KB 10 20.66 76.40 -8.80
C LEU KB 10 21.21 77.80 -8.47
N ASN KB 11 21.89 77.96 -7.34
CA ASN KB 11 22.41 79.25 -6.95
C ASN KB 11 23.92 79.24 -7.11
N ILE KB 12 24.40 79.67 -8.28
CA ILE KB 12 25.82 79.73 -8.52
C ILE KB 12 26.35 80.99 -7.85
N SER KB 13 27.10 80.85 -6.76
CA SER KB 13 27.68 82.00 -6.04
C SER KB 13 28.98 81.66 -5.28
N THR KB 14 28.89 80.80 -4.26
CA THR KB 14 30.02 80.39 -3.43
C THR KB 14 29.65 79.09 -2.73
N GLY KB 15 30.02 77.95 -3.31
CA GLY KB 15 29.70 76.65 -2.76
C GLY KB 15 30.83 75.79 -2.21
N CYS KB 16 30.43 74.60 -1.75
CA CYS KB 16 31.31 73.61 -1.14
C CYS KB 16 31.38 72.35 -2.01
N THR KB 17 32.56 71.74 -2.12
CA THR KB 17 32.74 70.55 -2.98
C THR KB 17 33.24 69.32 -2.21
N VAL KB 18 32.86 68.12 -2.68
CA VAL KB 18 33.28 66.89 -2.01
C VAL KB 18 34.39 66.18 -2.80
N GLY KB 19 35.56 65.96 -2.19
CA GLY KB 19 36.65 65.28 -2.86
C GLY KB 19 36.66 63.81 -2.48
N GLY KB 20 37.39 63.00 -3.23
CA GLY KB 20 37.47 61.56 -2.98
C GLY KB 20 36.47 60.74 -3.77
N SER KB 21 35.66 61.41 -4.58
CA SER KB 21 34.65 60.72 -5.37
C SER KB 21 35.07 60.61 -6.83
N GLN KB 22 34.49 59.64 -7.52
CA GLN KB 22 34.74 59.39 -8.93
C GLN KB 22 33.37 59.42 -9.57
N THR KB 23 33.25 60.01 -10.75
CA THR KB 23 31.96 60.08 -11.40
C THR KB 23 31.61 58.75 -12.08
N GLU KB 24 30.75 57.94 -11.48
CA GLU KB 24 30.33 56.69 -12.10
C GLU KB 24 29.20 57.10 -13.05
N GLY KB 25 29.50 57.27 -14.34
CA GLY KB 25 28.47 57.68 -15.27
C GLY KB 25 28.00 59.05 -14.81
N ASN KB 26 26.72 59.20 -14.43
CA ASN KB 26 26.21 60.50 -13.99
C ASN KB 26 25.88 60.49 -12.49
N MET KB 27 26.51 59.59 -11.74
CA MET KB 27 26.28 59.51 -10.30
C MET KB 27 27.62 59.45 -9.56
N ASN KB 28 27.84 60.35 -8.60
CA ASN KB 28 29.11 60.39 -7.87
C ASN KB 28 29.40 59.13 -7.03
N LYS KB 29 30.43 58.36 -7.40
CA LYS KB 29 30.82 57.18 -6.63
C LYS KB 29 31.69 57.66 -5.47
N PHE KB 30 31.15 57.69 -4.26
CA PHE KB 30 31.90 58.17 -3.11
C PHE KB 30 32.90 57.17 -2.56
N GLY KB 31 32.52 55.90 -2.44
CA GLY KB 31 33.48 54.95 -1.89
C GLY KB 31 32.95 53.55 -1.67
N THR KB 32 33.66 52.79 -0.85
CA THR KB 32 33.26 51.43 -0.55
C THR KB 32 33.39 51.12 0.95
N LEU KB 33 32.43 50.40 1.49
CA LEU KB 33 32.45 50.01 2.90
C LEU KB 33 32.68 48.51 2.83
N ASN KB 34 33.95 48.11 2.83
CA ASN KB 34 34.31 46.72 2.65
C ASN KB 34 34.56 46.01 3.99
N PHE KB 35 33.59 45.22 4.44
CA PHE KB 35 33.77 44.50 5.70
C PHE KB 35 34.74 43.32 5.58
N GLY KB 36 34.97 42.87 4.35
CA GLY KB 36 35.89 41.79 4.09
C GLY KB 36 35.18 40.46 4.03
N LYS KB 37 35.95 39.39 4.19
CA LYS KB 37 35.42 38.03 4.17
C LYS KB 37 34.96 37.62 5.57
N THR KB 38 34.02 36.68 5.65
CA THR KB 38 33.50 36.23 6.93
C THR KB 38 32.81 34.87 6.80
N SER KB 39 32.68 34.17 7.92
CA SER KB 39 32.03 32.86 7.95
C SER KB 39 30.57 33.02 8.20
N GLY KB 40 29.79 31.92 8.11
CA GLY KB 40 28.35 31.96 8.29
C GLY KB 40 27.94 32.63 9.59
N THR KB 41 28.60 32.25 10.68
CA THR KB 41 28.29 32.81 12.00
C THR KB 41 29.53 33.48 12.62
N TRP KB 42 29.54 34.82 12.69
CA TRP KB 42 30.66 35.54 13.27
C TRP KB 42 30.33 36.03 14.68
N ASN KB 43 31.25 35.84 15.64
CA ASN KB 43 31.01 36.28 17.01
C ASN KB 43 31.50 37.70 17.28
N ASN KB 44 32.49 38.13 16.49
CA ASN KB 44 33.01 39.48 16.63
C ASN KB 44 32.25 40.45 15.71
N VAL KB 45 32.05 41.68 16.19
CA VAL KB 45 31.36 42.71 15.44
C VAL KB 45 32.19 43.01 14.17
N LEU KB 46 31.65 42.78 12.97
CA LEU KB 46 32.50 43.01 11.78
C LEU KB 46 32.54 44.52 11.56
N THR KB 47 33.72 45.08 11.37
CA THR KB 47 33.86 46.53 11.32
C THR KB 47 34.87 47.03 10.29
N ALA KB 48 34.47 47.92 9.37
CA ALA KB 48 35.38 48.47 8.37
C ALA KB 48 35.01 49.91 8.08
N GLU KB 49 35.96 50.67 7.56
CA GLU KB 49 35.78 52.08 7.25
C GLU KB 49 35.59 52.29 5.76
N VAL KB 50 34.91 53.38 5.39
CA VAL KB 50 34.72 53.69 3.99
C VAL KB 50 36.05 53.98 3.32
N ALA KB 51 36.23 53.52 2.09
CA ALA KB 51 37.45 53.77 1.33
C ALA KB 51 37.03 54.55 0.09
N SER KB 52 37.40 55.83 -0.01
CA SER KB 52 37.02 56.66 -1.16
C SER KB 52 37.41 56.00 -2.48
N ALA KB 53 36.55 56.08 -3.50
CA ALA KB 53 36.84 55.45 -4.79
C ALA KB 53 37.95 56.16 -5.58
N ALA KB 54 38.19 57.43 -5.29
CA ALA KB 54 39.21 58.20 -6.00
C ALA KB 54 40.62 58.00 -5.45
N THR KB 55 40.79 58.09 -4.14
CA THR KB 55 42.11 57.96 -3.55
C THR KB 55 42.36 56.64 -2.78
N GLY KB 56 41.35 56.14 -2.10
CA GLY KB 56 41.50 54.93 -1.32
C GLY KB 56 41.37 55.24 0.17
N GLY KB 57 41.59 56.51 0.54
CA GLY KB 57 41.48 56.94 1.92
C GLY KB 57 40.07 57.43 2.24
N ASN KB 58 39.96 58.34 3.20
CA ASN KB 58 38.64 58.85 3.59
C ASN KB 58 38.15 59.97 2.67
N ILE KB 59 36.83 60.09 2.52
CA ILE KB 59 36.27 61.14 1.69
C ILE KB 59 36.74 62.48 2.25
N SER KB 60 37.33 63.33 1.41
CA SER KB 60 37.83 64.61 1.90
C SER KB 60 37.01 65.76 1.36
N VAL KB 61 36.10 66.30 2.18
CA VAL KB 61 35.27 67.39 1.70
C VAL KB 61 35.97 68.73 1.98
N THR KB 62 36.09 69.58 0.97
CA THR KB 62 36.71 70.88 1.16
C THR KB 62 35.69 71.93 0.69
N CYS KB 63 35.69 73.10 1.30
CA CYS KB 63 34.77 74.15 0.85
C CYS KB 63 35.56 75.18 0.07
N ASP KB 64 34.87 75.91 -0.79
CA ASP KB 64 35.51 76.93 -1.60
C ASP KB 64 35.21 78.35 -1.08
N GLY KB 65 36.08 78.88 -0.23
CA GLY KB 65 35.89 80.21 0.31
C GLY KB 65 36.89 80.53 1.41
N THR KB 66 36.66 81.65 2.11
CA THR KB 66 37.51 82.08 3.20
C THR KB 66 36.90 81.94 4.59
N ASP KB 67 35.58 82.00 4.74
CA ASP KB 67 35.04 81.83 6.10
C ASP KB 67 34.70 80.36 6.35
N PRO KB 68 34.87 79.90 7.60
CA PRO KB 68 34.57 78.49 7.86
C PRO KB 68 33.09 78.17 7.62
N VAL KB 69 32.78 77.32 6.63
CA VAL KB 69 31.39 76.98 6.35
C VAL KB 69 30.93 75.74 7.14
N ASP KB 70 29.67 75.73 7.56
CA ASP KB 70 29.12 74.60 8.30
C ASP KB 70 28.28 73.78 7.34
N PHE KB 71 28.80 72.63 6.89
CA PHE KB 71 28.06 71.79 5.95
C PHE KB 71 27.57 70.54 6.65
N THR KB 72 26.51 69.96 6.11
CA THR KB 72 25.96 68.77 6.74
C THR KB 72 26.17 67.51 5.91
N VAL KB 73 26.09 66.36 6.59
CA VAL KB 73 26.24 65.07 5.95
C VAL KB 73 25.05 64.17 6.30
N ALA KB 74 24.38 63.60 5.29
CA ALA KB 74 23.25 62.72 5.54
C ALA KB 74 23.40 61.45 4.73
N ILE KB 75 23.18 60.29 5.35
CA ILE KB 75 23.28 59.03 4.66
C ILE KB 75 21.87 58.44 4.72
N ASP KB 76 21.45 57.76 3.66
CA ASP KB 76 20.12 57.18 3.60
C ASP KB 76 20.15 55.72 4.12
N GLY KB 77 19.02 54.99 4.04
CA GLY KB 77 18.91 53.63 4.51
C GLY KB 77 19.30 52.48 3.59
N GLY KB 78 19.96 52.76 2.47
CA GLY KB 78 20.35 51.71 1.55
C GLY KB 78 19.27 51.39 0.54
N GLU KB 79 19.54 50.40 -0.32
CA GLU KB 79 18.60 49.98 -1.35
C GLU KB 79 17.23 49.64 -0.82
N ARG KB 80 17.14 48.91 0.29
CA ARG KB 80 15.83 48.51 0.80
C ARG KB 80 15.27 49.41 1.92
N THR KB 81 16.00 50.49 2.23
CA THR KB 81 15.68 51.48 3.29
C THR KB 81 15.78 51.02 4.75
N ASP KB 82 16.37 49.86 5.02
CA ASP KB 82 16.55 49.38 6.39
C ASP KB 82 17.98 48.90 6.67
N ARG KB 83 18.94 49.43 5.91
CA ARG KB 83 20.37 49.14 6.06
C ARG KB 83 20.68 47.65 6.14
N THR KB 84 20.25 46.90 5.11
CA THR KB 84 20.51 45.47 5.05
C THR KB 84 21.27 45.13 3.76
N LEU KB 85 22.33 44.35 3.85
CA LEU KB 85 23.01 43.97 2.64
C LEU KB 85 22.28 42.75 2.10
N LYS KB 86 22.12 42.63 0.79
CA LYS KB 86 21.40 41.51 0.24
C LYS KB 86 22.32 40.58 -0.53
N ASN KB 87 22.09 39.27 -0.46
CA ASN KB 87 22.92 38.37 -1.19
C ASN KB 87 22.61 38.56 -2.66
N THR KB 88 23.61 38.58 -3.52
CA THR KB 88 23.39 38.72 -4.95
C THR KB 88 22.42 37.69 -5.54
N ALA KB 89 22.47 36.44 -5.07
CA ALA KB 89 21.57 35.40 -5.62
C ALA KB 89 20.33 35.05 -4.79
N SER KB 90 20.56 34.71 -3.52
CA SER KB 90 19.48 34.35 -2.59
C SER KB 90 18.86 35.61 -1.97
N ALA KB 91 17.85 35.42 -1.11
CA ALA KB 91 17.18 36.57 -0.47
C ALA KB 91 17.64 36.83 0.97
N ASP KB 92 18.77 36.26 1.38
CA ASP KB 92 19.28 36.47 2.73
C ASP KB 92 19.69 37.93 2.91
N VAL KB 93 19.53 38.46 4.13
CA VAL KB 93 19.89 39.85 4.38
C VAL KB 93 20.87 39.96 5.55
N VAL KB 94 21.70 41.00 5.55
CA VAL KB 94 22.66 41.20 6.64
C VAL KB 94 22.52 42.62 7.16
N ALA KB 95 21.88 42.80 8.31
CA ALA KB 95 21.68 44.13 8.88
C ALA KB 95 23.01 44.79 9.31
N TYR KB 96 23.17 46.08 9.00
CA TYR KB 96 24.37 46.82 9.37
C TYR KB 96 24.00 48.26 9.72
N ASN KB 97 24.99 49.11 10.02
CA ASN KB 97 24.76 50.51 10.35
C ASN KB 97 26.06 51.28 10.11
N VAL KB 98 25.94 52.57 9.86
CA VAL KB 98 27.12 53.40 9.65
C VAL KB 98 27.20 54.42 10.79
N TYR KB 99 28.35 54.53 11.45
CA TYR KB 99 28.51 55.49 12.53
C TYR KB 99 29.51 56.55 12.09
N ARG KB 100 29.54 57.67 12.82
CA ARG KB 100 30.42 58.78 12.49
C ARG KB 100 31.72 58.79 13.28
N ASP KB 101 31.67 58.38 14.54
CA ASP KB 101 32.86 58.38 15.38
C ASP KB 101 33.50 56.99 15.43
N ALA KB 102 34.79 56.97 15.78
CA ALA KB 102 35.60 55.73 15.85
C ALA KB 102 35.12 54.67 16.85
N ALA KB 103 34.35 55.06 17.87
CA ALA KB 103 33.82 54.12 18.85
C ALA KB 103 32.40 53.60 18.55
N ARG KB 104 31.92 53.70 17.30
CA ARG KB 104 30.59 53.19 16.92
C ARG KB 104 29.44 53.70 17.79
N THR KB 105 29.54 54.94 18.27
CA THR KB 105 28.50 55.54 19.13
C THR KB 105 27.58 56.55 18.43
N ASN KB 106 28.16 57.53 17.73
CA ASN KB 106 27.39 58.57 17.05
C ASN KB 106 26.92 58.02 15.72
N LEU KB 107 25.70 57.51 15.70
CA LEU KB 107 25.12 56.89 14.52
C LEU KB 107 24.66 57.88 13.45
N TYR KB 108 24.89 57.57 12.17
CA TYR KB 108 24.40 58.42 11.12
C TYR KB 108 22.97 58.01 10.96
N VAL KB 109 22.06 58.66 11.71
CA VAL KB 109 20.64 58.32 11.64
C VAL KB 109 20.10 58.46 10.22
N VAL KB 110 19.21 57.55 9.82
CA VAL KB 110 18.61 57.56 8.49
C VAL KB 110 18.05 58.93 8.09
N ASN KB 111 18.41 59.43 6.91
CA ASN KB 111 17.94 60.73 6.42
C ASN KB 111 18.08 61.86 7.45
N GLN KB 112 19.25 61.97 8.06
CA GLN KB 112 19.49 63.03 9.03
C GLN KB 112 20.80 63.77 8.73
N PRO KB 113 20.76 65.12 8.83
CA PRO KB 113 21.96 65.91 8.54
C PRO KB 113 23.00 65.96 9.66
N GLN KB 114 23.85 64.96 9.79
CA GLN KB 114 24.85 65.03 10.84
C GLN KB 114 25.76 66.23 10.51
N GLN KB 115 25.76 67.27 11.36
CA GLN KB 115 26.57 68.51 11.18
C GLN KB 115 28.10 68.27 11.01
N PHE KB 116 28.75 69.22 10.33
CA PHE KB 116 30.20 69.18 10.12
C PHE KB 116 30.79 70.58 9.90
N THR KB 117 32.06 70.77 10.26
CA THR KB 117 32.71 72.07 10.09
C THR KB 117 33.81 71.96 9.03
N THR KB 118 34.16 73.10 8.43
CA THR KB 118 35.20 73.11 7.41
C THR KB 118 35.84 74.51 7.32
N VAL KB 119 37.17 74.61 7.38
CA VAL KB 119 37.83 75.90 7.31
C VAL KB 119 38.50 76.07 5.95
N SER KB 120 38.88 77.32 5.64
CA SER KB 120 39.51 77.64 4.37
C SER KB 120 40.90 77.01 4.27
N GLY KB 121 41.31 76.65 3.05
CA GLY KB 121 42.61 76.04 2.80
C GLY KB 121 42.82 74.75 3.58
N GLN KB 122 41.77 73.95 3.70
CA GLN KB 122 41.85 72.67 4.39
C GLN KB 122 40.73 71.76 3.90
N ALA KB 123 40.96 70.44 3.96
CA ALA KB 123 39.95 69.48 3.54
C ALA KB 123 39.55 68.69 4.78
N THR KB 124 38.26 68.60 5.09
CA THR KB 124 37.82 67.85 6.27
C THR KB 124 37.42 66.45 5.82
N ALA KB 125 37.75 65.43 6.61
CA ALA KB 125 37.42 64.06 6.24
C ALA KB 125 36.03 63.67 6.75
N VAL KB 126 35.32 62.83 6.00
CA VAL KB 126 33.99 62.38 6.41
C VAL KB 126 34.12 60.91 6.82
N PRO KB 127 34.24 60.67 8.13
CA PRO KB 127 34.39 59.29 8.56
C PRO KB 127 33.06 58.56 8.51
N ILE KB 128 32.94 57.55 7.66
CA ILE KB 128 31.73 56.77 7.61
C ILE KB 128 32.20 55.41 8.13
N PHE KB 129 32.02 55.18 9.43
CA PHE KB 129 32.49 53.95 10.04
C PHE KB 129 31.38 52.89 10.01
N GLY KB 130 31.61 51.78 9.33
CA GLY KB 130 30.61 50.74 9.27
C GLY KB 130 30.75 49.83 10.48
N ALA KB 131 29.67 49.13 10.79
CA ALA KB 131 29.62 48.20 11.91
C ALA KB 131 28.50 47.18 11.70
N ILE KB 132 28.79 45.91 11.93
CA ILE KB 132 27.80 44.86 11.80
C ILE KB 132 27.71 44.06 13.14
N ALA KB 133 26.48 43.80 13.58
CA ALA KB 133 26.26 43.08 14.84
C ALA KB 133 26.74 41.64 14.77
N PRO KB 134 27.09 41.06 15.93
CA PRO KB 134 27.54 39.67 15.93
C PRO KB 134 26.38 38.72 15.66
N ASN KB 135 26.46 37.96 14.57
CA ASN KB 135 25.42 37.01 14.23
C ASN KB 135 25.85 35.66 14.80
N THR KB 136 25.25 35.25 15.90
CA THR KB 136 25.58 33.97 16.50
C THR KB 136 24.32 33.11 16.58
N GLY KB 137 23.44 33.30 15.60
CA GLY KB 137 22.20 32.54 15.55
C GLY KB 137 22.10 31.65 14.33
N THR KB 138 21.78 32.23 13.17
CA THR KB 138 21.65 31.45 11.95
C THR KB 138 22.76 31.78 10.95
N PRO KB 139 23.35 30.76 10.32
CA PRO KB 139 24.42 31.02 9.34
C PRO KB 139 23.86 31.48 8.00
N LYS KB 140 24.12 32.73 7.59
CA LYS KB 140 23.63 33.23 6.31
C LYS KB 140 24.29 32.47 5.16
N ALA KB 141 23.55 32.30 4.06
CA ALA KB 141 24.07 31.56 2.90
C ALA KB 141 25.37 32.14 2.30
N GLN KB 142 26.17 31.27 1.69
CA GLN KB 142 27.44 31.67 1.08
C GLN KB 142 27.22 32.59 -0.12
N GLY KB 143 28.22 33.42 -0.42
CA GLY KB 143 28.11 34.34 -1.54
C GLY KB 143 28.55 35.75 -1.18
N ASP KB 144 28.16 36.71 -2.01
CA ASP KB 144 28.52 38.11 -1.78
C ASP KB 144 27.29 38.94 -1.38
N TYR KB 145 27.38 39.70 -0.28
CA TYR KB 145 26.28 40.52 0.15
C TYR KB 145 26.61 41.96 -0.21
N LYS KB 146 25.65 42.71 -0.77
CA LYS KB 146 25.90 44.10 -1.17
C LYS KB 146 24.79 45.07 -0.77
N ASP KB 147 25.12 46.35 -0.86
CA ASP KB 147 24.19 47.46 -0.61
C ASP KB 147 24.84 48.71 -1.17
N THR KB 148 24.02 49.68 -1.52
CA THR KB 148 24.53 50.94 -2.06
C THR KB 148 23.95 52.07 -1.24
N LEU KB 149 24.69 52.56 -0.25
CA LEU KB 149 24.18 53.65 0.56
C LEU KB 149 24.40 54.94 -0.24
N LEU KB 150 23.41 55.83 -0.25
CA LEU KB 150 23.56 57.09 -0.95
C LEU KB 150 23.94 58.10 0.11
N VAL KB 151 25.16 58.66 0.05
CA VAL KB 151 25.57 59.66 1.02
C VAL KB 151 25.19 60.99 0.38
N THR KB 152 24.58 61.87 1.16
CA THR KB 152 24.05 63.15 0.72
C THR KB 152 24.72 64.34 1.41
N VAL KB 153 25.77 64.88 0.80
CA VAL KB 153 26.44 66.05 1.36
C VAL KB 153 25.57 67.25 0.95
N ASN KB 154 24.89 67.89 1.91
CA ASN KB 154 24.02 68.99 1.55
C ASN KB 154 24.29 70.18 2.43
N PHE KB 155 23.84 71.33 1.96
CA PHE KB 155 24.12 72.57 2.62
C PHE KB 155 22.83 73.24 3.09
N ALA LB 1 23.98 70.59 -2.96
CA ALA LB 1 23.51 69.22 -2.77
C ALA LB 1 24.34 68.24 -3.60
N VAL LB 2 25.35 67.64 -2.96
CA VAL LB 2 26.19 66.67 -3.64
C VAL LB 2 25.86 65.27 -3.09
N THR LB 3 24.97 64.57 -3.78
CA THR LB 3 24.57 63.22 -3.39
C THR LB 3 25.50 62.19 -4.10
N GLY LB 4 26.00 61.23 -3.31
CA GLY LB 4 26.90 60.23 -3.82
C GLY LB 4 26.67 58.80 -3.35
N GLN LB 5 27.29 57.81 -3.99
CA GLN LB 5 27.07 56.41 -3.60
C GLN LB 5 28.24 55.75 -2.83
N VAL LB 6 27.91 54.86 -1.90
CA VAL LB 6 28.92 54.16 -1.11
C VAL LB 6 28.56 52.67 -1.19
N ASP LB 7 29.32 51.88 -1.95
CA ASP LB 7 28.99 50.49 -2.08
C ASP LB 7 29.40 49.74 -0.81
N VAL LB 8 28.45 49.01 -0.22
CA VAL LB 8 28.73 48.23 0.97
C VAL LB 8 28.89 46.77 0.56
N LYS LB 9 29.86 46.06 1.14
CA LYS LB 9 30.08 44.68 0.75
C LYS LB 9 30.48 43.79 1.92
N LEU LB 10 30.21 42.49 1.78
CA LEU LB 10 30.54 41.49 2.78
C LEU LB 10 30.56 40.14 2.05
N ASN LB 11 31.64 39.37 2.18
CA ASN LB 11 31.74 38.11 1.50
C ASN LB 11 31.60 36.99 2.51
N ILE LB 12 30.38 36.51 2.72
CA ILE LB 12 30.16 35.42 3.65
C ILE LB 12 30.53 34.13 2.94
N SER LB 13 31.65 33.50 3.34
CA SER LB 13 32.10 32.23 2.74
C SER LB 13 32.94 31.36 3.70
N THR LB 14 34.11 31.85 4.10
CA THR LB 14 35.03 31.13 4.99
C THR LB 14 36.00 32.16 5.58
N GLY LB 15 35.70 32.68 6.77
CA GLY LB 15 36.52 33.69 7.42
C GLY LB 15 37.27 33.31 8.68
N CYS LB 16 37.98 34.31 9.22
CA CYS LB 16 38.80 34.19 10.40
C CYS LB 16 38.24 35.05 11.54
N THR LB 17 38.28 34.57 12.78
CA THR LB 17 37.73 35.31 13.93
C THR LB 17 38.75 35.62 15.03
N VAL LB 18 38.56 36.73 15.74
CA VAL LB 18 39.49 37.11 16.81
C VAL LB 18 38.90 36.84 18.20
N GLY LB 19 39.56 36.00 19.00
CA GLY LB 19 39.06 35.71 20.34
C GLY LB 19 39.78 36.59 21.36
N GLY LB 20 39.23 36.65 22.57
CA GLY LB 20 39.79 37.47 23.63
C GLY LB 20 39.19 38.86 23.72
N SER LB 21 38.23 39.16 22.84
CA SER LB 21 37.61 40.46 22.84
C SER LB 21 36.21 40.41 23.46
N GLN LB 22 35.75 41.57 23.92
CA GLN LB 22 34.45 41.72 24.52
C GLN LB 22 33.79 42.83 23.71
N THR LB 23 32.50 42.70 23.42
CA THR LB 23 31.83 43.72 22.63
C THR LB 23 31.45 44.92 23.51
N GLU LB 24 32.21 46.01 23.44
CA GLU LB 24 31.87 47.21 24.19
C GLU LB 24 30.83 47.95 23.33
N GLY LB 25 29.55 47.77 23.62
CA GLY LB 25 28.54 48.41 22.81
C GLY LB 25 28.67 47.83 21.41
N ASN LB 26 28.98 48.65 20.40
CA ASN LB 26 29.12 48.15 19.04
C ASN LB 26 30.57 48.21 18.56
N MET LB 27 31.52 48.21 19.50
CA MET LB 27 32.94 48.24 19.15
C MET LB 27 33.69 47.16 19.93
N ASN LB 28 34.43 46.30 19.25
CA ASN LB 28 35.16 45.21 19.91
C ASN LB 28 36.26 45.68 20.88
N LYS LB 29 36.08 45.45 22.18
CA LYS LB 29 37.11 45.81 23.17
C LYS LB 29 38.14 44.68 23.18
N PHE LB 30 39.31 44.91 22.59
CA PHE LB 30 40.33 43.88 22.52
C PHE LB 30 41.11 43.68 23.81
N GLY LB 31 41.50 44.77 24.48
CA GLY LB 31 42.25 44.57 25.70
C GLY LB 31 42.78 45.85 26.34
N THR LB 32 43.77 45.69 27.22
CA THR LB 32 44.35 46.82 27.92
C THR LB 32 45.88 46.72 27.95
N LEU LB 33 46.56 47.83 27.76
CA LEU LB 33 48.02 47.88 27.80
C LEU LB 33 48.29 48.67 29.06
N ASN LB 34 48.39 47.97 30.19
CA ASN LB 34 48.54 48.61 31.48
C ASN LB 34 50.00 48.70 31.93
N PHE LB 35 50.61 49.87 31.81
CA PHE LB 35 52.00 50.03 32.22
C PHE LB 35 52.16 50.07 33.74
N GLY LB 36 51.06 50.35 34.44
CA GLY LB 36 51.06 50.38 35.89
C GLY LB 36 51.30 51.77 36.41
N LYS LB 37 51.70 51.85 37.68
CA LYS LB 37 51.98 53.13 38.33
C LYS LB 37 53.43 53.55 38.07
N THR LB 38 53.69 54.85 38.13
CA THR LB 38 55.03 55.37 37.91
C THR LB 38 55.20 56.77 38.48
N SER LB 39 56.45 57.16 38.71
CA SER LB 39 56.76 58.49 39.24
C SER LB 39 56.94 59.46 38.12
N GLY LB 40 57.08 60.77 38.45
CA GLY LB 40 57.23 61.81 37.45
C GLY LB 40 58.35 61.53 36.45
N THR LB 41 59.50 61.11 36.96
CA THR LB 41 60.65 60.82 36.12
C THR LB 41 61.12 59.37 36.31
N TRP LB 42 60.90 58.50 35.32
CA TRP LB 42 61.32 57.11 35.43
C TRP LB 42 62.58 56.85 34.59
N ASN LB 43 63.57 56.15 35.16
CA ASN LB 43 64.81 55.87 34.44
C ASN LB 43 64.75 54.56 33.67
N ASN LB 44 63.91 53.64 34.13
CA ASN LB 44 63.75 52.35 33.46
C ASN LB 44 62.64 52.44 32.40
N VAL LB 45 62.82 51.74 31.28
CA VAL LB 45 61.84 51.70 30.21
C VAL LB 45 60.57 51.05 30.77
N LEU LB 46 59.44 51.76 30.80
CA LEU LB 46 58.24 51.13 31.39
C LEU LB 46 57.69 50.17 30.35
N THR LB 47 57.39 48.93 30.75
CA THR LB 47 57.02 47.91 29.77
C THR LB 47 55.93 46.96 30.25
N ALA LB 48 54.82 46.83 29.50
CA ALA LB 48 53.74 45.91 29.87
C ALA LB 48 53.14 45.31 28.61
N GLU LB 49 52.47 44.17 28.77
CA GLU LB 49 51.85 43.45 27.67
C GLU LB 49 50.35 43.66 27.66
N VAL LB 50 49.74 43.53 26.49
CA VAL LB 50 48.30 43.67 26.38
C VAL LB 50 47.60 42.56 27.15
N ALA LB 51 46.51 42.88 27.85
CA ALA LB 51 45.73 41.89 28.58
C ALA LB 51 44.34 41.89 27.95
N SER LB 52 43.97 40.80 27.28
CA SER LB 52 42.66 40.71 26.62
C SER LB 52 41.52 41.02 27.60
N ALA LB 53 40.50 41.75 27.15
CA ALA LB 53 39.39 42.10 28.05
C ALA LB 53 38.48 40.92 28.40
N ALA LB 54 38.47 39.89 27.56
CA ALA LB 54 37.63 38.71 27.79
C ALA LB 54 38.23 37.68 28.76
N THR LB 55 39.50 37.34 28.56
CA THR LB 55 40.13 36.34 29.42
C THR LB 55 41.17 36.89 30.41
N GLY LB 56 41.92 37.90 29.99
CA GLY LB 56 42.96 38.44 30.84
C GLY LB 56 44.34 38.15 30.27
N GLY LB 57 44.42 37.12 29.41
CA GLY LB 57 45.67 36.75 28.78
C GLY LB 57 45.85 37.45 27.44
N ASN LB 58 46.58 36.83 26.52
CA ASN LB 58 46.83 37.45 25.22
C ASN LB 58 45.68 37.23 24.24
N ILE LB 59 45.49 38.16 23.31
CA ILE LB 59 44.42 38.04 22.32
C ILE LB 59 44.68 36.74 21.54
N SER LB 60 43.68 35.87 21.45
CA SER LB 60 43.88 34.60 20.76
C SER LB 60 43.08 34.56 19.46
N VAL LB 61 43.74 34.80 18.32
CA VAL LB 61 43.03 34.79 17.06
C VAL LB 61 43.00 33.38 16.49
N THR LB 62 41.83 32.87 16.11
CA THR LB 62 41.74 31.54 15.53
C THR LB 62 41.04 31.71 14.17
N CYS LB 63 41.36 30.87 13.19
CA CYS LB 63 40.71 31.00 11.89
C CYS LB 63 39.74 29.84 11.69
N ASP LB 64 38.53 30.13 11.22
CA ASP LB 64 37.53 29.09 10.99
C ASP LB 64 37.77 28.41 9.65
N GLY LB 65 38.78 27.53 9.61
CA GLY LB 65 39.13 26.82 8.40
C GLY LB 65 40.01 25.63 8.71
N THR LB 66 40.34 24.84 7.69
CA THR LB 66 41.18 23.67 7.88
C THR LB 66 42.62 23.92 7.44
N ASP LB 67 42.78 24.45 6.23
CA ASP LB 67 44.09 24.76 5.68
C ASP LB 67 44.66 25.99 6.38
N PRO LB 68 46.00 26.14 6.40
CA PRO LB 68 46.53 27.33 7.09
C PRO LB 68 46.10 28.64 6.42
N VAL LB 69 45.82 29.66 7.22
CA VAL LB 69 45.41 30.96 6.70
C VAL LB 69 46.41 32.02 7.12
N ASP LB 70 46.78 32.92 6.22
CA ASP LB 70 47.75 33.96 6.56
C ASP LB 70 46.97 35.25 6.79
N PHE LB 71 46.80 35.66 8.05
CA PHE LB 71 46.06 36.87 8.36
C PHE LB 71 47.02 37.95 8.83
N THR LB 72 46.61 39.19 8.67
CA THR LB 72 47.47 40.29 9.07
C THR LB 72 46.95 41.05 10.29
N VAL LB 73 47.87 41.76 10.95
CA VAL LB 73 47.53 42.56 12.12
C VAL LB 73 48.05 43.98 11.95
N ALA LB 74 47.19 44.99 12.11
CA ALA LB 74 47.62 46.37 11.96
C ALA LB 74 47.10 47.18 13.14
N ILE LB 75 47.96 48.01 13.74
CA ILE LB 75 47.57 48.83 14.86
C ILE LB 75 47.74 50.27 14.36
N ASP LB 76 46.85 51.15 14.78
CA ASP LB 76 46.89 52.54 14.36
C ASP LB 76 47.74 53.38 15.35
N GLY LB 77 47.80 54.70 15.16
CA GLY LB 77 48.56 55.61 16.01
C GLY LB 77 47.93 56.17 17.27
N GLY LB 78 46.78 55.63 17.70
CA GLY LB 78 46.13 56.13 18.90
C GLY LB 78 45.19 57.29 18.61
N GLU LB 79 44.58 57.84 19.66
CA GLU LB 79 43.66 58.95 19.54
C GLU LB 79 44.22 60.14 18.79
N ARG LB 80 45.46 60.53 19.09
CA ARG LB 80 46.03 61.71 18.42
C ARG LB 80 46.91 61.41 17.20
N THR LB 81 46.99 60.13 16.83
CA THR LB 81 47.78 59.59 15.69
C THR LB 81 49.32 59.62 15.84
N ASP LB 82 49.85 59.88 17.04
CA ASP LB 82 51.30 59.87 17.26
C ASP LB 82 51.71 59.04 18.49
N ARG LB 83 50.86 58.09 18.87
CA ARG LB 83 51.09 57.17 19.99
C ARG LB 83 51.50 57.88 21.28
N THR LB 84 50.68 58.81 21.73
CA THR LB 84 50.92 59.54 22.97
C THR LB 84 49.77 59.35 23.93
N LEU LB 85 50.04 59.03 25.19
CA LEU LB 85 48.95 58.92 26.14
C LEU LB 85 48.69 60.33 26.64
N LYS LB 86 47.44 60.70 26.87
CA LYS LB 86 47.15 62.04 27.32
C LYS LB 86 46.61 62.05 28.75
N ASN LB 87 46.97 63.05 29.54
CA ASN LB 87 46.47 63.08 30.88
C ASN LB 87 44.99 63.39 30.79
N THR LB 88 44.16 62.73 31.59
CA THR LB 88 42.74 63.00 31.61
C THR LB 88 42.38 64.48 31.84
N ALA LB 89 43.11 65.18 32.70
CA ALA LB 89 42.78 66.59 32.99
C ALA LB 89 43.66 67.64 32.28
N SER LB 90 44.97 67.53 32.44
CA SER LB 90 45.94 68.44 31.84
C SER LB 90 46.27 68.03 30.40
N ALA LB 91 47.12 68.80 29.72
CA ALA LB 91 47.48 68.49 28.34
C ALA LB 91 48.83 67.77 28.17
N ASP LB 92 49.37 67.24 29.26
CA ASP LB 92 50.65 66.54 29.20
C ASP LB 92 50.51 65.27 28.36
N VAL LB 93 51.57 64.88 27.64
CA VAL LB 93 51.53 63.68 26.81
C VAL LB 93 52.65 62.73 27.16
N VAL LB 94 52.44 61.43 26.94
CA VAL LB 94 53.47 60.43 27.23
C VAL LB 94 53.65 59.55 26.00
N ALA LB 95 54.73 59.77 25.23
CA ALA LB 95 54.98 59.00 24.03
C ALA LB 95 55.27 57.51 24.33
N TYR LB 96 54.68 56.60 23.54
CA TYR LB 96 54.91 55.17 23.71
C TYR LB 96 54.92 54.49 22.34
N ASN LB 97 55.04 53.16 22.31
CA ASN LB 97 55.04 52.39 21.08
C ASN LB 97 54.67 50.95 21.40
N VAL LB 98 54.13 50.24 20.42
CA VAL LB 98 53.75 48.85 20.62
C VAL LB 98 54.64 47.98 19.72
N TYR LB 99 55.28 46.95 20.27
CA TYR LB 99 56.12 46.08 19.46
C TYR LB 99 55.47 44.71 19.41
N ARG LB 100 55.93 43.87 18.49
CA ARG LB 100 55.37 42.53 18.31
C ARG LB 100 56.17 41.43 19.01
N ASP LB 101 57.49 41.57 19.05
CA ASP LB 101 58.32 40.55 19.68
C ASP LB 101 58.69 40.95 21.10
N ALA LB 102 59.05 39.94 21.90
CA ALA LB 102 59.42 40.11 23.32
C ALA LB 102 60.62 41.03 23.61
N ALA LB 103 61.52 41.22 22.64
CA ALA LB 103 62.67 42.09 22.82
C ALA LB 103 62.47 43.54 22.32
N ARG LB 104 61.22 44.01 22.15
CA ARG LB 104 60.95 45.38 21.73
C ARG LB 104 61.66 45.82 20.44
N THR LB 105 61.86 44.88 19.51
CA THR LB 105 62.54 45.17 18.25
C THR LB 105 61.62 45.32 17.03
N ASN LB 106 60.73 44.35 16.80
CA ASN LB 106 59.82 44.35 15.67
C ASN LB 106 58.64 45.23 16.00
N LEU LB 107 58.71 46.49 15.59
CA LEU LB 107 57.69 47.48 15.88
C LEU LB 107 56.42 47.34 15.03
N TYR LB 108 55.25 47.53 15.64
CA TYR LB 108 54.02 47.50 14.88
C TYR LB 108 53.93 48.87 14.27
N VAL LB 109 54.50 49.04 13.08
CA VAL LB 109 54.50 50.34 12.41
C VAL LB 109 53.07 50.86 12.20
N VAL LB 110 52.86 52.17 12.36
CA VAL LB 110 51.55 52.79 12.21
C VAL LB 110 50.86 52.38 10.90
N ASN LB 111 49.59 51.95 10.99
CA ASN LB 111 48.82 51.55 9.81
C ASN LB 111 49.57 50.57 8.89
N GLN LB 112 50.17 49.54 9.46
CA GLN LB 112 50.88 48.55 8.66
C GLN LB 112 50.44 47.13 9.02
N PRO LB 113 50.25 46.28 7.99
CA PRO LB 113 49.80 44.90 8.24
C PRO LB 113 50.90 43.94 8.68
N GLN LB 114 51.26 43.92 9.95
CA GLN LB 114 52.29 42.97 10.36
C GLN LB 114 51.72 41.56 10.13
N GLN LB 115 52.30 40.78 9.22
CA GLN LB 115 51.87 39.41 8.87
C GLN LB 115 51.79 38.42 10.07
N PHE LB 116 50.93 37.41 9.91
CA PHE LB 116 50.74 36.37 10.93
C PHE LB 116 50.23 35.05 10.32
N THR LB 117 50.56 33.92 10.95
CA THR LB 117 50.12 32.62 10.46
C THR LB 117 49.16 32.01 11.45
N THR LB 118 48.30 31.13 10.97
CA THR LB 118 47.37 30.45 11.83
C THR LB 118 47.23 29.07 11.19
N VAL LB 119 47.16 28.03 12.02
CA VAL LB 119 47.16 26.67 11.57
C VAL LB 119 45.96 25.84 12.02
N SER LB 120 45.88 24.60 11.53
CA SER LB 120 44.77 23.70 11.80
C SER LB 120 44.42 23.55 13.30
N GLY LB 121 43.14 23.76 13.63
CA GLY LB 121 42.64 23.58 14.98
C GLY LB 121 43.45 24.29 16.05
N GLN LB 122 43.85 25.53 15.80
CA GLN LB 122 44.63 26.21 16.83
C GLN LB 122 44.33 27.71 16.91
N ALA LB 123 44.56 28.30 18.08
CA ALA LB 123 44.38 29.73 18.25
C ALA LB 123 45.79 30.33 18.38
N THR LB 124 46.11 31.29 17.52
CA THR LB 124 47.41 31.95 17.57
C THR LB 124 47.28 33.22 18.43
N ALA LB 125 48.29 33.51 19.25
CA ALA LB 125 48.23 34.69 20.10
C ALA LB 125 48.79 35.92 19.39
N VAL LB 126 48.23 37.10 19.69
CA VAL LB 126 48.71 38.34 19.08
C VAL LB 126 49.43 39.12 20.16
N PRO LB 127 50.77 39.01 20.19
CA PRO LB 127 51.51 39.72 21.22
C PRO LB 127 51.60 41.20 20.89
N ILE LB 128 50.99 42.05 21.72
CA ILE LB 128 51.09 43.47 21.52
C ILE LB 128 51.91 43.91 22.73
N PHE LB 129 53.22 44.03 22.55
CA PHE LB 129 54.10 44.39 23.65
C PHE LB 129 54.29 45.90 23.70
N GLY LB 130 53.88 46.53 24.80
CA GLY LB 130 54.04 47.96 24.92
C GLY LB 130 55.42 48.27 25.47
N ALA LB 131 55.87 49.51 25.22
CA ALA LB 131 57.16 49.98 25.67
C ALA LB 131 57.17 51.51 25.72
N ILE LB 132 57.67 52.07 26.81
CA ILE LB 132 57.78 53.51 26.96
C ILE LB 132 59.24 53.91 27.24
N ALA LB 133 59.72 54.95 26.56
CA ALA LB 133 61.10 55.40 26.72
C ALA LB 133 61.36 55.97 28.11
N PRO LB 134 62.63 55.92 28.55
CA PRO LB 134 62.95 56.46 29.87
C PRO LB 134 62.87 57.99 29.86
N ASN LB 135 61.98 58.56 30.67
CA ASN LB 135 61.84 60.00 30.76
C ASN LB 135 62.70 60.46 31.92
N THR LB 136 63.87 61.04 31.63
CA THR LB 136 64.74 61.53 32.69
C THR LB 136 64.98 63.01 32.49
N GLY LB 137 63.98 63.70 31.95
CA GLY LB 137 64.07 65.12 31.69
C GLY LB 137 63.08 65.93 32.52
N THR LB 138 61.83 65.96 32.08
CA THR LB 138 60.80 66.72 32.79
C THR LB 138 59.77 65.80 33.44
N PRO LB 139 59.39 66.09 34.70
CA PRO LB 139 58.40 65.24 35.38
C PRO LB 139 56.96 65.55 34.92
N LYS LB 140 56.31 64.61 34.25
CA LYS LB 140 54.95 64.83 33.78
C LYS LB 140 54.00 64.97 34.97
N ALA LB 141 52.95 65.79 34.82
CA ALA LB 141 51.99 66.02 35.90
C ALA LB 141 51.30 64.74 36.44
N GLN LB 142 50.91 64.77 37.71
CA GLN LB 142 50.25 63.64 38.35
C GLN LB 142 48.87 63.38 37.75
N GLY LB 143 48.41 62.13 37.84
CA GLY LB 143 47.11 61.77 37.29
C GLY LB 143 47.16 60.50 36.47
N ASP LB 144 46.13 60.28 35.67
CA ASP LB 144 46.04 59.08 34.83
C ASP LB 144 46.23 59.43 33.35
N TYR LB 145 47.13 58.73 32.66
CA TYR LB 145 47.36 58.98 31.24
C TYR LB 145 46.68 57.86 30.47
N LYS LB 146 45.96 58.18 29.39
CA LYS LB 146 45.26 57.16 28.60
C LYS LB 146 45.42 57.33 27.09
N ASP LB 147 45.04 56.27 26.38
CA ASP LB 147 45.03 56.24 24.92
C ASP LB 147 44.21 55.01 24.52
N THR LB 148 43.64 55.06 23.33
CA THR LB 148 42.85 53.95 22.84
C THR LB 148 43.38 53.55 21.48
N LEU LB 149 44.25 52.54 21.42
CA LEU LB 149 44.79 52.13 20.15
C LEU LB 149 43.73 51.25 19.48
N LEU LB 150 43.52 51.43 18.19
CA LEU LB 150 42.55 50.60 17.48
C LEU LB 150 43.36 49.52 16.80
N VAL LB 151 43.19 48.25 17.19
CA VAL LB 151 43.92 47.17 16.54
C VAL LB 151 42.99 46.69 15.44
N THR LB 152 43.55 46.49 14.24
CA THR LB 152 42.83 46.12 13.04
C THR LB 152 43.24 44.78 12.48
N VAL LB 153 42.54 43.71 12.88
CA VAL LB 153 42.85 42.38 12.35
C VAL LB 153 42.16 42.32 10.98
N ASN LB 154 42.94 42.31 9.89
CA ASN LB 154 42.33 42.31 8.58
C ASN LB 154 42.93 41.23 7.72
N PHE LB 155 42.21 40.89 6.66
CA PHE LB 155 42.58 39.80 5.81
C PHE LB 155 42.88 40.29 4.39
N ALA MB 1 37.57 41.92 8.18
CA ALA MB 1 38.06 43.12 8.83
C ALA MB 1 37.50 43.23 10.25
N VAL MB 2 38.26 42.76 11.24
CA VAL MB 2 37.83 42.84 12.62
C VAL MB 2 38.67 43.91 13.35
N THR MB 3 38.14 45.13 13.39
CA THR MB 3 38.81 46.25 14.07
C THR MB 3 38.37 46.29 15.55
N GLY MB 4 39.36 46.42 16.44
CA GLY MB 4 39.10 46.45 17.86
C GLY MB 4 39.88 47.47 18.67
N GLN MB 5 39.49 47.72 19.93
CA GLN MB 5 40.17 48.72 20.74
C GLN MB 5 41.09 48.16 21.85
N VAL MB 6 42.18 48.85 22.14
CA VAL MB 6 43.12 48.44 23.17
C VAL MB 6 43.38 49.67 24.04
N ASP MB 7 42.82 49.70 25.24
CA ASP MB 7 43.00 50.86 26.09
C ASP MB 7 44.41 50.86 26.67
N VAL MB 8 45.14 51.96 26.50
CA VAL MB 8 46.48 52.09 27.02
C VAL MB 8 46.41 52.96 28.28
N LYS MB 9 47.14 52.59 29.33
CA LYS MB 9 47.08 53.37 30.56
C LYS MB 9 48.42 53.47 31.27
N LEU MB 10 48.57 54.53 32.07
CA LEU MB 10 49.77 54.79 32.85
C LEU MB 10 49.37 55.73 33.98
N ASN MB 11 49.67 55.39 35.23
CA ASN MB 11 49.29 56.22 36.35
C ASN MB 11 50.53 56.89 36.90
N ILE MB 12 50.82 58.11 36.42
CA ILE MB 12 51.96 58.84 36.90
C ILE MB 12 51.57 59.48 38.24
N SER MB 13 52.12 58.98 39.35
CA SER MB 13 51.83 59.53 40.67
C SER MB 13 52.97 59.33 41.70
N THR MB 14 53.26 58.07 42.04
CA THR MB 14 54.31 57.71 43.00
C THR MB 14 54.67 56.25 42.78
N GLY MB 15 55.71 55.98 41.98
CA GLY MB 15 56.12 54.63 41.67
C GLY MB 15 57.46 54.13 42.20
N CYS MB 16 57.77 52.89 41.83
CA CYS MB 16 58.97 52.18 42.25
C CYS MB 16 59.87 51.90 41.04
N THR MB 17 61.19 52.01 41.20
CA THR MB 17 62.13 51.82 40.08
C THR MB 17 63.16 50.69 40.33
N VAL MB 18 63.60 50.03 39.26
CA VAL MB 18 64.56 48.94 39.40
C VAL MB 18 65.97 49.38 38.96
N GLY MB 19 66.95 49.31 39.86
CA GLY MB 19 68.32 49.69 39.52
C GLY MB 19 69.13 48.45 39.15
N GLY MB 20 70.29 48.66 38.52
CA GLY MB 20 71.15 47.57 38.11
C GLY MB 20 70.90 47.12 36.67
N SER MB 21 69.97 47.77 35.98
CA SER MB 21 69.66 47.42 34.62
C SER MB 21 70.26 48.43 33.64
N GLN MB 22 70.44 47.98 32.41
CA GLN MB 22 70.97 48.78 31.33
C GLN MB 22 69.93 48.69 30.23
N THR MB 23 69.65 49.78 29.54
CA THR MB 23 68.64 49.73 28.49
C THR MB 23 69.23 49.14 27.20
N GLU MB 24 68.92 47.88 26.90
CA GLU MB 24 69.38 47.27 25.66
C GLU MB 24 68.37 47.70 24.61
N GLY MB 25 68.67 48.74 23.84
CA GLY MB 25 67.72 49.21 22.86
C GLY MB 25 66.49 49.67 23.62
N ASN MB 26 65.33 49.04 23.40
CA ASN MB 26 64.11 49.44 24.10
C ASN MB 26 63.65 48.37 25.09
N MET MB 27 64.59 47.53 25.55
CA MET MB 27 64.27 46.47 26.51
C MET MB 27 65.28 46.49 27.66
N ASN MB 28 64.82 46.57 28.90
CA ASN MB 28 65.71 46.63 30.05
C ASN MB 28 66.57 45.37 30.25
N LYS MB 29 67.90 45.47 30.08
CA LYS MB 29 68.78 44.34 30.30
C LYS MB 29 69.07 44.28 31.80
N PHE MB 30 68.46 43.32 32.50
CA PHE MB 30 68.64 43.22 33.94
C PHE MB 30 69.95 42.58 34.36
N GLY MB 31 70.37 41.50 33.70
CA GLY MB 31 71.61 40.88 34.12
C GLY MB 31 71.97 39.59 33.41
N THR MB 32 72.87 38.83 34.02
CA THR MB 32 73.31 37.57 33.44
C THR MB 32 73.40 36.48 34.51
N LEU MB 33 72.97 35.27 34.16
CA LEU MB 33 73.02 34.14 35.07
C LEU MB 33 74.09 33.26 34.44
N ASN MB 34 75.35 33.48 34.82
CA ASN MB 34 76.46 32.78 34.22
C ASN MB 34 76.90 31.56 35.03
N PHE MB 35 76.53 30.36 34.58
CA PHE MB 35 76.92 29.15 35.29
C PHE MB 35 78.40 28.81 35.10
N GLY MB 36 78.99 29.36 34.05
CA GLY MB 36 80.40 29.16 33.77
C GLY MB 36 80.61 28.02 32.80
N LYS MB 37 81.82 27.49 32.78
CA LYS MB 37 82.19 26.38 31.90
C LYS MB 37 81.87 25.04 32.59
N THR MB 38 81.64 24.00 31.80
CA THR MB 38 81.33 22.69 32.33
C THR MB 38 81.58 21.59 31.30
N SER MB 39 81.72 20.35 31.78
CA SER MB 39 81.96 19.21 30.91
C SER MB 39 80.65 18.60 30.53
N GLY MB 40 80.68 17.61 29.60
CA GLY MB 40 79.48 16.96 29.10
C GLY MB 40 78.59 16.44 30.22
N THR MB 41 79.19 15.75 31.18
CA THR MB 41 78.45 15.19 32.31
C THR MB 41 78.98 15.73 33.64
N TRP MB 42 78.20 16.59 34.32
CA TRP MB 42 78.62 17.14 35.60
C TRP MB 42 77.89 16.46 36.76
N ASN MB 43 78.61 16.09 37.81
CA ASN MB 43 77.99 15.42 38.96
C ASN MB 43 77.53 16.41 40.03
N ASN MB 44 78.17 17.57 40.07
CA ASN MB 44 77.80 18.61 41.04
C ASN MB 44 76.74 19.53 40.43
N VAL MB 45 75.80 19.99 41.27
CA VAL MB 45 74.74 20.90 40.85
C VAL MB 45 75.41 22.20 40.40
N LEU MB 46 75.28 22.60 39.13
CA LEU MB 46 75.96 23.84 38.70
C LEU MB 46 75.16 25.01 39.23
N THR MB 47 75.81 25.97 39.88
CA THR MB 47 75.09 27.02 40.57
C THR MB 47 75.75 28.40 40.47
N ALA MB 48 75.03 29.42 39.99
CA ALA MB 48 75.57 30.78 39.88
C ALA MB 48 74.47 31.79 40.15
N GLU MB 49 74.87 33.01 40.52
CA GLU MB 49 73.94 34.08 40.86
C GLU MB 49 73.86 35.08 39.72
N VAL MB 50 72.75 35.78 39.63
CA VAL MB 50 72.58 36.80 38.61
C VAL MB 50 73.57 37.95 38.83
N ALA MB 51 74.15 38.47 37.76
CA ALA MB 51 75.08 39.58 37.84
C ALA MB 51 74.45 40.73 37.05
N SER MB 52 74.01 41.80 37.73
CA SER MB 52 73.38 42.93 37.05
C SER MB 52 74.25 43.48 35.91
N ALA MB 53 73.64 43.83 34.79
CA ALA MB 53 74.40 44.33 33.64
C ALA MB 53 75.00 45.73 33.86
N ALA MB 54 74.41 46.50 34.77
CA ALA MB 54 74.88 47.85 35.04
C ALA MB 54 76.06 47.93 36.00
N THR MB 55 75.97 47.22 37.13
CA THR MB 55 77.04 47.27 38.12
C THR MB 55 77.90 46.00 38.22
N GLY MB 56 77.29 44.83 38.05
CA GLY MB 56 78.01 43.59 38.17
C GLY MB 56 77.54 42.81 39.39
N GLY MB 57 76.93 43.52 40.35
CA GLY MB 57 76.41 42.90 41.55
C GLY MB 57 74.96 42.49 41.39
N ASN MB 58 74.21 42.45 42.49
CA ASN MB 58 72.80 42.04 42.43
C ASN MB 58 71.89 43.20 42.02
N ILE MB 59 70.77 42.86 41.37
CA ILE MB 59 69.82 43.88 40.94
C ILE MB 59 69.35 44.61 42.20
N SER MB 60 69.44 45.95 42.21
CA SER MB 60 69.04 46.69 43.41
C SER MB 60 67.77 47.49 43.14
N VAL MB 61 66.63 47.00 43.60
CA VAL MB 61 65.39 47.72 43.37
C VAL MB 61 65.15 48.71 44.50
N THR MB 62 64.88 49.97 44.17
CA THR MB 62 64.60 50.97 45.20
C THR MB 62 63.23 51.58 44.85
N CYS MB 63 62.47 51.99 45.86
CA CYS MB 63 61.20 52.62 45.57
C CYS MB 63 61.33 54.11 45.81
N ASP MB 64 60.46 54.88 45.17
CA ASP MB 64 60.49 56.34 45.30
C ASP MB 64 59.37 56.84 46.20
N GLY MB 65 59.66 57.00 47.50
CA GLY MB 65 58.66 57.49 48.45
C GLY MB 65 59.14 57.39 49.88
N THR MB 66 58.21 57.63 50.82
CA THR MB 66 58.50 57.56 52.24
C THR MB 66 57.91 56.34 52.97
N ASP MB 67 56.80 55.79 52.51
CA ASP MB 67 56.28 54.62 53.23
C ASP MB 67 56.82 53.34 52.60
N PRO MB 68 57.07 52.30 53.42
CA PRO MB 68 57.61 51.07 52.84
C PRO MB 68 56.65 50.43 51.84
N VAL MB 69 57.01 50.36 50.56
CA VAL MB 69 56.12 49.78 49.56
C VAL MB 69 56.37 48.26 49.40
N ASP MB 70 55.30 47.51 49.14
CA ASP MB 70 55.43 46.07 48.95
C ASP MB 70 55.35 45.80 47.45
N PHE MB 71 56.49 45.49 46.82
CA PHE MB 71 56.50 45.25 45.39
C PHE MB 71 56.72 43.78 45.13
N THR MB 72 56.29 43.31 43.97
CA THR MB 72 56.45 41.90 43.66
C THR MB 72 57.45 41.64 42.53
N VAL MB 73 57.96 40.40 42.50
CA VAL MB 73 58.91 40.00 41.48
C VAL MB 73 58.44 38.72 40.80
N ALA MB 74 58.35 38.71 39.47
CA ALA MB 74 57.92 37.52 38.76
C ALA MB 74 58.88 37.23 37.61
N ILE MB 75 59.29 35.97 37.46
CA ILE MB 75 60.19 35.58 36.40
C ILE MB 75 59.40 34.61 35.55
N ASP MB 76 59.59 34.66 34.23
CA ASP MB 76 58.86 33.79 33.31
C ASP MB 76 59.66 32.49 33.07
N GLY MB 77 59.18 31.62 32.17
CA GLY MB 77 59.82 30.35 31.85
C GLY MB 77 60.92 30.32 30.79
N GLY MB 78 61.43 31.45 30.37
CA GLY MB 78 62.48 31.48 29.36
C GLY MB 78 61.92 31.48 27.94
N GLU MB 79 62.82 31.46 26.96
CA GLU MB 79 62.43 31.46 25.56
C GLU MB 79 61.45 30.37 25.19
N ARG MB 80 61.66 29.15 25.66
CA ARG MB 80 60.77 28.04 25.28
C ARG MB 80 59.66 27.74 26.28
N THR MB 81 59.58 28.54 27.36
CA THR MB 81 58.62 28.44 28.47
C THR MB 81 58.77 27.24 29.43
N ASP MB 82 59.89 26.52 29.37
CA ASP MB 82 60.13 25.39 30.28
C ASP MB 82 61.53 25.44 30.93
N ARG MB 83 62.09 26.65 31.02
CA ARG MB 83 63.39 26.90 31.64
C ARG MB 83 64.50 25.97 31.16
N THR MB 84 64.72 25.94 29.85
CA THR MB 84 65.76 25.12 29.26
C THR MB 84 66.73 26.00 28.46
N LEU MB 85 68.03 25.81 28.65
CA LEU MB 85 68.95 26.59 27.85
C LEU MB 85 69.13 25.81 26.55
N LYS MB 86 69.25 26.51 25.42
CA LYS MB 86 69.39 25.80 24.16
C LYS MB 86 70.77 26.02 23.55
N ASN MB 87 71.33 25.00 22.91
CA ASN MB 87 72.61 25.18 22.31
C ASN MB 87 72.43 26.11 21.13
N THR MB 88 73.34 27.05 20.94
CA THR MB 88 73.27 27.97 19.80
C THR MB 88 73.16 27.25 18.45
N ALA MB 89 73.87 26.14 18.26
CA ALA MB 89 73.82 25.44 16.96
C ALA MB 89 72.91 24.20 16.88
N SER MB 90 73.12 23.26 17.78
CA SER MB 90 72.35 22.02 17.86
C SER MB 90 71.04 22.23 18.62
N ALA MB 91 70.22 21.18 18.75
CA ALA MB 91 68.94 21.29 19.45
C ALA MB 91 68.97 20.75 20.89
N ASP MB 92 70.16 20.53 21.44
CA ASP MB 92 70.27 20.02 22.80
C ASP MB 92 69.74 21.05 23.81
N VAL MB 93 69.14 20.59 24.90
CA VAL MB 93 68.59 21.51 25.90
C VAL MB 93 69.17 21.21 27.28
N VAL MB 94 69.24 22.24 28.14
CA VAL MB 94 69.76 22.06 29.49
C VAL MB 94 68.75 22.64 30.49
N ALA MB 95 67.98 21.79 31.16
CA ALA MB 95 66.98 22.25 32.11
C ALA MB 95 67.61 22.94 33.34
N TYR MB 96 67.04 24.07 33.77
CA TYR MB 96 67.52 24.80 34.93
C TYR MB 96 66.35 25.41 35.68
N ASN MB 97 66.62 26.17 36.75
CA ASN MB 97 65.59 26.83 37.53
C ASN MB 97 66.21 27.99 38.30
N VAL MB 98 65.40 28.98 38.64
CA VAL MB 98 65.89 30.12 39.39
C VAL MB 98 65.23 30.13 40.77
N TYR MB 99 66.01 30.23 41.84
CA TYR MB 99 65.44 30.26 43.18
C TYR MB 99 65.68 31.64 43.78
N ARG MB 100 64.97 31.95 44.86
CA ARG MB 100 65.08 33.25 45.52
C ARG MB 100 66.03 33.26 46.71
N ASP MB 101 66.06 32.16 47.46
CA ASP MB 101 66.91 32.09 48.64
C ASP MB 101 68.21 31.37 48.35
N ALA MB 102 69.23 31.64 49.18
CA ALA MB 102 70.58 31.06 49.03
C ALA MB 102 70.68 29.52 49.10
N ALA MB 103 69.70 28.86 49.70
CA ALA MB 103 69.69 27.41 49.79
C ALA MB 103 68.89 26.69 48.69
N ARG MB 104 68.60 27.36 47.55
CA ARG MB 104 67.88 26.74 46.43
C ARG MB 104 66.53 26.10 46.81
N THR MB 105 65.84 26.67 47.80
CA THR MB 105 64.55 26.15 48.25
C THR MB 105 63.31 26.91 47.77
N ASN MB 106 63.30 28.23 47.94
CA ASN MB 106 62.18 29.07 47.55
C ASN MB 106 62.29 29.36 46.06
N LEU MB 107 61.61 28.55 45.26
CA LEU MB 107 61.65 28.65 43.81
C LEU MB 107 60.83 29.81 43.24
N TYR MB 108 61.37 30.50 42.22
CA TYR MB 108 60.62 31.55 41.59
C TYR MB 108 59.72 30.82 40.63
N VAL MB 109 58.53 30.44 41.09
CA VAL MB 109 57.58 29.71 40.25
C VAL MB 109 57.23 30.49 38.98
N VAL MB 110 57.10 29.78 37.85
CA VAL MB 110 56.79 30.39 36.56
C VAL MB 110 55.60 31.36 36.64
N ASN MB 111 55.75 32.58 36.11
CA ASN MB 111 54.68 33.58 36.13
C ASN MB 111 54.02 33.75 37.49
N GLN MB 112 54.82 33.89 38.54
CA GLN MB 112 54.27 34.09 39.87
C GLN MB 112 54.92 35.28 40.58
N PRO MB 113 54.11 36.11 41.25
CA PRO MB 113 54.65 37.29 41.93
C PRO MB 113 55.31 37.02 43.28
N GLN MB 114 56.56 36.59 43.30
CA GLN MB 114 57.18 36.36 44.59
C GLN MB 114 57.27 37.73 45.30
N GLN MB 115 56.56 37.91 46.43
CA GLN MB 115 56.52 39.17 47.21
C GLN MB 115 57.92 39.69 47.67
N PHE MB 116 57.97 41.01 47.88
CA PHE MB 116 59.20 41.69 48.35
C PHE MB 116 58.88 42.99 49.09
N THR MB 117 59.75 43.38 50.02
CA THR MB 117 59.55 44.61 50.78
C THR MB 117 60.63 45.63 50.41
N THR MB 118 60.34 46.91 50.64
CA THR MB 118 61.30 47.96 50.32
C THR MB 118 61.01 49.20 51.18
N VAL MB 119 62.02 49.75 51.87
CA VAL MB 119 61.81 50.92 52.71
C VAL MB 119 62.42 52.15 52.05
N SER MB 120 62.04 53.33 52.54
CA SER MB 120 62.53 54.60 52.01
C SER MB 120 64.04 54.76 52.27
N GLY MB 121 64.73 55.45 51.35
CA GLY MB 121 66.16 55.69 51.48
C GLY MB 121 66.99 54.41 51.58
N GLN MB 122 66.58 53.39 50.82
CA GLN MB 122 67.29 52.12 50.80
C GLN MB 122 66.98 51.37 49.51
N ALA MB 123 67.92 50.55 49.05
CA ALA MB 123 67.72 49.77 47.84
C ALA MB 123 67.70 48.30 48.25
N THR MB 124 66.67 47.55 47.88
CA THR MB 124 66.59 46.13 48.22
C THR MB 124 67.14 45.31 47.06
N ALA MB 125 67.90 44.25 47.35
CA ALA MB 125 68.47 43.43 46.30
C ALA MB 125 67.51 42.31 45.88
N VAL MB 126 67.52 41.94 44.61
CA VAL MB 126 66.67 40.88 44.11
C VAL MB 126 67.55 39.67 43.81
N PRO MB 127 67.62 38.72 44.76
CA PRO MB 127 68.49 37.58 44.53
C PRO MB 127 67.84 36.61 43.56
N ILE MB 128 68.44 36.41 42.39
CA ILE MB 128 67.93 35.46 41.45
C ILE MB 128 69.03 34.40 41.44
N PHE MB 129 68.84 33.35 42.24
CA PHE MB 129 69.85 32.32 42.36
C PHE MB 129 69.58 31.20 41.35
N GLY MB 130 70.49 30.95 40.43
CA GLY MB 130 70.30 29.90 39.46
C GLY MB 130 70.78 28.59 40.04
N ALA MB 131 70.28 27.49 39.46
CA ALA MB 131 70.64 26.15 39.87
C ALA MB 131 70.34 25.16 38.75
N ILE MB 132 71.29 24.27 38.46
CA ILE MB 132 71.11 23.25 37.45
C ILE MB 132 71.32 21.85 38.06
N ALA MB 133 70.42 20.92 37.73
CA ALA MB 133 70.51 19.56 38.26
C ALA MB 133 71.74 18.81 37.76
N PRO MB 134 72.20 17.83 38.55
CA PRO MB 134 73.38 17.07 38.12
C PRO MB 134 73.03 16.14 36.96
N ASN MB 135 73.66 16.35 35.80
CA ASN MB 135 73.43 15.53 34.64
C ASN MB 135 74.48 14.41 34.66
N THR MB 136 74.09 13.21 35.04
CA THR MB 136 75.02 12.10 35.07
C THR MB 136 74.50 10.98 34.18
N GLY MB 137 73.80 11.38 33.10
CA GLY MB 137 73.24 10.44 32.16
C GLY MB 137 73.85 10.56 30.78
N THR MB 138 73.39 11.55 30.01
CA THR MB 138 73.89 11.75 28.65
C THR MB 138 74.73 13.02 28.55
N PRO MB 139 75.87 12.95 27.85
CA PRO MB 139 76.71 14.16 27.70
C PRO MB 139 76.17 15.10 26.63
N LYS MB 140 75.72 16.30 27.01
CA LYS MB 140 75.19 17.26 26.04
C LYS MB 140 76.30 17.73 25.10
N ALA MB 141 75.95 18.01 23.84
CA ALA MB 141 76.94 18.45 22.86
C ALA MB 141 77.74 19.71 23.25
N GLN MB 142 78.96 19.81 22.74
CA GLN MB 142 79.83 20.97 23.04
C GLN MB 142 79.28 22.25 22.44
N GLY MB 143 79.64 23.39 23.04
CA GLY MB 143 79.16 24.67 22.55
C GLY MB 143 78.65 25.56 23.66
N ASP MB 144 77.89 26.59 23.29
CA ASP MB 144 77.34 27.52 24.27
C ASP MB 144 75.83 27.36 24.40
N TYR MB 145 75.32 27.22 25.63
CA TYR MB 145 73.89 27.08 25.84
C TYR MB 145 73.38 28.42 26.37
N LYS MB 146 72.24 28.89 25.86
CA LYS MB 146 71.69 30.18 26.29
C LYS MB 146 70.19 30.15 26.54
N ASP MB 147 69.72 31.21 27.20
CA ASP MB 147 68.30 31.43 27.49
C ASP MB 147 68.18 32.89 27.92
N THR MB 148 67.00 33.45 27.73
CA THR MB 148 66.75 34.83 28.12
C THR MB 148 65.52 34.86 29.01
N LEU MB 149 65.71 34.85 30.32
CA LEU MB 149 64.56 34.88 31.20
C LEU MB 149 64.09 36.33 31.28
N LEU MB 150 62.78 36.56 31.24
CA LEU MB 150 62.27 37.92 31.34
C LEU MB 150 61.85 38.09 32.79
N VAL MB 151 62.51 38.96 33.55
CA VAL MB 151 62.14 39.19 34.94
C VAL MB 151 61.15 40.36 34.88
N THR MB 152 60.04 40.21 35.61
CA THR MB 152 58.94 41.15 35.63
C THR MB 152 58.71 41.78 36.98
N VAL MB 153 59.31 42.93 37.24
CA VAL MB 153 59.10 43.63 38.51
C VAL MB 153 57.76 44.36 38.35
N ASN MB 154 56.72 43.93 39.06
CA ASN MB 154 55.43 44.57 38.90
C ASN MB 154 54.85 44.92 40.24
N PHE MB 155 53.88 45.82 40.21
CA PHE MB 155 53.30 46.35 41.41
C PHE MB 155 51.82 46.01 41.49
N ALA NB 1 55.05 48.46 36.15
CA ALA NB 1 55.43 47.24 35.47
C ALA NB 1 56.78 47.40 34.76
N VAL NB 2 57.86 47.00 35.44
CA VAL NB 2 59.19 47.09 34.85
C VAL NB 2 59.67 45.68 34.49
N THR NB 3 59.43 45.29 33.23
CA THR NB 3 59.86 43.99 32.72
C THR NB 3 61.28 44.09 32.14
N GLY NB 4 62.14 43.14 32.52
CA GLY NB 4 63.51 43.13 32.08
C GLY NB 4 64.09 41.78 31.69
N GLN NB 5 65.24 41.75 31.03
CA GLN NB 5 65.82 40.47 30.59
C GLN NB 5 67.05 40.00 31.40
N VAL NB 6 67.19 38.68 31.56
CA VAL NB 6 68.30 38.09 32.30
C VAL NB 6 68.88 37.00 31.40
N ASP NB 7 70.04 37.24 30.79
CA ASP NB 7 70.61 36.26 29.91
C ASP NB 7 71.20 35.11 30.72
N VAL NB 8 70.80 33.88 30.42
CA VAL NB 8 71.31 32.71 31.11
C VAL NB 8 72.33 32.04 30.19
N LYS NB 9 73.45 31.58 30.75
CA LYS NB 9 74.47 30.97 29.92
C LYS NB 9 75.17 29.79 30.59
N LEU NB 10 75.72 28.89 29.76
CA LEU NB 10 76.43 27.72 30.22
C LEU NB 10 77.32 27.27 29.07
N ASN NB 11 78.61 27.09 29.29
CA ASN NB 11 79.52 26.69 28.23
C ASN NB 11 79.93 25.25 28.44
N ILE NB 12 79.19 24.32 27.83
CA ILE NB 12 79.52 22.92 27.95
C ILE NB 12 80.67 22.64 26.97
N SER NB 13 81.87 22.39 27.51
CA SER NB 13 83.04 22.09 26.67
C SER NB 13 84.10 21.21 27.38
N THR NB 14 84.72 21.75 28.44
CA THR NB 14 85.76 21.06 29.21
C THR NB 14 85.88 21.75 30.57
N GLY NB 15 85.16 21.24 31.58
CA GLY NB 15 85.16 21.83 32.91
C GLY NB 15 85.82 21.06 34.04
N CYS NB 16 85.74 21.68 35.23
CA CYS NB 16 86.33 21.16 36.45
C CYS NB 16 85.22 20.82 37.47
N THR NB 17 85.38 19.73 38.22
CA THR NB 17 84.35 19.29 39.18
C THR NB 17 84.86 19.20 40.64
N VAL NB 18 83.97 19.43 41.60
CA VAL NB 18 84.36 19.37 43.01
C VAL NB 18 83.86 18.08 43.68
N GLY NB 19 84.77 17.27 44.22
CA GLY NB 19 84.38 16.05 44.88
C GLY NB 19 84.31 16.26 46.39
N GLY NB 20 83.67 15.34 47.11
CA GLY NB 20 83.52 15.44 48.55
C GLY NB 20 82.22 16.11 48.98
N SER NB 21 81.39 16.48 48.01
CA SER NB 21 80.14 17.12 48.32
C SER NB 21 78.95 16.17 48.14
N GLN NB 22 77.86 16.48 48.81
CA GLN NB 22 76.63 15.70 48.76
C GLN NB 22 75.57 16.71 48.34
N THR NB 23 74.65 16.31 47.49
CA THR NB 23 73.62 17.23 47.04
C THR NB 23 72.51 17.34 48.10
N GLU NB 24 72.50 18.42 48.88
CA GLU NB 24 71.44 18.63 49.85
C GLU NB 24 70.29 19.27 49.06
N GLY NB 25 69.32 18.47 48.62
CA GLY NB 25 68.24 19.02 47.83
C GLY NB 25 68.85 19.56 46.56
N ASN NB 26 68.76 20.86 46.30
CA ASN NB 26 69.33 21.45 45.09
C ASN NB 26 70.53 22.34 45.40
N MET NB 27 71.18 22.12 46.55
CA MET NB 27 72.34 22.90 46.94
C MET NB 27 73.48 21.97 47.39
N ASN NB 28 74.67 22.10 46.80
CA ASN NB 28 75.78 21.23 47.14
C ASN NB 28 76.28 21.36 48.59
N LYS NB 29 76.11 20.31 49.40
CA LYS NB 29 76.59 20.34 50.79
C LYS NB 29 78.08 19.97 50.75
N PHE NB 30 78.96 20.93 50.93
CA PHE NB 30 80.39 20.68 50.86
C PHE NB 30 80.96 20.04 52.11
N GLY NB 31 80.56 20.50 53.30
CA GLY NB 31 81.12 19.89 54.49
C GLY NB 31 80.73 20.55 55.79
N THR NB 32 81.51 20.27 56.84
CA THR NB 32 81.24 20.81 58.15
C THR NB 32 82.52 21.31 58.82
N LEU NB 33 82.44 22.46 59.49
CA LEU NB 33 83.59 23.02 60.21
C LEU NB 33 83.18 22.86 61.66
N ASN NB 34 83.53 21.71 62.25
CA ASN NB 34 83.11 21.39 63.60
C ASN NB 34 84.18 21.73 64.63
N PHE NB 35 84.00 22.84 65.36
CA PHE NB 35 84.98 23.22 66.37
C PHE NB 35 84.89 22.35 67.62
N GLY NB 36 83.75 21.67 67.80
CA GLY NB 36 83.55 20.79 68.92
C GLY NB 36 82.86 21.49 70.07
N LYS NB 37 82.98 20.91 71.25
CA LYS NB 37 82.37 21.46 72.47
C LYS NB 37 83.34 22.46 73.11
N THR NB 38 82.79 23.40 73.87
CA THR NB 38 83.60 24.42 74.54
C THR NB 38 82.86 25.06 75.70
N SER NB 39 83.60 25.68 76.61
CA SER NB 39 83.01 26.34 77.77
C SER NB 39 82.75 27.78 77.44
N GLY NB 40 82.05 28.51 78.34
CA GLY NB 40 81.71 29.90 78.12
C GLY NB 40 82.89 30.77 77.73
N THR NB 41 84.00 30.61 78.46
CA THR NB 41 85.20 31.38 78.19
C THR NB 41 86.39 30.47 77.89
N TRP NB 42 86.85 30.41 76.64
CA TRP NB 42 87.98 29.56 76.27
C TRP NB 42 89.25 30.41 76.09
N ASN NB 43 90.37 29.96 76.64
CA ASN NB 43 91.63 30.70 76.51
C ASN NB 43 92.45 30.28 75.30
N ASN NB 44 92.25 29.04 74.86
CA ASN NB 44 92.94 28.54 73.69
C ASN NB 44 92.13 28.82 72.42
N VAL NB 45 92.82 29.12 71.32
CA VAL NB 45 92.19 29.40 70.04
C VAL NB 45 91.47 28.12 69.59
N LEU NB 46 90.15 28.14 69.43
CA LEU NB 46 89.47 26.89 69.06
C LEU NB 46 89.71 26.68 67.57
N THR NB 47 90.14 25.49 67.17
CA THR NB 47 90.56 25.26 65.80
C THR NB 47 90.17 23.90 65.23
N ALA NB 48 89.46 23.85 64.10
CA ALA NB 48 89.07 22.60 63.48
C ALA NB 48 89.09 22.74 61.96
N GLU NB 49 89.18 21.61 61.27
CA GLU NB 49 89.26 21.59 59.81
C GLU NB 49 87.92 21.15 59.23
N VAL NB 50 87.65 21.56 57.99
CA VAL NB 50 86.43 21.17 57.32
C VAL NB 50 86.42 19.66 57.09
N ALA NB 51 85.26 19.03 57.27
CA ALA NB 51 85.11 17.61 57.04
C ALA NB 51 84.07 17.46 55.93
N SER NB 52 84.49 17.00 54.74
CA SER NB 52 83.56 16.86 53.61
C SER NB 52 82.35 16.00 53.99
N ALA NB 53 81.16 16.39 53.52
CA ALA NB 53 79.95 15.64 53.85
C ALA NB 53 79.86 14.27 53.18
N ALA NB 54 80.55 14.09 52.06
CA ALA NB 54 80.52 12.84 51.32
C ALA NB 54 81.47 11.76 51.87
N THR NB 55 82.72 12.14 52.13
CA THR NB 55 83.70 11.17 52.62
C THR NB 55 84.08 11.31 54.09
N GLY NB 56 84.17 12.54 54.58
CA GLY NB 56 84.58 12.78 55.95
C GLY NB 56 85.94 13.48 55.99
N GLY NB 57 86.70 13.36 54.90
CA GLY NB 57 88.01 13.98 54.80
C GLY NB 57 87.91 15.37 54.19
N ASN NB 58 88.99 15.81 53.53
CA ASN NB 58 88.99 17.14 52.92
C ASN NB 58 88.31 17.16 51.55
N ILE NB 59 87.74 18.30 51.18
CA ILE NB 59 87.09 18.43 49.89
C ILE NB 59 88.14 18.15 48.81
N SER NB 60 87.86 17.22 47.89
CA SER NB 60 88.84 16.89 46.87
C SER NB 60 88.39 17.37 45.50
N VAL NB 61 88.93 18.50 45.04
CA VAL NB 61 88.52 19.01 43.75
C VAL NB 61 89.40 18.40 42.65
N THR NB 62 88.79 17.84 41.60
CA THR NB 62 89.56 17.28 40.49
C THR NB 62 89.07 17.97 39.23
N CYS NB 63 89.95 18.15 38.24
CA CYS NB 63 89.51 18.75 37.01
C CYS NB 63 89.41 17.66 35.94
N ASP NB 64 88.60 17.92 34.92
CA ASP NB 64 88.41 16.95 33.85
C ASP NB 64 89.16 17.35 32.58
N GLY NB 65 90.38 16.86 32.43
CA GLY NB 65 91.18 17.18 31.25
C GLY NB 65 92.61 16.69 31.37
N THR NB 66 93.45 17.11 30.42
CA THR NB 66 94.86 16.74 30.41
C THR NB 66 95.83 17.87 30.78
N ASP NB 67 95.50 19.13 30.55
CA ASP NB 67 96.45 20.17 30.95
C ASP NB 67 96.13 20.67 32.35
N PRO NB 68 97.16 21.03 33.13
CA PRO NB 68 96.88 21.49 34.50
C PRO NB 68 96.02 22.76 34.52
N VAL NB 69 94.80 22.70 35.03
CA VAL NB 69 93.94 23.88 35.06
C VAL NB 69 94.13 24.69 36.36
N ASP NB 70 94.02 26.01 36.27
CA ASP NB 70 94.17 26.87 37.44
C ASP NB 70 92.76 27.29 37.86
N PHE NB 71 92.23 26.71 38.94
CA PHE NB 71 90.90 27.05 39.39
C PHE NB 71 90.97 27.85 40.67
N THR NB 72 89.94 28.64 40.94
CA THR NB 72 89.95 29.46 42.13
C THR NB 72 88.93 29.01 43.18
N VAL NB 73 89.18 29.42 44.43
CA VAL NB 73 88.29 29.09 45.53
C VAL NB 73 87.91 30.37 46.28
N ALA NB 74 86.61 30.61 46.48
CA ALA NB 74 86.18 31.80 47.19
C ALA NB 74 85.14 31.40 48.24
N ILE NB 75 85.28 31.93 49.46
CA ILE NB 75 84.34 31.63 50.52
C ILE NB 75 83.71 32.97 50.87
N ASP NB 76 82.42 32.97 51.20
CA ASP NB 76 81.71 34.19 51.52
C ASP NB 76 81.78 34.45 53.05
N GLY NB 77 81.09 35.49 53.54
CA GLY NB 77 81.07 35.86 54.95
C GLY NB 77 80.07 35.20 55.88
N GLY NB 78 79.40 34.13 55.45
CA GLY NB 78 78.43 33.46 56.30
C GLY NB 78 77.04 34.07 56.19
N GLU NB 79 76.10 33.54 56.97
CA GLU NB 79 74.73 34.02 56.97
C GLU NB 79 74.60 35.50 57.20
N ARG NB 80 75.34 36.06 58.15
CA ARG NB 80 75.20 37.50 58.44
C ARG NB 80 76.23 38.40 57.76
N THR NB 81 77.09 37.79 56.93
CA THR NB 81 78.18 38.45 56.17
C THR NB 81 79.39 38.97 56.99
N ASP NB 82 79.51 38.59 58.26
CA ASP NB 82 80.65 39.00 59.09
C ASP NB 82 81.30 37.83 59.83
N ARG NB 83 81.13 36.62 59.30
CA ARG NB 83 81.69 35.39 59.85
C ARG NB 83 81.45 35.21 61.35
N THR NB 84 80.18 35.24 61.74
CA THR NB 84 79.81 35.05 63.14
C THR NB 84 78.86 33.87 63.27
N LEU NB 85 79.09 32.97 64.22
CA LEU NB 85 78.16 31.89 64.39
C LEU NB 85 77.08 32.41 65.32
N LYS NB 86 75.83 32.04 65.09
CA LYS NB 86 74.75 32.55 65.92
C LYS NB 86 74.13 31.44 66.77
N ASN NB 87 73.74 31.77 67.99
CA ASN NB 87 73.14 30.76 68.81
C ASN NB 87 71.78 30.45 68.22
N THR NB 88 71.39 29.18 68.17
CA THR NB 88 70.08 28.80 67.65
C THR NB 88 68.92 29.52 68.34
N ALA NB 89 68.99 29.72 69.66
CA ALA NB 89 67.88 30.39 70.36
C ALA NB 89 68.06 31.88 70.71
N SER NB 90 69.16 32.19 71.38
CA SER NB 90 69.49 33.57 71.76
C SER NB 90 70.17 34.32 70.62
N ALA NB 91 70.51 35.60 70.84
CA ALA NB 91 71.16 36.39 69.80
C ALA NB 91 72.68 36.53 69.95
N ASP NB 92 73.29 35.69 70.79
CA ASP NB 92 74.72 35.75 71.00
C ASP NB 92 75.46 35.37 69.71
N VAL NB 93 76.63 35.97 69.46
CA VAL NB 93 77.39 35.66 68.25
C VAL NB 93 78.81 35.23 68.59
N VAL NB 94 79.42 34.41 67.73
CA VAL NB 94 80.78 33.95 67.96
C VAL NB 94 81.61 34.20 66.70
N ALA NB 95 82.44 35.25 66.71
CA ALA NB 95 83.25 35.58 65.54
C ALA NB 95 84.30 34.49 65.22
N TYR NB 96 84.46 34.15 63.94
CA TYR NB 96 85.44 33.17 63.51
C TYR NB 96 86.02 33.57 62.16
N ASN NB 97 86.89 32.74 61.58
CA ASN NB 97 87.50 32.99 60.28
C ASN NB 97 88.00 31.67 59.70
N VAL NB 98 88.09 31.61 58.38
CA VAL NB 98 88.57 30.40 57.73
C VAL NB 98 89.90 30.72 57.04
N TYR NB 99 90.94 29.92 57.28
CA TYR NB 99 92.23 30.16 56.65
C TYR NB 99 92.51 29.02 55.68
N ARG NB 100 93.48 29.21 54.81
CA ARG NB 100 93.83 28.20 53.81
C ARG NB 100 95.01 27.32 54.19
N ASP NB 101 95.99 27.90 54.89
CA ASP NB 101 97.17 27.14 55.28
C ASP NB 101 97.06 26.65 56.71
N ALA NB 102 97.83 25.60 57.04
CA ALA NB 102 97.84 24.97 58.36
C ALA NB 102 98.25 25.87 59.55
N ALA NB 103 98.97 26.95 59.30
CA ALA NB 103 99.38 27.88 60.34
C ALA NB 103 98.44 29.09 60.54
N ARG NB 104 97.19 29.04 60.07
CA ARG NB 104 96.23 30.12 60.25
C ARG NB 104 96.72 31.50 59.78
N THR NB 105 97.54 31.52 58.72
CA THR NB 105 98.08 32.78 58.19
C THR NB 105 97.41 33.29 56.91
N ASN NB 106 97.29 32.44 55.89
CA ASN NB 106 96.69 32.81 54.62
C ASN NB 106 95.19 32.73 54.75
N LEU NB 107 94.58 33.87 55.04
CA LEU NB 107 93.14 33.97 55.24
C LEU NB 107 92.31 33.91 53.96
N TYR NB 108 91.17 33.21 53.99
CA TYR NB 108 90.30 33.20 52.83
C TYR NB 108 89.52 34.47 52.96
N VAL NB 109 90.03 35.55 52.38
CA VAL NB 109 89.37 36.85 52.45
C VAL NB 109 87.95 36.78 51.88
N VAL NB 110 87.00 37.49 52.52
CA VAL NB 110 85.61 37.49 52.09
C VAL NB 110 85.45 37.78 50.59
N ASN NB 111 84.67 36.95 49.89
CA ASN NB 111 84.43 37.12 48.45
C ASN NB 111 85.71 37.34 47.64
N GLN NB 112 86.72 36.50 47.88
CA GLN NB 112 87.97 36.61 47.14
C GLN NB 112 88.39 35.25 46.56
N PRO NB 113 88.86 35.25 45.29
CA PRO NB 113 89.26 33.99 44.66
C PRO NB 113 90.65 33.49 45.04
N GLN NB 114 90.79 32.81 46.17
CA GLN NB 114 92.11 32.32 46.52
C GLN NB 114 92.50 31.28 45.44
N GLN NB 115 93.55 31.56 44.65
CA GLN NB 115 94.03 30.68 43.55
C GLN NB 115 94.38 29.23 44.00
N PHE NB 116 94.29 28.31 43.02
CA PHE NB 116 94.61 26.89 43.24
C PHE NB 116 95.04 26.20 41.94
N THR NB 117 95.88 25.17 42.05
CA THR NB 117 96.34 24.43 40.89
C THR NB 117 95.77 23.00 40.90
N THR NB 118 95.70 22.38 39.73
CA THR NB 118 95.18 21.03 39.63
C THR NB 118 95.74 20.33 38.39
N VAL NB 119 96.30 19.13 38.52
CA VAL NB 119 96.85 18.43 37.36
C VAL NB 119 95.94 17.26 36.98
N SER NB 120 96.16 16.73 35.77
CA SER NB 120 95.37 15.61 35.26
C SER NB 120 95.60 14.34 36.07
N GLY NB 121 94.57 13.50 36.19
CA GLY NB 121 94.67 12.25 36.93
C GLY NB 121 95.05 12.43 38.38
N GLN NB 122 94.54 13.48 39.00
CA GLN NB 122 94.82 13.77 40.41
C GLN NB 122 93.72 14.64 40.99
N ALA NB 123 93.47 14.53 42.29
CA ALA NB 123 92.46 15.34 42.95
C ALA NB 123 93.20 16.23 43.94
N THR NB 124 92.97 17.54 43.90
CA THR NB 124 93.62 18.46 44.82
C THR NB 124 92.68 18.73 45.99
N ALA NB 125 93.21 18.79 47.21
CA ALA NB 125 92.38 19.02 48.37
C ALA NB 125 92.21 20.52 48.65
N VAL NB 126 91.05 20.92 49.15
CA VAL NB 126 90.79 22.32 49.47
C VAL NB 126 90.77 22.45 50.99
N PRO NB 127 91.92 22.88 51.56
CA PRO NB 127 91.96 22.98 53.01
C PRO NB 127 91.22 24.22 53.48
N ILE NB 128 90.13 24.05 54.22
CA ILE NB 128 89.41 25.17 54.76
C ILE NB 128 89.67 25.02 56.26
N PHE NB 129 90.68 25.73 56.76
CA PHE NB 129 91.04 25.61 58.17
C PHE NB 129 90.30 26.67 58.98
N GLY NB 130 89.47 26.25 59.93
CA GLY NB 130 88.77 27.20 60.75
C GLY NB 130 89.62 27.60 61.93
N ALA NB 131 89.30 28.75 62.51
CA ALA NB 131 90.00 29.29 63.66
C ALA NB 131 89.12 30.29 64.40
N ILE NB 132 89.06 30.18 65.72
CA ILE NB 132 88.29 31.10 66.54
C ILE NB 132 89.20 31.75 67.60
N ALA NB 133 89.08 33.07 67.76
CA ALA NB 133 89.90 33.80 68.72
C ALA NB 133 89.60 33.42 70.16
N PRO NB 134 90.59 33.59 71.05
CA PRO NB 134 90.37 33.26 72.45
C PRO NB 134 89.44 34.26 73.10
N ASN NB 135 88.28 33.80 73.58
CA ASN NB 135 87.32 34.66 74.25
C ASN NB 135 87.59 34.57 75.74
N THR NB 136 88.24 35.59 76.31
CA THR NB 136 88.53 35.59 77.73
C THR NB 136 87.90 36.82 78.36
N GLY NB 137 86.75 37.23 77.81
CA GLY NB 137 86.03 38.39 78.31
C GLY NB 137 84.67 38.04 78.86
N THR NB 138 83.70 37.85 77.98
CA THR NB 138 82.33 37.53 78.40
C THR NB 138 81.95 36.09 78.02
N PRO NB 139 81.31 35.36 78.95
CA PRO NB 139 80.93 33.98 78.63
C PRO NB 139 79.66 33.92 77.78
N LYS NB 140 79.75 33.45 76.53
CA LYS NB 140 78.59 33.37 75.66
C LYS NB 140 77.58 32.36 76.21
N ALA NB 141 76.28 32.60 76.00
CA ALA NB 141 75.25 31.70 76.50
C ALA NB 141 75.36 30.24 76.02
N GLN NB 142 74.87 29.31 76.83
CA GLN NB 142 74.91 27.89 76.50
C GLN NB 142 74.02 27.56 75.31
N GLY NB 143 74.36 26.48 74.60
CA GLY NB 143 73.60 26.08 73.43
C GLY NB 143 74.47 25.75 72.24
N ASP NB 144 73.87 25.72 71.05
CA ASP NB 144 74.61 25.41 69.83
C ASP NB 144 74.75 26.65 68.94
N TYR NB 145 75.96 26.95 68.49
CA TYR NB 145 76.18 28.11 67.62
C TYR NB 145 76.39 27.56 66.21
N LYS NB 146 75.77 28.19 65.20
CA LYS NB 146 75.89 27.72 63.83
C LYS NB 146 76.11 28.84 62.81
N ASP NB 147 76.52 28.44 61.61
CA ASP NB 147 76.71 29.33 60.47
C ASP NB 147 76.81 28.44 59.24
N THR NB 148 76.48 29.00 58.08
CA THR NB 148 76.55 28.25 56.85
C THR NB 148 77.38 29.04 55.86
N LEU NB 149 78.67 28.72 55.75
CA LEU NB 149 79.51 29.46 54.82
C LEU NB 149 79.26 28.88 53.44
N LEU NB 150 79.14 29.73 52.43
CA LEU NB 150 78.94 29.24 51.07
C LEU NB 150 80.30 29.25 50.42
N VAL NB 151 80.85 28.09 50.06
CA VAL NB 151 82.14 28.03 49.40
C VAL NB 151 81.82 28.05 47.91
N THR NB 152 82.54 28.89 47.16
CA THR NB 152 82.33 29.13 45.74
C THR NB 152 83.50 28.72 44.89
N VAL NB 153 83.52 27.48 44.39
CA VAL NB 153 84.59 27.04 43.51
C VAL NB 153 84.26 27.60 42.14
N ASN NB 154 85.02 28.57 41.64
CA ASN NB 154 84.71 29.15 40.36
C ASN NB 154 85.92 29.19 39.47
N PHE NB 155 85.67 29.37 38.19
CA PHE NB 155 86.72 29.30 37.20
C PHE NB 155 86.86 30.63 36.47
N ALA OB 1 81.15 27.32 37.73
CA ALA OB 1 80.77 27.90 39.01
C ALA OB 1 80.06 26.87 39.89
N VAL OB 2 80.82 26.22 40.77
CA VAL OB 2 80.25 25.24 41.68
C VAL OB 2 80.21 25.83 43.10
N THR OB 3 79.08 26.42 43.46
CA THR OB 3 78.88 27.01 44.78
C THR OB 3 78.32 25.93 45.74
N GLY OB 4 78.91 25.84 46.92
CA GLY OB 4 78.51 24.87 47.91
C GLY OB 4 78.44 25.34 49.35
N GLN OB 5 77.82 24.58 50.25
CA GLN OB 5 77.68 25.01 51.65
C GLN OB 5 78.60 24.28 52.65
N VAL OB 6 79.05 25.00 53.68
CA VAL OB 6 79.92 24.43 54.71
C VAL OB 6 79.30 24.81 56.05
N ASP OB 7 78.68 23.86 56.74
CA ASP OB 7 78.04 24.18 57.99
C ASP OB 7 79.10 24.35 59.08
N VAL OB 8 79.06 25.48 59.77
CA VAL OB 8 80.02 25.76 60.85
C VAL OB 8 79.28 25.53 62.17
N LYS OB 9 79.95 24.90 63.14
CA LYS OB 9 79.29 24.63 64.40
C LYS OB 9 80.22 24.77 65.61
N LEU OB 10 79.63 25.03 66.76
CA LEU OB 10 80.35 25.17 68.03
C LEU OB 10 79.33 24.96 69.14
N ASN OB 11 79.62 24.06 70.08
CA ASN OB 11 78.68 23.76 71.15
C ASN OB 11 79.22 24.35 72.44
N ILE OB 12 78.81 25.58 72.75
CA ILE OB 12 79.25 26.21 73.98
C ILE OB 12 78.38 25.65 75.10
N SER OB 13 78.97 24.83 75.98
CA SER OB 13 78.25 24.26 77.12
C SER OB 13 79.15 23.92 78.33
N THR OB 14 80.07 22.96 78.15
CA THR OB 14 81.00 22.52 79.19
C THR OB 14 82.17 21.80 78.51
N GLY OB 15 83.26 22.53 78.25
CA GLY OB 15 84.42 21.97 77.58
C GLY OB 15 85.71 21.82 78.37
N CYS OB 16 86.73 21.33 77.65
CA CYS OB 16 88.04 21.05 78.19
C CYS OB 16 89.09 21.97 77.54
N THR OB 17 90.07 22.44 78.31
CA THR OB 17 91.09 23.38 77.79
C THR OB 17 92.53 22.86 77.92
N VAL OB 18 93.41 23.26 77.00
CA VAL OB 18 94.80 22.81 77.04
C VAL OB 18 95.73 23.92 77.54
N GLY OB 19 96.45 23.68 78.65
CA GLY OB 19 97.38 24.67 79.17
C GLY OB 19 98.79 24.38 78.69
N GLY OB 20 99.68 25.35 78.83
CA GLY OB 20 101.06 25.22 78.40
C GLY OB 20 101.32 25.72 76.98
N SER OB 21 100.27 26.24 76.34
CA SER OB 21 100.40 26.74 74.99
C SER OB 21 100.42 28.27 74.96
N GLN OB 22 100.99 28.81 73.90
CA GLN OB 22 101.09 30.24 73.68
C GLN OB 22 100.45 30.46 72.32
N THR OB 23 99.68 31.53 72.16
CA THR OB 23 99.03 31.77 70.89
C THR OB 23 100.02 32.41 69.89
N GLU OB 24 100.54 31.62 68.95
CA GLU OB 24 101.42 32.16 67.93
C GLU OB 24 100.49 32.72 66.86
N GLY OB 25 100.23 34.03 66.88
CA GLY OB 25 99.32 34.60 65.92
C GLY OB 25 97.96 33.96 66.15
N ASN OB 26 97.42 33.23 65.17
CA ASN OB 26 96.12 32.58 65.34
C ASN OB 26 96.24 31.06 65.41
N MET OB 27 97.41 30.57 65.79
CA MET OB 27 97.66 29.13 65.90
C MET OB 27 98.32 28.81 67.25
N ASN OB 28 97.73 27.91 68.03
CA ASN OB 28 98.28 27.56 69.35
C ASN OB 28 99.67 26.91 69.31
N LYS OB 29 100.69 27.60 69.82
CA LYS OB 29 102.04 27.04 69.87
C LYS OB 29 102.10 26.16 71.12
N PHE OB 30 102.08 24.84 70.95
CA PHE OB 30 102.10 23.94 72.09
C PHE OB 30 103.47 23.74 72.71
N GLY OB 31 104.52 23.59 71.90
CA GLY OB 31 105.82 23.40 72.50
C GLY OB 31 106.94 23.10 71.52
N THR OB 32 108.03 22.56 72.05
CA THR OB 32 109.19 22.23 71.23
C THR OB 32 109.75 20.85 71.58
N LEU OB 33 110.15 20.10 70.57
CA LEU OB 33 110.74 18.78 70.77
C LEU OB 33 112.19 18.99 70.37
N ASN OB 34 113.01 19.38 71.33
CA ASN OB 34 114.40 19.72 71.06
C ASN OB 34 115.35 18.56 71.32
N PHE OB 35 115.81 17.88 70.25
CA PHE OB 35 116.73 16.76 70.42
C PHE OB 35 118.15 17.22 70.78
N GLY OB 36 118.44 18.49 70.51
CA GLY OB 36 119.73 19.06 70.83
C GLY OB 36 120.67 18.99 69.66
N LYS OB 37 121.96 19.11 69.96
CA LYS OB 37 123.01 19.05 68.94
C LYS OB 37 123.44 17.60 68.71
N THR OB 38 123.95 17.31 67.52
CA THR OB 38 124.40 15.96 67.19
C THR OB 38 125.37 15.96 66.01
N SER OB 39 126.14 14.88 65.88
CA SER OB 39 127.11 14.74 64.80
C SER OB 39 126.46 14.07 63.63
N GLY OB 40 127.16 14.00 62.48
CA GLY OB 40 126.64 13.41 61.27
C GLY OB 40 126.08 12.01 61.48
N THR OB 41 126.84 11.17 62.19
CA THR OB 41 126.43 9.80 62.45
C THR OB 41 126.37 9.53 63.96
N TRP OB 42 125.16 9.38 64.51
CA TRP OB 42 125.00 9.12 65.94
C TRP OB 42 124.66 7.64 66.18
N ASN OB 43 125.33 7.00 67.15
CA ASN OB 43 125.06 5.59 67.45
C ASN OB 43 123.98 5.41 68.51
N ASN OB 44 123.82 6.41 69.36
CA ASN OB 44 122.80 6.37 70.40
C ASN OB 44 121.49 6.96 69.89
N VAL OB 45 120.36 6.39 70.32
CA VAL OB 45 119.04 6.86 69.93
C VAL OB 45 118.88 8.28 70.49
N LEU OB 46 118.70 9.30 69.63
CA LEU OB 46 118.59 10.66 70.18
C LEU OB 46 117.20 10.81 70.76
N THR OB 47 117.09 11.30 71.99
CA THR OB 47 115.81 11.31 72.68
C THR OB 47 115.55 12.55 73.53
N ALA OB 48 114.44 13.27 73.29
CA ALA OB 48 114.11 14.46 74.08
C ALA OB 48 112.60 14.55 74.25
N GLU OB 49 112.18 15.29 75.27
CA GLU OB 49 110.77 15.45 75.61
C GLU OB 49 110.27 16.81 75.16
N VAL OB 50 108.97 16.92 74.90
CA VAL OB 50 108.39 18.17 74.51
C VAL OB 50 108.49 19.20 75.65
N ALA OB 51 108.80 20.45 75.32
CA ALA OB 51 108.88 21.51 76.32
C ALA OB 51 107.82 22.53 75.95
N SER OB 52 106.77 22.66 76.77
CA SER OB 52 105.68 23.60 76.48
C SER OB 52 106.21 25.03 76.24
N ALA OB 53 105.65 25.73 75.27
CA ALA OB 53 106.13 27.09 74.97
C ALA OB 53 105.78 28.13 76.04
N ALA OB 54 104.74 27.86 76.83
CA ALA OB 54 104.29 28.78 77.86
C ALA OB 54 105.09 28.68 79.17
N THR OB 55 105.27 27.46 79.67
CA THR OB 55 105.99 27.28 80.93
C THR OB 55 107.39 26.69 80.81
N GLY OB 56 107.60 25.78 79.87
CA GLY OB 56 108.89 25.13 79.71
C GLY OB 56 108.80 23.65 80.09
N GLY OB 57 107.78 23.30 80.87
CA GLY OB 57 107.56 21.93 81.28
C GLY OB 57 106.65 21.19 80.32
N ASN OB 58 105.92 20.19 80.80
CA ASN OB 58 105.04 19.42 79.94
C ASN OB 58 103.68 20.09 79.73
N ILE OB 59 103.06 19.85 78.57
CA ILE OB 59 101.76 20.43 78.29
C ILE OB 59 100.80 19.95 79.37
N SER OB 60 100.09 20.88 80.04
CA SER OB 60 99.19 20.49 81.11
C SER OB 60 97.74 20.70 80.71
N VAL OB 61 97.04 19.64 80.31
CA VAL OB 61 95.67 19.79 79.90
C VAL OB 61 94.75 19.66 81.12
N THR OB 62 93.84 20.62 81.31
CA THR OB 62 92.91 20.55 82.43
C THR OB 62 91.50 20.64 81.83
N CYS OB 63 90.52 20.00 82.45
CA CYS OB 63 89.17 20.11 81.94
C CYS OB 63 88.38 21.03 82.86
N ASP OB 64 87.31 21.61 82.33
CA ASP OB 64 86.48 22.52 83.11
C ASP OB 64 85.17 21.86 83.54
N GLY OB 65 85.14 21.27 84.73
CA GLY OB 65 83.94 20.62 85.22
C GLY OB 65 84.19 19.83 86.50
N THR OB 66 83.18 19.05 86.90
CA THR OB 66 83.27 18.21 88.10
C THR OB 66 83.41 16.72 87.83
N ASP OB 67 82.90 16.19 86.73
CA ASP OB 67 83.06 14.76 86.51
C ASP OB 67 84.32 14.49 85.68
N PRO OB 68 85.02 13.37 85.96
CA PRO OB 68 86.24 13.12 85.19
C PRO OB 68 85.96 12.94 83.69
N VAL OB 69 86.46 13.84 82.84
CA VAL OB 69 86.21 13.72 81.41
C VAL OB 69 87.30 12.91 80.71
N ASP OB 70 86.91 12.14 79.68
CA ASP OB 70 87.86 11.34 78.93
C ASP OB 70 88.16 12.07 77.62
N PHE OB 71 89.32 12.70 77.51
CA PHE OB 71 89.67 13.43 76.30
C PHE OB 71 90.74 12.69 75.54
N THR OB 72 90.80 12.94 74.25
CA THR OB 72 91.79 12.24 73.43
C THR OB 72 92.89 13.16 72.91
N VAL OB 73 94.02 12.55 72.55
CA VAL OB 73 95.16 13.28 72.01
C VAL OB 73 95.60 12.66 70.69
N ALA OB 74 95.71 13.45 69.62
CA ALA OB 74 96.14 12.92 68.34
C ALA OB 74 97.22 13.83 67.77
N ILE OB 75 98.31 13.23 67.25
CA ILE OB 75 99.39 13.98 66.67
C ILE OB 75 99.42 13.56 65.20
N ASP OB 76 99.71 14.49 64.31
CA ASP OB 76 99.76 14.21 62.89
C ASP OB 76 101.19 13.78 62.46
N GLY OB 77 101.41 13.57 61.15
CA GLY OB 77 102.71 13.16 60.62
C GLY OB 77 103.75 14.22 60.28
N GLY OB 78 103.56 15.47 60.72
CA GLY OB 78 104.51 16.52 60.43
C GLY OB 78 104.26 17.19 59.09
N GLU OB 79 105.11 18.14 58.72
CA GLU OB 79 104.98 18.88 57.48
C GLU OB 79 104.87 17.99 56.26
N ARG OB 80 105.69 16.96 56.15
CA ARG OB 80 105.65 16.11 54.96
C ARG OB 80 104.81 14.84 55.09
N THR OB 81 104.15 14.68 56.25
CA THR OB 81 103.28 13.54 56.61
C THR OB 81 103.98 12.18 56.87
N ASP OB 82 105.31 12.16 57.00
CA ASP OB 82 106.03 10.92 57.29
C ASP OB 82 107.04 11.09 58.45
N ARG OB 83 106.78 12.06 59.32
CA ARG OB 83 107.61 12.34 60.50
C ARG OB 83 109.10 12.44 60.21
N THR OB 84 109.46 13.33 59.29
CA THR OB 84 110.86 13.55 58.93
C THR OB 84 111.23 15.01 59.15
N LEU OB 85 112.36 15.27 59.80
CA LEU OB 85 112.76 16.65 59.95
C LEU OB 85 113.52 17.02 58.69
N LYS OB 86 113.36 18.23 58.20
CA LYS OB 86 114.03 18.61 56.97
C LYS OB 86 115.10 19.67 57.22
N ASN OB 87 116.22 19.60 56.51
CA ASN OB 87 117.23 20.59 56.72
C ASN OB 87 116.71 21.89 56.16
N THR OB 88 116.92 23.00 56.85
CA THR OB 88 116.48 24.30 56.36
C THR OB 88 116.98 24.64 54.95
N ALA OB 89 118.21 24.28 54.62
CA ALA OB 89 118.75 24.61 53.28
C ALA OB 89 118.74 23.46 52.23
N SER OB 90 119.34 22.35 52.60
CA SER OB 90 119.42 21.16 51.74
C SER OB 90 118.14 20.31 51.84
N ALA OB 91 118.08 19.21 51.08
CA ALA OB 91 116.90 18.36 51.10
C ALA OB 91 117.05 17.10 51.96
N ASP OB 92 118.05 17.05 52.82
CA ASP OB 92 118.27 15.90 53.68
C ASP OB 92 117.11 15.76 54.67
N VAL OB 93 116.76 14.52 55.04
CA VAL OB 93 115.65 14.31 55.98
C VAL OB 93 116.11 13.46 57.16
N VAL OB 94 115.47 13.64 58.32
CA VAL OB 94 115.81 12.87 59.51
C VAL OB 94 114.54 12.26 60.09
N ALA OB 95 114.32 10.95 59.86
CA ALA OB 95 113.13 10.28 60.36
C ALA OB 95 113.08 10.23 61.89
N TYR OB 96 111.91 10.49 62.48
CA TYR OB 96 111.73 10.44 63.93
C TYR OB 96 110.33 9.93 64.25
N ASN OB 97 109.97 9.87 65.54
CA ASN OB 97 108.66 9.42 65.97
C ASN OB 97 108.39 9.97 67.37
N VAL OB 98 107.12 10.11 67.72
CA VAL OB 98 106.76 10.61 69.04
C VAL OB 98 106.04 9.49 69.80
N TYR OB 99 106.47 9.18 71.02
CA TYR OB 99 105.82 8.14 71.80
C TYR OB 99 105.14 8.79 73.00
N ARG OB 100 104.26 8.04 73.65
CA ARG OB 100 103.51 8.56 74.80
C ARG OB 100 104.10 8.17 76.14
N ASP OB 101 104.67 6.97 76.24
CA ASP OB 101 105.24 6.50 77.49
C ASP OB 101 106.75 6.71 77.52
N ALA OB 102 107.31 6.76 78.73
CA ALA OB 102 108.74 6.97 78.97
C ALA OB 102 109.71 5.93 78.36
N ALA OB 103 109.23 4.73 78.08
CA ALA OB 103 110.05 3.69 77.48
C ALA OB 103 109.96 3.60 75.95
N ARG OB 104 109.49 4.65 75.25
CA ARG OB 104 109.41 4.66 73.79
C ARG OB 104 108.65 3.46 73.18
N THR OB 105 107.63 2.97 73.89
CA THR OB 105 106.83 1.83 73.41
C THR OB 105 105.47 2.18 72.83
N ASN OB 106 104.67 2.95 73.56
CA ASN OB 106 103.32 3.33 73.14
C ASN OB 106 103.44 4.50 72.18
N LEU OB 107 103.46 4.19 70.89
CA LEU OB 107 103.63 5.20 69.84
C LEU OB 107 102.36 6.03 69.57
N TYR OB 108 102.53 7.33 69.34
CA TYR OB 108 101.40 8.16 68.99
C TYR OB 108 101.22 7.92 67.53
N VAL OB 109 100.42 6.92 67.16
CA VAL OB 109 100.20 6.58 65.76
C VAL OB 109 99.63 7.77 64.98
N VAL OB 110 100.07 7.96 63.73
CA VAL OB 110 99.64 9.07 62.89
C VAL OB 110 98.10 9.21 62.85
N ASN OB 111 97.59 10.42 63.07
CA ASN OB 111 96.15 10.69 63.06
C ASN OB 111 95.33 9.69 63.89
N GLN OB 112 95.77 9.42 65.11
CA GLN OB 112 95.04 8.50 65.98
C GLN OB 112 94.79 9.13 67.35
N PRO OB 113 93.57 8.95 67.89
CA PRO OB 113 93.22 9.53 69.19
C PRO OB 113 93.74 8.75 70.39
N GLN OB 114 95.00 8.92 70.79
CA GLN OB 114 95.47 8.20 71.95
C GLN OB 114 94.65 8.71 73.16
N GLN OB 115 93.83 7.85 73.78
CA GLN OB 115 92.97 8.18 74.94
C GLN OB 115 93.73 8.79 76.16
N PHE OB 116 92.98 9.57 76.96
CA PHE OB 116 93.52 10.21 78.16
C PHE OB 116 92.42 10.51 79.19
N THR OB 117 92.77 10.50 80.48
CA THR OB 117 91.80 10.79 81.53
C THR OB 117 92.13 12.13 82.20
N THR OB 118 91.12 12.74 82.82
CA THR OB 118 91.33 14.01 83.51
C THR OB 118 90.26 14.20 84.60
N VAL OB 119 90.68 14.52 85.82
CA VAL OB 119 89.72 14.71 86.91
C VAL OB 119 89.59 16.19 87.25
N SER OB 120 88.54 16.53 87.99
CA SER OB 120 88.27 17.91 88.39
C SER OB 120 89.35 18.44 89.33
N GLY OB 121 89.63 19.74 89.26
CA GLY OB 121 90.63 20.37 90.11
C GLY OB 121 92.02 19.77 89.97
N GLN OB 122 92.37 19.40 88.74
CA GLN OB 122 93.68 18.82 88.47
C GLN OB 122 94.04 19.02 87.01
N ALA OB 123 95.33 19.10 86.70
CA ALA OB 123 95.77 19.26 85.32
C ALA OB 123 96.55 18.01 84.96
N THR OB 124 96.21 17.34 83.86
CA THR OB 124 96.92 16.13 83.45
C THR OB 124 97.99 16.53 82.42
N ALA OB 125 99.17 15.91 82.50
CA ALA OB 125 100.24 16.24 81.58
C ALA OB 125 100.17 15.37 80.32
N VAL OB 126 100.56 15.93 79.18
CA VAL OB 126 100.55 15.19 77.92
C VAL OB 126 102.00 14.91 77.54
N PRO OB 127 102.48 13.71 77.87
CA PRO OB 127 103.87 13.41 77.56
C PRO OB 127 104.04 13.12 76.08
N ILE OB 128 104.78 13.95 75.36
CA ILE OB 128 105.05 13.70 73.97
C ILE OB 128 106.54 13.41 73.98
N PHE OB 129 106.90 12.13 74.03
CA PHE OB 129 108.30 11.74 74.10
C PHE OB 129 108.84 11.51 72.69
N GLY OB 130 109.85 12.29 72.29
CA GLY OB 130 110.43 12.11 70.98
C GLY OB 130 111.50 11.05 71.03
N ALA OB 131 111.80 10.47 69.87
CA ALA OB 131 112.82 9.44 69.73
C ALA OB 131 113.30 9.37 68.28
N ILE OB 132 114.61 9.31 68.09
CA ILE OB 132 115.19 9.20 66.77
C ILE OB 132 116.09 7.95 66.68
N ALA OB 133 115.95 7.18 65.60
CA ALA OB 133 116.73 5.96 65.43
C ALA OB 133 118.22 6.24 65.26
N PRO OB 134 119.07 5.26 65.62
CA PRO OB 134 120.51 5.45 65.48
C PRO OB 134 120.90 5.44 64.00
N ASN OB 135 121.45 6.55 63.51
CA ASN OB 135 121.89 6.63 62.12
C ASN OB 135 123.37 6.28 62.10
N THR OB 136 123.71 5.06 61.67
CA THR OB 136 125.10 4.65 61.60
C THR OB 136 125.44 4.27 60.17
N GLY OB 137 124.79 4.94 59.23
CA GLY OB 137 125.00 4.68 57.82
C GLY OB 137 125.60 5.86 57.08
N THR OB 138 124.75 6.84 56.74
CA THR OB 138 125.21 8.02 56.02
C THR OB 138 125.17 9.27 56.89
N PRO OB 139 126.22 10.10 56.85
CA PRO OB 139 126.21 11.32 57.66
C PRO OB 139 125.37 12.44 57.03
N LYS OB 140 124.26 12.83 57.67
CA LYS OB 140 123.42 13.89 57.12
C LYS OB 140 124.16 15.22 57.11
N ALA OB 141 123.87 16.07 56.13
CA ALA OB 141 124.54 17.36 56.01
C ALA OB 141 124.40 18.28 57.25
N GLN OB 142 125.40 19.13 57.47
CA GLN OB 142 125.39 20.06 58.60
C GLN OB 142 124.28 21.10 58.48
N GLY OB 143 123.84 21.63 59.62
CA GLY OB 143 122.77 22.62 59.63
C GLY OB 143 121.71 22.32 60.66
N ASP OB 144 120.55 22.96 60.50
CA ASP OB 144 119.43 22.76 61.43
C ASP OB 144 118.29 21.98 60.77
N TYR OB 145 117.81 20.92 61.41
CA TYR OB 145 116.71 20.14 60.87
C TYR OB 145 115.46 20.52 61.65
N LYS OB 146 114.33 20.72 60.97
CA LYS OB 146 113.09 21.11 61.65
C LYS OB 146 111.85 20.37 61.14
N ASP OB 147 110.78 20.48 61.92
CA ASP OB 147 109.48 19.91 61.60
C ASP OB 147 108.48 20.56 62.54
N THR OB 148 107.22 20.62 62.12
CA THR OB 148 106.18 21.20 62.93
C THR OB 148 105.06 20.20 63.07
N LEU OB 149 105.04 19.44 64.16
CA LEU OB 149 103.99 18.46 64.34
C LEU OB 149 102.76 19.21 64.85
N LEU OB 150 101.58 18.89 64.33
CA LEU OB 150 100.38 19.53 64.79
C LEU OB 150 99.75 18.58 65.80
N VAL OB 151 99.68 18.96 67.08
CA VAL OB 151 99.07 18.10 68.07
C VAL OB 151 97.61 18.53 68.12
N THR OB 152 96.69 17.55 68.11
CA THR OB 152 95.26 17.75 68.05
C THR OB 152 94.54 17.23 69.27
N VAL OB 153 94.33 18.07 70.28
CA VAL OB 153 93.59 17.67 71.47
C VAL OB 153 92.12 17.75 71.08
N ASN OB 154 91.43 16.61 70.96
CA ASN OB 154 90.04 16.64 70.55
C ASN OB 154 89.20 15.81 71.48
N PHE OB 155 87.90 16.07 71.42
CA PHE OB 155 86.97 15.46 72.33
C PHE OB 155 85.96 14.59 71.57
N ALA PB 1 87.83 20.86 70.06
CA ALA PB 1 88.94 20.61 69.14
C ALA PB 1 90.02 21.68 69.28
N VAL PB 2 91.04 21.41 70.09
CA VAL PB 2 92.13 22.34 70.29
C VAL PB 2 93.38 21.81 69.57
N THR PB 3 93.57 22.24 68.33
CA THR PB 3 94.73 21.84 67.54
C THR PB 3 95.90 22.82 67.78
N GLY PB 4 97.09 22.27 68.03
CA GLY PB 4 98.26 23.07 68.30
C GLY PB 4 99.55 22.63 67.65
N GLN PB 5 100.59 23.47 67.65
CA GLN PB 5 101.85 23.12 66.99
C GLN PB 5 103.01 22.75 67.95
N VAL PB 6 103.86 21.81 67.53
CA VAL PB 6 105.00 21.37 68.33
C VAL PB 6 106.22 21.43 67.40
N ASP PB 7 107.09 22.42 67.58
CA ASP PB 7 108.22 22.52 66.70
C ASP PB 7 109.27 21.47 67.07
N VAL PB 8 109.69 20.68 66.09
CA VAL PB 8 110.69 19.64 66.31
C VAL PB 8 112.02 20.16 65.77
N LYS PB 9 113.11 19.94 66.49
CA LYS PB 9 114.39 20.44 66.04
C LYS PB 9 115.56 19.48 66.32
N LEU PB 10 116.62 19.60 65.53
CA LEU PB 10 117.83 18.80 65.67
C LEU PB 10 118.94 19.57 64.97
N ASN PB 11 120.06 19.80 65.65
CA ASN PB 11 121.16 20.54 65.06
C ASN PB 11 122.29 19.60 64.75
N ILE PB 12 122.32 19.08 63.53
CA ILE PB 12 123.37 18.19 63.12
C ILE PB 12 124.59 19.03 62.77
N SER PB 13 125.64 19.01 63.60
CA SER PB 13 126.87 19.77 63.34
C SER PB 13 128.12 19.14 63.98
N THR PB 14 128.18 19.08 65.30
CA THR PB 14 129.31 18.53 66.05
C THR PB 14 128.84 18.19 67.47
N GLY PB 15 128.42 16.93 67.69
CA GLY PB 15 127.91 16.49 68.97
C GLY PB 15 128.74 15.51 69.80
N CYS PB 16 128.17 15.15 70.94
CA CYS PB 16 128.78 14.25 71.91
C CYS PB 16 127.95 12.96 72.03
N THR PB 17 128.62 11.81 72.18
CA THR PB 17 127.92 10.51 72.26
C THR PB 17 128.19 9.74 73.56
N VAL PB 18 127.22 8.95 74.00
CA VAL PB 18 127.38 8.18 75.23
C VAL PB 18 127.64 6.69 74.94
N GLY PB 19 128.78 6.15 75.39
CA GLY PB 19 129.08 4.74 75.15
C GLY PB 19 128.71 3.93 76.38
N GLY PB 20 128.64 2.61 76.22
CA GLY PB 20 128.27 1.71 77.30
C GLY PB 20 126.78 1.37 77.35
N SER PB 21 126.02 1.92 76.41
CA SER PB 21 124.59 1.69 76.37
C SER PB 21 124.23 0.69 75.26
N GLN PB 22 123.08 0.06 75.43
CA GLN PB 22 122.55 -0.90 74.48
C GLN PB 22 121.16 -0.37 74.13
N THR PB 23 120.77 -0.45 72.88
CA THR PB 23 119.45 0.05 72.51
C THR PB 23 118.36 -0.96 72.85
N GLU PB 24 117.62 -0.73 73.94
CA GLU PB 24 116.52 -1.61 74.30
C GLU PB 24 115.34 -1.12 73.47
N GLY PB 25 115.06 -1.76 72.34
CA GLY PB 25 113.98 -1.31 71.50
C GLY PB 25 114.33 0.10 71.04
N ASN PB 26 113.53 1.11 71.40
CA ASN PB 26 113.82 2.48 71.00
C ASN PB 26 114.22 3.35 72.19
N MET PB 27 114.72 2.73 73.25
CA MET PB 27 115.16 3.46 74.44
C MET PB 27 116.56 2.98 74.86
N ASN PB 28 117.50 3.89 75.01
CA ASN PB 28 118.88 3.53 75.38
C ASN PB 28 119.01 2.89 76.78
N LYS PB 29 119.37 1.60 76.85
CA LYS PB 29 119.56 0.94 78.13
C LYS PB 29 120.98 1.28 78.59
N PHE PB 30 121.11 2.16 79.58
CA PHE PB 30 122.42 2.58 80.05
C PHE PB 30 123.09 1.58 80.98
N GLY PB 31 122.35 1.00 81.92
CA GLY PB 31 123.00 0.05 82.81
C GLY PB 31 122.14 -0.47 83.93
N THR PB 32 122.78 -1.03 84.96
CA THR PB 32 122.08 -1.58 86.09
C THR PB 32 122.75 -1.18 87.42
N LEU PB 33 121.93 -0.85 88.41
CA LEU PB 33 122.43 -0.48 89.73
C LEU PB 33 122.02 -1.66 90.59
N ASN PB 34 122.88 -2.67 90.68
CA ASN PB 34 122.55 -3.90 91.37
C ASN PB 34 123.09 -3.92 92.80
N PHE PB 35 122.21 -3.69 93.79
CA PHE PB 35 122.64 -3.69 95.19
C PHE PB 35 122.91 -5.10 95.70
N GLY PB 36 122.37 -6.10 95.02
CA GLY PB 36 122.57 -7.49 95.38
C GLY PB 36 121.47 -7.99 96.26
N LYS PB 37 121.75 -9.09 96.96
CA LYS PB 37 120.78 -9.71 97.88
C LYS PB 37 120.89 -9.08 99.26
N THR PB 38 119.81 -9.12 100.03
CA THR PB 38 119.79 -8.56 101.37
C THR PB 38 118.66 -9.13 102.21
N SER PB 39 118.79 -9.01 103.53
CA SER PB 39 117.78 -9.50 104.46
C SER PB 39 116.78 -8.43 104.73
N GLY PB 40 115.69 -8.76 105.45
CA GLY PB 40 114.62 -7.83 105.77
C GLY PB 40 115.14 -6.54 106.39
N THR PB 41 116.02 -6.68 107.38
CA THR PB 41 116.58 -5.52 108.07
C THR PB 41 118.11 -5.50 107.96
N TRP PB 42 118.66 -4.57 107.18
CA TRP PB 42 120.11 -4.48 107.02
C TRP PB 42 120.67 -3.31 107.84
N ASN PB 43 121.76 -3.52 108.57
CA ASN PB 43 122.37 -2.46 109.38
C ASN PB 43 123.43 -1.67 108.62
N ASN PB 44 124.03 -2.31 107.62
CA ASN PB 44 125.04 -1.64 106.80
C ASN PB 44 124.38 -0.96 105.60
N VAL PB 45 124.91 0.20 105.21
CA VAL PB 45 124.41 0.96 104.07
C VAL PB 45 124.63 0.09 102.81
N LEU PB 46 123.56 -0.30 102.10
CA LEU PB 46 123.79 -1.17 100.94
C LEU PB 46 124.31 -0.29 99.81
N THR PB 47 125.40 -0.68 99.15
CA THR PB 47 126.04 0.19 98.19
C THR PB 47 126.58 -0.52 96.96
N ALA PB 48 126.17 -0.11 95.74
CA ALA PB 48 126.67 -0.72 94.52
C ALA PB 48 126.80 0.34 93.43
N GLU PB 49 127.62 0.06 92.42
CA GLU PB 49 127.88 0.98 91.33
C GLU PB 49 127.13 0.54 90.08
N VAL PB 50 126.84 1.49 89.21
CA VAL PB 50 126.17 1.19 87.96
C VAL PB 50 127.05 0.30 87.08
N ALA PB 51 126.46 -0.70 86.42
CA ALA PB 51 127.20 -1.57 85.51
C ALA PB 51 126.59 -1.36 84.13
N SER PB 52 127.34 -0.76 83.19
CA SER PB 52 126.84 -0.51 81.85
C SER PB 52 126.30 -1.78 81.19
N ALA PB 53 125.18 -1.69 80.48
CA ALA PB 53 124.59 -2.87 79.85
C ALA PB 53 125.40 -3.41 78.66
N ALA PB 54 126.21 -2.55 78.04
CA ALA PB 54 127.01 -2.95 76.89
C ALA PB 54 128.32 -3.65 77.25
N THR PB 55 129.08 -3.08 78.17
CA THR PB 55 130.36 -3.68 78.55
C THR PB 55 130.40 -4.35 79.92
N GLY PB 56 129.69 -3.79 80.89
CA GLY PB 56 129.70 -4.33 82.24
C GLY PB 56 130.39 -3.38 83.20
N GLY PB 57 131.21 -2.48 82.65
CA GLY PB 57 131.92 -1.49 83.45
C GLY PB 57 131.13 -0.20 83.57
N ASN PB 58 131.81 0.92 83.75
CA ASN PB 58 131.13 2.20 83.90
C ASN PB 58 130.75 2.82 82.55
N ILE PB 59 129.67 3.60 82.53
CA ILE PB 59 129.24 4.25 81.30
C ILE PB 59 130.39 5.15 80.83
N SER PB 60 130.82 4.99 79.57
CA SER PB 60 131.94 5.79 79.07
C SER PB 60 131.46 6.80 78.04
N VAL PB 61 131.31 8.06 78.45
CA VAL PB 61 130.85 9.06 77.50
C VAL PB 61 132.05 9.68 76.78
N THR PB 62 132.01 9.73 75.45
CA THR PB 62 133.10 10.33 74.70
C THR PB 62 132.47 11.42 73.81
N CYS PB 63 133.21 12.50 73.53
CA CYS PB 63 132.64 13.54 72.70
C CYS PB 63 133.31 13.52 71.33
N ASP PB 64 132.52 13.61 70.25
CA ASP PB 64 133.07 13.61 68.90
C ASP PB 64 133.57 15.00 68.52
N GLY PB 65 134.73 15.37 69.05
CA GLY PB 65 135.32 16.67 68.79
C GLY PB 65 136.78 16.68 69.17
N THR PB 66 137.46 17.79 68.89
CA THR PB 66 138.88 17.92 69.22
C THR PB 66 139.11 18.74 70.48
N ASP PB 67 138.48 19.90 70.55
CA ASP PB 67 138.60 20.79 71.70
C ASP PB 67 137.79 20.22 72.86
N PRO PB 68 138.15 20.57 74.10
CA PRO PB 68 137.38 20.00 75.22
C PRO PB 68 135.91 20.45 75.20
N VAL PB 69 134.99 19.56 75.56
CA VAL PB 69 133.57 19.86 75.57
C VAL PB 69 133.03 19.68 76.99
N ASP PB 70 132.20 20.61 77.46
CA ASP PB 70 131.66 20.51 78.81
C ASP PB 70 130.23 19.99 78.70
N PHE PB 71 130.00 18.72 79.01
CA PHE PB 71 128.67 18.14 78.91
C PHE PB 71 128.11 17.90 80.30
N THR PB 72 126.79 17.88 80.39
CA THR PB 72 126.16 17.68 81.69
C THR PB 72 125.46 16.33 81.83
N VAL PB 73 125.27 15.92 83.08
CA VAL PB 73 124.61 14.66 83.38
C VAL PB 73 123.46 14.91 84.36
N ALA PB 74 122.25 14.45 84.04
CA ALA PB 74 121.12 14.64 84.94
C ALA PB 74 120.37 13.31 85.09
N ILE PB 75 120.03 12.95 86.33
CA ILE PB 75 119.32 11.72 86.58
C ILE PB 75 117.98 12.16 87.18
N ASP PB 76 116.91 11.46 86.85
CA ASP PB 76 115.58 11.80 87.34
C ASP PB 76 115.28 11.05 88.65
N GLY PB 77 114.06 11.18 89.20
CA GLY PB 77 113.66 10.53 90.43
C GLY PB 77 113.11 9.12 90.39
N GLY PB 78 113.25 8.40 89.28
CA GLY PB 78 112.74 7.05 89.18
C GLY PB 78 111.29 7.00 88.75
N GLU PB 79 110.73 5.79 88.69
CA GLU PB 79 109.35 5.58 88.28
C GLU PB 79 108.36 6.39 89.07
N ARG PB 80 108.51 6.45 90.39
CA ARG PB 80 107.53 7.19 91.20
C ARG PB 80 107.93 8.61 91.57
N THR PB 81 109.08 9.06 91.04
CA THR PB 81 109.68 10.40 91.26
C THR PB 81 110.24 10.70 92.67
N ASP PB 82 110.39 9.70 93.52
CA ASP PB 82 110.96 9.89 94.85
C ASP PB 82 112.07 8.87 95.18
N ARG PB 83 112.70 8.33 94.15
CA ARG PB 83 113.80 7.37 94.26
C ARG PB 83 113.52 6.21 95.22
N THR PB 84 112.43 5.50 94.96
CA THR PB 84 112.05 4.35 95.78
C THR PB 84 111.95 3.09 94.90
N LEU PB 85 112.55 1.99 95.33
CA LEU PB 85 112.39 0.79 94.55
C LEU PB 85 111.09 0.14 95.00
N LYS PB 86 110.34 -0.45 94.10
CA LYS PB 86 109.06 -1.04 94.47
C LYS PB 86 109.10 -2.55 94.35
N ASN PB 87 108.44 -3.26 95.27
CA ASN PB 87 108.43 -4.69 95.15
C ASN PB 87 107.59 -5.04 93.95
N THR PB 88 108.03 -6.01 93.15
CA THR PB 88 107.25 -6.44 92.00
C THR PB 88 105.81 -6.85 92.33
N ALA PB 89 105.58 -7.51 93.46
CA ALA PB 89 104.21 -7.94 93.81
C ALA PB 89 103.46 -7.08 94.82
N SER PB 90 104.07 -6.85 95.98
CA SER PB 90 103.49 -6.04 97.06
C SER PB 90 103.76 -4.55 96.84
N ALA PB 91 103.26 -3.70 97.73
CA ALA PB 91 103.45 -2.26 97.59
C ALA PB 91 104.58 -1.68 98.46
N ASP PB 92 105.44 -2.53 98.99
CA ASP PB 92 106.54 -2.07 99.83
C ASP PB 92 107.52 -1.24 98.99
N VAL PB 93 108.14 -0.23 99.61
CA VAL PB 93 109.09 0.62 98.88
C VAL PB 93 110.44 0.66 99.58
N VAL PB 94 111.51 0.88 98.83
CA VAL PB 94 112.85 0.94 99.41
C VAL PB 94 113.53 2.23 98.93
N ALA PB 95 113.60 3.25 99.78
CA ALA PB 95 114.21 4.52 99.41
C ALA PB 95 115.72 4.39 99.14
N TYR PB 96 116.21 5.03 98.07
CA TYR PB 96 117.64 5.01 97.74
C TYR PB 96 118.03 6.35 97.15
N ASN PB 97 119.30 6.49 96.71
CA ASN PB 97 119.80 7.71 96.11
C ASN PB 97 121.04 7.38 95.29
N VAL PB 98 121.33 8.20 94.29
CA VAL PB 98 122.50 7.98 93.45
C VAL PB 98 123.47 9.14 93.67
N TYR PB 99 124.74 8.84 93.97
CA TYR PB 99 125.72 9.90 94.16
C TYR PB 99 126.74 9.84 93.03
N ARG PB 100 127.52 10.91 92.88
CA ARG PB 100 128.51 10.98 91.81
C ARG PB 100 129.92 10.60 92.24
N ASP PB 101 130.29 10.93 93.48
CA ASP PB 101 131.62 10.62 93.96
C ASP PB 101 131.63 9.34 94.79
N ALA PB 102 132.81 8.74 94.91
CA ALA PB 102 133.03 7.47 95.64
C ALA PB 102 132.67 7.49 97.15
N ALA PB 103 132.67 8.66 97.77
CA ALA PB 103 132.32 8.79 99.18
C ALA PB 103 130.85 9.12 99.47
N ARG PB 104 129.94 8.90 98.51
CA ARG PB 104 128.50 9.15 98.71
C ARG PB 104 128.15 10.57 99.19
N THR PB 105 128.94 11.55 98.77
CA THR PB 105 128.71 12.95 99.18
C THR PB 105 128.04 13.85 98.13
N ASN PB 106 128.58 13.86 96.91
CA ASN PB 106 128.06 14.69 95.83
C ASN PB 106 126.87 13.98 95.22
N LEU PB 107 125.68 14.33 95.68
CA LEU PB 107 124.44 13.70 95.24
C LEU PB 107 123.97 14.17 93.86
N TYR PB 108 123.45 13.24 93.05
CA TYR PB 108 122.91 13.61 91.76
C TYR PB 108 121.53 14.10 92.09
N VAL PB 109 121.39 15.39 92.37
CA VAL PB 109 120.09 15.95 92.72
C VAL PB 109 119.05 15.72 91.60
N VAL PB 110 117.80 15.45 91.99
CA VAL PB 110 116.73 15.18 91.03
C VAL PB 110 116.63 16.25 89.94
N ASN PB 111 116.57 15.84 88.67
CA ASN PB 111 116.47 16.77 87.55
C ASN PB 111 117.48 17.91 87.60
N GLN PB 112 118.75 17.58 87.86
CA GLN PB 112 119.79 18.60 87.89
C GLN PB 112 120.99 18.21 87.03
N PRO PB 113 121.53 19.19 86.27
CA PRO PB 113 122.66 18.90 85.38
C PRO PB 113 124.01 18.84 86.08
N GLN PB 114 124.38 17.73 86.70
CA GLN PB 114 125.69 17.68 87.33
C GLN PB 114 126.74 17.80 86.20
N GLN PB 115 127.52 18.90 86.20
CA GLN PB 115 128.56 19.19 85.17
C GLN PB 115 129.62 18.06 85.01
N PHE PB 116 130.21 18.02 83.81
CA PHE PB 116 131.26 17.05 83.47
C PHE PB 116 132.18 17.55 82.35
N THR PB 117 133.43 17.11 82.34
CA THR PB 117 134.39 17.52 81.31
C THR PB 117 134.75 16.33 80.47
N THR PB 118 135.17 16.60 79.24
CA THR PB 118 135.58 15.55 78.34
C THR PB 118 136.69 16.19 77.52
N VAL PB 119 137.75 15.42 77.25
CA VAL PB 119 138.93 15.94 76.60
C VAL PB 119 139.31 15.20 75.31
N SER PB 120 140.35 15.72 74.63
CA SER PB 120 140.80 15.18 73.36
C SER PB 120 141.05 13.66 73.35
N GLY PB 121 140.44 12.97 72.38
CA GLY PB 121 140.65 11.54 72.20
C GLY PB 121 140.46 10.72 73.44
N GLN PB 122 139.43 11.00 74.24
CA GLN PB 122 139.25 10.21 75.46
C GLN PB 122 137.79 9.96 75.81
N ALA PB 123 137.53 8.88 76.52
CA ALA PB 123 136.17 8.58 76.98
C ALA PB 123 136.17 8.83 78.49
N THR PB 124 135.26 9.69 78.96
CA THR PB 124 135.14 9.98 80.38
C THR PB 124 134.08 9.05 80.97
N ALA PB 125 134.31 8.54 82.18
CA ALA PB 125 133.35 7.64 82.80
C ALA PB 125 132.32 8.42 83.62
N VAL PB 126 131.09 7.92 83.67
CA VAL PB 126 130.03 8.57 84.43
C VAL PB 126 129.75 7.70 85.65
N PRO PB 127 130.34 8.06 86.80
CA PRO PB 127 130.13 7.24 87.98
C PRO PB 127 128.75 7.50 88.57
N ILE PB 128 127.88 6.50 88.57
CA ILE PB 128 126.58 6.64 89.17
C ILE PB 128 126.69 5.69 90.36
N PHE PB 129 127.02 6.24 91.53
CA PHE PB 129 127.20 5.42 92.72
C PHE PB 129 125.89 5.34 93.50
N GLY PB 130 125.34 4.14 93.65
CA GLY PB 130 124.12 3.98 94.40
C GLY PB 130 124.42 3.84 95.88
N ALA PB 131 123.43 4.14 96.70
CA ALA PB 131 123.54 4.05 98.14
C ALA PB 131 122.15 3.92 98.77
N ILE PB 132 121.99 3.00 99.70
CA ILE PB 132 120.73 2.80 100.40
C ILE PB 132 120.95 2.93 101.92
N ALA PB 133 120.06 3.66 102.60
CA ALA PB 133 120.18 3.88 104.03
C ALA PB 133 119.97 2.60 104.83
N PRO PB 134 120.57 2.55 106.04
CA PRO PB 134 120.40 1.34 106.85
C PRO PB 134 118.97 1.25 107.40
N ASN PB 135 118.25 0.19 107.03
CA ASN PB 135 116.90 -0.01 107.50
C ASN PB 135 116.98 -0.91 108.72
N THR PB 136 116.83 -0.33 109.92
CA THR PB 136 116.88 -1.10 111.14
C THR PB 136 115.58 -0.93 111.90
N GLY PB 137 114.49 -0.74 111.15
CA GLY PB 137 113.18 -0.55 111.73
C GLY PB 137 112.21 -1.66 111.39
N THR PB 138 111.64 -1.60 110.18
CA THR PB 138 110.69 -2.61 109.74
C THR PB 138 111.26 -3.48 108.63
N PRO PB 139 111.06 -4.81 108.71
CA PRO PB 139 111.58 -5.69 107.66
C PRO PB 139 110.70 -5.68 106.41
N LYS PB 140 111.20 -5.18 105.29
CA LYS PB 140 110.43 -5.13 104.05
C LYS PB 140 110.13 -6.55 103.55
N ALA PB 141 108.97 -6.75 102.92
CA ALA PB 141 108.59 -8.07 102.43
C ALA PB 141 109.59 -8.71 101.44
N GLN PB 142 109.63 -10.04 101.42
CA GLN PB 142 110.52 -10.78 100.53
C GLN PB 142 110.16 -10.59 99.06
N GLY PB 143 111.14 -10.74 98.18
CA GLY PB 143 110.91 -10.57 96.75
C GLY PB 143 111.96 -9.70 96.10
N ASP PB 144 111.65 -9.22 94.90
CA ASP PB 144 112.58 -8.38 94.14
C ASP PB 144 112.09 -6.93 94.09
N TYR PB 145 112.95 -5.96 94.44
CA TYR PB 145 112.57 -4.56 94.40
C TYR PB 145 113.24 -3.95 93.17
N LYS PB 146 112.50 -3.14 92.39
CA LYS PB 146 113.05 -2.54 91.18
C LYS PB 146 112.71 -1.06 91.02
N ASP PB 147 113.42 -0.42 90.10
CA ASP PB 147 113.22 0.97 89.72
C ASP PB 147 113.97 1.18 88.41
N THR PB 148 113.53 2.15 87.64
CA THR PB 148 114.17 2.46 86.37
C THR PB 148 114.52 3.93 86.35
N LEU PB 149 115.75 4.29 86.71
CA LEU PB 149 116.12 5.69 86.71
C LEU PB 149 116.42 6.07 85.26
N LEU PB 150 115.98 7.23 84.83
CA LEU PB 150 116.26 7.68 83.47
C LEU PB 150 117.45 8.62 83.59
N VAL PB 151 118.60 8.27 83.04
CA VAL PB 151 119.76 9.15 83.10
C VAL PB 151 119.68 9.97 81.82
N THR PB 152 119.88 11.29 81.94
CA THR PB 152 119.75 12.26 80.87
C THR PB 152 121.05 12.98 80.56
N VAL PB 153 121.84 12.45 79.62
CA VAL PB 153 123.07 13.12 79.23
C VAL PB 153 122.65 14.24 78.27
N ASN PB 154 122.78 15.49 78.68
CA ASN PB 154 122.34 16.58 77.82
C ASN PB 154 123.42 17.63 77.71
N PHE PB 155 123.29 18.46 76.69
CA PHE PB 155 124.29 19.43 76.38
C PHE PB 155 123.73 20.85 76.48
N ALA QB 1 120.88 15.62 73.37
CA ALA QB 1 120.07 15.06 74.44
C ALA QB 1 119.99 13.55 74.33
N VAL QB 2 120.85 12.84 75.05
CA VAL QB 2 120.85 11.39 75.05
C VAL QB 2 120.30 10.89 76.38
N THR QB 3 119.00 10.62 76.41
CA THR QB 3 118.33 10.11 77.60
C THR QB 3 118.37 8.56 77.60
N GLY QB 4 118.76 7.98 78.74
CA GLY QB 4 118.86 6.55 78.86
C GLY QB 4 118.35 5.94 80.15
N GLN QB 5 118.17 4.62 80.21
CA GLN QB 5 117.63 3.98 81.42
C GLN QB 5 118.67 3.20 82.27
N VAL QB 6 118.48 3.21 83.60
CA VAL QB 6 119.38 2.51 84.51
C VAL QB 6 118.48 1.69 85.43
N ASP QB 7 118.44 0.37 85.24
CA ASP QB 7 117.58 -0.44 86.06
C ASP QB 7 118.19 -0.60 87.45
N VAL QB 8 117.42 -0.28 88.49
CA VAL QB 8 117.89 -0.41 89.86
C VAL QB 8 117.27 -1.68 90.44
N LYS QB 9 118.04 -2.45 91.20
CA LYS QB 9 117.51 -3.69 91.75
C LYS QB 9 118.02 -3.99 93.15
N LEU QB 10 117.24 -4.78 93.90
CA LEU QB 10 117.57 -5.19 95.25
C LEU QB 10 116.74 -6.43 95.55
N ASN QB 11 117.37 -7.52 95.98
CA ASN QB 11 116.64 -8.75 96.25
C ASN QB 11 116.56 -8.96 97.75
N ILE QB 12 115.49 -8.48 98.36
CA ILE QB 12 115.32 -8.66 99.79
C ILE QB 12 114.80 -10.08 100.02
N SER QB 13 115.64 -10.96 100.57
CA SER QB 13 115.24 -12.35 100.86
C SER QB 13 116.01 -12.98 102.03
N THR QB 14 117.33 -13.16 101.88
CA THR QB 14 118.19 -13.76 102.89
C THR QB 14 119.64 -13.37 102.57
N GLY QB 15 120.13 -12.29 103.19
CA GLY QB 15 121.47 -11.79 102.95
C GLY QB 15 122.50 -11.90 104.06
N CYS QB 16 123.69 -11.39 103.75
CA CYS QB 16 124.85 -11.41 104.63
C CYS QB 16 125.24 -9.98 105.03
N THR QB 17 125.65 -9.77 106.27
CA THR QB 17 126.00 -8.41 106.76
C THR QB 17 127.44 -8.30 107.28
N VAL QB 18 128.05 -7.11 107.14
CA VAL QB 18 129.41 -6.90 107.60
C VAL QB 18 129.47 -6.12 108.91
N GLY QB 19 130.04 -6.69 109.97
CA GLY QB 19 130.14 -5.99 111.25
C GLY QB 19 131.50 -5.35 111.39
N GLY QB 20 131.64 -4.43 112.34
CA GLY QB 20 132.90 -3.72 112.56
C GLY QB 20 132.99 -2.39 111.83
N SER QB 21 131.92 -2.04 111.10
CA SER QB 21 131.92 -0.80 110.36
C SER QB 21 131.06 0.26 111.04
N GLN QB 22 131.35 1.52 110.72
CA GLN QB 22 130.62 2.66 111.25
C GLN QB 22 130.15 3.41 110.02
N THR QB 23 128.93 3.93 110.04
CA THR QB 23 128.44 4.66 108.89
C THR QB 23 128.99 6.08 108.85
N GLU QB 24 129.98 6.35 108.01
CA GLU QB 24 130.51 7.69 107.88
C GLU QB 24 129.57 8.39 106.89
N GLY QB 25 128.61 9.16 107.39
CA GLY QB 25 127.66 9.80 106.49
C GLY QB 25 126.91 8.70 105.77
N ASN QB 26 127.03 8.61 104.45
CA ASN QB 26 126.33 7.57 103.68
C ASN QB 26 127.30 6.54 103.11
N MET QB 27 128.49 6.43 103.70
CA MET QB 27 129.50 5.47 103.23
C MET QB 27 130.03 4.67 104.42
N ASN QB 28 129.99 3.33 104.34
CA ASN QB 28 130.46 2.49 105.44
C ASN QB 28 131.95 2.61 105.74
N LYS QB 29 132.31 3.14 106.91
CA LYS QB 29 133.72 3.25 107.31
C LYS QB 29 134.12 1.90 107.89
N PHE QB 30 134.89 1.11 107.14
CA PHE QB 30 135.28 -0.22 107.60
C PHE QB 30 136.42 -0.21 108.62
N GLY QB 31 137.45 0.60 108.39
CA GLY QB 31 138.54 0.59 109.36
C GLY QB 31 139.74 1.43 108.98
N THR QB 32 140.87 1.15 109.62
CA THR QB 32 142.09 1.90 109.37
C THR QB 32 143.29 0.96 109.27
N LEU QB 33 144.18 1.24 108.33
CA LEU QB 33 145.39 0.45 108.14
C LEU QB 33 146.49 1.40 108.58
N ASN QB 34 146.81 1.38 109.87
CA ASN QB 34 147.76 2.31 110.43
C ASN QB 34 149.17 1.73 110.54
N PHE QB 35 150.06 2.12 109.63
CA PHE QB 35 151.43 1.61 109.66
C PHE QB 35 152.25 2.24 110.78
N GLY QB 36 151.80 3.38 111.28
CA GLY QB 36 152.47 4.06 112.37
C GLY QB 36 153.42 5.10 111.86
N LYS QB 37 154.36 5.51 112.73
CA LYS QB 37 155.36 6.50 112.39
C LYS QB 37 156.57 5.83 111.75
N THR QB 38 157.31 6.58 110.94
CA THR QB 38 158.50 6.05 110.27
C THR QB 38 159.42 7.16 109.80
N SER QB 39 160.68 6.81 109.56
CA SER QB 39 161.69 7.77 109.10
C SER QB 39 161.70 7.80 107.60
N GLY QB 40 162.46 8.76 107.01
CA GLY QB 40 162.53 8.91 105.57
C GLY QB 40 162.87 7.62 104.85
N THR QB 41 163.87 6.90 105.34
CA THR QB 41 164.30 5.65 104.74
C THR QB 41 164.21 4.49 105.74
N TRP QB 42 163.25 3.58 105.56
CA TRP QB 42 163.09 2.45 106.46
C TRP QB 42 163.64 1.16 105.82
N ASN QB 43 164.42 0.37 106.56
CA ASN QB 43 164.98 -0.86 106.03
C ASN QB 43 164.08 -2.06 106.28
N ASN QB 44 163.26 -1.99 107.31
CA ASN QB 44 162.34 -3.06 107.63
C ASN QB 44 161.00 -2.85 106.92
N VAL QB 45 160.37 -3.93 106.48
CA VAL QB 45 159.08 -3.89 105.80
C VAL QB 45 158.06 -3.33 106.80
N LEU QB 46 157.43 -2.17 106.52
CA LEU QB 46 156.49 -1.64 107.53
C LEU QB 46 155.21 -2.44 107.40
N THR QB 47 154.68 -2.93 108.53
CA THR QB 47 153.55 -3.85 108.48
C THR QB 47 152.51 -3.63 109.57
N ALA QB 48 151.23 -3.43 109.23
CA ALA QB 48 150.18 -3.25 110.22
C ALA QB 48 148.89 -3.87 109.72
N GLU QB 49 147.99 -4.19 110.64
CA GLU QB 49 146.72 -4.82 110.33
C GLU QB 49 145.59 -3.82 110.39
N VAL QB 50 144.51 -4.09 109.66
CA VAL QB 50 143.36 -3.21 109.67
C VAL QB 50 142.71 -3.20 111.06
N ALA QB 51 142.28 -2.03 111.51
CA ALA QB 51 141.61 -1.91 112.80
C ALA QB 51 140.20 -1.40 112.51
N SER QB 52 139.17 -2.23 112.72
CA SER QB 52 137.80 -1.82 112.44
C SER QB 52 137.43 -0.52 113.15
N ALA QB 53 136.69 0.37 112.47
CA ALA QB 53 136.33 1.66 113.08
C ALA QB 53 135.31 1.54 114.22
N ALA QB 54 134.52 0.47 114.22
CA ALA QB 54 133.51 0.27 115.25
C ALA QB 54 134.03 -0.33 116.55
N THR QB 55 134.82 -1.38 116.46
CA THR QB 55 135.33 -2.02 117.67
C THR QB 55 136.83 -1.81 117.95
N GLY QB 56 137.64 -1.76 116.90
CA GLY QB 56 139.07 -1.61 117.07
C GLY QB 56 139.80 -2.86 116.64
N GLY QB 57 139.08 -4.00 116.61
CA GLY QB 57 139.65 -5.26 116.20
C GLY QB 57 139.47 -5.50 114.71
N ASN QB 58 139.41 -6.76 114.30
CA ASN QB 58 139.26 -7.08 112.88
C ASN QB 58 137.80 -7.01 112.42
N ILE QB 59 137.58 -6.69 111.15
CA ILE QB 59 136.24 -6.61 110.61
C ILE QB 59 135.59 -8.00 110.79
N SER QB 60 134.41 -8.05 111.41
CA SER QB 60 133.77 -9.34 111.64
C SER QB 60 132.53 -9.50 110.77
N VAL QB 61 132.63 -10.24 109.67
CA VAL QB 61 131.48 -10.40 108.80
C VAL QB 61 130.67 -11.61 109.27
N THR QB 62 129.36 -11.44 109.44
CA THR QB 62 128.51 -12.55 109.84
C THR QB 62 127.39 -12.65 108.79
N CYS QB 63 126.90 -13.85 108.53
CA CYS QB 63 125.81 -13.97 107.58
C CYS QB 63 124.53 -14.24 108.35
N ASP QB 64 123.40 -13.93 107.73
CA ASP QB 64 122.11 -14.12 108.37
C ASP QB 64 121.37 -15.33 107.80
N GLY QB 65 121.54 -16.50 108.43
CA GLY QB 65 120.88 -17.70 107.98
C GLY QB 65 121.38 -18.94 108.70
N THR QB 66 120.97 -20.11 108.20
CA THR QB 66 121.37 -21.39 108.78
C THR QB 66 122.38 -22.19 107.95
N ASP QB 67 122.41 -22.04 106.63
CA ASP QB 67 123.40 -22.81 105.88
C ASP QB 67 124.68 -21.99 105.70
N PRO QB 68 125.85 -22.65 105.71
CA PRO QB 68 127.09 -21.87 105.56
C PRO QB 68 127.15 -21.15 104.20
N VAL QB 69 127.14 -19.82 104.18
CA VAL QB 69 127.19 -19.09 102.93
C VAL QB 69 128.63 -18.78 102.50
N ASP QB 70 128.90 -18.80 101.19
CA ASP QB 70 130.22 -18.51 100.68
C ASP QB 70 130.20 -17.08 100.14
N PHE QB 71 130.79 -16.14 100.87
CA PHE QB 71 130.80 -14.75 100.43
C PHE QB 71 132.19 -14.35 100.01
N THR QB 72 132.27 -13.35 99.14
CA THR QB 72 133.57 -12.93 98.65
C THR QB 72 133.99 -11.55 99.17
N VAL QB 73 135.30 -11.31 99.10
CA VAL QB 73 135.87 -10.04 99.55
C VAL QB 73 136.75 -9.45 98.45
N ALA QB 74 136.52 -8.21 98.05
CA ALA QB 74 137.34 -7.58 97.01
C ALA QB 74 137.76 -6.20 97.47
N ILE QB 75 139.04 -5.87 97.30
CA ILE QB 75 139.56 -4.57 97.69
C ILE QB 75 140.02 -3.93 96.39
N ASP QB 76 139.83 -2.62 96.26
CA ASP QB 76 140.21 -1.90 95.05
C ASP QB 76 141.66 -1.37 95.18
N GLY QB 77 142.13 -0.60 94.18
CA GLY QB 77 143.49 -0.05 94.17
C GLY QB 77 143.75 1.27 94.87
N GLY QB 78 142.82 1.78 95.68
CA GLY QB 78 143.02 3.03 96.37
C GLY QB 78 142.60 4.23 95.53
N GLU QB 79 142.78 5.43 96.08
CA GLU QB 79 142.41 6.66 95.40
C GLU QB 79 142.99 6.79 94.01
N ARG QB 80 144.27 6.47 93.83
CA ARG QB 80 144.88 6.63 92.51
C ARG QB 80 144.92 5.37 91.64
N THR QB 81 144.33 4.28 92.16
CA THR QB 81 144.24 2.95 91.53
C THR QB 81 145.56 2.14 91.42
N ASP QB 82 146.62 2.55 92.10
CA ASP QB 82 147.89 1.81 92.10
C ASP QB 82 148.46 1.58 93.51
N ARG QB 83 147.57 1.60 94.51
CA ARG QB 83 147.91 1.36 95.91
C ARG QB 83 149.11 2.18 96.40
N THR QB 84 149.00 3.50 96.26
CA THR QB 84 150.04 4.42 96.72
C THR QB 84 149.47 5.40 97.73
N LEU QB 85 150.14 5.61 98.86
CA LEU QB 85 149.65 6.59 99.78
C LEU QB 85 150.21 7.93 99.33
N LYS QB 86 149.45 9.00 99.43
CA LYS QB 86 149.92 10.28 98.97
C LYS QB 86 150.14 11.25 100.13
N ASN QB 87 151.17 12.08 100.06
CA ASN QB 87 151.39 13.01 101.11
C ASN QB 87 150.28 14.04 101.05
N THR QB 88 149.72 14.43 102.19
CA THR QB 88 148.68 15.44 102.21
C THR QB 88 149.07 16.75 101.51
N ALA QB 89 150.32 17.20 101.63
CA ALA QB 89 150.73 18.47 101.00
C ALA QB 89 151.52 18.34 99.69
N SER QB 90 152.60 17.59 99.71
CA SER QB 90 153.47 17.37 98.55
C SER QB 90 152.92 16.24 97.66
N ALA QB 91 153.59 15.95 96.55
CA ALA QB 91 153.14 14.91 95.64
C ALA QB 91 153.87 13.58 95.79
N ASP QB 92 154.60 13.39 96.89
CA ASP QB 92 155.33 12.14 97.12
C ASP QB 92 154.35 10.98 97.29
N VAL QB 93 154.73 9.78 96.85
CA VAL QB 93 153.85 8.62 96.98
C VAL QB 93 154.55 7.49 97.70
N VAL QB 94 153.78 6.63 98.38
CA VAL QB 94 154.35 5.49 99.10
C VAL QB 94 153.61 4.22 98.68
N ALA QB 95 154.21 3.41 97.82
CA ALA QB 95 153.58 2.18 97.35
C ALA QB 95 153.37 1.16 98.48
N TYR QB 96 152.20 0.52 98.52
CA TYR QB 96 151.90 -0.50 99.53
C TYR QB 96 151.03 -1.58 98.91
N ASN QB 97 150.60 -2.58 99.71
CA ASN QB 97 149.75 -3.65 99.25
C ASN QB 97 149.03 -4.26 100.45
N VAL QB 98 147.89 -4.88 100.21
CA VAL QB 98 147.14 -5.51 101.28
C VAL QB 98 147.11 -7.02 101.03
N TYR QB 99 147.48 -7.84 102.02
CA TYR QB 99 147.46 -9.28 101.85
C TYR QB 99 146.38 -9.86 102.76
N ARG QB 100 146.01 -11.11 102.52
CA ARG QB 100 144.97 -11.76 103.29
C ARG QB 100 145.50 -12.65 104.41
N ASP QB 101 146.63 -13.30 104.20
CA ASP QB 101 147.20 -14.18 105.21
C ASP QB 101 148.29 -13.49 106.01
N ALA QB 102 148.56 -14.00 107.20
CA ALA QB 102 149.56 -13.45 108.13
C ALA QB 102 151.01 -13.40 107.63
N ALA QB 103 151.36 -14.22 106.65
CA ALA QB 103 152.70 -14.24 106.08
C ALA QB 103 152.88 -13.36 104.81
N ARG QB 104 151.98 -12.40 104.55
CA ARG QB 104 152.10 -11.50 103.40
C ARG QB 104 152.25 -12.21 102.04
N THR QB 105 151.64 -13.39 101.91
CA THR QB 105 151.72 -14.16 100.66
C THR QB 105 150.49 -14.09 99.75
N ASN QB 106 149.30 -14.34 100.31
CA ASN QB 106 148.06 -14.32 99.55
C ASN QB 106 147.60 -12.89 99.40
N LEU QB 107 147.95 -12.28 98.29
CA LEU QB 107 147.63 -10.88 98.01
C LEU QB 107 146.18 -10.63 97.62
N TYR QB 108 145.59 -9.54 98.12
CA TYR QB 108 144.24 -9.20 97.71
C TYR QB 108 144.43 -8.50 96.39
N VAL QB 109 144.41 -9.26 95.30
CA VAL QB 109 144.61 -8.69 93.97
C VAL QB 109 143.56 -7.61 93.67
N VAL QB 110 143.97 -6.53 92.99
CA VAL QB 110 143.08 -5.42 92.66
C VAL QB 110 141.78 -5.89 91.99
N ASN QB 111 140.63 -5.41 92.49
CA ASN QB 111 139.32 -5.78 91.94
C ASN QB 111 139.14 -7.28 91.75
N GLN QB 112 139.48 -8.07 92.78
CA GLN QB 112 139.31 -9.52 92.69
C GLN QB 112 138.57 -10.06 93.91
N PRO QB 113 137.62 -10.99 93.69
CA PRO QB 113 136.85 -11.54 94.80
C PRO QB 113 137.56 -12.63 95.61
N GLN QB 114 138.42 -12.28 96.55
CA GLN QB 114 139.06 -13.31 97.32
C GLN QB 114 137.95 -14.04 98.12
N GLN QB 115 137.72 -15.34 97.83
CA GLN QB 115 136.67 -16.16 98.49
C GLN QB 115 136.78 -16.23 100.04
N PHE QB 116 135.62 -16.49 100.66
CA PHE QB 116 135.53 -16.61 102.13
C PHE QB 116 134.34 -17.48 102.55
N THR QB 117 134.45 -18.16 103.69
CA THR QB 117 133.38 -19.00 104.20
C THR QB 117 132.78 -18.40 105.46
N THR QB 118 131.54 -18.75 105.77
CA THR QB 118 130.87 -18.24 106.97
C THR QB 118 129.77 -19.22 107.42
N VAL QB 119 129.76 -19.62 108.69
CA VAL QB 119 128.73 -20.53 109.17
C VAL QB 119 127.73 -19.80 110.05
N SER QB 120 126.59 -20.44 110.30
CA SER QB 120 125.53 -19.87 111.11
C SER QB 120 125.97 -19.68 112.57
N GLY QB 121 125.44 -18.65 113.23
CA GLY QB 121 125.78 -18.37 114.62
C GLY QB 121 127.27 -18.16 114.86
N GLN QB 122 127.93 -17.50 113.92
CA GLN QB 122 129.35 -17.22 114.04
C GLN QB 122 129.72 -16.02 113.15
N ALA QB 123 130.74 -15.27 113.55
CA ALA QB 123 131.18 -14.13 112.77
C ALA QB 123 132.59 -14.45 112.26
N THR QB 124 132.84 -14.34 110.96
CA THR QB 124 134.16 -14.62 110.41
C THR QB 124 134.93 -13.31 110.29
N ALA QB 125 136.22 -13.32 110.61
CA ALA QB 125 137.01 -12.10 110.53
C ALA QB 125 137.62 -11.92 109.14
N VAL QB 126 137.75 -10.68 108.69
CA VAL QB 126 138.34 -10.38 107.38
C VAL QB 126 139.71 -9.77 107.62
N PRO QB 127 140.76 -10.62 107.54
CA PRO QB 127 142.09 -10.08 107.79
C PRO QB 127 142.59 -9.29 106.59
N ILE QB 128 142.80 -8.00 106.77
CA ILE QB 128 143.33 -7.18 105.71
C ILE QB 128 144.72 -6.81 106.26
N PHE QB 129 145.72 -7.56 105.87
CA PHE QB 129 147.07 -7.34 106.37
C PHE QB 129 147.83 -6.40 105.44
N GLY QB 130 148.24 -5.24 105.93
CA GLY QB 130 148.97 -4.31 105.11
C GLY QB 130 150.45 -4.65 105.15
N ALA QB 131 151.16 -4.19 104.13
CA ALA QB 131 152.59 -4.40 104.02
C ALA QB 131 153.21 -3.36 103.08
N ILE QB 132 154.34 -2.77 103.50
CA ILE QB 132 155.04 -1.79 102.69
C ILE QB 132 156.49 -2.25 102.47
N ALA QB 133 156.97 -2.13 101.23
CA ALA QB 133 158.33 -2.55 100.89
C ALA QB 133 159.39 -1.68 101.55
N PRO QB 134 160.58 -2.25 101.76
CA PRO QB 134 161.65 -1.47 102.40
C PRO QB 134 162.17 -0.40 101.43
N ASN QB 135 162.03 0.88 101.81
CA ASN QB 135 162.51 1.97 100.99
C ASN QB 135 163.92 2.31 101.48
N THR QB 136 164.95 1.89 100.74
CA THR QB 136 166.31 2.19 101.14
C THR QB 136 166.99 2.96 100.01
N GLY QB 137 166.20 3.77 99.30
CA GLY QB 137 166.71 4.56 98.20
C GLY QB 137 166.59 6.05 98.44
N THR QB 138 165.40 6.60 98.25
CA THR QB 138 165.19 8.03 98.44
C THR QB 138 164.30 8.30 99.67
N PRO QB 139 164.67 9.30 100.49
CA PRO QB 139 163.86 9.61 101.67
C PRO QB 139 162.62 10.44 101.31
N LYS QB 140 161.42 9.88 101.47
CA LYS QB 140 160.20 10.60 101.15
C LYS QB 140 160.02 11.80 102.10
N ALA QB 141 159.43 12.88 101.60
CA ALA QB 141 159.23 14.08 102.41
C ALA QB 141 158.43 13.87 103.71
N GLN QB 142 158.71 14.70 104.72
CA GLN QB 142 158.02 14.61 106.00
C GLN QB 142 156.54 14.96 105.89
N GLY QB 143 155.74 14.42 106.80
CA GLY QB 143 154.30 14.68 106.78
C GLY QB 143 153.48 13.42 106.94
N ASP QB 144 152.20 13.50 106.60
CA ASP QB 144 151.29 12.36 106.73
C ASP QB 144 150.91 11.81 105.35
N TYR QB 145 151.06 10.50 105.14
CA TYR QB 145 150.69 9.89 103.87
C TYR QB 145 149.37 9.18 104.07
N LYS QB 146 148.42 9.32 103.13
CA LYS QB 146 147.11 8.67 103.27
C LYS QB 146 146.63 8.01 101.98
N ASP QB 147 145.59 7.19 102.14
CA ASP QB 147 144.91 6.49 101.06
C ASP QB 147 143.60 5.97 101.62
N THR QB 148 142.62 5.78 100.76
CA THR QB 148 141.33 5.27 101.19
C THR QB 148 140.98 4.06 100.32
N LEU QB 149 141.28 2.86 100.81
CA LEU QB 149 140.97 1.69 100.02
C LEU QB 149 139.48 1.40 100.20
N LEU QB 150 138.79 1.06 99.12
CA LEU QB 150 137.37 0.73 99.22
C LEU QB 150 137.31 -0.79 99.28
N VAL QB 151 136.86 -1.36 100.40
CA VAL QB 151 136.74 -2.81 100.49
C VAL QB 151 135.30 -3.10 100.07
N THR QB 152 135.14 -4.10 99.20
CA THR QB 152 133.88 -4.49 98.60
C THR QB 152 133.44 -5.89 98.97
N VAL QB 153 132.64 -6.02 100.04
CA VAL QB 153 132.14 -7.33 100.43
C VAL QB 153 130.95 -7.61 99.51
N ASN QB 154 131.07 -8.56 98.58
CA ASN QB 154 129.98 -8.81 97.66
C ASN QB 154 129.67 -10.28 97.61
N PHE QB 155 128.48 -10.57 97.10
CA PHE QB 155 127.97 -11.91 97.08
C PHE QB 155 127.75 -12.41 95.66
N ALA RB 1 125.83 -6.50 98.21
CA ALA RB 1 126.98 -5.66 97.89
C ALA RB 1 127.21 -4.62 98.98
N VAL RB 2 128.09 -4.93 99.94
CA VAL RB 2 128.41 -4.00 101.00
C VAL RB 2 129.82 -3.43 100.77
N THR RB 3 129.88 -2.27 100.12
CA THR RB 3 131.15 -1.61 99.85
C THR RB 3 131.49 -0.64 101.01
N GLY RB 4 132.73 -0.71 101.48
CA GLY RB 4 133.18 0.10 102.58
C GLY RB 4 134.56 0.71 102.47
N GLN RB 5 134.91 1.68 103.31
CA GLN RB 5 136.21 2.34 103.22
C GLN RB 5 137.23 1.93 104.30
N VAL RB 6 138.52 1.89 103.94
CA VAL RB 6 139.59 1.53 104.87
C VAL RB 6 140.65 2.61 104.73
N ASP RB 7 140.76 3.52 105.70
CA ASP RB 7 141.72 4.58 105.60
C ASP RB 7 143.13 4.03 105.86
N VAL RB 8 144.05 4.27 104.94
CA VAL RB 8 145.44 3.82 105.09
C VAL RB 8 146.27 5.02 105.52
N LYS RB 9 147.19 4.84 106.46
CA LYS RB 9 147.99 5.95 106.92
C LYS RB 9 149.45 5.58 107.23
N LEU RB 10 150.33 6.57 107.16
CA LEU RB 10 151.75 6.40 107.43
C LEU RB 10 152.29 7.78 107.75
N ASN RB 11 152.97 7.95 108.89
CA ASN RB 11 153.50 9.24 109.27
C ASN RB 11 155.00 9.24 109.11
N ILE RB 12 155.48 9.66 107.94
CA ILE RB 12 156.90 9.71 107.70
C ILE RB 12 157.43 10.98 108.37
N SER RB 13 158.18 10.84 109.46
CA SER RB 13 158.76 11.99 110.17
C SER RB 13 160.06 11.65 110.94
N THR RB 14 159.97 10.79 111.95
CA THR RB 14 161.11 10.39 112.78
C THR RB 14 160.73 9.08 113.49
N GLY RB 15 161.11 7.94 112.91
CA GLY RB 15 160.78 6.64 113.46
C GLY RB 15 161.91 5.78 114.01
N CYS RB 16 161.51 4.59 114.47
CA CYS RB 16 162.39 3.62 115.08
C CYS RB 16 162.46 2.35 114.21
N THR RB 17 163.64 1.73 114.11
CA THR RB 17 163.82 0.55 113.25
C THR RB 17 164.32 -0.70 114.02
N VAL RB 18 163.94 -1.89 113.55
CA VAL RB 18 164.36 -3.11 114.22
C VAL RB 18 165.46 -3.84 113.43
N GLY RB 19 166.63 -4.05 114.04
CA GLY RB 19 167.72 -4.73 113.36
C GLY RB 19 167.74 -6.21 113.75
N GLY RB 20 168.47 -7.02 113.00
CA GLY RB 20 168.54 -8.46 113.26
C GLY RB 20 167.53 -9.27 112.46
N SER RB 21 166.72 -8.60 111.65
CA SER RB 21 165.72 -9.29 110.87
C SER RB 21 166.14 -9.40 109.40
N GLN RB 22 165.56 -10.38 108.72
CA GLN RB 22 165.81 -10.64 107.31
C GLN RB 22 164.43 -10.60 106.67
N THR RB 23 164.32 -10.01 105.49
CA THR RB 23 163.02 -9.94 104.84
C THR RB 23 162.68 -11.27 104.15
N GLU RB 24 161.82 -12.07 104.77
CA GLU RB 24 161.39 -13.32 104.14
C GLU RB 24 160.26 -12.93 103.19
N GLY RB 25 160.56 -12.75 101.91
CA GLY RB 25 159.53 -12.33 100.97
C GLY RB 25 159.06 -10.96 101.43
N ASN RB 26 157.78 -10.82 101.81
CA ASN RB 26 157.27 -9.52 102.26
C ASN RB 26 156.95 -9.52 103.75
N MET RB 27 157.57 -10.43 104.51
CA MET RB 27 157.35 -10.51 105.95
C MET RB 27 158.69 -10.56 106.68
N ASN RB 28 158.91 -9.66 107.65
CA ASN RB 28 160.18 -9.62 108.37
C ASN RB 28 160.47 -10.89 109.21
N LYS RB 29 161.50 -11.65 108.84
CA LYS RB 29 161.87 -12.83 109.61
C LYS RB 29 162.76 -12.35 110.76
N PHE RB 30 162.22 -12.33 111.98
CA PHE RB 30 162.97 -11.84 113.12
C PHE RB 30 163.97 -12.84 113.68
N GLY RB 31 163.59 -14.11 113.80
CA GLY RB 31 164.56 -15.06 114.35
C GLY RB 31 164.02 -16.45 114.58
N THR RB 32 164.72 -17.22 115.40
CA THR RB 32 164.34 -18.59 115.69
C THR RB 32 164.46 -18.88 117.19
N LEU RB 33 163.49 -19.61 117.74
CA LEU RB 33 163.51 -19.99 119.15
C LEU RB 33 163.75 -21.49 119.08
N ASN RB 34 165.02 -21.90 119.08
CA ASN RB 34 165.38 -23.29 118.90
C ASN RB 34 165.63 -23.99 120.23
N PHE RB 35 164.66 -24.79 120.69
CA PHE RB 35 164.83 -25.51 121.96
C PHE RB 35 165.80 -26.69 121.83
N GLY RB 36 166.02 -27.13 120.60
CA GLY RB 36 166.95 -28.22 120.34
C GLY RB 36 166.23 -29.55 120.28
N LYS RB 37 167.01 -30.62 120.45
CA LYS RB 37 166.47 -31.98 120.43
C LYS RB 37 166.01 -32.38 121.83
N THR RB 38 165.07 -33.32 121.90
CA THR RB 38 164.55 -33.78 123.19
C THR RB 38 163.87 -35.13 123.06
N SER RB 39 163.73 -35.83 124.19
CA SER RB 39 163.08 -37.14 124.22
C SER RB 39 161.62 -36.97 124.47
N GLY RB 40 160.84 -38.07 124.37
CA GLY RB 40 159.40 -38.04 124.56
C GLY RB 40 158.99 -37.38 125.86
N THR RB 41 159.65 -37.74 126.95
CA THR RB 41 159.35 -37.19 128.27
C THR RB 41 160.59 -36.51 128.88
N TRP RB 42 160.59 -35.18 128.96
CA TRP RB 42 161.72 -34.45 129.53
C TRP RB 42 161.39 -33.96 130.95
N ASN RB 43 162.30 -34.15 131.89
CA ASN RB 43 162.07 -33.72 133.28
C ASN RB 43 162.56 -32.29 133.53
N ASN RB 44 163.55 -31.86 132.76
CA ASN RB 44 164.08 -30.51 132.88
C ASN RB 44 163.31 -29.54 131.97
N VAL RB 45 163.11 -28.32 132.44
CA VAL RB 45 162.42 -27.27 131.68
C VAL RB 45 163.25 -26.99 130.43
N LEU RB 46 162.71 -27.22 129.23
CA LEU RB 46 163.56 -26.99 128.03
C LEU RB 46 163.60 -25.48 127.81
N THR RB 47 164.79 -24.91 127.62
CA THR RB 47 164.93 -23.47 127.57
C THR RB 47 165.94 -22.97 126.54
N ALA RB 48 165.53 -22.09 125.61
CA ALA RB 48 166.45 -21.53 124.62
C ALA RB 48 166.07 -20.08 124.33
N GLU RB 49 167.03 -19.33 123.79
CA GLU RB 49 166.85 -17.92 123.49
C GLU RB 49 166.65 -17.72 122.00
N VAL RB 50 165.98 -16.63 121.63
CA VAL RB 50 165.78 -16.32 120.24
C VAL RB 50 167.12 -16.02 119.56
N ALA RB 51 167.30 -16.50 118.32
CA ALA RB 51 168.52 -16.24 117.58
C ALA RB 51 168.09 -15.46 116.32
N SER RB 52 168.47 -14.18 116.23
CA SER RB 52 168.08 -13.36 115.08
C SER RB 52 168.48 -14.01 113.76
N ALA RB 53 167.61 -13.93 112.75
CA ALA RB 53 167.90 -14.56 111.46
C ALA RB 53 169.02 -13.87 110.66
N ALA RB 54 169.26 -12.59 110.94
CA ALA RB 54 170.28 -11.82 110.24
C ALA RB 54 171.70 -12.01 110.79
N THR RB 55 171.86 -11.92 112.10
CA THR RB 55 173.18 -12.07 112.69
C THR RB 55 173.44 -13.37 113.45
N GLY RB 56 172.41 -13.88 114.14
CA GLY RB 56 172.57 -15.08 114.93
C GLY RB 56 172.44 -14.78 116.41
N GLY RB 57 172.65 -13.50 116.77
CA GLY RB 57 172.55 -13.07 118.15
C GLY RB 57 171.14 -12.59 118.48
N ASN RB 58 171.03 -11.68 119.44
CA ASN RB 58 169.71 -11.17 119.82
C ASN RB 58 169.23 -10.04 118.91
N ILE RB 59 167.91 -9.91 118.76
CA ILE RB 59 167.33 -8.87 117.92
C ILE RB 59 167.81 -7.52 118.48
N SER RB 60 168.41 -6.68 117.64
CA SER RB 60 168.91 -5.40 118.13
C SER RB 60 168.09 -4.24 117.59
N VAL RB 61 167.17 -3.71 118.40
CA VAL RB 61 166.35 -2.61 117.93
C VAL RB 61 167.06 -1.28 118.20
N THR RB 62 167.16 -0.42 117.19
CA THR RB 62 167.79 0.88 117.37
C THR RB 62 166.76 1.93 116.91
N CYS RB 63 166.78 3.10 117.52
CA CYS RB 63 165.86 4.13 117.07
C CYS RB 63 166.64 5.17 116.29
N ASP RB 64 165.95 5.90 115.43
CA ASP RB 64 166.60 6.92 114.61
C ASP RB 64 166.30 8.33 115.12
N GLY RB 65 167.17 8.86 115.99
CA GLY RB 65 166.98 10.20 116.53
C GLY RB 65 167.98 10.52 117.63
N THR RB 66 167.74 11.65 118.32
CA THR RB 66 168.61 12.08 119.41
C THR RB 66 167.99 11.93 120.81
N ASP RB 67 166.67 11.99 120.96
CA ASP RB 67 166.14 11.83 122.31
C ASP RB 67 165.79 10.36 122.57
N PRO RB 68 165.96 9.90 123.81
CA PRO RB 68 165.66 8.49 124.08
C PRO RB 68 164.18 8.16 123.83
N VAL RB 69 163.87 7.32 122.85
CA VAL RB 69 162.48 6.98 122.57
C VAL RB 69 162.02 5.74 123.36
N ASP RB 70 160.75 5.74 123.78
CA ASP RB 70 160.21 4.61 124.53
C ASP RB 70 159.38 3.78 123.56
N PHE RB 71 159.88 2.63 123.12
CA PHE RB 71 159.15 1.80 122.18
C PHE RB 71 158.66 0.55 122.88
N THR RB 72 157.60 -0.04 122.35
CA THR RB 72 157.05 -1.22 122.97
C THR RB 72 157.25 -2.50 122.14
N VAL RB 73 157.16 -3.63 122.82
CA VAL RB 73 157.32 -4.93 122.18
C VAL RB 73 156.13 -5.83 122.53
N ALA RB 74 155.46 -6.40 121.53
CA ALA RB 74 154.32 -7.28 121.79
C ALA RB 74 154.47 -8.55 120.97
N ILE RB 75 154.24 -9.70 121.59
CA ILE RB 75 154.34 -10.97 120.91
C ILE RB 75 152.94 -11.56 120.96
N ASP RB 76 152.53 -12.24 119.90
CA ASP RB 76 151.20 -12.82 119.84
C ASP RB 76 151.22 -14.28 120.37
N GLY RB 77 150.09 -14.99 120.29
CA GLY RB 77 149.98 -16.37 120.76
C GLY RB 77 150.37 -17.51 119.85
N GLY RB 78 151.03 -17.23 118.73
CA GLY RB 78 151.42 -18.28 117.80
C GLY RB 78 150.34 -18.61 116.79
N GLU RB 79 150.59 -19.59 115.93
CA GLU RB 79 149.66 -20.02 114.91
C GLU RB 79 148.28 -20.34 115.44
N ARG RB 80 148.20 -21.09 116.54
CA ARG RB 80 146.88 -21.47 117.05
C ARG RB 80 146.33 -20.58 118.16
N THR RB 81 147.06 -19.51 118.49
CA THR RB 81 146.74 -18.50 119.53
C THR RB 81 146.84 -18.97 121.00
N ASP RB 82 147.43 -20.13 121.27
CA ASP RB 82 147.61 -20.61 122.65
C ASP RB 82 149.05 -21.09 122.93
N ARG RB 83 150.00 -20.56 122.17
CA ARG RB 83 151.43 -20.86 122.31
C ARG RB 83 151.74 -22.35 122.39
N THR RB 84 151.32 -23.09 121.38
CA THR RB 84 151.58 -24.52 121.31
C THR RB 84 152.33 -24.86 120.02
N LEU RB 85 153.39 -25.64 120.11
CA LEU RB 85 154.07 -26.03 118.89
C LEU RB 85 153.34 -27.24 118.36
N LYS RB 86 153.18 -27.37 117.05
CA LYS RB 86 152.45 -28.49 116.51
C LYS RB 86 153.37 -29.42 115.73
N ASN RB 87 153.14 -30.73 115.81
CA ASN RB 87 153.97 -31.63 115.08
C ASN RB 87 153.66 -31.43 113.60
N THR RB 88 154.67 -31.42 112.75
CA THR RB 88 154.44 -31.28 111.31
C THR RB 88 153.47 -32.32 110.74
N ALA RB 89 153.52 -33.57 111.19
CA ALA RB 89 152.63 -34.60 110.64
C ALA RB 89 151.38 -34.95 111.48
N SER RB 90 151.60 -35.29 112.74
CA SER RB 90 150.54 -35.64 113.68
C SER RB 90 149.90 -34.39 114.31
N ALA RB 91 148.90 -34.57 115.17
CA ALA RB 91 148.24 -33.43 115.79
C ALA RB 91 148.69 -33.16 117.23
N ASP RB 92 149.81 -33.74 117.64
CA ASP RB 92 150.33 -33.53 119.00
C ASP RB 92 150.74 -32.07 119.18
N VAL RB 93 150.58 -31.53 120.39
CA VAL RB 93 150.95 -30.14 120.65
C VAL RB 93 151.92 -30.03 121.82
N VAL RB 94 152.75 -29.00 121.82
CA VAL RB 94 153.72 -28.80 122.90
C VAL RB 94 153.59 -27.37 123.43
N ALA RB 95 152.94 -27.19 124.58
CA ALA RB 95 152.74 -25.86 125.14
C ALA RB 95 154.07 -25.20 125.57
N TYR RB 96 154.24 -23.91 125.26
CA TYR RB 96 155.44 -23.17 125.63
C TYR RB 96 155.06 -21.73 125.97
N ASN RB 97 156.06 -20.88 126.28
CA ASN RB 97 155.83 -19.48 126.60
C ASN RB 97 157.12 -18.71 126.37
N VAL RB 98 157.01 -17.42 126.12
CA VAL RB 98 158.19 -16.59 125.90
C VAL RB 98 158.28 -15.57 127.04
N TYR RB 99 159.42 -15.47 127.69
CA TYR RB 99 159.58 -14.49 128.77
C TYR RB 99 160.57 -13.43 128.33
N ARG RB 100 160.61 -12.33 129.06
CA ARG RB 100 161.50 -11.22 128.72
C ARG RB 100 162.80 -11.20 129.52
N ASP RB 101 162.75 -11.61 130.78
CA ASP RB 101 163.94 -11.62 131.61
C ASP RB 101 164.58 -13.00 131.67
N ALA RB 102 165.87 -13.02 132.01
CA ALA RB 102 166.67 -14.26 132.09
C ALA RB 102 166.19 -15.33 133.09
N ALA RB 103 165.42 -14.94 134.10
CA ALA RB 103 164.90 -15.87 135.09
C ALA RB 103 163.48 -16.40 134.79
N ARG RB 104 162.99 -16.29 133.54
CA ARG RB 104 161.67 -16.80 133.17
C ARG RB 104 160.51 -16.28 134.03
N THR RB 105 160.62 -15.05 134.52
CA THR RB 105 159.58 -14.44 135.37
C THR RB 105 158.66 -13.44 134.67
N ASN RB 106 159.24 -12.45 133.97
CA ASN RB 106 158.47 -11.42 133.29
C ASN RB 106 158.00 -11.97 131.96
N LEU RB 107 156.78 -12.48 131.94
CA LEU RB 107 156.20 -13.10 130.75
C LEU RB 107 155.74 -12.10 129.70
N TYR RB 108 155.97 -12.42 128.41
CA TYR RB 108 155.48 -11.56 127.36
C TYR RB 108 154.05 -11.98 127.21
N VAL RB 109 153.15 -11.33 127.95
CA VAL RB 109 151.72 -11.66 127.90
C VAL RB 109 151.17 -11.53 126.47
N VAL RB 110 150.28 -12.43 126.07
CA VAL RB 110 149.69 -12.43 124.73
C VAL RB 110 149.13 -11.05 124.34
N ASN RB 111 149.49 -10.56 123.16
CA ASN RB 111 149.02 -9.26 122.66
C ASN RB 111 149.16 -8.12 123.69
N GLN RB 112 150.33 -8.03 124.30
CA GLN RB 112 150.58 -6.95 125.27
C GLN RB 112 151.88 -6.22 124.97
N PRO RB 113 151.85 -4.87 125.07
CA PRO RB 113 153.04 -4.08 124.77
C PRO RB 113 154.08 -4.03 125.90
N GLN RB 114 154.93 -5.03 126.03
CA GLN RB 114 155.93 -4.97 127.08
C GLN RB 114 156.85 -3.76 126.74
N GLN RB 115 156.84 -2.71 127.59
CA GLN RB 115 157.66 -1.49 127.41
C GLN RB 115 159.18 -1.73 127.25
N PHE RB 116 159.83 -0.77 126.56
CA PHE RB 116 161.28 -0.81 126.34
C PHE RB 116 161.88 0.59 126.13
N THR RB 117 163.15 0.78 126.49
CA THR RB 117 163.80 2.07 126.31
C THR RB 117 164.89 1.96 125.26
N THR RB 118 165.26 3.10 124.65
CA THR RB 118 166.29 3.11 123.63
C THR RB 118 166.93 4.50 123.55
N VAL RB 119 168.26 4.60 123.60
CA VAL RB 119 168.92 5.90 123.53
C VAL RB 119 169.59 6.07 122.17
N SER RB 120 169.95 7.31 121.85
CA SER RB 120 170.60 7.63 120.58
C SER RB 120 171.99 7.00 120.48
N GLY RB 121 172.40 6.64 119.26
CA GLY RB 121 173.70 6.03 119.03
C GLY RB 121 173.92 4.74 119.79
N GLN RB 122 172.86 3.94 119.91
CA GLN RB 122 172.93 2.66 120.61
C GLN RB 122 171.82 1.74 120.12
N ALA RB 123 172.04 0.43 120.18
CA ALA RB 123 171.04 -0.53 119.77
C ALA RB 123 170.64 -1.33 121.01
N THR RB 124 169.34 -1.41 121.33
CA THR RB 124 168.90 -2.15 122.49
C THR RB 124 168.50 -3.56 122.04
N ALA RB 125 168.83 -4.58 122.84
CA ALA RB 125 168.50 -5.95 122.48
C ALA RB 125 167.11 -6.33 122.99
N VAL RB 126 166.40 -7.18 122.24
CA VAL RB 126 165.07 -7.63 122.64
C VAL RB 126 165.19 -9.09 123.06
N PRO RB 127 165.32 -9.33 124.36
CA PRO RB 127 165.46 -10.71 124.80
C PRO RB 127 164.13 -11.44 124.76
N ILE RB 128 164.01 -12.45 123.90
CA ILE RB 128 162.81 -13.24 123.85
C ILE RB 128 163.28 -14.58 124.37
N PHE RB 129 163.09 -14.81 125.67
CA PHE RB 129 163.56 -16.05 126.28
C PHE RB 129 162.44 -17.10 126.25
N GLY RB 130 162.68 -18.22 125.58
CA GLY RB 130 161.68 -19.26 125.53
C GLY RB 130 161.81 -20.17 126.73
N ALA RB 131 160.74 -20.87 127.04
CA ALA RB 131 160.70 -21.80 128.15
C ALA RB 131 159.56 -22.81 127.96
N ILE RB 132 159.85 -24.09 128.18
CA ILE RB 132 158.86 -25.13 128.07
C ILE RB 132 158.77 -25.92 129.39
N ALA RB 133 157.54 -26.19 129.84
CA ALA RB 133 157.33 -26.91 131.09
C ALA RB 133 157.80 -28.35 131.03
N PRO RB 134 158.15 -28.93 132.19
CA PRO RB 134 158.61 -30.31 132.19
C PRO RB 134 157.44 -31.26 131.93
N ASN RB 135 157.51 -32.03 130.83
CA ASN RB 135 156.49 -32.98 130.49
C ASN RB 135 156.91 -34.33 131.05
N THR RB 136 156.31 -34.73 132.17
CA THR RB 136 156.64 -36.02 132.77
C THR RB 136 155.39 -36.88 132.85
N GLY RB 137 154.50 -36.70 131.87
CA GLY RB 137 153.26 -37.44 131.82
C GLY RB 137 153.16 -38.34 130.61
N THR RB 138 152.83 -37.76 129.45
CA THR RB 138 152.70 -38.53 128.22
C THR RB 138 153.81 -38.20 127.22
N PRO RB 139 154.40 -39.24 126.59
CA PRO RB 139 155.47 -38.97 125.61
C PRO RB 139 154.91 -38.51 124.26
N LYS RB 140 155.18 -37.27 123.86
CA LYS RB 140 154.69 -36.76 122.58
C LYS RB 140 155.33 -37.53 121.42
N ALA RB 141 154.60 -37.70 120.33
CA ALA RB 141 155.12 -38.43 119.17
C ALA RB 141 156.42 -37.85 118.57
N GLN RB 142 157.22 -38.73 117.95
CA GLN RB 142 158.48 -38.33 117.35
C GLN RB 142 158.27 -37.41 116.15
N GLY RB 143 159.26 -36.58 115.85
CA GLY RB 143 159.16 -35.66 114.72
C GLY RB 143 159.60 -34.25 115.09
N ASP RB 144 159.22 -33.29 114.25
CA ASP RB 144 159.57 -31.89 114.48
C ASP RB 144 158.34 -31.06 114.88
N TYR RB 145 158.44 -30.31 115.98
CA TYR RB 145 157.33 -29.48 116.42
C TYR RB 145 157.67 -28.03 116.04
N LYS RB 146 156.71 -27.29 115.49
CA LYS RB 146 156.96 -25.90 115.09
C LYS RB 146 155.85 -24.93 115.49
N ASP RB 147 156.17 -23.65 115.39
CA ASP RB 147 155.25 -22.54 115.65
C ASP RB 147 155.90 -21.30 115.08
N THR RB 148 155.09 -20.32 114.73
CA THR RB 148 155.59 -19.07 114.19
C THR RB 148 155.02 -17.93 115.01
N LEU RB 149 155.76 -17.44 116.00
CA LEU RB 149 155.24 -16.35 116.80
C LEU RB 149 155.46 -15.07 116.00
N LEU RB 150 154.48 -14.18 116.00
CA LEU RB 150 154.62 -12.92 115.30
C LEU RB 150 155.02 -11.90 116.36
N VAL RB 151 156.23 -11.34 116.29
CA VAL RB 151 156.64 -10.34 117.26
C VAL RB 151 156.27 -9.01 116.61
N THR RB 152 155.65 -8.12 117.40
CA THR RB 152 155.13 -6.85 116.97
C THR RB 152 155.79 -5.66 117.63
N VAL RB 153 156.85 -5.12 117.03
CA VAL RB 153 157.52 -3.95 117.59
C VAL RB 153 156.65 -2.75 117.18
N ASN RB 154 155.96 -2.12 118.13
CA ASN RB 154 155.11 -1.01 117.78
C ASN RB 154 155.38 0.18 118.65
N PHE RB 155 154.92 1.33 118.20
CA PHE RB 155 155.21 2.58 118.85
C PHE RB 155 153.92 3.24 119.32
N ALA SB 1 155.05 0.59 113.27
CA ALA SB 1 154.59 -0.78 113.46
C ALA SB 1 155.41 -1.77 112.64
N VAL SB 2 156.42 -2.36 113.27
CA VAL SB 2 157.26 -3.34 112.60
C VAL SB 2 156.94 -4.74 113.14
N THR SB 3 156.04 -5.44 112.46
CA THR SB 3 155.64 -6.78 112.83
C THR SB 3 156.57 -7.82 112.14
N GLY SB 4 157.07 -8.77 112.93
CA GLY SB 4 157.97 -9.78 112.42
C GLY SB 4 157.74 -11.20 112.90
N GLN SB 5 158.35 -12.19 112.26
CA GLN SB 5 158.14 -13.60 112.64
C GLN SB 5 159.31 -14.25 113.41
N VAL SB 6 158.98 -15.15 114.34
CA VAL SB 6 159.98 -15.85 115.13
C VAL SB 6 159.62 -17.33 115.06
N ASP SB 7 160.38 -18.13 114.30
CA ASP SB 7 160.05 -19.51 114.17
C ASP SB 7 160.46 -20.26 115.43
N VAL SB 8 159.52 -21.00 116.03
CA VAL SB 8 159.79 -21.77 117.23
C VAL SB 8 159.95 -23.24 116.82
N LYS SB 9 160.92 -23.93 117.38
CA LYS SB 9 161.14 -25.32 117.01
C LYS SB 9 161.54 -26.21 118.18
N LEU SB 10 161.27 -27.51 118.03
CA LEU SB 10 161.60 -28.51 119.03
C LEU SB 10 161.61 -29.86 118.31
N ASN SB 11 162.69 -30.63 118.43
CA ASN SB 11 162.79 -31.90 117.75
C ASN SB 11 162.65 -33.02 118.78
N ILE SB 12 161.43 -33.49 118.98
CA ILE SB 12 161.21 -34.58 119.91
C ILE SB 12 161.58 -35.88 119.20
N SER SB 13 162.70 -36.50 119.61
CA SER SB 13 163.14 -37.77 119.01
C SER SB 13 163.99 -38.65 119.97
N THR SB 14 165.17 -38.16 120.36
CA THR SB 14 166.09 -38.87 121.26
C THR SB 14 167.06 -37.85 121.84
N GLY SB 15 166.75 -37.32 123.04
CA GLY SB 15 167.58 -36.32 123.68
C GLY SB 15 168.32 -36.70 124.95
N CYS SB 16 169.03 -35.69 125.48
CA CYS SB 16 169.85 -35.82 126.67
C CYS SB 16 169.28 -34.94 127.80
N THR SB 17 169.34 -35.43 129.04
CA THR SB 17 168.78 -34.69 130.18
C THR SB 17 169.80 -34.38 131.28
N VAL SB 18 169.62 -33.27 132.00
CA VAL SB 18 170.54 -32.89 133.06
C VAL SB 18 169.96 -33.16 134.45
N GLY SB 19 170.62 -33.99 135.27
CA GLY SB 19 170.13 -34.28 136.60
C GLY SB 19 170.84 -33.41 137.62
N GLY SB 20 170.29 -33.34 138.83
CA GLY SB 20 170.86 -32.51 139.89
C GLY SB 20 170.26 -31.12 139.98
N SER SB 21 169.30 -30.83 139.10
CA SER SB 21 168.67 -29.53 139.09
C SER SB 21 167.28 -29.57 139.72
N GLN SB 22 166.83 -28.42 140.17
CA GLN SB 22 165.52 -28.26 140.78
C GLN SB 22 164.86 -27.16 139.97
N THR SB 23 163.57 -27.29 139.67
CA THR SB 23 162.90 -26.26 138.89
C THR SB 23 162.53 -25.06 139.76
N GLU SB 24 163.28 -23.97 139.69
CA GLU SB 24 162.94 -22.78 140.44
C GLU SB 24 161.91 -22.04 139.58
N GLY SB 25 160.63 -22.21 139.88
CA GLY SB 25 159.60 -21.58 139.06
C GLY SB 25 159.74 -22.16 137.65
N ASN SB 26 160.06 -21.33 136.66
CA ASN SB 26 160.19 -21.83 135.29
C ASN SB 26 161.65 -21.78 134.81
N MET SB 27 162.59 -21.78 135.75
CA MET SB 27 164.01 -21.74 135.40
C MET SB 27 164.76 -22.83 136.19
N ASN SB 28 165.51 -23.70 135.49
CA ASN SB 28 166.23 -24.79 136.16
C ASN SB 28 167.32 -24.31 137.13
N LYS SB 29 167.16 -24.54 138.43
CA LYS SB 29 168.17 -24.18 139.41
C LYS SB 29 169.21 -25.31 139.43
N PHE SB 30 170.38 -25.07 138.84
CA PHE SB 30 171.40 -26.11 138.76
C PHE SB 30 172.18 -26.30 140.05
N GLY SB 31 172.58 -25.22 140.72
CA GLY SB 31 173.33 -25.41 141.95
C GLY SB 31 173.86 -24.15 142.58
N THR SB 32 174.84 -24.31 143.46
CA THR SB 32 175.43 -23.18 144.16
C THR SB 32 176.96 -23.28 144.20
N LEU SB 33 177.64 -22.16 144.00
CA LEU SB 33 179.09 -22.11 144.03
C LEU SB 33 179.36 -21.32 145.31
N ASN SB 34 179.47 -22.03 146.43
CA ASN SB 34 179.62 -21.39 147.73
C ASN SB 34 181.08 -21.30 148.17
N PHE SB 35 181.69 -20.12 148.04
CA PHE SB 35 183.08 -19.96 148.46
C PHE SB 35 183.24 -19.93 149.98
N GLY SB 36 182.14 -19.65 150.68
CA GLY SB 36 182.15 -19.61 152.12
C GLY SB 36 182.38 -18.22 152.65
N LYS SB 37 182.79 -18.13 153.91
CA LYS SB 37 183.06 -16.86 154.56
C LYS SB 37 184.51 -16.44 154.31
N THR SB 38 184.78 -15.14 154.36
CA THR SB 38 186.12 -14.63 154.14
C THR SB 38 186.29 -13.22 154.71
N SER SB 39 187.54 -12.82 154.93
CA SER SB 39 187.85 -11.50 155.47
C SER SB 39 188.03 -10.53 154.35
N GLY SB 40 188.17 -9.22 154.67
CA GLY SB 40 188.33 -8.19 153.67
C GLY SB 40 189.44 -8.48 152.67
N THR SB 41 190.59 -8.89 153.18
CA THR SB 41 191.75 -9.18 152.34
C THR SB 41 192.21 -10.64 152.53
N TRP SB 42 191.99 -11.50 151.55
CA TRP SB 42 192.40 -12.89 151.65
C TRP SB 42 193.67 -13.15 150.82
N ASN SB 43 194.66 -13.85 151.38
CA ASN SB 43 195.90 -14.13 150.67
C ASN SB 43 195.84 -15.45 149.89
N ASN SB 44 195.00 -16.36 150.36
CA ASN SB 44 194.84 -17.65 149.69
C ASN SB 44 193.72 -17.57 148.64
N VAL SB 45 193.90 -18.26 147.52
CA VAL SB 45 192.93 -18.30 146.44
C VAL SB 45 191.65 -18.95 146.99
N LEU SB 46 190.52 -18.24 147.03
CA LEU SB 46 189.32 -18.87 147.62
C LEU SB 46 188.77 -19.82 146.59
N THR SB 47 188.47 -21.07 146.98
CA THR SB 47 188.10 -22.08 146.02
C THR SB 47 186.99 -23.04 146.48
N ALA SB 48 185.90 -23.17 145.74
CA ALA SB 48 184.82 -24.08 146.11
C ALA SB 48 184.21 -24.68 144.85
N GLU SB 49 183.54 -25.82 145.01
CA GLU SB 49 182.93 -26.54 143.91
C GLU SB 49 181.43 -26.34 143.91
N VAL SB 50 180.81 -26.47 142.73
CA VAL SB 50 179.37 -26.33 142.62
C VAL SB 50 178.67 -27.44 143.40
N ALA SB 51 177.58 -27.12 144.09
CA ALA SB 51 176.81 -28.09 144.83
C ALA SB 51 175.42 -28.11 144.20
N SER SB 52 175.03 -29.19 143.52
CA SER SB 52 173.73 -29.28 142.88
C SER SB 52 172.59 -28.97 143.85
N ALA SB 53 171.57 -28.24 143.41
CA ALA SB 53 170.46 -27.89 144.29
C ALA SB 53 169.55 -29.07 144.65
N ALA SB 54 169.54 -30.10 143.81
CA ALA SB 54 168.71 -31.28 144.04
C ALA SB 54 169.30 -32.30 145.02
N THR SB 55 170.57 -32.65 144.82
CA THR SB 55 171.20 -33.64 145.68
C THR SB 55 172.24 -33.10 146.67
N GLY SB 56 172.99 -32.09 146.25
CA GLY SB 56 174.04 -31.54 147.09
C GLY SB 56 175.41 -31.84 146.53
N GLY SB 57 175.48 -32.87 145.66
CA GLY SB 57 176.73 -33.25 145.02
C GLY SB 57 176.92 -32.54 143.69
N ASN SB 58 177.65 -33.16 142.77
CA ASN SB 58 177.89 -32.54 141.47
C ASN SB 58 176.74 -32.77 140.49
N ILE SB 59 176.54 -31.84 139.57
CA ILE SB 59 175.49 -31.96 138.57
C ILE SB 59 175.73 -33.25 137.79
N SER SB 60 174.74 -34.13 137.71
CA SER SB 60 174.94 -35.40 137.01
C SER SB 60 174.14 -35.44 135.71
N VAL SB 61 174.80 -35.20 134.58
CA VAL SB 61 174.08 -35.21 133.32
C VAL SB 61 174.06 -36.62 132.75
N THR SB 62 172.88 -37.13 132.38
CA THR SB 62 172.79 -38.45 131.79
C THR SB 62 172.09 -38.29 130.43
N CYS SB 63 172.41 -39.13 129.46
CA CYS SB 63 171.77 -39.00 128.16
C CYS SB 63 170.79 -40.16 127.95
N ASP SB 64 169.58 -39.87 127.48
CA ASP SB 64 168.59 -40.91 127.25
C ASP SB 64 168.83 -41.59 125.91
N GLY SB 65 169.83 -42.46 125.87
CA GLY SB 65 170.18 -43.18 124.66
C GLY SB 65 171.06 -44.38 124.98
N THR SB 66 171.38 -45.16 123.96
CA THR SB 66 172.22 -46.34 124.15
C THR SB 66 173.66 -46.09 123.70
N ASP SB 67 173.82 -45.56 122.50
CA ASP SB 67 175.13 -45.26 121.95
C ASP SB 67 175.70 -44.02 122.65
N PRO SB 68 177.05 -43.87 122.67
CA PRO SB 68 177.57 -42.70 123.35
C PRO SB 68 177.16 -41.37 122.68
N VAL SB 69 176.87 -40.35 123.48
CA VAL SB 69 176.45 -39.06 122.95
C VAL SB 69 177.46 -38.00 123.38
N ASP SB 70 177.83 -37.10 122.48
CA ASP SB 70 178.81 -36.06 122.81
C ASP SB 70 178.03 -34.77 123.05
N PHE SB 71 177.86 -34.36 124.30
CA PHE SB 71 177.12 -33.14 124.62
C PHE SB 71 178.07 -32.07 125.08
N THR SB 72 177.67 -30.82 124.93
CA THR SB 72 178.53 -29.73 125.32
C THR SB 72 178.01 -28.96 126.54
N VAL SB 73 178.93 -28.26 127.19
CA VAL SB 73 178.60 -27.46 128.36
C VAL SB 73 179.12 -26.03 128.19
N ALA SB 74 178.25 -25.02 128.36
CA ALA SB 74 178.68 -23.64 128.21
C ALA SB 74 178.17 -22.83 129.38
N ILE SB 75 179.03 -22.00 129.98
CA ILE SB 75 178.64 -21.17 131.10
C ILE SB 75 178.81 -19.74 130.60
N ASP SB 76 177.92 -18.85 131.02
CA ASP SB 76 177.97 -17.46 130.60
C ASP SB 76 178.81 -16.63 131.59
N GLY SB 77 178.88 -15.30 131.39
CA GLY SB 77 179.64 -14.39 132.25
C GLY SB 77 179.01 -13.84 133.51
N GLY SB 78 177.86 -14.37 133.93
CA GLY SB 78 177.21 -13.87 135.13
C GLY SB 78 176.28 -12.70 134.85
N GLU SB 79 175.66 -12.16 135.89
CA GLU SB 79 174.73 -11.05 135.77
C GLU SB 79 175.30 -9.86 135.03
N ARG SB 80 176.54 -9.47 135.31
CA ARG SB 80 177.11 -8.30 134.65
C ARG SB 80 177.98 -8.59 133.43
N THR SB 81 178.08 -9.88 133.06
CA THR SB 81 178.86 -10.42 131.93
C THR SB 81 180.41 -10.39 132.07
N ASP SB 82 180.93 -10.14 133.27
CA ASP SB 82 182.37 -10.14 133.49
C ASP SB 82 182.79 -10.97 134.72
N ARG SB 83 181.95 -11.93 135.09
CA ARG SB 83 182.17 -12.83 136.22
C ARG SB 83 182.58 -12.12 137.51
N THR SB 84 181.76 -11.20 137.96
CA THR SB 84 182.01 -10.46 139.20
C THR SB 84 180.84 -10.66 140.17
N LEU SB 85 181.12 -10.96 141.42
CA LEU SB 85 180.04 -11.07 142.37
C LEU SB 85 179.78 -9.66 142.87
N LYS SB 86 178.53 -9.30 143.10
CA LYS SB 86 178.23 -7.95 143.55
C LYS SB 86 177.69 -7.95 144.98
N ASN SB 87 178.06 -6.94 145.77
CA ASN SB 87 177.55 -6.91 147.10
C ASN SB 87 176.08 -6.60 147.02
N THR SB 88 175.25 -7.26 147.83
CA THR SB 88 173.82 -6.99 147.83
C THR SB 88 173.46 -5.51 148.06
N ALA SB 89 174.21 -4.80 148.93
CA ALA SB 89 173.88 -3.40 149.21
C ALA SB 89 174.76 -2.34 148.50
N SER SB 90 176.07 -2.46 148.67
CA SER SB 90 177.04 -1.55 148.06
C SER SB 90 177.36 -1.96 146.62
N ALA SB 91 178.21 -1.19 145.94
CA ALA SB 91 178.57 -1.50 144.56
C ALA SB 91 179.92 -2.22 144.40
N ASP SB 92 180.47 -2.75 145.49
CA ASP SB 92 181.74 -3.46 145.42
C ASP SB 92 181.61 -4.73 144.58
N VAL SB 93 182.66 -5.11 143.87
CA VAL SB 93 182.61 -6.31 143.03
C VAL SB 93 183.74 -7.27 143.38
N VAL SB 94 183.53 -8.57 143.16
CA VAL SB 94 184.55 -9.57 143.45
C VAL SB 94 184.74 -10.45 142.22
N ALA SB 95 185.81 -10.23 141.46
CA ALA SB 95 186.07 -11.00 140.25
C ALA SB 95 186.36 -12.49 140.56
N TYR SB 96 185.77 -13.40 139.77
CA TYR SB 96 185.99 -14.84 139.94
C TYR SB 96 186.00 -15.51 138.57
N ASN SB 97 186.12 -16.85 138.54
CA ASN SB 97 186.11 -17.61 137.31
C ASN SB 97 185.75 -19.06 137.63
N VAL SB 98 185.20 -19.76 136.65
CA VAL SB 98 184.83 -21.16 136.85
C VAL SB 98 185.71 -22.03 135.96
N TYR SB 99 186.35 -23.05 136.51
CA TYR SB 99 187.19 -23.94 135.70
C TYR SB 99 186.54 -25.31 135.65
N ARG SB 100 187.00 -26.14 134.73
CA ARG SB 100 186.44 -27.47 134.55
C ARG SB 100 187.23 -28.58 135.24
N ASP SB 101 188.55 -28.45 135.29
CA ASP SB 101 189.39 -29.45 135.93
C ASP SB 101 189.76 -29.07 137.35
N ALA SB 102 190.12 -30.07 138.15
CA ALA SB 102 190.49 -29.90 139.56
C ALA SB 102 191.70 -28.98 139.85
N ALA SB 103 192.59 -28.79 138.88
CA ALA SB 103 193.74 -27.92 139.05
C ALA SB 103 193.55 -26.47 138.56
N ARG SB 104 192.29 -26.01 138.39
CA ARG SB 104 192.02 -24.62 137.97
C ARG SB 104 192.73 -24.20 136.68
N THR SB 105 192.93 -25.14 135.75
CA THR SB 105 193.60 -24.84 134.48
C THR SB 105 192.69 -24.70 133.26
N ASN SB 106 191.80 -25.67 133.04
CA ASN SB 106 190.89 -25.66 131.91
C ASN SB 106 189.70 -24.78 132.24
N LEU SB 107 189.78 -23.52 131.83
CA LEU SB 107 188.75 -22.54 132.11
C LEU SB 107 187.49 -22.68 131.27
N TYR SB 108 186.32 -22.48 131.89
CA TYR SB 108 185.09 -22.51 131.12
C TYR SB 108 185.01 -21.14 130.51
N VAL SB 109 185.57 -20.98 129.32
CA VAL SB 109 185.57 -19.68 128.65
C VAL SB 109 184.14 -19.16 128.44
N VAL SB 110 183.94 -17.85 128.59
CA VAL SB 110 182.62 -17.23 128.44
C VAL SB 110 181.92 -17.63 127.13
N ASN SB 111 180.67 -18.06 127.22
CA ASN SB 111 179.89 -18.47 126.04
C ASN SB 111 180.64 -19.43 125.13
N GLN SB 112 181.24 -20.47 125.70
CA GLN SB 112 181.95 -21.47 124.90
C GLN SB 112 181.50 -22.89 125.26
N PRO SB 113 181.31 -23.74 124.23
CA PRO SB 113 180.86 -25.11 124.49
C PRO SB 113 181.96 -26.08 124.92
N GLN SB 114 182.32 -26.10 126.19
CA GLN SB 114 183.35 -27.04 126.60
C GLN SB 114 182.78 -28.45 126.39
N GLN SB 115 183.37 -29.24 125.46
CA GLN SB 115 182.92 -30.61 125.11
C GLN SB 115 182.85 -31.59 126.32
N PHE SB 116 181.99 -32.61 126.17
CA PHE SB 116 181.80 -33.65 127.18
C PHE SB 116 181.29 -34.96 126.57
N THR SB 117 181.61 -36.09 127.20
CA THR SB 117 181.17 -37.39 126.71
C THR SB 117 180.22 -38.00 127.71
N THR SB 118 179.36 -38.88 127.22
CA THR SB 118 178.42 -39.56 128.09
C THR SB 118 178.28 -40.94 127.45
N VAL SB 119 178.21 -41.97 128.29
CA VAL SB 119 178.22 -43.34 127.83
C VAL SB 119 177.00 -44.17 128.29
N SER SB 120 176.94 -45.41 127.79
CA SER SB 120 175.82 -46.30 128.07
C SER SB 120 175.46 -46.45 129.56
N GLY SB 121 174.18 -46.24 129.90
CA GLY SB 121 173.69 -46.42 131.25
C GLY SB 121 174.48 -45.71 132.31
N GLN SB 122 174.90 -44.48 132.06
CA GLN SB 122 175.67 -43.79 133.08
C GLN SB 122 175.39 -42.29 133.17
N ALA SB 123 175.62 -41.71 134.34
CA ALA SB 123 175.43 -40.27 134.52
C ALA SB 123 176.84 -39.67 134.63
N THR SB 124 177.17 -38.71 133.78
CA THR SB 124 178.47 -38.05 133.83
C THR SB 124 178.34 -36.78 134.68
N ALA SB 125 179.34 -36.49 135.50
CA ALA SB 125 179.29 -35.31 136.36
C ALA SB 125 179.86 -34.08 135.64
N VAL SB 126 179.30 -32.91 135.93
CA VAL SB 126 179.77 -31.67 135.33
C VAL SB 126 180.50 -30.88 136.41
N PRO SB 127 181.84 -30.99 136.43
CA PRO SB 127 182.56 -30.28 137.48
C PRO SB 127 182.66 -28.79 137.14
N ILE SB 128 182.06 -27.95 137.96
CA ILE SB 128 182.15 -26.52 137.76
C ILE SB 128 182.98 -26.09 138.98
N PHE SB 129 184.29 -25.97 138.78
CA PHE SB 129 185.17 -25.62 139.89
C PHE SB 129 185.36 -24.11 139.94
N GLY SB 130 184.95 -23.48 141.04
CA GLY SB 130 185.11 -22.05 141.16
C GLY SB 130 186.50 -21.73 141.70
N ALA SB 131 186.94 -20.50 141.46
CA ALA SB 131 188.23 -20.03 141.91
C ALA SB 131 188.25 -18.50 141.96
N ILE SB 132 188.75 -17.93 143.04
CA ILE SB 132 188.86 -16.49 143.20
C ILE SB 132 190.32 -16.09 143.47
N ALA SB 133 190.80 -15.06 142.79
CA ALA SB 133 192.17 -14.61 142.95
C ALA SB 133 192.45 -14.03 144.33
N PRO SB 134 193.71 -14.08 144.78
CA PRO SB 134 194.03 -13.54 146.10
C PRO SB 134 193.96 -12.02 146.09
N ASN SB 135 193.07 -11.44 146.89
CA ASN SB 135 192.92 -10.00 146.98
C ASN SB 135 193.79 -9.54 148.14
N THR SB 136 194.95 -8.97 147.86
CA THR SB 136 195.83 -8.48 148.90
C THR SB 136 196.07 -7.00 148.70
N GLY SB 137 195.07 -6.31 148.17
CA GLY SB 137 195.16 -4.88 147.91
C GLY SB 137 194.18 -4.07 148.74
N THR SB 138 192.92 -4.04 148.30
CA THR SB 138 191.90 -3.28 149.00
C THR SB 138 190.87 -4.20 149.66
N PRO SB 139 190.48 -3.90 150.92
CA PRO SB 139 189.50 -4.75 151.59
C PRO SB 139 188.07 -4.44 151.14
N LYS SB 140 187.40 -5.38 150.47
CA LYS SB 140 186.04 -5.17 150.00
C LYS SB 140 185.08 -5.02 151.19
N ALA SB 141 184.05 -4.20 151.04
CA ALA SB 141 183.09 -3.97 152.12
C ALA SB 141 182.40 -5.24 152.66
N GLN SB 142 182.00 -5.21 153.93
CA GLN SB 142 181.35 -6.35 154.57
C GLN SB 142 179.97 -6.61 153.98
N GLY SB 143 179.50 -7.85 154.06
CA GLY SB 143 178.21 -8.21 153.52
C GLY SB 143 178.25 -9.49 152.71
N ASP SB 144 177.21 -9.70 151.90
CA ASP SB 144 177.13 -10.90 151.07
C ASP SB 144 177.32 -10.56 149.58
N TYR SB 145 178.22 -11.25 148.89
CA TYR SB 145 178.44 -11.01 147.47
C TYR SB 145 177.77 -12.14 146.70
N LYS SB 146 177.05 -11.81 145.62
CA LYS SB 146 176.35 -12.83 144.83
C LYS SB 146 176.50 -12.66 143.33
N ASP SB 147 176.13 -13.72 142.61
CA ASP SB 147 176.11 -13.77 141.16
C ASP SB 147 175.29 -14.97 140.76
N THR SB 148 174.72 -14.94 139.56
CA THR SB 148 173.93 -16.04 139.08
C THR SB 148 174.46 -16.44 137.72
N LEU SB 149 175.32 -17.45 137.67
CA LEU SB 149 175.86 -17.88 136.39
C LEU SB 149 174.80 -18.75 135.72
N LEU SB 150 174.58 -18.57 134.42
CA LEU SB 150 173.61 -19.39 133.73
C LEU SB 150 174.43 -20.48 133.03
N VAL SB 151 174.26 -21.74 133.43
CA VAL SB 151 174.98 -22.83 132.79
C VAL SB 151 174.06 -23.31 131.68
N THR SB 152 174.62 -23.52 130.48
CA THR SB 152 173.90 -23.89 129.29
C THR SB 152 174.30 -25.23 128.72
N VAL SB 153 173.61 -26.30 129.12
CA VAL SB 153 173.90 -27.61 128.60
C VAL SB 153 173.23 -27.68 127.23
N ASN SB 154 174.00 -27.69 126.14
CA ASN SB 154 173.38 -27.70 124.83
C ASN SB 154 173.99 -28.78 123.98
N PHE SB 155 173.27 -29.11 122.91
CA PHE SB 155 173.64 -30.21 122.06
C PHE SB 155 173.93 -29.73 120.64
N ALA TB 1 168.64 -28.09 124.43
CA ALA TB 1 169.12 -26.88 125.09
C ALA TB 1 168.57 -26.77 126.51
N VAL TB 2 169.32 -27.24 127.50
CA VAL TB 2 168.90 -27.16 128.88
C VAL TB 2 169.73 -26.09 129.60
N THR TB 3 169.21 -24.87 129.65
CA THR TB 3 169.87 -23.76 130.32
C THR TB 3 169.44 -23.71 131.80
N GLY TB 4 170.42 -23.58 132.69
CA GLY TB 4 170.17 -23.55 134.11
C GLY TB 4 170.95 -22.53 134.93
N GLN TB 5 170.55 -22.27 136.17
CA GLN TB 5 171.24 -21.26 137.00
C GLN TB 5 172.16 -21.83 138.10
N VAL TB 6 173.27 -21.14 138.37
CA VAL TB 6 174.21 -21.55 139.41
C VAL TB 6 174.46 -20.32 140.28
N ASP TB 7 173.90 -20.29 141.49
CA ASP TB 7 174.08 -19.13 142.32
C ASP TB 7 175.48 -19.14 142.91
N VAL TB 8 176.22 -18.03 142.73
CA VAL TB 8 177.56 -17.91 143.27
C VAL TB 8 177.50 -17.03 144.52
N LYS TB 9 178.21 -17.40 145.57
CA LYS TB 9 178.16 -16.63 146.80
C LYS TB 9 179.51 -16.51 147.51
N LEU TB 10 179.65 -15.46 148.31
CA LEU TB 10 180.86 -15.21 149.08
C LEU TB 10 180.45 -14.25 150.21
N ASN TB 11 180.76 -14.60 151.46
CA ASN TB 11 180.38 -13.77 152.58
C ASN TB 11 181.62 -13.09 153.14
N ILE TB 12 181.91 -11.89 152.65
CA ILE TB 12 183.05 -11.15 153.14
C ILE TB 12 182.66 -10.51 154.46
N SER TB 13 183.21 -11.01 155.58
CA SER TB 13 182.92 -10.45 156.91
C SER TB 13 184.06 -10.65 157.92
N THR TB 14 184.36 -11.91 158.27
CA THR TB 14 185.40 -12.27 159.23
C THR TB 14 185.76 -13.75 159.01
#